data_6QC3
#
_entry.id   6QC3
#
_cell.length_a   1.000
_cell.length_b   1.000
_cell.length_c   1.000
_cell.angle_alpha   90.000
_cell.angle_beta   90.000
_cell.angle_gamma   90.000
#
_symmetry.space_group_name_H-M   'P 1'
#
loop_
_entity.id
_entity.type
_entity.pdbx_description
1 polymer UQCRC1
2 polymer 'Ubiquinol-cytochrome c reductase core protein 2'
3 polymer 'Cytochrome b'
4 polymer 'Cytochrome c1'
5 polymer 'Cytochrome b-c1 complex subunit Rieske, mitochondrial'
6 polymer UQCRB
7 polymer 'Ubiquinol-cytochrome c reductase complex III subunit VII'
8 polymer 'Cytochrome b-c1 complex subunit 6'
9 polymer 'Cytochrome b-c1 complex subunit Rieske, mitochondrial'
10 polymer 'Ubiquinol-cytochrome c reductase, complex III subunit X'
11 polymer 'NADH dehydrogenase [ubiquinone] flavoprotein 1, mitochondrial'
12 polymer 'NADH dehydrogenase [ubiquinone] flavoprotein 2, mitochondrial'
13 polymer 'NADH:ubiquinone oxidoreductase core subunit S1'
14 polymer NDUFB11
15 polymer 'NADH:ubiquinone oxidoreductase core subunit S3'
16 polymer NDUFB1
17 polymer NDUFA1
18 polymer NDUFV3
19 polymer NDUFB6
20 polymer 'NADH:ubiquinone oxidoreductase subunit S4'
21 polymer 'NADH:ubiquinone oxidoreductase subunit A9'
22 polymer 'NADH dehydrogenase [ubiquinone] 1 alpha subcomplex subunit 2'
23 polymer 'NADH dehydrogenase [ubiquinone] 1 alpha subcomplex subunit 5'
24 polymer 'NADH:ubiquinone oxidoreductase subunit A6'
25 polymer 'NADH dehydrogenase [ubiquinone] 1 alpha subcomplex subunit 7'
26 polymer 'NADH dehydrogenase [ubiquinone] 1 alpha subcomplex subunit 12'
27 polymer 'Acyl carrier protein'
28 polymer 'NADH-ubiquinone oxidoreductase chain 3'
29 polymer 'NADH-ubiquinone oxidoreductase chain 1'
30 polymer 'NADH-ubiquinone oxidoreductase chain 6'
31 polymer 'NADH-ubiquinone oxidoreductase chain 4L'
32 polymer 'NADH-ubiquinone oxidoreductase chain 5'
33 polymer 'NADH-ubiquinone oxidoreductase chain 4'
34 polymer 'NADH-ubiquinone oxidoreductase chain 2'
35 polymer 'NADH dehydrogenase [ubiquinone] 1 alpha subcomplex subunit 11'
36 polymer 'NADH:ubiquinone oxidoreductase subunit B5'
37 polymer 'NADH dehydrogenase [ubiquinone] 1 alpha subcomplex subunit 8'
38 polymer MT-ND5
39 polymer 'NADH dehydrogenase [ubiquinone] 1 alpha subcomplex subunit 10, mitochondrial'
40 polymer 'NADH:ubiquinone oxidoreductase subunit S5'
41 polymer 'NADH:ubiquinone oxidoreductase subunit A3'
42 polymer 'NADH:ubiquinone oxidoreductase subunit B3'
43 polymer 'NADH dehydrogenase [ubiquinone] 1 subunit C2'
44 polymer 'NADH:ubiquinone oxidoreductase subunit B4'
45 polymer MT-ND1
46 polymer 'NADH dehydrogenase [ubiquinone] 1 beta subcomplex subunit 6'
47 polymer 'NADH:ubiquinone oxidoreductase subunit B7'
48 polymer 'NADH:ubiquinone oxidoreductase subunit B9'
49 polymer 'NADH:ubiquinone oxidoreductase subunit B2'
50 polymer 'NADH dehydrogenase [ubiquinone] 1 beta subcomplex subunit 8, mitochondrial'
51 polymer 'NADH dehydrogenase [ubiquinone] 1 beta subcomplex subunit 11, mitochondrial'
52 polymer NDUFB4
53 polymer NDUFA13
54 polymer NDUFA1
55 non-polymer 'PROTOPORPHYRIN IX CONTAINING FE'
56 non-polymer 'HEME C'
57 non-polymer 1,2-Distearoyl-sn-glycerophosphoethanolamine
58 non-polymer 'FE2/S2 (INORGANIC) CLUSTER'
59 non-polymer 'IRON/SULFUR CLUSTER'
60 non-polymer 'FLAVIN MONONUCLEOTIDE'
61 non-polymer 'ZINC ION'
62 non-polymer 'NADPH DIHYDRO-NICOTINAMIDE-ADENINE-DINUCLEOTIDE PHOSPHATE'
63 non-polymer 'S-[2-({N-[(2S)-2-hydroxy-3,3-dimethyl-4-(phosphonooxy)butanoyl]-beta-alanyl}amino)ethyl] tetradecanethioate'
64 non-polymer CARDIOLIPIN
65 non-polymer 1,2-DIACYL-SN-GLYCERO-3-PHOSPHOCHOLINE
#
loop_
_entity_poly.entity_id
_entity_poly.type
_entity_poly.pdbx_seq_one_letter_code
_entity_poly.pdbx_strand_id
1 'polypeptide(L)'
;TATYAQALQSVPETQVSQLDNGLRVASEQSSQPTCTVGVWIDAGSRYETEKNNGAGYFVEHLAFKGTKNRPGNALEKEVE
SMGAHLNAYSTREHTAYYIKALSKDLPKAVELLADIVQNCSLEDSQIEKERDVILQELQENDTSMRDVVFNYLHATAFQG
TPLAQSVEGPSENVRKLSRADLTEYLSRHYKAPRMVLAAAGGLEHRQLLDLAQKHFSGLSGTYDEDAVPTLTPCRFTGSE
IRHREDGLPLAHVAIAVEGPGWANPDNVALQVANAIIGHYDCTYGGGMHLSSPLASVAVTNKLCQSFQTFNICYADTGLL
GAHFVCDHMSIDDMMFVLQGQWMRLCTSATESEVVRGKNLLRNALVSHLDGTTPVCEDIGRSLLTYGRRIPLAEWESRIA
EVDARVVREVCSKYFYDQCPAVAGFGPIEQLPDYNRIRSGMFWLRF
;
a1,a3
2 'polypeptide(L)'
;SLKVAPKAKATAAPAGVPQHPQDLEFTRLPNGLVIASLENYAPASRIGLFIKAGSRYENFNNLGTSHLLRLASSLTTKGA
SSFKITRGIEAVGGKLSVTSTRENMAYTVECLRDDVDILMEFLLNVTTAPEFRRWEVAALQSQLRIDKAVAFQNPQAHVI
ENLHAAAYRNALANSLYCPDYRIGKVTPDELHDYVQNHFTSARMALIGLGVSHPVLKQVAEQFLNIRGGLGLSGAKAKYR
GGEIREQNGDSLVHAALVAESAAIGSAEANAFSVLQHVLGAGPHVKRGSNATSSLYQAVAKGVHQPFDVSAFNASYSDSG
LFGFYTISQAASAGDVIKAAYNQVKTIAQGNLSNPDVQAAKNKLKAGYLMSVESSEGFLDEVGCQALAAGSYTPPSTVLQ
QIDAVADADVINAAKKFVSGRKSMAASGNLGHTPFIDEL
;
a2,a4
3 'polypeptide(L)'
;MINIRKTHPLMKIVNNAFIDLPAPSNISSWWNFGSLLGICLILQILTGLFLAMHYTPDTTTAFSSVTHICRDVNYGWIIR
YMHANGASMFFICLFMHVGRGLYYGSYTFLETWNIGVILLFATMATAFMGYVLPWGQMSFWGATVITNLLSAIPYIGTNL
VEWIWGGFSVDKATLTRFFAFHFIFPFIIAALAMVHLLFLHETGSNNPTGIPSDTDKIPFHPYYTIKDILGAILLILILM
LLVLFTPDLLGDPDNYTPANPLNTPPHIKPEWYFLFAYAILRSIPNKLGGVLALVLSILVLVIMPLLHTSKQRSMMFRPI
SQCMFWILVADLLTLTWIGGQPVEHPYIIIGQLASIMYFLIILVMMPVASIIENNLLKW
;
b1,b2
4 'polypeptide(L)'
;SDLELHPPSYPWSHRGLLSSLDHTSIRRGFQVYKQVCSSCHSMDYVAYRHLVGVCYTEDEAKALAEEVEVQDGPNEDGEM
FMRPGKLSDYFPKPYPNPEAARAANNGALPPDLSYIVRARHGGEDYVFSLLTGYCEPPRVSLREGLYFNPYFPGQAIGMA
PPIYNEVLEFDDGTPATMSQVAKDVCTFLRWAAEPEHDHRKRMGLKMLLMMGLLLPLVYAMKRHKWSVLKSRKLAYRPPK
;
c1,c2
5 'polypeptide(L)'
;SHTDIKVPDFSDYRRPEVLDSTKSSKESSEARKGFSYLITATTTVGVAYAAKNVVSQFVSSMSASADVLAMSKIEIKLSD
IPEGKNMAFKWRGKPLFVRHRTKKEIDQEAAVEVSQLRDPQHDLERVKKPEWVILIGVCTHLGCVPIANAGDFGGYYCPC
HGSHYDASGRIRKGPAPLNLEVPSYEFTSDDMVIVG
;
f1,f2
6 'polypeptide(L)'
;AGRPAVSASSKWLEGIRKWYYNAAGFNKLGLMRDDTIHENDDVKEAIRRLPENLYNDRVFRIKRALDLSMRQQILPKEQW
TKYEEDKFYLEPYLKEVIRERKEREEWTKK
;
d1,d2
7 'polypeptide(L)'
;GRQFGHLTRVRHVITYSLSPFEQRAFPHYFSKGIPNVLRRTRACILRVAPPFVVFYLVYTWGTQEFEKSKRKNPAAYEND
K
;
q1,q2
8 'polypeptide(L)' GDPKEEEEEEEELVDPLTTVREQCEQLEKCVKARERLELCDERVSSRSQTEEDCTEELFDFLHARDHCVAHKLFNSLK h1,h2
9 'polypeptide(L)'
;(UNK)(UNK)(UNK)(UNK)(UNK)(UNK)(UNK)(UNK)(UNK)(UNK)(UNK)(UNK)(UNK)(UNK)(UNK)(UNK)
(UNK)(UNK)(UNK)(UNK)(UNK)(UNK)(UNK)(UNK)(UNK)(UNK)
;
x1,x2
10 'polypeptide(L)' AAPTLTARLYSLLFRRTSTFALTIVVGALFFERAFDQGADAIYEHINEGKLWKHIKHKYENKE i1,i2
11 'polypeptide(L)'
;FSGDTTAPKKTSFGSLKDEDRIFTNLYGRHDWRLKGAQSRGDWYKTKEILLKGPDWILGEVKTSGLRGRGGAGFPTGLKW
SFMNKPSDGRPKYLVVNADEGEPGTCKDREIIRHDPHKLVEGCLVGGRAMGARAAYIYIRGEFYNEASNLQVAIREAYEA
GLIGKNACGSGYDFDVFVVRGAGAYICGEETALIESIEGKQGKPRLKPPFPADVGVFGCPTTVANVETVAVSPTICRRGG
AWFASFGRERNSGTKLFNISGHVNNPCTVEEEMSVPLKELIEKHAGGVTGGWDNLLAVIPGGSSTPLIPKSVCETVLMDF
DALIQAQTGLGTAAVIVMDRSTDIVKAIARLIEFYKHESCGQCTPCREGVDWMNKVMARFVRGDARPAEIDSLWEISKQI
EGHTICALGDGAAWPVQGLIRHFRPELEERMQRFAQQHQARQAAS
;
V1
12 'polypeptide(L)'
;GAGGALFVHRDTPKNNPETPFDFTPENYKRIEAIVKNYPEGHKAAAVLPVLDLAQRQNGWLPISAMNKVAEILQVPPMRV
YEVATFYTMYNRKPVGKYHIQVCTTTPCMLRNSDSILEAIQKKLGIKVGETTPDKLFTLIEVECLGACVNAPMVQINDNY
YEDLTPKDIEEIIDELKAGKIPKPGPRSGRFSCEPAGGLTSLTEPPKGPGFGVQAGL
;
V2
13 'polypeptide(L)'
;TATAASNLIEVFVDGQSVMVEPGTTVLQACEKVGMQIPRFCYHERLSVAGNCRMCLVEIEKAPKVVAACAMPVMKGWNIL
TNSEKTKKAREGVMEFLLANHPLDCPICDQGGECDLQDQSMMFGSDRSRFLEGKRAVEDKNIGPLVKTIMTRCIQCTRCI
RFASEIAGVDDLGTTGRGNDMQVGTYIEKMFMSELSGNIIDICPVGALTSKPYAFTARPWETRKTESIDVMDAVGSNIVV
STRTGEVMRILPRMHEDINEEWISDKTRFAYDGLKRQRLTEPMVRNEKGLLTHTTWEDALSRVAGMLQSCQGNDVAAIAG
GLVDAEALIALKDLLNRVDSDTLCTEEVFPTAGAGTDLRSNYLLNTTIAGVEEADVVLLVGTNPRFEAPLFNARIRKSWL
HNDLKVALIGSPVDLTYRYDHLGDSPKILQDIASGSHPFSQVLQEAKKPMVVLGSSALQRNDGAAILAAVSNIAQKIRTS
SGVTGDWKVMNILHRIASQVAALDLGYKPGVEAIRKNPPKMLFLLGADGGCVTRQDLPKDCFIVYQGHHGDVGAPIADVI
LPGAAYTEKSATYVNTEGRAQQTKVAVMPPGLAREDWKIIRALSEIAGMTLPYDTLDQVRNRLEEVSPNLVRYDDVEGAN
YFQQASELSKLVNQQLLADPLVPPQLTIKDFYMTDSISRASQTMAKCVKAVTEGAHAVEEPSIC
;
S1
14 'polypeptide(L)'
;ARQWQPDVEWAEQYGGAVMYPTKETAHWKPPPWNDVDPPKDTLVSNLTLNFGPQHPAAHGVLRLVMELSGEMVRKCDPHI
GLLHRGTEKLIEYKTYLQALPYFDRLDYVSMMCNEQAYSLAVEKLLNIQPPPRAQWIRVLFGEITRLLNHIMAVTTHALD
IGAMTPFFWMFEEREKMFEFYERVSGARMHAAYVRPGGVHQDLPLGLMDDIYEFSKNFSLRIDELEEMLTNNRIWRNRTV
DIGVVTAEDALNYGFSGVMLRGSGIQWDLRKTQPYDVYDQVEFDVPIGSRGDCYDRYLCRVEEMRQSIRIISQCLNKMPP
GEIKVDDAKVSPPKRAEMKTSMESLIHHFKLYTEGYQVPPGATYTAIEAPKGEFGVYLVSDGSSRPYRCKIKAPGFAHLA
GLDKMSKGHMLADVVAIIGTQDIVFGEVDR
;
S2
15 'polypeptide(L)'
;ESASADTRPTVRPRNDVAHKQLSAFGEYVAEILPKYVQQVQVSCFSELEICIHPDGVIPVLTFLRDHSNAQFKSLADLTA
VDIPTRQNRFEIVYNLLSLRFNSRIRVKTYTDELTPVESSVSVYKAANWYEREIWDMFGVFFANHPDLRRILTDYGFEGH
PFRKDFPLSGYVELRYDDEVKRVVAEPVELAQEFRKFDLNSPWEAFPAYRQPPESLKLEAGDKKPEAK
;
S3
16 'polypeptide(L)'
;PSSTQPAVSQARAVVPKPAALPSSRGEYVVAKLDDLINWARRSSLWPMTFGLACCAVEMMHMAAPRYDMDRFGVVFRASP
RQSDVMIVAGTLTNKMAPALRKVYDQMPEPRYVVSMGSCANGGGYYHYSYSVVRGCDRIVPVDIYVPGCPPTAEALLYGI
LQLQKKIKREKRLRIWYRR
;
S7
17 'polypeptide(L)'
;TYKYVNLREPSMDMKSVTDRAAQTLLWTELIRGLGMTLSYLFREPATINYPFEKGPLSPRFRGEHALRRYPSGEERCIAC
KLCEAVCPAQAITIEAEPRADGSRRTTRYDIDMTKCIYCGFCQEACPVDAIVEGPNFEFSTETHEELLYNKEKLLNNGDK
WEAEIAANIQADYLYR
;
S8
18 'polypeptide(L)' SAESGKNEKGLPPNPKKQSPPKKPASAAPTEPFDNTTYKNLQHHDYSTYTFLDLNLDLSKFRMPQPSSGRESPRH V3
19 'polypeptide(L)'
;GVRTSPTGEKVTHTGQVYDDEDYRRVRFVGRQKEVNENFAIDLIAEQPVSQVGSRVISCDGGGGALGHPRVYINLDKETK
TGTCGYCGLQFRQQHH
;
S6
20 'polypeptide(L)'
;AQDQTRDTQLITVDEKLDITTLTGVPEEHIKTRKARIFVPARNNMQSGVNNTKKWKMEFDTRERWENPLMGWASTADPLS
NLVLTFSTKEDAIAFAEKNGWSYDVEERKVPKPKSKSYGANFSWNKRTRVSTK
;
S4
21 'polypeptide(L)'
;LHHAVIPHGKGGRSSVSGIVATVFGATGFLGRYLVNHLGRMGSQVIVPYRCEPYDTMHLRPMGDLGQIIFMDWNGRDKDS
IRRAVEHSNVVINLVGREWETKNFDFEDVFVKIPQAIAQVSKEAGVEKFIHISHLNADIKSSSKYLRNKAVGEKEVRETF
PEATIIKPADIFGREDRFLNYFANIRWFGGVPLISLGKKTVKQPVYIVDVTKGIINAIKDPDARGKTFAFVGPNRYLLFD
LVQYVFAVAHRPFLPYPMPHFAYRWIGRLFEISPFEPWTTRDKVERIHTTDRTLPHLPGLEDLGVQATPLELKAIEVLRR
HRTYRWLSSEIEDVQPAK
;
A9
22 'polypeptide(L)'
;AAAAAIRGVRGKLGLREIRIHLCQRSPGSQGVRDFIEKRYVELKKANPDLPILIRECSDVQPKLWARYAFGQEKNVSLNN
FSADQVTRALENVLSSKA
;
A2
23 'polypeptide(L)'
;AGLLKKTTGLVGLAVCETPHERLKILYTKILDVLGHIPKNAAYRKYTEQITNEKLSIVKAEPDVKKLEEQLQGGQIEEVI
LQAENELSLARKMIQWKPWEPLVEEPPASQWKWPI
;
A5
24 'polypeptide(L)'
;AASGLRQAAVAASTSVKPIFSRDMNEAKRRVRELYRAWYREVPNTVHLFQLDISVKQGRDKVREMFKKNAHVTDPRVVDL
LVIKGKMELEETINVWKQRTHVMRFFHETEAPRPKDFLSKFYVGHDP
;
A6
25 'polypeptide(L)'
;ASATRLIQGLRNWASGRDLQAKLQLRYQEISKRTQPPPKLPVGPSHRLSNNYYCARDGRREAMPPSIVMSSQKVLVAGKP
AESSAVAASEKKAVSPAPPIKRWELSQDEPYL
;
A7
26 'polypeptide(L)'
;MELLQVLKRGLQQVSGHGGLRGYLRVLFRANDVRVGTLVGEDKYGNKYYEDNKQFFGRHRWVIYTTEMNGKNTFWDVDGS
MVPPEWHRWLHCMTDDPPTVKPPTARKFIWTNHKFNLSGTPQQYVPYSTTRKKIQEWVPPSTPYK
;
AL
27 'polypeptide(L)'
;SDAPPLTLEGIKDRVLYVLKLYDKIDPEKLSVNSHFMKDLGLDSLDQVEIIMAMEDEFGFEIPDIDAEKLMCPQEIVDYI
ADKKDVYE
;
AA,AB
28 'polypeptide(L)'
;MNLMITLLTNFTLATLLVTIAFWLPQLNVYSEKTSPYECGFDPMGSARLPFSMKFFLVAITFLLFDLEIALLLPLPWASQ
TTNLNTMLTMALLLIFLLAVSLAYEWTQKGLEWTE
;
D3
29 'polypeptide(L)'
;MFMINVLTLIIPILLAVAFLTLVERKVLGYMQFRKGPNVVGPYGLLQPIADAIKLFIKEPLRPATSSISMFILAPILALT
LALTMWIPLPMPYPLINMNLGVLFMLAMSSLAVYSILWSGWASNSKYALIGALRAVAQTISYEVTLAIILLSVLLMNGSF
TLSTLIITQEQVWLIFPAWPLAMMWFISTLAETNRAPFDLTEGESELVSGFNVEYAAGPFALFFMAEYANIIMMNIFTTT
LFLGAFHNPYMPELYTINFTIKSLLLSITFLWIRASYPRFRYDQLMHLLWKNFLPLTLALCMWHVSLPILLSSIPPQT
;
D1
30 'polypeptide(L)'
;MMTYIVFILSIIFVMGFVGFSSKPSPIYGGLGLIVSGGVGCGIVLNFGGSFLGLMVFLIYLGGMMVVFGYTTAMATEQYP
EVWVSNKVVLGTFITGLLMEFLMVYYVLKDKEVEIVFKFNGMGDWVIYDTGDSGFFSEEAMGIAALYSYGTWLVIVTGWS
LLIGVVVIMEITRGN
;
D6
31 'polypeptide(L)'
;MSLVYMNIMMAFTVSLTGLLMYRSHLMSSLLCLEGMMLSLFILATLMILNSHFTLASMMPIILLVFAACEAALGLSLLVM
VSNTYGTDYVQNLNLLQC
;
4L
32 'polypeptide(L)'
;MNLFSSLTLVTLILLTMPIAAINFNTHKFTNYPLYVKTTISCAFITSMIPTMMFIHTGQEMIISNWHWLTIQTLKLSLSF
KMDFFSMMFVPVALFVTWSIMEFSMWYMHSDPNINQFFKYLLLFLITMLILVTANNLFQLFIGWEGVGIMSFLLIGWWYG
RTDANTAALQAILYNRIGDIGFILAMAWFLINLNTWDLQQIFMLNPNDSNLPLMGLILAATGKSAQFGLHPWLPSAMEGP
TPVSALLHSSTMVVAGIFLLIRFYPLTENNKFGQSIMLCLGAMTTLFTAMCALTQNDIKKIIAFSTSSQLGLMMVTIGIN
QPHLAFLHICTHAFFKAMLFMCSGSIIHSLNDEQDIRKMGGLFKAMPFTTTALIIGSLALTGMPFLTGFYSKDLIIESAN
TSYTNAWALLMTLVATSFTAIYSTRIIFFALLGQPRFPTLININENNPFLINSIKRLLIGSLFAGFIISNNIPPMTIPQM
TMPHYLKMTALTVTILGFILALEISNTTHYLKFNYPSNTFKFSNLLGYYPTIMHRLTPYMNLTMSQKSASSLLDLIWLET
ILPKTISLAQMKMSTTITSQKGLIKLYFLSFLITILISTTLLNFHE
;
D5
33 'polypeptide(L)'
;MLKYIIPTMMLMPLTWLSKNSMIWINTTLHSLLISLTSLLLLNQFGDNSLNFSLTFFSDSLSTPLLILTMWLLPLMLMAS
QHHLSKENLARKKLFISMLILLQLFLIMTFTATELIFFYIMFEATLVPTLIIITRWGNQTERLNAGLYFLFYTLAGSLPL
LVALIYIQNTMGSLNFLILQYWVQPMPNSWSNTFMWLACMMAFMVKMPLYGLHLWLPKAHVEAPIAGSMVLAAILLKLGG
YGMMRITLLLNPITDFMAYPFIMLSLWGMIMTSSICLRQTDLKSLIAYSSVSHMALVIVAILIQTPWSYMGATALMIAHG
LTSSMLFCLANSNYERVHSRTMILARGLQTLLPLMAAWWLLASLTNLALPPSINLIGELFVVMSTFSWSNITIILMGLNM
VITALYSLYMLITTQRGKHTHHINNILPSFTRENALMSLHMLPLLLLSLNPKIILGPLY
;
D4
34 'polypeptide(L)'
;MNPIILIIILMTVMLGTIIVMISTHWLLIWIGFEMNMLAIIPIMMKKHNPRATEASTKYFLTQSTASMLLMMAIIINLMF
SGQWTVMKLFNPMASMLMTMALAMKLGMAPFHFWVPEVTQGIPLSSGLILLTWQKLAPMSVLYQILPSINLDLILTLSIL
SITIGGWGGLNQTQLRKIMAYSSIAHMGWMTAVLLYNPTMTLLNLIIYIIMTSTMFTLFMANSTTTTLSLSHTWNKAPIM
TILVLITLLSMGGLPPLSGFMPKWMIIQEMTKNDSIILPTLMAITALLNLYFYMRLTYSTALTMFPSTNNMKMKWQFPTT
KRMTLLPTMTVLSTMLLPLTPILSILE
;
D2
35 'polypeptide(L)'
;AKTLLHQYWDIPEGTECHRKTYAATSIGGASGLVVSAYSVALKTPTSFLEGVARTGRYTFTAAAIGAIFGLTSCISAQVR
EKPDDPLNYLIGGCAGGLTLGARTRSYGIGAAACAYMGLTAALVKMGQLEGWKVFAEPKV
;
AK
36 'polypeptide(L)'
;SGDHGKRLFIIKPSGFYDKRFLKLLRFYILLTGIPVVIGITLINVFIGEAELAEIPEGYVPEHWEYFKHPISRWIARTFF
DAPEKNYERTMAILQIESEKAELRLKELEVRRLMRAKGDGPWFQYPTIDKALIDHSPKATPDN
;
B5
37 'polypeptide(L)'
;PGIVELPSLEDLKVQEVKVSSSVLKAAAHHYGAQCDKPNKEFMLCRWEEKDPRRCLEEGKLVNQCALEFFRQIKRHCAEP
FTEYWTCIDYSGLQLFRRCRKEQAQFDKCVLDKLGWVRPDLGELSKVTKVKTDRPLPENPYHSRARPEPNPEVEGDLKPA
RHGSRLFFWTM
;
A8
38 'polypeptide(L)'
;PDSWDKDVYPEPPRRTPAPSPQTSLPNPITYLTKAFDLLVDRPVTLVREFIERQHAKNKYYYYHREFRRVPDITECHEKD
VLCMFEAEMQWKRDYKVDQEIVNIIQERLKACQQREGESHRQNCAKELQQFTQVVKAYQDRYHDLGAHYSARKCLAKQKQ
RMLAERKATKEAAAA
;
BJ
39 'polypeptide(L)'
;LQYGPLAYILGEKTTKKMTENSKLITVDGNICSGKSKLAKEVAEKLGLKHFPEAGIHYADSTTGDGKPLPVRFSGNCSLE
KFYDDPKSNDGNSYRLQAWLYASRLLQYADALEHLLSTGQGVVLERSIYSDFVFLEAMYRQGFIRKQCVDHYNQVKKVTV
CEYLPPHVVIYVDVPVSEVQSRIQKKGNPHEMKITSAYLQDIENVYKGTFLPEMSEKCEVLQYSAWEAEDAEKVVEDIQY
LKYDKGPWLDQDDRKLHNLRMLVQDKLEVLNYTSIPVFLPEVTIGAHQSDRVFQEFTELPGRKYRAGYNEDVGDKWIWLK
;
AJ
40 'polypeptide(L)'
;PFFDVQKKLGVDLDHWMTIQSAEQPHRIPARCHAFEKEWIECAHGIGSIRAEKECKIEFEDFRECLLRQKTMKRLNAIKR
QRDKLIKEGKYTPPPHHSGQEDLRP
;
S5
41 'polypeptide(L)'
;APRVAAFLKNVWAKEPVLVASFAIAGLAVILPTLSPYTKYSLMINRATPYNYPVPLRDDGNMPDVPSHPQDPQGPSLEWL
KRL
;
A3
42 'polypeptide(L)'
;AHGHGHEHGPSKMELPDYKQWKIEGTPLETVQEKLAARGLRDPWGRNEAWRYMGGFANNVSFVGALLKGFKWGFAAFVVA
VGAEYYLESQKKDKKHH
;
B3
43 'polypeptide(L)'
;MMTGRQARAPLQFLPDEARSLPPPKLTDPRLAYIGFLGYCSGLIDNAIRRRPVLSAGLHRQFLYITSFVFVGYYLLKRQD
YMYAVRDHDMFSYIKSHPEDFPEKDKKTYREVFEEFHPVR
;
C2
44 'polypeptide(L)'
;SFPKYEPSRLASLPTTLDPAEYDISSETRKAQAERLAIRSRLKREYQLQYNDPSRRGVVEDPALIRWTCARSANVYPNFR
PNTKTSLLGALFGIGPLIFWYYVFKTDRDRKEKLIQEGKLDRTFNISY
;
B4
45 'polypeptide(L)'
;AASKVKQDMPPVGGYGPIDYKRNLPRRGLSGYSMFAVGIGALLFGYWSMMRWNRERRRLQIEDFEARIALMPLLQAEKDR
RVLQMLRENLEEEATIMKDVPGWKVGESVFHTTRWVTPMMGELYGLRTGEEILSSTYGFIWYT
;
AM
46 'polypeptide(L)'
;SGYTPDEKLRLQQLRELRRRWLKDQELSPREPVLPPRRVSPVERFWNKFLQDGALWKNVIYKTYRHSIFAFTHVLIPVWI
IHYYLKYHVTTKPYTIVEKKPRIFPGDTILETGEVIPPMKEFPDQHH
;
B6
47 'polypeptide(L)'
;GAHLARRYLGDASVEPEPLRMPTFPPDYGFPERKEREMVATQQEMNDAQLVLQQRDYCAHYLIRFLKCKRDSFPNFLACK
HEQHDWDYCEHLDYVKRMKEFERERRLLQRKKRREQREA
;
B7
48 'polypeptide(L)'
;AFLPSAAYLTHQQKVLQLYKRALRHLESRCVHRDKYRYFACLLRARFDEHKNEKDMVKATQLLREAEKEFWHGQHPQPYI
FPESPGGTSYERYECYKVPEWCLDDWHPSEKAMYPDYFAKREQWKKLRRESWEREVKQLQEETPVGGPRTEALPPARKQG
DLPPLWWHIVTRPRERPM
;
B9
49 'polypeptide(L)' AGGGAHIEPRYRQFPQLTRSQVIQAEFFSATMWFWILWRFWHDSDAVLGHFPYPDPSQWTDEELGIPPDDED B2
50 'polypeptide(L)'
;ASHITKDMLPGPYPKTPEERAAAAKKYNMRVEDYEPYPDDGMGYGDYPKLPDRSQQERDPWYDWDHPDLRLNWGEPMHWD
LDMYIRNRVDTSPTPVNWNLMCKHLFGFVAFMLFMFWVGETYPTYQPVGPKQYPYNNLYLERGGDPNKEPEPVVHYEI
;
B8
51 'polypeptide(L)'
;ESSSSRAVIAPSTLAGKRPSEPTLRWQEDPEPEDENLYEKNPDSHGYDKDPAVDVWNMRVVFFFGFSIVLVLGSTFVAYL
PDYRMQEWARREAERLVKYREAHGLPLMESNCFDPSKIQLPEDED
;
BK
52 'polypeptide(L)' KFYIQEPPHGSPNWLKVGLTLGTSAFLWIYLIKQHNEDVLEYKRRNGLE C1
53 'polypeptide(L)' MNLLQVVRDHWIHVLVPVGFVFGYYLDRKNDEKLAAFRNKSLLYKRELKPNEEVTWK B1
54 'polypeptide(L)' MWFEVLPGIAVMGVCLFIPGMATARIHRFSNGGREKRVAHYSYQWYLMERDRRVSGVNRYYVSKGLENID A1
#
loop_
_chem_comp.id
_chem_comp.type
_chem_comp.name
_chem_comp.formula
3PE non-polymer 1,2-Distearoyl-sn-glycerophosphoethanolamine 'C41 H82 N O8 P'
CDL non-polymer CARDIOLIPIN 'C81 H156 O17 P2 -2'
FES non-polymer 'FE2/S2 (INORGANIC) CLUSTER' 'Fe2 S2'
FMN non-polymer 'FLAVIN MONONUCLEOTIDE' 'C17 H21 N4 O9 P'
HEC non-polymer 'HEME C' 'C34 H34 Fe N4 O4'
HEM non-polymer 'PROTOPORPHYRIN IX CONTAINING FE' 'C34 H32 Fe N4 O4'
NDP non-polymer 'NADPH DIHYDRO-NICOTINAMIDE-ADENINE-DINUCLEOTIDE PHOSPHATE' 'C21 H30 N7 O17 P3'
PC1 non-polymer 1,2-DIACYL-SN-GLYCERO-3-PHOSPHOCHOLINE 'C44 H88 N O8 P'
SF4 non-polymer 'IRON/SULFUR CLUSTER' 'Fe4 S4'
ZMP non-polymer 'S-[2-({N-[(2S)-2-hydroxy-3,3-dimethyl-4-(phosphonooxy)butanoyl]-beta-alanyl}amino)ethyl] tetradecanethioate' 'C25 H49 N2 O8 P S'
ZN non-polymer 'ZINC ION' 'Zn 2'
#
# COMPACT_ATOMS: atom_id res chain seq x y z
N ALA A 2 45.65 52.07 -1.24
CA ALA A 2 45.61 53.52 -1.25
C ALA A 2 44.26 54.02 -0.75
N THR A 3 44.18 55.30 -0.43
CA THR A 3 42.93 55.95 -0.06
C THR A 3 42.79 57.31 -0.71
N TYR A 4 41.81 58.09 -0.24
CA TYR A 4 41.51 59.40 -0.82
C TYR A 4 42.63 60.39 -0.57
N ALA A 5 43.25 60.33 0.61
CA ALA A 5 44.44 61.16 0.83
C ALA A 5 45.61 60.65 -0.02
N GLN A 6 45.69 59.33 -0.24
CA GLN A 6 46.66 58.81 -1.19
C GLN A 6 46.29 59.15 -2.62
N ALA A 7 45.01 59.35 -2.90
CA ALA A 7 44.60 59.78 -4.23
C ALA A 7 45.01 61.22 -4.49
N LEU A 8 44.62 62.11 -3.60
CA LEU A 8 44.82 63.53 -3.81
C LEU A 8 46.24 63.98 -3.48
N GLN A 9 47.01 63.13 -2.78
CA GLN A 9 48.34 63.54 -2.35
C GLN A 9 49.34 63.48 -3.50
N SER A 10 49.35 62.39 -4.25
CA SER A 10 50.31 62.18 -5.32
C SER A 10 49.84 62.95 -6.54
N VAL A 11 50.35 64.16 -6.72
CA VAL A 11 49.81 65.06 -7.73
C VAL A 11 50.88 66.03 -8.24
N PRO A 12 50.97 66.28 -9.54
CA PRO A 12 51.85 67.34 -10.04
C PRO A 12 51.24 68.72 -9.86
N GLU A 13 52.05 69.74 -10.15
CA GLU A 13 51.78 71.10 -9.68
C GLU A 13 51.63 72.15 -10.77
N THR A 14 52.07 71.89 -12.01
CA THR A 14 51.76 72.71 -13.19
C THR A 14 52.26 74.14 -13.04
N GLN A 15 53.59 74.27 -13.13
CA GLN A 15 54.24 75.55 -12.89
C GLN A 15 53.88 76.59 -13.95
N VAL A 16 53.61 77.80 -13.49
CA VAL A 16 53.24 78.91 -14.38
C VAL A 16 54.31 79.98 -14.25
N SER A 17 54.25 80.95 -15.17
CA SER A 17 55.15 82.10 -15.19
C SER A 17 54.61 83.12 -16.18
N GLN A 18 55.33 84.24 -16.27
CA GLN A 18 55.05 85.28 -17.25
C GLN A 18 56.34 85.70 -17.93
N LEU A 19 56.20 86.08 -19.19
CA LEU A 19 57.17 86.95 -19.85
C LEU A 19 56.57 88.34 -19.94
N ASP A 20 57.42 89.34 -19.68
CA ASP A 20 57.03 90.75 -19.65
C ASP A 20 56.83 91.29 -21.05
N ASN A 21 55.96 90.64 -21.79
CA ASN A 21 55.48 91.01 -23.09
C ASN A 21 53.99 90.77 -23.07
N GLY A 22 53.47 90.26 -21.95
CA GLY A 22 52.12 89.76 -21.87
C GLY A 22 51.97 88.28 -22.12
N LEU A 23 53.05 87.51 -22.01
CA LEU A 23 53.00 86.11 -22.41
C LEU A 23 52.79 85.27 -21.16
N ARG A 24 51.59 84.71 -20.98
CA ARG A 24 51.37 83.87 -19.81
C ARG A 24 51.78 82.45 -20.17
N VAL A 25 52.89 81.99 -19.62
CA VAL A 25 53.43 80.70 -19.99
C VAL A 25 53.19 79.75 -18.82
N ALA A 26 52.96 78.49 -19.14
CA ALA A 26 52.67 77.51 -18.10
C ALA A 26 52.94 76.13 -18.66
N SER A 27 53.18 75.20 -17.74
CA SER A 27 53.45 73.84 -18.16
C SER A 27 53.13 72.90 -17.03
N GLU A 28 52.88 71.66 -17.41
CA GLU A 28 52.76 70.56 -16.46
C GLU A 28 53.67 69.43 -16.90
N GLN A 29 54.52 68.99 -15.98
CA GLN A 29 55.30 67.80 -16.24
C GLN A 29 54.42 66.56 -16.19
N SER A 30 54.89 65.53 -16.88
CA SER A 30 54.21 64.25 -16.90
C SER A 30 55.26 63.16 -17.09
N SER A 31 54.79 61.92 -17.24
CA SER A 31 55.69 60.78 -17.35
C SER A 31 55.78 60.21 -18.76
N GLN A 32 54.97 60.67 -19.70
CA GLN A 32 55.03 60.09 -21.02
C GLN A 32 56.22 60.62 -21.82
N PRO A 33 56.73 59.82 -22.79
CA PRO A 33 57.73 60.31 -23.73
C PRO A 33 57.13 61.03 -24.95
N THR A 34 56.18 61.92 -24.72
CA THR A 34 55.69 62.83 -25.75
C THR A 34 55.17 64.09 -25.07
N CYS A 35 54.73 65.04 -25.89
CA CYS A 35 54.30 66.31 -25.34
C CYS A 35 53.24 66.94 -26.23
N THR A 36 52.61 67.97 -25.68
CA THR A 36 51.68 68.79 -26.45
C THR A 36 51.89 70.24 -26.02
N VAL A 37 52.20 71.08 -26.98
CA VAL A 37 52.55 72.46 -26.74
C VAL A 37 51.59 73.31 -27.54
N GLY A 38 50.87 74.19 -26.85
CA GLY A 38 49.78 74.90 -27.49
C GLY A 38 49.72 76.34 -27.03
N VAL A 39 49.09 77.15 -27.88
CA VAL A 39 48.78 78.52 -27.56
C VAL A 39 47.28 78.65 -27.57
N TRP A 40 46.73 79.07 -26.45
CA TRP A 40 45.33 79.41 -26.35
C TRP A 40 45.21 80.93 -26.37
N ILE A 41 44.49 81.43 -27.35
CA ILE A 41 44.27 82.86 -27.56
C ILE A 41 42.82 83.13 -27.25
N ASP A 42 42.59 84.03 -26.29
CA ASP A 42 41.24 84.36 -25.85
C ASP A 42 40.59 85.30 -26.86
N ALA A 43 40.28 84.75 -28.03
CA ALA A 43 39.72 85.56 -29.11
C ALA A 43 38.87 84.65 -29.99
N GLY A 44 37.56 84.72 -29.82
CA GLY A 44 36.65 84.00 -30.67
C GLY A 44 35.68 84.94 -31.34
N SER A 45 34.41 84.56 -31.38
CA SER A 45 33.39 85.45 -31.91
C SER A 45 33.01 86.54 -30.93
N ARG A 46 33.44 86.46 -29.69
CA ARG A 46 33.08 87.48 -28.73
C ARG A 46 33.84 88.78 -28.95
N TYR A 47 35.00 88.70 -29.59
CA TYR A 47 35.91 89.83 -29.71
C TYR A 47 35.91 90.42 -31.11
N GLU A 48 34.73 90.55 -31.70
CA GLU A 48 34.63 91.04 -33.07
C GLU A 48 33.70 92.23 -33.16
N THR A 49 33.35 92.61 -34.37
CA THR A 49 32.32 93.59 -34.67
C THR A 49 31.20 92.91 -35.46
N GLU A 50 30.18 93.70 -35.79
CA GLU A 50 29.10 93.23 -36.65
C GLU A 50 29.62 92.88 -38.04
N LYS A 51 30.41 93.78 -38.60
CA LYS A 51 30.77 93.78 -40.01
C LYS A 51 31.78 92.71 -40.39
N ASN A 52 32.37 92.01 -39.43
CA ASN A 52 33.37 91.01 -39.73
C ASN A 52 33.11 89.75 -38.92
N ASN A 53 31.87 89.27 -38.96
CA ASN A 53 31.57 87.94 -38.45
C ASN A 53 32.33 86.92 -39.28
N GLY A 54 33.13 86.11 -38.62
CA GLY A 54 33.86 85.07 -39.28
C GLY A 54 35.31 85.38 -39.57
N ALA A 55 35.89 86.38 -38.91
CA ALA A 55 37.31 86.66 -39.13
C ALA A 55 38.18 85.61 -38.48
N GLY A 56 37.82 85.18 -37.26
CA GLY A 56 38.67 84.25 -36.53
C GLY A 56 38.65 82.86 -37.12
N TYR A 57 37.46 82.40 -37.53
CA TYR A 57 37.31 81.19 -38.31
C TYR A 57 38.17 81.23 -39.56
N PHE A 58 38.17 82.38 -40.22
CA PHE A 58 38.93 82.56 -41.44
C PHE A 58 40.41 82.42 -41.17
N VAL A 59 40.90 82.96 -40.05
CA VAL A 59 42.32 82.85 -39.75
C VAL A 59 42.69 81.41 -39.40
N GLU A 60 41.87 80.73 -38.60
CA GLU A 60 42.21 79.35 -38.25
C GLU A 60 42.01 78.36 -39.40
N HIS A 61 41.37 78.78 -40.49
CA HIS A 61 41.44 78.00 -41.73
C HIS A 61 42.44 78.53 -42.74
N LEU A 62 43.08 79.68 -42.49
CA LEU A 62 43.98 80.30 -43.45
C LEU A 62 45.45 80.33 -43.04
N ALA A 63 45.78 79.96 -41.81
CA ALA A 63 47.12 80.16 -41.27
C ALA A 63 48.02 78.95 -41.46
N PHE A 64 47.81 78.19 -42.53
CA PHE A 64 48.63 77.01 -42.75
C PHE A 64 49.05 76.87 -44.21
N LYS A 65 48.76 77.87 -45.03
CA LYS A 65 49.00 77.81 -46.47
C LYS A 65 49.85 79.00 -46.89
N GLY A 66 51.00 79.12 -46.25
CA GLY A 66 51.95 80.17 -46.56
C GLY A 66 52.36 80.99 -45.36
N THR A 67 53.58 80.76 -44.90
CA THR A 67 54.18 81.47 -43.79
C THR A 67 55.13 82.53 -44.33
N LYS A 68 55.86 83.19 -43.41
CA LYS A 68 56.70 84.30 -43.82
C LYS A 68 57.96 83.84 -44.52
N ASN A 69 58.81 83.09 -43.82
CA ASN A 69 60.02 82.63 -44.48
C ASN A 69 59.76 81.41 -45.35
N ARG A 70 58.87 80.51 -44.90
CA ARG A 70 58.72 79.25 -45.61
C ARG A 70 57.57 79.32 -46.62
N PRO A 71 57.74 78.72 -47.80
CA PRO A 71 56.75 78.88 -48.89
C PRO A 71 55.44 78.14 -48.69
N GLY A 72 54.66 78.10 -49.77
CA GLY A 72 53.26 77.72 -49.87
C GLY A 72 52.73 76.63 -48.97
N ASN A 73 53.51 75.56 -48.74
CA ASN A 73 53.13 74.62 -47.68
C ASN A 73 54.34 74.09 -46.92
N ALA A 74 55.45 74.83 -46.89
CA ALA A 74 56.65 74.27 -46.26
C ALA A 74 56.52 74.16 -44.75
N LEU A 75 55.58 74.90 -44.16
CA LEU A 75 55.20 74.69 -42.77
C LEU A 75 54.70 73.27 -42.51
N GLU A 76 53.60 72.88 -43.19
CA GLU A 76 53.04 71.54 -43.02
C GLU A 76 53.99 70.47 -43.50
N LYS A 77 54.78 70.80 -44.51
CA LYS A 77 55.84 69.93 -44.98
C LYS A 77 56.82 69.63 -43.85
N GLU A 78 57.25 70.66 -43.14
CA GLU A 78 58.13 70.44 -42.00
C GLU A 78 57.42 69.80 -40.82
N VAL A 79 56.10 69.98 -40.71
CA VAL A 79 55.36 69.37 -39.62
C VAL A 79 55.27 67.85 -39.82
N GLU A 80 54.95 67.42 -41.03
CA GLU A 80 55.01 65.99 -41.30
C GLU A 80 56.46 65.50 -41.40
N SER A 81 57.41 66.42 -41.58
CA SER A 81 58.82 66.04 -41.50
C SER A 81 59.23 65.74 -40.07
N MET A 82 58.69 66.47 -39.08
CA MET A 82 58.97 66.07 -37.71
C MET A 82 58.06 64.96 -37.24
N GLY A 83 56.97 64.69 -37.96
CA GLY A 83 56.08 63.61 -37.58
C GLY A 83 55.27 63.93 -36.34
N ALA A 84 54.36 64.88 -36.46
CA ALA A 84 53.59 65.32 -35.31
C ALA A 84 52.22 65.81 -35.76
N HIS A 85 51.30 65.90 -34.81
CA HIS A 85 49.95 66.36 -35.09
C HIS A 85 49.80 67.85 -34.81
N LEU A 86 48.97 68.50 -35.62
CA LEU A 86 48.75 69.94 -35.56
C LEU A 86 47.26 70.20 -35.65
N ASN A 87 46.72 70.97 -34.71
CA ASN A 87 45.29 71.14 -34.61
C ASN A 87 44.97 72.59 -34.30
N ALA A 88 43.81 73.02 -34.76
CA ALA A 88 43.33 74.36 -34.48
C ALA A 88 41.81 74.31 -34.41
N TYR A 89 41.24 74.90 -33.36
CA TYR A 89 39.79 75.04 -33.31
C TYR A 89 39.45 76.32 -32.59
N SER A 90 38.47 77.04 -33.12
CA SER A 90 38.11 78.37 -32.62
C SER A 90 36.66 78.35 -32.16
N THR A 91 36.46 78.50 -30.86
CA THR A 91 35.12 78.59 -30.31
C THR A 91 34.61 80.02 -30.42
N ARG A 92 33.51 80.32 -29.73
CA ARG A 92 32.94 81.66 -29.76
C ARG A 92 33.74 82.65 -28.93
N GLU A 93 34.60 82.18 -28.04
CA GLU A 93 35.43 83.09 -27.28
C GLU A 93 36.88 82.64 -27.19
N HIS A 94 37.17 81.36 -27.32
CA HIS A 94 38.50 80.83 -27.08
C HIS A 94 38.99 80.08 -28.31
N THR A 95 40.24 80.34 -28.69
CA THR A 95 40.84 79.83 -29.91
C THR A 95 42.08 79.03 -29.53
N ALA A 96 42.29 77.88 -30.20
CA ALA A 96 43.35 76.97 -29.82
C ALA A 96 44.17 76.60 -31.05
N TYR A 97 45.50 76.72 -30.92
CA TYR A 97 46.44 76.23 -31.91
C TYR A 97 47.45 75.38 -31.16
N TYR A 98 47.41 74.06 -31.35
CA TYR A 98 48.33 73.25 -30.56
C TYR A 98 48.99 72.16 -31.40
N ILE A 99 50.20 71.79 -30.98
CA ILE A 99 51.00 70.77 -31.63
C ILE A 99 51.18 69.62 -30.67
N LYS A 100 50.69 68.46 -31.06
CA LYS A 100 50.92 67.21 -30.37
C LYS A 100 52.18 66.61 -30.97
N ALA A 101 53.30 66.69 -30.25
CA ALA A 101 54.56 66.30 -30.85
C ALA A 101 55.35 65.37 -29.94
N LEU A 102 56.48 64.90 -30.50
CA LEU A 102 57.42 64.06 -29.78
C LEU A 102 58.48 64.95 -29.12
N SER A 103 59.11 64.41 -28.08
CA SER A 103 59.98 65.20 -27.20
C SER A 103 61.23 65.71 -27.90
N LYS A 104 61.73 64.96 -28.90
CA LYS A 104 63.04 65.25 -29.47
C LYS A 104 63.05 66.51 -30.33
N ASP A 105 61.94 66.88 -30.94
CA ASP A 105 61.89 68.03 -31.84
C ASP A 105 61.32 69.24 -31.13
N LEU A 106 61.64 69.35 -29.84
CA LEU A 106 61.05 70.38 -28.99
C LEU A 106 61.40 71.82 -29.40
N PRO A 107 62.66 72.20 -29.69
CA PRO A 107 62.88 73.58 -30.14
C PRO A 107 62.32 73.83 -31.51
N LYS A 108 62.34 72.82 -32.37
CA LYS A 108 61.62 72.87 -33.62
C LYS A 108 60.12 73.07 -33.38
N ALA A 109 59.59 72.42 -32.35
CA ALA A 109 58.16 72.52 -32.06
C ALA A 109 57.80 73.93 -31.65
N VAL A 110 58.59 74.51 -30.76
CA VAL A 110 58.29 75.85 -30.27
C VAL A 110 58.53 76.89 -31.37
N GLU A 111 59.51 76.66 -32.26
CA GLU A 111 59.74 77.58 -33.37
C GLU A 111 58.60 77.55 -34.37
N LEU A 112 58.10 76.35 -34.69
CA LEU A 112 56.98 76.27 -35.62
C LEU A 112 55.71 76.83 -35.01
N LEU A 113 55.56 76.71 -33.68
CA LEU A 113 54.41 77.31 -33.03
C LEU A 113 54.50 78.83 -33.04
N ALA A 114 55.70 79.38 -32.91
CA ALA A 114 55.88 80.83 -33.05
C ALA A 114 55.61 81.28 -34.49
N ASP A 115 55.91 80.41 -35.45
CA ASP A 115 55.59 80.68 -36.85
C ASP A 115 54.08 80.74 -37.06
N ILE A 116 53.34 79.83 -36.45
CA ILE A 116 51.88 79.81 -36.60
C ILE A 116 51.26 81.00 -35.90
N VAL A 117 51.78 81.35 -34.71
CA VAL A 117 51.17 82.41 -33.92
C VAL A 117 51.44 83.78 -34.54
N GLN A 118 52.71 84.17 -34.67
CA GLN A 118 52.97 85.55 -35.03
C GLN A 118 53.54 85.74 -36.43
N ASN A 119 53.77 84.68 -37.19
CA ASN A 119 54.56 84.79 -38.40
C ASN A 119 53.82 84.24 -39.61
N CYS A 120 52.57 84.64 -39.81
CA CYS A 120 51.80 84.11 -40.94
C CYS A 120 51.81 85.09 -42.11
N SER A 121 52.02 84.55 -43.31
CA SER A 121 51.82 85.31 -44.54
C SER A 121 50.43 85.04 -45.10
N LEU A 122 50.00 85.94 -45.98
CA LEU A 122 48.70 85.80 -46.61
C LEU A 122 48.80 86.29 -48.04
N GLU A 123 48.34 85.48 -48.99
CA GLU A 123 48.36 85.85 -50.39
C GLU A 123 46.93 85.95 -50.91
N ASP A 124 46.76 86.71 -52.00
CA ASP A 124 45.41 86.98 -52.47
C ASP A 124 44.88 85.83 -53.32
N SER A 125 45.78 85.07 -53.95
CA SER A 125 45.36 83.77 -54.46
C SER A 125 44.92 82.86 -53.32
N GLN A 126 45.57 82.97 -52.15
CA GLN A 126 45.14 82.16 -51.02
C GLN A 126 43.79 82.61 -50.50
N ILE A 127 43.52 83.91 -50.46
CA ILE A 127 42.19 84.32 -50.00
C ILE A 127 41.13 83.91 -51.02
N GLU A 128 41.49 83.88 -52.31
CA GLU A 128 40.55 83.42 -53.35
C GLU A 128 40.21 81.93 -53.19
N LYS A 129 41.24 81.08 -53.24
CA LYS A 129 41.03 79.63 -53.20
C LYS A 129 40.46 79.18 -51.86
N GLU A 130 40.98 79.73 -50.76
CA GLU A 130 40.46 79.35 -49.47
C GLU A 130 39.08 79.95 -49.21
N ARG A 131 38.69 81.03 -49.91
CA ARG A 131 37.30 81.47 -49.85
C ARG A 131 36.39 80.42 -50.47
N ASP A 132 36.80 79.87 -51.61
CA ASP A 132 36.06 78.75 -52.19
C ASP A 132 36.03 77.54 -51.26
N VAL A 133 37.13 77.29 -50.56
CA VAL A 133 37.21 76.17 -49.62
C VAL A 133 36.26 76.38 -48.44
N ILE A 134 36.15 77.61 -47.96
CA ILE A 134 35.29 77.86 -46.82
C ILE A 134 33.81 77.83 -47.23
N LEU A 135 33.51 78.17 -48.48
CA LEU A 135 32.13 77.93 -48.93
C LEU A 135 31.83 76.44 -49.06
N GLN A 136 32.83 75.64 -49.46
CA GLN A 136 32.70 74.18 -49.39
C GLN A 136 32.46 73.73 -47.96
N GLU A 137 33.15 74.35 -47.01
CA GLU A 137 33.00 73.96 -45.61
C GLU A 137 31.65 74.37 -45.05
N LEU A 138 31.05 75.45 -45.57
CA LEU A 138 29.69 75.79 -45.16
C LEU A 138 28.70 74.78 -45.72
N GLN A 139 28.93 74.33 -46.95
CA GLN A 139 28.15 73.22 -47.52
C GLN A 139 28.26 71.97 -46.65
N GLU A 140 29.45 71.72 -46.11
CA GLU A 140 29.64 70.62 -45.16
C GLU A 140 28.85 70.83 -43.88
N ASN A 141 28.87 72.05 -43.33
CA ASN A 141 28.23 72.31 -42.05
C ASN A 141 26.71 72.34 -42.14
N ASP A 142 26.13 72.50 -43.33
CA ASP A 142 24.69 72.70 -43.40
C ASP A 142 23.86 71.48 -43.00
N THR A 143 24.43 70.27 -43.04
CA THR A 143 23.69 69.08 -42.64
C THR A 143 24.09 68.54 -41.29
N SER A 144 25.14 69.07 -40.68
CA SER A 144 25.53 68.65 -39.35
C SER A 144 24.56 69.28 -38.37
N MET A 145 23.53 68.51 -38.01
CA MET A 145 22.32 69.08 -37.42
C MET A 145 22.54 69.62 -36.01
N ARG A 146 23.41 68.97 -35.24
CA ARG A 146 23.61 69.33 -33.85
C ARG A 146 24.24 70.71 -33.72
N ASP A 147 25.18 71.03 -34.60
CA ASP A 147 25.73 72.38 -34.61
C ASP A 147 24.71 73.39 -35.10
N VAL A 148 23.80 72.98 -35.98
CA VAL A 148 22.72 73.86 -36.41
C VAL A 148 21.81 74.19 -35.23
N VAL A 149 21.58 73.20 -34.36
CA VAL A 149 20.78 73.41 -33.17
C VAL A 149 21.46 74.39 -32.22
N PHE A 150 22.74 74.17 -31.93
CA PHE A 150 23.42 75.03 -30.97
C PHE A 150 23.62 76.44 -31.51
N ASN A 151 23.79 76.57 -32.82
CA ASN A 151 23.85 77.90 -33.41
C ASN A 151 22.52 78.60 -33.35
N TYR A 152 21.42 77.84 -33.49
CA TYR A 152 20.10 78.41 -33.24
C TYR A 152 19.96 78.89 -31.81
N LEU A 153 20.48 78.10 -30.88
CA LEU A 153 20.32 78.39 -29.47
C LEU A 153 21.04 79.68 -29.09
N HIS A 154 22.29 79.82 -29.53
CA HIS A 154 23.01 81.06 -29.30
C HIS A 154 22.36 82.23 -30.02
N ALA A 155 21.98 82.01 -31.28
CA ALA A 155 21.51 83.10 -32.13
C ALA A 155 20.15 83.62 -31.71
N THR A 156 19.43 82.89 -30.87
CA THR A 156 18.27 83.50 -30.22
C THR A 156 18.55 83.96 -28.80
N ALA A 157 19.51 83.37 -28.10
CA ALA A 157 19.65 83.75 -26.71
C ALA A 157 20.42 85.05 -26.55
N PHE A 158 21.13 85.52 -27.57
CA PHE A 158 22.01 86.67 -27.35
C PHE A 158 21.82 87.74 -28.41
N GLN A 159 20.57 88.14 -28.61
CA GLN A 159 20.22 89.21 -29.54
C GLN A 159 20.97 90.51 -29.27
N GLY A 160 21.88 90.86 -30.16
CA GLY A 160 22.66 92.07 -30.07
C GLY A 160 24.13 91.88 -29.74
N THR A 161 24.41 91.03 -28.75
CA THR A 161 25.76 90.92 -28.22
C THR A 161 26.64 90.14 -29.20
N PRO A 162 27.97 90.26 -29.10
CA PRO A 162 28.83 89.46 -29.99
C PRO A 162 28.89 88.00 -29.67
N LEU A 163 28.22 87.51 -28.62
CA LEU A 163 28.24 86.08 -28.37
C LEU A 163 27.39 85.33 -29.39
N ALA A 164 26.30 85.92 -29.86
CA ALA A 164 25.45 85.29 -30.85
C ALA A 164 26.01 85.36 -32.26
N GLN A 165 27.18 85.96 -32.44
CA GLN A 165 27.88 85.81 -33.70
C GLN A 165 28.25 84.34 -33.85
N SER A 166 27.82 83.73 -34.95
CA SER A 166 28.36 82.43 -35.28
C SER A 166 29.83 82.57 -35.63
N VAL A 167 30.61 81.53 -35.31
CA VAL A 167 32.04 81.56 -35.58
C VAL A 167 32.29 81.58 -37.07
N GLU A 168 31.53 80.79 -37.82
CA GLU A 168 31.70 80.73 -39.28
C GLU A 168 31.29 82.04 -39.91
N GLY A 169 30.28 82.69 -39.37
CA GLY A 169 29.75 83.90 -39.94
C GLY A 169 28.84 83.58 -41.10
N PRO A 170 27.98 84.53 -41.46
CA PRO A 170 27.19 84.38 -42.68
C PRO A 170 28.09 84.42 -43.90
N SER A 171 27.69 83.66 -44.93
CA SER A 171 28.49 83.53 -46.14
C SER A 171 28.59 84.83 -46.92
N GLU A 172 27.63 85.74 -46.76
CA GLU A 172 27.74 87.06 -47.35
C GLU A 172 28.71 87.94 -46.60
N ASN A 173 29.01 87.63 -45.34
CA ASN A 173 30.17 88.19 -44.68
C ASN A 173 31.44 87.44 -45.04
N VAL A 174 31.33 86.28 -45.68
CA VAL A 174 32.52 85.55 -46.07
C VAL A 174 33.05 86.06 -47.39
N ARG A 175 32.18 86.19 -48.39
CA ARG A 175 32.64 86.50 -49.74
C ARG A 175 32.75 88.01 -50.01
N LYS A 176 33.03 88.83 -48.99
CA LYS A 176 33.28 90.24 -49.24
C LYS A 176 34.50 90.76 -48.49
N LEU A 177 35.31 89.89 -47.89
CA LEU A 177 36.36 90.31 -46.97
C LEU A 177 37.54 90.94 -47.69
N SER A 178 38.50 91.42 -46.89
CA SER A 178 39.78 91.91 -47.38
C SER A 178 40.87 91.47 -46.41
N ARG A 179 42.07 91.29 -46.97
CA ARG A 179 43.21 90.85 -46.19
C ARG A 179 43.66 91.94 -45.22
N ALA A 180 43.48 93.21 -45.59
CA ALA A 180 43.91 94.30 -44.73
C ALA A 180 43.05 94.40 -43.48
N ASP A 181 41.74 94.20 -43.62
CA ASP A 181 40.84 94.27 -42.47
C ASP A 181 40.95 93.02 -41.60
N LEU A 182 41.20 91.87 -42.24
CA LEU A 182 41.47 90.63 -41.55
C LEU A 182 42.74 90.73 -40.70
N THR A 183 43.81 91.26 -41.29
CA THR A 183 45.02 91.51 -40.52
C THR A 183 44.86 92.67 -39.55
N GLU A 184 43.90 93.57 -39.78
CA GLU A 184 43.62 94.60 -38.79
C GLU A 184 43.00 93.97 -37.54
N TYR A 185 42.15 92.97 -37.75
CA TYR A 185 41.69 92.11 -36.65
C TYR A 185 42.87 91.39 -35.99
N LEU A 186 43.79 90.87 -36.81
CA LEU A 186 44.99 90.21 -36.29
C LEU A 186 45.83 91.17 -35.45
N SER A 187 45.91 92.42 -35.87
CA SER A 187 46.76 93.42 -35.24
C SER A 187 46.06 94.15 -34.11
N ARG A 188 44.76 93.95 -33.92
CA ARG A 188 44.11 94.56 -32.77
C ARG A 188 43.69 93.58 -31.70
N HIS A 189 43.46 92.31 -32.03
CA HIS A 189 42.85 91.40 -31.07
C HIS A 189 43.69 90.21 -30.70
N TYR A 190 45.03 90.32 -30.72
CA TYR A 190 45.92 89.24 -30.32
C TYR A 190 47.05 89.70 -29.43
N LYS A 191 46.99 90.91 -28.85
CA LYS A 191 48.27 91.56 -28.65
C LYS A 191 48.99 91.36 -27.31
N ALA A 192 48.58 92.04 -26.24
CA ALA A 192 49.52 91.93 -25.13
C ALA A 192 49.22 90.73 -24.22
N PRO A 193 48.09 90.69 -23.43
CA PRO A 193 48.09 89.75 -22.30
C PRO A 193 47.56 88.37 -22.64
N ARG A 194 46.78 88.30 -23.70
CA ARG A 194 45.62 87.43 -23.81
C ARG A 194 45.97 86.06 -24.32
N MET A 195 47.19 85.59 -24.09
CA MET A 195 47.62 84.35 -24.71
C MET A 195 48.48 83.52 -23.77
N VAL A 196 48.13 82.23 -23.72
CA VAL A 196 48.78 81.27 -22.86
C VAL A 196 49.59 80.33 -23.73
N LEU A 197 50.87 80.24 -23.43
CA LEU A 197 51.76 79.22 -23.96
C LEU A 197 51.75 78.08 -22.95
N ALA A 198 50.87 77.11 -23.17
CA ALA A 198 50.67 76.01 -22.24
C ALA A 198 51.28 74.76 -22.82
N ALA A 199 52.05 74.05 -22.02
CA ALA A 199 52.68 72.83 -22.48
C ALA A 199 52.45 71.72 -21.48
N ALA A 200 52.46 70.49 -21.98
CA ALA A 200 52.21 69.34 -21.13
C ALA A 200 53.04 68.16 -21.60
N GLY A 201 53.70 67.51 -20.65
CA GLY A 201 54.31 66.23 -20.94
C GLY A 201 55.72 66.01 -20.44
N GLY A 202 56.57 65.52 -21.34
CA GLY A 202 57.95 65.27 -21.04
C GLY A 202 58.83 66.46 -21.31
N LEU A 203 58.70 67.50 -20.48
CA LEU A 203 59.57 68.66 -20.54
C LEU A 203 59.71 69.22 -19.13
N GLU A 204 60.23 70.44 -19.03
CA GLU A 204 60.30 71.15 -17.76
C GLU A 204 59.81 72.56 -17.95
N HIS A 205 59.34 73.16 -16.86
CA HIS A 205 58.98 74.56 -16.89
C HIS A 205 60.19 75.46 -17.08
N ARG A 206 61.36 75.01 -16.59
CA ARG A 206 62.62 75.66 -16.93
C ARG A 206 62.87 75.61 -18.43
N GLN A 207 62.71 74.42 -19.02
CA GLN A 207 62.94 74.22 -20.45
C GLN A 207 61.97 75.03 -21.28
N LEU A 208 60.69 74.99 -20.92
CA LEU A 208 59.68 75.67 -21.72
C LEU A 208 59.77 77.16 -21.51
N LEU A 209 60.17 77.59 -20.31
CA LEU A 209 60.42 79.00 -20.06
C LEU A 209 61.59 79.51 -20.90
N ASP A 210 62.63 78.69 -21.02
CA ASP A 210 63.78 79.04 -21.84
C ASP A 210 63.40 79.14 -23.31
N LEU A 211 62.62 78.17 -23.80
CA LEU A 211 62.19 78.20 -25.19
C LEU A 211 61.21 79.33 -25.45
N ALA A 212 60.41 79.69 -24.45
CA ALA A 212 59.50 80.82 -24.60
C ALA A 212 60.27 82.12 -24.75
N GLN A 213 61.25 82.32 -23.87
CA GLN A 213 62.13 83.47 -23.99
C GLN A 213 62.95 83.43 -25.28
N LYS A 214 63.27 82.25 -25.76
CA LYS A 214 64.18 82.12 -26.90
C LYS A 214 63.46 82.24 -28.23
N HIS A 215 62.18 81.93 -28.27
CA HIS A 215 61.41 81.97 -29.51
C HIS A 215 60.42 83.12 -29.53
N PHE A 216 59.53 83.21 -28.55
CA PHE A 216 58.42 84.15 -28.66
C PHE A 216 58.79 85.57 -28.30
N SER A 217 59.99 85.81 -27.80
CA SER A 217 60.40 87.18 -27.50
C SER A 217 60.52 87.97 -28.79
N GLY A 218 59.83 89.10 -28.81
CA GLY A 218 59.55 89.77 -30.05
C GLY A 218 58.12 89.65 -30.53
N LEU A 219 57.21 89.22 -29.65
CA LEU A 219 55.79 89.38 -29.96
C LEU A 219 55.40 90.84 -29.84
N SER A 220 56.12 91.59 -29.00
CA SER A 220 55.99 93.03 -28.80
C SER A 220 54.56 93.41 -28.38
N GLY A 221 54.00 92.61 -27.48
CA GLY A 221 52.64 92.84 -27.03
C GLY A 221 52.57 94.08 -26.15
N THR A 222 51.71 95.01 -26.53
CA THR A 222 51.47 96.25 -25.77
C THR A 222 50.08 96.80 -26.06
N PRO A 229 40.73 96.18 -24.28
CA PRO A 229 39.67 97.15 -24.51
C PRO A 229 38.41 96.52 -25.07
N THR A 230 38.02 95.37 -24.49
CA THR A 230 36.84 94.61 -24.89
C THR A 230 36.28 93.99 -23.61
N LEU A 231 35.58 92.85 -23.72
CA LEU A 231 35.03 92.05 -22.63
C LEU A 231 33.98 92.82 -21.84
N THR A 232 32.84 93.09 -22.50
CA THR A 232 31.53 93.67 -22.24
C THR A 232 30.55 92.59 -21.77
N PRO A 233 29.52 92.95 -20.98
CA PRO A 233 28.54 91.94 -20.55
C PRO A 233 27.63 91.43 -21.66
N CYS A 234 26.79 90.46 -21.30
CA CYS A 234 25.96 89.75 -22.27
C CYS A 234 24.53 89.64 -21.75
N ARG A 235 23.58 90.09 -22.56
CA ARG A 235 22.17 90.09 -22.18
C ARG A 235 21.51 88.79 -22.65
N PHE A 236 21.34 87.84 -21.73
CA PHE A 236 20.59 86.63 -22.04
C PHE A 236 19.12 86.98 -22.19
N THR A 237 18.66 87.04 -23.44
CA THR A 237 17.30 87.49 -23.68
C THR A 237 16.29 86.40 -23.34
N GLY A 238 16.35 85.27 -24.02
CA GLY A 238 15.46 84.17 -23.71
C GLY A 238 14.19 84.19 -24.54
N SER A 239 14.06 83.25 -25.47
CA SER A 239 12.96 83.24 -26.42
C SER A 239 12.88 81.86 -27.03
N GLU A 240 12.20 81.74 -28.17
CA GLU A 240 12.17 80.49 -28.91
C GLU A 240 12.44 80.77 -30.37
N ILE A 241 13.20 79.90 -31.01
CA ILE A 241 13.42 79.92 -32.45
C ILE A 241 13.05 78.54 -32.99
N ARG A 242 12.39 78.50 -34.13
CA ARG A 242 11.97 77.21 -34.65
C ARG A 242 12.11 77.14 -36.17
N HIS A 243 12.56 75.99 -36.64
CA HIS A 243 12.78 75.73 -38.06
C HIS A 243 11.97 74.50 -38.43
N ARG A 244 10.76 74.73 -38.89
CA ARG A 244 9.93 73.65 -39.39
C ARG A 244 10.44 73.27 -40.76
N GLU A 245 10.88 72.02 -40.87
CA GLU A 245 11.34 71.43 -42.13
C GLU A 245 11.08 69.93 -42.01
N ASP A 246 9.99 69.48 -42.64
CA ASP A 246 9.55 68.09 -42.50
C ASP A 246 10.20 67.15 -43.52
N GLY A 247 11.31 67.55 -44.12
CA GLY A 247 12.11 66.65 -44.92
C GLY A 247 13.26 66.07 -44.12
N LEU A 248 13.08 66.03 -42.81
CA LEU A 248 14.02 65.50 -41.85
C LEU A 248 13.36 64.35 -41.11
N PRO A 249 14.04 63.27 -40.89
CA PRO A 249 13.41 62.14 -40.21
C PRO A 249 13.38 62.30 -38.70
N LEU A 250 14.45 62.85 -38.13
CA LEU A 250 14.60 62.93 -36.69
C LEU A 250 14.47 64.37 -36.23
N ALA A 251 13.80 64.58 -35.10
CA ALA A 251 13.55 65.91 -34.58
C ALA A 251 14.58 66.25 -33.50
N HIS A 252 15.10 67.48 -33.58
CA HIS A 252 16.14 67.98 -32.67
C HIS A 252 15.58 69.16 -31.90
N VAL A 253 15.44 69.01 -30.59
CA VAL A 253 14.95 70.10 -29.76
C VAL A 253 15.94 70.33 -28.64
N ALA A 254 16.35 71.58 -28.46
CA ALA A 254 17.16 71.97 -27.33
C ALA A 254 16.46 73.05 -26.54
N ILE A 255 16.63 73.01 -25.22
CA ILE A 255 16.09 74.02 -24.31
C ILE A 255 17.19 74.37 -23.30
N ALA A 256 17.36 75.66 -23.04
CA ALA A 256 18.41 76.08 -22.14
C ALA A 256 18.01 77.33 -21.40
N VAL A 257 18.56 77.48 -20.21
CA VAL A 257 18.38 78.73 -19.46
C VAL A 257 19.74 79.34 -19.19
N GLU A 258 19.75 80.42 -18.40
CA GLU A 258 20.97 81.19 -18.17
C GLU A 258 22.01 80.42 -17.37
N GLY A 259 23.24 80.42 -17.85
CA GLY A 259 24.34 79.80 -17.15
C GLY A 259 25.06 80.76 -16.22
N PRO A 260 25.54 80.24 -15.08
CA PRO A 260 26.18 81.14 -14.10
C PRO A 260 27.55 81.61 -14.53
N GLY A 261 28.35 80.74 -15.14
CA GLY A 261 29.64 81.17 -15.64
C GLY A 261 30.83 80.50 -14.99
N TRP A 262 31.73 81.30 -14.44
CA TRP A 262 33.00 80.78 -13.95
C TRP A 262 33.26 81.31 -12.55
N ALA A 263 32.70 82.48 -12.25
CA ALA A 263 32.89 83.13 -10.95
C ALA A 263 31.87 82.68 -9.93
N ASN A 264 31.33 81.47 -10.06
CA ASN A 264 30.43 80.90 -9.09
C ASN A 264 30.73 79.42 -8.97
N PRO A 265 30.80 78.88 -7.75
CA PRO A 265 30.79 77.42 -7.58
C PRO A 265 29.43 76.78 -7.85
N ASP A 266 28.42 77.60 -8.13
CA ASP A 266 27.15 77.10 -8.64
C ASP A 266 27.31 76.41 -9.99
N ASN A 267 28.38 76.75 -10.72
CA ASN A 267 28.88 75.91 -11.80
C ASN A 267 29.05 74.45 -11.35
N VAL A 268 29.71 74.25 -10.20
CA VAL A 268 29.93 72.89 -9.72
C VAL A 268 28.63 72.27 -9.24
N ALA A 269 27.74 73.08 -8.68
CA ALA A 269 26.42 72.58 -8.28
C ALA A 269 25.61 72.09 -9.48
N LEU A 270 25.63 72.85 -10.57
CA LEU A 270 24.94 72.41 -11.78
C LEU A 270 25.65 71.24 -12.42
N GLN A 271 26.96 71.09 -12.20
CA GLN A 271 27.64 69.88 -12.63
C GLN A 271 27.13 68.66 -11.87
N VAL A 272 26.84 68.82 -10.59
CA VAL A 272 26.26 67.71 -9.83
C VAL A 272 24.86 67.37 -10.35
N ALA A 273 24.06 68.41 -10.62
CA ALA A 273 22.68 68.18 -11.06
C ALA A 273 22.64 67.54 -12.45
N ASN A 274 23.48 68.02 -13.36
CA ASN A 274 23.56 67.44 -14.69
C ASN A 274 24.48 66.24 -14.74
N ALA A 275 25.04 65.85 -13.62
CA ALA A 275 25.55 64.49 -13.48
C ALA A 275 24.44 63.53 -13.10
N ILE A 276 23.46 64.01 -12.32
CA ILE A 276 22.31 63.18 -12.03
C ILE A 276 21.46 62.98 -13.29
N ILE A 277 21.23 64.05 -14.06
CA ILE A 277 20.33 63.88 -15.20
C ILE A 277 21.09 63.46 -16.45
N GLY A 278 21.97 64.33 -16.99
CA GLY A 278 23.00 63.77 -17.87
C GLY A 278 22.48 63.32 -19.23
N HIS A 279 22.96 62.19 -19.70
CA HIS A 279 22.77 61.85 -21.10
C HIS A 279 22.31 60.42 -21.27
N TYR A 280 21.69 60.18 -22.43
CA TYR A 280 21.22 58.88 -22.87
C TYR A 280 21.34 58.79 -24.38
N ASP A 281 21.69 57.61 -24.88
CA ASP A 281 21.56 57.27 -26.30
C ASP A 281 20.87 55.91 -26.39
N CYS A 282 20.27 55.67 -27.56
CA CYS A 282 19.60 54.43 -27.92
C CYS A 282 20.53 53.23 -28.06
N THR A 283 21.84 53.40 -27.94
CA THR A 283 22.76 52.28 -28.12
C THR A 283 23.49 51.94 -26.83
N TYR A 284 22.76 51.86 -25.72
CA TYR A 284 23.36 51.52 -24.45
C TYR A 284 23.05 50.07 -24.10
N GLY A 285 23.56 49.64 -22.96
CA GLY A 285 23.32 48.30 -22.47
C GLY A 285 22.53 48.31 -21.18
N GLY A 286 21.28 47.86 -21.25
CA GLY A 286 20.41 47.87 -20.09
C GLY A 286 19.57 49.13 -20.04
N GLY A 287 18.29 49.02 -20.40
CA GLY A 287 17.46 50.19 -20.47
C GLY A 287 16.47 50.29 -19.33
N MET A 288 15.89 49.17 -18.94
CA MET A 288 14.85 49.19 -17.92
C MET A 288 15.41 49.30 -16.50
N HIS A 289 16.73 49.33 -16.36
CA HIS A 289 17.36 49.34 -15.05
C HIS A 289 18.26 50.55 -14.85
N LEU A 290 18.05 51.62 -15.59
CA LEU A 290 18.85 52.81 -15.42
C LEU A 290 18.43 53.54 -14.15
N SER A 291 19.43 54.06 -13.41
CA SER A 291 19.11 54.79 -12.19
C SER A 291 18.41 56.11 -12.48
N SER A 292 18.75 56.72 -13.60
CA SER A 292 18.18 57.99 -13.98
C SER A 292 16.70 57.80 -14.29
N PRO A 293 15.81 58.49 -13.59
CA PRO A 293 14.38 58.24 -13.79
C PRO A 293 13.89 58.68 -15.15
N LEU A 294 14.44 59.80 -15.64
CA LEU A 294 14.16 60.24 -17.00
C LEU A 294 14.60 59.21 -18.03
N ALA A 295 15.74 58.57 -17.80
CA ALA A 295 16.21 57.55 -18.72
C ALA A 295 15.35 56.30 -18.66
N SER A 296 14.90 55.92 -17.46
CA SER A 296 14.05 54.74 -17.34
C SER A 296 12.70 54.96 -18.00
N VAL A 297 12.12 56.15 -17.82
CA VAL A 297 10.84 56.44 -18.45
C VAL A 297 10.97 56.56 -19.96
N ALA A 298 12.06 57.17 -20.44
CA ALA A 298 12.25 57.31 -21.88
C ALA A 298 12.60 55.99 -22.56
N VAL A 299 13.10 55.01 -21.82
CA VAL A 299 13.15 53.65 -22.34
C VAL A 299 11.76 53.02 -22.30
N THR A 300 11.00 53.30 -21.24
CA THR A 300 9.74 52.64 -20.98
C THR A 300 8.71 52.94 -22.05
N ASN A 301 8.53 54.21 -22.37
CA ASN A 301 7.57 54.61 -23.37
C ASN A 301 8.20 54.87 -24.71
N LYS A 302 9.51 54.64 -24.82
CA LYS A 302 10.30 54.67 -26.06
C LYS A 302 10.24 56.05 -26.71
N LEU A 303 10.72 57.03 -25.97
CA LEU A 303 10.51 58.43 -26.34
C LEU A 303 11.67 58.98 -27.16
N CYS A 304 12.86 59.02 -26.59
CA CYS A 304 13.96 59.76 -27.20
C CYS A 304 14.87 58.83 -27.99
N GLN A 305 15.49 59.40 -29.02
CA GLN A 305 16.65 58.71 -29.58
C GLN A 305 17.87 58.97 -28.72
N SER A 306 18.04 60.22 -28.29
CA SER A 306 19.15 60.56 -27.40
C SER A 306 18.85 61.87 -26.71
N PHE A 307 19.49 62.08 -25.57
CA PHE A 307 19.53 63.43 -25.00
C PHE A 307 20.79 63.65 -24.19
N GLN A 308 21.07 64.92 -23.98
CA GLN A 308 22.18 65.36 -23.17
C GLN A 308 21.71 66.57 -22.36
N THR A 309 21.91 66.51 -21.05
CA THR A 309 21.53 67.56 -20.13
C THR A 309 22.75 67.86 -19.29
N PHE A 310 23.21 69.11 -19.41
CA PHE A 310 24.62 69.51 -19.37
C PHE A 310 24.70 71.00 -19.04
N ASN A 311 25.95 71.50 -19.00
CA ASN A 311 26.24 72.92 -18.86
C ASN A 311 27.26 73.35 -19.91
N ILE A 312 27.10 74.56 -20.44
CA ILE A 312 28.14 75.27 -21.17
C ILE A 312 28.12 76.71 -20.66
N CYS A 313 29.29 77.27 -20.37
CA CYS A 313 29.33 78.63 -19.85
C CYS A 313 30.40 79.47 -20.51
N TYR A 314 30.08 80.73 -20.70
CA TYR A 314 31.01 81.78 -21.04
C TYR A 314 31.23 82.62 -19.79
N ALA A 315 31.98 83.71 -19.94
CA ALA A 315 32.39 84.52 -18.80
C ALA A 315 31.20 85.17 -18.11
N ASP A 316 30.83 84.57 -16.97
CA ASP A 316 29.66 84.92 -16.15
C ASP A 316 28.36 84.86 -16.93
N THR A 317 28.27 84.01 -17.94
CA THR A 317 27.02 83.81 -18.65
C THR A 317 27.03 82.42 -19.26
N GLY A 318 26.05 82.13 -20.08
CA GLY A 318 26.11 80.89 -20.78
C GLY A 318 24.81 80.14 -20.71
N LEU A 319 24.84 78.91 -21.20
CA LEU A 319 23.65 78.12 -21.46
C LEU A 319 23.70 76.88 -20.58
N LEU A 320 22.89 76.89 -19.53
CA LEU A 320 22.58 75.68 -18.79
C LEU A 320 21.62 74.88 -19.66
N GLY A 321 22.10 73.81 -20.29
CA GLY A 321 21.40 73.31 -21.46
C GLY A 321 20.92 71.88 -21.44
N ALA A 322 20.01 71.58 -22.36
CA ALA A 322 19.48 70.23 -22.54
C ALA A 322 19.08 70.07 -23.99
N HIS A 323 19.29 68.88 -24.54
CA HIS A 323 19.17 68.67 -25.98
C HIS A 323 18.77 67.23 -26.25
N PHE A 324 17.56 67.03 -26.75
CA PHE A 324 17.03 65.70 -27.03
C PHE A 324 16.61 65.59 -28.48
N VAL A 325 16.86 64.40 -29.02
CA VAL A 325 16.53 64.02 -30.38
C VAL A 325 15.53 62.88 -30.29
N CYS A 326 14.40 63.05 -30.95
CA CYS A 326 13.34 62.05 -30.93
C CYS A 326 12.43 62.25 -32.12
N ASP A 327 11.54 61.29 -32.32
CA ASP A 327 10.55 61.39 -33.38
C ASP A 327 9.44 62.36 -32.97
N HIS A 328 8.82 62.97 -33.97
CA HIS A 328 7.86 64.05 -33.75
C HIS A 328 6.55 63.61 -33.15
N MET A 329 6.26 62.32 -33.12
CA MET A 329 5.05 61.86 -32.49
C MET A 329 5.25 61.59 -31.01
N SER A 330 6.35 62.06 -30.43
CA SER A 330 6.62 61.82 -29.03
C SER A 330 7.25 63.03 -28.34
N ILE A 331 7.04 64.24 -28.86
CA ILE A 331 7.83 65.38 -28.41
C ILE A 331 7.32 65.91 -27.06
N ASP A 332 6.01 66.14 -26.96
CA ASP A 332 5.47 66.72 -25.73
C ASP A 332 5.62 65.79 -24.54
N ASP A 333 5.64 64.48 -24.77
CA ASP A 333 5.90 63.54 -23.68
C ASP A 333 7.31 63.71 -23.13
N MET A 334 8.29 63.80 -24.02
CA MET A 334 9.68 63.98 -23.62
C MET A 334 9.87 65.29 -22.89
N MET A 335 9.19 66.34 -23.39
CA MET A 335 9.29 67.64 -22.75
C MET A 335 8.66 67.62 -21.37
N PHE A 336 7.56 66.89 -21.24
CA PHE A 336 6.86 66.78 -19.96
C PHE A 336 7.73 66.09 -18.92
N VAL A 337 8.35 64.97 -19.29
CA VAL A 337 9.13 64.25 -18.30
C VAL A 337 10.43 64.97 -18.01
N LEU A 338 10.95 65.72 -18.99
CA LEU A 338 12.14 66.53 -18.74
C LEU A 338 11.87 67.64 -17.73
N GLN A 339 10.78 68.39 -17.91
CA GLN A 339 10.45 69.40 -16.92
C GLN A 339 10.05 68.78 -15.59
N GLY A 340 9.50 67.57 -15.62
CA GLY A 340 9.17 66.89 -14.37
C GLY A 340 10.41 66.53 -13.56
N GLN A 341 11.47 66.09 -14.22
CA GLN A 341 12.70 65.80 -13.48
C GLN A 341 13.37 67.09 -13.00
N TRP A 342 13.31 68.16 -13.80
CA TRP A 342 13.84 69.44 -13.36
C TRP A 342 13.13 69.95 -12.10
N MET A 343 11.81 69.87 -12.08
CA MET A 343 11.12 70.33 -10.90
C MET A 343 11.22 69.35 -9.74
N ARG A 344 11.45 68.06 -10.02
CA ARG A 344 11.71 67.12 -8.94
C ARG A 344 13.01 67.48 -8.24
N LEU A 345 14.03 67.87 -9.00
CA LEU A 345 15.22 68.37 -8.35
C LEU A 345 14.97 69.72 -7.68
N CYS A 346 14.00 70.49 -8.18
CA CYS A 346 13.71 71.78 -7.57
C CYS A 346 13.09 71.64 -6.18
N THR A 347 12.24 70.66 -5.97
CA THR A 347 11.56 70.62 -4.68
C THR A 347 11.97 69.47 -3.79
N SER A 348 12.08 68.26 -4.30
CA SER A 348 12.25 67.08 -3.46
C SER A 348 13.62 66.44 -3.64
N ALA A 349 14.67 67.26 -3.66
CA ALA A 349 16.02 66.75 -3.81
C ALA A 349 16.41 66.03 -2.52
N THR A 350 16.39 64.70 -2.55
CA THR A 350 16.81 63.91 -1.40
C THR A 350 18.28 63.52 -1.58
N GLU A 351 18.78 62.67 -0.70
CA GLU A 351 20.22 62.55 -0.55
C GLU A 351 20.87 61.55 -1.51
N SER A 352 20.23 60.40 -1.77
CA SER A 352 20.87 59.33 -2.51
C SER A 352 21.16 59.71 -3.94
N GLU A 353 20.26 60.48 -4.55
CA GLU A 353 20.49 60.99 -5.89
C GLU A 353 21.64 61.99 -5.92
N VAL A 354 21.80 62.78 -4.85
CA VAL A 354 22.92 63.70 -4.76
C VAL A 354 24.23 62.93 -4.61
N VAL A 355 24.20 61.82 -3.87
CA VAL A 355 25.36 60.98 -3.69
C VAL A 355 25.78 60.35 -5.02
N ARG A 356 24.80 59.83 -5.76
CA ARG A 356 25.08 59.20 -7.04
C ARG A 356 25.61 60.22 -8.04
N GLY A 357 25.06 61.44 -8.02
CA GLY A 357 25.58 62.48 -8.88
C GLY A 357 26.98 62.92 -8.53
N LYS A 358 27.33 62.90 -7.24
CA LYS A 358 28.69 63.27 -6.88
C LYS A 358 29.69 62.18 -7.27
N ASN A 359 29.28 60.90 -7.20
CA ASN A 359 30.12 59.83 -7.73
C ASN A 359 30.34 59.99 -9.23
N LEU A 360 29.27 60.28 -9.97
CA LEU A 360 29.41 60.46 -11.41
C LEU A 360 30.22 61.69 -11.75
N LEU A 361 30.19 62.71 -10.89
CA LEU A 361 31.02 63.88 -11.12
C LEU A 361 32.49 63.56 -10.92
N ARG A 362 32.80 62.77 -9.88
CA ARG A 362 34.16 62.25 -9.68
C ARG A 362 34.66 61.52 -10.91
N ASN A 363 33.84 60.59 -11.42
CA ASN A 363 34.24 59.73 -12.53
C ASN A 363 34.45 60.52 -13.80
N ALA A 364 33.49 61.39 -14.15
CA ALA A 364 33.58 62.18 -15.37
C ALA A 364 34.73 63.16 -15.31
N LEU A 365 34.96 63.78 -14.15
CA LEU A 365 36.00 64.78 -14.03
C LEU A 365 37.39 64.17 -14.11
N VAL A 366 37.61 63.06 -13.39
CA VAL A 366 38.92 62.42 -13.39
C VAL A 366 39.23 61.79 -14.74
N SER A 367 38.28 61.02 -15.29
CA SER A 367 38.54 60.38 -16.57
C SER A 367 38.57 61.39 -17.71
N HIS A 368 37.95 62.56 -17.55
CA HIS A 368 38.13 63.64 -18.50
C HIS A 368 39.55 64.17 -18.45
N LEU A 369 40.00 64.55 -17.27
CA LEU A 369 41.34 65.12 -17.15
C LEU A 369 42.35 63.97 -17.25
N ASP A 370 42.72 63.68 -18.49
CA ASP A 370 43.59 62.57 -18.84
C ASP A 370 44.42 63.01 -20.05
N GLY A 371 45.45 62.24 -20.36
CA GLY A 371 46.11 62.35 -21.64
C GLY A 371 46.98 63.58 -21.74
N THR A 372 47.06 64.11 -22.96
CA THR A 372 47.88 65.27 -23.25
C THR A 372 47.02 66.46 -23.63
N THR A 373 46.20 66.30 -24.67
CA THR A 373 45.32 67.37 -25.11
C THR A 373 44.24 67.76 -24.08
N PRO A 374 43.54 66.85 -23.37
CA PRO A 374 42.59 67.34 -22.35
C PRO A 374 43.27 68.07 -21.20
N VAL A 375 44.46 67.62 -20.81
CA VAL A 375 45.22 68.28 -19.76
C VAL A 375 45.61 69.68 -20.17
N CYS A 376 46.23 69.81 -21.34
CA CYS A 376 46.74 71.11 -21.77
C CYS A 376 45.61 72.02 -22.18
N GLU A 377 44.49 71.44 -22.61
CA GLU A 377 43.28 72.18 -22.91
C GLU A 377 42.69 72.80 -21.64
N ASP A 378 42.61 71.99 -20.59
CA ASP A 378 42.18 72.44 -19.28
C ASP A 378 43.03 73.60 -18.78
N ILE A 379 44.34 73.47 -18.88
CA ILE A 379 45.22 74.49 -18.32
C ILE A 379 45.16 75.76 -19.14
N GLY A 380 45.08 75.64 -20.48
CA GLY A 380 45.02 76.82 -21.31
C GLY A 380 43.75 77.62 -21.11
N ARG A 381 42.59 76.94 -21.13
CA ARG A 381 41.35 77.65 -20.90
C ARG A 381 41.17 78.06 -19.45
N SER A 382 41.89 77.42 -18.53
CA SER A 382 41.86 77.89 -17.15
C SER A 382 42.59 79.22 -17.03
N LEU A 383 43.81 79.28 -17.55
CA LEU A 383 44.60 80.49 -17.39
C LEU A 383 44.35 81.54 -18.46
N LEU A 384 43.40 81.31 -19.36
CA LEU A 384 42.87 82.48 -20.05
C LEU A 384 41.74 83.13 -19.28
N THR A 385 40.96 82.35 -18.54
CA THR A 385 39.75 82.83 -17.87
C THR A 385 40.01 83.15 -16.40
N TYR A 386 40.47 82.16 -15.64
CA TYR A 386 40.60 82.31 -14.20
C TYR A 386 41.75 83.24 -13.85
N GLY A 387 42.91 82.99 -14.43
CA GLY A 387 44.17 83.45 -13.90
C GLY A 387 44.94 82.38 -13.17
N ARG A 388 44.48 81.14 -13.20
CA ARG A 388 45.00 80.07 -12.36
C ARG A 388 44.49 78.73 -12.88
N ARG A 389 45.12 77.66 -12.39
CA ARG A 389 44.66 76.30 -12.63
C ARG A 389 44.09 75.73 -11.34
N ILE A 390 42.97 75.02 -11.45
CA ILE A 390 42.37 74.34 -10.32
C ILE A 390 43.09 73.03 -10.03
N PRO A 391 43.59 72.82 -8.82
CA PRO A 391 44.13 71.52 -8.45
C PRO A 391 43.02 70.56 -8.07
N LEU A 392 43.37 69.28 -8.02
CA LEU A 392 42.36 68.25 -7.76
C LEU A 392 41.87 68.26 -6.33
N ALA A 393 42.67 68.78 -5.40
CA ALA A 393 42.20 68.95 -4.02
C ALA A 393 41.06 69.95 -3.97
N GLU A 394 41.09 70.96 -4.83
CA GLU A 394 39.97 71.88 -4.95
C GLU A 394 38.74 71.18 -5.50
N TRP A 395 38.93 70.23 -6.42
CA TRP A 395 37.77 69.51 -6.94
C TRP A 395 37.17 68.59 -5.90
N GLU A 396 38.02 67.91 -5.13
CA GLU A 396 37.49 67.03 -4.08
C GLU A 396 36.81 67.84 -2.98
N SER A 397 37.35 69.02 -2.68
CA SER A 397 36.74 69.87 -1.66
C SER A 397 35.39 70.41 -2.14
N ARG A 398 35.34 70.95 -3.37
CA ARG A 398 34.09 71.47 -3.88
C ARG A 398 33.10 70.38 -4.32
N ILE A 399 33.53 69.12 -4.35
CA ILE A 399 32.55 68.02 -4.33
C ILE A 399 31.99 67.84 -2.93
N ALA A 400 32.86 67.82 -1.92
CA ALA A 400 32.42 67.58 -0.56
C ALA A 400 31.58 68.72 0.03
N GLU A 401 31.63 69.91 -0.57
CA GLU A 401 30.91 71.06 -0.06
C GLU A 401 29.42 71.04 -0.35
N VAL A 402 29.00 70.37 -1.42
CA VAL A 402 27.66 70.56 -1.98
C VAL A 402 26.80 69.35 -1.65
N ASP A 403 25.67 69.59 -0.97
CA ASP A 403 24.67 68.58 -0.65
C ASP A 403 23.32 68.99 -1.22
N ALA A 404 22.29 68.26 -0.80
CA ALA A 404 20.94 68.43 -1.34
C ALA A 404 20.35 69.79 -0.98
N ARG A 405 20.77 70.39 0.12
CA ARG A 405 20.32 71.75 0.45
C ARG A 405 20.87 72.75 -0.55
N VAL A 406 22.14 72.60 -0.91
CA VAL A 406 22.73 73.45 -1.94
C VAL A 406 22.06 73.20 -3.28
N VAL A 407 21.67 71.95 -3.52
CA VAL A 407 20.97 71.58 -4.75
C VAL A 407 19.63 72.28 -4.84
N ARG A 408 18.86 72.29 -3.75
CA ARG A 408 17.55 72.92 -3.82
C ARG A 408 17.67 74.44 -3.83
N GLU A 409 18.74 75.00 -3.26
CA GLU A 409 19.00 76.43 -3.41
C GLU A 409 19.30 76.80 -4.85
N VAL A 410 20.21 76.07 -5.49
CA VAL A 410 20.60 76.37 -6.85
C VAL A 410 19.46 76.09 -7.83
N CYS A 411 18.66 75.06 -7.56
CA CYS A 411 17.55 74.76 -8.44
C CYS A 411 16.40 75.73 -8.23
N SER A 412 16.26 76.27 -7.02
CA SER A 412 15.23 77.27 -6.81
C SER A 412 15.63 78.59 -7.44
N LYS A 413 16.92 78.86 -7.57
CA LYS A 413 17.26 80.10 -8.26
C LYS A 413 17.24 79.91 -9.77
N TYR A 414 17.92 78.89 -10.27
CA TYR A 414 18.26 78.87 -11.69
C TYR A 414 17.15 78.31 -12.57
N PHE A 415 16.41 77.32 -12.10
CA PHE A 415 15.39 76.73 -12.97
C PHE A 415 14.01 77.35 -12.76
N TYR A 416 13.58 77.44 -11.51
CA TYR A 416 12.18 77.57 -11.13
C TYR A 416 11.59 78.90 -11.59
N ASP A 417 10.80 78.83 -12.65
CA ASP A 417 10.18 79.96 -13.36
C ASP A 417 11.25 80.95 -13.84
N GLN A 418 12.03 80.49 -14.80
CA GLN A 418 12.94 81.35 -15.54
C GLN A 418 12.63 81.21 -17.02
N CYS A 419 12.84 82.28 -17.77
CA CYS A 419 12.44 82.30 -19.18
C CYS A 419 13.42 81.49 -20.01
N PRO A 420 12.96 80.55 -20.81
CA PRO A 420 13.85 79.64 -21.53
C PRO A 420 14.27 80.16 -22.89
N ALA A 421 15.22 79.46 -23.48
CA ALA A 421 15.53 79.61 -24.89
C ALA A 421 15.36 78.23 -25.49
N VAL A 422 14.41 78.12 -26.42
CA VAL A 422 14.09 76.86 -27.06
C VAL A 422 14.44 76.93 -28.53
N ALA A 423 15.34 76.05 -28.95
CA ALA A 423 15.70 75.89 -30.35
C ALA A 423 15.07 74.61 -30.86
N GLY A 424 14.15 74.75 -31.81
CA GLY A 424 13.44 73.61 -32.36
C GLY A 424 13.81 73.43 -33.82
N PHE A 425 14.05 72.19 -34.22
CA PHE A 425 14.53 71.94 -35.57
C PHE A 425 13.97 70.63 -36.09
N GLY A 426 13.28 70.71 -37.22
CA GLY A 426 12.85 69.52 -37.90
C GLY A 426 11.34 69.40 -38.01
N PRO A 427 10.83 68.26 -37.59
CA PRO A 427 9.38 68.08 -37.51
C PRO A 427 8.84 68.59 -36.19
N ILE A 428 8.56 69.88 -36.12
CA ILE A 428 8.23 70.54 -34.87
C ILE A 428 6.72 70.63 -34.67
N GLU A 429 5.96 69.83 -35.40
CA GLU A 429 4.52 70.01 -35.51
C GLU A 429 3.80 69.75 -34.20
N GLN A 430 4.33 68.86 -33.36
CA GLN A 430 3.73 68.62 -32.05
C GLN A 430 4.29 69.53 -30.98
N LEU A 431 5.50 70.07 -31.19
CA LEU A 431 6.25 70.84 -30.21
C LEU A 431 5.44 72.04 -29.73
N PRO A 432 5.16 72.14 -28.44
CA PRO A 432 4.12 73.06 -27.97
C PRO A 432 4.59 74.50 -28.05
N ASP A 433 3.63 75.37 -27.77
CA ASP A 433 3.91 76.78 -27.76
C ASP A 433 4.73 77.13 -26.52
N TYR A 434 5.42 78.27 -26.62
CA TYR A 434 6.32 78.77 -25.59
C TYR A 434 5.63 78.94 -24.25
N ASN A 435 4.35 79.32 -24.26
CA ASN A 435 3.61 79.49 -23.03
C ASN A 435 3.33 78.17 -22.34
N ARG A 436 3.34 77.05 -23.05
CA ARG A 436 3.25 75.77 -22.36
C ARG A 436 4.52 75.47 -21.60
N ILE A 437 5.68 75.83 -22.18
CA ILE A 437 6.95 75.70 -21.46
C ILE A 437 6.96 76.63 -20.25
N ARG A 438 6.36 77.82 -20.38
CA ARG A 438 6.31 78.74 -19.24
C ARG A 438 5.41 78.22 -18.14
N SER A 439 4.19 77.81 -18.49
CA SER A 439 3.23 77.43 -17.47
C SER A 439 3.56 76.07 -16.86
N GLY A 440 4.14 75.16 -17.62
CA GLY A 440 4.60 73.93 -17.02
C GLY A 440 6.02 73.97 -16.53
N MET A 441 6.69 75.12 -16.66
CA MET A 441 8.09 75.20 -16.27
C MET A 441 8.24 75.15 -14.76
N PHE A 442 7.40 75.87 -14.04
CA PHE A 442 7.40 75.74 -12.59
C PHE A 442 6.42 74.64 -12.21
N TRP A 443 6.18 74.48 -10.92
CA TRP A 443 5.03 73.72 -10.42
C TRP A 443 4.18 74.58 -9.52
N LEU A 444 2.87 74.42 -9.66
CA LEU A 444 1.92 74.82 -8.65
C LEU A 444 1.63 73.69 -7.68
N ARG A 445 2.63 72.84 -7.45
CA ARG A 445 2.54 71.52 -6.79
C ARG A 445 1.53 70.60 -7.49
N PHE A 446 1.38 70.78 -8.80
CA PHE A 446 0.36 70.13 -9.64
C PHE A 446 -1.05 70.24 -9.06
N HIS B 20 59.15 59.33 -9.94
CA HIS B 20 58.26 58.18 -10.09
C HIS B 20 59.05 56.86 -10.14
N PRO B 21 59.22 56.20 -8.98
CA PRO B 21 59.97 54.94 -8.95
C PRO B 21 59.11 53.70 -9.22
N GLN B 22 57.92 53.89 -9.77
CA GLN B 22 57.00 52.77 -10.00
C GLN B 22 56.96 52.38 -11.47
N ASP B 23 56.69 51.10 -11.72
CA ASP B 23 56.58 50.54 -13.06
C ASP B 23 55.66 49.30 -13.00
N LEU B 24 55.65 48.52 -14.08
CA LEU B 24 54.66 47.45 -14.21
C LEU B 24 55.03 46.24 -13.36
N GLU B 25 54.08 45.31 -13.27
CA GLU B 25 54.20 44.04 -12.58
C GLU B 25 53.47 42.98 -13.39
N PHE B 26 54.05 41.80 -13.45
CA PHE B 26 53.56 40.76 -14.33
C PHE B 26 53.51 39.44 -13.56
N THR B 27 52.55 38.59 -13.94
CA THR B 27 52.58 37.17 -13.61
C THR B 27 51.69 36.44 -14.61
N ARG B 28 52.25 35.50 -15.35
CA ARG B 28 51.41 34.61 -16.13
C ARG B 28 51.11 33.40 -15.25
N LEU B 29 49.90 33.35 -14.71
CA LEU B 29 49.50 32.19 -13.92
C LEU B 29 49.40 30.97 -14.83
N PRO B 30 50.12 29.90 -14.51
CA PRO B 30 50.49 28.89 -15.51
C PRO B 30 49.36 27.97 -15.92
N ASN B 31 48.22 28.00 -15.22
CA ASN B 31 47.04 27.30 -15.72
C ASN B 31 46.28 28.10 -16.77
N GLY B 32 46.89 29.15 -17.33
CA GLY B 32 46.50 29.64 -18.63
C GLY B 32 46.18 31.11 -18.71
N LEU B 33 46.40 31.88 -17.65
CA LEU B 33 45.92 33.25 -17.64
C LEU B 33 47.06 34.21 -17.37
N VAL B 34 46.82 35.46 -17.73
CA VAL B 34 47.84 36.51 -17.65
C VAL B 34 47.35 37.56 -16.68
N ILE B 35 48.25 38.12 -15.87
CA ILE B 35 47.94 39.28 -15.04
C ILE B 35 49.04 40.30 -15.23
N ALA B 36 48.68 41.52 -15.63
CA ALA B 36 49.63 42.62 -15.75
C ALA B 36 49.09 43.83 -15.01
N SER B 37 49.56 44.01 -13.77
CA SER B 37 49.12 45.13 -12.96
C SER B 37 50.13 46.25 -13.05
N LEU B 38 49.64 47.47 -12.90
CA LEU B 38 50.49 48.66 -12.99
C LEU B 38 49.98 49.58 -11.89
N GLU B 39 50.60 49.48 -10.73
CA GLU B 39 50.31 50.35 -9.61
C GLU B 39 51.01 51.67 -9.86
N ASN B 40 50.33 52.57 -10.55
CA ASN B 40 50.78 53.96 -10.61
C ASN B 40 49.87 54.83 -9.77
N TYR B 41 50.22 56.10 -9.70
CA TYR B 41 49.43 57.06 -8.94
C TYR B 41 48.62 57.90 -9.93
N ALA B 42 47.55 57.29 -10.45
CA ALA B 42 46.50 57.94 -11.22
C ALA B 42 45.16 57.45 -10.68
N PRO B 43 44.21 58.34 -10.45
CA PRO B 43 42.96 57.94 -9.79
C PRO B 43 42.04 57.16 -10.71
N ALA B 44 42.12 57.44 -12.02
CA ALA B 44 41.27 56.78 -12.99
C ALA B 44 41.74 55.35 -13.24
N SER B 45 41.26 54.41 -12.43
CA SER B 45 41.72 53.03 -12.54
C SER B 45 40.85 52.25 -13.50
N ARG B 46 41.50 51.40 -14.27
CA ARG B 46 40.85 50.66 -15.34
C ARG B 46 41.23 49.19 -15.23
N ILE B 47 40.27 48.31 -15.48
CA ILE B 47 40.51 46.88 -15.54
C ILE B 47 40.08 46.36 -16.90
N GLY B 48 41.04 45.86 -17.67
CA GLY B 48 40.74 45.19 -18.91
C GLY B 48 40.83 43.69 -18.71
N LEU B 49 39.93 42.97 -19.36
CA LEU B 49 39.94 41.52 -19.38
C LEU B 49 39.76 41.07 -20.81
N PHE B 50 40.81 40.48 -21.39
CA PHE B 50 40.91 40.31 -22.83
C PHE B 50 40.86 38.83 -23.15
N ILE B 51 39.98 38.45 -24.08
CA ILE B 51 39.75 37.05 -24.43
C ILE B 51 39.83 36.90 -25.94
N LYS B 52 40.42 35.80 -26.41
CA LYS B 52 40.32 35.40 -27.81
C LYS B 52 38.95 34.77 -28.03
N ALA B 53 37.94 35.60 -28.29
CA ALA B 53 36.60 35.08 -28.56
C ALA B 53 35.90 35.87 -29.67
N GLY B 54 36.65 36.36 -30.65
CA GLY B 54 36.08 37.20 -31.69
C GLY B 54 35.32 36.43 -32.74
N SER B 55 35.20 37.05 -33.92
CA SER B 55 34.35 36.51 -34.97
C SER B 55 34.92 35.26 -35.62
N ARG B 56 36.22 35.06 -35.53
CA ARG B 56 36.86 33.92 -36.15
C ARG B 56 36.65 32.63 -35.38
N TYR B 57 36.09 32.70 -34.18
CA TYR B 57 35.71 31.52 -33.43
C TYR B 57 34.23 31.25 -33.58
N GLU B 58 33.56 31.97 -34.47
CA GLU B 58 32.14 31.79 -34.73
C GLU B 58 31.96 31.54 -36.23
N ASN B 59 31.16 30.54 -36.56
CA ASN B 59 31.06 30.07 -37.92
C ASN B 59 29.67 30.34 -38.48
N PHE B 60 29.41 29.80 -39.68
CA PHE B 60 28.24 30.13 -40.47
C PHE B 60 26.92 29.71 -39.84
N ASN B 61 26.94 28.85 -38.83
CA ASN B 61 25.74 28.36 -38.20
C ASN B 61 25.42 29.09 -36.90
N ASN B 62 26.30 29.99 -36.45
CA ASN B 62 26.00 30.81 -35.29
C ASN B 62 26.51 32.24 -35.50
N LEU B 63 26.24 32.82 -36.66
CA LEU B 63 26.61 34.21 -36.86
C LEU B 63 25.75 35.13 -36.01
N GLY B 64 26.25 36.35 -35.80
CA GLY B 64 25.61 37.32 -34.95
C GLY B 64 25.74 37.07 -33.47
N THR B 65 26.45 36.03 -33.08
CA THR B 65 26.47 35.61 -31.70
C THR B 65 27.45 36.43 -30.88
N SER B 66 28.57 36.84 -31.47
CA SER B 66 29.48 37.72 -30.73
C SER B 66 28.88 39.12 -30.60
N HIS B 67 28.14 39.57 -31.61
CA HIS B 67 27.44 40.84 -31.51
C HIS B 67 26.36 40.79 -30.46
N LEU B 68 25.60 39.69 -30.45
CA LEU B 68 24.61 39.47 -29.42
C LEU B 68 25.24 39.38 -28.04
N LEU B 69 26.46 38.86 -27.96
CA LEU B 69 27.13 38.78 -26.67
C LEU B 69 27.64 40.14 -26.25
N ARG B 70 28.02 40.98 -27.22
CA ARG B 70 28.48 42.33 -26.92
C ARG B 70 27.37 43.18 -26.33
N LEU B 71 26.18 43.10 -26.92
CA LEU B 71 25.11 43.88 -26.31
C LEU B 71 24.51 43.23 -25.07
N ALA B 72 24.95 42.03 -24.71
CA ALA B 72 24.42 41.30 -23.55
C ALA B 72 25.28 41.50 -22.31
N SER B 73 25.78 42.71 -22.10
CA SER B 73 26.64 42.97 -20.95
C SER B 73 25.87 43.03 -19.64
N SER B 74 24.57 43.29 -19.67
CA SER B 74 23.85 43.78 -18.51
C SER B 74 22.62 42.91 -18.23
N LEU B 75 22.83 41.60 -18.13
CA LEU B 75 21.73 40.69 -17.85
C LEU B 75 21.91 40.07 -16.46
N THR B 76 20.96 39.23 -16.07
CA THR B 76 21.03 38.56 -14.78
C THR B 76 22.13 37.52 -14.81
N THR B 77 22.99 37.58 -13.82
CA THR B 77 24.06 36.61 -13.64
C THR B 77 23.75 35.77 -12.41
N LYS B 78 24.49 34.68 -12.26
CA LYS B 78 24.15 33.64 -11.30
C LYS B 78 24.38 34.17 -9.89
N GLY B 79 23.30 34.69 -9.32
CA GLY B 79 23.31 35.24 -7.99
C GLY B 79 22.78 36.65 -7.94
N ALA B 80 23.17 37.49 -8.91
CA ALA B 80 22.80 38.89 -8.91
C ALA B 80 22.09 39.21 -10.21
N SER B 81 20.86 39.68 -10.11
CA SER B 81 20.08 40.00 -11.29
C SER B 81 20.62 41.26 -11.96
N SER B 82 20.07 41.56 -13.14
CA SER B 82 20.52 42.72 -13.89
C SER B 82 20.18 44.03 -13.22
N PHE B 83 19.14 44.04 -12.37
CA PHE B 83 18.82 45.26 -11.63
C PHE B 83 19.91 45.59 -10.62
N LYS B 84 20.28 44.61 -9.80
CA LYS B 84 21.33 44.76 -8.82
C LYS B 84 22.63 45.20 -9.47
N ILE B 85 22.94 44.60 -10.62
CA ILE B 85 24.18 44.88 -11.34
C ILE B 85 24.17 46.31 -11.87
N THR B 86 23.14 46.67 -12.63
CA THR B 86 23.11 47.96 -13.28
C THR B 86 23.02 49.09 -12.27
N ARG B 87 22.18 48.93 -11.25
CA ARG B 87 22.01 49.98 -10.27
C ARG B 87 23.22 50.11 -9.35
N GLY B 88 23.88 49.02 -8.99
CA GLY B 88 25.06 49.13 -8.15
C GLY B 88 26.25 49.73 -8.88
N ILE B 89 26.47 49.32 -10.13
CA ILE B 89 27.58 49.86 -10.90
C ILE B 89 27.34 51.34 -11.22
N GLU B 90 26.08 51.73 -11.44
CA GLU B 90 25.84 53.15 -11.62
C GLU B 90 25.88 53.91 -10.30
N ALA B 91 25.64 53.24 -9.17
CA ALA B 91 25.64 53.95 -7.90
C ALA B 91 27.06 54.24 -7.44
N VAL B 92 27.98 53.29 -7.61
CA VAL B 92 29.39 53.63 -7.41
C VAL B 92 29.94 54.45 -8.56
N GLY B 93 29.19 54.56 -9.65
CA GLY B 93 29.51 55.47 -10.73
C GLY B 93 30.51 54.96 -11.74
N GLY B 94 30.84 53.67 -11.71
CA GLY B 94 31.75 53.14 -12.68
C GLY B 94 31.13 53.07 -14.06
N LYS B 95 31.99 53.12 -15.07
CA LYS B 95 31.59 53.01 -16.47
C LYS B 95 32.18 51.74 -17.06
N LEU B 96 31.33 50.91 -17.62
CA LEU B 96 31.76 49.65 -18.22
C LEU B 96 31.58 49.76 -19.72
N SER B 97 32.67 49.60 -20.45
CA SER B 97 32.63 49.49 -21.90
C SER B 97 33.18 48.13 -22.29
N VAL B 98 32.64 47.59 -23.38
CA VAL B 98 33.04 46.29 -23.90
C VAL B 98 33.36 46.50 -25.36
N THR B 99 34.57 46.14 -25.77
CA THR B 99 34.97 46.27 -27.15
C THR B 99 35.54 44.96 -27.68
N SER B 100 35.31 44.73 -28.97
CA SER B 100 35.63 43.46 -29.57
C SER B 100 36.10 43.68 -31.00
N THR B 101 36.95 42.77 -31.44
CA THR B 101 37.39 42.65 -32.82
C THR B 101 37.13 41.24 -33.28
N ARG B 102 37.50 40.99 -34.54
CA ARG B 102 37.39 39.67 -35.15
C ARG B 102 38.17 38.61 -34.39
N GLU B 103 39.23 39.01 -33.69
CA GLU B 103 39.94 38.07 -32.85
C GLU B 103 39.49 38.08 -31.39
N ASN B 104 38.99 39.20 -30.86
CA ASN B 104 39.04 39.34 -29.42
C ASN B 104 37.78 39.98 -28.87
N MET B 105 37.62 39.80 -27.56
CA MET B 105 36.70 40.57 -26.74
C MET B 105 37.50 41.21 -25.62
N ALA B 106 36.93 42.25 -25.03
CA ALA B 106 37.66 43.11 -24.12
C ALA B 106 36.66 43.77 -23.18
N TYR B 107 36.64 43.33 -21.92
CA TYR B 107 35.79 43.94 -20.91
C TYR B 107 36.60 44.99 -20.18
N THR B 108 36.21 46.26 -20.28
CA THR B 108 36.95 47.39 -19.74
C THR B 108 36.06 48.10 -18.73
N VAL B 109 36.36 47.99 -17.44
CA VAL B 109 35.64 48.73 -16.43
C VAL B 109 36.53 49.85 -15.88
N GLU B 110 36.07 51.09 -16.02
CA GLU B 110 36.83 52.27 -15.65
C GLU B 110 36.12 53.01 -14.53
N CYS B 111 36.89 53.46 -13.55
CA CYS B 111 36.33 53.99 -12.31
C CYS B 111 37.37 54.74 -11.50
N LEU B 112 37.06 54.99 -10.24
CA LEU B 112 38.01 55.60 -9.32
C LEU B 112 39.06 54.57 -8.90
N ARG B 113 40.06 55.02 -8.14
CA ARG B 113 41.12 54.12 -7.76
C ARG B 113 40.76 53.21 -6.59
N ASP B 114 39.65 53.47 -5.90
CA ASP B 114 39.42 52.85 -4.61
C ASP B 114 38.23 51.89 -4.59
N ASP B 115 37.55 51.72 -5.71
CA ASP B 115 36.25 51.06 -5.67
C ASP B 115 36.20 49.90 -6.65
N VAL B 116 37.27 49.12 -6.72
CA VAL B 116 37.45 48.15 -7.80
C VAL B 116 37.06 46.74 -7.41
N ASP B 117 36.84 46.45 -6.13
CA ASP B 117 36.63 45.07 -5.72
C ASP B 117 35.21 44.61 -6.01
N ILE B 118 34.21 45.44 -5.73
CA ILE B 118 32.84 45.05 -6.04
C ILE B 118 32.59 45.10 -7.55
N LEU B 119 33.20 46.07 -8.25
CA LEU B 119 33.14 46.09 -9.71
C LEU B 119 33.88 44.91 -10.31
N MET B 120 34.91 44.43 -9.62
CA MET B 120 35.60 43.20 -10.01
C MET B 120 34.69 42.00 -9.84
N GLU B 121 33.90 41.97 -8.76
CA GLU B 121 32.96 40.86 -8.60
C GLU B 121 31.85 40.91 -9.65
N PHE B 122 31.42 42.12 -10.03
CA PHE B 122 30.45 42.21 -11.12
C PHE B 122 31.07 41.78 -12.45
N LEU B 123 32.36 42.04 -12.65
CA LEU B 123 33.05 41.52 -13.82
C LEU B 123 33.10 40.00 -13.81
N LEU B 124 33.37 39.40 -12.64
CA LEU B 124 33.31 37.96 -12.48
C LEU B 124 31.95 37.40 -12.84
N ASN B 125 30.90 38.10 -12.40
CA ASN B 125 29.55 37.66 -12.69
C ASN B 125 29.26 37.73 -14.18
N VAL B 126 29.64 38.84 -14.82
CA VAL B 126 29.47 39.05 -16.25
C VAL B 126 30.17 37.95 -17.06
N THR B 127 31.37 37.57 -16.64
CA THR B 127 32.09 36.52 -17.35
C THR B 127 31.53 35.15 -17.03
N THR B 128 31.71 34.70 -15.80
CA THR B 128 31.58 33.29 -15.46
C THR B 128 30.24 32.95 -14.84
N ALA B 129 29.26 33.85 -14.95
CA ALA B 129 27.93 33.59 -14.41
C ALA B 129 26.88 33.83 -15.50
N PRO B 130 26.64 32.85 -16.39
CA PRO B 130 25.66 33.06 -17.46
C PRO B 130 24.26 32.57 -17.13
N GLU B 131 23.25 33.42 -17.28
CA GLU B 131 21.86 32.99 -17.27
C GLU B 131 21.12 33.31 -18.56
N PHE B 132 21.10 34.59 -18.97
CA PHE B 132 20.70 35.05 -20.30
C PHE B 132 19.26 34.63 -20.64
N ARG B 133 18.32 35.22 -19.91
CA ARG B 133 16.96 34.71 -20.00
C ARG B 133 16.21 35.31 -21.19
N ARG B 134 15.15 34.61 -21.59
CA ARG B 134 14.69 34.61 -22.97
C ARG B 134 14.00 35.92 -23.35
N TRP B 135 13.28 36.52 -22.42
CA TRP B 135 12.59 37.78 -22.70
C TRP B 135 13.57 38.92 -22.87
N GLU B 136 14.63 38.93 -22.07
CA GLU B 136 15.71 39.88 -22.26
C GLU B 136 16.45 39.63 -23.57
N VAL B 137 16.48 38.38 -24.04
CA VAL B 137 17.04 38.07 -25.34
C VAL B 137 16.18 38.68 -26.45
N ALA B 138 14.86 38.70 -26.27
CA ALA B 138 14.00 39.35 -27.27
C ALA B 138 14.23 40.85 -27.32
N ALA B 139 14.32 41.48 -26.15
CA ALA B 139 14.69 42.90 -26.10
C ALA B 139 16.07 43.14 -26.71
N LEU B 140 16.94 42.15 -26.58
CA LEU B 140 18.26 42.24 -27.16
C LEU B 140 18.21 42.10 -28.67
N GLN B 141 17.21 41.39 -29.22
CA GLN B 141 17.03 41.33 -30.67
C GLN B 141 16.69 42.70 -31.23
N SER B 142 15.75 43.38 -30.56
CA SER B 142 15.44 44.76 -30.93
C SER B 142 16.68 45.64 -30.86
N GLN B 143 17.48 45.44 -29.82
CA GLN B 143 18.72 46.18 -29.67
C GLN B 143 19.71 45.88 -30.79
N LEU B 144 19.72 44.65 -31.29
CA LEU B 144 20.61 44.28 -32.39
C LEU B 144 20.26 45.04 -33.65
N ARG B 145 18.96 45.14 -33.94
CA ARG B 145 18.52 45.90 -35.12
C ARG B 145 18.93 47.36 -35.03
N ILE B 146 18.73 47.96 -33.85
CA ILE B 146 19.09 49.37 -33.67
C ILE B 146 20.59 49.57 -33.81
N ASP B 147 21.38 48.64 -33.25
CA ASP B 147 22.83 48.76 -33.29
C ASP B 147 23.37 48.61 -34.69
N LYS B 148 22.80 47.69 -35.48
CA LYS B 148 23.26 47.52 -36.85
C LYS B 148 22.94 48.74 -37.70
N ALA B 149 21.81 49.39 -37.44
CA ALA B 149 21.50 50.62 -38.15
C ALA B 149 22.51 51.72 -37.82
N VAL B 150 22.85 51.86 -36.53
CA VAL B 150 23.80 52.88 -36.10
C VAL B 150 25.21 52.59 -36.62
N ALA B 151 25.51 51.31 -36.83
CA ALA B 151 26.80 50.96 -37.43
C ALA B 151 26.84 51.31 -38.91
N PHE B 152 25.90 50.78 -39.68
CA PHE B 152 25.97 50.96 -41.13
C PHE B 152 25.43 52.29 -41.60
N GLN B 153 25.10 53.22 -40.71
CA GLN B 153 24.84 54.58 -41.19
C GLN B 153 26.11 55.39 -41.42
N ASN B 154 27.27 54.75 -41.37
CA ASN B 154 28.52 55.37 -41.77
C ASN B 154 29.19 54.44 -42.78
N PRO B 155 29.68 54.96 -43.90
CA PRO B 155 29.94 54.09 -45.06
C PRO B 155 31.18 53.24 -44.94
N GLN B 156 32.20 53.74 -44.24
CA GLN B 156 33.52 53.14 -44.28
C GLN B 156 33.54 51.77 -43.63
N ALA B 157 32.79 51.61 -42.55
CA ALA B 157 32.75 50.32 -41.86
C ALA B 157 32.02 49.28 -42.69
N HIS B 158 31.01 49.73 -43.46
CA HIS B 158 30.38 48.85 -44.42
C HIS B 158 31.37 48.37 -45.46
N VAL B 159 32.23 49.28 -45.94
CA VAL B 159 33.25 48.92 -46.92
C VAL B 159 34.25 47.94 -46.32
N ILE B 160 34.62 48.13 -45.06
CA ILE B 160 35.62 47.27 -44.42
C ILE B 160 35.06 45.86 -44.19
N GLU B 161 33.80 45.77 -43.80
CA GLU B 161 33.24 44.43 -43.63
C GLU B 161 33.03 43.74 -44.96
N ASN B 162 32.74 44.51 -46.02
CA ASN B 162 32.79 43.94 -47.38
C ASN B 162 34.19 43.48 -47.73
N LEU B 163 35.19 44.21 -47.25
CA LEU B 163 36.57 43.94 -47.62
C LEU B 163 37.06 42.63 -47.00
N HIS B 164 36.79 42.45 -45.71
CA HIS B 164 37.06 41.17 -45.06
C HIS B 164 36.21 40.06 -45.62
N ALA B 165 34.98 40.35 -46.05
CA ALA B 165 34.17 39.34 -46.70
C ALA B 165 34.68 38.97 -48.08
N ALA B 166 35.50 39.83 -48.69
CA ALA B 166 36.04 39.55 -50.01
C ALA B 166 37.44 38.97 -49.97
N ALA B 167 37.96 38.64 -48.78
CA ALA B 167 39.32 38.14 -48.72
C ALA B 167 39.52 37.05 -47.68
N TYR B 168 38.46 36.36 -47.26
CA TYR B 168 38.60 35.17 -46.44
C TYR B 168 37.55 34.14 -46.82
N ARG B 169 38.00 32.93 -47.12
CA ARG B 169 37.10 31.83 -47.41
C ARG B 169 36.71 31.08 -46.15
N ASN B 170 36.86 31.70 -44.99
CA ASN B 170 36.65 31.05 -43.70
C ASN B 170 36.20 32.14 -42.72
N ALA B 171 36.36 31.88 -41.43
CA ALA B 171 35.65 32.60 -40.38
C ALA B 171 36.11 34.05 -40.17
N LEU B 172 37.24 34.48 -40.72
CA LEU B 172 37.60 35.89 -40.57
C LEU B 172 36.79 36.81 -41.46
N ALA B 173 36.08 36.28 -42.46
CA ALA B 173 35.28 37.12 -43.33
C ALA B 173 33.99 37.60 -42.69
N ASN B 174 33.62 37.06 -41.54
CA ASN B 174 32.36 37.41 -40.91
C ASN B 174 32.43 38.80 -40.31
N SER B 175 31.26 39.34 -40.02
CA SER B 175 31.16 40.71 -39.58
C SER B 175 31.58 40.86 -38.13
N LEU B 176 31.60 42.11 -37.67
CA LEU B 176 31.58 42.41 -36.25
C LEU B 176 30.16 42.45 -35.71
N TYR B 177 29.19 42.11 -36.55
CA TYR B 177 27.79 42.34 -36.24
C TYR B 177 26.94 41.11 -36.50
N CYS B 178 25.68 41.31 -36.44
CA CYS B 178 24.63 40.38 -36.74
C CYS B 178 24.17 40.60 -38.17
N PRO B 179 24.21 39.59 -39.04
CA PRO B 179 23.58 39.73 -40.35
C PRO B 179 22.06 39.80 -40.21
N ASP B 180 21.40 40.10 -41.33
CA ASP B 180 19.97 40.36 -41.29
C ASP B 180 19.16 39.11 -40.98
N TYR B 181 19.68 37.94 -41.32
CA TYR B 181 18.91 36.73 -41.13
C TYR B 181 19.23 36.03 -39.83
N ARG B 182 20.06 36.61 -38.97
CA ARG B 182 20.30 36.04 -37.66
C ARG B 182 19.54 36.78 -36.57
N ILE B 183 18.74 37.78 -36.92
CA ILE B 183 17.88 38.46 -35.97
C ILE B 183 16.75 37.52 -35.59
N GLY B 184 16.64 37.22 -34.30
CA GLY B 184 15.51 36.43 -33.80
C GLY B 184 15.74 34.95 -33.86
N LYS B 185 16.34 34.48 -34.94
CA LYS B 185 16.62 33.06 -35.11
C LYS B 185 17.70 32.56 -34.17
N VAL B 186 18.40 33.44 -33.48
CA VAL B 186 19.38 33.06 -32.46
C VAL B 186 18.67 32.92 -31.12
N THR B 187 18.97 31.82 -30.42
CA THR B 187 18.43 31.52 -29.10
C THR B 187 19.55 31.60 -28.08
N PRO B 188 19.24 31.89 -26.81
CA PRO B 188 20.32 32.05 -25.82
C PRO B 188 21.02 30.76 -25.43
N ASP B 189 20.44 29.59 -25.67
CA ASP B 189 21.18 28.39 -25.30
C ASP B 189 22.34 28.13 -26.26
N GLU B 190 22.24 28.65 -27.49
CA GLU B 190 23.39 28.72 -28.38
C GLU B 190 24.50 29.56 -27.74
N LEU B 191 24.14 30.68 -27.12
CA LEU B 191 25.10 31.49 -26.37
C LEU B 191 25.68 30.73 -25.19
N HIS B 192 24.85 29.97 -24.47
CA HIS B 192 25.37 29.27 -23.31
C HIS B 192 26.32 28.15 -23.69
N ASP B 193 26.05 27.49 -24.81
CA ASP B 193 27.01 26.52 -25.31
C ASP B 193 28.26 27.20 -25.85
N TYR B 194 28.11 28.42 -26.36
CA TYR B 194 29.26 29.22 -26.76
C TYR B 194 30.12 29.59 -25.55
N VAL B 195 29.47 29.85 -24.42
CA VAL B 195 30.18 30.04 -23.15
C VAL B 195 30.92 28.77 -22.76
N GLN B 196 30.22 27.64 -22.81
CA GLN B 196 30.78 26.38 -22.35
C GLN B 196 31.95 25.91 -23.21
N ASN B 197 32.00 26.31 -24.48
CA ASN B 197 33.11 25.87 -25.29
C ASN B 197 34.16 26.94 -25.59
N HIS B 198 33.96 28.19 -25.19
CA HIS B 198 35.04 29.14 -25.46
C HIS B 198 35.43 30.07 -24.33
N PHE B 199 34.64 30.21 -23.27
CA PHE B 199 35.02 31.09 -22.18
C PHE B 199 35.70 30.28 -21.06
N THR B 200 36.78 29.59 -21.47
CA THR B 200 37.56 28.75 -20.57
C THR B 200 38.70 29.56 -19.98
N SER B 201 39.17 29.12 -18.81
CA SER B 201 40.05 29.94 -17.99
C SER B 201 41.44 30.10 -18.57
N ALA B 202 41.81 29.28 -19.54
CA ALA B 202 43.13 29.42 -20.16
C ALA B 202 43.18 30.50 -21.23
N ARG B 203 42.17 31.36 -21.33
CA ARG B 203 42.08 32.27 -22.47
C ARG B 203 41.89 33.71 -22.01
N MET B 204 42.38 34.06 -20.82
CA MET B 204 42.01 35.31 -20.18
C MET B 204 43.25 36.11 -19.79
N ALA B 205 43.35 37.32 -20.31
CA ALA B 205 44.45 38.23 -20.01
C ALA B 205 43.88 39.41 -19.22
N LEU B 206 44.22 39.47 -17.93
CA LEU B 206 43.67 40.45 -17.01
C LEU B 206 44.70 41.54 -16.78
N ILE B 207 44.43 42.72 -17.32
CA ILE B 207 45.36 43.84 -17.27
C ILE B 207 44.74 44.90 -16.38
N GLY B 208 45.55 45.57 -15.57
CA GLY B 208 45.01 46.55 -14.65
C GLY B 208 45.85 47.80 -14.44
N LEU B 209 45.25 48.96 -14.64
CA LEU B 209 45.92 50.24 -14.40
C LEU B 209 45.34 50.85 -13.13
N GLY B 210 46.18 51.06 -12.13
CA GLY B 210 45.76 51.65 -10.89
C GLY B 210 45.44 50.65 -9.80
N VAL B 211 45.56 49.37 -10.09
CA VAL B 211 45.34 48.33 -9.10
C VAL B 211 46.67 47.69 -8.77
N SER B 212 46.72 47.02 -7.63
CA SER B 212 47.92 46.33 -7.21
C SER B 212 47.90 44.88 -7.67
N HIS B 213 49.08 44.28 -7.71
CA HIS B 213 49.17 42.86 -8.06
C HIS B 213 48.49 41.87 -7.12
N PRO B 214 48.58 41.96 -5.78
CA PRO B 214 47.95 40.89 -4.98
C PRO B 214 46.44 40.86 -5.03
N VAL B 215 45.81 42.02 -5.29
CA VAL B 215 44.36 42.07 -5.45
C VAL B 215 43.92 41.21 -6.63
N LEU B 216 44.47 41.51 -7.81
CA LEU B 216 44.19 40.70 -8.99
C LEU B 216 44.72 39.29 -8.86
N LYS B 217 45.76 39.09 -8.05
CA LYS B 217 46.32 37.76 -7.87
C LYS B 217 45.33 36.86 -7.15
N GLN B 218 44.73 37.38 -6.07
CA GLN B 218 43.68 36.64 -5.36
C GLN B 218 42.46 36.42 -6.24
N VAL B 219 42.01 37.48 -6.93
CA VAL B 219 40.77 37.38 -7.69
C VAL B 219 40.94 36.45 -8.88
N ALA B 220 41.93 36.72 -9.73
CA ALA B 220 42.21 35.89 -10.89
C ALA B 220 42.67 34.50 -10.53
N GLU B 221 43.14 34.29 -9.30
CA GLU B 221 43.54 32.94 -8.92
C GLU B 221 42.35 32.11 -8.46
N GLN B 222 41.45 32.70 -7.69
CA GLN B 222 40.40 31.90 -7.06
C GLN B 222 39.05 32.01 -7.75
N PHE B 223 38.92 32.90 -8.73
CA PHE B 223 37.59 33.39 -9.10
C PHE B 223 37.21 33.20 -10.56
N LEU B 224 37.96 32.41 -11.34
CA LEU B 224 37.58 32.17 -12.73
C LEU B 224 37.19 30.71 -12.94
N ASN B 225 38.13 29.78 -12.78
CA ASN B 225 37.95 28.35 -12.53
C ASN B 225 37.01 27.68 -13.54
N ILE B 226 37.47 27.63 -14.79
CA ILE B 226 36.83 26.77 -15.78
C ILE B 226 37.85 25.73 -16.24
N ARG B 227 38.90 26.21 -16.89
CA ARG B 227 39.93 25.35 -17.47
C ARG B 227 41.18 26.16 -17.77
N GLY B 234 39.41 28.77 -34.25
CA GLY B 234 39.46 27.34 -34.03
C GLY B 234 40.35 26.67 -35.05
N ALA B 235 40.30 27.17 -36.28
CA ALA B 235 41.16 26.71 -37.36
C ALA B 235 41.64 27.91 -38.14
N LYS B 236 42.57 27.67 -39.05
CA LYS B 236 43.20 28.78 -39.76
C LYS B 236 42.36 29.23 -40.94
N ALA B 237 42.48 30.50 -41.28
CA ALA B 237 41.71 31.12 -42.35
C ALA B 237 42.56 31.30 -43.58
N LYS B 238 42.04 30.87 -44.72
CA LYS B 238 42.78 30.91 -45.97
C LYS B 238 42.49 32.22 -46.68
N TYR B 239 42.83 32.32 -47.96
CA TYR B 239 42.69 33.55 -48.73
C TYR B 239 41.67 33.35 -49.83
N ARG B 240 40.59 34.11 -49.78
CA ARG B 240 39.48 33.94 -50.71
C ARG B 240 39.82 34.47 -52.08
N GLY B 241 40.04 35.78 -52.18
CA GLY B 241 40.36 36.40 -53.45
C GLY B 241 39.10 36.71 -54.23
N GLY B 242 38.97 37.94 -54.69
CA GLY B 242 37.82 38.32 -55.46
C GLY B 242 37.39 39.72 -55.13
N GLU B 243 36.12 39.98 -55.39
CA GLU B 243 35.58 41.32 -55.27
C GLU B 243 34.13 41.23 -54.81
N ILE B 244 33.67 42.31 -54.18
CA ILE B 244 32.28 42.47 -53.79
C ILE B 244 31.84 43.88 -54.17
N ARG B 245 30.84 43.96 -55.03
CA ARG B 245 30.32 45.24 -55.48
C ARG B 245 29.00 45.57 -54.81
N GLU B 246 28.78 46.88 -54.65
CA GLU B 246 27.53 47.41 -54.11
C GLU B 246 27.17 48.64 -54.94
N GLN B 247 26.15 48.52 -55.76
CA GLN B 247 25.62 49.71 -56.42
C GLN B 247 24.75 50.46 -55.43
N ASN B 248 25.10 51.71 -55.16
CA ASN B 248 24.49 52.42 -54.05
C ASN B 248 23.89 53.73 -54.52
N GLY B 249 24.51 54.34 -55.53
CA GLY B 249 24.00 55.52 -56.19
C GLY B 249 23.89 56.76 -55.31
N ASP B 250 24.97 57.13 -54.63
CA ASP B 250 24.92 58.17 -53.62
C ASP B 250 26.06 59.17 -53.75
N SER B 251 26.74 59.20 -54.89
CA SER B 251 27.73 60.20 -55.29
C SER B 251 29.00 60.23 -54.44
N LEU B 252 29.28 59.17 -53.69
CA LEU B 252 30.55 59.08 -52.97
C LEU B 252 31.05 57.65 -53.14
N VAL B 253 31.86 57.43 -54.17
CA VAL B 253 32.33 56.09 -54.47
C VAL B 253 33.45 55.70 -53.51
N HIS B 254 33.26 54.58 -52.83
CA HIS B 254 34.25 54.00 -51.94
C HIS B 254 34.83 52.77 -52.60
N ALA B 255 36.15 52.63 -52.56
CA ALA B 255 36.78 51.44 -53.13
C ALA B 255 38.01 51.08 -52.31
N ALA B 256 38.08 49.84 -51.86
CA ALA B 256 39.20 49.36 -51.07
C ALA B 256 39.84 48.18 -51.79
N LEU B 257 41.17 48.21 -51.93
CA LEU B 257 41.89 47.18 -52.67
C LEU B 257 43.08 46.71 -51.85
N VAL B 258 43.09 45.43 -51.53
CA VAL B 258 43.98 44.85 -50.53
C VAL B 258 44.52 43.53 -51.07
N ALA B 259 45.81 43.28 -50.87
CA ALA B 259 46.36 41.94 -51.01
C ALA B 259 46.86 41.43 -49.66
N GLU B 260 47.10 40.13 -49.63
CA GLU B 260 47.51 39.45 -48.41
C GLU B 260 49.00 39.64 -48.21
N SER B 261 49.38 40.22 -47.08
CA SER B 261 50.75 40.67 -46.90
C SER B 261 51.52 39.91 -45.83
N ALA B 262 51.08 39.97 -44.57
CA ALA B 262 51.98 39.67 -43.47
C ALA B 262 51.27 39.42 -42.15
N ALA B 263 51.53 38.27 -41.53
CA ALA B 263 50.88 37.87 -40.30
C ALA B 263 51.45 38.64 -39.11
N ILE B 264 51.05 38.25 -37.90
CA ILE B 264 51.48 38.97 -36.72
C ILE B 264 52.93 38.61 -36.41
N GLY B 265 53.60 39.52 -35.71
CA GLY B 265 54.94 39.29 -35.18
C GLY B 265 56.08 39.75 -36.03
N SER B 266 55.96 39.63 -37.36
CA SER B 266 57.11 39.82 -38.22
C SER B 266 57.44 41.29 -38.41
N ALA B 267 58.74 41.58 -38.39
CA ALA B 267 59.21 42.88 -38.84
C ALA B 267 58.96 43.09 -40.32
N GLU B 268 58.67 42.04 -41.07
CA GLU B 268 58.03 42.18 -42.38
C GLU B 268 56.74 42.97 -42.27
N ALA B 269 55.89 42.62 -41.30
CA ALA B 269 54.66 43.39 -41.11
C ALA B 269 54.97 44.79 -40.60
N ASN B 270 56.04 44.92 -39.80
CA ASN B 270 56.49 46.26 -39.47
C ASN B 270 56.97 47.03 -40.70
N ALA B 271 57.52 46.33 -41.68
CA ALA B 271 57.98 46.99 -42.89
C ALA B 271 56.80 47.42 -43.74
N PHE B 272 55.73 46.62 -43.75
CA PHE B 272 54.49 47.07 -44.35
C PHE B 272 53.91 48.28 -43.63
N SER B 273 54.11 48.36 -42.31
CA SER B 273 53.67 49.53 -41.57
C SER B 273 54.46 50.77 -41.96
N VAL B 274 55.78 50.62 -42.10
CA VAL B 274 56.59 51.75 -42.56
C VAL B 274 56.27 52.08 -44.01
N LEU B 275 55.88 51.06 -44.79
CA LEU B 275 55.44 51.28 -46.15
C LEU B 275 54.18 52.11 -46.20
N GLN B 276 53.22 51.82 -45.33
CA GLN B 276 52.00 52.62 -45.37
C GLN B 276 52.24 54.01 -44.78
N HIS B 277 53.27 54.17 -43.95
CA HIS B 277 53.66 55.53 -43.59
C HIS B 277 54.26 56.28 -44.78
N VAL B 278 55.06 55.58 -45.60
CA VAL B 278 55.65 56.19 -46.79
C VAL B 278 54.57 56.57 -47.79
N LEU B 279 53.62 55.67 -48.00
CA LEU B 279 52.48 55.95 -48.86
C LEU B 279 51.66 57.09 -48.30
N GLY B 280 51.19 56.95 -47.07
CA GLY B 280 50.42 57.98 -46.43
C GLY B 280 49.24 57.42 -45.67
N ALA B 281 49.05 57.91 -44.45
CA ALA B 281 47.97 57.56 -43.56
C ALA B 281 47.14 58.82 -43.38
N GLY B 282 46.27 58.82 -42.37
CA GLY B 282 45.51 59.99 -42.00
C GLY B 282 46.34 61.24 -41.81
N PRO B 283 45.77 62.39 -42.18
CA PRO B 283 46.55 63.64 -42.20
C PRO B 283 46.94 64.08 -40.80
N HIS B 284 48.23 64.35 -40.62
CA HIS B 284 48.74 64.81 -39.36
C HIS B 284 48.45 66.29 -39.13
N VAL B 285 48.12 67.01 -40.18
CA VAL B 285 47.72 68.40 -40.10
C VAL B 285 46.29 68.50 -40.57
N LYS B 286 45.44 69.11 -39.75
CA LYS B 286 44.08 69.40 -40.19
C LYS B 286 44.12 70.55 -41.19
N ARG B 287 43.20 70.50 -42.16
CA ARG B 287 43.13 71.45 -43.29
C ARG B 287 44.39 71.46 -44.13
N GLY B 288 45.12 70.36 -44.17
CA GLY B 288 46.28 70.20 -45.02
C GLY B 288 45.93 69.51 -46.33
N SER B 289 46.97 69.08 -47.03
CA SER B 289 46.77 68.38 -48.31
C SER B 289 47.75 67.23 -48.44
N ASN B 290 47.99 66.53 -47.32
CA ASN B 290 48.76 65.28 -47.25
C ASN B 290 50.19 65.49 -47.76
N ALA B 291 50.95 66.30 -47.03
CA ALA B 291 52.21 66.87 -47.49
C ALA B 291 53.28 65.83 -47.83
N THR B 292 53.78 65.09 -46.84
CA THR B 292 54.72 64.02 -47.09
C THR B 292 54.01 62.73 -47.50
N SER B 293 52.70 62.67 -47.25
CA SER B 293 51.89 61.55 -47.73
C SER B 293 51.85 61.58 -49.24
N SER B 294 52.75 60.83 -49.86
CA SER B 294 53.05 61.04 -51.26
C SER B 294 52.03 60.42 -52.20
N LEU B 295 51.16 59.53 -51.70
CA LEU B 295 50.06 59.04 -52.53
C LEU B 295 49.18 60.17 -52.98
N TYR B 296 48.71 60.99 -52.04
CA TYR B 296 47.78 62.05 -52.41
C TYR B 296 48.49 63.15 -53.18
N GLN B 297 49.78 63.35 -52.93
CA GLN B 297 50.54 64.32 -53.72
C GLN B 297 50.64 63.87 -55.17
N ALA B 298 51.07 62.63 -55.39
CA ALA B 298 51.27 62.14 -56.75
C ALA B 298 49.95 61.92 -57.47
N VAL B 299 48.87 61.64 -56.75
CA VAL B 299 47.58 61.45 -57.40
C VAL B 299 46.84 62.77 -57.58
N ALA B 300 47.09 63.76 -56.73
CA ALA B 300 46.64 65.13 -57.01
C ALA B 300 47.37 65.68 -58.22
N LYS B 301 48.63 65.29 -58.38
CA LYS B 301 49.33 65.50 -59.64
C LYS B 301 48.69 64.70 -60.76
N GLY B 302 48.18 63.52 -60.45
CA GLY B 302 47.54 62.70 -61.46
C GLY B 302 46.12 63.11 -61.77
N VAL B 303 45.32 63.42 -60.74
CA VAL B 303 43.92 63.79 -60.90
C VAL B 303 43.66 65.07 -60.13
N HIS B 304 43.07 66.07 -60.80
CA HIS B 304 42.89 67.39 -60.22
C HIS B 304 41.44 67.58 -59.76
N GLN B 305 41.11 66.93 -58.65
CA GLN B 305 39.73 66.87 -58.18
C GLN B 305 39.72 66.84 -56.65
N PRO B 306 38.54 67.07 -56.03
CA PRO B 306 38.35 66.76 -54.60
C PRO B 306 38.13 65.27 -54.38
N PHE B 307 39.09 64.61 -53.73
CA PHE B 307 38.96 63.21 -53.38
C PHE B 307 39.83 62.94 -52.16
N ASP B 308 39.96 61.67 -51.81
CA ASP B 308 40.54 61.32 -50.52
C ASP B 308 41.06 59.89 -50.60
N VAL B 309 42.33 59.72 -50.27
CA VAL B 309 43.05 58.48 -50.52
C VAL B 309 43.79 58.14 -49.23
N SER B 310 43.84 56.86 -48.88
CA SER B 310 44.64 56.43 -47.75
C SER B 310 45.19 55.04 -47.99
N ALA B 311 46.03 54.61 -47.08
CA ALA B 311 46.50 53.23 -47.00
C ALA B 311 45.93 52.57 -45.75
N PHE B 312 46.06 51.25 -45.69
CA PHE B 312 45.40 50.47 -44.65
C PHE B 312 46.09 49.13 -44.50
N ASN B 313 46.15 48.64 -43.26
CA ASN B 313 46.81 47.38 -42.95
C ASN B 313 46.03 46.69 -41.86
N ALA B 314 45.68 45.44 -42.09
CA ALA B 314 44.89 44.65 -41.16
C ALA B 314 45.72 43.41 -40.82
N SER B 315 46.54 43.52 -39.79
CA SER B 315 47.31 42.39 -39.33
C SER B 315 46.50 41.59 -38.34
N TYR B 316 46.59 40.27 -38.46
CA TYR B 316 45.97 39.36 -37.51
C TYR B 316 46.99 38.29 -37.18
N SER B 317 46.57 37.30 -36.38
CA SER B 317 47.53 36.41 -35.76
C SER B 317 48.20 35.48 -36.78
N ASP B 318 47.40 34.67 -37.47
CA ASP B 318 47.96 33.70 -38.40
C ASP B 318 48.05 34.20 -39.84
N SER B 319 47.41 35.33 -40.17
CA SER B 319 47.55 35.91 -41.50
C SER B 319 47.43 37.42 -41.38
N GLY B 320 47.65 38.11 -42.50
CA GLY B 320 47.53 39.55 -42.53
C GLY B 320 47.05 40.04 -43.87
N LEU B 321 46.77 41.34 -43.93
CA LEU B 321 46.27 41.98 -45.14
C LEU B 321 46.79 43.41 -45.21
N PHE B 322 46.85 43.94 -46.42
CA PHE B 322 47.36 45.29 -46.62
C PHE B 322 46.84 45.82 -47.93
N GLY B 323 46.46 47.09 -47.95
CA GLY B 323 46.13 47.73 -49.21
C GLY B 323 45.86 49.21 -49.09
N PHE B 324 45.07 49.74 -50.02
CA PHE B 324 44.71 51.15 -50.00
C PHE B 324 43.19 51.29 -50.02
N TYR B 325 42.75 52.52 -49.75
CA TYR B 325 41.34 52.86 -49.66
C TYR B 325 41.12 54.21 -50.32
N THR B 326 40.00 54.36 -51.03
CA THR B 326 39.73 55.56 -51.81
C THR B 326 38.28 55.98 -51.62
N ILE B 327 38.08 57.20 -51.15
CA ILE B 327 36.83 57.93 -51.32
C ILE B 327 37.02 58.85 -52.51
N SER B 328 36.09 58.82 -53.46
CA SER B 328 36.22 59.70 -54.60
C SER B 328 34.86 60.07 -55.14
N GLN B 329 34.86 61.08 -56.01
CA GLN B 329 33.76 61.30 -56.92
C GLN B 329 33.64 60.11 -57.87
N ALA B 330 32.43 59.91 -58.40
CA ALA B 330 32.21 58.79 -59.30
C ALA B 330 32.91 58.98 -60.63
N ALA B 331 32.99 60.22 -61.10
CA ALA B 331 33.49 60.51 -62.44
C ALA B 331 35.00 60.38 -62.58
N SER B 332 35.74 60.27 -61.48
CA SER B 332 37.20 60.22 -61.56
C SER B 332 37.77 59.20 -60.59
N ALA B 333 37.08 58.07 -60.43
CA ALA B 333 37.48 57.09 -59.42
C ALA B 333 38.59 56.18 -59.92
N GLY B 334 38.35 55.50 -61.04
CA GLY B 334 39.33 54.58 -61.60
C GLY B 334 40.60 55.25 -62.04
N ASP B 335 40.52 56.56 -62.37
CA ASP B 335 41.72 57.34 -62.64
C ASP B 335 42.62 57.41 -61.40
N VAL B 336 42.00 57.62 -60.24
CA VAL B 336 42.73 57.61 -58.97
C VAL B 336 43.28 56.22 -58.69
N ILE B 337 42.51 55.17 -59.00
CA ILE B 337 42.94 53.82 -58.69
C ILE B 337 44.13 53.41 -59.55
N LYS B 338 44.07 53.74 -60.86
CA LYS B 338 45.21 53.54 -61.75
C LYS B 338 46.42 54.33 -61.29
N ALA B 339 46.23 55.60 -60.90
CA ALA B 339 47.36 56.45 -60.57
C ALA B 339 48.07 55.97 -59.31
N ALA B 340 47.30 55.65 -58.28
CA ALA B 340 47.90 55.12 -57.05
C ALA B 340 48.47 53.73 -57.26
N TYR B 341 47.90 52.96 -58.18
CA TYR B 341 48.45 51.65 -58.47
C TYR B 341 49.80 51.79 -59.17
N ASN B 342 49.92 52.77 -60.07
CA ASN B 342 51.21 53.05 -60.67
C ASN B 342 52.19 53.61 -59.65
N GLN B 343 51.69 54.29 -58.63
CA GLN B 343 52.55 54.75 -57.55
C GLN B 343 53.09 53.58 -56.74
N VAL B 344 52.25 52.57 -56.51
CA VAL B 344 52.72 51.36 -55.84
C VAL B 344 53.72 50.62 -56.71
N LYS B 345 53.51 50.63 -58.03
CA LYS B 345 54.44 49.96 -58.93
C LYS B 345 55.80 50.67 -58.97
N THR B 346 55.80 52.00 -59.02
CA THR B 346 57.06 52.72 -59.04
C THR B 346 57.74 52.73 -57.69
N ILE B 347 57.04 52.44 -56.61
CA ILE B 347 57.74 52.26 -55.35
C ILE B 347 58.24 50.82 -55.18
N ALA B 348 57.48 49.84 -55.66
CA ALA B 348 57.93 48.46 -55.61
C ALA B 348 59.08 48.20 -56.58
N GLN B 349 59.27 49.05 -57.59
CA GLN B 349 60.43 48.95 -58.46
C GLN B 349 61.53 49.93 -58.06
N GLY B 350 61.61 50.27 -56.77
CA GLY B 350 62.73 50.94 -56.15
C GLY B 350 63.05 52.33 -56.67
N ASN B 351 62.13 53.27 -56.47
CA ASN B 351 62.29 54.65 -56.94
C ASN B 351 61.70 55.56 -55.85
N LEU B 352 62.57 56.01 -54.95
CA LEU B 352 62.16 56.63 -53.69
C LEU B 352 63.38 57.31 -53.08
N SER B 353 63.28 57.71 -51.81
CA SER B 353 64.43 58.21 -51.06
C SER B 353 64.43 57.58 -49.67
N ASN B 354 65.62 57.40 -49.15
CA ASN B 354 65.83 56.66 -47.93
C ASN B 354 65.65 57.45 -46.61
N PRO B 355 66.10 58.71 -46.49
CA PRO B 355 65.73 59.45 -45.26
C PRO B 355 64.26 59.77 -45.18
N ASP B 356 63.53 59.73 -46.29
CA ASP B 356 62.08 59.79 -46.19
C ASP B 356 61.53 58.52 -45.57
N VAL B 357 62.17 57.37 -45.83
CA VAL B 357 61.82 56.16 -45.11
C VAL B 357 62.18 56.31 -43.64
N GLN B 358 63.25 57.04 -43.34
CA GLN B 358 63.59 57.28 -41.93
C GLN B 358 62.59 58.21 -41.25
N ALA B 359 62.15 59.26 -41.95
CA ALA B 359 61.16 60.18 -41.39
C ALA B 359 59.80 59.49 -41.22
N ALA B 360 59.47 58.54 -42.10
CA ALA B 360 58.27 57.75 -41.90
C ALA B 360 58.43 56.72 -40.78
N LYS B 361 59.65 56.21 -40.55
CA LYS B 361 59.91 55.43 -39.35
C LYS B 361 59.68 56.26 -38.11
N ASN B 362 60.08 57.53 -38.14
CA ASN B 362 59.77 58.44 -37.05
C ASN B 362 58.27 58.73 -36.96
N LYS B 363 57.56 58.70 -38.10
CA LYS B 363 56.10 58.83 -38.07
C LYS B 363 55.46 57.64 -37.36
N LEU B 364 55.96 56.43 -37.60
CA LEU B 364 55.45 55.29 -36.84
C LEU B 364 55.89 55.34 -35.39
N LYS B 365 57.05 55.93 -35.11
CA LYS B 365 57.45 56.17 -33.72
C LYS B 365 56.44 57.07 -33.02
N ALA B 366 56.08 58.17 -33.66
CA ALA B 366 55.08 59.08 -33.13
C ALA B 366 53.73 58.41 -33.02
N GLY B 367 53.38 57.58 -33.99
CA GLY B 367 52.11 56.88 -33.95
C GLY B 367 52.01 55.89 -32.82
N TYR B 368 53.08 55.15 -32.56
CA TYR B 368 53.00 54.17 -31.50
C TYR B 368 53.08 54.84 -30.14
N LEU B 369 53.88 55.90 -30.02
CA LEU B 369 53.95 56.58 -28.73
C LEU B 369 52.73 57.44 -28.47
N MET B 370 51.96 57.77 -29.50
CA MET B 370 50.76 58.55 -29.32
C MET B 370 49.51 57.70 -29.51
N SER B 371 49.67 56.38 -29.62
CA SER B 371 48.61 55.43 -29.37
C SER B 371 48.60 54.96 -27.92
N VAL B 372 49.50 55.47 -27.09
CA VAL B 372 49.57 55.11 -25.68
C VAL B 372 49.61 56.36 -24.81
N GLU B 373 48.97 57.44 -25.28
CA GLU B 373 48.89 58.67 -24.50
C GLU B 373 48.09 58.47 -23.23
N SER B 374 46.89 57.90 -23.36
CA SER B 374 45.92 57.86 -22.28
C SER B 374 46.19 56.70 -21.33
N SER B 375 45.20 56.41 -20.50
CA SER B 375 45.13 55.12 -19.84
C SER B 375 44.51 54.08 -20.75
N GLU B 376 43.55 54.51 -21.58
CA GLU B 376 42.62 53.59 -22.21
C GLU B 376 43.25 52.85 -23.39
N GLY B 377 43.76 53.59 -24.38
CA GLY B 377 44.39 52.94 -25.52
C GLY B 377 45.68 52.27 -25.15
N PHE B 378 46.37 52.81 -24.15
CA PHE B 378 47.54 52.17 -23.56
C PHE B 378 47.19 50.80 -23.00
N LEU B 379 46.15 50.73 -22.17
CA LEU B 379 45.59 49.47 -21.69
C LEU B 379 45.27 48.52 -22.83
N ASP B 380 44.59 49.05 -23.86
CA ASP B 380 44.12 48.25 -24.98
C ASP B 380 45.27 47.55 -25.68
N GLU B 381 46.22 48.33 -26.18
CA GLU B 381 47.23 47.68 -27.00
C GLU B 381 48.30 46.99 -26.17
N VAL B 382 48.56 47.42 -24.93
CA VAL B 382 49.44 46.66 -24.04
C VAL B 382 48.86 45.28 -23.75
N GLY B 383 47.57 45.21 -23.47
CA GLY B 383 46.98 43.91 -23.25
C GLY B 383 46.82 43.07 -24.49
N CYS B 384 46.55 43.69 -25.65
CA CYS B 384 46.41 42.92 -26.87
C CYS B 384 47.74 42.35 -27.33
N GLN B 385 48.81 43.13 -27.16
CA GLN B 385 50.16 42.64 -27.37
C GLN B 385 50.51 41.55 -26.36
N ALA B 386 50.01 41.67 -25.12
CA ALA B 386 50.27 40.67 -24.10
C ALA B 386 49.58 39.36 -24.41
N LEU B 387 48.35 39.44 -24.91
CA LEU B 387 47.62 38.24 -25.27
C LEU B 387 48.16 37.63 -26.55
N ALA B 388 48.69 38.46 -27.44
CA ALA B 388 49.21 37.98 -28.71
C ALA B 388 50.61 37.41 -28.56
N ALA B 389 51.54 38.17 -27.99
CA ALA B 389 52.94 37.76 -27.97
C ALA B 389 53.28 36.80 -26.83
N GLY B 390 52.42 36.70 -25.80
CA GLY B 390 52.67 35.83 -24.69
C GLY B 390 53.27 36.52 -23.48
N SER B 391 54.16 37.50 -23.70
CA SER B 391 54.78 38.27 -22.64
C SER B 391 54.71 39.75 -23.01
N TYR B 392 54.99 40.59 -22.04
CA TYR B 392 55.01 42.02 -22.30
C TYR B 392 56.32 42.41 -22.98
N THR B 393 56.23 43.40 -23.88
CA THR B 393 57.39 44.02 -24.46
C THR B 393 57.31 45.52 -24.24
N PRO B 394 58.34 46.15 -23.70
CA PRO B 394 58.35 47.61 -23.51
C PRO B 394 58.40 48.36 -24.83
N PRO B 395 57.90 49.59 -24.86
CA PRO B 395 57.77 50.30 -26.15
C PRO B 395 59.07 50.79 -26.73
N SER B 396 60.10 51.02 -25.91
CA SER B 396 61.30 51.65 -26.42
C SER B 396 62.08 50.71 -27.33
N THR B 397 62.16 49.43 -26.98
CA THR B 397 62.77 48.48 -27.89
C THR B 397 61.91 48.23 -29.12
N VAL B 398 60.60 48.46 -29.02
CA VAL B 398 59.75 48.39 -30.20
C VAL B 398 60.02 49.56 -31.14
N LEU B 399 60.30 50.74 -30.57
CA LEU B 399 60.71 51.90 -31.37
C LEU B 399 62.05 51.65 -32.05
N GLN B 400 62.97 51.02 -31.31
CA GLN B 400 64.22 50.57 -31.89
C GLN B 400 63.99 49.61 -33.05
N GLN B 401 63.01 48.71 -32.90
CA GLN B 401 62.66 47.80 -33.99
C GLN B 401 61.95 48.51 -35.14
N ILE B 402 61.32 49.65 -34.89
CA ILE B 402 60.79 50.47 -35.98
C ILE B 402 61.94 51.07 -36.79
N ASP B 403 62.92 51.66 -36.10
CA ASP B 403 64.06 52.24 -36.81
C ASP B 403 65.00 51.19 -37.40
N ALA B 404 64.98 49.97 -36.88
CA ALA B 404 65.99 48.95 -37.18
C ALA B 404 65.53 47.95 -38.23
N VAL B 405 64.79 48.41 -39.23
CA VAL B 405 64.38 47.58 -40.36
C VAL B 405 64.92 48.22 -41.63
N ALA B 406 65.61 47.43 -42.45
CA ALA B 406 66.27 47.96 -43.63
C ALA B 406 65.25 48.32 -44.72
N ASP B 407 65.69 49.20 -45.63
CA ASP B 407 64.84 49.69 -46.70
C ASP B 407 64.55 48.62 -47.74
N ALA B 408 65.41 47.61 -47.82
CA ALA B 408 65.16 46.47 -48.69
C ALA B 408 63.94 45.69 -48.25
N ASP B 409 63.65 45.67 -46.95
CA ASP B 409 62.42 45.04 -46.47
C ASP B 409 61.20 45.81 -46.96
N VAL B 410 61.29 47.14 -47.00
CA VAL B 410 60.18 47.95 -47.51
C VAL B 410 59.96 47.68 -48.99
N ILE B 411 61.05 47.63 -49.75
CA ILE B 411 60.92 47.44 -51.20
C ILE B 411 60.43 46.03 -51.52
N ASN B 412 60.94 45.02 -50.80
CA ASN B 412 60.49 43.65 -51.02
C ASN B 412 59.05 43.46 -50.55
N ALA B 413 58.62 44.20 -49.54
CA ALA B 413 57.24 44.13 -49.10
C ALA B 413 56.30 44.74 -50.14
N ALA B 414 56.69 45.87 -50.74
CA ALA B 414 55.87 46.45 -51.79
C ALA B 414 55.82 45.57 -53.03
N LYS B 415 56.95 44.94 -53.35
CA LYS B 415 56.99 44.03 -54.48
C LYS B 415 56.18 42.77 -54.21
N LYS B 416 56.11 42.36 -52.94
CA LYS B 416 55.26 41.23 -52.56
C LYS B 416 53.79 41.58 -52.65
N PHE B 417 53.44 42.82 -52.30
CA PHE B 417 52.07 43.28 -52.48
C PHE B 417 51.67 43.36 -53.95
N VAL B 418 52.57 43.81 -54.82
CA VAL B 418 52.26 43.86 -56.25
C VAL B 418 52.16 42.44 -56.80
N SER B 419 53.04 41.55 -56.33
CA SER B 419 53.12 40.21 -56.88
C SER B 419 51.92 39.34 -56.52
N GLY B 420 51.23 39.66 -55.43
CA GLY B 420 50.17 38.81 -54.94
C GLY B 420 48.88 38.93 -55.74
N ARG B 421 47.83 38.36 -55.17
CA ARG B 421 46.51 38.43 -55.77
C ARG B 421 45.82 39.71 -55.33
N LYS B 422 44.53 39.83 -55.60
CA LYS B 422 43.80 41.05 -55.27
C LYS B 422 42.59 40.69 -54.42
N SER B 423 42.05 41.71 -53.77
CA SER B 423 40.81 41.61 -53.01
C SER B 423 40.21 43.01 -53.02
N MET B 424 39.06 43.16 -53.68
CA MET B 424 38.49 44.48 -53.93
C MET B 424 37.07 44.54 -53.40
N ALA B 425 36.80 45.48 -52.50
CA ALA B 425 35.44 45.78 -52.11
C ALA B 425 35.08 47.14 -52.68
N ALA B 426 33.84 47.31 -53.11
CA ALA B 426 33.48 48.57 -53.73
C ALA B 426 32.03 48.90 -53.46
N SER B 427 31.75 50.19 -53.32
CA SER B 427 30.39 50.63 -53.11
C SER B 427 30.20 52.01 -53.70
N GLY B 428 28.97 52.28 -54.12
CA GLY B 428 28.65 53.57 -54.70
C GLY B 428 28.22 53.47 -56.14
N ASN B 429 28.27 54.58 -56.87
CA ASN B 429 27.91 54.60 -58.28
C ASN B 429 29.07 53.98 -59.04
N LEU B 430 29.02 52.66 -59.24
CA LEU B 430 30.15 51.92 -59.76
C LEU B 430 30.16 51.81 -61.27
N GLY B 431 29.62 52.80 -61.97
CA GLY B 431 29.65 52.84 -63.41
C GLY B 431 30.89 53.44 -64.02
N HIS B 432 31.88 53.78 -63.20
CA HIS B 432 33.14 54.31 -63.71
C HIS B 432 34.30 53.74 -62.93
N THR B 433 34.22 52.45 -62.59
CA THR B 433 35.27 51.82 -61.84
C THR B 433 35.52 50.46 -62.47
N PRO B 434 36.77 50.14 -62.80
CA PRO B 434 37.05 48.85 -63.43
C PRO B 434 37.02 47.72 -62.40
N PHE B 435 37.15 46.50 -62.92
CA PHE B 435 36.97 45.31 -62.12
C PHE B 435 38.28 44.74 -61.61
N ILE B 436 39.09 44.19 -62.51
CA ILE B 436 40.39 43.61 -62.16
C ILE B 436 41.46 44.08 -63.12
N ASP B 437 41.19 43.94 -64.42
CA ASP B 437 42.23 44.09 -65.44
C ASP B 437 42.70 45.53 -65.53
N GLU B 438 41.78 46.49 -65.54
CA GLU B 438 42.16 47.89 -65.58
C GLU B 438 42.35 48.49 -64.20
N LEU B 439 42.69 47.68 -63.21
CA LEU B 439 43.15 48.21 -61.95
C LEU B 439 44.60 48.62 -62.10
N ILE C 2 3.07 58.56 -17.88
CA ILE C 2 3.67 59.86 -18.15
C ILE C 2 2.84 60.96 -17.54
N ASN C 3 1.65 61.14 -18.08
CA ASN C 3 0.77 62.21 -17.66
C ASN C 3 -0.62 61.63 -17.48
N ILE C 4 -1.34 62.13 -16.49
CA ILE C 4 -2.70 61.66 -16.31
C ILE C 4 -3.61 62.28 -17.36
N ARG C 5 -3.21 63.43 -17.93
CA ARG C 5 -4.05 64.13 -18.90
C ARG C 5 -4.23 63.34 -20.20
N LYS C 6 -3.28 62.48 -20.53
CA LYS C 6 -3.30 61.82 -21.83
C LYS C 6 -3.78 60.38 -21.77
N THR C 7 -3.84 59.77 -20.59
CA THR C 7 -4.17 58.36 -20.50
C THR C 7 -5.42 58.06 -19.70
N HIS C 8 -5.80 58.94 -18.78
CA HIS C 8 -6.99 58.71 -17.98
C HIS C 8 -8.21 58.81 -18.88
N PRO C 9 -9.16 57.88 -18.77
CA PRO C 9 -10.20 57.77 -19.81
C PRO C 9 -11.19 58.91 -19.84
N LEU C 10 -11.42 59.57 -18.72
CA LEU C 10 -12.08 60.87 -18.76
C LEU C 10 -11.16 61.94 -19.29
N MET C 11 -9.92 61.95 -18.83
CA MET C 11 -9.05 63.07 -19.12
C MET C 11 -8.55 63.05 -20.56
N LYS C 12 -8.67 61.93 -21.27
CA LYS C 12 -8.49 61.98 -22.72
C LYS C 12 -9.58 62.81 -23.37
N ILE C 13 -10.82 62.68 -22.88
CA ILE C 13 -11.92 63.47 -23.42
C ILE C 13 -11.75 64.93 -23.05
N VAL C 14 -11.23 65.19 -21.84
CA VAL C 14 -10.93 66.57 -21.46
C VAL C 14 -9.77 67.11 -22.30
N ASN C 15 -8.81 66.27 -22.64
CA ASN C 15 -7.67 66.69 -23.44
C ASN C 15 -8.09 67.01 -24.86
N ASN C 16 -8.97 66.20 -25.42
CA ASN C 16 -9.50 66.46 -26.75
C ASN C 16 -10.62 67.48 -26.73
N ALA C 17 -11.02 67.97 -25.57
CA ALA C 17 -12.07 68.99 -25.49
C ALA C 17 -11.53 70.38 -25.24
N PHE C 18 -10.74 70.57 -24.18
CA PHE C 18 -10.39 71.88 -23.66
C PHE C 18 -8.91 72.22 -23.80
N ILE C 19 -8.03 71.26 -23.55
CA ILE C 19 -6.60 71.56 -23.53
C ILE C 19 -6.06 71.66 -24.94
N ASP C 20 -6.23 70.62 -25.72
CA ASP C 20 -5.49 70.50 -26.96
C ASP C 20 -6.39 70.46 -28.18
N LEU C 21 -7.32 71.39 -28.26
CA LEU C 21 -8.03 71.58 -29.52
C LEU C 21 -7.19 72.48 -30.41
N PRO C 22 -6.73 72.01 -31.55
CA PRO C 22 -5.96 72.89 -32.43
C PRO C 22 -6.89 73.89 -33.09
N ALA C 23 -6.92 75.06 -32.57
CA ALA C 23 -7.77 76.10 -33.14
C ALA C 23 -6.98 76.90 -34.15
N PRO C 24 -7.65 77.64 -35.04
CA PRO C 24 -6.91 78.63 -35.83
C PRO C 24 -6.40 79.73 -34.92
N SER C 25 -5.31 80.34 -35.33
CA SER C 25 -4.71 81.44 -34.57
C SER C 25 -5.14 82.78 -35.13
N ASN C 26 -6.39 82.89 -35.56
CA ASN C 26 -6.82 84.04 -36.33
C ASN C 26 -8.13 84.62 -35.85
N ILE C 27 -8.88 83.94 -35.02
CA ILE C 27 -10.24 84.36 -34.74
C ILE C 27 -10.25 85.57 -33.82
N SER C 28 -11.13 86.52 -34.13
CA SER C 28 -11.38 87.67 -33.29
C SER C 28 -12.49 87.33 -32.32
N SER C 29 -13.05 88.34 -31.67
CA SER C 29 -14.01 88.10 -30.60
C SER C 29 -15.34 87.59 -31.08
N TRP C 30 -15.56 87.48 -32.39
CA TRP C 30 -16.85 87.04 -32.88
C TRP C 30 -17.00 85.53 -32.85
N TRP C 31 -15.98 84.82 -32.37
CA TRP C 31 -16.03 83.39 -32.15
C TRP C 31 -16.13 83.03 -30.68
N ASN C 32 -16.32 84.01 -29.81
CA ASN C 32 -16.44 83.71 -28.38
C ASN C 32 -17.76 83.06 -28.04
N PHE C 33 -18.76 83.21 -28.90
CA PHE C 33 -20.12 83.03 -28.46
C PHE C 33 -20.51 81.59 -28.24
N GLY C 34 -19.68 80.64 -28.61
CA GLY C 34 -20.01 79.29 -28.24
C GLY C 34 -19.93 79.06 -26.75
N SER C 35 -18.77 79.36 -26.17
CA SER C 35 -18.62 79.24 -24.73
C SER C 35 -19.46 80.25 -24.00
N LEU C 36 -19.73 81.39 -24.62
CA LEU C 36 -20.61 82.37 -24.00
C LEU C 36 -22.03 81.85 -23.93
N LEU C 37 -22.49 81.19 -24.98
CA LEU C 37 -23.80 80.58 -24.91
C LEU C 37 -23.82 79.41 -23.92
N GLY C 38 -22.69 78.73 -23.76
CA GLY C 38 -22.64 77.67 -22.77
C GLY C 38 -22.73 78.19 -21.34
N ILE C 39 -21.99 79.25 -21.04
CA ILE C 39 -22.02 79.80 -19.69
C ILE C 39 -23.36 80.46 -19.42
N CYS C 40 -23.93 81.11 -20.44
CA CYS C 40 -25.30 81.61 -20.34
C CYS C 40 -26.27 80.48 -20.08
N LEU C 41 -26.06 79.32 -20.71
CA LEU C 41 -27.00 78.22 -20.61
C LEU C 41 -26.98 77.62 -19.22
N ILE C 42 -25.80 77.36 -18.67
CA ILE C 42 -25.79 76.79 -17.32
C ILE C 42 -26.10 77.82 -16.27
N LEU C 43 -25.88 79.10 -16.53
CA LEU C 43 -26.37 80.12 -15.62
C LEU C 43 -27.89 80.17 -15.65
N GLN C 44 -28.49 79.98 -16.82
CA GLN C 44 -29.94 79.89 -16.94
C GLN C 44 -30.49 78.71 -16.15
N ILE C 45 -29.83 77.55 -16.26
CA ILE C 45 -30.21 76.37 -15.51
C ILE C 45 -30.14 76.64 -14.02
N LEU C 46 -29.12 77.36 -13.58
CA LEU C 46 -28.92 77.62 -12.16
C LEU C 46 -29.99 78.55 -11.59
N THR C 47 -30.22 79.68 -12.28
CA THR C 47 -31.25 80.62 -11.86
C THR C 47 -32.62 79.99 -11.86
N GLY C 48 -32.93 79.24 -12.91
CA GLY C 48 -34.20 78.57 -12.97
C GLY C 48 -34.36 77.50 -11.91
N LEU C 49 -33.26 76.86 -11.52
CA LEU C 49 -33.33 75.86 -10.48
C LEU C 49 -33.68 76.48 -9.14
N PHE C 50 -33.07 77.60 -8.80
CA PHE C 50 -33.43 78.22 -7.52
C PHE C 50 -34.84 78.80 -7.56
N LEU C 51 -35.23 79.33 -8.73
CA LEU C 51 -36.62 79.71 -8.99
C LEU C 51 -37.60 78.58 -8.68
N ALA C 52 -37.37 77.42 -9.30
CA ALA C 52 -38.25 76.29 -9.11
C ALA C 52 -38.14 75.70 -7.72
N MET C 53 -37.08 76.03 -6.97
CA MET C 53 -37.13 75.72 -5.56
C MET C 53 -38.18 76.56 -4.86
N HIS C 54 -38.34 77.83 -5.25
CA HIS C 54 -39.29 78.69 -4.55
C HIS C 54 -40.55 79.01 -5.33
N TYR C 55 -41.05 78.08 -6.14
CA TYR C 55 -42.19 78.37 -6.99
C TYR C 55 -43.23 77.26 -6.93
N THR C 56 -44.50 77.64 -6.84
CA THR C 56 -45.60 76.69 -6.88
C THR C 56 -46.38 76.84 -8.18
N PRO C 57 -46.45 75.83 -9.03
CA PRO C 57 -47.18 75.91 -10.30
C PRO C 57 -48.68 75.66 -10.24
N ASP C 58 -49.44 76.69 -9.91
CA ASP C 58 -50.89 76.61 -10.00
C ASP C 58 -51.46 78.02 -10.16
N THR C 59 -52.50 78.14 -11.00
CA THR C 59 -53.07 79.43 -11.37
C THR C 59 -53.69 80.15 -10.19
N THR C 60 -54.06 79.41 -9.14
CA THR C 60 -54.39 80.06 -7.88
C THR C 60 -53.16 80.73 -7.30
N THR C 61 -52.01 80.09 -7.42
CA THR C 61 -50.86 80.45 -6.61
C THR C 61 -49.64 80.87 -7.42
N ALA C 62 -49.76 81.02 -8.74
CA ALA C 62 -48.57 81.22 -9.57
C ALA C 62 -48.01 82.62 -9.39
N PHE C 63 -48.82 83.65 -9.64
CA PHE C 63 -48.33 85.00 -9.52
C PHE C 63 -48.07 85.38 -8.08
N SER C 64 -48.83 84.78 -7.16
CA SER C 64 -48.55 84.97 -5.74
C SER C 64 -47.22 84.34 -5.34
N SER C 65 -46.89 83.20 -5.94
CA SER C 65 -45.62 82.55 -5.65
C SER C 65 -44.45 83.36 -6.19
N VAL C 66 -44.59 83.90 -7.41
CA VAL C 66 -43.51 84.71 -7.96
C VAL C 66 -43.38 86.03 -7.20
N THR C 67 -44.50 86.57 -6.73
CA THR C 67 -44.51 87.71 -5.83
C THR C 67 -43.78 87.40 -4.53
N HIS C 68 -43.97 86.17 -4.02
CA HIS C 68 -43.25 85.72 -2.85
C HIS C 68 -41.75 85.65 -3.09
N ILE C 69 -41.35 85.27 -4.30
CA ILE C 69 -39.93 85.30 -4.65
C ILE C 69 -39.42 86.72 -4.67
N CYS C 70 -40.26 87.65 -5.12
CA CYS C 70 -39.87 89.05 -5.15
C CYS C 70 -39.71 89.61 -3.74
N ARG C 71 -40.49 89.09 -2.79
CA ARG C 71 -40.51 89.69 -1.45
C ARG C 71 -39.60 88.98 -0.45
N ASP C 72 -39.81 87.69 -0.24
CA ASP C 72 -39.30 87.05 0.97
C ASP C 72 -38.02 86.26 0.74
N VAL C 73 -37.75 85.82 -0.48
CA VAL C 73 -36.52 85.09 -0.73
C VAL C 73 -35.36 86.07 -0.72
N ASN C 74 -34.34 85.76 0.08
CA ASN C 74 -33.19 86.65 0.19
C ASN C 74 -32.44 86.68 -1.13
N TYR C 75 -32.38 87.88 -1.71
CA TYR C 75 -31.91 88.15 -3.07
C TYR C 75 -32.75 87.41 -4.11
N GLY C 76 -34.01 87.15 -3.79
CA GLY C 76 -34.87 86.45 -4.72
C GLY C 76 -35.21 87.30 -5.92
N TRP C 77 -35.29 88.61 -5.73
CA TRP C 77 -35.54 89.50 -6.84
C TRP C 77 -34.37 89.53 -7.80
N ILE C 78 -33.13 89.40 -7.30
CA ILE C 78 -32.05 89.35 -8.27
C ILE C 78 -31.96 87.99 -8.91
N ILE C 79 -32.41 86.92 -8.25
CA ILE C 79 -32.37 85.61 -8.91
C ILE C 79 -33.41 85.55 -10.03
N ARG C 80 -34.58 86.11 -9.77
CA ARG C 80 -35.62 86.15 -10.81
C ARG C 80 -35.18 87.03 -11.97
N TYR C 81 -34.51 88.15 -11.67
CA TYR C 81 -34.09 89.01 -12.76
C TYR C 81 -32.89 88.46 -13.50
N MET C 82 -32.02 87.71 -12.83
CA MET C 82 -30.97 87.01 -13.56
C MET C 82 -31.56 86.01 -14.53
N HIS C 83 -32.61 85.29 -14.14
CA HIS C 83 -33.20 84.31 -15.06
C HIS C 83 -33.82 85.00 -16.27
N ALA C 84 -34.60 86.06 -16.04
CA ALA C 84 -35.29 86.72 -17.14
C ALA C 84 -34.30 87.42 -18.09
N ASN C 85 -33.48 88.31 -17.57
CA ASN C 85 -32.56 89.00 -18.47
C ASN C 85 -31.43 88.12 -18.94
N GLY C 86 -31.15 87.00 -18.26
CA GLY C 86 -30.20 86.06 -18.80
C GLY C 86 -30.76 85.34 -20.00
N ALA C 87 -32.07 85.10 -20.01
CA ALA C 87 -32.70 84.59 -21.21
C ALA C 87 -32.62 85.60 -22.35
N SER C 88 -32.79 86.88 -22.04
CA SER C 88 -32.71 87.89 -23.10
C SER C 88 -31.28 88.01 -23.67
N MET C 89 -30.29 88.04 -22.77
CA MET C 89 -28.88 88.00 -23.19
C MET C 89 -28.57 86.74 -23.99
N PHE C 90 -29.21 85.64 -23.61
CA PHE C 90 -28.99 84.37 -24.27
C PHE C 90 -29.46 84.41 -25.71
N PHE C 91 -30.61 85.01 -25.97
CA PHE C 91 -31.06 85.06 -27.34
C PHE C 91 -30.30 86.08 -28.18
N ILE C 92 -29.85 87.19 -27.57
CA ILE C 92 -28.92 88.09 -28.26
C ILE C 92 -27.66 87.34 -28.71
N CYS C 93 -27.04 86.61 -27.78
CA CYS C 93 -25.80 85.91 -28.11
C CYS C 93 -26.02 84.76 -29.08
N LEU C 94 -27.21 84.15 -29.07
CA LEU C 94 -27.49 83.10 -30.04
C LEU C 94 -27.60 83.67 -31.45
N PHE C 95 -28.22 84.85 -31.58
CA PHE C 95 -28.19 85.49 -32.90
C PHE C 95 -26.80 85.93 -33.29
N MET C 96 -25.94 86.26 -32.33
CA MET C 96 -24.56 86.59 -32.69
C MET C 96 -23.81 85.37 -33.21
N HIS C 97 -24.00 84.22 -32.57
CA HIS C 97 -23.39 82.96 -32.99
C HIS C 97 -23.82 82.59 -34.40
N VAL C 98 -25.12 82.69 -34.68
CA VAL C 98 -25.62 82.33 -36.00
C VAL C 98 -25.18 83.34 -37.06
N GLY C 99 -25.12 84.63 -36.70
CA GLY C 99 -24.65 85.62 -37.65
C GLY C 99 -23.19 85.42 -38.03
N ARG C 100 -22.37 85.00 -37.08
CA ARG C 100 -21.01 84.57 -37.38
C ARG C 100 -21.04 83.42 -38.37
N GLY C 101 -21.74 82.34 -37.99
CA GLY C 101 -21.70 81.12 -38.77
C GLY C 101 -22.26 81.28 -40.17
N LEU C 102 -23.06 82.29 -40.39
CA LEU C 102 -23.53 82.58 -41.73
C LEU C 102 -22.61 83.53 -42.46
N TYR C 103 -21.93 84.42 -41.74
CA TYR C 103 -21.03 85.35 -42.41
C TYR C 103 -19.78 84.63 -42.86
N TYR C 104 -19.00 84.15 -41.91
CA TYR C 104 -17.65 83.70 -42.17
C TYR C 104 -17.57 82.33 -42.81
N GLY C 105 -18.68 81.79 -43.27
CA GLY C 105 -18.64 80.63 -44.13
C GLY C 105 -18.48 79.30 -43.43
N SER C 106 -18.79 79.22 -42.14
CA SER C 106 -18.77 77.92 -41.48
C SER C 106 -20.00 77.08 -41.79
N TYR C 107 -20.95 77.62 -42.53
CA TYR C 107 -22.14 76.88 -42.91
C TYR C 107 -21.87 75.88 -44.01
N THR C 108 -20.64 75.78 -44.52
CA THR C 108 -20.29 74.65 -45.35
C THR C 108 -20.30 73.35 -44.55
N PHE C 109 -20.10 73.42 -43.24
CA PHE C 109 -20.25 72.25 -42.38
C PHE C 109 -21.73 71.89 -42.29
N LEU C 110 -22.07 70.65 -42.60
CA LEU C 110 -23.46 70.30 -42.88
C LEU C 110 -24.19 69.74 -41.66
N GLU C 111 -23.71 68.63 -41.11
CA GLU C 111 -24.41 67.97 -40.03
C GLU C 111 -24.38 68.79 -38.75
N THR C 112 -23.31 69.56 -38.54
CA THR C 112 -23.27 70.47 -37.41
C THR C 112 -24.29 71.57 -37.59
N TRP C 113 -24.51 72.00 -38.83
CA TRP C 113 -25.52 72.99 -39.10
C TRP C 113 -26.92 72.42 -38.83
N ASN C 114 -27.12 71.14 -39.13
CA ASN C 114 -28.42 70.53 -38.86
C ASN C 114 -28.69 70.45 -37.36
N ILE C 115 -27.69 70.01 -36.60
CA ILE C 115 -27.87 69.89 -35.16
C ILE C 115 -28.02 71.27 -34.52
N GLY C 116 -27.38 72.29 -35.08
CA GLY C 116 -27.62 73.65 -34.63
C GLY C 116 -29.05 74.10 -34.85
N VAL C 117 -29.61 73.76 -36.02
CA VAL C 117 -31.00 74.10 -36.31
C VAL C 117 -31.95 73.46 -35.31
N ILE C 118 -31.66 72.21 -34.94
CA ILE C 118 -32.47 71.53 -33.92
C ILE C 118 -32.33 72.23 -32.57
N LEU C 119 -31.13 72.73 -32.27
CA LEU C 119 -30.95 73.51 -31.05
C LEU C 119 -31.72 74.81 -31.09
N LEU C 120 -31.89 75.38 -32.28
CA LEU C 120 -32.66 76.61 -32.38
C LEU C 120 -34.13 76.36 -32.07
N PHE C 121 -34.68 75.28 -32.63
CA PHE C 121 -36.06 74.89 -32.30
C PHE C 121 -36.24 74.65 -30.81
N ALA C 122 -35.28 73.94 -30.20
CA ALA C 122 -35.41 73.56 -28.80
C ALA C 122 -35.31 74.79 -27.89
N THR C 123 -34.41 75.72 -28.19
CA THR C 123 -34.29 76.91 -27.36
C THR C 123 -35.49 77.82 -27.51
N MET C 124 -36.05 77.91 -28.73
CA MET C 124 -37.28 78.66 -28.92
C MET C 124 -38.42 78.10 -28.09
N ALA C 125 -38.65 76.79 -28.16
CA ALA C 125 -39.75 76.20 -27.42
C ALA C 125 -39.53 76.26 -25.92
N THR C 126 -38.26 76.13 -25.49
CA THR C 126 -37.93 76.12 -24.07
C THR C 126 -38.17 77.48 -23.43
N ALA C 127 -37.57 78.52 -23.99
CA ALA C 127 -37.79 79.85 -23.45
C ALA C 127 -39.23 80.30 -23.67
N PHE C 128 -39.91 79.76 -24.67
CA PHE C 128 -41.31 80.10 -24.85
C PHE C 128 -42.16 79.58 -23.71
N MET C 129 -41.99 78.30 -23.35
CA MET C 129 -42.79 77.78 -22.25
C MET C 129 -42.35 78.36 -20.91
N GLY C 130 -41.08 78.77 -20.82
CA GLY C 130 -40.66 79.58 -19.69
C GLY C 130 -41.42 80.87 -19.59
N TYR C 131 -41.68 81.52 -20.73
CA TYR C 131 -42.49 82.72 -20.70
C TYR C 131 -43.93 82.43 -20.39
N VAL C 132 -44.39 81.21 -20.68
CA VAL C 132 -45.77 80.86 -20.32
C VAL C 132 -45.91 80.73 -18.81
N LEU C 133 -44.86 80.23 -18.14
CA LEU C 133 -44.91 79.98 -16.69
C LEU C 133 -45.31 81.11 -15.76
N PRO C 134 -44.74 82.32 -15.80
CA PRO C 134 -44.89 83.23 -14.65
C PRO C 134 -46.25 83.90 -14.55
N TRP C 135 -47.19 83.52 -15.41
CA TRP C 135 -48.62 83.77 -15.29
C TRP C 135 -48.97 85.24 -15.33
N GLY C 136 -48.72 85.86 -16.48
CA GLY C 136 -49.09 87.24 -16.72
C GLY C 136 -50.25 87.34 -17.69
N GLN C 137 -50.71 88.59 -17.84
CA GLN C 137 -51.65 88.94 -18.89
C GLN C 137 -51.07 88.58 -20.25
N MET C 138 -49.84 89.06 -20.52
CA MET C 138 -49.16 88.81 -21.78
C MET C 138 -48.85 87.34 -21.96
N SER C 139 -48.48 86.67 -20.86
CA SER C 139 -48.18 85.24 -20.88
C SER C 139 -49.40 84.45 -21.30
N PHE C 140 -50.51 84.65 -20.60
CA PHE C 140 -51.74 83.92 -20.87
C PHE C 140 -52.25 84.15 -22.26
N TRP C 141 -52.29 85.42 -22.69
CA TRP C 141 -52.90 85.69 -23.98
C TRP C 141 -51.99 85.31 -25.16
N GLY C 142 -50.68 85.56 -25.07
CA GLY C 142 -49.79 85.15 -26.14
C GLY C 142 -49.67 83.65 -26.27
N ALA C 143 -49.67 82.93 -25.14
CA ALA C 143 -49.69 81.48 -25.20
C ALA C 143 -51.01 80.95 -25.72
N THR C 144 -52.11 81.66 -25.47
CA THR C 144 -53.39 81.30 -26.06
C THR C 144 -53.35 81.43 -27.58
N VAL C 145 -52.80 82.55 -28.06
CA VAL C 145 -52.63 82.79 -29.49
C VAL C 145 -51.79 81.70 -30.13
N ILE C 146 -50.67 81.37 -29.50
CA ILE C 146 -49.76 80.42 -30.13
C ILE C 146 -50.25 78.98 -29.95
N THR C 147 -51.12 78.72 -28.97
CA THR C 147 -51.85 77.45 -28.95
C THR C 147 -52.79 77.35 -30.15
N ASN C 148 -53.44 78.44 -30.50
CA ASN C 148 -54.26 78.41 -31.71
C ASN C 148 -53.41 78.36 -32.98
N LEU C 149 -52.20 78.90 -32.90
CA LEU C 149 -51.25 78.77 -34.01
C LEU C 149 -50.84 77.32 -34.22
N LEU C 150 -50.74 76.56 -33.14
CA LEU C 150 -50.60 75.12 -33.28
C LEU C 150 -51.88 74.50 -33.83
N SER C 151 -53.03 75.13 -33.61
CA SER C 151 -54.25 74.58 -34.20
C SER C 151 -54.39 74.88 -35.69
N ALA C 152 -53.53 75.74 -36.23
CA ALA C 152 -53.69 76.23 -37.60
C ALA C 152 -53.51 75.18 -38.69
N ILE C 153 -52.79 74.10 -38.43
CA ILE C 153 -52.40 73.12 -39.46
C ILE C 153 -53.61 72.27 -39.84
N PRO C 154 -53.80 71.92 -41.12
CA PRO C 154 -54.94 71.08 -41.51
C PRO C 154 -54.87 69.68 -40.92
N TYR C 155 -56.05 69.18 -40.51
CA TYR C 155 -56.39 67.75 -40.48
C TYR C 155 -55.72 66.97 -39.34
N ILE C 156 -54.74 67.58 -38.67
CA ILE C 156 -54.03 66.95 -37.56
C ILE C 156 -54.05 67.92 -36.39
N GLY C 157 -54.13 69.22 -36.69
CA GLY C 157 -53.75 70.22 -35.71
C GLY C 157 -54.78 70.48 -34.63
N THR C 158 -56.07 70.44 -34.98
CA THR C 158 -57.08 70.84 -34.02
C THR C 158 -57.25 69.80 -32.92
N ASN C 159 -57.31 68.52 -33.29
CA ASN C 159 -57.31 67.46 -32.28
C ASN C 159 -55.99 67.42 -31.52
N LEU C 160 -54.91 67.85 -32.15
CA LEU C 160 -53.64 67.96 -31.45
C LEU C 160 -53.70 69.03 -30.37
N VAL C 161 -54.38 70.13 -30.65
CA VAL C 161 -54.54 71.19 -29.66
C VAL C 161 -55.53 70.78 -28.59
N GLU C 162 -56.54 69.98 -28.95
CA GLU C 162 -57.41 69.36 -27.96
C GLU C 162 -56.61 68.45 -27.03
N TRP C 163 -55.61 67.79 -27.60
CA TRP C 163 -54.76 66.90 -26.83
C TRP C 163 -53.78 67.66 -25.94
N ILE C 164 -53.27 68.82 -26.38
CA ILE C 164 -52.36 69.57 -25.52
C ILE C 164 -53.11 70.42 -24.49
N TRP C 165 -54.40 70.69 -24.73
CA TRP C 165 -55.18 71.51 -23.80
C TRP C 165 -55.41 70.80 -22.48
N GLY C 166 -55.77 69.53 -22.52
CA GLY C 166 -56.35 68.87 -21.37
C GLY C 166 -57.82 69.16 -21.21
N GLY C 167 -58.44 69.81 -22.20
CA GLY C 167 -59.76 70.38 -22.09
C GLY C 167 -60.03 71.24 -23.31
N PHE C 168 -60.43 72.48 -23.10
CA PHE C 168 -60.75 73.36 -24.21
C PHE C 168 -59.97 74.65 -24.25
N SER C 169 -59.20 74.97 -23.22
CA SER C 169 -58.53 76.25 -23.15
C SER C 169 -57.29 76.11 -22.27
N VAL C 170 -56.71 77.24 -21.88
CA VAL C 170 -55.53 77.23 -21.03
C VAL C 170 -55.99 77.05 -19.59
N ASP C 171 -55.71 75.88 -19.03
CA ASP C 171 -56.20 75.44 -17.74
C ASP C 171 -55.00 75.08 -16.85
N LYS C 172 -55.29 74.65 -15.62
CA LYS C 172 -54.25 74.34 -14.66
C LYS C 172 -53.41 73.16 -15.11
N ALA C 173 -54.06 72.15 -15.73
CA ALA C 173 -53.35 71.03 -16.32
C ALA C 173 -52.41 71.51 -17.42
N THR C 174 -52.84 72.51 -18.18
CA THR C 174 -52.01 73.06 -19.24
C THR C 174 -50.82 73.83 -18.65
N LEU C 175 -51.04 74.53 -17.54
CA LEU C 175 -49.94 75.22 -16.86
C LEU C 175 -48.92 74.24 -16.33
N THR C 176 -49.37 73.10 -15.80
CA THR C 176 -48.41 72.14 -15.28
C THR C 176 -47.68 71.38 -16.39
N ARG C 177 -48.36 71.12 -17.52
CA ARG C 177 -47.69 70.62 -18.71
C ARG C 177 -46.56 71.53 -19.14
N PHE C 178 -46.87 72.82 -19.29
CA PHE C 178 -45.85 73.76 -19.75
C PHE C 178 -44.76 73.94 -18.72
N PHE C 179 -45.10 73.77 -17.44
CA PHE C 179 -44.07 73.79 -16.41
C PHE C 179 -43.09 72.64 -16.56
N ALA C 180 -43.60 71.43 -16.76
CA ALA C 180 -42.69 70.30 -16.86
C ALA C 180 -41.83 70.36 -18.11
N PHE C 181 -42.39 70.87 -19.21
CA PHE C 181 -41.57 70.93 -20.42
C PHE C 181 -40.51 72.02 -20.33
N HIS C 182 -40.84 73.19 -19.76
CA HIS C 182 -39.77 74.16 -19.46
C HIS C 182 -38.83 73.64 -18.39
N PHE C 183 -39.30 72.72 -17.58
CA PHE C 183 -38.47 72.22 -16.51
C PHE C 183 -37.52 71.14 -16.98
N ILE C 184 -37.75 70.58 -18.16
CA ILE C 184 -36.96 69.43 -18.57
C ILE C 184 -36.19 69.63 -19.89
N PHE C 185 -36.63 70.54 -20.77
CA PHE C 185 -35.96 70.67 -22.06
C PHE C 185 -34.53 71.22 -22.09
N PRO C 186 -34.05 72.09 -21.18
CA PRO C 186 -32.64 72.51 -21.28
C PRO C 186 -31.61 71.40 -21.12
N PHE C 187 -31.96 70.27 -20.52
CA PHE C 187 -31.00 69.19 -20.48
C PHE C 187 -30.86 68.52 -21.84
N ILE C 188 -31.96 68.41 -22.59
CA ILE C 188 -31.86 67.94 -23.96
C ILE C 188 -31.09 68.94 -24.80
N ILE C 189 -31.25 70.23 -24.48
CA ILE C 189 -30.46 71.28 -25.12
C ILE C 189 -28.97 71.08 -24.86
N ALA C 190 -28.61 70.74 -23.62
CA ALA C 190 -27.20 70.55 -23.30
C ALA C 190 -26.62 69.31 -23.98
N ALA C 191 -27.44 68.25 -24.09
CA ALA C 191 -26.97 67.03 -24.76
C ALA C 191 -26.74 67.29 -26.25
N LEU C 192 -27.68 67.95 -26.90
CA LEU C 192 -27.46 68.27 -28.30
C LEU C 192 -26.39 69.34 -28.50
N ALA C 193 -26.10 70.14 -27.46
CA ALA C 193 -24.94 71.01 -27.51
C ALA C 193 -23.65 70.22 -27.50
N MET C 194 -23.61 69.14 -26.71
CA MET C 194 -22.46 68.25 -26.75
C MET C 194 -22.34 67.54 -28.09
N VAL C 195 -23.47 67.22 -28.72
CA VAL C 195 -23.43 66.59 -30.03
C VAL C 195 -22.93 67.56 -31.11
N HIS C 196 -23.41 68.80 -31.05
CA HIS C 196 -22.92 69.92 -31.84
C HIS C 196 -21.40 70.07 -31.73
N LEU C 197 -20.90 70.13 -30.50
CA LEU C 197 -19.47 70.22 -30.26
C LEU C 197 -18.73 68.96 -30.71
N LEU C 198 -19.40 67.80 -30.67
CA LEU C 198 -18.75 66.55 -31.05
C LEU C 198 -18.49 66.50 -32.55
N PHE C 199 -19.48 66.88 -33.35
CA PHE C 199 -19.24 67.00 -34.78
C PHE C 199 -18.20 68.07 -35.12
N LEU C 200 -18.17 69.17 -34.36
CA LEU C 200 -17.19 70.20 -34.70
C LEU C 200 -15.77 69.76 -34.35
N HIS C 201 -15.59 69.07 -33.22
CA HIS C 201 -14.30 68.46 -32.93
C HIS C 201 -13.92 67.41 -33.95
N GLU C 202 -14.91 66.76 -34.56
CA GLU C 202 -14.59 65.84 -35.64
C GLU C 202 -14.02 66.57 -36.84
N THR C 203 -14.72 67.59 -37.34
CA THR C 203 -14.30 68.23 -38.58
C THR C 203 -13.06 69.09 -38.35
N GLY C 204 -13.17 70.08 -37.48
CA GLY C 204 -12.11 71.05 -37.29
C GLY C 204 -12.68 72.44 -37.53
N SER C 205 -12.11 73.46 -36.88
CA SER C 205 -12.76 74.76 -36.82
C SER C 205 -12.52 75.55 -38.10
N ASN C 206 -12.88 76.83 -38.04
CA ASN C 206 -12.86 77.70 -39.20
C ASN C 206 -12.28 79.05 -38.80
N ASN C 207 -11.59 79.68 -39.74
CA ASN C 207 -10.95 80.95 -39.53
C ASN C 207 -11.87 82.09 -39.94
N PRO C 208 -11.51 83.35 -39.65
CA PRO C 208 -12.26 84.46 -40.26
C PRO C 208 -12.12 84.56 -41.76
N THR C 209 -11.06 84.03 -42.35
CA THR C 209 -10.80 84.33 -43.75
C THR C 209 -11.56 83.39 -44.68
N GLY C 210 -11.53 82.10 -44.41
CA GLY C 210 -12.09 81.10 -45.30
C GLY C 210 -11.10 80.03 -45.73
N ILE C 211 -9.81 80.23 -45.48
CA ILE C 211 -8.79 79.28 -45.86
C ILE C 211 -8.54 78.34 -44.69
N PRO C 212 -8.59 77.02 -44.87
CA PRO C 212 -8.35 76.11 -43.74
C PRO C 212 -6.90 76.20 -43.28
N SER C 213 -6.73 76.37 -41.97
CA SER C 213 -5.49 76.85 -41.37
C SER C 213 -4.69 75.74 -40.74
N ASP C 214 -4.60 74.58 -41.41
CA ASP C 214 -3.94 73.40 -40.87
C ASP C 214 -2.44 73.61 -40.65
N THR C 215 -1.85 74.63 -41.26
CA THR C 215 -0.45 74.91 -41.03
C THR C 215 -0.23 75.63 -39.72
N ASP C 216 -1.23 76.40 -39.26
CA ASP C 216 -1.02 77.39 -38.22
C ASP C 216 -1.98 77.19 -37.05
N LYS C 217 -2.06 75.96 -36.56
CA LYS C 217 -2.91 75.70 -35.40
C LYS C 217 -2.17 76.06 -34.12
N ILE C 218 -2.94 76.37 -33.08
CA ILE C 218 -2.37 76.66 -31.76
C ILE C 218 -3.15 75.87 -30.72
N PRO C 219 -2.55 75.58 -29.57
CA PRO C 219 -3.30 74.91 -28.51
C PRO C 219 -4.36 75.82 -27.93
N PHE C 220 -5.48 75.20 -27.55
CA PHE C 220 -6.66 75.94 -27.15
C PHE C 220 -6.47 76.56 -25.79
N HIS C 221 -5.77 75.88 -24.92
CA HIS C 221 -5.39 76.32 -23.59
C HIS C 221 -4.00 76.92 -23.65
N PRO C 222 -3.75 78.03 -22.95
CA PRO C 222 -4.69 78.85 -22.19
C PRO C 222 -4.97 80.16 -22.87
N TYR C 223 -4.89 80.20 -24.20
CA TYR C 223 -5.23 81.42 -24.90
C TYR C 223 -6.73 81.63 -24.91
N TYR C 224 -7.47 80.65 -25.39
CA TYR C 224 -8.89 80.82 -25.53
C TYR C 224 -9.63 80.68 -24.22
N THR C 225 -9.03 80.05 -23.21
CA THR C 225 -9.65 80.02 -21.89
C THR C 225 -9.78 81.42 -21.33
N ILE C 226 -8.68 82.17 -21.31
CA ILE C 226 -8.78 83.51 -20.74
C ILE C 226 -9.42 84.47 -21.73
N LYS C 227 -9.42 84.15 -23.03
CA LYS C 227 -10.16 84.98 -23.96
C LYS C 227 -11.66 84.86 -23.73
N ASP C 228 -12.14 83.64 -23.51
CA ASP C 228 -13.55 83.46 -23.24
C ASP C 228 -13.93 83.86 -21.83
N ILE C 229 -13.00 83.85 -20.88
CA ILE C 229 -13.29 84.46 -19.59
C ILE C 229 -13.45 85.97 -19.75
N LEU C 230 -12.64 86.60 -20.60
CA LEU C 230 -12.81 88.02 -20.90
C LEU C 230 -14.18 88.30 -21.53
N GLY C 231 -14.55 87.47 -22.50
CA GLY C 231 -15.88 87.58 -23.09
C GLY C 231 -16.99 87.37 -22.09
N ALA C 232 -16.75 86.46 -21.13
CA ALA C 232 -17.73 86.22 -20.08
C ALA C 232 -17.88 87.42 -19.17
N ILE C 233 -16.78 88.11 -18.85
CA ILE C 233 -16.89 89.25 -17.96
C ILE C 233 -17.63 90.39 -18.64
N LEU C 234 -17.38 90.60 -19.94
CA LEU C 234 -18.14 91.62 -20.67
C LEU C 234 -19.62 91.26 -20.73
N LEU C 235 -19.92 89.97 -20.95
CA LEU C 235 -21.29 89.50 -20.99
C LEU C 235 -21.99 89.70 -19.65
N ILE C 236 -21.31 89.33 -18.56
CA ILE C 236 -21.92 89.39 -17.24
C ILE C 236 -22.13 90.83 -16.82
N LEU C 237 -21.25 91.75 -17.19
CA LEU C 237 -21.53 93.14 -16.79
C LEU C 237 -22.65 93.73 -17.62
N ILE C 238 -22.82 93.31 -18.88
CA ILE C 238 -24.01 93.74 -19.60
C ILE C 238 -25.27 93.20 -18.95
N LEU C 239 -25.26 91.91 -18.58
CA LEU C 239 -26.40 91.29 -17.90
C LEU C 239 -26.71 91.97 -16.58
N MET C 240 -25.69 92.31 -15.83
CA MET C 240 -25.91 92.85 -14.51
C MET C 240 -26.26 94.33 -14.54
N LEU C 241 -25.69 95.10 -15.47
CA LEU C 241 -26.18 96.46 -15.66
C LEU C 241 -27.62 96.47 -16.14
N LEU C 242 -28.03 95.46 -16.89
CA LEU C 242 -29.41 95.37 -17.30
C LEU C 242 -30.34 95.01 -16.14
N VAL C 243 -29.92 94.09 -15.27
CA VAL C 243 -30.81 93.73 -14.16
C VAL C 243 -30.75 94.73 -13.04
N LEU C 244 -29.72 95.57 -12.95
CA LEU C 244 -29.60 96.47 -11.83
C LEU C 244 -29.93 97.90 -12.18
N PHE C 245 -30.07 98.23 -13.45
CA PHE C 245 -30.35 99.62 -13.75
C PHE C 245 -31.65 99.85 -14.49
N THR C 246 -32.00 99.02 -15.47
CA THR C 246 -33.33 99.04 -16.07
C THR C 246 -33.84 97.62 -16.23
N PRO C 247 -34.44 97.05 -15.18
CA PRO C 247 -34.99 95.70 -15.32
C PRO C 247 -36.26 95.69 -16.15
N ASP C 248 -37.05 96.75 -16.11
CA ASP C 248 -38.28 96.85 -16.88
C ASP C 248 -38.05 97.36 -18.30
N LEU C 249 -36.79 97.41 -18.74
CA LEU C 249 -36.52 97.76 -20.12
C LEU C 249 -37.00 96.66 -21.04
N LEU C 250 -36.40 95.48 -20.93
CA LEU C 250 -36.96 94.33 -21.61
C LEU C 250 -38.16 93.77 -20.87
N GLY C 251 -38.27 94.06 -19.58
CA GLY C 251 -39.48 93.72 -18.85
C GLY C 251 -40.68 94.48 -19.37
N ASP C 252 -41.87 93.97 -19.04
CA ASP C 252 -43.01 94.50 -19.74
C ASP C 252 -43.96 95.20 -18.79
N PRO C 253 -44.56 96.32 -19.21
CA PRO C 253 -45.59 96.94 -18.38
C PRO C 253 -46.83 96.09 -18.30
N ASP C 254 -47.17 95.47 -19.40
CA ASP C 254 -48.45 94.81 -19.54
C ASP C 254 -48.42 93.40 -18.99
N ASN C 255 -47.27 92.97 -18.49
CA ASN C 255 -47.07 91.60 -18.03
C ASN C 255 -47.62 91.40 -16.62
N TYR C 256 -47.53 92.39 -15.77
CA TYR C 256 -47.57 92.13 -14.34
C TYR C 256 -48.95 92.07 -13.73
N THR C 257 -50.01 92.27 -14.49
CA THR C 257 -51.30 92.00 -13.90
C THR C 257 -51.52 90.51 -13.86
N PRO C 258 -52.37 90.02 -12.96
CA PRO C 258 -52.79 88.62 -13.03
C PRO C 258 -53.56 88.36 -14.30
N ALA C 259 -53.53 87.11 -14.74
CA ALA C 259 -54.07 86.74 -16.05
C ALA C 259 -55.58 86.83 -16.02
N ASN C 260 -56.10 87.93 -16.55
CA ASN C 260 -57.54 88.11 -16.66
C ASN C 260 -58.00 87.59 -18.00
N PRO C 261 -58.85 86.56 -18.05
CA PRO C 261 -59.31 86.02 -19.33
C PRO C 261 -60.38 86.85 -20.02
N LEU C 262 -60.61 88.09 -19.59
CA LEU C 262 -61.66 88.93 -20.16
C LEU C 262 -61.15 90.25 -20.69
N ASN C 263 -59.84 90.50 -20.66
CA ASN C 263 -59.34 91.84 -20.96
C ASN C 263 -58.86 91.96 -22.40
N THR C 264 -57.84 91.15 -22.76
CA THR C 264 -57.15 91.16 -24.06
C THR C 264 -56.65 92.56 -24.39
N PRO C 265 -55.51 92.97 -23.82
CA PRO C 265 -55.07 94.35 -23.98
C PRO C 265 -54.70 94.64 -25.42
N PRO C 266 -54.86 95.89 -25.88
CA PRO C 266 -54.70 96.18 -27.31
C PRO C 266 -53.26 96.12 -27.79
N HIS C 267 -52.34 96.74 -27.06
CA HIS C 267 -50.93 96.70 -27.42
C HIS C 267 -50.39 95.34 -26.99
N ILE C 268 -50.64 94.34 -27.82
CA ILE C 268 -50.27 92.98 -27.49
C ILE C 268 -49.00 92.63 -28.25
N LYS C 269 -48.08 91.93 -27.57
CA LYS C 269 -46.80 91.61 -28.15
C LYS C 269 -46.20 90.43 -27.40
N PRO C 270 -45.50 89.54 -28.07
CA PRO C 270 -44.61 88.63 -27.35
C PRO C 270 -43.33 89.35 -26.94
N GLU C 271 -42.35 88.60 -26.47
CA GLU C 271 -41.10 89.21 -26.10
C GLU C 271 -40.35 89.64 -27.37
N TRP C 272 -39.30 90.45 -27.18
CA TRP C 272 -38.60 91.08 -28.29
C TRP C 272 -38.00 90.08 -29.27
N TYR C 273 -37.65 88.89 -28.80
CA TYR C 273 -37.00 87.93 -29.70
C TYR C 273 -37.97 87.22 -30.61
N PHE C 274 -39.27 87.38 -30.42
CA PHE C 274 -40.26 86.77 -31.30
C PHE C 274 -41.05 87.82 -32.07
N LEU C 275 -40.48 89.01 -32.25
CA LEU C 275 -41.22 90.05 -32.95
C LEU C 275 -41.33 89.75 -34.44
N PHE C 276 -40.24 89.27 -35.04
CA PHE C 276 -40.35 88.80 -36.42
C PHE C 276 -41.19 87.54 -36.50
N ALA C 277 -41.19 86.75 -35.42
CA ALA C 277 -42.10 85.61 -35.35
C ALA C 277 -43.55 86.04 -35.23
N TYR C 278 -43.82 87.30 -34.90
CA TYR C 278 -45.18 87.79 -34.86
C TYR C 278 -45.53 88.65 -36.07
N ALA C 279 -44.53 89.25 -36.72
CA ALA C 279 -44.77 90.12 -37.87
C ALA C 279 -44.90 89.35 -39.16
N ILE C 280 -43.95 88.46 -39.43
CA ILE C 280 -44.02 87.55 -40.57
C ILE C 280 -45.21 86.61 -40.41
N LEU C 281 -45.59 86.34 -39.16
CA LEU C 281 -46.90 85.76 -38.87
C LEU C 281 -48.02 86.62 -39.43
N ARG C 282 -48.15 87.85 -38.92
CA ARG C 282 -49.32 88.67 -39.26
C ARG C 282 -49.22 89.33 -40.63
N SER C 283 -48.17 89.04 -41.41
CA SER C 283 -48.01 89.68 -42.71
C SER C 283 -48.99 89.12 -43.73
N ILE C 284 -48.90 87.83 -44.02
CA ILE C 284 -49.74 87.24 -45.05
C ILE C 284 -51.13 86.99 -44.48
N PRO C 285 -52.20 87.48 -45.13
CA PRO C 285 -53.54 87.45 -44.52
C PRO C 285 -54.14 86.07 -44.48
N ASN C 286 -53.60 85.21 -43.64
CA ASN C 286 -54.07 83.84 -43.54
C ASN C 286 -53.65 83.30 -42.18
N LYS C 287 -54.39 82.30 -41.72
CA LYS C 287 -53.92 81.47 -40.62
C LYS C 287 -52.84 80.53 -41.11
N LEU C 288 -53.19 79.69 -42.09
CA LEU C 288 -52.29 78.69 -42.65
C LEU C 288 -51.08 79.33 -43.32
N GLY C 289 -51.31 80.42 -44.05
CA GLY C 289 -50.22 81.10 -44.73
C GLY C 289 -49.19 81.68 -43.79
N GLY C 290 -49.66 82.24 -42.67
CA GLY C 290 -48.73 82.79 -41.69
C GLY C 290 -47.92 81.72 -40.99
N VAL C 291 -48.58 80.64 -40.55
CA VAL C 291 -47.83 79.63 -39.80
C VAL C 291 -46.88 78.86 -40.72
N LEU C 292 -47.29 78.65 -41.98
CA LEU C 292 -46.42 78.04 -42.95
C LEU C 292 -45.28 78.96 -43.32
N ALA C 293 -45.51 80.28 -43.33
CA ALA C 293 -44.43 81.23 -43.59
C ALA C 293 -43.41 81.22 -42.48
N LEU C 294 -43.86 81.04 -41.23
CA LEU C 294 -42.94 80.97 -40.10
C LEU C 294 -42.06 79.72 -40.18
N VAL C 295 -42.69 78.56 -40.31
CA VAL C 295 -41.94 77.31 -40.37
C VAL C 295 -41.09 77.25 -41.64
N LEU C 296 -41.56 77.84 -42.74
CA LEU C 296 -40.75 77.94 -43.95
C LEU C 296 -39.62 78.93 -43.81
N SER C 297 -39.74 79.91 -42.91
CA SER C 297 -38.59 80.78 -42.68
C SER C 297 -37.47 80.05 -41.98
N ILE C 298 -37.81 79.25 -40.95
CA ILE C 298 -36.73 78.48 -40.32
C ILE C 298 -36.23 77.35 -41.24
N LEU C 299 -37.10 76.80 -42.08
CA LEU C 299 -36.60 75.84 -43.05
C LEU C 299 -35.77 76.49 -44.16
N VAL C 300 -35.97 77.79 -44.43
CA VAL C 300 -35.03 78.53 -45.27
C VAL C 300 -33.67 78.63 -44.59
N LEU C 301 -33.67 78.86 -43.28
CA LEU C 301 -32.43 78.84 -42.51
C LEU C 301 -31.74 77.47 -42.57
N VAL C 302 -32.52 76.39 -42.74
CA VAL C 302 -31.94 75.08 -43.01
C VAL C 302 -31.35 75.03 -44.41
N ILE C 303 -32.03 75.64 -45.37
CA ILE C 303 -31.62 75.57 -46.78
C ILE C 303 -30.28 76.26 -47.01
N MET C 304 -29.97 77.32 -46.23
CA MET C 304 -28.81 78.20 -46.39
C MET C 304 -27.43 77.58 -46.66
N PRO C 305 -27.13 76.34 -46.22
CA PRO C 305 -25.97 75.64 -46.80
C PRO C 305 -26.16 74.96 -48.13
N LEU C 306 -27.38 74.55 -48.46
CA LEU C 306 -27.57 73.75 -49.66
C LEU C 306 -27.44 74.54 -50.94
N LEU C 307 -27.33 75.87 -50.86
CA LEU C 307 -27.22 76.72 -52.04
C LEU C 307 -25.93 77.54 -52.00
N HIS C 308 -24.92 77.07 -51.28
CA HIS C 308 -23.62 77.73 -51.33
C HIS C 308 -22.96 77.30 -52.61
N THR C 309 -23.01 78.16 -53.62
CA THR C 309 -22.41 77.85 -54.92
C THR C 309 -21.20 78.73 -55.23
N SER C 310 -20.64 79.38 -54.21
CA SER C 310 -19.39 80.11 -54.37
C SER C 310 -18.22 79.16 -54.46
N LYS C 311 -17.04 79.71 -54.70
CA LYS C 311 -15.82 78.94 -54.63
C LYS C 311 -14.84 79.48 -53.62
N GLN C 312 -15.05 80.68 -53.11
CA GLN C 312 -14.47 81.07 -51.83
C GLN C 312 -15.37 80.51 -50.73
N ARG C 313 -14.99 80.76 -49.49
CA ARG C 313 -15.75 80.21 -48.38
C ARG C 313 -16.54 81.27 -47.64
N SER C 314 -15.94 82.42 -47.40
CA SER C 314 -16.57 83.46 -46.61
C SER C 314 -17.38 84.40 -47.49
N MET C 315 -18.04 85.33 -46.84
CA MET C 315 -18.53 86.53 -47.50
C MET C 315 -17.54 87.68 -47.39
N MET C 316 -16.39 87.45 -46.75
CA MET C 316 -15.43 88.53 -46.51
C MET C 316 -14.79 88.99 -47.81
N PHE C 317 -14.43 88.06 -48.67
CA PHE C 317 -13.84 88.43 -49.95
C PHE C 317 -14.88 88.52 -51.06
N ARG C 318 -16.16 88.52 -50.72
CA ARG C 318 -17.21 88.75 -51.71
C ARG C 318 -17.97 89.99 -51.31
N PRO C 319 -17.62 91.15 -51.89
CA PRO C 319 -18.14 92.42 -51.35
C PRO C 319 -19.60 92.68 -51.64
N ILE C 320 -20.09 92.28 -52.83
CA ILE C 320 -21.49 92.51 -53.17
C ILE C 320 -22.40 91.68 -52.27
N SER C 321 -22.03 90.42 -52.05
CA SER C 321 -22.78 89.58 -51.13
C SER C 321 -22.64 90.05 -49.69
N GLN C 322 -21.53 90.72 -49.37
CA GLN C 322 -21.38 91.28 -48.03
C GLN C 322 -22.36 92.42 -47.81
N CYS C 323 -22.53 93.29 -48.81
CA CYS C 323 -23.53 94.33 -48.72
C CYS C 323 -24.94 93.74 -48.66
N MET C 324 -25.17 92.66 -49.41
CA MET C 324 -26.44 91.95 -49.33
C MET C 324 -26.69 91.39 -47.95
N PHE C 325 -25.65 90.87 -47.31
CA PHE C 325 -25.79 90.33 -45.96
C PHE C 325 -26.13 91.41 -44.95
N TRP C 326 -25.50 92.58 -45.09
CA TRP C 326 -25.85 93.64 -44.15
C TRP C 326 -27.24 94.19 -44.42
N ILE C 327 -27.69 94.13 -45.68
CA ILE C 327 -29.10 94.39 -45.99
C ILE C 327 -30.00 93.41 -45.25
N LEU C 328 -29.56 92.15 -45.16
CA LEU C 328 -30.36 91.16 -44.45
C LEU C 328 -30.40 91.44 -42.96
N VAL C 329 -29.28 91.93 -42.41
CA VAL C 329 -29.23 92.33 -41.00
C VAL C 329 -30.23 93.44 -40.72
N ALA C 330 -30.20 94.48 -41.57
CA ALA C 330 -31.13 95.59 -41.43
C ALA C 330 -32.57 95.15 -41.63
N ASP C 331 -32.81 94.16 -42.48
CA ASP C 331 -34.16 93.71 -42.73
C ASP C 331 -34.72 92.93 -41.55
N LEU C 332 -33.90 92.08 -40.93
CA LEU C 332 -34.35 91.38 -39.73
C LEU C 332 -34.62 92.34 -38.59
N LEU C 333 -33.74 93.32 -38.40
CA LEU C 333 -34.00 94.32 -37.35
C LEU C 333 -35.20 95.19 -37.68
N THR C 334 -35.44 95.43 -38.97
CA THR C 334 -36.60 96.18 -39.42
C THR C 334 -37.89 95.45 -39.07
N LEU C 335 -38.00 94.18 -39.46
CA LEU C 335 -39.18 93.39 -39.11
C LEU C 335 -39.31 93.16 -37.61
N THR C 336 -38.20 93.21 -36.87
CA THR C 336 -38.30 93.17 -35.41
C THR C 336 -39.01 94.40 -34.89
N TRP C 337 -38.59 95.58 -35.35
CA TRP C 337 -39.25 96.81 -34.91
C TRP C 337 -40.70 96.88 -35.37
N ILE C 338 -40.97 96.37 -36.57
CA ILE C 338 -42.33 96.35 -37.09
C ILE C 338 -43.21 95.40 -36.28
N GLY C 339 -42.66 94.25 -35.89
CA GLY C 339 -43.41 93.34 -35.05
C GLY C 339 -43.65 93.88 -33.66
N GLY C 340 -42.74 94.73 -33.18
CA GLY C 340 -43.03 95.45 -31.95
C GLY C 340 -44.12 96.48 -32.12
N GLN C 341 -44.30 97.02 -33.34
CA GLN C 341 -45.27 98.09 -33.49
C GLN C 341 -46.65 97.53 -33.80
N PRO C 342 -47.70 98.18 -33.29
CA PRO C 342 -49.05 97.70 -33.57
C PRO C 342 -49.45 97.91 -35.02
N VAL C 343 -50.58 97.32 -35.36
CA VAL C 343 -51.00 97.13 -36.75
C VAL C 343 -51.63 98.43 -37.24
N GLU C 344 -50.87 99.21 -37.99
CA GLU C 344 -51.36 100.43 -38.62
C GLU C 344 -50.84 100.47 -40.06
N HIS C 345 -51.40 101.40 -40.85
CA HIS C 345 -51.35 101.27 -42.30
C HIS C 345 -49.94 101.38 -42.90
N PRO C 346 -49.10 102.37 -42.55
CA PRO C 346 -47.73 102.33 -43.12
C PRO C 346 -46.91 101.16 -42.59
N TYR C 347 -47.20 100.70 -41.39
CA TYR C 347 -46.45 99.59 -40.82
C TYR C 347 -46.90 98.27 -41.43
N ILE C 348 -48.19 98.17 -41.78
CA ILE C 348 -48.68 97.09 -42.64
C ILE C 348 -47.92 97.07 -43.96
N ILE C 349 -47.76 98.27 -44.56
CA ILE C 349 -47.08 98.40 -45.85
C ILE C 349 -45.65 97.86 -45.78
N ILE C 350 -44.85 98.43 -44.88
CA ILE C 350 -43.44 98.02 -44.86
C ILE C 350 -43.23 96.68 -44.19
N GLY C 351 -44.20 96.16 -43.44
CA GLY C 351 -44.07 94.80 -42.93
C GLY C 351 -44.24 93.77 -44.03
N GLN C 352 -45.29 93.94 -44.85
CA GLN C 352 -45.46 93.09 -46.04
C GLN C 352 -44.25 93.20 -46.97
N LEU C 353 -43.79 94.45 -47.18
CA LEU C 353 -42.68 94.71 -48.08
C LEU C 353 -41.39 94.06 -47.57
N ALA C 354 -41.13 94.15 -46.26
CA ALA C 354 -39.90 93.61 -45.71
C ALA C 354 -39.92 92.09 -45.63
N SER C 355 -41.09 91.49 -45.41
CA SER C 355 -41.18 90.03 -45.41
C SER C 355 -40.88 89.47 -46.80
N ILE C 356 -41.51 90.05 -47.83
CA ILE C 356 -41.26 89.53 -49.16
C ILE C 356 -39.86 89.90 -49.63
N MET C 357 -39.31 91.01 -49.13
CA MET C 357 -37.91 91.34 -49.38
C MET C 357 -36.99 90.30 -48.77
N TYR C 358 -37.34 89.79 -47.59
CA TYR C 358 -36.51 88.79 -46.91
C TYR C 358 -36.45 87.49 -47.70
N PHE C 359 -37.61 86.98 -48.11
CA PHE C 359 -37.60 85.75 -48.89
C PHE C 359 -37.00 85.93 -50.28
N LEU C 360 -37.13 87.12 -50.87
CA LEU C 360 -36.51 87.39 -52.16
C LEU C 360 -34.99 87.51 -52.04
N ILE C 361 -34.50 88.06 -50.93
CA ILE C 361 -33.06 88.12 -50.67
C ILE C 361 -32.49 86.73 -50.59
N ILE C 362 -33.21 85.82 -49.94
CA ILE C 362 -32.60 84.52 -49.73
C ILE C 362 -32.71 83.64 -50.98
N LEU C 363 -33.94 83.35 -51.43
CA LEU C 363 -34.10 82.31 -52.45
C LEU C 363 -33.62 82.72 -53.84
N VAL C 364 -33.47 84.01 -54.11
CA VAL C 364 -33.11 84.49 -55.45
C VAL C 364 -31.79 85.23 -55.43
N MET C 365 -31.60 86.13 -54.48
CA MET C 365 -30.46 87.03 -54.55
C MET C 365 -29.14 86.36 -54.20
N MET C 366 -29.14 85.38 -53.29
CA MET C 366 -27.87 84.85 -52.81
C MET C 366 -27.10 84.03 -53.85
N PRO C 367 -27.69 83.03 -54.55
CA PRO C 367 -26.90 82.36 -55.60
C PRO C 367 -26.62 83.22 -56.82
N VAL C 368 -27.44 84.23 -57.10
CA VAL C 368 -27.15 85.13 -58.21
C VAL C 368 -25.96 86.02 -57.87
N ALA C 369 -25.91 86.54 -56.64
CA ALA C 369 -24.73 87.26 -56.21
C ALA C 369 -23.51 86.37 -56.17
N SER C 370 -23.72 85.09 -55.82
CA SER C 370 -22.62 84.12 -55.84
C SER C 370 -22.10 83.88 -57.24
N ILE C 371 -23.00 83.81 -58.23
CA ILE C 371 -22.51 83.54 -59.58
C ILE C 371 -21.91 84.78 -60.20
N ILE C 372 -22.30 85.98 -59.75
CA ILE C 372 -21.65 87.18 -60.26
C ILE C 372 -20.24 87.29 -59.71
N GLU C 373 -20.09 87.07 -58.41
CA GLU C 373 -18.77 87.03 -57.79
C GLU C 373 -17.93 85.88 -58.33
N ASN C 374 -18.58 84.78 -58.72
CA ASN C 374 -17.88 83.67 -59.36
C ASN C 374 -17.38 84.08 -60.74
N ASN C 375 -18.22 84.75 -61.51
CA ASN C 375 -17.86 85.10 -62.88
C ASN C 375 -16.77 86.15 -62.91
N LEU C 376 -16.73 87.03 -61.91
CA LEU C 376 -16.00 88.26 -62.12
C LEU C 376 -14.50 88.13 -61.88
N LEU C 377 -14.05 87.07 -61.21
CA LEU C 377 -12.61 86.87 -60.96
C LEU C 377 -11.95 86.00 -61.99
N LYS C 378 -12.36 86.19 -63.25
CA LYS C 378 -11.82 85.49 -64.41
C LYS C 378 -12.04 83.99 -64.28
N TRP C 379 -13.17 83.63 -63.70
CA TRP C 379 -13.63 82.26 -63.73
C TRP C 379 -14.79 82.22 -64.70
N SER D 1 -60.14 109.56 -26.58
CA SER D 1 -60.30 109.92 -27.98
C SER D 1 -59.34 109.16 -28.87
N ASP D 2 -59.14 107.89 -28.54
CA ASP D 2 -58.26 106.94 -29.24
C ASP D 2 -56.81 107.41 -29.29
N LEU D 3 -56.41 108.30 -28.39
CA LEU D 3 -55.04 108.76 -28.31
C LEU D 3 -54.62 108.85 -26.85
N GLU D 4 -53.32 108.72 -26.61
CA GLU D 4 -52.74 108.84 -25.29
C GLU D 4 -52.18 110.23 -25.09
N LEU D 5 -51.40 110.39 -24.02
CA LEU D 5 -50.52 111.53 -23.84
C LEU D 5 -49.32 111.06 -23.03
N HIS D 6 -48.14 111.39 -23.51
CA HIS D 6 -46.93 111.04 -22.78
C HIS D 6 -46.77 111.93 -21.56
N PRO D 7 -46.62 111.37 -20.36
CA PRO D 7 -46.27 112.19 -19.20
C PRO D 7 -44.81 112.59 -19.26
N PRO D 8 -44.51 113.87 -19.18
CA PRO D 8 -43.12 114.31 -19.35
C PRO D 8 -42.24 114.09 -18.12
N SER D 9 -41.03 114.65 -18.18
CA SER D 9 -39.95 114.36 -17.23
C SER D 9 -40.27 114.88 -15.84
N TYR D 10 -40.33 113.97 -14.88
CA TYR D 10 -40.50 114.34 -13.48
C TYR D 10 -39.20 114.02 -12.76
N PRO D 11 -38.47 115.01 -12.27
CA PRO D 11 -37.21 114.73 -11.57
C PRO D 11 -37.45 114.10 -10.21
N TRP D 12 -37.66 112.79 -10.19
CA TRP D 12 -37.82 112.09 -8.93
C TRP D 12 -36.48 112.00 -8.20
N SER D 13 -36.57 111.87 -6.88
CA SER D 13 -35.36 111.73 -6.08
C SER D 13 -34.72 110.35 -6.20
N HIS D 14 -35.41 109.37 -6.81
CA HIS D 14 -34.87 108.04 -7.04
C HIS D 14 -34.65 107.77 -8.51
N ARG D 15 -34.71 108.80 -9.35
CA ARG D 15 -34.74 108.60 -10.79
C ARG D 15 -33.35 108.41 -11.37
N GLY D 16 -32.31 108.87 -10.70
CA GLY D 16 -30.97 108.65 -11.17
C GLY D 16 -30.50 107.21 -10.97
N LEU D 17 -29.38 106.90 -11.60
CA LEU D 17 -28.83 105.55 -11.58
C LEU D 17 -28.20 105.18 -10.25
N LEU D 18 -28.04 106.14 -9.35
CA LEU D 18 -27.60 105.88 -7.99
C LEU D 18 -28.53 106.55 -6.99
N SER D 19 -29.55 107.24 -7.48
CA SER D 19 -30.43 108.03 -6.64
C SER D 19 -31.34 107.13 -5.80
N SER D 20 -31.88 107.68 -4.73
CA SER D 20 -32.44 106.90 -3.65
C SER D 20 -33.88 107.28 -3.35
N LEU D 21 -34.54 106.44 -2.57
CA LEU D 21 -35.85 106.78 -2.04
C LEU D 21 -35.72 107.50 -0.72
N ASP D 22 -36.67 108.38 -0.46
CA ASP D 22 -36.78 109.10 0.79
C ASP D 22 -37.79 108.39 1.66
N HIS D 23 -37.32 107.81 2.76
CA HIS D 23 -38.17 107.06 3.67
C HIS D 23 -39.15 107.96 4.42
N THR D 24 -38.81 109.25 4.55
CA THR D 24 -39.77 110.23 5.03
C THR D 24 -40.96 110.36 4.09
N SER D 25 -40.70 110.42 2.78
CA SER D 25 -41.78 110.47 1.81
C SER D 25 -42.53 109.15 1.74
N ILE D 26 -41.84 108.03 2.03
CA ILE D 26 -42.51 106.74 2.14
C ILE D 26 -43.51 106.75 3.29
N ARG D 27 -43.10 107.31 4.44
CA ARG D 27 -43.97 107.38 5.59
C ARG D 27 -45.17 108.29 5.33
N ARG D 28 -44.95 109.39 4.62
CA ARG D 28 -46.05 110.28 4.26
C ARG D 28 -47.03 109.59 3.32
N GLY D 29 -46.52 108.91 2.29
CA GLY D 29 -47.39 108.19 1.38
C GLY D 29 -48.13 107.06 2.05
N PHE D 30 -47.51 106.45 3.06
CA PHE D 30 -48.16 105.40 3.83
C PHE D 30 -49.35 105.95 4.60
N GLN D 31 -49.18 107.11 5.23
CA GLN D 31 -50.30 107.71 5.95
C GLN D 31 -51.40 108.15 4.99
N VAL D 32 -51.02 108.62 3.80
CA VAL D 32 -51.99 109.00 2.77
C VAL D 32 -52.82 107.78 2.35
N TYR D 33 -52.15 106.65 2.14
CA TYR D 33 -52.86 105.42 1.80
C TYR D 33 -53.75 104.97 2.94
N LYS D 34 -53.30 105.19 4.18
CA LYS D 34 -54.04 104.73 5.35
C LYS D 34 -55.34 105.49 5.52
N GLN D 35 -55.34 106.79 5.25
CA GLN D 35 -56.52 107.59 5.55
C GLN D 35 -57.43 107.83 4.34
N VAL D 36 -56.98 107.59 3.11
CA VAL D 36 -57.86 107.82 1.97
C VAL D 36 -58.03 106.56 1.14
N CYS D 37 -56.92 106.05 0.58
CA CYS D 37 -56.98 105.07 -0.51
C CYS D 37 -57.44 103.71 -0.04
N SER D 38 -57.44 103.47 1.27
CA SER D 38 -57.68 102.14 1.82
C SER D 38 -59.14 101.72 1.75
N SER D 39 -60.05 102.60 1.37
CA SER D 39 -61.46 102.25 1.38
C SER D 39 -61.95 101.62 0.08
N CYS D 40 -61.14 101.64 -0.98
CA CYS D 40 -61.53 101.02 -2.24
C CYS D 40 -60.49 100.09 -2.83
N HIS D 41 -59.21 100.42 -2.68
CA HIS D 41 -58.13 99.72 -3.36
C HIS D 41 -57.46 98.73 -2.42
N SER D 42 -57.60 97.44 -2.72
CA SER D 42 -56.90 96.41 -1.98
C SER D 42 -55.43 96.41 -2.37
N MET D 43 -54.59 95.89 -1.49
CA MET D 43 -53.17 95.76 -1.78
C MET D 43 -52.65 94.45 -1.18
N ASP D 44 -53.29 93.35 -1.58
CA ASP D 44 -53.12 91.98 -1.06
C ASP D 44 -51.72 91.50 -0.68
N TYR D 45 -50.71 91.86 -1.45
CA TYR D 45 -49.44 91.16 -1.34
C TYR D 45 -48.45 91.82 -0.39
N VAL D 46 -48.81 92.93 0.25
CA VAL D 46 -47.91 93.66 1.12
C VAL D 46 -48.38 93.46 2.56
N ALA D 47 -47.46 93.09 3.44
CA ALA D 47 -47.78 92.94 4.85
C ALA D 47 -46.95 93.91 5.67
N TYR D 48 -47.34 94.08 6.93
CA TYR D 48 -46.78 95.14 7.76
C TYR D 48 -45.34 94.89 8.17
N ARG D 49 -44.85 93.65 8.06
CA ARG D 49 -43.48 93.40 8.51
C ARG D 49 -42.45 94.00 7.56
N HIS D 50 -42.84 94.37 6.34
CA HIS D 50 -41.95 95.06 5.43
C HIS D 50 -41.68 96.49 5.87
N LEU D 51 -42.50 97.02 6.75
CA LEU D 51 -42.45 98.42 7.11
C LEU D 51 -41.45 98.71 8.21
N VAL D 52 -40.71 97.70 8.68
CA VAL D 52 -39.97 97.82 9.93
C VAL D 52 -38.61 98.47 9.69
N GLY D 53 -37.89 98.04 8.68
CA GLY D 53 -36.64 98.70 8.39
C GLY D 53 -36.76 99.84 7.41
N VAL D 54 -37.98 100.25 7.09
CA VAL D 54 -38.23 101.22 6.01
C VAL D 54 -38.78 102.53 6.56
N CYS D 55 -39.94 102.47 7.19
CA CYS D 55 -40.71 103.66 7.52
C CYS D 55 -41.14 103.76 8.97
N TYR D 56 -41.37 102.64 9.64
CA TYR D 56 -41.78 102.65 11.03
C TYR D 56 -40.95 101.67 11.84
N THR D 57 -40.73 101.96 13.11
CA THR D 57 -40.00 101.05 13.98
C THR D 57 -40.94 99.93 14.45
N GLU D 58 -40.50 99.12 15.42
CA GLU D 58 -41.27 97.96 15.82
C GLU D 58 -42.53 98.35 16.58
N ASP D 59 -42.39 99.25 17.55
CA ASP D 59 -43.55 99.66 18.32
C ASP D 59 -44.49 100.51 17.49
N GLU D 60 -43.93 101.30 16.58
CA GLU D 60 -44.74 102.09 15.65
C GLU D 60 -45.56 101.19 14.73
N ALA D 61 -44.94 100.12 14.22
CA ALA D 61 -45.65 99.22 13.32
C ALA D 61 -46.70 98.40 14.04
N LYS D 62 -46.41 97.95 15.27
CA LYS D 62 -47.39 97.18 16.03
C LYS D 62 -48.56 98.03 16.46
N ALA D 63 -48.30 99.31 16.77
CA ALA D 63 -49.38 100.25 16.99
C ALA D 63 -50.25 100.37 15.74
N LEU D 64 -49.62 100.62 14.58
CA LEU D 64 -50.34 100.77 13.32
C LEU D 64 -51.11 99.52 12.92
N ALA D 65 -50.63 98.34 13.32
CA ALA D 65 -51.31 97.10 13.02
C ALA D 65 -52.36 96.74 14.05
N GLU D 66 -52.28 97.27 15.28
CA GLU D 66 -53.43 97.19 16.16
C GLU D 66 -54.55 98.10 15.69
N GLU D 67 -54.19 99.21 15.03
CA GLU D 67 -55.19 100.14 14.55
C GLU D 67 -56.05 99.56 13.43
N VAL D 68 -55.55 98.55 12.71
CA VAL D 68 -56.25 97.94 11.58
C VAL D 68 -56.35 96.44 11.86
N GLU D 69 -57.58 95.96 12.09
CA GLU D 69 -57.83 94.59 12.51
C GLU D 69 -58.65 93.86 11.44
N VAL D 70 -58.33 92.58 11.23
CA VAL D 70 -58.95 91.87 10.12
C VAL D 70 -59.70 90.61 10.55
N GLN D 71 -58.99 89.59 11.06
CA GLN D 71 -59.56 88.25 11.16
C GLN D 71 -58.78 87.27 12.03
N ASP D 72 -59.47 86.56 12.92
CA ASP D 72 -58.91 85.41 13.62
C ASP D 72 -59.48 84.13 13.04
N GLY D 73 -58.72 83.03 13.16
CA GLY D 73 -59.15 81.75 12.68
C GLY D 73 -60.09 81.05 13.64
N PRO D 74 -60.26 79.74 13.46
CA PRO D 74 -61.10 78.97 14.39
C PRO D 74 -60.41 78.69 15.71
N ASN D 75 -60.78 79.42 16.77
CA ASN D 75 -60.31 79.14 18.12
C ASN D 75 -61.26 78.13 18.74
N GLU D 76 -61.23 76.92 18.18
CA GLU D 76 -62.11 75.78 18.47
C GLU D 76 -63.58 76.07 18.18
N ASP D 77 -63.89 77.22 17.61
CA ASP D 77 -65.26 77.72 17.52
C ASP D 77 -65.64 78.11 16.10
N GLY D 78 -64.75 78.75 15.36
CA GLY D 78 -64.90 78.93 13.94
C GLY D 78 -66.01 79.82 13.46
N GLU D 79 -65.92 81.12 13.72
CA GLU D 79 -66.78 82.10 13.07
C GLU D 79 -66.00 83.11 12.26
N MET D 80 -64.67 83.00 12.22
CA MET D 80 -63.75 83.97 11.64
C MET D 80 -63.98 85.36 12.23
N PHE D 81 -63.73 85.45 13.53
CA PHE D 81 -63.95 86.67 14.27
C PHE D 81 -62.72 87.56 14.21
N MET D 82 -62.76 88.67 14.95
CA MET D 82 -61.73 89.68 14.83
C MET D 82 -60.50 89.30 15.62
N ARG D 83 -59.35 89.79 15.15
CA ARG D 83 -58.06 89.54 15.73
C ARG D 83 -57.34 90.87 15.81
N PRO D 84 -56.59 91.13 16.89
CA PRO D 84 -55.75 92.32 16.92
C PRO D 84 -54.70 92.36 15.82
N GLY D 85 -53.90 91.31 15.69
CA GLY D 85 -52.91 91.20 14.63
C GLY D 85 -51.62 91.86 15.03
N LYS D 86 -50.52 91.12 15.04
CA LYS D 86 -49.29 91.72 15.56
C LYS D 86 -48.39 92.27 14.45
N LEU D 87 -47.83 91.38 13.61
CA LEU D 87 -47.17 91.79 12.39
C LEU D 87 -47.33 90.82 11.23
N SER D 88 -48.13 89.76 11.36
CA SER D 88 -48.31 88.83 10.25
C SER D 88 -49.27 89.35 9.20
N ASP D 89 -49.82 90.54 9.41
CA ASP D 89 -51.04 90.96 8.76
C ASP D 89 -50.72 91.38 7.33
N TYR D 90 -51.09 90.55 6.37
CA TYR D 90 -51.23 91.05 5.02
C TYR D 90 -52.39 92.03 4.99
N PHE D 91 -52.28 93.01 4.11
CA PHE D 91 -53.16 94.17 4.16
C PHE D 91 -54.61 93.80 3.83
N PRO D 92 -55.57 94.46 4.47
CA PRO D 92 -56.97 94.05 4.29
C PRO D 92 -57.54 94.40 2.93
N LYS D 93 -58.81 94.05 2.74
CA LYS D 93 -59.47 94.27 1.49
C LYS D 93 -60.78 95.01 1.77
N PRO D 94 -61.07 96.09 1.05
CA PRO D 94 -62.42 96.68 1.12
C PRO D 94 -63.52 95.74 0.68
N TYR D 95 -63.25 94.89 -0.30
CA TYR D 95 -64.21 93.88 -0.72
C TYR D 95 -63.51 92.54 -0.82
N PRO D 96 -63.81 91.59 0.05
CA PRO D 96 -63.37 90.21 -0.20
C PRO D 96 -64.00 89.63 -1.45
N ASN D 97 -65.26 89.95 -1.71
CA ASN D 97 -65.90 89.54 -2.94
C ASN D 97 -65.57 90.53 -4.04
N PRO D 98 -64.98 90.11 -5.15
CA PRO D 98 -64.78 91.03 -6.28
C PRO D 98 -66.07 91.46 -6.93
N GLU D 99 -67.15 90.68 -6.80
CA GLU D 99 -68.43 91.12 -7.32
C GLU D 99 -69.03 92.21 -6.46
N ALA D 100 -68.71 92.20 -5.16
CA ALA D 100 -69.05 93.32 -4.30
C ALA D 100 -68.21 94.55 -4.60
N ALA D 101 -67.09 94.39 -5.31
CA ALA D 101 -66.40 95.54 -5.87
C ALA D 101 -66.96 95.92 -7.23
N ARG D 102 -67.56 94.97 -7.95
CA ARG D 102 -68.23 95.28 -9.21
C ARG D 102 -69.43 96.19 -8.97
N ALA D 103 -70.39 95.71 -8.17
CA ALA D 103 -71.71 96.33 -8.13
C ALA D 103 -71.71 97.67 -7.40
N ALA D 104 -70.78 97.88 -6.47
CA ALA D 104 -70.66 99.15 -5.76
C ALA D 104 -69.96 100.21 -6.58
N ASN D 105 -69.57 99.90 -7.81
CA ASN D 105 -69.09 100.88 -8.78
C ASN D 105 -69.79 100.59 -10.10
N ASN D 106 -69.35 101.24 -11.17
CA ASN D 106 -69.85 100.90 -12.51
C ASN D 106 -68.88 99.91 -13.17
N GLY D 107 -68.73 98.76 -12.51
CA GLY D 107 -67.70 97.83 -12.89
C GLY D 107 -66.34 98.43 -12.61
N ALA D 108 -65.38 98.07 -13.47
CA ALA D 108 -64.01 98.61 -13.48
C ALA D 108 -63.34 98.39 -12.13
N LEU D 109 -63.10 97.10 -11.86
CA LEU D 109 -62.53 96.62 -10.60
C LEU D 109 -61.24 97.33 -10.27
N PRO D 110 -61.18 98.07 -9.18
CA PRO D 110 -59.97 98.80 -8.82
C PRO D 110 -58.87 97.82 -8.42
N PRO D 111 -57.77 97.79 -9.17
CA PRO D 111 -56.80 96.71 -9.00
C PRO D 111 -55.99 96.84 -7.72
N ASP D 112 -55.06 95.92 -7.49
CA ASP D 112 -54.21 96.02 -6.33
C ASP D 112 -53.11 97.06 -6.56
N LEU D 113 -52.91 97.92 -5.58
CA LEU D 113 -51.93 98.99 -5.64
C LEU D 113 -50.54 98.54 -5.27
N SER D 114 -50.27 97.24 -5.30
CA SER D 114 -48.89 96.80 -5.14
C SER D 114 -48.09 97.13 -6.38
N TYR D 115 -48.60 96.77 -7.56
CA TYR D 115 -47.80 96.70 -8.78
C TYR D 115 -48.34 97.61 -9.88
N ILE D 116 -48.91 98.75 -9.51
CA ILE D 116 -49.48 99.65 -10.51
C ILE D 116 -48.39 100.37 -11.29
N VAL D 117 -47.32 100.77 -10.59
CA VAL D 117 -46.16 101.41 -11.22
C VAL D 117 -45.57 100.51 -12.28
N ARG D 118 -45.48 99.22 -11.99
CA ARG D 118 -44.98 98.25 -12.93
C ARG D 118 -46.08 97.63 -13.76
N ALA D 119 -47.30 98.16 -13.70
CA ALA D 119 -48.40 97.59 -14.44
C ALA D 119 -48.86 98.41 -15.63
N ARG D 120 -48.30 99.60 -15.86
CA ARG D 120 -48.78 100.49 -16.91
C ARG D 120 -47.63 100.99 -17.76
N HIS D 121 -47.99 101.54 -18.92
CA HIS D 121 -47.04 102.17 -19.82
C HIS D 121 -46.38 103.37 -19.15
N GLY D 122 -45.08 103.30 -18.93
CA GLY D 122 -44.39 104.31 -18.17
C GLY D 122 -44.50 104.06 -16.68
N GLY D 123 -43.69 104.79 -15.92
CA GLY D 123 -43.64 104.57 -14.50
C GLY D 123 -44.73 105.28 -13.71
N GLU D 124 -44.35 105.81 -12.54
CA GLU D 124 -45.24 106.54 -11.66
C GLU D 124 -45.66 107.88 -12.22
N ASP D 125 -44.99 108.33 -13.27
CA ASP D 125 -45.36 109.57 -13.96
C ASP D 125 -46.74 109.47 -14.56
N TYR D 126 -47.12 108.27 -15.02
CA TYR D 126 -48.50 108.00 -15.40
C TYR D 126 -49.46 108.21 -14.26
N VAL D 127 -49.06 107.81 -13.04
CA VAL D 127 -49.95 107.95 -11.89
C VAL D 127 -50.10 109.40 -11.50
N PHE D 128 -49.01 110.17 -11.59
CA PHE D 128 -49.10 111.59 -11.32
C PHE D 128 -49.98 112.31 -12.33
N SER D 129 -49.79 112.05 -13.62
CA SER D 129 -50.63 112.68 -14.64
C SER D 129 -52.08 112.23 -14.54
N LEU D 130 -52.32 110.98 -14.13
CA LEU D 130 -53.67 110.50 -13.90
C LEU D 130 -54.35 111.28 -12.79
N LEU D 131 -53.68 111.39 -11.64
CA LEU D 131 -54.29 112.05 -10.50
C LEU D 131 -54.38 113.56 -10.72
N THR D 132 -53.47 114.11 -11.51
CA THR D 132 -53.41 115.55 -11.65
C THR D 132 -54.37 116.05 -12.73
N GLY D 133 -54.28 115.51 -13.93
CA GLY D 133 -54.89 116.14 -15.09
C GLY D 133 -56.40 116.09 -15.16
N TYR D 134 -57.06 116.75 -14.23
CA TYR D 134 -58.51 116.86 -14.21
C TYR D 134 -58.96 118.26 -14.58
N CYS D 135 -59.96 118.33 -15.44
CA CYS D 135 -60.58 119.58 -15.87
C CYS D 135 -61.97 119.26 -16.40
N GLU D 136 -62.54 120.17 -17.17
CA GLU D 136 -63.87 120.00 -17.76
C GLU D 136 -63.78 119.59 -19.23
N PRO D 137 -64.67 118.73 -19.70
CA PRO D 137 -64.54 118.17 -21.05
C PRO D 137 -64.93 119.16 -22.12
N PRO D 138 -64.30 119.08 -23.31
CA PRO D 138 -64.80 119.83 -24.47
C PRO D 138 -66.18 119.40 -24.90
N ARG D 139 -66.35 118.14 -25.27
CA ARG D 139 -67.65 117.63 -25.71
C ARG D 139 -67.89 116.21 -25.23
N VAL D 140 -67.35 115.83 -24.07
CA VAL D 140 -67.43 114.46 -23.59
C VAL D 140 -68.53 114.37 -22.53
N SER D 141 -69.53 113.55 -22.79
CA SER D 141 -70.65 113.36 -21.86
C SER D 141 -71.25 112.00 -22.17
N LEU D 142 -71.08 111.02 -21.29
CA LEU D 142 -71.19 109.62 -21.72
C LEU D 142 -72.35 108.86 -21.09
N ARG D 143 -72.38 108.66 -19.77
CA ARG D 143 -73.56 108.01 -19.18
C ARG D 143 -73.92 108.45 -17.77
N GLU D 144 -73.23 109.43 -17.18
CA GLU D 144 -73.24 109.71 -15.74
C GLU D 144 -73.01 108.41 -14.95
N GLY D 145 -71.93 107.73 -15.31
CA GLY D 145 -71.47 106.59 -14.54
C GLY D 145 -69.98 106.71 -14.39
N LEU D 146 -69.40 107.64 -15.13
CA LEU D 146 -67.96 107.82 -15.18
C LEU D 146 -67.64 109.31 -15.12
N TYR D 147 -66.35 109.61 -15.03
CA TYR D 147 -65.84 110.95 -14.90
C TYR D 147 -64.88 111.26 -16.03
N PHE D 148 -64.67 112.55 -16.27
CA PHE D 148 -63.74 113.01 -17.28
C PHE D 148 -62.32 113.00 -16.76
N ASN D 149 -61.44 112.23 -17.41
CA ASN D 149 -60.00 112.31 -17.17
C ASN D 149 -59.26 111.82 -18.40
N PRO D 150 -58.48 112.68 -19.05
CA PRO D 150 -57.89 112.30 -20.35
C PRO D 150 -56.76 111.28 -20.26
N TYR D 151 -56.15 111.10 -19.10
CA TYR D 151 -54.98 110.25 -18.96
C TYR D 151 -55.39 108.80 -18.69
N PHE D 152 -56.22 108.28 -19.57
CA PHE D 152 -56.85 107.04 -19.34
C PHE D 152 -57.02 106.53 -20.76
N PRO D 153 -56.66 105.31 -21.04
CA PRO D 153 -56.94 104.78 -22.37
C PRO D 153 -58.44 104.60 -22.55
N GLY D 154 -59.03 105.48 -23.34
CA GLY D 154 -60.47 105.64 -23.45
C GLY D 154 -61.00 106.89 -22.81
N GLN D 155 -60.27 107.42 -21.82
CA GLN D 155 -60.49 108.73 -21.19
C GLN D 155 -61.83 108.82 -20.47
N ALA D 156 -62.13 107.81 -19.66
CA ALA D 156 -63.36 107.82 -18.86
C ALA D 156 -63.09 107.02 -17.58
N ILE D 157 -62.66 107.73 -16.55
CA ILE D 157 -62.27 107.09 -15.29
C ILE D 157 -63.49 106.90 -14.41
N GLY D 158 -63.42 105.93 -13.50
CA GLY D 158 -64.48 105.72 -12.54
C GLY D 158 -64.11 106.14 -11.15
N MET D 159 -63.47 107.31 -11.01
CA MET D 159 -62.91 107.70 -9.73
C MET D 159 -62.78 109.22 -9.68
N ALA D 160 -63.42 109.84 -8.70
CA ALA D 160 -63.11 111.22 -8.39
C ALA D 160 -61.75 111.30 -7.72
N PRO D 161 -60.93 112.29 -8.04
CA PRO D 161 -59.61 112.41 -7.40
C PRO D 161 -59.73 112.83 -5.95
N PRO D 162 -59.43 111.94 -5.01
CA PRO D 162 -59.76 112.18 -3.60
C PRO D 162 -58.67 112.99 -2.89
N ILE D 163 -58.30 114.13 -3.48
CA ILE D 163 -57.18 114.93 -3.01
C ILE D 163 -57.61 116.35 -2.63
N TYR D 164 -58.10 117.14 -3.59
CA TYR D 164 -58.91 118.36 -3.49
C TYR D 164 -58.67 119.27 -2.28
N ASN D 165 -57.49 119.89 -2.22
CA ASN D 165 -57.16 120.97 -1.28
C ASN D 165 -57.20 120.51 0.18
N GLU D 166 -56.20 119.69 0.52
CA GLU D 166 -55.81 119.36 1.90
C GLU D 166 -56.91 118.65 2.66
N VAL D 167 -57.30 117.49 2.15
CA VAL D 167 -58.32 116.72 2.85
C VAL D 167 -57.77 115.99 4.07
N LEU D 168 -56.46 115.94 4.23
CA LEU D 168 -55.88 115.15 5.32
C LEU D 168 -55.22 116.02 6.37
N GLU D 169 -54.30 116.91 5.97
CA GLU D 169 -53.37 117.67 6.80
C GLU D 169 -52.76 116.79 7.89
N PHE D 170 -51.92 115.86 7.47
CA PHE D 170 -51.36 114.84 8.32
C PHE D 170 -50.26 115.43 9.22
N ASP D 171 -49.46 114.53 9.82
CA ASP D 171 -48.75 114.74 11.09
C ASP D 171 -47.90 116.01 11.10
N ASP D 172 -46.88 116.04 10.27
CA ASP D 172 -45.92 117.14 10.25
C ASP D 172 -46.46 118.36 9.51
N GLY D 173 -45.56 119.33 9.22
CA GLY D 173 -45.95 120.67 8.76
C GLY D 173 -46.74 120.71 7.48
N THR D 174 -46.09 120.35 6.35
CA THR D 174 -46.63 119.71 5.15
C THR D 174 -48.03 120.12 4.72
N PRO D 175 -48.19 121.31 4.15
CA PRO D 175 -49.49 121.68 3.56
C PRO D 175 -49.87 120.69 2.46
N ALA D 176 -50.98 119.99 2.67
CA ALA D 176 -51.35 118.86 1.83
C ALA D 176 -51.87 119.33 0.47
N THR D 177 -51.00 119.96 -0.29
CA THR D 177 -51.36 120.39 -1.62
C THR D 177 -51.41 119.17 -2.54
N MET D 178 -52.02 119.37 -3.72
CA MET D 178 -52.24 118.28 -4.67
C MET D 178 -50.93 117.64 -5.11
N SER D 179 -49.90 118.47 -5.30
CA SER D 179 -48.60 117.96 -5.72
C SER D 179 -47.88 117.26 -4.58
N GLN D 180 -48.02 117.75 -3.35
CA GLN D 180 -47.36 117.10 -2.21
C GLN D 180 -47.95 115.73 -1.93
N VAL D 181 -49.29 115.64 -1.90
CA VAL D 181 -49.92 114.35 -1.66
C VAL D 181 -49.73 113.42 -2.86
N ALA D 182 -49.64 113.97 -4.08
CA ALA D 182 -49.41 113.10 -5.24
C ALA D 182 -47.98 112.58 -5.25
N LYS D 183 -47.01 113.41 -4.86
CA LYS D 183 -45.64 112.97 -4.72
C LYS D 183 -45.50 111.89 -3.66
N ASP D 184 -46.20 112.06 -2.53
CA ASP D 184 -46.18 111.05 -1.47
C ASP D 184 -46.78 109.73 -1.94
N VAL D 185 -47.89 109.79 -2.68
CA VAL D 185 -48.53 108.53 -3.03
C VAL D 185 -47.83 107.85 -4.21
N CYS D 186 -47.15 108.59 -5.09
CA CYS D 186 -46.36 107.91 -6.11
C CYS D 186 -45.07 107.35 -5.54
N THR D 187 -44.51 108.01 -4.53
CA THR D 187 -43.47 107.40 -3.70
C THR D 187 -43.95 106.08 -3.10
N PHE D 188 -45.16 106.08 -2.55
CA PHE D 188 -45.69 104.89 -1.91
C PHE D 188 -45.91 103.75 -2.90
N LEU D 189 -46.42 104.07 -4.09
CA LEU D 189 -46.64 103.03 -5.08
C LEU D 189 -45.34 102.52 -5.69
N ARG D 190 -44.32 103.38 -5.84
CA ARG D 190 -43.03 102.91 -6.35
C ARG D 190 -42.34 102.02 -5.34
N TRP D 191 -42.44 102.37 -4.05
CA TRP D 191 -41.90 101.46 -3.04
C TRP D 191 -42.71 100.18 -2.96
N ALA D 192 -44.02 100.26 -3.18
CA ALA D 192 -44.85 99.06 -3.17
C ALA D 192 -44.52 98.16 -4.35
N ALA D 193 -44.11 98.74 -5.46
CA ALA D 193 -43.67 97.96 -6.60
C ALA D 193 -42.32 97.31 -6.32
N GLU D 194 -41.28 98.13 -6.17
CA GLU D 194 -39.96 97.58 -5.91
C GLU D 194 -39.57 97.82 -4.47
N PRO D 195 -39.41 96.78 -3.67
CA PRO D 195 -38.97 97.00 -2.28
C PRO D 195 -37.50 97.38 -2.17
N GLU D 196 -36.63 96.76 -2.95
CA GLU D 196 -35.19 96.85 -2.68
C GLU D 196 -34.49 97.82 -3.59
N HIS D 197 -35.13 98.96 -3.88
CA HIS D 197 -34.61 99.89 -4.87
C HIS D 197 -33.29 100.51 -4.42
N ASP D 198 -33.21 100.95 -3.16
CA ASP D 198 -31.97 101.54 -2.70
C ASP D 198 -30.90 100.48 -2.48
N HIS D 199 -31.31 99.26 -2.12
CA HIS D 199 -30.33 98.18 -2.07
C HIS D 199 -29.85 97.81 -3.47
N ARG D 200 -30.73 97.96 -4.47
CA ARG D 200 -30.31 97.73 -5.85
C ARG D 200 -29.29 98.77 -6.27
N LYS D 201 -29.49 100.02 -5.86
CA LYS D 201 -28.49 101.06 -6.13
C LYS D 201 -27.19 100.76 -5.41
N ARG D 202 -27.27 100.21 -4.20
CA ARG D 202 -26.07 99.92 -3.42
C ARG D 202 -25.24 98.84 -4.10
N MET D 203 -25.89 97.78 -4.55
CA MET D 203 -25.15 96.73 -5.25
C MET D 203 -24.69 97.19 -6.62
N GLY D 204 -25.42 98.09 -7.26
CA GLY D 204 -24.96 98.63 -8.53
C GLY D 204 -23.71 99.48 -8.37
N LEU D 205 -23.63 100.23 -7.29
CA LEU D 205 -22.43 101.01 -7.02
C LEU D 205 -21.25 100.11 -6.69
N LYS D 206 -21.47 99.09 -5.86
CA LYS D 206 -20.45 98.07 -5.61
C LYS D 206 -19.94 97.46 -6.90
N MET D 207 -20.84 97.18 -7.83
CA MET D 207 -20.43 96.54 -9.05
C MET D 207 -19.74 97.49 -10.02
N LEU D 208 -20.10 98.77 -10.04
CA LEU D 208 -19.32 99.69 -10.86
C LEU D 208 -17.90 99.84 -10.33
N LEU D 209 -17.72 99.80 -9.01
CA LEU D 209 -16.36 99.73 -8.50
C LEU D 209 -15.68 98.42 -8.87
N MET D 210 -16.43 97.32 -8.89
CA MET D 210 -15.89 96.03 -9.29
C MET D 210 -15.45 96.01 -10.76
N MET D 211 -16.24 96.60 -11.63
CA MET D 211 -15.93 96.57 -13.05
C MET D 211 -14.83 97.55 -13.39
N GLY D 212 -14.69 98.62 -12.60
CA GLY D 212 -13.49 99.41 -12.68
C GLY D 212 -12.27 98.65 -12.21
N LEU D 213 -12.44 97.73 -11.27
CA LEU D 213 -11.30 96.97 -10.79
C LEU D 213 -10.89 95.86 -11.77
N LEU D 214 -11.84 95.11 -12.31
CA LEU D 214 -11.51 93.87 -13.02
C LEU D 214 -11.08 94.11 -14.46
N LEU D 215 -11.83 94.95 -15.17
CA LEU D 215 -11.66 95.06 -16.62
C LEU D 215 -10.31 95.60 -17.09
N PRO D 216 -9.58 96.46 -16.37
CA PRO D 216 -8.18 96.66 -16.76
C PRO D 216 -7.31 95.43 -16.51
N LEU D 217 -7.64 94.62 -15.51
CA LEU D 217 -6.72 93.55 -15.14
C LEU D 217 -6.92 92.27 -15.94
N VAL D 218 -8.17 91.93 -16.26
CA VAL D 218 -8.43 90.76 -17.09
C VAL D 218 -7.96 91.01 -18.52
N TYR D 219 -8.25 92.21 -19.03
CA TYR D 219 -7.69 92.66 -20.31
C TYR D 219 -6.18 92.69 -20.26
N ALA D 220 -5.61 93.01 -19.10
CA ALA D 220 -4.15 92.99 -18.96
C ALA D 220 -3.62 91.57 -19.08
N MET D 221 -4.27 90.61 -18.44
CA MET D 221 -3.85 89.23 -18.56
C MET D 221 -4.01 88.71 -19.97
N LYS D 222 -5.09 89.12 -20.63
CA LYS D 222 -5.32 88.72 -22.02
C LYS D 222 -4.25 89.31 -22.93
N ARG D 223 -3.88 90.56 -22.72
CA ARG D 223 -2.90 91.16 -23.59
C ARG D 223 -1.52 90.60 -23.31
N HIS D 224 -1.23 90.28 -22.05
CA HIS D 224 0.04 89.68 -21.72
C HIS D 224 0.15 88.24 -22.23
N LYS D 225 -0.97 87.52 -22.33
CA LYS D 225 -0.86 86.18 -22.87
C LYS D 225 -0.84 86.20 -24.39
N TRP D 226 -1.72 86.95 -25.03
CA TRP D 226 -1.77 87.01 -26.47
C TRP D 226 -0.63 87.80 -27.09
N SER D 227 0.19 88.47 -26.31
CA SER D 227 1.24 89.25 -26.94
C SER D 227 2.41 88.38 -27.41
N VAL D 228 2.37 87.08 -27.22
CA VAL D 228 3.40 86.21 -27.78
C VAL D 228 3.20 86.08 -29.28
N LEU D 229 1.98 85.74 -29.69
CA LEU D 229 1.70 85.58 -31.10
C LEU D 229 1.71 86.92 -31.82
N LYS D 230 1.44 88.00 -31.10
CA LYS D 230 1.57 89.34 -31.65
C LYS D 230 3.02 89.74 -31.89
N SER D 231 3.99 88.96 -31.44
CA SER D 231 5.37 89.37 -31.65
C SER D 231 6.26 88.18 -32.02
N ARG D 232 5.78 87.29 -32.87
CA ARG D 232 6.62 86.31 -33.54
C ARG D 232 6.71 86.69 -35.00
N LYS D 233 7.86 86.40 -35.60
CA LYS D 233 8.09 86.81 -36.98
C LYS D 233 8.46 85.63 -37.87
N LEU D 234 8.13 85.77 -39.15
CA LEU D 234 8.21 84.68 -40.11
C LEU D 234 9.38 84.87 -41.06
N ALA D 235 9.91 83.75 -41.54
CA ALA D 235 11.05 83.79 -42.45
C ALA D 235 10.99 82.57 -43.34
N TYR D 236 10.98 82.80 -44.65
CA TYR D 236 10.88 81.74 -45.65
C TYR D 236 12.26 81.46 -46.19
N ARG D 237 12.69 80.21 -46.11
CA ARG D 237 14.06 79.86 -46.49
C ARG D 237 14.07 78.78 -47.57
N PRO D 238 13.91 79.15 -48.83
CA PRO D 238 13.77 78.14 -49.89
C PRO D 238 15.05 77.40 -50.23
N PRO D 239 16.26 77.92 -49.87
CA PRO D 239 17.25 76.85 -49.92
C PRO D 239 17.24 75.98 -48.67
N SER E 1 23.69 77.58 -44.81
CA SER E 1 22.26 77.74 -44.51
C SER E 1 22.04 78.34 -43.15
N HIS E 2 22.47 77.62 -42.12
CA HIS E 2 22.15 78.03 -40.77
C HIS E 2 23.07 79.12 -40.25
N THR E 3 24.14 79.44 -40.94
CA THR E 3 24.96 80.56 -40.51
C THR E 3 24.45 81.90 -41.03
N ASP E 4 23.45 81.91 -41.91
CA ASP E 4 22.97 83.14 -42.50
C ASP E 4 21.84 83.78 -41.69
N ILE E 5 21.75 83.50 -40.40
CA ILE E 5 20.52 83.77 -39.65
C ILE E 5 20.78 84.77 -38.54
N LYS E 6 20.14 85.93 -38.63
CA LYS E 6 20.11 86.93 -37.57
C LYS E 6 18.65 87.19 -37.22
N VAL E 7 18.33 87.20 -35.93
CA VAL E 7 16.95 87.40 -35.48
C VAL E 7 16.54 88.84 -35.76
N PRO E 8 15.41 89.07 -36.42
CA PRO E 8 14.90 90.44 -36.54
C PRO E 8 14.52 90.97 -35.18
N ASP E 9 14.94 92.20 -34.91
CA ASP E 9 14.97 92.69 -33.55
C ASP E 9 13.60 93.26 -33.17
N PHE E 10 13.31 93.23 -31.86
CA PHE E 10 12.03 93.68 -31.32
C PHE E 10 12.17 94.99 -30.58
N SER E 11 13.05 95.87 -31.07
CA SER E 11 13.35 97.12 -30.40
C SER E 11 12.17 98.09 -30.40
N ASP E 12 11.23 97.91 -31.33
CA ASP E 12 9.98 98.66 -31.27
C ASP E 12 9.03 98.11 -30.21
N TYR E 13 9.35 96.96 -29.62
CA TYR E 13 8.44 96.26 -28.73
C TYR E 13 8.92 96.11 -27.31
N ARG E 14 10.23 96.10 -27.06
CA ARG E 14 10.76 95.58 -25.81
C ARG E 14 10.45 96.51 -24.63
N ARG E 15 10.79 96.01 -23.46
CA ARG E 15 10.69 96.71 -22.21
C ARG E 15 11.88 97.67 -22.04
N PRO E 16 11.69 98.78 -21.31
CA PRO E 16 12.77 99.77 -21.23
C PRO E 16 13.99 99.32 -20.44
N GLU E 17 13.84 98.39 -19.49
CA GLU E 17 14.97 98.00 -18.67
C GLU E 17 15.96 97.12 -19.42
N VAL E 18 15.49 96.31 -20.35
CA VAL E 18 16.31 95.25 -20.91
C VAL E 18 16.83 95.76 -22.26
N LEU E 19 16.86 97.08 -22.43
CA LEU E 19 17.27 97.64 -23.71
C LEU E 19 18.78 97.58 -23.90
N ASP E 20 19.56 97.98 -22.90
CA ASP E 20 21.00 97.94 -23.03
C ASP E 20 21.47 96.49 -22.97
N SER E 21 22.26 96.09 -23.97
CA SER E 21 22.83 94.75 -23.96
C SER E 21 23.92 94.61 -22.91
N THR E 22 24.48 95.73 -22.45
CA THR E 22 25.40 95.69 -21.33
C THR E 22 24.68 95.39 -20.02
N LYS E 23 23.46 95.90 -19.87
CA LYS E 23 22.74 95.77 -18.61
C LYS E 23 22.17 94.36 -18.48
N SER E 24 22.66 93.62 -17.49
CA SER E 24 22.38 92.19 -17.39
C SER E 24 20.97 91.94 -16.90
N SER E 25 20.48 90.73 -17.16
CA SER E 25 19.13 90.36 -16.80
C SER E 25 18.98 89.96 -15.34
N LYS E 26 20.08 89.88 -14.60
CA LYS E 26 20.01 89.56 -13.17
C LYS E 26 19.95 90.83 -12.32
N GLU E 27 19.52 91.93 -12.89
CA GLU E 27 19.49 93.19 -12.17
C GLU E 27 18.08 93.73 -11.99
N SER E 28 17.18 93.50 -12.95
CA SER E 28 15.87 94.14 -12.91
C SER E 28 14.73 93.20 -13.29
N SER E 29 14.98 91.89 -13.38
CA SER E 29 13.95 90.96 -13.83
C SER E 29 12.89 90.72 -12.76
N GLU E 30 13.28 90.88 -11.50
CA GLU E 30 12.43 90.47 -10.39
C GLU E 30 11.21 91.36 -10.25
N ALA E 31 11.39 92.67 -10.47
CA ALA E 31 10.25 93.58 -10.36
C ALA E 31 9.27 93.40 -11.50
N ARG E 32 9.75 93.01 -12.69
CA ARG E 32 8.84 92.75 -13.79
C ARG E 32 8.02 91.50 -13.54
N LYS E 33 8.68 90.46 -13.02
CA LYS E 33 7.97 89.24 -12.66
C LYS E 33 6.97 89.48 -11.54
N GLY E 34 7.38 90.26 -10.53
CA GLY E 34 6.47 90.62 -9.46
C GLY E 34 5.33 91.50 -9.92
N PHE E 35 5.56 92.33 -10.94
CA PHE E 35 4.52 93.18 -11.50
C PHE E 35 3.47 92.34 -12.23
N SER E 36 3.92 91.41 -13.07
CA SER E 36 2.99 90.58 -13.82
C SER E 36 2.20 89.65 -12.90
N TYR E 37 2.89 89.02 -11.94
CA TYR E 37 2.20 88.19 -10.98
C TYR E 37 1.36 89.01 -10.01
N LEU E 38 1.69 90.28 -9.82
CA LEU E 38 0.86 91.20 -9.04
C LEU E 38 -0.46 91.48 -9.72
N ILE E 39 -0.41 91.67 -11.05
CA ILE E 39 -1.62 91.84 -11.84
C ILE E 39 -2.53 90.61 -11.72
N THR E 40 -1.92 89.42 -11.87
CA THR E 40 -2.71 88.20 -11.76
C THR E 40 -3.27 88.00 -10.35
N ALA E 41 -2.51 88.40 -9.34
CA ALA E 41 -2.97 88.27 -7.95
C ALA E 41 -4.16 89.18 -7.67
N THR E 42 -4.10 90.42 -8.17
CA THR E 42 -5.19 91.36 -7.93
C THR E 42 -6.46 90.89 -8.65
N THR E 43 -6.28 90.33 -9.85
CA THR E 43 -7.37 89.69 -10.58
C THR E 43 -8.03 88.59 -9.76
N THR E 44 -7.21 87.67 -9.25
CA THR E 44 -7.72 86.50 -8.53
C THR E 44 -8.43 86.90 -7.25
N VAL E 45 -7.88 87.87 -6.53
CA VAL E 45 -8.47 88.32 -5.27
C VAL E 45 -9.81 89.00 -5.50
N GLY E 46 -9.90 89.88 -6.51
CA GLY E 46 -11.17 90.55 -6.78
C GLY E 46 -12.25 89.59 -7.24
N VAL E 47 -11.89 88.64 -8.12
CA VAL E 47 -12.87 87.66 -8.58
C VAL E 47 -13.28 86.73 -7.45
N ALA E 48 -12.37 86.41 -6.53
CA ALA E 48 -12.72 85.53 -5.40
C ALA E 48 -13.64 86.24 -4.41
N TYR E 49 -13.43 87.54 -4.20
CA TYR E 49 -14.31 88.29 -3.30
C TYR E 49 -15.72 88.42 -3.89
N ALA E 50 -15.81 88.78 -5.18
CA ALA E 50 -17.12 88.85 -5.83
C ALA E 50 -17.78 87.47 -5.90
N ALA E 51 -16.96 86.42 -6.05
CA ALA E 51 -17.48 85.06 -6.05
C ALA E 51 -18.08 84.69 -4.71
N LYS E 52 -17.41 85.04 -3.61
CA LYS E 52 -18.00 84.69 -2.32
C LYS E 52 -19.17 85.60 -1.96
N ASN E 53 -19.26 86.79 -2.54
CA ASN E 53 -20.52 87.55 -2.43
C ASN E 53 -21.66 86.82 -3.12
N VAL E 54 -21.43 86.29 -4.32
CA VAL E 54 -22.47 85.54 -5.01
C VAL E 54 -22.78 84.22 -4.30
N VAL E 55 -21.76 83.59 -3.71
CA VAL E 55 -21.93 82.37 -2.93
C VAL E 55 -22.79 82.64 -1.72
N SER E 56 -22.55 83.77 -1.04
CA SER E 56 -23.38 84.13 0.10
C SER E 56 -24.79 84.50 -0.32
N GLN E 57 -24.95 85.08 -1.52
CA GLN E 57 -26.29 85.31 -2.05
C GLN E 57 -27.06 84.01 -2.24
N PHE E 58 -26.39 82.99 -2.76
CA PHE E 58 -27.08 81.73 -2.99
C PHE E 58 -27.36 80.97 -1.70
N VAL E 59 -26.41 81.01 -0.76
CA VAL E 59 -26.59 80.35 0.53
C VAL E 59 -27.72 81.02 1.31
N SER E 60 -27.76 82.35 1.32
CA SER E 60 -28.84 83.03 2.01
C SER E 60 -30.15 82.94 1.27
N SER E 61 -30.14 82.72 -0.04
CA SER E 61 -31.38 82.44 -0.75
C SER E 61 -31.93 81.08 -0.35
N MET E 62 -31.05 80.14 -0.06
CA MET E 62 -31.48 78.83 0.39
C MET E 62 -31.62 78.71 1.90
N SER E 63 -31.53 79.83 2.63
CA SER E 63 -31.42 79.73 4.09
C SER E 63 -32.77 79.57 4.75
N ALA E 64 -33.63 80.58 4.64
CA ALA E 64 -34.96 80.54 5.22
C ALA E 64 -35.83 81.58 4.50
N SER E 65 -37.09 81.63 4.89
CA SER E 65 -38.07 82.52 4.27
C SER E 65 -38.55 83.56 5.26
N ALA E 66 -38.55 84.83 4.84
CA ALA E 66 -38.78 85.95 5.75
C ALA E 66 -40.21 86.04 6.26
N ASP E 67 -41.19 85.49 5.56
CA ASP E 67 -42.52 85.39 6.14
C ASP E 67 -42.62 84.22 7.12
N VAL E 68 -41.82 83.18 6.93
CA VAL E 68 -41.74 82.12 7.91
C VAL E 68 -40.96 82.59 9.14
N LEU E 69 -40.13 83.63 8.99
CA LEU E 69 -39.54 84.31 10.14
C LEU E 69 -40.56 85.02 11.01
N ALA E 70 -41.77 85.28 10.50
CA ALA E 70 -42.85 85.79 11.34
C ALA E 70 -43.38 84.65 12.19
N MET E 71 -42.72 84.43 13.32
CA MET E 71 -43.24 83.57 14.38
C MET E 71 -44.19 84.39 15.24
N SER E 72 -44.60 83.87 16.39
CA SER E 72 -45.53 84.60 17.26
C SER E 72 -45.35 84.15 18.70
N LYS E 73 -46.19 84.71 19.57
CA LYS E 73 -46.39 84.23 20.92
C LYS E 73 -47.74 83.53 20.98
N ILE E 74 -47.94 82.72 22.01
CA ILE E 74 -49.20 81.98 22.11
C ILE E 74 -49.83 82.26 23.47
N GLU E 75 -51.15 82.15 23.53
CA GLU E 75 -51.94 82.43 24.73
C GLU E 75 -52.92 81.28 24.95
N ILE E 76 -52.70 80.52 26.02
CA ILE E 76 -53.35 79.22 26.23
C ILE E 76 -54.23 79.29 27.47
N LYS E 77 -55.47 78.82 27.34
CA LYS E 77 -56.45 78.75 28.42
C LYS E 77 -56.38 77.40 29.12
N LEU E 78 -56.51 77.42 30.46
CA LEU E 78 -56.21 76.25 31.26
C LEU E 78 -57.40 75.65 32.01
N SER E 79 -58.63 76.11 31.80
CA SER E 79 -59.74 75.54 32.57
C SER E 79 -60.40 74.35 31.89
N ASP E 80 -60.20 74.16 30.59
CA ASP E 80 -60.74 73.01 29.87
C ASP E 80 -59.87 71.77 29.99
N ILE E 81 -58.94 71.74 30.93
CA ILE E 81 -57.94 70.69 31.01
C ILE E 81 -58.06 69.99 32.36
N PRO E 82 -58.81 68.88 32.44
CA PRO E 82 -58.83 68.08 33.68
C PRO E 82 -57.55 67.28 33.90
N GLU E 83 -57.61 66.42 34.91
CA GLU E 83 -56.43 65.76 35.45
C GLU E 83 -55.88 64.73 34.47
N GLY E 84 -54.56 64.73 34.30
CA GLY E 84 -53.88 63.81 33.40
C GLY E 84 -54.03 64.11 31.93
N LYS E 85 -54.52 65.29 31.58
CA LYS E 85 -54.83 65.64 30.20
C LYS E 85 -53.73 66.53 29.65
N ASN E 86 -53.16 66.13 28.52
CA ASN E 86 -52.09 66.87 27.86
C ASN E 86 -52.64 67.35 26.52
N MET E 87 -52.89 68.65 26.42
CA MET E 87 -53.43 69.23 25.20
C MET E 87 -52.27 69.78 24.37
N ALA E 88 -52.24 69.45 23.08
CA ALA E 88 -51.13 69.78 22.20
C ALA E 88 -51.54 70.91 21.27
N PHE E 89 -51.12 72.14 21.60
CA PHE E 89 -51.36 73.31 20.77
C PHE E 89 -50.14 73.57 19.91
N LYS E 90 -50.36 73.67 18.61
CA LYS E 90 -49.27 73.91 17.67
C LYS E 90 -48.77 75.34 17.82
N TRP E 91 -47.45 75.48 17.83
CA TRP E 91 -46.78 76.78 17.84
C TRP E 91 -45.34 76.59 17.40
N ARG E 92 -44.85 77.55 16.60
CA ARG E 92 -43.51 77.55 15.99
C ARG E 92 -43.27 76.35 15.09
N GLY E 93 -44.33 75.69 14.62
CA GLY E 93 -44.15 74.45 13.92
C GLY E 93 -43.77 73.27 14.79
N LYS E 94 -43.96 73.39 16.10
CA LYS E 94 -43.65 72.33 17.05
C LYS E 94 -44.84 72.08 17.95
N PRO E 95 -44.95 70.89 18.52
CA PRO E 95 -46.02 70.63 19.49
C PRO E 95 -45.76 71.38 20.79
N LEU E 96 -46.80 72.03 21.31
CA LEU E 96 -46.81 72.62 22.64
C LEU E 96 -47.69 71.75 23.52
N PHE E 97 -47.07 70.89 24.31
CA PHE E 97 -47.80 70.10 25.28
C PHE E 97 -48.09 70.95 26.50
N VAL E 98 -49.37 71.08 26.87
CA VAL E 98 -49.77 71.67 28.13
C VAL E 98 -50.56 70.61 28.88
N ARG E 99 -50.00 70.10 29.98
CA ARG E 99 -50.54 68.93 30.66
C ARG E 99 -50.89 69.24 32.10
N HIS E 100 -52.12 68.93 32.48
CA HIS E 100 -52.50 68.78 33.88
C HIS E 100 -52.32 67.31 34.25
N ARG E 101 -51.26 67.01 34.99
CA ARG E 101 -50.93 65.63 35.30
C ARG E 101 -51.81 65.10 36.43
N THR E 102 -51.60 63.82 36.76
CA THR E 102 -52.26 63.21 37.91
C THR E 102 -51.32 63.18 39.11
N LYS E 103 -51.91 63.00 40.29
CA LYS E 103 -51.13 62.93 41.52
C LYS E 103 -50.49 61.55 41.72
N LYS E 104 -51.09 60.49 41.16
CA LYS E 104 -50.47 59.16 41.19
C LYS E 104 -49.20 59.15 40.34
N GLU E 105 -49.22 59.85 39.21
CA GLU E 105 -47.98 60.04 38.48
C GLU E 105 -47.04 61.01 39.19
N ILE E 106 -47.55 61.88 40.06
CA ILE E 106 -46.65 62.68 40.90
C ILE E 106 -45.93 61.80 41.90
N ASP E 107 -46.60 60.74 42.39
CA ASP E 107 -45.89 59.71 43.16
C ASP E 107 -44.86 58.98 42.31
N GLN E 108 -45.24 58.64 41.06
CA GLN E 108 -44.32 57.93 40.18
C GLN E 108 -43.16 58.79 39.69
N GLU E 109 -43.28 60.13 39.72
CA GLU E 109 -42.16 61.01 39.44
C GLU E 109 -41.36 61.37 40.69
N ALA E 110 -42.01 61.41 41.85
CA ALA E 110 -41.28 61.66 43.09
C ALA E 110 -40.44 60.46 43.47
N ALA E 111 -40.82 59.26 43.04
CA ALA E 111 -39.99 58.07 43.20
C ALA E 111 -39.00 57.89 42.05
N VAL E 112 -38.68 58.95 41.31
CA VAL E 112 -37.60 58.94 40.32
C VAL E 112 -36.33 59.46 40.99
N GLU E 113 -35.26 58.67 40.94
CA GLU E 113 -34.07 58.97 41.73
C GLU E 113 -33.22 60.01 41.00
N VAL E 114 -32.43 60.74 41.79
CA VAL E 114 -31.61 61.85 41.28
C VAL E 114 -30.36 61.33 40.58
N SER E 115 -29.46 60.68 41.32
CA SER E 115 -28.09 60.46 40.84
C SER E 115 -27.91 59.15 40.09
N GLN E 116 -28.99 58.45 39.74
CA GLN E 116 -28.90 57.27 38.89
C GLN E 116 -29.27 57.58 37.45
N LEU E 117 -29.57 58.83 37.12
CA LEU E 117 -29.91 59.22 35.76
C LEU E 117 -28.71 59.82 35.04
N ARG E 118 -28.79 59.82 33.71
CA ARG E 118 -27.75 60.43 32.88
C ARG E 118 -27.75 61.94 32.97
N ASP E 119 -28.86 62.54 33.41
CA ASP E 119 -28.96 64.00 33.59
C ASP E 119 -30.05 64.25 34.61
N PRO E 120 -29.70 64.53 35.86
CA PRO E 120 -30.70 64.84 36.88
C PRO E 120 -31.22 66.26 36.75
N GLN E 121 -32.49 66.39 36.38
CA GLN E 121 -33.18 67.68 36.31
C GLN E 121 -34.43 67.49 37.16
N HIS E 122 -34.38 67.97 38.40
CA HIS E 122 -35.48 67.71 39.33
C HIS E 122 -36.71 68.50 38.90
N ASP E 123 -37.89 67.90 39.09
CA ASP E 123 -39.13 68.46 38.57
C ASP E 123 -39.45 69.79 39.24
N LEU E 124 -39.07 69.94 40.50
CA LEU E 124 -39.24 71.22 41.16
C LEU E 124 -38.28 72.27 40.61
N GLU E 125 -37.14 71.83 40.07
CA GLU E 125 -36.16 72.76 39.54
C GLU E 125 -36.46 73.20 38.10
N ARG E 126 -37.62 72.85 37.55
CA ARG E 126 -37.98 73.25 36.20
C ARG E 126 -39.33 73.95 36.10
N VAL E 127 -40.33 73.49 36.84
CA VAL E 127 -41.69 74.00 36.67
C VAL E 127 -42.14 74.72 37.93
N LYS E 128 -43.34 75.28 37.90
CA LYS E 128 -43.90 76.02 39.03
C LYS E 128 -44.86 75.21 39.88
N LYS E 129 -45.62 74.28 39.26
CA LYS E 129 -46.66 73.54 39.96
C LYS E 129 -46.41 72.04 39.87
N PRO E 130 -46.84 71.27 40.89
CA PRO E 130 -46.65 69.81 40.82
C PRO E 130 -47.52 69.12 39.79
N GLU E 131 -48.75 69.60 39.56
CA GLU E 131 -49.66 68.91 38.66
C GLU E 131 -49.85 69.61 37.31
N TRP E 132 -49.22 70.76 37.08
CA TRP E 132 -49.27 71.42 35.78
C TRP E 132 -47.87 71.51 35.19
N VAL E 133 -47.76 71.27 33.89
CA VAL E 133 -46.47 71.25 33.20
C VAL E 133 -46.67 71.70 31.75
N ILE E 134 -45.69 72.44 31.22
CA ILE E 134 -45.72 72.98 29.86
C ILE E 134 -44.39 72.64 29.19
N LEU E 135 -44.46 71.96 28.05
CA LEU E 135 -43.27 71.60 27.30
C LEU E 135 -43.44 71.91 25.82
N ILE E 136 -42.30 72.17 25.18
CA ILE E 136 -42.18 71.95 23.74
C ILE E 136 -42.26 70.45 23.53
N GLY E 137 -43.35 69.98 22.93
CA GLY E 137 -43.57 68.55 22.78
C GLY E 137 -42.68 67.88 21.75
N VAL E 138 -41.38 67.83 22.05
CA VAL E 138 -40.36 67.46 21.08
C VAL E 138 -39.32 66.61 21.81
N CYS E 139 -39.12 65.38 21.35
CA CYS E 139 -37.99 64.58 21.80
C CYS E 139 -36.71 65.11 21.20
N THR E 140 -35.75 65.51 22.05
CA THR E 140 -34.56 66.23 21.60
C THR E 140 -33.58 65.35 20.83
N HIS E 141 -33.83 64.04 20.72
CA HIS E 141 -33.11 63.23 19.74
C HIS E 141 -33.42 63.76 18.35
N LEU E 142 -34.66 63.61 17.89
CA LEU E 142 -34.98 63.88 16.50
C LEU E 142 -36.25 64.67 16.29
N GLY E 143 -37.02 64.99 17.32
CA GLY E 143 -38.20 65.81 17.14
C GLY E 143 -39.43 65.09 16.63
N CYS E 144 -39.78 63.98 17.26
CA CYS E 144 -41.03 63.30 16.97
C CYS E 144 -42.14 63.93 17.82
N VAL E 145 -43.30 63.27 17.89
CA VAL E 145 -44.25 63.58 18.94
C VAL E 145 -44.15 62.46 19.96
N PRO E 146 -43.52 62.69 21.11
CA PRO E 146 -43.67 61.75 22.22
C PRO E 146 -45.12 61.73 22.68
N ILE E 147 -45.78 60.61 22.42
CA ILE E 147 -47.22 60.52 22.60
C ILE E 147 -47.49 60.53 24.10
N ALA E 148 -48.17 61.58 24.57
CA ALA E 148 -48.69 61.56 25.93
C ALA E 148 -49.74 60.48 26.06
N ASN E 149 -49.81 59.88 27.25
CA ASN E 149 -50.52 58.63 27.51
C ASN E 149 -50.06 57.53 26.54
N ALA E 150 -48.80 57.17 26.72
CA ALA E 150 -48.18 56.03 26.07
C ALA E 150 -46.96 55.63 26.90
N GLY E 151 -46.59 54.36 26.83
CA GLY E 151 -45.33 53.91 27.38
C GLY E 151 -45.45 53.12 28.67
N ASP E 152 -44.28 52.85 29.26
CA ASP E 152 -44.16 51.96 30.40
C ASP E 152 -43.74 52.64 31.69
N PHE E 153 -43.12 53.82 31.63
CA PHE E 153 -42.73 54.56 32.82
C PHE E 153 -43.77 55.58 33.23
N GLY E 154 -45.03 55.31 32.92
CA GLY E 154 -46.13 56.15 33.33
C GLY E 154 -46.40 57.35 32.47
N GLY E 155 -45.38 58.16 32.22
CA GLY E 155 -45.57 59.43 31.57
C GLY E 155 -45.54 59.39 30.05
N TYR E 156 -44.63 60.15 29.46
CA TYR E 156 -44.61 60.27 28.00
C TYR E 156 -43.92 59.06 27.39
N TYR E 157 -43.96 58.99 26.06
CA TYR E 157 -43.27 57.95 25.30
C TYR E 157 -43.12 58.40 23.86
N CYS E 158 -41.88 58.45 23.39
CA CYS E 158 -41.62 58.70 21.98
C CYS E 158 -41.69 57.39 21.22
N PRO E 159 -42.63 57.23 20.28
CA PRO E 159 -42.76 55.95 19.58
C PRO E 159 -41.75 55.74 18.48
N CYS E 160 -40.96 56.75 18.13
CA CYS E 160 -40.05 56.63 17.00
C CYS E 160 -38.90 55.68 17.32
N HIS E 161 -38.38 55.73 18.55
CA HIS E 161 -37.28 54.85 18.90
C HIS E 161 -37.42 54.24 20.29
N GLY E 162 -38.55 54.42 20.96
CA GLY E 162 -38.72 53.78 22.24
C GLY E 162 -38.11 54.51 23.42
N SER E 163 -38.24 55.83 23.48
CA SER E 163 -37.78 56.58 24.63
C SER E 163 -38.87 56.52 25.69
N HIS E 164 -38.68 55.66 26.68
CA HIS E 164 -39.67 55.46 27.74
C HIS E 164 -39.61 56.65 28.69
N TYR E 165 -40.29 57.73 28.31
CA TYR E 165 -40.19 58.94 29.09
C TYR E 165 -40.97 58.84 30.39
N ASP E 166 -40.72 59.83 31.25
CA ASP E 166 -41.48 60.05 32.45
C ASP E 166 -42.25 61.37 32.34
N ALA E 167 -43.27 61.54 33.17
CA ALA E 167 -44.20 62.66 32.99
C ALA E 167 -43.58 64.00 33.36
N SER E 168 -42.45 64.02 34.05
CA SER E 168 -41.75 65.27 34.33
C SER E 168 -41.01 65.82 33.12
N GLY E 169 -40.79 65.00 32.10
CA GLY E 169 -40.03 65.40 30.94
C GLY E 169 -38.54 65.10 30.94
N ARG E 170 -38.19 63.82 31.05
CA ARG E 170 -36.80 63.40 31.08
C ARG E 170 -36.61 62.10 30.31
N ILE E 171 -35.45 61.97 29.65
CA ILE E 171 -35.08 60.72 28.97
C ILE E 171 -34.74 59.66 30.00
N ARG E 172 -35.16 58.43 29.75
CA ARG E 172 -34.86 57.33 30.65
C ARG E 172 -34.16 56.17 29.97
N LYS E 173 -34.59 55.78 28.76
CA LYS E 173 -34.01 54.63 28.07
C LYS E 173 -34.22 54.82 26.57
N GLY E 174 -33.13 55.12 25.86
CA GLY E 174 -33.17 55.38 24.44
C GLY E 174 -31.97 56.18 23.99
N PRO E 175 -31.72 56.24 22.66
CA PRO E 175 -30.47 56.85 22.17
C PRO E 175 -30.39 58.36 22.24
N ALA E 176 -31.38 59.01 22.88
CA ALA E 176 -31.30 60.44 23.12
C ALA E 176 -30.29 60.73 24.23
N PRO E 177 -29.44 61.75 24.06
CA PRO E 177 -28.46 62.06 25.09
C PRO E 177 -28.92 63.01 26.20
N LEU E 178 -30.03 63.73 26.02
CA LEU E 178 -30.44 64.78 26.94
C LEU E 178 -31.94 64.72 27.19
N ASN E 179 -32.38 65.47 28.20
CA ASN E 179 -33.77 65.48 28.66
C ASN E 179 -34.60 66.43 27.79
N LEU E 180 -35.84 66.69 28.19
CA LEU E 180 -36.75 67.51 27.40
C LEU E 180 -36.56 69.00 27.69
N GLU E 181 -37.21 69.83 26.87
CA GLU E 181 -36.95 71.26 26.83
C GLU E 181 -38.19 72.06 27.20
N VAL E 182 -38.02 73.00 28.13
CA VAL E 182 -39.06 73.86 28.68
C VAL E 182 -39.07 75.20 27.96
N PRO E 183 -40.20 75.66 27.45
CA PRO E 183 -40.28 76.95 26.77
C PRO E 183 -40.32 78.09 27.80
N SER E 184 -40.46 79.32 27.30
CA SER E 184 -40.55 80.48 28.18
C SER E 184 -42.03 80.77 28.42
N TYR E 185 -42.61 80.06 29.39
CA TYR E 185 -44.02 80.25 29.68
C TYR E 185 -44.22 81.09 30.93
N GLU E 186 -45.33 81.84 30.94
CA GLU E 186 -45.60 82.85 31.96
C GLU E 186 -47.08 82.79 32.31
N PHE E 187 -47.37 82.42 33.55
CA PHE E 187 -48.75 82.28 33.99
C PHE E 187 -49.35 83.60 34.44
N THR E 188 -50.64 83.73 34.21
CA THR E 188 -51.48 84.67 34.95
C THR E 188 -52.43 83.86 35.80
N SER E 189 -52.57 84.25 37.06
CA SER E 189 -53.21 83.53 38.18
C SER E 189 -54.71 83.42 38.06
N ASP E 190 -55.30 83.82 36.93
CA ASP E 190 -56.62 83.38 36.51
C ASP E 190 -56.57 82.03 35.79
N ASP E 191 -55.53 81.24 36.06
CA ASP E 191 -55.28 79.93 35.49
C ASP E 191 -55.19 80.03 33.96
N MET E 192 -54.21 80.83 33.51
CA MET E 192 -53.94 81.04 32.10
C MET E 192 -52.43 81.05 31.90
N VAL E 193 -51.96 80.84 30.67
CA VAL E 193 -50.54 81.00 30.40
C VAL E 193 -50.34 81.71 29.05
N ILE E 194 -49.23 82.43 28.95
CA ILE E 194 -48.74 83.00 27.70
C ILE E 194 -47.32 82.46 27.49
N VAL E 195 -47.08 81.86 26.34
CA VAL E 195 -45.84 81.13 26.08
C VAL E 195 -45.10 81.80 24.94
N GLY E 196 -43.80 82.03 25.14
CA GLY E 196 -42.90 82.55 24.12
C GLY E 196 -41.44 82.32 24.49
N LYS F 11 -12.85 96.89 -72.27
CA LYS F 11 -14.27 97.04 -72.01
C LYS F 11 -14.46 97.71 -70.66
N TRP F 12 -15.62 98.32 -70.47
CA TRP F 12 -16.03 98.88 -69.18
C TRP F 12 -16.04 97.83 -68.07
N LEU F 13 -16.38 96.59 -68.39
CA LEU F 13 -16.38 95.53 -67.39
C LEU F 13 -14.97 95.14 -66.97
N GLU F 14 -13.97 95.38 -67.82
CA GLU F 14 -12.60 95.20 -67.39
C GLU F 14 -12.22 96.21 -66.31
N GLY F 15 -12.68 97.46 -66.44
CA GLY F 15 -12.50 98.42 -65.37
C GLY F 15 -13.30 98.09 -64.14
N ILE F 16 -14.47 97.47 -64.32
CA ILE F 16 -15.22 96.91 -63.19
C ILE F 16 -14.39 95.86 -62.46
N ARG F 17 -13.73 94.98 -63.21
CA ARG F 17 -12.86 93.97 -62.60
C ARG F 17 -11.67 94.61 -61.90
N LYS F 18 -11.16 95.69 -62.48
CA LYS F 18 -10.04 96.42 -61.89
C LYS F 18 -10.42 97.01 -60.54
N TRP F 19 -11.55 97.70 -60.50
CA TRP F 19 -12.08 98.24 -59.25
C TRP F 19 -12.46 97.13 -58.28
N TYR F 20 -12.87 95.98 -58.79
CA TYR F 20 -13.26 94.88 -57.93
C TYR F 20 -12.05 94.26 -57.23
N TYR F 21 -11.01 93.95 -57.99
CA TYR F 21 -9.79 93.41 -57.42
C TYR F 21 -9.11 94.43 -56.52
N ASN F 22 -9.36 95.71 -56.74
CA ASN F 22 -9.04 96.70 -55.71
C ASN F 22 -9.87 96.45 -54.44
N ALA F 23 -11.19 96.41 -54.58
CA ALA F 23 -12.10 96.44 -53.43
C ALA F 23 -12.24 95.09 -52.73
N ALA F 24 -11.58 94.04 -53.21
CA ALA F 24 -11.75 92.72 -52.59
C ALA F 24 -11.01 92.65 -51.27
N GLY F 25 -9.69 92.84 -51.31
CA GLY F 25 -8.93 92.88 -50.08
C GLY F 25 -7.70 92.01 -50.07
N PHE F 26 -7.74 90.90 -50.81
CA PHE F 26 -6.57 90.04 -50.81
C PHE F 26 -5.49 90.51 -51.76
N ASN F 27 -5.72 91.59 -52.50
CA ASN F 27 -4.58 92.35 -53.00
C ASN F 27 -3.79 92.95 -51.85
N LYS F 28 -4.49 93.43 -50.83
CA LYS F 28 -3.83 94.05 -49.69
C LYS F 28 -3.17 93.02 -48.79
N LEU F 29 -3.65 91.79 -48.79
CA LEU F 29 -3.06 90.79 -47.91
C LEU F 29 -1.79 90.21 -48.49
N GLY F 30 -1.75 89.98 -49.79
CA GLY F 30 -0.62 89.28 -50.37
C GLY F 30 -0.95 87.83 -50.63
N LEU F 31 -2.09 87.60 -51.26
CA LEU F 31 -2.50 86.27 -51.68
C LEU F 31 -2.89 86.32 -53.14
N MET F 32 -2.43 85.36 -53.92
CA MET F 32 -2.85 85.31 -55.32
C MET F 32 -4.17 84.58 -55.42
N ARG F 33 -4.67 84.45 -56.65
CA ARG F 33 -6.05 84.06 -56.85
C ARG F 33 -6.26 82.58 -56.55
N ASP F 34 -5.20 81.79 -56.69
CA ASP F 34 -5.23 80.36 -56.42
C ASP F 34 -4.99 80.02 -54.97
N ASP F 35 -5.29 80.95 -54.07
CA ASP F 35 -5.06 80.77 -52.66
C ASP F 35 -6.34 80.82 -51.85
N THR F 36 -7.37 81.51 -52.33
CA THR F 36 -8.59 81.73 -51.56
C THR F 36 -9.67 80.74 -51.94
N ILE F 37 -9.30 79.50 -52.25
CA ILE F 37 -10.24 78.56 -52.81
C ILE F 37 -10.84 77.70 -51.68
N HIS F 38 -12.18 77.69 -51.61
CA HIS F 38 -12.85 76.84 -50.65
C HIS F 38 -12.69 75.39 -51.04
N GLU F 39 -12.34 74.55 -50.06
CA GLU F 39 -11.95 73.18 -50.34
C GLU F 39 -13.16 72.26 -50.37
N ASN F 40 -13.43 71.69 -51.54
CA ASN F 40 -14.02 70.37 -51.58
C ASN F 40 -12.88 69.37 -51.74
N ASP F 41 -13.21 68.14 -52.09
CA ASP F 41 -12.18 67.13 -52.33
C ASP F 41 -11.41 67.39 -53.61
N ASP F 42 -12.04 68.11 -54.55
CA ASP F 42 -11.40 68.45 -55.81
C ASP F 42 -10.26 69.42 -55.59
N VAL F 43 -10.45 70.34 -54.65
CA VAL F 43 -9.39 71.27 -54.28
C VAL F 43 -8.28 70.53 -53.57
N LYS F 44 -8.61 69.51 -52.78
CA LYS F 44 -7.60 68.71 -52.10
C LYS F 44 -6.70 67.99 -53.10
N GLU F 45 -7.32 67.40 -54.12
CA GLU F 45 -6.55 66.75 -55.17
C GLU F 45 -5.76 67.77 -55.98
N ALA F 46 -6.32 68.95 -56.20
CA ALA F 46 -5.62 69.95 -56.99
C ALA F 46 -4.42 70.51 -56.25
N ILE F 47 -4.53 70.65 -54.92
CA ILE F 47 -3.40 71.11 -54.13
C ILE F 47 -2.30 70.07 -54.09
N ARG F 48 -2.68 68.78 -54.00
CA ARG F 48 -1.63 67.76 -54.04
C ARG F 48 -0.97 67.68 -55.42
N ARG F 49 -1.73 67.91 -56.49
CA ARG F 49 -1.13 67.91 -57.83
C ARG F 49 -0.52 69.29 -58.12
N LEU F 50 0.58 69.56 -57.42
CA LEU F 50 1.36 70.78 -57.58
C LEU F 50 2.83 70.46 -57.37
N PRO F 51 3.73 71.22 -57.98
CA PRO F 51 5.15 71.05 -57.69
C PRO F 51 5.50 71.57 -56.31
N GLU F 52 6.74 71.33 -55.90
CA GLU F 52 7.12 71.64 -54.53
C GLU F 52 7.26 73.14 -54.31
N ASN F 53 7.76 73.87 -55.31
CA ASN F 53 7.99 75.30 -55.12
C ASN F 53 6.67 76.07 -55.02
N LEU F 54 5.70 75.75 -55.88
CA LEU F 54 4.37 76.33 -55.76
C LEU F 54 3.73 75.97 -54.43
N TYR F 55 3.96 74.74 -53.98
CA TYR F 55 3.30 74.27 -52.77
C TYR F 55 3.84 75.00 -51.54
N ASN F 56 5.16 75.16 -51.48
CA ASN F 56 5.73 75.90 -50.37
C ASN F 56 5.43 77.39 -50.46
N ASP F 57 5.37 77.96 -51.68
CA ASP F 57 4.93 79.35 -51.78
C ASP F 57 3.50 79.50 -51.34
N ARG F 58 2.66 78.50 -51.59
CA ARG F 58 1.27 78.58 -51.19
C ARG F 58 1.14 78.55 -49.67
N VAL F 59 1.85 77.63 -49.02
CA VAL F 59 1.71 77.56 -47.57
C VAL F 59 2.37 78.76 -46.90
N PHE F 60 3.42 79.34 -47.51
CA PHE F 60 4.02 80.51 -46.90
C PHE F 60 3.14 81.74 -47.05
N ARG F 61 2.51 81.92 -48.21
CA ARG F 61 1.63 83.07 -48.38
C ARG F 61 0.39 82.94 -47.51
N ILE F 62 -0.13 81.72 -47.33
CA ILE F 62 -1.25 81.53 -46.41
C ILE F 62 -0.82 81.80 -44.97
N LYS F 63 0.41 81.43 -44.61
CA LYS F 63 0.85 81.65 -43.24
C LYS F 63 1.06 83.14 -42.95
N ARG F 64 1.58 83.89 -43.93
CA ARG F 64 1.64 85.34 -43.75
C ARG F 64 0.25 85.95 -43.70
N ALA F 65 -0.69 85.42 -44.46
CA ALA F 65 -2.05 85.95 -44.42
C ALA F 65 -2.70 85.72 -43.06
N LEU F 66 -2.47 84.54 -42.47
CA LEU F 66 -3.03 84.27 -41.16
C LEU F 66 -2.39 85.14 -40.09
N ASP F 67 -1.08 85.36 -40.16
CA ASP F 67 -0.45 86.21 -39.15
C ASP F 67 -0.87 87.67 -39.28
N LEU F 68 -0.91 88.19 -40.51
CA LEU F 68 -1.33 89.57 -40.71
C LEU F 68 -2.81 89.78 -40.44
N SER F 69 -3.62 88.72 -40.54
CA SER F 69 -5.02 88.86 -40.17
C SER F 69 -5.22 88.69 -38.68
N MET F 70 -4.33 87.96 -38.01
CA MET F 70 -4.37 87.93 -36.55
C MET F 70 -3.99 89.28 -35.98
N ARG F 71 -2.87 89.84 -36.43
CA ARG F 71 -2.47 91.14 -35.93
C ARG F 71 -3.24 92.28 -36.56
N GLN F 72 -4.06 92.00 -37.58
CA GLN F 72 -4.98 92.96 -38.20
C GLN F 72 -4.25 94.19 -38.72
N GLN F 73 -3.02 93.99 -39.17
CA GLN F 73 -2.21 95.04 -39.74
C GLN F 73 -1.82 94.60 -41.14
N ILE F 74 -1.86 95.54 -42.08
CA ILE F 74 -1.83 95.22 -43.50
C ILE F 74 -0.53 95.77 -44.09
N LEU F 75 0.10 94.96 -44.95
CA LEU F 75 1.26 95.39 -45.69
C LEU F 75 0.89 96.54 -46.62
N PRO F 76 1.80 97.48 -46.86
CA PRO F 76 1.41 98.70 -47.58
C PRO F 76 1.18 98.46 -49.06
N LYS F 77 0.87 99.54 -49.79
CA LYS F 77 0.73 99.54 -51.24
C LYS F 77 1.95 98.93 -51.95
N GLU F 78 3.14 99.06 -51.36
CA GLU F 78 4.40 98.65 -51.94
C GLU F 78 4.59 97.14 -52.03
N GLN F 79 3.81 96.34 -51.31
CA GLN F 79 3.95 94.89 -51.38
C GLN F 79 2.65 94.20 -51.79
N TRP F 80 1.73 94.92 -52.41
CA TRP F 80 0.48 94.31 -52.79
C TRP F 80 0.59 93.63 -54.14
N THR F 81 -0.22 92.60 -54.32
CA THR F 81 -0.31 91.93 -55.61
C THR F 81 -1.11 92.82 -56.55
N LYS F 82 -0.44 93.39 -57.53
CA LYS F 82 -1.09 94.20 -58.54
C LYS F 82 -1.95 93.31 -59.43
N TYR F 83 -2.90 93.93 -60.12
CA TYR F 83 -3.84 93.14 -60.92
C TYR F 83 -3.16 92.57 -62.15
N GLU F 84 -2.13 93.22 -62.63
CA GLU F 84 -1.43 92.74 -63.80
C GLU F 84 -0.28 91.81 -63.44
N GLU F 85 -0.16 91.42 -62.18
CA GLU F 85 0.73 90.35 -61.79
C GLU F 85 -0.03 89.20 -61.18
N ASP F 86 -1.27 89.01 -61.62
CA ASP F 86 -2.06 87.83 -61.23
C ASP F 86 -1.50 86.62 -61.97
N LYS F 87 -0.41 86.09 -61.42
CA LYS F 87 0.22 84.90 -62.00
C LYS F 87 -0.44 83.66 -61.41
N PHE F 88 -1.69 83.46 -61.81
CA PHE F 88 -2.47 82.32 -61.34
C PHE F 88 -1.87 81.03 -61.86
N TYR F 89 -1.85 80.00 -61.02
CA TYR F 89 -1.06 78.83 -61.33
C TYR F 89 -1.90 77.55 -61.28
N LEU F 90 -2.88 77.51 -60.39
CA LEU F 90 -3.57 76.27 -60.10
C LEU F 90 -4.76 76.05 -61.00
N GLU F 91 -5.18 77.07 -61.75
CA GLU F 91 -6.40 76.96 -62.56
C GLU F 91 -6.37 75.88 -63.65
N PRO F 92 -5.29 75.69 -64.44
CA PRO F 92 -5.34 74.57 -65.39
C PRO F 92 -5.30 73.19 -64.75
N TYR F 93 -4.49 72.99 -63.70
CA TYR F 93 -4.51 71.73 -62.95
C TYR F 93 -5.88 71.43 -62.41
N LEU F 94 -6.54 72.45 -61.86
CA LEU F 94 -7.86 72.28 -61.30
C LEU F 94 -8.88 71.96 -62.37
N LYS F 95 -8.78 72.58 -63.55
CA LYS F 95 -9.75 72.29 -64.59
C LYS F 95 -9.52 70.93 -65.22
N GLU F 96 -8.28 70.45 -65.23
CA GLU F 96 -8.04 69.10 -65.73
C GLU F 96 -8.58 68.05 -64.76
N VAL F 97 -8.43 68.29 -63.45
CA VAL F 97 -9.03 67.38 -62.49
C VAL F 97 -10.55 67.46 -62.57
N ILE F 98 -11.09 68.64 -62.87
CA ILE F 98 -12.52 68.79 -63.14
C ILE F 98 -12.94 67.91 -64.31
N ARG F 99 -12.18 67.95 -65.41
CA ARG F 99 -12.57 67.20 -66.61
C ARG F 99 -12.47 65.71 -66.38
N GLU F 100 -11.45 65.26 -65.64
CA GLU F 100 -11.34 63.83 -65.39
C GLU F 100 -12.37 63.35 -64.39
N ARG F 101 -12.73 64.18 -63.42
CA ARG F 101 -13.84 63.86 -62.55
C ARG F 101 -15.15 63.82 -63.33
N LYS F 102 -15.30 64.73 -64.30
CA LYS F 102 -16.49 64.75 -65.14
C LYS F 102 -16.59 63.50 -66.00
N GLU F 103 -15.47 63.06 -66.56
CA GLU F 103 -15.47 61.89 -67.42
C GLU F 103 -15.79 60.65 -66.61
N ARG F 104 -15.29 60.57 -65.38
CA ARG F 104 -15.65 59.48 -64.49
C ARG F 104 -17.12 59.55 -64.09
N GLU F 105 -17.63 60.77 -63.87
CA GLU F 105 -19.06 60.97 -63.64
C GLU F 105 -19.87 60.39 -64.79
N GLU F 106 -19.47 60.70 -66.02
CA GLU F 106 -20.26 60.33 -67.20
C GLU F 106 -20.22 58.83 -67.44
N TRP F 107 -19.07 58.21 -67.24
CA TRP F 107 -19.01 56.76 -67.41
C TRP F 107 -19.73 56.03 -66.28
N THR F 108 -19.84 56.66 -65.10
CA THR F 108 -20.76 56.11 -64.11
C THR F 108 -22.21 56.39 -64.45
N LYS F 109 -22.50 57.43 -65.23
CA LYS F 109 -23.88 57.66 -65.68
C LYS F 109 -24.31 56.55 -66.62
N LYS F 110 -23.62 56.40 -67.73
CA LYS F 110 -24.06 55.46 -68.74
C LYS F 110 -23.27 54.17 -68.68
N GLY G 1 -8.18 68.49 -36.24
CA GLY G 1 -9.04 67.98 -35.19
C GLY G 1 -8.44 66.79 -34.47
N ARG G 2 -7.34 66.30 -35.02
CA ARG G 2 -6.61 65.19 -34.43
C ARG G 2 -5.52 65.76 -33.53
N GLN G 3 -4.57 64.93 -33.14
CA GLN G 3 -3.42 65.37 -32.37
C GLN G 3 -2.52 66.26 -33.23
N PHE G 4 -1.61 66.95 -32.56
CA PHE G 4 -0.55 67.68 -33.23
C PHE G 4 0.51 66.69 -33.72
N GLY G 5 0.81 66.73 -35.01
CA GLY G 5 1.79 65.80 -35.56
C GLY G 5 1.47 65.27 -36.93
N HIS G 6 0.19 65.29 -37.30
CA HIS G 6 -0.28 64.84 -38.59
C HIS G 6 -1.26 65.81 -39.22
N LEU G 7 -1.08 67.10 -38.96
CA LEU G 7 -2.07 68.05 -39.45
C LEU G 7 -1.85 68.32 -40.93
N THR G 8 -0.70 68.89 -41.29
CA THR G 8 -0.31 69.09 -42.68
C THR G 8 1.19 69.26 -42.74
N ARG G 9 1.72 69.34 -43.96
CA ARG G 9 3.16 69.38 -44.21
C ARG G 9 3.57 70.76 -44.68
N VAL G 10 4.51 71.38 -43.94
CA VAL G 10 5.09 72.67 -44.29
C VAL G 10 6.58 72.60 -44.02
N ARG G 11 7.38 72.92 -45.02
CA ARG G 11 8.82 72.94 -44.88
C ARG G 11 9.31 74.37 -45.04
N HIS G 12 10.59 74.58 -44.67
CA HIS G 12 11.36 75.79 -44.95
C HIS G 12 10.81 77.03 -44.27
N VAL G 13 10.21 76.89 -43.10
CA VAL G 13 9.66 78.07 -42.43
C VAL G 13 10.28 78.19 -41.06
N ILE G 14 10.95 79.31 -40.82
CA ILE G 14 11.53 79.62 -39.52
C ILE G 14 10.69 80.70 -38.88
N THR G 15 10.31 80.47 -37.63
CA THR G 15 9.53 81.42 -36.87
C THR G 15 10.32 81.80 -35.62
N TYR G 16 10.44 83.10 -35.39
CA TYR G 16 11.13 83.63 -34.24
C TYR G 16 10.07 84.07 -33.24
N SER G 17 9.93 83.32 -32.15
CA SER G 17 8.94 83.61 -31.12
C SER G 17 9.61 84.35 -29.99
N LEU G 18 9.02 85.47 -29.60
CA LEU G 18 9.54 86.31 -28.52
C LEU G 18 8.83 86.02 -27.21
N SER G 19 9.59 85.93 -26.13
CA SER G 19 9.02 85.75 -24.81
C SER G 19 8.19 86.98 -24.44
N PRO G 20 7.09 86.79 -23.71
CA PRO G 20 6.25 87.94 -23.37
C PRO G 20 6.86 88.84 -22.30
N PHE G 21 7.80 88.34 -21.52
CA PHE G 21 8.49 89.17 -20.56
C PHE G 21 9.56 90.05 -21.18
N GLU G 22 9.79 89.96 -22.49
CA GLU G 22 10.75 90.84 -23.12
C GLU G 22 10.11 92.15 -23.53
N GLN G 23 8.84 92.10 -23.92
CA GLN G 23 8.16 93.26 -24.47
C GLN G 23 7.21 93.88 -23.46
N ARG G 24 6.91 95.16 -23.69
CA ARG G 24 5.96 95.87 -22.86
C ARG G 24 4.56 95.30 -23.07
N ALA G 25 3.69 95.61 -22.12
CA ALA G 25 2.34 95.06 -22.14
C ALA G 25 1.48 95.70 -23.21
N PHE G 26 1.68 97.00 -23.47
CA PHE G 26 0.88 97.72 -24.45
C PHE G 26 1.78 98.61 -25.30
N PRO G 27 2.56 98.04 -26.21
CA PRO G 27 3.40 98.89 -27.06
C PRO G 27 2.57 99.50 -28.17
N HIS G 28 2.65 100.84 -28.26
CA HIS G 28 1.95 101.64 -29.27
C HIS G 28 0.44 101.43 -29.21
N TYR G 29 -0.08 101.33 -27.99
CA TYR G 29 -1.47 100.97 -27.78
C TYR G 29 -2.41 102.06 -28.27
N PHE G 30 -1.96 103.31 -28.23
CA PHE G 30 -2.67 104.38 -28.91
C PHE G 30 -1.98 104.84 -30.17
N SER G 31 -0.65 104.98 -30.11
CA SER G 31 0.11 105.75 -31.08
C SER G 31 0.09 105.12 -32.47
N LYS G 32 -0.02 103.80 -32.55
CA LYS G 32 -0.39 103.14 -33.79
C LYS G 32 -1.83 102.68 -33.79
N GLY G 33 -2.35 102.37 -32.60
CA GLY G 33 -3.65 101.74 -32.50
C GLY G 33 -4.78 102.64 -32.94
N ILE G 34 -4.76 103.89 -32.49
CA ILE G 34 -5.79 104.86 -32.87
C ILE G 34 -5.73 105.23 -34.35
N PRO G 35 -4.58 105.52 -34.98
CA PRO G 35 -4.64 105.76 -36.44
C PRO G 35 -5.02 104.53 -37.25
N ASN G 36 -4.57 103.34 -36.86
CA ASN G 36 -4.96 102.17 -37.63
C ASN G 36 -6.41 101.78 -37.39
N VAL G 37 -6.97 102.07 -36.22
CA VAL G 37 -8.37 101.75 -36.05
C VAL G 37 -9.23 102.79 -36.75
N LEU G 38 -8.73 104.03 -36.92
CA LEU G 38 -9.47 104.95 -37.77
C LEU G 38 -9.34 104.59 -39.22
N ARG G 39 -8.23 103.95 -39.58
CA ARG G 39 -8.07 103.42 -40.93
C ARG G 39 -9.09 102.32 -41.21
N ARG G 40 -9.20 101.35 -40.30
CA ARG G 40 -10.20 100.30 -40.46
C ARG G 40 -11.63 100.85 -40.35
N THR G 41 -11.80 101.95 -39.63
CA THR G 41 -13.06 102.66 -39.63
C THR G 41 -13.38 103.20 -41.01
N ARG G 42 -12.38 103.75 -41.69
CA ARG G 42 -12.56 104.19 -43.07
C ARG G 42 -12.84 103.02 -43.99
N ALA G 43 -12.33 101.84 -43.67
CA ALA G 43 -12.50 100.69 -44.56
C ALA G 43 -13.85 99.99 -44.42
N CYS G 44 -14.78 100.48 -43.59
CA CYS G 44 -16.00 99.72 -43.32
C CYS G 44 -17.30 100.48 -43.48
N ILE G 45 -17.29 101.83 -43.46
CA ILE G 45 -18.54 102.58 -43.47
C ILE G 45 -19.22 102.51 -44.83
N LEU G 46 -18.45 102.46 -45.91
CA LEU G 46 -19.04 102.36 -47.23
C LEU G 46 -19.45 100.95 -47.60
N ARG G 47 -19.31 100.00 -46.70
CA ARG G 47 -19.92 98.68 -46.85
C ARG G 47 -21.09 98.46 -45.91
N VAL G 48 -20.96 98.89 -44.66
CA VAL G 48 -21.90 98.48 -43.62
C VAL G 48 -22.86 99.63 -43.33
N ALA G 49 -22.36 100.84 -43.42
CA ALA G 49 -23.16 102.02 -43.12
C ALA G 49 -24.42 102.29 -43.98
N PRO G 50 -24.52 101.93 -45.27
CA PRO G 50 -25.77 102.27 -46.00
C PRO G 50 -27.02 101.55 -45.50
N PRO G 51 -26.96 100.32 -44.96
CA PRO G 51 -28.16 99.83 -44.23
C PRO G 51 -28.49 100.60 -42.96
N PHE G 52 -27.49 101.19 -42.28
CA PHE G 52 -27.76 101.99 -41.08
C PHE G 52 -28.63 103.19 -41.40
N VAL G 53 -28.27 103.94 -42.43
CA VAL G 53 -29.02 105.14 -42.75
C VAL G 53 -30.37 104.81 -43.37
N VAL G 54 -30.47 103.66 -44.06
CA VAL G 54 -31.75 103.21 -44.57
C VAL G 54 -32.71 102.90 -43.42
N PHE G 55 -32.23 102.18 -42.39
CA PHE G 55 -33.13 101.92 -41.27
C PHE G 55 -33.44 103.18 -40.49
N TYR G 56 -32.46 104.08 -40.40
CA TYR G 56 -32.62 105.33 -39.66
C TYR G 56 -33.74 106.18 -40.28
N LEU G 57 -33.69 106.34 -41.59
CA LEU G 57 -34.69 107.14 -42.26
C LEU G 57 -36.04 106.44 -42.29
N VAL G 58 -36.07 105.11 -42.45
CA VAL G 58 -37.35 104.41 -42.47
C VAL G 58 -38.00 104.46 -41.10
N TYR G 59 -37.20 104.43 -40.03
CA TYR G 59 -37.73 104.53 -38.67
C TYR G 59 -38.37 105.89 -38.43
N THR G 60 -37.62 106.98 -38.65
CA THR G 60 -38.19 108.28 -38.33
C THR G 60 -39.27 108.70 -39.33
N TRP G 61 -39.14 108.26 -40.58
CA TRP G 61 -40.17 108.50 -41.58
C TRP G 61 -41.45 107.76 -41.24
N GLY G 62 -41.33 106.53 -40.73
CA GLY G 62 -42.51 105.79 -40.33
C GLY G 62 -43.16 106.35 -39.09
N THR G 63 -42.37 106.89 -38.17
CA THR G 63 -42.94 107.55 -37.00
C THR G 63 -43.69 108.83 -37.39
N GLN G 64 -43.09 109.64 -38.28
CA GLN G 64 -43.76 110.86 -38.74
C GLN G 64 -45.02 110.54 -39.52
N GLU G 65 -44.94 109.56 -40.43
CA GLU G 65 -46.10 109.14 -41.19
C GLU G 65 -47.16 108.52 -40.30
N PHE G 66 -46.73 107.86 -39.22
CA PHE G 66 -47.64 107.26 -38.26
C PHE G 66 -48.44 108.32 -37.52
N GLU G 67 -47.75 109.35 -37.01
CA GLU G 67 -48.48 110.42 -36.33
C GLU G 67 -49.27 111.28 -37.28
N LYS G 68 -48.86 111.36 -38.55
CA LYS G 68 -49.67 112.09 -39.52
C LYS G 68 -50.94 111.33 -39.86
N SER G 69 -50.84 110.00 -39.99
CA SER G 69 -52.03 109.15 -40.19
C SER G 69 -52.93 109.15 -38.97
N LYS G 70 -52.37 109.40 -37.78
CA LYS G 70 -53.20 109.74 -36.63
C LYS G 70 -53.91 111.07 -36.84
N ARG G 71 -53.17 112.11 -37.20
CA ARG G 71 -53.69 113.48 -37.10
C ARG G 71 -54.62 113.90 -38.23
N LYS G 72 -55.04 112.99 -39.10
CA LYS G 72 -55.95 113.37 -40.19
C LYS G 72 -57.41 113.36 -39.78
N ASN G 73 -57.73 113.45 -38.49
CA ASN G 73 -59.10 113.52 -38.01
C ASN G 73 -59.77 114.83 -38.42
N LEU H 13 -56.41 126.11 0.56
CA LEU H 13 -55.06 126.60 0.85
C LEU H 13 -54.30 126.70 -0.47
N VAL H 14 -53.32 127.61 -0.51
CA VAL H 14 -52.63 128.01 -1.73
C VAL H 14 -51.79 126.85 -2.28
N ASP H 15 -52.27 126.25 -3.36
CA ASP H 15 -51.59 125.14 -4.00
C ASP H 15 -50.55 125.67 -4.99
N PRO H 16 -49.35 125.10 -5.03
CA PRO H 16 -48.37 125.55 -6.02
C PRO H 16 -48.66 125.06 -7.42
N LEU H 17 -49.48 124.03 -7.57
CA LEU H 17 -49.58 123.36 -8.87
C LEU H 17 -50.34 124.21 -9.88
N THR H 18 -51.52 124.69 -9.51
CA THR H 18 -52.28 125.53 -10.43
C THR H 18 -51.65 126.90 -10.58
N THR H 19 -50.97 127.38 -9.53
CA THR H 19 -50.29 128.68 -9.61
C THR H 19 -49.11 128.64 -10.58
N VAL H 20 -48.27 127.59 -10.47
CA VAL H 20 -47.17 127.41 -11.41
C VAL H 20 -47.70 127.07 -12.80
N ARG H 21 -48.84 126.36 -12.87
CA ARG H 21 -49.51 126.07 -14.13
C ARG H 21 -49.96 127.33 -14.84
N GLU H 22 -50.40 128.33 -14.10
CA GLU H 22 -50.85 129.55 -14.74
C GLU H 22 -49.76 130.60 -14.88
N GLN H 23 -48.68 130.51 -14.11
CA GLN H 23 -47.55 131.39 -14.38
C GLN H 23 -46.63 130.81 -15.43
N CYS H 24 -46.83 129.54 -15.79
CA CYS H 24 -45.99 128.84 -16.74
C CYS H 24 -46.59 128.85 -18.14
N GLU H 25 -47.89 129.08 -18.26
CA GLU H 25 -48.59 129.14 -19.53
C GLU H 25 -48.37 130.45 -20.28
N GLN H 26 -47.38 131.25 -19.87
CA GLN H 26 -46.91 132.39 -20.64
C GLN H 26 -46.15 131.96 -21.89
N LEU H 27 -45.77 130.68 -21.97
CA LEU H 27 -45.19 130.12 -23.19
C LEU H 27 -46.18 130.25 -24.34
N GLU H 28 -45.63 130.36 -25.55
CA GLU H 28 -46.44 130.81 -26.66
C GLU H 28 -47.28 129.69 -27.26
N LYS H 29 -46.73 128.49 -27.36
CA LYS H 29 -47.46 127.37 -27.95
C LYS H 29 -48.65 126.96 -27.10
N CYS H 30 -48.56 127.12 -25.77
CA CYS H 30 -49.71 126.85 -24.91
C CYS H 30 -50.86 127.81 -25.20
N VAL H 31 -50.56 129.09 -25.37
CA VAL H 31 -51.58 130.09 -25.66
C VAL H 31 -52.17 129.86 -27.05
N LYS H 32 -51.32 129.50 -28.02
CA LYS H 32 -51.81 129.32 -29.37
C LYS H 32 -52.66 128.06 -29.48
N ALA H 33 -52.29 126.99 -28.77
CA ALA H 33 -53.14 125.81 -28.73
C ALA H 33 -54.41 126.07 -27.93
N ARG H 34 -54.34 126.99 -26.96
CA ARG H 34 -55.55 127.41 -26.27
C ARG H 34 -56.56 128.02 -27.24
N GLU H 35 -56.10 128.95 -28.08
CA GLU H 35 -57.01 129.50 -29.09
C GLU H 35 -57.36 128.49 -30.19
N ARG H 36 -56.49 127.50 -30.44
CA ARG H 36 -56.85 126.43 -31.37
C ARG H 36 -58.04 125.64 -30.86
N LEU H 37 -58.03 125.31 -29.56
CA LEU H 37 -59.16 124.61 -28.96
C LEU H 37 -60.40 125.48 -29.00
N GLU H 38 -60.23 126.79 -28.79
CA GLU H 38 -61.33 127.75 -28.88
C GLU H 38 -61.97 127.73 -30.26
N LEU H 39 -61.16 127.81 -31.31
CA LEU H 39 -61.72 127.91 -32.65
C LEU H 39 -62.24 126.58 -33.17
N CYS H 40 -61.68 125.46 -32.71
CA CYS H 40 -62.27 124.17 -33.04
C CYS H 40 -63.63 124.00 -32.38
N ASP H 41 -63.74 124.45 -31.12
CA ASP H 41 -65.00 124.43 -30.42
C ASP H 41 -66.02 125.35 -31.08
N GLU H 42 -65.56 126.48 -31.64
CA GLU H 42 -66.44 127.34 -32.43
C GLU H 42 -66.94 126.63 -33.67
N ARG H 43 -66.05 125.89 -34.34
CA ARG H 43 -66.40 125.17 -35.56
C ARG H 43 -67.45 124.09 -35.30
N VAL H 44 -67.28 123.35 -34.20
CA VAL H 44 -68.28 122.38 -33.81
C VAL H 44 -69.55 123.07 -33.32
N SER H 45 -69.41 124.27 -32.73
CA SER H 45 -70.54 124.95 -32.13
C SER H 45 -71.48 125.57 -33.17
N SER H 46 -70.93 126.12 -34.25
CA SER H 46 -71.79 126.72 -35.26
C SER H 46 -72.49 125.62 -36.07
N ARG H 47 -71.73 124.79 -36.76
CA ARG H 47 -72.28 123.59 -37.39
C ARG H 47 -72.47 122.53 -36.30
N SER H 48 -73.53 122.69 -35.53
CA SER H 48 -73.74 121.84 -34.37
C SER H 48 -74.42 120.54 -34.77
N GLN H 49 -74.66 119.71 -33.75
CA GLN H 49 -75.19 118.35 -33.85
C GLN H 49 -74.32 117.51 -34.80
N THR H 50 -73.07 117.38 -34.41
CA THR H 50 -72.09 116.51 -35.04
C THR H 50 -71.56 115.54 -33.99
N GLU H 51 -70.53 114.79 -34.35
CA GLU H 51 -70.00 113.76 -33.47
C GLU H 51 -68.53 113.98 -33.15
N GLU H 52 -68.01 115.17 -33.42
CA GLU H 52 -66.59 115.48 -33.28
C GLU H 52 -66.42 116.37 -32.05
N ASP H 53 -65.40 116.06 -31.24
CA ASP H 53 -65.30 116.63 -29.91
C ASP H 53 -64.12 117.58 -29.71
N CYS H 54 -63.24 117.72 -30.71
CA CYS H 54 -62.05 118.58 -30.68
C CYS H 54 -61.12 118.23 -29.52
N THR H 55 -60.58 117.02 -29.58
CA THR H 55 -59.71 116.57 -28.52
C THR H 55 -58.24 116.68 -28.90
N GLU H 56 -57.95 116.82 -30.19
CA GLU H 56 -56.57 116.83 -30.69
C GLU H 56 -55.82 118.07 -30.23
N GLU H 57 -56.47 119.23 -30.33
CA GLU H 57 -55.90 120.45 -29.78
C GLU H 57 -55.79 120.39 -28.28
N LEU H 58 -56.70 119.66 -27.62
CA LEU H 58 -56.58 119.45 -26.17
C LEU H 58 -55.34 118.64 -25.85
N PHE H 59 -55.00 117.67 -26.70
CA PHE H 59 -53.78 116.89 -26.47
C PHE H 59 -52.54 117.73 -26.62
N ASP H 60 -52.46 118.55 -27.67
CA ASP H 60 -51.24 119.34 -27.85
C ASP H 60 -51.16 120.47 -26.84
N PHE H 61 -52.30 121.02 -26.46
CA PHE H 61 -52.39 122.01 -25.41
C PHE H 61 -51.87 121.46 -24.09
N LEU H 62 -52.38 120.31 -23.66
CA LEU H 62 -51.87 119.70 -22.44
C LEU H 62 -50.45 119.17 -22.61
N HIS H 63 -50.03 118.82 -23.82
CA HIS H 63 -48.67 118.30 -23.98
C HIS H 63 -47.64 119.40 -23.80
N ALA H 64 -47.91 120.58 -24.37
CA ALA H 64 -47.02 121.71 -24.11
C ALA H 64 -47.13 122.18 -22.67
N ARG H 65 -48.34 122.11 -22.09
CA ARG H 65 -48.52 122.54 -20.72
C ARG H 65 -47.79 121.63 -19.76
N ASP H 66 -47.82 120.32 -20.02
CA ASP H 66 -47.12 119.36 -19.17
C ASP H 66 -45.62 119.38 -19.42
N HIS H 67 -45.18 119.76 -20.63
CA HIS H 67 -43.79 120.13 -20.85
C HIS H 67 -43.32 121.18 -19.87
N CYS H 68 -43.98 122.33 -19.86
CA CYS H 68 -43.45 123.40 -19.03
C CYS H 68 -43.74 123.17 -17.55
N VAL H 69 -44.81 122.46 -17.23
CA VAL H 69 -45.10 122.14 -15.84
C VAL H 69 -44.08 121.15 -15.30
N ALA H 70 -43.80 120.09 -16.05
CA ALA H 70 -42.85 119.07 -15.64
C ALA H 70 -41.44 119.63 -15.56
N HIS H 71 -41.13 120.61 -16.40
CA HIS H 71 -39.81 121.23 -16.34
C HIS H 71 -39.62 122.05 -15.07
N LYS H 72 -40.70 122.58 -14.50
CA LYS H 72 -40.57 123.62 -13.49
C LYS H 72 -41.51 123.37 -12.32
N LEU H 73 -41.47 122.17 -11.76
CA LEU H 73 -42.34 121.83 -10.63
C LEU H 73 -41.56 121.49 -9.37
N PHE H 74 -40.68 120.49 -9.42
CA PHE H 74 -40.07 119.89 -8.23
C PHE H 74 -38.90 120.69 -7.68
N ASN H 75 -38.76 121.97 -8.06
CA ASN H 75 -37.70 122.81 -7.50
C ASN H 75 -38.01 123.17 -6.05
N SER H 76 -39.22 123.66 -5.80
CA SER H 76 -39.66 124.11 -4.50
C SER H 76 -40.86 123.29 -4.08
N LEU H 77 -40.76 121.98 -4.23
CA LEU H 77 -41.90 121.12 -4.01
C LEU H 77 -41.48 120.06 -2.99
N UNK I 1 42.44 47.98 -32.98
CA UNK I 1 43.83 47.88 -32.54
C UNK I 1 44.61 49.11 -32.98
N UNK I 2 45.93 49.01 -32.89
CA UNK I 2 46.84 50.12 -33.18
C UNK I 2 47.47 50.00 -34.54
N UNK I 3 46.72 49.52 -35.53
CA UNK I 3 47.14 49.58 -36.92
C UNK I 3 46.81 50.92 -37.57
N UNK I 4 46.22 51.84 -36.79
CA UNK I 4 45.77 53.16 -37.22
C UNK I 4 44.81 53.06 -38.41
N UNK I 5 43.69 52.40 -38.17
CA UNK I 5 42.76 52.19 -39.26
C UNK I 5 41.92 50.93 -39.24
N UNK I 6 42.30 49.92 -38.47
CA UNK I 6 41.51 48.70 -38.38
C UNK I 6 40.26 48.91 -37.54
N UNK I 7 39.25 48.08 -37.80
CA UNK I 7 37.95 48.22 -37.17
C UNK I 7 37.90 47.50 -35.82
N UNK I 8 37.15 48.09 -34.89
CA UNK I 8 36.98 47.52 -33.55
C UNK I 8 35.72 48.10 -32.92
N UNK I 9 34.76 47.25 -32.59
CA UNK I 9 33.46 47.73 -32.11
C UNK I 9 33.46 47.88 -30.59
N UNK I 10 33.03 49.05 -30.11
CA UNK I 10 33.11 49.40 -28.68
C UNK I 10 31.77 49.90 -28.17
N UNK I 11 30.97 49.00 -27.61
CA UNK I 11 29.74 49.38 -26.95
C UNK I 11 30.03 49.62 -25.47
N UNK I 12 29.03 50.09 -24.74
CA UNK I 12 29.26 50.41 -23.33
C UNK I 12 27.96 50.30 -22.57
N UNK I 13 27.98 50.74 -21.31
CA UNK I 13 26.79 50.84 -20.48
C UNK I 13 26.61 52.23 -19.89
N UNK I 14 27.53 53.15 -20.14
CA UNK I 14 27.30 54.57 -19.93
C UNK I 14 27.81 55.44 -21.05
N UNK I 15 28.75 54.98 -21.86
CA UNK I 15 29.07 55.60 -23.13
C UNK I 15 28.30 54.93 -24.24
N UNK I 16 28.44 55.45 -25.46
CA UNK I 16 27.67 54.98 -26.59
C UNK I 16 28.23 53.67 -27.12
N UNK I 17 27.73 53.26 -28.29
CA UNK I 17 28.29 52.13 -29.03
C UNK I 17 28.88 52.67 -30.32
N UNK I 18 30.16 52.40 -30.56
CA UNK I 18 30.80 52.85 -31.77
C UNK I 18 31.90 51.88 -32.16
N UNK I 19 32.09 51.73 -33.46
CA UNK I 19 33.15 50.89 -34.00
C UNK I 19 34.32 51.78 -34.38
N UNK I 20 35.42 51.65 -33.65
CA UNK I 20 36.61 52.43 -33.95
C UNK I 20 37.24 51.89 -35.22
N UNK I 21 36.77 52.39 -36.37
CA UNK I 21 37.27 52.00 -37.69
C UNK I 21 37.68 53.28 -38.41
N UNK I 22 38.84 53.80 -38.07
CA UNK I 22 39.31 55.02 -38.71
C UNK I 22 40.34 54.72 -39.80
N UNK I 23 39.93 54.00 -40.85
CA UNK I 23 40.84 53.68 -41.96
C UNK I 23 41.19 54.90 -42.79
N LEU J 5 11.00 97.46 -3.68
CA LEU J 5 9.87 98.21 -4.19
C LEU J 5 8.86 97.23 -4.77
N THR J 6 9.36 96.33 -5.61
CA THR J 6 8.58 95.21 -6.14
C THR J 6 9.32 93.88 -6.07
N ALA J 7 10.65 93.89 -6.09
CA ALA J 7 11.42 92.67 -5.92
C ALA J 7 11.19 92.03 -4.55
N ARG J 8 10.94 92.87 -3.53
CA ARG J 8 10.54 92.36 -2.22
C ARG J 8 9.24 91.57 -2.33
N LEU J 9 8.30 92.09 -3.11
CA LEU J 9 7.00 91.45 -3.25
C LEU J 9 7.13 90.14 -3.99
N TYR J 10 7.97 90.10 -5.04
CA TYR J 10 8.19 88.87 -5.78
C TYR J 10 8.89 87.81 -4.95
N SER J 11 9.87 88.20 -4.14
CA SER J 11 10.61 87.19 -3.41
C SER J 11 9.81 86.65 -2.23
N LEU J 12 9.05 87.52 -1.54
CA LEU J 12 8.30 87.02 -0.40
C LEU J 12 7.07 86.25 -0.82
N LEU J 13 6.37 86.72 -1.87
CA LEU J 13 5.01 86.26 -2.13
C LEU J 13 4.82 85.50 -3.43
N PHE J 14 5.69 85.67 -4.42
CA PHE J 14 5.41 85.16 -5.76
C PHE J 14 6.46 84.15 -6.23
N ARG J 15 7.10 83.45 -5.30
CA ARG J 15 7.89 82.28 -5.65
C ARG J 15 7.10 80.99 -5.45
N ARG J 16 6.72 80.70 -4.23
CA ARG J 16 6.07 79.42 -3.98
C ARG J 16 4.56 79.53 -4.12
N THR J 17 3.92 78.37 -4.23
CA THR J 17 2.49 78.30 -4.51
C THR J 17 1.67 78.46 -3.24
N SER J 18 2.13 77.87 -2.13
CA SER J 18 1.44 78.06 -0.86
C SER J 18 1.57 79.49 -0.37
N THR J 19 2.70 80.13 -0.63
CA THR J 19 2.85 81.55 -0.34
C THR J 19 1.88 82.39 -1.16
N PHE J 20 1.65 81.99 -2.41
CA PHE J 20 0.73 82.72 -3.27
C PHE J 20 -0.72 82.49 -2.86
N ALA J 21 -1.05 81.27 -2.45
CA ALA J 21 -2.40 80.98 -1.96
C ALA J 21 -2.70 81.74 -0.68
N LEU J 22 -1.73 81.79 0.24
CA LEU J 22 -1.93 82.55 1.46
C LEU J 22 -2.00 84.04 1.17
N THR J 23 -1.23 84.55 0.20
CA THR J 23 -1.33 85.98 -0.04
C THR J 23 -2.59 86.35 -0.77
N ILE J 24 -3.20 85.44 -1.54
CA ILE J 24 -4.48 85.84 -2.13
C ILE J 24 -5.59 85.75 -1.08
N VAL J 25 -5.48 84.85 -0.11
CA VAL J 25 -6.45 84.84 0.99
C VAL J 25 -6.32 86.10 1.85
N VAL J 26 -5.08 86.49 2.14
CA VAL J 26 -4.80 87.69 2.92
C VAL J 26 -5.30 88.93 2.20
N GLY J 27 -5.04 89.02 0.90
CA GLY J 27 -5.57 90.11 0.11
C GLY J 27 -7.09 90.08 0.03
N ALA J 28 -7.69 88.89 0.09
CA ALA J 28 -9.14 88.79 0.06
C ALA J 28 -9.76 89.39 1.31
N LEU J 29 -9.20 89.09 2.48
CA LEU J 29 -9.78 89.65 3.70
C LEU J 29 -9.48 91.14 3.84
N PHE J 30 -8.29 91.57 3.44
CA PHE J 30 -7.95 92.99 3.48
C PHE J 30 -8.83 93.80 2.54
N PHE J 31 -9.00 93.31 1.32
CA PHE J 31 -9.87 93.95 0.35
C PHE J 31 -11.33 93.91 0.79
N GLU J 32 -11.73 92.86 1.48
CA GLU J 32 -13.07 92.76 2.05
C GLU J 32 -13.37 93.91 2.99
N ARG J 33 -12.53 94.05 4.03
CA ARG J 33 -12.75 95.08 5.05
C ARG J 33 -12.68 96.47 4.44
N ALA J 34 -11.66 96.72 3.61
CA ALA J 34 -11.47 98.03 3.01
C ALA J 34 -12.61 98.39 2.06
N PHE J 35 -13.00 97.46 1.17
CA PHE J 35 -13.99 97.80 0.17
C PHE J 35 -15.38 97.93 0.77
N ASP J 36 -15.68 97.18 1.83
CA ASP J 36 -16.97 97.40 2.49
C ASP J 36 -17.03 98.76 3.15
N GLN J 37 -15.94 99.20 3.81
CA GLN J 37 -15.91 100.56 4.36
C GLN J 37 -16.05 101.62 3.27
N GLY J 38 -15.35 101.43 2.15
CA GLY J 38 -15.44 102.40 1.07
C GLY J 38 -16.81 102.45 0.41
N ALA J 39 -17.43 101.28 0.23
CA ALA J 39 -18.76 101.22 -0.38
C ALA J 39 -19.81 101.87 0.51
N ASP J 40 -19.75 101.58 1.81
CA ASP J 40 -20.69 102.20 2.76
C ASP J 40 -20.53 103.71 2.77
N ALA J 41 -19.28 104.19 2.84
CA ALA J 41 -19.03 105.63 2.98
C ALA J 41 -19.43 106.39 1.72
N ILE J 42 -19.01 105.90 0.56
CA ILE J 42 -19.30 106.59 -0.69
C ILE J 42 -20.80 106.53 -0.99
N TYR J 43 -21.43 105.39 -0.68
CA TYR J 43 -22.83 105.22 -1.01
C TYR J 43 -23.72 106.06 -0.10
N GLU J 44 -23.33 106.23 1.16
CA GLU J 44 -24.07 107.20 1.96
C GLU J 44 -23.74 108.62 1.57
N HIS J 45 -22.57 108.87 0.98
CA HIS J 45 -22.25 110.22 0.57
C HIS J 45 -23.07 110.66 -0.63
N ILE J 46 -23.35 109.74 -1.55
CA ILE J 46 -24.21 110.11 -2.67
C ILE J 46 -25.68 110.05 -2.29
N ASN J 47 -26.00 109.51 -1.13
CA ASN J 47 -27.35 109.46 -0.60
C ASN J 47 -27.40 110.10 0.77
N GLU J 48 -26.68 111.21 0.92
CA GLU J 48 -26.78 112.03 2.13
C GLU J 48 -28.20 112.55 2.28
N GLY J 49 -28.63 112.69 3.54
CA GLY J 49 -29.97 113.19 3.74
C GLY J 49 -31.01 112.09 3.88
N LYS J 50 -31.60 111.71 2.76
CA LYS J 50 -32.82 110.90 2.74
C LYS J 50 -32.58 109.40 2.96
N LEU J 51 -31.73 109.04 3.92
CA LEU J 51 -31.48 107.65 4.26
C LEU J 51 -31.99 107.39 5.67
N TRP J 52 -32.39 106.15 5.92
CA TRP J 52 -33.17 105.82 7.09
C TRP J 52 -32.37 105.83 8.40
N LYS J 53 -31.03 105.79 8.34
CA LYS J 53 -30.25 106.11 9.53
C LYS J 53 -30.44 107.56 9.96
N HIS J 54 -30.50 108.46 8.99
CA HIS J 54 -30.60 109.89 9.29
C HIS J 54 -31.97 110.21 9.90
N ILE J 55 -33.03 109.70 9.29
CA ILE J 55 -34.36 109.95 9.80
C ILE J 55 -34.59 109.14 11.07
N LYS J 56 -33.88 108.02 11.20
CA LYS J 56 -33.92 107.24 12.43
C LYS J 56 -33.31 108.02 13.58
N HIS J 57 -32.23 108.74 13.31
CA HIS J 57 -31.67 109.67 14.29
C HIS J 57 -32.63 110.80 14.59
N LYS J 58 -33.36 111.26 13.58
CA LYS J 58 -34.38 112.28 13.79
C LYS J 58 -35.71 111.70 14.28
N TYR J 59 -35.74 110.42 14.64
CA TYR J 59 -36.86 109.83 15.35
C TYR J 59 -36.45 109.38 16.74
N ALA K 2 -14.39 39.80 -88.88
CA ALA K 2 -15.74 40.17 -88.45
C ALA K 2 -16.61 38.94 -88.30
N THR K 3 -17.89 39.18 -88.02
CA THR K 3 -18.96 38.17 -87.90
C THR K 3 -18.56 37.06 -86.93
N TYR K 4 -18.53 37.48 -85.66
CA TYR K 4 -18.02 36.66 -84.58
C TYR K 4 -18.76 35.35 -84.44
N ALA K 5 -20.08 35.37 -84.67
CA ALA K 5 -20.83 34.12 -84.64
C ALA K 5 -20.49 33.25 -85.83
N GLN K 6 -20.34 33.86 -87.01
CA GLN K 6 -19.92 33.12 -88.19
C GLN K 6 -18.50 32.60 -88.05
N ALA K 7 -17.65 33.36 -87.37
CA ALA K 7 -16.33 32.84 -87.04
C ALA K 7 -16.42 31.70 -86.04
N LEU K 8 -17.41 31.72 -85.16
CA LEU K 8 -17.61 30.59 -84.24
C LEU K 8 -18.18 29.38 -84.94
N GLN K 9 -18.79 29.54 -86.11
CA GLN K 9 -19.16 28.35 -86.87
C GLN K 9 -17.98 27.75 -87.62
N SER K 10 -16.82 28.40 -87.61
CA SER K 10 -15.59 27.89 -88.21
C SER K 10 -14.77 27.07 -87.24
N VAL K 11 -15.40 26.44 -86.27
CA VAL K 11 -14.73 25.66 -85.24
C VAL K 11 -15.05 24.19 -85.49
N PRO K 12 -14.06 23.30 -85.48
CA PRO K 12 -14.33 21.90 -85.79
C PRO K 12 -15.14 21.19 -84.71
N GLU K 13 -15.63 20.01 -85.07
CA GLU K 13 -16.50 19.23 -84.20
C GLU K 13 -15.77 17.97 -83.75
N THR K 14 -16.06 17.55 -82.53
CA THR K 14 -15.41 16.40 -81.92
C THR K 14 -16.15 15.12 -82.26
N GLN K 15 -15.49 14.22 -82.96
CA GLN K 15 -16.09 12.93 -83.28
C GLN K 15 -16.16 12.07 -82.03
N VAL K 16 -17.33 11.48 -81.82
CA VAL K 16 -17.63 10.64 -80.65
C VAL K 16 -17.91 9.24 -81.14
N SER K 17 -17.20 8.26 -80.59
CA SER K 17 -17.43 6.88 -80.96
C SER K 17 -17.28 6.02 -79.73
N GLN K 18 -17.71 4.77 -79.88
CA GLN K 18 -17.97 3.91 -78.73
C GLN K 18 -17.26 2.59 -78.96
N LEU K 19 -16.06 2.44 -78.38
CA LEU K 19 -15.34 1.18 -78.43
C LEU K 19 -16.11 0.09 -77.72
N ASP K 20 -15.98 -1.13 -78.27
CA ASP K 20 -16.91 -2.21 -78.00
C ASP K 20 -16.83 -2.72 -76.57
N ASN K 21 -15.77 -2.39 -75.84
CA ASN K 21 -15.79 -2.62 -74.40
C ASN K 21 -16.74 -1.69 -73.67
N GLY K 22 -17.24 -0.66 -74.34
CA GLY K 22 -18.00 0.40 -73.71
C GLY K 22 -17.25 1.71 -73.62
N LEU K 23 -16.04 1.76 -74.14
CA LEU K 23 -15.11 2.86 -73.88
C LEU K 23 -15.50 4.07 -74.72
N ARG K 24 -15.64 5.24 -74.10
CA ARG K 24 -15.95 6.41 -74.91
C ARG K 24 -14.67 6.96 -75.51
N VAL K 25 -14.56 6.96 -76.84
CA VAL K 25 -13.43 7.61 -77.47
C VAL K 25 -13.97 8.83 -78.20
N ALA K 26 -13.13 9.87 -78.28
CA ALA K 26 -13.53 11.11 -78.93
C ALA K 26 -12.29 11.85 -79.39
N SER K 27 -12.39 12.46 -80.55
CA SER K 27 -11.24 13.13 -81.16
C SER K 27 -11.65 14.47 -81.72
N GLU K 28 -10.80 15.48 -81.54
CA GLU K 28 -10.95 16.72 -82.27
C GLU K 28 -9.73 16.91 -83.16
N GLN K 29 -9.94 16.60 -84.44
CA GLN K 29 -8.95 16.81 -85.48
C GLN K 29 -8.81 18.31 -85.69
N SER K 30 -7.83 18.90 -85.07
CA SER K 30 -7.56 20.32 -85.23
C SER K 30 -6.32 20.51 -86.09
N SER K 31 -5.92 21.76 -86.27
CA SER K 31 -5.01 22.15 -87.35
C SER K 31 -3.57 22.26 -86.91
N GLN K 32 -3.08 21.42 -86.01
CA GLN K 32 -1.73 21.60 -85.49
C GLN K 32 -0.92 20.31 -85.55
N PRO K 33 0.40 20.42 -85.68
CA PRO K 33 1.26 19.23 -85.62
C PRO K 33 1.45 18.67 -84.22
N THR K 34 0.96 19.34 -83.19
CA THR K 34 1.13 18.91 -81.81
C THR K 34 -0.15 18.24 -81.33
N CYS K 35 -0.01 17.09 -80.66
CA CYS K 35 -1.18 16.34 -80.22
C CYS K 35 -1.18 16.18 -78.71
N THR K 36 -2.39 16.08 -78.16
CA THR K 36 -2.62 15.77 -76.75
C THR K 36 -3.59 14.61 -76.69
N VAL K 37 -3.15 13.51 -76.11
CA VAL K 37 -3.95 12.30 -76.02
C VAL K 37 -4.12 11.97 -74.56
N GLY K 38 -5.37 11.79 -74.11
CA GLY K 38 -5.62 11.69 -72.70
C GLY K 38 -6.72 10.70 -72.38
N VAL K 39 -6.72 10.29 -71.12
CA VAL K 39 -7.70 9.40 -70.55
C VAL K 39 -8.27 10.06 -69.31
N TRP K 40 -9.59 10.22 -69.28
CA TRP K 40 -10.32 10.73 -68.14
C TRP K 40 -11.16 9.63 -67.51
N ILE K 41 -10.98 9.43 -66.22
CA ILE K 41 -11.49 8.30 -65.47
C ILE K 41 -12.34 8.84 -64.34
N ASP K 42 -13.55 8.33 -64.20
CA ASP K 42 -14.41 8.73 -63.08
C ASP K 42 -14.02 7.88 -61.87
N ALA K 43 -12.90 8.23 -61.27
CA ALA K 43 -12.53 7.61 -60.01
C ALA K 43 -11.88 8.70 -59.18
N GLY K 44 -12.71 9.44 -58.47
CA GLY K 44 -12.20 10.55 -57.69
C GLY K 44 -11.95 10.07 -56.29
N SER K 45 -12.25 10.90 -55.30
CA SER K 45 -12.24 10.45 -53.92
C SER K 45 -13.64 10.24 -53.40
N ARG K 46 -14.65 10.71 -54.11
CA ARG K 46 -16.04 10.58 -53.69
C ARG K 46 -16.49 9.13 -53.64
N TYR K 47 -15.83 8.26 -54.40
CA TYR K 47 -16.19 6.85 -54.53
C TYR K 47 -15.45 5.97 -53.54
N GLU K 48 -15.12 6.47 -52.36
CA GLU K 48 -14.24 5.74 -51.47
C GLU K 48 -14.91 5.50 -50.14
N THR K 49 -14.33 4.57 -49.40
CA THR K 49 -14.71 4.28 -48.03
C THR K 49 -13.99 5.24 -47.10
N GLU K 50 -13.91 4.88 -45.82
CA GLU K 50 -12.93 5.50 -44.95
C GLU K 50 -11.58 4.81 -45.09
N LYS K 51 -11.59 3.50 -45.23
CA LYS K 51 -10.33 2.76 -45.30
C LYS K 51 -9.70 2.78 -46.68
N ASN K 52 -10.42 3.23 -47.71
CA ASN K 52 -9.82 3.45 -49.01
C ASN K 52 -9.54 4.92 -49.26
N ASN K 53 -9.49 5.72 -48.20
CA ASN K 53 -9.22 7.13 -48.36
C ASN K 53 -7.75 7.30 -48.71
N GLY K 54 -7.49 8.06 -49.76
CA GLY K 54 -6.13 8.26 -50.19
C GLY K 54 -5.54 7.11 -50.96
N ALA K 55 -6.32 6.07 -51.25
CA ALA K 55 -5.83 5.02 -52.11
C ALA K 55 -5.64 5.52 -53.53
N GLY K 56 -6.50 6.44 -53.98
CA GLY K 56 -6.43 6.90 -55.36
C GLY K 56 -5.21 7.76 -55.63
N TYR K 57 -4.88 8.65 -54.68
CA TYR K 57 -3.65 9.43 -54.77
C TYR K 57 -2.43 8.53 -54.80
N PHE K 58 -2.46 7.47 -54.00
CA PHE K 58 -1.39 6.50 -53.94
C PHE K 58 -1.26 5.73 -55.25
N VAL K 59 -2.39 5.40 -55.86
CA VAL K 59 -2.42 4.76 -57.18
C VAL K 59 -1.78 5.66 -58.21
N GLU K 60 -2.10 6.95 -58.17
CA GLU K 60 -1.57 7.88 -59.17
C GLU K 60 -0.07 8.05 -59.01
N HIS K 61 0.41 8.01 -57.77
CA HIS K 61 1.85 7.88 -57.56
C HIS K 61 2.40 6.61 -58.20
N LEU K 62 1.77 5.47 -57.93
CA LEU K 62 2.26 4.22 -58.50
C LEU K 62 1.68 3.92 -59.88
N ALA K 63 1.13 4.93 -60.55
CA ALA K 63 0.69 4.72 -61.91
C ALA K 63 1.86 4.74 -62.88
N PHE K 64 2.94 5.44 -62.54
CA PHE K 64 4.03 5.68 -63.47
C PHE K 64 5.30 4.97 -63.05
N LYS K 65 5.22 4.09 -62.07
CA LYS K 65 6.42 3.53 -61.45
C LYS K 65 6.61 2.07 -61.79
N GLY K 66 6.24 1.69 -62.99
CA GLY K 66 6.55 0.33 -63.39
C GLY K 66 5.32 -0.56 -63.42
N THR K 67 5.32 -1.50 -64.36
CA THR K 67 4.18 -2.34 -64.65
C THR K 67 4.67 -3.78 -64.74
N LYS K 68 3.77 -4.67 -65.17
CA LYS K 68 4.12 -6.06 -65.45
C LYS K 68 4.69 -6.26 -66.84
N ASN K 69 4.70 -5.21 -67.66
CA ASN K 69 5.07 -5.30 -69.06
C ASN K 69 6.44 -4.69 -69.31
N ARG K 70 6.60 -3.41 -69.01
CA ARG K 70 7.86 -2.67 -69.14
C ARG K 70 8.25 -2.25 -67.73
N PRO K 71 8.96 -3.10 -66.99
CA PRO K 71 9.05 -2.91 -65.54
C PRO K 71 9.93 -1.73 -65.14
N GLY K 72 9.66 -1.23 -63.95
CA GLY K 72 10.57 -0.37 -63.22
C GLY K 72 10.69 1.07 -63.69
N ASN K 73 11.42 1.26 -64.79
CA ASN K 73 11.65 2.61 -65.31
C ASN K 73 11.58 2.69 -66.82
N ALA K 74 11.24 1.61 -67.51
CA ALA K 74 11.27 1.59 -68.97
C ALA K 74 10.18 2.47 -69.55
N LEU K 75 9.08 2.61 -68.82
CA LEU K 75 8.03 3.57 -69.15
C LEU K 75 8.59 4.97 -69.29
N GLU K 76 9.25 5.45 -68.23
CA GLU K 76 9.88 6.76 -68.22
C GLU K 76 10.99 6.85 -69.26
N LYS K 77 11.69 5.74 -69.50
CA LYS K 77 12.76 5.76 -70.50
C LYS K 77 12.21 5.93 -71.90
N GLU K 78 11.05 5.33 -72.20
CA GLU K 78 10.46 5.57 -73.52
C GLU K 78 9.88 6.96 -73.63
N VAL K 79 9.36 7.48 -72.52
CA VAL K 79 8.85 8.86 -72.48
C VAL K 79 9.96 9.84 -72.82
N GLU K 80 11.09 9.71 -72.14
CA GLU K 80 12.23 10.56 -72.44
C GLU K 80 12.98 10.12 -73.69
N SER K 81 12.65 8.95 -74.25
CA SER K 81 13.23 8.54 -75.53
C SER K 81 12.60 9.32 -76.66
N MET K 82 11.30 9.17 -76.84
CA MET K 82 10.65 9.94 -77.88
C MET K 82 10.33 11.36 -77.47
N GLY K 83 10.75 11.77 -76.27
CA GLY K 83 10.48 13.12 -75.83
C GLY K 83 9.03 13.35 -75.51
N ALA K 84 8.36 12.36 -74.94
CA ALA K 84 6.96 12.54 -74.56
C ALA K 84 6.87 13.44 -73.34
N HIS K 85 5.70 14.04 -73.16
CA HIS K 85 5.46 14.91 -72.01
C HIS K 85 4.30 14.33 -71.23
N LEU K 86 4.63 13.55 -70.21
CA LEU K 86 3.65 12.84 -69.40
C LEU K 86 3.10 13.75 -68.33
N ASN K 87 1.80 13.65 -68.08
CA ASN K 87 1.22 14.49 -67.04
C ASN K 87 -0.04 13.80 -66.53
N ALA K 88 -0.42 14.17 -65.30
CA ALA K 88 -1.51 13.52 -64.61
C ALA K 88 -2.03 14.43 -63.53
N TYR K 89 -3.32 14.33 -63.24
CA TYR K 89 -3.83 14.98 -62.03
C TYR K 89 -5.01 14.18 -61.54
N SER K 90 -5.42 14.46 -60.31
CA SER K 90 -6.59 13.79 -59.75
C SER K 90 -7.32 14.75 -58.83
N THR K 91 -8.63 14.75 -58.92
CA THR K 91 -9.53 15.58 -58.12
C THR K 91 -10.39 14.67 -57.27
N ARG K 92 -11.35 15.28 -56.58
CA ARG K 92 -12.28 14.51 -55.78
C ARG K 92 -13.30 13.77 -56.64
N GLU K 93 -13.46 14.17 -57.90
CA GLU K 93 -14.45 13.57 -58.75
C GLU K 93 -13.89 13.06 -60.07
N HIS K 94 -12.69 13.49 -60.48
CA HIS K 94 -12.11 13.03 -61.72
C HIS K 94 -10.67 12.61 -61.49
N THR K 95 -10.15 11.79 -62.39
CA THR K 95 -8.74 11.41 -62.36
C THR K 95 -8.27 11.24 -63.79
N ALA K 96 -7.23 11.95 -64.17
CA ALA K 96 -6.84 11.96 -65.58
C ALA K 96 -5.35 11.71 -65.74
N TYR K 97 -5.02 10.95 -66.77
CA TYR K 97 -3.65 10.82 -67.24
C TYR K 97 -3.62 11.28 -68.69
N TYR K 98 -2.66 12.11 -69.05
CA TYR K 98 -2.62 12.59 -70.42
C TYR K 98 -1.18 12.79 -70.86
N ILE K 99 -1.00 12.86 -72.17
CA ILE K 99 0.32 12.88 -72.79
C ILE K 99 0.34 13.93 -73.89
N LYS K 100 1.29 14.86 -73.80
CA LYS K 100 1.56 15.85 -74.83
C LYS K 100 2.69 15.31 -75.69
N ALA K 101 2.42 15.14 -76.98
CA ALA K 101 3.44 14.56 -77.84
C ALA K 101 3.22 14.99 -79.29
N LEU K 102 3.84 14.28 -80.21
CA LEU K 102 3.99 14.63 -81.61
C LEU K 102 3.07 13.77 -82.47
N SER K 103 2.81 14.27 -83.69
CA SER K 103 1.85 13.70 -84.62
C SER K 103 2.17 12.28 -85.07
N LYS K 104 3.42 11.84 -84.93
CA LYS K 104 3.82 10.57 -85.52
C LYS K 104 4.02 9.45 -84.51
N ASP K 105 4.18 9.75 -83.22
CA ASP K 105 4.40 8.71 -82.23
C ASP K 105 3.11 8.21 -81.62
N LEU K 106 1.98 8.43 -82.29
CA LEU K 106 0.64 8.14 -81.81
C LEU K 106 0.40 6.65 -81.50
N PRO K 107 0.82 5.67 -82.34
CA PRO K 107 0.65 4.28 -81.89
C PRO K 107 1.49 3.94 -80.68
N LYS K 108 2.71 4.47 -80.62
CA LYS K 108 3.55 4.17 -79.48
C LYS K 108 3.07 4.90 -78.23
N ALA K 109 2.51 6.10 -78.40
CA ALA K 109 1.95 6.82 -77.27
C ALA K 109 0.69 6.14 -76.73
N VAL K 110 -0.16 5.64 -77.62
CA VAL K 110 -1.35 4.94 -77.15
C VAL K 110 -0.97 3.61 -76.51
N GLU K 111 0.11 2.99 -76.99
CA GLU K 111 0.64 1.81 -76.32
C GLU K 111 1.11 2.13 -74.91
N LEU K 112 1.81 3.26 -74.76
CA LEU K 112 2.22 3.75 -73.45
C LEU K 112 1.02 3.97 -72.54
N LEU K 113 -0.03 4.58 -73.07
CA LEU K 113 -1.17 4.97 -72.26
C LEU K 113 -1.99 3.74 -71.84
N ALA K 114 -2.13 2.77 -72.74
CA ALA K 114 -2.78 1.52 -72.39
C ALA K 114 -1.98 0.76 -71.33
N ASP K 115 -0.66 0.76 -71.45
CA ASP K 115 0.15 0.06 -70.46
C ASP K 115 0.15 0.80 -69.13
N ILE K 116 -0.10 2.11 -69.14
CA ILE K 116 -0.36 2.83 -67.89
C ILE K 116 -1.63 2.31 -67.26
N VAL K 117 -2.73 2.30 -68.02
CA VAL K 117 -4.04 2.11 -67.40
C VAL K 117 -4.27 0.66 -67.03
N GLN K 118 -4.34 -0.22 -68.04
CA GLN K 118 -4.94 -1.52 -67.79
C GLN K 118 -3.97 -2.55 -67.25
N ASN K 119 -2.68 -2.25 -67.21
CA ASN K 119 -1.70 -3.22 -66.73
C ASN K 119 -0.84 -2.61 -65.64
N CYS K 120 -1.43 -1.79 -64.78
CA CYS K 120 -0.68 -1.22 -63.68
C CYS K 120 -0.40 -2.31 -62.66
N SER K 121 0.85 -2.37 -62.19
CA SER K 121 1.28 -3.41 -61.28
C SER K 121 2.08 -2.78 -60.15
N LEU K 122 1.95 -3.36 -58.97
CA LEU K 122 2.46 -2.78 -57.75
C LEU K 122 3.49 -3.72 -57.13
N GLU K 123 4.43 -3.16 -56.38
CA GLU K 123 5.53 -3.96 -55.83
C GLU K 123 5.89 -3.46 -54.44
N ASP K 124 6.61 -4.30 -53.70
CA ASP K 124 6.81 -4.05 -52.27
C ASP K 124 7.80 -2.94 -52.03
N SER K 125 8.90 -2.92 -52.78
CA SER K 125 9.80 -1.78 -52.75
C SER K 125 9.09 -0.52 -53.22
N GLN K 126 8.20 -0.67 -54.20
CA GLN K 126 7.42 0.45 -54.69
C GLN K 126 6.44 0.97 -53.63
N ILE K 127 5.71 0.06 -52.96
CA ILE K 127 4.72 0.52 -51.99
C ILE K 127 5.39 1.12 -50.77
N GLU K 128 6.55 0.59 -50.35
CA GLU K 128 7.23 1.16 -49.19
C GLU K 128 7.82 2.53 -49.51
N LYS K 129 8.50 2.64 -50.66
CA LYS K 129 9.11 3.91 -51.01
C LYS K 129 8.06 4.98 -51.30
N GLU K 130 6.96 4.61 -51.95
CA GLU K 130 5.94 5.62 -52.25
C GLU K 130 5.13 6.00 -51.02
N ARG K 131 5.02 5.11 -50.04
CA ARG K 131 4.45 5.50 -48.76
C ARG K 131 5.32 6.55 -48.09
N ASP K 132 6.64 6.36 -48.16
CA ASP K 132 7.54 7.39 -47.64
C ASP K 132 7.42 8.69 -48.41
N VAL K 133 7.21 8.59 -49.74
CA VAL K 133 7.09 9.79 -50.57
C VAL K 133 5.83 10.57 -50.22
N ILE K 134 4.72 9.87 -49.98
CA ILE K 134 3.48 10.59 -49.66
C ILE K 134 3.54 11.15 -48.24
N LEU K 135 4.29 10.51 -47.34
CA LEU K 135 4.52 11.16 -46.06
C LEU K 135 5.33 12.43 -46.19
N GLN K 136 6.30 12.44 -47.10
CA GLN K 136 7.01 13.68 -47.41
C GLN K 136 6.08 14.73 -48.03
N GLU K 137 5.18 14.31 -48.90
CA GLU K 137 4.32 15.26 -49.60
C GLU K 137 3.27 15.85 -48.69
N LEU K 138 2.71 15.05 -47.77
CA LEU K 138 1.80 15.63 -46.80
C LEU K 138 2.54 16.53 -45.82
N GLN K 139 3.72 16.10 -45.36
CA GLN K 139 4.43 16.89 -44.37
C GLN K 139 5.02 18.16 -44.95
N GLU K 140 5.18 18.24 -46.28
CA GLU K 140 5.57 19.48 -46.95
C GLU K 140 4.40 20.17 -47.65
N ASN K 141 3.18 19.63 -47.56
CA ASN K 141 2.00 20.37 -48.00
C ASN K 141 0.98 20.53 -46.89
N ASP K 142 1.43 20.44 -45.64
CA ASP K 142 0.70 21.00 -44.52
C ASP K 142 0.73 22.52 -44.53
N THR K 143 1.70 23.12 -45.20
CA THR K 143 1.88 24.56 -45.21
C THR K 143 1.43 25.20 -46.50
N SER K 144 0.95 24.42 -47.46
CA SER K 144 0.36 24.98 -48.67
C SER K 144 -1.01 25.52 -48.30
N MET K 145 -1.08 26.83 -48.02
CA MET K 145 -2.15 27.37 -47.20
C MET K 145 -3.50 27.36 -47.93
N ARG K 146 -3.51 27.77 -49.19
CA ARG K 146 -4.73 27.77 -49.99
C ARG K 146 -5.29 26.36 -50.15
N ASP K 147 -4.41 25.38 -50.23
CA ASP K 147 -4.85 23.99 -50.24
C ASP K 147 -5.49 23.61 -48.92
N VAL K 148 -4.94 24.06 -47.80
CA VAL K 148 -5.52 23.76 -46.49
C VAL K 148 -6.89 24.41 -46.36
N VAL K 149 -7.06 25.59 -46.94
CA VAL K 149 -8.34 26.27 -46.87
C VAL K 149 -9.39 25.53 -47.68
N PHE K 150 -9.03 25.05 -48.87
CA PHE K 150 -9.99 24.28 -49.64
C PHE K 150 -10.31 22.94 -48.99
N ASN K 151 -9.33 22.34 -48.32
CA ASN K 151 -9.58 21.13 -47.54
C ASN K 151 -10.60 21.39 -46.45
N TYR K 152 -10.40 22.48 -45.70
CA TYR K 152 -11.32 22.80 -44.61
C TYR K 152 -12.70 23.11 -45.14
N LEU K 153 -12.78 23.75 -46.30
CA LEU K 153 -14.08 24.14 -46.83
C LEU K 153 -14.89 22.93 -47.23
N HIS K 154 -14.27 22.00 -47.96
CA HIS K 154 -15.00 20.78 -48.32
C HIS K 154 -15.30 19.92 -47.11
N ALA K 155 -14.40 19.88 -46.12
CA ALA K 155 -14.64 19.09 -44.94
C ALA K 155 -15.78 19.66 -44.11
N THR K 156 -15.91 20.98 -44.03
CA THR K 156 -17.00 21.52 -43.24
C THR K 156 -18.29 21.64 -44.02
N ALA K 157 -18.26 21.60 -45.34
CA ALA K 157 -19.50 21.75 -46.07
C ALA K 157 -20.09 20.43 -46.50
N PHE K 158 -19.35 19.33 -46.39
CA PHE K 158 -19.92 18.04 -46.73
C PHE K 158 -19.70 17.05 -45.60
N GLN K 159 -20.03 17.50 -44.39
CA GLN K 159 -19.79 16.74 -43.17
C GLN K 159 -20.51 15.41 -43.20
N GLY K 160 -19.81 14.37 -42.80
CA GLY K 160 -20.42 13.05 -42.75
C GLY K 160 -20.44 12.29 -44.04
N THR K 161 -20.84 12.92 -45.13
CA THR K 161 -20.81 12.26 -46.43
C THR K 161 -19.37 12.08 -46.87
N PRO K 162 -19.07 11.11 -47.73
CA PRO K 162 -17.68 10.89 -48.14
C PRO K 162 -17.08 11.98 -49.00
N LEU K 163 -17.84 13.01 -49.37
CA LEU K 163 -17.24 14.10 -50.15
C LEU K 163 -16.26 14.91 -49.32
N ALA K 164 -16.40 14.90 -48.00
CA ALA K 164 -15.46 15.61 -47.14
C ALA K 164 -14.12 14.94 -47.02
N GLN K 165 -13.89 13.81 -47.66
CA GLN K 165 -12.58 13.19 -47.60
C GLN K 165 -11.57 14.04 -48.35
N SER K 166 -10.31 13.91 -47.97
CA SER K 166 -9.30 14.66 -48.67
C SER K 166 -8.76 13.84 -49.83
N VAL K 167 -8.12 14.54 -50.77
CA VAL K 167 -7.60 13.90 -51.97
C VAL K 167 -6.46 12.96 -51.61
N GLU K 168 -5.70 13.30 -50.59
CA GLU K 168 -4.61 12.43 -50.16
C GLU K 168 -5.02 11.44 -49.09
N GLY K 169 -6.16 11.63 -48.44
CA GLY K 169 -6.53 10.80 -47.32
C GLY K 169 -5.83 11.24 -46.06
N PRO K 170 -6.34 10.84 -44.90
CA PRO K 170 -5.65 11.15 -43.65
C PRO K 170 -4.43 10.28 -43.51
N SER K 171 -3.52 10.73 -42.65
CA SER K 171 -2.20 10.09 -42.53
C SER K 171 -2.30 8.67 -42.04
N GLU K 172 -3.27 8.37 -41.20
CA GLU K 172 -3.41 7.05 -40.63
C GLU K 172 -4.27 6.13 -41.48
N ASN K 173 -4.75 6.59 -42.63
CA ASN K 173 -5.11 5.67 -43.70
C ASN K 173 -4.02 5.55 -44.75
N VAL K 174 -3.04 6.44 -44.74
CA VAL K 174 -1.97 6.36 -45.73
C VAL K 174 -0.88 5.42 -45.28
N ARG K 175 -0.47 5.54 -44.01
CA ARG K 175 0.65 4.73 -43.56
C ARG K 175 0.27 3.29 -43.22
N LYS K 176 -0.89 2.79 -43.65
CA LYS K 176 -1.23 1.40 -43.37
C LYS K 176 -1.98 0.72 -44.52
N LEU K 177 -1.95 1.28 -45.73
CA LEU K 177 -2.60 0.60 -46.85
C LEU K 177 -1.87 -0.67 -47.24
N SER K 178 -2.65 -1.66 -47.61
CA SER K 178 -2.13 -2.91 -48.14
C SER K 178 -2.28 -2.90 -49.65
N ARG K 179 -1.62 -3.87 -50.29
CA ARG K 179 -1.77 -4.01 -51.73
C ARG K 179 -3.15 -4.52 -52.09
N ALA K 180 -3.80 -5.22 -51.16
CA ALA K 180 -5.11 -5.82 -51.43
C ALA K 180 -6.17 -4.76 -51.64
N ASP K 181 -6.16 -3.72 -50.82
CA ASP K 181 -7.10 -2.62 -50.98
C ASP K 181 -6.83 -1.84 -52.25
N LEU K 182 -5.54 -1.71 -52.61
CA LEU K 182 -5.17 -1.10 -53.87
C LEU K 182 -5.73 -1.88 -55.04
N THR K 183 -5.60 -3.21 -54.99
CA THR K 183 -6.09 -4.07 -56.05
C THR K 183 -7.60 -4.03 -56.11
N GLU K 184 -8.26 -3.89 -54.97
CA GLU K 184 -9.70 -3.71 -54.94
C GLU K 184 -10.11 -2.40 -55.60
N TYR K 185 -9.38 -1.32 -55.32
CA TYR K 185 -9.71 -0.03 -55.91
C TYR K 185 -9.47 -0.03 -57.42
N LEU K 186 -8.32 -0.59 -57.83
CA LEU K 186 -7.99 -0.80 -59.23
C LEU K 186 -9.05 -1.64 -59.92
N SER K 187 -9.57 -2.65 -59.22
CA SER K 187 -10.55 -3.55 -59.82
C SER K 187 -11.90 -2.88 -59.93
N ARG K 188 -12.25 -2.08 -58.95
CA ARG K 188 -13.60 -1.57 -58.86
C ARG K 188 -13.78 -0.24 -59.59
N HIS K 189 -12.68 0.44 -59.95
CA HIS K 189 -12.88 1.73 -60.59
C HIS K 189 -12.15 1.93 -61.90
N TYR K 190 -11.30 1.02 -62.33
CA TYR K 190 -10.67 1.13 -63.64
C TYR K 190 -11.40 0.24 -64.64
N LYS K 191 -12.63 0.66 -64.93
CA LYS K 191 -13.55 -0.13 -65.71
C LYS K 191 -13.84 0.54 -67.05
N ALA K 192 -14.16 -0.29 -68.03
CA ALA K 192 -14.25 0.15 -69.42
C ALA K 192 -15.32 1.20 -69.72
N PRO K 193 -16.59 1.07 -69.31
CA PRO K 193 -17.61 1.97 -69.88
C PRO K 193 -17.57 3.37 -69.35
N ARG K 194 -17.03 3.57 -68.16
CA ARG K 194 -17.11 4.87 -67.53
C ARG K 194 -16.08 5.84 -68.06
N MET K 195 -15.03 5.36 -68.72
CA MET K 195 -13.84 6.16 -68.98
C MET K 195 -13.72 6.55 -70.45
N VAL K 196 -12.94 7.61 -70.67
CA VAL K 196 -12.88 8.28 -71.95
C VAL K 196 -11.44 8.34 -72.41
N LEU K 197 -11.19 7.88 -73.62
CA LEU K 197 -10.00 8.17 -74.39
C LEU K 197 -10.32 9.29 -75.37
N ALA K 198 -9.58 10.38 -75.29
CA ALA K 198 -9.85 11.51 -76.18
C ALA K 198 -8.55 12.14 -76.63
N ALA K 199 -8.50 12.47 -77.91
CA ALA K 199 -7.32 13.10 -78.51
C ALA K 199 -7.69 14.41 -79.16
N ALA K 200 -6.74 15.35 -79.15
CA ALA K 200 -6.94 16.66 -79.73
C ALA K 200 -5.68 17.05 -80.47
N GLY K 201 -5.80 17.37 -81.74
CA GLY K 201 -4.60 17.73 -82.50
C GLY K 201 -4.80 17.48 -83.99
N GLY K 202 -3.70 17.25 -84.68
CA GLY K 202 -3.74 16.96 -86.11
C GLY K 202 -3.76 15.49 -86.46
N LEU K 203 -4.86 14.80 -86.18
CA LEU K 203 -4.93 13.38 -86.43
C LEU K 203 -6.37 12.97 -86.68
N GLU K 204 -6.55 11.99 -87.56
CA GLU K 204 -7.89 11.61 -87.94
C GLU K 204 -8.47 10.56 -87.00
N HIS K 205 -9.81 10.53 -86.99
CA HIS K 205 -10.54 9.71 -86.04
C HIS K 205 -10.39 8.23 -86.32
N ARG K 206 -10.20 7.86 -87.59
CA ARG K 206 -10.04 6.46 -87.95
C ARG K 206 -8.78 5.86 -87.35
N GLN K 207 -7.69 6.62 -87.39
CA GLN K 207 -6.43 6.17 -86.81
C GLN K 207 -6.58 5.95 -85.31
N LEU K 208 -7.25 6.88 -84.66
CA LEU K 208 -7.43 6.78 -83.22
C LEU K 208 -8.34 5.63 -82.85
N LEU K 209 -9.40 5.43 -83.64
CA LEU K 209 -10.34 4.35 -83.39
C LEU K 209 -9.68 3.01 -83.60
N ASP K 210 -8.83 2.91 -84.63
CA ASP K 210 -8.17 1.64 -84.90
C ASP K 210 -7.12 1.33 -83.84
N LEU K 211 -6.41 2.34 -83.38
CA LEU K 211 -5.40 2.08 -82.36
C LEU K 211 -6.06 1.73 -81.03
N ALA K 212 -7.16 2.41 -80.70
CA ALA K 212 -7.93 2.04 -79.51
C ALA K 212 -8.55 0.66 -79.67
N GLN K 213 -8.87 0.26 -80.90
CA GLN K 213 -9.37 -1.09 -81.11
C GLN K 213 -8.27 -2.11 -80.92
N LYS K 214 -7.05 -1.77 -81.31
CA LYS K 214 -5.96 -2.72 -81.20
C LYS K 214 -5.35 -2.77 -79.82
N HIS K 215 -5.65 -1.80 -78.95
CA HIS K 215 -5.07 -1.84 -77.62
C HIS K 215 -6.10 -1.92 -76.51
N PHE K 216 -7.15 -1.13 -76.58
CA PHE K 216 -8.17 -1.18 -75.53
C PHE K 216 -9.18 -2.27 -75.71
N SER K 217 -9.06 -3.12 -76.72
CA SER K 217 -9.87 -4.33 -76.73
C SER K 217 -9.29 -5.28 -75.70
N GLY K 218 -9.92 -5.36 -74.54
CA GLY K 218 -9.43 -6.25 -73.52
C GLY K 218 -9.04 -5.61 -72.21
N LEU K 219 -9.75 -4.56 -71.78
CA LEU K 219 -9.53 -4.10 -70.41
C LEU K 219 -10.53 -4.70 -69.43
N SER K 220 -11.83 -4.42 -69.61
CA SER K 220 -12.84 -4.72 -68.60
C SER K 220 -14.25 -4.63 -69.13
N GLY K 221 -15.22 -4.54 -68.21
CA GLY K 221 -16.62 -4.44 -68.58
C GLY K 221 -17.57 -5.07 -67.58
N THR K 222 -17.04 -5.77 -66.59
CA THR K 222 -17.88 -6.43 -65.61
C THR K 222 -17.30 -6.27 -64.21
N TYR K 223 -18.19 -6.10 -63.24
CA TYR K 223 -17.79 -5.77 -61.88
C TYR K 223 -17.60 -7.05 -61.06
N ASP K 224 -16.96 -6.89 -59.90
CA ASP K 224 -16.82 -8.00 -58.98
C ASP K 224 -18.15 -8.31 -58.28
N GLU K 225 -18.95 -9.19 -58.89
CA GLU K 225 -20.28 -9.55 -58.42
C GLU K 225 -21.18 -8.33 -58.24
N ASP K 226 -21.12 -7.43 -59.23
CA ASP K 226 -22.06 -6.32 -59.38
C ASP K 226 -22.01 -5.34 -58.21
N ALA K 227 -20.81 -5.10 -57.71
CA ALA K 227 -20.60 -4.12 -56.64
C ALA K 227 -20.45 -2.73 -57.26
N VAL K 228 -21.55 -2.25 -57.82
CA VAL K 228 -21.53 -1.06 -58.65
C VAL K 228 -21.44 0.21 -57.80
N PRO K 229 -20.41 1.03 -58.00
CA PRO K 229 -20.37 2.32 -57.32
C PRO K 229 -21.43 3.23 -57.92
N THR K 230 -22.14 3.94 -57.06
CA THR K 230 -23.26 4.75 -57.51
C THR K 230 -23.27 6.05 -56.73
N LEU K 231 -23.57 7.15 -57.41
CA LEU K 231 -23.54 8.46 -56.79
C LEU K 231 -24.64 8.61 -55.76
N THR K 232 -24.38 9.43 -54.76
CA THR K 232 -25.38 9.85 -53.79
C THR K 232 -25.37 11.37 -53.78
N PRO K 233 -26.47 12.02 -54.10
CA PRO K 233 -26.51 13.49 -54.02
C PRO K 233 -26.51 13.94 -52.58
N CYS K 234 -25.38 14.45 -52.09
CA CYS K 234 -25.17 14.67 -50.67
C CYS K 234 -25.81 15.99 -50.23
N ARG K 235 -25.45 16.44 -49.03
CA ARG K 235 -26.09 17.58 -48.39
C ARG K 235 -25.05 18.62 -47.99
N PHE K 236 -25.34 19.88 -48.28
CA PHE K 236 -24.46 20.99 -47.96
C PHE K 236 -24.83 21.58 -46.61
N THR K 237 -23.89 21.55 -45.67
CA THR K 237 -24.24 21.79 -44.27
C THR K 237 -24.30 23.28 -43.95
N GLY K 238 -23.19 23.98 -44.06
CA GLY K 238 -23.20 25.40 -43.74
C GLY K 238 -22.89 25.59 -42.27
N SER K 239 -21.74 26.18 -41.98
CA SER K 239 -21.12 26.08 -40.68
C SER K 239 -19.92 27.00 -40.69
N GLU K 240 -19.14 26.99 -39.62
CA GLU K 240 -17.81 27.53 -39.80
C GLU K 240 -16.82 26.71 -39.00
N ILE K 241 -15.68 26.49 -39.61
CA ILE K 241 -14.52 25.99 -38.91
C ILE K 241 -13.47 27.08 -38.97
N ARG K 242 -12.99 27.48 -37.80
CA ARG K 242 -12.00 28.53 -37.76
C ARG K 242 -10.76 28.00 -37.06
N HIS K 243 -9.64 28.08 -37.76
CA HIS K 243 -8.39 27.57 -37.25
C HIS K 243 -7.60 28.79 -36.81
N ARG K 244 -7.71 29.08 -35.53
CA ARG K 244 -6.96 30.18 -34.95
C ARG K 244 -5.53 29.72 -34.76
N GLU K 245 -4.64 30.39 -35.48
CA GLU K 245 -3.20 30.12 -35.48
C GLU K 245 -2.56 31.47 -35.81
N ASP K 246 -2.17 32.21 -34.77
CA ASP K 246 -1.82 33.61 -34.97
C ASP K 246 -0.41 33.82 -35.53
N GLY K 247 0.47 32.83 -35.43
CA GLY K 247 1.81 32.97 -35.95
C GLY K 247 1.91 32.78 -37.45
N LEU K 248 1.16 33.57 -38.21
CA LEU K 248 1.11 33.54 -39.66
C LEU K 248 0.97 34.98 -40.13
N PRO K 249 1.52 35.31 -41.30
CA PRO K 249 1.49 36.71 -41.71
C PRO K 249 0.13 37.20 -42.17
N LEU K 250 -0.58 36.41 -42.95
CA LEU K 250 -1.86 36.81 -43.50
C LEU K 250 -2.94 35.79 -43.15
N ALA K 251 -4.18 36.18 -43.32
CA ALA K 251 -5.31 35.35 -42.96
C ALA K 251 -6.10 35.01 -44.20
N HIS K 252 -6.55 33.76 -44.30
CA HIS K 252 -7.30 33.28 -45.44
C HIS K 252 -8.74 33.07 -44.99
N VAL K 253 -9.68 33.53 -45.80
CA VAL K 253 -11.09 33.26 -45.58
C VAL K 253 -11.61 32.63 -46.84
N ALA K 254 -12.38 31.55 -46.70
CA ALA K 254 -13.20 31.06 -47.78
C ALA K 254 -14.64 31.05 -47.33
N ILE K 255 -15.49 31.70 -48.09
CA ILE K 255 -16.92 31.71 -47.86
C ILE K 255 -17.58 31.00 -49.03
N ALA K 256 -18.59 30.16 -48.75
CA ALA K 256 -19.17 29.39 -49.83
C ALA K 256 -20.64 29.14 -49.56
N VAL K 257 -21.40 28.94 -50.63
CA VAL K 257 -22.80 28.53 -50.57
C VAL K 257 -23.00 27.36 -51.52
N GLU K 258 -24.26 26.93 -51.63
CA GLU K 258 -24.71 25.81 -52.46
C GLU K 258 -24.22 25.88 -53.91
N GLY K 259 -23.95 24.71 -54.47
CA GLY K 259 -23.71 24.61 -55.87
C GLY K 259 -24.97 24.26 -56.63
N PRO K 260 -25.17 24.90 -57.77
CA PRO K 260 -26.38 24.63 -58.54
C PRO K 260 -26.42 23.27 -59.20
N GLY K 261 -25.27 22.73 -59.61
CA GLY K 261 -25.27 21.45 -60.30
C GLY K 261 -24.55 21.51 -61.62
N TRP K 262 -24.97 20.72 -62.62
CA TRP K 262 -24.38 20.84 -63.94
C TRP K 262 -25.36 21.28 -65.02
N ALA K 263 -26.42 20.50 -65.25
CA ALA K 263 -27.16 20.62 -66.50
C ALA K 263 -28.08 21.82 -66.54
N ASN K 264 -28.47 22.34 -65.39
CA ASN K 264 -29.23 23.57 -65.31
C ASN K 264 -28.46 24.75 -65.88
N PRO K 265 -29.15 25.72 -66.50
CA PRO K 265 -28.45 26.89 -67.07
C PRO K 265 -28.04 27.89 -66.01
N ASP K 266 -28.51 27.69 -64.79
CA ASP K 266 -28.09 28.51 -63.65
C ASP K 266 -26.60 28.39 -63.41
N ASN K 267 -26.02 27.25 -63.79
CA ASN K 267 -24.58 27.10 -63.93
C ASN K 267 -23.97 28.26 -64.71
N VAL K 268 -24.50 28.54 -65.90
CA VAL K 268 -23.92 29.58 -66.74
C VAL K 268 -24.21 30.95 -66.16
N ALA K 269 -25.41 31.16 -65.63
CA ALA K 269 -25.76 32.48 -65.09
C ALA K 269 -24.92 32.82 -63.86
N LEU K 270 -24.65 31.84 -63.01
CA LEU K 270 -23.82 32.12 -61.85
C LEU K 270 -22.36 32.26 -62.24
N GLN K 271 -21.97 31.64 -63.35
CA GLN K 271 -20.65 31.94 -63.88
C GLN K 271 -20.58 33.36 -64.44
N VAL K 272 -21.71 33.90 -64.89
CA VAL K 272 -21.75 35.32 -65.26
C VAL K 272 -21.62 36.21 -64.02
N ALA K 273 -22.30 35.83 -62.94
CA ALA K 273 -22.19 36.60 -61.70
C ALA K 273 -20.77 36.60 -61.16
N ASN K 274 -20.10 35.45 -61.23
CA ASN K 274 -18.69 35.43 -60.86
C ASN K 274 -17.78 36.02 -61.93
N ALA K 275 -18.27 36.28 -63.13
CA ALA K 275 -17.47 37.11 -64.01
C ALA K 275 -17.55 38.56 -63.56
N ILE K 276 -18.70 38.98 -63.03
CA ILE K 276 -18.80 40.34 -62.51
C ILE K 276 -17.92 40.50 -61.29
N ILE K 277 -17.91 39.51 -60.41
CA ILE K 277 -17.12 39.66 -59.19
C ILE K 277 -15.66 39.29 -59.44
N GLY K 278 -15.36 38.00 -59.77
CA GLY K 278 -14.09 37.78 -60.46
C GLY K 278 -12.90 37.82 -59.53
N HIS K 279 -11.75 38.22 -60.06
CA HIS K 279 -10.58 38.09 -59.20
C HIS K 279 -9.67 39.28 -59.32
N TYR K 280 -9.15 39.69 -58.17
CA TYR K 280 -8.12 40.70 -58.07
C TYR K 280 -6.94 40.12 -57.31
N ASP K 281 -5.75 40.39 -57.82
CA ASP K 281 -4.51 40.18 -57.10
C ASP K 281 -3.85 41.53 -56.94
N CYS K 282 -3.08 41.71 -55.87
CA CYS K 282 -2.55 43.02 -55.46
C CYS K 282 -1.49 43.59 -56.37
N THR K 283 -1.23 43.05 -57.55
CA THR K 283 -0.13 43.50 -58.38
C THR K 283 -0.60 44.07 -59.71
N TYR K 284 -1.60 44.94 -59.71
CA TYR K 284 -2.12 45.40 -60.98
C TYR K 284 -1.84 46.88 -61.20
N GLY K 285 -2.08 47.31 -62.42
CA GLY K 285 -2.10 48.71 -62.76
C GLY K 285 -3.53 49.13 -62.97
N GLY K 286 -3.79 50.43 -62.93
CA GLY K 286 -5.17 50.89 -62.97
C GLY K 286 -5.94 50.49 -61.74
N GLY K 287 -5.28 50.51 -60.57
CA GLY K 287 -5.89 49.98 -59.37
C GLY K 287 -7.03 50.83 -58.86
N MET K 288 -6.89 52.15 -58.94
CA MET K 288 -7.96 53.03 -58.49
C MET K 288 -9.11 53.13 -59.47
N HIS K 289 -9.05 52.43 -60.60
CA HIS K 289 -10.07 52.63 -61.61
C HIS K 289 -10.65 51.34 -62.18
N LEU K 290 -10.57 50.23 -61.46
CA LEU K 290 -11.07 48.99 -62.05
C LEU K 290 -12.59 48.97 -62.06
N SER K 291 -13.14 48.31 -63.07
CA SER K 291 -14.59 48.28 -63.23
C SER K 291 -15.24 47.40 -62.18
N SER K 292 -14.54 46.38 -61.70
CA SER K 292 -15.09 45.50 -60.69
C SER K 292 -15.19 46.25 -59.37
N PRO K 293 -16.39 46.41 -58.81
CA PRO K 293 -16.56 47.35 -57.70
C PRO K 293 -15.93 46.87 -56.43
N LEU K 294 -15.91 45.55 -56.23
CA LEU K 294 -15.23 44.96 -55.08
C LEU K 294 -13.76 45.31 -55.06
N ALA K 295 -13.08 45.14 -56.19
CA ALA K 295 -11.66 45.45 -56.27
C ALA K 295 -11.41 46.95 -56.17
N SER K 296 -12.31 47.78 -56.71
CA SER K 296 -12.14 49.23 -56.64
C SER K 296 -12.17 49.72 -55.20
N VAL K 297 -13.19 49.30 -54.45
CA VAL K 297 -13.31 49.69 -53.04
C VAL K 297 -12.17 49.08 -52.22
N ALA K 298 -11.79 47.84 -52.54
CA ALA K 298 -10.76 47.17 -51.76
C ALA K 298 -9.38 47.77 -51.98
N VAL K 299 -9.10 48.26 -53.19
CA VAL K 299 -7.84 48.90 -53.44
C VAL K 299 -7.80 50.29 -52.83
N THR K 300 -8.87 51.07 -53.04
CA THR K 300 -8.89 52.45 -52.55
C THR K 300 -8.90 52.49 -51.02
N ASN K 301 -9.40 51.45 -50.37
CA ASN K 301 -9.37 51.41 -48.91
C ASN K 301 -8.38 50.39 -48.39
N LYS K 302 -7.54 49.83 -49.28
CA LYS K 302 -6.39 49.00 -48.93
C LYS K 302 -6.78 47.74 -48.15
N LEU K 303 -7.85 47.07 -48.61
CA LEU K 303 -8.44 46.02 -47.79
C LEU K 303 -7.66 44.71 -47.89
N CYS K 304 -7.63 44.10 -49.06
CA CYS K 304 -7.20 42.72 -49.16
C CYS K 304 -5.97 42.58 -50.03
N GLN K 305 -5.20 41.54 -49.74
CA GLN K 305 -4.16 41.12 -50.67
C GLN K 305 -4.77 40.58 -51.93
N SER K 306 -5.73 39.68 -51.81
CA SER K 306 -6.29 39.10 -53.03
C SER K 306 -7.69 38.60 -52.78
N PHE K 307 -8.44 38.45 -53.86
CA PHE K 307 -9.60 37.59 -53.86
C PHE K 307 -9.74 36.91 -55.21
N GLN K 308 -10.28 35.71 -55.17
CA GLN K 308 -10.86 35.07 -56.35
C GLN K 308 -12.28 34.67 -55.99
N THR K 309 -13.23 35.04 -56.83
CA THR K 309 -14.63 34.83 -56.55
C THR K 309 -15.23 34.11 -57.72
N PHE K 310 -15.71 32.88 -57.45
CA PHE K 310 -15.49 31.68 -58.24
C PHE K 310 -16.65 30.69 -58.13
N ASN K 311 -16.51 29.60 -58.89
CA ASN K 311 -17.46 28.50 -58.93
C ASN K 311 -16.72 27.17 -58.85
N ILE K 312 -17.36 26.18 -58.21
CA ILE K 312 -16.98 24.77 -58.25
C ILE K 312 -18.26 23.96 -58.31
N CYS K 313 -18.37 23.04 -59.27
CA CYS K 313 -19.54 22.18 -59.36
C CYS K 313 -19.17 20.72 -59.29
N TYR K 314 -19.99 19.94 -58.61
CA TYR K 314 -19.94 18.49 -58.62
C TYR K 314 -21.31 17.97 -59.01
N ALA K 315 -21.45 16.65 -59.00
CA ALA K 315 -22.68 16.00 -59.44
C ALA K 315 -23.87 16.38 -58.56
N ASP K 316 -24.77 17.18 -59.13
CA ASP K 316 -25.93 17.78 -58.48
C ASP K 316 -25.59 18.66 -57.29
N THR K 317 -24.35 19.12 -57.15
CA THR K 317 -23.99 19.87 -55.97
C THR K 317 -22.80 20.76 -56.30
N GLY K 318 -22.19 21.32 -55.29
CA GLY K 318 -20.97 22.07 -55.48
C GLY K 318 -20.89 23.21 -54.51
N LEU K 319 -19.86 24.02 -54.71
CA LEU K 319 -19.57 25.15 -53.84
C LEU K 319 -19.46 26.37 -54.72
N LEU K 320 -20.39 27.28 -54.55
CA LEU K 320 -20.36 28.57 -55.23
C LEU K 320 -19.83 29.59 -54.24
N GLY K 321 -18.71 30.24 -54.55
CA GLY K 321 -18.19 31.01 -53.45
C GLY K 321 -17.16 32.07 -53.69
N ALA K 322 -16.40 32.37 -52.65
CA ALA K 322 -15.38 33.39 -52.70
C ALA K 322 -14.23 33.02 -51.78
N HIS K 323 -13.05 33.44 -52.17
CA HIS K 323 -11.83 33.25 -51.40
C HIS K 323 -11.14 34.60 -51.34
N PHE K 324 -10.78 35.03 -50.15
CA PHE K 324 -9.96 36.23 -50.09
C PHE K 324 -8.95 36.11 -48.98
N VAL K 325 -7.80 36.71 -49.25
CA VAL K 325 -6.66 36.70 -48.37
C VAL K 325 -6.40 38.14 -48.00
N CYS K 326 -6.28 38.39 -46.69
CA CYS K 326 -6.09 39.76 -46.23
C CYS K 326 -5.45 39.76 -44.85
N ASP K 327 -5.02 40.94 -44.44
CA ASP K 327 -4.31 41.11 -43.17
C ASP K 327 -5.27 41.03 -42.01
N HIS K 328 -4.74 40.64 -40.84
CA HIS K 328 -5.52 40.35 -39.65
C HIS K 328 -6.15 41.58 -39.01
N MET K 329 -5.91 42.77 -39.55
CA MET K 329 -6.67 43.94 -39.13
C MET K 329 -7.54 44.46 -40.25
N SER K 330 -7.91 43.62 -41.19
CA SER K 330 -8.69 44.09 -42.31
C SER K 330 -9.80 43.16 -42.72
N ILE K 331 -10.04 42.06 -41.99
CA ILE K 331 -10.89 40.98 -42.48
C ILE K 331 -12.34 41.43 -42.50
N ASP K 332 -12.75 42.17 -41.47
CA ASP K 332 -14.16 42.50 -41.29
C ASP K 332 -14.68 43.41 -42.39
N ASP K 333 -13.93 44.43 -42.77
CA ASP K 333 -14.43 45.36 -43.76
C ASP K 333 -14.42 44.75 -45.15
N MET K 334 -13.42 43.93 -45.45
CA MET K 334 -13.39 43.17 -46.69
C MET K 334 -14.57 42.23 -46.79
N MET K 335 -14.89 41.57 -45.68
CA MET K 335 -16.06 40.73 -45.57
C MET K 335 -17.33 41.51 -45.83
N PHE K 336 -17.41 42.71 -45.25
CA PHE K 336 -18.59 43.55 -45.41
C PHE K 336 -18.79 43.98 -46.84
N VAL K 337 -17.71 44.37 -47.52
CA VAL K 337 -17.85 44.80 -48.91
C VAL K 337 -18.15 43.63 -49.82
N LEU K 338 -17.67 42.43 -49.48
CA LEU K 338 -18.00 41.28 -50.31
C LEU K 338 -19.46 40.88 -50.20
N GLN K 339 -20.02 40.90 -48.97
CA GLN K 339 -21.46 40.69 -48.85
C GLN K 339 -22.24 41.83 -49.50
N GLY K 340 -21.69 43.04 -49.48
CA GLY K 340 -22.34 44.15 -50.16
C GLY K 340 -22.42 43.95 -51.66
N GLN K 341 -21.35 43.43 -52.26
CA GLN K 341 -21.39 43.13 -53.69
C GLN K 341 -22.39 42.04 -54.01
N TRP K 342 -22.44 41.00 -53.19
CA TRP K 342 -23.41 39.92 -53.43
C TRP K 342 -24.84 40.43 -53.35
N MET K 343 -25.16 41.22 -52.34
CA MET K 343 -26.54 41.65 -52.23
C MET K 343 -26.90 42.74 -53.23
N ARG K 344 -25.93 43.56 -53.65
CA ARG K 344 -26.18 44.51 -54.71
C ARG K 344 -26.48 43.81 -56.01
N LEU K 345 -25.80 42.69 -56.27
CA LEU K 345 -26.20 41.87 -57.41
C LEU K 345 -27.55 41.20 -57.18
N CYS K 346 -27.90 40.91 -55.93
CA CYS K 346 -29.15 40.20 -55.69
C CYS K 346 -30.37 41.05 -55.98
N THR K 347 -30.40 42.28 -55.47
CA THR K 347 -31.62 43.06 -55.62
C THR K 347 -31.55 44.18 -56.65
N SER K 348 -30.37 44.62 -57.04
CA SER K 348 -30.24 45.84 -57.83
C SER K 348 -29.30 45.64 -59.01
N ALA K 349 -29.52 44.57 -59.77
CA ALA K 349 -28.66 44.26 -60.91
C ALA K 349 -29.09 45.11 -62.12
N THR K 350 -28.19 45.98 -62.59
CA THR K 350 -28.49 46.84 -63.74
C THR K 350 -28.19 46.08 -65.03
N GLU K 351 -28.09 46.79 -66.14
CA GLU K 351 -27.88 46.13 -67.43
C GLU K 351 -26.43 46.14 -67.89
N SER K 352 -25.74 47.27 -67.73
CA SER K 352 -24.38 47.42 -68.24
C SER K 352 -23.41 46.48 -67.53
N GLU K 353 -23.64 46.21 -66.25
CA GLU K 353 -22.79 45.26 -65.55
C GLU K 353 -23.02 43.83 -66.03
N VAL K 354 -24.24 43.51 -66.48
CA VAL K 354 -24.47 42.20 -67.07
C VAL K 354 -23.81 42.12 -68.44
N VAL K 355 -23.77 43.23 -69.17
CA VAL K 355 -23.06 43.26 -70.45
C VAL K 355 -21.56 43.07 -70.23
N ARG K 356 -21.03 43.68 -69.17
CA ARG K 356 -19.62 43.51 -68.84
C ARG K 356 -19.33 42.07 -68.43
N GLY K 357 -20.28 41.45 -67.72
CA GLY K 357 -20.14 40.04 -67.40
C GLY K 357 -20.14 39.16 -68.63
N LYS K 358 -20.95 39.51 -69.63
CA LYS K 358 -20.97 38.76 -70.89
C LYS K 358 -19.64 38.87 -71.63
N ASN K 359 -19.08 40.08 -71.70
CA ASN K 359 -17.78 40.26 -72.33
C ASN K 359 -16.69 39.48 -71.63
N LEU K 360 -16.64 39.59 -70.30
CA LEU K 360 -15.62 38.89 -69.53
C LEU K 360 -15.75 37.39 -69.64
N LEU K 361 -16.99 36.89 -69.65
CA LEU K 361 -17.15 35.43 -69.68
C LEU K 361 -16.83 34.88 -71.05
N ARG K 362 -17.20 35.59 -72.11
CA ARG K 362 -16.84 35.13 -73.44
C ARG K 362 -15.35 35.12 -73.66
N ASN K 363 -14.68 36.22 -73.27
CA ASN K 363 -13.23 36.30 -73.45
C ASN K 363 -12.51 35.26 -72.62
N ALA K 364 -12.98 35.01 -71.38
CA ALA K 364 -12.36 34.00 -70.55
C ALA K 364 -12.61 32.60 -71.10
N LEU K 365 -13.78 32.38 -71.71
CA LEU K 365 -14.08 31.05 -72.22
C LEU K 365 -13.22 30.74 -73.45
N VAL K 366 -13.10 31.71 -74.36
CA VAL K 366 -12.30 31.50 -75.57
C VAL K 366 -10.83 31.43 -75.25
N SER K 367 -10.35 32.29 -74.34
CA SER K 367 -8.96 32.21 -73.91
C SER K 367 -8.65 30.95 -73.12
N HIS K 368 -9.65 30.36 -72.48
CA HIS K 368 -9.43 29.10 -71.82
C HIS K 368 -9.42 27.95 -72.81
N LEU K 369 -10.11 28.09 -73.93
CA LEU K 369 -10.17 27.01 -74.91
C LEU K 369 -9.22 27.29 -76.09
N ASP K 370 -7.94 27.34 -75.75
CA ASP K 370 -6.89 27.49 -76.75
C ASP K 370 -5.63 26.86 -76.19
N GLY K 371 -4.84 26.27 -77.09
CA GLY K 371 -3.81 25.34 -76.68
C GLY K 371 -4.41 23.95 -76.69
N THR K 372 -3.66 22.96 -77.14
CA THR K 372 -4.24 21.66 -77.45
C THR K 372 -4.69 20.92 -76.20
N THR K 373 -3.87 20.94 -75.17
CA THR K 373 -4.15 20.25 -73.92
C THR K 373 -5.34 20.82 -73.13
N PRO K 374 -5.54 22.14 -73.00
CA PRO K 374 -6.80 22.58 -72.36
C PRO K 374 -8.03 22.26 -73.17
N VAL K 375 -7.92 22.20 -74.50
CA VAL K 375 -9.08 21.79 -75.31
C VAL K 375 -9.34 20.30 -75.13
N CYS K 376 -8.30 19.49 -74.95
CA CYS K 376 -8.53 18.09 -74.64
C CYS K 376 -9.12 17.90 -73.25
N GLU K 377 -8.76 18.78 -72.31
CA GLU K 377 -9.39 18.70 -70.99
C GLU K 377 -10.84 19.17 -71.05
N ASP K 378 -11.13 20.14 -71.92
CA ASP K 378 -12.50 20.52 -72.22
C ASP K 378 -13.32 19.34 -72.72
N ILE K 379 -12.76 18.59 -73.65
CA ILE K 379 -13.50 17.45 -74.20
C ILE K 379 -13.66 16.34 -73.16
N GLY K 380 -12.64 16.13 -72.33
CA GLY K 380 -12.72 15.09 -71.31
C GLY K 380 -13.78 15.37 -70.27
N ARG K 381 -13.75 16.56 -69.66
CA ARG K 381 -14.79 16.91 -68.72
C ARG K 381 -16.13 17.13 -69.38
N SER K 382 -16.17 17.36 -70.69
CA SER K 382 -17.45 17.49 -71.34
C SER K 382 -18.12 16.13 -71.49
N LEU K 383 -17.39 15.14 -72.00
CA LEU K 383 -18.04 13.86 -72.20
C LEU K 383 -18.20 13.07 -70.92
N LEU K 384 -17.44 13.40 -69.86
CA LEU K 384 -17.79 12.79 -68.59
C LEU K 384 -19.07 13.35 -68.00
N THR K 385 -19.06 14.64 -67.68
CA THR K 385 -20.18 15.21 -66.96
C THR K 385 -21.37 15.42 -67.87
N TYR K 386 -21.21 16.24 -68.90
CA TYR K 386 -22.34 16.54 -69.76
C TYR K 386 -22.70 15.39 -70.68
N GLY K 387 -21.79 14.45 -70.89
CA GLY K 387 -22.07 13.36 -71.80
C GLY K 387 -22.03 13.74 -73.26
N ARG K 388 -21.59 14.95 -73.57
CA ARG K 388 -21.32 15.36 -74.94
C ARG K 388 -20.34 16.51 -74.92
N ARG K 389 -19.56 16.64 -75.98
CA ARG K 389 -18.78 17.85 -76.17
C ARG K 389 -19.79 18.94 -76.49
N ILE K 390 -19.94 19.88 -75.59
CA ILE K 390 -20.87 20.97 -75.91
C ILE K 390 -20.19 21.93 -76.88
N PRO K 391 -20.85 22.30 -77.98
CA PRO K 391 -20.26 23.28 -78.88
C PRO K 391 -20.28 24.66 -78.26
N LEU K 392 -19.51 25.56 -78.86
CA LEU K 392 -19.41 26.90 -78.30
C LEU K 392 -20.45 27.85 -78.85
N ALA K 393 -21.08 27.51 -79.98
CA ALA K 393 -22.30 28.23 -80.37
C ALA K 393 -23.41 27.98 -79.37
N GLU K 394 -23.41 26.82 -78.71
CA GLU K 394 -24.32 26.59 -77.61
C GLU K 394 -24.02 27.54 -76.46
N TRP K 395 -22.73 27.78 -76.18
CA TRP K 395 -22.40 28.74 -75.14
C TRP K 395 -22.80 30.14 -75.54
N GLU K 396 -22.67 30.46 -76.82
CA GLU K 396 -23.16 31.75 -77.33
C GLU K 396 -24.66 31.88 -77.15
N SER K 397 -25.38 30.79 -77.38
CA SER K 397 -26.84 30.81 -77.23
C SER K 397 -27.24 30.98 -75.78
N ARG K 398 -26.58 30.27 -74.87
CA ARG K 398 -26.95 30.39 -73.48
C ARG K 398 -26.53 31.73 -72.90
N ILE K 399 -25.48 32.35 -73.42
CA ILE K 399 -25.12 33.70 -72.97
C ILE K 399 -26.14 34.70 -73.46
N ALA K 400 -26.49 34.64 -74.75
CA ALA K 400 -27.44 35.58 -75.31
C ALA K 400 -28.85 35.40 -74.78
N GLU K 401 -29.18 34.23 -74.23
CA GLU K 401 -30.48 34.02 -73.60
C GLU K 401 -30.50 34.39 -72.12
N VAL K 402 -29.60 35.25 -71.67
CA VAL K 402 -29.51 35.66 -70.27
C VAL K 402 -29.37 37.17 -70.21
N ASP K 403 -30.32 37.82 -69.55
CA ASP K 403 -30.30 39.26 -69.33
C ASP K 403 -30.30 39.57 -67.84
N ALA K 404 -30.46 40.87 -67.51
CA ALA K 404 -30.38 41.33 -66.13
C ALA K 404 -31.48 40.75 -65.27
N ARG K 405 -32.65 40.52 -65.87
CA ARG K 405 -33.79 40.02 -65.12
C ARG K 405 -33.54 38.61 -64.61
N VAL K 406 -33.07 37.73 -65.50
CA VAL K 406 -32.80 36.35 -65.14
C VAL K 406 -31.63 36.28 -64.16
N VAL K 407 -30.64 37.15 -64.31
CA VAL K 407 -29.50 37.17 -63.40
C VAL K 407 -29.94 37.51 -61.99
N ARG K 408 -30.75 38.55 -61.84
CA ARG K 408 -31.19 38.86 -60.49
C ARG K 408 -32.21 37.85 -59.97
N GLU K 409 -32.93 37.16 -60.85
CA GLU K 409 -33.74 36.02 -60.40
C GLU K 409 -32.88 34.91 -59.81
N VAL K 410 -31.84 34.51 -60.54
CA VAL K 410 -31.04 33.39 -60.11
C VAL K 410 -30.25 33.72 -58.86
N CYS K 411 -29.72 34.94 -58.78
CA CYS K 411 -29.02 35.32 -57.57
C CYS K 411 -29.96 35.58 -56.41
N SER K 412 -31.23 35.91 -56.67
CA SER K 412 -32.18 35.92 -55.58
C SER K 412 -32.49 34.52 -55.12
N LYS K 413 -32.39 33.53 -56.01
CA LYS K 413 -32.68 32.18 -55.57
C LYS K 413 -31.51 31.58 -54.79
N TYR K 414 -30.31 31.64 -55.33
CA TYR K 414 -29.23 30.85 -54.78
C TYR K 414 -28.37 31.58 -53.77
N PHE K 415 -28.54 32.89 -53.59
CA PHE K 415 -27.75 33.60 -52.60
C PHE K 415 -28.58 34.15 -51.45
N TYR K 416 -29.70 34.80 -51.76
CA TYR K 416 -30.39 35.66 -50.82
C TYR K 416 -30.94 34.85 -49.66
N ASP K 417 -30.32 35.04 -48.50
CA ASP K 417 -30.64 34.34 -47.25
C ASP K 417 -30.47 32.83 -47.43
N GLN K 418 -29.23 32.44 -47.68
CA GLN K 418 -28.79 31.05 -47.65
C GLN K 418 -27.89 30.84 -46.45
N CYS K 419 -27.61 29.57 -46.14
CA CYS K 419 -26.80 29.23 -44.99
C CYS K 419 -25.37 28.99 -45.42
N PRO K 420 -24.45 29.89 -45.16
CA PRO K 420 -23.13 29.80 -45.78
C PRO K 420 -22.23 28.82 -45.04
N ALA K 421 -21.04 28.70 -45.57
CA ALA K 421 -19.97 27.94 -44.94
C ALA K 421 -18.74 28.81 -44.93
N VAL K 422 -18.13 28.95 -43.76
CA VAL K 422 -16.94 29.76 -43.59
C VAL K 422 -15.82 28.85 -43.11
N ALA K 423 -14.80 28.71 -43.93
CA ALA K 423 -13.59 28.05 -43.51
C ALA K 423 -12.54 29.13 -43.41
N GLY K 424 -12.15 29.46 -42.20
CA GLY K 424 -11.17 30.51 -41.97
C GLY K 424 -9.89 29.93 -41.39
N PHE K 425 -8.75 30.38 -41.90
CA PHE K 425 -7.49 29.86 -41.39
C PHE K 425 -6.51 30.98 -41.17
N GLY K 426 -5.91 31.01 -39.99
CA GLY K 426 -4.87 31.97 -39.71
C GLY K 426 -5.17 32.82 -38.50
N PRO K 427 -4.87 34.10 -38.60
CA PRO K 427 -5.19 35.08 -37.55
C PRO K 427 -6.56 35.72 -37.76
N ILE K 428 -7.60 35.00 -37.36
CA ILE K 428 -8.94 35.40 -37.72
C ILE K 428 -9.82 35.64 -36.49
N GLU K 429 -9.22 36.18 -35.44
CA GLU K 429 -10.01 36.55 -34.28
C GLU K 429 -10.93 37.72 -34.60
N GLN K 430 -10.56 38.56 -35.55
CA GLN K 430 -11.44 39.65 -35.96
C GLN K 430 -12.49 39.20 -36.98
N LEU K 431 -12.30 38.04 -37.60
CA LEU K 431 -13.27 37.48 -38.55
C LEU K 431 -14.63 37.27 -37.89
N PRO K 432 -15.70 37.90 -38.41
CA PRO K 432 -16.93 38.06 -37.62
C PRO K 432 -17.62 36.75 -37.34
N ASP K 433 -18.40 36.77 -36.27
CA ASP K 433 -19.08 35.57 -35.83
C ASP K 433 -20.21 35.26 -36.81
N TYR K 434 -20.68 34.01 -36.74
CA TYR K 434 -21.52 33.44 -37.79
C TYR K 434 -22.86 34.14 -37.89
N ASN K 435 -23.39 34.60 -36.76
CA ASN K 435 -24.70 35.21 -36.77
C ASN K 435 -24.69 36.55 -37.49
N ARG K 436 -23.60 37.30 -37.41
CA ARG K 436 -23.60 38.56 -38.13
C ARG K 436 -23.29 38.38 -39.60
N ILE K 437 -22.62 37.28 -39.98
CA ILE K 437 -22.56 36.91 -41.39
C ILE K 437 -23.96 36.63 -41.92
N ARG K 438 -24.74 35.86 -41.16
CA ARG K 438 -26.07 35.52 -41.64
C ARG K 438 -27.00 36.72 -41.61
N SER K 439 -26.82 37.60 -40.63
CA SER K 439 -27.59 38.85 -40.61
C SER K 439 -27.13 39.81 -41.68
N GLY K 440 -25.88 39.67 -42.15
CA GLY K 440 -25.45 40.45 -43.28
C GLY K 440 -25.94 39.92 -44.60
N MET K 441 -26.33 38.64 -44.64
CA MET K 441 -26.92 38.11 -45.87
C MET K 441 -28.21 38.82 -46.23
N PHE K 442 -29.27 38.64 -45.44
CA PHE K 442 -30.52 39.30 -45.78
C PHE K 442 -30.50 40.71 -45.20
N TRP K 443 -30.78 41.69 -46.05
CA TRP K 443 -30.58 43.08 -45.66
C TRP K 443 -31.86 43.86 -45.85
N LEU K 444 -32.23 44.59 -44.81
CA LEU K 444 -33.55 45.19 -44.71
C LEU K 444 -33.69 46.39 -45.63
N ARG K 445 -32.57 47.02 -45.99
CA ARG K 445 -32.60 48.32 -46.62
C ARG K 445 -32.96 48.17 -48.10
N HIS L 20 -8.51 28.34 -97.66
CA HIS L 20 -7.25 29.08 -97.66
C HIS L 20 -6.67 29.20 -96.24
N PRO L 21 -5.61 28.43 -95.97
CA PRO L 21 -5.09 28.34 -94.61
C PRO L 21 -4.35 29.58 -94.15
N GLN L 22 -4.00 30.49 -95.07
CA GLN L 22 -3.56 31.86 -94.77
C GLN L 22 -2.30 31.88 -93.92
N ASP L 23 -1.19 31.46 -94.52
CA ASP L 23 0.11 31.56 -93.85
C ASP L 23 0.55 33.01 -93.72
N LEU L 24 1.75 33.15 -93.17
CA LEU L 24 2.20 34.41 -92.64
C LEU L 24 2.44 35.43 -93.74
N GLU L 25 1.92 36.63 -93.53
CA GLU L 25 2.05 37.72 -94.49
C GLU L 25 2.95 38.77 -93.86
N PHE L 26 3.92 39.26 -94.62
CA PHE L 26 5.05 39.96 -94.06
C PHE L 26 5.19 41.30 -94.77
N THR L 27 5.66 42.32 -94.05
CA THR L 27 5.77 43.66 -94.60
C THR L 27 6.83 44.44 -93.84
N ARG L 28 7.69 45.13 -94.56
CA ARG L 28 8.49 46.19 -93.98
C ARG L 28 7.83 47.53 -94.29
N LEU L 29 7.57 48.31 -93.26
CA LEU L 29 7.24 49.71 -93.46
C LEU L 29 8.52 50.52 -93.36
N PRO L 30 8.91 51.25 -94.42
CA PRO L 30 10.22 51.91 -94.43
C PRO L 30 10.27 53.24 -93.71
N ASN L 31 9.61 53.33 -92.58
CA ASN L 31 10.10 54.17 -91.51
C ASN L 31 10.99 53.35 -90.61
N GLY L 32 10.88 52.03 -90.72
CA GLY L 32 11.77 51.12 -90.04
C GLY L 32 11.08 50.00 -89.30
N LEU L 33 9.76 49.89 -89.35
CA LEU L 33 9.13 48.86 -88.54
C LEU L 33 8.67 47.72 -89.42
N VAL L 34 8.24 46.65 -88.77
CA VAL L 34 7.86 45.44 -89.49
C VAL L 34 6.48 45.02 -89.04
N ILE L 35 5.68 44.53 -89.99
CA ILE L 35 4.30 44.15 -89.77
C ILE L 35 4.15 42.73 -90.25
N ALA L 36 3.67 41.84 -89.37
CA ALA L 36 3.47 40.46 -89.76
C ALA L 36 2.03 40.08 -89.41
N SER L 37 1.22 39.85 -90.42
CA SER L 37 -0.15 39.47 -90.18
C SER L 37 -0.31 37.97 -90.35
N LEU L 38 -1.36 37.45 -89.69
CA LEU L 38 -1.74 36.05 -89.80
C LEU L 38 -3.23 36.01 -89.57
N GLU L 39 -4.00 35.92 -90.64
CA GLU L 39 -5.41 35.56 -90.49
C GLU L 39 -5.49 34.09 -90.09
N ASN L 40 -6.32 33.83 -89.10
CA ASN L 40 -6.59 32.46 -88.68
C ASN L 40 -8.08 32.28 -88.49
N TYR L 41 -8.55 31.07 -88.75
CA TYR L 41 -9.90 30.70 -88.35
C TYR L 41 -9.84 30.43 -86.86
N ALA L 42 -9.98 31.51 -86.10
CA ALA L 42 -9.90 31.47 -84.67
C ALA L 42 -10.70 32.63 -84.12
N PRO L 43 -11.37 32.44 -83.00
CA PRO L 43 -12.17 33.51 -82.43
C PRO L 43 -11.29 34.55 -81.77
N ALA L 44 -10.24 34.06 -81.11
CA ALA L 44 -9.34 34.92 -80.37
C ALA L 44 -8.50 35.76 -81.30
N SER L 45 -8.14 36.94 -80.85
CA SER L 45 -7.29 37.83 -81.63
C SER L 45 -6.22 38.39 -80.72
N ARG L 46 -4.99 38.35 -81.20
CA ARG L 46 -3.82 38.78 -80.44
C ARG L 46 -3.04 39.79 -81.27
N ILE L 47 -2.96 41.01 -80.77
CA ILE L 47 -2.11 42.05 -81.34
C ILE L 47 -0.89 42.15 -80.47
N GLY L 48 0.27 41.85 -81.04
CA GLY L 48 1.52 41.89 -80.32
C GLY L 48 2.34 43.07 -80.78
N LEU L 49 3.14 43.61 -79.86
CA LEU L 49 4.01 44.71 -80.21
C LEU L 49 5.32 44.52 -79.45
N PHE L 50 6.38 44.16 -80.17
CA PHE L 50 7.64 43.79 -79.54
C PHE L 50 8.68 44.84 -79.86
N ILE L 51 9.30 45.38 -78.83
CA ILE L 51 10.29 46.45 -78.97
C ILE L 51 11.52 46.05 -78.16
N LYS L 52 12.68 46.52 -78.61
CA LYS L 52 13.94 46.35 -77.88
C LYS L 52 14.00 47.26 -76.67
N ALA L 53 13.46 46.82 -75.53
CA ALA L 53 13.51 47.68 -74.37
C ALA L 53 13.83 46.89 -73.12
N GLY L 54 14.81 46.02 -73.22
CA GLY L 54 15.29 45.33 -72.04
C GLY L 54 16.21 46.19 -71.22
N SER L 55 16.92 45.54 -70.32
CA SER L 55 17.76 46.26 -69.38
C SER L 55 19.04 46.79 -70.02
N ARG L 56 19.42 46.28 -71.20
CA ARG L 56 20.73 46.62 -71.75
C ARG L 56 20.80 48.05 -72.23
N TYR L 57 19.66 48.69 -72.45
CA TYR L 57 19.65 50.07 -72.88
C TYR L 57 19.60 51.03 -71.72
N GLU L 58 19.87 50.54 -70.51
CA GLU L 58 19.74 51.33 -69.30
C GLU L 58 21.03 51.22 -68.50
N ASN L 59 21.75 52.33 -68.42
CA ASN L 59 23.06 52.41 -67.78
C ASN L 59 22.93 52.91 -66.34
N PHE L 60 24.06 53.26 -65.76
CA PHE L 60 24.16 53.50 -64.33
C PHE L 60 23.65 54.85 -63.87
N ASN L 61 22.92 55.58 -64.70
CA ASN L 61 22.29 56.81 -64.27
C ASN L 61 20.80 56.81 -64.57
N ASN L 62 20.27 55.71 -65.08
CA ASN L 62 18.83 55.52 -65.22
C ASN L 62 18.47 54.10 -64.80
N LEU L 63 19.04 53.62 -63.70
CA LEU L 63 18.80 52.26 -63.26
C LEU L 63 17.37 52.08 -62.81
N GLY L 64 16.83 50.89 -63.05
CA GLY L 64 15.48 50.59 -62.64
C GLY L 64 14.41 51.36 -63.38
N THR L 65 14.67 51.73 -64.62
CA THR L 65 13.71 52.49 -65.41
C THR L 65 12.76 51.58 -66.18
N SER L 66 13.25 50.40 -66.58
CA SER L 66 12.46 49.48 -67.37
C SER L 66 11.30 48.90 -66.57
N HIS L 67 11.53 48.61 -65.29
CA HIS L 67 10.47 48.07 -64.44
C HIS L 67 9.36 49.10 -64.24
N LEU L 68 9.77 50.36 -64.01
CA LEU L 68 8.81 51.44 -63.85
C LEU L 68 8.02 51.64 -65.13
N LEU L 69 8.67 51.46 -66.27
CA LEU L 69 7.95 51.51 -67.53
C LEU L 69 7.03 50.30 -67.67
N ARG L 70 7.42 49.17 -67.11
CA ARG L 70 6.70 47.92 -67.30
C ARG L 70 5.38 47.93 -66.54
N LEU L 71 5.40 48.44 -65.32
CA LEU L 71 4.12 48.61 -64.65
C LEU L 71 3.32 49.78 -65.20
N ALA L 72 3.94 50.66 -65.97
CA ALA L 72 3.22 51.82 -66.49
C ALA L 72 2.44 51.48 -67.74
N SER L 73 1.53 50.52 -67.66
CA SER L 73 0.75 50.19 -68.83
C SER L 73 -0.36 51.20 -69.05
N SER L 74 -0.97 51.69 -67.97
CA SER L 74 -2.26 52.36 -68.00
C SER L 74 -2.19 53.71 -67.33
N LEU L 75 -1.24 54.54 -67.74
CA LEU L 75 -1.25 55.92 -67.33
C LEU L 75 -1.78 56.77 -68.48
N THR L 76 -2.04 58.05 -68.18
CA THR L 76 -2.72 58.91 -69.13
C THR L 76 -1.85 59.19 -70.36
N THR L 77 -2.49 59.25 -71.51
CA THR L 77 -1.82 59.47 -72.78
C THR L 77 -2.43 60.68 -73.47
N LYS L 78 -1.70 61.23 -74.43
CA LYS L 78 -2.16 62.39 -75.17
C LYS L 78 -3.24 61.98 -76.15
N GLY L 79 -4.43 61.74 -75.62
CA GLY L 79 -5.51 61.25 -76.45
C GLY L 79 -6.39 60.22 -75.76
N ALA L 80 -5.93 59.67 -74.65
CA ALA L 80 -6.75 58.76 -73.88
C ALA L 80 -6.33 58.83 -72.42
N SER L 81 -7.26 59.21 -71.55
CA SER L 81 -6.96 59.24 -70.13
C SER L 81 -6.92 57.80 -69.58
N SER L 82 -6.30 57.66 -68.41
CA SER L 82 -6.06 56.33 -67.85
C SER L 82 -7.36 55.67 -67.40
N PHE L 83 -8.27 56.47 -66.85
CA PHE L 83 -9.61 56.02 -66.54
C PHE L 83 -10.30 55.44 -67.76
N LYS L 84 -10.26 56.20 -68.85
CA LYS L 84 -10.82 55.80 -70.13
C LYS L 84 -10.23 54.48 -70.60
N ILE L 85 -8.92 54.32 -70.46
CA ILE L 85 -8.22 53.13 -70.92
C ILE L 85 -8.68 51.90 -70.13
N THR L 86 -8.68 52.01 -68.80
CA THR L 86 -8.99 50.84 -67.97
C THR L 86 -10.43 50.42 -68.12
N ARG L 87 -11.37 51.38 -68.06
CA ARG L 87 -12.77 51.03 -68.19
C ARG L 87 -13.09 50.55 -69.60
N GLY L 88 -12.40 51.06 -70.63
CA GLY L 88 -12.69 50.61 -71.97
C GLY L 88 -12.17 49.22 -72.25
N ILE L 89 -10.95 48.91 -71.78
CA ILE L 89 -10.38 47.60 -72.01
C ILE L 89 -11.16 46.54 -71.24
N GLU L 90 -11.57 46.84 -70.02
CA GLU L 90 -12.43 45.88 -69.36
C GLU L 90 -13.86 45.90 -69.86
N ALA L 91 -14.27 46.94 -70.60
CA ALA L 91 -15.58 46.92 -71.22
C ALA L 91 -15.60 45.94 -72.38
N VAL L 92 -14.65 46.07 -73.30
CA VAL L 92 -14.59 45.07 -74.35
C VAL L 92 -14.03 43.76 -73.83
N GLY L 93 -13.31 43.77 -72.72
CA GLY L 93 -12.86 42.54 -72.11
C GLY L 93 -11.54 42.01 -72.60
N GLY L 94 -10.79 42.77 -73.39
CA GLY L 94 -9.48 42.32 -73.79
C GLY L 94 -8.50 42.32 -72.64
N LYS L 95 -7.38 41.63 -72.81
CA LYS L 95 -6.34 41.61 -71.80
C LYS L 95 -5.05 42.15 -72.40
N LEU L 96 -4.38 43.02 -71.66
CA LEU L 96 -3.20 43.74 -72.10
C LEU L 96 -2.05 43.35 -71.19
N SER L 97 -1.39 42.26 -71.52
CA SER L 97 -0.28 41.80 -70.71
C SER L 97 1.01 42.44 -71.22
N VAL L 98 1.73 43.08 -70.32
CA VAL L 98 3.03 43.66 -70.61
C VAL L 98 4.06 42.72 -70.03
N THR L 99 4.88 42.13 -70.88
CA THR L 99 5.92 41.25 -70.40
C THR L 99 7.28 41.74 -70.84
N SER L 100 8.29 41.29 -70.12
CA SER L 100 9.64 41.76 -70.42
C SER L 100 10.65 40.67 -70.17
N THR L 101 11.60 40.60 -71.10
CA THR L 101 12.83 39.85 -70.99
C THR L 101 13.98 40.84 -71.04
N ARG L 102 15.19 40.34 -70.76
CA ARG L 102 16.35 41.21 -70.55
C ARG L 102 16.78 42.01 -71.77
N GLU L 103 16.26 41.71 -72.96
CA GLU L 103 16.47 42.57 -74.11
C GLU L 103 15.18 42.99 -74.78
N ASN L 104 14.02 42.66 -74.25
CA ASN L 104 12.78 42.92 -74.98
C ASN L 104 11.64 43.30 -74.07
N MET L 105 10.77 44.18 -74.56
CA MET L 105 9.46 44.37 -74.00
C MET L 105 8.41 44.00 -75.03
N ALA L 106 7.29 43.51 -74.54
CA ALA L 106 6.22 43.03 -75.41
C ALA L 106 4.89 43.43 -74.80
N TYR L 107 4.18 44.29 -75.50
CA TYR L 107 2.79 44.61 -75.15
C TYR L 107 1.90 43.68 -75.95
N THR L 108 1.04 42.94 -75.27
CA THR L 108 0.11 42.04 -75.94
C THR L 108 -1.32 42.41 -75.57
N VAL L 109 -2.19 42.56 -76.57
CA VAL L 109 -3.60 42.78 -76.32
C VAL L 109 -4.39 41.71 -77.06
N GLU L 110 -5.20 40.98 -76.31
CA GLU L 110 -6.00 39.92 -76.92
C GLU L 110 -7.47 40.14 -76.56
N CYS L 111 -8.33 39.72 -77.47
CA CYS L 111 -9.77 40.00 -77.39
C CYS L 111 -10.49 39.14 -78.41
N LEU L 112 -11.76 39.46 -78.64
CA LEU L 112 -12.48 38.87 -79.74
C LEU L 112 -12.12 39.61 -81.03
N ARG L 113 -12.41 39.00 -82.17
CA ARG L 113 -12.06 39.63 -83.44
C ARG L 113 -12.96 40.81 -83.78
N ASP L 114 -13.99 41.09 -82.99
CA ASP L 114 -14.90 42.18 -83.28
C ASP L 114 -14.22 43.53 -83.07
N ASP L 115 -13.85 43.81 -81.83
CA ASP L 115 -13.45 45.15 -81.41
C ASP L 115 -11.95 45.27 -81.24
N VAL L 116 -11.20 44.65 -82.16
CA VAL L 116 -9.76 44.86 -82.21
C VAL L 116 -9.40 46.28 -82.60
N ASP L 117 -10.35 47.01 -83.21
CA ASP L 117 -10.06 48.34 -83.72
C ASP L 117 -9.89 49.33 -82.60
N ILE L 118 -10.80 49.29 -81.62
CA ILE L 118 -10.75 50.20 -80.50
C ILE L 118 -9.53 49.90 -79.61
N LEU L 119 -9.14 48.62 -79.53
CA LEU L 119 -7.96 48.27 -78.75
C LEU L 119 -6.68 48.62 -79.49
N MET L 120 -6.72 48.57 -80.82
CA MET L 120 -5.62 49.09 -81.61
C MET L 120 -5.43 50.57 -81.36
N GLU L 121 -6.55 51.29 -81.23
CA GLU L 121 -6.51 52.71 -80.91
C GLU L 121 -5.86 52.97 -79.55
N PHE L 122 -6.32 52.25 -78.51
CA PHE L 122 -5.74 52.44 -77.17
C PHE L 122 -4.28 52.06 -77.13
N LEU L 123 -3.94 50.97 -77.81
CA LEU L 123 -2.60 50.43 -77.80
C LEU L 123 -1.62 51.39 -78.46
N LEU L 124 -1.97 51.91 -79.63
CA LEU L 124 -1.07 52.84 -80.30
C LEU L 124 -1.01 54.18 -79.59
N ASN L 125 -2.10 54.60 -78.92
CA ASN L 125 -2.05 55.82 -78.11
C ASN L 125 -1.05 55.68 -76.96
N VAL L 126 -1.07 54.53 -76.28
CA VAL L 126 -0.11 54.27 -75.20
C VAL L 126 1.31 54.27 -75.73
N THR L 127 1.54 53.58 -76.84
CA THR L 127 2.91 53.43 -77.30
C THR L 127 3.47 54.66 -77.97
N THR L 128 2.64 55.49 -78.58
CA THR L 128 3.18 56.71 -79.18
C THR L 128 3.31 57.82 -78.14
N ALA L 129 2.25 58.12 -77.41
CA ALA L 129 2.15 59.41 -76.72
C ALA L 129 1.87 59.30 -75.23
N PRO L 130 2.85 58.95 -74.41
CA PRO L 130 2.64 58.98 -72.96
C PRO L 130 2.67 60.40 -72.43
N GLU L 131 2.27 60.55 -71.17
CA GLU L 131 2.24 61.85 -70.51
C GLU L 131 3.07 61.90 -69.25
N PHE L 132 3.09 60.81 -68.46
CA PHE L 132 3.93 60.63 -67.27
C PHE L 132 3.71 61.71 -66.22
N ARG L 133 2.50 61.78 -65.70
CA ARG L 133 2.20 62.77 -64.69
C ARG L 133 2.65 62.24 -63.32
N ARG L 134 3.10 63.17 -62.47
CA ARG L 134 4.04 62.82 -61.41
C ARG L 134 3.38 62.03 -60.28
N TRP L 135 2.14 62.37 -59.95
CA TRP L 135 1.43 61.68 -58.87
C TRP L 135 1.19 60.21 -59.20
N GLU L 136 0.91 59.94 -60.48
CA GLU L 136 0.81 58.57 -60.97
C GLU L 136 2.13 57.83 -60.80
N VAL L 137 3.24 58.53 -61.02
CA VAL L 137 4.55 57.93 -60.86
C VAL L 137 4.82 57.61 -59.40
N ALA L 138 4.33 58.44 -58.47
CA ALA L 138 4.54 58.17 -57.05
C ALA L 138 3.77 56.94 -56.58
N ALA L 139 2.50 56.85 -56.98
CA ALA L 139 1.71 55.65 -56.69
C ALA L 139 2.33 54.41 -57.33
N LEU L 140 2.93 54.57 -58.50
CA LEU L 140 3.56 53.45 -59.15
C LEU L 140 4.87 53.06 -58.47
N GLN L 141 5.53 54.01 -57.79
CA GLN L 141 6.70 53.66 -56.98
C GLN L 141 6.33 52.72 -55.86
N SER L 142 5.24 53.07 -55.16
CA SER L 142 4.73 52.19 -54.11
C SER L 142 4.40 50.81 -54.68
N GLN L 143 3.77 50.80 -55.86
CA GLN L 143 3.46 49.56 -56.56
C GLN L 143 4.71 48.77 -56.92
N LEU L 144 5.82 49.46 -57.21
CA LEU L 144 7.08 48.78 -57.53
C LEU L 144 7.60 48.02 -56.33
N ARG L 145 7.55 48.63 -55.14
CA ARG L 145 7.97 47.91 -53.93
C ARG L 145 7.12 46.66 -53.70
N ILE L 146 5.80 46.81 -53.86
CA ILE L 146 4.84 45.70 -53.73
C ILE L 146 5.21 44.55 -54.66
N ASP L 147 5.32 44.85 -55.94
CA ASP L 147 5.44 43.80 -56.92
C ASP L 147 6.84 43.22 -56.97
N LYS L 148 7.85 43.98 -56.57
CA LYS L 148 9.18 43.42 -56.42
C LYS L 148 9.19 42.32 -55.38
N ALA L 149 8.56 42.57 -54.22
CA ALA L 149 8.52 41.53 -53.20
C ALA L 149 7.71 40.33 -53.65
N VAL L 150 6.57 40.59 -54.33
CA VAL L 150 5.69 39.50 -54.78
C VAL L 150 6.39 38.62 -55.81
N ALA L 151 7.11 39.23 -56.74
CA ALA L 151 7.83 38.45 -57.73
C ALA L 151 8.99 37.71 -57.10
N PHE L 152 9.84 38.41 -56.36
CA PHE L 152 10.99 37.76 -55.78
C PHE L 152 10.66 36.85 -54.66
N GLN L 153 9.43 36.54 -54.26
CA GLN L 153 9.27 35.52 -53.23
C GLN L 153 9.68 34.13 -53.70
N ASN L 154 9.67 33.86 -55.00
CA ASN L 154 10.33 32.64 -55.43
C ASN L 154 11.84 32.82 -55.34
N PRO L 155 12.57 31.81 -54.88
CA PRO L 155 14.03 31.96 -54.72
C PRO L 155 14.76 32.07 -56.05
N GLN L 156 14.19 31.50 -57.10
CA GLN L 156 14.88 31.38 -58.37
C GLN L 156 15.03 32.72 -59.04
N ALA L 157 14.15 33.67 -58.75
CA ALA L 157 14.32 35.01 -59.29
C ALA L 157 15.57 35.69 -58.70
N HIS L 158 15.77 35.58 -57.38
CA HIS L 158 16.99 36.08 -56.77
C HIS L 158 18.23 35.37 -57.30
N VAL L 159 18.13 34.05 -57.48
CA VAL L 159 19.30 33.27 -57.92
C VAL L 159 19.71 33.65 -59.34
N ILE L 160 18.74 33.70 -60.24
CA ILE L 160 19.01 34.05 -61.62
C ILE L 160 19.47 35.50 -61.73
N GLU L 161 18.93 36.39 -60.90
CA GLU L 161 19.37 37.78 -60.95
C GLU L 161 20.77 37.97 -60.40
N ASN L 162 21.12 37.25 -59.33
CA ASN L 162 22.48 37.34 -58.86
C ASN L 162 23.45 36.65 -59.79
N LEU L 163 22.98 35.70 -60.59
CA LEU L 163 23.86 35.15 -61.61
C LEU L 163 24.06 36.14 -62.74
N HIS L 164 23.02 36.89 -63.11
CA HIS L 164 23.19 37.88 -64.17
C HIS L 164 24.01 39.07 -63.71
N ALA L 165 23.84 39.46 -62.44
CA ALA L 165 24.77 40.42 -61.85
C ALA L 165 26.16 39.83 -61.68
N ALA L 166 26.28 38.52 -61.70
CA ALA L 166 27.58 37.88 -61.82
C ALA L 166 27.96 37.54 -63.26
N ALA L 167 27.03 37.66 -64.20
CA ALA L 167 27.33 37.17 -65.54
C ALA L 167 28.23 38.14 -66.28
N TYR L 168 27.75 39.33 -66.54
CA TYR L 168 28.47 40.26 -67.38
C TYR L 168 28.97 41.42 -66.55
N ARG L 169 29.98 42.10 -67.10
CA ARG L 169 30.59 43.25 -66.47
C ARG L 169 29.92 44.56 -66.88
N ASN L 170 28.73 44.47 -67.45
CA ASN L 170 28.21 45.59 -68.20
C ASN L 170 26.68 45.53 -68.06
N ALA L 171 25.98 46.17 -68.99
CA ALA L 171 24.55 46.49 -68.84
C ALA L 171 23.62 45.28 -68.82
N LEU L 172 24.08 44.10 -69.21
CA LEU L 172 23.21 42.94 -69.06
C LEU L 172 23.14 42.43 -67.63
N ALA L 173 24.00 42.93 -66.75
CA ALA L 173 23.88 42.60 -65.34
C ALA L 173 22.77 43.37 -64.64
N ASN L 174 22.17 44.35 -65.31
CA ASN L 174 21.06 45.08 -64.73
C ASN L 174 19.81 44.22 -64.68
N SER L 175 19.03 44.40 -63.63
CA SER L 175 17.85 43.57 -63.44
C SER L 175 16.72 44.00 -64.35
N LEU L 176 15.75 43.10 -64.51
CA LEU L 176 14.42 43.55 -64.88
C LEU L 176 13.85 44.45 -63.80
N TYR L 177 14.03 44.03 -62.56
CA TYR L 177 13.36 44.68 -61.46
C TYR L 177 14.11 45.94 -61.05
N CYS L 178 13.38 46.83 -60.41
CA CYS L 178 14.00 47.98 -59.80
C CYS L 178 14.91 47.52 -58.67
N PRO L 179 16.07 48.12 -58.51
CA PRO L 179 16.95 47.74 -57.39
C PRO L 179 16.41 48.14 -56.03
N ASP L 180 17.14 47.79 -54.96
CA ASP L 180 16.59 47.86 -53.61
C ASP L 180 16.35 49.28 -53.15
N TYR L 181 17.11 50.23 -53.67
CA TYR L 181 17.12 51.56 -53.11
C TYR L 181 16.44 52.59 -54.00
N ARG L 182 16.25 52.29 -55.27
CA ARG L 182 15.71 53.26 -56.22
C ARG L 182 14.20 53.43 -56.09
N ILE L 183 13.54 52.64 -55.26
CA ILE L 183 12.10 52.71 -55.10
C ILE L 183 11.75 54.01 -54.37
N GLY L 184 11.20 54.97 -55.11
CA GLY L 184 10.94 56.27 -54.55
C GLY L 184 12.07 57.25 -54.75
N LYS L 185 12.81 57.15 -55.86
CA LYS L 185 13.84 58.12 -56.14
C LYS L 185 13.86 58.62 -57.58
N VAL L 186 13.17 57.96 -58.50
CA VAL L 186 13.30 58.27 -59.92
C VAL L 186 12.09 59.08 -60.38
N THR L 187 12.34 59.97 -61.28
CA THR L 187 11.52 61.00 -61.90
C THR L 187 10.95 60.50 -63.22
N PRO L 188 9.91 61.15 -63.74
CA PRO L 188 9.42 60.78 -65.08
C PRO L 188 10.22 61.34 -66.25
N ASP L 189 11.22 62.18 -66.02
CA ASP L 189 11.93 62.77 -67.14
C ASP L 189 12.83 61.77 -67.82
N GLU L 190 13.39 60.83 -67.05
CA GLU L 190 14.08 59.70 -67.65
C GLU L 190 13.13 58.86 -68.48
N LEU L 191 11.86 58.76 -68.06
CA LEU L 191 10.88 57.98 -68.81
C LEU L 191 10.58 58.63 -70.16
N HIS L 192 10.38 59.96 -70.16
CA HIS L 192 10.17 60.68 -71.42
C HIS L 192 11.35 60.53 -72.37
N ASP L 193 12.55 60.71 -71.84
CA ASP L 193 13.75 60.61 -72.67
C ASP L 193 13.97 59.19 -73.15
N TYR L 194 13.61 58.21 -72.31
CA TYR L 194 13.78 56.81 -72.64
C TYR L 194 12.83 56.38 -73.74
N VAL L 195 11.61 56.91 -73.72
CA VAL L 195 10.69 56.62 -74.82
C VAL L 195 11.12 57.35 -76.09
N GLN L 196 11.59 58.59 -75.97
CA GLN L 196 11.97 59.30 -77.19
C GLN L 196 13.29 58.83 -77.80
N ASN L 197 14.09 58.02 -77.10
CA ASN L 197 15.25 57.47 -77.78
C ASN L 197 15.21 55.96 -77.98
N HIS L 198 14.26 55.24 -77.39
CA HIS L 198 14.18 53.81 -77.63
C HIS L 198 12.88 53.33 -78.23
N PHE L 199 11.81 54.10 -78.16
CA PHE L 199 10.56 53.70 -78.81
C PHE L 199 10.38 54.47 -80.11
N THR L 200 11.27 54.22 -81.04
CA THR L 200 11.18 54.81 -82.36
C THR L 200 10.51 53.82 -83.30
N SER L 201 10.11 54.33 -84.47
CA SER L 201 9.51 53.46 -85.47
C SER L 201 10.51 52.51 -86.09
N ALA L 202 11.81 52.72 -85.91
CA ALA L 202 12.82 51.87 -86.52
C ALA L 202 13.11 50.63 -85.70
N ARG L 203 12.41 50.41 -84.60
CA ARG L 203 12.80 49.39 -83.64
C ARG L 203 11.65 48.46 -83.28
N MET L 204 10.62 48.37 -84.11
CA MET L 204 9.34 47.86 -83.65
C MET L 204 8.80 46.74 -84.54
N ALA L 205 8.25 45.72 -83.89
CA ALA L 205 7.59 44.62 -84.56
C ALA L 205 6.12 44.60 -84.16
N LEU L 206 5.23 44.74 -85.14
CA LEU L 206 3.80 44.68 -84.92
C LEU L 206 3.28 43.37 -85.51
N ILE L 207 2.65 42.55 -84.67
CA ILE L 207 2.19 41.24 -85.07
C ILE L 207 0.67 41.22 -84.95
N GLY L 208 0.00 40.68 -85.96
CA GLY L 208 -1.44 40.57 -85.90
C GLY L 208 -1.93 39.15 -86.04
N LEU L 209 -2.81 38.72 -85.15
CA LEU L 209 -3.46 37.43 -85.25
C LEU L 209 -4.96 37.62 -85.06
N GLY L 210 -5.74 37.06 -85.96
CA GLY L 210 -7.16 37.29 -85.99
C GLY L 210 -7.55 38.50 -86.79
N VAL L 211 -6.60 39.33 -87.18
CA VAL L 211 -6.89 40.50 -87.98
C VAL L 211 -6.67 40.15 -89.44
N SER L 212 -7.11 41.04 -90.32
CA SER L 212 -6.70 41.00 -91.70
C SER L 212 -5.42 41.82 -91.88
N HIS L 213 -4.84 41.72 -93.07
CA HIS L 213 -3.63 42.49 -93.35
C HIS L 213 -3.86 44.00 -93.54
N PRO L 214 -4.77 44.48 -94.41
CA PRO L 214 -4.71 45.92 -94.72
C PRO L 214 -5.22 46.82 -93.62
N VAL L 215 -6.08 46.34 -92.73
CA VAL L 215 -6.52 47.11 -91.58
C VAL L 215 -5.32 47.42 -90.69
N LEU L 216 -4.56 46.37 -90.38
CA LEU L 216 -3.31 46.45 -89.66
C LEU L 216 -2.34 47.41 -90.33
N LYS L 217 -2.19 47.28 -91.65
CA LYS L 217 -1.21 48.06 -92.37
C LYS L 217 -1.59 49.54 -92.40
N GLN L 218 -2.89 49.83 -92.52
CA GLN L 218 -3.31 51.22 -92.60
C GLN L 218 -3.21 51.92 -91.25
N VAL L 219 -3.61 51.24 -90.17
CA VAL L 219 -3.54 51.91 -88.87
C VAL L 219 -2.09 52.05 -88.42
N ALA L 220 -1.23 51.10 -88.82
CA ALA L 220 0.20 51.26 -88.65
C ALA L 220 0.72 52.47 -89.41
N GLU L 221 0.29 52.64 -90.66
CA GLU L 221 0.79 53.76 -91.45
C GLU L 221 0.23 55.10 -91.02
N GLN L 222 -0.88 55.12 -90.30
CA GLN L 222 -1.40 56.40 -89.81
C GLN L 222 -0.86 56.79 -88.45
N PHE L 223 -0.54 55.83 -87.59
CA PHE L 223 -0.09 56.23 -86.27
C PHE L 223 1.40 56.05 -86.06
N LEU L 224 1.99 54.96 -86.53
CA LEU L 224 3.35 54.61 -86.16
C LEU L 224 4.41 55.23 -87.05
N ASN L 225 4.11 56.32 -87.75
CA ASN L 225 5.14 57.00 -88.51
C ASN L 225 5.78 58.11 -87.67
N ILE L 226 6.19 57.76 -86.46
CA ILE L 226 6.76 58.70 -85.51
C ILE L 226 8.05 58.07 -85.00
N ARG L 227 9.16 58.76 -85.18
CA ARG L 227 10.46 58.20 -84.86
C ARG L 227 10.76 58.28 -83.36
N ALA L 235 25.55 48.86 -75.55
CA ALA L 235 25.99 48.12 -76.73
C ALA L 235 27.26 47.31 -76.47
N LYS L 236 27.27 46.08 -77.00
CA LYS L 236 28.42 45.18 -77.03
C LYS L 236 28.90 44.84 -75.62
N ALA L 237 28.05 44.09 -74.91
CA ALA L 237 28.34 43.71 -73.55
C ALA L 237 29.50 42.71 -73.49
N LYS L 238 30.37 42.89 -72.50
CA LYS L 238 31.58 42.09 -72.33
C LYS L 238 31.35 41.03 -71.27
N TYR L 239 32.09 39.93 -71.39
CA TYR L 239 32.09 38.95 -70.32
C TYR L 239 32.84 39.50 -69.11
N ARG L 240 32.50 38.98 -67.93
CA ARG L 240 33.05 39.46 -66.68
C ARG L 240 33.97 38.44 -66.02
N GLY L 241 33.44 37.28 -65.68
CA GLY L 241 34.15 36.33 -64.85
C GLY L 241 34.01 36.63 -63.37
N GLY L 242 33.69 35.62 -62.58
CA GLY L 242 33.66 35.76 -61.13
C GLY L 242 32.48 35.04 -60.54
N GLU L 243 32.08 35.49 -59.36
CA GLU L 243 31.05 34.78 -58.62
C GLU L 243 30.36 35.75 -57.69
N ILE L 244 29.15 35.38 -57.30
CA ILE L 244 28.41 36.11 -56.28
C ILE L 244 27.83 35.10 -55.29
N ARG L 245 28.19 35.26 -54.03
CA ARG L 245 27.69 34.42 -52.96
C ARG L 245 26.66 35.19 -52.16
N GLU L 246 25.50 34.57 -51.93
CA GLU L 246 24.35 35.19 -51.29
C GLU L 246 23.98 34.35 -50.07
N GLN L 247 24.67 34.63 -48.97
CA GLN L 247 24.47 33.90 -47.72
C GLN L 247 23.13 34.27 -47.11
N ASN L 248 22.17 33.34 -47.12
CA ASN L 248 20.82 33.71 -46.72
C ASN L 248 20.19 32.74 -45.71
N GLY L 249 20.45 31.45 -45.83
CA GLY L 249 19.99 30.48 -44.85
C GLY L 249 18.55 30.00 -44.95
N ASP L 250 18.20 29.31 -46.04
CA ASP L 250 16.87 28.73 -46.22
C ASP L 250 16.89 27.21 -46.24
N SER L 251 18.00 26.59 -45.82
CA SER L 251 18.26 25.14 -45.92
C SER L 251 18.13 24.63 -47.35
N LEU L 252 18.48 25.48 -48.32
CA LEU L 252 18.38 25.14 -49.74
C LEU L 252 19.56 25.83 -50.44
N VAL L 253 20.63 25.09 -50.68
CA VAL L 253 21.72 25.65 -51.47
C VAL L 253 21.27 25.74 -52.91
N HIS L 254 21.27 26.95 -53.44
CA HIS L 254 20.95 27.20 -54.83
C HIS L 254 22.23 27.65 -55.51
N ALA L 255 22.75 26.84 -56.42
CA ALA L 255 24.02 27.14 -57.06
C ALA L 255 23.83 27.05 -58.55
N ALA L 256 24.05 28.15 -59.25
CA ALA L 256 24.07 28.17 -60.70
C ALA L 256 25.50 28.39 -61.15
N LEU L 257 25.94 27.59 -62.12
CA LEU L 257 27.32 27.59 -62.56
C LEU L 257 27.33 27.71 -64.08
N VAL L 258 27.93 28.79 -64.59
CA VAL L 258 27.67 29.29 -65.94
C VAL L 258 28.97 29.79 -66.56
N ALA L 259 29.25 29.35 -67.78
CA ALA L 259 30.22 29.99 -68.65
C ALA L 259 29.49 30.68 -69.81
N GLU L 260 30.26 31.30 -70.70
CA GLU L 260 29.72 32.04 -71.83
C GLU L 260 29.73 31.14 -73.05
N SER L 261 28.63 31.11 -73.79
CA SER L 261 28.50 30.12 -74.87
C SER L 261 28.44 30.73 -76.26
N ALA L 262 27.37 31.45 -76.59
CA ALA L 262 27.04 31.72 -77.98
C ALA L 262 25.85 32.64 -78.06
N ALA L 263 25.79 33.42 -79.12
CA ALA L 263 24.64 34.27 -79.35
C ALA L 263 23.53 33.48 -80.02
N ILE L 264 22.40 34.16 -80.21
CA ILE L 264 21.23 33.52 -80.82
C ILE L 264 21.50 33.34 -82.30
N GLY L 265 20.85 32.34 -82.88
CA GLY L 265 20.83 32.20 -84.32
C GLY L 265 22.07 31.61 -84.94
N SER L 266 22.74 30.69 -84.26
CA SER L 266 23.86 29.97 -84.84
C SER L 266 23.65 28.48 -84.66
N ALA L 267 24.24 27.71 -85.56
CA ALA L 267 24.30 26.27 -85.36
C ALA L 267 25.15 25.91 -84.16
N GLU L 268 26.10 26.79 -83.79
CA GLU L 268 26.79 26.64 -82.51
C GLU L 268 25.81 26.73 -81.35
N ALA L 269 24.87 27.68 -81.42
CA ALA L 269 23.84 27.78 -80.39
C ALA L 269 22.93 26.57 -80.40
N ASN L 270 22.65 26.04 -81.58
CA ASN L 270 21.87 24.81 -81.67
C ASN L 270 22.62 23.64 -81.05
N ALA L 271 23.95 23.64 -81.18
CA ALA L 271 24.75 22.61 -80.55
C ALA L 271 24.71 22.72 -79.04
N PHE L 272 24.76 23.95 -78.53
CA PHE L 272 24.60 24.15 -77.08
C PHE L 272 23.22 23.71 -76.59
N SER L 273 22.18 23.91 -77.41
CA SER L 273 20.82 23.55 -77.00
C SER L 273 20.65 22.04 -76.93
N VAL L 274 21.10 21.32 -77.97
CA VAL L 274 21.02 19.86 -77.94
C VAL L 274 21.92 19.33 -76.82
N LEU L 275 23.02 20.03 -76.54
CA LEU L 275 23.88 19.67 -75.43
C LEU L 275 23.14 19.78 -74.10
N GLN L 276 22.42 20.87 -73.87
CA GLN L 276 21.79 20.99 -72.57
C GLN L 276 20.60 20.06 -72.43
N HIS L 277 19.99 19.63 -73.53
CA HIS L 277 19.01 18.56 -73.39
C HIS L 277 19.66 17.21 -73.17
N VAL L 278 20.90 17.00 -73.61
CA VAL L 278 21.64 15.82 -73.19
C VAL L 278 21.91 15.87 -71.70
N LEU L 279 22.28 17.05 -71.21
CA LEU L 279 22.71 17.20 -69.82
C LEU L 279 21.54 17.07 -68.85
N GLY L 280 20.58 17.98 -68.95
CA GLY L 280 19.41 17.90 -68.10
C GLY L 280 18.43 19.03 -68.33
N ALA L 281 17.14 18.77 -68.15
CA ALA L 281 16.15 19.80 -68.37
C ALA L 281 14.97 19.55 -67.44
N GLY L 282 13.84 20.18 -67.74
CA GLY L 282 12.64 20.02 -66.97
C GLY L 282 12.12 18.60 -66.99
N PRO L 283 11.68 18.11 -65.84
CA PRO L 283 11.26 16.71 -65.73
C PRO L 283 10.04 16.39 -66.59
N HIS L 284 10.26 15.57 -67.60
CA HIS L 284 9.21 15.21 -68.54
C HIS L 284 8.20 14.24 -67.96
N VAL L 285 8.46 13.68 -66.79
CA VAL L 285 7.52 12.81 -66.09
C VAL L 285 7.19 13.46 -64.76
N LYS L 286 5.91 13.67 -64.51
CA LYS L 286 5.46 14.17 -63.21
C LYS L 286 5.73 13.13 -62.15
N ARG L 287 6.33 13.58 -61.04
CA ARG L 287 6.91 12.72 -59.99
C ARG L 287 7.89 11.72 -60.61
N GLY L 288 8.75 12.21 -61.50
CA GLY L 288 9.58 11.35 -62.31
C GLY L 288 10.91 11.00 -61.65
N SER L 289 11.75 10.32 -62.42
CA SER L 289 13.04 9.89 -61.94
C SER L 289 14.16 10.15 -62.92
N ASN L 290 13.84 10.71 -64.10
CA ASN L 290 14.79 11.27 -65.07
C ASN L 290 15.82 10.22 -65.53
N ALA L 291 15.30 9.25 -66.28
CA ALA L 291 16.14 8.17 -66.79
C ALA L 291 17.19 8.62 -67.79
N THR L 292 17.07 9.82 -68.35
CA THR L 292 17.93 10.27 -69.43
C THR L 292 18.80 11.48 -69.06
N SER L 293 18.37 12.29 -68.08
CA SER L 293 19.18 13.42 -67.62
C SER L 293 20.42 12.89 -66.92
N SER L 294 21.54 12.89 -67.65
CA SER L 294 22.76 12.22 -67.20
C SER L 294 23.39 12.88 -65.99
N LEU L 295 23.17 14.17 -65.79
CA LEU L 295 23.68 14.83 -64.60
C LEU L 295 22.97 14.30 -63.37
N TYR L 296 21.64 14.20 -63.48
CA TYR L 296 20.82 13.62 -62.43
C TYR L 296 21.20 12.16 -62.22
N GLN L 297 21.59 11.47 -63.31
CA GLN L 297 22.10 10.11 -63.19
C GLN L 297 23.37 10.08 -62.35
N ALA L 298 24.30 10.99 -62.62
CA ALA L 298 25.58 10.95 -61.95
C ALA L 298 25.48 11.34 -60.48
N VAL L 299 24.58 12.26 -60.16
CA VAL L 299 24.46 12.65 -58.75
C VAL L 299 23.54 11.72 -57.98
N ALA L 300 22.54 11.12 -58.64
CA ALA L 300 21.79 10.03 -58.02
C ALA L 300 22.67 8.82 -57.76
N LYS L 301 23.63 8.59 -58.65
CA LYS L 301 24.74 7.69 -58.34
C LYS L 301 25.53 8.18 -57.14
N GLY L 302 25.81 9.48 -57.08
CA GLY L 302 26.59 10.02 -55.99
C GLY L 302 25.82 10.19 -54.70
N VAL L 303 24.82 11.06 -54.69
CA VAL L 303 24.17 11.50 -53.47
C VAL L 303 22.72 11.02 -53.48
N HIS L 304 22.33 10.37 -52.39
CA HIS L 304 20.99 9.81 -52.22
C HIS L 304 20.09 10.72 -51.40
N GLN L 305 19.92 11.96 -51.85
CA GLN L 305 19.17 12.93 -51.06
C GLN L 305 18.11 13.66 -51.89
N PRO L 306 17.31 14.54 -51.29
CA PRO L 306 16.61 15.54 -52.11
C PRO L 306 17.60 16.49 -52.76
N PHE L 307 17.67 16.43 -54.09
CA PHE L 307 18.43 17.36 -54.88
C PHE L 307 17.71 17.53 -56.21
N ASP L 308 18.18 18.50 -56.99
CA ASP L 308 17.64 18.69 -58.33
C ASP L 308 18.68 19.43 -59.17
N VAL L 309 18.97 18.88 -60.34
CA VAL L 309 20.01 19.39 -61.21
C VAL L 309 19.41 19.62 -62.59
N SER L 310 19.67 20.78 -63.17
CA SER L 310 19.14 21.11 -64.48
C SER L 310 20.13 22.01 -65.21
N ALA L 311 20.26 21.82 -66.51
CA ALA L 311 21.13 22.70 -67.28
C ALA L 311 20.44 24.05 -67.52
N PHE L 312 21.12 24.92 -68.25
CA PHE L 312 20.76 26.33 -68.25
C PHE L 312 21.28 26.98 -69.52
N ASN L 313 20.40 27.60 -70.31
CA ASN L 313 20.80 28.41 -71.45
C ASN L 313 20.12 29.76 -71.35
N ALA L 314 20.91 30.82 -71.35
CA ALA L 314 20.39 32.17 -71.52
C ALA L 314 20.97 32.71 -72.83
N SER L 315 20.22 32.57 -73.92
CA SER L 315 20.69 33.05 -75.20
C SER L 315 20.36 34.52 -75.38
N TYR L 316 21.27 35.24 -76.01
CA TYR L 316 21.02 36.64 -76.29
C TYR L 316 21.39 36.93 -77.74
N SER L 317 21.04 38.14 -78.18
CA SER L 317 21.29 38.52 -79.56
C SER L 317 22.75 38.74 -79.86
N ASP L 318 23.56 38.94 -78.83
CA ASP L 318 24.99 39.21 -78.97
C ASP L 318 25.85 38.23 -78.19
N SER L 319 25.42 37.82 -77.01
CA SER L 319 26.19 36.88 -76.20
C SER L 319 25.29 35.77 -75.70
N GLY L 320 25.76 35.01 -74.72
CA GLY L 320 24.97 33.92 -74.23
C GLY L 320 25.61 33.28 -73.03
N LEU L 321 24.80 32.52 -72.33
CA LEU L 321 25.18 31.87 -71.08
C LEU L 321 24.83 30.41 -71.17
N PHE L 322 25.78 29.56 -70.82
CA PHE L 322 25.53 28.13 -70.70
C PHE L 322 25.90 27.73 -69.29
N GLY L 323 25.26 26.70 -68.78
CA GLY L 323 25.67 26.18 -67.49
C GLY L 323 24.62 25.26 -66.92
N PHE L 324 24.58 25.20 -65.61
CA PHE L 324 23.55 24.41 -64.95
C PHE L 324 23.18 25.07 -63.62
N TYR L 325 22.26 24.42 -62.92
CA TYR L 325 21.54 24.98 -61.80
C TYR L 325 21.16 23.84 -60.88
N THR L 326 21.48 23.99 -59.60
CA THR L 326 21.40 22.89 -58.65
C THR L 326 20.74 23.39 -57.38
N ILE L 327 19.77 22.62 -56.89
CA ILE L 327 19.13 22.85 -55.60
C ILE L 327 19.43 21.66 -54.72
N SER L 328 19.93 21.91 -53.52
CA SER L 328 20.24 20.80 -52.63
C SER L 328 20.12 21.27 -51.18
N GLN L 329 20.56 20.39 -50.26
CA GLN L 329 20.66 20.71 -48.85
C GLN L 329 21.92 21.55 -48.61
N ALA L 330 22.12 21.95 -47.36
CA ALA L 330 23.27 22.79 -47.02
C ALA L 330 24.55 21.97 -46.96
N ALA L 331 24.62 20.99 -46.06
CA ALA L 331 25.84 20.25 -45.79
C ALA L 331 26.03 19.08 -46.72
N SER L 332 25.46 19.13 -47.92
CA SER L 332 25.69 18.08 -48.90
C SER L 332 25.88 18.66 -50.30
N ALA L 333 26.05 19.98 -50.42
CA ALA L 333 26.07 20.59 -51.74
C ALA L 333 27.39 20.39 -52.46
N GLY L 334 28.49 20.28 -51.71
CA GLY L 334 29.79 20.11 -52.32
C GLY L 334 29.90 18.82 -53.10
N ASP L 335 29.33 17.75 -52.53
CA ASP L 335 29.27 16.46 -53.22
C ASP L 335 28.50 16.58 -54.53
N VAL L 336 27.38 17.30 -54.50
CA VAL L 336 26.52 17.41 -55.67
C VAL L 336 27.23 18.16 -56.79
N ILE L 337 27.85 19.28 -56.44
CA ILE L 337 28.49 20.10 -57.46
C ILE L 337 29.71 19.38 -58.04
N LYS L 338 30.44 18.66 -57.20
CA LYS L 338 31.61 17.95 -57.71
C LYS L 338 31.20 16.76 -58.57
N ALA L 339 30.14 16.04 -58.18
CA ALA L 339 29.69 14.90 -58.96
C ALA L 339 29.18 15.31 -60.33
N ALA L 340 28.37 16.37 -60.36
CA ALA L 340 27.87 16.87 -61.62
C ALA L 340 28.98 17.43 -62.49
N TYR L 341 30.00 18.06 -61.89
CA TYR L 341 31.05 18.62 -62.73
C TYR L 341 31.94 17.53 -63.30
N ASN L 342 32.19 16.46 -62.53
CA ASN L 342 32.95 15.36 -63.10
C ASN L 342 32.17 14.64 -64.20
N GLN L 343 30.83 14.63 -64.08
CA GLN L 343 30.02 14.14 -65.18
C GLN L 343 30.15 15.01 -66.42
N VAL L 344 30.17 16.33 -66.24
CA VAL L 344 30.31 17.21 -67.40
C VAL L 344 31.67 17.05 -68.04
N LYS L 345 32.71 16.80 -67.22
CA LYS L 345 34.04 16.50 -67.74
C LYS L 345 34.03 15.23 -68.60
N THR L 346 33.48 14.14 -68.08
CA THR L 346 33.50 12.91 -68.85
C THR L 346 32.50 12.92 -70.00
N ILE L 347 31.59 13.88 -70.05
CA ILE L 347 30.80 14.07 -71.26
C ILE L 347 31.59 14.87 -72.29
N ALA L 348 32.24 15.95 -71.85
CA ALA L 348 33.01 16.79 -72.77
C ALA L 348 34.30 16.12 -73.22
N GLN L 349 34.66 14.98 -72.64
CA GLN L 349 35.79 14.22 -73.15
C GLN L 349 35.48 13.67 -74.54
N GLY L 350 34.20 13.37 -74.82
CA GLY L 350 33.79 12.90 -76.11
C GLY L 350 32.97 11.62 -76.01
N ASN L 351 32.49 11.34 -74.82
CA ASN L 351 31.84 10.06 -74.53
C ASN L 351 30.33 10.16 -74.72
N LEU L 352 29.91 10.66 -75.88
CA LEU L 352 28.51 10.98 -76.15
C LEU L 352 28.08 10.36 -77.47
N SER L 353 27.07 9.50 -77.41
CA SER L 353 26.78 8.57 -78.49
C SER L 353 25.63 9.03 -79.38
N ASN L 354 25.54 8.38 -80.53
CA ASN L 354 24.60 8.77 -81.58
C ASN L 354 23.12 8.59 -81.25
N PRO L 355 22.63 7.48 -80.65
CA PRO L 355 21.20 7.48 -80.31
C PRO L 355 20.86 8.44 -79.20
N ASP L 356 21.83 8.79 -78.35
CA ASP L 356 21.59 9.86 -77.39
C ASP L 356 21.46 11.20 -78.10
N VAL L 357 22.27 11.40 -79.14
CA VAL L 357 22.13 12.58 -79.98
C VAL L 357 20.77 12.63 -80.64
N GLN L 358 20.28 11.50 -81.14
CA GLN L 358 18.97 11.47 -81.79
C GLN L 358 17.85 11.66 -80.77
N ALA L 359 18.02 11.11 -79.57
CA ALA L 359 17.03 11.31 -78.51
C ALA L 359 16.94 12.77 -78.12
N ALA L 360 18.08 13.43 -77.99
CA ALA L 360 18.05 14.85 -77.66
C ALA L 360 17.57 15.69 -78.82
N LYS L 361 17.83 15.26 -80.06
CA LYS L 361 17.25 15.90 -81.23
C LYS L 361 15.74 15.86 -81.16
N ASN L 362 15.19 14.70 -80.83
CA ASN L 362 13.75 14.60 -80.67
C ASN L 362 13.26 15.37 -79.46
N LYS L 363 14.06 15.47 -78.41
CA LYS L 363 13.69 16.29 -77.25
C LYS L 363 13.58 17.76 -77.63
N LEU L 364 14.58 18.27 -78.35
CA LEU L 364 14.56 19.67 -78.73
C LEU L 364 13.49 19.93 -79.78
N LYS L 365 13.27 18.99 -80.69
CA LYS L 365 12.20 19.15 -81.67
C LYS L 365 10.84 19.16 -80.99
N ALA L 366 10.68 18.32 -79.96
CA ALA L 366 9.44 18.31 -79.19
C ALA L 366 9.25 19.63 -78.47
N GLY L 367 10.29 20.12 -77.80
CA GLY L 367 10.17 21.37 -77.06
C GLY L 367 9.90 22.55 -77.97
N TYR L 368 10.50 22.55 -79.15
CA TYR L 368 10.31 23.69 -80.02
C TYR L 368 8.96 23.67 -80.71
N LEU L 369 8.45 22.49 -81.06
CA LEU L 369 7.09 22.46 -81.59
C LEU L 369 6.06 22.73 -80.51
N MET L 370 6.41 22.45 -79.26
CA MET L 370 5.47 22.61 -78.17
C MET L 370 5.63 23.93 -77.44
N SER L 371 6.51 24.82 -77.89
CA SER L 371 6.43 26.18 -77.42
C SER L 371 5.42 27.01 -78.20
N VAL L 372 5.03 26.58 -79.39
CA VAL L 372 4.24 27.39 -80.30
C VAL L 372 2.90 26.76 -80.58
N GLU L 373 2.35 26.06 -79.59
CA GLU L 373 1.08 25.36 -79.77
C GLU L 373 -0.07 26.35 -79.92
N SER L 374 -0.31 27.15 -78.87
CA SER L 374 -1.38 28.12 -78.88
C SER L 374 -0.96 29.34 -79.69
N SER L 375 -1.81 30.35 -79.70
CA SER L 375 -1.43 31.57 -80.39
C SER L 375 -0.47 32.43 -79.59
N GLU L 376 -0.35 32.18 -78.28
CA GLU L 376 0.54 33.00 -77.48
C GLU L 376 2.00 32.69 -77.75
N GLY L 377 2.38 31.42 -77.68
CA GLY L 377 3.75 31.04 -77.98
C GLY L 377 4.09 31.25 -79.45
N PHE L 378 3.10 31.09 -80.33
CA PHE L 378 3.24 31.45 -81.73
C PHE L 378 3.55 32.92 -81.90
N LEU L 379 2.81 33.76 -81.16
CA LEU L 379 3.07 35.19 -81.11
C LEU L 379 4.47 35.49 -80.59
N ASP L 380 4.88 34.76 -79.55
CA ASP L 380 6.18 34.96 -78.93
C ASP L 380 7.32 34.67 -79.90
N GLU L 381 7.25 33.51 -80.56
CA GLU L 381 8.26 33.12 -81.54
C GLU L 381 8.31 34.09 -82.71
N VAL L 382 7.15 34.42 -83.29
CA VAL L 382 7.12 35.24 -84.49
C VAL L 382 7.59 36.65 -84.20
N GLY L 383 7.17 37.22 -83.07
CA GLY L 383 7.60 38.56 -82.75
C GLY L 383 9.08 38.64 -82.40
N CYS L 384 9.58 37.70 -81.58
CA CYS L 384 10.98 37.75 -81.21
C CYS L 384 11.89 37.47 -82.40
N GLN L 385 11.41 36.69 -83.36
CA GLN L 385 12.15 36.54 -84.61
C GLN L 385 12.12 37.83 -85.40
N ALA L 386 10.93 38.40 -85.60
CA ALA L 386 10.76 39.54 -86.49
C ALA L 386 11.39 40.81 -85.95
N LEU L 387 11.66 40.87 -84.65
CA LEU L 387 12.53 41.92 -84.17
C LEU L 387 13.99 41.49 -84.19
N ALA L 388 14.27 40.24 -83.82
CA ALA L 388 15.65 39.80 -83.74
C ALA L 388 16.27 39.62 -85.11
N ALA L 389 15.47 39.35 -86.11
CA ALA L 389 16.07 39.13 -87.43
C ALA L 389 15.45 39.97 -88.53
N GLY L 390 14.14 40.22 -88.48
CA GLY L 390 13.46 40.91 -89.56
C GLY L 390 13.00 40.01 -90.68
N SER L 391 12.83 38.72 -90.43
CA SER L 391 12.55 37.75 -91.48
C SER L 391 11.98 36.49 -90.85
N TYR L 392 10.75 36.15 -91.20
CA TYR L 392 10.09 34.97 -90.66
C TYR L 392 10.68 33.71 -91.26
N THR L 393 10.64 32.61 -90.48
CA THR L 393 11.13 31.32 -90.87
C THR L 393 10.09 30.33 -90.35
N PRO L 394 9.66 29.37 -91.17
CA PRO L 394 8.75 28.35 -90.68
C PRO L 394 9.44 27.47 -89.63
N PRO L 395 8.69 26.95 -88.66
CA PRO L 395 9.31 26.12 -87.62
C PRO L 395 9.82 24.79 -88.13
N SER L 396 9.22 24.26 -89.21
CA SER L 396 9.66 22.98 -89.75
C SER L 396 11.07 23.05 -90.30
N THR L 397 11.37 24.09 -91.07
CA THR L 397 12.73 24.23 -91.57
C THR L 397 13.68 24.70 -90.47
N VAL L 398 13.18 25.30 -89.39
CA VAL L 398 14.00 25.53 -88.23
C VAL L 398 14.45 24.20 -87.64
N LEU L 399 13.51 23.25 -87.50
CA LEU L 399 13.87 21.93 -87.00
C LEU L 399 14.80 21.19 -87.94
N GLN L 400 14.65 21.42 -89.24
CA GLN L 400 15.56 20.84 -90.22
C GLN L 400 16.98 21.38 -90.03
N GLN L 401 17.10 22.70 -89.85
CA GLN L 401 18.39 23.30 -89.54
C GLN L 401 18.93 22.85 -88.19
N ILE L 402 18.05 22.50 -87.26
CA ILE L 402 18.51 21.98 -85.96
C ILE L 402 19.10 20.60 -86.13
N ASP L 403 18.34 19.66 -86.67
CA ASP L 403 18.81 18.29 -86.68
C ASP L 403 19.78 18.02 -87.81
N ALA L 404 20.13 19.03 -88.61
CA ALA L 404 21.26 18.89 -89.52
C ALA L 404 22.60 18.77 -88.79
N VAL L 405 22.70 19.18 -87.53
CA VAL L 405 23.99 19.15 -86.84
C VAL L 405 24.25 17.76 -86.28
N ALA L 406 25.49 17.52 -85.87
CA ALA L 406 25.86 16.25 -85.23
C ALA L 406 26.63 16.54 -83.95
N ASP L 407 27.21 15.50 -83.34
CA ASP L 407 27.90 15.67 -82.06
C ASP L 407 29.27 16.27 -82.21
N ALA L 408 29.70 16.57 -83.44
CA ALA L 408 30.94 17.28 -83.67
C ALA L 408 30.94 18.60 -82.94
N ASP L 409 29.97 19.46 -83.28
CA ASP L 409 29.85 20.77 -82.64
C ASP L 409 29.47 20.65 -81.18
N VAL L 410 28.81 19.56 -80.81
CA VAL L 410 28.39 19.35 -79.43
C VAL L 410 29.59 19.13 -78.53
N ILE L 411 30.49 18.22 -78.93
CA ILE L 411 31.67 17.99 -78.11
C ILE L 411 32.65 19.14 -78.24
N ASN L 412 32.64 19.85 -79.38
CA ASN L 412 33.44 21.07 -79.48
C ASN L 412 32.95 22.15 -78.51
N ALA L 413 31.64 22.28 -78.36
CA ALA L 413 31.07 23.31 -77.50
C ALA L 413 31.16 22.93 -76.02
N ALA L 414 30.97 21.66 -75.70
CA ALA L 414 31.18 21.22 -74.32
C ALA L 414 32.64 21.30 -73.93
N LYS L 415 33.52 21.09 -74.91
CA LYS L 415 34.95 21.27 -74.72
C LYS L 415 35.27 22.74 -74.49
N LYS L 416 34.51 23.63 -75.15
CA LYS L 416 34.62 25.05 -74.85
C LYS L 416 34.14 25.36 -73.43
N PHE L 417 33.06 24.71 -72.99
CA PHE L 417 32.51 24.99 -71.66
C PHE L 417 33.46 24.56 -70.55
N VAL L 418 34.00 23.35 -70.65
CA VAL L 418 35.01 22.94 -69.67
C VAL L 418 36.26 23.77 -69.86
N SER L 419 36.54 24.19 -71.10
CA SER L 419 37.58 25.17 -71.36
C SER L 419 37.20 26.57 -70.89
N GLY L 420 35.91 26.84 -70.67
CA GLY L 420 35.49 28.19 -70.34
C GLY L 420 35.82 28.58 -68.92
N ARG L 421 36.18 29.85 -68.74
CA ARG L 421 36.41 30.40 -67.41
C ARG L 421 35.08 30.58 -66.70
N LYS L 422 34.91 29.92 -65.57
CA LYS L 422 33.60 29.82 -64.96
C LYS L 422 33.19 31.12 -64.31
N SER L 423 31.88 31.30 -64.20
CA SER L 423 31.25 32.26 -63.31
C SER L 423 30.15 31.52 -62.56
N MET L 424 29.83 31.99 -61.36
CA MET L 424 28.77 31.31 -60.64
C MET L 424 28.07 32.23 -59.66
N ALA L 425 26.93 31.76 -59.18
CA ALA L 425 26.20 32.42 -58.11
C ALA L 425 25.60 31.38 -57.18
N ALA L 426 25.87 31.52 -55.90
CA ALA L 426 25.35 30.64 -54.89
C ALA L 426 24.48 31.42 -53.93
N SER L 427 23.58 30.72 -53.26
CA SER L 427 22.72 31.35 -52.26
C SER L 427 22.20 30.32 -51.27
N GLY L 428 21.98 30.78 -50.05
CA GLY L 428 21.36 29.98 -49.01
C GLY L 428 22.25 29.82 -47.80
N ASN L 429 22.02 28.73 -47.07
CA ASN L 429 22.89 28.34 -45.96
C ASN L 429 24.11 27.65 -46.54
N LEU L 430 25.25 28.34 -46.55
CA LEU L 430 26.36 27.90 -47.37
C LEU L 430 27.56 27.49 -46.55
N GLY L 431 27.33 26.69 -45.51
CA GLY L 431 28.41 26.25 -44.63
C GLY L 431 29.40 25.28 -45.26
N HIS L 432 28.99 24.55 -46.30
CA HIS L 432 29.82 23.54 -46.96
C HIS L 432 29.77 23.72 -48.46
N THR L 433 30.00 24.92 -48.92
CA THR L 433 29.83 25.22 -50.31
C THR L 433 31.17 25.37 -51.00
N PRO L 434 31.40 24.66 -52.11
CA PRO L 434 32.65 24.84 -52.85
C PRO L 434 32.72 26.22 -53.46
N PHE L 435 33.92 26.80 -53.42
CA PHE L 435 34.06 28.20 -53.77
C PHE L 435 34.16 28.40 -55.28
N ILE L 436 35.33 28.12 -55.85
CA ILE L 436 35.56 27.71 -57.23
C ILE L 436 36.60 26.61 -57.10
N ASP L 437 37.62 26.92 -56.28
CA ASP L 437 38.91 26.24 -56.25
C ASP L 437 38.78 24.76 -55.88
N GLU L 438 37.74 24.38 -55.14
CA GLU L 438 37.54 22.97 -54.83
C GLU L 438 37.19 22.15 -56.07
N LEU L 439 36.59 22.77 -57.08
CA LEU L 439 36.31 22.09 -58.34
C LEU L 439 37.55 21.92 -59.18
N ILE M 2 -16.52 52.74 -47.06
CA ILE M 2 -16.54 51.41 -46.47
C ILE M 2 -17.85 51.18 -45.76
N ASN M 3 -18.04 51.85 -44.63
CA ASN M 3 -19.20 51.58 -43.80
C ASN M 3 -19.47 52.79 -42.93
N ILE M 4 -20.73 53.25 -42.94
CA ILE M 4 -21.15 54.42 -42.18
C ILE M 4 -21.06 54.12 -40.69
N ARG M 5 -21.23 52.86 -40.30
CA ARG M 5 -21.18 52.43 -38.91
C ARG M 5 -19.79 52.60 -38.29
N LYS M 6 -18.74 52.83 -39.08
CA LYS M 6 -17.45 53.21 -38.56
C LYS M 6 -16.87 54.43 -39.26
N THR M 7 -17.72 55.34 -39.72
CA THR M 7 -17.24 56.65 -40.15
C THR M 7 -17.98 57.78 -39.46
N HIS M 8 -19.25 57.62 -39.19
CA HIS M 8 -20.01 58.69 -38.60
C HIS M 8 -19.71 58.75 -37.11
N PRO M 9 -19.44 59.91 -36.56
CA PRO M 9 -18.75 59.97 -35.26
C PRO M 9 -19.61 59.62 -34.08
N LEU M 10 -20.91 59.89 -34.15
CA LEU M 10 -21.84 59.37 -33.14
C LEU M 10 -21.82 57.86 -33.15
N MET M 11 -21.97 57.28 -34.34
CA MET M 11 -22.00 55.85 -34.48
C MET M 11 -20.64 55.22 -34.29
N LYS M 12 -19.56 55.99 -34.34
CA LYS M 12 -18.27 55.46 -33.90
C LYS M 12 -18.32 55.09 -32.43
N ILE M 13 -18.82 56.01 -31.60
CA ILE M 13 -18.90 55.76 -30.17
C ILE M 13 -19.94 54.68 -29.89
N VAL M 14 -21.06 54.71 -30.60
CA VAL M 14 -22.09 53.71 -30.34
C VAL M 14 -21.67 52.34 -30.86
N ASN M 15 -20.94 52.28 -31.98
CA ASN M 15 -20.49 50.99 -32.49
C ASN M 15 -19.37 50.43 -31.63
N ASN M 16 -18.58 51.28 -31.00
CA ASN M 16 -17.61 50.75 -30.08
C ASN M 16 -18.15 50.65 -28.66
N ALA M 17 -19.41 50.98 -28.44
CA ALA M 17 -20.01 50.81 -27.12
C ALA M 17 -21.04 49.68 -27.07
N PHE M 18 -22.01 49.68 -27.97
CA PHE M 18 -23.17 48.80 -27.86
C PHE M 18 -23.37 47.85 -29.03
N ILE M 19 -22.45 47.79 -29.98
CA ILE M 19 -22.65 46.81 -31.05
C ILE M 19 -21.47 45.86 -31.08
N ASP M 20 -20.27 46.37 -31.29
CA ASP M 20 -19.07 45.53 -31.40
C ASP M 20 -18.32 45.46 -30.10
N LEU M 21 -19.02 45.57 -28.99
CA LEU M 21 -18.42 45.50 -27.67
C LEU M 21 -17.97 44.08 -27.36
N PRO M 22 -16.69 43.86 -27.12
CA PRO M 22 -16.24 42.48 -26.94
C PRO M 22 -16.49 41.95 -25.54
N ALA M 23 -17.71 41.59 -25.24
CA ALA M 23 -18.00 40.93 -23.98
C ALA M 23 -17.43 39.52 -23.99
N PRO M 24 -17.15 38.94 -22.84
CA PRO M 24 -16.75 37.52 -22.81
C PRO M 24 -17.94 36.63 -23.09
N SER M 25 -17.65 35.35 -23.27
CA SER M 25 -18.64 34.49 -23.86
C SER M 25 -19.55 33.82 -22.84
N ASN M 26 -19.19 33.81 -21.57
CA ASN M 26 -19.87 32.97 -20.60
C ASN M 26 -20.64 33.75 -19.54
N ILE M 27 -21.27 34.85 -19.93
CA ILE M 27 -22.06 35.65 -18.98
C ILE M 27 -23.26 34.87 -18.50
N SER M 28 -23.45 34.84 -17.18
CA SER M 28 -24.54 34.15 -16.53
C SER M 28 -25.72 35.10 -16.40
N SER M 29 -26.69 34.75 -15.56
CA SER M 29 -27.91 35.54 -15.49
C SER M 29 -27.68 36.88 -14.84
N TRP M 30 -26.68 37.00 -13.98
CA TRP M 30 -26.59 38.16 -13.12
C TRP M 30 -26.02 39.38 -13.81
N TRP M 31 -25.49 39.27 -15.02
CA TRP M 31 -25.01 40.46 -15.70
C TRP M 31 -26.08 41.12 -16.54
N ASN M 32 -27.32 40.65 -16.48
CA ASN M 32 -28.40 41.38 -17.14
C ASN M 32 -28.80 42.59 -16.33
N PHE M 33 -28.42 42.65 -15.06
CA PHE M 33 -28.97 43.64 -14.16
C PHE M 33 -28.45 45.03 -14.42
N GLY M 34 -27.34 45.19 -15.14
CA GLY M 34 -26.94 46.53 -15.54
C GLY M 34 -27.91 47.12 -16.54
N SER M 35 -28.27 46.34 -17.56
CA SER M 35 -29.27 46.79 -18.51
C SER M 35 -30.63 46.95 -17.85
N LEU M 36 -30.94 46.12 -16.87
CA LEU M 36 -32.20 46.24 -16.15
C LEU M 36 -32.26 47.52 -15.32
N LEU M 37 -31.14 47.89 -14.69
CA LEU M 37 -31.09 49.15 -13.96
C LEU M 37 -31.25 50.32 -14.90
N GLY M 38 -30.65 50.24 -16.09
CA GLY M 38 -30.84 51.32 -17.06
C GLY M 38 -32.28 51.45 -17.52
N ILE M 39 -32.94 50.33 -17.76
CA ILE M 39 -34.29 50.36 -18.26
C ILE M 39 -35.26 50.81 -17.17
N CYS M 40 -35.02 50.36 -15.93
CA CYS M 40 -35.78 50.87 -14.79
C CYS M 40 -35.58 52.36 -14.62
N LEU M 41 -34.36 52.85 -14.86
CA LEU M 41 -34.09 54.27 -14.70
C LEU M 41 -34.83 55.10 -15.73
N ILE M 42 -34.81 54.70 -17.00
CA ILE M 42 -35.48 55.52 -17.99
C ILE M 42 -37.00 55.39 -17.88
N LEU M 43 -37.49 54.25 -17.40
CA LEU M 43 -38.92 54.17 -17.15
C LEU M 43 -39.31 55.02 -15.95
N GLN M 44 -38.43 55.12 -14.94
CA GLN M 44 -38.66 56.04 -13.85
C GLN M 44 -38.72 57.47 -14.35
N ILE M 45 -37.83 57.83 -15.26
CA ILE M 45 -37.78 59.19 -15.77
C ILE M 45 -39.06 59.50 -16.54
N LEU M 46 -39.55 58.55 -17.32
CA LEU M 46 -40.76 58.80 -18.09
C LEU M 46 -42.00 58.93 -17.20
N THR M 47 -42.19 57.97 -16.28
CA THR M 47 -43.37 57.99 -15.42
C THR M 47 -43.36 59.19 -14.51
N GLY M 48 -42.17 59.58 -14.04
CA GLY M 48 -42.06 60.79 -13.28
C GLY M 48 -42.35 62.01 -14.11
N LEU M 49 -42.03 61.99 -15.40
CA LEU M 49 -42.35 63.15 -16.23
C LEU M 49 -43.85 63.34 -16.36
N PHE M 50 -44.59 62.25 -16.52
CA PHE M 50 -46.04 62.45 -16.64
C PHE M 50 -46.66 62.83 -15.29
N LEU M 51 -46.09 62.29 -14.21
CA LEU M 51 -46.43 62.76 -12.87
C LEU M 51 -46.16 64.23 -12.68
N ALA M 52 -45.03 64.72 -13.16
CA ALA M 52 -44.72 66.13 -13.03
C ALA M 52 -45.65 66.98 -13.87
N MET M 53 -46.20 66.41 -14.95
CA MET M 53 -47.22 67.17 -15.63
C MET M 53 -48.56 67.21 -14.91
N HIS M 54 -48.82 66.32 -13.95
CA HIS M 54 -50.14 66.45 -13.31
C HIS M 54 -50.13 66.81 -11.81
N TYR M 55 -49.14 67.51 -11.30
CA TYR M 55 -48.94 67.59 -9.85
C TYR M 55 -48.77 69.02 -9.37
N THR M 56 -49.46 69.39 -8.27
CA THR M 56 -49.34 70.73 -7.68
C THR M 56 -48.71 70.64 -6.31
N PRO M 57 -47.47 71.03 -6.15
CA PRO M 57 -46.74 70.76 -4.90
C PRO M 57 -46.89 71.78 -3.79
N ASP M 58 -47.91 71.66 -2.96
CA ASP M 58 -47.98 72.47 -1.75
C ASP M 58 -48.64 71.67 -0.65
N THR M 59 -48.25 71.97 0.61
CA THR M 59 -48.76 71.26 1.77
C THR M 59 -50.27 71.37 1.91
N THR M 60 -50.85 72.47 1.44
CA THR M 60 -52.30 72.54 1.35
C THR M 60 -52.83 71.62 0.25
N THR M 61 -52.09 71.49 -0.85
CA THR M 61 -52.63 70.94 -2.08
C THR M 61 -52.05 69.59 -2.49
N ALA M 62 -51.04 69.07 -1.78
CA ALA M 62 -50.28 67.94 -2.30
C ALA M 62 -51.10 66.67 -2.32
N PHE M 63 -51.74 66.35 -1.20
CA PHE M 63 -52.47 65.09 -1.14
C PHE M 63 -53.73 65.15 -1.98
N SER M 64 -54.33 66.34 -2.05
CA SER M 64 -55.43 66.59 -2.98
C SER M 64 -55.01 66.31 -4.41
N SER M 65 -53.83 66.77 -4.80
CA SER M 65 -53.38 66.58 -6.18
C SER M 65 -53.02 65.13 -6.46
N VAL M 66 -52.40 64.43 -5.51
CA VAL M 66 -52.05 63.03 -5.75
C VAL M 66 -53.31 62.18 -5.86
N THR M 67 -54.30 62.48 -5.02
CA THR M 67 -55.60 61.86 -5.13
C THR M 67 -56.25 62.16 -6.48
N HIS M 68 -56.08 63.40 -6.96
CA HIS M 68 -56.62 63.82 -8.24
C HIS M 68 -56.00 63.04 -9.39
N ILE M 69 -54.70 62.80 -9.32
CA ILE M 69 -54.01 61.99 -10.31
C ILE M 69 -54.54 60.57 -10.29
N CYS M 70 -54.67 60.00 -9.09
CA CYS M 70 -55.09 58.61 -8.98
C CYS M 70 -56.57 58.41 -9.29
N ARG M 71 -57.34 59.49 -9.46
CA ARG M 71 -58.73 59.33 -9.85
C ARG M 71 -59.04 59.83 -11.27
N ASP M 72 -58.84 61.11 -11.53
CA ASP M 72 -59.56 61.74 -12.62
C ASP M 72 -58.78 61.69 -13.93
N VAL M 73 -57.51 62.06 -13.90
CA VAL M 73 -56.65 61.97 -15.08
C VAL M 73 -56.44 60.50 -15.39
N ASN M 74 -56.96 60.07 -16.54
CA ASN M 74 -57.11 58.66 -16.84
C ASN M 74 -55.77 57.99 -17.00
N TYR M 75 -55.68 56.74 -16.54
CA TYR M 75 -54.49 55.88 -16.51
C TYR M 75 -53.41 56.40 -15.56
N GLY M 76 -53.62 57.56 -14.93
CA GLY M 76 -52.66 58.11 -13.99
C GLY M 76 -52.51 57.27 -12.74
N TRP M 77 -53.51 56.46 -12.44
CA TRP M 77 -53.40 55.48 -11.38
C TRP M 77 -52.30 54.47 -11.68
N ILE M 78 -52.24 53.98 -12.92
CA ILE M 78 -51.12 53.11 -13.22
C ILE M 78 -49.84 53.90 -13.38
N ILE M 79 -49.89 55.20 -13.68
CA ILE M 79 -48.64 55.94 -13.76
C ILE M 79 -48.04 56.10 -12.37
N ARG M 80 -48.89 56.38 -11.38
CA ARG M 80 -48.46 56.54 -10.00
C ARG M 80 -47.93 55.23 -9.45
N TYR M 81 -48.72 54.17 -9.60
CA TYR M 81 -48.32 52.88 -9.08
C TYR M 81 -47.09 52.34 -9.79
N MET M 82 -46.93 52.65 -11.07
CA MET M 82 -45.75 52.21 -11.80
C MET M 82 -44.52 52.97 -11.33
N HIS M 83 -44.65 54.25 -10.97
CA HIS M 83 -43.50 54.99 -10.48
C HIS M 83 -43.05 54.44 -9.13
N ALA M 84 -44.01 54.15 -8.25
CA ALA M 84 -43.66 53.64 -6.92
C ALA M 84 -43.02 52.26 -6.99
N ASN M 85 -43.70 51.31 -7.63
CA ASN M 85 -43.13 49.97 -7.71
C ASN M 85 -41.94 49.91 -8.64
N GLY M 86 -41.78 50.89 -9.53
CA GLY M 86 -40.58 50.95 -10.32
C GLY M 86 -39.39 51.38 -9.51
N ALA M 87 -39.60 52.27 -8.53
CA ALA M 87 -38.53 52.56 -7.58
C ALA M 87 -38.20 51.33 -6.75
N SER M 88 -39.22 50.54 -6.43
CA SER M 88 -38.98 49.32 -5.67
C SER M 88 -38.13 48.33 -6.46
N MET M 89 -38.53 48.05 -7.70
CA MET M 89 -37.77 47.16 -8.55
C MET M 89 -36.41 47.73 -8.89
N PHE M 90 -36.30 49.05 -8.91
CA PHE M 90 -35.00 49.69 -9.07
C PHE M 90 -34.08 49.31 -7.94
N PHE M 91 -34.57 49.37 -6.71
CA PHE M 91 -33.64 49.04 -5.65
C PHE M 91 -33.40 47.56 -5.49
N ILE M 92 -34.34 46.71 -5.92
CA ILE M 92 -34.06 45.28 -5.91
C ILE M 92 -32.98 44.94 -6.93
N CYS M 93 -33.15 45.43 -8.16
CA CYS M 93 -32.12 45.24 -9.18
C CYS M 93 -30.81 45.88 -8.77
N LEU M 94 -30.85 46.98 -8.03
CA LEU M 94 -29.64 47.66 -7.64
C LEU M 94 -28.87 46.87 -6.60
N PHE M 95 -29.57 46.27 -5.63
CA PHE M 95 -28.84 45.45 -4.69
C PHE M 95 -28.37 44.15 -5.32
N MET M 96 -29.05 43.66 -6.35
CA MET M 96 -28.51 42.51 -7.06
C MET M 96 -27.23 42.86 -7.81
N HIS M 97 -27.20 44.02 -8.44
CA HIS M 97 -26.01 44.44 -9.18
C HIS M 97 -24.85 44.73 -8.25
N VAL M 98 -25.13 45.32 -7.09
CA VAL M 98 -24.09 45.54 -6.10
C VAL M 98 -23.59 44.20 -5.56
N GLY M 99 -24.49 43.26 -5.30
CA GLY M 99 -24.08 41.98 -4.78
C GLY M 99 -23.27 41.17 -5.76
N ARG M 100 -23.60 41.27 -7.05
CA ARG M 100 -22.80 40.64 -8.09
C ARG M 100 -21.40 41.22 -8.11
N GLY M 101 -21.30 42.54 -8.11
CA GLY M 101 -20.00 43.17 -8.17
C GLY M 101 -19.16 42.88 -6.95
N LEU M 102 -19.80 42.62 -5.81
CA LEU M 102 -19.06 42.21 -4.63
C LEU M 102 -18.68 40.76 -4.75
N TYR M 103 -19.55 39.95 -5.33
CA TYR M 103 -19.38 38.51 -5.25
C TYR M 103 -18.33 38.00 -6.23
N TYR M 104 -18.47 38.32 -7.52
CA TYR M 104 -17.57 37.68 -8.45
C TYR M 104 -16.23 38.33 -8.55
N GLY M 105 -15.82 39.14 -7.59
CA GLY M 105 -14.50 39.73 -7.68
C GLY M 105 -14.37 40.80 -8.71
N SER M 106 -15.48 41.37 -9.15
CA SER M 106 -15.43 42.48 -10.08
C SER M 106 -15.16 43.80 -9.40
N TYR M 107 -14.95 43.81 -8.10
CA TYR M 107 -14.63 45.05 -7.42
C TYR M 107 -13.18 45.45 -7.56
N THR M 108 -12.36 44.71 -8.30
CA THR M 108 -11.00 45.15 -8.56
C THR M 108 -10.96 46.39 -9.43
N PHE M 109 -12.01 46.64 -10.21
CA PHE M 109 -12.04 47.76 -11.14
C PHE M 109 -12.33 49.00 -10.33
N LEU M 110 -11.29 49.78 -10.04
CA LEU M 110 -11.31 50.67 -8.90
C LEU M 110 -12.21 51.87 -9.11
N GLU M 111 -11.90 52.69 -10.11
CA GLU M 111 -12.62 53.94 -10.27
C GLU M 111 -14.04 53.72 -10.78
N THR M 112 -14.26 52.60 -11.48
CA THR M 112 -15.62 52.14 -11.74
C THR M 112 -16.38 51.94 -10.44
N TRP M 113 -15.72 51.30 -9.48
CA TRP M 113 -16.36 51.00 -8.21
C TRP M 113 -16.63 52.27 -7.40
N ASN M 114 -15.73 53.25 -7.49
CA ASN M 114 -15.95 54.52 -6.82
C ASN M 114 -17.13 55.28 -7.42
N ILE M 115 -17.18 55.32 -8.76
CA ILE M 115 -18.33 55.88 -9.47
C ILE M 115 -19.60 55.15 -9.09
N GLY M 116 -19.50 53.85 -8.84
CA GLY M 116 -20.63 53.10 -8.35
C GLY M 116 -21.16 53.60 -7.02
N VAL M 117 -20.26 53.82 -6.06
CA VAL M 117 -20.74 54.25 -4.75
C VAL M 117 -21.35 55.66 -4.83
N ILE M 118 -20.82 56.51 -5.69
CA ILE M 118 -21.44 57.82 -5.92
C ILE M 118 -22.84 57.65 -6.49
N LEU M 119 -23.00 56.70 -7.41
CA LEU M 119 -24.33 56.40 -7.94
C LEU M 119 -25.28 55.89 -6.87
N LEU M 120 -24.75 55.13 -5.91
CA LEU M 120 -25.60 54.56 -4.88
C LEU M 120 -26.14 55.64 -3.95
N PHE M 121 -25.27 56.55 -3.52
CA PHE M 121 -25.74 57.69 -2.73
C PHE M 121 -26.74 58.54 -3.48
N ALA M 122 -26.53 58.71 -4.79
CA ALA M 122 -27.45 59.54 -5.56
C ALA M 122 -28.84 58.91 -5.64
N THR M 123 -28.89 57.60 -5.83
CA THR M 123 -30.19 56.92 -5.86
C THR M 123 -30.87 56.97 -4.50
N MET M 124 -30.08 56.86 -3.42
CA MET M 124 -30.67 56.97 -2.09
C MET M 124 -31.27 58.35 -1.83
N ALA M 125 -30.57 59.40 -2.26
CA ALA M 125 -31.11 60.75 -2.08
C ALA M 125 -32.36 60.96 -2.91
N THR M 126 -32.36 60.43 -4.14
CA THR M 126 -33.53 60.57 -5.01
C THR M 126 -34.74 59.88 -4.41
N ALA M 127 -34.55 58.65 -3.93
CA ALA M 127 -35.65 57.89 -3.35
C ALA M 127 -36.17 58.53 -2.10
N PHE M 128 -35.29 59.09 -1.28
CA PHE M 128 -35.70 59.79 -0.07
C PHE M 128 -36.56 61.00 -0.37
N MET M 129 -36.13 61.83 -1.32
CA MET M 129 -36.85 63.06 -1.57
C MET M 129 -38.19 62.79 -2.25
N GLY M 130 -38.20 61.86 -3.20
CA GLY M 130 -39.46 61.46 -3.80
C GLY M 130 -40.40 60.81 -2.80
N TYR M 131 -39.86 60.14 -1.79
CA TYR M 131 -40.76 59.58 -0.82
C TYR M 131 -41.27 60.62 0.15
N VAL M 132 -40.56 61.74 0.31
CA VAL M 132 -41.15 62.85 1.04
C VAL M 132 -42.36 63.39 0.28
N LEU M 133 -42.23 63.51 -1.05
CA LEU M 133 -43.24 64.15 -1.92
C LEU M 133 -44.76 63.91 -1.76
N PRO M 134 -45.27 62.74 -1.39
CA PRO M 134 -46.74 62.60 -1.32
C PRO M 134 -47.37 63.38 -0.21
N TRP M 135 -46.60 63.75 0.81
CA TRP M 135 -47.01 64.60 1.93
C TRP M 135 -48.17 63.97 2.70
N GLY M 136 -47.91 62.76 3.18
CA GLY M 136 -48.76 62.08 4.11
C GLY M 136 -48.10 61.95 5.47
N GLN M 137 -48.72 61.12 6.32
CA GLN M 137 -48.30 60.99 7.70
C GLN M 137 -46.92 60.35 7.81
N MET M 138 -46.75 59.21 7.13
CA MET M 138 -45.47 58.53 7.11
C MET M 138 -44.41 59.37 6.42
N SER M 139 -44.81 60.07 5.36
CA SER M 139 -43.93 61.01 4.67
C SER M 139 -43.40 62.06 5.64
N PHE M 140 -44.31 62.65 6.39
CA PHE M 140 -43.99 63.77 7.26
C PHE M 140 -43.05 63.35 8.38
N TRP M 141 -43.38 62.27 9.05
CA TRP M 141 -42.54 61.94 10.20
C TRP M 141 -41.24 61.29 9.79
N GLY M 142 -41.20 60.57 8.66
CA GLY M 142 -39.92 60.12 8.14
C GLY M 142 -39.03 61.28 7.75
N ALA M 143 -39.63 62.34 7.21
CA ALA M 143 -38.87 63.54 6.84
C ALA M 143 -38.25 64.19 8.07
N THR M 144 -39.06 64.37 9.12
CA THR M 144 -38.55 65.06 10.31
C THR M 144 -37.47 64.25 11.01
N VAL M 145 -37.66 62.93 11.08
CA VAL M 145 -36.66 62.03 11.67
C VAL M 145 -35.34 62.13 10.93
N ILE M 146 -35.38 61.99 9.60
CA ILE M 146 -34.13 61.91 8.86
C ILE M 146 -33.43 63.26 8.79
N THR M 147 -34.17 64.36 8.82
CA THR M 147 -33.52 65.67 8.81
C THR M 147 -32.83 65.96 10.14
N ASN M 148 -33.45 65.56 11.25
CA ASN M 148 -32.72 65.81 12.50
C ASN M 148 -31.57 64.81 12.70
N LEU M 149 -31.65 63.65 12.06
CA LEU M 149 -30.50 62.76 11.95
C LEU M 149 -29.34 63.44 11.24
N LEU M 150 -29.66 64.23 10.21
CA LEU M 150 -28.62 65.08 9.62
C LEU M 150 -28.17 66.16 10.59
N SER M 151 -29.02 66.56 11.54
CA SER M 151 -28.61 67.58 12.52
C SER M 151 -27.73 67.04 13.61
N ALA M 152 -27.53 65.72 13.68
CA ALA M 152 -26.71 65.13 14.74
C ALA M 152 -25.24 65.56 14.74
N ILE M 153 -24.71 66.09 13.64
CA ILE M 153 -23.30 66.52 13.61
C ILE M 153 -23.16 67.87 14.30
N PRO M 154 -22.21 68.02 15.22
CA PRO M 154 -22.13 69.25 16.01
C PRO M 154 -21.59 70.45 15.25
N TYR M 155 -22.09 71.62 15.66
CA TYR M 155 -21.59 72.98 15.41
C TYR M 155 -21.78 73.51 13.99
N ILE M 156 -22.04 72.66 13.01
CA ILE M 156 -22.39 73.16 11.68
C ILE M 156 -23.67 72.45 11.25
N GLY M 157 -23.85 71.21 11.73
CA GLY M 157 -24.93 70.37 11.24
C GLY M 157 -26.31 70.83 11.67
N THR M 158 -26.39 71.48 12.83
CA THR M 158 -27.64 72.11 13.26
C THR M 158 -28.05 73.22 12.29
N ASN M 159 -27.11 74.10 11.99
CA ASN M 159 -27.38 75.18 11.04
C ASN M 159 -27.52 74.67 9.63
N LEU M 160 -26.81 73.58 9.31
CA LEU M 160 -26.96 72.91 8.03
C LEU M 160 -28.38 72.37 7.85
N VAL M 161 -28.98 71.90 8.93
CA VAL M 161 -30.33 71.36 8.89
C VAL M 161 -31.37 72.47 8.85
N GLU M 162 -31.12 73.56 9.57
CA GLU M 162 -31.91 74.77 9.41
C GLU M 162 -31.85 75.28 7.98
N TRP M 163 -30.71 75.08 7.33
CA TRP M 163 -30.52 75.53 5.97
C TRP M 163 -31.26 74.65 4.98
N ILE M 164 -31.20 73.33 5.15
CA ILE M 164 -31.89 72.45 4.20
C ILE M 164 -33.38 72.36 4.48
N TRP M 165 -33.84 72.82 5.63
CA TRP M 165 -35.27 72.97 5.86
C TRP M 165 -35.88 73.98 4.89
N GLY M 166 -35.31 75.17 4.83
CA GLY M 166 -36.07 76.28 4.30
C GLY M 166 -37.09 76.79 5.31
N GLY M 167 -36.89 76.50 6.58
CA GLY M 167 -37.82 76.92 7.61
C GLY M 167 -37.28 76.53 8.97
N PHE M 168 -38.13 76.61 9.97
CA PHE M 168 -37.78 76.18 11.31
C PHE M 168 -38.36 74.83 11.65
N SER M 169 -39.10 74.24 10.72
CA SER M 169 -39.71 72.94 10.87
C SER M 169 -39.80 72.36 9.48
N VAL M 170 -40.66 71.38 9.27
CA VAL M 170 -40.94 70.88 7.92
C VAL M 170 -42.10 71.70 7.37
N ASP M 171 -41.79 72.57 6.43
CA ASP M 171 -42.67 73.62 5.94
C ASP M 171 -42.95 73.37 4.47
N LYS M 172 -43.67 74.31 3.85
CA LYS M 172 -43.93 74.25 2.41
C LYS M 172 -42.64 74.37 1.63
N ALA M 173 -41.70 75.17 2.13
CA ALA M 173 -40.43 75.39 1.45
C ALA M 173 -39.62 74.11 1.39
N THR M 174 -39.69 73.29 2.43
CA THR M 174 -39.04 72.00 2.41
C THR M 174 -39.66 71.10 1.34
N LEU M 175 -40.98 71.19 1.17
CA LEU M 175 -41.66 70.40 0.17
C LEU M 175 -41.24 70.77 -1.24
N THR M 176 -41.12 72.06 -1.54
CA THR M 176 -40.72 72.40 -2.90
C THR M 176 -39.23 72.23 -3.13
N ARG M 177 -38.38 72.39 -2.11
CA ARG M 177 -36.98 72.01 -2.25
C ARG M 177 -36.84 70.54 -2.60
N PHE M 178 -37.63 69.70 -1.95
CA PHE M 178 -37.53 68.27 -2.26
C PHE M 178 -38.14 67.93 -3.59
N PHE M 179 -39.14 68.70 -4.03
CA PHE M 179 -39.66 68.49 -5.37
C PHE M 179 -38.61 68.80 -6.43
N ALA M 180 -37.90 69.91 -6.26
CA ALA M 180 -36.89 70.30 -7.23
C ALA M 180 -35.75 69.31 -7.27
N PHE M 181 -35.31 68.83 -6.11
CA PHE M 181 -34.21 67.89 -6.16
C PHE M 181 -34.62 66.48 -6.61
N HIS M 182 -35.83 66.01 -6.27
CA HIS M 182 -36.27 64.73 -6.81
C HIS M 182 -36.48 64.78 -8.30
N PHE M 183 -36.75 65.97 -8.83
CA PHE M 183 -36.69 66.11 -10.27
C PHE M 183 -35.25 66.02 -10.77
N ILE M 184 -34.36 66.84 -10.23
CA ILE M 184 -33.12 67.08 -10.98
C ILE M 184 -32.06 66.02 -10.74
N PHE M 185 -32.12 65.24 -9.67
CA PHE M 185 -31.08 64.24 -9.48
C PHE M 185 -31.01 63.04 -10.44
N PRO M 186 -32.10 62.47 -10.96
CA PRO M 186 -31.94 61.34 -11.90
C PRO M 186 -31.23 61.68 -13.20
N PHE M 187 -31.21 62.94 -13.62
CA PHE M 187 -30.38 63.29 -14.77
C PHE M 187 -28.91 63.17 -14.45
N ILE M 188 -28.54 63.58 -13.24
CA ILE M 188 -27.17 63.38 -12.78
C ILE M 188 -26.86 61.90 -12.68
N ILE M 189 -27.85 61.10 -12.28
CA ILE M 189 -27.66 59.66 -12.20
C ILE M 189 -27.43 59.07 -13.59
N ALA M 190 -28.16 59.55 -14.59
CA ALA M 190 -28.00 59.04 -15.96
C ALA M 190 -26.63 59.39 -16.53
N ALA M 191 -26.18 60.63 -16.31
CA ALA M 191 -24.86 61.02 -16.79
C ALA M 191 -23.75 60.22 -16.09
N LEU M 192 -23.87 60.03 -14.78
CA LEU M 192 -22.86 59.24 -14.10
C LEU M 192 -22.95 57.77 -14.45
N ALA M 193 -24.11 57.32 -14.92
CA ALA M 193 -24.21 55.96 -15.44
C ALA M 193 -23.41 55.83 -16.73
N MET M 194 -23.45 56.87 -17.56
CA MET M 194 -22.59 56.85 -18.74
C MET M 194 -21.11 56.87 -18.36
N VAL M 195 -20.77 57.56 -17.27
CA VAL M 195 -19.37 57.55 -16.82
C VAL M 195 -18.95 56.17 -16.32
N HIS M 196 -19.85 55.51 -15.57
CA HIS M 196 -19.64 54.15 -15.09
C HIS M 196 -19.38 53.19 -16.24
N LEU M 197 -20.22 53.30 -17.27
CA LEU M 197 -20.05 52.46 -18.45
C LEU M 197 -18.79 52.80 -19.23
N LEU M 198 -18.36 54.07 -19.17
CA LEU M 198 -17.13 54.49 -19.83
C LEU M 198 -15.92 53.80 -19.25
N PHE M 199 -15.76 53.90 -17.94
CA PHE M 199 -14.63 53.23 -17.30
C PHE M 199 -14.71 51.72 -17.43
N LEU M 200 -15.93 51.17 -17.49
CA LEU M 200 -16.02 49.74 -17.67
C LEU M 200 -15.56 49.30 -19.05
N HIS M 201 -15.94 50.04 -20.09
CA HIS M 201 -15.47 49.76 -21.44
C HIS M 201 -13.97 49.92 -21.56
N GLU M 202 -13.40 50.85 -20.81
CA GLU M 202 -11.96 51.00 -20.89
C GLU M 202 -11.24 49.83 -20.26
N THR M 203 -11.63 49.47 -19.03
CA THR M 203 -10.85 48.49 -18.28
C THR M 203 -11.07 47.07 -18.77
N GLY M 204 -12.27 46.76 -19.21
CA GLY M 204 -12.63 45.42 -19.61
C GLY M 204 -13.69 44.82 -18.69
N SER M 205 -14.40 43.83 -19.22
CA SER M 205 -15.53 43.27 -18.51
C SER M 205 -15.03 42.16 -17.58
N ASN M 206 -15.94 41.33 -17.06
CA ASN M 206 -15.51 40.27 -16.16
C ASN M 206 -16.37 39.03 -16.35
N ASN M 207 -15.71 37.92 -16.56
CA ASN M 207 -16.36 36.63 -16.69
C ASN M 207 -16.83 36.14 -15.32
N PRO M 208 -17.61 35.06 -15.26
CA PRO M 208 -17.95 34.52 -13.94
C PRO M 208 -16.80 33.88 -13.22
N THR M 209 -15.93 33.21 -13.93
CA THR M 209 -14.89 32.47 -13.24
C THR M 209 -13.74 33.32 -12.77
N GLY M 210 -13.71 34.61 -13.11
CA GLY M 210 -12.60 35.47 -12.75
C GLY M 210 -11.33 35.26 -13.53
N ILE M 211 -11.30 34.26 -14.40
CA ILE M 211 -10.18 34.00 -15.31
C ILE M 211 -10.04 35.17 -16.25
N PRO M 212 -8.85 35.61 -16.58
CA PRO M 212 -8.73 36.65 -17.59
C PRO M 212 -9.14 36.12 -18.95
N SER M 213 -10.35 36.50 -19.36
CA SER M 213 -11.10 35.79 -20.40
C SER M 213 -10.97 36.45 -21.76
N ASP M 214 -9.79 36.97 -22.07
CA ASP M 214 -9.60 37.75 -23.29
C ASP M 214 -9.26 36.89 -24.49
N THR M 215 -9.63 35.61 -24.47
CA THR M 215 -9.38 34.73 -25.58
C THR M 215 -10.65 34.21 -26.25
N ASP M 216 -11.82 34.46 -25.66
CA ASP M 216 -13.07 33.87 -26.11
C ASP M 216 -14.17 34.93 -26.16
N LYS M 217 -13.94 36.02 -26.86
CA LYS M 217 -14.96 37.06 -26.91
C LYS M 217 -15.95 36.81 -28.02
N ILE M 218 -17.18 37.24 -27.79
CA ILE M 218 -18.15 37.49 -28.85
C ILE M 218 -18.59 38.94 -28.72
N PRO M 219 -19.00 39.58 -29.80
CA PRO M 219 -19.46 40.96 -29.70
C PRO M 219 -20.83 41.03 -29.04
N PHE M 220 -21.20 42.25 -28.67
CA PHE M 220 -22.40 42.47 -27.88
C PHE M 220 -23.67 42.24 -28.68
N HIS M 221 -23.62 42.35 -29.97
CA HIS M 221 -24.77 42.10 -30.81
C HIS M 221 -24.52 40.86 -31.64
N PRO M 222 -25.53 40.01 -31.88
CA PRO M 222 -26.92 40.01 -31.44
C PRO M 222 -27.17 39.01 -30.35
N TYR M 223 -26.23 38.88 -29.44
CA TYR M 223 -26.32 37.87 -28.40
C TYR M 223 -26.90 38.45 -27.14
N TYR M 224 -26.16 39.35 -26.53
CA TYR M 224 -26.60 39.94 -25.29
C TYR M 224 -27.67 40.96 -25.51
N THR M 225 -27.83 41.44 -26.74
CA THR M 225 -28.97 42.27 -27.07
C THR M 225 -30.27 41.49 -26.87
N ILE M 226 -30.35 40.29 -27.43
CA ILE M 226 -31.59 39.54 -27.24
C ILE M 226 -31.68 39.00 -25.82
N LYS M 227 -30.53 38.81 -25.16
CA LYS M 227 -30.56 38.37 -23.76
C LYS M 227 -31.12 39.48 -22.86
N ASP M 228 -30.74 40.73 -23.12
CA ASP M 228 -31.22 41.82 -22.30
C ASP M 228 -32.63 42.23 -22.67
N ILE M 229 -33.05 41.99 -23.91
CA ILE M 229 -34.46 42.23 -24.22
C ILE M 229 -35.34 41.20 -23.51
N LEU M 230 -34.86 39.95 -23.42
CA LEU M 230 -35.50 38.96 -22.56
C LEU M 230 -35.56 39.43 -21.10
N GLY M 231 -34.46 39.99 -20.62
CA GLY M 231 -34.45 40.51 -19.25
C GLY M 231 -35.42 41.65 -19.03
N ALA M 232 -35.54 42.55 -20.01
CA ALA M 232 -36.47 43.65 -19.90
C ALA M 232 -37.90 43.16 -19.88
N ILE M 233 -38.18 42.11 -20.63
CA ILE M 233 -39.51 41.52 -20.61
C ILE M 233 -39.79 40.85 -19.26
N LEU M 234 -38.76 40.27 -18.63
CA LEU M 234 -38.92 39.76 -17.27
C LEU M 234 -39.22 40.87 -16.27
N LEU M 235 -38.59 42.02 -16.46
CA LEU M 235 -38.86 43.19 -15.64
C LEU M 235 -40.30 43.64 -15.78
N ILE M 236 -40.76 43.79 -17.03
CA ILE M 236 -42.14 44.18 -17.30
C ILE M 236 -43.11 43.17 -16.72
N LEU M 237 -42.74 41.89 -16.75
CA LEU M 237 -43.56 40.83 -16.17
C LEU M 237 -43.76 41.01 -14.68
N ILE M 238 -42.66 41.11 -13.92
CA ILE M 238 -42.74 41.28 -12.47
C ILE M 238 -43.42 42.60 -12.12
N LEU M 239 -43.13 43.64 -12.89
CA LEU M 239 -43.62 44.96 -12.58
C LEU M 239 -45.12 45.08 -12.81
N MET M 240 -45.61 44.54 -13.92
CA MET M 240 -47.05 44.58 -14.15
C MET M 240 -47.78 43.60 -13.26
N LEU M 241 -47.11 42.51 -12.88
CA LEU M 241 -47.69 41.61 -11.88
C LEU M 241 -47.91 42.33 -10.56
N LEU M 242 -46.95 43.15 -10.13
CA LEU M 242 -47.14 43.87 -8.88
C LEU M 242 -48.12 45.02 -9.02
N VAL M 243 -48.07 45.77 -10.13
CA VAL M 243 -48.96 46.93 -10.23
C VAL M 243 -50.36 46.54 -10.68
N LEU M 244 -50.60 45.27 -10.99
CA LEU M 244 -51.94 44.82 -11.33
C LEU M 244 -52.46 43.71 -10.43
N PHE M 245 -51.69 43.26 -9.46
CA PHE M 245 -52.34 42.31 -8.57
C PHE M 245 -52.18 42.63 -7.10
N THR M 246 -51.02 43.14 -6.67
CA THR M 246 -50.83 43.60 -5.28
C THR M 246 -50.11 44.93 -5.26
N PRO M 247 -50.83 46.05 -5.41
CA PRO M 247 -50.23 47.34 -5.10
C PRO M 247 -50.01 47.55 -3.62
N ASP M 248 -50.62 46.74 -2.76
CA ASP M 248 -50.42 46.84 -1.32
C ASP M 248 -49.33 45.92 -0.80
N LEU M 249 -48.61 45.22 -1.68
CA LEU M 249 -47.54 44.37 -1.19
C LEU M 249 -46.38 45.20 -0.69
N LEU M 250 -46.18 46.37 -1.27
CA LEU M 250 -45.17 47.29 -0.80
C LEU M 250 -45.77 48.61 -0.34
N GLY M 251 -47.08 48.77 -0.42
CA GLY M 251 -47.69 50.00 0.03
C GLY M 251 -47.75 50.09 1.54
N ASP M 252 -47.69 51.31 2.04
CA ASP M 252 -47.76 51.54 3.47
C ASP M 252 -49.10 52.12 3.85
N PRO M 253 -49.75 51.59 4.88
CA PRO M 253 -51.04 52.15 5.31
C PRO M 253 -50.92 53.51 5.95
N ASP M 254 -49.72 53.94 6.33
CA ASP M 254 -49.59 55.25 6.95
C ASP M 254 -49.46 56.35 5.92
N ASN M 255 -49.18 56.00 4.68
CA ASN M 255 -48.98 57.03 3.66
C ASN M 255 -50.29 57.67 3.24
N TYR M 256 -51.38 56.91 3.26
CA TYR M 256 -52.63 57.33 2.66
C TYR M 256 -53.50 58.16 3.59
N THR M 257 -52.98 58.63 4.62
CA THR M 257 -53.67 59.65 5.36
C THR M 257 -52.99 61.00 5.13
N PRO M 258 -53.71 62.10 5.26
CA PRO M 258 -53.04 63.41 5.23
C PRO M 258 -52.15 63.59 6.43
N ALA M 259 -51.14 64.45 6.27
CA ALA M 259 -50.09 64.59 7.26
C ALA M 259 -50.62 65.37 8.46
N ASN M 260 -51.13 64.64 9.42
CA ASN M 260 -51.41 65.22 10.73
C ASN M 260 -50.09 65.49 11.43
N PRO M 261 -49.79 66.73 11.81
CA PRO M 261 -48.51 67.01 12.48
C PRO M 261 -48.59 66.80 13.98
N LEU M 262 -49.61 66.08 14.44
CA LEU M 262 -49.90 65.87 15.84
C LEU M 262 -49.92 64.41 16.27
N ASN M 263 -50.28 63.50 15.38
CA ASN M 263 -50.63 62.15 15.81
C ASN M 263 -49.41 61.25 15.99
N THR M 264 -48.60 61.09 14.92
CA THR M 264 -47.34 60.34 14.87
C THR M 264 -47.50 58.91 15.34
N PRO M 265 -48.04 58.02 14.50
CA PRO M 265 -48.36 56.66 14.95
C PRO M 265 -47.11 55.87 15.24
N PRO M 266 -47.20 54.83 16.08
CA PRO M 266 -46.01 54.01 16.38
C PRO M 266 -45.53 53.20 15.21
N HIS M 267 -46.40 52.98 14.22
CA HIS M 267 -45.98 52.54 12.89
C HIS M 267 -45.22 53.70 12.29
N ILE M 268 -43.90 53.65 12.35
CA ILE M 268 -43.07 54.84 12.12
C ILE M 268 -41.92 54.45 11.18
N LYS M 269 -42.02 53.27 10.59
CA LYS M 269 -40.92 52.74 9.79
C LYS M 269 -40.74 53.53 8.49
N PRO M 270 -39.52 53.72 8.03
CA PRO M 270 -39.31 54.38 6.73
C PRO M 270 -39.73 53.51 5.55
N GLU M 271 -39.45 53.97 4.33
CA GLU M 271 -39.67 53.15 3.15
C GLU M 271 -38.78 51.92 3.21
N TRP M 272 -39.32 50.77 2.78
CA TRP M 272 -38.94 49.48 3.33
C TRP M 272 -37.51 49.09 3.01
N TYR M 273 -36.98 49.52 1.88
CA TYR M 273 -35.62 49.15 1.52
C TYR M 273 -34.58 50.08 2.13
N PHE M 274 -34.99 51.03 2.95
CA PHE M 274 -34.05 51.73 3.80
C PHE M 274 -33.83 50.99 5.11
N LEU M 275 -34.65 49.98 5.39
CA LEU M 275 -34.62 49.32 6.68
C LEU M 275 -33.42 48.41 6.89
N PHE M 276 -32.58 48.20 5.88
CA PHE M 276 -31.32 47.51 6.13
C PHE M 276 -30.36 48.41 6.89
N ALA M 277 -30.56 49.71 6.82
CA ALA M 277 -29.63 50.68 7.36
C ALA M 277 -30.24 51.57 8.39
N TYR M 278 -31.56 51.77 8.38
CA TYR M 278 -32.22 52.50 9.46
C TYR M 278 -32.13 51.75 10.77
N ALA M 279 -32.07 50.42 10.72
CA ALA M 279 -32.00 49.64 11.94
C ALA M 279 -30.66 49.81 12.62
N ILE M 280 -29.58 49.96 11.84
CA ILE M 280 -28.27 50.22 12.41
C ILE M 280 -28.23 51.57 13.07
N LEU M 281 -28.98 52.52 12.53
CA LEU M 281 -28.94 53.89 12.99
C LEU M 281 -29.57 54.05 14.37
N ARG M 282 -30.53 53.20 14.70
CA ARG M 282 -31.07 53.14 16.05
C ARG M 282 -30.56 51.94 16.82
N SER M 283 -29.55 51.25 16.30
CA SER M 283 -28.94 50.17 17.05
C SER M 283 -28.06 50.72 18.16
N ILE M 284 -27.11 51.58 17.82
CA ILE M 284 -26.12 52.08 18.77
C ILE M 284 -26.73 53.26 19.52
N PRO M 285 -26.77 53.24 20.85
CA PRO M 285 -27.46 54.30 21.64
C PRO M 285 -26.61 55.56 21.78
N ASN M 286 -26.26 56.16 20.65
CA ASN M 286 -25.43 57.35 20.61
C ASN M 286 -25.81 58.08 19.34
N LYS M 287 -26.05 59.39 19.46
CA LYS M 287 -26.62 60.13 18.35
C LYS M 287 -25.58 60.34 17.24
N LEU M 288 -24.51 61.07 17.56
CA LEU M 288 -23.43 61.32 16.61
C LEU M 288 -22.73 60.03 16.21
N GLY M 289 -22.52 59.13 17.17
CA GLY M 289 -21.97 57.83 16.86
C GLY M 289 -22.87 57.03 15.95
N GLY M 290 -24.18 57.21 16.08
CA GLY M 290 -25.10 56.50 15.21
C GLY M 290 -25.04 56.96 13.76
N VAL M 291 -25.08 58.28 13.55
CA VAL M 291 -25.08 58.76 12.17
C VAL M 291 -23.72 58.54 11.53
N LEU M 292 -22.64 58.62 12.32
CA LEU M 292 -21.33 58.27 11.81
C LEU M 292 -21.25 56.79 11.48
N ALA M 293 -21.94 55.93 12.25
CA ALA M 293 -21.90 54.51 11.95
C ALA M 293 -22.63 54.18 10.65
N LEU M 294 -23.72 54.90 10.39
CA LEU M 294 -24.46 54.71 9.13
C LEU M 294 -23.61 55.06 7.91
N VAL M 295 -23.04 56.27 7.94
CA VAL M 295 -22.17 56.69 6.83
C VAL M 295 -20.96 55.78 6.74
N LEU M 296 -20.47 55.28 7.87
CA LEU M 296 -19.37 54.33 7.83
C LEU M 296 -19.76 52.99 7.28
N SER M 297 -21.04 52.59 7.35
CA SER M 297 -21.46 51.36 6.71
C SER M 297 -21.34 51.47 5.19
N ILE M 298 -21.82 52.58 4.65
CA ILE M 298 -21.66 52.68 3.19
C ILE M 298 -20.21 53.04 2.82
N LEU M 299 -19.45 53.62 3.73
CA LEU M 299 -18.01 53.75 3.48
C LEU M 299 -17.30 52.41 3.53
N VAL M 300 -17.83 51.44 4.28
CA VAL M 300 -17.33 50.09 4.20
C VAL M 300 -17.55 49.54 2.79
N LEU M 301 -18.71 49.85 2.22
CA LEU M 301 -18.89 49.52 0.80
C LEU M 301 -17.97 50.31 -0.13
N VAL M 302 -17.43 51.45 0.29
CA VAL M 302 -16.39 52.11 -0.51
C VAL M 302 -15.08 51.33 -0.42
N ILE M 303 -14.69 50.95 0.79
CA ILE M 303 -13.34 50.46 1.02
C ILE M 303 -13.39 48.93 1.03
N MET M 304 -14.38 48.38 0.34
CA MET M 304 -14.32 46.96 -0.03
C MET M 304 -13.08 46.54 -0.82
N PRO M 305 -12.66 47.19 -1.92
CA PRO M 305 -11.60 46.57 -2.74
C PRO M 305 -10.21 46.65 -2.14
N LEU M 306 -10.02 47.37 -1.05
CA LEU M 306 -8.72 47.52 -0.45
C LEU M 306 -8.46 46.46 0.61
N LEU M 307 -9.22 45.38 0.59
CA LEU M 307 -9.03 44.24 1.48
C LEU M 307 -8.88 42.92 0.75
N HIS M 308 -9.08 42.88 -0.56
CA HIS M 308 -8.88 41.66 -1.30
C HIS M 308 -7.39 41.38 -1.39
N THR M 309 -6.96 40.30 -0.77
CA THR M 309 -5.60 39.85 -0.90
C THR M 309 -5.49 38.38 -1.27
N SER M 310 -6.61 37.68 -1.41
CA SER M 310 -6.57 36.31 -1.91
C SER M 310 -6.20 36.31 -3.38
N LYS M 311 -5.58 35.23 -3.81
CA LYS M 311 -4.91 35.22 -5.11
C LYS M 311 -5.78 34.77 -6.26
N GLN M 312 -6.99 34.26 -6.00
CA GLN M 312 -7.94 34.04 -7.08
C GLN M 312 -9.15 34.92 -6.82
N ARG M 313 -9.63 35.58 -7.87
CA ARG M 313 -10.59 36.64 -7.63
C ARG M 313 -12.01 36.15 -7.59
N SER M 314 -12.29 34.93 -8.05
CA SER M 314 -13.66 34.46 -8.00
C SER M 314 -14.01 33.95 -6.62
N MET M 315 -15.31 33.78 -6.43
CA MET M 315 -15.82 33.07 -5.28
C MET M 315 -16.66 31.88 -5.70
N MET M 316 -16.70 31.57 -6.98
CA MET M 316 -17.11 30.24 -7.39
C MET M 316 -16.03 29.23 -7.05
N PHE M 317 -14.79 29.68 -6.86
CA PHE M 317 -13.67 28.79 -6.58
C PHE M 317 -13.13 28.95 -5.16
N ARG M 318 -13.93 29.49 -4.25
CA ARG M 318 -13.61 29.43 -2.82
C ARG M 318 -14.85 29.09 -2.02
N PRO M 319 -14.85 27.97 -1.29
CA PRO M 319 -15.96 27.69 -0.37
C PRO M 319 -16.11 28.68 0.77
N ILE M 320 -15.03 28.95 1.50
CA ILE M 320 -15.15 29.62 2.80
C ILE M 320 -15.59 31.06 2.64
N SER M 321 -15.03 31.76 1.66
CA SER M 321 -15.47 33.12 1.38
C SER M 321 -16.90 33.16 0.92
N GLN M 322 -17.33 32.14 0.18
CA GLN M 322 -18.73 32.07 -0.23
C GLN M 322 -19.64 31.84 0.96
N CYS M 323 -19.17 31.05 1.93
CA CYS M 323 -19.94 30.81 3.16
C CYS M 323 -20.15 32.10 3.93
N MET M 324 -19.07 32.86 4.11
CA MET M 324 -19.18 34.11 4.85
C MET M 324 -19.99 35.14 4.08
N PHE M 325 -19.95 35.07 2.76
CA PHE M 325 -20.75 35.96 1.95
C PHE M 325 -22.24 35.65 2.06
N TRP M 326 -22.60 34.37 2.15
CA TRP M 326 -24.01 34.08 2.29
C TRP M 326 -24.50 34.36 3.71
N ILE M 327 -23.62 34.23 4.70
CA ILE M 327 -23.93 34.73 6.03
C ILE M 327 -24.16 36.24 5.98
N LEU M 328 -23.42 36.94 5.13
CA LEU M 328 -23.60 38.38 4.97
C LEU M 328 -24.96 38.71 4.35
N VAL M 329 -25.41 37.88 3.42
CA VAL M 329 -26.74 38.07 2.83
C VAL M 329 -27.82 37.88 3.89
N ALA M 330 -27.70 36.80 4.68
CA ALA M 330 -28.66 36.58 5.77
C ALA M 330 -28.60 37.68 6.81
N ASP M 331 -27.42 38.25 7.03
CA ASP M 331 -27.27 39.31 8.01
C ASP M 331 -27.96 40.58 7.55
N LEU M 332 -27.84 40.90 6.27
CA LEU M 332 -28.55 42.06 5.72
C LEU M 332 -30.06 41.86 5.79
N LEU M 333 -30.53 40.64 5.54
CA LEU M 333 -31.96 40.44 5.59
C LEU M 333 -32.48 40.51 7.04
N THR M 334 -31.66 40.03 7.99
CA THR M 334 -31.98 40.17 9.40
C THR M 334 -32.06 41.63 9.81
N LEU M 335 -31.12 42.44 9.32
CA LEU M 335 -31.13 43.86 9.67
C LEU M 335 -32.33 44.58 9.09
N THR M 336 -32.74 44.18 7.87
CA THR M 336 -33.94 44.78 7.29
C THR M 336 -35.18 44.41 8.09
N TRP M 337 -35.24 43.16 8.55
CA TRP M 337 -36.34 42.74 9.40
C TRP M 337 -36.33 43.44 10.75
N ILE M 338 -35.14 43.73 11.28
CA ILE M 338 -35.02 44.50 12.50
C ILE M 338 -35.55 45.90 12.31
N GLY M 339 -35.26 46.51 11.17
CA GLY M 339 -35.86 47.78 10.85
C GLY M 339 -37.35 47.71 10.68
N GLY M 340 -37.86 46.55 10.26
CA GLY M 340 -39.28 46.41 10.06
C GLY M 340 -40.01 45.85 11.25
N GLN M 341 -39.50 46.10 12.45
CA GLN M 341 -40.13 45.66 13.67
C GLN M 341 -39.98 46.75 14.72
N PRO M 342 -40.90 46.84 15.69
CA PRO M 342 -40.82 47.93 16.67
C PRO M 342 -39.66 47.81 17.64
N VAL M 343 -39.57 48.74 18.58
CA VAL M 343 -38.46 48.82 19.51
C VAL M 343 -38.84 48.06 20.79
N GLU M 344 -38.03 47.06 21.14
CA GLU M 344 -38.20 46.31 22.38
C GLU M 344 -36.83 45.97 22.94
N HIS M 345 -36.83 45.06 23.91
CA HIS M 345 -35.61 44.48 24.44
C HIS M 345 -35.03 43.38 23.51
N PRO M 346 -35.79 42.33 23.11
CA PRO M 346 -35.12 41.27 22.32
C PRO M 346 -34.72 41.69 20.91
N TYR M 347 -35.54 42.52 20.26
CA TYR M 347 -35.18 43.04 18.95
C TYR M 347 -33.93 43.88 19.01
N ILE M 348 -33.76 44.67 20.07
CA ILE M 348 -32.53 45.45 20.22
C ILE M 348 -31.34 44.55 20.46
N ILE M 349 -31.53 43.45 21.20
CA ILE M 349 -30.46 42.48 21.38
C ILE M 349 -29.99 41.92 20.05
N ILE M 350 -30.92 41.40 19.25
CA ILE M 350 -30.49 40.78 18.00
C ILE M 350 -30.10 41.81 16.95
N GLY M 351 -30.57 43.04 17.05
CA GLY M 351 -30.14 44.07 16.12
C GLY M 351 -28.71 44.52 16.38
N GLN M 352 -28.35 44.67 17.67
CA GLN M 352 -26.98 44.97 18.00
C GLN M 352 -26.05 43.84 17.60
N LEU M 353 -26.49 42.60 17.82
CA LEU M 353 -25.72 41.45 17.39
C LEU M 353 -25.54 41.42 15.88
N ALA M 354 -26.58 41.77 15.13
CA ALA M 354 -26.50 41.66 13.68
C ALA M 354 -25.67 42.78 13.07
N SER M 355 -25.72 43.98 13.63
CA SER M 355 -24.87 45.05 13.10
C SER M 355 -23.40 44.77 13.38
N ILE M 356 -23.10 44.24 14.57
CA ILE M 356 -21.74 43.84 14.87
C ILE M 356 -21.31 42.68 13.96
N MET M 357 -22.25 41.78 13.63
CA MET M 357 -21.93 40.69 12.70
C MET M 357 -21.70 41.20 11.28
N TYR M 358 -22.38 42.27 10.89
CA TYR M 358 -22.15 42.91 9.59
C TYR M 358 -20.70 43.36 9.46
N PHE M 359 -20.29 44.24 10.38
CA PHE M 359 -18.92 44.73 10.30
C PHE M 359 -17.89 43.64 10.60
N LEU M 360 -18.28 42.60 11.34
CA LEU M 360 -17.37 41.52 11.65
C LEU M 360 -17.18 40.59 10.46
N ILE M 361 -18.21 40.39 9.64
CA ILE M 361 -18.05 39.65 8.40
C ILE M 361 -17.10 40.37 7.49
N ILE M 362 -17.31 41.68 7.30
CA ILE M 362 -16.55 42.37 6.26
C ILE M 362 -15.11 42.60 6.70
N LEU M 363 -14.91 43.30 7.82
CA LEU M 363 -13.54 43.73 8.13
C LEU M 363 -12.67 42.62 8.69
N VAL M 364 -13.24 41.49 9.06
CA VAL M 364 -12.44 40.44 9.66
C VAL M 364 -12.48 39.19 8.79
N MET M 365 -13.68 38.66 8.54
CA MET M 365 -13.80 37.26 8.15
C MET M 365 -13.42 37.02 6.69
N MET M 366 -13.76 37.94 5.80
CA MET M 366 -13.33 37.80 4.42
C MET M 366 -11.81 37.94 4.27
N PRO M 367 -11.11 38.85 4.97
CA PRO M 367 -9.64 38.76 4.92
C PRO M 367 -9.05 37.55 5.63
N VAL M 368 -9.63 37.08 6.74
CA VAL M 368 -9.08 35.91 7.41
C VAL M 368 -9.23 34.68 6.54
N ALA M 369 -10.36 34.57 5.83
CA ALA M 369 -10.51 33.50 4.85
C ALA M 369 -9.55 33.68 3.69
N SER M 370 -9.26 34.92 3.28
CA SER M 370 -8.31 35.15 2.21
C SER M 370 -6.92 34.65 2.61
N ILE M 371 -6.51 34.93 3.85
CA ILE M 371 -5.25 34.42 4.35
C ILE M 371 -5.27 32.89 4.41
N ILE M 372 -6.41 32.31 4.77
CA ILE M 372 -6.35 30.88 5.00
C ILE M 372 -6.37 30.10 3.69
N GLU M 373 -7.01 30.60 2.64
CA GLU M 373 -6.82 29.90 1.37
C GLU M 373 -5.54 30.30 0.68
N ASN M 374 -5.02 31.49 0.98
CA ASN M 374 -3.72 31.88 0.48
C ASN M 374 -2.64 30.99 1.08
N ASN M 375 -2.89 30.48 2.27
CA ASN M 375 -1.96 29.59 2.91
C ASN M 375 -2.28 28.12 2.62
N LEU M 376 -3.50 27.81 2.21
CA LEU M 376 -3.88 26.41 2.21
C LEU M 376 -3.34 25.69 0.99
N LEU M 377 -3.30 26.35 -0.16
CA LEU M 377 -2.96 25.62 -1.36
C LEU M 377 -1.62 26.05 -1.92
N LYS M 378 -0.62 26.18 -1.04
CA LYS M 378 0.77 26.51 -1.36
C LYS M 378 0.93 27.82 -2.10
N TRP M 379 -0.04 28.72 -2.00
CA TRP M 379 0.11 30.04 -2.55
C TRP M 379 1.00 30.88 -1.66
N ASP N 2 -50.93 46.78 26.19
CA ASP N 2 -52.08 46.24 25.50
C ASP N 2 -51.71 45.26 24.42
N LEU N 3 -52.63 45.08 23.48
CA LEU N 3 -52.48 44.16 22.37
C LEU N 3 -53.03 44.81 21.11
N GLU N 4 -52.62 44.27 19.99
CA GLU N 4 -53.35 44.42 18.75
C GLU N 4 -54.10 43.12 18.50
N LEU N 5 -55.41 43.20 18.50
CA LEU N 5 -56.19 42.05 18.09
C LEU N 5 -56.08 41.87 16.59
N HIS N 6 -55.66 40.71 16.16
CA HIS N 6 -55.49 40.49 14.74
C HIS N 6 -56.84 40.27 14.08
N PRO N 7 -57.15 40.99 13.01
CA PRO N 7 -58.43 40.81 12.34
C PRO N 7 -58.45 39.51 11.56
N PRO N 8 -59.64 39.01 11.19
CA PRO N 8 -59.69 37.73 10.47
C PRO N 8 -59.45 37.92 8.99
N SER N 9 -59.70 36.85 8.22
CA SER N 9 -59.65 36.90 6.77
C SER N 9 -60.85 36.16 6.21
N TYR N 10 -61.65 36.85 5.40
CA TYR N 10 -62.91 36.29 5.02
C TYR N 10 -62.88 35.83 3.57
N PRO N 11 -63.71 34.86 3.20
CA PRO N 11 -63.81 34.51 1.77
C PRO N 11 -64.71 35.46 0.99
N TRP N 12 -64.17 36.64 0.72
CA TRP N 12 -64.90 37.75 0.12
C TRP N 12 -65.32 37.43 -1.31
N SER N 13 -66.22 38.27 -1.82
CA SER N 13 -66.63 38.16 -3.21
C SER N 13 -65.50 38.55 -4.14
N HIS N 14 -64.67 39.49 -3.71
CA HIS N 14 -63.55 40.01 -4.48
C HIS N 14 -62.22 39.60 -3.89
N ARG N 15 -62.21 38.54 -3.09
CA ARG N 15 -60.98 38.07 -2.47
C ARG N 15 -60.05 37.47 -3.51
N GLY N 16 -60.60 36.69 -4.44
CA GLY N 16 -59.80 36.08 -5.47
C GLY N 16 -59.24 37.12 -6.42
N LEU N 17 -58.12 36.77 -7.04
CA LEU N 17 -57.31 37.75 -7.74
C LEU N 17 -57.88 38.16 -9.08
N LEU N 18 -59.01 37.59 -9.50
CA LEU N 18 -59.63 37.96 -10.78
C LEU N 18 -61.13 38.20 -10.64
N SER N 19 -61.59 38.59 -9.46
CA SER N 19 -63.00 38.87 -9.28
C SER N 19 -63.29 40.35 -9.50
N SER N 20 -64.51 40.63 -9.90
CA SER N 20 -65.01 42.00 -9.93
C SER N 20 -65.57 42.40 -8.57
N LEU N 21 -66.32 43.49 -8.53
CA LEU N 21 -67.13 43.84 -7.37
C LEU N 21 -68.59 43.74 -7.74
N ASP N 22 -69.40 43.30 -6.77
CA ASP N 22 -70.84 43.23 -6.94
C ASP N 22 -71.38 44.66 -6.92
N HIS N 23 -71.74 45.14 -8.11
CA HIS N 23 -72.22 46.52 -8.26
C HIS N 23 -73.54 46.74 -7.55
N THR N 24 -74.37 45.70 -7.43
CA THR N 24 -75.60 45.81 -6.65
C THR N 24 -75.28 46.03 -5.17
N SER N 25 -74.28 45.32 -4.68
CA SER N 25 -73.80 45.54 -3.32
C SER N 25 -73.21 46.92 -3.16
N ILE N 26 -72.58 47.46 -4.21
CA ILE N 26 -72.06 48.82 -4.11
C ILE N 26 -73.20 49.84 -4.10
N ARG N 27 -74.27 49.56 -4.85
CA ARG N 27 -75.47 50.42 -4.83
C ARG N 27 -76.08 50.49 -3.43
N ARG N 28 -76.34 49.33 -2.83
CA ARG N 28 -76.88 49.37 -1.48
C ARG N 28 -75.86 49.86 -0.47
N GLY N 29 -74.56 49.72 -0.75
CA GLY N 29 -73.57 50.28 0.16
C GLY N 29 -73.59 51.79 0.16
N PHE N 30 -73.72 52.39 -1.02
CA PHE N 30 -73.86 53.84 -1.07
C PHE N 30 -75.17 54.28 -0.44
N GLN N 31 -76.20 53.45 -0.55
CA GLN N 31 -77.46 53.78 0.10
C GLN N 31 -77.30 53.83 1.61
N VAL N 32 -76.61 52.83 2.18
CA VAL N 32 -76.32 52.81 3.61
C VAL N 32 -75.46 53.99 4.00
N TYR N 33 -74.53 54.37 3.10
CA TYR N 33 -73.67 55.52 3.36
C TYR N 33 -74.48 56.79 3.48
N LYS N 34 -75.37 57.04 2.52
CA LYS N 34 -76.13 58.27 2.51
C LYS N 34 -77.18 58.29 3.60
N GLN N 35 -77.64 57.13 4.07
CA GLN N 35 -78.53 57.13 5.22
C GLN N 35 -77.79 57.54 6.48
N VAL N 36 -76.90 56.68 6.96
CA VAL N 36 -76.35 56.78 8.31
C VAL N 36 -74.91 57.27 8.31
N CYS N 37 -74.07 56.72 7.43
CA CYS N 37 -72.66 57.01 7.52
C CYS N 37 -72.30 58.40 7.01
N SER N 38 -73.20 59.07 6.32
CA SER N 38 -72.96 60.45 5.88
C SER N 38 -73.47 61.46 6.88
N SER N 39 -73.15 61.25 8.14
CA SER N 39 -73.47 62.20 9.18
C SER N 39 -72.24 62.60 9.97
N CYS N 40 -71.36 61.65 10.25
CA CYS N 40 -70.13 61.91 10.97
C CYS N 40 -68.93 61.96 10.06
N HIS N 41 -68.78 60.97 9.20
CA HIS N 41 -67.61 60.85 8.37
C HIS N 41 -67.83 61.61 7.06
N SER N 42 -66.77 62.24 6.57
CA SER N 42 -66.78 62.94 5.30
C SER N 42 -65.97 62.16 4.28
N MET N 43 -66.38 62.25 3.02
CA MET N 43 -65.79 61.46 1.95
C MET N 43 -65.58 62.34 0.72
N ASP N 44 -64.78 63.40 0.90
CA ASP N 44 -64.63 64.47 -0.10
C ASP N 44 -64.19 63.95 -1.47
N TYR N 45 -63.32 62.96 -1.48
CA TYR N 45 -62.59 62.67 -2.71
C TYR N 45 -63.35 61.81 -3.69
N VAL N 46 -64.68 61.75 -3.62
CA VAL N 46 -65.48 61.13 -4.66
C VAL N 46 -66.51 62.16 -5.10
N ALA N 47 -66.74 62.27 -6.39
CA ALA N 47 -67.81 63.09 -6.91
C ALA N 47 -69.00 62.22 -7.31
N TYR N 48 -70.12 62.88 -7.61
CA TYR N 48 -71.31 62.16 -8.07
C TYR N 48 -71.14 61.60 -9.47
N ARG N 49 -70.30 62.24 -10.28
CA ARG N 49 -70.00 61.74 -11.61
C ARG N 49 -69.22 60.44 -11.59
N HIS N 50 -68.54 60.10 -10.49
CA HIS N 50 -67.86 58.82 -10.43
C HIS N 50 -68.82 57.65 -10.29
N LEU N 51 -70.04 57.91 -9.88
CA LEU N 51 -71.00 56.85 -9.71
C LEU N 51 -71.78 56.56 -10.97
N VAL N 52 -71.44 57.24 -12.07
CA VAL N 52 -72.32 57.28 -13.23
C VAL N 52 -72.26 56.00 -14.04
N GLY N 53 -71.26 55.15 -13.84
CA GLY N 53 -71.20 53.91 -14.58
C GLY N 53 -70.79 52.77 -13.67
N VAL N 54 -71.19 52.83 -12.42
CA VAL N 54 -70.68 51.89 -11.44
C VAL N 54 -71.83 51.17 -10.77
N CYS N 55 -72.66 51.91 -10.05
CA CYS N 55 -73.76 51.27 -9.33
C CYS N 55 -75.04 52.10 -9.38
N TYR N 56 -75.04 53.20 -10.12
CA TYR N 56 -76.23 53.98 -10.39
C TYR N 56 -76.22 54.42 -11.83
N THR N 57 -77.41 54.55 -12.40
CA THR N 57 -77.51 55.12 -13.74
C THR N 57 -77.23 56.62 -13.65
N GLU N 58 -77.26 57.26 -14.82
CA GLU N 58 -76.92 58.67 -14.85
C GLU N 58 -78.04 59.52 -14.27
N ASP N 59 -79.28 59.22 -14.62
CA ASP N 59 -80.38 60.11 -14.28
C ASP N 59 -80.80 59.98 -12.83
N GLU N 60 -80.86 58.74 -12.34
CA GLU N 60 -81.17 58.46 -10.95
C GLU N 60 -80.16 59.10 -10.02
N ALA N 61 -78.87 59.00 -10.37
CA ALA N 61 -77.83 59.60 -9.55
C ALA N 61 -77.85 61.12 -9.63
N LYS N 62 -78.27 61.69 -10.77
CA LYS N 62 -78.39 63.13 -10.86
C LYS N 62 -79.51 63.65 -9.96
N ALA N 63 -80.64 62.95 -9.91
CA ALA N 63 -81.68 63.32 -8.96
C ALA N 63 -81.21 63.14 -7.52
N LEU N 64 -80.42 62.10 -7.26
CA LEU N 64 -79.88 61.87 -5.93
C LEU N 64 -78.93 62.98 -5.49
N ALA N 65 -78.11 63.48 -6.42
CA ALA N 65 -77.28 64.62 -6.10
C ALA N 65 -78.11 65.88 -5.91
N GLU N 66 -79.22 65.98 -6.66
CA GLU N 66 -80.14 67.11 -6.51
C GLU N 66 -80.89 67.07 -5.18
N GLU N 67 -80.94 65.90 -4.52
CA GLU N 67 -81.58 65.81 -3.21
C GLU N 67 -80.85 66.64 -2.15
N VAL N 68 -79.55 66.84 -2.32
CA VAL N 68 -78.73 67.47 -1.30
C VAL N 68 -78.31 68.84 -1.82
N GLU N 69 -78.44 69.85 -0.98
CA GLU N 69 -78.01 71.20 -1.29
C GLU N 69 -76.49 71.29 -1.24
N VAL N 70 -75.97 72.46 -1.61
CA VAL N 70 -74.53 72.62 -1.83
C VAL N 70 -73.94 73.70 -0.94
N GLN N 71 -74.60 74.86 -0.82
CA GLN N 71 -74.02 76.13 -0.39
C GLN N 71 -72.80 76.47 -1.25
N ASP N 72 -73.13 76.79 -2.50
CA ASP N 72 -72.17 77.25 -3.49
C ASP N 72 -71.65 78.64 -3.11
N GLY N 73 -70.61 79.07 -3.81
CA GLY N 73 -69.94 80.31 -3.49
C GLY N 73 -70.65 81.54 -4.03
N PRO N 74 -69.90 82.41 -4.71
CA PRO N 74 -70.43 83.72 -5.07
C PRO N 74 -71.23 83.73 -6.36
N ASN N 75 -72.11 84.73 -6.44
CA ASN N 75 -72.94 85.03 -7.60
C ASN N 75 -72.72 86.46 -8.06
N GLU N 76 -73.66 86.97 -8.85
CA GLU N 76 -73.60 88.33 -9.38
C GLU N 76 -73.41 89.39 -8.31
N ASP N 77 -74.16 89.28 -7.20
CA ASP N 77 -73.96 90.21 -6.09
C ASP N 77 -72.67 89.88 -5.35
N GLY N 78 -72.35 88.60 -5.23
CA GLY N 78 -71.07 88.17 -4.72
C GLY N 78 -71.11 87.52 -3.37
N GLU N 79 -72.19 87.72 -2.61
CA GLU N 79 -72.16 87.23 -1.23
C GLU N 79 -72.49 85.75 -1.16
N MET N 80 -73.70 85.36 -1.53
CA MET N 80 -74.15 84.00 -1.28
C MET N 80 -75.21 83.57 -2.29
N PHE N 81 -75.38 82.24 -2.36
CA PHE N 81 -76.51 81.45 -2.87
C PHE N 81 -76.13 80.00 -2.68
N MET N 82 -77.09 79.10 -2.85
CA MET N 82 -76.77 77.68 -2.93
C MET N 82 -77.27 77.09 -4.24
N ARG N 83 -76.95 75.83 -4.44
CA ARG N 83 -77.02 75.13 -5.71
C ARG N 83 -77.79 73.83 -5.53
N PRO N 84 -78.53 73.40 -6.55
CA PRO N 84 -79.02 72.01 -6.56
C PRO N 84 -77.88 71.02 -6.49
N GLY N 85 -77.00 71.05 -7.47
CA GLY N 85 -75.83 70.19 -7.46
C GLY N 85 -76.09 68.87 -8.15
N LYS N 86 -75.49 68.66 -9.31
CA LYS N 86 -75.77 67.47 -10.11
C LYS N 86 -74.55 66.59 -10.35
N LEU N 87 -73.50 67.11 -10.99
CA LEU N 87 -72.47 66.23 -11.53
C LEU N 87 -71.02 66.64 -11.26
N SER N 88 -70.72 67.91 -11.02
CA SER N 88 -69.33 68.31 -10.73
C SER N 88 -69.10 68.40 -9.23
N ASP N 89 -69.70 67.49 -8.47
CA ASP N 89 -70.13 67.79 -7.12
C ASP N 89 -69.64 66.74 -6.14
N TYR N 90 -68.94 67.19 -5.11
CA TYR N 90 -68.44 66.32 -4.07
C TYR N 90 -69.52 66.06 -3.04
N PHE N 91 -69.19 65.21 -2.09
CA PHE N 91 -70.20 64.76 -1.15
C PHE N 91 -70.09 65.63 0.09
N PRO N 92 -71.06 66.44 0.38
CA PRO N 92 -70.80 67.67 1.14
C PRO N 92 -70.72 67.52 2.65
N LYS N 93 -69.53 67.17 3.15
CA LYS N 93 -68.88 67.69 4.36
C LYS N 93 -69.81 68.03 5.51
N PRO N 94 -70.38 67.05 6.21
CA PRO N 94 -71.31 67.38 7.31
C PRO N 94 -70.66 68.13 8.46
N TYR N 95 -69.34 68.03 8.62
CA TYR N 95 -68.61 68.80 9.61
C TYR N 95 -67.63 69.72 8.88
N PRO N 96 -67.78 71.03 8.96
CA PRO N 96 -66.90 71.91 8.19
C PRO N 96 -65.50 71.98 8.78
N ASN N 97 -65.41 72.17 10.07
CA ASN N 97 -64.09 72.23 10.70
C ASN N 97 -63.80 70.93 11.41
N PRO N 98 -62.56 70.45 11.34
CA PRO N 98 -62.16 69.33 12.21
C PRO N 98 -62.17 69.69 13.68
N GLU N 99 -62.02 70.98 14.02
CA GLU N 99 -62.31 71.39 15.39
C GLU N 99 -63.79 71.29 15.68
N ALA N 100 -64.64 71.64 14.71
CA ALA N 100 -66.08 71.50 14.91
C ALA N 100 -66.48 70.03 14.97
N ALA N 101 -65.79 69.19 14.20
CA ALA N 101 -66.06 67.75 14.26
C ALA N 101 -65.61 67.16 15.58
N ARG N 102 -64.44 67.60 16.06
CA ARG N 102 -63.96 67.19 17.38
C ARG N 102 -64.90 67.64 18.48
N ALA N 103 -65.48 68.83 18.33
CA ALA N 103 -66.35 69.36 19.37
C ALA N 103 -67.69 68.66 19.38
N ALA N 104 -68.18 68.23 18.20
CA ALA N 104 -69.48 67.60 18.12
C ALA N 104 -69.51 66.21 18.73
N ASN N 105 -68.35 65.61 18.98
CA ASN N 105 -68.33 64.34 19.69
C ASN N 105 -67.40 64.43 20.90
N ASN N 106 -67.12 63.30 21.53
CA ASN N 106 -66.28 63.24 22.73
C ASN N 106 -64.81 63.39 22.32
N GLY N 107 -64.49 64.60 21.85
CA GLY N 107 -63.25 64.79 21.11
C GLY N 107 -63.27 63.94 19.86
N ALA N 108 -62.07 63.53 19.44
CA ALA N 108 -61.85 62.36 18.57
C ALA N 108 -62.54 62.51 17.21
N LEU N 109 -62.00 63.44 16.43
CA LEU N 109 -62.52 63.76 15.10
C LEU N 109 -62.64 62.51 14.23
N PRO N 110 -63.76 62.32 13.55
CA PRO N 110 -63.97 61.11 12.78
C PRO N 110 -63.11 61.14 11.53
N PRO N 111 -62.54 59.99 11.14
CA PRO N 111 -61.68 59.97 9.97
C PRO N 111 -62.48 60.19 8.70
N ASP N 112 -61.80 60.66 7.67
CA ASP N 112 -62.40 60.77 6.36
C ASP N 112 -62.33 59.44 5.63
N LEU N 113 -63.35 59.16 4.82
CA LEU N 113 -63.62 57.82 4.33
C LEU N 113 -63.37 57.64 2.84
N SER N 114 -62.34 58.28 2.33
CA SER N 114 -61.91 57.99 0.96
C SER N 114 -60.91 56.85 0.91
N TYR N 115 -59.92 56.82 1.80
CA TYR N 115 -58.80 55.89 1.72
C TYR N 115 -58.73 54.97 2.94
N ILE N 116 -59.89 54.67 3.53
CA ILE N 116 -59.92 53.94 4.79
C ILE N 116 -59.51 52.49 4.59
N VAL N 117 -60.08 51.83 3.59
CA VAL N 117 -59.90 50.39 3.38
C VAL N 117 -58.43 50.07 3.13
N ARG N 118 -57.73 50.96 2.47
CA ARG N 118 -56.33 50.74 2.18
C ARG N 118 -55.40 51.36 3.21
N ALA N 119 -55.90 52.22 4.10
CA ALA N 119 -55.01 52.94 4.99
C ALA N 119 -55.14 52.54 6.46
N ARG N 120 -55.58 51.32 6.77
CA ARG N 120 -55.82 50.97 8.18
C ARG N 120 -55.26 49.61 8.56
N HIS N 121 -54.04 49.29 8.08
CA HIS N 121 -53.27 48.10 8.49
C HIS N 121 -54.02 46.79 8.24
N GLY N 122 -54.88 46.77 7.24
CA GLY N 122 -55.80 45.69 7.03
C GLY N 122 -56.94 46.25 6.21
N GLY N 123 -57.54 45.43 5.37
CA GLY N 123 -58.51 45.96 4.43
C GLY N 123 -59.87 46.18 5.04
N GLU N 124 -60.90 45.83 4.27
CA GLU N 124 -62.26 45.92 4.74
C GLU N 124 -62.58 44.87 5.80
N ASP N 125 -61.71 43.88 6.00
CA ASP N 125 -61.84 42.98 7.13
C ASP N 125 -61.80 43.74 8.45
N TYR N 126 -60.88 44.69 8.55
CA TYR N 126 -60.74 45.45 9.79
C TYR N 126 -61.93 46.36 10.01
N VAL N 127 -62.46 46.94 8.95
CA VAL N 127 -63.63 47.82 9.07
C VAL N 127 -64.86 47.00 9.45
N PHE N 128 -65.01 45.82 8.87
CA PHE N 128 -66.13 44.95 9.19
C PHE N 128 -66.07 44.48 10.64
N SER N 129 -64.94 43.90 11.04
CA SER N 129 -64.84 43.35 12.39
C SER N 129 -64.82 44.44 13.45
N LEU N 130 -64.30 45.62 13.10
CA LEU N 130 -64.48 46.79 13.94
C LEU N 130 -65.95 47.10 14.11
N LEU N 131 -66.69 47.08 13.01
CA LEU N 131 -68.08 47.48 13.04
C LEU N 131 -68.93 46.49 13.80
N THR N 132 -68.52 45.22 13.84
CA THR N 132 -69.34 44.22 14.51
C THR N 132 -68.85 43.82 15.89
N GLY N 133 -67.66 44.26 16.32
CA GLY N 133 -67.08 43.64 17.50
C GLY N 133 -67.30 44.27 18.86
N TYR N 134 -68.41 44.97 19.04
CA TYR N 134 -68.68 45.68 20.29
C TYR N 134 -68.92 44.70 21.44
N CYS N 135 -68.14 44.84 22.52
CA CYS N 135 -68.36 44.04 23.72
C CYS N 135 -67.90 44.84 24.94
N GLU N 136 -67.98 44.19 26.12
CA GLU N 136 -67.98 44.66 27.50
C GLU N 136 -66.66 44.39 28.20
N PRO N 137 -66.20 45.32 29.04
CA PRO N 137 -64.82 45.24 29.55
C PRO N 137 -64.75 44.53 30.90
N PRO N 138 -63.60 43.94 31.22
CA PRO N 138 -63.30 43.53 32.61
C PRO N 138 -62.61 44.66 33.39
N ARG N 139 -63.41 45.70 33.68
CA ARG N 139 -63.03 46.86 34.50
C ARG N 139 -61.86 47.63 33.89
N VAL N 140 -62.18 48.32 32.80
CA VAL N 140 -61.34 49.39 32.29
C VAL N 140 -61.97 50.70 32.75
N SER N 141 -61.28 51.81 32.50
CA SER N 141 -61.64 53.10 33.08
C SER N 141 -62.99 53.61 32.60
N LEU N 142 -63.33 53.34 31.33
CA LEU N 142 -64.64 53.63 30.73
C LEU N 142 -64.99 55.12 30.82
N ARG N 143 -64.21 55.92 30.09
CA ARG N 143 -64.31 57.38 30.25
C ARG N 143 -65.55 57.97 29.59
N GLU N 144 -66.72 57.61 30.14
CA GLU N 144 -67.99 58.32 30.07
C GLU N 144 -68.70 58.25 28.72
N GLY N 145 -67.98 57.93 27.66
CA GLY N 145 -68.58 57.93 26.35
C GLY N 145 -67.93 56.95 25.41
N LEU N 146 -67.03 56.13 25.95
CA LEU N 146 -66.07 55.42 25.12
C LEU N 146 -66.38 53.93 25.18
N TYR N 147 -66.88 53.41 24.06
CA TYR N 147 -67.33 52.03 23.98
C TYR N 147 -66.14 51.10 23.85
N PHE N 148 -66.18 50.00 24.57
CA PHE N 148 -65.11 49.03 24.45
C PHE N 148 -65.26 48.24 23.17
N ASN N 149 -64.16 48.09 22.43
CA ASN N 149 -64.19 47.35 21.18
C ASN N 149 -62.78 46.82 20.88
N PRO N 150 -62.61 45.49 20.85
CA PRO N 150 -61.26 44.92 20.79
C PRO N 150 -60.56 45.10 19.46
N TYR N 151 -61.27 45.46 18.40
CA TYR N 151 -60.63 45.67 17.11
C TYR N 151 -60.17 47.11 16.94
N PHE N 152 -59.46 47.64 17.94
CA PHE N 152 -59.01 49.01 17.88
C PHE N 152 -57.87 49.14 18.87
N PRO N 153 -56.79 49.84 18.53
CA PRO N 153 -55.69 50.01 19.48
C PRO N 153 -56.06 50.99 20.58
N GLY N 154 -56.08 50.49 21.82
CA GLY N 154 -56.59 51.23 22.94
C GLY N 154 -58.04 50.92 23.25
N GLN N 155 -58.77 50.41 22.26
CA GLN N 155 -60.09 49.78 22.35
C GLN N 155 -61.21 50.75 22.69
N ALA N 156 -60.92 52.05 22.77
CA ALA N 156 -61.87 53.05 23.25
C ALA N 156 -62.36 53.88 22.08
N ILE N 157 -63.65 53.80 21.81
CA ILE N 157 -64.20 54.31 20.55
C ILE N 157 -65.38 55.20 20.85
N GLY N 158 -65.33 56.43 20.36
CA GLY N 158 -66.42 57.37 20.52
C GLY N 158 -67.34 57.38 19.33
N MET N 159 -67.64 56.19 18.81
CA MET N 159 -68.57 56.02 17.70
C MET N 159 -69.69 55.08 18.13
N ALA N 160 -70.91 55.56 18.03
CA ALA N 160 -72.05 54.69 18.26
C ALA N 160 -72.14 53.67 17.14
N PRO N 161 -72.48 52.42 17.43
CA PRO N 161 -72.60 51.42 16.39
C PRO N 161 -74.00 51.41 15.79
N PRO N 162 -74.10 51.62 14.49
CA PRO N 162 -75.38 51.37 13.78
C PRO N 162 -75.45 49.95 13.26
N ILE N 163 -74.68 49.06 13.87
CA ILE N 163 -74.45 47.70 13.38
C ILE N 163 -75.75 46.89 13.30
N TYR N 164 -76.74 47.24 14.10
CA TYR N 164 -78.13 46.99 13.76
C TYR N 164 -78.98 48.24 13.91
N ASN N 165 -78.53 49.22 14.68
CA ASN N 165 -79.30 50.44 14.91
C ASN N 165 -79.44 51.23 13.62
N GLU N 166 -80.60 51.86 13.48
CA GLU N 166 -81.06 52.52 12.26
C GLU N 166 -81.01 51.57 11.07
N VAL N 167 -81.81 50.50 11.18
CA VAL N 167 -82.23 49.77 9.99
C VAL N 167 -83.01 50.73 9.10
N LEU N 168 -82.67 50.72 7.81
CA LEU N 168 -82.95 51.86 6.96
C LEU N 168 -83.93 51.58 5.84
N GLU N 169 -84.56 50.40 5.81
CA GLU N 169 -85.56 50.01 4.81
C GLU N 169 -85.00 50.08 3.39
N PHE N 170 -84.17 49.09 3.05
CA PHE N 170 -83.53 49.01 1.73
C PHE N 170 -84.52 49.10 0.59
N ASP N 171 -84.04 49.60 -0.54
CA ASP N 171 -84.88 49.90 -1.67
C ASP N 171 -85.38 48.66 -2.42
N ASP N 172 -84.98 47.45 -2.04
CA ASP N 172 -85.43 46.25 -2.72
C ASP N 172 -86.26 45.32 -1.84
N GLY N 173 -85.76 44.99 -0.65
CA GLY N 173 -86.47 44.07 0.20
C GLY N 173 -85.58 42.99 0.76
N THR N 174 -84.28 43.15 0.55
CA THR N 174 -83.29 42.28 1.16
C THR N 174 -83.39 42.41 2.68
N PRO N 175 -83.30 41.30 3.42
CA PRO N 175 -83.41 41.35 4.89
C PRO N 175 -82.34 42.23 5.54
N ALA N 176 -82.81 43.20 6.32
CA ALA N 176 -81.94 44.19 6.94
C ALA N 176 -81.33 43.63 8.23
N THR N 177 -80.60 42.55 8.07
CA THR N 177 -79.87 41.92 9.16
C THR N 177 -78.57 42.68 9.40
N MET N 178 -77.66 42.09 10.17
CA MET N 178 -76.45 42.78 10.57
C MET N 178 -75.31 42.60 9.56
N SER N 179 -74.96 41.34 9.27
CA SER N 179 -73.85 41.06 8.38
C SER N 179 -74.10 41.55 6.97
N GLN N 180 -75.36 41.56 6.55
CA GLN N 180 -75.70 42.01 5.20
C GLN N 180 -75.39 43.48 5.03
N VAL N 181 -75.88 44.32 5.94
CA VAL N 181 -75.66 45.77 5.81
C VAL N 181 -74.20 46.12 6.03
N ALA N 182 -73.52 45.43 6.97
CA ALA N 182 -72.14 45.79 7.26
C ALA N 182 -71.22 45.36 6.14
N LYS N 183 -71.44 44.17 5.58
CA LYS N 183 -70.59 43.69 4.50
C LYS N 183 -70.81 44.52 3.24
N ASP N 184 -72.04 44.94 2.98
CA ASP N 184 -72.26 45.71 1.77
C ASP N 184 -71.75 47.15 1.88
N VAL N 185 -71.79 47.75 3.07
CA VAL N 185 -71.18 49.08 3.15
C VAL N 185 -69.65 48.98 3.15
N CYS N 186 -69.07 47.88 3.65
CA CYS N 186 -67.61 47.73 3.53
C CYS N 186 -67.19 47.47 2.09
N THR N 187 -68.03 46.77 1.32
CA THR N 187 -67.79 46.61 -0.11
C THR N 187 -67.84 47.96 -0.82
N PHE N 188 -68.79 48.81 -0.44
CA PHE N 188 -68.81 50.18 -0.95
C PHE N 188 -67.53 50.93 -0.63
N LEU N 189 -67.01 50.76 0.58
CA LEU N 189 -65.80 51.47 0.94
C LEU N 189 -64.57 50.93 0.20
N ARG N 190 -64.54 49.63 -0.07
CA ARG N 190 -63.52 49.07 -0.96
C ARG N 190 -63.57 49.71 -2.32
N TRP N 191 -64.78 49.89 -2.86
CA TRP N 191 -64.92 50.58 -4.14
C TRP N 191 -64.42 52.01 -4.04
N ALA N 192 -64.80 52.72 -2.99
CA ALA N 192 -64.43 54.11 -2.85
C ALA N 192 -62.94 54.30 -2.66
N ALA N 193 -62.25 53.26 -2.18
CA ALA N 193 -60.80 53.30 -2.18
C ALA N 193 -60.22 53.02 -3.56
N GLU N 194 -60.82 52.10 -4.31
CA GLU N 194 -60.26 51.70 -5.60
C GLU N 194 -61.24 51.89 -6.74
N PRO N 195 -61.21 53.03 -7.42
CA PRO N 195 -62.10 53.23 -8.58
C PRO N 195 -61.62 52.59 -9.87
N GLU N 196 -60.69 51.65 -9.77
CA GLU N 196 -60.07 51.06 -10.95
C GLU N 196 -60.13 49.54 -10.94
N HIS N 197 -60.80 48.95 -9.96
CA HIS N 197 -60.54 47.57 -9.55
C HIS N 197 -60.90 46.57 -10.65
N ASP N 198 -62.10 46.70 -11.20
CA ASP N 198 -62.53 45.86 -12.32
C ASP N 198 -61.67 46.09 -13.54
N HIS N 199 -61.38 47.36 -13.82
CA HIS N 199 -60.57 47.71 -14.97
C HIS N 199 -59.14 47.23 -14.80
N ARG N 200 -58.63 47.28 -13.56
CA ARG N 200 -57.25 46.88 -13.36
C ARG N 200 -57.12 45.37 -13.43
N LYS N 201 -58.13 44.61 -13.00
CA LYS N 201 -58.01 43.18 -13.20
C LYS N 201 -58.27 42.76 -14.63
N ARG N 202 -59.01 43.57 -15.40
CA ARG N 202 -59.07 43.35 -16.85
C ARG N 202 -57.71 43.49 -17.50
N MET N 203 -56.99 44.56 -17.18
CA MET N 203 -55.67 44.69 -17.80
C MET N 203 -54.69 43.68 -17.23
N GLY N 204 -54.89 43.23 -15.98
CA GLY N 204 -54.07 42.16 -15.45
C GLY N 204 -54.26 40.85 -16.18
N LEU N 205 -55.48 40.56 -16.58
CA LEU N 205 -55.71 39.33 -17.33
C LEU N 205 -55.18 39.44 -18.75
N LYS N 206 -55.29 40.62 -19.36
CA LYS N 206 -54.67 40.83 -20.68
C LYS N 206 -53.16 40.67 -20.61
N MET N 207 -52.55 41.16 -19.53
CA MET N 207 -51.12 40.96 -19.33
C MET N 207 -50.79 39.50 -19.13
N LEU N 208 -51.63 38.77 -18.37
CA LEU N 208 -51.44 37.33 -18.17
C LEU N 208 -51.43 36.58 -19.49
N LEU N 209 -52.35 36.92 -20.38
CA LEU N 209 -52.39 36.21 -21.65
C LEU N 209 -51.23 36.62 -22.54
N MET N 210 -50.87 37.90 -22.56
CA MET N 210 -49.74 38.30 -23.39
C MET N 210 -48.40 37.80 -22.87
N MET N 211 -48.30 37.50 -21.59
CA MET N 211 -47.05 36.94 -21.13
C MET N 211 -47.04 35.43 -21.18
N GLY N 212 -48.21 34.79 -21.11
CA GLY N 212 -48.25 33.38 -21.40
C GLY N 212 -48.19 33.05 -22.86
N LEU N 213 -48.32 34.06 -23.72
CA LEU N 213 -48.30 33.93 -25.15
C LEU N 213 -47.11 34.58 -25.81
N LEU N 214 -46.36 35.41 -25.08
CA LEU N 214 -45.22 36.11 -25.65
C LEU N 214 -43.89 35.59 -25.13
N LEU N 215 -43.81 35.35 -23.82
CA LEU N 215 -42.52 35.05 -23.20
C LEU N 215 -41.84 33.76 -23.68
N PRO N 216 -42.51 32.63 -23.90
CA PRO N 216 -41.76 31.47 -24.39
C PRO N 216 -41.23 31.63 -25.79
N LEU N 217 -41.83 32.49 -26.61
CA LEU N 217 -41.30 32.70 -27.94
C LEU N 217 -40.00 33.48 -27.88
N VAL N 218 -39.93 34.50 -27.03
CA VAL N 218 -38.69 35.25 -26.84
C VAL N 218 -37.62 34.36 -26.27
N TYR N 219 -38.01 33.47 -25.35
CA TYR N 219 -37.06 32.56 -24.75
C TYR N 219 -36.53 31.59 -25.78
N ALA N 220 -37.42 31.12 -26.66
CA ALA N 220 -37.00 30.22 -27.71
C ALA N 220 -36.10 30.91 -28.71
N MET N 221 -36.34 32.19 -28.97
CA MET N 221 -35.53 32.90 -29.95
C MET N 221 -34.14 33.17 -29.41
N LYS N 222 -34.05 33.45 -28.11
CA LYS N 222 -32.75 33.58 -27.48
C LYS N 222 -32.01 32.26 -27.50
N ARG N 223 -32.72 31.16 -27.25
CA ARG N 223 -32.07 29.86 -27.28
C ARG N 223 -31.67 29.48 -28.70
N HIS N 224 -32.43 29.93 -29.68
CA HIS N 224 -32.12 29.69 -31.09
C HIS N 224 -30.86 30.41 -31.52
N LYS N 225 -30.76 31.71 -31.26
CA LYS N 225 -29.56 32.42 -31.67
C LYS N 225 -28.36 32.04 -30.84
N TRP N 226 -28.57 31.70 -29.57
CA TRP N 226 -27.50 31.19 -28.72
C TRP N 226 -27.14 29.76 -28.99
N SER N 227 -27.90 29.07 -29.85
CA SER N 227 -27.64 27.67 -30.08
C SER N 227 -26.36 27.41 -30.82
N VAL N 228 -25.76 28.42 -31.45
CA VAL N 228 -24.44 28.25 -32.05
C VAL N 228 -23.42 27.97 -30.95
N LEU N 229 -23.44 28.81 -29.93
CA LEU N 229 -22.42 28.73 -28.90
C LEU N 229 -22.62 27.54 -27.98
N LYS N 230 -23.82 27.00 -27.87
CA LYS N 230 -23.98 25.80 -27.10
C LYS N 230 -23.43 24.58 -27.83
N SER N 231 -23.24 24.68 -29.14
CA SER N 231 -22.86 23.54 -29.95
C SER N 231 -21.47 23.64 -30.55
N ARG N 232 -20.78 24.77 -30.36
CA ARG N 232 -19.42 24.88 -30.87
C ARG N 232 -18.49 23.97 -30.08
N LYS N 233 -17.60 23.29 -30.77
CA LYS N 233 -16.70 22.33 -30.14
C LYS N 233 -15.26 22.62 -30.54
N LEU N 234 -14.36 22.55 -29.56
CA LEU N 234 -12.99 23.00 -29.70
C LEU N 234 -12.05 21.81 -29.75
N ALA N 235 -10.91 21.99 -30.40
CA ALA N 235 -9.95 20.92 -30.54
C ALA N 235 -8.56 21.52 -30.69
N TYR N 236 -7.55 20.76 -30.27
CA TYR N 236 -6.21 21.29 -30.08
C TYR N 236 -5.29 20.77 -31.19
N ARG N 237 -4.82 21.69 -32.03
CA ARG N 237 -3.84 21.39 -33.06
C ARG N 237 -2.53 22.09 -32.79
N PRO N 238 -1.55 21.35 -32.26
CA PRO N 238 -0.18 21.78 -32.22
C PRO N 238 0.58 21.19 -33.39
N PRO N 239 1.87 21.51 -33.53
CA PRO N 239 2.71 20.55 -34.24
C PRO N 239 2.97 19.35 -33.34
N HIS O 2 -2.16 17.36 -41.91
CA HIS O 2 -3.23 18.30 -41.59
C HIS O 2 -4.50 17.81 -42.22
N THR O 3 -4.39 16.75 -43.01
CA THR O 3 -5.56 16.28 -43.72
C THR O 3 -6.51 15.51 -42.83
N ASP O 4 -6.10 15.25 -41.59
CA ASP O 4 -6.84 14.46 -40.63
C ASP O 4 -7.72 15.32 -39.73
N ILE O 5 -8.31 16.35 -40.31
CA ILE O 5 -9.26 17.23 -39.63
C ILE O 5 -10.64 16.78 -40.03
N LYS O 6 -11.30 16.03 -39.16
CA LYS O 6 -12.65 15.58 -39.39
C LYS O 6 -13.56 16.26 -38.38
N VAL O 7 -14.83 16.40 -38.74
CA VAL O 7 -15.77 17.02 -37.82
C VAL O 7 -16.32 15.98 -36.85
N PRO O 8 -16.52 16.33 -35.59
CA PRO O 8 -17.37 15.50 -34.74
C PRO O 8 -18.83 15.66 -35.12
N ASP O 9 -19.54 14.54 -35.19
CA ASP O 9 -20.86 14.52 -35.79
C ASP O 9 -21.92 15.10 -34.87
N PHE O 10 -22.76 15.95 -35.43
CA PHE O 10 -23.78 16.70 -34.71
C PHE O 10 -25.13 16.00 -34.73
N SER O 11 -25.12 14.67 -34.76
CA SER O 11 -26.35 13.90 -34.87
C SER O 11 -27.24 14.06 -33.66
N ASP O 12 -26.67 14.44 -32.51
CA ASP O 12 -27.49 14.76 -31.37
C ASP O 12 -28.22 16.09 -31.55
N TYR O 13 -27.71 16.98 -32.40
CA TYR O 13 -28.23 18.34 -32.45
C TYR O 13 -29.02 18.66 -33.69
N ARG O 14 -28.91 17.87 -34.75
CA ARG O 14 -29.53 18.24 -36.01
C ARG O 14 -31.05 18.09 -35.97
N ARG O 15 -31.71 18.86 -36.85
CA ARG O 15 -33.15 18.80 -36.96
C ARG O 15 -33.58 17.51 -37.66
N PRO O 16 -34.84 17.08 -37.48
CA PRO O 16 -35.27 15.83 -38.10
C PRO O 16 -35.32 15.84 -39.62
N GLU O 17 -35.45 17.01 -40.25
CA GLU O 17 -35.29 17.05 -41.70
C GLU O 17 -33.84 16.88 -42.10
N VAL O 18 -32.91 17.28 -41.25
CA VAL O 18 -31.50 17.29 -41.59
C VAL O 18 -30.75 16.20 -40.83
N LEU O 19 -31.48 15.25 -40.23
CA LEU O 19 -30.75 14.10 -39.70
C LEU O 19 -30.30 13.18 -40.81
N ASP O 20 -31.03 13.15 -41.92
CA ASP O 20 -30.60 12.37 -43.08
C ASP O 20 -29.36 12.99 -43.69
N SER O 21 -28.24 12.29 -43.58
CA SER O 21 -26.99 12.71 -44.20
C SER O 21 -26.84 12.21 -45.62
N THR O 22 -27.95 11.92 -46.30
CA THR O 22 -27.91 11.50 -47.69
C THR O 22 -28.92 12.24 -48.56
N LYS O 23 -30.03 12.72 -48.02
CA LYS O 23 -30.98 13.48 -48.82
C LYS O 23 -30.52 14.93 -48.96
N SER O 24 -30.90 15.54 -50.08
CA SER O 24 -30.48 16.90 -50.36
C SER O 24 -31.21 17.89 -49.47
N SER O 25 -30.60 19.05 -49.26
CA SER O 25 -31.17 20.07 -48.41
C SER O 25 -31.48 21.32 -49.22
N LYS O 26 -32.15 21.14 -50.35
CA LYS O 26 -32.73 22.25 -51.08
C LYS O 26 -34.23 22.37 -50.85
N GLU O 27 -34.96 21.26 -50.98
CA GLU O 27 -36.39 21.26 -50.72
C GLU O 27 -36.73 21.20 -49.24
N SER O 28 -35.72 21.16 -48.37
CA SER O 28 -35.91 21.23 -46.93
C SER O 28 -35.64 22.61 -46.37
N SER O 29 -35.37 23.59 -47.22
CA SER O 29 -34.87 24.88 -46.77
C SER O 29 -35.97 25.86 -46.40
N GLU O 30 -36.98 25.96 -47.27
CA GLU O 30 -38.00 26.99 -47.13
C GLU O 30 -38.84 26.77 -45.88
N ALA O 31 -39.14 25.50 -45.55
CA ALA O 31 -39.98 25.22 -44.40
C ALA O 31 -39.25 25.52 -43.09
N ARG O 32 -37.97 25.17 -43.03
CA ARG O 32 -37.19 25.38 -41.81
C ARG O 32 -36.96 26.86 -41.55
N LYS O 33 -36.54 27.59 -42.60
CA LYS O 33 -36.33 29.02 -42.48
C LYS O 33 -37.63 29.74 -42.19
N GLY O 34 -38.73 29.27 -42.77
CA GLY O 34 -40.01 29.88 -42.51
C GLY O 34 -40.52 29.64 -41.11
N PHE O 35 -40.20 28.48 -40.54
CA PHE O 35 -40.65 28.22 -39.18
C PHE O 35 -39.91 29.09 -38.17
N SER O 36 -38.59 29.23 -38.36
CA SER O 36 -37.83 30.12 -37.48
C SER O 36 -38.31 31.56 -37.61
N TYR O 37 -38.48 32.02 -38.85
CA TYR O 37 -38.93 33.38 -39.05
C TYR O 37 -40.37 33.58 -38.62
N LEU O 38 -41.20 32.54 -38.61
CA LEU O 38 -42.55 32.70 -38.13
C LEU O 38 -42.59 32.82 -36.62
N ILE O 39 -41.68 32.15 -35.91
CA ILE O 39 -41.56 32.41 -34.47
C ILE O 39 -41.12 33.83 -34.21
N THR O 40 -40.15 34.34 -34.99
CA THR O 40 -39.76 35.74 -34.86
C THR O 40 -40.90 36.69 -35.17
N ALA O 41 -41.75 36.32 -36.13
CA ALA O 41 -42.87 37.17 -36.51
C ALA O 41 -43.92 37.23 -35.41
N THR O 42 -44.21 36.09 -34.78
CA THR O 42 -45.22 36.12 -33.72
C THR O 42 -44.71 36.88 -32.51
N THR O 43 -43.41 36.77 -32.22
CA THR O 43 -42.78 37.60 -31.19
C THR O 43 -42.92 39.09 -31.51
N THR O 44 -42.65 39.46 -32.76
CA THR O 44 -42.76 40.85 -33.19
C THR O 44 -44.19 41.37 -33.14
N VAL O 45 -45.16 40.51 -33.45
CA VAL O 45 -46.57 40.84 -33.32
C VAL O 45 -46.92 41.16 -31.87
N GLY O 46 -46.46 40.31 -30.95
CA GLY O 46 -46.75 40.54 -29.54
C GLY O 46 -46.12 41.82 -29.01
N VAL O 47 -44.86 42.07 -29.39
CA VAL O 47 -44.16 43.27 -28.94
C VAL O 47 -44.84 44.52 -29.50
N ALA O 48 -45.29 44.46 -30.77
CA ALA O 48 -45.97 45.60 -31.36
C ALA O 48 -47.34 45.84 -30.73
N TYR O 49 -48.03 44.78 -30.33
CA TYR O 49 -49.27 44.93 -29.58
C TYR O 49 -49.03 45.64 -28.25
N ALA O 50 -48.06 45.15 -27.48
CA ALA O 50 -47.79 45.74 -26.16
C ALA O 50 -47.33 47.18 -26.28
N ALA O 51 -46.53 47.48 -27.31
CA ALA O 51 -46.07 48.84 -27.51
C ALA O 51 -47.21 49.77 -27.91
N LYS O 52 -48.13 49.29 -28.76
CA LYS O 52 -49.20 50.19 -29.17
C LYS O 52 -50.19 50.44 -28.04
N ASN O 53 -50.39 49.45 -27.17
CA ASN O 53 -51.23 49.71 -25.98
C ASN O 53 -50.56 50.66 -25.01
N VAL O 54 -49.23 50.55 -24.83
CA VAL O 54 -48.52 51.43 -23.91
C VAL O 54 -48.53 52.88 -24.41
N VAL O 55 -48.25 53.06 -25.70
CA VAL O 55 -48.26 54.41 -26.28
C VAL O 55 -49.67 54.98 -26.28
N SER O 56 -50.68 54.13 -26.49
CA SER O 56 -52.06 54.57 -26.41
C SER O 56 -52.41 55.04 -25.01
N GLN O 57 -51.95 54.31 -24.00
CA GLN O 57 -52.19 54.69 -22.61
C GLN O 57 -51.50 56.00 -22.27
N PHE O 58 -50.28 56.19 -22.73
CA PHE O 58 -49.56 57.40 -22.36
C PHE O 58 -50.14 58.63 -23.05
N VAL O 59 -50.54 58.51 -24.31
CA VAL O 59 -51.10 59.67 -24.99
C VAL O 59 -52.50 59.97 -24.47
N SER O 60 -53.29 58.94 -24.19
CA SER O 60 -54.61 59.18 -23.62
C SER O 60 -54.54 59.63 -22.16
N SER O 61 -53.46 59.32 -21.46
CA SER O 61 -53.23 59.93 -20.16
C SER O 61 -52.79 61.37 -20.27
N MET O 62 -52.20 61.74 -21.40
CA MET O 62 -51.94 63.15 -21.66
C MET O 62 -53.10 63.84 -22.37
N SER O 63 -54.22 63.16 -22.57
CA SER O 63 -55.30 63.76 -23.37
C SER O 63 -56.21 64.66 -22.55
N ALA O 64 -56.96 64.08 -21.61
CA ALA O 64 -58.04 64.80 -20.96
C ALA O 64 -58.46 64.07 -19.70
N SER O 65 -59.05 64.82 -18.78
CA SER O 65 -59.37 64.32 -17.46
C SER O 65 -60.85 64.01 -17.35
N ALA O 66 -61.22 63.42 -16.21
CA ALA O 66 -62.61 63.02 -16.00
C ALA O 66 -63.48 64.20 -15.63
N ASP O 67 -63.05 64.97 -14.63
CA ASP O 67 -63.85 66.11 -14.17
C ASP O 67 -63.85 67.27 -15.16
N VAL O 68 -62.85 67.33 -16.05
CA VAL O 68 -62.75 68.46 -16.97
C VAL O 68 -63.84 68.40 -18.03
N LEU O 69 -64.21 67.21 -18.46
CA LEU O 69 -65.22 67.04 -19.52
C LEU O 69 -66.59 66.78 -18.95
N ALA O 70 -66.95 67.47 -17.87
CA ALA O 70 -68.28 67.31 -17.26
C ALA O 70 -69.08 68.59 -17.43
N MET O 71 -69.09 69.16 -18.63
CA MET O 71 -69.80 70.41 -18.88
C MET O 71 -71.27 70.16 -19.17
N SER O 72 -72.08 71.20 -18.99
CA SER O 72 -73.53 71.09 -19.15
C SER O 72 -74.09 72.43 -19.61
N LYS O 73 -75.42 72.51 -19.68
CA LYS O 73 -76.15 73.66 -20.20
C LYS O 73 -76.45 74.65 -19.07
N ILE O 74 -77.09 75.78 -19.41
CA ILE O 74 -77.39 76.81 -18.42
C ILE O 74 -78.60 77.62 -18.90
N GLU O 75 -79.22 78.34 -17.96
CA GLU O 75 -80.23 79.35 -18.23
C GLU O 75 -79.66 80.71 -17.85
N ILE O 76 -79.95 81.72 -18.66
CA ILE O 76 -79.34 83.05 -18.50
C ILE O 76 -80.45 84.08 -18.51
N LYS O 77 -80.39 85.02 -17.56
CA LYS O 77 -81.34 86.13 -17.56
C LYS O 77 -80.85 87.25 -18.49
N LEU O 78 -81.77 87.81 -19.29
CA LEU O 78 -81.36 88.85 -20.24
C LEU O 78 -82.05 90.20 -19.98
N SER O 79 -82.63 90.40 -18.79
CA SER O 79 -83.19 91.71 -18.47
C SER O 79 -82.14 92.71 -17.99
N ASP O 80 -80.91 92.25 -17.81
CA ASP O 80 -79.87 93.03 -17.16
C ASP O 80 -79.34 94.16 -18.05
N ILE O 81 -79.57 94.11 -19.36
CA ILE O 81 -78.89 94.95 -20.32
C ILE O 81 -79.80 96.09 -20.74
N PRO O 82 -79.34 97.34 -20.75
CA PRO O 82 -80.09 98.41 -21.43
C PRO O 82 -79.87 98.42 -22.93
N GLU O 83 -80.34 99.46 -23.61
CA GLU O 83 -80.32 99.50 -25.07
C GLU O 83 -78.92 99.89 -25.57
N GLY O 84 -78.29 98.98 -26.31
CA GLY O 84 -76.99 99.23 -26.90
C GLY O 84 -75.80 98.75 -26.09
N LYS O 85 -75.77 97.48 -25.70
CA LYS O 85 -74.69 97.02 -24.83
C LYS O 85 -74.54 95.50 -24.96
N ASN O 86 -73.30 95.03 -24.82
CA ASN O 86 -72.98 93.61 -24.79
C ASN O 86 -72.61 93.22 -23.35
N MET O 87 -73.22 92.15 -22.84
CA MET O 87 -72.92 91.60 -21.54
C MET O 87 -72.31 90.21 -21.69
N ALA O 88 -71.41 89.85 -20.78
CA ALA O 88 -70.63 88.62 -20.89
C ALA O 88 -70.93 87.68 -19.72
N PHE O 89 -70.77 86.39 -20.00
CA PHE O 89 -71.05 85.30 -19.07
C PHE O 89 -69.98 84.24 -19.22
N LYS O 90 -69.34 83.85 -18.12
CA LYS O 90 -68.40 82.74 -18.15
C LYS O 90 -69.14 81.43 -18.32
N TRP O 91 -68.72 80.64 -19.31
CA TRP O 91 -69.52 79.49 -19.71
C TRP O 91 -68.65 78.53 -20.51
N ARG O 92 -68.52 77.29 -20.01
CA ARG O 92 -67.67 76.24 -20.61
C ARG O 92 -66.23 76.71 -20.81
N GLY O 93 -65.72 77.49 -19.86
CA GLY O 93 -64.41 78.07 -20.00
C GLY O 93 -64.29 79.10 -21.11
N LYS O 94 -65.39 79.73 -21.50
CA LYS O 94 -65.43 80.64 -22.64
C LYS O 94 -66.26 81.88 -22.28
N PRO O 95 -65.74 83.08 -22.59
CA PRO O 95 -66.57 84.29 -22.44
C PRO O 95 -67.70 84.30 -23.46
N LEU O 96 -68.90 84.62 -22.98
CA LEU O 96 -70.13 84.43 -23.74
C LEU O 96 -70.84 85.76 -23.87
N PHE O 97 -71.03 86.21 -25.11
CA PHE O 97 -71.65 87.51 -25.36
C PHE O 97 -73.15 87.36 -25.55
N VAL O 98 -73.90 88.23 -24.90
CA VAL O 98 -75.31 88.49 -25.23
C VAL O 98 -75.40 89.99 -25.52
N ARG O 99 -75.96 90.35 -26.68
CA ARG O 99 -75.91 91.73 -27.11
C ARG O 99 -77.32 92.27 -27.32
N HIS O 100 -77.60 93.38 -26.64
CA HIS O 100 -78.80 94.17 -26.86
C HIS O 100 -78.45 95.23 -27.89
N ARG O 101 -78.87 94.98 -29.14
CA ARG O 101 -78.62 95.84 -30.28
C ARG O 101 -79.78 96.81 -30.45
N THR O 102 -79.82 97.49 -31.58
CA THR O 102 -80.80 98.52 -31.87
C THR O 102 -81.27 98.29 -33.30
N LYS O 103 -82.49 98.74 -33.61
CA LYS O 103 -83.02 98.66 -34.98
C LYS O 103 -82.17 99.45 -35.98
N LYS O 104 -81.43 100.46 -35.52
CA LYS O 104 -80.47 101.17 -36.35
C LYS O 104 -79.40 100.23 -36.89
N GLU O 105 -78.71 99.52 -36.00
CA GLU O 105 -77.73 98.56 -36.46
C GLU O 105 -78.35 97.28 -37.02
N ILE O 106 -79.61 96.98 -36.68
CA ILE O 106 -80.33 95.91 -37.38
C ILE O 106 -80.49 96.25 -38.85
N ASP O 107 -80.87 97.49 -39.14
CA ASP O 107 -81.00 97.89 -40.54
C ASP O 107 -79.66 98.19 -41.21
N GLN O 108 -78.63 98.56 -40.46
CA GLN O 108 -77.32 98.71 -41.10
C GLN O 108 -76.63 97.38 -41.34
N GLU O 109 -77.00 96.32 -40.61
CA GLU O 109 -76.55 94.97 -40.94
C GLU O 109 -77.44 94.34 -42.02
N ALA O 110 -78.71 94.74 -42.07
CA ALA O 110 -79.57 94.45 -43.20
C ALA O 110 -79.20 95.25 -44.43
N ALA O 111 -78.41 96.31 -44.28
CA ALA O 111 -77.94 97.07 -45.42
C ALA O 111 -76.79 96.37 -46.13
N VAL O 112 -75.84 95.83 -45.36
CA VAL O 112 -74.70 95.16 -45.96
C VAL O 112 -75.13 93.79 -46.49
N GLU O 113 -74.59 93.42 -47.65
CA GLU O 113 -75.03 92.24 -48.38
C GLU O 113 -74.43 90.97 -47.78
N VAL O 114 -74.53 89.85 -48.50
CA VAL O 114 -73.90 88.60 -48.13
C VAL O 114 -72.62 88.38 -48.93
N SER O 115 -72.68 88.64 -50.23
CA SER O 115 -71.63 88.22 -51.14
C SER O 115 -70.33 89.02 -51.00
N GLN O 116 -70.34 90.15 -50.28
CA GLN O 116 -69.09 90.85 -49.96
C GLN O 116 -68.28 90.12 -48.91
N LEU O 117 -68.94 89.32 -48.07
CA LEU O 117 -68.29 88.72 -46.92
C LEU O 117 -67.46 87.52 -47.33
N ARG O 118 -66.29 87.36 -46.71
CA ARG O 118 -65.53 86.13 -46.87
C ARG O 118 -66.19 84.95 -46.16
N ASP O 119 -67.07 85.23 -45.19
CA ASP O 119 -67.95 84.26 -44.56
C ASP O 119 -69.36 84.57 -45.01
N PRO O 120 -69.88 83.93 -46.06
CA PRO O 120 -71.23 84.26 -46.57
C PRO O 120 -72.33 83.73 -45.68
N GLN O 121 -73.04 84.65 -45.02
CA GLN O 121 -74.11 84.26 -44.09
C GLN O 121 -75.06 85.42 -43.90
N HIS O 122 -76.34 85.22 -44.25
CA HIS O 122 -77.36 86.28 -44.28
C HIS O 122 -77.91 86.54 -42.87
N ASP O 123 -78.54 87.71 -42.72
CA ASP O 123 -79.28 88.09 -41.51
C ASP O 123 -80.29 87.02 -41.13
N LEU O 124 -81.05 86.52 -42.11
CA LEU O 124 -82.00 85.46 -41.85
C LEU O 124 -81.33 84.11 -41.65
N GLU O 125 -80.08 83.96 -42.09
CA GLU O 125 -79.38 82.72 -41.80
C GLU O 125 -78.83 82.70 -40.38
N ARG O 126 -78.58 83.87 -39.80
CA ARG O 126 -77.94 83.95 -38.50
C ARG O 126 -78.94 83.90 -37.34
N VAL O 127 -79.85 84.86 -37.30
CA VAL O 127 -80.49 85.26 -36.05
C VAL O 127 -82.00 85.16 -36.16
N LYS O 128 -82.62 84.78 -35.03
CA LYS O 128 -84.05 84.92 -34.85
C LYS O 128 -84.42 86.38 -34.57
N LYS O 129 -83.95 86.89 -33.44
CA LYS O 129 -84.30 88.21 -32.92
C LYS O 129 -83.07 89.08 -33.00
N PRO O 130 -82.95 89.96 -34.01
CA PRO O 130 -81.65 90.62 -34.27
C PRO O 130 -81.25 91.65 -33.24
N GLU O 131 -82.16 92.14 -32.40
CA GLU O 131 -81.74 93.11 -31.39
C GLU O 131 -81.13 92.46 -30.15
N TRP O 132 -81.58 91.27 -29.77
CA TRP O 132 -80.94 90.49 -28.71
C TRP O 132 -80.31 89.28 -29.39
N VAL O 133 -79.03 89.37 -29.72
CA VAL O 133 -78.35 88.24 -30.33
C VAL O 133 -77.42 87.65 -29.27
N ILE O 134 -77.12 86.35 -29.39
CA ILE O 134 -76.23 85.68 -28.45
C ILE O 134 -75.12 85.01 -29.25
N LEU O 135 -73.87 85.37 -28.94
CA LEU O 135 -72.72 84.90 -29.69
C LEU O 135 -71.66 84.39 -28.73
N ILE O 136 -70.72 83.63 -29.29
CA ILE O 136 -69.54 83.21 -28.56
C ILE O 136 -68.55 84.37 -28.58
N GLY O 137 -68.16 84.83 -27.39
CA GLY O 137 -67.30 86.00 -27.28
C GLY O 137 -65.81 85.72 -27.40
N VAL O 138 -65.34 85.53 -28.63
CA VAL O 138 -63.95 85.19 -28.89
C VAL O 138 -63.69 85.56 -30.34
N CYS O 139 -62.44 85.59 -30.77
CA CYS O 139 -62.14 85.68 -32.19
C CYS O 139 -62.12 84.27 -32.77
N THR O 140 -62.63 84.13 -33.99
CA THR O 140 -62.56 82.84 -34.66
C THR O 140 -61.27 82.62 -35.43
N HIS O 141 -60.36 83.61 -35.44
CA HIS O 141 -59.09 83.42 -36.13
C HIS O 141 -58.11 82.64 -35.27
N LEU O 142 -57.75 83.20 -34.10
CA LEU O 142 -56.87 82.49 -33.20
C LEU O 142 -57.33 82.62 -31.76
N GLY O 143 -58.61 82.82 -31.52
CA GLY O 143 -59.12 82.72 -30.18
C GLY O 143 -58.81 83.85 -29.25
N CYS O 144 -58.59 85.05 -29.78
CA CYS O 144 -58.47 86.22 -28.93
C CYS O 144 -59.86 86.74 -28.60
N VAL O 145 -59.93 87.73 -27.71
CA VAL O 145 -61.18 88.42 -27.43
C VAL O 145 -61.10 89.79 -28.09
N PRO O 146 -61.88 90.04 -29.15
CA PRO O 146 -61.97 91.40 -29.70
C PRO O 146 -62.63 92.32 -28.69
N ILE O 147 -62.28 93.61 -28.79
CA ILE O 147 -62.72 94.57 -27.80
C ILE O 147 -64.19 94.90 -28.04
N ALA O 148 -64.97 94.94 -26.96
CA ALA O 148 -66.40 95.16 -27.05
C ALA O 148 -66.67 96.59 -27.50
N ASN O 149 -67.20 96.72 -28.73
CA ASN O 149 -67.63 97.98 -29.34
C ASN O 149 -66.46 98.98 -29.46
N ALA O 150 -65.45 98.57 -30.24
CA ALA O 150 -64.29 99.43 -30.46
C ALA O 150 -63.76 99.17 -31.87
N GLY O 151 -62.75 99.95 -32.24
CA GLY O 151 -62.22 99.91 -33.59
C GLY O 151 -62.68 101.09 -34.42
N ASP O 152 -63.23 100.81 -35.60
CA ASP O 152 -63.68 101.86 -36.50
C ASP O 152 -65.09 101.67 -37.05
N PHE O 153 -65.64 100.46 -37.02
CA PHE O 153 -66.84 100.12 -37.77
C PHE O 153 -68.08 99.99 -36.91
N GLY O 154 -68.03 100.43 -35.65
CA GLY O 154 -69.14 100.24 -34.76
C GLY O 154 -69.27 98.85 -34.19
N GLY O 155 -68.32 97.96 -34.48
CA GLY O 155 -68.35 96.60 -33.98
C GLY O 155 -67.10 96.24 -33.22
N TYR O 156 -66.47 95.13 -33.59
CA TYR O 156 -65.34 94.60 -32.85
C TYR O 156 -64.04 94.79 -33.61
N TYR O 157 -62.97 95.03 -32.85
CA TYR O 157 -61.60 95.04 -33.38
C TYR O 157 -60.75 94.11 -32.53
N CYS O 158 -60.34 92.99 -33.11
CA CYS O 158 -59.41 92.10 -32.44
C CYS O 158 -57.99 92.63 -32.60
N PRO O 159 -57.31 93.04 -31.52
CA PRO O 159 -55.97 93.61 -31.66
C PRO O 159 -54.88 92.57 -31.91
N CYS O 160 -55.21 91.29 -32.05
CA CYS O 160 -54.19 90.29 -32.32
C CYS O 160 -53.70 90.37 -33.75
N HIS O 161 -54.62 90.52 -34.72
CA HIS O 161 -54.23 90.75 -36.10
C HIS O 161 -55.08 91.77 -36.84
N GLY O 162 -56.19 92.26 -36.27
CA GLY O 162 -57.00 93.20 -37.01
C GLY O 162 -58.28 92.62 -37.58
N SER O 163 -59.06 91.94 -36.74
CA SER O 163 -60.41 91.48 -37.13
C SER O 163 -61.39 92.62 -36.88
N HIS O 164 -61.58 93.44 -37.90
CA HIS O 164 -62.61 94.47 -37.87
C HIS O 164 -63.96 93.78 -38.09
N TYR O 165 -64.87 93.91 -37.12
CA TYR O 165 -66.18 93.29 -37.19
C TYR O 165 -67.27 94.37 -37.14
N ASP O 166 -68.51 93.93 -36.96
CA ASP O 166 -69.67 94.83 -36.99
C ASP O 166 -70.61 94.41 -35.86
N ALA O 167 -71.86 94.85 -35.95
CA ALA O 167 -72.84 94.58 -34.90
C ALA O 167 -73.20 93.09 -34.83
N SER O 168 -73.41 92.46 -35.97
CA SER O 168 -73.63 91.02 -36.02
C SER O 168 -72.33 90.25 -36.17
N GLY O 169 -71.20 90.90 -35.97
CA GLY O 169 -69.92 90.21 -35.96
C GLY O 169 -69.42 89.77 -37.30
N ARG O 170 -70.11 90.11 -38.38
CA ARG O 170 -69.66 89.67 -39.69
C ARG O 170 -68.50 90.53 -40.16
N ILE O 171 -67.79 90.03 -41.18
CA ILE O 171 -66.45 90.51 -41.47
C ILE O 171 -66.47 91.89 -42.12
N ARG O 172 -65.60 92.78 -41.64
CA ARG O 172 -65.26 94.02 -42.31
C ARG O 172 -63.83 93.99 -42.85
N LYS O 173 -62.86 93.65 -41.99
CA LYS O 173 -61.54 93.25 -42.42
C LYS O 173 -60.95 92.36 -41.32
N GLY O 174 -60.33 91.27 -41.72
CA GLY O 174 -59.71 90.40 -40.75
C GLY O 174 -59.29 89.07 -41.35
N PRO O 175 -58.14 88.56 -40.92
CA PRO O 175 -57.66 87.27 -41.44
C PRO O 175 -58.37 86.04 -40.87
N ALA O 176 -59.48 86.23 -40.17
CA ALA O 176 -60.32 85.12 -39.77
C ALA O 176 -61.01 84.52 -40.99
N PRO O 177 -61.23 83.21 -40.99
CA PRO O 177 -62.03 82.58 -42.04
C PRO O 177 -63.52 82.51 -41.76
N LEU O 178 -63.98 82.98 -40.60
CA LEU O 178 -65.38 82.88 -40.20
C LEU O 178 -65.88 84.23 -39.68
N ASN O 179 -67.15 84.25 -39.29
CA ASN O 179 -67.71 85.29 -38.44
C ASN O 179 -67.71 84.78 -37.01
N LEU O 180 -68.42 85.48 -36.12
CA LEU O 180 -68.46 85.07 -34.72
C LEU O 180 -69.27 83.79 -34.56
N GLU O 181 -68.82 82.91 -33.67
CA GLU O 181 -69.43 81.61 -33.49
C GLU O 181 -70.68 81.73 -32.61
N VAL O 182 -71.61 80.79 -32.79
CA VAL O 182 -72.92 80.83 -32.14
C VAL O 182 -73.07 79.71 -31.11
N PRO O 183 -73.79 79.95 -30.00
CA PRO O 183 -74.29 78.83 -29.18
C PRO O 183 -75.70 78.39 -29.56
N SER O 184 -76.25 77.43 -28.81
CA SER O 184 -77.63 76.97 -29.00
C SER O 184 -78.50 77.65 -27.96
N TYR O 185 -79.07 78.80 -28.32
CA TYR O 185 -79.83 79.62 -27.40
C TYR O 185 -81.28 79.74 -27.88
N GLU O 186 -82.22 79.63 -26.94
CA GLU O 186 -83.62 79.92 -27.24
C GLU O 186 -84.23 80.72 -26.10
N PHE O 187 -84.89 81.82 -26.44
CA PHE O 187 -85.36 82.78 -25.46
C PHE O 187 -86.58 82.21 -24.73
N THR O 188 -86.51 82.15 -23.40
CA THR O 188 -87.64 81.76 -22.59
C THR O 188 -88.30 82.97 -21.96
N SER O 189 -89.63 82.87 -21.85
CA SER O 189 -90.58 83.93 -22.20
C SER O 189 -90.31 85.25 -21.49
N ASP O 190 -90.27 85.24 -20.15
CA ASP O 190 -90.23 86.51 -19.43
C ASP O 190 -88.86 87.17 -19.50
N ASP O 191 -87.85 86.55 -18.89
CA ASP O 191 -86.54 87.18 -18.77
C ASP O 191 -85.36 86.29 -19.11
N MET O 192 -85.57 85.06 -19.56
CA MET O 192 -84.44 84.15 -19.59
C MET O 192 -84.21 83.61 -21.00
N VAL O 193 -83.19 82.76 -21.10
CA VAL O 193 -82.84 82.08 -22.34
C VAL O 193 -82.13 80.79 -21.95
N ILE O 194 -82.59 79.68 -22.52
CA ILE O 194 -81.89 78.42 -22.36
C ILE O 194 -80.71 78.42 -23.32
N VAL O 195 -79.50 78.41 -22.76
CA VAL O 195 -78.26 78.52 -23.51
C VAL O 195 -77.53 77.19 -23.36
N GLY O 196 -77.16 76.59 -24.48
CA GLY O 196 -76.48 75.31 -24.49
C GLY O 196 -75.43 75.17 -25.56
N SER P 9 -1.14 14.41 12.94
CA SER P 9 0.19 14.82 12.51
C SER P 9 0.15 15.40 11.11
N SER P 10 1.24 15.20 10.37
CA SER P 10 1.36 15.80 9.04
C SER P 10 0.44 15.14 8.04
N LYS P 11 0.01 13.90 8.28
CA LYS P 11 -0.90 13.23 7.35
C LYS P 11 -2.28 13.87 7.36
N TRP P 12 -2.68 14.46 8.48
CA TRP P 12 -4.03 14.99 8.60
C TRP P 12 -4.17 16.30 7.83
N LEU P 13 -3.15 17.16 7.88
CA LEU P 13 -3.18 18.42 7.14
C LEU P 13 -3.27 18.16 5.64
N GLU P 14 -2.55 17.15 5.16
CA GLU P 14 -2.60 16.81 3.74
C GLU P 14 -3.98 16.28 3.35
N GLY P 15 -4.65 15.58 4.26
CA GLY P 15 -6.00 15.12 3.97
C GLY P 15 -7.00 16.27 3.89
N ILE P 16 -6.82 17.28 4.74
CA ILE P 16 -7.61 18.51 4.63
C ILE P 16 -7.37 19.17 3.28
N ARG P 17 -6.10 19.19 2.85
CA ARG P 17 -5.75 19.77 1.56
C ARG P 17 -6.41 19.02 0.40
N LYS P 18 -6.44 17.70 0.47
CA LYS P 18 -7.05 16.90 -0.59
C LYS P 18 -8.56 17.09 -0.63
N TRP P 19 -9.20 17.14 0.55
CA TRP P 19 -10.63 17.45 0.61
C TRP P 19 -10.91 18.82 0.04
N TYR P 20 -10.09 19.80 0.37
CA TYR P 20 -10.37 21.15 -0.07
C TYR P 20 -10.15 21.29 -1.57
N TYR P 21 -9.17 20.58 -2.09
CA TYR P 21 -8.92 20.58 -3.51
C TYR P 21 -10.06 19.93 -4.27
N ASN P 22 -10.69 18.91 -3.70
CA ASN P 22 -11.85 18.35 -4.38
C ASN P 22 -13.07 19.25 -4.25
N ALA P 23 -13.23 19.90 -3.11
CA ALA P 23 -14.42 20.73 -2.92
C ALA P 23 -14.26 22.12 -3.51
N ALA P 24 -13.08 22.45 -4.04
CA ALA P 24 -12.86 23.78 -4.57
C ALA P 24 -13.62 24.00 -5.87
N GLY P 25 -13.63 23.00 -6.73
CA GLY P 25 -14.43 23.02 -7.93
C GLY P 25 -13.65 23.21 -9.21
N PHE P 26 -12.44 23.75 -9.12
CA PHE P 26 -11.69 23.99 -10.35
C PHE P 26 -10.98 22.75 -10.86
N ASN P 27 -11.23 21.60 -10.29
CA ASN P 27 -10.89 20.34 -10.91
C ASN P 27 -12.04 19.76 -11.71
N LYS P 28 -13.24 20.29 -11.55
CA LYS P 28 -14.41 19.84 -12.29
C LYS P 28 -14.53 20.50 -13.65
N LEU P 29 -13.82 21.60 -13.86
CA LEU P 29 -13.71 22.22 -15.17
C LEU P 29 -12.35 21.97 -15.79
N GLY P 30 -11.65 20.94 -15.33
CA GLY P 30 -10.41 20.53 -15.93
C GLY P 30 -9.25 21.46 -15.74
N LEU P 31 -9.41 22.54 -14.99
CA LEU P 31 -8.34 23.51 -14.89
C LEU P 31 -7.23 22.99 -14.00
N MET P 32 -6.12 23.70 -13.98
CA MET P 32 -5.09 23.42 -13.00
C MET P 32 -4.86 24.64 -12.13
N ARG P 33 -3.90 24.50 -11.21
CA ARG P 33 -3.75 25.43 -10.10
C ARG P 33 -3.33 26.80 -10.58
N ASP P 34 -2.40 26.83 -11.52
CA ASP P 34 -1.79 28.09 -11.95
C ASP P 34 -2.55 28.75 -13.07
N ASP P 35 -3.83 28.43 -13.22
CA ASP P 35 -4.62 28.99 -14.29
C ASP P 35 -5.77 29.81 -13.75
N THR P 36 -5.82 30.01 -12.44
CA THR P 36 -6.86 30.79 -11.79
C THR P 36 -6.30 32.03 -11.13
N ILE P 37 -5.09 32.43 -11.48
CA ILE P 37 -4.40 33.46 -10.75
C ILE P 37 -4.92 34.84 -11.15
N HIS P 38 -5.16 35.68 -10.16
CA HIS P 38 -5.64 37.02 -10.40
C HIS P 38 -4.51 37.93 -10.83
N GLU P 39 -4.78 38.77 -11.82
CA GLU P 39 -3.75 39.56 -12.48
C GLU P 39 -3.51 40.89 -11.77
N ASN P 40 -2.32 41.03 -11.22
CA ASN P 40 -1.64 42.32 -11.13
C ASN P 40 -0.76 42.43 -12.36
N ASP P 41 0.14 43.41 -12.39
CA ASP P 41 1.11 43.41 -13.48
C ASP P 41 2.24 42.41 -13.26
N ASP P 42 2.45 41.96 -12.03
CA ASP P 42 3.45 40.93 -11.79
C ASP P 42 3.01 39.60 -12.38
N VAL P 43 1.73 39.30 -12.26
CA VAL P 43 1.14 38.15 -12.93
C VAL P 43 1.26 38.29 -14.43
N LYS P 44 1.10 39.50 -14.94
CA LYS P 44 1.21 39.70 -16.38
C LYS P 44 2.64 39.52 -16.87
N GLU P 45 3.62 39.87 -16.04
CA GLU P 45 5.01 39.58 -16.40
C GLU P 45 5.29 38.08 -16.38
N ALA P 46 4.73 37.37 -15.39
CA ALA P 46 4.94 35.93 -15.30
C ALA P 46 4.26 35.20 -16.45
N ILE P 47 3.11 35.70 -16.89
CA ILE P 47 2.46 35.13 -18.06
C ILE P 47 3.23 35.48 -19.33
N ARG P 48 3.87 36.64 -19.37
CA ARG P 48 4.67 36.99 -20.53
C ARG P 48 5.90 36.11 -20.66
N ARG P 49 6.50 35.72 -19.54
CA ARG P 49 7.78 35.04 -19.53
C ARG P 49 7.69 33.51 -19.67
N LEU P 50 6.55 32.97 -20.06
CA LEU P 50 6.41 31.53 -20.06
C LEU P 50 7.05 30.89 -21.30
N PRO P 51 7.39 29.61 -21.21
CA PRO P 51 7.72 28.85 -22.43
C PRO P 51 6.48 28.63 -23.27
N GLU P 52 6.70 28.43 -24.57
CA GLU P 52 5.63 28.55 -25.54
C GLU P 52 4.64 27.41 -25.45
N ASN P 53 5.12 26.19 -25.23
CA ASN P 53 4.25 25.03 -25.24
C ASN P 53 3.30 25.01 -24.07
N LEU P 54 3.79 25.30 -22.86
CA LEU P 54 2.90 25.40 -21.71
C LEU P 54 1.97 26.59 -21.82
N TYR P 55 2.39 27.65 -22.50
CA TYR P 55 1.47 28.76 -22.71
C TYR P 55 0.32 28.35 -23.61
N ASN P 56 0.61 27.55 -24.63
CA ASN P 56 -0.44 27.06 -25.51
C ASN P 56 -1.37 26.09 -24.77
N ASP P 57 -0.80 25.27 -23.89
CA ASP P 57 -1.66 24.36 -23.15
C ASP P 57 -2.52 25.11 -22.13
N ARG P 58 -1.97 26.18 -21.56
CA ARG P 58 -2.73 27.04 -20.67
C ARG P 58 -3.91 27.66 -21.38
N VAL P 59 -3.69 28.16 -22.60
CA VAL P 59 -4.81 28.83 -23.24
C VAL P 59 -5.83 27.81 -23.72
N PHE P 60 -5.42 26.59 -24.01
CA PHE P 60 -6.42 25.59 -24.38
C PHE P 60 -7.28 25.19 -23.20
N ARG P 61 -6.67 24.99 -22.03
CA ARG P 61 -7.45 24.61 -20.87
C ARG P 61 -8.38 25.72 -20.43
N ILE P 62 -7.91 26.97 -20.51
CA ILE P 62 -8.74 28.13 -20.19
C ILE P 62 -9.91 28.23 -21.16
N LYS P 63 -9.67 27.95 -22.43
CA LYS P 63 -10.75 28.11 -23.39
C LYS P 63 -11.79 27.02 -23.25
N ARG P 64 -11.36 25.79 -22.91
CA ARG P 64 -12.36 24.76 -22.59
C ARG P 64 -13.15 25.11 -21.35
N ALA P 65 -12.50 25.75 -20.38
CA ALA P 65 -13.21 26.10 -19.15
C ALA P 65 -14.24 27.18 -19.40
N LEU P 66 -13.89 28.18 -20.19
CA LEU P 66 -14.85 29.23 -20.50
C LEU P 66 -16.00 28.70 -21.34
N ASP P 67 -15.71 27.74 -22.21
CA ASP P 67 -16.78 27.07 -22.97
C ASP P 67 -17.74 26.34 -22.05
N LEU P 68 -17.21 25.50 -21.15
CA LEU P 68 -18.06 24.69 -20.30
C LEU P 68 -18.85 25.53 -19.33
N SER P 69 -18.27 26.63 -18.86
CA SER P 69 -19.06 27.51 -18.01
C SER P 69 -20.03 28.34 -18.82
N MET P 70 -19.80 28.50 -20.12
CA MET P 70 -20.80 29.14 -20.96
C MET P 70 -22.05 28.30 -21.09
N ARG P 71 -21.90 27.00 -21.33
CA ARG P 71 -23.10 26.17 -21.25
C ARG P 71 -23.30 25.57 -19.87
N GLN P 72 -22.55 26.04 -18.86
CA GLN P 72 -22.83 25.81 -17.43
C GLN P 72 -22.82 24.33 -17.08
N GLN P 73 -21.88 23.61 -17.67
CA GLN P 73 -21.87 22.17 -17.72
C GLN P 73 -20.53 21.66 -17.25
N ILE P 74 -20.53 20.68 -16.41
CA ILE P 74 -19.30 20.13 -15.86
C ILE P 74 -18.84 18.98 -16.73
N LEU P 75 -17.51 18.84 -16.89
CA LEU P 75 -16.81 17.69 -17.45
C LEU P 75 -17.25 16.36 -16.87
N PRO P 76 -16.99 15.25 -17.55
CA PRO P 76 -17.22 13.93 -16.94
C PRO P 76 -16.35 13.64 -15.73
N LYS P 77 -16.55 12.45 -15.18
CA LYS P 77 -15.76 12.03 -14.02
C LYS P 77 -14.29 11.83 -14.39
N GLU P 78 -14.05 11.26 -15.56
CA GLU P 78 -12.72 10.74 -15.89
C GLU P 78 -11.70 11.82 -16.23
N GLN P 79 -12.14 13.02 -16.62
CA GLN P 79 -11.21 14.03 -17.07
C GLN P 79 -10.84 15.03 -16.00
N TRP P 80 -11.13 14.73 -14.73
CA TRP P 80 -10.78 15.65 -13.66
C TRP P 80 -9.29 15.54 -13.38
N THR P 81 -8.63 16.67 -13.23
CA THR P 81 -7.20 16.69 -12.93
C THR P 81 -7.03 16.31 -11.47
N LYS P 82 -6.48 15.13 -11.22
CA LYS P 82 -6.44 14.62 -9.87
C LYS P 82 -5.38 15.36 -9.06
N TYR P 83 -5.47 15.21 -7.74
CA TYR P 83 -4.69 16.02 -6.83
C TYR P 83 -3.23 15.68 -6.90
N GLU P 84 -2.39 16.72 -6.84
CA GLU P 84 -0.91 16.67 -6.81
C GLU P 84 -0.30 15.88 -7.97
N GLU P 85 -0.98 15.85 -9.11
CA GLU P 85 -0.31 15.59 -10.38
C GLU P 85 -0.39 16.78 -11.32
N ASP P 86 -1.05 17.85 -10.91
CA ASP P 86 -1.05 19.10 -11.67
C ASP P 86 0.31 19.77 -11.59
N LYS P 87 0.67 20.46 -12.66
CA LYS P 87 1.98 21.09 -12.73
C LYS P 87 1.94 22.43 -12.01
N PHE P 88 2.82 22.59 -11.03
CA PHE P 88 2.88 23.78 -10.20
C PHE P 88 3.82 24.82 -10.79
N TYR P 89 3.61 25.12 -12.07
CA TYR P 89 4.66 25.73 -12.88
C TYR P 89 4.87 27.21 -12.59
N LEU P 90 3.85 27.93 -12.13
CA LEU P 90 3.96 29.37 -12.11
C LEU P 90 4.79 29.91 -10.93
N GLU P 91 4.86 29.17 -9.82
CA GLU P 91 5.50 29.64 -8.59
C GLU P 91 7.00 29.96 -8.72
N PRO P 92 7.82 29.24 -9.51
CA PRO P 92 9.16 29.78 -9.82
C PRO P 92 9.15 31.14 -10.48
N TYR P 93 8.37 31.30 -11.55
CA TYR P 93 8.40 32.53 -12.33
C TYR P 93 7.80 33.70 -11.55
N LEU P 94 6.62 33.50 -10.97
CA LEU P 94 6.00 34.54 -10.19
C LEU P 94 6.81 34.85 -8.93
N LYS P 95 7.47 33.83 -8.38
CA LYS P 95 8.37 34.02 -7.25
C LYS P 95 9.51 34.96 -7.63
N GLU P 96 10.10 34.77 -8.80
CA GLU P 96 11.20 35.64 -9.20
C GLU P 96 10.75 37.05 -9.55
N VAL P 97 9.53 37.20 -10.08
CA VAL P 97 9.03 38.53 -10.39
C VAL P 97 8.79 39.33 -9.12
N ILE P 98 8.17 38.69 -8.11
CA ILE P 98 7.99 39.34 -6.82
C ILE P 98 9.33 39.61 -6.14
N ARG P 99 10.31 38.74 -6.39
CA ARG P 99 11.65 38.96 -5.84
C ARG P 99 12.29 40.21 -6.43
N GLU P 100 12.13 40.41 -7.74
CA GLU P 100 12.65 41.63 -8.33
C GLU P 100 11.88 42.87 -7.88
N ARG P 101 10.59 42.69 -7.55
CA ARG P 101 9.80 43.78 -6.98
C ARG P 101 10.36 44.22 -5.62
N LYS P 102 10.65 43.24 -4.76
CA LYS P 102 11.27 43.50 -3.46
C LYS P 102 12.64 44.11 -3.62
N GLU P 103 13.35 43.71 -4.68
CA GLU P 103 14.68 44.26 -4.95
C GLU P 103 14.62 45.73 -5.32
N ARG P 104 13.67 46.13 -6.18
CA ARG P 104 13.48 47.55 -6.49
C ARG P 104 13.13 48.35 -5.25
N GLU P 105 12.25 47.81 -4.41
CA GLU P 105 11.84 48.55 -3.22
C GLU P 105 12.98 48.72 -2.22
N GLU P 106 13.71 47.64 -1.94
CA GLU P 106 14.83 47.70 -1.01
C GLU P 106 16.03 48.43 -1.57
N TRP P 107 16.12 48.57 -2.89
CA TRP P 107 17.23 49.36 -3.40
C TRP P 107 16.89 50.84 -3.37
N THR P 108 15.66 51.20 -3.75
CA THR P 108 15.30 52.62 -3.76
C THR P 108 14.92 53.16 -2.40
N LYS P 109 14.83 52.32 -1.37
CA LYS P 109 14.71 52.87 -0.03
C LYS P 109 15.99 52.66 0.78
N ARG Q 2 -11.14 49.46 -25.78
CA ARG Q 2 -10.74 48.14 -26.22
C ARG Q 2 -11.26 47.88 -27.60
N GLN Q 3 -10.37 47.74 -28.57
CA GLN Q 3 -10.80 47.36 -29.91
C GLN Q 3 -10.97 45.85 -29.97
N PHE Q 4 -11.15 45.33 -31.18
CA PHE Q 4 -11.48 43.92 -31.36
C PHE Q 4 -10.50 43.31 -32.35
N GLY Q 5 -9.51 42.58 -31.83
CA GLY Q 5 -8.55 41.92 -32.68
C GLY Q 5 -7.13 41.86 -32.13
N HIS Q 6 -6.78 42.73 -31.19
CA HIS Q 6 -5.45 42.72 -30.60
C HIS Q 6 -5.46 42.19 -29.17
N LEU Q 7 -6.31 41.22 -28.88
CA LEU Q 7 -6.46 40.85 -27.48
C LEU Q 7 -5.33 39.94 -27.03
N THR Q 8 -5.00 38.93 -27.82
CA THR Q 8 -4.07 37.90 -27.38
C THR Q 8 -3.49 37.21 -28.60
N ARG Q 9 -2.65 36.22 -28.35
CA ARG Q 9 -2.06 35.40 -29.39
C ARG Q 9 -2.44 33.95 -29.13
N VAL Q 10 -3.08 33.32 -30.10
CA VAL Q 10 -3.52 31.93 -29.99
C VAL Q 10 -3.09 31.17 -31.23
N ARG Q 11 -2.41 30.05 -31.02
CA ARG Q 11 -2.12 29.06 -32.06
C ARG Q 11 -2.91 27.80 -31.76
N HIS Q 12 -2.75 26.75 -32.61
CA HIS Q 12 -3.02 25.39 -32.23
C HIS Q 12 -4.48 25.17 -31.87
N VAL Q 13 -5.43 25.97 -32.38
CA VAL Q 13 -6.82 25.79 -31.95
C VAL Q 13 -7.71 25.71 -33.18
N ILE Q 14 -8.51 24.65 -33.27
CA ILE Q 14 -9.57 24.54 -34.27
C ILE Q 14 -10.91 24.59 -33.56
N THR Q 15 -11.74 25.56 -33.95
CA THR Q 15 -13.07 25.72 -33.42
C THR Q 15 -14.06 25.31 -34.50
N TYR Q 16 -14.76 24.20 -34.28
CA TYR Q 16 -15.88 23.87 -35.13
C TYR Q 16 -17.13 24.51 -34.56
N SER Q 17 -18.04 24.90 -35.45
CA SER Q 17 -19.37 25.28 -35.01
C SER Q 17 -20.33 25.17 -36.18
N LEU Q 18 -21.59 24.94 -35.86
CA LEU Q 18 -22.65 24.65 -36.83
C LEU Q 18 -23.65 25.81 -36.86
N SER Q 19 -24.37 25.92 -37.98
CA SER Q 19 -25.31 27.00 -38.21
C SER Q 19 -26.47 26.94 -37.22
N PRO Q 20 -27.20 28.03 -37.00
CA PRO Q 20 -28.37 27.93 -36.12
C PRO Q 20 -29.53 27.20 -36.75
N PHE Q 21 -29.61 27.18 -38.07
CA PHE Q 21 -30.82 26.64 -38.68
C PHE Q 21 -30.83 25.12 -38.68
N GLU Q 22 -29.74 24.49 -39.10
CA GLU Q 22 -29.78 23.05 -39.24
C GLU Q 22 -29.71 22.30 -37.92
N GLN Q 23 -29.46 23.00 -36.83
CA GLN Q 23 -29.64 22.39 -35.51
C GLN Q 23 -30.96 22.86 -34.93
N ARG Q 24 -31.41 22.15 -33.91
CA ARG Q 24 -32.75 22.39 -33.40
C ARG Q 24 -32.71 23.40 -32.27
N ALA Q 25 -33.91 23.71 -31.76
CA ALA Q 25 -34.03 24.70 -30.70
C ALA Q 25 -33.55 24.14 -29.35
N PHE Q 26 -34.22 23.09 -28.86
CA PHE Q 26 -34.00 22.58 -27.51
C PHE Q 26 -33.59 21.12 -27.57
N PRO Q 27 -32.33 20.83 -27.72
CA PRO Q 27 -31.88 19.44 -27.85
C PRO Q 27 -31.84 18.73 -26.50
N HIS Q 28 -32.74 17.75 -26.33
CA HIS Q 28 -32.90 16.96 -25.10
C HIS Q 28 -33.16 17.86 -23.89
N TYR Q 29 -34.17 18.71 -24.01
CA TYR Q 29 -34.39 19.75 -23.01
C TYR Q 29 -34.88 19.15 -21.70
N PHE Q 30 -35.85 18.24 -21.77
CA PHE Q 30 -36.31 17.55 -20.59
C PHE Q 30 -35.58 16.25 -20.37
N SER Q 31 -34.34 16.17 -20.82
CA SER Q 31 -33.64 14.90 -20.79
C SER Q 31 -32.27 15.10 -20.19
N LYS Q 32 -31.71 16.26 -20.41
CA LYS Q 32 -30.41 16.60 -19.87
C LYS Q 32 -30.45 17.86 -19.03
N GLY Q 33 -31.32 18.81 -19.37
CA GLY Q 33 -31.39 20.04 -18.62
C GLY Q 33 -31.92 19.86 -17.21
N ILE Q 34 -32.78 18.87 -17.00
CA ILE Q 34 -33.29 18.63 -15.66
C ILE Q 34 -32.26 17.95 -14.74
N PRO Q 35 -31.46 16.95 -15.17
CA PRO Q 35 -30.30 16.59 -14.33
C PRO Q 35 -29.26 17.67 -14.24
N ASN Q 36 -29.21 18.56 -15.23
CA ASN Q 36 -28.29 19.68 -15.19
C ASN Q 36 -28.64 20.63 -14.05
N VAL Q 37 -29.92 20.98 -13.92
CA VAL Q 37 -30.29 21.92 -12.88
C VAL Q 37 -30.23 21.25 -11.53
N LEU Q 38 -30.47 19.93 -11.45
CA LEU Q 38 -30.33 19.29 -10.15
C LEU Q 38 -28.89 19.19 -9.71
N ARG Q 39 -27.97 19.00 -10.64
CA ARG Q 39 -26.56 19.00 -10.28
C ARG Q 39 -26.11 20.40 -9.83
N ARG Q 40 -26.61 21.45 -10.51
CA ARG Q 40 -26.30 22.81 -10.10
C ARG Q 40 -26.82 23.09 -8.69
N THR Q 41 -27.99 22.55 -8.35
CA THR Q 41 -28.52 22.76 -7.00
C THR Q 41 -27.72 21.98 -5.98
N ARG Q 42 -27.17 20.82 -6.38
CA ARG Q 42 -26.29 20.07 -5.49
C ARG Q 42 -25.04 20.87 -5.16
N ALA Q 43 -24.54 21.65 -6.12
CA ALA Q 43 -23.27 22.34 -5.87
C ALA Q 43 -23.38 23.54 -4.91
N CYS Q 44 -24.56 23.90 -4.44
CA CYS Q 44 -24.65 25.18 -3.74
C CYS Q 44 -25.32 25.12 -2.37
N ILE Q 45 -26.34 24.28 -2.20
CA ILE Q 45 -27.27 24.48 -1.09
C ILE Q 45 -26.67 24.16 0.26
N LEU Q 46 -25.62 23.33 0.29
CA LEU Q 46 -24.90 23.05 1.53
C LEU Q 46 -24.30 24.32 2.13
N ARG Q 47 -23.96 25.27 1.28
CA ARG Q 47 -23.32 26.51 1.69
C ARG Q 47 -24.18 27.70 1.30
N VAL Q 48 -25.44 27.46 0.98
CA VAL Q 48 -26.44 28.51 0.82
C VAL Q 48 -27.46 28.49 1.96
N ALA Q 49 -28.04 27.33 2.25
CA ALA Q 49 -29.06 27.20 3.29
C ALA Q 49 -28.68 27.50 4.75
N PRO Q 50 -27.52 27.10 5.30
CA PRO Q 50 -27.25 27.34 6.75
C PRO Q 50 -27.20 28.79 7.18
N PRO Q 51 -27.03 29.76 6.28
CA PRO Q 51 -27.50 31.10 6.65
C PRO Q 51 -29.00 31.22 6.78
N PHE Q 52 -29.75 30.73 5.80
CA PHE Q 52 -31.17 31.08 5.72
C PHE Q 52 -32.01 30.36 6.77
N VAL Q 53 -31.70 29.11 7.09
CA VAL Q 53 -32.50 28.45 8.11
C VAL Q 53 -32.18 28.98 9.50
N VAL Q 54 -30.93 29.41 9.71
CA VAL Q 54 -30.57 30.02 10.98
C VAL Q 54 -31.27 31.35 11.15
N PHE Q 55 -31.32 32.15 10.07
CA PHE Q 55 -32.18 33.32 10.02
C PHE Q 55 -33.62 32.98 10.32
N TYR Q 56 -34.09 31.85 9.82
CA TYR Q 56 -35.50 31.53 9.99
C TYR Q 56 -35.81 31.17 11.42
N LEU Q 57 -34.95 30.39 12.06
CA LEU Q 57 -35.21 30.04 13.45
C LEU Q 57 -35.09 31.24 14.35
N VAL Q 58 -34.17 32.16 14.04
CA VAL Q 58 -34.08 33.38 14.81
C VAL Q 58 -35.31 34.25 14.60
N TYR Q 59 -35.90 34.20 13.40
CA TYR Q 59 -37.14 34.93 13.15
C TYR Q 59 -38.30 34.37 13.98
N THR Q 60 -38.43 33.05 14.01
CA THR Q 60 -39.48 32.43 14.81
C THR Q 60 -39.29 32.72 16.29
N TRP Q 61 -38.04 32.62 16.76
CA TRP Q 61 -37.74 32.92 18.15
C TRP Q 61 -37.96 34.38 18.48
N GLY Q 62 -37.74 35.27 17.52
CA GLY Q 62 -37.95 36.69 17.77
C GLY Q 62 -39.42 37.02 17.94
N THR Q 63 -40.26 36.49 17.05
CA THR Q 63 -41.70 36.66 17.21
C THR Q 63 -42.19 35.97 18.48
N GLN Q 64 -41.55 34.85 18.85
CA GLN Q 64 -41.91 34.15 20.07
C GLN Q 64 -41.62 35.00 21.30
N GLU Q 65 -40.44 35.62 21.35
CA GLU Q 65 -40.10 36.48 22.49
C GLU Q 65 -40.99 37.69 22.53
N PHE Q 66 -41.35 38.22 21.35
CA PHE Q 66 -42.29 39.33 21.25
C PHE Q 66 -43.61 39.00 21.93
N GLU Q 67 -44.21 37.88 21.55
CA GLU Q 67 -45.53 37.56 22.09
C GLU Q 67 -45.46 37.17 23.57
N LYS Q 68 -44.48 36.34 23.95
CA LYS Q 68 -44.47 35.92 25.34
C LYS Q 68 -43.97 36.98 26.30
N SER Q 69 -43.26 38.01 25.81
CA SER Q 69 -42.82 39.08 26.68
C SER Q 69 -43.72 40.30 26.61
N LYS Q 70 -44.60 40.38 25.62
CA LYS Q 70 -45.63 41.40 25.68
C LYS Q 70 -46.87 40.90 26.40
N ARG Q 71 -47.08 39.59 26.42
CA ARG Q 71 -48.20 38.99 27.14
C ARG Q 71 -47.62 38.22 28.32
N LYS Q 72 -47.85 38.73 29.53
CA LYS Q 72 -46.97 38.44 30.66
C LYS Q 72 -47.51 37.38 31.61
N ASN Q 73 -48.82 37.42 31.92
CA ASN Q 73 -49.52 36.53 32.86
C ASN Q 73 -48.86 36.52 34.23
N PRO Q 74 -49.02 37.58 35.04
CA PRO Q 74 -48.43 37.59 36.39
C PRO Q 74 -49.17 36.70 37.36
N ALA Q 75 -48.83 36.81 38.65
CA ALA Q 75 -49.55 36.13 39.71
C ALA Q 75 -50.20 37.18 40.60
N ALA Q 76 -51.50 37.36 40.45
CA ALA Q 76 -52.23 38.34 41.23
C ALA Q 76 -53.71 37.97 41.34
N LEU R 13 -85.72 38.97 10.88
CA LEU R 13 -85.09 40.07 11.59
C LEU R 13 -83.85 39.58 12.33
N VAL R 14 -83.74 38.26 12.45
CA VAL R 14 -82.59 37.64 13.10
C VAL R 14 -81.45 37.52 12.09
N ASP R 15 -80.30 38.12 12.42
CA ASP R 15 -79.14 37.99 11.56
C ASP R 15 -78.57 36.56 11.65
N PRO R 16 -77.92 36.09 10.60
CA PRO R 16 -77.17 34.83 10.71
C PRO R 16 -75.85 35.00 11.43
N LEU R 17 -75.45 36.24 11.71
CA LEU R 17 -74.19 36.50 12.41
C LEU R 17 -74.24 35.98 13.84
N THR R 18 -75.27 36.35 14.57
CA THR R 18 -75.46 35.82 15.92
C THR R 18 -75.71 34.32 15.87
N THR R 19 -76.32 33.84 14.78
CA THR R 19 -76.58 32.42 14.61
C THR R 19 -75.30 31.63 14.56
N VAL R 20 -74.38 32.01 13.66
CA VAL R 20 -73.13 31.29 13.54
C VAL R 20 -72.22 31.57 14.74
N ARG R 21 -72.39 32.72 15.40
CA ARG R 21 -71.64 33.01 16.61
C ARG R 21 -72.04 32.05 17.73
N GLU R 22 -73.34 31.81 17.87
CA GLU R 22 -73.83 30.79 18.78
C GLU R 22 -73.38 29.40 18.33
N GLN R 23 -73.36 29.21 17.03
CA GLN R 23 -73.35 27.88 16.44
C GLN R 23 -71.96 27.27 16.37
N CYS R 24 -70.91 28.09 16.20
CA CYS R 24 -69.59 27.52 15.99
C CYS R 24 -69.00 26.95 17.28
N GLU R 25 -69.30 27.56 18.41
CA GLU R 25 -68.56 27.36 19.66
C GLU R 25 -69.22 26.34 20.57
N GLN R 26 -69.75 25.26 19.99
CA GLN R 26 -70.39 24.18 20.74
C GLN R 26 -69.45 23.52 21.73
N LEU R 27 -68.41 22.84 21.23
CA LEU R 27 -67.36 22.27 22.07
C LEU R 27 -66.03 22.55 21.40
N GLU R 28 -65.14 23.25 22.10
CA GLU R 28 -63.96 23.78 21.46
C GLU R 28 -62.96 24.19 22.53
N LYS R 29 -61.71 24.34 22.10
CA LYS R 29 -60.74 25.07 22.91
C LYS R 29 -61.12 26.53 23.09
N CYS R 30 -62.01 27.09 22.25
CA CYS R 30 -62.70 28.33 22.59
C CYS R 30 -63.45 28.21 23.91
N VAL R 31 -64.15 27.09 24.12
CA VAL R 31 -64.88 26.90 25.37
C VAL R 31 -63.91 26.63 26.51
N LYS R 32 -62.81 25.93 26.23
CA LYS R 32 -61.73 25.79 27.22
C LYS R 32 -61.16 27.14 27.61
N ALA R 33 -60.95 28.03 26.65
CA ALA R 33 -60.45 29.35 26.98
C ALA R 33 -61.50 30.22 27.65
N ARG R 34 -62.79 29.94 27.43
CA ARG R 34 -63.81 30.59 28.25
C ARG R 34 -63.72 30.15 29.70
N GLU R 35 -63.41 28.87 29.92
CA GLU R 35 -63.26 28.41 31.29
C GLU R 35 -62.00 28.97 31.92
N ARG R 36 -60.94 29.12 31.13
CA ARG R 36 -59.75 29.83 31.57
C ARG R 36 -60.06 31.28 31.92
N LEU R 37 -60.87 31.93 31.08
CA LEU R 37 -61.29 33.31 31.33
C LEU R 37 -62.10 33.44 32.60
N GLU R 38 -63.00 32.48 32.85
CA GLU R 38 -63.78 32.58 34.08
C GLU R 38 -62.93 32.26 35.30
N LEU R 39 -61.89 31.44 35.15
CA LEU R 39 -60.94 31.21 36.25
C LEU R 39 -60.19 32.49 36.60
N CYS R 40 -59.60 33.16 35.60
CA CYS R 40 -58.94 34.43 35.92
C CYS R 40 -59.93 35.53 36.29
N ASP R 41 -61.17 35.40 35.86
CA ASP R 41 -62.21 36.37 36.23
C ASP R 41 -62.60 36.20 37.70
N GLU R 42 -62.69 34.95 38.17
CA GLU R 42 -62.90 34.72 39.59
C GLU R 42 -61.71 35.16 40.42
N ARG R 43 -60.49 35.02 39.87
CA ARG R 43 -59.32 35.59 40.53
C ARG R 43 -59.41 37.11 40.61
N VAL R 44 -59.87 37.75 39.55
CA VAL R 44 -60.00 39.21 39.56
C VAL R 44 -61.08 39.65 40.55
N SER R 45 -62.26 39.04 40.47
CA SER R 45 -63.39 39.50 41.26
C SER R 45 -63.23 39.16 42.74
N SER R 46 -62.60 38.03 43.06
CA SER R 46 -62.40 37.61 44.43
C SER R 46 -61.09 38.14 45.01
N ARG R 47 -60.49 39.15 44.40
CA ARG R 47 -59.37 39.84 44.99
C ARG R 47 -59.54 41.33 44.74
N SER R 48 -59.62 42.09 45.83
CA SER R 48 -60.09 43.47 45.80
C SER R 48 -58.98 44.38 45.30
N GLN R 49 -59.10 44.81 44.04
CA GLN R 49 -58.42 45.99 43.49
C GLN R 49 -56.90 45.82 43.45
N THR R 50 -56.48 44.82 42.70
CA THR R 50 -55.09 44.65 42.30
C THR R 50 -54.95 45.06 40.83
N GLU R 51 -53.79 44.76 40.24
CA GLU R 51 -53.50 45.17 38.87
C GLU R 51 -54.08 44.24 37.80
N GLU R 52 -53.96 42.93 38.00
CA GLU R 52 -54.26 41.96 36.96
C GLU R 52 -55.76 41.96 36.67
N ASP R 53 -56.10 41.97 35.38
CA ASP R 53 -57.47 42.25 34.98
C ASP R 53 -58.13 41.20 34.09
N CYS R 54 -57.41 40.14 33.68
CA CYS R 54 -57.95 39.00 32.93
C CYS R 54 -58.57 39.46 31.61
N THR R 55 -57.70 39.90 30.71
CA THR R 55 -58.14 40.52 29.47
C THR R 55 -57.46 39.89 28.27
N GLU R 56 -56.22 39.42 28.49
CA GLU R 56 -55.43 38.68 27.49
C GLU R 56 -56.21 37.48 26.94
N GLU R 57 -56.80 36.70 27.85
CA GLU R 57 -57.62 35.56 27.45
C GLU R 57 -58.82 36.00 26.65
N LEU R 58 -59.43 37.11 27.05
CA LEU R 58 -60.64 37.59 26.39
C LEU R 58 -60.37 37.91 24.94
N PHE R 59 -59.28 38.65 24.69
CA PHE R 59 -58.82 38.91 23.34
C PHE R 59 -58.55 37.64 22.57
N ASP R 60 -57.83 36.67 23.16
CA ASP R 60 -57.35 35.60 22.29
C ASP R 60 -58.44 34.60 21.93
N PHE R 61 -59.38 34.30 22.84
CA PHE R 61 -60.43 33.44 22.32
C PHE R 61 -61.49 34.20 21.55
N LEU R 62 -61.64 35.53 21.70
CA LEU R 62 -62.60 36.14 20.79
C LEU R 62 -62.04 36.18 19.38
N HIS R 63 -60.71 36.27 19.25
CA HIS R 63 -60.07 35.99 17.97
C HIS R 63 -60.37 34.58 17.47
N ALA R 64 -60.22 33.59 18.36
CA ALA R 64 -60.43 32.21 17.96
C ALA R 64 -61.87 31.96 17.48
N ARG R 65 -62.84 32.50 18.22
CA ARG R 65 -64.24 32.29 17.84
C ARG R 65 -64.59 33.07 16.58
N ASP R 66 -64.01 34.25 16.37
CA ASP R 66 -64.38 34.97 15.15
C ASP R 66 -63.74 34.34 13.95
N HIS R 67 -62.60 33.67 14.11
CA HIS R 67 -62.06 32.95 12.96
C HIS R 67 -62.88 31.71 12.63
N CYS R 68 -63.30 30.95 13.64
CA CYS R 68 -64.07 29.74 13.33
C CYS R 68 -65.45 30.09 12.79
N VAL R 69 -66.00 31.23 13.23
CA VAL R 69 -67.22 31.77 12.68
C VAL R 69 -67.02 32.24 11.24
N ALA R 70 -65.91 32.95 11.00
CA ALA R 70 -65.59 33.44 9.66
C ALA R 70 -65.33 32.33 8.67
N HIS R 71 -65.03 31.11 9.17
CA HIS R 71 -64.87 29.98 8.29
C HIS R 71 -66.14 29.65 7.52
N LYS R 72 -67.31 29.84 8.12
CA LYS R 72 -68.57 29.48 7.47
C LYS R 72 -69.61 30.57 7.65
N LEU R 73 -69.21 31.81 7.40
CA LEU R 73 -70.14 32.90 7.68
C LEU R 73 -70.98 33.27 6.46
N PHE R 74 -70.42 33.18 5.27
CA PHE R 74 -71.04 33.77 4.09
C PHE R 74 -72.07 32.86 3.43
N ASN R 75 -72.58 31.88 4.15
CA ASN R 75 -73.50 30.91 3.57
C ASN R 75 -74.85 31.55 3.29
N SER R 76 -75.54 31.98 4.34
CA SER R 76 -76.93 32.42 4.20
C SER R 76 -77.05 33.93 4.12
N LEU R 77 -76.10 34.59 3.48
CA LEU R 77 -76.15 36.03 3.29
C LEU R 77 -76.69 36.40 1.92
N UNK S 1 16.29 27.43 -82.29
CA UNK S 1 15.63 28.09 -81.17
C UNK S 1 15.93 29.58 -81.16
N UNK S 2 15.31 30.32 -82.07
CA UNK S 2 15.54 31.76 -82.21
C UNK S 2 14.53 32.58 -81.42
N UNK S 3 14.37 32.28 -80.13
CA UNK S 3 13.41 33.00 -79.30
C UNK S 3 13.88 32.98 -77.86
N UNK S 4 13.08 33.59 -76.98
CA UNK S 4 13.42 33.71 -75.58
C UNK S 4 12.71 32.70 -74.69
N UNK S 5 11.43 32.44 -74.96
CA UNK S 5 10.69 31.49 -74.14
C UNK S 5 10.98 30.04 -74.54
N UNK S 6 11.38 29.81 -75.78
CA UNK S 6 11.69 28.46 -76.22
C UNK S 6 13.00 27.96 -75.65
N UNK S 7 13.86 28.86 -75.18
CA UNK S 7 15.05 28.45 -74.44
C UNK S 7 14.73 27.99 -73.03
N UNK S 8 13.59 28.41 -72.49
CA UNK S 8 12.93 27.84 -71.30
C UNK S 8 13.78 27.92 -70.04
N UNK S 9 14.71 28.87 -69.98
CA UNK S 9 15.57 28.96 -68.81
C UNK S 9 15.78 30.37 -68.28
N UNK S 10 15.44 31.43 -69.02
CA UNK S 10 15.70 32.79 -68.59
C UNK S 10 14.67 33.28 -67.58
N UNK S 11 14.60 34.59 -67.38
CA UNK S 11 13.55 35.20 -66.58
C UNK S 11 12.73 36.15 -67.45
N UNK S 12 11.47 36.34 -67.07
CA UNK S 12 10.57 37.18 -67.84
C UNK S 12 9.46 37.65 -66.92
N UNK S 13 9.42 38.94 -66.61
CA UNK S 13 8.37 39.43 -65.75
C UNK S 13 7.13 39.77 -66.57
N UNK S 14 6.01 39.93 -65.86
CA UNK S 14 4.77 40.25 -66.55
C UNK S 14 3.85 41.02 -65.61
N UNK S 15 2.96 41.80 -66.21
CA UNK S 15 1.87 42.45 -65.49
C UNK S 15 0.72 42.62 -66.49
N UNK S 16 -0.42 43.11 -66.01
CA UNK S 16 -1.56 43.22 -66.91
C UNK S 16 -2.48 44.34 -66.47
N UNK S 17 -3.57 44.49 -67.21
CA UNK S 17 -4.63 45.43 -66.90
C UNK S 17 -5.82 44.74 -66.28
N UNK S 18 -6.13 43.54 -66.72
CA UNK S 18 -7.26 42.79 -66.17
C UNK S 18 -6.91 41.33 -65.93
N UNK S 19 -5.63 40.98 -65.91
CA UNK S 19 -5.19 39.61 -65.69
C UNK S 19 -4.14 39.59 -64.60
N UNK S 20 -3.91 38.41 -64.04
CA UNK S 20 -2.92 38.22 -62.99
C UNK S 20 -1.51 38.47 -63.51
N UNK S 21 -0.61 38.83 -62.60
CA UNK S 21 0.77 39.10 -62.94
C UNK S 21 1.65 37.96 -62.46
N UNK S 22 2.22 37.21 -63.39
CA UNK S 22 3.05 36.06 -63.09
C UNK S 22 4.42 36.25 -63.70
N UNK S 23 5.46 36.10 -62.90
CA UNK S 23 6.84 36.26 -63.32
C UNK S 23 7.53 34.92 -63.15
N UNK S 24 7.43 34.08 -64.17
CA UNK S 24 8.00 32.74 -64.07
C UNK S 24 8.54 32.33 -65.43
N UNK S 25 9.85 32.09 -65.47
CA UNK S 25 10.45 31.31 -66.53
C UNK S 25 11.63 30.59 -65.90
N UNK S 26 11.83 29.33 -66.30
CA UNK S 26 12.66 28.40 -65.55
C UNK S 26 14.16 28.69 -65.65
N PRO T 3 -45.76 20.71 -43.75
CA PRO T 3 -44.60 21.58 -43.52
C PRO T 3 -44.39 22.52 -44.69
N THR T 4 -44.84 22.08 -45.87
CA THR T 4 -44.77 22.93 -47.06
C THR T 4 -45.69 24.14 -46.92
N LEU T 5 -46.73 24.02 -46.09
CA LEU T 5 -47.56 25.16 -45.76
C LEU T 5 -46.78 26.23 -45.01
N THR T 6 -45.74 25.85 -44.27
CA THR T 6 -44.83 26.82 -43.72
C THR T 6 -43.78 27.22 -44.74
N ALA T 7 -43.44 26.30 -45.65
CA ALA T 7 -42.52 26.66 -46.73
C ALA T 7 -43.18 27.63 -47.70
N ARG T 8 -44.44 27.40 -48.06
CA ARG T 8 -45.09 28.35 -48.94
C ARG T 8 -45.42 29.64 -48.21
N LEU T 9 -45.56 29.59 -46.89
CA LEU T 9 -45.66 30.82 -46.12
C LEU T 9 -44.34 31.60 -46.15
N TYR T 10 -43.21 30.89 -46.13
CA TYR T 10 -41.93 31.54 -46.30
C TYR T 10 -41.79 32.15 -47.68
N SER T 11 -42.25 31.43 -48.70
CA SER T 11 -42.11 31.91 -50.06
C SER T 11 -43.04 33.09 -50.34
N LEU T 12 -44.18 33.15 -49.66
CA LEU T 12 -45.11 34.25 -49.90
C LEU T 12 -44.82 35.48 -49.05
N LEU T 13 -44.66 35.31 -47.74
CA LEU T 13 -44.73 36.43 -46.83
C LEU T 13 -43.45 36.68 -46.03
N PHE T 14 -42.42 35.87 -46.18
CA PHE T 14 -41.19 36.03 -45.43
C PHE T 14 -39.97 36.29 -46.29
N ARG T 15 -40.12 36.35 -47.60
CA ARG T 15 -38.96 36.58 -48.44
C ARG T 15 -38.52 38.03 -48.39
N ARG T 16 -39.44 38.94 -48.64
CA ARG T 16 -39.11 40.36 -48.72
C ARG T 16 -39.23 41.04 -47.36
N THR T 17 -38.58 42.20 -47.27
CA THR T 17 -38.51 42.92 -46.01
C THR T 17 -39.80 43.68 -45.73
N SER T 18 -40.17 44.58 -46.64
CA SER T 18 -41.37 45.40 -46.44
C SER T 18 -42.63 44.56 -46.50
N THR T 19 -42.59 43.45 -47.25
CA THR T 19 -43.67 42.47 -47.22
C THR T 19 -43.79 41.84 -45.84
N PHE T 20 -42.65 41.56 -45.19
CA PHE T 20 -42.69 41.02 -43.84
C PHE T 20 -43.25 42.03 -42.84
N ALA T 21 -42.88 43.30 -43.01
CA ALA T 21 -43.40 44.34 -42.12
C ALA T 21 -44.90 44.53 -42.30
N LEU T 22 -45.37 44.55 -43.55
CA LEU T 22 -46.79 44.70 -43.81
C LEU T 22 -47.57 43.48 -43.33
N THR T 23 -46.93 42.30 -43.40
CA THR T 23 -47.49 41.08 -42.85
C THR T 23 -47.75 41.21 -41.36
N ILE T 24 -46.73 41.66 -40.61
CA ILE T 24 -46.93 41.73 -39.17
C ILE T 24 -47.87 42.87 -38.81
N VAL T 25 -47.99 43.90 -39.66
CA VAL T 25 -48.99 44.94 -39.44
C VAL T 25 -50.39 44.35 -39.48
N VAL T 26 -50.71 43.62 -40.56
CA VAL T 26 -52.05 43.07 -40.70
C VAL T 26 -52.31 42.02 -39.63
N GLY T 27 -51.28 41.23 -39.29
CA GLY T 27 -51.44 40.22 -38.27
C GLY T 27 -51.68 40.79 -36.89
N ALA T 28 -50.92 41.82 -36.52
CA ALA T 28 -51.09 42.42 -35.20
C ALA T 28 -52.42 43.14 -35.10
N LEU T 29 -52.90 43.76 -36.17
CA LEU T 29 -54.19 44.44 -36.09
C LEU T 29 -55.35 43.45 -35.96
N PHE T 30 -55.37 42.40 -36.79
CA PHE T 30 -56.49 41.46 -36.69
C PHE T 30 -56.47 40.69 -35.38
N PHE T 31 -55.30 40.25 -34.95
CA PHE T 31 -55.26 39.52 -33.69
C PHE T 31 -55.51 40.44 -32.52
N GLU T 32 -55.17 41.72 -32.64
CA GLU T 32 -55.52 42.71 -31.62
C GLU T 32 -57.02 42.78 -31.43
N ARG T 33 -57.75 42.95 -32.54
CA ARG T 33 -59.21 43.03 -32.49
C ARG T 33 -59.83 41.77 -31.91
N ALA T 34 -59.53 40.61 -32.51
CA ALA T 34 -60.16 39.36 -32.08
C ALA T 34 -59.70 38.95 -30.68
N PHE T 35 -58.48 39.29 -30.30
CA PHE T 35 -57.99 38.88 -28.99
C PHE T 35 -58.56 39.74 -27.90
N ASP T 36 -58.79 41.03 -28.17
CA ASP T 36 -59.44 41.86 -27.17
C ASP T 36 -60.89 41.44 -26.97
N GLN T 37 -61.55 41.04 -28.07
CA GLN T 37 -62.91 40.48 -27.94
C GLN T 37 -62.92 39.21 -27.11
N GLY T 38 -61.97 38.31 -27.35
CA GLY T 38 -61.90 37.08 -26.58
C GLY T 38 -61.55 37.32 -25.12
N ALA T 39 -60.69 38.31 -24.86
CA ALA T 39 -60.28 38.59 -23.48
C ALA T 39 -61.42 39.18 -22.67
N ASP T 40 -62.17 40.12 -23.25
CA ASP T 40 -63.33 40.65 -22.56
C ASP T 40 -64.40 39.59 -22.38
N ALA T 41 -64.53 38.66 -23.34
CA ALA T 41 -65.46 37.56 -23.19
C ALA T 41 -65.09 36.65 -22.02
N ILE T 42 -63.79 36.39 -21.85
CA ILE T 42 -63.36 35.56 -20.73
C ILE T 42 -63.56 36.29 -19.41
N TYR T 43 -63.34 37.60 -19.40
CA TYR T 43 -63.52 38.35 -18.15
C TYR T 43 -64.99 38.43 -17.76
N GLU T 44 -65.90 38.52 -18.71
CA GLU T 44 -67.30 38.49 -18.33
C GLU T 44 -67.76 37.09 -17.97
N HIS T 45 -67.19 36.06 -18.62
CA HIS T 45 -67.54 34.69 -18.31
C HIS T 45 -67.13 34.31 -16.90
N ILE T 46 -66.00 34.84 -16.42
CA ILE T 46 -65.53 34.47 -15.09
C ILE T 46 -66.32 35.15 -13.98
N ASN T 47 -67.18 36.10 -14.32
CA ASN T 47 -68.09 36.64 -13.31
C ASN T 47 -69.56 36.39 -13.63
N GLU T 48 -70.05 36.87 -14.79
CA GLU T 48 -71.40 36.62 -15.33
C GLU T 48 -72.57 37.15 -14.48
N GLY T 49 -72.30 37.69 -13.30
CA GLY T 49 -73.37 38.17 -12.46
C GLY T 49 -72.93 39.34 -11.62
N LYS T 50 -71.72 39.82 -11.83
CA LYS T 50 -71.13 40.79 -10.95
C LYS T 50 -70.97 42.17 -11.56
N LEU T 51 -70.88 42.27 -12.88
CA LEU T 51 -70.63 43.53 -13.55
C LEU T 51 -71.84 44.45 -13.48
N TRP T 52 -71.61 45.67 -13.94
CA TRP T 52 -72.61 46.73 -14.00
C TRP T 52 -73.43 46.70 -15.26
N LYS T 53 -72.91 46.09 -16.31
CA LYS T 53 -73.53 46.20 -17.63
C LYS T 53 -74.82 45.41 -17.72
N HIS T 54 -74.81 44.15 -17.26
CA HIS T 54 -76.02 43.33 -17.42
C HIS T 54 -77.14 43.76 -16.47
N ILE T 55 -76.82 44.11 -15.23
CA ILE T 55 -77.90 44.59 -14.38
C ILE T 55 -78.23 46.04 -14.65
N LYS T 56 -77.40 46.77 -15.39
CA LYS T 56 -77.80 48.12 -15.77
C LYS T 56 -78.74 48.09 -16.97
N HIS T 57 -78.65 47.06 -17.82
CA HIS T 57 -79.64 47.02 -18.90
C HIS T 57 -80.85 46.19 -18.53
N LYS T 58 -80.75 45.34 -17.51
CA LYS T 58 -81.96 44.68 -17.05
C LYS T 58 -82.75 45.52 -16.05
N TYR T 59 -82.38 46.79 -15.86
CA TYR T 59 -83.19 47.77 -15.17
C TYR T 59 -83.70 48.82 -16.14
N LYS U 10 110.60 -108.93 23.74
CA LYS U 10 110.34 -107.73 24.54
C LYS U 10 111.07 -107.80 25.88
N THR U 11 111.61 -106.66 26.30
CA THR U 11 112.34 -106.61 27.56
C THR U 11 111.39 -106.69 28.74
N SER U 12 111.94 -107.11 29.88
CA SER U 12 111.24 -107.01 31.15
C SER U 12 111.60 -105.66 31.74
N PHE U 13 110.94 -104.63 31.22
CA PHE U 13 110.95 -103.23 31.67
C PHE U 13 112.28 -102.52 31.48
N GLY U 14 113.32 -103.21 31.03
CA GLY U 14 114.52 -102.56 30.55
C GLY U 14 115.45 -101.92 31.57
N SER U 15 116.74 -101.91 31.25
CA SER U 15 117.76 -101.26 32.05
C SER U 15 118.96 -100.98 31.16
N LEU U 16 120.05 -100.52 31.77
CA LEU U 16 121.26 -100.18 31.03
C LEU U 16 122.01 -101.46 30.68
N LYS U 17 122.15 -101.73 29.39
CA LYS U 17 123.05 -102.76 28.90
C LYS U 17 124.20 -102.06 28.22
N ASP U 18 125.42 -102.41 28.61
CA ASP U 18 126.58 -101.60 28.29
C ASP U 18 126.93 -101.72 26.82
N GLU U 19 127.52 -100.63 26.29
CA GLU U 19 128.01 -100.40 24.93
C GLU U 19 126.85 -100.20 23.95
N ASP U 20 125.63 -100.47 24.40
CA ASP U 20 124.44 -100.03 23.72
C ASP U 20 124.05 -98.61 24.11
N ARG U 21 124.85 -97.98 24.97
CA ARG U 21 124.83 -96.53 25.12
C ARG U 21 125.01 -95.89 23.75
N ILE U 22 124.13 -94.94 23.43
CA ILE U 22 124.26 -94.25 22.14
C ILE U 22 125.49 -93.38 22.12
N PHE U 23 125.73 -92.64 23.20
CA PHE U 23 126.97 -91.89 23.32
C PHE U 23 127.58 -92.13 24.68
N THR U 24 128.88 -92.44 24.67
CA THR U 24 129.70 -92.60 25.85
C THR U 24 130.20 -91.22 26.27
N ASN U 25 131.26 -91.20 27.10
CA ASN U 25 131.94 -89.98 27.55
C ASN U 25 130.95 -89.08 28.28
N LEU U 26 130.48 -89.59 29.40
CA LEU U 26 129.65 -88.80 30.31
C LEU U 26 130.42 -87.57 30.78
N TYR U 27 131.65 -87.76 31.22
CA TYR U 27 132.46 -86.65 31.67
C TYR U 27 133.92 -87.06 31.63
N GLY U 28 134.79 -86.10 31.29
CA GLY U 28 136.22 -86.17 31.51
C GLY U 28 136.93 -87.36 30.91
N ARG U 29 136.42 -87.93 29.82
CA ARG U 29 137.03 -89.12 29.26
C ARG U 29 138.13 -88.72 28.30
N HIS U 30 138.64 -89.72 27.57
CA HIS U 30 140.02 -89.88 27.10
C HIS U 30 140.71 -88.62 26.60
N ASP U 31 139.97 -87.76 25.91
CA ASP U 31 140.42 -86.42 25.59
C ASP U 31 139.19 -85.54 25.36
N TRP U 32 139.40 -84.42 24.71
CA TRP U 32 138.30 -83.57 24.28
C TRP U 32 138.73 -83.03 22.91
N ARG U 33 138.37 -83.74 21.85
CA ARG U 33 139.05 -83.58 20.57
C ARG U 33 138.29 -84.32 19.50
N LEU U 34 138.43 -83.87 18.25
CA LEU U 34 137.93 -84.63 17.11
C LEU U 34 138.64 -85.97 16.96
N LYS U 35 139.90 -86.06 17.39
CA LYS U 35 140.59 -87.35 17.40
C LYS U 35 139.93 -88.30 18.38
N GLY U 36 139.57 -87.81 19.57
CA GLY U 36 138.81 -88.62 20.47
C GLY U 36 137.40 -88.89 20.00
N ALA U 37 136.86 -87.99 19.18
CA ALA U 37 135.57 -88.24 18.56
C ALA U 37 135.66 -89.36 17.54
N GLN U 38 136.76 -89.41 16.80
CA GLN U 38 137.00 -90.50 15.86
C GLN U 38 137.22 -91.81 16.60
N SER U 39 137.89 -91.76 17.74
CA SER U 39 138.09 -92.97 18.53
C SER U 39 136.79 -93.44 19.15
N ARG U 40 135.94 -92.51 19.59
CA ARG U 40 134.64 -92.84 20.14
C ARG U 40 133.59 -93.10 19.08
N GLY U 41 133.89 -92.83 17.81
CA GLY U 41 132.95 -93.11 16.75
C GLY U 41 132.42 -91.96 15.90
N ASP U 42 133.21 -90.92 15.63
CA ASP U 42 132.76 -89.86 14.74
C ASP U 42 133.58 -89.79 13.47
N TRP U 43 132.99 -89.15 12.45
CA TRP U 43 133.52 -89.04 11.09
C TRP U 43 133.80 -90.40 10.45
N TYR U 44 133.00 -91.41 10.75
CA TYR U 44 133.25 -92.75 10.25
C TYR U 44 132.21 -93.08 9.20
N LYS U 45 132.66 -93.15 7.94
CA LYS U 45 131.88 -93.66 6.80
C LYS U 45 130.62 -92.84 6.56
N THR U 46 130.67 -91.56 6.91
CA THR U 46 129.49 -90.72 6.83
C THR U 46 129.17 -90.30 5.40
N LYS U 47 130.18 -90.24 4.52
CA LYS U 47 129.95 -89.76 3.15
C LYS U 47 129.09 -90.75 2.36
N GLU U 48 129.29 -92.04 2.60
CA GLU U 48 128.49 -93.05 1.92
C GLU U 48 127.03 -93.03 2.39
N ILE U 49 126.81 -92.55 3.61
CA ILE U 49 125.45 -92.34 4.08
C ILE U 49 124.86 -91.09 3.44
N LEU U 50 125.67 -90.04 3.30
CA LEU U 50 125.17 -88.78 2.76
C LEU U 50 124.82 -88.90 1.28
N LEU U 51 125.66 -89.59 0.51
CA LEU U 51 125.50 -89.68 -0.93
C LEU U 51 124.59 -90.81 -1.36
N LYS U 52 123.65 -91.20 -0.49
CA LYS U 52 122.61 -92.12 -0.89
C LYS U 52 121.29 -91.40 -1.13
N GLY U 53 121.13 -90.20 -0.60
CA GLY U 53 119.93 -89.44 -0.76
C GLY U 53 119.23 -89.28 0.57
N PRO U 54 118.65 -88.10 0.82
CA PRO U 54 118.05 -87.82 2.14
C PRO U 54 116.85 -88.68 2.46
N ASP U 55 116.24 -89.27 1.43
CA ASP U 55 115.09 -90.13 1.65
C ASP U 55 115.48 -91.37 2.42
N TRP U 56 116.67 -91.89 2.18
CA TRP U 56 117.15 -93.05 2.92
C TRP U 56 117.52 -92.69 4.34
N ILE U 57 117.97 -91.45 4.58
CA ILE U 57 118.22 -91.01 5.95
C ILE U 57 116.92 -90.92 6.73
N LEU U 58 115.88 -90.36 6.11
CA LEU U 58 114.57 -90.31 6.77
C LEU U 58 114.00 -91.70 6.97
N GLY U 59 114.29 -92.61 6.04
CA GLY U 59 113.93 -94.00 6.24
C GLY U 59 114.66 -94.63 7.40
N GLU U 60 115.93 -94.27 7.58
CA GLU U 60 116.69 -94.75 8.73
C GLU U 60 116.12 -94.24 10.04
N VAL U 61 115.72 -92.97 10.05
CA VAL U 61 115.23 -92.37 11.29
C VAL U 61 113.84 -92.90 11.63
N LYS U 62 112.95 -92.99 10.66
CA LYS U 62 111.63 -93.57 10.94
C LYS U 62 111.68 -95.07 11.11
N THR U 63 112.74 -95.73 10.63
CA THR U 63 113.01 -97.10 11.03
C THR U 63 113.32 -97.15 12.51
N SER U 64 114.19 -96.24 12.97
CA SER U 64 114.47 -96.13 14.39
C SER U 64 113.26 -95.65 15.18
N GLY U 65 112.43 -94.81 14.57
CA GLY U 65 111.23 -94.33 15.22
C GLY U 65 111.51 -93.35 16.32
N LEU U 66 112.18 -92.24 15.99
CA LEU U 66 112.67 -91.32 17.00
C LEU U 66 111.52 -90.49 17.55
N ARG U 67 111.20 -90.73 18.82
CA ARG U 67 110.32 -89.81 19.53
C ARG U 67 111.06 -88.52 19.80
N GLY U 68 110.39 -87.41 19.58
CA GLY U 68 111.04 -86.12 19.76
C GLY U 68 111.28 -85.82 21.23
N ARG U 69 112.40 -85.15 21.52
CA ARG U 69 112.81 -84.89 22.89
C ARG U 69 112.52 -83.45 23.28
N GLY U 70 112.91 -83.11 24.50
CA GLY U 70 112.53 -81.84 25.07
C GLY U 70 111.14 -81.81 25.64
N GLY U 71 110.48 -82.96 25.73
CA GLY U 71 109.20 -83.05 26.40
C GLY U 71 108.04 -82.52 25.61
N ALA U 72 107.98 -82.77 24.31
CA ALA U 72 106.83 -82.38 23.52
C ALA U 72 106.05 -83.58 23.00
N GLY U 73 106.71 -84.48 22.27
CA GLY U 73 106.07 -85.67 21.74
C GLY U 73 105.98 -85.72 20.23
N PHE U 74 106.30 -84.66 19.52
CA PHE U 74 106.25 -84.67 18.05
C PHE U 74 107.40 -85.49 17.52
N PRO U 75 107.17 -86.58 16.79
CA PRO U 75 108.28 -87.40 16.33
C PRO U 75 109.04 -86.73 15.19
N THR U 76 110.34 -87.01 15.16
CA THR U 76 111.27 -86.33 14.26
C THR U 76 111.00 -86.66 12.81
N GLY U 77 110.50 -87.87 12.56
CA GLY U 77 110.28 -88.31 11.19
C GLY U 77 109.19 -87.52 10.49
N LEU U 78 108.09 -87.24 11.21
CA LEU U 78 107.03 -86.41 10.64
C LEU U 78 107.52 -85.00 10.36
N LYS U 79 108.24 -84.41 11.32
CA LYS U 79 108.78 -83.06 11.16
C LYS U 79 109.70 -82.97 9.95
N TRP U 80 110.67 -83.86 9.88
CA TRP U 80 111.64 -83.74 8.81
C TRP U 80 111.09 -84.30 7.50
N SER U 81 109.96 -84.99 7.54
CA SER U 81 109.26 -85.31 6.31
C SER U 81 108.47 -84.12 5.82
N PHE U 82 108.02 -83.25 6.73
CA PHE U 82 107.55 -81.95 6.26
C PHE U 82 108.69 -81.13 5.68
N MET U 83 109.91 -81.37 6.16
CA MET U 83 111.07 -80.65 5.61
C MET U 83 111.48 -81.09 4.20
N ASN U 84 110.76 -82.01 3.55
CA ASN U 84 111.06 -82.43 2.19
C ASN U 84 110.33 -81.61 1.15
N LYS U 85 110.10 -80.34 1.41
CA LYS U 85 109.63 -79.43 0.39
C LYS U 85 110.68 -79.32 -0.73
N PRO U 86 110.26 -79.25 -1.99
CA PRO U 86 111.19 -78.89 -3.05
C PRO U 86 111.77 -77.50 -2.82
N SER U 87 113.08 -77.39 -2.99
CA SER U 87 113.79 -76.16 -2.69
C SER U 87 113.51 -75.11 -3.77
N ASP U 88 112.86 -74.03 -3.39
CA ASP U 88 112.59 -72.89 -4.24
C ASP U 88 113.72 -71.89 -4.09
N GLY U 89 113.47 -70.63 -4.47
CA GLY U 89 114.46 -69.57 -4.33
C GLY U 89 114.84 -69.26 -2.90
N ARG U 90 114.02 -69.65 -1.95
CA ARG U 90 114.27 -69.34 -0.55
C ARG U 90 115.10 -70.45 0.10
N PRO U 91 116.15 -70.12 0.85
CA PRO U 91 117.04 -71.15 1.36
C PRO U 91 116.40 -71.91 2.51
N LYS U 92 117.04 -73.01 2.91
CA LYS U 92 116.57 -73.82 4.02
C LYS U 92 117.57 -73.77 5.17
N TYR U 93 117.04 -73.69 6.39
CA TYR U 93 117.85 -73.44 7.57
C TYR U 93 117.55 -74.47 8.64
N LEU U 94 118.57 -74.76 9.43
CA LEU U 94 118.42 -75.69 10.53
C LEU U 94 118.89 -75.02 11.79
N VAL U 95 118.05 -75.05 12.82
CA VAL U 95 118.32 -74.34 14.07
C VAL U 95 118.40 -75.35 15.20
N VAL U 96 119.53 -75.39 15.87
CA VAL U 96 119.76 -76.32 16.96
C VAL U 96 119.49 -75.59 18.25
N ASN U 97 118.40 -75.95 18.93
CA ASN U 97 118.02 -75.28 20.16
C ASN U 97 118.78 -75.88 21.33
N ALA U 98 119.35 -75.04 22.19
CA ALA U 98 120.11 -75.58 23.30
C ALA U 98 119.89 -74.81 24.60
N ASP U 99 118.68 -74.28 24.82
CA ASP U 99 118.38 -73.81 26.16
C ASP U 99 118.04 -75.00 27.06
N GLU U 100 118.05 -74.75 28.37
CA GLU U 100 117.60 -75.74 29.35
C GLU U 100 116.60 -75.06 30.28
N GLY U 101 115.35 -75.08 29.86
CA GLY U 101 114.25 -74.84 30.77
C GLY U 101 113.95 -76.11 31.53
N GLU U 102 112.75 -76.16 32.11
CA GLU U 102 112.32 -77.16 33.09
C GLU U 102 113.39 -77.21 34.18
N PRO U 103 113.41 -76.21 35.11
CA PRO U 103 114.47 -76.08 36.11
C PRO U 103 114.79 -77.33 36.90
N GLY U 104 116.03 -77.78 36.82
CA GLY U 104 116.35 -79.11 37.26
C GLY U 104 117.04 -79.85 36.14
N THR U 105 117.41 -79.14 35.07
CA THR U 105 117.55 -79.87 33.82
C THR U 105 118.92 -80.55 33.67
N CYS U 106 119.95 -79.77 33.35
CA CYS U 106 121.20 -80.27 32.78
C CYS U 106 120.97 -81.40 31.77
N LYS U 107 120.11 -81.14 30.79
CA LYS U 107 119.90 -82.14 29.75
C LYS U 107 121.07 -82.19 28.79
N ASP U 108 121.30 -81.09 28.08
CA ASP U 108 122.37 -81.01 27.11
C ASP U 108 123.54 -80.18 27.59
N ARG U 109 123.49 -79.70 28.85
CA ARG U 109 124.68 -79.10 29.45
C ARG U 109 125.81 -80.11 29.48
N GLU U 110 125.49 -81.35 29.84
CA GLU U 110 126.46 -82.45 29.85
C GLU U 110 126.99 -82.70 28.44
N ILE U 111 126.11 -82.69 27.45
CA ILE U 111 126.49 -83.01 26.08
C ILE U 111 127.36 -81.93 25.49
N ILE U 112 126.97 -80.67 25.62
CA ILE U 112 127.77 -79.61 25.01
C ILE U 112 128.97 -79.25 25.89
N ARG U 113 129.05 -79.77 27.10
CA ARG U 113 130.26 -79.60 27.88
C ARG U 113 131.28 -80.70 27.61
N HIS U 114 130.85 -81.91 27.24
CA HIS U 114 131.81 -82.99 27.07
C HIS U 114 131.96 -83.52 25.66
N ASP U 115 131.09 -83.18 24.72
CA ASP U 115 131.17 -83.74 23.38
C ASP U 115 130.43 -82.86 22.38
N PRO U 116 131.06 -81.82 21.85
CA PRO U 116 130.41 -81.04 20.79
C PRO U 116 130.50 -81.70 19.43
N HIS U 117 131.39 -82.69 19.30
CA HIS U 117 131.73 -83.18 17.97
C HIS U 117 130.59 -83.96 17.36
N LYS U 118 129.92 -84.80 18.17
CA LYS U 118 128.78 -85.56 17.66
C LYS U 118 127.63 -84.64 17.28
N LEU U 119 127.52 -83.49 17.94
CA LEU U 119 126.57 -82.47 17.53
C LEU U 119 126.95 -81.88 16.18
N VAL U 120 128.25 -81.68 15.94
CA VAL U 120 128.66 -81.19 14.62
C VAL U 120 128.34 -82.22 13.54
N GLU U 121 128.60 -83.49 13.84
CA GLU U 121 128.25 -84.58 12.93
C GLU U 121 126.76 -84.56 12.64
N GLY U 122 125.96 -84.39 13.68
CA GLY U 122 124.52 -84.47 13.53
C GLY U 122 123.91 -83.28 12.83
N CYS U 123 124.47 -82.09 13.02
CA CYS U 123 123.95 -80.94 12.29
C CYS U 123 124.37 -81.01 10.83
N LEU U 124 125.53 -81.62 10.55
CA LEU U 124 125.86 -81.93 9.16
C LEU U 124 124.87 -82.94 8.58
N VAL U 125 124.47 -83.92 9.40
CA VAL U 125 123.50 -84.93 8.97
C VAL U 125 122.16 -84.28 8.65
N GLY U 126 121.70 -83.40 9.53
CA GLY U 126 120.42 -82.74 9.31
C GLY U 126 120.45 -81.76 8.16
N GLY U 127 121.59 -81.10 7.96
CA GLY U 127 121.72 -80.21 6.82
C GLY U 127 121.77 -80.94 5.50
N ARG U 128 122.24 -82.17 5.52
CA ARG U 128 122.14 -82.97 4.30
C ARG U 128 120.76 -83.58 4.14
N ALA U 129 120.12 -83.93 5.26
CA ALA U 129 118.96 -84.80 5.25
C ALA U 129 117.67 -84.11 4.84
N MET U 130 117.67 -82.79 4.70
CA MET U 130 116.42 -82.12 4.39
C MET U 130 116.60 -80.97 3.43
N GLY U 131 117.80 -80.78 2.90
CA GLY U 131 118.06 -79.65 2.04
C GLY U 131 118.47 -78.38 2.75
N ALA U 132 118.84 -78.47 4.03
CA ALA U 132 119.25 -77.28 4.73
C ALA U 132 120.60 -76.80 4.23
N ARG U 133 120.87 -75.53 4.47
CA ARG U 133 122.03 -74.87 3.93
C ARG U 133 122.92 -74.25 4.99
N ALA U 134 122.34 -73.73 6.06
CA ALA U 134 123.12 -73.24 7.18
C ALA U 134 122.38 -73.53 8.47
N ALA U 135 123.15 -73.81 9.52
CA ALA U 135 122.60 -74.21 10.81
C ALA U 135 123.06 -73.22 11.86
N TYR U 136 122.11 -72.56 12.50
CA TYR U 136 122.38 -71.68 13.61
C TYR U 136 122.11 -72.45 14.90
N ILE U 137 123.09 -72.48 15.79
CA ILE U 137 122.97 -73.19 17.05
C ILE U 137 122.82 -72.16 18.15
N TYR U 138 121.77 -72.28 18.94
CA TYR U 138 121.39 -71.30 19.93
C TYR U 138 121.75 -71.81 21.31
N ILE U 139 122.75 -71.23 21.93
CA ILE U 139 123.11 -71.61 23.28
C ILE U 139 122.50 -70.60 24.24
N ARG U 140 122.14 -71.09 25.43
CA ARG U 140 121.65 -70.25 26.52
C ARG U 140 122.72 -69.25 26.95
N GLY U 141 122.27 -68.07 27.37
CA GLY U 141 123.18 -67.02 27.80
C GLY U 141 123.90 -67.30 29.09
N GLU U 142 123.55 -68.37 29.78
CA GLU U 142 124.18 -68.76 31.04
C GLU U 142 125.53 -69.43 30.85
N PHE U 143 125.94 -69.65 29.61
CA PHE U 143 126.90 -70.69 29.28
C PHE U 143 128.02 -70.12 28.41
N TYR U 144 128.66 -69.06 28.90
CA TYR U 144 129.79 -68.47 28.18
C TYR U 144 130.94 -69.45 28.02
N ASN U 145 131.31 -70.14 29.10
CA ASN U 145 132.49 -71.01 29.06
C ASN U 145 132.25 -72.24 28.19
N GLU U 146 131.08 -72.86 28.34
CA GLU U 146 130.71 -73.98 27.49
C GLU U 146 130.49 -73.54 26.06
N ALA U 147 130.05 -72.30 25.86
CA ALA U 147 129.93 -71.74 24.52
C ALA U 147 131.30 -71.55 23.88
N SER U 148 132.29 -71.19 24.68
CA SER U 148 133.63 -71.07 24.11
C SER U 148 134.28 -72.42 23.87
N ASN U 149 133.91 -73.44 24.67
CA ASN U 149 134.27 -74.82 24.33
C ASN U 149 133.69 -75.21 22.98
N LEU U 150 132.44 -74.82 22.74
CA LEU U 150 131.80 -75.06 21.46
C LEU U 150 132.52 -74.31 20.34
N GLN U 151 132.99 -73.10 20.64
CA GLN U 151 133.75 -72.33 19.65
C GLN U 151 135.08 -73.00 19.32
N VAL U 152 135.76 -73.55 20.33
CA VAL U 152 137.01 -74.29 20.11
C VAL U 152 136.75 -75.52 19.26
N ALA U 153 135.61 -76.19 19.49
CA ALA U 153 135.27 -77.36 18.68
C ALA U 153 134.94 -76.97 17.24
N ILE U 154 134.29 -75.82 17.05
CA ILE U 154 134.03 -75.32 15.70
C ILE U 154 135.34 -75.01 15.00
N ARG U 155 136.29 -74.42 15.74
CA ARG U 155 137.60 -74.14 15.18
C ARG U 155 138.34 -75.41 14.82
N GLU U 156 138.19 -76.47 15.63
CA GLU U 156 138.83 -77.74 15.32
C GLU U 156 138.21 -78.40 14.10
N ALA U 157 136.89 -78.31 13.96
CA ALA U 157 136.26 -78.91 12.80
C ALA U 157 136.52 -78.11 11.53
N TYR U 158 136.63 -76.78 11.63
CA TYR U 158 137.04 -75.98 10.48
C TYR U 158 138.51 -76.21 10.14
N GLU U 159 139.35 -76.32 11.15
CA GLU U 159 140.78 -76.52 10.98
C GLU U 159 141.09 -77.92 10.47
N ALA U 160 140.17 -78.86 10.68
CA ALA U 160 140.23 -80.11 9.93
C ALA U 160 139.98 -79.89 8.45
N GLY U 161 139.26 -78.83 8.07
CA GLY U 161 138.97 -78.59 6.67
C GLY U 161 137.92 -79.53 6.13
N LEU U 162 136.96 -79.92 6.96
CA LEU U 162 135.95 -80.90 6.57
C LEU U 162 134.52 -80.44 6.79
N ILE U 163 134.29 -79.40 7.58
CA ILE U 163 133.00 -78.75 7.54
C ILE U 163 133.22 -77.32 7.07
N GLY U 164 132.14 -76.56 6.95
CA GLY U 164 132.21 -75.25 6.36
C GLY U 164 131.87 -75.35 4.90
N LYS U 165 132.89 -75.42 4.05
CA LYS U 165 132.68 -75.50 2.62
C LYS U 165 133.13 -76.84 2.10
N ASN U 166 132.27 -77.45 1.27
CA ASN U 166 132.53 -78.66 0.53
C ASN U 166 132.88 -79.82 1.47
N ALA U 167 131.88 -80.19 2.27
CA ALA U 167 132.06 -81.15 3.35
C ALA U 167 132.21 -82.57 2.81
N CYS U 168 132.88 -83.40 3.62
CA CYS U 168 133.30 -84.77 3.29
C CYS U 168 134.15 -84.85 2.04
N GLY U 169 134.80 -83.76 1.65
CA GLY U 169 135.41 -83.67 0.34
C GLY U 169 134.46 -83.21 -0.74
N SER U 170 133.26 -83.79 -0.80
CA SER U 170 132.34 -83.57 -1.90
C SER U 170 131.77 -82.16 -1.86
N GLY U 171 131.27 -81.71 -3.01
CA GLY U 171 130.93 -80.32 -3.18
C GLY U 171 129.68 -79.87 -2.47
N TYR U 172 129.72 -79.85 -1.13
CA TYR U 172 128.54 -79.62 -0.32
C TYR U 172 128.94 -78.72 0.84
N ASP U 173 128.77 -77.41 0.66
CA ASP U 173 129.07 -76.51 1.76
C ASP U 173 127.96 -76.55 2.79
N PHE U 174 128.35 -76.32 4.03
CA PHE U 174 127.39 -76.26 5.12
C PHE U 174 128.01 -75.47 6.26
N ASP U 175 127.49 -74.27 6.49
CA ASP U 175 128.02 -73.39 7.51
C ASP U 175 127.19 -73.48 8.77
N VAL U 176 127.85 -73.39 9.91
CA VAL U 176 127.20 -73.44 11.21
C VAL U 176 127.66 -72.24 12.03
N PHE U 177 126.70 -71.59 12.67
CA PHE U 177 126.94 -70.43 13.51
C PHE U 177 126.42 -70.71 14.91
N VAL U 178 126.81 -69.85 15.86
CA VAL U 178 126.36 -69.95 17.24
C VAL U 178 125.86 -68.59 17.70
N VAL U 179 124.63 -68.55 18.19
CA VAL U 179 124.03 -67.35 18.76
C VAL U 179 123.80 -67.59 20.24
N ARG U 180 124.23 -66.65 21.06
CA ARG U 180 124.05 -66.76 22.48
C ARG U 180 122.60 -66.50 22.87
N GLY U 181 122.22 -67.00 24.03
CA GLY U 181 121.00 -66.56 24.64
C GLY U 181 121.22 -65.29 25.42
N ALA U 182 120.13 -64.73 25.90
CA ALA U 182 120.21 -63.61 26.83
C ALA U 182 119.43 -63.90 28.09
N GLY U 183 119.06 -65.15 28.31
CA GLY U 183 118.38 -65.55 29.52
C GLY U 183 116.89 -65.48 29.32
N ALA U 184 116.26 -66.63 29.13
CA ALA U 184 114.82 -66.73 28.97
C ALA U 184 114.45 -68.20 29.10
N TYR U 185 113.22 -68.43 29.52
CA TYR U 185 112.62 -69.72 29.28
C TYR U 185 112.02 -69.76 27.90
N ILE U 186 111.58 -68.61 27.41
CA ILE U 186 110.79 -68.55 26.18
C ILE U 186 111.65 -68.62 24.94
N CYS U 187 112.95 -68.35 25.04
CA CYS U 187 113.79 -68.54 23.87
C CYS U 187 114.00 -70.01 23.54
N GLY U 188 113.78 -70.90 24.50
CA GLY U 188 113.88 -72.32 24.22
C GLY U 188 112.72 -72.86 23.40
N GLU U 189 111.60 -72.16 23.37
CA GLU U 189 110.44 -72.71 22.70
C GLU U 189 110.58 -72.63 21.18
N GLU U 190 109.54 -73.09 20.51
CA GLU U 190 109.65 -73.47 19.11
C GLU U 190 109.72 -72.27 18.18
N THR U 191 109.19 -71.12 18.56
CA THR U 191 109.06 -70.07 17.56
C THR U 191 109.62 -68.75 18.05
N ALA U 192 109.53 -68.54 19.36
CA ALA U 192 110.18 -67.38 19.95
C ALA U 192 111.70 -67.48 19.81
N LEU U 193 112.23 -68.70 19.72
CA LEU U 193 113.58 -68.93 19.24
C LEU U 193 113.83 -68.26 17.90
N ILE U 194 112.94 -68.53 16.93
CA ILE U 194 113.11 -68.04 15.57
C ILE U 194 113.14 -66.54 15.54
N GLU U 195 112.21 -65.90 16.23
CA GLU U 195 112.27 -64.44 16.17
C GLU U 195 113.27 -63.82 17.14
N SER U 196 113.77 -64.57 18.12
CA SER U 196 114.86 -64.05 18.91
C SER U 196 116.14 -64.01 18.09
N ILE U 197 116.30 -64.97 17.18
CA ILE U 197 117.41 -64.89 16.23
C ILE U 197 117.20 -63.73 15.27
N GLU U 198 115.95 -63.39 14.97
CA GLU U 198 115.68 -62.31 14.03
C GLU U 198 115.98 -60.92 14.58
N GLY U 199 116.46 -60.79 15.81
CA GLY U 199 116.79 -59.50 16.36
C GLY U 199 115.65 -58.79 17.03
N LYS U 200 114.42 -59.10 16.67
CA LYS U 200 113.30 -58.65 17.45
C LYS U 200 113.23 -59.46 18.74
N GLN U 201 112.48 -58.94 19.70
CA GLN U 201 112.44 -59.55 21.01
C GLN U 201 111.67 -60.86 20.98
N GLY U 202 112.12 -61.81 21.80
CA GLY U 202 111.68 -63.17 21.73
C GLY U 202 110.23 -63.38 22.11
N LYS U 203 109.40 -63.60 21.09
CA LYS U 203 107.98 -63.68 21.24
C LYS U 203 107.47 -64.67 20.20
N PRO U 204 106.66 -65.64 20.59
CA PRO U 204 106.25 -66.68 19.64
C PRO U 204 105.29 -66.16 18.60
N ARG U 205 105.24 -66.85 17.49
CA ARG U 205 104.34 -66.49 16.41
C ARG U 205 103.04 -67.25 16.58
N LEU U 206 102.23 -67.30 15.53
CA LEU U 206 101.04 -68.14 15.52
C LEU U 206 101.31 -69.41 14.73
N LYS U 207 100.79 -70.53 15.26
CA LYS U 207 101.18 -71.85 14.77
C LYS U 207 100.74 -72.26 13.37
N PRO U 208 99.49 -72.05 12.90
CA PRO U 208 99.08 -72.63 11.59
C PRO U 208 99.88 -72.13 10.40
N PRO U 209 100.52 -70.93 10.44
CA PRO U 209 101.71 -70.79 9.60
C PRO U 209 102.90 -71.48 10.24
N PHE U 210 103.27 -72.65 9.71
CA PHE U 210 104.29 -73.48 10.32
C PHE U 210 105.69 -72.93 10.04
N PRO U 211 106.66 -73.25 10.91
CA PRO U 211 108.05 -72.87 10.62
C PRO U 211 108.60 -73.48 9.35
N ALA U 212 108.10 -74.65 8.96
CA ALA U 212 108.52 -75.29 7.72
C ALA U 212 107.93 -74.63 6.48
N ASP U 213 107.12 -73.61 6.63
CA ASP U 213 106.69 -72.83 5.50
C ASP U 213 107.21 -71.41 5.53
N VAL U 214 107.14 -70.74 6.68
CA VAL U 214 107.78 -69.46 6.90
C VAL U 214 108.52 -69.55 8.22
N GLY U 215 109.81 -69.25 8.20
CA GLY U 215 110.61 -69.36 9.40
C GLY U 215 111.46 -68.13 9.64
N VAL U 216 112.78 -68.33 9.68
CA VAL U 216 113.72 -67.24 9.89
C VAL U 216 113.68 -66.35 8.67
N PHE U 217 113.00 -65.21 8.82
CA PHE U 217 112.75 -64.17 7.84
C PHE U 217 111.92 -64.61 6.63
N GLY U 218 111.42 -65.84 6.62
CA GLY U 218 110.72 -66.30 5.45
C GLY U 218 111.41 -67.47 4.77
N CYS U 219 112.03 -68.35 5.55
CA CYS U 219 112.70 -69.50 4.97
C CYS U 219 112.08 -70.79 5.50
N PRO U 220 111.97 -71.83 4.67
CA PRO U 220 111.53 -73.12 5.21
C PRO U 220 112.61 -73.75 6.06
N THR U 221 112.46 -73.60 7.35
CA THR U 221 113.46 -74.01 8.31
C THR U 221 112.87 -75.02 9.25
N THR U 222 113.70 -75.53 10.15
CA THR U 222 113.16 -76.19 11.32
C THR U 222 114.14 -76.10 12.48
N VAL U 223 113.69 -76.60 13.63
CA VAL U 223 114.40 -76.52 14.90
C VAL U 223 114.51 -77.92 15.47
N ALA U 224 115.72 -78.35 15.76
CA ALA U 224 115.96 -79.65 16.36
C ALA U 224 116.46 -79.47 17.79
N ASN U 225 116.01 -80.37 18.66
CA ASN U 225 116.61 -80.48 19.97
C ASN U 225 118.00 -81.10 19.85
N VAL U 226 118.82 -80.86 20.86
CA VAL U 226 120.22 -81.28 20.82
C VAL U 226 120.35 -82.80 20.88
N GLU U 227 119.51 -83.47 21.68
CA GLU U 227 119.56 -84.93 21.75
C GLU U 227 119.21 -85.58 20.43
N THR U 228 118.33 -84.95 19.64
CA THR U 228 118.06 -85.41 18.30
C THR U 228 119.27 -85.25 17.40
N VAL U 229 120.00 -84.15 17.56
CA VAL U 229 121.21 -83.93 16.79
C VAL U 229 122.30 -84.94 17.16
N ALA U 230 122.37 -85.29 18.46
CA ALA U 230 123.40 -86.25 18.89
C ALA U 230 123.04 -87.65 18.44
N VAL U 231 121.76 -88.01 18.49
CA VAL U 231 121.38 -89.36 18.13
C VAL U 231 121.37 -89.55 16.62
N SER U 232 121.33 -88.46 15.85
CA SER U 232 121.19 -88.58 14.40
C SER U 232 122.36 -89.27 13.69
N PRO U 233 123.65 -88.92 13.87
CA PRO U 233 124.68 -89.62 13.08
C PRO U 233 124.99 -91.01 13.62
N THR U 234 124.67 -91.31 14.88
CA THR U 234 124.86 -92.65 15.39
C THR U 234 123.92 -93.62 14.72
N ILE U 235 122.67 -93.21 14.54
CA ILE U 235 121.73 -94.08 13.88
C ILE U 235 121.97 -94.06 12.38
N CYS U 236 122.55 -92.98 11.86
CA CYS U 236 122.95 -92.98 10.46
C CYS U 236 124.11 -93.94 10.22
N ARG U 237 125.05 -94.01 11.14
CA ARG U 237 126.19 -94.90 10.96
C ARG U 237 125.92 -96.32 11.45
N ARG U 238 124.83 -96.54 12.20
CA ARG U 238 124.51 -97.86 12.70
C ARG U 238 123.23 -98.37 12.06
N GLY U 239 122.78 -99.54 12.54
CA GLY U 239 121.73 -100.26 11.84
C GLY U 239 120.36 -99.67 12.05
N GLY U 240 119.43 -100.12 11.21
CA GLY U 240 118.04 -99.71 11.33
C GLY U 240 117.32 -100.54 12.36
N ALA U 241 116.53 -99.88 13.21
CA ALA U 241 115.75 -100.43 14.32
C ALA U 241 116.59 -101.05 15.44
N TRP U 242 117.92 -100.90 15.38
CA TRP U 242 118.73 -101.16 16.57
C TRP U 242 118.42 -100.18 17.67
N PHE U 243 118.08 -98.95 17.28
CA PHE U 243 117.57 -97.95 18.20
C PHE U 243 116.21 -98.36 18.75
N ALA U 244 115.42 -99.07 17.96
CA ALA U 244 114.04 -99.36 18.32
C ALA U 244 113.91 -100.55 19.27
N SER U 245 115.00 -101.19 19.65
CA SER U 245 114.92 -102.45 20.37
C SER U 245 114.76 -102.26 21.87
N PHE U 246 114.69 -101.03 22.35
CA PHE U 246 114.73 -100.72 23.78
C PHE U 246 113.40 -100.09 24.18
N GLY U 247 112.45 -100.90 24.62
CA GLY U 247 111.21 -100.35 25.09
C GLY U 247 110.04 -100.58 24.17
N ARG U 248 109.11 -99.64 24.14
CA ARG U 248 107.85 -99.83 23.44
C ARG U 248 107.97 -99.44 21.98
N GLU U 249 106.83 -99.29 21.30
CA GLU U 249 106.78 -99.10 19.86
C GLU U 249 106.53 -97.66 19.45
N ARG U 250 105.72 -96.90 20.19
CA ARG U 250 105.55 -95.48 19.88
C ARG U 250 106.81 -94.71 20.24
N ASN U 251 107.15 -94.71 21.51
CA ASN U 251 108.44 -94.24 21.98
C ASN U 251 109.46 -95.36 21.87
N SER U 252 110.69 -95.02 21.50
CA SER U 252 111.72 -96.02 21.36
C SER U 252 113.07 -95.37 21.57
N GLY U 253 113.99 -96.13 22.15
CA GLY U 253 115.38 -95.69 22.24
C GLY U 253 115.91 -95.45 23.63
N THR U 254 116.91 -94.57 23.74
CA THR U 254 117.57 -94.27 25.00
C THR U 254 117.30 -92.83 25.41
N LYS U 255 117.20 -92.60 26.71
CA LYS U 255 116.89 -91.27 27.22
C LYS U 255 117.67 -91.04 28.51
N LEU U 256 118.03 -89.78 28.73
CA LEU U 256 118.64 -89.32 29.97
C LEU U 256 117.54 -89.12 31.01
N PHE U 257 117.50 -90.01 31.99
CA PHE U 257 116.74 -89.78 33.20
C PHE U 257 117.73 -89.29 34.26
N ASN U 258 117.45 -88.13 34.83
CA ASN U 258 118.42 -87.53 35.72
C ASN U 258 117.73 -87.21 37.03
N ILE U 259 118.33 -87.63 38.13
CA ILE U 259 117.85 -87.15 39.41
C ILE U 259 118.68 -85.94 39.74
N SER U 260 118.20 -84.78 39.33
CA SER U 260 118.73 -83.51 39.80
C SER U 260 117.78 -82.97 40.85
N GLY U 261 118.10 -83.21 42.12
CA GLY U 261 117.12 -83.08 43.16
C GLY U 261 117.54 -83.76 44.44
N HIS U 262 116.70 -84.64 45.00
CA HIS U 262 116.79 -84.95 46.43
C HIS U 262 117.01 -86.44 46.62
N VAL U 263 118.23 -86.87 46.36
CA VAL U 263 118.70 -88.21 46.69
C VAL U 263 120.15 -88.06 47.14
N ASN U 264 120.68 -89.14 47.69
CA ASN U 264 122.10 -89.17 47.95
C ASN U 264 122.81 -89.45 46.63
N ASN U 265 123.85 -88.66 46.35
CA ASN U 265 124.52 -88.51 45.07
C ASN U 265 123.56 -88.22 43.93
N PRO U 266 122.98 -87.01 43.83
CA PRO U 266 122.12 -86.69 42.69
C PRO U 266 122.93 -86.58 41.39
N CYS U 267 122.44 -87.23 40.34
CA CYS U 267 123.25 -87.37 39.14
C CYS U 267 122.37 -87.58 37.92
N THR U 268 123.01 -87.97 36.82
CA THR U 268 122.40 -88.09 35.49
C THR U 268 122.75 -89.46 34.92
N VAL U 269 121.77 -90.20 34.39
CA VAL U 269 122.08 -91.48 33.76
C VAL U 269 121.33 -91.62 32.44
N GLU U 270 122.03 -92.11 31.42
CA GLU U 270 121.39 -92.75 30.28
C GLU U 270 120.70 -94.04 30.72
N GLU U 271 119.50 -94.27 30.22
CA GLU U 271 118.84 -95.56 30.30
C GLU U 271 118.06 -95.80 29.02
N GLU U 272 117.35 -96.93 28.97
CA GLU U 272 116.47 -97.25 27.87
C GLU U 272 115.14 -96.55 28.08
N MET U 273 114.13 -96.90 27.26
CA MET U 273 112.92 -96.09 27.22
C MET U 273 112.03 -96.35 28.44
N SER U 274 111.97 -97.59 28.92
CA SER U 274 111.27 -97.90 30.17
C SER U 274 112.27 -98.28 31.23
N VAL U 275 111.85 -98.11 32.49
CA VAL U 275 112.62 -98.55 33.64
C VAL U 275 111.66 -98.67 34.82
N PRO U 276 111.84 -99.65 35.71
CA PRO U 276 111.16 -99.60 37.01
C PRO U 276 111.73 -98.47 37.86
N LEU U 277 110.83 -97.69 38.43
CA LEU U 277 111.18 -96.42 39.03
C LEU U 277 112.00 -96.61 40.31
N LYS U 278 111.83 -97.74 41.00
CA LYS U 278 112.61 -97.96 42.21
C LYS U 278 114.06 -98.30 41.91
N GLU U 279 114.29 -99.12 40.87
CA GLU U 279 115.66 -99.30 40.36
C GLU U 279 116.25 -97.98 39.92
N LEU U 280 115.46 -97.19 39.17
CA LEU U 280 115.92 -95.90 38.65
C LEU U 280 116.36 -94.96 39.76
N ILE U 281 115.59 -94.89 40.83
CA ILE U 281 115.91 -93.93 41.88
C ILE U 281 117.03 -94.45 42.77
N GLU U 282 116.88 -95.66 43.31
CA GLU U 282 117.82 -96.07 44.36
C GLU U 282 118.97 -96.92 43.86
N LYS U 283 118.77 -97.76 42.86
CA LYS U 283 119.84 -98.66 42.45
C LYS U 283 120.77 -98.03 41.41
N HIS U 284 120.68 -96.74 41.18
CA HIS U 284 121.71 -96.06 40.39
C HIS U 284 122.29 -94.86 41.09
N ALA U 285 121.49 -94.09 41.81
CA ALA U 285 121.94 -92.82 42.37
C ALA U 285 121.81 -92.87 43.89
N GLY U 286 122.81 -93.49 44.53
CA GLY U 286 122.93 -93.52 45.99
C GLY U 286 121.72 -94.10 46.70
N GLY U 287 120.92 -93.22 47.27
CA GLY U 287 119.63 -93.57 47.81
C GLY U 287 118.84 -92.33 48.09
N VAL U 288 117.53 -92.51 48.27
CA VAL U 288 116.65 -91.39 48.58
C VAL U 288 117.05 -90.84 49.95
N THR U 289 117.02 -89.53 50.08
CA THR U 289 117.32 -88.88 51.35
C THR U 289 116.33 -89.30 52.41
N GLY U 290 116.78 -90.14 53.33
CA GLY U 290 115.93 -90.67 54.37
C GLY U 290 115.20 -91.95 54.04
N GLY U 291 115.51 -92.59 52.91
CA GLY U 291 114.87 -93.84 52.55
C GLY U 291 113.70 -93.63 51.60
N TRP U 292 113.16 -94.76 51.14
CA TRP U 292 112.12 -94.78 50.12
C TRP U 292 110.80 -94.22 50.63
N ASP U 293 110.54 -94.37 51.92
CA ASP U 293 109.26 -94.00 52.49
C ASP U 293 109.27 -92.61 53.09
N ASN U 294 110.35 -91.87 52.89
CA ASN U 294 110.47 -90.55 53.49
C ASN U 294 109.82 -89.48 52.63
N LEU U 295 109.90 -89.63 51.30
CA LEU U 295 109.47 -88.60 50.38
C LEU U 295 107.97 -88.39 50.43
N LEU U 296 107.54 -87.16 50.17
CA LEU U 296 106.13 -86.96 49.96
C LEU U 296 105.73 -87.35 48.55
N ALA U 297 106.47 -86.89 47.54
CA ALA U 297 106.02 -87.14 46.18
C ALA U 297 107.20 -87.20 45.23
N VAL U 298 106.88 -87.35 43.94
CA VAL U 298 107.85 -87.45 42.86
C VAL U 298 107.32 -86.67 41.68
N ILE U 299 108.09 -85.74 41.13
CA ILE U 299 107.76 -85.10 39.87
C ILE U 299 108.61 -85.70 38.76
N PRO U 300 108.01 -86.24 37.73
CA PRO U 300 108.77 -86.57 36.54
C PRO U 300 108.82 -85.36 35.63
N GLY U 301 109.52 -85.47 34.50
CA GLY U 301 109.42 -84.46 33.47
C GLY U 301 110.17 -83.17 33.69
N GLY U 302 110.12 -82.65 34.90
CA GLY U 302 110.68 -81.35 35.23
C GLY U 302 109.67 -80.47 35.90
N SER U 303 109.35 -79.36 35.26
CA SER U 303 108.46 -78.37 35.85
C SER U 303 107.18 -78.20 35.07
N SER U 304 107.10 -78.72 33.84
CA SER U 304 105.90 -78.64 33.04
C SER U 304 105.10 -79.93 33.10
N THR U 305 105.06 -80.53 34.29
CA THR U 305 104.54 -81.86 34.47
C THR U 305 103.81 -81.90 35.80
N PRO U 306 102.64 -82.51 35.86
CA PRO U 306 101.97 -82.71 37.15
C PRO U 306 102.75 -83.68 38.02
N LEU U 307 102.44 -83.65 39.31
CA LEU U 307 103.16 -84.48 40.26
C LEU U 307 102.69 -85.93 40.15
N ILE U 308 103.47 -86.80 40.80
CA ILE U 308 103.13 -88.21 40.95
C ILE U 308 103.32 -88.57 42.41
N PRO U 309 102.29 -88.99 43.12
CA PRO U 309 102.43 -89.24 44.55
C PRO U 309 103.05 -90.58 44.85
N LYS U 310 103.11 -90.94 46.14
CA LYS U 310 103.88 -92.10 46.58
C LYS U 310 103.25 -93.41 46.13
N SER U 311 101.94 -93.54 46.33
CA SER U 311 101.20 -94.72 45.95
C SER U 311 101.08 -94.90 44.45
N VAL U 312 101.47 -93.90 43.66
CA VAL U 312 101.53 -94.01 42.22
C VAL U 312 102.99 -94.19 41.82
N CYS U 313 103.92 -93.61 42.60
CA CYS U 313 105.31 -93.70 42.20
C CYS U 313 105.93 -95.05 42.51
N GLU U 314 105.35 -95.84 43.42
CA GLU U 314 105.96 -97.14 43.68
C GLU U 314 105.70 -98.15 42.58
N THR U 315 104.73 -97.90 41.70
CA THR U 315 104.31 -98.91 40.73
C THR U 315 104.46 -98.48 39.28
N VAL U 316 104.42 -97.20 38.97
CA VAL U 316 104.34 -96.77 37.57
C VAL U 316 105.72 -96.80 36.93
N LEU U 317 105.79 -97.47 35.78
CA LEU U 317 106.97 -97.52 34.94
C LEU U 317 107.17 -96.21 34.19
N MET U 318 108.34 -96.05 33.61
CA MET U 318 108.73 -94.74 33.07
C MET U 318 108.61 -94.62 31.55
N ASP U 319 107.42 -94.74 30.99
CA ASP U 319 107.23 -94.55 29.57
C ASP U 319 106.38 -93.34 29.28
N PHE U 320 106.50 -92.84 28.05
CA PHE U 320 105.68 -91.73 27.59
C PHE U 320 104.22 -92.11 27.56
N ASP U 321 103.91 -93.31 27.06
CA ASP U 321 102.53 -93.78 27.12
C ASP U 321 102.08 -94.00 28.56
N ALA U 322 103.00 -94.42 29.43
CA ALA U 322 102.66 -94.62 30.83
C ALA U 322 102.29 -93.31 31.52
N LEU U 323 103.03 -92.24 31.22
CA LEU U 323 102.70 -90.97 31.83
C LEU U 323 101.56 -90.28 31.13
N ILE U 324 101.22 -90.69 29.90
CA ILE U 324 99.91 -90.33 29.37
C ILE U 324 98.82 -91.02 30.19
N GLN U 325 99.02 -92.29 30.51
CA GLN U 325 98.06 -93.04 31.31
C GLN U 325 97.97 -92.54 32.74
N ALA U 326 98.95 -91.78 33.21
CA ALA U 326 98.89 -91.13 34.51
C ALA U 326 98.53 -89.64 34.42
N GLN U 327 98.00 -89.20 33.28
CA GLN U 327 97.53 -87.82 33.03
C GLN U 327 98.63 -86.77 33.17
N THR U 328 99.88 -87.15 32.91
CA THR U 328 100.98 -86.20 33.01
C THR U 328 101.68 -86.12 31.66
N GLY U 329 102.84 -85.47 31.62
CA GLY U 329 103.62 -85.45 30.41
C GLY U 329 105.10 -85.60 30.68
N LEU U 330 105.73 -86.61 30.10
CA LEU U 330 107.13 -86.84 30.37
C LEU U 330 108.00 -85.87 29.59
N GLY U 331 108.83 -85.17 30.32
CA GLY U 331 109.84 -84.32 29.75
C GLY U 331 111.17 -84.93 30.13
N THR U 332 112.15 -84.10 30.44
CA THR U 332 113.50 -84.62 30.60
C THR U 332 114.02 -84.32 31.99
N ALA U 333 115.00 -85.11 32.41
CA ALA U 333 116.16 -84.67 33.17
C ALA U 333 115.91 -84.29 34.63
N ALA U 334 114.68 -84.34 35.11
CA ALA U 334 114.42 -83.94 36.49
C ALA U 334 113.46 -84.89 37.18
N VAL U 335 113.67 -86.19 37.04
CA VAL U 335 112.70 -87.17 37.51
C VAL U 335 113.02 -87.40 38.98
N ILE U 336 112.52 -86.49 39.83
CA ILE U 336 113.06 -86.38 41.17
C ILE U 336 111.99 -86.54 42.22
N VAL U 337 112.42 -86.83 43.44
CA VAL U 337 111.53 -86.94 44.55
C VAL U 337 111.56 -85.61 45.30
N MET U 338 110.58 -85.42 46.17
CA MET U 338 110.75 -84.44 47.22
C MET U 338 110.16 -84.99 48.50
N ASP U 339 110.82 -84.62 49.58
CA ASP U 339 110.63 -85.11 50.93
C ASP U 339 109.33 -84.56 51.51
N ARG U 340 108.82 -85.28 52.52
CA ARG U 340 107.75 -84.77 53.37
C ARG U 340 108.19 -83.52 54.12
N SER U 341 109.50 -83.40 54.38
CA SER U 341 110.08 -82.34 55.22
C SER U 341 109.95 -80.95 54.63
N THR U 342 109.53 -80.82 53.37
CA THR U 342 109.08 -79.54 52.83
C THR U 342 107.65 -79.68 52.35
N ASP U 343 106.97 -78.55 52.27
CA ASP U 343 105.58 -78.50 51.84
C ASP U 343 105.53 -78.37 50.34
N ILE U 344 104.80 -79.29 49.69
CA ILE U 344 104.74 -79.28 48.24
C ILE U 344 103.99 -78.06 47.74
N VAL U 345 103.14 -77.48 48.59
CA VAL U 345 102.50 -76.20 48.29
C VAL U 345 103.54 -75.12 48.14
N LYS U 346 104.52 -75.08 49.05
CA LYS U 346 105.59 -74.10 48.99
C LYS U 346 106.45 -74.30 47.76
N ALA U 347 106.78 -75.56 47.44
CA ALA U 347 107.62 -75.83 46.29
C ALA U 347 106.95 -75.42 44.98
N ILE U 348 105.68 -75.81 44.81
CA ILE U 348 104.97 -75.47 43.59
C ILE U 348 104.69 -73.97 43.53
N ALA U 349 104.52 -73.31 44.67
CA ALA U 349 104.31 -71.87 44.67
C ALA U 349 105.55 -71.12 44.20
N ARG U 350 106.72 -71.60 44.61
CA ARG U 350 107.96 -71.02 44.09
C ARG U 350 108.11 -71.27 42.59
N LEU U 351 107.66 -72.44 42.12
CA LEU U 351 107.68 -72.69 40.69
C LEU U 351 106.73 -71.76 39.94
N ILE U 352 105.60 -71.41 40.56
CA ILE U 352 104.67 -70.46 39.96
C ILE U 352 105.29 -69.07 39.93
N GLU U 353 106.06 -68.71 40.96
CA GLU U 353 106.76 -67.43 40.93
C GLU U 353 107.79 -67.39 39.79
N PHE U 354 108.46 -68.51 39.54
CA PHE U 354 109.33 -68.60 38.36
C PHE U 354 108.55 -68.40 37.08
N TYR U 355 107.38 -69.00 36.99
CA TYR U 355 106.54 -68.87 35.81
C TYR U 355 106.11 -67.43 35.58
N LYS U 356 105.86 -66.69 36.65
CA LYS U 356 105.55 -65.27 36.47
C LYS U 356 106.77 -64.51 36.00
N HIS U 357 107.93 -64.83 36.57
CA HIS U 357 109.12 -64.04 36.28
C HIS U 357 109.59 -64.24 34.85
N GLU U 358 109.31 -65.39 34.25
CA GLU U 358 109.61 -65.57 32.83
C GLU U 358 108.37 -66.03 32.10
N SER U 359 107.77 -65.12 31.35
CA SER U 359 106.71 -65.36 30.38
C SER U 359 106.58 -64.11 29.54
N CYS U 360 106.40 -64.27 28.23
CA CYS U 360 106.23 -63.07 27.46
C CYS U 360 104.80 -62.57 27.61
N GLY U 361 104.51 -61.42 27.05
CA GLY U 361 103.22 -60.83 27.33
C GLY U 361 102.30 -60.81 26.14
N GLN U 362 102.46 -61.75 25.23
CA GLN U 362 101.59 -61.87 24.07
C GLN U 362 100.15 -62.18 24.43
N CYS U 363 99.93 -63.37 24.95
CA CYS U 363 98.58 -63.84 25.21
C CYS U 363 98.09 -63.21 26.50
N THR U 364 96.89 -62.65 26.46
CA THR U 364 96.21 -62.28 27.71
C THR U 364 96.09 -63.41 28.75
N PRO U 365 95.68 -64.65 28.42
CA PRO U 365 95.32 -65.56 29.51
C PRO U 365 96.48 -66.05 30.33
N CYS U 366 97.67 -66.29 29.76
CA CYS U 366 98.75 -66.80 30.62
C CYS U 366 99.21 -65.70 31.54
N ARG U 367 99.28 -64.49 31.00
CA ARG U 367 99.64 -63.29 31.73
C ARG U 367 98.78 -63.15 32.98
N GLU U 368 97.48 -63.08 32.79
CA GLU U 368 96.66 -62.85 33.97
C GLU U 368 96.41 -64.10 34.80
N GLY U 369 96.43 -65.28 34.19
CA GLY U 369 96.22 -66.49 34.96
C GLY U 369 97.38 -66.79 35.88
N VAL U 370 98.60 -66.61 35.39
CA VAL U 370 99.75 -66.78 36.24
C VAL U 370 99.81 -65.66 37.28
N ASP U 371 99.26 -64.49 36.96
CA ASP U 371 99.16 -63.44 37.97
C ASP U 371 98.25 -63.86 39.13
N TRP U 372 97.04 -64.34 38.81
CA TRP U 372 96.14 -64.77 39.87
C TRP U 372 96.72 -65.94 40.62
N MET U 373 97.26 -66.94 39.90
CA MET U 373 97.71 -68.15 40.56
C MET U 373 98.93 -67.88 41.42
N ASN U 374 99.74 -66.89 41.06
CA ASN U 374 100.83 -66.49 41.93
C ASN U 374 100.29 -65.90 43.22
N LYS U 375 99.33 -64.98 43.11
CA LYS U 375 98.79 -64.36 44.32
C LYS U 375 97.96 -65.34 45.15
N VAL U 376 97.30 -66.28 44.50
CA VAL U 376 96.49 -67.24 45.24
C VAL U 376 97.37 -68.28 45.90
N MET U 377 98.49 -68.68 45.27
CA MET U 377 99.39 -69.59 45.96
C MET U 377 100.11 -68.91 47.11
N ALA U 378 100.27 -67.58 47.03
CA ALA U 378 100.69 -66.83 48.21
C ALA U 378 99.64 -66.93 49.32
N ARG U 379 98.37 -66.75 48.97
CA ARG U 379 97.31 -66.86 49.96
C ARG U 379 97.05 -68.29 50.42
N PHE U 380 97.66 -69.28 49.78
CA PHE U 380 97.60 -70.65 50.27
C PHE U 380 98.77 -71.00 51.16
N VAL U 381 99.96 -70.51 50.83
CA VAL U 381 101.10 -70.70 51.70
C VAL U 381 100.87 -70.01 53.04
N ARG U 382 100.31 -68.79 53.01
CA ARG U 382 99.85 -68.22 54.26
C ARG U 382 98.49 -68.77 54.67
N GLY U 383 97.75 -69.39 53.75
CA GLY U 383 96.52 -70.09 54.08
C GLY U 383 95.33 -69.24 54.39
N ASP U 384 95.17 -68.09 53.73
CA ASP U 384 94.15 -67.10 54.11
C ASP U 384 92.90 -67.18 53.21
N ALA U 385 92.47 -68.38 52.82
CA ALA U 385 91.32 -68.49 51.94
C ALA U 385 90.31 -69.53 52.40
N ARG U 386 89.33 -69.83 51.56
CA ARG U 386 88.23 -70.75 51.79
C ARG U 386 88.31 -71.87 50.77
N PRO U 387 87.66 -73.02 51.02
CA PRO U 387 87.77 -74.14 50.05
C PRO U 387 87.22 -73.85 48.67
N ALA U 388 86.27 -72.93 48.58
CA ALA U 388 85.83 -72.47 47.28
C ALA U 388 86.95 -71.82 46.50
N GLU U 389 87.97 -71.28 47.17
CA GLU U 389 89.12 -70.72 46.47
C GLU U 389 89.96 -71.82 45.84
N ILE U 390 90.08 -72.97 46.50
CA ILE U 390 90.92 -74.01 45.89
C ILE U 390 90.17 -74.64 44.73
N ASP U 391 88.84 -74.69 44.80
CA ASP U 391 88.15 -75.11 43.60
C ASP U 391 88.08 -74.01 42.54
N SER U 392 88.22 -72.75 42.94
CA SER U 392 88.33 -71.66 41.97
C SER U 392 89.62 -71.75 41.20
N LEU U 393 90.68 -72.13 41.89
CA LEU U 393 91.97 -72.31 41.25
C LEU U 393 91.90 -73.49 40.30
N TRP U 394 91.15 -74.51 40.68
CA TRP U 394 90.89 -75.62 39.76
C TRP U 394 90.12 -75.19 38.52
N GLU U 395 89.10 -74.35 38.68
CA GLU U 395 88.33 -73.93 37.51
C GLU U 395 89.17 -73.05 36.59
N ILE U 396 90.01 -72.18 37.16
CA ILE U 396 90.76 -71.30 36.29
C ILE U 396 91.88 -72.08 35.61
N SER U 397 92.42 -73.10 36.26
CA SER U 397 93.36 -73.95 35.56
C SER U 397 92.70 -74.78 34.48
N LYS U 398 91.38 -75.01 34.59
CA LYS U 398 90.67 -75.56 33.44
C LYS U 398 90.47 -74.54 32.34
N GLN U 399 90.36 -73.25 32.68
CA GLN U 399 90.14 -72.24 31.65
C GLN U 399 91.39 -71.96 30.83
N ILE U 400 92.56 -71.93 31.48
CA ILE U 400 93.76 -71.40 30.85
C ILE U 400 94.26 -72.33 29.75
N GLU U 401 94.09 -73.63 29.94
CA GLU U 401 94.93 -74.63 29.29
C GLU U 401 94.66 -74.70 27.79
N GLY U 402 95.71 -74.45 27.01
CA GLY U 402 95.60 -74.53 25.57
C GLY U 402 95.02 -73.32 24.90
N HIS U 403 94.57 -72.32 25.67
CA HIS U 403 93.94 -71.13 25.16
C HIS U 403 94.92 -70.01 24.89
N THR U 404 96.18 -70.34 24.67
CA THR U 404 97.25 -69.37 24.54
C THR U 404 97.95 -69.58 23.22
N ILE U 405 99.15 -69.04 23.07
CA ILE U 405 100.00 -69.49 21.99
C ILE U 405 100.78 -70.70 22.43
N CYS U 406 101.63 -70.54 23.44
CA CYS U 406 102.67 -71.52 23.68
C CYS U 406 102.20 -72.48 24.74
N ALA U 407 103.13 -73.29 25.25
CA ALA U 407 102.79 -74.24 26.28
C ALA U 407 103.30 -73.83 27.65
N LEU U 408 103.77 -72.59 27.83
CA LEU U 408 104.16 -72.18 29.17
C LEU U 408 102.92 -71.97 30.03
N GLY U 409 101.87 -71.41 29.43
CA GLY U 409 100.59 -71.35 30.10
C GLY U 409 100.03 -72.73 30.42
N ASP U 410 100.24 -73.70 29.53
CA ASP U 410 99.73 -75.04 29.80
C ASP U 410 100.54 -75.72 30.88
N GLY U 411 101.85 -75.51 30.86
CA GLY U 411 102.73 -76.02 31.87
C GLY U 411 102.67 -75.25 33.15
N ALA U 412 101.94 -74.14 33.19
CA ALA U 412 101.49 -73.55 34.44
C ALA U 412 100.11 -74.04 34.84
N ALA U 413 99.32 -74.53 33.89
CA ALA U 413 98.03 -75.11 34.25
C ALA U 413 98.23 -76.43 34.99
N TRP U 414 99.08 -77.29 34.43
CA TRP U 414 99.24 -78.65 34.97
C TRP U 414 99.73 -78.81 36.41
N PRO U 415 100.68 -78.03 36.96
CA PRO U 415 101.09 -78.29 38.35
C PRO U 415 100.00 -78.01 39.35
N VAL U 416 99.25 -76.93 39.13
CA VAL U 416 98.07 -76.63 39.94
C VAL U 416 97.06 -77.76 39.83
N GLN U 417 96.93 -78.34 38.62
CA GLN U 417 96.05 -79.46 38.42
C GLN U 417 96.47 -80.67 39.24
N GLY U 418 97.75 -81.03 39.20
CA GLY U 418 98.21 -82.19 39.92
C GLY U 418 98.13 -82.02 41.42
N LEU U 419 98.42 -80.80 41.88
CA LEU U 419 98.30 -80.49 43.31
C LEU U 419 96.86 -80.60 43.77
N ILE U 420 95.92 -80.20 42.92
CA ILE U 420 94.51 -80.32 43.28
C ILE U 420 94.04 -81.77 43.18
N ARG U 421 94.54 -82.53 42.20
CA ARG U 421 94.14 -83.92 42.06
C ARG U 421 94.68 -84.80 43.18
N HIS U 422 95.78 -84.42 43.81
CA HIS U 422 96.35 -85.34 44.78
C HIS U 422 96.39 -84.79 46.19
N PHE U 423 96.85 -83.56 46.39
CA PHE U 423 97.29 -83.19 47.73
C PHE U 423 96.39 -82.13 48.34
N ARG U 424 95.08 -82.36 48.19
CA ARG U 424 94.03 -81.76 49.01
C ARG U 424 94.24 -81.74 50.54
N PRO U 425 94.67 -82.82 51.22
CA PRO U 425 94.53 -82.81 52.69
C PRO U 425 95.45 -81.85 53.42
N GLU U 426 96.67 -81.66 52.93
CA GLU U 426 97.56 -80.68 53.55
C GLU U 426 97.00 -79.27 53.37
N LEU U 427 96.38 -79.01 52.23
CA LEU U 427 95.72 -77.72 52.01
C LEU U 427 94.62 -77.49 53.02
N GLU U 428 93.80 -78.52 53.27
CA GLU U 428 92.71 -78.39 54.23
C GLU U 428 93.23 -78.19 55.65
N GLU U 429 94.30 -78.91 55.99
CA GLU U 429 94.87 -78.74 57.33
C GLU U 429 95.55 -77.39 57.49
N ARG U 430 96.17 -76.89 56.42
CA ARG U 430 96.79 -75.57 56.44
C ARG U 430 95.76 -74.48 56.68
N MET U 431 94.65 -74.57 55.96
CA MET U 431 93.58 -73.59 56.12
C MET U 431 92.91 -73.71 57.48
N GLN U 432 92.83 -74.94 58.01
CA GLN U 432 92.25 -75.12 59.34
C GLN U 432 93.17 -74.55 60.41
N ARG U 433 94.48 -74.71 60.24
CA ARG U 433 95.41 -74.13 61.20
C ARG U 433 95.46 -72.63 61.10
N PHE U 434 95.21 -72.07 59.91
CA PHE U 434 95.09 -70.63 59.85
C PHE U 434 93.82 -70.13 60.53
N ALA U 435 92.74 -70.92 60.47
CA ALA U 435 91.54 -70.59 61.23
C ALA U 435 91.82 -70.63 62.72
N GLN U 436 92.57 -71.64 63.17
CA GLN U 436 92.99 -71.72 64.57
C GLN U 436 93.90 -70.57 64.96
N GLN U 437 94.68 -70.07 64.00
CA GLN U 437 95.62 -69.00 64.27
C GLN U 437 94.91 -67.66 64.43
N HIS U 438 94.06 -67.30 63.46
CA HIS U 438 93.33 -66.04 63.52
C HIS U 438 92.29 -66.07 64.64
N GLN U 439 91.71 -67.22 64.90
CA GLN U 439 90.80 -67.36 66.02
C GLN U 439 91.57 -67.75 67.26
N ALA V 5 110.84 -52.73 38.23
CA ALA V 5 112.02 -51.98 38.62
C ALA V 5 112.29 -50.82 37.65
N LEU V 6 111.27 -49.99 37.44
CA LEU V 6 111.37 -48.69 36.77
C LEU V 6 111.86 -48.80 35.33
N PHE V 7 110.95 -49.31 34.49
CA PHE V 7 111.16 -49.52 33.06
C PHE V 7 110.96 -48.28 32.21
N VAL V 8 111.07 -47.07 32.73
CA VAL V 8 111.11 -45.86 31.90
C VAL V 8 112.38 -45.12 32.29
N HIS V 9 113.03 -44.49 31.31
CA HIS V 9 114.44 -44.12 31.44
C HIS V 9 114.66 -43.02 32.47
N ARG V 10 114.11 -41.84 32.23
CA ARG V 10 114.09 -40.70 33.16
C ARG V 10 115.48 -40.24 33.55
N ASP V 11 116.12 -39.49 32.64
CA ASP V 11 117.55 -39.47 32.32
C ASP V 11 118.52 -39.69 33.48
N THR V 12 118.54 -38.78 34.48
CA THR V 12 119.45 -38.81 35.63
C THR V 12 120.91 -38.89 35.15
N PRO V 13 121.50 -37.76 34.75
CA PRO V 13 122.79 -37.76 34.04
C PRO V 13 123.92 -38.42 34.83
N LYS V 14 124.95 -38.83 34.07
CA LYS V 14 125.75 -40.10 34.06
C LYS V 14 124.96 -41.10 33.23
N ASN V 15 123.96 -40.57 32.55
CA ASN V 15 123.08 -41.12 31.52
C ASN V 15 122.88 -39.86 30.71
N ASN V 16 121.68 -39.60 30.16
CA ASN V 16 121.36 -38.31 29.53
C ASN V 16 122.19 -38.11 28.26
N PRO V 17 121.75 -38.68 27.15
CA PRO V 17 122.52 -38.58 25.90
C PRO V 17 122.69 -37.13 25.45
N GLU V 18 123.94 -36.74 25.19
CA GLU V 18 125.07 -37.66 25.13
C GLU V 18 125.94 -37.79 26.37
N THR V 19 125.88 -38.96 26.98
CA THR V 19 127.03 -39.48 27.68
C THR V 19 128.07 -39.91 26.65
N PRO V 20 129.32 -39.44 26.75
CA PRO V 20 130.32 -39.81 25.73
C PRO V 20 130.69 -41.29 25.80
N PHE V 21 130.50 -41.98 24.68
CA PHE V 21 130.63 -43.43 24.65
C PHE V 21 131.08 -43.87 23.27
N ASP V 22 132.19 -44.60 23.20
CA ASP V 22 132.68 -45.10 21.94
C ASP V 22 133.53 -46.33 22.21
N PHE V 23 133.65 -47.19 21.20
CA PHE V 23 134.41 -48.41 21.29
C PHE V 23 135.84 -48.19 20.78
N THR V 24 136.56 -49.28 20.54
CA THR V 24 137.86 -49.70 20.02
C THR V 24 137.70 -50.23 18.60
N PRO V 25 138.60 -49.86 17.67
CA PRO V 25 138.50 -50.38 16.29
C PRO V 25 138.60 -51.91 16.18
N GLU V 26 139.26 -52.55 17.13
CA GLU V 26 139.21 -54.01 17.23
C GLU V 26 137.78 -54.47 17.45
N ASN V 27 137.05 -53.77 18.32
CA ASN V 27 135.66 -54.10 18.55
C ASN V 27 134.80 -53.75 17.35
N TYR V 28 135.23 -52.78 16.55
CA TYR V 28 134.57 -52.52 15.28
C TYR V 28 134.75 -53.68 14.32
N LYS V 29 135.90 -54.34 14.39
CA LYS V 29 136.09 -55.52 13.55
C LYS V 29 135.22 -56.67 14.02
N ARG V 30 135.05 -56.80 15.35
CA ARG V 30 134.03 -57.71 15.88
C ARG V 30 132.64 -57.40 15.34
N ILE V 31 132.29 -56.10 15.29
CA ILE V 31 130.99 -55.65 14.79
C ILE V 31 130.77 -56.10 13.35
N GLU V 32 131.80 -55.94 12.52
CA GLU V 32 131.63 -56.28 11.12
C GLU V 32 131.62 -57.79 10.89
N ALA V 33 132.32 -58.55 11.74
CA ALA V 33 132.18 -59.99 11.70
C ALA V 33 130.76 -60.42 12.08
N ILE V 34 130.21 -59.77 13.11
CA ILE V 34 128.88 -60.12 13.59
C ILE V 34 127.82 -59.80 12.54
N VAL V 35 127.73 -58.53 12.11
CA VAL V 35 126.86 -58.31 10.96
C VAL V 35 127.75 -58.42 9.72
N LYS V 36 128.29 -59.60 9.52
CA LYS V 36 128.47 -60.20 8.21
C LYS V 36 128.16 -61.68 8.31
N ASN V 37 127.99 -62.21 9.53
CA ASN V 37 127.47 -63.56 9.69
C ASN V 37 126.06 -63.70 9.14
N TYR V 38 125.20 -62.75 9.43
CA TYR V 38 123.78 -62.90 9.11
C TYR V 38 123.54 -62.54 7.65
N PRO V 39 122.44 -63.02 7.04
CA PRO V 39 122.24 -62.77 5.61
C PRO V 39 121.91 -61.33 5.31
N GLU V 40 122.21 -60.94 4.07
CA GLU V 40 121.85 -59.61 3.61
C GLU V 40 120.34 -59.54 3.39
N GLY V 41 119.76 -58.40 3.75
CA GLY V 41 118.34 -58.18 3.72
C GLY V 41 117.76 -58.10 5.10
N HIS V 42 118.45 -58.61 6.11
CA HIS V 42 117.95 -58.67 7.47
C HIS V 42 119.05 -58.32 8.45
N LYS V 43 119.68 -57.15 8.21
CA LYS V 43 120.72 -56.60 9.07
C LYS V 43 120.30 -56.50 10.53
N ALA V 44 119.03 -56.26 10.79
CA ALA V 44 118.45 -56.04 12.12
C ALA V 44 118.46 -57.29 12.99
N ALA V 45 119.12 -58.39 12.63
CA ALA V 45 119.13 -59.59 13.45
C ALA V 45 120.31 -59.68 14.41
N ALA V 46 121.31 -58.81 14.29
CA ALA V 46 122.50 -58.89 15.12
C ALA V 46 122.49 -57.87 16.24
N VAL V 47 121.30 -57.36 16.58
CA VAL V 47 121.14 -56.32 17.58
C VAL V 47 121.59 -56.81 18.95
N LEU V 48 121.18 -58.01 19.30
CA LEU V 48 121.54 -58.56 20.61
C LEU V 48 123.03 -58.90 20.74
N PRO V 49 123.74 -59.48 19.75
CA PRO V 49 125.19 -59.60 19.93
C PRO V 49 125.94 -58.28 19.90
N VAL V 50 125.50 -57.28 19.13
CA VAL V 50 126.17 -55.98 19.20
C VAL V 50 125.98 -55.35 20.57
N LEU V 51 124.78 -55.49 21.14
CA LEU V 51 124.54 -54.98 22.47
C LEU V 51 125.30 -55.78 23.51
N ASP V 52 125.57 -57.05 23.23
CA ASP V 52 126.40 -57.85 24.09
C ASP V 52 127.84 -57.36 24.07
N LEU V 53 128.33 -56.97 22.89
CA LEU V 53 129.65 -56.35 22.79
C LEU V 53 129.71 -55.07 23.59
N ALA V 54 128.65 -54.26 23.53
CA ALA V 54 128.62 -53.01 24.28
C ALA V 54 128.64 -53.27 25.79
N GLN V 55 127.93 -54.31 26.25
CA GLN V 55 127.94 -54.61 27.67
C GLN V 55 129.28 -55.17 28.12
N ARG V 56 129.87 -56.07 27.33
CA ARG V 56 131.15 -56.65 27.71
C ARG V 56 132.26 -55.63 27.64
N GLN V 57 132.13 -54.64 26.76
CA GLN V 57 133.09 -53.54 26.69
C GLN V 57 132.90 -52.67 27.92
N ASN V 58 131.78 -51.98 28.01
CA ASN V 58 131.47 -51.15 29.17
C ASN V 58 130.40 -51.88 29.96
N GLY V 59 130.72 -52.24 31.21
CA GLY V 59 130.00 -53.17 32.06
C GLY V 59 128.49 -53.09 32.13
N TRP V 60 127.94 -51.90 31.88
CA TRP V 60 126.51 -51.71 31.76
C TRP V 60 126.26 -50.68 30.68
N LEU V 61 125.14 -50.79 30.01
CA LEU V 61 124.95 -49.93 28.84
C LEU V 61 124.18 -48.67 29.20
N PRO V 62 124.69 -47.50 28.88
CA PRO V 62 123.89 -46.29 28.98
C PRO V 62 123.00 -46.13 27.76
N ILE V 63 122.30 -45.01 27.72
CA ILE V 63 121.37 -44.74 26.64
C ILE V 63 122.10 -44.31 25.37
N SER V 64 123.24 -43.64 25.53
CA SER V 64 124.03 -43.25 24.36
C SER V 64 124.65 -44.45 23.69
N ALA V 65 124.89 -45.52 24.46
CA ALA V 65 125.23 -46.80 23.87
C ALA V 65 124.11 -47.28 22.96
N MET V 66 122.87 -47.06 23.35
CA MET V 66 121.77 -47.51 22.52
C MET V 66 121.60 -46.65 21.28
N ASN V 67 121.83 -45.33 21.40
CA ASN V 67 121.88 -44.48 20.21
C ASN V 67 123.01 -44.88 19.29
N LYS V 68 124.16 -45.25 19.85
CA LYS V 68 125.31 -45.67 19.07
C LYS V 68 125.00 -46.95 18.31
N VAL V 69 124.43 -47.94 18.99
CA VAL V 69 124.08 -49.22 18.36
C VAL V 69 123.02 -49.02 17.30
N ALA V 70 122.08 -48.10 17.53
CA ALA V 70 121.05 -47.83 16.55
C ALA V 70 121.62 -47.20 15.30
N GLU V 71 122.54 -46.25 15.45
CA GLU V 71 123.13 -45.63 14.26
C GLU V 71 124.11 -46.56 13.56
N ILE V 72 124.75 -47.45 14.30
CA ILE V 72 125.62 -48.44 13.68
C ILE V 72 124.79 -49.42 12.85
N LEU V 73 123.72 -49.93 13.42
CA LEU V 73 122.91 -50.89 12.69
C LEU V 73 121.82 -50.22 11.85
N GLN V 74 121.85 -48.90 11.74
CA GLN V 74 120.94 -48.04 10.94
C GLN V 74 119.47 -48.43 11.08
N VAL V 75 119.03 -48.55 12.33
CA VAL V 75 117.65 -48.85 12.67
C VAL V 75 117.12 -47.70 13.50
N PRO V 76 115.79 -47.56 13.63
CA PRO V 76 115.26 -46.72 14.69
C PRO V 76 115.63 -47.30 16.03
N PRO V 77 115.87 -46.45 17.04
CA PRO V 77 116.40 -46.94 18.32
C PRO V 77 115.40 -47.77 19.11
N MET V 78 114.13 -47.75 18.70
CA MET V 78 113.05 -48.29 19.51
C MET V 78 113.15 -49.79 19.64
N ARG V 79 113.68 -50.45 18.61
CA ARG V 79 113.90 -51.87 18.69
C ARG V 79 115.00 -52.18 19.70
N VAL V 80 116.01 -51.31 19.79
CA VAL V 80 117.07 -51.51 20.76
C VAL V 80 116.55 -51.28 22.16
N TYR V 81 115.65 -50.31 22.32
CA TYR V 81 115.06 -50.10 23.64
C TYR V 81 114.17 -51.27 24.05
N GLU V 82 113.48 -51.89 23.09
CA GLU V 82 112.71 -53.09 23.39
C GLU V 82 113.61 -54.22 23.86
N VAL V 83 114.66 -54.52 23.08
CA VAL V 83 115.52 -55.65 23.40
C VAL V 83 116.30 -55.40 24.68
N ALA V 84 116.58 -54.14 24.98
CA ALA V 84 117.21 -53.81 26.25
C ALA V 84 116.24 -54.02 27.41
N THR V 85 114.98 -53.64 27.26
CA THR V 85 114.03 -53.87 28.35
C THR V 85 113.56 -55.30 28.44
N PHE V 86 113.88 -56.14 27.45
CA PHE V 86 113.18 -57.41 27.40
C PHE V 86 113.93 -58.53 28.09
N TYR V 87 115.26 -58.57 28.00
CA TYR V 87 115.99 -59.75 28.42
C TYR V 87 116.53 -59.59 29.84
N THR V 88 117.40 -60.51 30.24
CA THR V 88 117.92 -60.56 31.59
C THR V 88 119.37 -60.17 31.72
N MET V 89 120.19 -60.47 30.72
CA MET V 89 121.63 -60.25 30.86
C MET V 89 122.03 -58.79 30.76
N TYR V 90 121.10 -57.87 30.56
CA TYR V 90 121.46 -56.48 30.29
C TYR V 90 120.90 -55.63 31.42
N ASN V 91 121.79 -55.08 32.22
CA ASN V 91 121.44 -54.35 33.43
C ASN V 91 121.60 -52.86 33.20
N ARG V 92 120.49 -52.16 33.06
CA ARG V 92 120.51 -50.74 32.76
C ARG V 92 120.92 -49.90 33.95
N LYS V 93 120.86 -50.45 35.14
CA LYS V 93 121.53 -49.80 36.24
C LYS V 93 123.03 -50.01 36.15
N PRO V 94 123.82 -49.04 36.60
CA PRO V 94 125.27 -49.27 36.73
C PRO V 94 125.57 -50.26 37.84
N VAL V 95 126.52 -51.15 37.59
CA VAL V 95 126.88 -52.19 38.55
C VAL V 95 128.35 -52.09 38.92
N GLY V 96 128.81 -53.01 39.78
CA GLY V 96 130.19 -53.05 40.21
C GLY V 96 131.03 -53.92 39.31
N LYS V 97 132.22 -54.27 39.80
CA LYS V 97 133.13 -55.13 39.08
C LYS V 97 132.60 -56.55 38.96
N TYR V 98 132.46 -57.21 40.11
CA TYR V 98 131.84 -58.51 40.20
C TYR V 98 130.35 -58.35 40.39
N HIS V 99 129.59 -59.23 39.75
CA HIS V 99 128.16 -59.29 39.88
C HIS V 99 127.79 -60.64 40.46
N ILE V 100 126.79 -60.67 41.34
CA ILE V 100 126.41 -61.89 42.02
C ILE V 100 125.01 -62.25 41.58
N GLN V 101 124.86 -63.46 41.03
CA GLN V 101 123.57 -64.09 40.81
C GLN V 101 123.48 -65.29 41.74
N VAL V 102 122.58 -65.23 42.71
CA VAL V 102 122.31 -66.37 43.57
C VAL V 102 121.09 -67.07 43.01
N CYS V 103 121.30 -68.18 42.31
CA CYS V 103 120.19 -68.85 41.68
C CYS V 103 119.56 -69.86 42.61
N THR V 104 118.23 -69.72 42.72
CA THR V 104 117.42 -70.54 43.63
C THR V 104 115.95 -70.66 43.16
N THR V 105 115.64 -71.75 42.44
CA THR V 105 114.22 -72.10 42.33
C THR V 105 113.76 -73.47 42.78
N THR V 106 113.98 -74.51 41.97
CA THR V 106 113.32 -75.74 42.40
C THR V 106 114.18 -76.78 43.12
N PRO V 107 115.36 -77.24 42.60
CA PRO V 107 116.19 -78.05 43.51
C PRO V 107 117.09 -77.14 44.33
N CYS V 108 117.37 -75.96 43.78
CA CYS V 108 118.30 -75.04 44.41
C CYS V 108 117.71 -74.48 45.69
N MET V 109 116.41 -74.16 45.70
CA MET V 109 115.80 -73.66 46.92
C MET V 109 115.54 -74.79 47.92
N LEU V 110 115.22 -75.99 47.43
CA LEU V 110 114.95 -77.04 48.40
C LEU V 110 116.24 -77.64 48.94
N ARG V 111 117.37 -77.43 48.28
CA ARG V 111 118.66 -77.80 48.84
C ARG V 111 119.28 -76.63 49.60
N ASN V 112 118.43 -75.84 50.24
CA ASN V 112 118.76 -74.89 51.30
C ASN V 112 119.65 -73.74 50.83
N SER V 113 119.21 -73.03 49.79
CA SER V 113 119.83 -71.76 49.43
C SER V 113 119.60 -70.67 50.45
N ASP V 114 118.59 -70.84 51.31
CA ASP V 114 118.31 -69.84 52.34
C ASP V 114 119.45 -69.76 53.35
N SER V 115 120.15 -70.87 53.57
CA SER V 115 121.41 -70.82 54.29
C SER V 115 122.44 -69.98 53.54
N ILE V 116 122.50 -70.15 52.22
CA ILE V 116 123.45 -69.39 51.41
C ILE V 116 123.02 -67.94 51.31
N LEU V 117 121.70 -67.69 51.26
CA LEU V 117 121.19 -66.33 51.26
C LEU V 117 121.51 -65.60 52.56
N GLU V 118 121.34 -66.28 53.70
CA GLU V 118 121.76 -65.73 54.98
C GLU V 118 123.26 -65.49 55.03
N ALA V 119 124.04 -66.42 54.48
CA ALA V 119 125.49 -66.29 54.51
C ALA V 119 125.96 -65.10 53.69
N ILE V 120 125.43 -64.95 52.48
CA ILE V 120 125.74 -63.81 51.62
C ILE V 120 125.27 -62.52 52.27
N GLN V 121 124.11 -62.53 52.91
CA GLN V 121 123.57 -61.32 53.50
C GLN V 121 124.40 -60.87 54.71
N LYS V 122 124.60 -61.75 55.69
CA LYS V 122 125.31 -61.33 56.88
C LYS V 122 126.82 -61.37 56.71
N LYS V 123 127.32 -61.77 55.55
CA LYS V 123 128.72 -61.52 55.25
C LYS V 123 128.89 -60.19 54.53
N LEU V 124 128.02 -59.92 53.57
CA LEU V 124 128.16 -58.73 52.73
C LEU V 124 127.50 -57.50 53.33
N GLY V 125 126.29 -57.65 53.85
CA GLY V 125 125.65 -56.52 54.50
C GLY V 125 124.53 -55.90 53.70
N ILE V 126 124.70 -55.79 52.38
CA ILE V 126 123.68 -55.14 51.57
C ILE V 126 122.55 -56.14 51.33
N LYS V 127 121.34 -55.64 51.17
CA LYS V 127 120.20 -56.53 51.19
C LYS V 127 119.97 -57.12 49.81
N VAL V 128 119.06 -58.09 49.76
CA VAL V 128 118.88 -58.89 48.55
C VAL V 128 118.19 -58.05 47.48
N GLY V 129 118.64 -58.21 46.24
CA GLY V 129 118.17 -57.41 45.14
C GLY V 129 118.84 -56.06 44.98
N GLU V 130 119.56 -55.58 45.99
CA GLU V 130 120.10 -54.24 45.95
C GLU V 130 121.57 -54.25 45.54
N THR V 131 122.19 -53.07 45.58
CA THR V 131 123.58 -52.81 45.30
C THR V 131 124.31 -52.44 46.59
N THR V 132 125.56 -52.03 46.44
CA THR V 132 126.48 -51.95 47.56
C THR V 132 127.20 -50.61 47.61
N PRO V 133 127.64 -50.15 48.82
CA PRO V 133 128.40 -48.88 48.89
C PRO V 133 129.88 -49.03 48.61
N ASP V 134 130.18 -49.81 47.59
CA ASP V 134 131.47 -49.98 46.95
C ASP V 134 131.17 -50.56 45.58
N LYS V 135 132.18 -51.13 44.94
CA LYS V 135 131.96 -51.86 43.72
C LYS V 135 131.85 -53.35 44.03
N LEU V 136 131.81 -54.15 42.97
CA LEU V 136 132.02 -55.60 42.92
C LEU V 136 131.07 -56.43 43.78
N PHE V 137 129.98 -55.85 44.29
CA PHE V 137 129.01 -56.64 45.05
C PHE V 137 127.57 -56.25 44.76
N THR V 138 127.23 -56.14 43.48
CA THR V 138 125.83 -56.06 43.09
C THR V 138 125.23 -57.45 43.23
N LEU V 139 124.47 -57.66 44.30
CA LEU V 139 123.85 -58.93 44.62
C LEU V 139 122.42 -58.94 44.14
N ILE V 140 122.06 -59.92 43.30
CA ILE V 140 120.66 -60.25 43.06
C ILE V 140 120.48 -61.76 43.11
N GLU V 141 119.40 -62.19 43.74
CA GLU V 141 118.98 -63.56 43.55
C GLU V 141 118.28 -63.63 42.20
N VAL V 142 118.41 -64.78 41.57
CA VAL V 142 117.79 -65.02 40.29
C VAL V 142 117.07 -66.36 40.29
N GLU V 143 116.29 -66.51 39.25
CA GLU V 143 115.54 -67.71 38.96
C GLU V 143 116.49 -68.69 38.29
N CYS V 144 115.95 -69.77 37.73
CA CYS V 144 116.77 -70.89 37.31
C CYS V 144 117.73 -70.57 36.18
N LEU V 145 118.90 -71.20 36.24
CA LEU V 145 119.90 -71.03 35.21
C LEU V 145 120.09 -72.29 34.40
N GLY V 146 120.00 -73.46 35.03
CA GLY V 146 120.13 -74.70 34.31
C GLY V 146 121.05 -75.68 35.02
N ALA V 147 122.11 -75.16 35.62
CA ALA V 147 123.09 -76.01 36.30
C ALA V 147 122.57 -76.30 37.71
N CYS V 148 121.69 -77.29 37.77
CA CYS V 148 120.90 -77.53 38.96
C CYS V 148 121.38 -78.71 39.77
N VAL V 149 122.30 -79.50 39.24
CA VAL V 149 122.53 -80.88 39.68
C VAL V 149 123.34 -80.96 40.96
N ASN V 150 123.50 -79.83 41.64
CA ASN V 150 124.35 -79.75 42.81
C ASN V 150 123.62 -78.85 43.81
N ALA V 151 124.38 -78.32 44.76
CA ALA V 151 123.91 -77.28 45.65
C ALA V 151 123.49 -76.03 44.85
N PRO V 152 122.61 -75.18 45.42
CA PRO V 152 122.21 -73.94 44.74
C PRO V 152 123.36 -73.03 44.38
N MET V 153 123.19 -72.27 43.30
CA MET V 153 124.42 -71.92 42.59
C MET V 153 124.67 -70.42 42.55
N VAL V 154 125.91 -70.06 42.23
CA VAL V 154 126.33 -68.68 42.10
C VAL V 154 126.89 -68.48 40.71
N GLN V 155 126.42 -67.46 40.02
CA GLN V 155 127.09 -66.98 38.82
C GLN V 155 127.74 -65.64 39.12
N ILE V 156 129.03 -65.55 38.83
CA ILE V 156 129.78 -64.30 38.82
C ILE V 156 130.18 -64.17 37.37
N ASN V 157 131.04 -63.20 37.03
CA ASN V 157 131.19 -62.75 35.64
C ASN V 157 131.69 -63.87 34.74
N ASP V 158 130.69 -64.54 34.16
CA ASP V 158 130.82 -65.73 33.30
C ASP V 158 131.51 -66.89 34.01
N ASN V 159 131.23 -67.09 35.29
CA ASN V 159 131.71 -68.26 36.00
C ASN V 159 130.67 -68.76 36.99
N TYR V 160 130.81 -70.02 37.35
CA TYR V 160 129.91 -70.69 38.27
C TYR V 160 130.62 -71.07 39.55
N TYR V 161 129.82 -71.25 40.60
CA TYR V 161 130.26 -71.87 41.83
C TYR V 161 129.12 -72.70 42.37
N GLU V 162 129.37 -74.01 42.50
CA GLU V 162 128.44 -74.99 43.04
C GLU V 162 129.06 -75.63 44.27
N ASP V 163 128.24 -76.43 44.96
CA ASP V 163 128.61 -77.20 46.14
C ASP V 163 129.09 -76.28 47.26
N LEU V 164 128.18 -75.42 47.71
CA LEU V 164 128.51 -74.33 48.60
C LEU V 164 128.28 -74.68 50.06
N THR V 165 128.80 -73.82 50.92
CA THR V 165 128.80 -73.84 52.38
C THR V 165 129.38 -72.49 52.76
N PRO V 166 129.02 -71.92 53.92
CA PRO V 166 129.44 -70.54 54.23
C PRO V 166 130.93 -70.33 54.40
N LYS V 167 131.71 -71.37 54.72
CA LYS V 167 133.15 -71.21 54.76
C LYS V 167 133.72 -70.98 53.36
N ASP V 168 133.15 -71.64 52.34
CA ASP V 168 133.56 -71.35 50.97
C ASP V 168 133.12 -69.97 50.56
N ILE V 169 131.98 -69.50 51.09
CA ILE V 169 131.51 -68.14 50.84
C ILE V 169 132.51 -67.13 51.36
N GLU V 170 132.95 -67.32 52.61
CA GLU V 170 134.00 -66.50 53.20
C GLU V 170 135.26 -66.51 52.36
N GLU V 171 135.68 -67.70 51.92
CA GLU V 171 136.92 -67.83 51.17
C GLU V 171 136.83 -67.15 49.81
N ILE V 172 135.79 -67.48 49.03
CA ILE V 172 135.65 -66.95 47.69
C ILE V 172 135.45 -65.45 47.71
N ILE V 173 134.70 -64.94 48.69
CA ILE V 173 134.45 -63.50 48.69
C ILE V 173 135.65 -62.73 49.23
N ASP V 174 136.40 -63.30 50.19
CA ASP V 174 137.66 -62.70 50.60
C ASP V 174 138.67 -62.69 49.47
N GLU V 175 138.64 -63.70 48.60
CA GLU V 175 139.58 -63.76 47.50
C GLU V 175 139.17 -62.86 46.34
N LEU V 176 137.87 -62.62 46.16
CA LEU V 176 137.46 -61.60 45.21
C LEU V 176 137.76 -60.21 45.75
N LYS V 177 137.79 -60.06 47.07
CA LYS V 177 138.36 -58.84 47.63
C LYS V 177 139.85 -58.76 47.33
N ALA V 178 140.55 -59.88 47.52
CA ALA V 178 141.99 -59.89 47.28
C ALA V 178 142.31 -59.81 45.80
N GLY V 179 141.43 -60.33 44.94
CA GLY V 179 141.62 -60.32 43.52
C GLY V 179 141.83 -61.69 42.91
N LYS V 180 141.89 -62.73 43.72
CA LYS V 180 142.19 -64.08 43.25
C LYS V 180 140.89 -64.87 43.10
N ILE V 181 140.79 -65.65 42.04
CA ILE V 181 139.52 -66.21 41.59
C ILE V 181 139.61 -67.73 41.47
N PRO V 182 138.75 -68.49 42.17
CA PRO V 182 138.75 -69.95 42.00
C PRO V 182 137.95 -70.42 40.78
N LYS V 183 137.79 -71.73 40.67
CA LYS V 183 137.40 -72.41 39.45
C LYS V 183 135.90 -72.32 39.17
N PRO V 184 135.50 -72.36 37.89
CA PRO V 184 134.08 -72.40 37.56
C PRO V 184 133.41 -73.71 37.95
N GLY V 185 134.17 -74.78 38.08
CA GLY V 185 133.59 -76.10 38.22
C GLY V 185 133.05 -76.40 39.60
N PRO V 186 132.78 -77.66 39.86
CA PRO V 186 132.14 -78.06 41.11
C PRO V 186 133.13 -78.04 42.26
N ARG V 187 132.62 -78.33 43.46
CA ARG V 187 133.46 -78.52 44.63
C ARG V 187 133.20 -79.89 45.24
N SER V 188 133.73 -80.12 46.44
CA SER V 188 133.64 -81.40 47.17
C SER V 188 134.18 -82.57 46.34
N GLY V 189 135.28 -82.32 45.62
CA GLY V 189 135.77 -83.31 44.69
C GLY V 189 134.82 -83.42 43.51
N ARG V 190 134.69 -84.65 42.99
CA ARG V 190 133.78 -85.06 41.91
C ARG V 190 133.82 -84.09 40.73
N PHE V 191 134.95 -84.14 40.02
CA PHE V 191 135.40 -83.09 39.11
C PHE V 191 134.48 -82.70 37.94
N SER V 192 133.30 -83.29 37.82
CA SER V 192 132.29 -82.79 36.90
C SER V 192 130.92 -83.09 37.48
N CYS V 193 129.89 -83.04 36.65
CA CYS V 193 128.59 -83.56 37.06
C CYS V 193 128.70 -85.08 37.14
N GLU V 194 128.99 -85.59 38.34
CA GLU V 194 129.36 -86.98 38.38
C GLU V 194 128.37 -87.77 39.20
N PRO V 195 128.15 -89.01 38.85
CA PRO V 195 127.60 -89.93 39.83
C PRO V 195 128.62 -90.11 40.93
N ALA V 196 128.31 -89.57 42.10
CA ALA V 196 129.31 -89.42 43.15
C ALA V 196 129.33 -90.59 44.12
N GLY V 197 129.03 -91.80 43.63
CA GLY V 197 129.20 -93.00 44.41
C GLY V 197 130.51 -93.68 44.09
N GLY V 198 130.43 -94.83 43.41
CA GLY V 198 131.63 -95.55 43.05
C GLY V 198 131.82 -95.69 41.54
N LEU V 199 131.52 -94.62 40.80
CA LEU V 199 131.66 -94.54 39.34
C LEU V 199 130.81 -95.61 38.66
N THR V 200 129.50 -95.41 38.73
CA THR V 200 128.54 -96.30 38.09
C THR V 200 128.39 -96.06 36.58
N SER V 201 129.27 -95.26 35.99
CA SER V 201 129.24 -95.01 34.56
C SER V 201 129.99 -96.12 33.82
N LEU V 202 130.28 -95.88 32.55
CA LEU V 202 131.18 -96.70 31.77
C LEU V 202 132.60 -96.65 32.31
N THR V 203 133.33 -97.73 32.15
CA THR V 203 134.70 -97.86 32.65
C THR V 203 135.70 -98.22 31.56
N GLU V 204 135.32 -99.10 30.64
CA GLU V 204 136.23 -99.56 29.59
C GLU V 204 136.52 -98.45 28.59
N PRO V 205 137.69 -98.46 27.96
CA PRO V 205 137.97 -97.50 26.89
C PRO V 205 137.15 -97.83 25.66
N PRO V 206 136.25 -96.92 25.25
CA PRO V 206 135.18 -97.30 24.33
C PRO V 206 135.69 -97.52 22.92
N LYS V 207 135.00 -98.42 22.20
CA LYS V 207 135.55 -98.90 20.94
C LYS V 207 135.32 -97.90 19.82
N GLY V 208 134.07 -97.49 19.61
CA GLY V 208 133.76 -96.52 18.60
C GLY V 208 133.47 -97.12 17.24
N PRO V 209 134.26 -96.74 16.23
CA PRO V 209 133.96 -97.15 14.86
C PRO V 209 134.33 -98.59 14.55
N GLY V 210 134.98 -99.29 15.48
CA GLY V 210 135.58 -100.57 15.19
C GLY V 210 134.62 -101.74 15.08
N PHE V 211 133.56 -101.73 15.87
CA PHE V 211 132.72 -102.92 15.97
C PHE V 211 131.50 -102.79 15.06
N GLY V 212 130.57 -103.74 15.18
CA GLY V 212 129.50 -103.97 14.23
C GLY V 212 128.50 -102.86 13.97
N VAL V 213 128.60 -102.27 12.78
CA VAL V 213 127.68 -101.24 12.29
C VAL V 213 127.10 -101.76 10.99
N GLN V 214 126.30 -100.96 10.30
CA GLN V 214 125.71 -101.42 9.04
C GLN V 214 125.51 -100.24 8.10
N ALA V 215 125.72 -100.51 6.79
CA ALA V 215 125.62 -99.53 5.71
C ALA V 215 126.56 -98.36 5.94
N GLY V 216 127.84 -98.68 6.16
CA GLY V 216 128.83 -97.68 6.46
C GLY V 216 129.88 -98.27 7.39
N SER W 6 87.02 -73.29 -9.56
CA SER W 6 87.66 -72.02 -9.88
C SER W 6 87.75 -71.12 -8.64
N ASN W 7 88.67 -71.49 -7.75
CA ASN W 7 89.09 -70.69 -6.60
C ASN W 7 87.93 -70.44 -5.63
N LEU W 8 87.43 -71.52 -5.06
CA LEU W 8 86.45 -71.43 -3.98
C LEU W 8 86.85 -72.37 -2.85
N ILE W 9 86.29 -72.08 -1.68
CA ILE W 9 86.44 -72.89 -0.49
C ILE W 9 85.05 -73.05 0.10
N GLU W 10 84.69 -74.27 0.47
CA GLU W 10 83.39 -74.50 1.08
C GLU W 10 83.49 -74.43 2.61
N VAL W 11 82.71 -73.53 3.20
CA VAL W 11 82.52 -73.62 4.64
C VAL W 11 81.04 -73.67 4.92
N PHE W 12 80.72 -74.30 6.04
CA PHE W 12 79.40 -74.26 6.65
C PHE W 12 79.55 -73.38 7.87
N VAL W 13 78.81 -72.29 7.91
CA VAL W 13 78.70 -71.46 9.10
C VAL W 13 77.42 -71.90 9.78
N ASP W 14 77.58 -72.82 10.74
CA ASP W 14 76.50 -73.47 11.48
C ASP W 14 75.48 -74.11 10.55
N GLY W 15 75.98 -74.72 9.48
CA GLY W 15 75.09 -75.31 8.52
C GLY W 15 74.90 -74.47 7.27
N GLN W 16 74.85 -73.14 7.41
CA GLN W 16 74.64 -72.32 6.23
C GLN W 16 75.91 -72.28 5.40
N SER W 17 75.88 -72.88 4.23
CA SER W 17 77.07 -72.91 3.40
C SER W 17 77.37 -71.54 2.83
N VAL W 18 78.65 -71.26 2.64
CA VAL W 18 79.09 -70.08 1.91
C VAL W 18 80.48 -70.38 1.36
N MET W 19 80.93 -69.57 0.41
CA MET W 19 82.13 -69.81 -0.36
C MET W 19 83.17 -68.75 -0.10
N VAL W 20 84.43 -69.18 -0.01
CA VAL W 20 85.52 -68.38 0.52
C VAL W 20 86.64 -68.33 -0.52
N GLU W 21 87.20 -67.15 -0.73
CA GLU W 21 88.40 -67.02 -1.54
C GLU W 21 89.58 -67.70 -0.85
N PRO W 22 90.56 -68.17 -1.61
CA PRO W 22 91.71 -68.84 -0.98
C PRO W 22 92.59 -67.88 -0.20
N GLY W 23 93.17 -68.41 0.86
CA GLY W 23 94.15 -67.69 1.64
C GLY W 23 93.59 -66.78 2.71
N THR W 24 92.28 -66.49 2.70
CA THR W 24 91.73 -65.50 3.60
C THR W 24 91.48 -66.11 4.98
N THR W 25 90.81 -65.36 5.82
CA THR W 25 90.60 -65.74 7.19
C THR W 25 89.25 -66.40 7.35
N VAL W 26 89.11 -67.07 8.49
CA VAL W 26 87.79 -67.45 8.97
C VAL W 26 86.96 -66.20 9.21
N LEU W 27 87.60 -65.13 9.66
CA LEU W 27 86.90 -63.97 10.15
C LEU W 27 86.24 -63.17 9.04
N GLN W 28 86.87 -63.06 7.88
CA GLN W 28 86.23 -62.30 6.80
C GLN W 28 85.02 -63.05 6.24
N ALA W 29 85.03 -64.37 6.24
CA ALA W 29 83.84 -65.09 5.81
C ALA W 29 82.74 -65.08 6.87
N CYS W 30 83.13 -65.16 8.14
CA CYS W 30 82.13 -65.06 9.20
C CYS W 30 81.51 -63.68 9.22
N GLU W 31 82.28 -62.66 8.90
CA GLU W 31 81.72 -61.34 8.69
C GLU W 31 81.03 -61.23 7.36
N LYS W 32 81.27 -62.16 6.44
CA LYS W 32 80.50 -62.15 5.20
C LYS W 32 79.08 -62.63 5.43
N VAL W 33 78.86 -63.58 6.35
CA VAL W 33 77.49 -64.03 6.59
C VAL W 33 76.75 -63.17 7.61
N GLY W 34 77.41 -62.18 8.21
CA GLY W 34 76.78 -61.26 9.14
C GLY W 34 77.22 -61.42 10.58
N MET W 35 77.68 -62.61 10.96
CA MET W 35 78.14 -62.87 12.32
C MET W 35 79.46 -62.15 12.56
N GLN W 36 79.41 -61.00 13.23
CA GLN W 36 80.65 -60.36 13.63
C GLN W 36 81.14 -61.10 14.85
N ILE W 37 82.17 -61.92 14.68
CA ILE W 37 82.84 -62.47 15.85
C ILE W 37 83.51 -61.34 16.60
N PRO W 38 83.37 -61.28 17.92
CA PRO W 38 83.92 -60.14 18.67
C PRO W 38 85.43 -60.17 18.67
N ARG W 39 86.02 -58.98 18.54
CA ARG W 39 87.45 -58.86 18.33
C ARG W 39 87.99 -57.69 19.13
N PHE W 40 89.29 -57.74 19.40
CA PHE W 40 90.06 -56.66 20.01
C PHE W 40 91.37 -56.34 19.31
N CYS W 41 92.13 -57.34 18.89
CA CYS W 41 93.41 -56.93 18.33
C CYS W 41 93.31 -56.70 16.84
N TYR W 42 92.51 -57.51 16.18
CA TYR W 42 92.32 -57.37 14.74
C TYR W 42 91.60 -56.07 14.43
N HIS W 43 92.13 -55.36 13.45
CA HIS W 43 91.42 -54.23 12.87
C HIS W 43 91.88 -54.10 11.43
N GLU W 44 90.93 -53.82 10.54
CA GLU W 44 91.17 -54.12 9.15
C GLU W 44 92.13 -53.18 8.45
N ARG W 45 92.47 -52.06 9.04
CA ARG W 45 93.45 -51.17 8.43
C ARG W 45 94.87 -51.53 8.77
N LEU W 46 95.09 -52.55 9.57
CA LEU W 46 96.43 -52.91 9.98
C LEU W 46 96.64 -54.37 9.72
N SER W 47 97.80 -54.85 10.14
CA SER W 47 98.13 -56.25 10.04
C SER W 47 97.43 -57.04 11.12
N VAL W 48 97.79 -58.30 11.23
CA VAL W 48 97.10 -59.22 12.09
C VAL W 48 98.03 -59.59 13.23
N ALA W 49 97.78 -59.03 14.40
CA ALA W 49 98.31 -59.61 15.61
C ALA W 49 97.34 -60.69 16.07
N GLY W 50 97.65 -61.34 17.17
CA GLY W 50 96.72 -62.35 17.64
C GLY W 50 96.61 -62.28 19.12
N ASN W 51 97.10 -61.17 19.66
CA ASN W 51 97.41 -61.14 21.07
C ASN W 51 96.21 -60.82 21.94
N CYS W 52 95.04 -60.60 21.34
CA CYS W 52 93.89 -60.36 22.18
C CYS W 52 93.12 -61.63 22.44
N ARG W 53 93.26 -62.63 21.57
CA ARG W 53 92.86 -64.00 21.80
C ARG W 53 91.33 -64.16 21.85
N MET W 54 90.58 -63.06 21.72
CA MET W 54 89.12 -63.07 21.85
C MET W 54 88.45 -63.89 20.75
N CYS W 55 89.04 -63.98 19.57
CA CYS W 55 88.32 -64.57 18.45
C CYS W 55 88.37 -66.09 18.42
N LEU W 56 88.59 -66.76 19.55
CA LEU W 56 88.52 -68.22 19.58
C LEU W 56 87.15 -68.72 19.15
N VAL W 57 87.14 -69.80 18.36
CA VAL W 57 85.89 -70.38 17.87
C VAL W 57 86.11 -71.87 17.62
N GLU W 58 85.20 -72.69 18.15
CA GLU W 58 85.38 -74.14 18.16
C GLU W 58 85.15 -74.67 16.76
N ILE W 59 86.24 -74.87 16.03
CA ILE W 59 86.18 -75.34 14.66
C ILE W 59 86.41 -76.84 14.67
N GLU W 60 85.53 -77.57 13.98
CA GLU W 60 85.17 -78.94 14.31
C GLU W 60 86.32 -79.92 14.09
N LYS W 61 86.18 -81.07 14.78
CA LYS W 61 87.13 -82.18 14.79
C LYS W 61 88.49 -81.77 15.32
N ALA W 62 88.48 -80.79 16.22
CA ALA W 62 89.67 -80.26 16.86
C ALA W 62 89.38 -80.03 18.33
N PRO W 63 90.15 -80.65 19.22
CA PRO W 63 89.97 -80.39 20.65
C PRO W 63 90.44 -79.01 21.07
N LYS W 64 91.27 -78.36 20.26
CA LYS W 64 91.87 -77.09 20.61
C LYS W 64 91.15 -75.97 19.87
N VAL W 65 90.59 -75.04 20.61
CA VAL W 65 89.81 -73.94 20.05
C VAL W 65 90.76 -72.86 19.58
N VAL W 66 90.60 -72.41 18.34
CA VAL W 66 91.64 -71.67 17.65
C VAL W 66 91.16 -70.28 17.29
N ALA W 67 92.12 -69.38 17.05
CA ALA W 67 91.82 -68.01 16.72
C ALA W 67 91.24 -67.92 15.33
N ALA W 68 90.45 -66.87 15.09
CA ALA W 68 89.78 -66.73 13.83
C ALA W 68 90.23 -65.54 13.03
N CYS W 69 91.02 -64.64 13.60
CA CYS W 69 91.55 -63.58 12.76
C CYS W 69 92.73 -64.07 11.93
N ALA W 70 93.31 -65.20 12.29
CA ALA W 70 94.51 -65.71 11.63
C ALA W 70 94.47 -67.23 11.42
N MET W 71 93.39 -67.75 10.84
CA MET W 71 93.34 -69.15 10.47
C MET W 71 93.17 -69.30 8.97
N PRO W 72 94.08 -70.01 8.30
CA PRO W 72 93.82 -70.39 6.90
C PRO W 72 92.65 -71.34 6.81
N VAL W 73 91.90 -71.21 5.73
CA VAL W 73 90.59 -71.81 5.61
C VAL W 73 90.70 -73.00 4.70
N MET W 74 90.81 -74.19 5.28
CA MET W 74 90.76 -75.44 4.54
C MET W 74 89.38 -75.63 3.93
N LYS W 75 89.32 -76.45 2.89
CA LYS W 75 88.05 -76.68 2.21
C LYS W 75 87.16 -77.56 3.06
N GLY W 76 85.90 -77.16 3.18
CA GLY W 76 84.94 -77.97 3.90
C GLY W 76 85.07 -77.81 5.39
N TRP W 77 84.97 -76.59 5.87
CA TRP W 77 84.86 -76.46 7.31
C TRP W 77 83.40 -76.46 7.75
N ASN W 78 83.22 -76.53 9.06
CA ASN W 78 81.97 -76.13 9.69
C ASN W 78 82.35 -75.41 10.96
N ILE W 79 81.80 -74.22 11.15
CA ILE W 79 82.32 -73.24 12.08
C ILE W 79 81.29 -73.04 13.18
N LEU W 80 81.54 -73.60 14.35
CA LEU W 80 80.57 -73.59 15.43
C LEU W 80 80.80 -72.35 16.28
N THR W 81 79.95 -71.34 16.10
CA THR W 81 80.06 -70.12 16.87
C THR W 81 79.28 -70.18 18.17
N ASN W 82 78.09 -70.78 18.14
CA ASN W 82 77.17 -70.76 19.28
C ASN W 82 77.29 -72.00 20.15
N SER W 83 78.47 -72.59 20.26
CA SER W 83 78.59 -73.85 20.98
C SER W 83 78.63 -73.64 22.47
N GLU W 84 79.04 -74.67 23.20
CA GLU W 84 79.25 -74.55 24.63
C GLU W 84 80.60 -73.92 24.93
N LYS W 85 81.66 -74.62 24.56
CA LYS W 85 82.98 -74.20 25.01
C LYS W 85 83.50 -72.98 24.27
N THR W 86 82.88 -72.59 23.15
CA THR W 86 83.14 -71.27 22.59
C THR W 86 82.69 -70.20 23.58
N LYS W 87 81.50 -70.37 24.13
CA LYS W 87 81.02 -69.43 25.15
C LYS W 87 81.87 -69.52 26.40
N LYS W 88 82.35 -70.70 26.74
CA LYS W 88 83.18 -70.84 27.94
C LYS W 88 84.53 -70.17 27.76
N ALA W 89 85.07 -70.22 26.54
CA ALA W 89 86.32 -69.52 26.26
C ALA W 89 86.12 -68.01 26.28
N ARG W 90 84.97 -67.55 25.80
CA ARG W 90 84.71 -66.12 25.88
C ARG W 90 84.52 -65.65 27.32
N GLU W 91 83.84 -66.46 28.13
CA GLU W 91 83.71 -66.18 29.57
C GLU W 91 85.07 -66.08 30.22
N GLY W 92 85.96 -67.02 29.90
CA GLY W 92 87.29 -67.02 30.49
C GLY W 92 88.11 -65.81 30.10
N VAL W 93 88.15 -65.49 28.80
CA VAL W 93 88.97 -64.38 28.32
C VAL W 93 88.45 -63.06 28.86
N MET W 94 87.13 -62.86 28.80
CA MET W 94 86.56 -61.61 29.28
C MET W 94 86.70 -61.48 30.78
N GLU W 95 86.73 -62.59 31.51
CA GLU W 95 87.04 -62.47 32.92
C GLU W 95 88.50 -62.14 33.12
N PHE W 96 89.36 -62.57 32.20
CA PHE W 96 90.78 -62.26 32.38
C PHE W 96 91.11 -60.81 32.10
N LEU W 97 90.36 -60.15 31.21
CA LEU W 97 90.71 -58.77 30.87
C LEU W 97 90.46 -57.83 32.04
N LEU W 98 89.39 -58.05 32.79
CA LEU W 98 88.95 -57.12 33.79
C LEU W 98 89.65 -57.30 35.12
N ALA W 99 90.70 -58.12 35.18
CA ALA W 99 91.40 -58.28 36.44
C ALA W 99 92.21 -57.04 36.76
N ASN W 100 93.21 -56.76 35.94
CA ASN W 100 94.07 -55.59 36.17
C ASN W 100 93.61 -54.40 35.34
N HIS W 101 92.32 -54.08 35.39
CA HIS W 101 91.80 -52.91 34.74
C HIS W 101 91.11 -52.06 35.79
N PRO W 102 91.39 -50.78 35.88
CA PRO W 102 90.97 -50.02 37.06
C PRO W 102 89.58 -49.44 36.91
N LEU W 103 88.93 -49.26 38.06
CA LEU W 103 87.54 -48.86 38.17
C LEU W 103 87.37 -47.41 37.76
N ASP W 104 87.41 -47.16 36.46
CA ASP W 104 87.46 -45.78 36.04
C ASP W 104 86.33 -45.38 35.13
N CYS W 105 85.32 -46.21 34.99
CA CYS W 105 84.27 -45.97 34.01
C CYS W 105 83.49 -44.66 34.18
N PRO W 106 83.43 -44.04 35.35
CA PRO W 106 83.07 -42.62 35.34
C PRO W 106 84.13 -41.70 34.76
N ILE W 107 85.35 -41.70 35.29
CA ILE W 107 86.33 -40.74 34.78
C ILE W 107 87.01 -41.24 33.52
N CYS W 108 86.65 -42.42 33.06
CA CYS W 108 87.06 -42.74 31.71
C CYS W 108 86.27 -41.89 30.74
N ASP W 109 86.89 -41.60 29.63
CA ASP W 109 86.27 -40.72 28.66
C ASP W 109 85.63 -41.50 27.55
N GLN W 110 85.44 -42.79 27.73
CA GLN W 110 84.83 -43.62 26.72
C GLN W 110 83.64 -44.36 27.30
N GLY W 111 82.81 -43.63 28.05
CA GLY W 111 81.67 -44.26 28.67
C GLY W 111 80.65 -44.77 27.67
N GLY W 112 80.25 -43.92 26.74
CA GLY W 112 79.42 -44.41 25.67
C GLY W 112 80.19 -45.25 24.68
N GLU W 113 81.49 -45.07 24.59
CA GLU W 113 82.25 -45.73 23.56
C GLU W 113 83.38 -46.56 24.13
N CYS W 114 83.10 -47.37 25.11
CA CYS W 114 84.09 -48.36 25.46
C CYS W 114 84.00 -49.54 24.52
N ASP W 115 84.84 -50.50 24.75
CA ASP W 115 84.70 -51.79 24.10
C ASP W 115 84.63 -52.91 25.11
N LEU W 116 85.38 -52.79 26.21
CA LEU W 116 85.19 -53.69 27.33
C LEU W 116 83.76 -53.62 27.84
N GLN W 117 83.16 -52.43 27.86
CA GLN W 117 81.82 -52.32 28.43
C GLN W 117 80.78 -53.01 27.56
N ASP W 118 80.77 -52.71 26.27
CA ASP W 118 79.80 -53.34 25.37
C ASP W 118 80.02 -54.83 25.30
N GLN W 119 81.23 -55.25 25.05
CA GLN W 119 81.43 -56.66 24.84
C GLN W 119 81.43 -57.46 26.13
N SER W 120 81.65 -56.83 27.28
CA SER W 120 81.56 -57.57 28.51
C SER W 120 80.15 -57.63 29.05
N MET W 121 79.29 -56.68 28.71
CA MET W 121 77.87 -56.96 28.87
C MET W 121 77.43 -58.08 27.96
N MET W 122 77.71 -57.96 26.67
CA MET W 122 77.05 -58.86 25.74
C MET W 122 77.73 -60.22 25.63
N PHE W 123 78.86 -60.45 26.27
CA PHE W 123 79.47 -61.75 26.12
C PHE W 123 80.05 -62.33 27.40
N GLY W 124 80.16 -61.57 28.49
CA GLY W 124 80.99 -61.94 29.60
C GLY W 124 80.21 -62.50 30.78
N SER W 125 80.92 -62.65 31.90
CA SER W 125 80.33 -63.09 33.15
C SER W 125 79.73 -61.90 33.88
N ASP W 126 79.16 -62.14 35.05
CA ASP W 126 78.66 -61.04 35.86
C ASP W 126 79.27 -60.99 37.24
N ARG W 127 79.36 -62.11 37.94
CA ARG W 127 80.02 -62.13 39.24
C ARG W 127 81.51 -62.15 39.01
N SER W 128 82.18 -61.08 39.42
CA SER W 128 83.63 -61.06 39.28
C SER W 128 84.27 -61.91 40.38
N ARG W 129 85.59 -62.05 40.26
CA ARG W 129 86.44 -62.81 41.17
C ARG W 129 87.74 -62.00 41.23
N PHE W 130 88.86 -62.66 41.58
CA PHE W 130 90.17 -62.03 41.68
C PHE W 130 90.15 -60.93 42.75
N LEU W 131 90.07 -61.41 43.99
CA LEU W 131 89.64 -60.57 45.09
C LEU W 131 90.66 -59.49 45.43
N GLU W 132 91.94 -59.84 45.49
CA GLU W 132 92.98 -58.87 45.78
C GLU W 132 93.81 -58.60 44.53
N GLY W 133 94.82 -57.73 44.70
CA GLY W 133 95.83 -57.54 43.68
C GLY W 133 95.75 -56.23 42.92
N LYS W 134 95.55 -56.33 41.61
CA LYS W 134 95.17 -55.22 40.74
C LYS W 134 96.23 -54.12 40.71
N ARG W 135 97.37 -54.48 40.13
CA ARG W 135 98.46 -53.54 39.93
C ARG W 135 98.07 -52.42 38.98
N ALA W 136 98.88 -51.38 38.97
CA ALA W 136 98.62 -50.19 38.17
C ALA W 136 99.91 -49.66 37.59
N VAL W 137 99.86 -49.26 36.33
CA VAL W 137 101.00 -48.66 35.64
C VAL W 137 100.77 -47.17 35.51
N GLU W 138 101.73 -46.39 35.98
CA GLU W 138 101.58 -44.94 35.97
C GLU W 138 101.77 -44.40 34.56
N ASP W 139 101.08 -43.30 34.25
CA ASP W 139 100.92 -42.82 32.90
C ASP W 139 102.21 -42.19 32.36
N LYS W 140 102.15 -41.80 31.10
CA LYS W 140 103.23 -41.10 30.43
C LYS W 140 102.74 -39.74 29.95
N ASN W 141 103.59 -39.08 29.18
CA ASN W 141 103.36 -37.75 28.65
C ASN W 141 103.79 -37.78 27.17
N ILE W 142 102.89 -38.29 26.34
CA ILE W 142 103.24 -38.63 24.97
C ILE W 142 103.23 -37.40 24.08
N GLY W 143 102.18 -36.61 24.19
CA GLY W 143 102.07 -35.40 23.41
C GLY W 143 100.95 -34.57 23.96
N PRO W 144 101.13 -33.25 24.01
CA PRO W 144 100.12 -32.37 24.62
C PRO W 144 98.81 -32.29 23.87
N LEU W 145 98.72 -32.87 22.66
CA LEU W 145 97.44 -33.02 22.00
C LEU W 145 96.72 -34.31 22.36
N VAL W 146 97.42 -35.29 22.94
CA VAL W 146 96.83 -36.60 23.23
C VAL W 146 96.98 -36.89 24.71
N LYS W 147 95.86 -36.86 25.44
CA LYS W 147 95.88 -37.21 26.85
C LYS W 147 96.00 -38.72 26.99
N THR W 148 96.77 -39.15 27.97
CA THR W 148 97.26 -40.52 28.00
C THR W 148 97.23 -41.05 29.41
N ILE W 149 96.43 -42.08 29.63
CA ILE W 149 96.45 -42.84 30.87
C ILE W 149 96.90 -44.24 30.50
N MET W 150 97.90 -44.74 31.21
CA MET W 150 98.44 -46.04 30.85
C MET W 150 98.29 -47.06 31.95
N THR W 151 97.24 -46.92 32.75
CA THR W 151 96.83 -48.08 33.51
C THR W 151 95.76 -48.86 32.74
N ARG W 152 94.93 -48.16 31.99
CA ARG W 152 93.89 -48.77 31.18
C ARG W 152 94.40 -49.47 29.94
N CYS W 153 95.69 -49.43 29.64
CA CYS W 153 96.20 -50.08 28.45
C CYS W 153 96.11 -51.59 28.59
N ILE W 154 95.31 -52.21 27.75
CA ILE W 154 95.14 -53.65 27.80
C ILE W 154 96.18 -54.33 26.93
N GLN W 155 97.19 -53.56 26.51
CA GLN W 155 98.43 -54.05 25.93
C GLN W 155 98.14 -54.77 24.63
N CYS W 156 97.14 -54.28 23.93
CA CYS W 156 96.54 -55.04 22.87
C CYS W 156 97.33 -54.95 21.58
N THR W 157 98.34 -54.10 21.56
CA THR W 157 99.26 -53.93 20.44
C THR W 157 98.49 -53.50 19.20
N ARG W 158 97.71 -52.45 19.38
CA ARG W 158 97.07 -51.85 18.22
C ARG W 158 97.72 -50.54 17.83
N CYS W 159 98.11 -49.73 18.81
CA CYS W 159 98.83 -48.50 18.51
C CYS W 159 100.22 -48.79 17.97
N ILE W 160 100.82 -49.90 18.41
CA ILE W 160 102.19 -50.22 18.00
C ILE W 160 102.25 -50.56 16.52
N ARG W 161 101.34 -51.43 16.09
CA ARG W 161 101.27 -51.82 14.70
C ARG W 161 100.88 -50.64 13.83
N PHE W 162 100.01 -49.76 14.35
CA PHE W 162 99.64 -48.55 13.62
C PHE W 162 100.83 -47.65 13.40
N ALA W 163 101.67 -47.49 14.41
CA ALA W 163 102.88 -46.70 14.29
C ALA W 163 103.79 -47.29 13.23
N SER W 164 104.20 -48.55 13.44
CA SER W 164 105.23 -49.16 12.58
C SER W 164 104.75 -49.47 11.19
N GLU W 165 103.45 -49.40 10.91
CA GLU W 165 102.95 -49.80 9.62
C GLU W 165 102.14 -48.74 8.91
N ILE W 166 101.82 -47.62 9.55
CA ILE W 166 101.24 -46.52 8.81
C ILE W 166 102.04 -45.28 9.09
N ALA W 167 102.38 -45.07 10.35
CA ALA W 167 103.09 -43.86 10.71
C ALA W 167 104.56 -43.95 10.32
N GLY W 168 105.15 -45.14 10.44
CA GLY W 168 106.56 -45.30 10.16
C GLY W 168 107.47 -44.59 11.13
N VAL W 169 106.95 -44.19 12.28
CA VAL W 169 107.72 -43.37 13.20
C VAL W 169 108.55 -44.23 14.13
N ASP W 170 107.99 -45.37 14.55
CA ASP W 170 108.63 -46.36 15.41
C ASP W 170 109.10 -45.75 16.71
N ASP W 171 108.15 -45.24 17.48
CA ASP W 171 108.44 -44.69 18.80
C ASP W 171 107.74 -45.41 19.93
N LEU W 172 106.80 -46.29 19.65
CA LEU W 172 106.09 -47.01 20.70
C LEU W 172 106.57 -48.44 20.69
N GLY W 173 106.90 -48.96 21.86
CA GLY W 173 107.39 -50.31 21.96
C GLY W 173 106.85 -50.98 23.20
N THR W 174 106.85 -52.31 23.16
CA THR W 174 106.57 -53.12 24.32
C THR W 174 107.79 -53.10 25.20
N THR W 175 107.57 -53.05 26.50
CA THR W 175 108.68 -53.15 27.45
C THR W 175 108.25 -54.10 28.55
N GLY W 176 109.04 -55.14 28.75
CA GLY W 176 108.89 -55.99 29.91
C GLY W 176 108.40 -57.37 29.56
N ARG W 177 108.06 -58.11 30.60
CA ARG W 177 107.62 -59.48 30.49
C ARG W 177 106.53 -59.73 31.50
N GLY W 178 105.87 -60.87 31.34
CA GLY W 178 104.83 -61.28 32.27
C GLY W 178 103.67 -60.30 32.26
N ASN W 179 103.24 -59.93 33.45
CA ASN W 179 102.22 -58.91 33.59
C ASN W 179 102.76 -57.54 33.25
N ASP W 180 104.05 -57.34 33.45
CA ASP W 180 104.60 -56.00 33.33
C ASP W 180 105.02 -55.80 31.90
N MET W 181 104.09 -55.26 31.12
CA MET W 181 104.34 -54.80 29.76
C MET W 181 103.86 -53.36 29.71
N GLN W 182 104.78 -52.45 29.94
CA GLN W 182 104.48 -51.05 29.68
C GLN W 182 104.63 -50.78 28.20
N VAL W 183 103.69 -50.05 27.63
CA VAL W 183 103.68 -49.78 26.21
C VAL W 183 103.90 -48.29 25.99
N GLY W 184 104.99 -47.94 25.33
CA GLY W 184 105.23 -46.54 25.06
C GLY W 184 106.66 -46.28 24.62
N THR W 185 107.08 -45.03 24.75
CA THR W 185 108.42 -44.57 24.41
C THR W 185 109.24 -44.47 25.67
N TYR W 186 110.41 -45.10 25.66
CA TYR W 186 111.16 -45.36 26.88
C TYR W 186 111.84 -44.13 27.45
N ILE W 187 112.05 -43.10 26.64
CA ILE W 187 113.13 -42.15 26.91
C ILE W 187 112.68 -40.74 27.27
N GLU W 188 111.50 -40.59 27.87
CA GLU W 188 110.87 -39.31 28.21
C GLU W 188 110.68 -38.38 27.02
N LYS W 189 110.61 -38.91 25.81
CA LYS W 189 110.47 -38.09 24.62
C LYS W 189 109.01 -37.85 24.36
N MET W 190 108.61 -36.58 24.25
CA MET W 190 107.25 -36.31 23.83
C MET W 190 107.14 -36.63 22.35
N PHE W 191 106.59 -37.81 22.07
CA PHE W 191 106.25 -38.29 20.73
C PHE W 191 105.38 -37.28 20.00
N MET W 192 105.93 -36.66 18.97
CA MET W 192 105.17 -35.75 18.12
C MET W 192 105.45 -36.13 16.68
N SER W 193 104.39 -36.48 15.95
CA SER W 193 104.50 -36.76 14.53
C SER W 193 103.15 -36.46 13.89
N GLU W 194 103.08 -36.66 12.58
CA GLU W 194 101.80 -36.54 11.91
C GLU W 194 100.93 -37.73 12.21
N LEU W 195 99.61 -37.51 12.08
CA LEU W 195 98.56 -38.49 12.32
C LEU W 195 98.58 -39.03 13.74
N SER W 196 99.22 -38.33 14.67
CA SER W 196 99.16 -38.73 16.06
C SER W 196 97.82 -38.39 16.66
N GLY W 197 97.03 -37.53 16.00
CA GLY W 197 95.65 -37.37 16.41
C GLY W 197 94.79 -38.57 16.09
N ASN W 198 95.18 -39.36 15.11
CA ASN W 198 94.45 -40.55 14.70
C ASN W 198 94.75 -41.75 15.57
N ILE W 199 95.52 -41.58 16.64
CA ILE W 199 95.78 -42.72 17.53
C ILE W 199 94.72 -42.80 18.62
N ILE W 200 93.99 -41.71 18.89
CA ILE W 200 92.96 -41.79 19.90
C ILE W 200 91.72 -42.49 19.39
N ASP W 201 91.61 -42.64 18.08
CA ASP W 201 90.53 -43.41 17.50
C ASP W 201 90.91 -44.86 17.34
N ILE W 202 92.20 -45.15 17.39
CA ILE W 202 92.67 -46.52 17.27
C ILE W 202 92.55 -47.24 18.60
N CYS W 203 92.95 -46.59 19.69
CA CYS W 203 93.05 -47.24 20.99
C CYS W 203 91.67 -47.64 21.47
N PRO W 204 91.37 -48.93 21.56
CA PRO W 204 89.97 -49.35 21.69
C PRO W 204 89.40 -49.09 23.04
N VAL W 205 90.25 -48.99 24.05
CA VAL W 205 89.81 -48.79 25.41
C VAL W 205 90.24 -47.39 25.83
N GLY W 206 89.71 -46.94 26.96
CA GLY W 206 90.00 -45.59 27.38
C GLY W 206 91.39 -45.42 27.94
N ALA W 207 92.39 -45.54 27.08
CA ALA W 207 93.76 -45.32 27.49
C ALA W 207 94.47 -44.30 26.65
N LEU W 208 93.90 -43.85 25.55
CA LEU W 208 94.50 -42.80 24.72
C LEU W 208 93.36 -41.91 24.24
N THR W 209 93.11 -40.83 24.96
CA THR W 209 92.00 -39.94 24.63
C THR W 209 92.51 -38.62 24.11
N SER W 210 91.58 -37.81 23.61
CA SER W 210 91.92 -36.46 23.19
C SER W 210 92.22 -35.60 24.39
N LYS W 211 93.31 -34.84 24.31
CA LYS W 211 93.60 -33.88 25.37
C LYS W 211 92.67 -32.66 25.35
N PRO W 212 92.44 -31.95 24.23
CA PRO W 212 91.60 -30.75 24.34
C PRO W 212 90.12 -31.03 24.49
N TYR W 213 89.64 -32.18 24.04
CA TYR W 213 88.24 -32.53 24.22
C TYR W 213 87.91 -32.93 25.65
N ALA W 214 88.93 -33.24 26.44
CA ALA W 214 88.97 -34.24 27.51
C ALA W 214 87.69 -34.47 28.30
N PHE W 215 87.10 -33.46 28.89
CA PHE W 215 86.04 -33.73 29.85
C PHE W 215 84.84 -32.81 29.63
N THR W 216 84.34 -32.74 28.41
CA THR W 216 83.19 -31.88 28.19
C THR W 216 81.90 -32.62 27.88
N ALA W 217 81.95 -33.82 27.30
CA ALA W 217 80.72 -34.55 27.06
C ALA W 217 81.00 -36.04 27.03
N ARG W 218 79.93 -36.82 27.16
CA ARG W 218 80.01 -38.27 27.13
C ARG W 218 78.95 -38.70 26.13
N PRO W 219 79.29 -39.55 25.18
CA PRO W 219 78.73 -39.40 23.82
C PRO W 219 77.32 -39.87 23.55
N TRP W 220 76.47 -40.07 24.54
CA TRP W 220 75.08 -40.28 24.18
C TRP W 220 74.34 -38.98 23.96
N GLU W 221 74.79 -37.89 24.58
CA GLU W 221 74.10 -36.61 24.40
C GLU W 221 74.29 -36.07 23.00
N THR W 222 75.50 -36.14 22.48
CA THR W 222 75.83 -35.40 21.27
C THR W 222 75.30 -36.14 20.06
N ARG W 223 74.62 -35.43 19.18
CA ARG W 223 74.08 -36.10 18.00
C ARG W 223 75.07 -36.00 16.85
N LYS W 224 75.05 -37.01 16.00
CA LYS W 224 76.07 -37.23 15.00
C LYS W 224 75.55 -36.82 13.63
N THR W 225 76.37 -36.10 12.86
CA THR W 225 75.88 -35.54 11.61
C THR W 225 76.94 -35.65 10.52
N GLU W 226 76.48 -36.08 9.34
CA GLU W 226 77.26 -36.12 8.11
C GLU W 226 77.69 -34.71 7.69
N SER W 227 78.96 -34.56 7.31
CA SER W 227 79.44 -33.35 6.66
C SER W 227 80.70 -33.69 5.86
N ILE W 228 81.23 -32.67 5.17
CA ILE W 228 82.39 -32.81 4.30
C ILE W 228 83.55 -32.02 4.88
N ASP W 229 84.74 -32.58 4.80
CA ASP W 229 85.95 -31.98 5.33
C ASP W 229 86.33 -30.72 4.54
N VAL W 230 87.16 -29.90 5.18
CA VAL W 230 87.84 -28.78 4.52
C VAL W 230 89.34 -28.89 4.77
N MET W 231 90.09 -27.88 4.36
CA MET W 231 91.51 -27.65 4.67
C MET W 231 92.47 -28.67 4.05
N ASP W 232 91.92 -29.71 3.43
CA ASP W 232 92.61 -30.64 2.59
C ASP W 232 91.75 -30.82 1.36
N ALA W 233 92.38 -31.03 0.22
CA ALA W 233 91.60 -31.10 -1.01
C ALA W 233 91.00 -32.48 -1.24
N VAL W 234 90.94 -33.34 -0.23
CA VAL W 234 90.48 -34.70 -0.43
C VAL W 234 89.14 -34.98 0.27
N GLY W 235 88.87 -34.36 1.41
CA GLY W 235 87.58 -34.56 2.05
C GLY W 235 87.32 -35.90 2.69
N SER W 236 87.98 -36.21 3.80
CA SER W 236 87.59 -37.35 4.62
C SER W 236 86.21 -37.10 5.20
N ASN W 237 85.38 -38.13 5.32
CA ASN W 237 83.97 -37.80 5.47
C ASN W 237 83.77 -37.58 6.97
N ILE W 238 83.29 -36.41 7.38
CA ILE W 238 83.45 -35.99 8.78
C ILE W 238 82.12 -36.10 9.51
N VAL W 239 82.12 -36.76 10.66
CA VAL W 239 80.94 -36.86 11.50
C VAL W 239 81.12 -35.93 12.69
N VAL W 240 80.25 -34.94 12.77
CA VAL W 240 80.32 -33.99 13.87
C VAL W 240 79.39 -34.47 14.98
N SER W 241 79.94 -34.58 16.17
CA SER W 241 79.15 -34.74 17.38
C SER W 241 78.85 -33.34 17.89
N THR W 242 77.60 -32.94 17.73
CA THR W 242 77.14 -31.61 18.08
C THR W 242 76.37 -31.68 19.39
N ARG W 243 76.42 -30.61 20.17
CA ARG W 243 75.77 -30.59 21.45
C ARG W 243 75.37 -29.18 21.77
N THR W 244 74.19 -29.06 22.41
CA THR W 244 73.62 -27.85 23.01
C THR W 244 73.47 -26.72 22.01
N GLY W 245 72.93 -27.06 20.83
CA GLY W 245 72.90 -26.11 19.73
C GLY W 245 74.24 -25.74 19.19
N GLU W 246 75.27 -26.47 19.57
CA GLU W 246 76.67 -26.16 19.36
C GLU W 246 77.32 -27.51 19.23
N VAL W 247 78.58 -27.57 19.57
CA VAL W 247 79.47 -28.58 19.02
C VAL W 247 79.67 -29.53 20.18
N MET W 248 80.37 -30.62 19.99
CA MET W 248 81.40 -31.00 20.93
C MET W 248 82.69 -31.35 20.23
N ARG W 249 82.61 -32.21 19.23
CA ARG W 249 83.81 -32.83 18.72
C ARG W 249 83.49 -33.38 17.35
N ILE W 250 84.52 -33.89 16.67
CA ILE W 250 84.35 -34.53 15.38
C ILE W 250 85.04 -35.88 15.41
N LEU W 251 84.72 -36.69 14.41
CA LEU W 251 85.38 -37.95 14.17
C LEU W 251 85.43 -38.17 12.66
N PRO W 252 86.32 -39.01 12.20
CA PRO W 252 86.28 -39.39 10.79
C PRO W 252 85.38 -40.58 10.53
N ARG W 253 84.47 -40.47 9.58
CA ARG W 253 83.86 -41.65 9.02
C ARG W 253 84.38 -41.88 7.61
N MET W 254 84.01 -43.07 7.17
CA MET W 254 84.68 -43.80 6.12
C MET W 254 84.01 -43.55 4.79
N HIS W 255 84.75 -42.94 3.87
CA HIS W 255 84.55 -43.29 2.49
C HIS W 255 85.52 -44.42 2.18
N GLU W 256 85.08 -45.32 1.29
CA GLU W 256 85.86 -46.51 0.98
C GLU W 256 87.13 -46.14 0.25
N ASP W 257 86.99 -45.36 -0.83
CA ASP W 257 88.13 -45.01 -1.66
C ASP W 257 88.96 -43.91 -1.01
N ILE W 258 88.40 -42.72 -0.89
CA ILE W 258 89.18 -41.58 -0.48
C ILE W 258 89.17 -41.49 1.03
N ASN W 259 90.38 -41.38 1.61
CA ASN W 259 90.62 -40.99 3.00
C ASN W 259 89.93 -41.94 3.97
N GLU W 260 90.39 -43.20 3.95
CA GLU W 260 89.59 -44.35 4.36
C GLU W 260 89.07 -44.29 5.77
N GLU W 261 89.95 -44.34 6.75
CA GLU W 261 89.49 -44.23 8.13
C GLU W 261 90.40 -43.33 8.92
N TRP W 262 91.06 -42.39 8.26
CA TRP W 262 91.97 -41.48 8.94
C TRP W 262 91.52 -40.06 8.69
N ILE W 263 92.21 -39.13 9.33
CA ILE W 263 91.89 -37.73 9.18
C ILE W 263 93.10 -36.93 9.62
N SER W 264 93.15 -35.68 9.18
CA SER W 264 94.27 -34.80 9.48
C SER W 264 94.28 -34.39 10.94
N ASP W 265 95.50 -34.13 11.43
CA ASP W 265 95.64 -33.57 12.76
C ASP W 265 95.04 -32.17 12.81
N LYS W 266 95.26 -31.39 11.75
CA LYS W 266 94.66 -30.07 11.61
C LYS W 266 93.14 -30.16 11.61
N THR W 267 92.60 -31.11 10.84
CA THR W 267 91.16 -31.29 10.76
C THR W 267 90.58 -31.69 12.10
N ARG W 268 91.28 -32.57 12.80
CA ARG W 268 90.83 -33.00 14.12
C ARG W 268 90.83 -31.86 15.12
N PHE W 269 91.80 -30.96 15.04
CA PHE W 269 91.93 -29.93 16.07
C PHE W 269 91.74 -28.54 15.50
N ALA W 270 90.81 -28.39 14.56
CA ALA W 270 90.53 -27.06 14.05
C ALA W 270 89.34 -26.36 14.70
N TYR W 271 88.45 -27.11 15.36
CA TYR W 271 87.17 -26.55 15.79
C TYR W 271 87.32 -25.57 16.95
N ASP W 272 88.43 -25.63 17.68
CA ASP W 272 88.67 -24.68 18.74
C ASP W 272 88.85 -23.28 18.18
N GLY W 273 89.72 -23.14 17.18
CA GLY W 273 89.86 -21.88 16.49
C GLY W 273 88.66 -21.50 15.67
N LEU W 274 87.84 -22.48 15.30
CA LEU W 274 86.54 -22.17 14.74
C LEU W 274 85.68 -21.42 15.74
N LYS W 275 85.70 -21.83 17.00
CA LYS W 275 84.86 -21.21 18.01
C LYS W 275 85.57 -20.13 18.81
N ARG W 276 86.58 -19.48 18.24
CA ARG W 276 87.49 -18.68 19.04
C ARG W 276 87.34 -17.18 18.88
N GLN W 277 87.33 -16.65 17.65
CA GLN W 277 87.41 -15.20 17.47
C GLN W 277 86.46 -14.68 16.41
N ARG W 278 85.25 -15.23 16.32
CA ARG W 278 84.49 -15.14 15.09
C ARG W 278 83.94 -13.75 14.80
N LEU W 279 83.97 -13.39 13.52
CA LEU W 279 83.30 -12.20 13.03
C LEU W 279 81.80 -12.38 13.16
N THR W 280 81.12 -11.41 13.79
CA THR W 280 79.75 -11.63 14.19
C THR W 280 78.71 -10.68 13.61
N GLU W 281 79.07 -9.45 13.32
CA GLU W 281 78.11 -8.39 13.00
C GLU W 281 78.52 -7.68 11.73
N PRO W 282 77.58 -7.05 11.02
CA PRO W 282 77.96 -6.24 9.86
C PRO W 282 78.56 -4.91 10.31
N MET W 283 79.82 -4.69 9.94
CA MET W 283 80.64 -3.66 10.56
C MET W 283 81.02 -2.58 9.55
N VAL W 284 80.85 -1.33 9.99
CA VAL W 284 80.94 -0.13 9.17
C VAL W 284 81.93 0.83 9.83
N ARG W 285 82.73 1.49 9.01
CA ARG W 285 83.65 2.51 9.49
C ARG W 285 82.89 3.76 9.92
N ASN W 286 83.60 4.67 10.58
CA ASN W 286 82.97 5.75 11.32
C ASN W 286 83.85 6.98 11.22
N GLU W 287 83.20 8.15 11.39
CA GLU W 287 83.73 9.48 11.04
C GLU W 287 85.07 9.82 11.66
N LYS W 288 85.40 9.24 12.80
CA LYS W 288 86.74 9.36 13.36
C LYS W 288 87.78 8.62 12.52
N GLY W 289 87.35 7.74 11.62
CA GLY W 289 88.20 6.78 10.97
C GLY W 289 88.14 5.42 11.63
N LEU W 290 87.10 5.18 12.40
CA LEU W 290 87.10 4.08 13.35
C LEU W 290 86.22 2.98 12.77
N LEU W 291 86.13 1.85 13.45
CA LEU W 291 85.30 0.74 13.01
C LEU W 291 84.35 0.34 14.10
N THR W 292 83.05 0.40 13.83
CA THR W 292 82.05 -0.21 14.71
C THR W 292 81.16 -1.09 13.85
N HIS W 293 80.01 -1.45 14.39
CA HIS W 293 79.04 -2.34 13.78
C HIS W 293 77.70 -1.63 13.72
N THR W 294 76.80 -2.15 12.89
CA THR W 294 75.43 -1.64 12.87
C THR W 294 74.50 -2.72 12.32
N THR W 295 73.28 -2.31 12.01
CA THR W 295 72.25 -3.17 11.47
C THR W 295 72.55 -3.43 9.98
N TRP W 296 71.83 -4.38 9.39
CA TRP W 296 72.05 -4.77 8.02
C TRP W 296 71.57 -3.73 7.02
N GLU W 297 70.59 -2.91 7.43
CA GLU W 297 69.92 -1.97 6.53
C GLU W 297 70.88 -0.95 5.96
N ASP W 298 71.45 -0.13 6.84
CA ASP W 298 72.35 0.93 6.43
C ASP W 298 73.62 0.37 5.79
N ALA W 299 74.09 -0.78 6.28
CA ALA W 299 75.33 -1.35 5.78
C ALA W 299 75.19 -1.82 4.34
N LEU W 300 74.15 -2.59 4.05
CA LEU W 300 73.96 -3.01 2.68
C LEU W 300 73.49 -1.86 1.80
N SER W 301 72.88 -0.82 2.37
CA SER W 301 72.58 0.36 1.57
C SER W 301 73.85 1.08 1.16
N ARG W 302 74.83 1.13 2.06
CA ARG W 302 76.13 1.71 1.75
C ARG W 302 76.82 0.95 0.62
N VAL W 303 76.86 -0.37 0.76
CA VAL W 303 77.50 -1.20 -0.26
C VAL W 303 76.73 -1.11 -1.58
N ALA W 304 75.40 -1.00 -1.51
CA ALA W 304 74.58 -0.94 -2.72
C ALA W 304 74.74 0.39 -3.45
N GLY W 305 74.77 1.50 -2.70
CA GLY W 305 74.96 2.79 -3.33
C GLY W 305 76.34 2.95 -3.94
N MET W 306 77.36 2.44 -3.24
CA MET W 306 78.70 2.44 -3.82
C MET W 306 78.77 1.55 -5.04
N LEU W 307 78.02 0.44 -5.03
CA LEU W 307 77.99 -0.42 -6.21
C LEU W 307 77.28 0.24 -7.38
N GLN W 308 76.27 1.07 -7.11
CA GLN W 308 75.60 1.75 -8.21
C GLN W 308 76.46 2.83 -8.82
N SER W 309 77.18 3.59 -7.98
CA SER W 309 77.98 4.69 -8.49
C SER W 309 79.47 4.33 -8.66
N CYS W 310 79.81 3.05 -8.72
CA CYS W 310 81.16 2.62 -9.11
C CYS W 310 81.01 1.44 -10.05
N GLN W 311 81.39 1.64 -11.31
CA GLN W 311 81.03 0.70 -12.37
C GLN W 311 82.26 0.42 -13.22
N GLY W 312 82.02 -0.18 -14.39
CA GLY W 312 83.12 -0.50 -15.30
C GLY W 312 83.75 -1.84 -14.98
N ASN W 313 85.02 -1.96 -15.32
CA ASN W 313 85.80 -3.10 -14.87
C ASN W 313 86.35 -2.88 -13.46
N ASP W 314 85.96 -1.79 -12.79
CA ASP W 314 86.61 -1.37 -11.55
C ASP W 314 86.00 -2.04 -10.33
N VAL W 315 85.48 -3.25 -10.50
CA VAL W 315 84.94 -4.01 -9.39
C VAL W 315 85.50 -5.44 -9.41
N ALA W 316 86.17 -5.80 -8.33
CA ALA W 316 86.94 -7.01 -8.20
C ALA W 316 86.40 -7.86 -7.06
N ALA W 317 86.79 -9.13 -7.07
CA ALA W 317 86.48 -9.99 -5.94
C ALA W 317 87.55 -11.06 -5.85
N ILE W 318 88.38 -10.99 -4.81
CA ILE W 318 89.36 -12.05 -4.57
C ILE W 318 88.69 -13.05 -3.65
N ALA W 319 88.47 -14.23 -4.15
CA ALA W 319 87.78 -15.28 -3.41
C ALA W 319 88.80 -16.35 -3.09
N GLY W 320 89.33 -16.30 -1.87
CA GLY W 320 90.25 -17.33 -1.42
C GLY W 320 89.67 -18.04 -0.22
N GLY W 321 90.51 -18.80 0.49
CA GLY W 321 90.05 -19.40 1.74
C GLY W 321 89.08 -20.53 1.50
N LEU W 322 88.04 -20.59 2.32
CA LEU W 322 87.06 -21.66 2.27
C LEU W 322 85.70 -21.03 1.99
N VAL W 323 85.38 -20.86 0.71
CA VAL W 323 84.06 -20.39 0.31
C VAL W 323 83.37 -21.49 -0.47
N ASP W 324 82.12 -21.27 -0.82
CA ASP W 324 81.28 -22.30 -1.41
C ASP W 324 81.38 -22.30 -2.92
N ALA W 325 80.80 -23.32 -3.53
CA ALA W 325 80.42 -23.16 -4.92
C ALA W 325 79.19 -22.28 -5.03
N GLU W 326 78.29 -22.38 -4.05
CA GLU W 326 77.06 -21.60 -4.06
C GLU W 326 77.35 -20.11 -3.94
N ALA W 327 78.31 -19.74 -3.08
CA ALA W 327 78.69 -18.35 -2.93
C ALA W 327 79.31 -17.80 -4.21
N LEU W 328 80.12 -18.61 -4.88
CA LEU W 328 80.77 -18.16 -6.10
C LEU W 328 79.78 -17.99 -7.23
N ILE W 329 78.79 -18.88 -7.33
CA ILE W 329 77.81 -18.75 -8.39
C ILE W 329 76.93 -17.54 -8.16
N ALA W 330 76.54 -17.30 -6.89
CA ALA W 330 75.79 -16.09 -6.57
C ALA W 330 76.59 -14.83 -6.87
N LEU W 331 77.89 -14.86 -6.55
CA LEU W 331 78.76 -13.73 -6.80
C LEU W 331 78.91 -13.46 -8.29
N LYS W 332 79.05 -14.51 -9.08
CA LYS W 332 79.24 -14.32 -10.51
C LYS W 332 77.95 -13.86 -11.17
N ASP W 333 76.80 -14.35 -10.69
CA ASP W 333 75.53 -13.87 -11.21
C ASP W 333 75.36 -12.38 -10.91
N LEU W 334 75.71 -11.95 -9.70
CA LEU W 334 75.65 -10.53 -9.35
C LEU W 334 76.61 -9.71 -10.20
N LEU W 335 77.85 -10.19 -10.34
CA LEU W 335 78.88 -9.35 -10.93
C LEU W 335 78.77 -9.27 -12.45
N ASN W 336 78.37 -10.35 -13.12
CA ASN W 336 78.04 -10.21 -14.53
C ASN W 336 76.74 -9.47 -14.71
N ARG W 337 75.85 -9.52 -13.72
CA ARG W 337 74.60 -8.77 -13.81
C ARG W 337 74.85 -7.28 -13.74
N VAL W 338 75.91 -6.82 -13.06
CA VAL W 338 76.13 -5.38 -13.00
C VAL W 338 76.72 -4.87 -14.31
N ASP W 339 78.01 -5.14 -14.55
CA ASP W 339 78.55 -4.80 -15.87
C ASP W 339 79.56 -5.79 -16.44
N SER W 340 80.51 -6.21 -15.62
CA SER W 340 81.64 -7.07 -15.96
C SER W 340 82.35 -7.39 -14.66
N ASP W 341 83.53 -7.99 -14.76
CA ASP W 341 84.12 -8.74 -13.66
C ASP W 341 85.62 -8.53 -13.57
N THR W 342 86.14 -8.50 -12.35
CA THR W 342 87.50 -9.02 -12.12
C THR W 342 87.52 -9.87 -10.84
N LEU W 343 86.76 -10.97 -10.88
CA LEU W 343 87.00 -12.09 -9.97
C LEU W 343 88.39 -12.65 -10.14
N CYS W 344 89.03 -12.96 -9.02
CA CYS W 344 90.22 -13.79 -9.01
C CYS W 344 90.18 -14.70 -7.79
N THR W 345 90.96 -15.76 -7.84
CA THR W 345 91.11 -16.67 -6.71
C THR W 345 92.25 -16.15 -5.84
N GLU W 346 92.77 -16.99 -4.94
CA GLU W 346 93.93 -16.59 -4.15
C GLU W 346 95.22 -17.08 -4.78
N GLU W 347 95.40 -18.38 -4.93
CA GLU W 347 96.65 -18.86 -5.48
C GLU W 347 96.68 -18.69 -6.99
N VAL W 348 97.87 -18.86 -7.57
CA VAL W 348 98.12 -18.56 -8.98
C VAL W 348 98.24 -19.87 -9.75
N PHE W 349 97.57 -19.94 -10.89
CA PHE W 349 97.59 -21.13 -11.72
C PHE W 349 97.60 -20.64 -13.17
N PRO W 350 98.42 -21.20 -14.03
CA PRO W 350 98.62 -20.63 -15.37
C PRO W 350 97.47 -20.92 -16.32
N THR W 351 97.23 -19.96 -17.24
CA THR W 351 96.26 -20.15 -18.32
C THR W 351 96.88 -19.77 -19.67
N ALA W 352 97.71 -20.65 -20.21
CA ALA W 352 98.19 -20.56 -21.58
C ALA W 352 97.86 -21.84 -22.32
N GLY W 353 98.18 -22.98 -21.70
CA GLY W 353 97.85 -24.27 -22.26
C GLY W 353 96.49 -24.75 -21.78
N ALA W 354 95.51 -23.84 -21.78
CA ALA W 354 94.11 -24.10 -21.43
C ALA W 354 93.96 -24.67 -20.02
N GLY W 355 94.39 -23.87 -19.05
CA GLY W 355 94.37 -24.28 -17.66
C GLY W 355 93.06 -24.00 -16.94
N THR W 356 92.28 -23.06 -17.45
CA THR W 356 91.00 -22.74 -16.81
C THR W 356 90.00 -23.84 -17.12
N ASP W 357 89.64 -23.94 -18.40
CA ASP W 357 88.79 -25.00 -18.96
C ASP W 357 89.61 -26.26 -19.18
N LEU W 358 89.11 -27.18 -20.01
CA LEU W 358 89.81 -28.39 -20.44
C LEU W 358 90.11 -29.32 -19.26
N ARG W 359 89.07 -30.02 -18.78
CA ARG W 359 88.94 -30.68 -17.47
C ARG W 359 90.15 -31.43 -16.94
N SER W 360 91.02 -31.89 -17.83
CA SER W 360 92.25 -32.57 -17.45
C SER W 360 93.18 -31.79 -16.53
N ASN W 361 93.75 -30.72 -17.05
CA ASN W 361 95.03 -30.26 -16.55
C ASN W 361 94.93 -29.28 -15.38
N TYR W 362 93.87 -29.38 -14.58
CA TYR W 362 93.82 -28.58 -13.36
C TYR W 362 93.27 -29.35 -12.17
N LEU W 363 93.30 -30.68 -12.20
CA LEU W 363 92.92 -31.47 -11.04
C LEU W 363 93.71 -32.77 -11.06
N LEU W 364 93.40 -33.64 -10.12
CA LEU W 364 94.06 -34.93 -9.97
C LEU W 364 93.31 -35.93 -10.84
N ASN W 365 93.82 -36.16 -12.04
CA ASN W 365 93.06 -36.89 -13.05
C ASN W 365 93.02 -38.38 -12.76
N THR W 366 94.03 -38.90 -12.07
CA THR W 366 94.01 -40.28 -11.64
C THR W 366 92.98 -40.47 -10.54
N THR W 367 92.75 -41.72 -10.18
CA THR W 367 91.90 -42.00 -9.04
C THR W 367 92.75 -42.08 -7.79
N ILE W 368 92.29 -41.45 -6.71
CA ILE W 368 92.98 -41.52 -5.44
C ILE W 368 93.01 -42.96 -4.94
N ALA W 369 91.95 -43.71 -5.20
CA ALA W 369 92.00 -45.14 -5.00
C ALA W 369 92.92 -45.81 -6.01
N GLY W 370 93.00 -45.25 -7.22
CA GLY W 370 93.72 -45.90 -8.30
C GLY W 370 95.22 -45.88 -8.16
N VAL W 371 95.77 -45.10 -7.24
CA VAL W 371 97.22 -45.03 -7.11
C VAL W 371 97.78 -46.25 -6.40
N GLU W 372 96.94 -47.09 -5.82
CA GLU W 372 97.43 -48.33 -5.25
C GLU W 372 97.76 -49.35 -6.32
N GLU W 373 97.13 -49.23 -7.48
CA GLU W 373 97.45 -50.07 -8.62
C GLU W 373 98.60 -49.51 -9.45
N ALA W 374 99.25 -48.45 -9.00
CA ALA W 374 100.31 -47.85 -9.78
C ALA W 374 101.56 -48.71 -9.76
N ASP W 375 102.50 -48.37 -10.64
CA ASP W 375 103.77 -49.07 -10.72
C ASP W 375 104.94 -48.20 -10.28
N VAL W 376 105.14 -47.04 -10.90
CA VAL W 376 106.24 -46.15 -10.56
C VAL W 376 105.69 -44.73 -10.52
N VAL W 377 105.99 -43.99 -9.44
CA VAL W 377 105.54 -42.62 -9.30
C VAL W 377 106.73 -41.71 -9.03
N LEU W 378 106.88 -40.66 -9.82
CA LEU W 378 107.75 -39.60 -9.37
C LEU W 378 106.90 -38.41 -8.92
N LEU W 379 107.60 -37.46 -8.32
CA LEU W 379 107.00 -36.52 -7.40
C LEU W 379 107.77 -35.22 -7.52
N VAL W 380 107.25 -34.30 -8.31
CA VAL W 380 107.95 -33.04 -8.45
C VAL W 380 107.45 -32.07 -7.39
N GLY W 381 108.38 -31.19 -6.96
CA GLY W 381 108.46 -30.61 -5.63
C GLY W 381 107.22 -30.33 -4.83
N THR W 382 107.21 -30.94 -3.65
CA THR W 382 106.13 -30.91 -2.67
C THR W 382 106.71 -31.52 -1.40
N ASN W 383 105.90 -31.48 -0.34
CA ASN W 383 106.24 -32.14 0.92
C ASN W 383 104.95 -32.68 1.49
N PRO W 384 104.48 -33.84 1.00
CA PRO W 384 103.11 -34.28 1.30
C PRO W 384 102.93 -34.81 2.70
N ARG W 385 104.00 -35.00 3.48
CA ARG W 385 103.81 -35.17 4.92
C ARG W 385 103.26 -33.90 5.53
N PHE W 386 103.64 -32.74 4.98
CA PHE W 386 103.15 -31.47 5.48
C PHE W 386 102.27 -30.77 4.46
N GLU W 387 101.75 -31.52 3.49
CA GLU W 387 100.82 -31.02 2.48
C GLU W 387 99.83 -32.15 2.25
N ALA W 388 98.69 -32.11 2.96
CA ALA W 388 97.62 -33.11 2.93
C ALA W 388 98.16 -34.50 3.23
N PRO W 389 98.45 -34.83 4.49
CA PRO W 389 99.11 -36.11 4.83
C PRO W 389 98.30 -37.35 4.50
N LEU W 390 97.00 -37.22 4.22
CA LEU W 390 96.18 -38.38 3.86
C LEU W 390 96.67 -39.05 2.60
N PHE W 391 97.06 -38.25 1.60
CA PHE W 391 97.56 -38.86 0.40
C PHE W 391 98.93 -39.49 0.64
N ASN W 392 99.69 -38.95 1.58
CA ASN W 392 100.95 -39.61 1.92
C ASN W 392 100.71 -40.94 2.62
N ALA W 393 99.66 -41.01 3.44
CA ALA W 393 99.28 -42.27 4.05
C ALA W 393 98.86 -43.29 3.00
N ARG W 394 98.17 -42.81 1.96
CA ARG W 394 97.83 -43.67 0.83
C ARG W 394 99.08 -44.16 0.09
N ILE W 395 100.04 -43.27 -0.13
CA ILE W 395 101.29 -43.64 -0.80
C ILE W 395 102.04 -44.68 0.00
N ARG W 396 102.08 -44.53 1.32
CA ARG W 396 102.78 -45.52 2.12
C ARG W 396 102.02 -46.83 2.16
N LYS W 397 100.69 -46.77 2.07
CA LYS W 397 99.91 -47.99 1.94
C LYS W 397 100.29 -48.74 0.67
N SER W 398 100.44 -48.01 -0.44
CA SER W 398 100.93 -48.59 -1.69
C SER W 398 102.31 -49.20 -1.49
N TRP W 399 103.26 -48.38 -1.02
CA TRP W 399 104.66 -48.77 -0.91
C TRP W 399 104.86 -49.92 0.05
N LEU W 400 103.97 -50.08 1.01
CA LEU W 400 104.09 -51.17 1.94
C LEU W 400 103.46 -52.43 1.41
N HIS W 401 102.28 -52.36 0.80
CA HIS W 401 101.66 -53.61 0.38
C HIS W 401 102.21 -54.06 -0.97
N ASN W 402 102.02 -53.27 -2.02
CA ASN W 402 102.62 -53.63 -3.30
C ASN W 402 103.87 -52.78 -3.54
N ASP W 403 104.38 -52.79 -4.76
CA ASP W 403 105.69 -52.21 -5.03
C ASP W 403 105.60 -50.93 -5.85
N LEU W 404 106.32 -49.92 -5.40
CA LEU W 404 106.50 -48.65 -6.08
C LEU W 404 107.97 -48.38 -6.34
N LYS W 405 108.19 -47.33 -7.12
CA LYS W 405 109.47 -46.63 -7.17
C LYS W 405 109.11 -45.16 -7.11
N VAL W 406 109.41 -44.53 -5.98
CA VAL W 406 108.99 -43.18 -5.69
C VAL W 406 110.18 -42.26 -5.82
N ALA W 407 110.04 -41.22 -6.63
CA ALA W 407 111.08 -40.21 -6.75
C ALA W 407 110.60 -38.86 -6.27
N LEU W 408 111.51 -38.10 -5.69
CA LEU W 408 111.25 -36.74 -5.26
C LEU W 408 112.24 -35.80 -5.91
N ILE W 409 111.73 -34.73 -6.51
CA ILE W 409 112.56 -33.71 -7.11
C ILE W 409 112.34 -32.40 -6.38
N GLY W 410 113.36 -31.96 -5.65
CA GLY W 410 113.46 -30.58 -5.21
C GLY W 410 113.94 -30.25 -3.81
N SER W 411 113.59 -31.01 -2.78
CA SER W 411 114.07 -30.60 -1.46
C SER W 411 114.12 -31.80 -0.53
N PRO W 412 115.24 -32.03 0.15
CA PRO W 412 115.31 -33.12 1.12
C PRO W 412 114.48 -32.85 2.36
N VAL W 413 113.36 -33.56 2.50
CA VAL W 413 112.41 -33.34 3.58
C VAL W 413 112.06 -34.68 4.24
N ASP W 414 111.10 -34.66 5.15
CA ASP W 414 110.83 -35.77 6.05
C ASP W 414 109.81 -36.75 5.46
N LEU W 415 110.01 -37.23 4.26
CA LEU W 415 109.19 -38.34 3.78
C LEU W 415 109.79 -39.63 4.34
N THR W 416 109.04 -40.29 5.21
CA THR W 416 109.58 -41.26 6.17
C THR W 416 109.62 -42.68 5.62
N TYR W 417 109.74 -42.83 4.32
CA TYR W 417 109.46 -44.11 3.71
C TYR W 417 110.39 -44.41 2.56
N ARG W 418 111.60 -43.85 2.62
CA ARG W 418 112.76 -44.22 1.81
C ARG W 418 112.48 -43.99 0.32
N TYR W 419 112.33 -42.72 0.01
CA TYR W 419 112.16 -42.24 -1.34
C TYR W 419 113.50 -42.09 -2.02
N ASP W 420 113.50 -42.26 -3.34
CA ASP W 420 114.66 -41.92 -4.16
C ASP W 420 114.57 -40.45 -4.56
N HIS W 421 115.51 -39.66 -4.09
CA HIS W 421 115.57 -38.25 -4.44
C HIS W 421 116.43 -38.10 -5.69
N LEU W 422 116.13 -37.09 -6.48
CA LEU W 422 116.84 -36.89 -7.73
C LEU W 422 117.62 -35.59 -7.81
N GLY W 423 117.16 -34.52 -7.20
CA GLY W 423 117.85 -33.26 -7.28
C GLY W 423 116.85 -32.13 -7.32
N ASP W 424 117.36 -30.91 -7.54
CA ASP W 424 116.53 -29.69 -7.59
C ASP W 424 116.94 -28.79 -8.75
N SER W 425 116.38 -29.05 -9.93
CA SER W 425 116.58 -28.19 -11.08
C SER W 425 115.53 -28.48 -12.12
N PRO W 426 115.01 -27.47 -12.80
CA PRO W 426 114.23 -27.74 -14.04
C PRO W 426 115.07 -28.41 -15.13
N LYS W 427 116.39 -28.23 -15.10
CA LYS W 427 117.26 -28.90 -16.05
C LYS W 427 117.29 -30.41 -15.80
N ILE W 428 117.01 -30.85 -14.58
CA ILE W 428 116.89 -32.29 -14.35
C ILE W 428 115.65 -32.82 -15.03
N LEU W 429 114.55 -32.05 -14.99
CA LEU W 429 113.36 -32.36 -15.77
C LEU W 429 113.67 -32.38 -17.26
N GLN W 430 114.56 -31.49 -17.71
CA GLN W 430 115.01 -31.50 -19.09
C GLN W 430 115.81 -32.75 -19.43
N ASP W 431 116.58 -33.27 -18.47
CA ASP W 431 117.32 -34.50 -18.71
C ASP W 431 116.40 -35.72 -18.73
N ILE W 432 115.35 -35.70 -17.90
CA ILE W 432 114.28 -36.69 -18.02
C ILE W 432 113.59 -36.59 -19.38
N ALA W 433 113.42 -35.37 -19.90
CA ALA W 433 112.80 -35.18 -21.21
C ALA W 433 113.67 -35.68 -22.34
N SER W 434 114.99 -35.49 -22.22
CA SER W 434 115.90 -35.97 -23.25
C SER W 434 116.09 -37.47 -23.17
N GLY W 435 115.95 -38.07 -21.99
CA GLY W 435 116.02 -39.50 -21.86
C GLY W 435 117.37 -40.08 -21.51
N SER W 436 118.32 -39.23 -21.10
CA SER W 436 119.65 -39.70 -20.70
C SER W 436 119.66 -39.91 -19.18
N HIS W 437 118.82 -40.83 -18.76
CA HIS W 437 118.68 -41.06 -17.33
C HIS W 437 118.16 -42.47 -17.14
N PRO W 438 118.83 -43.31 -16.33
CA PRO W 438 118.33 -44.68 -16.11
C PRO W 438 117.03 -44.74 -15.33
N PHE W 439 116.60 -43.64 -14.73
CA PHE W 439 115.28 -43.57 -14.12
C PHE W 439 114.23 -43.14 -15.13
N SER W 440 114.63 -42.34 -16.14
CA SER W 440 113.72 -42.09 -17.25
C SER W 440 113.46 -43.34 -18.07
N GLN W 441 114.41 -44.27 -18.10
CA GLN W 441 114.17 -45.58 -18.71
C GLN W 441 113.06 -46.32 -17.97
N VAL W 442 113.08 -46.24 -16.63
CA VAL W 442 112.02 -46.81 -15.79
C VAL W 442 110.68 -46.16 -16.10
N LEU W 443 110.65 -44.83 -16.23
CA LEU W 443 109.44 -44.12 -16.65
C LEU W 443 108.93 -44.54 -18.02
N GLN W 444 109.69 -44.26 -19.07
CA GLN W 444 109.19 -44.50 -20.42
C GLN W 444 109.17 -45.97 -20.81
N GLU W 445 109.64 -46.89 -19.95
CA GLU W 445 109.55 -48.32 -20.20
C GLU W 445 108.87 -49.03 -19.04
N ALA W 446 108.13 -48.28 -18.22
CA ALA W 446 107.30 -48.81 -17.16
C ALA W 446 105.89 -49.09 -17.67
N LYS W 447 105.12 -49.81 -16.85
CA LYS W 447 103.77 -50.20 -17.26
C LYS W 447 102.73 -49.17 -16.88
N LYS W 448 102.63 -48.85 -15.59
CA LYS W 448 101.72 -47.82 -15.09
C LYS W 448 102.47 -46.69 -14.44
N PRO W 449 102.79 -45.64 -15.17
CA PRO W 449 103.57 -44.53 -14.60
C PRO W 449 102.74 -43.33 -14.19
N MET W 450 103.17 -42.73 -13.09
CA MET W 450 102.43 -41.64 -12.48
C MET W 450 103.38 -40.56 -12.02
N VAL W 451 103.06 -39.32 -12.40
CA VAL W 451 103.81 -38.14 -12.03
C VAL W 451 102.87 -37.24 -11.24
N VAL W 452 103.26 -36.91 -10.02
CA VAL W 452 102.48 -36.07 -9.13
C VAL W 452 103.13 -34.70 -9.05
N LEU W 453 102.35 -33.69 -9.46
CA LEU W 453 102.77 -32.31 -9.38
C LEU W 453 102.40 -31.73 -8.03
N GLY W 454 103.38 -31.21 -7.31
CA GLY W 454 103.10 -30.43 -6.11
C GLY W 454 102.85 -28.99 -6.48
N SER W 455 101.73 -28.46 -6.02
CA SER W 455 101.29 -27.12 -6.40
C SER W 455 102.06 -26.01 -5.70
N SER W 456 102.84 -26.33 -4.66
CA SER W 456 103.72 -25.33 -4.07
C SER W 456 104.88 -25.00 -4.98
N ALA W 457 105.26 -25.93 -5.84
CA ALA W 457 106.18 -25.67 -6.94
C ALA W 457 105.50 -24.98 -8.12
N LEU W 458 104.20 -24.75 -8.04
CA LEU W 458 103.43 -24.10 -9.08
C LEU W 458 103.06 -22.66 -8.74
N GLN W 459 103.29 -22.25 -7.50
CA GLN W 459 103.07 -20.87 -7.08
C GLN W 459 104.33 -20.03 -7.18
N ARG W 460 105.37 -20.54 -7.82
CA ARG W 460 106.54 -19.74 -8.18
C ARG W 460 106.24 -19.02 -9.48
N ASN W 461 107.23 -18.35 -10.04
CA ASN W 461 107.06 -17.71 -11.34
C ASN W 461 107.52 -18.60 -12.49
N ASP W 462 107.36 -19.92 -12.35
CA ASP W 462 107.68 -20.89 -13.39
C ASP W 462 106.48 -21.79 -13.65
N GLY W 463 105.29 -21.21 -13.68
CA GLY W 463 104.10 -22.02 -13.76
C GLY W 463 103.88 -22.67 -15.11
N ALA W 464 103.80 -21.83 -16.14
CA ALA W 464 103.41 -22.29 -17.47
C ALA W 464 104.48 -23.21 -18.08
N ALA W 465 105.75 -22.88 -17.88
CA ALA W 465 106.82 -23.65 -18.49
C ALA W 465 106.98 -25.01 -17.84
N ILE W 466 106.98 -25.07 -16.51
CA ILE W 466 107.14 -26.36 -15.85
C ILE W 466 105.90 -27.19 -16.01
N LEU W 467 104.71 -26.56 -16.03
CA LEU W 467 103.48 -27.28 -16.33
C LEU W 467 103.53 -27.88 -17.73
N ALA W 468 103.98 -27.09 -18.71
CA ALA W 468 104.07 -27.56 -20.07
C ALA W 468 105.11 -28.66 -20.23
N ALA W 469 106.23 -28.55 -19.51
CA ALA W 469 107.31 -29.53 -19.67
C ALA W 469 106.93 -30.87 -19.04
N VAL W 470 106.31 -30.83 -17.86
CA VAL W 470 105.88 -32.08 -17.24
C VAL W 470 104.70 -32.68 -18.01
N SER W 471 103.87 -31.83 -18.63
CA SER W 471 102.83 -32.35 -19.51
C SER W 471 103.42 -32.96 -20.76
N ASN W 472 104.56 -32.46 -21.23
CA ASN W 472 105.22 -33.11 -22.36
C ASN W 472 105.81 -34.45 -21.95
N ILE W 473 106.28 -34.56 -20.71
CA ILE W 473 106.66 -35.86 -20.16
C ILE W 473 105.47 -36.81 -20.15
N ALA W 474 104.31 -36.30 -19.76
CA ALA W 474 103.09 -37.13 -19.71
C ALA W 474 102.65 -37.56 -21.10
N GLN W 475 102.71 -36.65 -22.07
CA GLN W 475 102.47 -36.99 -23.47
C GLN W 475 103.42 -38.07 -23.95
N LYS W 476 104.70 -37.90 -23.61
CA LYS W 476 105.76 -38.82 -24.03
C LYS W 476 105.50 -40.24 -23.55
N ILE W 477 105.22 -40.38 -22.25
CA ILE W 477 105.09 -41.74 -21.73
C ILE W 477 103.70 -42.30 -22.04
N ARG W 478 102.68 -41.46 -22.20
CA ARG W 478 101.37 -42.00 -22.54
C ARG W 478 101.33 -42.49 -23.97
N THR W 479 102.07 -41.84 -24.88
CA THR W 479 102.22 -42.39 -26.22
C THR W 479 103.23 -43.53 -26.26
N SER W 480 104.12 -43.64 -25.29
CA SER W 480 104.93 -44.85 -25.23
C SER W 480 104.25 -45.89 -24.36
N SER W 481 104.93 -47.02 -24.17
CA SER W 481 104.75 -48.02 -23.13
C SER W 481 103.42 -48.78 -23.18
N GLY W 482 102.51 -48.44 -24.10
CA GLY W 482 101.21 -49.09 -24.19
C GLY W 482 100.38 -48.96 -22.95
N VAL W 483 100.19 -47.74 -22.47
CA VAL W 483 99.62 -47.49 -21.15
C VAL W 483 98.32 -46.69 -21.28
N THR W 484 97.18 -47.33 -20.98
CA THR W 484 97.02 -48.80 -20.89
C THR W 484 96.11 -49.50 -21.94
N GLY W 485 94.90 -49.03 -22.34
CA GLY W 485 94.18 -47.83 -21.95
C GLY W 485 92.80 -48.10 -21.39
N ASP W 486 92.23 -47.16 -20.63
CA ASP W 486 92.82 -45.85 -20.36
C ASP W 486 93.16 -45.65 -18.88
N TRP W 487 94.19 -44.85 -18.65
CA TRP W 487 94.89 -44.74 -17.38
C TRP W 487 95.92 -43.65 -17.61
N LYS W 488 96.36 -42.99 -16.54
CA LYS W 488 97.23 -41.85 -16.80
C LYS W 488 98.36 -41.67 -15.80
N VAL W 489 99.52 -41.37 -16.37
CA VAL W 489 100.68 -40.81 -15.66
C VAL W 489 100.28 -39.62 -14.80
N MET W 490 99.76 -38.58 -15.44
CA MET W 490 99.73 -37.23 -14.87
C MET W 490 98.65 -37.07 -13.81
N ASN W 491 99.02 -36.45 -12.68
CA ASN W 491 98.06 -35.78 -11.81
C ASN W 491 98.77 -34.71 -10.98
N ILE W 492 97.99 -33.74 -10.51
CA ILE W 492 98.49 -32.64 -9.69
C ILE W 492 97.74 -32.67 -8.36
N LEU W 493 98.24 -31.89 -7.39
CA LEU W 493 97.48 -31.67 -6.15
C LEU W 493 97.23 -30.19 -5.92
N HIS W 494 96.64 -29.89 -4.77
CA HIS W 494 96.39 -28.53 -4.32
C HIS W 494 96.50 -28.51 -2.80
N ARG W 495 96.08 -27.40 -2.19
CA ARG W 495 96.01 -27.34 -0.73
C ARG W 495 94.67 -26.80 -0.27
N ILE W 496 94.06 -25.93 -1.05
CA ILE W 496 92.90 -25.16 -0.63
C ILE W 496 91.73 -25.51 -1.54
N ALA W 497 90.58 -25.81 -0.94
CA ALA W 497 89.50 -26.44 -1.69
C ALA W 497 88.74 -25.46 -2.58
N SER W 498 88.52 -24.24 -2.10
CA SER W 498 87.76 -23.27 -2.89
C SER W 498 88.52 -22.82 -4.12
N GLN W 499 89.84 -22.94 -4.11
CA GLN W 499 90.63 -22.73 -5.32
C GLN W 499 90.27 -23.73 -6.41
N VAL W 500 90.15 -25.02 -6.05
CA VAL W 500 89.82 -26.03 -7.04
C VAL W 500 88.39 -25.86 -7.52
N ALA W 501 87.49 -25.53 -6.60
CA ALA W 501 86.11 -25.27 -6.99
C ALA W 501 86.01 -24.05 -7.89
N ALA W 502 86.85 -23.05 -7.65
CA ALA W 502 86.84 -21.84 -8.46
C ALA W 502 87.41 -22.10 -9.85
N LEU W 503 88.40 -22.98 -9.96
CA LEU W 503 88.85 -23.40 -11.27
C LEU W 503 87.76 -24.18 -12.00
N ASP W 504 87.02 -25.00 -11.25
CA ASP W 504 85.93 -25.77 -11.85
C ASP W 504 84.81 -24.87 -12.34
N LEU W 505 84.59 -23.74 -11.68
CA LEU W 505 83.59 -22.79 -12.14
C LEU W 505 84.12 -21.84 -13.19
N GLY W 506 85.38 -21.98 -13.61
CA GLY W 506 85.91 -21.15 -14.67
C GLY W 506 86.18 -19.73 -14.23
N TYR W 507 87.05 -19.56 -13.25
CA TYR W 507 87.47 -18.25 -12.78
C TYR W 507 88.88 -17.97 -13.25
N LYS W 508 89.44 -16.86 -12.78
CA LYS W 508 90.77 -16.50 -13.23
C LYS W 508 91.76 -16.62 -12.10
N PRO W 509 92.58 -17.68 -12.07
CA PRO W 509 93.40 -17.97 -10.89
C PRO W 509 94.63 -17.08 -10.81
N GLY W 510 94.92 -16.64 -9.60
CA GLY W 510 95.91 -15.60 -9.40
C GLY W 510 95.30 -14.22 -9.47
N VAL W 511 95.86 -13.31 -8.67
CA VAL W 511 95.31 -11.97 -8.53
C VAL W 511 96.03 -11.01 -9.48
N GLU W 512 96.64 -11.56 -10.54
CA GLU W 512 97.39 -10.71 -11.46
C GLU W 512 96.51 -9.75 -12.24
N ALA W 513 95.22 -10.07 -12.41
CA ALA W 513 94.33 -9.14 -13.09
C ALA W 513 94.07 -7.89 -12.25
N ILE W 514 94.20 -8.01 -10.93
CA ILE W 514 94.03 -6.87 -10.04
C ILE W 514 95.37 -6.22 -9.72
N ARG W 515 96.47 -6.95 -9.86
CA ARG W 515 97.77 -6.30 -10.01
C ARG W 515 97.80 -5.41 -11.24
N LYS W 516 97.16 -5.85 -12.32
CA LYS W 516 97.04 -5.02 -13.51
C LYS W 516 96.03 -3.90 -13.29
N ASN W 517 94.88 -4.20 -12.68
CA ASN W 517 93.78 -3.25 -12.55
C ASN W 517 93.49 -2.99 -11.08
N PRO W 518 94.06 -1.94 -10.50
CA PRO W 518 93.60 -1.46 -9.21
C PRO W 518 92.22 -0.85 -9.32
N PRO W 519 91.22 -1.39 -8.61
CA PRO W 519 89.83 -1.03 -8.88
C PRO W 519 89.29 0.08 -8.00
N LYS W 520 88.01 0.42 -8.21
CA LYS W 520 87.26 1.28 -7.30
C LYS W 520 86.62 0.53 -6.15
N MET W 521 86.57 -0.80 -6.22
CA MET W 521 85.73 -1.60 -5.31
C MET W 521 86.12 -3.06 -5.32
N LEU W 522 86.31 -3.70 -4.17
CA LEU W 522 86.53 -5.13 -4.25
C LEU W 522 85.97 -5.86 -3.04
N PHE W 523 85.73 -7.14 -3.26
CA PHE W 523 85.10 -8.05 -2.33
C PHE W 523 86.13 -9.09 -1.91
N LEU W 524 86.49 -9.08 -0.64
CA LEU W 524 87.45 -10.05 -0.11
C LEU W 524 86.67 -11.20 0.49
N LEU W 525 86.46 -12.25 -0.31
CA LEU W 525 85.74 -13.43 0.14
C LEU W 525 86.77 -14.40 0.70
N GLY W 526 86.95 -14.33 2.01
CA GLY W 526 87.93 -15.14 2.68
C GLY W 526 89.36 -14.77 2.32
N ALA W 527 89.69 -13.49 2.37
CA ALA W 527 91.05 -13.08 2.09
C ALA W 527 91.93 -13.43 3.27
N ASP W 528 92.98 -14.20 3.00
CA ASP W 528 93.84 -14.68 4.08
C ASP W 528 94.68 -13.55 4.64
N GLY W 529 95.61 -13.04 3.83
CA GLY W 529 96.53 -12.04 4.29
C GLY W 529 96.84 -11.03 3.22
N GLY W 530 98.13 -10.86 2.94
CA GLY W 530 98.55 -9.89 1.95
C GLY W 530 98.48 -10.41 0.53
N CYS W 531 97.27 -10.72 0.05
CA CYS W 531 97.08 -10.98 -1.37
C CYS W 531 97.30 -9.70 -2.16
N VAL W 532 96.59 -8.63 -1.81
CA VAL W 532 96.87 -7.28 -2.25
C VAL W 532 96.97 -6.39 -1.03
N THR W 533 97.24 -5.11 -1.25
CA THR W 533 97.29 -4.12 -0.20
C THR W 533 96.31 -3.00 -0.52
N ARG W 534 96.20 -2.06 0.42
CA ARG W 534 95.61 -0.77 0.10
C ARG W 534 96.61 0.14 -0.61
N GLN W 535 97.89 -0.22 -0.61
CA GLN W 535 98.89 0.57 -1.31
C GLN W 535 98.83 0.35 -2.82
N ASP W 536 98.51 -0.88 -3.25
CA ASP W 536 98.57 -1.28 -4.66
C ASP W 536 97.28 -0.96 -5.40
N LEU W 537 96.59 0.07 -4.98
CA LEU W 537 95.19 0.27 -5.26
C LEU W 537 94.92 1.70 -4.81
N PRO W 538 94.00 2.44 -5.45
CA PRO W 538 93.74 3.80 -5.01
C PRO W 538 93.13 3.83 -3.62
N LYS W 539 93.43 4.91 -2.88
CA LYS W 539 93.22 4.96 -1.44
C LYS W 539 91.75 4.91 -1.04
N ASP W 540 90.84 5.15 -1.98
CA ASP W 540 89.42 4.98 -1.74
C ASP W 540 89.05 3.54 -2.15
N CYS W 541 89.49 2.61 -1.30
CA CYS W 541 89.57 1.21 -1.68
C CYS W 541 88.20 0.56 -1.75
N PHE W 542 87.43 0.69 -0.66
CA PHE W 542 86.15 0.02 -0.45
C PHE W 542 86.30 -1.50 -0.59
N ILE W 543 86.96 -2.05 0.41
CA ILE W 543 86.95 -3.49 0.58
C ILE W 543 85.70 -3.88 1.35
N VAL W 544 85.08 -4.98 0.93
CA VAL W 544 84.07 -5.63 1.73
C VAL W 544 84.61 -7.00 2.05
N TYR W 545 85.09 -7.17 3.27
CA TYR W 545 85.74 -8.40 3.70
C TYR W 545 84.71 -9.26 4.41
N GLN W 546 84.48 -10.45 3.87
CA GLN W 546 83.45 -11.35 4.35
C GLN W 546 84.11 -12.60 4.90
N GLY W 547 83.65 -13.02 6.08
CA GLY W 547 84.10 -14.28 6.63
C GLY W 547 83.92 -14.46 8.12
N HIS W 548 84.90 -15.09 8.73
CA HIS W 548 84.82 -15.52 10.11
C HIS W 548 86.22 -15.46 10.70
N HIS W 549 86.30 -14.92 11.92
CA HIS W 549 87.52 -14.59 12.67
C HIS W 549 88.63 -14.00 11.81
N GLY W 550 88.39 -12.84 11.24
CA GLY W 550 89.42 -12.14 10.49
C GLY W 550 90.58 -11.73 11.37
N ASP W 551 91.78 -12.22 11.07
CA ASP W 551 92.99 -11.80 11.74
C ASP W 551 93.77 -10.79 10.93
N VAL W 552 93.86 -10.98 9.61
CA VAL W 552 94.46 -10.03 8.69
C VAL W 552 93.45 -9.75 7.60
N GLY W 553 93.20 -8.48 7.33
CA GLY W 553 92.18 -8.09 6.38
C GLY W 553 91.06 -7.46 7.16
N ALA W 554 90.71 -8.10 8.27
CA ALA W 554 89.90 -7.43 9.27
C ALA W 554 90.55 -6.22 9.92
N PRO W 555 91.89 -6.08 10.01
CA PRO W 555 92.44 -4.74 10.27
C PRO W 555 92.62 -3.90 9.02
N ILE W 556 92.18 -4.37 7.85
CA ILE W 556 92.31 -3.62 6.61
C ILE W 556 90.87 -3.28 6.23
N ALA W 557 90.02 -3.16 7.24
CA ALA W 557 88.59 -3.26 7.06
C ALA W 557 87.97 -1.95 6.57
N ASP W 558 87.05 -2.08 5.62
CA ASP W 558 86.10 -1.00 5.34
C ASP W 558 84.69 -1.44 5.63
N VAL W 559 84.18 -2.48 4.99
CA VAL W 559 82.87 -3.03 5.32
C VAL W 559 83.04 -4.52 5.59
N ILE W 560 82.79 -4.93 6.84
CA ILE W 560 82.95 -6.33 7.25
C ILE W 560 81.60 -7.00 7.22
N LEU W 561 81.53 -8.15 6.55
CA LEU W 561 80.34 -8.97 6.60
C LEU W 561 80.64 -10.33 7.22
N PRO W 562 79.92 -10.71 8.27
CA PRO W 562 80.27 -11.90 9.04
C PRO W 562 79.90 -13.19 8.31
N GLY W 563 80.80 -13.67 7.45
CA GLY W 563 80.50 -14.83 6.66
C GLY W 563 80.51 -16.11 7.46
N ALA W 564 79.71 -17.07 7.01
CA ALA W 564 79.53 -18.32 7.72
C ALA W 564 80.77 -19.20 7.59
N ALA W 565 80.72 -20.36 8.22
CA ALA W 565 81.87 -21.25 8.32
C ALA W 565 81.55 -22.58 7.65
N TYR W 566 82.47 -23.53 7.78
CA TYR W 566 82.36 -24.79 7.07
C TYR W 566 81.44 -25.77 7.77
N THR W 567 80.84 -25.40 8.90
CA THR W 567 79.94 -26.26 9.63
C THR W 567 78.51 -25.74 9.65
N GLU W 568 78.24 -24.64 8.97
CA GLU W 568 77.09 -23.82 9.29
C GLU W 568 76.11 -23.72 8.13
N LYS W 569 76.25 -24.58 7.12
CA LYS W 569 75.46 -24.45 5.91
C LYS W 569 75.53 -25.74 5.12
N SER W 570 74.48 -25.98 4.33
CA SER W 570 74.40 -27.16 3.47
C SER W 570 74.90 -26.75 2.09
N ALA W 571 76.22 -26.65 1.99
CA ALA W 571 76.88 -26.19 0.78
C ALA W 571 77.52 -27.37 0.06
N THR W 572 78.03 -27.10 -1.13
CA THR W 572 78.69 -28.11 -1.94
C THR W 572 80.14 -27.72 -2.12
N TYR W 573 81.04 -28.62 -1.75
CA TYR W 573 82.43 -28.44 -2.05
C TYR W 573 82.85 -29.42 -3.12
N VAL W 574 84.08 -29.23 -3.59
CA VAL W 574 84.68 -30.09 -4.60
C VAL W 574 86.03 -30.54 -4.08
N ASN W 575 86.32 -31.83 -4.21
CA ASN W 575 87.66 -32.30 -3.87
C ASN W 575 88.66 -32.04 -4.98
N THR W 576 89.79 -32.74 -4.94
CA THR W 576 90.84 -32.56 -5.93
C THR W 576 90.67 -33.47 -7.16
N GLU W 577 89.73 -34.42 -7.15
CA GLU W 577 89.57 -35.28 -8.33
C GLU W 577 88.16 -35.20 -8.91
N GLY W 578 87.42 -34.14 -8.61
CA GLY W 578 86.17 -33.88 -9.29
C GLY W 578 84.92 -34.35 -8.57
N ARG W 579 85.07 -35.06 -7.47
CA ARG W 579 83.92 -35.61 -6.75
C ARG W 579 83.28 -34.50 -5.93
N ALA W 580 82.09 -34.07 -6.35
CA ALA W 580 81.32 -33.09 -5.59
C ALA W 580 80.69 -33.76 -4.39
N GLN W 581 80.80 -33.12 -3.23
CA GLN W 581 80.37 -33.70 -1.96
C GLN W 581 79.66 -32.62 -1.15
N GLN W 582 78.37 -32.80 -0.90
CA GLN W 582 77.60 -31.72 -0.29
C GLN W 582 77.74 -31.72 1.23
N THR W 583 78.03 -30.55 1.79
CA THR W 583 78.10 -30.38 3.22
C THR W 583 76.69 -30.28 3.79
N LYS W 584 76.59 -30.34 5.12
CA LYS W 584 75.32 -30.22 5.82
C LYS W 584 75.44 -29.28 7.01
N VAL W 585 74.29 -28.85 7.50
CA VAL W 585 74.21 -27.94 8.63
C VAL W 585 74.39 -28.73 9.92
N ALA W 586 75.24 -28.25 10.81
CA ALA W 586 75.32 -28.79 12.16
C ALA W 586 74.98 -27.75 13.22
N VAL W 587 75.64 -26.59 13.18
CA VAL W 587 75.48 -25.54 14.17
C VAL W 587 75.16 -24.26 13.42
N MET W 588 74.15 -23.54 13.86
CA MET W 588 73.91 -22.22 13.29
C MET W 588 74.98 -21.24 13.75
N PRO W 589 75.34 -20.27 12.92
CA PRO W 589 76.42 -19.34 13.26
C PRO W 589 76.07 -18.46 14.45
N PRO W 590 77.02 -18.16 15.30
CA PRO W 590 76.77 -17.23 16.40
C PRO W 590 76.61 -15.82 15.88
N GLY W 591 76.03 -14.97 16.73
CA GLY W 591 75.75 -13.61 16.32
C GLY W 591 74.66 -13.57 15.26
N LEU W 592 74.75 -12.58 14.38
CA LEU W 592 73.81 -12.54 13.26
C LEU W 592 74.29 -13.44 12.12
N ALA W 593 75.39 -13.06 11.47
CA ALA W 593 76.29 -13.91 10.68
C ALA W 593 75.57 -14.83 9.68
N ARG W 594 74.97 -14.22 8.67
CA ARG W 594 74.07 -14.95 7.79
C ARG W 594 74.82 -15.86 6.81
N GLU W 595 74.07 -16.33 5.82
CA GLU W 595 74.51 -17.27 4.80
C GLU W 595 74.96 -16.52 3.54
N ASP W 596 75.97 -17.09 2.87
CA ASP W 596 76.81 -16.33 1.94
C ASP W 596 76.07 -15.94 0.68
N TRP W 597 75.55 -16.93 -0.05
CA TRP W 597 74.83 -16.64 -1.27
C TRP W 597 73.52 -15.93 -0.96
N LYS W 598 72.95 -16.22 0.22
CA LYS W 598 71.79 -15.49 0.70
C LYS W 598 72.14 -14.02 0.93
N ILE W 599 73.37 -13.75 1.42
CA ILE W 599 73.86 -12.37 1.53
C ILE W 599 73.94 -11.72 0.17
N ILE W 600 74.41 -12.47 -0.84
CA ILE W 600 74.56 -11.89 -2.17
C ILE W 600 73.21 -11.57 -2.79
N ARG W 601 72.22 -12.44 -2.62
CA ARG W 601 70.91 -12.15 -3.21
C ARG W 601 70.19 -11.06 -2.44
N ALA W 602 70.41 -10.95 -1.14
CA ALA W 602 69.90 -9.80 -0.40
C ALA W 602 70.56 -8.51 -0.84
N LEU W 603 71.85 -8.59 -1.19
CA LEU W 603 72.56 -7.42 -1.68
C LEU W 603 72.01 -6.97 -3.02
N SER W 604 71.69 -7.94 -3.88
CA SER W 604 71.04 -7.64 -5.15
C SER W 604 69.64 -7.08 -4.96
N GLU W 605 68.94 -7.52 -3.92
CA GLU W 605 67.62 -6.96 -3.66
C GLU W 605 67.73 -5.52 -3.18
N ILE W 606 68.68 -5.24 -2.30
CA ILE W 606 68.79 -3.89 -1.73
C ILE W 606 69.31 -2.91 -2.78
N ALA W 607 70.26 -3.35 -3.61
CA ALA W 607 70.56 -2.56 -4.80
C ALA W 607 69.38 -2.57 -5.76
N GLY W 608 69.31 -1.57 -6.64
CA GLY W 608 68.17 -1.47 -7.52
C GLY W 608 68.17 -2.44 -8.68
N MET W 609 68.32 -3.72 -8.40
CA MET W 609 68.41 -4.77 -9.42
C MET W 609 67.74 -6.01 -8.87
N THR W 610 67.85 -7.11 -9.61
CA THR W 610 67.21 -8.34 -9.20
C THR W 610 68.00 -9.53 -9.68
N LEU W 611 67.84 -10.65 -8.98
CA LEU W 611 68.42 -11.93 -9.35
C LEU W 611 67.36 -13.01 -9.29
N PRO W 612 67.36 -13.95 -10.24
CA PRO W 612 66.24 -14.88 -10.39
C PRO W 612 66.31 -16.11 -9.50
N TYR W 613 66.63 -15.91 -8.23
CA TYR W 613 66.71 -17.04 -7.32
C TYR W 613 66.46 -16.59 -5.90
N ASP W 614 65.85 -17.47 -5.11
CA ASP W 614 65.61 -17.32 -3.67
C ASP W 614 66.07 -18.53 -2.87
N THR W 615 65.90 -19.74 -3.41
CA THR W 615 66.12 -20.97 -2.67
C THR W 615 67.45 -21.59 -3.03
N LEU W 616 67.93 -22.48 -2.16
CA LEU W 616 69.10 -23.26 -2.50
C LEU W 616 68.80 -24.25 -3.60
N ASP W 617 67.53 -24.62 -3.81
CA ASP W 617 67.19 -25.39 -5.00
C ASP W 617 67.38 -24.57 -6.26
N GLN W 618 67.01 -23.29 -6.23
CA GLN W 618 67.25 -22.44 -7.39
C GLN W 618 68.75 -22.20 -7.60
N VAL W 619 69.50 -22.11 -6.50
CA VAL W 619 70.94 -21.98 -6.61
C VAL W 619 71.57 -23.26 -7.14
N ARG W 620 71.07 -24.42 -6.73
CA ARG W 620 71.51 -25.69 -7.29
C ARG W 620 71.16 -25.80 -8.76
N ASN W 621 70.04 -25.23 -9.19
CA ASN W 621 69.72 -25.26 -10.61
C ASN W 621 70.69 -24.41 -11.41
N ARG W 622 71.02 -23.23 -10.90
CA ARG W 622 72.00 -22.41 -11.61
C ARG W 622 73.39 -23.03 -11.57
N LEU W 623 73.73 -23.72 -10.48
CA LEU W 623 74.99 -24.46 -10.42
C LEU W 623 75.01 -25.64 -11.37
N GLU W 624 73.84 -26.27 -11.59
CA GLU W 624 73.71 -27.29 -12.62
C GLU W 624 73.96 -26.72 -14.00
N GLU W 625 73.41 -25.55 -14.27
CA GLU W 625 73.60 -24.92 -15.58
C GLU W 625 74.95 -24.21 -15.70
N VAL W 626 75.75 -24.16 -14.65
CA VAL W 626 77.16 -23.83 -14.81
C VAL W 626 77.99 -25.09 -15.03
N SER W 627 77.78 -26.12 -14.22
CA SER W 627 78.40 -27.42 -14.46
C SER W 627 77.45 -28.55 -14.10
N PRO W 628 77.33 -29.55 -14.97
CA PRO W 628 76.35 -30.63 -14.72
C PRO W 628 76.83 -31.66 -13.73
N ASN W 629 78.14 -31.83 -13.56
CA ASN W 629 78.64 -32.81 -12.60
C ASN W 629 78.70 -32.26 -11.18
N LEU W 630 78.20 -31.06 -10.94
CA LEU W 630 78.20 -30.49 -9.60
C LEU W 630 76.86 -30.64 -8.91
N VAL W 631 76.05 -31.62 -9.31
CA VAL W 631 74.87 -31.98 -8.57
C VAL W 631 74.95 -33.47 -8.27
N ARG W 632 75.67 -34.20 -9.12
CA ARG W 632 75.87 -35.62 -8.90
C ARG W 632 76.83 -35.81 -7.75
N TYR W 633 76.27 -35.82 -6.55
CA TYR W 633 77.06 -35.82 -5.33
C TYR W 633 77.61 -37.22 -5.11
N ASP W 634 78.86 -37.27 -4.62
CA ASP W 634 79.62 -38.51 -4.40
C ASP W 634 79.75 -39.32 -5.69
N ASP W 635 79.88 -38.64 -6.82
CA ASP W 635 80.00 -39.30 -8.10
C ASP W 635 81.27 -38.85 -8.78
N VAL W 636 81.96 -39.80 -9.41
CA VAL W 636 83.28 -39.54 -9.96
C VAL W 636 83.35 -40.07 -11.39
N GLU W 637 83.90 -39.25 -12.28
CA GLU W 637 84.13 -39.64 -13.66
C GLU W 637 85.33 -38.86 -14.16
N GLY W 638 86.22 -39.55 -14.87
CA GLY W 638 87.53 -39.03 -15.18
C GLY W 638 87.55 -38.01 -16.30
N ALA W 639 88.77 -37.61 -16.65
CA ALA W 639 89.04 -36.65 -17.70
C ALA W 639 90.02 -37.25 -18.70
N ASN W 640 90.19 -36.53 -19.81
CA ASN W 640 90.93 -37.03 -20.98
C ASN W 640 91.58 -35.86 -21.70
N TYR W 641 91.83 -36.01 -23.00
CA TYR W 641 92.27 -34.94 -23.91
C TYR W 641 93.68 -34.48 -23.56
N PHE W 642 94.51 -35.45 -23.18
CA PHE W 642 95.85 -35.16 -22.69
C PHE W 642 96.75 -34.68 -23.81
N GLN W 643 96.64 -35.30 -24.99
CA GLN W 643 97.43 -34.87 -26.13
C GLN W 643 96.96 -33.51 -26.64
N GLN W 644 95.66 -33.22 -26.52
CA GLN W 644 95.16 -31.90 -26.89
C GLN W 644 95.71 -30.83 -25.96
N ALA W 645 95.70 -31.09 -24.65
CA ALA W 645 96.29 -30.14 -23.71
C ALA W 645 97.80 -30.03 -23.88
N SER W 646 98.44 -31.11 -24.34
CA SER W 646 99.88 -31.08 -24.54
C SER W 646 100.25 -30.27 -25.78
N GLU W 647 99.51 -30.43 -26.88
CA GLU W 647 99.80 -29.63 -28.06
C GLU W 647 99.35 -28.19 -27.88
N LEU W 648 98.43 -27.93 -26.96
CA LEU W 648 98.16 -26.56 -26.58
C LEU W 648 99.13 -26.04 -25.53
N SER W 649 99.99 -26.90 -24.99
CA SER W 649 101.06 -26.48 -24.10
C SER W 649 102.31 -26.03 -24.84
N LYS W 650 102.18 -25.57 -26.10
CA LYS W 650 103.28 -25.01 -26.87
C LYS W 650 102.97 -23.62 -27.39
N LEU W 651 101.96 -22.94 -26.83
CA LEU W 651 101.59 -21.62 -27.34
C LEU W 651 102.63 -20.57 -26.96
N VAL W 652 102.95 -20.48 -25.67
CA VAL W 652 104.05 -19.63 -25.24
C VAL W 652 105.16 -20.52 -24.72
N ASN W 653 106.11 -20.84 -25.58
CA ASN W 653 107.24 -21.69 -25.20
C ASN W 653 108.16 -20.89 -24.30
N GLN W 654 108.01 -21.06 -22.99
CA GLN W 654 108.75 -20.28 -22.02
C GLN W 654 110.04 -21.00 -21.65
N GLN W 655 111.04 -20.22 -21.22
CA GLN W 655 112.27 -20.78 -20.71
C GLN W 655 112.05 -21.42 -19.33
N LEU W 656 113.08 -22.08 -18.85
CA LEU W 656 113.07 -22.74 -17.55
C LEU W 656 114.27 -22.27 -16.74
N LEU W 657 114.05 -22.00 -15.46
CA LEU W 657 115.12 -21.50 -14.62
C LEU W 657 116.14 -22.58 -14.29
N ALA W 658 117.09 -22.22 -13.42
CA ALA W 658 118.03 -23.15 -12.84
C ALA W 658 118.07 -23.08 -11.32
N ASP W 659 117.30 -22.18 -10.70
CA ASP W 659 117.37 -21.98 -9.25
C ASP W 659 116.74 -23.16 -8.50
N PRO W 660 117.28 -23.49 -7.33
CA PRO W 660 116.76 -24.64 -6.58
C PRO W 660 115.35 -24.40 -6.06
N LEU W 661 114.47 -25.35 -6.37
CA LEU W 661 113.05 -25.22 -6.07
C LEU W 661 112.72 -25.94 -4.76
N VAL W 662 112.01 -25.26 -3.88
CA VAL W 662 111.77 -25.78 -2.53
C VAL W 662 110.41 -25.33 -2.03
N PRO W 663 109.63 -26.23 -1.42
CA PRO W 663 108.30 -25.86 -0.93
C PRO W 663 108.39 -25.01 0.31
N PRO W 664 107.38 -24.20 0.59
CA PRO W 664 107.34 -23.50 1.87
C PRO W 664 106.93 -24.39 3.03
N GLN W 665 106.01 -25.33 2.77
CA GLN W 665 105.60 -26.28 3.80
C GLN W 665 106.75 -27.24 4.05
N LEU W 666 107.60 -26.92 5.01
CA LEU W 666 108.84 -27.66 5.14
C LEU W 666 108.98 -28.40 6.48
N THR W 667 108.21 -28.04 7.50
CA THR W 667 108.26 -28.79 8.76
C THR W 667 106.92 -28.67 9.49
N ILE W 668 106.95 -29.08 10.77
CA ILE W 668 105.76 -29.27 11.59
C ILE W 668 105.00 -27.95 11.76
N LYS W 669 105.71 -26.92 12.17
CA LYS W 669 105.08 -25.65 12.51
C LYS W 669 104.50 -24.97 11.28
N ASP W 670 105.17 -25.12 10.14
CA ASP W 670 104.64 -24.57 8.92
C ASP W 670 103.54 -25.43 8.34
N PHE W 671 103.38 -26.66 8.83
CA PHE W 671 102.13 -27.34 8.53
C PHE W 671 100.99 -26.82 9.39
N TYR W 672 101.24 -26.56 10.67
CA TYR W 672 100.15 -26.25 11.59
C TYR W 672 99.58 -24.86 11.32
N MET W 673 100.44 -23.85 11.33
CA MET W 673 99.94 -22.48 11.48
C MET W 673 99.29 -21.93 10.22
N THR W 674 99.67 -22.44 9.05
CA THR W 674 99.42 -21.71 7.80
C THR W 674 98.07 -22.15 7.21
N ASP W 675 97.03 -21.82 7.95
CA ASP W 675 95.64 -21.71 7.50
C ASP W 675 94.97 -20.72 8.43
N SER W 676 93.80 -20.24 8.03
CA SER W 676 93.10 -19.23 8.82
C SER W 676 92.57 -19.81 10.12
N ILE W 677 91.76 -20.86 10.01
CA ILE W 677 91.05 -21.36 11.18
C ILE W 677 92.00 -22.10 12.11
N SER W 678 93.01 -22.78 11.55
CA SER W 678 94.02 -23.38 12.39
C SER W 678 94.96 -22.34 12.96
N ARG W 679 95.11 -21.21 12.26
CA ARG W 679 95.89 -20.10 12.79
C ARG W 679 95.18 -19.43 13.95
N ALA W 680 93.86 -19.57 14.01
CA ALA W 680 93.11 -19.00 15.12
C ALA W 680 93.42 -19.69 16.45
N SER W 681 93.37 -21.03 16.49
CA SER W 681 93.28 -21.78 17.75
C SER W 681 94.53 -21.65 18.62
N GLN W 682 94.34 -21.98 19.90
CA GLN W 682 95.41 -21.95 20.88
C GLN W 682 96.01 -23.32 21.15
N THR W 683 95.27 -24.40 20.93
CA THR W 683 95.82 -25.72 21.18
C THR W 683 96.87 -26.07 20.14
N MET W 684 96.71 -25.54 18.93
CA MET W 684 97.80 -25.59 17.96
C MET W 684 99.02 -24.82 18.44
N ALA W 685 98.83 -23.70 19.15
CA ALA W 685 99.97 -22.98 19.70
C ALA W 685 100.64 -23.75 20.82
N LYS W 686 99.84 -24.50 21.59
CA LYS W 686 100.38 -25.37 22.63
C LYS W 686 101.26 -26.44 22.03
N CYS W 687 100.81 -27.08 20.96
CA CYS W 687 101.67 -28.11 20.38
C CYS W 687 102.81 -27.52 19.54
N VAL W 688 102.68 -26.29 19.05
CA VAL W 688 103.81 -25.64 18.38
C VAL W 688 104.90 -25.32 19.40
N LYS W 689 104.54 -24.78 20.56
CA LYS W 689 105.56 -24.58 21.57
C LYS W 689 105.98 -25.89 22.22
N ALA W 690 105.21 -26.97 22.03
CA ALA W 690 105.73 -28.30 22.38
C ALA W 690 106.74 -28.80 21.35
N VAL W 691 106.59 -28.39 20.09
CA VAL W 691 107.60 -28.69 19.08
C VAL W 691 108.89 -27.93 19.36
N THR W 692 108.76 -26.63 19.61
CA THR W 692 109.93 -25.81 19.91
C THR W 692 110.44 -26.00 21.33
N GLU W 693 109.70 -26.70 22.18
CA GLU W 693 110.03 -26.87 23.58
C GLU W 693 109.76 -28.31 24.04
N ALA X 1 -34.91 -38.36 -15.40
CA ALA X 1 -36.32 -38.32 -15.74
C ALA X 1 -36.89 -36.93 -15.52
N ARG X 2 -36.08 -35.93 -15.87
CA ARG X 2 -36.47 -34.55 -16.13
C ARG X 2 -36.82 -33.78 -14.85
N GLN X 3 -36.96 -34.46 -13.71
CA GLN X 3 -37.05 -33.75 -12.45
C GLN X 3 -35.66 -33.29 -12.06
N TRP X 4 -35.48 -31.99 -11.96
CA TRP X 4 -34.17 -31.41 -11.83
C TRP X 4 -33.56 -31.67 -10.47
N GLN X 5 -32.26 -31.90 -10.45
CA GLN X 5 -31.52 -32.07 -9.22
C GLN X 5 -30.29 -31.18 -9.24
N PRO X 6 -29.84 -30.69 -8.09
CA PRO X 6 -28.68 -29.80 -8.06
C PRO X 6 -27.40 -30.56 -8.35
N ASP X 7 -26.34 -29.79 -8.56
CA ASP X 7 -25.08 -30.30 -9.08
C ASP X 7 -23.95 -30.10 -8.08
N VAL X 8 -22.76 -30.48 -8.53
CA VAL X 8 -21.53 -30.32 -7.77
C VAL X 8 -21.30 -28.86 -7.45
N GLU X 9 -21.57 -27.99 -8.41
CA GLU X 9 -21.37 -26.57 -8.16
C GLU X 9 -22.43 -26.00 -7.24
N TRP X 10 -23.65 -26.54 -7.23
CA TRP X 10 -24.63 -26.15 -6.21
C TRP X 10 -24.15 -26.51 -4.83
N ALA X 11 -23.65 -27.74 -4.69
CA ALA X 11 -23.19 -28.19 -3.39
C ALA X 11 -21.97 -27.41 -2.93
N GLU X 12 -21.13 -26.99 -3.87
CA GLU X 12 -20.03 -26.15 -3.47
C GLU X 12 -20.45 -24.69 -3.25
N GLN X 13 -21.60 -24.27 -3.80
CA GLN X 13 -22.19 -23.03 -3.33
C GLN X 13 -22.60 -23.15 -1.87
N TYR X 14 -23.03 -24.34 -1.46
CA TYR X 14 -23.23 -24.51 -0.02
C TYR X 14 -22.02 -25.11 0.67
N GLY X 15 -20.82 -24.93 0.11
CA GLY X 15 -19.62 -25.48 0.70
C GLY X 15 -18.64 -24.37 1.02
N GLY X 16 -17.84 -24.62 2.05
CA GLY X 16 -16.91 -23.65 2.58
C GLY X 16 -17.09 -23.44 4.06
N ALA X 17 -16.23 -22.58 4.61
CA ALA X 17 -16.27 -22.30 6.03
C ALA X 17 -17.49 -21.50 6.42
N VAL X 18 -17.71 -20.37 5.76
CA VAL X 18 -18.88 -19.55 6.02
C VAL X 18 -19.78 -19.59 4.79
N MET X 19 -20.94 -18.96 4.93
CA MET X 19 -21.87 -18.91 3.82
C MET X 19 -21.59 -17.74 2.89
N TYR X 20 -21.60 -16.56 3.41
CA TYR X 20 -21.59 -15.47 2.45
C TYR X 20 -20.18 -14.94 2.25
N PRO X 21 -19.76 -14.71 1.01
CA PRO X 21 -18.46 -14.08 0.77
C PRO X 21 -18.52 -12.57 0.90
N THR X 22 -17.46 -12.01 1.47
CA THR X 22 -17.30 -10.57 1.67
C THR X 22 -15.95 -10.18 1.12
N LYS X 23 -15.53 -8.96 1.43
CA LYS X 23 -14.13 -8.63 1.27
C LYS X 23 -13.27 -9.38 2.27
N GLU X 24 -13.83 -9.74 3.41
CA GLU X 24 -13.00 -10.07 4.57
C GLU X 24 -12.87 -11.57 4.78
N THR X 25 -13.81 -12.36 4.27
CA THR X 25 -13.89 -13.76 4.67
C THR X 25 -13.21 -14.72 3.69
N ALA X 26 -12.09 -14.30 3.09
CA ALA X 26 -11.23 -15.24 2.36
C ALA X 26 -10.46 -16.16 3.30
N HIS X 27 -10.10 -15.66 4.50
CA HIS X 27 -9.24 -16.39 5.41
C HIS X 27 -9.95 -17.44 6.22
N TRP X 28 -11.26 -17.50 6.17
CA TRP X 28 -11.99 -18.57 6.83
C TRP X 28 -11.82 -19.85 6.02
N LYS X 29 -10.94 -20.69 6.49
CA LYS X 29 -10.66 -22.01 6.00
C LYS X 29 -11.67 -23.01 6.57
N PRO X 30 -11.93 -24.11 5.86
CA PRO X 30 -12.85 -25.11 6.38
C PRO X 30 -12.25 -25.83 7.58
N PRO X 31 -13.07 -26.30 8.51
CA PRO X 31 -12.57 -27.06 9.65
C PRO X 31 -12.08 -28.42 9.19
N PRO X 32 -11.23 -29.09 9.96
CA PRO X 32 -10.91 -30.47 9.65
C PRO X 32 -12.10 -31.36 9.91
N TRP X 33 -12.23 -32.37 9.06
CA TRP X 33 -13.43 -33.19 9.06
C TRP X 33 -13.50 -34.11 10.27
N ASN X 34 -12.39 -34.30 10.97
CA ASN X 34 -12.35 -35.10 12.17
C ASN X 34 -12.37 -34.25 13.42
N ASP X 35 -12.57 -32.93 13.29
CA ASP X 35 -12.44 -31.95 14.37
C ASP X 35 -11.09 -32.06 15.08
N VAL X 36 -10.04 -32.40 14.34
CA VAL X 36 -8.71 -32.60 14.90
C VAL X 36 -7.72 -31.97 13.95
N ASP X 37 -7.00 -30.95 14.42
CA ASP X 37 -5.96 -30.35 13.61
C ASP X 37 -4.73 -31.24 13.58
N PRO X 38 -3.87 -31.09 12.58
CA PRO X 38 -2.54 -31.69 12.62
C PRO X 38 -1.57 -30.82 13.39
N PRO X 39 -1.48 -31.00 14.72
CA PRO X 39 -0.94 -29.94 15.58
C PRO X 39 0.56 -29.78 15.42
N LYS X 40 1.07 -28.73 16.03
CA LYS X 40 2.52 -28.55 16.06
C LYS X 40 3.13 -29.55 17.02
N ASP X 41 4.08 -30.32 16.52
CA ASP X 41 4.88 -31.21 17.36
C ASP X 41 6.13 -30.47 17.86
N THR X 42 5.88 -29.35 18.56
CA THR X 42 6.94 -28.48 19.04
C THR X 42 7.53 -29.11 20.31
N LEU X 43 8.35 -30.13 20.08
CA LEU X 43 9.34 -30.61 21.04
C LEU X 43 10.48 -31.10 20.14
N VAL X 44 11.42 -30.21 19.88
CA VAL X 44 12.49 -30.52 18.93
C VAL X 44 13.48 -31.49 19.55
N SER X 45 13.88 -31.23 20.79
CA SER X 45 14.79 -32.11 21.50
C SER X 45 14.31 -32.29 22.91
N ASN X 46 14.91 -33.25 23.59
CA ASN X 46 14.70 -33.46 25.01
C ASN X 46 15.58 -32.47 25.77
N LEU X 47 15.63 -32.61 27.09
CA LEU X 47 16.42 -31.71 27.92
C LEU X 47 17.88 -32.14 27.82
N THR X 48 18.69 -31.34 27.15
CA THR X 48 20.09 -31.68 26.87
C THR X 48 21.00 -30.89 27.78
N LEU X 49 21.71 -31.58 28.66
CA LEU X 49 22.52 -30.93 29.68
C LEU X 49 23.98 -31.24 29.44
N ASN X 50 24.80 -30.19 29.41
CA ASN X 50 26.23 -30.28 29.20
C ASN X 50 26.92 -30.11 30.55
N PHE X 51 27.02 -31.20 31.29
CA PHE X 51 27.74 -31.18 32.55
C PHE X 51 29.23 -31.07 32.29
N GLY X 52 29.79 -29.89 32.57
CA GLY X 52 31.17 -29.64 32.32
C GLY X 52 32.04 -30.05 33.49
N PRO X 53 33.26 -29.53 33.53
CA PRO X 53 34.23 -29.99 34.53
C PRO X 53 34.23 -29.29 35.88
N GLN X 54 33.16 -28.60 36.29
CA GLN X 54 33.15 -28.11 37.67
C GLN X 54 32.77 -29.25 38.61
N VAL X 61 38.46 -36.17 35.72
CA VAL X 61 37.37 -35.24 35.53
C VAL X 61 36.83 -35.38 34.13
N LEU X 62 35.53 -35.57 34.04
CA LEU X 62 34.83 -35.99 32.84
C LEU X 62 34.07 -34.82 32.24
N ARG X 63 33.46 -35.09 31.08
CA ARG X 63 32.39 -34.26 30.55
C ARG X 63 31.23 -35.18 30.24
N LEU X 64 30.04 -34.80 30.67
CA LEU X 64 28.89 -35.67 30.42
C LEU X 64 27.84 -34.84 29.70
N VAL X 65 27.57 -35.19 28.46
CA VAL X 65 26.49 -34.53 27.74
C VAL X 65 25.33 -35.51 27.73
N MET X 66 24.36 -35.33 28.61
CA MET X 66 23.23 -36.25 28.60
C MET X 66 22.04 -35.60 27.95
N GLU X 67 21.15 -36.43 27.45
CA GLU X 67 19.92 -36.02 26.80
C GLU X 67 18.80 -36.77 27.49
N LEU X 68 17.92 -36.02 28.15
CA LEU X 68 17.00 -36.60 29.10
C LEU X 68 15.57 -36.20 28.79
N SER X 69 14.70 -37.20 28.69
CA SER X 69 13.32 -36.94 29.04
C SER X 69 13.25 -36.84 30.57
N GLY X 70 12.35 -35.97 31.03
CA GLY X 70 12.40 -35.27 32.30
C GLY X 70 12.56 -36.04 33.61
N GLU X 71 13.56 -35.63 34.41
CA GLU X 71 13.98 -36.30 35.66
C GLU X 71 14.19 -37.79 35.46
N MET X 72 14.67 -38.12 34.27
CA MET X 72 14.86 -39.45 33.76
C MET X 72 15.95 -39.15 32.74
N VAL X 73 16.06 -39.92 31.67
CA VAL X 73 17.18 -39.84 30.75
C VAL X 73 16.64 -40.08 29.34
N ARG X 74 17.54 -40.09 28.37
CA ARG X 74 17.37 -41.00 27.25
C ARG X 74 18.71 -41.56 26.82
N LYS X 75 19.72 -40.70 26.78
CA LYS X 75 21.05 -41.03 26.28
C LYS X 75 22.08 -40.24 27.05
N CYS X 76 23.33 -40.66 26.94
CA CYS X 76 24.42 -39.90 27.52
C CYS X 76 25.69 -40.14 26.72
N ASP X 77 26.33 -39.05 26.31
CA ASP X 77 27.63 -39.11 25.68
C ASP X 77 28.68 -38.80 26.72
N PRO X 78 29.48 -39.76 27.12
CA PRO X 78 30.63 -39.45 27.96
C PRO X 78 31.73 -38.88 27.12
N HIS X 79 31.90 -37.57 27.14
CA HIS X 79 33.09 -36.98 26.55
C HIS X 79 34.21 -37.17 27.55
N ILE X 80 35.10 -38.10 27.20
CA ILE X 80 36.31 -38.40 27.95
C ILE X 80 37.45 -38.01 27.03
N GLY X 81 38.65 -37.94 27.57
CA GLY X 81 39.77 -37.37 26.86
C GLY X 81 40.19 -36.05 27.43
N LEU X 82 39.52 -35.59 28.49
CA LEU X 82 40.01 -34.45 29.24
C LEU X 82 41.38 -34.73 29.83
N LEU X 83 41.65 -35.98 30.15
CA LEU X 83 42.88 -36.33 30.85
C LEU X 83 43.81 -37.13 29.94
N HIS X 84 43.85 -36.82 28.65
CA HIS X 84 44.81 -37.46 27.78
C HIS X 84 46.16 -36.82 27.99
N ARG X 85 47.19 -37.64 28.14
CA ARG X 85 48.51 -37.12 28.41
C ARG X 85 49.57 -37.63 27.46
N GLY X 86 49.27 -38.61 26.61
CA GLY X 86 50.24 -39.03 25.62
C GLY X 86 51.24 -40.05 26.13
N THR X 87 50.75 -40.93 27.00
CA THR X 87 51.64 -41.80 27.75
C THR X 87 52.32 -42.82 26.85
N GLU X 88 51.58 -43.37 25.90
CA GLU X 88 52.15 -44.38 25.03
C GLU X 88 53.24 -43.80 24.14
N LYS X 89 53.03 -42.56 23.69
CA LYS X 89 54.01 -41.90 22.85
C LYS X 89 55.29 -41.63 23.64
N LEU X 90 55.14 -41.12 24.86
CA LEU X 90 56.33 -40.87 25.68
C LEU X 90 57.05 -42.16 26.05
N ILE X 91 56.33 -43.27 26.17
CA ILE X 91 57.06 -44.51 26.42
C ILE X 91 57.74 -44.98 25.15
N GLU X 92 57.16 -44.68 23.99
CA GLU X 92 57.83 -45.02 22.74
C GLU X 92 59.11 -44.23 22.54
N TYR X 93 59.29 -43.11 23.23
CA TYR X 93 60.58 -42.43 23.13
C TYR X 93 61.47 -42.63 24.34
N LYS X 94 61.22 -43.63 25.18
CA LYS X 94 62.14 -43.86 26.29
C LYS X 94 62.54 -45.32 26.44
N THR X 95 63.26 -45.65 27.49
CA THR X 95 63.73 -47.00 27.70
C THR X 95 62.78 -47.70 28.63
N TYR X 96 63.13 -48.91 29.06
CA TYR X 96 62.23 -49.69 29.91
C TYR X 96 62.25 -49.19 31.34
N LEU X 97 63.44 -49.22 31.93
CA LEU X 97 63.63 -48.86 33.32
C LEU X 97 63.34 -47.40 33.58
N GLN X 98 63.56 -46.53 32.59
CA GLN X 98 63.20 -45.14 32.76
C GLN X 98 61.70 -44.94 32.72
N ALA X 99 61.01 -45.65 31.86
CA ALA X 99 59.59 -45.33 31.65
C ALA X 99 58.68 -46.21 32.46
N LEU X 100 59.21 -46.97 33.41
CA LEU X 100 58.34 -47.61 34.41
C LEU X 100 57.37 -46.69 35.17
N PRO X 101 57.73 -45.48 35.65
CA PRO X 101 56.76 -44.73 36.45
C PRO X 101 55.55 -44.22 35.69
N TYR X 102 55.61 -44.11 34.35
CA TYR X 102 54.39 -43.83 33.60
C TYR X 102 53.38 -44.94 33.80
N PHE X 103 53.85 -46.19 33.79
CA PHE X 103 52.99 -47.29 34.17
C PHE X 103 52.58 -47.21 35.60
N ASP X 104 53.41 -46.62 36.46
CA ASP X 104 52.98 -46.49 37.84
C ASP X 104 51.83 -45.51 37.98
N ARG X 105 51.76 -44.49 37.13
CA ARG X 105 50.83 -43.40 37.40
C ARG X 105 49.76 -43.18 36.34
N LEU X 106 49.61 -44.06 35.36
CA LEU X 106 48.39 -43.95 34.54
C LEU X 106 47.17 -44.33 35.37
N ASP X 107 47.20 -45.44 36.06
CA ASP X 107 46.32 -45.63 37.19
C ASP X 107 47.03 -45.06 38.40
N TYR X 108 46.26 -44.57 39.36
CA TYR X 108 46.91 -44.01 40.52
C TYR X 108 46.34 -44.46 41.84
N VAL X 109 45.10 -44.94 41.89
CA VAL X 109 44.58 -45.38 43.17
C VAL X 109 45.12 -46.75 43.52
N SER X 110 44.89 -47.73 42.68
CA SER X 110 45.76 -48.90 42.70
C SER X 110 47.10 -48.42 42.17
N MET X 111 48.18 -48.82 42.83
CA MET X 111 49.46 -48.19 42.49
C MET X 111 50.63 -49.15 42.43
N MET X 112 50.54 -50.36 42.97
CA MET X 112 51.63 -51.29 42.85
C MET X 112 51.29 -52.52 42.03
N CYS X 113 50.01 -52.77 41.80
CA CYS X 113 49.70 -53.79 40.80
C CYS X 113 50.02 -53.32 39.41
N ASN X 114 50.05 -52.01 39.16
CA ASN X 114 50.50 -51.52 37.86
C ASN X 114 51.97 -51.83 37.64
N GLU X 115 52.78 -51.53 38.66
CA GLU X 115 54.16 -51.98 38.73
C GLU X 115 54.28 -53.47 38.50
N GLN X 116 53.42 -54.24 39.17
CA GLN X 116 53.47 -55.69 39.13
C GLN X 116 53.20 -56.21 37.72
N ALA X 117 52.24 -55.61 37.04
CA ALA X 117 51.91 -56.03 35.69
C ALA X 117 53.00 -55.66 34.71
N TYR X 118 53.60 -54.49 34.86
CA TYR X 118 54.68 -54.14 33.95
C TYR X 118 55.91 -55.01 34.19
N SER X 119 56.22 -55.27 35.44
CA SER X 119 57.36 -56.12 35.77
C SER X 119 57.13 -57.54 35.29
N LEU X 120 55.90 -58.03 35.37
CA LEU X 120 55.65 -59.36 34.84
C LEU X 120 55.63 -59.38 33.32
N ALA X 121 55.25 -58.28 32.68
CA ALA X 121 55.36 -58.21 31.23
C ALA X 121 56.81 -58.33 30.79
N VAL X 122 57.70 -57.61 31.45
CA VAL X 122 59.10 -57.64 31.06
C VAL X 122 59.73 -58.98 31.44
N GLU X 123 59.44 -59.48 32.64
CA GLU X 123 60.02 -60.75 33.07
C GLU X 123 59.50 -61.92 32.24
N LYS X 124 58.25 -61.85 31.80
CA LYS X 124 57.74 -62.90 30.94
C LYS X 124 58.32 -62.81 29.54
N LEU X 125 58.58 -61.60 29.06
CA LEU X 125 59.24 -61.50 27.76
C LEU X 125 60.70 -61.94 27.87
N LEU X 126 61.33 -61.68 28.98
CA LEU X 126 62.76 -61.83 29.13
C LEU X 126 63.13 -63.22 29.66
N ASN X 127 62.12 -64.05 29.92
CA ASN X 127 62.27 -65.45 30.34
C ASN X 127 63.07 -65.58 31.62
N ILE X 128 62.87 -64.64 32.54
CA ILE X 128 63.58 -64.65 33.81
C ILE X 128 62.56 -64.55 34.94
N GLN X 129 62.59 -65.55 35.83
CA GLN X 129 61.80 -65.72 37.04
C GLN X 129 62.50 -65.07 38.22
N PRO X 130 61.82 -64.25 39.01
CA PRO X 130 62.44 -63.64 40.18
C PRO X 130 62.64 -64.67 41.27
N PRO X 131 63.50 -64.40 42.26
CA PRO X 131 63.65 -65.32 43.39
C PRO X 131 62.38 -65.38 44.22
N PRO X 132 62.20 -66.40 45.07
CA PRO X 132 60.86 -66.59 45.65
C PRO X 132 60.46 -65.57 46.69
N ARG X 133 61.41 -65.07 47.49
CA ARG X 133 61.10 -64.00 48.41
C ARG X 133 60.58 -62.75 47.69
N ALA X 134 61.10 -62.49 46.50
CA ALA X 134 60.56 -61.40 45.69
C ALA X 134 59.11 -61.63 45.31
N GLN X 135 58.77 -62.88 44.96
CA GLN X 135 57.40 -63.20 44.58
C GLN X 135 56.45 -63.03 45.76
N TRP X 136 56.85 -63.49 46.93
CA TRP X 136 55.95 -63.39 48.08
C TRP X 136 55.82 -61.95 48.58
N ILE X 137 56.90 -61.17 48.51
CA ILE X 137 56.81 -59.76 48.90
C ILE X 137 55.96 -58.99 47.90
N ARG X 138 56.07 -59.33 46.63
CA ARG X 138 55.22 -58.74 45.62
C ARG X 138 53.76 -59.12 45.83
N VAL X 139 53.51 -60.33 46.33
CA VAL X 139 52.14 -60.72 46.65
C VAL X 139 51.59 -59.92 47.81
N LEU X 140 52.41 -59.73 48.85
CA LEU X 140 52.03 -58.88 49.99
C LEU X 140 51.65 -57.47 49.55
N PHE X 141 52.45 -56.87 48.68
CA PHE X 141 52.10 -55.50 48.32
C PHE X 141 50.99 -55.44 47.30
N GLY X 142 50.79 -56.51 46.52
CA GLY X 142 49.59 -56.61 45.73
C GLY X 142 48.35 -56.69 46.58
N GLU X 143 48.44 -57.33 47.74
CA GLU X 143 47.29 -57.37 48.64
C GLU X 143 47.04 -56.03 49.31
N ILE X 144 48.12 -55.33 49.69
CA ILE X 144 47.96 -53.98 50.22
C ILE X 144 47.32 -53.06 49.19
N THR X 145 47.73 -53.18 47.93
CA THR X 145 47.17 -52.36 46.88
C THR X 145 45.72 -52.71 46.58
N ARG X 146 45.38 -53.99 46.62
CA ARG X 146 44.00 -54.42 46.43
C ARG X 146 43.11 -53.88 47.52
N LEU X 147 43.58 -54.00 48.75
CA LEU X 147 42.90 -53.47 49.92
C LEU X 147 42.70 -51.98 49.80
N LEU X 148 43.72 -51.28 49.30
CA LEU X 148 43.70 -49.83 49.25
C LEU X 148 42.74 -49.32 48.17
N ASN X 149 42.80 -49.91 46.97
CA ASN X 149 41.91 -49.46 45.90
C ASN X 149 40.46 -49.77 46.22
N HIS X 150 40.16 -50.94 46.79
CA HIS X 150 38.77 -51.18 47.12
C HIS X 150 38.29 -50.31 48.26
N ILE X 151 39.14 -50.00 49.25
CA ILE X 151 38.65 -49.17 50.33
C ILE X 151 38.46 -47.73 49.88
N MET X 152 39.28 -47.25 48.95
CA MET X 152 39.03 -45.91 48.50
C MET X 152 37.86 -45.85 47.53
N ALA X 153 37.65 -46.89 46.73
CA ALA X 153 36.52 -46.87 45.80
C ALA X 153 35.20 -46.92 46.55
N VAL X 154 35.14 -47.74 47.60
CA VAL X 154 33.97 -47.74 48.47
C VAL X 154 33.77 -46.38 49.13
N THR X 155 34.84 -45.76 49.63
CA THR X 155 34.62 -44.49 50.31
C THR X 155 34.35 -43.34 49.35
N THR X 156 34.89 -43.35 48.14
CA THR X 156 34.54 -42.26 47.24
C THR X 156 33.15 -42.45 46.69
N HIS X 157 32.71 -43.71 46.58
CA HIS X 157 31.32 -43.98 46.25
C HIS X 157 30.40 -43.48 47.34
N ALA X 158 30.80 -43.67 48.59
CA ALA X 158 30.01 -43.19 49.72
C ALA X 158 30.00 -41.67 49.80
N LEU X 159 31.15 -41.03 49.59
CA LEU X 159 31.21 -39.59 49.65
C LEU X 159 30.40 -38.95 48.54
N ASP X 160 30.45 -39.52 47.34
CA ASP X 160 29.69 -38.92 46.27
C ASP X 160 28.22 -39.29 46.35
N ILE X 161 27.89 -40.40 47.02
CA ILE X 161 26.48 -40.70 47.23
C ILE X 161 25.92 -39.90 48.38
N GLY X 162 26.77 -39.29 49.20
CA GLY X 162 26.34 -38.56 50.37
C GLY X 162 27.32 -38.82 51.48
N ALA X 163 26.83 -39.26 52.64
CA ALA X 163 27.52 -40.16 53.59
C ALA X 163 28.93 -39.69 53.95
N MET X 164 28.98 -38.61 54.73
CA MET X 164 30.23 -37.88 54.94
C MET X 164 31.27 -38.72 55.66
N THR X 165 30.90 -39.35 56.75
CA THR X 165 31.88 -39.84 57.71
C THR X 165 32.71 -41.12 57.43
N PRO X 166 32.20 -42.19 56.77
CA PRO X 166 33.04 -43.40 56.66
C PRO X 166 34.23 -43.21 55.75
N PHE X 167 34.11 -42.28 54.79
CA PHE X 167 35.22 -41.70 54.07
C PHE X 167 36.41 -41.41 54.97
N PHE X 168 36.16 -40.68 56.05
CA PHE X 168 37.27 -40.24 56.88
C PHE X 168 37.77 -41.33 57.81
N TRP X 169 36.87 -42.21 58.24
CA TRP X 169 37.30 -43.38 59.02
C TRP X 169 38.31 -44.22 58.22
N MET X 170 37.90 -44.62 57.02
CA MET X 170 38.77 -45.47 56.25
C MET X 170 39.97 -44.72 55.71
N PHE X 171 39.90 -43.40 55.54
CA PHE X 171 41.12 -42.70 55.17
C PHE X 171 42.11 -42.56 56.29
N GLU X 172 41.69 -42.62 57.57
CA GLU X 172 42.72 -42.70 58.61
C GLU X 172 43.44 -44.04 58.52
N GLU X 173 42.69 -45.11 58.26
CA GLU X 173 43.36 -46.41 58.10
C GLU X 173 44.30 -46.41 56.89
N ARG X 174 43.89 -45.75 55.81
CA ARG X 174 44.76 -45.62 54.65
C ARG X 174 45.98 -44.75 54.95
N GLU X 175 45.88 -43.82 55.90
CA GLU X 175 47.05 -43.05 56.32
C GLU X 175 48.09 -43.92 56.99
N LYS X 176 47.65 -44.92 57.76
CA LYS X 176 48.59 -45.96 58.17
C LYS X 176 49.22 -46.66 56.97
N MET X 177 48.43 -46.88 55.92
CA MET X 177 49.00 -47.63 54.81
C MET X 177 50.02 -46.81 54.02
N PHE X 178 49.82 -45.51 53.94
CA PHE X 178 50.83 -44.70 53.30
C PHE X 178 52.07 -44.56 54.16
N GLU X 179 51.93 -44.63 55.49
CA GLU X 179 53.12 -44.75 56.33
C GLU X 179 53.89 -46.03 56.02
N PHE X 180 53.19 -47.11 55.70
CA PHE X 180 53.90 -48.33 55.34
C PHE X 180 54.65 -48.19 54.02
N TYR X 181 54.06 -47.55 53.01
CA TYR X 181 54.83 -47.29 51.78
C TYR X 181 56.04 -46.42 52.04
N GLU X 182 55.88 -45.42 52.91
CA GLU X 182 56.99 -44.53 53.27
C GLU X 182 58.13 -45.33 53.86
N ARG X 183 57.83 -46.23 54.78
CA ARG X 183 58.86 -47.03 55.40
C ARG X 183 59.46 -48.03 54.44
N VAL X 184 58.69 -48.47 53.44
CA VAL X 184 59.25 -49.40 52.46
C VAL X 184 60.24 -48.69 51.55
N SER X 185 59.77 -47.71 50.80
CA SER X 185 60.65 -47.03 49.85
C SER X 185 60.96 -45.61 50.30
N GLY X 186 59.92 -44.84 50.59
CA GLY X 186 60.06 -43.46 50.95
C GLY X 186 58.98 -42.60 50.36
N ALA X 187 58.48 -42.97 49.19
CA ALA X 187 57.42 -42.17 48.59
C ALA X 187 56.11 -42.39 49.30
N ARG X 188 55.25 -41.39 49.22
CA ARG X 188 53.91 -41.50 49.76
C ARG X 188 53.10 -42.47 48.92
N MET X 189 52.93 -42.15 47.65
CA MET X 189 52.03 -42.88 46.77
C MET X 189 52.77 -43.56 45.63
N HIS X 190 53.45 -42.80 44.78
CA HIS X 190 54.01 -43.35 43.55
C HIS X 190 55.41 -43.89 43.78
N ALA X 191 55.49 -44.85 44.68
CA ALA X 191 56.72 -45.59 44.87
C ALA X 191 56.91 -46.47 43.64
N ALA X 192 58.03 -46.29 42.96
CA ALA X 192 58.32 -47.18 41.84
C ALA X 192 58.55 -48.60 42.35
N TYR X 193 59.70 -48.84 42.92
CA TYR X 193 60.00 -49.93 43.85
C TYR X 193 59.85 -51.36 43.31
N VAL X 194 59.17 -51.56 42.20
CA VAL X 194 59.10 -52.90 41.64
C VAL X 194 59.85 -52.86 40.34
N ARG X 195 61.10 -53.17 40.38
CA ARG X 195 61.78 -53.22 39.13
C ARG X 195 61.39 -54.51 38.42
N PRO X 196 61.47 -54.51 37.11
CA PRO X 196 61.58 -55.78 36.39
C PRO X 196 62.84 -56.49 36.87
N GLY X 197 62.71 -57.78 37.10
CA GLY X 197 63.74 -58.53 37.77
C GLY X 197 63.48 -58.73 39.23
N GLY X 198 62.26 -58.45 39.69
CA GLY X 198 61.95 -58.53 41.10
C GLY X 198 62.11 -57.20 41.81
N VAL X 199 61.70 -57.21 43.06
CA VAL X 199 61.66 -56.03 43.92
C VAL X 199 63.07 -55.51 44.19
N HIS X 200 63.21 -54.19 44.29
CA HIS X 200 64.49 -53.56 44.60
C HIS X 200 64.50 -53.04 46.02
N GLN X 201 65.64 -53.21 46.71
CA GLN X 201 65.94 -52.61 48.01
C GLN X 201 64.93 -53.02 49.08
N ASP X 202 65.04 -54.25 49.59
CA ASP X 202 63.99 -54.82 50.42
C ASP X 202 63.73 -54.10 51.73
N LEU X 203 62.76 -54.60 52.46
CA LEU X 203 62.16 -53.88 53.57
C LEU X 203 63.11 -53.73 54.76
N PRO X 204 63.00 -52.62 55.49
CA PRO X 204 63.78 -52.47 56.71
C PRO X 204 63.26 -53.39 57.80
N LEU X 205 64.17 -53.77 58.68
CA LEU X 205 63.85 -54.75 59.72
C LEU X 205 62.89 -54.12 60.71
N GLY X 206 61.69 -54.67 60.79
CA GLY X 206 60.71 -54.10 61.69
C GLY X 206 59.49 -53.58 60.97
N LEU X 207 59.11 -54.24 59.89
CA LEU X 207 57.93 -53.84 59.14
C LEU X 207 56.81 -54.87 59.19
N MET X 208 57.17 -56.15 59.17
CA MET X 208 56.18 -57.22 59.13
C MET X 208 55.33 -57.25 60.38
N ASP X 209 55.92 -56.92 61.53
CA ASP X 209 55.13 -56.84 62.74
C ASP X 209 54.16 -55.67 62.71
N ASP X 210 54.53 -54.59 62.03
CA ASP X 210 53.62 -53.49 61.85
C ASP X 210 52.45 -53.88 60.97
N ILE X 211 52.73 -54.67 59.92
CA ILE X 211 51.66 -55.14 59.04
C ILE X 211 50.74 -56.09 59.78
N TYR X 212 51.31 -56.89 60.69
CA TYR X 212 50.52 -57.74 61.57
C TYR X 212 49.57 -56.91 62.43
N GLU X 213 50.08 -55.81 62.99
CA GLU X 213 49.27 -54.88 63.76
C GLU X 213 48.13 -54.31 62.93
N PHE X 214 48.44 -53.90 61.69
CA PHE X 214 47.42 -53.34 60.83
C PHE X 214 46.37 -54.37 60.47
N SER X 215 46.77 -55.62 60.31
CA SER X 215 45.81 -56.67 60.00
C SER X 215 44.79 -56.83 61.11
N LYS X 216 45.25 -56.83 62.36
CA LYS X 216 44.32 -57.00 63.49
C LYS X 216 43.37 -55.82 63.62
N ASN X 217 43.94 -54.60 63.71
CA ASN X 217 43.11 -53.43 63.90
C ASN X 217 42.22 -53.16 62.71
N PHE X 218 42.65 -53.54 61.51
CA PHE X 218 41.86 -53.23 60.35
C PHE X 218 40.74 -54.22 60.16
N SER X 219 40.90 -55.47 60.61
CA SER X 219 39.76 -56.37 60.65
C SER X 219 38.67 -55.81 61.55
N LEU X 220 39.07 -55.29 62.71
CA LEU X 220 38.11 -54.64 63.60
C LEU X 220 37.44 -53.44 62.94
N ARG X 221 38.21 -52.61 62.25
CA ARG X 221 37.63 -51.40 61.65
C ARG X 221 36.72 -51.69 60.47
N ILE X 222 37.02 -52.71 59.68
CA ILE X 222 36.15 -52.97 58.54
C ILE X 222 34.87 -53.63 59.01
N ASP X 223 34.92 -54.39 60.10
CA ASP X 223 33.67 -54.87 60.69
C ASP X 223 32.86 -53.72 61.24
N GLU X 224 33.52 -52.65 61.69
CA GLU X 224 32.77 -51.46 62.08
C GLU X 224 32.21 -50.68 60.87
N LEU X 225 32.84 -50.81 59.70
CA LEU X 225 32.23 -50.23 58.50
C LEU X 225 30.92 -50.94 58.15
N GLU X 226 30.95 -52.27 58.16
CA GLU X 226 29.70 -53.00 57.95
C GLU X 226 28.72 -52.86 59.11
N GLU X 227 29.20 -52.46 60.28
CA GLU X 227 28.31 -52.02 61.35
C GLU X 227 27.55 -50.77 60.94
N MET X 228 28.25 -49.80 60.36
CA MET X 228 27.58 -48.55 60.01
C MET X 228 26.65 -48.75 58.81
N LEU X 229 27.20 -49.13 57.68
CA LEU X 229 26.41 -49.22 56.46
C LEU X 229 25.90 -50.66 56.37
N THR X 230 25.36 -51.06 55.21
CA THR X 230 25.06 -52.46 54.88
C THR X 230 24.04 -53.09 55.81
N ASN X 231 22.75 -52.87 55.49
CA ASN X 231 21.51 -52.74 56.30
C ASN X 231 21.28 -51.31 56.74
N ASN X 232 22.03 -50.38 56.20
CA ASN X 232 21.48 -49.05 56.10
C ASN X 232 20.27 -49.13 55.20
N ARG X 233 19.12 -48.72 55.73
CA ARG X 233 17.86 -48.86 55.00
C ARG X 233 17.85 -48.00 53.76
N ILE X 234 18.21 -46.73 53.90
CA ILE X 234 18.04 -45.85 52.76
C ILE X 234 19.22 -45.91 51.82
N TRP X 235 20.37 -46.43 52.26
CA TRP X 235 21.43 -46.63 51.28
C TRP X 235 21.13 -47.83 50.41
N ARG X 236 20.53 -48.87 51.00
CA ARG X 236 19.98 -49.97 50.24
C ARG X 236 18.89 -49.51 49.30
N ASN X 237 18.00 -48.64 49.77
CA ASN X 237 16.99 -48.06 48.88
C ASN X 237 17.64 -47.22 47.78
N ARG X 238 18.76 -46.57 48.10
CA ARG X 238 19.44 -45.70 47.18
C ARG X 238 20.09 -46.47 46.05
N THR X 239 20.73 -47.58 46.38
CA THR X 239 21.35 -48.43 45.37
C THR X 239 20.95 -49.88 45.60
N VAL X 240 19.79 -50.29 45.08
CA VAL X 240 19.53 -51.70 44.79
C VAL X 240 19.03 -51.83 43.36
N ASP X 241 18.02 -51.06 43.00
CA ASP X 241 17.30 -51.34 41.76
C ASP X 241 18.10 -50.98 40.51
N ILE X 242 19.16 -50.21 40.66
CA ILE X 242 19.87 -49.68 39.51
C ILE X 242 21.02 -50.60 39.14
N GLY X 243 21.48 -50.48 37.89
CA GLY X 243 22.66 -51.19 37.46
C GLY X 243 22.45 -52.68 37.26
N VAL X 244 21.66 -53.04 36.29
CA VAL X 244 21.48 -54.43 35.91
C VAL X 244 22.45 -54.76 34.79
N VAL X 245 22.97 -55.98 34.78
CA VAL X 245 23.92 -56.40 33.76
C VAL X 245 23.59 -57.84 33.35
N THR X 246 23.28 -58.02 32.07
CA THR X 246 23.07 -59.35 31.50
C THR X 246 24.43 -60.00 31.24
N ALA X 247 24.45 -61.34 31.27
CA ALA X 247 25.69 -62.07 31.02
C ALA X 247 26.20 -61.86 29.60
N GLU X 248 25.28 -61.76 28.64
CA GLU X 248 25.63 -61.40 27.27
C GLU X 248 26.23 -60.01 27.20
N ASP X 249 25.72 -59.08 28.02
CA ASP X 249 26.32 -57.75 28.09
C ASP X 249 27.72 -57.81 28.69
N ALA X 250 27.88 -58.59 29.76
CA ALA X 250 29.17 -58.72 30.40
C ALA X 250 30.19 -59.40 29.52
N LEU X 251 29.75 -60.12 28.50
CA LEU X 251 30.73 -60.59 27.54
C LEU X 251 30.97 -59.57 26.42
N ASN X 252 29.91 -59.12 25.75
CA ASN X 252 30.09 -58.31 24.55
C ASN X 252 30.66 -56.93 24.83
N TYR X 253 30.35 -56.34 25.97
CA TYR X 253 30.92 -55.03 26.27
C TYR X 253 32.29 -55.12 26.89
N GLY X 254 32.85 -56.32 27.00
CA GLY X 254 34.24 -56.48 27.37
C GLY X 254 34.56 -56.12 28.81
N PHE X 255 33.70 -56.49 29.74
CA PHE X 255 33.90 -56.12 31.12
C PHE X 255 35.00 -56.95 31.75
N SER X 256 35.43 -56.51 32.93
CA SER X 256 36.67 -56.98 33.51
C SER X 256 36.54 -57.06 35.01
N GLY X 257 36.77 -58.24 35.57
CA GLY X 257 36.88 -58.38 37.00
C GLY X 257 35.58 -58.24 37.76
N VAL X 258 35.44 -57.12 38.49
CA VAL X 258 34.40 -56.98 39.52
C VAL X 258 33.01 -56.96 38.92
N MET X 259 32.86 -56.48 37.69
CA MET X 259 31.59 -56.61 37.01
C MET X 259 31.27 -58.05 36.69
N LEU X 260 32.29 -58.84 36.36
CA LEU X 260 32.06 -60.24 36.05
C LEU X 260 31.79 -61.03 37.33
N ARG X 261 32.47 -60.65 38.42
CA ARG X 261 32.16 -61.22 39.72
C ARG X 261 30.74 -60.88 40.14
N GLY X 262 30.29 -59.69 39.80
CA GLY X 262 29.02 -59.21 40.29
C GLY X 262 27.86 -59.79 39.51
N SER X 263 28.03 -59.94 38.21
CA SER X 263 26.96 -60.42 37.36
C SER X 263 27.32 -61.80 36.85
N GLY X 264 27.03 -62.80 37.67
CA GLY X 264 27.04 -64.16 37.18
C GLY X 264 28.37 -64.88 37.25
N ILE X 265 29.12 -64.81 36.15
CA ILE X 265 30.11 -65.81 35.82
C ILE X 265 31.27 -65.81 36.80
N GLN X 266 31.60 -66.99 37.32
CA GLN X 266 32.76 -67.16 38.19
C GLN X 266 34.01 -66.98 37.36
N TRP X 267 34.81 -65.97 37.69
CA TRP X 267 35.90 -65.63 36.81
C TRP X 267 36.97 -64.86 37.57
N ASP X 268 38.21 -65.31 37.46
CA ASP X 268 39.33 -64.63 38.10
C ASP X 268 40.59 -64.97 37.34
N LEU X 269 41.33 -63.93 36.94
CA LEU X 269 42.62 -64.14 36.32
C LEU X 269 43.57 -64.76 37.32
N ARG X 270 43.51 -64.31 38.57
CA ARG X 270 44.35 -64.81 39.65
C ARG X 270 44.16 -66.29 39.85
N LYS X 271 42.92 -66.74 39.82
CA LYS X 271 42.65 -68.14 40.11
C LYS X 271 42.82 -69.03 38.89
N THR X 272 42.33 -68.60 37.74
CA THR X 272 42.41 -69.45 36.56
C THR X 272 43.83 -69.56 36.04
N GLN X 273 44.50 -68.42 35.85
CA GLN X 273 45.90 -68.40 35.41
C GLN X 273 46.74 -67.76 36.50
N PRO X 274 47.20 -68.53 37.48
CA PRO X 274 48.00 -67.94 38.56
C PRO X 274 49.34 -67.50 38.05
N TYR X 275 49.48 -66.20 37.89
CA TYR X 275 50.68 -65.62 37.31
C TYR X 275 51.82 -65.48 38.33
N ASP X 276 51.58 -65.88 39.57
CA ASP X 276 52.57 -65.84 40.65
C ASP X 276 52.11 -66.84 41.70
N VAL X 277 52.54 -66.65 42.94
CA VAL X 277 52.38 -67.67 43.97
C VAL X 277 51.01 -67.58 44.64
N TYR X 278 50.07 -66.81 44.04
CA TYR X 278 48.66 -66.84 44.44
C TYR X 278 48.03 -68.22 44.47
N ASP X 279 48.55 -69.18 43.72
CA ASP X 279 48.00 -70.52 43.70
C ASP X 279 48.17 -71.28 45.02
N GLN X 280 48.99 -70.78 45.94
CA GLN X 280 49.32 -71.51 47.16
C GLN X 280 48.88 -70.76 48.41
N VAL X 281 47.72 -70.13 48.36
CA VAL X 281 47.05 -69.61 49.54
C VAL X 281 45.58 -70.00 49.47
N GLU X 282 44.97 -70.24 50.63
CA GLU X 282 43.54 -70.47 50.68
C GLU X 282 42.82 -69.13 50.67
N PHE X 283 42.16 -68.81 49.56
CA PHE X 283 41.20 -67.73 49.54
C PHE X 283 40.12 -68.10 48.55
N ASP X 284 38.98 -67.42 48.67
CA ASP X 284 37.81 -67.73 47.85
C ASP X 284 37.11 -66.44 47.45
N VAL X 285 37.08 -66.19 46.15
CA VAL X 285 36.56 -64.92 45.61
C VAL X 285 35.05 -64.88 45.78
N PRO X 286 34.48 -63.76 46.20
CA PRO X 286 33.02 -63.66 46.25
C PRO X 286 32.44 -63.46 44.87
N ILE X 287 31.26 -64.06 44.67
CA ILE X 287 30.54 -63.98 43.42
C ILE X 287 29.27 -63.21 43.70
N GLY X 288 28.71 -62.63 42.67
CA GLY X 288 27.37 -62.09 42.79
C GLY X 288 26.32 -63.05 42.33
N SER X 289 25.08 -62.75 42.67
CA SER X 289 23.95 -63.52 42.16
C SER X 289 23.03 -62.70 41.29
N ARG X 290 22.45 -61.62 41.79
CA ARG X 290 21.47 -60.90 40.99
C ARG X 290 22.08 -59.97 39.97
N GLY X 291 23.39 -59.75 40.03
CA GLY X 291 24.04 -58.87 39.07
C GLY X 291 23.66 -57.43 39.30
N ASP X 292 24.10 -56.88 40.41
CA ASP X 292 23.44 -55.69 40.92
C ASP X 292 24.41 -54.86 41.72
N CYS X 293 24.09 -53.56 41.86
CA CYS X 293 25.07 -52.63 42.37
C CYS X 293 25.27 -52.76 43.88
N TYR X 294 24.20 -52.99 44.62
CA TYR X 294 24.38 -53.32 46.02
C TYR X 294 25.12 -54.64 46.16
N ASP X 295 24.78 -55.58 45.31
CA ASP X 295 25.47 -56.86 45.30
C ASP X 295 26.93 -56.69 44.93
N ARG X 296 27.22 -55.76 44.03
CA ARG X 296 28.58 -55.44 43.68
C ARG X 296 29.32 -54.79 44.83
N TYR X 297 28.61 -54.00 45.63
CA TYR X 297 29.19 -53.40 46.82
C TYR X 297 29.64 -54.46 47.81
N LEU X 298 28.75 -55.42 48.08
CA LEU X 298 29.11 -56.52 48.96
C LEU X 298 30.27 -57.34 48.40
N CYS X 299 30.33 -57.47 47.07
CA CYS X 299 31.44 -58.17 46.44
C CYS X 299 32.76 -57.46 46.69
N ARG X 300 32.77 -56.13 46.63
CA ARG X 300 34.00 -55.39 46.89
C ARG X 300 34.44 -55.53 48.35
N VAL X 301 33.49 -55.42 49.28
CA VAL X 301 33.86 -55.49 50.69
C VAL X 301 34.37 -56.87 51.05
N GLU X 302 33.77 -57.90 50.47
CA GLU X 302 34.29 -59.22 50.76
C GLU X 302 35.59 -59.53 50.03
N GLU X 303 35.88 -58.87 48.90
CA GLU X 303 37.22 -59.03 48.36
C GLU X 303 38.26 -58.37 49.26
N MET X 304 37.90 -57.27 49.93
CA MET X 304 38.79 -56.72 50.95
C MET X 304 39.04 -57.71 52.08
N ARG X 305 37.97 -58.36 52.55
CA ARG X 305 38.15 -59.28 53.67
C ARG X 305 38.93 -60.53 53.25
N GLN X 306 38.78 -60.95 52.00
CA GLN X 306 39.66 -61.97 51.46
C GLN X 306 41.10 -61.48 51.39
N SER X 307 41.30 -60.19 51.17
CA SER X 307 42.67 -59.70 51.13
C SER X 307 43.30 -59.72 52.52
N ILE X 308 42.48 -59.55 53.56
CA ILE X 308 42.96 -59.78 54.93
C ILE X 308 43.45 -61.21 55.09
N ARG X 309 42.67 -62.17 54.55
CA ARG X 309 43.08 -63.58 54.59
C ARG X 309 44.43 -63.81 53.92
N ILE X 310 44.58 -63.22 52.73
CA ILE X 310 45.80 -63.48 51.96
C ILE X 310 47.01 -62.87 52.65
N ILE X 311 46.84 -61.71 53.29
CA ILE X 311 47.95 -61.13 54.05
C ILE X 311 48.34 -62.01 55.22
N SER X 312 47.36 -62.60 55.92
CA SER X 312 47.68 -63.46 57.07
C SER X 312 48.46 -64.69 56.64
N GLN X 313 48.00 -65.36 55.59
CA GLN X 313 48.72 -66.55 55.13
C GLN X 313 50.06 -66.19 54.50
N CYS X 314 50.16 -65.00 53.89
CA CYS X 314 51.43 -64.55 53.31
C CYS X 314 52.48 -64.29 54.38
N LEU X 315 52.07 -63.68 55.50
CA LEU X 315 53.01 -63.48 56.59
C LEU X 315 53.42 -64.80 57.21
N ASN X 316 52.52 -65.76 57.26
CA ASN X 316 52.95 -67.02 57.85
C ASN X 316 53.71 -67.92 56.88
N LYS X 317 53.76 -67.58 55.59
CA LYS X 317 54.45 -68.44 54.63
C LYS X 317 55.61 -67.76 53.94
N MET X 318 56.47 -67.05 54.68
CA MET X 318 57.45 -66.19 54.03
C MET X 318 58.79 -66.87 53.94
N PRO X 319 59.36 -67.01 52.74
CA PRO X 319 60.70 -67.60 52.60
C PRO X 319 61.77 -66.54 52.57
N PRO X 320 62.89 -66.75 53.24
CA PRO X 320 63.90 -65.68 53.36
C PRO X 320 65.00 -65.78 52.30
N GLY X 321 64.61 -65.72 51.03
CA GLY X 321 65.61 -65.92 49.99
C GLY X 321 66.59 -64.80 49.68
N GLU X 322 66.13 -63.78 48.95
CA GLU X 322 66.96 -62.71 48.40
C GLU X 322 66.04 -61.76 47.65
N ILE X 323 66.51 -60.53 47.43
CA ILE X 323 65.65 -59.48 46.88
C ILE X 323 65.49 -59.69 45.38
N LYS X 324 66.58 -59.55 44.64
CA LYS X 324 66.56 -59.43 43.18
C LYS X 324 67.05 -60.71 42.54
N VAL X 325 67.01 -60.74 41.21
CA VAL X 325 67.65 -61.80 40.47
C VAL X 325 69.16 -61.71 40.66
N ASP X 326 69.83 -62.86 40.54
CA ASP X 326 71.28 -62.92 40.55
C ASP X 326 71.84 -62.89 39.14
N ASP X 327 70.95 -62.75 38.18
CA ASP X 327 71.30 -62.57 36.78
C ASP X 327 71.57 -61.08 36.71
N ALA X 328 72.83 -60.70 37.02
CA ALA X 328 73.18 -59.30 37.19
C ALA X 328 73.15 -58.52 35.88
N LYS X 329 73.01 -59.19 34.75
CA LYS X 329 72.83 -58.46 33.50
C LYS X 329 71.42 -57.95 33.31
N VAL X 330 70.54 -58.09 34.30
CA VAL X 330 69.23 -57.46 34.23
C VAL X 330 69.05 -56.56 35.44
N SER X 331 69.18 -57.11 36.63
CA SER X 331 69.07 -56.17 37.74
C SER X 331 70.45 -55.66 38.12
N PRO X 332 70.56 -54.38 38.47
CA PRO X 332 71.85 -53.84 38.87
C PRO X 332 72.28 -54.44 40.20
N PRO X 333 73.58 -54.58 40.42
CA PRO X 333 74.04 -55.16 41.67
C PRO X 333 73.93 -54.20 42.83
N LYS X 334 74.44 -54.57 43.98
CA LYS X 334 74.38 -53.68 45.12
C LYS X 334 75.72 -53.00 45.34
N ARG X 335 75.76 -52.19 46.40
CA ARG X 335 76.78 -51.18 46.54
C ARG X 335 78.15 -51.76 46.81
N ALA X 336 78.24 -52.86 47.57
CA ALA X 336 79.55 -53.37 47.96
C ALA X 336 80.33 -53.87 46.76
N GLU X 337 79.69 -54.70 45.95
CA GLU X 337 80.32 -55.20 44.74
C GLU X 337 80.48 -54.08 43.71
N MET X 338 79.56 -53.09 43.77
CA MET X 338 79.64 -51.92 42.92
C MET X 338 80.87 -51.09 43.21
N LYS X 339 81.21 -50.93 44.48
CA LYS X 339 82.36 -50.13 44.84
C LYS X 339 83.64 -50.92 44.76
N THR X 340 83.58 -52.24 44.72
CA THR X 340 84.76 -53.02 44.34
C THR X 340 84.35 -54.22 43.51
N SER X 341 84.38 -54.04 42.20
CA SER X 341 84.26 -55.13 41.24
C SER X 341 85.18 -54.81 40.07
N MET X 342 84.91 -55.40 38.96
CA MET X 342 84.94 -54.64 37.73
C MET X 342 83.66 -54.86 36.95
N GLU X 343 83.19 -56.10 36.93
CA GLU X 343 82.04 -56.48 36.13
C GLU X 343 80.77 -55.85 36.67
N SER X 344 80.67 -55.75 38.00
CA SER X 344 79.47 -55.17 38.56
C SER X 344 79.47 -53.66 38.36
N LEU X 345 80.64 -53.05 38.32
CA LEU X 345 80.67 -51.62 38.02
C LEU X 345 80.26 -51.35 36.59
N ILE X 346 80.79 -52.15 35.65
CA ILE X 346 80.44 -51.98 34.24
C ILE X 346 78.95 -52.22 34.04
N HIS X 347 78.41 -53.23 34.71
CA HIS X 347 77.00 -53.56 34.59
C HIS X 347 76.14 -52.44 35.15
N HIS X 348 76.56 -51.86 36.27
CA HIS X 348 75.89 -50.69 36.82
C HIS X 348 75.87 -49.55 35.82
N PHE X 349 77.04 -49.26 35.26
CA PHE X 349 77.21 -48.12 34.37
C PHE X 349 76.36 -48.26 33.13
N LYS X 350 76.62 -49.29 32.34
CA LYS X 350 75.87 -49.43 31.10
C LYS X 350 74.42 -49.78 31.32
N LEU X 351 74.07 -50.40 32.45
CA LEU X 351 72.70 -50.78 32.67
C LEU X 351 71.86 -49.56 32.96
N TYR X 352 72.45 -48.55 33.57
CA TYR X 352 71.71 -47.32 33.74
C TYR X 352 71.87 -46.35 32.58
N THR X 353 72.93 -46.44 31.79
CA THR X 353 72.95 -45.56 30.62
C THR X 353 72.00 -46.05 29.55
N GLU X 354 72.27 -47.24 29.01
CA GLU X 354 71.56 -47.66 27.83
C GLU X 354 70.22 -48.25 28.17
N GLY X 355 70.16 -49.08 29.19
CA GLY X 355 69.04 -49.95 29.34
C GLY X 355 69.41 -51.26 28.69
N TYR X 356 68.99 -52.35 29.31
CA TYR X 356 69.32 -53.68 28.81
C TYR X 356 68.54 -53.99 27.55
N GLN X 357 69.15 -54.77 26.68
CA GLN X 357 68.52 -55.12 25.42
C GLN X 357 67.47 -56.18 25.65
N VAL X 358 66.39 -56.09 24.90
CA VAL X 358 65.21 -56.90 25.12
C VAL X 358 64.88 -57.58 23.80
N PRO X 359 64.70 -58.91 23.77
CA PRO X 359 64.62 -59.60 22.49
C PRO X 359 63.33 -59.26 21.78
N PRO X 360 63.31 -59.29 20.45
CA PRO X 360 62.16 -58.79 19.72
C PRO X 360 60.99 -59.74 19.80
N GLY X 361 59.82 -59.18 19.57
CA GLY X 361 58.61 -59.96 19.71
C GLY X 361 57.55 -59.16 20.41
N ALA X 362 56.32 -59.63 20.39
CA ALA X 362 55.21 -58.91 20.98
C ALA X 362 54.59 -59.78 22.03
N THR X 363 54.53 -59.30 23.25
CA THR X 363 53.85 -60.04 24.30
C THR X 363 52.68 -59.23 24.82
N TYR X 364 51.83 -59.94 25.53
CA TYR X 364 50.70 -59.39 26.24
C TYR X 364 50.61 -60.14 27.54
N THR X 365 50.21 -59.44 28.58
CA THR X 365 49.81 -60.13 29.78
C THR X 365 48.74 -59.30 30.44
N ALA X 366 48.20 -59.84 31.53
CA ALA X 366 47.13 -59.14 32.24
C ALA X 366 47.08 -59.68 33.65
N ILE X 367 47.06 -58.77 34.62
CA ILE X 367 46.83 -59.23 36.00
C ILE X 367 45.55 -58.58 36.50
N GLU X 368 45.14 -58.97 37.71
CA GLU X 368 43.87 -58.49 38.25
C GLU X 368 44.15 -57.25 39.09
N ALA X 369 44.06 -56.10 38.44
CA ALA X 369 43.93 -54.85 39.16
C ALA X 369 42.60 -54.88 39.92
N PRO X 370 42.52 -54.15 41.02
CA PRO X 370 41.25 -54.10 41.76
C PRO X 370 40.10 -53.48 41.00
N LYS X 371 40.38 -52.71 39.96
CA LYS X 371 39.37 -52.45 38.95
C LYS X 371 39.02 -53.75 38.25
N GLY X 372 39.98 -54.31 37.51
CA GLY X 372 39.71 -55.47 36.70
C GLY X 372 40.92 -55.95 35.92
N GLU X 373 40.73 -56.24 34.64
CA GLU X 373 41.80 -56.78 33.82
C GLU X 373 42.77 -55.68 33.48
N PHE X 374 43.78 -55.50 34.31
CA PHE X 374 44.85 -54.59 33.91
C PHE X 374 45.68 -55.35 32.90
N GLY X 375 45.51 -55.01 31.63
CA GLY X 375 46.27 -55.65 30.58
C GLY X 375 47.36 -54.72 30.08
N VAL X 376 48.45 -55.31 29.63
CA VAL X 376 49.54 -54.52 29.06
C VAL X 376 50.14 -55.32 27.90
N TYR X 377 50.39 -54.61 26.80
CA TYR X 377 50.74 -55.20 25.51
C TYR X 377 52.01 -54.53 25.04
N LEU X 378 53.13 -55.25 25.14
CA LEU X 378 54.42 -54.75 24.69
C LEU X 378 54.75 -55.28 23.32
N VAL X 379 55.36 -54.44 22.52
CA VAL X 379 55.92 -54.82 21.24
C VAL X 379 57.34 -54.31 21.24
N SER X 380 58.31 -55.23 21.14
CA SER X 380 59.70 -54.91 21.34
C SER X 380 60.49 -55.18 20.07
N ASP X 381 61.17 -54.15 19.58
CA ASP X 381 62.35 -54.30 18.77
C ASP X 381 63.45 -54.94 19.61
N GLY X 382 64.39 -55.59 18.94
CA GLY X 382 65.61 -55.98 19.63
C GLY X 382 66.32 -54.68 19.93
N SER X 383 66.24 -54.27 21.19
CA SER X 383 66.39 -52.87 21.54
C SER X 383 66.39 -52.73 23.05
N SER X 384 66.71 -51.54 23.50
CA SER X 384 66.42 -51.13 24.85
C SER X 384 65.30 -50.12 24.89
N ARG X 385 64.73 -49.75 23.75
CA ARG X 385 63.51 -48.98 23.79
C ARG X 385 62.38 -49.87 23.34
N PRO X 386 61.26 -49.89 24.05
CA PRO X 386 60.12 -50.62 23.55
C PRO X 386 59.54 -49.92 22.35
N TYR X 387 59.18 -50.69 21.33
CA TYR X 387 58.66 -50.07 20.13
C TYR X 387 57.24 -49.57 20.34
N ARG X 388 56.44 -50.30 21.10
CA ARG X 388 55.05 -49.87 21.28
C ARG X 388 54.52 -50.53 22.53
N CYS X 389 54.18 -49.74 23.53
CA CYS X 389 53.41 -50.25 24.65
C CYS X 389 51.97 -49.83 24.46
N LYS X 390 51.06 -50.61 25.05
CA LYS X 390 49.66 -50.24 25.03
C LYS X 390 49.01 -50.94 26.23
N ILE X 391 47.95 -50.34 26.78
CA ILE X 391 47.45 -50.77 28.07
C ILE X 391 45.96 -51.02 27.96
N LYS X 392 45.52 -52.23 28.29
CA LYS X 392 44.09 -52.47 28.43
C LYS X 392 43.68 -51.99 29.80
N ALA X 393 42.74 -51.06 29.84
CA ALA X 393 42.32 -50.41 31.05
C ALA X 393 40.90 -50.82 31.40
N PRO X 394 40.69 -51.35 32.59
CA PRO X 394 39.33 -51.69 33.02
C PRO X 394 38.46 -50.47 33.19
N GLY X 395 39.06 -49.32 33.46
CA GLY X 395 38.29 -48.09 33.45
C GLY X 395 37.71 -47.78 32.08
N PHE X 396 38.51 -47.97 31.03
CA PHE X 396 38.00 -47.75 29.69
C PHE X 396 36.92 -48.75 29.35
N ALA X 397 37.16 -50.02 29.68
CA ALA X 397 36.18 -51.05 29.37
C ALA X 397 34.89 -50.87 30.15
N HIS X 398 34.98 -50.35 31.38
CA HIS X 398 33.78 -50.17 32.18
C HIS X 398 33.05 -48.89 31.84
N LEU X 399 33.74 -47.87 31.36
CA LEU X 399 33.03 -46.71 30.88
C LEU X 399 32.37 -47.00 29.54
N ALA X 400 32.84 -48.04 28.84
CA ALA X 400 32.37 -48.33 27.48
C ALA X 400 30.89 -48.67 27.36
N GLY X 401 30.26 -49.16 28.41
CA GLY X 401 28.88 -49.63 28.25
C GLY X 401 27.83 -48.81 28.96
N LEU X 402 28.03 -47.49 29.01
CA LEU X 402 27.31 -46.68 29.98
C LEU X 402 25.86 -46.46 29.57
N ASP X 403 25.58 -46.35 28.26
CA ASP X 403 24.21 -46.19 27.79
C ASP X 403 23.37 -47.41 28.13
N LYS X 404 23.89 -48.59 27.81
CA LYS X 404 23.14 -49.80 28.07
C LYS X 404 23.13 -50.16 29.54
N MET X 405 24.01 -49.58 30.35
CA MET X 405 23.79 -49.72 31.77
C MET X 405 22.81 -48.70 32.32
N SER X 406 22.62 -47.57 31.66
CA SER X 406 21.85 -46.48 32.26
C SER X 406 20.76 -45.99 31.32
N LYS X 407 20.08 -46.90 30.62
CA LYS X 407 18.96 -46.49 29.77
C LYS X 407 17.71 -46.13 30.58
N GLY X 408 17.50 -46.73 31.74
CA GLY X 408 16.21 -46.56 32.39
C GLY X 408 16.18 -45.96 33.77
N HIS X 409 16.99 -44.94 34.04
CA HIS X 409 17.09 -44.40 35.39
C HIS X 409 17.16 -42.87 35.28
N MET X 410 17.58 -42.22 36.37
CA MET X 410 17.70 -40.77 36.43
C MET X 410 19.11 -40.40 36.89
N LEU X 411 19.37 -39.10 37.02
CA LEU X 411 20.75 -38.60 36.96
C LEU X 411 21.55 -38.91 38.23
N ALA X 412 20.90 -38.87 39.39
CA ALA X 412 21.60 -39.24 40.61
C ALA X 412 21.97 -40.71 40.61
N ASP X 413 21.11 -41.53 40.00
CA ASP X 413 21.48 -42.91 39.77
C ASP X 413 22.64 -43.02 38.80
N VAL X 414 22.78 -42.08 37.86
CA VAL X 414 23.92 -42.11 36.95
C VAL X 414 25.21 -41.82 37.70
N VAL X 415 25.16 -40.89 38.64
CA VAL X 415 26.32 -40.60 39.48
C VAL X 415 26.65 -41.81 40.35
N ALA X 416 25.63 -42.52 40.82
CA ALA X 416 25.87 -43.78 41.51
C ALA X 416 26.45 -44.85 40.57
N ILE X 417 26.12 -44.80 39.28
CA ILE X 417 26.67 -45.77 38.33
C ILE X 417 28.14 -45.51 38.10
N ILE X 418 28.50 -44.23 37.91
CA ILE X 418 29.91 -43.82 37.86
C ILE X 418 30.64 -44.19 39.12
N GLY X 419 29.96 -44.18 40.26
CA GLY X 419 30.60 -44.67 41.48
C GLY X 419 30.80 -46.18 41.47
N THR X 420 29.78 -46.96 41.11
CA THR X 420 29.76 -48.39 41.38
C THR X 420 30.68 -49.18 40.46
N GLN X 421 31.18 -48.56 39.42
CA GLN X 421 32.32 -49.07 38.68
C GLN X 421 33.45 -48.13 39.02
N ASP X 422 34.50 -48.65 39.67
CA ASP X 422 35.51 -47.76 40.24
C ASP X 422 36.28 -47.02 39.16
N ILE X 423 36.26 -45.71 39.26
CA ILE X 423 36.89 -44.84 38.28
C ILE X 423 38.05 -44.11 38.93
N VAL X 424 39.08 -43.90 38.14
CA VAL X 424 40.14 -42.97 38.48
C VAL X 424 40.29 -41.87 37.44
N PHE X 425 39.80 -42.10 36.20
CA PHE X 425 39.90 -41.26 35.01
C PHE X 425 41.32 -41.01 34.52
N GLY X 426 42.33 -41.48 35.25
CA GLY X 426 43.66 -41.37 34.74
C GLY X 426 43.83 -42.52 33.80
N GLU X 427 43.45 -43.70 34.29
CA GLU X 427 43.65 -44.94 33.56
C GLU X 427 42.70 -45.07 32.39
N VAL X 428 41.54 -44.44 32.46
CA VAL X 428 40.60 -44.44 31.34
C VAL X 428 41.22 -43.76 30.13
N ASP X 429 42.05 -42.75 30.36
CA ASP X 429 43.01 -42.37 29.35
C ASP X 429 44.08 -43.44 29.19
N ARG X 430 44.33 -43.82 27.95
CA ARG X 430 45.45 -44.69 27.65
C ARG X 430 46.06 -44.20 26.36
N THR Y 7 70.55 -73.46 34.39
CA THR Y 7 69.46 -72.86 33.63
C THR Y 7 68.20 -72.95 34.45
N ARG Y 8 68.20 -73.82 35.43
CA ARG Y 8 66.97 -74.06 36.19
C ARG Y 8 66.67 -73.00 37.25
N PRO Y 9 67.59 -72.56 38.12
CA PRO Y 9 67.21 -71.48 39.03
C PRO Y 9 67.18 -70.14 38.32
N THR Y 10 66.20 -69.32 38.70
CA THR Y 10 66.04 -67.92 38.29
C THR Y 10 65.85 -67.73 36.78
N VAL Y 11 65.59 -68.79 36.03
CA VAL Y 11 65.16 -68.69 34.64
C VAL Y 11 63.86 -69.45 34.54
N ARG Y 12 62.85 -68.80 33.99
CA ARG Y 12 61.49 -69.33 34.10
C ARG Y 12 61.31 -70.57 33.23
N PRO Y 13 60.99 -71.71 33.81
CA PRO Y 13 60.73 -72.91 33.01
C PRO Y 13 59.36 -72.81 32.37
N ARG Y 14 59.09 -73.76 31.49
CA ARG Y 14 57.92 -73.68 30.63
C ARG Y 14 57.29 -75.05 30.51
N ASN Y 15 56.13 -75.08 29.87
CA ASN Y 15 55.43 -76.31 29.58
C ASN Y 15 55.33 -76.49 28.07
N ASP Y 16 55.95 -77.56 27.57
CA ASP Y 16 55.77 -77.91 26.18
C ASP Y 16 54.38 -78.42 25.88
N VAL Y 17 53.64 -78.83 26.93
CA VAL Y 17 52.30 -79.39 26.74
C VAL Y 17 51.35 -78.35 26.18
N ALA Y 18 51.39 -77.16 26.78
CA ALA Y 18 50.60 -76.04 26.28
C ALA Y 18 51.04 -75.63 24.89
N HIS Y 19 52.34 -75.75 24.60
CA HIS Y 19 52.85 -75.45 23.27
C HIS Y 19 52.29 -76.41 22.22
N LYS Y 20 52.25 -77.71 22.55
CA LYS Y 20 51.71 -78.69 21.62
C LYS Y 20 50.22 -78.50 21.42
N GLN Y 21 49.51 -78.14 22.50
CA GLN Y 21 48.08 -77.88 22.41
C GLN Y 21 47.79 -76.70 21.51
N LEU Y 22 48.51 -75.60 21.70
CA LEU Y 22 48.30 -74.42 20.86
C LEU Y 22 48.75 -74.66 19.43
N SER Y 23 49.78 -75.48 19.23
CA SER Y 23 50.22 -75.81 17.87
C SER Y 23 49.13 -76.56 17.13
N ALA Y 24 48.56 -77.57 17.78
CA ALA Y 24 47.49 -78.33 17.16
C ALA Y 24 46.25 -77.48 16.93
N PHE Y 25 45.95 -76.58 17.86
CA PHE Y 25 44.76 -75.76 17.72
C PHE Y 25 44.92 -74.75 16.61
N GLY Y 26 46.11 -74.19 16.47
CA GLY Y 26 46.32 -73.22 15.42
C GLY Y 26 46.35 -73.86 14.05
N GLU Y 27 46.92 -75.06 13.95
CA GLU Y 27 46.86 -75.84 12.72
C GLU Y 27 45.42 -76.16 12.33
N TYR Y 28 44.59 -76.51 13.33
CA TYR Y 28 43.17 -76.76 13.10
C TYR Y 28 42.44 -75.54 12.56
N VAL Y 29 42.59 -74.40 13.24
CA VAL Y 29 41.88 -73.18 12.82
C VAL Y 29 42.33 -72.74 11.45
N ALA Y 30 43.64 -72.86 11.20
CA ALA Y 30 44.20 -72.47 9.93
C ALA Y 30 43.70 -73.36 8.80
N GLU Y 31 43.50 -74.64 9.07
CA GLU Y 31 43.05 -75.49 7.98
C GLU Y 31 41.54 -75.51 7.82
N ILE Y 32 40.77 -75.01 8.80
CA ILE Y 32 39.33 -74.99 8.61
C ILE Y 32 38.80 -73.62 8.28
N LEU Y 33 39.62 -72.59 8.29
CA LEU Y 33 39.26 -71.34 7.62
C LEU Y 33 40.39 -70.93 6.68
N PRO Y 34 40.58 -71.67 5.59
CA PRO Y 34 41.77 -71.42 4.76
C PRO Y 34 41.64 -70.21 3.87
N LYS Y 35 40.53 -69.50 3.91
CA LYS Y 35 40.35 -68.39 2.99
C LYS Y 35 41.21 -67.18 3.36
N TYR Y 36 41.63 -67.09 4.63
CA TYR Y 36 42.27 -65.89 5.09
C TYR Y 36 43.56 -66.11 5.88
N VAL Y 37 43.96 -67.34 6.14
CA VAL Y 37 45.08 -67.61 7.01
C VAL Y 37 46.35 -67.81 6.19
N GLN Y 38 47.41 -67.12 6.61
CA GLN Y 38 48.69 -66.83 6.03
C GLN Y 38 49.66 -67.19 7.15
N GLN Y 39 49.30 -66.87 8.38
CA GLN Y 39 50.20 -67.37 9.39
C GLN Y 39 49.44 -67.82 10.62
N VAL Y 40 49.90 -68.90 11.24
CA VAL Y 40 49.60 -69.18 12.62
C VAL Y 40 50.94 -69.41 13.27
N GLN Y 41 51.37 -68.46 14.09
CA GLN Y 41 52.65 -68.56 14.74
C GLN Y 41 52.47 -68.72 16.23
N VAL Y 42 53.33 -69.53 16.81
CA VAL Y 42 53.33 -69.81 18.22
C VAL Y 42 54.69 -69.43 18.78
N SER Y 43 54.69 -68.58 19.79
CA SER Y 43 55.92 -68.15 20.43
C SER Y 43 56.41 -69.22 21.39
N CYS Y 44 57.45 -68.90 22.17
CA CYS Y 44 58.04 -69.90 23.05
C CYS Y 44 57.15 -70.20 24.24
N PHE Y 45 56.44 -69.19 24.75
CA PHE Y 45 55.69 -69.29 26.00
C PHE Y 45 54.18 -69.43 25.78
N SER Y 46 53.78 -69.90 24.59
CA SER Y 46 52.44 -70.44 24.30
C SER Y 46 51.34 -69.38 24.45
N GLU Y 47 51.37 -68.41 23.54
CA GLU Y 47 50.27 -67.48 23.34
C GLU Y 47 50.07 -67.31 21.85
N LEU Y 48 48.87 -67.54 21.35
CA LEU Y 48 48.72 -67.85 19.94
C LEU Y 48 48.61 -66.59 19.10
N GLU Y 49 49.20 -66.58 17.90
CA GLU Y 49 49.02 -65.44 17.01
C GLU Y 49 48.55 -65.93 15.67
N ILE Y 50 47.51 -65.30 15.12
CA ILE Y 50 46.94 -65.68 13.83
C ILE Y 50 46.95 -64.44 12.95
N CYS Y 51 47.60 -64.54 11.80
CA CYS Y 51 47.89 -63.39 10.97
C CYS Y 51 47.07 -63.47 9.69
N ILE Y 52 46.26 -62.44 9.46
CA ILE Y 52 45.01 -62.49 8.70
C ILE Y 52 44.89 -61.31 7.73
N HIS Y 53 44.49 -61.65 6.49
CA HIS Y 53 44.09 -60.73 5.44
C HIS Y 53 42.92 -59.85 5.90
N PRO Y 54 42.86 -58.61 5.46
CA PRO Y 54 41.80 -57.69 5.91
C PRO Y 54 40.47 -57.83 5.16
N ASP Y 55 39.99 -59.05 5.00
CA ASP Y 55 38.64 -59.23 4.49
C ASP Y 55 37.88 -60.23 5.33
N GLY Y 56 38.60 -61.10 6.00
CA GLY Y 56 37.95 -62.08 6.84
C GLY Y 56 37.75 -61.59 8.25
N VAL Y 57 37.61 -60.28 8.44
CA VAL Y 57 37.46 -59.72 9.77
C VAL Y 57 36.14 -60.17 10.39
N ILE Y 58 35.03 -59.77 9.76
CA ILE Y 58 33.72 -60.24 10.20
C ILE Y 58 33.58 -61.77 10.13
N PRO Y 59 33.95 -62.47 9.05
CA PRO Y 59 33.76 -63.94 9.07
C PRO Y 59 34.59 -64.67 10.09
N VAL Y 60 35.85 -64.29 10.25
CA VAL Y 60 36.70 -65.00 11.19
C VAL Y 60 36.30 -64.69 12.62
N LEU Y 61 35.88 -63.45 12.89
CA LEU Y 61 35.47 -63.17 14.27
C LEU Y 61 34.13 -63.81 14.60
N THR Y 62 33.22 -63.90 13.62
CA THR Y 62 32.01 -64.68 13.84
C THR Y 62 32.32 -66.15 14.06
N PHE Y 63 33.37 -66.65 13.44
CA PHE Y 63 33.77 -68.01 13.77
C PHE Y 63 34.32 -68.10 15.18
N LEU Y 64 35.19 -67.16 15.55
CA LEU Y 64 35.90 -67.26 16.81
C LEU Y 64 35.09 -66.86 18.02
N ARG Y 65 33.89 -66.29 17.84
CA ARG Y 65 33.04 -66.03 18.99
C ARG Y 65 32.27 -67.26 19.44
N ASP Y 66 32.24 -68.31 18.64
CA ASP Y 66 31.26 -69.38 18.76
C ASP Y 66 31.94 -70.72 18.52
N HIS Y 67 31.19 -71.71 18.03
CA HIS Y 67 31.63 -72.97 17.43
C HIS Y 67 31.93 -74.05 18.49
N SER Y 68 31.91 -73.72 19.77
CA SER Y 68 32.05 -74.65 20.90
C SER Y 68 33.35 -75.44 20.89
N ASN Y 69 34.30 -75.09 20.05
CA ASN Y 69 35.66 -75.57 20.17
C ASN Y 69 36.60 -74.41 20.48
N ALA Y 70 36.14 -73.17 20.32
CA ALA Y 70 36.91 -71.99 20.66
C ALA Y 70 35.94 -70.86 20.98
N GLN Y 71 35.58 -70.71 22.25
CA GLN Y 71 34.48 -69.81 22.59
C GLN Y 71 34.88 -68.36 22.46
N PHE Y 72 35.78 -67.87 23.29
CA PHE Y 72 36.47 -66.58 23.14
C PHE Y 72 35.48 -65.41 23.00
N LYS Y 73 34.72 -65.17 24.05
CA LYS Y 73 33.84 -64.01 23.97
C LYS Y 73 34.60 -62.73 24.25
N SER Y 74 35.62 -62.78 25.10
CA SER Y 74 36.15 -61.58 25.71
C SER Y 74 37.09 -60.84 24.76
N LEU Y 75 36.81 -59.56 24.57
CA LEU Y 75 37.56 -58.71 23.65
C LEU Y 75 38.52 -57.84 24.43
N ALA Y 76 39.66 -57.54 23.80
CA ALA Y 76 40.61 -56.57 24.26
C ALA Y 76 41.36 -56.06 23.04
N ASP Y 77 42.48 -55.38 23.31
CA ASP Y 77 43.12 -54.30 22.56
C ASP Y 77 43.15 -54.46 21.06
N LEU Y 78 43.14 -53.34 20.35
CA LEU Y 78 42.86 -53.27 18.94
C LEU Y 78 43.92 -52.55 18.15
N THR Y 79 44.91 -51.91 18.80
CA THR Y 79 45.87 -50.99 18.19
C THR Y 79 46.61 -51.55 16.99
N ALA Y 80 47.07 -50.64 16.15
CA ALA Y 80 47.49 -50.93 14.80
C ALA Y 80 48.94 -50.52 14.60
N VAL Y 81 49.86 -51.27 15.21
CA VAL Y 81 51.20 -50.81 15.57
C VAL Y 81 51.93 -50.25 14.36
N ASP Y 82 52.28 -48.97 14.42
CA ASP Y 82 52.65 -48.22 13.23
C ASP Y 82 54.02 -48.63 12.75
N ILE Y 83 54.04 -49.39 11.66
CA ILE Y 83 55.30 -49.89 11.17
C ILE Y 83 55.52 -49.32 9.78
N PRO Y 84 56.42 -48.39 9.61
CA PRO Y 84 56.91 -48.08 8.28
C PRO Y 84 57.86 -49.15 7.76
N THR Y 85 58.46 -48.90 6.59
CA THR Y 85 59.15 -49.90 5.76
C THR Y 85 58.19 -51.04 5.43
N ARG Y 86 56.93 -50.66 5.20
CA ARG Y 86 55.92 -51.55 4.64
C ARG Y 86 55.07 -50.69 3.71
N GLN Y 87 54.29 -51.33 2.87
CA GLN Y 87 53.27 -50.56 2.19
C GLN Y 87 51.96 -50.61 2.94
N ASN Y 88 51.66 -51.75 3.57
CA ASN Y 88 50.58 -51.86 4.52
C ASN Y 88 51.15 -51.52 5.88
N ARG Y 89 50.89 -50.29 6.32
CA ARG Y 89 51.61 -49.73 7.46
C ARG Y 89 51.07 -50.21 8.78
N PHE Y 90 49.76 -50.32 8.91
CA PHE Y 90 49.17 -50.38 10.23
C PHE Y 90 48.77 -51.81 10.55
N GLU Y 91 48.85 -52.18 11.82
CA GLU Y 91 48.44 -53.53 12.20
C GLU Y 91 47.30 -53.46 13.22
N ILE Y 92 46.12 -53.87 12.79
CA ILE Y 92 44.99 -53.95 13.68
C ILE Y 92 45.15 -55.22 14.50
N VAL Y 93 45.24 -55.08 15.81
CA VAL Y 93 45.47 -56.21 16.68
C VAL Y 93 44.25 -56.38 17.56
N TYR Y 94 43.48 -57.41 17.28
CA TYR Y 94 42.46 -57.87 18.18
C TYR Y 94 43.13 -58.76 19.21
N ASN Y 95 42.66 -58.72 20.44
CA ASN Y 95 43.21 -59.65 21.41
C ASN Y 95 42.05 -60.34 22.12
N LEU Y 96 41.99 -61.66 22.06
CA LEU Y 96 40.79 -62.37 22.48
C LEU Y 96 41.09 -63.34 23.60
N LEU Y 97 40.13 -63.42 24.53
CA LEU Y 97 40.20 -64.27 25.70
C LEU Y 97 38.98 -65.18 25.76
N SER Y 98 39.23 -66.44 26.07
CA SER Y 98 38.19 -67.45 26.27
C SER Y 98 37.80 -67.51 27.74
N LEU Y 99 36.50 -67.35 28.00
CA LEU Y 99 36.00 -67.64 29.34
C LEU Y 99 36.09 -69.12 29.65
N ARG Y 100 35.87 -69.94 28.63
CA ARG Y 100 35.72 -71.37 28.88
C ARG Y 100 37.05 -72.10 28.88
N PHE Y 101 38.04 -71.61 28.14
CA PHE Y 101 39.25 -72.40 27.96
C PHE Y 101 40.51 -71.77 28.52
N ASN Y 102 40.45 -70.53 29.03
CA ASN Y 102 41.58 -69.81 29.64
C ASN Y 102 42.77 -69.70 28.68
N SER Y 103 42.57 -68.92 27.63
CA SER Y 103 43.61 -68.86 26.60
C SER Y 103 43.51 -67.54 25.85
N ARG Y 104 44.64 -67.11 25.31
CA ARG Y 104 44.74 -65.82 24.64
C ARG Y 104 45.21 -66.00 23.21
N ILE Y 105 44.41 -65.48 22.28
CA ILE Y 105 44.78 -65.50 20.88
C ILE Y 105 44.80 -64.09 20.34
N ARG Y 106 45.87 -63.74 19.65
CA ARG Y 106 46.06 -62.42 19.06
C ARG Y 106 45.75 -62.51 17.60
N VAL Y 107 44.64 -61.91 17.20
CA VAL Y 107 44.26 -61.87 15.81
C VAL Y 107 44.90 -60.62 15.24
N LYS Y 108 46.00 -60.79 14.54
CA LYS Y 108 46.66 -59.67 13.90
C LYS Y 108 46.18 -59.62 12.46
N THR Y 109 45.41 -58.61 12.12
CA THR Y 109 45.14 -58.39 10.71
C THR Y 109 45.92 -57.19 10.23
N TYR Y 110 46.31 -57.23 8.97
CA TYR Y 110 47.11 -56.11 8.50
C TYR Y 110 46.22 -55.13 7.73
N THR Y 111 46.66 -53.86 7.66
CA THR Y 111 45.95 -52.90 6.83
C THR Y 111 46.85 -51.76 6.41
N ASP Y 112 46.40 -51.02 5.41
CA ASP Y 112 47.12 -49.89 4.87
C ASP Y 112 46.60 -48.58 5.45
N GLU Y 113 47.01 -47.47 4.83
CA GLU Y 113 46.67 -46.15 5.34
C GLU Y 113 45.20 -45.80 5.10
N LEU Y 114 44.69 -46.10 3.91
CA LEU Y 114 43.43 -45.51 3.49
C LEU Y 114 42.31 -46.51 3.23
N THR Y 115 42.59 -47.77 3.17
CA THR Y 115 41.48 -48.67 2.88
C THR Y 115 40.94 -49.27 4.17
N PRO Y 116 39.65 -49.20 4.42
CA PRO Y 116 39.13 -49.62 5.73
C PRO Y 116 39.12 -51.12 5.90
N VAL Y 117 39.28 -51.53 7.15
CA VAL Y 117 38.81 -52.82 7.64
C VAL Y 117 37.34 -52.67 7.98
N GLU Y 118 36.69 -53.78 8.29
CA GLU Y 118 35.23 -53.88 8.17
C GLU Y 118 34.49 -53.77 9.50
N SER Y 119 35.02 -52.99 10.45
CA SER Y 119 34.26 -52.46 11.60
C SER Y 119 33.68 -53.56 12.49
N SER Y 120 34.55 -54.20 13.24
CA SER Y 120 34.24 -55.37 14.06
C SER Y 120 33.17 -55.18 15.14
N VAL Y 121 32.61 -53.97 15.28
CA VAL Y 121 31.58 -53.65 16.25
C VAL Y 121 30.29 -54.42 16.02
N SER Y 122 30.11 -55.04 14.85
CA SER Y 122 28.91 -55.80 14.54
C SER Y 122 28.76 -57.02 15.44
N VAL Y 123 29.88 -57.66 15.79
CA VAL Y 123 29.86 -58.81 16.68
C VAL Y 123 30.44 -58.50 18.03
N TYR Y 124 31.07 -57.35 18.20
CA TYR Y 124 31.78 -57.01 19.42
C TYR Y 124 31.31 -55.66 19.90
N LYS Y 125 30.42 -55.67 20.88
CA LYS Y 125 29.94 -54.42 21.44
C LYS Y 125 30.98 -53.70 22.28
N ALA Y 126 32.09 -54.34 22.63
CA ALA Y 126 33.19 -53.64 23.28
C ALA Y 126 34.03 -52.85 22.30
N ALA Y 127 33.93 -53.16 21.01
CA ALA Y 127 34.83 -52.55 20.04
C ALA Y 127 34.45 -51.14 19.65
N ASN Y 128 33.40 -50.56 20.23
CA ASN Y 128 32.90 -49.29 19.73
C ASN Y 128 33.87 -48.16 20.03
N TRP Y 129 34.19 -47.96 21.29
CA TRP Y 129 35.17 -46.92 21.59
C TRP Y 129 36.58 -47.35 21.25
N TYR Y 130 36.83 -48.65 21.09
CA TYR Y 130 38.14 -49.09 20.60
C TYR Y 130 38.37 -48.65 19.17
N GLU Y 131 37.38 -48.85 18.31
CA GLU Y 131 37.51 -48.40 16.94
C GLU Y 131 37.46 -46.88 16.85
N ARG Y 132 36.73 -46.24 17.76
CA ARG Y 132 36.75 -44.78 17.79
C ARG Y 132 38.10 -44.25 18.19
N GLU Y 133 38.75 -44.91 19.14
CA GLU Y 133 40.10 -44.54 19.54
C GLU Y 133 41.09 -44.74 18.40
N ILE Y 134 40.95 -45.83 17.65
CA ILE Y 134 41.88 -46.07 16.55
C ILE Y 134 41.70 -45.02 15.47
N TRP Y 135 40.45 -44.66 15.18
CA TRP Y 135 40.20 -43.58 14.24
C TRP Y 135 40.76 -42.26 14.72
N ASP Y 136 40.70 -41.99 16.03
CA ASP Y 136 41.17 -40.71 16.50
C ASP Y 136 42.69 -40.65 16.54
N MET Y 137 43.33 -41.71 16.96
CA MET Y 137 44.77 -41.62 17.08
C MET Y 137 45.47 -41.82 15.74
N PHE Y 138 44.85 -42.54 14.81
CA PHE Y 138 45.55 -42.91 13.59
C PHE Y 138 44.89 -42.35 12.34
N GLY Y 139 43.58 -42.54 12.20
CA GLY Y 139 42.91 -42.27 10.95
C GLY Y 139 42.54 -43.51 10.17
N VAL Y 140 42.63 -44.69 10.78
CA VAL Y 140 42.14 -45.90 10.14
C VAL Y 140 40.63 -45.82 10.10
N PHE Y 141 40.07 -45.86 8.90
CA PHE Y 141 38.64 -45.68 8.77
C PHE Y 141 37.90 -46.98 9.04
N PHE Y 142 36.65 -46.87 9.51
CA PHE Y 142 35.79 -48.02 9.76
C PHE Y 142 34.44 -47.79 9.09
N ALA Y 143 34.31 -48.27 7.86
CA ALA Y 143 33.01 -48.21 7.19
C ALA Y 143 32.04 -49.18 7.85
N ASN Y 144 30.74 -48.84 7.78
CA ASN Y 144 29.64 -49.48 8.51
C ASN Y 144 29.87 -49.40 10.02
N HIS Y 145 29.79 -48.18 10.52
CA HIS Y 145 29.95 -47.91 11.94
C HIS Y 145 28.89 -46.90 12.35
N PRO Y 146 28.35 -47.02 13.57
CA PRO Y 146 27.37 -46.02 14.04
C PRO Y 146 27.90 -44.60 14.19
N ASP Y 147 28.93 -44.37 14.99
CA ASP Y 147 29.43 -43.00 15.19
C ASP Y 147 30.93 -42.99 15.36
N LEU Y 148 31.61 -42.23 14.50
CA LEU Y 148 33.03 -41.97 14.57
C LEU Y 148 33.24 -40.52 14.98
N ARG Y 149 33.92 -40.30 16.09
CA ARG Y 149 34.25 -38.95 16.51
C ARG Y 149 35.72 -38.91 16.95
N ARG Y 150 36.14 -37.76 17.43
CA ARG Y 150 37.44 -37.63 18.06
C ARG Y 150 37.27 -37.72 19.57
N ILE Y 151 37.65 -38.86 20.13
CA ILE Y 151 37.64 -39.08 21.56
C ILE Y 151 39.03 -39.55 21.96
N LEU Y 152 39.57 -38.93 23.03
CA LEU Y 152 40.96 -38.90 23.51
C LEU Y 152 41.82 -37.92 22.73
N THR Y 153 41.24 -36.94 22.05
CA THR Y 153 41.98 -35.78 21.58
C THR Y 153 41.19 -34.53 21.89
N ASP Y 154 41.85 -33.39 21.69
CA ASP Y 154 41.12 -32.14 21.61
C ASP Y 154 40.33 -32.11 20.32
N TYR Y 155 39.28 -31.29 20.31
CA TYR Y 155 38.43 -31.19 19.13
C TYR Y 155 39.14 -30.45 18.00
N GLY Y 156 39.52 -29.20 18.24
CA GLY Y 156 40.15 -28.41 17.20
C GLY Y 156 41.55 -28.85 16.81
N PHE Y 157 42.09 -29.85 17.49
CA PHE Y 157 43.40 -30.42 17.18
C PHE Y 157 43.26 -31.51 16.14
N GLU Y 158 44.25 -31.60 15.26
CA GLU Y 158 44.30 -32.67 14.30
C GLU Y 158 45.74 -33.00 13.99
N GLY Y 159 45.94 -34.17 13.37
CA GLY Y 159 47.26 -34.65 13.05
C GLY Y 159 47.40 -36.14 13.22
N HIS Y 160 46.48 -36.75 13.98
CA HIS Y 160 46.44 -38.17 14.32
C HIS Y 160 47.73 -38.57 15.02
N PRO Y 161 47.89 -38.21 16.29
CA PRO Y 161 49.22 -38.05 16.86
C PRO Y 161 49.96 -39.33 17.19
N PHE Y 162 49.31 -40.46 17.35
CA PHE Y 162 50.11 -41.63 17.71
C PHE Y 162 50.81 -42.29 16.54
N ARG Y 163 50.80 -41.69 15.34
CA ARG Y 163 51.64 -42.14 14.24
C ARG Y 163 53.13 -41.92 14.56
N LYS Y 164 53.99 -42.30 13.64
CA LYS Y 164 55.38 -41.91 13.76
C LYS Y 164 55.68 -40.59 13.08
N ASP Y 165 54.83 -40.16 12.17
CA ASP Y 165 55.04 -38.87 11.53
C ASP Y 165 54.76 -37.73 12.45
N PHE Y 166 53.89 -37.92 13.43
CA PHE Y 166 53.63 -36.88 14.39
C PHE Y 166 54.77 -36.89 15.40
N PRO Y 167 55.53 -35.82 15.53
CA PRO Y 167 56.67 -35.81 16.44
C PRO Y 167 56.18 -35.69 17.87
N LEU Y 168 57.14 -35.67 18.81
CA LEU Y 168 56.79 -35.84 20.22
C LEU Y 168 56.05 -34.62 20.75
N SER Y 169 56.62 -33.45 20.57
CA SER Y 169 55.84 -32.27 20.86
C SER Y 169 54.74 -32.12 19.84
N GLY Y 170 53.67 -31.49 20.26
CA GLY Y 170 52.67 -31.07 19.32
C GLY Y 170 53.18 -29.89 18.50
N TYR Y 171 52.46 -29.63 17.41
CA TYR Y 171 52.77 -28.44 16.65
C TYR Y 171 52.20 -27.20 17.30
N VAL Y 172 51.04 -27.32 17.95
CA VAL Y 172 50.39 -26.18 18.55
C VAL Y 172 50.60 -26.23 20.06
N GLU Y 173 50.49 -25.06 20.66
CA GLU Y 173 50.77 -24.85 22.07
C GLU Y 173 49.91 -23.69 22.53
N LEU Y 174 49.14 -23.90 23.59
CA LEU Y 174 48.20 -22.89 24.00
C LEU Y 174 48.87 -21.87 24.91
N ARG Y 175 48.33 -20.66 24.89
CA ARG Y 175 48.59 -19.70 25.95
C ARG Y 175 47.37 -18.82 26.08
N TYR Y 176 47.12 -18.35 27.29
CA TYR Y 176 46.15 -17.30 27.45
C TYR Y 176 46.78 -15.99 27.03
N ASP Y 177 45.98 -15.11 26.43
CA ASP Y 177 46.42 -13.74 26.28
C ASP Y 177 45.25 -12.79 26.40
N ASP Y 178 45.57 -11.63 26.96
CA ASP Y 178 44.64 -10.57 27.31
C ASP Y 178 44.37 -9.65 26.12
N GLU Y 179 45.04 -9.90 24.98
CA GLU Y 179 44.77 -9.15 23.77
C GLU Y 179 43.35 -9.38 23.30
N VAL Y 180 43.02 -10.61 22.97
CA VAL Y 180 41.67 -10.98 22.60
C VAL Y 180 40.96 -11.70 23.75
N LYS Y 181 41.50 -11.58 24.96
CA LYS Y 181 40.82 -11.92 26.22
C LYS Y 181 40.49 -13.40 26.33
N ARG Y 182 41.30 -14.26 25.72
CA ARG Y 182 40.95 -15.68 25.65
C ARG Y 182 42.22 -16.49 25.43
N VAL Y 183 42.06 -17.77 25.17
CA VAL Y 183 43.20 -18.67 25.00
C VAL Y 183 43.37 -18.95 23.52
N VAL Y 184 44.61 -18.86 23.04
CA VAL Y 184 44.92 -19.11 21.63
C VAL Y 184 45.98 -20.19 21.53
N ALA Y 185 46.17 -20.67 20.30
CA ALA Y 185 47.19 -21.66 19.98
C ALA Y 185 48.25 -21.04 19.10
N GLU Y 186 49.50 -21.43 19.32
CA GLU Y 186 50.68 -20.91 18.64
C GLU Y 186 51.56 -22.07 18.22
N PRO Y 187 52.41 -21.88 17.21
CA PRO Y 187 53.44 -22.88 16.93
C PRO Y 187 54.39 -23.01 18.11
N VAL Y 188 54.91 -24.22 18.28
CA VAL Y 188 55.46 -24.64 19.57
C VAL Y 188 56.79 -23.95 19.83
N GLU Y 189 56.89 -23.33 21.00
CA GLU Y 189 58.11 -22.68 21.44
C GLU Y 189 58.53 -23.46 22.68
N LEU Y 190 59.35 -24.49 22.47
CA LEU Y 190 59.84 -25.27 23.58
C LEU Y 190 60.77 -24.45 24.45
N ALA Y 191 60.81 -24.79 25.72
CA ALA Y 191 61.78 -24.21 26.62
C ALA Y 191 63.04 -25.06 26.71
N GLN Y 192 63.01 -26.29 26.20
CA GLN Y 192 64.21 -27.11 26.19
C GLN Y 192 64.06 -28.13 25.07
N GLU Y 193 65.16 -28.81 24.77
CA GLU Y 193 65.35 -29.47 23.49
C GLU Y 193 64.59 -30.80 23.38
N PHE Y 194 64.32 -31.45 24.51
CA PHE Y 194 64.04 -32.88 24.57
C PHE Y 194 65.19 -33.65 23.93
N ARG Y 195 66.28 -33.79 24.67
CA ARG Y 195 67.47 -34.47 24.20
C ARG Y 195 67.19 -35.92 23.80
N LYS Y 196 68.13 -36.46 23.04
CA LYS Y 196 67.93 -37.65 22.22
C LYS Y 196 69.19 -38.51 22.30
N PHE Y 197 69.16 -39.56 23.09
CA PHE Y 197 70.37 -40.31 23.40
C PHE Y 197 70.52 -41.46 22.41
N ASP Y 198 71.61 -41.47 21.64
CA ASP Y 198 71.81 -42.55 20.66
C ASP Y 198 72.22 -43.81 21.40
N LEU Y 199 71.21 -44.49 21.94
CA LEU Y 199 71.42 -45.63 22.82
C LEU Y 199 71.50 -46.96 22.08
N ASN Y 200 71.23 -46.97 20.79
CA ASN Y 200 71.19 -48.20 20.01
C ASN Y 200 72.61 -48.71 19.82
N SER Y 201 73.08 -49.43 20.83
CA SER Y 201 74.44 -49.92 20.84
C SER Y 201 74.60 -51.03 19.82
N PRO Y 202 75.79 -51.16 19.26
CA PRO Y 202 76.07 -52.32 18.41
C PRO Y 202 76.22 -53.63 19.16
N TRP Y 203 76.73 -54.63 18.43
CA TRP Y 203 77.26 -55.91 18.87
C TRP Y 203 76.30 -57.04 19.19
N GLU Y 204 75.13 -57.09 18.53
CA GLU Y 204 74.45 -58.35 18.22
C GLU Y 204 74.03 -59.14 19.45
N ALA Y 205 73.22 -58.52 20.30
CA ALA Y 205 72.94 -59.09 21.63
C ALA Y 205 72.16 -60.40 21.58
N PHE Y 206 71.58 -60.74 20.44
CA PHE Y 206 70.83 -61.98 20.27
C PHE Y 206 71.25 -62.59 18.95
N PRO Y 207 72.03 -63.66 18.96
CA PRO Y 207 72.44 -64.28 17.68
C PRO Y 207 71.32 -64.99 16.97
N ALA Y 208 70.25 -65.37 17.66
CA ALA Y 208 69.22 -66.16 17.02
C ALA Y 208 68.33 -65.32 16.13
N TYR Y 209 68.10 -64.05 16.47
CA TYR Y 209 67.20 -63.20 15.70
C TYR Y 209 67.91 -62.42 14.62
N ARG Y 210 68.98 -62.96 14.06
CA ARG Y 210 69.65 -62.28 12.96
C ARG Y 210 68.83 -62.42 11.70
N GLN Y 211 68.85 -61.45 10.93
CA GLN Y 211 68.27 -61.35 9.61
C GLN Y 211 69.36 -61.36 8.54
N PRO Y 212 69.09 -61.94 7.38
CA PRO Y 212 70.11 -62.04 6.34
C PRO Y 212 70.38 -60.69 5.68
N PRO Y 213 71.63 -60.24 5.69
CA PRO Y 213 71.97 -58.97 5.05
C PRO Y 213 72.18 -59.14 3.56
N GLU Y 214 72.34 -58.01 2.87
CA GLU Y 214 72.47 -58.02 1.42
C GLU Y 214 73.83 -57.48 0.98
N SER Z 24 50.42 10.80 64.43
CA SER Z 24 49.69 10.54 63.20
C SER Z 24 48.72 9.39 63.43
N ARG Z 25 47.75 9.62 64.32
CA ARG Z 25 46.82 8.55 64.66
C ARG Z 25 45.86 8.22 63.53
N GLY Z 26 45.74 9.09 62.51
CA GLY Z 26 45.07 8.69 61.29
C GLY Z 26 45.76 7.53 60.60
N GLU Z 27 47.08 7.66 60.38
CA GLU Z 27 47.89 6.57 59.85
C GLU Z 27 47.85 5.35 60.76
N TYR Z 28 47.82 5.59 62.06
CA TYR Z 28 47.74 4.51 63.04
C TYR Z 28 46.44 3.74 62.93
N VAL Z 29 45.32 4.43 62.75
CA VAL Z 29 44.03 3.77 62.53
C VAL Z 29 44.02 3.04 61.20
N VAL Z 30 44.69 3.59 60.18
CA VAL Z 30 44.82 2.92 58.89
C VAL Z 30 45.52 1.57 59.03
N ALA Z 31 46.66 1.56 59.74
CA ALA Z 31 47.43 0.34 59.90
C ALA Z 31 46.68 -0.69 60.74
N LYS Z 32 46.01 -0.25 61.80
CA LYS Z 32 45.29 -1.17 62.66
C LYS Z 32 44.09 -1.79 61.94
N LEU Z 33 43.36 -0.99 61.18
CA LEU Z 33 42.20 -1.51 60.48
C LEU Z 33 42.61 -2.44 59.34
N ASP Z 34 43.76 -2.15 58.72
CA ASP Z 34 44.29 -3.03 57.68
C ASP Z 34 44.70 -4.38 58.26
N ASP Z 35 45.31 -4.37 59.45
CA ASP Z 35 45.61 -5.62 60.15
C ASP Z 35 44.34 -6.41 60.42
N LEU Z 36 43.28 -5.74 60.87
CA LEU Z 36 42.05 -6.45 61.18
C LEU Z 36 41.41 -7.06 59.95
N ILE Z 37 41.33 -6.31 58.84
CA ILE Z 37 40.67 -6.86 57.66
C ILE Z 37 41.52 -7.94 57.00
N ASN Z 38 42.85 -7.82 57.05
CA ASN Z 38 43.65 -8.84 56.39
C ASN Z 38 43.75 -10.09 57.21
N TRP Z 39 43.76 -9.96 58.54
CA TRP Z 39 43.62 -11.13 59.39
C TRP Z 39 42.26 -11.79 59.18
N ALA Z 40 41.23 -10.99 58.93
CA ALA Z 40 39.92 -11.54 58.63
C ALA Z 40 39.92 -12.32 57.32
N ARG Z 41 40.65 -11.83 56.33
CA ARG Z 41 40.77 -12.58 55.08
C ARG Z 41 41.53 -13.88 55.30
N ARG Z 42 42.75 -13.78 55.85
CA ARG Z 42 43.62 -14.95 55.95
C ARG Z 42 43.20 -15.93 57.03
N SER Z 43 42.20 -15.59 57.83
CA SER Z 43 41.81 -16.44 58.93
C SER Z 43 41.16 -17.73 58.46
N SER Z 44 40.11 -17.63 57.65
CA SER Z 44 39.34 -18.82 57.28
C SER Z 44 39.84 -19.43 55.96
N LEU Z 45 39.68 -18.69 54.86
CA LEU Z 45 40.17 -19.04 53.53
C LEU Z 45 39.64 -20.39 53.05
N TRP Z 46 38.33 -20.45 52.81
CA TRP Z 46 37.85 -21.73 52.30
C TRP Z 46 38.17 -21.86 50.82
N PRO Z 47 38.77 -22.96 50.40
CA PRO Z 47 39.18 -23.13 49.01
C PRO Z 47 38.14 -23.80 48.18
N MET Z 48 38.42 -23.94 46.89
CA MET Z 48 37.82 -24.96 46.08
C MET Z 48 38.91 -25.89 45.60
N THR Z 49 38.63 -27.18 45.64
CA THR Z 49 39.60 -28.19 45.24
C THR Z 49 39.29 -28.51 43.79
N PHE Z 50 40.16 -28.08 42.87
CA PHE Z 50 39.86 -28.37 41.49
C PHE Z 50 40.17 -29.83 41.17
N GLY Z 51 41.39 -30.27 41.44
CA GLY Z 51 41.66 -31.69 41.58
C GLY Z 51 41.55 -32.57 40.36
N LEU Z 52 42.50 -32.47 39.42
CA LEU Z 52 42.41 -33.31 38.23
C LEU Z 52 42.83 -34.75 38.51
N ALA Z 53 44.09 -34.96 38.82
CA ALA Z 53 44.64 -36.30 38.99
C ALA Z 53 45.16 -36.48 40.40
N CYS Z 54 45.91 -37.57 40.61
CA CYS Z 54 46.42 -38.08 41.89
C CYS Z 54 46.93 -37.11 42.94
N CYS Z 55 47.36 -35.91 42.52
CA CYS Z 55 47.43 -34.78 43.45
C CYS Z 55 46.10 -34.52 44.17
N ALA Z 56 44.97 -34.82 43.53
CA ALA Z 56 43.70 -34.74 44.23
C ALA Z 56 43.61 -35.78 45.34
N VAL Z 57 44.20 -36.95 45.14
CA VAL Z 57 44.17 -37.96 46.18
C VAL Z 57 45.01 -37.54 47.36
N GLU Z 58 46.15 -36.91 47.10
CA GLU Z 58 46.92 -36.43 48.24
C GLU Z 58 46.27 -35.22 48.92
N MET Z 59 45.53 -34.40 48.17
CA MET Z 59 44.79 -33.32 48.82
C MET Z 59 43.66 -33.84 49.69
N MET Z 60 42.98 -34.88 49.24
CA MET Z 60 41.99 -35.48 50.11
C MET Z 60 42.65 -36.20 51.27
N HIS Z 61 43.92 -36.59 51.14
CA HIS Z 61 44.65 -37.07 52.31
C HIS Z 61 45.13 -35.96 53.22
N MET Z 62 45.16 -34.72 52.78
CA MET Z 62 45.28 -33.68 53.79
C MET Z 62 43.92 -33.13 54.19
N ALA Z 63 42.85 -33.65 53.61
CA ALA Z 63 41.55 -33.48 54.22
C ALA Z 63 41.30 -34.53 55.29
N ALA Z 64 42.19 -35.50 55.40
CA ALA Z 64 42.02 -36.67 56.24
C ALA Z 64 42.08 -36.27 57.71
N PRO Z 65 41.67 -37.16 58.61
CA PRO Z 65 41.76 -36.84 60.05
C PRO Z 65 43.14 -36.55 60.61
N ARG Z 66 44.23 -36.96 59.98
CA ARG Z 66 45.51 -36.67 60.62
C ARG Z 66 45.96 -35.24 60.35
N TYR Z 67 46.24 -34.91 59.10
CA TYR Z 67 46.55 -33.54 58.74
C TYR Z 67 45.23 -32.80 58.63
N ASP Z 68 45.00 -31.85 59.51
CA ASP Z 68 43.67 -31.27 59.58
C ASP Z 68 43.49 -30.19 58.55
N MET Z 69 42.24 -29.77 58.38
CA MET Z 69 41.99 -28.46 57.81
C MET Z 69 40.99 -27.64 58.60
N ASP Z 70 40.28 -28.23 59.57
CA ASP Z 70 39.38 -27.44 60.39
C ASP Z 70 40.13 -26.41 61.21
N ARG Z 71 41.33 -26.76 61.67
CA ARG Z 71 42.10 -25.90 62.56
C ARG Z 71 42.43 -24.57 61.93
N PHE Z 72 42.61 -24.54 60.63
CA PHE Z 72 42.98 -23.31 59.95
C PHE Z 72 41.78 -22.61 59.36
N GLY Z 73 40.58 -22.98 59.80
CA GLY Z 73 39.36 -22.44 59.24
C GLY Z 73 39.09 -22.89 57.84
N VAL Z 74 39.82 -23.87 57.34
CA VAL Z 74 39.85 -24.18 55.93
C VAL Z 74 38.80 -25.24 55.67
N VAL Z 75 37.74 -24.86 54.99
CA VAL Z 75 36.60 -25.72 54.72
C VAL Z 75 36.72 -26.20 53.30
N PHE Z 76 36.96 -27.49 53.09
CA PHE Z 76 36.97 -28.02 51.73
C PHE Z 76 35.55 -27.99 51.19
N ARG Z 77 35.40 -27.47 49.98
CA ARG Z 77 34.08 -27.12 49.47
C ARG Z 77 34.14 -27.00 47.97
N ALA Z 78 33.23 -27.71 47.29
CA ALA Z 78 33.22 -27.70 45.84
C ALA Z 78 32.58 -26.44 45.24
N SER Z 79 32.17 -25.47 46.05
CA SER Z 79 31.50 -24.30 45.52
C SER Z 79 32.51 -23.42 44.79
N PRO Z 80 32.22 -23.01 43.58
CA PRO Z 80 33.13 -22.09 42.89
C PRO Z 80 32.78 -20.64 43.15
N ARG Z 81 31.53 -20.37 43.52
CA ARG Z 81 31.03 -19.01 43.57
C ARG Z 81 31.63 -18.22 44.73
N GLN Z 82 32.13 -18.91 45.74
CA GLN Z 82 32.60 -18.27 46.96
C GLN Z 82 34.04 -18.67 47.26
N SER Z 83 34.80 -18.95 46.22
CA SER Z 83 36.13 -19.54 46.37
C SER Z 83 37.15 -18.49 46.75
N ASP Z 84 37.82 -18.68 47.88
CA ASP Z 84 38.89 -17.76 48.26
C ASP Z 84 40.16 -18.07 47.47
N VAL Z 85 40.78 -19.22 47.77
CA VAL Z 85 41.93 -19.65 47.03
C VAL Z 85 41.48 -20.82 46.17
N MET Z 86 42.32 -21.20 45.24
CA MET Z 86 41.96 -22.30 44.37
C MET Z 86 43.20 -23.16 44.16
N ILE Z 87 43.05 -24.44 44.44
CA ILE Z 87 44.20 -25.33 44.50
C ILE Z 87 44.23 -26.08 43.18
N VAL Z 88 44.99 -25.55 42.24
CA VAL Z 88 45.12 -26.20 40.94
C VAL Z 88 46.08 -27.36 41.11
N ALA Z 89 45.58 -28.56 40.93
CA ALA Z 89 46.41 -29.74 41.13
C ALA Z 89 45.98 -30.80 40.15
N GLY Z 90 46.89 -31.70 39.83
CA GLY Z 90 46.57 -32.64 38.78
C GLY Z 90 47.36 -32.30 37.55
N THR Z 91 46.81 -32.46 36.37
CA THR Z 91 47.59 -32.21 35.15
C THR Z 91 46.74 -31.47 34.13
N LEU Z 92 47.12 -30.25 33.85
CA LEU Z 92 46.39 -29.41 32.91
C LEU Z 92 46.61 -29.88 31.48
N THR Z 93 45.52 -29.98 30.71
CA THR Z 93 45.61 -30.37 29.31
C THR Z 93 44.99 -29.30 28.43
N ASN Z 94 45.19 -29.46 27.11
CA ASN Z 94 44.66 -28.48 26.17
C ASN Z 94 43.15 -28.54 26.11
N LYS Z 95 42.58 -29.73 26.24
CA LYS Z 95 41.14 -29.85 26.34
C LYS Z 95 40.63 -29.29 27.66
N MET Z 96 41.48 -29.26 28.68
CA MET Z 96 41.07 -28.81 30.00
C MET Z 96 41.03 -27.29 30.08
N ALA Z 97 42.00 -26.64 29.44
CA ALA Z 97 42.33 -25.25 29.77
C ALA Z 97 41.23 -24.20 29.62
N PRO Z 98 40.41 -24.16 28.55
CA PRO Z 98 39.37 -23.13 28.51
C PRO Z 98 38.31 -23.31 29.58
N ALA Z 99 37.97 -24.55 29.90
CA ALA Z 99 37.04 -24.79 30.99
C ALA Z 99 37.65 -24.42 32.32
N LEU Z 100 38.96 -24.62 32.48
CA LEU Z 100 39.63 -24.18 33.70
C LEU Z 100 39.57 -22.67 33.84
N ARG Z 101 39.82 -21.93 32.77
CA ARG Z 101 39.80 -20.49 32.94
C ARG Z 101 38.37 -19.96 33.04
N LYS Z 102 37.38 -20.67 32.50
CA LYS Z 102 36.00 -20.28 32.77
C LYS Z 102 35.66 -20.48 34.24
N VAL Z 103 36.19 -21.55 34.85
CA VAL Z 103 36.06 -21.71 36.30
C VAL Z 103 36.74 -20.56 37.02
N TYR Z 104 37.86 -20.09 36.46
CA TYR Z 104 38.59 -18.99 37.07
C TYR Z 104 37.82 -17.68 37.00
N ASP Z 105 37.01 -17.48 35.96
CA ASP Z 105 36.37 -16.18 35.79
C ASP Z 105 35.24 -15.96 36.78
N GLN Z 106 34.27 -16.86 36.83
CA GLN Z 106 33.17 -16.71 37.79
C GLN Z 106 33.72 -17.01 39.18
N MET Z 107 34.37 -15.99 39.74
CA MET Z 107 35.10 -16.12 40.98
C MET Z 107 35.29 -14.70 41.46
N PRO Z 108 35.12 -14.42 42.75
CA PRO Z 108 35.31 -13.06 43.22
C PRO Z 108 36.78 -12.64 43.15
N GLU Z 109 36.98 -11.38 42.81
CA GLU Z 109 38.28 -10.78 42.49
C GLU Z 109 39.33 -10.84 43.59
N PRO Z 110 39.00 -10.76 44.90
CA PRO Z 110 40.02 -11.17 45.87
C PRO Z 110 40.16 -12.68 45.85
N ARG Z 111 41.23 -13.16 45.23
CA ARG Z 111 41.39 -14.58 44.96
C ARG Z 111 42.87 -14.89 44.89
N TYR Z 112 43.22 -16.14 45.19
CA TYR Z 112 44.63 -16.54 45.20
C TYR Z 112 44.74 -17.96 44.66
N VAL Z 113 45.90 -18.31 44.13
CA VAL Z 113 46.08 -19.57 43.43
C VAL Z 113 47.26 -20.33 44.01
N VAL Z 114 47.04 -21.59 44.35
CA VAL Z 114 48.08 -22.49 44.77
C VAL Z 114 48.27 -23.51 43.66
N SER Z 115 49.39 -23.42 42.96
CA SER Z 115 49.73 -24.45 41.99
C SER Z 115 50.41 -25.57 42.73
N MET Z 116 49.72 -26.69 42.87
CA MET Z 116 50.27 -27.83 43.59
C MET Z 116 50.73 -28.87 42.59
N GLY Z 117 51.93 -29.38 42.78
CA GLY Z 117 52.30 -30.51 41.99
C GLY Z 117 53.20 -30.21 40.81
N SER Z 118 54.18 -31.09 40.65
CA SER Z 118 55.18 -30.97 39.60
C SER Z 118 54.56 -30.97 38.22
N CYS Z 119 53.46 -31.70 38.02
CA CYS Z 119 52.75 -31.66 36.75
C CYS Z 119 52.24 -30.27 36.45
N ALA Z 120 51.67 -29.61 37.44
CA ALA Z 120 50.93 -28.41 37.17
C ALA Z 120 51.78 -27.16 37.24
N ASN Z 121 52.92 -27.18 37.93
CA ASN Z 121 53.69 -25.95 38.07
C ASN Z 121 54.88 -25.88 37.13
N GLY Z 122 54.72 -26.27 35.89
CA GLY Z 122 55.90 -26.41 35.04
C GLY Z 122 55.91 -27.67 34.20
N GLY Z 123 54.72 -28.17 33.88
CA GLY Z 123 54.62 -29.24 32.91
C GLY Z 123 54.90 -30.58 33.54
N GLY Z 124 56.11 -30.74 34.05
CA GLY Z 124 56.41 -31.86 34.91
C GLY Z 124 56.86 -33.09 34.19
N TYR Z 125 56.31 -34.21 34.57
CA TYR Z 125 56.77 -35.45 33.99
C TYR Z 125 56.21 -35.63 32.60
N TYR Z 126 55.04 -35.07 32.34
CA TYR Z 126 54.54 -35.01 30.97
C TYR Z 126 54.87 -33.67 30.36
N HIS Z 127 56.11 -33.23 30.45
CA HIS Z 127 56.43 -31.91 29.92
C HIS Z 127 56.58 -31.97 28.41
N TYR Z 128 57.51 -32.78 27.92
CA TYR Z 128 57.76 -32.87 26.48
C TYR Z 128 56.64 -33.68 25.84
N SER Z 129 55.48 -33.08 25.74
CA SER Z 129 54.34 -33.83 25.24
C SER Z 129 53.39 -32.89 24.57
N TYR Z 130 52.55 -33.43 23.71
CA TYR Z 130 51.44 -32.65 23.22
C TYR Z 130 50.32 -32.75 24.23
N SER Z 131 49.27 -31.98 23.99
CA SER Z 131 48.06 -31.89 24.80
C SER Z 131 48.32 -31.56 26.25
N VAL Z 132 49.44 -30.91 26.57
CA VAL Z 132 49.74 -30.46 27.92
C VAL Z 132 50.21 -29.03 27.84
N VAL Z 133 49.50 -28.13 28.51
CA VAL Z 133 50.01 -26.79 28.69
C VAL Z 133 51.16 -26.84 29.67
N ARG Z 134 52.30 -26.22 29.30
CA ARG Z 134 53.54 -26.33 30.07
C ARG Z 134 53.41 -25.56 31.38
N GLY Z 135 52.74 -26.19 32.32
CA GLY Z 135 52.50 -25.59 33.61
C GLY Z 135 51.27 -24.71 33.62
N CYS Z 136 50.66 -24.53 34.78
CA CYS Z 136 49.47 -23.71 34.85
C CYS Z 136 49.80 -22.24 34.98
N ASP Z 137 51.07 -21.86 34.87
CA ASP Z 137 51.40 -20.45 34.72
C ASP Z 137 50.80 -19.88 33.46
N ARG Z 138 50.77 -20.67 32.40
CA ARG Z 138 50.32 -20.19 31.11
C ARG Z 138 48.80 -20.08 30.99
N ILE Z 139 48.06 -20.26 32.09
CA ILE Z 139 46.63 -19.99 32.09
C ILE Z 139 46.28 -18.95 33.14
N VAL Z 140 46.53 -19.27 34.40
CA VAL Z 140 46.16 -18.39 35.50
C VAL Z 140 47.43 -17.95 36.22
N PRO Z 141 47.46 -16.78 36.85
CA PRO Z 141 48.62 -16.40 37.65
C PRO Z 141 48.71 -17.27 38.88
N VAL Z 142 49.93 -17.41 39.38
CA VAL Z 142 50.18 -18.32 40.48
C VAL Z 142 50.82 -17.54 41.60
N ASP Z 143 50.19 -17.58 42.77
CA ASP Z 143 50.86 -17.08 43.96
C ASP Z 143 51.83 -18.12 44.51
N ILE Z 144 51.36 -19.31 44.81
CA ILE Z 144 52.17 -20.26 45.56
C ILE Z 144 52.37 -21.53 44.74
N TYR Z 145 53.61 -21.77 44.33
CA TYR Z 145 53.97 -23.06 43.79
C TYR Z 145 54.33 -23.95 44.96
N VAL Z 146 53.91 -25.21 44.91
CA VAL Z 146 54.41 -26.23 45.81
C VAL Z 146 54.72 -27.50 45.04
N PRO Z 147 55.95 -27.92 45.01
CA PRO Z 147 56.32 -29.06 44.16
C PRO Z 147 56.15 -30.36 44.90
N GLY Z 148 56.44 -31.46 44.24
CA GLY Z 148 56.19 -32.77 44.79
C GLY Z 148 55.50 -33.63 43.77
N CYS Z 149 55.62 -34.94 43.88
CA CYS Z 149 54.83 -35.86 43.06
C CYS Z 149 54.51 -37.07 43.88
N PRO Z 150 53.41 -37.05 44.61
CA PRO Z 150 52.58 -35.89 44.95
C PRO Z 150 53.30 -35.07 45.98
N PRO Z 151 53.02 -33.77 46.04
CA PRO Z 151 53.49 -33.00 47.19
C PRO Z 151 52.90 -33.63 48.43
N THR Z 152 53.78 -34.07 49.33
CA THR Z 152 53.37 -34.72 50.56
C THR Z 152 52.47 -33.78 51.34
N ALA Z 153 51.37 -34.32 51.89
CA ALA Z 153 50.28 -33.53 52.46
C ALA Z 153 50.77 -32.55 53.51
N GLU Z 154 51.78 -32.97 54.26
CA GLU Z 154 52.49 -32.10 55.18
C GLU Z 154 53.10 -30.90 54.46
N ALA Z 155 53.74 -31.13 53.33
CA ALA Z 155 54.39 -30.05 52.60
C ALA Z 155 53.37 -29.09 52.00
N LEU Z 156 52.25 -29.61 51.55
CA LEU Z 156 51.17 -28.75 51.07
C LEU Z 156 50.63 -27.90 52.19
N LEU Z 157 50.54 -28.47 53.38
CA LEU Z 157 50.05 -27.70 54.51
C LEU Z 157 51.02 -26.61 54.88
N TYR Z 158 52.33 -26.88 54.71
CA TYR Z 158 53.31 -25.81 54.85
C TYR Z 158 53.14 -24.75 53.78
N GLY Z 159 52.78 -25.16 52.56
CA GLY Z 159 52.61 -24.20 51.50
C GLY Z 159 51.44 -23.27 51.74
N ILE Z 160 50.37 -23.79 52.31
CA ILE Z 160 49.25 -22.92 52.65
C ILE Z 160 49.58 -22.03 53.83
N LEU Z 161 50.45 -22.48 54.74
CA LEU Z 161 50.90 -21.57 55.79
C LEU Z 161 51.72 -20.41 55.22
N GLN Z 162 52.57 -20.68 54.24
CA GLN Z 162 53.32 -19.56 53.70
C GLN Z 162 52.45 -18.69 52.78
N LEU Z 163 51.37 -19.26 52.23
CA LEU Z 163 50.33 -18.42 51.64
C LEU Z 163 49.76 -17.44 52.64
N GLN Z 164 49.43 -17.95 53.84
CA GLN Z 164 48.90 -17.07 54.89
C GLN Z 164 49.88 -15.97 55.26
N LYS Z 165 51.17 -16.25 55.23
CA LYS Z 165 52.09 -15.18 55.56
C LYS Z 165 52.23 -14.15 54.44
N LYS Z 166 52.06 -14.59 53.18
CA LYS Z 166 51.93 -13.63 52.10
C LYS Z 166 50.71 -12.74 52.30
N ILE Z 167 49.62 -13.32 52.79
CA ILE Z 167 48.43 -12.50 53.07
C ILE Z 167 48.70 -11.55 54.22
N LYS Z 168 49.54 -11.96 55.17
CA LYS Z 168 49.92 -11.07 56.26
C LYS Z 168 50.67 -9.86 55.77
N ARG Z 169 51.42 -9.98 54.67
CA ARG Z 169 52.06 -8.80 54.07
C ARG Z 169 51.38 -8.41 52.76
N GLU Z 170 50.33 -7.58 52.82
CA GLU Z 170 49.69 -7.13 51.59
C GLU Z 170 49.37 -5.63 51.48
N LYS Z 171 49.27 -4.87 52.57
CA LYS Z 171 49.42 -3.40 52.65
C LYS Z 171 48.54 -2.60 51.66
N ARG Z 172 47.38 -3.18 51.31
CA ARG Z 172 46.45 -2.50 50.42
C ARG Z 172 45.93 -1.19 51.01
N LEU Z 173 45.57 -1.20 52.28
CA LEU Z 173 44.99 0.00 52.87
C LEU Z 173 46.05 1.07 53.13
N ARG Z 174 47.30 0.65 53.39
CA ARG Z 174 48.43 1.58 53.38
C ARG Z 174 48.53 2.29 52.04
N ILE Z 175 48.50 1.52 50.95
CA ILE Z 175 48.59 2.11 49.61
C ILE Z 175 47.39 2.98 49.32
N TRP Z 176 46.22 2.65 49.85
CA TRP Z 176 45.05 3.46 49.58
C TRP Z 176 45.11 4.79 50.32
N TYR Z 177 45.54 4.77 51.58
CA TYR Z 177 45.58 6.01 52.35
C TYR Z 177 46.65 6.95 51.84
N ARG Z 178 47.85 6.43 51.57
CA ARG Z 178 48.87 7.31 51.01
C ARG Z 178 48.84 7.34 49.49
N ARG Z 179 47.77 6.85 48.88
CA ARG Z 179 47.54 7.04 47.46
C ARG Z 179 46.95 8.41 47.23
N THR AA 1 37.74 -71.69 44.17
CA THR AA 1 36.95 -71.61 45.38
C THR AA 1 36.17 -70.30 45.42
N TYR AA 2 34.90 -70.37 45.79
CA TYR AA 2 34.06 -69.19 45.74
C TYR AA 2 33.10 -69.20 46.91
N LYS AA 3 32.80 -68.00 47.39
CA LYS AA 3 32.01 -67.77 48.59
C LYS AA 3 31.10 -66.59 48.28
N TYR AA 4 29.93 -66.86 47.73
CA TYR AA 4 29.18 -65.73 47.21
C TYR AA 4 28.19 -65.20 48.24
N VAL AA 5 27.39 -64.22 47.82
CA VAL AA 5 26.54 -63.45 48.71
C VAL AA 5 25.10 -63.48 48.23
N ASN AA 6 24.23 -62.86 49.04
CA ASN AA 6 22.83 -62.58 48.73
C ASN AA 6 22.01 -63.83 48.43
N LEU AA 7 22.41 -64.98 48.92
CA LEU AA 7 21.60 -66.17 48.68
C LEU AA 7 20.87 -66.49 49.97
N ARG AA 8 19.65 -65.95 50.09
CA ARG AA 8 18.72 -66.27 51.15
C ARG AA 8 17.33 -65.96 50.64
N GLU AA 9 16.37 -65.98 51.55
CA GLU AA 9 15.02 -65.48 51.34
C GLU AA 9 14.57 -64.86 52.65
N PRO AA 10 13.65 -63.89 52.60
CA PRO AA 10 13.05 -63.41 53.85
C PRO AA 10 12.20 -64.51 54.47
N SER AA 11 12.53 -64.85 55.71
CA SER AA 11 11.90 -66.00 56.38
C SER AA 11 10.44 -65.72 56.66
N MET AA 12 9.58 -66.64 56.24
CA MET AA 12 8.14 -66.47 56.34
C MET AA 12 7.62 -66.67 57.76
N ASP AA 13 8.48 -67.05 58.70
CA ASP AA 13 8.06 -67.25 60.07
C ASP AA 13 7.65 -65.93 60.70
N MET AA 14 6.72 -66.01 61.65
CA MET AA 14 5.99 -64.84 62.09
C MET AA 14 6.89 -63.89 62.88
N LYS AA 15 7.82 -64.45 63.65
CA LYS AA 15 8.73 -63.63 64.43
C LYS AA 15 9.67 -62.84 63.53
N SER AA 16 10.22 -63.47 62.49
CA SER AA 16 11.17 -62.75 61.65
C SER AA 16 10.48 -61.72 60.78
N VAL AA 17 9.27 -62.01 60.30
CA VAL AA 17 8.59 -61.04 59.45
C VAL AA 17 8.07 -59.87 60.28
N THR AA 18 7.66 -60.11 61.53
CA THR AA 18 7.30 -58.95 62.34
C THR AA 18 8.53 -58.21 62.84
N ASP AA 19 9.70 -58.84 62.84
CA ASP AA 19 10.90 -58.10 63.17
C ASP AA 19 11.31 -57.17 62.04
N ARG AA 20 11.22 -57.64 60.79
CA ARG AA 20 11.47 -56.73 59.68
C ARG AA 20 10.44 -55.63 59.61
N ALA AA 21 9.18 -55.94 59.97
CA ALA AA 21 8.18 -54.89 60.04
C ALA AA 21 8.44 -53.91 61.17
N ALA AA 22 8.98 -54.39 62.28
CA ALA AA 22 9.30 -53.49 63.40
C ALA AA 22 10.44 -52.57 63.04
N GLN AA 23 11.42 -53.08 62.31
CA GLN AA 23 12.47 -52.21 61.82
C GLN AA 23 11.92 -51.22 60.79
N THR AA 24 10.96 -51.63 59.97
CA THR AA 24 10.42 -50.73 58.95
C THR AA 24 9.66 -49.58 59.61
N LEU AA 25 8.82 -49.88 60.59
CA LEU AA 25 7.98 -48.85 61.19
C LEU AA 25 8.55 -48.27 62.46
N LEU AA 26 9.76 -48.63 62.87
CA LEU AA 26 10.26 -48.11 64.13
C LEU AA 26 11.63 -47.47 64.04
N TRP AA 27 12.25 -47.41 62.86
CA TRP AA 27 13.50 -46.68 62.59
C TRP AA 27 14.62 -47.13 63.52
N THR AA 28 15.03 -48.38 63.37
CA THR AA 28 15.84 -49.00 64.41
C THR AA 28 17.32 -49.01 64.07
N GLU AA 29 17.69 -49.63 62.95
CA GLU AA 29 19.10 -49.76 62.64
C GLU AA 29 19.71 -48.44 62.18
N LEU AA 30 18.86 -47.49 61.81
CA LEU AA 30 19.29 -46.11 61.69
C LEU AA 30 19.83 -45.59 63.03
N ILE AA 31 19.10 -45.85 64.12
CA ILE AA 31 19.57 -45.46 65.44
C ILE AA 31 20.78 -46.30 65.85
N ARG AA 32 20.90 -47.53 65.35
CA ARG AA 32 22.11 -48.31 65.56
C ARG AA 32 23.32 -47.63 64.93
N GLY AA 33 23.12 -47.07 63.74
CA GLY AA 33 24.17 -46.27 63.13
C GLY AA 33 24.49 -45.02 63.94
N LEU AA 34 23.48 -44.37 64.51
CA LEU AA 34 23.73 -43.24 65.40
C LEU AA 34 24.55 -43.65 66.61
N GLY AA 35 24.31 -44.85 67.14
CA GLY AA 35 25.06 -45.31 68.28
C GLY AA 35 26.52 -45.57 67.95
N MET AA 36 26.78 -46.15 66.77
CA MET AA 36 28.17 -46.35 66.35
C MET AA 36 28.89 -45.03 66.13
N THR AA 37 28.19 -44.05 65.55
CA THR AA 37 28.84 -42.77 65.34
C THR AA 37 29.10 -42.04 66.66
N LEU AA 38 28.21 -42.17 67.63
CA LEU AA 38 28.50 -41.53 68.91
C LEU AA 38 29.63 -42.25 69.64
N SER AA 39 29.82 -43.54 69.37
CA SER AA 39 30.99 -44.21 69.92
C SER AA 39 32.26 -43.61 69.33
N TYR AA 40 32.22 -43.23 68.06
CA TYR AA 40 33.40 -42.53 67.56
C TYR AA 40 33.49 -41.09 68.01
N LEU AA 41 32.38 -40.49 68.41
CA LEU AA 41 32.44 -39.18 69.07
C LEU AA 41 33.21 -39.27 70.37
N PHE AA 42 32.91 -40.26 71.18
CA PHE AA 42 33.52 -40.33 72.49
C PHE AA 42 34.94 -40.89 72.49
N ARG AA 43 35.51 -41.22 71.35
CA ARG AA 43 36.94 -41.48 71.34
C ARG AA 43 37.71 -40.16 71.35
N GLU AA 44 39.00 -40.28 71.48
CA GLU AA 44 39.81 -39.12 71.20
C GLU AA 44 40.25 -39.15 69.76
N PRO AA 45 40.05 -38.07 69.02
CA PRO AA 45 40.43 -38.07 67.61
C PRO AA 45 41.93 -37.98 67.48
N ALA AA 46 42.43 -38.50 66.37
CA ALA AA 46 43.85 -38.55 66.08
C ALA AA 46 44.16 -37.46 65.07
N THR AA 47 44.54 -36.31 65.57
CA THR AA 47 45.12 -35.27 64.75
C THR AA 47 46.54 -35.04 65.23
N ILE AA 48 47.35 -34.44 64.39
CA ILE AA 48 48.65 -33.96 64.79
C ILE AA 48 48.62 -32.46 64.67
N ASN AA 49 49.12 -31.77 65.69
CA ASN AA 49 49.16 -30.31 65.65
C ASN AA 49 50.29 -29.92 64.73
N TYR AA 50 49.96 -29.53 63.50
CA TYR AA 50 50.94 -29.52 62.41
C TYR AA 50 52.17 -28.64 62.62
N PRO AA 51 52.06 -27.33 62.89
CA PRO AA 51 53.29 -26.52 62.82
C PRO AA 51 54.24 -26.80 63.95
N PHE AA 52 53.79 -27.54 64.97
CA PHE AA 52 54.65 -27.98 66.05
C PHE AA 52 55.01 -29.45 65.87
N GLU AA 53 54.00 -30.32 65.82
CA GLU AA 53 54.20 -31.76 65.71
C GLU AA 53 54.27 -32.13 64.24
N LYS AA 54 55.27 -32.91 63.86
CA LYS AA 54 55.40 -33.26 62.47
C LYS AA 54 55.22 -34.76 62.29
N GLY AA 55 54.47 -35.11 61.25
CA GLY AA 55 54.06 -36.47 61.00
C GLY AA 55 55.22 -37.36 60.66
N PRO AA 56 55.17 -38.61 61.11
CA PRO AA 56 56.36 -39.46 61.09
C PRO AA 56 56.72 -39.89 59.68
N LEU AA 57 57.92 -40.44 59.55
CA LEU AA 57 58.49 -40.74 58.25
C LEU AA 57 59.36 -41.97 58.35
N SER AA 58 60.20 -42.16 57.34
CA SER AA 58 61.18 -43.21 57.19
C SER AA 58 62.56 -42.57 57.15
N PRO AA 59 63.63 -43.34 57.33
CA PRO AA 59 64.96 -42.82 57.00
C PRO AA 59 65.19 -42.62 55.53
N ARG AA 60 64.33 -43.16 54.66
CA ARG AA 60 64.58 -43.14 53.23
C ARG AA 60 63.57 -42.29 52.48
N PHE AA 61 63.20 -41.15 53.04
CA PHE AA 61 62.35 -40.22 52.33
C PHE AA 61 63.11 -39.59 51.17
N ARG AA 62 62.39 -39.14 50.14
CA ARG AA 62 62.99 -38.49 48.99
C ARG AA 62 62.47 -37.06 48.85
N GLY AA 63 63.31 -36.10 49.23
CA GLY AA 63 62.99 -34.69 49.37
C GLY AA 63 63.73 -33.67 48.53
N GLU AA 64 64.80 -33.15 49.12
CA GLU AA 64 65.39 -31.84 48.86
C GLU AA 64 66.29 -31.77 47.64
N HIS AA 65 66.84 -32.90 47.17
CA HIS AA 65 67.91 -32.97 46.16
C HIS AA 65 69.16 -32.22 46.62
N ALA AA 66 69.79 -32.72 47.66
CA ALA AA 66 71.00 -32.09 48.17
C ALA AA 66 72.24 -32.78 47.65
N LEU AA 67 73.37 -32.10 47.80
CA LEU AA 67 74.67 -32.63 47.42
C LEU AA 67 75.49 -32.98 48.65
N ARG AA 68 76.53 -33.77 48.43
CA ARG AA 68 77.46 -34.11 49.48
C ARG AA 68 78.86 -33.69 49.07
N ARG AA 69 79.80 -33.86 49.98
CA ARG AA 69 81.20 -33.57 49.72
C ARG AA 69 82.06 -34.45 50.61
N TYR AA 70 83.33 -34.51 50.26
CA TYR AA 70 84.28 -35.40 50.91
C TYR AA 70 84.60 -34.90 52.33
N PRO AA 71 85.16 -35.78 53.20
CA PRO AA 71 85.57 -35.30 54.52
C PRO AA 71 86.65 -34.26 54.43
N SER AA 72 86.28 -33.00 54.74
CA SER AA 72 87.10 -31.82 54.52
C SER AA 72 87.60 -31.75 53.09
N GLY AA 73 86.74 -32.13 52.16
CA GLY AA 73 87.21 -32.31 50.82
C GLY AA 73 86.35 -31.59 49.82
N GLU AA 74 86.61 -31.87 48.56
CA GLU AA 74 86.01 -31.08 47.49
C GLU AA 74 84.67 -31.71 47.13
N GLU AA 75 84.11 -31.29 46.01
CA GLU AA 75 82.79 -31.72 45.62
C GLU AA 75 82.79 -33.18 45.22
N ARG AA 76 81.77 -33.89 45.68
CA ARG AA 76 81.76 -35.32 45.48
C ARG AA 76 81.44 -35.69 44.05
N CYS AA 77 80.81 -34.79 43.30
CA CYS AA 77 80.39 -35.10 41.94
C CYS AA 77 81.59 -35.08 41.01
N ILE AA 78 81.72 -36.16 40.25
CA ILE AA 78 82.72 -36.27 39.20
C ILE AA 78 82.23 -35.64 37.92
N ALA AA 79 80.93 -35.35 37.82
CA ALA AA 79 80.19 -35.07 36.58
C ALA AA 79 80.33 -36.24 35.62
N CYS AA 80 79.79 -37.37 36.05
CA CYS AA 80 79.83 -38.56 35.24
C CYS AA 80 78.53 -38.82 34.52
N LYS AA 81 77.63 -37.84 34.50
CA LYS AA 81 76.47 -37.76 33.62
C LYS AA 81 75.47 -38.91 33.74
N LEU AA 82 75.60 -39.77 34.75
CA LEU AA 82 74.68 -40.88 34.86
C LEU AA 82 73.31 -40.43 35.29
N CYS AA 83 73.25 -39.42 36.13
CA CYS AA 83 71.97 -38.94 36.58
C CYS AA 83 71.20 -38.28 35.45
N GLU AA 84 71.90 -37.56 34.58
CA GLU AA 84 71.19 -37.03 33.42
C GLU AA 84 70.93 -38.09 32.37
N ALA AA 85 71.71 -39.16 32.38
CA ALA AA 85 71.38 -40.25 31.48
C ALA AA 85 70.19 -41.05 31.95
N VAL AA 86 69.87 -41.03 33.24
CA VAL AA 86 68.73 -41.79 33.72
C VAL AA 86 67.52 -40.93 34.01
N CYS AA 87 67.66 -39.62 34.03
CA CYS AA 87 66.65 -38.75 34.60
C CYS AA 87 65.37 -38.77 33.79
N PRO AA 88 64.31 -39.41 34.28
CA PRO AA 88 63.18 -39.75 33.41
C PRO AA 88 62.34 -38.57 33.03
N ALA AA 89 62.64 -37.37 33.50
CA ALA AA 89 62.13 -36.19 32.84
C ALA AA 89 63.25 -35.23 32.49
N GLN AA 90 64.51 -35.69 32.53
CA GLN AA 90 65.66 -35.01 31.95
C GLN AA 90 65.90 -33.65 32.60
N ALA AA 91 65.48 -33.52 33.86
CA ALA AA 91 65.57 -32.25 34.54
C ALA AA 91 66.99 -31.92 34.95
N ILE AA 92 67.85 -32.93 35.06
CA ILE AA 92 69.26 -32.69 35.22
C ILE AA 92 69.78 -32.04 33.95
N THR AA 93 70.69 -31.10 34.11
CA THR AA 93 71.41 -30.53 32.99
C THR AA 93 72.85 -30.42 33.43
N ILE AA 94 73.74 -31.24 32.87
CA ILE AA 94 75.14 -31.23 33.26
C ILE AA 94 75.96 -30.78 32.06
N GLU AA 95 76.76 -29.75 32.29
CA GLU AA 95 77.83 -29.39 31.37
C GLU AA 95 79.12 -29.44 32.17
N ALA AA 96 80.07 -30.24 31.72
CA ALA AA 96 81.24 -30.53 32.51
C ALA AA 96 82.48 -29.91 31.90
N GLU AA 97 83.41 -29.50 32.76
CA GLU AA 97 84.73 -29.08 32.34
C GLU AA 97 85.71 -29.49 33.42
N PRO AA 98 86.97 -29.71 33.05
CA PRO AA 98 88.04 -29.74 34.04
C PRO AA 98 88.42 -28.33 34.46
N ARG AA 99 89.11 -28.26 35.58
CA ARG AA 99 89.63 -27.02 36.08
C ARG AA 99 91.14 -26.98 35.88
N ALA AA 100 91.80 -26.02 36.52
CA ALA AA 100 93.25 -25.87 36.44
C ALA AA 100 94.01 -27.00 37.13
N ASP AA 101 93.36 -27.80 37.97
CA ASP AA 101 94.06 -28.87 38.66
C ASP AA 101 94.30 -30.06 37.75
N GLY AA 102 93.24 -30.65 37.24
CA GLY AA 102 93.36 -31.84 36.42
C GLY AA 102 92.26 -32.84 36.65
N SER AA 103 91.66 -32.80 37.85
CA SER AA 103 90.54 -33.68 38.14
C SER AA 103 89.31 -33.21 37.39
N ARG AA 104 88.58 -34.15 36.81
CA ARG AA 104 87.45 -33.75 35.98
C ARG AA 104 86.28 -33.37 36.85
N ARG AA 105 85.66 -32.25 36.48
CA ARG AA 105 84.59 -31.62 37.22
C ARG AA 105 83.68 -30.99 36.20
N THR AA 106 82.95 -30.00 36.63
CA THR AA 106 81.66 -29.65 36.08
C THR AA 106 81.79 -28.31 35.37
N THR AA 107 80.69 -27.79 34.93
CA THR AA 107 80.44 -26.36 34.97
C THR AA 107 79.05 -26.06 35.48
N ARG AA 108 78.06 -26.80 35.00
CA ARG AA 108 76.67 -26.42 35.16
C ARG AA 108 75.90 -27.65 35.54
N TYR AA 109 75.33 -27.62 36.74
CA TYR AA 109 74.62 -28.76 37.27
C TYR AA 109 73.25 -28.26 37.68
N ASP AA 110 72.26 -28.41 36.83
CA ASP AA 110 70.97 -27.79 37.06
C ASP AA 110 69.90 -28.85 37.25
N ILE AA 111 69.12 -28.71 38.30
CA ILE AA 111 67.92 -29.51 38.50
C ILE AA 111 66.72 -28.61 38.27
N ASP AA 112 65.83 -29.01 37.38
CA ASP AA 112 64.53 -28.37 37.34
C ASP AA 112 63.71 -28.97 38.45
N MET AA 113 63.04 -28.15 39.23
CA MET AA 113 62.15 -28.76 40.21
C MET AA 113 60.79 -29.01 39.63
N THR AA 114 60.52 -28.45 38.46
CA THR AA 114 59.25 -28.70 37.81
C THR AA 114 59.23 -30.10 37.22
N LYS AA 115 60.23 -30.43 36.41
CA LYS AA 115 60.22 -31.72 35.76
C LYS AA 115 60.57 -32.84 36.70
N CYS AA 116 61.23 -32.56 37.81
CA CYS AA 116 61.71 -33.62 38.68
C CYS AA 116 60.55 -34.27 39.41
N ILE AA 117 60.23 -35.49 38.98
CA ILE AA 117 59.16 -36.28 39.54
C ILE AA 117 59.51 -36.90 40.91
N TYR AA 118 60.76 -36.74 41.36
CA TYR AA 118 61.29 -37.33 42.60
C TYR AA 118 61.22 -38.86 42.54
N CYS AA 119 62.06 -39.39 41.65
CA CYS AA 119 62.18 -40.84 41.53
C CYS AA 119 62.95 -41.41 42.70
N GLY AA 120 64.23 -41.05 42.77
CA GLY AA 120 65.25 -41.84 43.43
C GLY AA 120 66.23 -42.48 42.48
N PHE AA 121 65.96 -42.45 41.17
CA PHE AA 121 66.85 -43.08 40.21
C PHE AA 121 68.21 -42.42 40.18
N CYS AA 122 68.26 -41.09 40.32
CA CYS AA 122 69.55 -40.44 40.28
C CYS AA 122 70.33 -40.68 41.56
N GLN AA 123 69.66 -40.97 42.65
CA GLN AA 123 70.38 -41.42 43.82
C GLN AA 123 70.96 -42.80 43.59
N GLU AA 124 70.16 -43.72 43.04
CA GLU AA 124 70.66 -45.08 42.87
C GLU AA 124 71.72 -45.15 41.78
N ALA AA 125 71.67 -44.25 40.81
CA ALA AA 125 72.57 -44.28 39.69
C ALA AA 125 73.89 -43.64 40.00
N CYS AA 126 73.96 -42.89 41.08
CA CYS AA 126 75.16 -42.16 41.38
C CYS AA 126 76.20 -43.13 41.90
N PRO AA 127 77.38 -43.20 41.29
CA PRO AA 127 78.37 -44.15 41.75
C PRO AA 127 79.08 -43.69 43.00
N VAL AA 128 79.07 -42.39 43.29
CA VAL AA 128 79.85 -41.86 44.39
C VAL AA 128 78.98 -41.22 45.46
N ASP AA 129 77.66 -41.35 45.32
CA ASP AA 129 76.65 -40.72 46.18
C ASP AA 129 76.79 -39.20 46.19
N ALA AA 130 76.91 -38.62 45.00
CA ALA AA 130 77.04 -37.19 44.92
C ALA AA 130 75.71 -36.51 45.19
N ILE AA 131 74.73 -36.78 44.37
CA ILE AA 131 73.41 -36.22 44.63
C ILE AA 131 72.68 -37.13 45.61
N VAL AA 132 72.01 -36.55 46.59
CA VAL AA 132 71.21 -37.30 47.54
C VAL AA 132 69.88 -36.61 47.67
N GLU AA 133 68.80 -37.36 47.57
CA GLU AA 133 67.49 -36.82 47.90
C GLU AA 133 67.44 -36.46 49.37
N GLY AA 134 67.05 -35.25 49.65
CA GLY AA 134 67.23 -34.73 50.98
C GLY AA 134 66.12 -35.15 51.90
N PRO AA 135 66.23 -34.70 53.12
CA PRO AA 135 65.24 -35.09 54.12
C PRO AA 135 64.04 -34.19 54.22
N ASN AA 136 64.18 -32.91 53.94
CA ASN AA 136 63.11 -31.96 54.23
C ASN AA 136 62.45 -31.51 52.95
N PHE AA 137 61.18 -31.26 53.08
CA PHE AA 137 60.28 -31.14 51.97
C PHE AA 137 59.48 -29.87 52.18
N GLU AA 138 60.12 -28.73 52.04
CA GLU AA 138 59.42 -27.48 52.34
C GLU AA 138 60.00 -26.45 51.39
N PHE AA 139 59.31 -26.27 50.27
CA PHE AA 139 59.82 -25.50 49.16
C PHE AA 139 59.00 -24.25 48.92
N SER AA 140 57.69 -24.42 48.76
CA SER AA 140 56.64 -23.41 49.05
C SER AA 140 56.95 -22.07 48.42
N THR AA 141 57.37 -22.14 47.20
CA THR AA 141 58.11 -21.05 46.61
C THR AA 141 57.18 -20.12 45.86
N GLU AA 142 57.27 -18.85 46.17
CA GLU AA 142 56.30 -17.89 45.68
C GLU AA 142 56.51 -17.53 44.22
N THR AA 143 57.69 -17.76 43.66
CA THR AA 143 57.97 -17.39 42.28
C THR AA 143 58.59 -18.54 41.52
N HIS AA 144 58.24 -18.64 40.24
CA HIS AA 144 58.64 -19.77 39.42
C HIS AA 144 60.09 -19.66 38.99
N GLU AA 145 60.66 -18.46 39.01
CA GLU AA 145 62.10 -18.33 38.79
C GLU AA 145 62.87 -19.09 39.85
N GLU AA 146 62.38 -19.05 41.07
CA GLU AA 146 63.11 -19.50 42.23
C GLU AA 146 63.09 -21.02 42.38
N LEU AA 147 62.35 -21.73 41.53
CA LEU AA 147 62.31 -23.19 41.58
C LEU AA 147 63.23 -23.84 40.57
N LEU AA 148 64.36 -23.24 40.24
CA LEU AA 148 65.26 -23.79 39.23
C LEU AA 148 66.65 -23.80 39.85
N TYR AA 149 67.06 -24.96 40.34
CA TYR AA 149 68.26 -25.01 41.15
C TYR AA 149 69.51 -24.84 40.31
N ASN AA 150 70.45 -24.08 40.85
CA ASN AA 150 71.83 -24.07 40.37
C ASN AA 150 72.69 -24.93 41.25
N LYS AA 151 73.87 -25.25 40.73
CA LYS AA 151 74.86 -26.04 41.43
C LYS AA 151 75.31 -25.36 42.72
N GLU AA 152 75.32 -24.03 42.73
CA GLU AA 152 75.69 -23.30 43.93
C GLU AA 152 74.59 -23.37 44.97
N LYS AA 153 73.33 -23.34 44.53
CA LYS AA 153 72.22 -23.57 45.45
C LYS AA 153 72.27 -24.96 46.04
N LEU AA 154 72.65 -25.95 45.22
CA LEU AA 154 72.75 -27.31 45.70
C LEU AA 154 73.91 -27.46 46.67
N LEU AA 155 75.00 -26.76 46.45
CA LEU AA 155 76.12 -26.86 47.38
C LEU AA 155 75.81 -26.14 48.68
N ASN AA 156 75.11 -25.00 48.64
CA ASN AA 156 74.69 -24.36 49.88
C ASN AA 156 73.70 -25.23 50.62
N ASN AA 157 72.85 -25.92 49.88
CA ASN AA 157 71.86 -26.77 50.49
C ASN AA 157 72.48 -28.06 50.98
N GLY AA 158 73.61 -28.45 50.40
CA GLY AA 158 74.38 -29.51 50.97
C GLY AA 158 75.29 -29.08 52.07
N ASP AA 159 75.45 -27.78 52.27
CA ASP AA 159 76.21 -27.29 53.40
C ASP AA 159 75.36 -26.58 54.42
N LYS AA 160 74.05 -26.50 54.21
CA LYS AA 160 73.18 -26.18 55.32
C LYS AA 160 73.03 -27.38 56.24
N TRP AA 161 73.24 -28.57 55.70
CA TRP AA 161 73.39 -29.77 56.49
C TRP AA 161 74.06 -30.85 55.66
N GLU AA 162 74.88 -31.64 56.33
CA GLU AA 162 75.16 -33.00 55.93
C GLU AA 162 74.73 -33.97 57.01
N ALA AA 163 74.59 -33.50 58.25
CA ALA AA 163 74.49 -34.37 59.41
C ALA AA 163 73.24 -35.23 59.37
N GLU AA 164 72.14 -34.65 58.88
CA GLU AA 164 70.95 -35.44 58.65
C GLU AA 164 71.18 -36.49 57.57
N ILE AA 165 71.72 -36.05 56.43
CA ILE AA 165 71.97 -36.92 55.30
C ILE AA 165 72.93 -38.02 55.68
N ALA AA 166 73.98 -37.65 56.42
CA ALA AA 166 74.99 -38.60 56.85
C ALA AA 166 74.40 -39.61 57.81
N ALA AA 167 73.53 -39.16 58.70
CA ALA AA 167 72.91 -40.09 59.63
C ALA AA 167 71.96 -41.05 58.92
N ASN AA 168 71.20 -40.55 57.96
CA ASN AA 168 70.28 -41.40 57.21
C ASN AA 168 71.04 -42.44 56.39
N ILE AA 169 72.08 -42.01 55.69
CA ILE AA 169 72.84 -42.94 54.86
C ILE AA 169 73.57 -43.93 55.74
N GLN AA 170 74.21 -43.46 56.81
CA GLN AA 170 74.97 -44.33 57.70
C GLN AA 170 74.08 -45.29 58.45
N ALA AA 171 72.80 -44.98 58.58
CA ALA AA 171 71.86 -46.00 59.01
C ALA AA 171 71.53 -46.98 57.89
N ASP AA 172 71.28 -46.48 56.68
CA ASP AA 172 70.73 -47.34 55.65
C ASP AA 172 71.58 -47.34 54.39
N TYR AA 173 72.89 -47.49 54.57
CA TYR AA 173 73.74 -47.86 53.46
C TYR AA 173 73.86 -49.36 53.35
N LEU AA 174 73.10 -50.10 54.14
CA LEU AA 174 73.15 -51.55 54.08
C LEU AA 174 72.01 -52.17 53.30
N TYR AA 175 70.87 -51.51 53.20
CA TYR AA 175 69.82 -52.05 52.37
C TYR AA 175 70.19 -51.85 50.91
N ARG AA 176 70.19 -50.61 50.46
CA ARG AA 176 70.75 -50.31 49.16
C ARG AA 176 72.23 -50.12 49.37
N ASN BA 35 139.11 -93.47 32.16
CA ASN BA 35 140.17 -92.59 32.68
C ASN BA 35 139.55 -91.57 33.64
N THR BA 36 140.01 -91.59 34.89
CA THR BA 36 139.33 -90.95 36.01
C THR BA 36 139.95 -89.60 36.38
N THR BA 37 140.49 -88.87 35.42
CA THR BA 37 141.10 -87.58 35.68
C THR BA 37 140.38 -86.53 34.82
N TYR BA 38 140.22 -85.34 35.38
CA TYR BA 38 139.52 -84.25 34.73
C TYR BA 38 140.34 -83.76 33.55
N LYS BA 39 140.00 -84.22 32.35
CA LYS BA 39 140.77 -83.89 31.16
C LYS BA 39 140.60 -82.44 30.72
N ASN BA 40 139.60 -81.75 31.23
CA ASN BA 40 139.37 -80.33 31.01
C ASN BA 40 140.29 -79.51 31.92
N LEU BA 41 139.89 -78.26 32.18
CA LEU BA 41 140.61 -77.02 32.59
C LEU BA 41 141.11 -76.35 31.31
N GLN BA 42 140.86 -76.95 30.15
CA GLN BA 42 141.00 -76.24 28.90
C GLN BA 42 139.95 -75.14 28.77
N HIS BA 43 138.84 -75.26 29.51
CA HIS BA 43 137.85 -74.19 29.60
C HIS BA 43 138.28 -73.08 30.55
N HIS BA 44 139.25 -73.34 31.41
CA HIS BA 44 139.44 -72.51 32.59
C HIS BA 44 140.04 -71.15 32.24
N ASP BA 45 140.84 -71.10 31.20
CA ASP BA 45 141.55 -69.88 30.82
C ASP BA 45 140.70 -68.86 30.10
N TYR BA 46 139.39 -69.10 29.96
CA TYR BA 46 138.58 -68.32 29.01
C TYR BA 46 138.32 -66.91 29.52
N SER BA 47 138.89 -65.94 28.83
CA SER BA 47 138.64 -64.53 29.11
C SER BA 47 137.27 -64.11 28.59
N THR BA 48 136.82 -62.95 29.05
CA THR BA 48 135.48 -62.42 28.74
C THR BA 48 135.37 -61.82 27.36
N TYR BA 49 136.41 -61.92 26.54
CA TYR BA 49 136.37 -61.44 25.17
C TYR BA 49 136.50 -62.58 24.17
N THR BA 50 136.69 -63.81 24.66
CA THR BA 50 137.18 -64.90 23.81
C THR BA 50 136.14 -65.40 22.82
N PHE BA 51 134.86 -65.28 23.18
CA PHE BA 51 133.80 -65.70 22.26
C PHE BA 51 133.81 -64.84 21.01
N LEU BA 52 133.85 -63.53 21.19
CA LEU BA 52 134.01 -62.63 20.06
C LEU BA 52 135.40 -62.73 19.44
N ASP BA 53 136.41 -63.17 20.21
CA ASP BA 53 137.73 -63.38 19.60
C ASP BA 53 137.72 -64.56 18.64
N LEU BA 54 137.03 -65.62 19.01
CA LEU BA 54 136.99 -66.79 18.17
C LEU BA 54 136.12 -66.54 16.96
N ASN BA 55 134.99 -65.84 17.16
CA ASN BA 55 134.15 -65.41 16.05
C ASN BA 55 134.90 -64.44 15.14
N LEU BA 56 135.76 -63.62 15.73
CA LEU BA 56 136.59 -62.68 14.98
C LEU BA 56 137.55 -63.42 14.06
N ASP BA 57 138.30 -64.36 14.61
CA ASP BA 57 139.35 -65.00 13.85
C ASP BA 57 138.84 -66.09 12.91
N LEU BA 58 137.64 -66.62 13.14
CA LEU BA 58 137.10 -67.68 12.29
C LEU BA 58 136.20 -67.13 11.19
N SER BA 59 136.41 -65.89 10.80
CA SER BA 59 135.61 -65.21 9.80
C SER BA 59 136.09 -65.42 8.38
N LYS BA 60 136.98 -66.39 8.13
CA LYS BA 60 137.25 -66.73 6.75
C LYS BA 60 136.35 -67.88 6.32
N PHE BA 61 136.43 -68.24 5.04
CA PHE BA 61 135.42 -69.00 4.27
C PHE BA 61 133.99 -68.67 4.66
N ARG BA 62 133.61 -67.42 4.45
CA ARG BA 62 132.25 -66.94 4.67
C ARG BA 62 131.60 -66.80 3.29
N MET BA 63 130.95 -67.89 2.87
CA MET BA 63 130.20 -67.89 1.62
C MET BA 63 128.98 -66.98 1.77
N PRO BA 64 128.46 -66.39 0.66
CA PRO BA 64 127.98 -65.00 0.74
C PRO BA 64 126.74 -64.69 1.57
N GLN BA 65 126.18 -65.65 2.32
CA GLN BA 65 125.03 -65.48 3.21
C GLN BA 65 123.86 -64.88 2.46
N PRO BA 66 123.13 -65.68 1.67
CA PRO BA 66 122.58 -65.24 0.37
C PRO BA 66 121.65 -64.05 0.44
N SER BA 67 121.94 -63.06 -0.39
CA SER BA 67 121.24 -61.78 -0.41
C SER BA 67 119.83 -61.95 -0.95
N SER BA 68 119.03 -60.89 -0.79
CA SER BA 68 117.65 -60.92 -1.31
C SER BA 68 117.16 -59.49 -1.55
N GLY BA 69 117.21 -59.07 -2.81
CA GLY BA 69 116.61 -57.82 -3.25
C GLY BA 69 117.26 -56.61 -2.61
N ARG BA 70 116.53 -55.99 -1.69
CA ARG BA 70 117.10 -54.88 -0.93
C ARG BA 70 118.10 -55.40 0.09
N GLU BA 71 118.95 -54.48 0.54
CA GLU BA 71 120.00 -54.80 1.49
C GLU BA 71 119.48 -54.96 2.92
N SER BA 72 118.21 -54.64 3.15
CA SER BA 72 117.65 -54.41 4.48
C SER BA 72 116.13 -54.32 4.31
N PRO BA 73 115.34 -54.58 5.41
CA PRO BA 73 113.87 -54.59 5.23
C PRO BA 73 113.29 -53.25 4.84
N ARG BA 74 113.75 -52.20 5.52
CA ARG BA 74 113.61 -50.84 5.04
C ARG BA 74 114.99 -50.42 4.54
N HIS BA 75 115.02 -49.85 3.35
CA HIS BA 75 116.29 -49.73 2.65
C HIS BA 75 116.86 -48.33 2.64
N GLY CA 1 87.26 -16.30 49.61
CA GLY CA 1 88.27 -15.81 48.70
C GLY CA 1 87.74 -15.33 47.36
N VAL CA 2 86.63 -14.60 47.40
CA VAL CA 2 85.97 -14.15 46.18
C VAL CA 2 86.69 -12.91 45.66
N ARG CA 3 86.60 -12.72 44.36
CA ARG CA 3 87.02 -11.50 43.71
C ARG CA 3 85.85 -10.53 43.63
N THR CA 4 86.18 -9.24 43.62
CA THR CA 4 85.24 -8.20 43.24
C THR CA 4 85.70 -7.73 41.88
N SER CA 5 84.99 -8.17 40.84
CA SER CA 5 85.22 -7.66 39.51
C SER CA 5 84.81 -6.19 39.45
N PRO CA 6 85.35 -5.42 38.50
CA PRO CA 6 84.94 -4.01 38.36
C PRO CA 6 83.47 -3.80 38.00
N THR CA 7 82.73 -4.85 37.61
CA THR CA 7 81.28 -4.77 37.62
C THR CA 7 80.76 -4.49 39.03
N GLY CA 8 81.36 -5.13 40.04
CA GLY CA 8 81.17 -4.72 41.41
C GLY CA 8 80.60 -5.73 42.38
N GLU CA 9 80.51 -7.00 42.01
CA GLU CA 9 79.79 -7.97 42.83
C GLU CA 9 80.62 -9.22 43.07
N LYS CA 10 79.99 -10.19 43.72
CA LYS CA 10 80.63 -11.45 44.06
C LYS CA 10 80.92 -12.26 42.80
N VAL CA 11 81.97 -13.06 42.84
CA VAL CA 11 82.26 -14.03 41.80
C VAL CA 11 82.20 -15.42 42.41
N THR CA 12 82.23 -16.43 41.56
CA THR CA 12 82.09 -17.82 41.98
C THR CA 12 83.37 -18.58 41.68
N HIS CA 13 83.33 -19.90 41.91
CA HIS CA 13 84.44 -20.78 41.56
C HIS CA 13 84.33 -21.32 40.15
N THR CA 14 83.69 -20.55 39.27
CA THR CA 14 83.73 -20.75 37.83
C THR CA 14 83.84 -19.36 37.22
N GLY CA 15 84.62 -19.26 36.14
CA GLY CA 15 84.86 -17.97 35.53
C GLY CA 15 83.67 -17.49 34.73
N GLN CA 16 82.63 -17.05 35.44
CA GLN CA 16 81.34 -16.76 34.83
C GLN CA 16 80.82 -15.37 35.14
N VAL CA 17 81.64 -14.49 35.73
CA VAL CA 17 81.17 -13.18 36.14
C VAL CA 17 80.98 -12.30 34.91
N TYR CA 18 80.18 -11.25 35.07
CA TYR CA 18 79.48 -10.57 34.00
C TYR CA 18 80.30 -9.44 33.37
N ASP CA 19 79.74 -8.84 32.33
CA ASP CA 19 80.23 -7.60 31.77
C ASP CA 19 79.38 -6.44 32.28
N ASP CA 20 79.86 -5.22 32.04
CA ASP CA 20 79.08 -4.04 32.43
C ASP CA 20 77.85 -3.84 31.56
N GLU CA 21 77.84 -4.41 30.36
CA GLU CA 21 76.83 -4.15 29.35
C GLU CA 21 75.64 -5.11 29.47
N ASP CA 22 75.39 -5.64 30.66
CA ASP CA 22 74.48 -6.75 30.81
C ASP CA 22 73.19 -6.31 31.48
N TYR CA 23 72.11 -6.96 31.08
CA TYR CA 23 70.82 -6.84 31.73
C TYR CA 23 70.67 -7.81 32.89
N ARG CA 24 71.54 -8.80 32.99
CA ARG CA 24 71.38 -9.82 34.01
C ARG CA 24 71.84 -9.33 35.36
N ARG CA 25 72.77 -8.39 35.37
CA ARG CA 25 73.13 -7.71 36.60
C ARG CA 25 71.95 -6.95 37.17
N VAL CA 26 71.16 -6.31 36.31
CA VAL CA 26 70.03 -5.55 36.83
C VAL CA 26 68.85 -6.48 37.09
N ARG CA 27 68.85 -7.70 36.54
CA ARG CA 27 67.85 -8.61 37.06
C ARG CA 27 68.28 -9.26 38.37
N PHE CA 28 69.53 -9.05 38.79
CA PHE CA 28 69.87 -9.36 40.17
C PHE CA 28 69.50 -8.29 41.17
N VAL CA 29 68.77 -7.24 40.78
CA VAL CA 29 68.45 -6.17 41.70
C VAL CA 29 67.41 -6.62 42.71
N GLY CA 30 67.74 -6.47 43.99
CA GLY CA 30 66.82 -6.72 45.05
C GLY CA 30 66.97 -8.07 45.72
N ARG CA 31 67.65 -9.01 45.09
CA ARG CA 31 67.82 -10.34 45.62
C ARG CA 31 69.26 -10.76 45.44
N GLN CA 32 69.88 -11.28 46.50
CA GLN CA 32 71.31 -11.49 46.48
C GLN CA 32 71.70 -12.74 45.73
N LYS CA 33 72.78 -12.63 44.97
CA LYS CA 33 73.40 -13.75 44.30
C LYS CA 33 74.06 -14.63 45.35
N GLU CA 34 73.35 -15.64 45.83
CA GLU CA 34 73.92 -16.53 46.84
C GLU CA 34 74.88 -17.49 46.18
N VAL CA 35 75.96 -17.81 46.89
CA VAL CA 35 77.03 -18.65 46.38
C VAL CA 35 77.75 -19.26 47.57
N ASN CA 36 78.22 -20.49 47.41
CA ASN CA 36 79.02 -21.11 48.45
C ASN CA 36 80.36 -20.40 48.52
N GLU CA 37 80.66 -19.83 49.69
CA GLU CA 37 81.96 -19.21 49.94
C GLU CA 37 82.87 -20.13 50.72
N ASN CA 38 82.82 -21.42 50.39
CA ASN CA 38 83.83 -22.38 50.82
C ASN CA 38 84.26 -23.05 49.52
N PHE CA 39 85.28 -22.49 48.89
CA PHE CA 39 85.64 -22.87 47.53
C PHE CA 39 86.32 -24.23 47.50
N ALA CA 40 86.73 -24.63 46.30
CA ALA CA 40 87.14 -26.00 46.05
C ALA CA 40 88.65 -26.18 46.09
N ILE CA 41 89.38 -25.36 45.33
CA ILE CA 41 90.82 -25.58 45.13
C ILE CA 41 91.58 -25.28 46.41
N ASP CA 42 91.03 -24.42 47.26
CA ASP CA 42 91.66 -24.10 48.52
C ASP CA 42 91.58 -25.25 49.52
N LEU CA 43 90.69 -26.21 49.31
CA LEU CA 43 90.66 -27.41 50.15
C LEU CA 43 91.58 -28.50 49.62
N ILE CA 44 92.61 -28.13 48.88
CA ILE CA 44 93.68 -29.03 48.53
C ILE CA 44 94.91 -28.79 49.40
N ALA CA 45 95.21 -27.51 49.68
CA ALA CA 45 96.32 -27.17 50.56
C ALA CA 45 96.04 -27.56 52.01
N GLU CA 46 94.78 -27.70 52.40
CA GLU CA 46 94.46 -28.11 53.76
C GLU CA 46 94.77 -29.58 53.97
N GLN CA 47 94.80 -30.36 52.91
CA GLN CA 47 95.06 -31.78 53.03
C GLN CA 47 96.57 -32.02 52.99
N PRO CA 48 97.13 -32.69 53.99
CA PRO CA 48 98.56 -33.00 53.94
C PRO CA 48 98.85 -34.13 52.96
N VAL CA 49 100.06 -34.10 52.40
CA VAL CA 49 100.52 -35.12 51.47
C VAL CA 49 101.08 -36.28 52.28
N SER CA 50 100.32 -37.37 52.38
CA SER CA 50 100.76 -38.50 53.18
C SER CA 50 101.89 -39.23 52.50
N GLN CA 51 102.72 -39.88 53.31
CA GLN CA 51 103.92 -40.55 52.83
C GLN CA 51 103.89 -42.00 53.30
N VAL CA 52 103.59 -42.90 52.37
CA VAL CA 52 103.43 -44.32 52.67
C VAL CA 52 104.73 -45.02 52.28
N GLY CA 53 105.16 -46.00 53.07
CA GLY CA 53 106.37 -46.72 52.75
C GLY CA 53 106.26 -47.70 51.60
N SER CA 54 105.06 -47.92 51.07
CA SER CA 54 104.85 -48.87 49.98
C SER CA 54 105.05 -48.20 48.63
N ARG CA 55 104.70 -48.90 47.55
CA ARG CA 55 104.95 -48.44 46.19
C ARG CA 55 103.68 -48.29 45.37
N VAL CA 56 102.80 -49.27 45.37
CA VAL CA 56 101.60 -49.27 44.54
C VAL CA 56 100.42 -49.35 45.50
N ILE CA 57 99.84 -48.20 45.83
CA ILE CA 57 99.02 -48.13 47.04
C ILE CA 57 97.59 -47.80 46.74
N SER CA 58 96.79 -47.68 47.80
CA SER CA 58 95.35 -47.77 47.78
C SER CA 58 94.70 -46.43 48.03
N CYS CA 59 93.48 -46.26 47.49
CA CYS CA 59 92.65 -45.14 47.90
C CYS CA 59 91.20 -45.58 47.89
N ASP CA 60 90.52 -45.29 49.00
CA ASP CA 60 89.15 -45.69 49.23
C ASP CA 60 88.23 -44.51 49.47
N GLY CA 61 88.55 -43.66 50.43
CA GLY CA 61 87.81 -42.44 50.63
C GLY CA 61 87.16 -42.26 51.98
N GLY CA 62 87.64 -42.99 52.99
CA GLY CA 62 87.09 -42.80 54.31
C GLY CA 62 85.73 -43.47 54.49
N GLY CA 63 85.71 -44.80 54.40
CA GLY CA 63 84.50 -45.54 54.66
C GLY CA 63 84.28 -46.66 53.67
N GLY CA 64 84.12 -47.88 54.17
CA GLY CA 64 83.75 -48.98 53.31
C GLY CA 64 82.32 -48.82 52.85
N ALA CA 65 82.11 -48.81 51.53
CA ALA CA 65 80.83 -48.51 50.87
C ALA CA 65 80.27 -47.16 51.27
N LEU CA 66 81.14 -46.18 51.50
CA LEU CA 66 80.75 -44.79 51.71
C LEU CA 66 81.78 -43.93 50.99
N GLY CA 67 81.48 -43.59 49.73
CA GLY CA 67 82.40 -42.74 48.99
C GLY CA 67 82.58 -43.08 47.54
N HIS CA 68 83.81 -43.09 47.08
CA HIS CA 68 84.18 -43.42 45.72
C HIS CA 68 84.84 -44.78 45.70
N PRO CA 69 84.79 -45.53 44.59
CA PRO CA 69 85.26 -46.91 44.61
C PRO CA 69 86.78 -46.99 44.74
N ARG CA 70 87.26 -48.22 44.97
CA ARG CA 70 88.68 -48.44 45.18
C ARG CA 70 89.48 -48.07 43.95
N VAL CA 71 90.60 -47.42 44.15
CA VAL CA 71 91.50 -47.25 43.03
C VAL CA 71 92.93 -47.35 43.54
N TYR CA 72 93.73 -48.11 42.81
CA TYR CA 72 95.11 -48.34 43.20
C TYR CA 72 95.98 -47.48 42.32
N ILE CA 73 96.75 -46.60 42.93
CA ILE CA 73 97.59 -45.70 42.19
C ILE CA 73 99.05 -45.99 42.48
N ASN CA 74 99.88 -45.65 41.50
CA ASN CA 74 101.31 -45.95 41.47
C ASN CA 74 102.10 -44.73 41.89
N LEU CA 75 103.36 -44.95 42.29
CA LEU CA 75 104.23 -43.87 42.76
C LEU CA 75 105.54 -43.82 42.00
N ASP CA 76 105.53 -44.16 40.71
CA ASP CA 76 106.77 -44.23 39.94
C ASP CA 76 107.33 -42.85 39.61
N LYS CA 77 106.47 -41.86 39.43
CA LYS CA 77 106.89 -40.49 39.19
C LYS CA 77 107.60 -40.00 40.45
N GLU CA 78 108.93 -39.91 40.40
CA GLU CA 78 109.74 -39.85 41.62
C GLU CA 78 109.51 -38.58 42.42
N THR CA 79 109.21 -37.48 41.73
CA THR CA 79 108.97 -36.21 42.38
C THR CA 79 107.53 -35.79 42.36
N LYS CA 80 106.68 -36.48 41.59
CA LYS CA 80 105.28 -36.11 41.48
C LYS CA 80 104.42 -37.06 42.29
N THR CA 81 103.59 -36.50 43.16
CA THR CA 81 102.72 -37.28 44.01
C THR CA 81 101.62 -37.93 43.20
N GLY CA 82 101.22 -39.13 43.61
CA GLY CA 82 100.09 -39.78 42.99
C GLY CA 82 98.80 -39.07 43.36
N THR CA 83 97.90 -38.98 42.40
CA THR CA 83 96.66 -38.24 42.60
C THR CA 83 95.48 -39.08 42.16
N CYS CA 84 94.64 -39.43 43.12
CA CYS CA 84 93.38 -40.09 42.82
C CYS CA 84 92.48 -39.14 42.07
N GLY CA 85 91.91 -39.63 40.97
CA GLY CA 85 90.98 -38.81 40.21
C GLY CA 85 89.69 -38.57 40.96
N TYR CA 86 89.34 -39.49 41.84
CA TYR CA 86 88.13 -39.33 42.62
C TYR CA 86 88.38 -38.50 43.87
N CYS CA 87 89.33 -38.92 44.71
CA CYS CA 87 89.60 -38.25 45.98
C CYS CA 87 90.04 -36.82 45.78
N GLY CA 88 91.20 -36.64 45.15
CA GLY CA 88 91.86 -35.35 45.14
C GLY CA 88 92.93 -35.20 46.18
N LEU CA 89 93.35 -36.28 46.82
CA LEU CA 89 94.37 -36.21 47.85
C LEU CA 89 95.57 -37.08 47.48
N GLN CA 90 96.73 -36.69 47.99
CA GLN CA 90 98.01 -37.07 47.42
C GLN CA 90 98.72 -38.08 48.28
N PHE CA 91 99.80 -38.64 47.72
CA PHE CA 91 100.51 -39.76 48.32
C PHE CA 91 101.98 -39.65 47.96
N ARG CA 92 102.84 -40.20 48.82
CA ARG CA 92 104.26 -40.27 48.52
C ARG CA 92 104.83 -41.61 48.95
N GLN CA 93 106.08 -41.85 48.55
CA GLN CA 93 106.76 -43.11 48.82
C GLN CA 93 108.01 -42.88 49.66
N GLN CA 94 108.25 -43.79 50.60
CA GLN CA 94 109.38 -43.69 51.53
C GLN CA 94 110.16 -44.99 51.49
N HIS CA 95 111.33 -44.94 50.88
CA HIS CA 95 112.22 -46.09 50.79
C HIS CA 95 113.05 -46.27 52.05
N THR DA 8 34.92 -54.53 -2.98
CA THR DA 8 34.86 -55.89 -3.51
C THR DA 8 34.98 -55.80 -5.03
N GLN DA 9 36.22 -55.90 -5.51
CA GLN DA 9 36.60 -55.66 -6.91
C GLN DA 9 36.12 -54.28 -7.39
N LEU DA 10 36.50 -53.28 -6.63
CA LEU DA 10 36.12 -51.90 -6.88
C LEU DA 10 37.20 -51.15 -7.67
N ILE DA 11 37.10 -49.82 -7.64
CA ILE DA 11 37.51 -48.82 -8.64
C ILE DA 11 38.93 -48.95 -9.16
N THR DA 12 39.81 -49.57 -8.38
CA THR DA 12 41.24 -49.30 -8.27
C THR DA 12 41.98 -48.78 -9.50
N VAL DA 13 42.65 -47.65 -9.33
CA VAL DA 13 43.29 -46.92 -10.41
C VAL DA 13 44.77 -46.74 -10.05
N ASP DA 14 45.65 -47.06 -10.99
CA ASP DA 14 47.08 -47.15 -10.71
C ASP DA 14 47.71 -45.76 -10.82
N GLU DA 15 47.88 -45.08 -9.68
CA GLU DA 15 48.40 -43.72 -9.66
C GLU DA 15 49.32 -43.56 -8.45
N LYS DA 16 49.62 -42.30 -8.12
CA LYS DA 16 50.53 -41.87 -7.07
C LYS DA 16 49.77 -41.64 -5.76
N LEU DA 17 50.43 -41.09 -4.74
CA LEU DA 17 49.79 -40.82 -3.45
C LEU DA 17 50.12 -39.42 -2.94
N ASP DA 18 49.16 -38.87 -2.19
CA ASP DA 18 49.15 -37.45 -1.82
C ASP DA 18 48.76 -37.25 -0.35
N ILE DA 19 49.42 -37.95 0.56
CA ILE DA 19 48.97 -38.03 1.95
C ILE DA 19 49.25 -36.75 2.74
N THR DA 20 50.08 -35.86 2.19
CA THR DA 20 50.49 -34.65 2.87
C THR DA 20 49.37 -33.65 3.08
N THR DA 21 48.25 -33.80 2.38
CA THR DA 21 47.07 -32.98 2.65
C THR DA 21 46.20 -33.61 3.72
N LEU DA 22 46.68 -34.61 4.38
CA LEU DA 22 45.97 -35.31 5.43
C LEU DA 22 46.74 -35.40 6.73
N THR DA 23 48.07 -35.53 6.67
CA THR DA 23 48.74 -35.74 7.95
C THR DA 23 48.87 -34.48 8.80
N GLY DA 24 48.42 -33.31 8.33
CA GLY DA 24 48.12 -32.17 9.19
C GLY DA 24 49.28 -31.28 9.57
N VAL DA 25 50.51 -31.68 9.30
CA VAL DA 25 51.65 -30.81 9.57
C VAL DA 25 51.64 -29.64 8.60
N PRO DA 26 51.86 -28.40 9.06
CA PRO DA 26 51.64 -27.24 8.19
C PRO DA 26 52.65 -27.10 7.06
N GLU DA 27 52.24 -26.29 6.07
CA GLU DA 27 52.92 -26.29 4.78
C GLU DA 27 54.26 -25.59 4.82
N GLU DA 28 54.46 -24.71 5.81
CA GLU DA 28 55.78 -24.17 6.10
C GLU DA 28 56.77 -25.31 6.31
N HIS DA 29 56.40 -26.23 7.19
CA HIS DA 29 57.21 -27.41 7.47
C HIS DA 29 57.19 -28.40 6.32
N ILE DA 30 56.17 -28.35 5.47
CA ILE DA 30 56.14 -29.24 4.31
C ILE DA 30 57.20 -28.83 3.30
N LYS DA 31 57.08 -27.64 2.75
CA LYS DA 31 57.92 -27.30 1.62
C LYS DA 31 59.30 -26.79 2.04
N THR DA 32 59.46 -26.26 3.25
CA THR DA 32 60.74 -25.67 3.55
C THR DA 32 61.72 -26.70 4.10
N ARG DA 33 61.26 -27.59 4.98
CA ARG DA 33 62.16 -28.55 5.61
C ARG DA 33 62.50 -29.68 4.65
N LYS DA 34 63.67 -30.27 4.86
CA LYS DA 34 64.29 -31.18 3.90
C LYS DA 34 64.71 -32.46 4.58
N ALA DA 35 64.39 -33.59 3.97
CA ALA DA 35 64.72 -34.87 4.58
C ALA DA 35 66.02 -35.43 4.01
N ARG DA 36 66.62 -36.32 4.77
CA ARG DA 36 67.84 -36.99 4.33
C ARG DA 36 67.78 -38.45 4.74
N ILE DA 37 68.12 -39.33 3.80
CA ILE DA 37 68.08 -40.77 4.03
C ILE DA 37 69.50 -41.29 3.97
N PHE DA 38 69.95 -41.92 5.03
CA PHE DA 38 71.27 -42.50 5.01
C PHE DA 38 71.36 -43.65 5.97
N VAL DA 39 72.21 -44.60 5.63
CA VAL DA 39 72.66 -45.55 6.64
C VAL DA 39 73.58 -44.82 7.60
N PRO DA 40 73.34 -44.86 8.91
CA PRO DA 40 74.22 -44.15 9.83
C PRO DA 40 75.56 -44.85 9.94
N ALA DA 41 76.62 -44.03 9.90
CA ALA DA 41 77.97 -44.56 9.83
C ALA DA 41 78.33 -45.26 11.13
N ARG DA 42 79.31 -46.15 11.04
CA ARG DA 42 79.84 -46.75 12.25
C ARG DA 42 80.54 -45.67 13.06
N ASN DA 43 80.13 -45.52 14.30
CA ASN DA 43 80.77 -44.54 15.17
C ASN DA 43 82.17 -45.03 15.45
N ASN DA 44 83.16 -44.31 14.91
CA ASN DA 44 84.43 -44.90 14.51
C ASN DA 44 85.24 -45.46 15.68
N MET DA 45 84.98 -45.03 16.90
CA MET DA 45 85.82 -45.46 18.01
C MET DA 45 85.57 -46.93 18.35
N GLN DA 46 84.32 -47.33 18.48
CA GLN DA 46 84.07 -48.75 18.45
C GLN DA 46 84.17 -49.24 17.02
N SER DA 47 84.40 -50.53 16.86
CA SER DA 47 84.40 -51.12 15.52
C SER DA 47 83.42 -52.28 15.52
N GLY DA 48 82.15 -51.97 15.35
CA GLY DA 48 81.12 -52.99 15.28
C GLY DA 48 79.95 -52.46 14.49
N VAL DA 49 79.44 -53.26 13.55
CA VAL DA 49 78.52 -52.69 12.59
C VAL DA 49 77.11 -53.29 12.72
N ASN DA 50 76.69 -53.57 13.96
CA ASN DA 50 75.26 -53.78 14.18
C ASN DA 50 74.47 -52.48 14.03
N ASN DA 51 75.14 -51.35 14.19
CA ASN DA 51 74.49 -50.06 14.04
C ASN DA 51 74.26 -49.71 12.57
N THR DA 52 74.75 -50.54 11.66
CA THR DA 52 74.52 -50.46 10.23
C THR DA 52 73.17 -51.16 9.95
N LYS DA 53 72.94 -51.59 8.71
CA LYS DA 53 71.82 -52.43 8.25
C LYS DA 53 70.48 -51.71 8.33
N LYS DA 54 70.47 -50.42 8.65
CA LYS DA 54 69.25 -49.65 8.74
C LYS DA 54 69.42 -48.34 7.99
N TRP DA 55 68.30 -47.81 7.54
CA TRP DA 55 68.25 -46.62 6.71
C TRP DA 55 67.50 -45.55 7.49
N LYS DA 56 68.22 -44.70 8.18
CA LYS DA 56 67.55 -43.68 8.96
C LYS DA 56 67.14 -42.53 8.06
N MET DA 57 65.92 -42.07 8.28
CA MET DA 57 65.44 -40.81 7.73
C MET DA 57 65.51 -39.77 8.83
N GLU DA 58 66.20 -38.67 8.55
CA GLU DA 58 66.36 -37.56 9.48
C GLU DA 58 65.94 -36.28 8.80
N PHE DA 59 65.78 -35.23 9.60
CA PHE DA 59 65.63 -33.89 9.05
C PHE DA 59 66.84 -33.07 9.38
N ASP DA 60 67.13 -32.10 8.52
CA ASP DA 60 68.27 -31.21 8.68
C ASP DA 60 68.07 -30.28 9.88
N THR DA 61 69.17 -29.86 10.47
CA THR DA 61 69.08 -29.09 11.70
C THR DA 61 68.79 -27.63 11.41
N ARG DA 62 68.30 -26.92 12.43
CA ARG DA 62 67.95 -25.52 12.33
C ARG DA 62 68.39 -24.82 13.61
N GLU DA 63 67.88 -23.61 13.82
CA GLU DA 63 68.44 -22.71 14.81
C GLU DA 63 68.15 -23.17 16.23
N ARG DA 64 69.13 -23.01 17.11
CA ARG DA 64 69.03 -23.39 18.52
C ARG DA 64 69.75 -22.29 19.29
N TRP DA 65 68.99 -21.31 19.76
CA TRP DA 65 69.55 -20.20 20.51
C TRP DA 65 69.83 -20.55 21.95
N GLU DA 66 69.98 -19.55 22.79
CA GLU DA 66 70.23 -19.74 24.21
C GLU DA 66 68.97 -19.46 24.99
N ASN DA 67 68.63 -20.34 25.91
CA ASN DA 67 67.50 -20.01 26.76
C ASN DA 67 68.01 -19.04 27.82
N PRO DA 68 67.50 -17.80 27.86
CA PRO DA 68 68.21 -16.73 28.58
C PRO DA 68 68.01 -16.73 30.08
N LEU DA 69 67.64 -17.85 30.66
CA LEU DA 69 67.49 -17.86 32.10
C LEU DA 69 68.32 -18.99 32.68
N MET DA 70 68.56 -20.02 31.89
CA MET DA 70 69.24 -21.20 32.37
C MET DA 70 70.42 -21.62 31.53
N GLY DA 71 70.56 -21.11 30.31
CA GLY DA 71 71.61 -21.60 29.45
C GLY DA 71 71.26 -22.92 28.83
N TRP DA 72 70.09 -22.98 28.22
CA TRP DA 72 69.62 -24.16 27.51
C TRP DA 72 69.45 -23.81 26.04
N ALA DA 73 69.25 -24.83 25.23
CA ALA DA 73 69.09 -24.66 23.79
C ALA DA 73 67.65 -24.97 23.42
N SER DA 74 66.81 -23.94 23.47
CA SER DA 74 65.45 -24.10 22.97
C SER DA 74 65.46 -24.13 21.45
N THR DA 75 64.34 -24.53 20.87
CA THR DA 75 64.18 -24.49 19.43
C THR DA 75 62.70 -24.34 19.07
N ALA DA 76 62.47 -23.71 17.93
CA ALA DA 76 61.14 -23.71 17.32
C ALA DA 76 61.05 -24.76 16.22
N ASP DA 77 61.42 -25.99 16.56
CA ASP DA 77 61.45 -27.08 15.58
C ASP DA 77 60.84 -28.30 16.23
N PRO DA 78 59.55 -28.54 16.01
CA PRO DA 78 58.94 -29.78 16.49
C PRO DA 78 59.46 -30.99 15.77
N LEU DA 79 59.91 -30.85 14.53
CA LEU DA 79 60.40 -31.97 13.75
C LEU DA 79 61.87 -32.24 13.97
N SER DA 80 62.50 -31.56 14.95
CA SER DA 80 63.94 -31.63 15.11
C SER DA 80 64.40 -32.99 15.59
N ASN DA 81 63.55 -33.71 16.31
CA ASN DA 81 63.98 -35.00 16.82
C ASN DA 81 63.15 -36.12 16.26
N LEU DA 82 62.91 -36.09 14.95
CA LEU DA 82 62.42 -37.26 14.25
C LEU DA 82 63.61 -38.13 13.83
N VAL DA 83 63.39 -39.43 13.88
CA VAL DA 83 64.25 -40.37 13.18
C VAL DA 83 63.38 -41.57 12.82
N LEU DA 84 63.59 -42.11 11.63
CA LEU DA 84 62.76 -43.22 11.18
C LEU DA 84 63.68 -44.27 10.55
N THR DA 85 63.92 -45.35 11.28
CA THR DA 85 64.88 -46.37 10.85
C THR DA 85 64.18 -47.37 9.95
N PHE DA 86 64.67 -47.52 8.73
CA PHE DA 86 64.04 -48.34 7.71
C PHE DA 86 64.97 -49.48 7.33
N SER DA 87 64.52 -50.30 6.38
CA SER DA 87 65.25 -51.49 6.02
C SER DA 87 65.64 -51.56 4.55
N THR DA 88 65.01 -50.78 3.68
CA THR DA 88 65.45 -50.73 2.30
C THR DA 88 65.25 -49.33 1.75
N LYS DA 89 66.13 -48.98 0.81
CA LYS DA 89 66.15 -47.63 0.25
C LYS DA 89 64.88 -47.34 -0.53
N GLU DA 90 64.31 -48.38 -1.14
CA GLU DA 90 63.12 -48.25 -1.95
C GLU DA 90 61.93 -47.81 -1.12
N ASP DA 91 61.71 -48.48 0.02
CA ASP DA 91 60.58 -48.13 0.88
C ASP DA 91 60.80 -46.79 1.56
N ALA DA 92 62.06 -46.43 1.80
CA ALA DA 92 62.38 -45.11 2.34
C ALA DA 92 61.95 -44.01 1.38
N ILE DA 93 62.36 -44.13 0.12
CA ILE DA 93 62.01 -43.13 -0.89
C ILE DA 93 60.52 -43.12 -1.15
N ALA DA 94 59.90 -44.31 -1.13
CA ALA DA 94 58.46 -44.41 -1.33
C ALA DA 94 57.70 -43.73 -0.22
N PHE DA 95 58.17 -43.86 1.01
CA PHE DA 95 57.51 -43.18 2.12
C PHE DA 95 57.72 -41.68 2.06
N ALA DA 96 58.92 -41.23 1.68
CA ALA DA 96 59.19 -39.81 1.67
C ALA DA 96 58.41 -39.10 0.58
N GLU DA 97 58.30 -39.75 -0.58
CA GLU DA 97 57.52 -39.17 -1.65
C GLU DA 97 56.02 -39.36 -1.41
N LYS DA 98 55.64 -40.36 -0.63
CA LYS DA 98 54.25 -40.54 -0.27
C LYS DA 98 53.80 -39.47 0.71
N ASN DA 99 54.67 -39.04 1.60
CA ASN DA 99 54.32 -38.05 2.60
C ASN DA 99 54.72 -36.65 2.19
N GLY DA 100 55.36 -36.50 1.03
CA GLY DA 100 55.37 -35.20 0.39
C GLY DA 100 56.66 -34.40 0.35
N TRP DA 101 57.42 -34.38 1.44
CA TRP DA 101 58.56 -33.49 1.44
C TRP DA 101 59.74 -34.07 0.67
N SER DA 102 60.71 -33.19 0.39
CA SER DA 102 61.90 -33.51 -0.40
C SER DA 102 62.89 -34.30 0.43
N TYR DA 103 63.90 -34.85 -0.25
CA TYR DA 103 64.74 -35.86 0.35
C TYR DA 103 66.04 -35.97 -0.41
N ASP DA 104 67.12 -36.23 0.33
CA ASP DA 104 68.45 -36.37 -0.24
C ASP DA 104 68.92 -37.79 0.03
N VAL DA 105 69.34 -38.49 -1.02
CA VAL DA 105 69.74 -39.88 -0.92
C VAL DA 105 71.25 -39.97 -0.97
N GLU DA 106 71.84 -40.52 0.08
CA GLU DA 106 73.25 -40.89 0.12
C GLU DA 106 73.31 -42.41 0.06
N GLU DA 107 74.26 -42.94 -0.68
CA GLU DA 107 74.22 -44.38 -0.90
C GLU DA 107 75.01 -45.14 0.16
N ARG DA 108 74.69 -46.43 0.28
CA ARG DA 108 75.29 -47.29 1.29
C ARG DA 108 76.72 -47.63 0.90
N LYS DA 109 77.60 -47.73 1.89
CA LYS DA 109 79.01 -48.05 1.65
C LYS DA 109 79.46 -49.14 2.61
N VAL DA 110 79.73 -50.33 2.09
CA VAL DA 110 80.27 -51.44 2.88
C VAL DA 110 81.75 -51.19 3.09
N PRO DA 111 82.40 -51.82 4.07
CA PRO DA 111 83.86 -51.84 4.06
C PRO DA 111 84.36 -52.73 2.92
N LYS DA 112 85.39 -52.26 2.24
CA LYS DA 112 85.91 -52.99 1.10
C LYS DA 112 86.65 -54.22 1.59
N PRO DA 113 86.41 -55.39 1.00
CA PRO DA 113 87.12 -56.60 1.42
C PRO DA 113 88.59 -56.52 1.05
N LYS DA 114 89.42 -57.10 1.91
CA LYS DA 114 90.86 -56.96 1.78
C LYS DA 114 91.50 -58.32 1.57
N SER DA 115 92.84 -58.31 1.56
CA SER DA 115 93.66 -59.49 1.32
C SER DA 115 94.88 -59.36 2.24
N LYS DA 116 94.79 -59.94 3.43
CA LYS DA 116 95.85 -59.85 4.41
C LYS DA 116 96.16 -61.23 4.97
N SER DA 117 97.41 -61.42 5.38
CA SER DA 117 97.80 -62.67 6.02
C SER DA 117 99.03 -62.49 6.88
N TYR DA 118 99.13 -63.36 7.87
CA TYR DA 118 100.20 -63.29 8.86
C TYR DA 118 101.53 -63.70 8.25
N GLY DA 119 101.49 -64.67 7.34
CA GLY DA 119 102.68 -65.02 6.59
C GLY DA 119 103.15 -63.89 5.71
N ALA DA 120 102.22 -63.09 5.18
CA ALA DA 120 102.63 -61.90 4.46
C ALA DA 120 103.18 -60.84 5.39
N ASN DA 121 102.80 -60.88 6.66
CA ASN DA 121 103.48 -60.05 7.65
C ASN DA 121 104.83 -60.60 8.05
N PHE DA 122 105.19 -61.78 7.55
CA PHE DA 122 106.56 -62.29 7.71
C PHE DA 122 107.35 -62.38 6.42
N SER DA 123 107.34 -61.32 5.63
CA SER DA 123 107.94 -61.34 4.31
C SER DA 123 109.47 -61.43 4.38
N TRP DA 124 110.05 -61.69 3.20
CA TRP DA 124 111.46 -62.00 2.98
C TRP DA 124 112.17 -60.98 2.12
N ASN DA 125 111.60 -60.71 0.96
CA ASN DA 125 112.02 -59.67 0.04
C ASN DA 125 110.85 -58.80 -0.40
N LYS DA 126 109.69 -58.98 0.21
CA LYS DA 126 108.56 -58.08 0.08
C LYS DA 126 108.59 -57.11 1.25
N ARG DA 127 108.17 -55.89 1.01
CA ARG DA 127 108.34 -54.87 2.04
C ARG DA 127 107.28 -54.91 3.13
N THR DA 128 106.22 -55.69 2.97
CA THR DA 128 105.25 -55.81 4.04
C THR DA 128 105.88 -56.61 5.16
N ARG DA 129 106.50 -55.93 6.12
CA ARG DA 129 107.26 -56.59 7.16
C ARG DA 129 106.82 -56.04 8.51
N VAL DA 130 106.68 -56.93 9.49
CA VAL DA 130 106.00 -56.59 10.73
C VAL DA 130 106.80 -55.59 11.58
N SER DA 131 108.14 -55.71 11.57
CA SER DA 131 109.11 -54.76 12.12
C SER DA 131 109.05 -54.52 13.63
N THR DA 132 108.16 -55.20 14.37
CA THR DA 132 107.98 -54.88 15.78
C THR DA 132 107.88 -56.06 16.74
N LYS DA 133 107.62 -57.27 16.28
CA LYS DA 133 107.14 -58.30 17.19
C LYS DA 133 107.28 -59.69 16.61
N LEU EA 1 77.37 -3.53 20.79
CA LEU EA 1 76.66 -3.96 21.97
C LEU EA 1 76.88 -5.45 22.21
N HIS EA 2 76.60 -5.85 23.45
CA HIS EA 2 76.85 -7.19 23.92
C HIS EA 2 75.81 -8.15 23.34
N HIS EA 3 76.08 -9.45 23.43
CA HIS EA 3 75.08 -10.41 23.01
C HIS EA 3 73.95 -10.48 24.02
N ALA EA 4 72.96 -11.31 23.68
CA ALA EA 4 71.68 -11.48 24.37
C ALA EA 4 70.87 -10.18 24.42
N VAL EA 5 71.21 -9.20 23.61
CA VAL EA 5 70.26 -8.18 23.19
C VAL EA 5 69.96 -8.35 21.70
N ILE EA 6 70.83 -9.03 20.96
CA ILE EA 6 70.59 -9.37 19.56
C ILE EA 6 69.41 -10.32 19.44
N PRO EA 7 68.62 -10.24 18.39
CA PRO EA 7 67.49 -11.16 18.26
C PRO EA 7 67.94 -12.55 17.88
N HIS EA 8 67.12 -13.53 18.28
CA HIS EA 8 67.42 -14.94 18.11
C HIS EA 8 66.21 -15.65 17.52
N GLY EA 9 66.36 -16.15 16.29
CA GLY EA 9 65.43 -17.10 15.75
C GLY EA 9 64.08 -16.50 15.41
N LYS EA 10 63.03 -17.30 15.60
CA LYS EA 10 61.66 -16.89 15.34
C LYS EA 10 61.13 -16.06 16.50
N GLY EA 11 59.84 -15.82 16.56
CA GLY EA 11 59.30 -14.98 17.60
C GLY EA 11 58.43 -15.73 18.60
N GLY EA 12 58.22 -15.13 19.76
CA GLY EA 12 57.25 -15.64 20.70
C GLY EA 12 57.80 -16.57 21.75
N ARG EA 13 57.41 -16.31 23.01
CA ARG EA 13 57.57 -17.20 24.15
C ARG EA 13 59.04 -17.56 24.38
N SER EA 14 59.76 -16.53 24.82
CA SER EA 14 61.17 -16.58 25.25
C SER EA 14 62.12 -16.92 24.12
N SER EA 15 61.71 -16.71 22.88
CA SER EA 15 62.68 -16.40 21.86
C SER EA 15 63.34 -15.09 22.27
N VAL EA 16 64.67 -15.07 22.27
CA VAL EA 16 65.39 -13.91 22.75
C VAL EA 16 65.26 -12.83 21.68
N SER EA 17 64.32 -11.91 21.89
CA SER EA 17 64.12 -10.83 20.94
C SER EA 17 64.97 -9.65 21.38
N GLY EA 18 64.79 -8.53 20.70
CA GLY EA 18 65.72 -7.43 20.83
C GLY EA 18 65.66 -6.65 22.12
N ILE EA 19 64.56 -5.97 22.33
CA ILE EA 19 64.56 -4.83 23.24
C ILE EA 19 64.39 -5.29 24.68
N VAL EA 20 65.06 -4.59 25.57
CA VAL EA 20 64.89 -4.75 27.01
C VAL EA 20 64.29 -3.44 27.49
N ALA EA 21 63.04 -3.51 27.95
CA ALA EA 21 62.23 -2.32 28.10
C ALA EA 21 61.94 -2.06 29.56
N THR EA 22 62.32 -0.89 30.05
CA THR EA 22 61.88 -0.44 31.35
C THR EA 22 60.65 0.43 31.19
N VAL EA 23 59.57 0.03 31.83
CA VAL EA 23 58.29 0.70 31.69
C VAL EA 23 57.93 1.35 33.00
N PHE EA 24 57.59 2.64 32.97
CA PHE EA 24 57.02 3.27 34.15
C PHE EA 24 55.51 3.32 33.94
N GLY EA 25 54.78 2.66 34.83
CA GLY EA 25 53.37 2.50 34.65
C GLY EA 25 52.99 1.05 34.45
N ALA EA 26 52.27 0.76 33.35
CA ALA EA 26 51.87 -0.56 32.87
C ALA EA 26 50.91 -1.31 33.78
N THR EA 27 50.66 -0.81 34.98
CA THR EA 27 49.62 -1.38 35.82
C THR EA 27 48.27 -0.84 35.41
N GLY EA 28 48.25 0.30 34.74
CA GLY EA 28 47.06 0.80 34.07
C GLY EA 28 46.78 0.05 32.79
N PHE EA 29 46.21 0.77 31.83
CA PHE EA 29 45.56 0.11 30.72
C PHE EA 29 46.48 -0.08 29.51
N LEU EA 30 46.98 1.04 28.97
CA LEU EA 30 47.71 0.99 27.71
C LEU EA 30 49.06 0.31 27.89
N GLY EA 31 49.70 0.54 29.04
CA GLY EA 31 50.92 -0.16 29.33
C GLY EA 31 50.74 -1.66 29.50
N ARG EA 32 49.57 -2.06 30.01
CA ARG EA 32 49.30 -3.49 30.15
C ARG EA 32 49.20 -4.15 28.79
N TYR EA 33 48.48 -3.53 27.85
CA TYR EA 33 48.48 -4.08 26.49
C TYR EA 33 49.85 -4.00 25.86
N LEU EA 34 50.66 -3.03 26.24
CA LEU EA 34 51.97 -2.90 25.62
C LEU EA 34 52.91 -4.00 26.10
N VAL EA 35 52.84 -4.33 27.39
CA VAL EA 35 53.57 -5.47 27.93
C VAL EA 35 53.09 -6.75 27.28
N ASN EA 36 51.80 -6.83 26.98
CA ASN EA 36 51.25 -7.99 26.30
C ASN EA 36 51.85 -8.17 24.90
N HIS EA 37 51.94 -7.09 24.14
CA HIS EA 37 52.52 -7.26 22.80
C HIS EA 37 54.02 -7.46 22.83
N LEU EA 38 54.68 -6.96 23.87
CA LEU EA 38 56.10 -7.29 23.96
C LEU EA 38 56.32 -8.71 24.43
N GLY EA 39 55.37 -9.28 25.17
CA GLY EA 39 55.48 -10.69 25.50
C GLY EA 39 55.22 -11.56 24.30
N ARG EA 40 54.33 -11.12 23.40
CA ARG EA 40 54.16 -11.81 22.12
C ARG EA 40 55.42 -11.69 21.28
N MET EA 41 56.03 -10.52 21.24
CA MET EA 41 57.33 -10.37 20.59
C MET EA 41 58.41 -11.15 21.33
N GLY EA 42 58.28 -11.27 22.64
CA GLY EA 42 59.23 -12.02 23.43
C GLY EA 42 60.34 -11.15 23.95
N SER EA 43 59.98 -10.03 24.56
CA SER EA 43 60.95 -9.05 25.03
C SER EA 43 60.94 -8.97 26.54
N GLN EA 44 62.14 -8.88 27.12
CA GLN EA 44 62.23 -8.77 28.58
C GLN EA 44 61.84 -7.38 29.05
N VAL EA 45 60.90 -7.35 29.97
CA VAL EA 45 60.28 -6.13 30.46
C VAL EA 45 60.59 -5.99 31.94
N ILE EA 46 61.22 -4.89 32.30
CA ILE EA 46 61.44 -4.52 33.68
C ILE EA 46 60.41 -3.47 34.02
N VAL EA 47 59.50 -3.79 34.94
CA VAL EA 47 58.46 -2.87 35.36
C VAL EA 47 58.54 -2.69 36.87
N PRO EA 48 58.66 -1.49 37.35
CA PRO EA 48 58.39 -1.25 38.77
C PRO EA 48 56.97 -0.75 38.95
N TYR EA 49 56.41 -1.09 40.09
CA TYR EA 49 55.08 -0.70 40.50
C TYR EA 49 55.20 0.17 41.74
N ARG EA 50 54.05 0.46 42.34
CA ARG EA 50 54.04 0.98 43.70
C ARG EA 50 52.92 0.42 44.56
N CYS EA 51 51.94 -0.26 43.98
CA CYS EA 51 50.75 -0.67 44.71
C CYS EA 51 50.97 -2.05 45.33
N GLU EA 52 49.89 -2.69 45.76
CA GLU EA 52 49.93 -4.07 46.20
C GLU EA 52 50.39 -4.97 45.05
N PRO EA 53 51.21 -6.00 45.32
CA PRO EA 53 51.60 -6.94 44.27
C PRO EA 53 50.46 -7.81 43.73
N TYR EA 54 49.23 -7.65 44.20
CA TYR EA 54 48.13 -8.41 43.63
C TYR EA 54 47.77 -7.93 42.23
N ASP EA 55 47.94 -6.64 41.96
CA ASP EA 55 47.60 -6.14 40.65
C ASP EA 55 48.64 -6.57 39.62
N THR EA 56 49.91 -6.43 39.97
CA THR EA 56 50.97 -6.96 39.11
C THR EA 56 50.95 -8.49 39.09
N MET EA 57 50.26 -9.11 40.06
CA MET EA 57 50.06 -10.54 40.03
C MET EA 57 49.06 -10.93 38.95
N HIS EA 58 47.96 -10.20 38.84
CA HIS EA 58 47.00 -10.59 37.80
C HIS EA 58 47.43 -10.13 36.42
N LEU EA 59 48.48 -9.31 36.32
CA LEU EA 59 49.12 -9.12 35.01
C LEU EA 59 50.51 -9.77 34.94
N ARG EA 60 50.81 -10.69 35.84
CA ARG EA 60 52.11 -11.37 35.84
C ARG EA 60 52.34 -12.36 34.71
N PRO EA 61 51.48 -13.39 34.46
CA PRO EA 61 51.93 -14.47 33.57
C PRO EA 61 51.83 -14.15 32.09
N MET EA 62 51.80 -12.86 31.77
CA MET EA 62 51.85 -12.43 30.39
C MET EA 62 53.15 -12.84 29.72
N GLY EA 63 54.26 -12.75 30.44
CA GLY EA 63 55.53 -13.19 29.92
C GLY EA 63 55.65 -14.71 29.96
N ASP EA 64 56.81 -15.18 29.54
CA ASP EA 64 57.16 -16.58 29.65
C ASP EA 64 57.82 -16.79 31.01
N LEU EA 65 58.52 -17.91 31.21
CA LEU EA 65 59.20 -18.18 32.46
C LEU EA 65 60.27 -17.14 32.76
N GLY EA 66 59.99 -16.29 33.74
CA GLY EA 66 60.96 -15.37 34.29
C GLY EA 66 61.41 -14.26 33.40
N GLN EA 67 60.71 -13.99 32.31
CA GLN EA 67 61.13 -12.90 31.45
C GLN EA 67 60.90 -11.55 32.11
N ILE EA 68 59.65 -11.23 32.40
CA ILE EA 68 59.39 -9.92 32.98
C ILE EA 68 59.79 -9.95 34.45
N ILE EA 69 60.16 -8.79 34.96
CA ILE EA 69 60.67 -8.70 36.31
C ILE EA 69 60.05 -7.47 36.96
N PHE EA 70 59.80 -7.58 38.26
CA PHE EA 70 59.05 -6.60 39.01
C PHE EA 70 59.93 -5.98 40.06
N MET EA 71 59.83 -4.66 40.20
CA MET EA 71 60.47 -4.00 41.34
C MET EA 71 59.68 -2.76 41.71
N ASP EA 72 60.27 -1.90 42.52
CA ASP EA 72 59.55 -0.79 43.12
C ASP EA 72 60.09 0.52 42.59
N TRP EA 73 59.19 1.49 42.46
CA TRP EA 73 59.58 2.87 42.23
C TRP EA 73 58.64 3.77 43.00
N ASN EA 74 59.08 5.00 43.20
CA ASN EA 74 58.34 5.98 43.96
C ASN EA 74 58.52 7.33 43.29
N GLY EA 75 57.59 8.23 43.56
CA GLY EA 75 57.62 9.50 42.86
C GLY EA 75 58.54 10.52 43.49
N ARG EA 76 59.46 10.08 44.36
CA ARG EA 76 60.27 11.03 45.12
C ARG EA 76 61.76 10.89 44.88
N ASP EA 77 62.32 9.69 44.98
CA ASP EA 77 63.77 9.54 44.97
C ASP EA 77 64.29 9.15 43.61
N LYS EA 78 65.47 9.70 43.26
CA LYS EA 78 66.19 9.31 42.06
C LYS EA 78 66.92 7.99 42.22
N ASP EA 79 67.12 7.53 43.46
CA ASP EA 79 67.96 6.35 43.67
C ASP EA 79 67.21 5.08 43.30
N SER EA 80 65.93 5.00 43.68
CA SER EA 80 65.11 3.85 43.29
C SER EA 80 64.84 3.84 41.80
N ILE EA 81 64.57 5.02 41.22
CA ILE EA 81 64.35 5.11 39.78
C ILE EA 81 65.62 4.75 39.02
N ARG EA 82 66.76 5.27 39.50
CA ARG EA 82 68.05 5.00 38.89
C ARG EA 82 68.43 3.53 38.97
N ARG EA 83 68.16 2.91 40.11
CA ARG EA 83 68.34 1.47 40.26
C ARG EA 83 67.43 0.70 39.33
N ALA EA 84 66.22 1.20 39.09
CA ALA EA 84 65.32 0.55 38.15
C ALA EA 84 65.72 0.75 36.71
N VAL EA 85 66.50 1.79 36.40
CA VAL EA 85 66.95 1.98 35.03
C VAL EA 85 68.46 1.91 34.93
N GLU EA 86 69.10 1.14 35.83
CA GLU EA 86 70.54 0.90 35.74
C GLU EA 86 70.92 0.27 34.41
N HIS EA 87 70.14 -0.72 33.97
CA HIS EA 87 70.43 -1.37 32.70
C HIS EA 87 69.11 -1.50 31.96
N SER EA 88 69.00 -0.80 30.85
CA SER EA 88 67.80 -0.81 30.04
C SER EA 88 68.23 -0.56 28.61
N ASN EA 89 67.58 -1.22 27.65
CA ASN EA 89 67.72 -0.75 26.28
C ASN EA 89 66.84 0.47 26.08
N VAL EA 90 65.53 0.30 26.24
CA VAL EA 90 64.59 1.39 26.02
C VAL EA 90 63.82 1.64 27.29
N VAL EA 91 63.16 2.79 27.33
CA VAL EA 91 62.32 3.15 28.47
C VAL EA 91 61.10 3.91 27.95
N ILE EA 92 59.94 3.57 28.51
CA ILE EA 92 58.72 4.29 28.14
C ILE EA 92 58.08 4.86 29.39
N ASN EA 93 57.46 6.03 29.18
CA ASN EA 93 56.89 6.84 30.24
C ASN EA 93 55.41 7.01 29.93
N LEU EA 94 54.59 6.34 30.76
CA LEU EA 94 53.13 6.36 30.67
C LEU EA 94 52.61 6.45 32.10
N VAL EA 95 52.07 7.60 32.51
CA VAL EA 95 51.65 7.77 33.89
C VAL EA 95 50.53 8.78 33.91
N GLY EA 96 49.72 8.76 34.96
CA GLY EA 96 48.78 9.83 35.18
C GLY EA 96 47.41 9.42 35.68
N ARG EA 97 47.01 9.99 36.81
CA ARG EA 97 45.65 9.90 37.28
C ARG EA 97 44.86 11.04 36.69
N GLU EA 98 43.62 10.77 36.30
CA GLU EA 98 42.78 11.81 35.73
C GLU EA 98 41.91 12.51 36.75
N TRP EA 99 42.35 12.54 38.02
CA TRP EA 99 41.84 13.47 39.00
C TRP EA 99 42.99 13.74 39.96
N GLU EA 100 43.01 14.94 40.52
CA GLU EA 100 44.02 15.27 41.50
C GLU EA 100 43.80 14.44 42.76
N THR EA 101 44.89 14.00 43.35
CA THR EA 101 44.84 13.20 44.56
C THR EA 101 45.04 14.13 45.74
N LYS EA 102 45.23 13.52 46.92
CA LYS EA 102 45.66 14.33 48.05
C LYS EA 102 47.07 14.83 47.86
N ASN EA 103 47.98 13.95 47.43
CA ASN EA 103 49.39 14.26 47.40
C ASN EA 103 49.91 14.63 46.02
N PHE EA 104 49.10 14.50 44.98
CA PHE EA 104 49.54 14.84 43.64
C PHE EA 104 48.50 15.67 42.92
N ASP EA 105 48.96 16.65 42.18
CA ASP EA 105 48.11 17.43 41.31
C ASP EA 105 48.16 16.82 39.91
N PHE EA 106 47.58 17.52 38.94
CA PHE EA 106 47.96 17.30 37.56
C PHE EA 106 49.34 17.86 37.34
N GLU EA 107 49.67 18.90 38.08
CA GLU EA 107 51.04 19.34 38.20
C GLU EA 107 51.85 18.29 38.94
N ASP EA 108 53.13 18.22 38.58
CA ASP EA 108 54.25 17.59 39.25
C ASP EA 108 54.26 16.09 39.10
N VAL EA 109 53.17 15.46 38.65
CA VAL EA 109 53.35 14.15 38.04
C VAL EA 109 53.79 14.34 36.59
N PHE EA 110 53.03 15.10 35.82
CA PHE EA 110 53.34 15.45 34.43
C PHE EA 110 54.53 16.36 34.36
N VAL EA 111 54.80 17.10 35.42
CA VAL EA 111 55.94 18.00 35.44
C VAL EA 111 57.11 17.25 36.06
N LYS EA 112 56.96 16.87 37.32
CA LYS EA 112 58.11 16.47 38.12
C LYS EA 112 58.58 15.07 37.79
N ILE EA 113 57.68 14.18 37.38
CA ILE EA 113 58.08 12.81 37.09
C ILE EA 113 58.96 12.71 35.84
N PRO EA 114 58.65 13.32 34.67
CA PRO EA 114 59.60 13.19 33.55
C PRO EA 114 60.92 13.91 33.76
N GLN EA 115 60.97 14.88 34.67
CA GLN EA 115 62.21 15.57 35.01
C GLN EA 115 63.24 14.62 35.58
N ALA EA 116 62.88 13.94 36.68
CA ALA EA 116 63.86 13.11 37.37
C ALA EA 116 64.22 11.87 36.57
N ILE EA 117 63.24 11.28 35.88
CA ILE EA 117 63.53 10.06 35.14
C ILE EA 117 64.34 10.38 33.89
N ALA EA 118 64.07 11.53 33.26
CA ALA EA 118 64.92 11.94 32.15
C ALA EA 118 66.29 12.36 32.61
N GLN EA 119 66.39 12.88 33.84
CA GLN EA 119 67.68 13.24 34.43
C GLN EA 119 68.56 12.01 34.61
N VAL EA 120 68.04 11.00 35.32
CA VAL EA 120 68.81 9.78 35.50
C VAL EA 120 68.91 8.96 34.23
N SER EA 121 68.04 9.20 33.26
CA SER EA 121 68.10 8.49 31.99
C SER EA 121 69.22 9.04 31.11
N LYS EA 122 69.31 10.37 31.02
CA LYS EA 122 70.34 10.98 30.22
C LYS EA 122 71.69 10.89 30.92
N GLU EA 123 71.70 10.82 32.25
CA GLU EA 123 72.92 10.42 32.93
C GLU EA 123 73.17 8.92 32.82
N ALA EA 124 72.14 8.14 32.50
CA ALA EA 124 72.23 6.70 32.41
C ALA EA 124 72.60 6.22 31.02
N GLY EA 125 72.08 6.88 29.98
CA GLY EA 125 72.38 6.48 28.64
C GLY EA 125 71.39 5.47 28.10
N VAL EA 126 70.10 5.78 28.21
CA VAL EA 126 69.08 4.95 27.60
C VAL EA 126 68.88 5.47 26.18
N GLU EA 127 68.22 4.68 25.35
CA GLU EA 127 67.94 5.07 23.98
C GLU EA 127 66.50 4.74 23.67
N LYS EA 128 65.95 5.45 22.68
CA LYS EA 128 64.56 5.30 22.21
C LYS EA 128 63.56 5.49 23.33
N PHE EA 129 63.72 6.55 24.11
CA PHE EA 129 62.76 6.84 25.16
C PHE EA 129 61.46 7.34 24.56
N ILE EA 130 60.37 6.64 24.86
CA ILE EA 130 59.08 7.02 24.32
C ILE EA 130 58.24 7.59 25.42
N HIS EA 131 57.85 8.84 25.27
CA HIS EA 131 57.02 9.53 26.24
C HIS EA 131 55.64 9.72 25.63
N ILE EA 132 54.61 9.20 26.28
CA ILE EA 132 53.29 9.45 25.72
C ILE EA 132 52.86 10.87 26.07
N SER EA 133 51.82 11.33 25.41
CA SER EA 133 51.14 12.56 25.78
C SER EA 133 49.72 12.45 25.30
N HIS EA 134 48.81 13.13 25.99
CA HIS EA 134 47.47 13.29 25.46
C HIS EA 134 47.56 14.16 24.22
N LEU EA 135 46.67 13.91 23.26
CA LEU EA 135 46.63 14.78 22.10
C LEU EA 135 46.07 16.14 22.53
N ASN EA 136 46.44 17.16 21.75
CA ASN EA 136 46.11 18.60 21.87
C ASN EA 136 46.10 19.09 23.32
N ALA EA 137 47.23 18.83 23.98
CA ALA EA 137 47.53 19.38 25.30
C ALA EA 137 48.29 20.69 25.11
N ASP EA 138 47.63 21.81 25.36
CA ASP EA 138 48.13 23.14 25.01
C ASP EA 138 48.56 23.92 26.23
N ILE EA 139 49.14 25.10 25.95
CA ILE EA 139 49.30 26.14 26.94
C ILE EA 139 47.95 26.79 27.24
N LYS EA 140 46.98 26.57 26.37
CA LYS EA 140 45.66 27.15 26.44
C LYS EA 140 44.86 26.57 27.61
N SER EA 141 43.59 26.95 27.69
CA SER EA 141 42.84 26.89 28.94
C SER EA 141 42.12 25.55 29.10
N SER EA 142 41.23 25.53 30.09
CA SER EA 142 40.17 24.59 30.45
C SER EA 142 40.68 23.34 31.18
N SER EA 143 41.98 23.11 31.30
CA SER EA 143 42.46 21.88 31.92
C SER EA 143 43.83 22.10 32.52
N LYS EA 144 43.92 21.97 33.85
CA LYS EA 144 45.22 21.81 34.50
C LYS EA 144 45.91 20.56 33.98
N TYR EA 145 45.12 19.51 33.74
CA TYR EA 145 45.51 18.33 32.99
C TYR EA 145 46.28 18.63 31.72
N LEU EA 146 45.62 19.32 30.77
CA LEU EA 146 46.23 19.54 29.47
C LEU EA 146 47.40 20.51 29.55
N ARG EA 147 47.33 21.51 30.43
CA ARG EA 147 48.45 22.45 30.47
C ARG EA 147 49.66 21.87 31.17
N ASN EA 148 49.46 21.02 32.18
CA ASN EA 148 50.59 20.33 32.78
C ASN EA 148 51.19 19.33 31.83
N LYS EA 149 50.35 18.73 30.97
CA LYS EA 149 50.89 17.86 29.95
C LYS EA 149 51.71 18.64 28.94
N ALA EA 150 51.28 19.85 28.59
CA ALA EA 150 52.05 20.66 27.65
C ALA EA 150 53.39 21.07 28.25
N VAL EA 151 53.40 21.37 29.55
CA VAL EA 151 54.67 21.69 30.23
C VAL EA 151 55.60 20.47 30.21
N GLY EA 152 55.05 19.29 30.48
CA GLY EA 152 55.85 18.08 30.40
C GLY EA 152 56.33 17.78 28.99
N GLU EA 153 55.50 18.10 27.99
CA GLU EA 153 55.90 17.95 26.60
C GLU EA 153 57.08 18.83 26.27
N LYS EA 154 57.06 20.08 26.75
CA LYS EA 154 58.19 20.97 26.52
C LYS EA 154 59.43 20.49 27.28
N GLU EA 155 59.23 19.90 28.46
CA GLU EA 155 60.35 19.34 29.21
C GLU EA 155 61.01 18.19 28.48
N VAL EA 156 60.22 17.21 28.06
CA VAL EA 156 60.76 16.02 27.40
C VAL EA 156 61.28 16.36 26.01
N ARG EA 157 60.72 17.39 25.36
CA ARG EA 157 61.28 17.83 24.10
C ARG EA 157 62.61 18.55 24.31
N GLU EA 158 62.72 19.38 25.35
CA GLU EA 158 63.93 20.18 25.54
C GLU EA 158 65.08 19.31 26.07
N THR EA 159 64.94 18.80 27.29
CA THR EA 159 65.96 17.90 27.78
C THR EA 159 65.65 16.51 27.28
N PHE EA 160 66.71 15.77 26.91
CA PHE EA 160 66.70 14.55 26.11
C PHE EA 160 65.90 14.80 24.83
N PRO EA 161 66.48 15.47 23.83
CA PRO EA 161 65.67 15.93 22.70
C PRO EA 161 65.22 14.84 21.75
N GLU EA 162 65.98 13.75 21.58
CA GLU EA 162 65.55 12.70 20.66
C GLU EA 162 64.69 11.65 21.32
N ALA EA 163 63.68 12.08 22.05
CA ALA EA 163 62.67 11.19 22.55
C ALA EA 163 61.55 11.15 21.53
N THR EA 164 60.97 9.97 21.35
CA THR EA 164 59.75 9.96 20.56
C THR EA 164 58.64 10.41 21.48
N ILE EA 165 58.22 11.64 21.31
CA ILE EA 165 56.99 12.10 21.94
C ILE EA 165 55.86 11.58 21.09
N ILE EA 166 54.97 10.83 21.70
CA ILE EA 166 53.95 10.17 20.94
C ILE EA 166 52.63 10.63 21.49
N LYS EA 167 51.61 10.67 20.64
CA LYS EA 167 50.34 11.01 21.17
C LYS EA 167 49.32 10.25 20.35
N PRO EA 168 48.47 9.53 20.98
CA PRO EA 168 47.29 9.03 20.30
C PRO EA 168 46.18 10.02 20.48
N ALA EA 169 45.04 9.78 19.85
CA ALA EA 169 43.82 10.46 20.27
C ALA EA 169 43.26 9.71 21.48
N ASP EA 170 42.07 10.06 21.92
CA ASP EA 170 41.50 9.41 23.08
C ASP EA 170 40.98 8.04 22.68
N ILE EA 171 41.51 7.00 23.31
CA ILE EA 171 41.35 5.63 22.87
C ILE EA 171 40.11 4.99 23.49
N PHE EA 172 39.58 4.00 22.79
CA PHE EA 172 38.49 3.19 23.28
C PHE EA 172 38.90 1.73 23.17
N GLY EA 173 38.25 0.89 23.98
CA GLY EA 173 38.57 -0.52 24.00
C GLY EA 173 37.79 -1.31 25.04
N ARG EA 174 38.40 -2.35 25.60
CA ARG EA 174 37.71 -3.18 26.57
C ARG EA 174 37.54 -2.45 27.90
N GLU EA 175 38.50 -1.61 28.27
CA GLU EA 175 38.45 -0.82 29.49
C GLU EA 175 38.65 0.65 29.15
N ASP EA 176 37.82 1.13 28.22
CA ASP EA 176 37.74 2.55 27.91
C ASP EA 176 37.24 3.33 29.12
N ARG EA 177 37.62 4.60 29.17
CA ARG EA 177 37.04 5.54 30.10
C ARG EA 177 35.77 6.18 29.54
N PHE EA 178 35.83 6.70 28.31
CA PHE EA 178 34.72 7.54 27.89
C PHE EA 178 33.53 6.71 27.44
N LEU EA 179 33.75 5.53 26.87
CA LEU EA 179 32.61 4.68 26.56
C LEU EA 179 32.02 4.07 27.83
N ASN EA 180 32.85 3.86 28.85
CA ASN EA 180 32.32 3.43 30.13
C ASN EA 180 31.47 4.54 30.75
N TYR EA 181 31.90 5.80 30.59
CA TYR EA 181 31.06 6.90 31.04
C TYR EA 181 29.81 7.03 30.20
N PHE EA 182 29.89 6.61 28.94
CA PHE EA 182 28.68 6.52 28.12
C PHE EA 182 27.75 5.45 28.64
N ALA EA 183 28.30 4.38 29.21
CA ALA EA 183 27.47 3.39 29.88
C ALA EA 183 27.02 3.87 31.25
N ASN EA 184 27.89 4.58 31.96
CA ASN EA 184 27.57 5.11 33.29
C ASN EA 184 26.94 6.48 33.13
N ILE EA 185 25.71 6.48 32.63
CA ILE EA 185 25.05 7.72 32.25
C ILE EA 185 23.89 7.94 33.21
N ARG EA 186 23.50 9.21 33.35
CA ARG EA 186 22.40 9.68 34.18
C ARG EA 186 22.54 9.30 35.65
N SER EA 195 20.54 13.44 31.84
CA SER EA 195 21.63 13.38 30.86
C SER EA 195 21.82 14.73 30.18
N LEU EA 196 22.87 14.83 29.37
CA LEU EA 196 23.26 16.09 28.75
C LEU EA 196 23.88 15.81 27.40
N GLY EA 197 23.60 16.69 26.44
CA GLY EA 197 24.11 16.52 25.10
C GLY EA 197 24.59 17.81 24.49
N LYS EA 198 25.80 17.81 23.93
CA LYS EA 198 26.38 18.99 23.32
C LYS EA 198 26.77 18.62 21.90
N LYS EA 199 27.59 19.47 21.28
CA LYS EA 199 28.22 19.15 20.01
C LYS EA 199 29.73 19.21 20.19
N THR EA 200 30.43 18.27 19.57
CA THR EA 200 31.88 18.29 19.32
C THR EA 200 32.17 17.21 18.29
N VAL EA 201 32.93 17.52 17.25
CA VAL EA 201 33.37 16.48 16.32
C VAL EA 201 34.61 15.79 16.88
N LYS EA 202 34.72 14.49 16.63
CA LYS EA 202 35.69 13.67 17.36
C LYS EA 202 36.02 12.41 16.58
N GLN EA 203 37.30 12.02 16.60
CA GLN EA 203 37.70 10.76 16.01
C GLN EA 203 38.17 9.80 17.09
N PRO EA 204 37.56 8.63 17.20
CA PRO EA 204 38.05 7.62 18.15
C PRO EA 204 39.00 6.64 17.49
N VAL EA 205 40.05 6.30 18.23
CA VAL EA 205 41.06 5.36 17.76
C VAL EA 205 41.09 4.17 18.71
N TYR EA 206 41.11 2.97 18.14
CA TYR EA 206 41.03 1.76 18.95
C TYR EA 206 42.40 1.44 19.53
N ILE EA 207 42.40 0.74 20.67
CA ILE EA 207 43.60 0.64 21.49
C ILE EA 207 44.64 -0.28 20.87
N VAL EA 208 44.23 -1.29 20.11
CA VAL EA 208 45.22 -2.27 19.69
C VAL EA 208 46.07 -1.75 18.54
N ASP EA 209 45.52 -0.88 17.68
CA ASP EA 209 46.35 -0.26 16.65
C ASP EA 209 47.35 0.69 17.26
N VAL EA 210 46.96 1.36 18.36
CA VAL EA 210 47.85 2.25 19.07
C VAL EA 210 49.04 1.48 19.63
N THR EA 211 48.75 0.40 20.37
CA THR EA 211 49.86 -0.31 20.98
C THR EA 211 50.67 -1.11 19.97
N LYS EA 212 50.06 -1.55 18.86
CA LYS EA 212 50.82 -2.11 17.75
C LYS EA 212 51.75 -1.08 17.15
N GLY EA 213 51.29 0.16 17.03
CA GLY EA 213 52.15 1.22 16.53
C GLY EA 213 53.31 1.51 17.46
N ILE EA 214 53.04 1.48 18.76
CA ILE EA 214 54.09 1.80 19.72
C ILE EA 214 55.17 0.72 19.72
N ILE EA 215 54.76 -0.54 19.65
CA ILE EA 215 55.78 -1.60 19.67
C ILE EA 215 56.53 -1.64 18.35
N ASN EA 216 55.86 -1.33 17.24
CA ASN EA 216 56.56 -1.34 15.96
C ASN EA 216 57.56 -0.20 15.87
N ALA EA 217 57.17 1.00 16.33
CA ALA EA 217 58.09 2.12 16.31
C ALA EA 217 59.23 1.92 17.29
N ILE EA 218 58.99 1.26 18.41
CA ILE EA 218 60.07 1.09 19.36
C ILE EA 218 61.01 -0.01 18.90
N LYS EA 219 60.54 -0.96 18.10
CA LYS EA 219 61.45 -2.00 17.63
C LYS EA 219 62.10 -1.63 16.31
N ASP EA 220 61.59 -0.64 15.60
CA ASP EA 220 62.17 -0.26 14.33
C ASP EA 220 62.99 1.00 14.51
N PRO EA 221 64.31 0.94 14.46
CA PRO EA 221 65.13 2.15 14.55
C PRO EA 221 65.08 2.95 13.27
N ASP EA 222 65.68 4.14 13.33
CA ASP EA 222 65.86 5.28 12.40
C ASP EA 222 64.64 6.19 12.38
N ALA EA 223 63.57 5.86 13.08
CA ALA EA 223 62.33 6.63 13.06
C ALA EA 223 62.23 7.55 14.28
N ARG EA 224 63.35 8.12 14.70
CA ARG EA 224 63.45 8.74 16.01
C ARG EA 224 63.50 10.27 15.90
N GLY EA 225 63.26 10.92 17.02
CA GLY EA 225 63.22 12.37 17.12
C GLY EA 225 61.84 12.97 16.88
N LYS EA 226 61.05 12.34 16.01
CA LYS EA 226 59.79 12.93 15.57
C LYS EA 226 58.65 12.58 16.50
N THR EA 227 57.85 13.58 16.85
CA THR EA 227 56.60 13.31 17.55
C THR EA 227 55.56 12.79 16.57
N PHE EA 228 54.73 11.86 17.04
CA PHE EA 228 53.71 11.24 16.19
C PHE EA 228 52.34 11.45 16.80
N ALA EA 229 51.30 11.34 15.97
CA ALA EA 229 49.94 11.49 16.44
C ALA EA 229 49.03 10.50 15.74
N PHE EA 230 48.18 9.85 16.52
CA PHE EA 230 47.37 8.76 16.00
C PHE EA 230 45.94 9.19 15.76
N VAL EA 231 45.37 8.68 14.69
CA VAL EA 231 44.22 9.27 14.02
C VAL EA 231 43.07 8.26 14.10
N GLY EA 232 41.89 8.74 14.46
CA GLY EA 232 40.71 7.94 14.31
C GLY EA 232 40.23 7.97 12.87
N PRO EA 233 39.66 6.87 12.40
CA PRO EA 233 39.26 6.79 10.99
C PRO EA 233 37.96 7.50 10.65
N ASN EA 234 37.03 7.64 11.60
CA ASN EA 234 35.71 8.19 11.29
C ASN EA 234 35.67 9.72 11.35
N ARG EA 235 35.94 10.27 12.53
CA ARG EA 235 35.96 11.71 12.80
C ARG EA 235 34.60 12.35 12.53
N TYR EA 236 33.64 12.00 13.38
CA TYR EA 236 32.37 12.71 13.36
C TYR EA 236 31.92 13.20 14.75
N LEU EA 237 30.66 13.61 14.83
CA LEU EA 237 30.11 14.30 15.99
C LEU EA 237 30.08 13.40 17.22
N LEU EA 238 30.20 14.01 18.40
CA LEU EA 238 30.13 13.28 19.66
C LEU EA 238 28.73 12.76 19.93
N PHE EA 239 27.71 13.57 19.65
CA PHE EA 239 26.37 13.18 20.04
C PHE EA 239 25.82 12.08 19.14
N ASP EA 240 26.21 12.10 17.86
CA ASP EA 240 25.91 10.97 16.99
C ASP EA 240 26.60 9.70 17.46
N LEU EA 241 27.80 9.83 18.04
CA LEU EA 241 28.49 8.68 18.59
C LEU EA 241 27.79 8.17 19.85
N VAL EA 242 27.20 9.06 20.65
CA VAL EA 242 26.43 8.62 21.81
C VAL EA 242 25.16 7.89 21.39
N GLN EA 243 24.50 8.39 20.35
CA GLN EA 243 23.35 7.68 19.79
C GLN EA 243 23.76 6.33 19.22
N TYR EA 244 24.94 6.26 18.62
CA TYR EA 244 25.48 4.99 18.14
C TYR EA 244 25.71 4.02 19.29
N VAL EA 245 26.20 4.53 20.43
CA VAL EA 245 26.47 3.68 21.60
C VAL EA 245 25.18 3.13 22.18
N PHE EA 246 24.18 3.98 22.38
CA PHE EA 246 22.89 3.50 22.87
C PHE EA 246 22.22 2.54 21.89
N ALA EA 247 22.40 2.78 20.59
CA ALA EA 247 21.82 1.90 19.59
C ALA EA 247 22.45 0.52 19.63
N VAL EA 248 23.78 0.47 19.70
CA VAL EA 248 24.43 -0.83 19.74
C VAL EA 248 24.27 -1.50 21.10
N ALA EA 249 23.97 -0.72 22.16
CA ALA EA 249 23.86 -1.28 23.49
C ALA EA 249 22.43 -1.37 23.97
N HIS EA 250 21.45 -1.28 23.06
CA HIS EA 250 20.11 -1.86 23.22
C HIS EA 250 19.23 -1.11 24.21
N ARG EA 251 19.79 -0.14 24.92
CA ARG EA 251 19.06 0.64 25.91
C ARG EA 251 18.88 2.06 25.42
N PRO EA 252 17.79 2.75 25.80
CA PRO EA 252 17.58 4.10 25.29
C PRO EA 252 18.27 5.17 26.12
N ARG EA 281 33.10 16.11 36.03
CA ARG EA 281 33.01 17.33 35.24
C ARG EA 281 34.26 17.50 34.39
N ASP EA 282 35.37 17.02 34.93
CA ASP EA 282 36.63 17.12 34.21
C ASP EA 282 36.66 16.20 33.00
N LYS EA 283 36.13 14.98 33.13
CA LYS EA 283 36.10 14.08 31.99
C LYS EA 283 35.18 14.59 30.90
N VAL EA 284 34.02 15.12 31.26
CA VAL EA 284 33.09 15.59 30.23
C VAL EA 284 33.60 16.88 29.59
N GLU EA 285 34.26 17.75 30.36
CA GLU EA 285 34.84 18.93 29.73
C GLU EA 285 36.02 18.57 28.85
N ARG EA 286 36.83 17.61 29.26
CA ARG EA 286 38.00 17.25 28.49
C ARG EA 286 37.70 16.30 27.34
N ILE EA 287 36.45 15.84 27.22
CA ILE EA 287 36.03 15.29 25.92
C ILE EA 287 35.32 16.35 25.07
N HIS EA 288 34.67 17.33 25.68
CA HIS EA 288 34.10 18.41 24.87
C HIS EA 288 35.13 19.41 24.37
N THR EA 289 36.36 19.34 24.86
CA THR EA 289 37.26 20.49 24.69
C THR EA 289 37.85 20.58 23.29
N THR EA 290 38.68 19.60 22.91
CA THR EA 290 39.51 19.76 21.73
C THR EA 290 39.69 18.43 21.03
N ASP EA 291 39.36 18.40 19.73
CA ASP EA 291 39.60 17.25 18.86
C ASP EA 291 39.87 17.78 17.46
N ARG EA 292 41.10 17.62 16.99
CA ARG EA 292 41.47 18.17 15.69
C ARG EA 292 42.66 17.40 15.17
N THR EA 293 42.99 17.66 13.91
CA THR EA 293 44.25 17.19 13.37
C THR EA 293 45.32 18.25 13.58
N LEU EA 294 46.55 17.78 13.59
CA LEU EA 294 47.70 18.68 13.51
C LEU EA 294 48.47 18.26 12.28
N PRO EA 295 48.51 19.08 11.24
CA PRO EA 295 49.12 18.65 9.98
C PRO EA 295 50.64 18.64 9.99
N HIS EA 296 51.27 19.12 11.05
CA HIS EA 296 52.72 19.17 11.09
C HIS EA 296 53.32 17.78 11.21
N LEU EA 297 52.74 16.93 12.04
CA LEU EA 297 53.49 15.78 12.51
C LEU EA 297 52.99 14.49 11.87
N PRO EA 298 53.85 13.50 11.66
CA PRO EA 298 53.45 12.29 10.94
C PRO EA 298 52.77 11.25 11.82
N GLY EA 299 51.85 10.51 11.20
CA GLY EA 299 51.01 9.61 11.94
C GLY EA 299 51.18 8.14 11.63
N LEU EA 300 50.06 7.46 11.38
CA LEU EA 300 50.06 6.00 11.23
C LEU EA 300 50.82 5.55 10.00
N GLU EA 301 50.80 6.34 8.93
CA GLU EA 301 51.22 5.86 7.62
C GLU EA 301 52.73 5.68 7.52
N ASP EA 302 53.50 6.28 8.43
CA ASP EA 302 54.92 6.01 8.55
C ASP EA 302 55.23 4.76 9.35
N LEU EA 303 54.27 3.88 9.51
CA LEU EA 303 54.47 2.69 10.32
C LEU EA 303 53.95 1.40 9.70
N GLY EA 304 52.94 1.47 8.83
CA GLY EA 304 52.47 0.29 8.15
C GLY EA 304 51.59 -0.60 8.98
N VAL EA 305 50.59 -0.02 9.64
CA VAL EA 305 49.64 -0.80 10.43
C VAL EA 305 48.22 -0.49 9.95
N GLN EA 306 47.42 -1.53 9.85
CA GLN EA 306 46.05 -1.37 9.39
C GLN EA 306 45.20 -0.75 10.48
N ALA EA 307 44.32 0.16 10.09
CA ALA EA 307 43.45 0.86 11.03
C ALA EA 307 42.20 0.02 11.28
N THR EA 308 42.01 -0.38 12.53
CA THR EA 308 40.75 -1.00 12.90
C THR EA 308 39.73 0.09 13.19
N PRO EA 309 38.59 0.08 12.54
CA PRO EA 309 37.62 1.16 12.72
C PRO EA 309 36.91 1.12 14.07
N LEU EA 310 36.04 2.11 14.28
CA LEU EA 310 35.22 2.14 15.49
C LEU EA 310 34.15 1.06 15.47
N GLU EA 311 33.56 0.81 14.30
CA GLU EA 311 32.31 0.05 14.23
C GLU EA 311 32.52 -1.41 14.57
N LEU EA 312 33.56 -2.01 13.99
CA LEU EA 312 33.87 -3.42 14.17
C LEU EA 312 34.16 -3.73 15.63
N LYS EA 313 35.15 -3.05 16.19
CA LYS EA 313 35.57 -3.31 17.56
C LYS EA 313 34.53 -2.83 18.56
N ALA EA 314 33.73 -1.82 18.21
CA ALA EA 314 32.71 -1.35 19.13
C ALA EA 314 31.59 -2.36 19.25
N ILE EA 315 31.20 -2.99 18.13
CA ILE EA 315 30.28 -4.11 18.20
C ILE EA 315 30.92 -5.28 18.96
N GLU EA 316 32.23 -5.46 18.81
CA GLU EA 316 32.92 -6.53 19.55
C GLU EA 316 32.91 -6.27 21.06
N VAL EA 317 32.99 -5.02 21.47
CA VAL EA 317 33.20 -4.72 22.88
C VAL EA 317 31.90 -4.41 23.62
N LEU EA 318 30.83 -4.02 22.91
CA LEU EA 318 29.58 -3.70 23.59
C LEU EA 318 28.83 -4.99 23.93
N ARG EA 319 29.33 -5.64 24.97
CA ARG EA 319 28.60 -6.66 25.70
C ARG EA 319 27.86 -5.97 26.83
N ARG EA 320 27.50 -6.73 27.87
CA ARG EA 320 27.01 -6.24 29.18
C ARG EA 320 25.76 -5.37 29.06
N HIS EA 321 24.96 -5.62 28.03
CA HIS EA 321 23.63 -5.08 27.88
C HIS EA 321 22.61 -6.14 28.26
N ARG EA 322 21.32 -5.82 28.10
CA ARG EA 322 20.24 -6.67 28.56
C ARG EA 322 20.11 -7.89 27.66
N THR EA 323 20.44 -9.06 28.20
CA THR EA 323 20.38 -10.37 27.53
C THR EA 323 21.17 -10.42 26.22
N LEU FA 13 77.40 -5.45 -26.42
CA LEU FA 13 78.79 -5.89 -26.50
C LEU FA 13 78.89 -7.33 -27.03
N GLY FA 14 80.11 -7.87 -27.01
CA GLY FA 14 80.41 -9.12 -27.67
C GLY FA 14 80.43 -10.32 -26.73
N LEU FA 15 80.82 -11.45 -27.31
CA LEU FA 15 80.84 -12.73 -26.60
C LEU FA 15 81.92 -12.73 -25.52
N ARG FA 16 81.62 -13.37 -24.40
CA ARG FA 16 82.58 -13.49 -23.31
C ARG FA 16 82.98 -14.94 -23.03
N GLU FA 17 82.02 -15.82 -22.72
CA GLU FA 17 82.36 -17.20 -22.39
C GLU FA 17 81.43 -18.15 -23.08
N ILE FA 18 81.97 -19.31 -23.44
CA ILE FA 18 81.22 -20.33 -24.17
C ILE FA 18 81.22 -21.60 -23.31
N ARG FA 19 80.05 -22.21 -23.18
CA ARG FA 19 79.87 -23.39 -22.35
C ARG FA 19 79.51 -24.57 -23.25
N ILE FA 20 80.23 -25.67 -23.10
CA ILE FA 20 80.00 -26.87 -23.88
C ILE FA 20 79.73 -27.99 -22.89
N HIS FA 21 78.63 -28.71 -23.07
CA HIS FA 21 78.28 -29.82 -22.19
C HIS FA 21 78.11 -31.07 -23.02
N LEU FA 22 78.88 -32.13 -22.69
CA LEU FA 22 78.83 -33.38 -23.43
C LEU FA 22 78.71 -34.62 -22.55
N CYS FA 23 78.76 -35.80 -23.19
CA CYS FA 23 78.54 -37.08 -22.53
C CYS FA 23 79.32 -38.14 -23.30
N GLN FA 24 78.93 -39.41 -23.12
CA GLN FA 24 79.54 -40.52 -23.83
C GLN FA 24 78.64 -41.23 -24.83
N ARG FA 25 77.32 -41.07 -24.75
CA ARG FA 25 76.42 -41.75 -25.68
C ARG FA 25 75.31 -40.78 -26.13
N SER FA 26 75.57 -40.10 -27.24
CA SER FA 26 74.58 -39.35 -28.00
C SER FA 26 75.21 -39.06 -29.35
N PRO FA 27 74.43 -39.12 -30.45
CA PRO FA 27 75.04 -38.87 -31.77
C PRO FA 27 75.45 -37.44 -31.97
N GLY FA 28 74.67 -36.50 -31.43
CA GLY FA 28 75.13 -35.13 -31.37
C GLY FA 28 76.35 -35.00 -30.49
N SER FA 29 76.39 -35.74 -29.37
CA SER FA 29 77.58 -35.72 -28.54
C SER FA 29 78.77 -36.34 -29.26
N GLN FA 30 78.53 -37.36 -30.09
CA GLN FA 30 79.61 -37.92 -30.88
C GLN FA 30 80.13 -36.95 -31.91
N GLY FA 31 79.23 -36.19 -32.53
CA GLY FA 31 79.67 -35.16 -33.47
C GLY FA 31 80.45 -34.05 -32.78
N VAL FA 32 80.01 -33.65 -31.59
CA VAL FA 32 80.75 -32.61 -30.87
C VAL FA 32 82.02 -33.21 -30.25
N ARG FA 33 82.05 -34.52 -30.01
CA ARG FA 33 83.31 -35.17 -29.68
C ARG FA 33 84.29 -35.09 -30.82
N ASP FA 34 83.82 -35.25 -32.05
CA ASP FA 34 84.74 -35.13 -33.18
C ASP FA 34 85.16 -33.68 -33.41
N PHE FA 35 84.28 -32.72 -33.08
CA PHE FA 35 84.70 -31.32 -33.05
C PHE FA 35 85.79 -31.09 -32.00
N ILE FA 36 85.59 -31.62 -30.80
CA ILE FA 36 86.50 -31.35 -29.67
C ILE FA 36 87.74 -32.23 -29.71
N GLU FA 37 87.75 -33.26 -30.55
CA GLU FA 37 88.93 -34.06 -30.78
C GLU FA 37 89.65 -33.67 -32.07
N LYS FA 38 89.02 -32.86 -32.93
CA LYS FA 38 89.72 -32.28 -34.06
C LYS FA 38 89.88 -30.76 -33.94
N ARG FA 39 88.79 -30.01 -33.83
CA ARG FA 39 88.91 -28.59 -34.11
C ARG FA 39 88.74 -27.72 -32.88
N TYR FA 40 89.44 -28.04 -31.80
CA TYR FA 40 89.45 -27.13 -30.67
C TYR FA 40 90.47 -26.00 -30.85
N VAL FA 41 91.58 -26.28 -31.54
CA VAL FA 41 92.76 -25.41 -31.47
C VAL FA 41 92.52 -24.06 -32.13
N GLU FA 42 91.63 -24.00 -33.12
CA GLU FA 42 91.50 -22.78 -33.92
C GLU FA 42 90.77 -21.67 -33.17
N LEU FA 43 89.79 -22.04 -32.34
CA LEU FA 43 89.06 -21.04 -31.57
C LEU FA 43 89.97 -20.37 -30.54
N LYS FA 44 90.58 -21.18 -29.67
CA LYS FA 44 91.38 -20.62 -28.59
C LYS FA 44 92.68 -20.05 -29.13
N LYS FA 45 93.19 -20.58 -30.23
CA LYS FA 45 94.34 -19.98 -30.91
C LYS FA 45 93.97 -18.60 -31.44
N ALA FA 46 92.85 -18.51 -32.15
CA ALA FA 46 92.39 -17.24 -32.69
C ALA FA 46 91.91 -16.32 -31.59
N ASN FA 47 91.39 -16.88 -30.49
CA ASN FA 47 90.83 -16.08 -29.42
C ASN FA 47 91.28 -16.68 -28.09
N PRO FA 48 92.39 -16.19 -27.54
CA PRO FA 48 92.75 -16.58 -26.16
C PRO FA 48 91.90 -15.91 -25.09
N ASP FA 49 91.08 -14.92 -25.47
CA ASP FA 49 90.25 -14.15 -24.54
C ASP FA 49 88.88 -14.77 -24.31
N LEU FA 50 88.73 -16.07 -24.54
CA LEU FA 50 87.47 -16.78 -24.32
C LEU FA 50 87.78 -18.08 -23.60
N PRO FA 51 87.57 -18.14 -22.30
CA PRO FA 51 87.72 -19.42 -21.59
C PRO FA 51 86.53 -20.34 -21.89
N ILE FA 52 86.63 -21.03 -23.02
CA ILE FA 52 85.53 -21.86 -23.53
C ILE FA 52 85.48 -23.14 -22.70
N LEU FA 53 84.59 -23.16 -21.71
CA LEU FA 53 84.55 -24.26 -20.76
C LEU FA 53 83.89 -25.50 -21.38
N ILE FA 54 84.46 -26.66 -21.07
CA ILE FA 54 84.03 -27.96 -21.55
C ILE FA 54 83.61 -28.78 -20.34
N ARG FA 55 82.50 -29.48 -20.44
CA ARG FA 55 82.00 -30.25 -19.31
C ARG FA 55 81.70 -31.68 -19.73
N GLU FA 56 82.18 -32.62 -18.93
CA GLU FA 56 81.90 -34.05 -19.03
C GLU FA 56 81.29 -34.50 -17.70
N CYS FA 57 80.08 -35.08 -17.74
CA CYS FA 57 79.73 -35.80 -16.54
C CYS FA 57 79.45 -37.29 -16.74
N SER FA 58 78.24 -37.63 -17.20
CA SER FA 58 77.98 -39.01 -17.57
C SER FA 58 77.01 -39.11 -18.74
N ASP FA 59 75.93 -38.34 -18.62
CA ASP FA 59 74.86 -38.32 -19.61
C ASP FA 59 74.10 -37.03 -19.36
N VAL FA 60 74.24 -36.08 -20.28
CA VAL FA 60 73.59 -34.79 -20.17
C VAL FA 60 73.26 -34.39 -21.60
N GLN FA 61 72.35 -33.46 -21.75
CA GLN FA 61 72.02 -32.94 -23.06
C GLN FA 61 73.24 -32.22 -23.63
N PRO FA 62 73.68 -32.56 -24.84
CA PRO FA 62 74.90 -31.94 -25.39
C PRO FA 62 74.66 -30.48 -25.75
N LYS FA 63 74.81 -29.60 -24.78
CA LYS FA 63 74.31 -28.24 -24.93
C LYS FA 63 75.43 -27.24 -25.17
N LEU FA 64 75.09 -26.17 -25.90
CA LEU FA 64 76.04 -25.15 -26.31
C LEU FA 64 75.51 -23.79 -25.85
N TRP FA 65 76.16 -23.21 -24.86
CA TRP FA 65 75.70 -22.01 -24.18
C TRP FA 65 76.76 -20.93 -24.31
N ALA FA 66 76.36 -19.69 -24.08
CA ALA FA 66 77.29 -18.57 -24.21
C ALA FA 66 76.83 -17.45 -23.30
N ARG FA 67 77.69 -17.08 -22.35
CA ARG FA 67 77.38 -16.05 -21.36
C ARG FA 67 78.15 -14.78 -21.72
N TYR FA 68 77.39 -13.70 -21.94
CA TYR FA 68 77.96 -12.41 -22.32
C TYR FA 68 76.89 -11.32 -22.18
N ALA FA 69 77.35 -10.07 -22.24
CA ALA FA 69 76.52 -8.85 -22.36
C ALA FA 69 75.53 -8.71 -21.20
N PHE FA 70 76.09 -8.39 -20.04
CA PHE FA 70 75.36 -8.07 -18.81
C PHE FA 70 74.59 -9.25 -18.25
N GLY FA 71 75.06 -10.48 -18.48
CA GLY FA 71 74.36 -11.62 -17.95
C GLY FA 71 73.36 -12.24 -18.89
N GLN FA 72 73.80 -12.60 -20.10
CA GLN FA 72 72.94 -13.32 -21.02
C GLN FA 72 73.55 -14.68 -21.31
N GLU FA 73 72.83 -15.73 -20.92
CA GLU FA 73 73.17 -17.12 -21.19
C GLU FA 73 72.36 -17.55 -22.40
N LYS FA 74 72.94 -17.44 -23.59
CA LYS FA 74 72.23 -17.83 -24.80
C LYS FA 74 72.48 -19.29 -25.09
N ASN FA 75 71.43 -19.96 -25.56
CA ASN FA 75 71.19 -21.37 -25.32
C ASN FA 75 70.82 -22.03 -26.63
N VAL FA 76 71.67 -22.93 -27.12
CA VAL FA 76 71.27 -23.83 -28.21
C VAL FA 76 71.66 -25.25 -27.80
N SER FA 77 71.08 -26.18 -28.52
CA SER FA 77 71.39 -27.58 -28.30
C SER FA 77 72.28 -28.09 -29.42
N LEU FA 78 73.06 -29.11 -29.11
CA LEU FA 78 73.81 -29.86 -30.11
C LEU FA 78 73.40 -31.32 -30.07
N ASN FA 79 72.17 -31.56 -29.64
CA ASN FA 79 71.53 -32.85 -29.80
C ASN FA 79 71.44 -33.19 -31.28
N ASN FA 80 71.81 -34.43 -31.61
CA ASN FA 80 71.78 -35.11 -32.93
C ASN FA 80 72.11 -34.19 -34.13
N PHE FA 81 73.20 -33.44 -34.00
CA PHE FA 81 73.67 -32.59 -35.08
C PHE FA 81 75.01 -33.08 -35.60
N SER FA 82 75.23 -32.84 -36.89
CA SER FA 82 76.52 -33.14 -37.51
C SER FA 82 77.52 -32.03 -37.18
N ALA FA 83 78.81 -32.38 -37.22
CA ALA FA 83 79.86 -31.54 -36.66
C ALA FA 83 80.02 -30.23 -37.42
N ASP FA 84 79.75 -30.24 -38.73
CA ASP FA 84 79.85 -29.01 -39.50
C ASP FA 84 78.70 -28.07 -39.19
N GLN FA 85 77.50 -28.61 -38.98
CA GLN FA 85 76.39 -27.79 -38.49
C GLN FA 85 76.64 -27.32 -37.06
N VAL FA 86 77.34 -28.13 -36.27
CA VAL FA 86 77.72 -27.72 -34.92
C VAL FA 86 78.64 -26.51 -34.97
N THR FA 87 79.65 -26.57 -35.84
CA THR FA 87 80.56 -25.44 -35.99
C THR FA 87 79.86 -24.27 -36.67
N ARG FA 88 78.83 -24.57 -37.48
CA ARG FA 88 78.00 -23.53 -38.08
C ARG FA 88 77.25 -22.75 -37.00
N ALA FA 89 76.63 -23.44 -36.06
CA ALA FA 89 75.94 -22.78 -34.96
C ALA FA 89 76.92 -22.10 -34.02
N LEU FA 90 78.12 -22.66 -33.90
CA LEU FA 90 79.16 -22.07 -33.06
C LEU FA 90 79.62 -20.73 -33.64
N GLU FA 91 79.83 -20.67 -34.95
CA GLU FA 91 80.18 -19.42 -35.59
C GLU FA 91 78.97 -18.50 -35.68
N ASN FA 92 77.76 -19.07 -35.72
CA ASN FA 92 76.52 -18.29 -35.66
C ASN FA 92 76.44 -17.52 -34.36
N VAL FA 93 76.86 -18.14 -33.26
CA VAL FA 93 76.97 -17.43 -32.00
C VAL FA 93 78.13 -16.43 -32.06
N LEU FA 94 79.33 -16.92 -32.31
CA LEU FA 94 80.48 -16.02 -32.39
C LEU FA 94 80.57 -15.36 -33.76
N LYS GA 5 14.73 -76.56 37.44
CA LYS GA 5 15.61 -76.13 38.52
C LYS GA 5 15.06 -75.01 39.39
N LYS GA 6 16.00 -74.19 39.86
CA LYS GA 6 15.72 -73.16 40.84
C LYS GA 6 16.86 -72.15 40.74
N THR GA 7 16.62 -71.05 40.01
CA THR GA 7 17.34 -69.76 40.12
C THR GA 7 18.85 -69.92 39.97
N THR GA 8 19.26 -70.25 38.74
CA THR GA 8 20.65 -70.57 38.40
C THR GA 8 21.60 -69.39 38.66
N GLY GA 9 22.90 -69.70 38.64
CA GLY GA 9 23.92 -68.75 39.06
C GLY GA 9 24.13 -67.60 38.10
N LEU GA 10 23.67 -67.72 36.86
CA LEU GA 10 23.76 -66.61 35.92
C LEU GA 10 22.67 -65.58 36.23
N VAL GA 11 22.64 -64.51 35.44
CA VAL GA 11 21.85 -63.33 35.78
C VAL GA 11 20.72 -63.10 34.79
N GLY GA 12 21.04 -62.85 33.53
CA GLY GA 12 19.99 -62.57 32.56
C GLY GA 12 19.44 -63.80 31.89
N LEU GA 13 19.22 -64.85 32.69
CA LEU GA 13 19.01 -66.19 32.15
C LEU GA 13 18.28 -67.03 33.20
N ALA GA 14 16.97 -67.19 33.02
CA ALA GA 14 16.13 -67.96 33.93
C ALA GA 14 16.08 -69.41 33.48
N VAL GA 15 15.81 -70.30 34.45
CA VAL GA 15 15.98 -71.72 34.23
C VAL GA 15 14.94 -72.27 33.26
N CYS GA 16 15.34 -73.24 32.45
CA CYS GA 16 14.42 -73.90 31.55
C CYS GA 16 13.93 -75.19 32.19
N GLU GA 17 12.78 -75.65 31.73
CA GLU GA 17 12.09 -76.78 32.36
C GLU GA 17 12.21 -78.07 31.57
N THR GA 18 12.35 -78.00 30.25
CA THR GA 18 12.47 -79.17 29.38
C THR GA 18 13.78 -79.04 28.62
N PRO GA 19 14.92 -79.35 29.25
CA PRO GA 19 16.21 -79.10 28.58
C PRO GA 19 16.45 -80.07 27.46
N HIS GA 20 15.95 -81.29 27.60
CA HIS GA 20 16.45 -82.39 26.80
C HIS GA 20 15.98 -82.32 25.36
N GLU GA 21 14.66 -82.35 25.14
CA GLU GA 21 14.15 -82.33 23.78
C GLU GA 21 14.38 -80.99 23.08
N ARG GA 22 14.44 -79.91 23.86
CA ARG GA 22 14.83 -78.62 23.30
C ARG GA 22 16.24 -78.66 22.76
N LEU GA 23 17.15 -79.25 23.53
CA LEU GA 23 18.52 -79.41 23.09
C LEU GA 23 18.61 -80.34 21.88
N LYS GA 24 17.73 -81.35 21.83
CA LYS GA 24 17.78 -82.30 20.74
C LYS GA 24 17.27 -81.69 19.44
N ILE GA 25 16.23 -80.87 19.51
CA ILE GA 25 15.77 -80.22 18.28
C ILE GA 25 16.77 -79.13 17.86
N LEU GA 26 17.49 -78.56 18.83
CA LEU GA 26 18.61 -77.68 18.49
C LEU GA 26 19.67 -78.41 17.65
N TYR GA 27 20.11 -79.58 18.10
CA TYR GA 27 21.19 -80.22 17.38
C TYR GA 27 20.75 -80.88 16.10
N THR GA 28 19.48 -81.28 16.00
CA THR GA 28 19.01 -81.77 14.71
C THR GA 28 18.88 -80.63 13.71
N LYS GA 29 18.54 -79.43 14.15
CA LYS GA 29 18.62 -78.30 13.23
C LYS GA 29 20.06 -77.98 12.83
N ILE GA 30 21.02 -78.23 13.73
CA ILE GA 30 22.43 -78.10 13.36
C ILE GA 30 22.78 -79.10 12.26
N LEU GA 31 22.30 -80.34 12.39
CA LEU GA 31 22.53 -81.34 11.35
C LEU GA 31 21.85 -80.99 10.03
N ASP GA 32 20.67 -80.36 10.09
CA ASP GA 32 19.99 -79.92 8.87
C ASP GA 32 20.79 -78.84 8.14
N VAL GA 33 21.15 -77.79 8.87
CA VAL GA 33 21.86 -76.68 8.24
C VAL GA 33 23.27 -77.10 7.85
N LEU GA 34 23.84 -78.10 8.52
CA LEU GA 34 25.08 -78.70 8.05
C LEU GA 34 24.84 -79.52 6.79
N GLY GA 35 23.66 -80.11 6.64
CA GLY GA 35 23.32 -80.78 5.40
C GLY GA 35 23.21 -79.83 4.23
N HIS GA 36 22.92 -78.55 4.49
CA HIS GA 36 22.99 -77.54 3.43
C HIS GA 36 24.41 -77.36 2.91
N ILE GA 37 25.40 -77.49 3.79
CA ILE GA 37 26.77 -77.12 3.49
C ILE GA 37 27.38 -78.15 2.53
N PRO GA 38 28.20 -77.73 1.57
CA PRO GA 38 28.87 -78.68 0.69
C PRO GA 38 29.79 -79.66 1.42
N LYS GA 39 30.27 -80.63 0.64
CA LYS GA 39 30.69 -81.93 1.15
C LYS GA 39 32.19 -82.00 1.43
N ASN GA 40 33.00 -81.70 0.41
CA ASN GA 40 34.38 -82.18 0.36
C ASN GA 40 35.28 -81.55 1.41
N ALA GA 41 34.92 -80.37 1.91
CA ALA GA 41 35.69 -79.75 2.97
C ALA GA 41 35.49 -80.51 4.28
N ALA GA 42 36.48 -80.37 5.17
CA ALA GA 42 36.47 -81.03 6.46
C ALA GA 42 35.81 -80.18 7.53
N TYR GA 43 35.31 -79.00 7.18
CA TYR GA 43 34.51 -78.23 8.12
C TYR GA 43 33.25 -79.00 8.49
N ARG GA 44 32.62 -79.60 7.48
CA ARG GA 44 31.52 -80.55 7.69
C ARG GA 44 31.97 -81.70 8.57
N LYS GA 45 33.21 -82.17 8.41
CA LYS GA 45 33.71 -83.30 9.18
C LYS GA 45 33.82 -82.94 10.66
N TYR GA 46 34.43 -81.80 10.97
CA TYR GA 46 34.65 -81.47 12.37
C TYR GA 46 33.34 -81.11 13.05
N THR GA 47 32.48 -80.33 12.39
CA THR GA 47 31.19 -80.00 12.98
C THR GA 47 30.30 -81.23 13.13
N GLU GA 48 30.30 -82.11 12.12
CA GLU GA 48 29.50 -83.34 12.18
C GLU GA 48 30.00 -84.26 13.29
N GLN GA 49 31.32 -84.37 13.43
CA GLN GA 49 31.88 -85.27 14.44
C GLN GA 49 31.60 -84.76 15.84
N ILE GA 50 31.78 -83.45 16.07
CA ILE GA 50 31.56 -82.93 17.42
C ILE GA 50 30.07 -82.92 17.75
N THR GA 51 29.22 -82.73 16.75
CA THR GA 51 27.79 -82.64 17.03
C THR GA 51 27.23 -84.02 17.31
N ASN GA 52 27.72 -85.04 16.59
CA ASN GA 52 27.26 -86.39 16.88
C ASN GA 52 27.82 -86.89 18.20
N GLU GA 53 29.04 -86.47 18.56
CA GLU GA 53 29.54 -86.77 19.90
C GLU GA 53 28.63 -86.17 20.97
N LYS GA 54 28.23 -84.91 20.79
CA LYS GA 54 27.45 -84.24 21.82
C LYS GA 54 26.03 -84.78 21.88
N LEU GA 55 25.46 -85.11 20.73
CA LEU GA 55 24.15 -85.73 20.70
C LEU GA 55 24.19 -87.12 21.32
N SER GA 56 25.31 -87.83 21.17
CA SER GA 56 25.46 -89.11 21.84
C SER GA 56 25.66 -88.94 23.33
N ILE GA 57 26.20 -87.80 23.77
CA ILE GA 57 26.22 -87.51 25.19
C ILE GA 57 24.80 -87.37 25.72
N VAL GA 58 23.95 -86.67 24.96
CA VAL GA 58 22.65 -86.30 25.51
C VAL GA 58 21.57 -87.38 25.34
N LYS GA 59 21.60 -88.15 24.24
CA LYS GA 59 20.65 -89.24 24.06
C LYS GA 59 20.84 -90.34 25.08
N ALA GA 60 22.08 -90.60 25.47
CA ALA GA 60 22.36 -91.71 26.37
C ALA GA 60 21.99 -91.41 27.81
N GLU GA 61 21.75 -90.15 28.16
CA GLU GA 61 21.49 -89.78 29.55
C GLU GA 61 20.26 -88.90 29.68
N PRO GA 62 19.24 -89.34 30.41
CA PRO GA 62 18.14 -88.44 30.81
C PRO GA 62 18.35 -87.76 32.16
N ASP GA 63 19.57 -87.73 32.70
CA ASP GA 63 19.81 -87.17 34.02
C ASP GA 63 19.85 -85.65 33.95
N VAL GA 64 20.23 -85.02 35.07
CA VAL GA 64 20.42 -83.58 35.07
C VAL GA 64 21.85 -83.26 35.50
N LYS GA 65 22.20 -83.61 36.73
CA LYS GA 65 23.46 -83.15 37.29
C LYS GA 65 24.64 -83.97 36.79
N LYS GA 66 24.45 -85.28 36.61
CA LYS GA 66 25.44 -86.07 35.89
C LYS GA 66 25.56 -85.59 34.44
N LEU GA 67 24.44 -85.17 33.85
CA LEU GA 67 24.46 -84.63 32.50
C LEU GA 67 25.23 -83.31 32.45
N GLU GA 68 25.26 -82.56 33.56
CA GLU GA 68 26.11 -81.38 33.59
C GLU GA 68 27.57 -81.75 33.74
N GLU GA 69 27.90 -82.64 34.66
CA GLU GA 69 29.32 -82.90 34.89
C GLU GA 69 29.94 -83.76 33.78
N GLN GA 70 29.14 -84.38 32.93
CA GLN GA 70 29.66 -85.07 31.75
C GLN GA 70 29.74 -84.13 30.56
N LEU GA 71 28.60 -83.58 30.14
CA LEU GA 71 28.57 -82.64 29.04
C LEU GA 71 29.13 -81.30 29.50
N GLN GA 72 30.25 -80.88 28.94
CA GLN GA 72 30.87 -79.64 29.36
C GLN GA 72 30.06 -78.44 28.89
N GLY GA 73 30.35 -77.29 29.49
CA GLY GA 73 29.45 -76.16 29.35
C GLY GA 73 28.59 -75.97 30.57
N GLY GA 74 29.23 -75.91 31.75
CA GLY GA 74 28.48 -75.70 32.97
C GLY GA 74 27.84 -74.32 33.02
N GLN GA 75 26.62 -74.26 33.57
CA GLN GA 75 25.89 -75.43 34.06
C GLN GA 75 25.07 -76.17 33.01
N ILE GA 76 23.96 -75.59 32.54
CA ILE GA 76 23.23 -76.26 31.47
C ILE GA 76 22.85 -75.30 30.34
N GLU GA 77 22.26 -74.16 30.69
CA GLU GA 77 21.59 -73.36 29.67
C GLU GA 77 22.58 -72.61 28.78
N GLU GA 78 23.84 -72.53 29.20
CA GLU GA 78 24.89 -72.04 28.31
C GLU GA 78 25.04 -72.91 27.09
N VAL GA 79 24.83 -74.22 27.23
CA VAL GA 79 24.94 -75.14 26.10
C VAL GA 79 23.84 -74.84 25.10
N ILE GA 80 22.66 -74.48 25.59
CA ILE GA 80 21.54 -74.12 24.73
C ILE GA 80 21.84 -72.82 23.99
N LEU GA 81 22.34 -71.82 24.72
CA LEU GA 81 22.67 -70.53 24.12
C LEU GA 81 23.80 -70.66 23.11
N GLN GA 82 24.79 -71.48 23.45
CA GLN GA 82 25.92 -71.72 22.60
C GLN GA 82 25.51 -72.50 21.37
N ALA GA 83 24.49 -73.35 21.50
CA ALA GA 83 23.91 -74.02 20.34
C ALA GA 83 23.21 -73.03 19.44
N GLU GA 84 22.54 -72.02 20.01
CA GLU GA 84 21.94 -70.98 19.19
C GLU GA 84 22.97 -70.21 18.40
N ASN GA 85 24.07 -69.81 19.04
CA ASN GA 85 25.10 -69.10 18.30
C ASN GA 85 25.86 -70.01 17.33
N GLU GA 86 25.88 -71.31 17.60
CA GLU GA 86 26.47 -72.24 16.65
C GLU GA 86 25.58 -72.36 15.42
N LEU GA 87 24.27 -72.32 15.62
CA LEU GA 87 23.33 -72.16 14.50
C LEU GA 87 23.53 -70.83 13.81
N SER GA 88 23.90 -69.79 14.55
CA SER GA 88 24.08 -68.47 13.96
C SER GA 88 25.27 -68.47 13.01
N LEU GA 89 26.39 -69.07 13.42
CA LEU GA 89 27.50 -69.21 12.50
C LEU GA 89 27.16 -70.15 11.36
N ALA GA 90 26.29 -71.14 11.60
CA ALA GA 90 25.88 -72.04 10.54
C ALA GA 90 25.15 -71.28 9.43
N ARG GA 91 24.18 -70.45 9.81
CA ARG GA 91 23.45 -69.63 8.86
C ARG GA 91 24.37 -68.64 8.16
N LYS GA 92 25.28 -68.03 8.92
CA LYS GA 92 26.18 -67.07 8.29
C LYS GA 92 27.26 -67.74 7.45
N MET GA 93 27.44 -69.05 7.58
CA MET GA 93 28.45 -69.75 6.80
C MET GA 93 27.86 -70.72 5.81
N ILE GA 94 26.56 -70.66 5.53
CA ILE GA 94 26.15 -71.01 4.18
C ILE GA 94 26.81 -70.06 3.20
N GLN GA 95 26.74 -68.77 3.50
CA GLN GA 95 27.42 -67.77 2.69
C GLN GA 95 28.90 -67.72 3.06
N TRP GA 96 29.59 -66.79 2.40
CA TRP GA 96 30.92 -66.26 2.73
C TRP GA 96 32.06 -67.22 2.46
N LYS GA 97 31.73 -68.47 2.17
CA LYS GA 97 32.56 -69.58 1.72
C LYS GA 97 33.92 -69.67 2.38
N PRO GA 98 34.01 -69.99 3.67
CA PRO GA 98 35.31 -70.01 4.34
C PRO GA 98 36.25 -71.08 3.84
N TRP GA 99 35.73 -72.18 3.29
CA TRP GA 99 36.58 -73.30 2.92
C TRP GA 99 37.20 -73.16 1.53
N GLU GA 100 36.75 -72.22 0.71
CA GLU GA 100 37.27 -72.10 -0.64
C GLU GA 100 38.67 -71.47 -0.59
N PRO GA 101 39.53 -71.76 -1.57
CA PRO GA 101 40.95 -71.37 -1.48
C PRO GA 101 41.16 -69.86 -1.49
N LEU GA 102 42.41 -69.48 -1.22
CA LEU GA 102 42.73 -68.15 -0.71
C LEU GA 102 42.53 -67.05 -1.73
N VAL GA 103 42.29 -65.84 -1.22
CA VAL GA 103 42.51 -64.61 -1.97
C VAL GA 103 43.99 -64.32 -1.82
N GLU GA 104 44.52 -63.33 -2.56
CA GLU GA 104 45.95 -63.16 -2.83
C GLU GA 104 46.79 -62.94 -1.57
N GLU GA 105 48.11 -63.01 -1.76
CA GLU GA 105 49.10 -63.01 -0.69
C GLU GA 105 49.50 -61.61 -0.27
N PRO GA 106 50.05 -61.45 0.94
CA PRO GA 106 50.73 -60.21 1.30
C PRO GA 106 52.01 -60.05 0.51
N PRO GA 107 52.68 -58.88 0.59
CA PRO GA 107 53.97 -58.73 -0.11
C PRO GA 107 55.13 -59.52 0.48
N ALA GA 108 54.86 -60.36 1.46
CA ALA GA 108 55.66 -61.50 1.94
C ALA GA 108 56.90 -61.09 2.70
N SER GA 109 57.26 -59.81 2.67
CA SER GA 109 58.21 -59.24 3.62
C SER GA 109 57.45 -58.46 4.67
N GLN GA 110 56.29 -58.95 5.03
CA GLN GA 110 55.48 -58.25 6.00
C GLN GA 110 55.34 -58.98 7.32
N TRP GA 111 55.11 -60.28 7.31
CA TRP GA 111 54.80 -60.92 8.59
C TRP GA 111 56.03 -61.31 9.39
N LYS GA 112 57.24 -61.21 8.85
CA LYS GA 112 58.42 -61.45 9.66
C LYS GA 112 58.68 -60.26 10.57
N TRP GA 113 58.97 -60.54 11.83
CA TRP GA 113 59.01 -59.42 12.76
C TRP GA 113 60.26 -58.52 12.76
N PRO GA 114 61.50 -59.03 13.05
CA PRO GA 114 62.50 -58.17 13.70
C PRO GA 114 62.99 -56.93 12.96
N ILE GA 115 62.39 -56.62 11.81
CA ILE GA 115 62.53 -55.39 11.00
C ILE GA 115 63.97 -54.99 10.72
N THR HA 14 46.95 -54.77 -8.76
CA THR HA 14 46.71 -53.72 -7.79
C THR HA 14 45.24 -53.60 -7.43
N SER HA 15 44.89 -54.00 -6.20
CA SER HA 15 43.54 -53.92 -5.69
C SER HA 15 43.46 -52.87 -4.60
N VAL HA 16 42.66 -51.84 -4.83
CA VAL HA 16 42.42 -50.74 -3.91
C VAL HA 16 40.91 -50.59 -3.79
N LYS HA 17 40.41 -50.66 -2.56
CA LYS HA 17 38.97 -50.67 -2.33
C LYS HA 17 38.57 -49.33 -1.73
N PRO HA 18 38.07 -48.39 -2.52
CA PRO HA 18 37.88 -47.02 -2.04
C PRO HA 18 36.63 -46.88 -1.17
N ILE HA 19 36.49 -45.69 -0.61
CA ILE HA 19 35.43 -45.45 0.38
C ILE HA 19 34.08 -45.36 -0.29
N PHE HA 20 33.91 -44.33 -1.11
CA PHE HA 20 32.61 -43.94 -1.65
C PHE HA 20 32.71 -43.71 -3.15
N SER HA 21 33.91 -43.37 -3.61
CA SER HA 21 34.08 -42.74 -4.91
C SER HA 21 34.10 -43.75 -6.04
N ARG HA 22 33.59 -43.30 -7.19
CA ARG HA 22 33.78 -43.99 -8.45
C ARG HA 22 34.60 -43.13 -9.40
N ASP HA 23 34.07 -41.97 -9.78
CA ASP HA 23 34.86 -40.91 -10.37
C ASP HA 23 34.73 -39.71 -9.47
N MET HA 24 35.21 -38.57 -9.93
CA MET HA 24 35.11 -37.41 -9.08
C MET HA 24 33.75 -36.74 -9.16
N ASN HA 25 32.77 -37.30 -9.87
CA ASN HA 25 31.44 -36.72 -9.89
C ASN HA 25 30.78 -36.82 -8.52
N GLU HA 26 30.85 -37.99 -7.89
CA GLU HA 26 30.29 -38.14 -6.55
C GLU HA 26 31.10 -37.35 -5.54
N ALA HA 27 32.39 -37.19 -5.80
CA ALA HA 27 33.24 -36.32 -5.00
C ALA HA 27 32.75 -34.88 -5.04
N LYS HA 28 32.55 -34.36 -6.26
CA LYS HA 28 31.97 -33.03 -6.46
C LYS HA 28 30.61 -32.90 -5.79
N ARG HA 29 29.79 -33.95 -5.88
CA ARG HA 29 28.44 -33.92 -5.34
C ARG HA 29 28.44 -33.82 -3.83
N ARG HA 30 29.19 -34.70 -3.17
CA ARG HA 30 29.24 -34.65 -1.71
C ARG HA 30 29.95 -33.40 -1.22
N VAL HA 31 30.95 -32.91 -1.95
CA VAL HA 31 31.65 -31.75 -1.43
C VAL HA 31 30.82 -30.48 -1.63
N ARG HA 32 29.99 -30.41 -2.68
CA ARG HA 32 29.15 -29.23 -2.82
C ARG HA 32 28.02 -29.28 -1.80
N GLU HA 33 27.54 -30.48 -1.46
CA GLU HA 33 26.54 -30.55 -0.42
C GLU HA 33 27.14 -30.25 0.95
N LEU HA 34 28.38 -30.63 1.17
CA LEU HA 34 29.05 -30.33 2.43
C LEU HA 34 29.28 -28.83 2.56
N TYR HA 35 29.58 -28.16 1.45
CA TYR HA 35 29.71 -26.71 1.49
C TYR HA 35 28.37 -26.04 1.77
N ARG HA 36 27.28 -26.60 1.24
CA ARG HA 36 25.96 -26.06 1.56
C ARG HA 36 25.64 -26.24 3.03
N ALA HA 37 26.07 -27.36 3.59
CA ALA HA 37 25.90 -27.60 5.02
C ALA HA 37 26.70 -26.60 5.84
N TRP HA 38 27.92 -26.28 5.40
CA TRP HA 38 28.66 -25.24 6.12
C TRP HA 38 28.05 -23.87 5.94
N TYR HA 39 27.42 -23.60 4.79
CA TYR HA 39 26.81 -22.29 4.61
C TYR HA 39 25.64 -22.10 5.55
N ARG HA 40 24.76 -23.09 5.64
CA ARG HA 40 23.71 -22.90 6.64
C ARG HA 40 24.19 -23.23 8.04
N GLU HA 41 25.43 -23.65 8.21
CA GLU HA 41 25.98 -23.87 9.54
C GLU HA 41 26.47 -22.57 10.16
N VAL HA 42 27.00 -21.66 9.33
CA VAL HA 42 27.75 -20.51 9.85
C VAL HA 42 26.92 -19.53 10.69
N PRO HA 43 25.77 -19.00 10.22
CA PRO HA 43 25.14 -17.91 10.98
C PRO HA 43 24.55 -18.35 12.29
N ASN HA 44 24.08 -19.60 12.36
CA ASN HA 44 23.60 -20.14 13.61
C ASN HA 44 24.72 -20.22 14.64
N THR HA 45 25.92 -20.60 14.22
CA THR HA 45 27.00 -20.72 15.18
C THR HA 45 27.56 -19.37 15.59
N VAL HA 46 27.66 -18.43 14.65
CA VAL HA 46 28.19 -17.12 15.00
C VAL HA 46 27.16 -16.34 15.81
N HIS HA 47 25.89 -16.74 15.77
CA HIS HA 47 24.93 -16.21 16.72
C HIS HA 47 24.97 -16.95 18.05
N LEU HA 48 25.25 -18.25 18.03
CA LEU HA 48 25.14 -19.05 19.24
C LEU HA 48 26.29 -18.81 20.20
N PHE HA 49 27.52 -18.74 19.69
CA PHE HA 49 28.66 -18.62 20.57
C PHE HA 49 28.93 -17.19 21.01
N GLN HA 50 28.03 -16.27 20.68
CA GLN HA 50 28.17 -14.84 20.94
C GLN HA 50 29.48 -14.32 20.39
N LEU HA 51 29.74 -14.65 19.13
CA LEU HA 51 30.99 -14.31 18.50
C LEU HA 51 30.98 -12.85 18.08
N ASP HA 52 32.06 -12.43 17.43
CA ASP HA 52 32.29 -11.00 17.24
C ASP HA 52 32.85 -10.70 15.86
N ILE HA 53 32.47 -11.49 14.87
CA ILE HA 53 33.05 -11.44 13.54
C ILE HA 53 31.90 -11.34 12.55
N SER HA 54 32.06 -10.51 11.52
CA SER HA 54 31.04 -10.40 10.49
C SER HA 54 30.87 -11.70 9.74
N VAL HA 55 29.65 -11.93 9.26
CA VAL HA 55 29.30 -13.19 8.64
C VAL HA 55 30.02 -13.33 7.30
N LYS HA 56 30.22 -12.20 6.61
CA LYS HA 56 30.96 -12.18 5.35
C LYS HA 56 32.37 -12.71 5.54
N GLN HA 57 33.05 -12.25 6.59
CA GLN HA 57 34.43 -12.63 6.84
C GLN HA 57 34.54 -14.12 7.17
N GLY HA 58 33.62 -14.62 8.00
CA GLY HA 58 33.66 -16.02 8.37
C GLY HA 58 33.39 -16.93 7.20
N ARG HA 59 32.40 -16.58 6.37
CA ARG HA 59 32.11 -17.38 5.19
C ARG HA 59 33.23 -17.32 4.18
N ASP HA 60 33.91 -16.18 4.08
CA ASP HA 60 35.02 -16.13 3.14
C ASP HA 60 36.22 -16.90 3.65
N LYS HA 61 36.41 -16.98 4.96
CA LYS HA 61 37.46 -17.86 5.45
C LYS HA 61 37.08 -19.33 5.27
N VAL HA 62 35.78 -19.64 5.34
CA VAL HA 62 35.30 -21.00 5.06
C VAL HA 62 35.62 -21.40 3.63
N ARG HA 63 35.21 -20.57 2.68
CA ARG HA 63 35.47 -20.89 1.29
C ARG HA 63 36.94 -20.78 0.94
N GLU HA 64 37.72 -20.00 1.70
CA GLU HA 64 39.16 -19.98 1.49
C GLU HA 64 39.79 -21.30 1.93
N MET HA 65 39.30 -21.86 3.05
CA MET HA 65 39.78 -23.16 3.50
C MET HA 65 39.38 -24.27 2.53
N PHE HA 66 38.21 -24.14 1.90
CA PHE HA 66 37.88 -25.05 0.82
C PHE HA 66 38.81 -24.90 -0.37
N LYS HA 67 39.07 -23.65 -0.77
CA LYS HA 67 39.89 -23.38 -1.95
C LYS HA 67 41.36 -23.65 -1.74
N LYS HA 68 41.78 -23.94 -0.51
CA LYS HA 68 43.16 -24.37 -0.30
C LYS HA 68 43.44 -25.73 -0.93
N ASN HA 69 42.54 -26.70 -0.71
CA ASN HA 69 42.82 -28.07 -1.11
C ASN HA 69 42.07 -28.49 -2.36
N ALA HA 70 41.91 -27.60 -3.33
CA ALA HA 70 41.31 -27.97 -4.61
C ALA HA 70 42.29 -28.67 -5.54
N HIS HA 71 43.55 -28.82 -5.11
CA HIS HA 71 44.65 -29.29 -5.92
C HIS HA 71 44.81 -30.80 -5.89
N VAL HA 72 43.87 -31.52 -5.30
CA VAL HA 72 44.00 -32.95 -5.12
C VAL HA 72 42.89 -33.64 -5.88
N THR HA 73 43.26 -34.55 -6.78
CA THR HA 73 42.29 -35.27 -7.57
C THR HA 73 42.12 -36.72 -7.17
N ASP HA 74 42.98 -37.24 -6.30
CA ASP HA 74 42.89 -38.65 -5.93
C ASP HA 74 41.64 -38.87 -5.07
N PRO HA 75 40.75 -39.76 -5.45
CA PRO HA 75 39.38 -39.71 -4.94
C PRO HA 75 39.23 -40.21 -3.50
N ARG HA 76 40.14 -41.11 -3.10
CA ARG HA 76 40.15 -41.55 -1.71
C ARG HA 76 40.50 -40.42 -0.77
N VAL HA 77 41.43 -39.58 -1.20
CA VAL HA 77 41.79 -38.40 -0.42
C VAL HA 77 40.59 -37.49 -0.28
N VAL HA 78 39.82 -37.34 -1.35
CA VAL HA 78 38.63 -36.49 -1.32
C VAL HA 78 37.59 -37.08 -0.38
N ASP HA 79 37.47 -38.42 -0.36
CA ASP HA 79 36.54 -39.07 0.55
C ASP HA 79 36.91 -38.81 2.01
N LEU HA 80 38.21 -38.89 2.31
CA LEU HA 80 38.63 -38.71 3.68
C LEU HA 80 38.50 -37.24 4.11
N LEU HA 81 38.70 -36.32 3.18
CA LEU HA 81 38.43 -34.90 3.44
C LEU HA 81 36.97 -34.64 3.74
N VAL HA 82 36.08 -35.25 2.96
CA VAL HA 82 34.64 -35.07 3.15
C VAL HA 82 34.23 -35.58 4.53
N ILE HA 83 34.81 -36.71 4.95
CA ILE HA 83 34.46 -37.26 6.25
C ILE HA 83 35.01 -36.41 7.39
N LYS HA 84 36.21 -35.84 7.22
CA LYS HA 84 36.76 -34.93 8.23
C LYS HA 84 35.89 -33.68 8.40
N GLY HA 85 35.55 -33.03 7.29
CA GLY HA 85 34.73 -31.85 7.34
C GLY HA 85 33.35 -32.12 7.90
N LYS HA 86 32.81 -33.31 7.62
CA LYS HA 86 31.52 -33.67 8.20
C LYS HA 86 31.64 -33.84 9.71
N MET HA 87 32.77 -34.39 10.17
CA MET HA 87 32.99 -34.55 11.61
C MET HA 87 33.00 -33.21 12.31
N GLU HA 88 33.72 -32.24 11.76
CA GLU HA 88 33.77 -30.99 12.50
C GLU HA 88 32.52 -30.15 12.32
N LEU HA 89 31.76 -30.36 11.24
CA LEU HA 89 30.46 -29.71 11.16
C LEU HA 89 29.49 -30.27 12.20
N GLU HA 90 29.56 -31.58 12.44
CA GLU HA 90 28.81 -32.17 13.55
C GLU HA 90 29.23 -31.56 14.88
N GLU HA 91 30.53 -31.50 15.11
CA GLU HA 91 31.00 -31.10 16.43
C GLU HA 91 30.90 -29.60 16.68
N THR HA 92 30.68 -28.78 15.65
CA THR HA 92 30.28 -27.40 15.90
C THR HA 92 28.78 -27.17 15.77
N ILE HA 93 28.03 -28.09 15.16
CA ILE HA 93 26.59 -27.89 15.15
C ILE HA 93 26.00 -28.35 16.47
N ASN HA 94 26.72 -29.17 17.22
CA ASN HA 94 26.43 -29.30 18.64
C ASN HA 94 27.15 -28.18 19.36
N VAL HA 95 27.20 -28.22 20.69
CA VAL HA 95 27.84 -27.15 21.43
C VAL HA 95 29.09 -27.80 22.04
N TRP HA 96 29.59 -28.85 21.38
CA TRP HA 96 30.65 -29.64 21.97
C TRP HA 96 31.97 -28.91 21.93
N LYS HA 97 32.19 -28.12 20.90
CA LYS HA 97 33.37 -27.28 20.83
C LYS HA 97 33.01 -25.93 21.39
N GLN HA 98 33.94 -25.33 22.10
CA GLN HA 98 33.67 -24.10 22.83
C GLN HA 98 34.00 -22.89 21.96
N ARG HA 99 34.12 -21.72 22.59
CA ARG HA 99 34.50 -20.51 21.87
C ARG HA 99 35.95 -20.58 21.39
N THR HA 100 36.80 -21.27 22.15
CA THR HA 100 38.23 -21.27 21.90
C THR HA 100 38.59 -21.94 20.58
N HIS HA 101 37.98 -23.09 20.30
CA HIS HA 101 38.32 -23.82 19.09
C HIS HA 101 37.81 -23.10 17.85
N VAL HA 102 36.64 -22.49 17.95
CA VAL HA 102 36.05 -21.74 16.85
C VAL HA 102 36.89 -20.52 16.52
N MET HA 103 37.34 -19.79 17.54
CA MET HA 103 38.28 -18.72 17.28
C MET HA 103 39.62 -19.25 16.80
N ARG HA 104 39.98 -20.48 17.19
CA ARG HA 104 41.27 -21.05 16.83
C ARG HA 104 41.32 -21.37 15.34
N PHE HA 105 40.17 -21.62 14.73
CA PHE HA 105 40.11 -21.66 13.27
C PHE HA 105 40.53 -20.32 12.66
N PHE HA 106 40.15 -19.23 13.29
CA PHE HA 106 40.57 -17.94 12.79
C PHE HA 106 42.02 -17.70 13.24
N HIS HA 107 42.64 -16.67 12.69
CA HIS HA 107 43.93 -16.19 13.17
C HIS HA 107 43.80 -14.69 13.38
N GLU HA 108 43.27 -14.27 14.53
CA GLU HA 108 43.24 -12.85 14.82
C GLU HA 108 44.39 -12.40 15.70
N THR HA 109 45.17 -13.33 16.22
CA THR HA 109 46.42 -13.02 16.88
C THR HA 109 47.55 -13.33 15.90
N GLU HA 110 48.37 -12.33 15.60
CA GLU HA 110 49.52 -12.57 14.74
C GLU HA 110 50.50 -13.53 15.40
N ALA HA 111 51.18 -14.40 14.63
CA ALA HA 111 51.20 -14.70 13.15
C ALA HA 111 51.36 -13.58 12.09
N PRO HA 112 52.51 -12.88 12.08
CA PRO HA 112 52.65 -11.79 11.10
C PRO HA 112 53.41 -12.17 9.84
N ARG HA 113 54.07 -13.32 9.83
CA ARG HA 113 55.23 -13.59 8.98
C ARG HA 113 54.89 -13.69 7.49
N PRO HA 114 55.32 -12.75 6.64
CA PRO HA 114 55.06 -12.86 5.21
C PRO HA 114 56.19 -13.60 4.52
N LYS HA 115 56.13 -13.69 3.19
CA LYS HA 115 57.08 -14.48 2.43
C LYS HA 115 58.09 -13.63 1.68
N ASP HA 116 58.37 -12.41 2.15
CA ASP HA 116 59.39 -11.59 1.51
C ASP HA 116 60.75 -12.21 1.75
N PHE HA 117 61.66 -12.00 0.79
CA PHE HA 117 63.02 -12.51 1.00
C PHE HA 117 63.73 -11.68 2.06
N LEU HA 118 63.65 -10.35 1.93
CA LEU HA 118 64.47 -9.50 2.77
C LEU HA 118 63.95 -9.48 4.19
N SER HA 119 62.64 -9.64 4.36
CA SER HA 119 62.04 -9.72 5.69
C SER HA 119 62.57 -10.92 6.46
N LYS HA 120 62.63 -12.07 5.80
CA LYS HA 120 63.22 -13.24 6.42
C LYS HA 120 64.73 -13.16 6.45
N PHE HA 121 65.33 -12.23 5.72
CA PHE HA 121 66.76 -12.02 5.84
C PHE HA 121 67.09 -11.15 7.03
N TYR HA 122 66.16 -10.29 7.46
CA TYR HA 122 66.40 -9.51 8.68
C TYR HA 122 66.27 -10.39 9.92
N VAL HA 123 65.09 -10.96 10.13
CA VAL HA 123 64.87 -11.89 11.23
C VAL HA 123 65.45 -13.22 10.76
N GLY HA 124 66.66 -13.54 11.22
CA GLY HA 124 67.51 -14.44 10.49
C GLY HA 124 67.19 -15.91 10.60
N HIS HA 125 67.80 -16.66 9.69
CA HIS HA 125 67.81 -18.12 9.66
C HIS HA 125 66.41 -18.71 9.52
N ASP HA 126 65.62 -18.15 8.61
CA ASP HA 126 64.36 -18.76 8.18
C ASP HA 126 64.31 -18.81 6.66
N PRO HA 127 65.03 -19.74 6.03
CA PRO HA 127 64.95 -19.80 4.56
C PRO HA 127 63.68 -20.49 4.09
N ALA IA 1 41.15 -43.59 74.43
CA ALA IA 1 41.50 -44.09 75.74
C ALA IA 1 41.78 -42.94 76.69
N SER IA 2 42.57 -43.25 77.74
CA SER IA 2 43.06 -42.29 78.74
C SER IA 2 41.93 -41.51 79.38
N ALA IA 3 40.83 -42.20 79.64
CA ALA IA 3 39.61 -41.55 80.07
C ALA IA 3 38.91 -42.46 81.06
N THR IA 4 37.99 -41.88 81.82
CA THR IA 4 37.41 -42.57 82.96
C THR IA 4 36.44 -43.66 82.50
N ARG IA 5 35.97 -44.45 83.46
CA ARG IA 5 35.30 -45.69 83.13
C ARG IA 5 33.83 -45.49 82.79
N LEU IA 6 33.23 -44.40 83.24
CA LEU IA 6 31.82 -44.16 82.93
C LEU IA 6 31.64 -43.90 81.43
N ILE IA 7 32.49 -43.05 80.86
CA ILE IA 7 32.42 -42.80 79.43
C ILE IA 7 33.00 -43.97 78.63
N GLN IA 8 33.90 -44.77 79.22
CA GLN IA 8 34.31 -46.02 78.58
C GLN IA 8 33.14 -46.98 78.43
N GLY IA 9 32.36 -47.12 79.50
CA GLY IA 9 31.18 -47.95 79.42
C GLY IA 9 30.14 -47.41 78.46
N LEU IA 10 30.06 -46.08 78.33
CA LEU IA 10 29.14 -45.52 77.35
C LEU IA 10 29.61 -45.79 75.92
N ARG IA 11 30.92 -45.80 75.69
CA ARG IA 11 31.43 -46.19 74.38
C ARG IA 11 31.12 -47.65 74.08
N ASN IA 12 31.35 -48.53 75.05
CA ASN IA 12 31.06 -49.94 74.81
C ASN IA 12 29.56 -50.25 74.81
N TRP IA 13 28.74 -49.37 75.35
CA TRP IA 13 27.30 -49.57 75.28
C TRP IA 13 26.76 -49.07 73.96
N ALA IA 14 27.39 -48.05 73.40
CA ALA IA 14 27.04 -47.60 72.05
C ALA IA 14 27.57 -48.53 70.97
N SER IA 15 28.59 -49.33 71.29
CA SER IA 15 29.12 -50.30 70.35
C SER IA 15 29.81 -51.40 71.17
N GLY IA 16 29.17 -52.55 71.27
CA GLY IA 16 29.71 -53.62 72.10
C GLY IA 16 30.85 -54.39 71.48
N ARG IA 17 31.95 -53.72 71.17
CA ARG IA 17 33.06 -54.33 70.44
C ARG IA 17 34.36 -54.31 71.23
N ASP IA 18 34.32 -53.97 72.52
CA ASP IA 18 35.49 -53.84 73.40
C ASP IA 18 36.50 -52.86 72.81
N LEU IA 19 36.04 -51.62 72.68
CA LEU IA 19 36.79 -50.57 71.99
C LEU IA 19 38.05 -50.18 72.74
N GLN IA 20 38.03 -50.31 74.07
CA GLN IA 20 39.19 -49.99 74.89
C GLN IA 20 40.34 -50.94 74.63
N ALA IA 21 40.06 -52.16 74.17
CA ALA IA 21 41.09 -53.15 73.89
C ALA IA 21 42.00 -52.72 72.74
N LYS IA 22 41.46 -52.61 71.54
CA LYS IA 22 42.27 -52.21 70.38
C LYS IA 22 41.61 -51.02 69.71
N LEU IA 23 42.26 -49.85 69.77
CA LEU IA 23 41.60 -48.57 69.54
C LEU IA 23 42.10 -47.77 68.34
N GLN IA 24 43.12 -48.26 67.62
CA GLN IA 24 43.82 -47.56 66.54
C GLN IA 24 44.39 -46.22 67.04
N LEU IA 25 45.07 -46.31 68.17
CA LEU IA 25 46.14 -45.38 68.52
C LEU IA 25 47.25 -46.28 69.03
N ARG IA 26 48.36 -46.32 68.32
CA ARG IA 26 49.42 -47.25 68.66
C ARG IA 26 50.34 -46.67 69.75
N TYR IA 27 50.64 -47.49 70.76
CA TYR IA 27 51.48 -47.04 71.86
C TYR IA 27 52.72 -47.90 72.09
N GLN IA 28 52.53 -49.21 72.25
CA GLN IA 28 53.63 -50.11 72.59
C GLN IA 28 54.32 -50.68 71.35
N GLU IA 29 53.54 -51.11 70.37
CA GLU IA 29 54.09 -51.85 69.23
C GLU IA 29 54.30 -50.93 68.03
N ILE IA 30 54.74 -49.70 68.31
CA ILE IA 30 55.56 -49.03 67.32
C ILE IA 30 56.89 -49.76 67.30
N SER IA 31 57.40 -50.03 66.09
CA SER IA 31 58.69 -50.68 65.94
C SER IA 31 59.78 -49.83 66.56
N LYS IA 32 60.47 -50.39 67.53
CA LYS IA 32 61.50 -49.67 68.28
C LYS IA 32 62.64 -49.35 67.33
N ARG IA 33 62.76 -48.07 66.97
CA ARG IA 33 63.62 -47.65 65.88
C ARG IA 33 65.09 -47.70 66.29
N THR IA 34 65.95 -47.35 65.34
CA THR IA 34 67.39 -47.63 65.37
C THR IA 34 67.65 -49.10 65.67
N GLN IA 35 67.15 -49.95 64.78
CA GLN IA 35 67.40 -51.38 64.83
C GLN IA 35 68.86 -51.71 64.53
N PRO IA 36 69.33 -52.91 64.89
CA PRO IA 36 70.70 -53.29 64.53
C PRO IA 36 70.85 -53.40 63.04
N PRO IA 37 72.04 -53.11 62.51
CA PRO IA 37 72.23 -53.06 61.07
C PRO IA 37 72.25 -54.44 60.46
N PRO IA 38 71.47 -54.67 59.42
CA PRO IA 38 71.35 -56.03 58.88
C PRO IA 38 72.46 -56.40 57.93
N LYS IA 39 72.75 -57.69 57.90
CA LYS IA 39 73.62 -58.28 56.90
C LYS IA 39 72.75 -59.09 55.95
N LEU IA 40 72.74 -58.68 54.69
CA LEU IA 40 71.92 -59.30 53.68
C LEU IA 40 72.46 -60.69 53.33
N PRO IA 41 71.62 -61.56 52.80
CA PRO IA 41 72.11 -62.78 52.16
C PRO IA 41 72.45 -62.52 50.70
N VAL IA 42 73.32 -63.38 50.17
CA VAL IA 42 73.61 -63.42 48.75
C VAL IA 42 73.19 -64.78 48.23
N GLY IA 43 72.41 -64.78 47.16
CA GLY IA 43 71.61 -65.93 46.79
C GLY IA 43 72.37 -67.00 46.04
N PRO IA 44 71.66 -67.73 45.16
CA PRO IA 44 72.26 -68.90 44.52
C PRO IA 44 73.25 -68.60 43.41
N SER IA 45 74.14 -67.66 43.66
CA SER IA 45 75.18 -67.20 42.75
C SER IA 45 76.11 -66.36 43.61
N HIS IA 46 77.32 -66.15 43.10
CA HIS IA 46 78.63 -65.91 43.71
C HIS IA 46 79.21 -67.25 44.14
N ARG IA 47 78.47 -68.35 43.98
CA ARG IA 47 79.00 -69.69 44.11
C ARG IA 47 80.14 -69.86 43.14
N LEU IA 48 81.35 -70.00 43.68
CA LEU IA 48 82.54 -70.14 42.86
C LEU IA 48 82.53 -71.51 42.18
N SER IA 49 83.39 -71.64 41.16
CA SER IA 49 83.87 -72.88 40.55
C SER IA 49 82.85 -73.57 39.66
N ASN IA 50 81.60 -73.14 39.63
CA ASN IA 50 80.63 -73.85 38.80
C ASN IA 50 79.72 -72.92 38.02
N ASN IA 51 79.67 -71.64 38.33
CA ASN IA 51 78.70 -70.74 37.70
C ASN IA 51 79.19 -70.33 36.31
N TYR IA 52 79.02 -71.23 35.37
CA TYR IA 52 79.08 -70.83 33.98
C TYR IA 52 77.85 -70.00 33.67
N TYR IA 53 78.06 -68.77 33.21
CA TYR IA 53 76.94 -67.97 32.75
C TYR IA 53 76.33 -68.54 31.48
N CYS IA 54 77.10 -69.38 30.77
CA CYS IA 54 76.63 -70.08 29.58
C CYS IA 54 75.33 -70.84 29.79
N ALA IA 55 75.13 -71.39 30.99
CA ALA IA 55 73.90 -72.12 31.27
C ALA IA 55 72.73 -71.15 31.40
N ARG IA 56 72.76 -70.31 32.44
CA ARG IA 56 71.57 -69.57 32.82
C ARG IA 56 71.38 -68.29 32.01
N ASP IA 57 71.44 -68.40 30.69
CA ASP IA 57 71.39 -67.24 29.82
C ASP IA 57 69.98 -67.08 29.27
N GLY IA 58 69.10 -66.57 30.14
CA GLY IA 58 67.67 -66.51 29.83
C GLY IA 58 67.33 -65.54 28.72
N ARG IA 59 68.19 -64.58 28.45
CA ARG IA 59 68.01 -63.72 27.30
C ARG IA 59 68.22 -64.51 26.01
N ARG IA 60 69.21 -65.39 25.99
CA ARG IA 60 69.55 -66.15 24.78
C ARG IA 60 68.74 -67.41 24.62
N GLU IA 61 67.80 -67.69 25.51
CA GLU IA 61 66.89 -68.80 25.32
C GLU IA 61 65.64 -68.40 24.53
N ALA IA 62 65.63 -67.21 23.96
CA ALA IA 62 64.47 -66.70 23.24
C ALA IA 62 64.46 -67.29 21.84
N MET IA 63 63.61 -68.24 21.61
CA MET IA 63 63.47 -68.81 20.30
C MET IA 63 62.62 -67.89 19.43
N PRO IA 64 62.83 -67.89 18.12
CA PRO IA 64 61.86 -67.24 17.24
C PRO IA 64 60.62 -68.10 17.14
N PRO IA 65 59.45 -67.50 16.90
CA PRO IA 65 58.21 -68.28 16.97
C PRO IA 65 58.04 -69.20 15.78
N SER IA 66 57.55 -70.41 16.06
CA SER IA 66 57.34 -71.38 15.00
C SER IA 66 56.12 -71.01 14.17
N ILE IA 67 56.13 -71.44 12.91
CA ILE IA 67 55.28 -70.88 11.88
C ILE IA 67 54.51 -72.01 11.20
N VAL IA 68 53.31 -72.29 11.69
CA VAL IA 68 52.40 -73.22 11.02
C VAL IA 68 51.36 -72.37 10.30
N MET IA 69 51.71 -71.97 9.07
CA MET IA 69 50.85 -71.76 7.89
C MET IA 69 51.74 -71.12 6.84
N SER IA 70 51.14 -70.57 5.79
CA SER IA 70 51.78 -69.71 4.84
C SER IA 70 50.72 -68.76 4.25
N SER IA 71 51.19 -67.98 3.30
CA SER IA 71 50.39 -67.00 2.62
C SER IA 71 49.77 -67.63 1.37
N SER IA 89 39.70 -87.74 8.06
CA SER IA 89 40.61 -88.76 8.56
C SER IA 89 41.80 -88.12 9.27
N GLU IA 90 41.59 -86.89 9.73
CA GLU IA 90 42.56 -86.18 10.57
C GLU IA 90 41.90 -85.96 11.93
N LYS IA 91 42.34 -86.77 12.91
CA LYS IA 91 41.70 -86.83 14.22
C LYS IA 91 41.95 -85.56 15.02
N LYS IA 92 41.04 -84.60 14.90
CA LYS IA 92 41.30 -83.23 15.29
C LYS IA 92 40.02 -82.65 15.86
N ALA IA 93 39.89 -81.31 15.80
CA ALA IA 93 38.88 -80.50 16.48
C ALA IA 93 39.03 -80.64 17.99
N VAL IA 94 40.24 -80.41 18.46
CA VAL IA 94 40.47 -80.30 19.88
C VAL IA 94 40.36 -78.84 20.30
N SER IA 95 40.21 -78.64 21.56
CA SER IA 95 40.18 -77.35 22.21
C SER IA 95 41.60 -76.89 22.51
N PRO IA 96 41.81 -75.58 22.68
CA PRO IA 96 43.15 -75.12 23.06
C PRO IA 96 43.62 -75.64 24.40
N ALA IA 97 42.70 -75.83 25.33
CA ALA IA 97 43.07 -76.34 26.64
C ALA IA 97 42.07 -77.43 27.01
N PRO IA 98 42.33 -78.21 28.06
CA PRO IA 98 41.25 -78.94 28.70
C PRO IA 98 40.19 -77.99 29.21
N PRO IA 99 38.92 -78.34 29.09
CA PRO IA 99 37.86 -77.46 29.59
C PRO IA 99 37.87 -77.34 31.10
N ILE IA 100 37.54 -76.16 31.58
CA ILE IA 100 37.83 -75.79 32.95
C ILE IA 100 36.81 -76.39 33.89
N LYS IA 101 37.28 -77.12 34.89
CA LYS IA 101 36.39 -77.70 35.89
C LYS IA 101 35.80 -76.62 36.76
N ARG IA 102 34.50 -76.70 36.99
CA ARG IA 102 33.81 -75.82 37.92
C ARG IA 102 34.32 -76.06 39.33
N TRP IA 103 34.39 -74.98 40.11
CA TRP IA 103 35.04 -74.95 41.41
C TRP IA 103 34.12 -75.54 42.46
N GLU IA 104 34.39 -75.26 43.73
CA GLU IA 104 33.51 -75.65 44.81
C GLU IA 104 33.26 -74.45 45.70
N LEU IA 105 32.07 -74.39 46.31
CA LEU IA 105 31.87 -73.55 47.49
C LEU IA 105 32.91 -73.91 48.53
N SER IA 106 33.69 -72.93 48.95
CA SER IA 106 34.63 -73.20 50.02
C SER IA 106 33.89 -73.36 51.34
N GLN IA 107 34.36 -74.32 52.15
CA GLN IA 107 33.68 -74.72 53.37
C GLN IA 107 33.66 -73.60 54.40
N ASP IA 108 34.63 -72.69 54.34
CA ASP IA 108 34.85 -71.67 55.37
C ASP IA 108 33.75 -70.61 55.28
N GLU IA 109 32.58 -70.98 55.80
CA GLU IA 109 31.33 -70.24 55.93
C GLU IA 109 30.91 -69.62 54.61
N PRO IA 110 30.45 -70.39 53.65
CA PRO IA 110 29.94 -69.82 52.41
C PRO IA 110 28.49 -69.41 52.63
N TYR IA 111 27.86 -68.97 51.55
CA TYR IA 111 26.44 -68.62 51.61
C TYR IA 111 25.71 -69.40 50.52
N LEU IA 112 24.80 -70.29 50.92
CA LEU IA 112 24.52 -70.53 52.34
C LEU IA 112 25.25 -71.78 52.81
N GLU JA 2 33.66 -38.63 89.35
CA GLU JA 2 35.09 -38.80 89.11
C GLU JA 2 35.65 -37.71 88.22
N LEU JA 3 34.81 -36.73 87.89
CA LEU JA 3 35.29 -35.59 87.14
C LEU JA 3 36.11 -34.65 88.00
N LEU JA 4 35.94 -34.72 89.32
CA LEU JA 4 36.84 -34.01 90.23
C LEU JA 4 38.24 -34.59 90.21
N GLN JA 5 38.37 -35.88 89.87
CA GLN JA 5 39.69 -36.45 89.66
C GLN JA 5 40.35 -35.96 88.38
N VAL JA 6 39.57 -35.45 87.43
CA VAL JA 6 40.15 -34.98 86.18
C VAL JA 6 40.70 -33.58 86.33
N LEU JA 7 39.86 -32.64 86.77
CA LEU JA 7 40.26 -31.24 86.81
C LEU JA 7 41.27 -30.94 87.92
N LYS JA 8 41.38 -31.83 88.91
CA LYS JA 8 42.53 -31.77 89.80
C LYS JA 8 43.81 -32.10 89.03
N ARG JA 9 43.78 -33.15 88.24
CA ARG JA 9 44.91 -33.46 87.38
C ARG JA 9 44.96 -32.52 86.18
N GLY JA 10 43.81 -32.07 85.69
CA GLY JA 10 43.76 -31.20 84.52
C GLY JA 10 44.25 -29.79 84.78
N LEU JA 11 44.40 -29.41 86.05
CA LEU JA 11 45.07 -28.17 86.41
C LEU JA 11 46.57 -28.35 86.59
N GLN JA 12 47.05 -29.60 86.66
CA GLN JA 12 48.47 -29.84 86.86
C GLN JA 12 49.30 -29.54 85.63
N GLN JA 13 48.67 -29.42 84.47
CA GLN JA 13 49.35 -28.84 83.32
C GLN JA 13 49.07 -27.35 83.16
N VAL JA 14 48.41 -26.73 84.12
CA VAL JA 14 48.11 -25.30 84.08
C VAL JA 14 49.00 -24.53 85.04
N SER JA 15 49.03 -24.93 86.31
CA SER JA 15 49.89 -24.27 87.27
C SER JA 15 51.28 -24.87 87.34
N GLY JA 16 51.44 -26.13 86.96
CA GLY JA 16 52.76 -26.73 86.84
C GLY JA 16 53.59 -26.16 85.73
N HIS JA 17 52.95 -25.48 84.78
CA HIS JA 17 53.65 -24.70 83.78
C HIS JA 17 54.43 -23.56 84.40
N GLY JA 18 53.94 -23.01 85.51
CA GLY JA 18 54.56 -21.87 86.16
C GLY JA 18 53.53 -20.86 86.63
N GLY JA 19 52.41 -20.74 85.91
CA GLY JA 19 51.37 -19.82 86.31
C GLY JA 19 50.24 -19.80 85.30
N LEU JA 20 49.41 -18.77 85.40
CA LEU JA 20 48.27 -18.60 84.50
C LEU JA 20 48.59 -17.74 83.29
N ARG JA 21 49.40 -16.70 83.45
CA ARG JA 21 49.92 -16.00 82.29
C ARG JA 21 50.90 -16.88 81.51
N GLY JA 22 51.59 -17.79 82.20
CA GLY JA 22 52.37 -18.79 81.49
C GLY JA 22 51.51 -19.78 80.75
N TYR JA 23 50.37 -20.14 81.35
CA TYR JA 23 49.38 -20.96 80.65
C TYR JA 23 48.81 -20.24 79.44
N LEU JA 24 48.65 -18.92 79.54
CA LEU JA 24 48.08 -18.15 78.45
C LEU JA 24 49.06 -18.01 77.29
N ARG JA 25 50.35 -18.12 77.59
CA ARG JA 25 51.42 -17.97 76.62
C ARG JA 25 51.31 -18.99 75.50
N VAL JA 26 51.47 -20.26 75.85
CA VAL JA 26 51.45 -21.31 74.83
C VAL JA 26 50.02 -21.62 74.38
N LEU JA 27 49.01 -21.17 75.13
CA LEU JA 27 47.63 -21.34 74.68
C LEU JA 27 47.33 -20.42 73.50
N PHE JA 28 47.52 -19.12 73.68
CA PHE JA 28 47.34 -18.21 72.56
C PHE JA 28 48.51 -18.24 71.57
N ARG JA 29 49.58 -18.98 71.85
CA ARG JA 29 50.67 -19.06 70.88
C ARG JA 29 50.20 -19.85 69.68
N ALA JA 30 49.99 -21.16 69.84
CA ALA JA 30 48.99 -21.77 68.99
C ALA JA 30 47.96 -22.58 69.75
N ASN JA 31 48.37 -23.73 70.30
CA ASN JA 31 47.38 -24.72 70.68
C ASN JA 31 47.62 -25.44 72.00
N ASP JA 32 48.86 -25.77 72.31
CA ASP JA 32 49.14 -26.83 73.28
C ASP JA 32 48.98 -26.39 74.72
N VAL JA 33 48.57 -27.35 75.54
CA VAL JA 33 48.55 -27.19 77.00
C VAL JA 33 49.20 -28.41 77.63
N ARG JA 34 49.96 -29.17 76.84
CA ARG JA 34 50.44 -30.50 77.21
C ARG JA 34 51.79 -30.47 77.92
N VAL JA 35 52.11 -29.38 78.61
CA VAL JA 35 53.45 -29.15 79.13
C VAL JA 35 53.74 -30.10 80.30
N GLY JA 36 55.01 -30.40 80.54
CA GLY JA 36 55.35 -31.24 81.66
C GLY JA 36 56.54 -32.18 81.57
N THR JA 37 57.29 -32.20 80.47
CA THR JA 37 58.40 -33.14 80.38
C THR JA 37 59.80 -32.52 80.31
N LEU JA 38 59.97 -31.36 79.66
CA LEU JA 38 61.20 -30.55 79.68
C LEU JA 38 62.43 -31.30 79.19
N VAL JA 39 62.37 -31.79 77.95
CA VAL JA 39 63.40 -32.71 77.48
C VAL JA 39 64.66 -31.98 77.09
N GLY JA 40 64.57 -31.06 76.14
CA GLY JA 40 65.81 -30.39 75.79
C GLY JA 40 65.62 -29.06 75.11
N GLU JA 41 66.32 -28.03 75.56
CA GLU JA 41 66.24 -26.77 74.86
C GLU JA 41 67.32 -26.75 73.78
N ASP JA 42 67.36 -25.65 73.03
CA ASP JA 42 68.38 -25.52 72.00
C ASP JA 42 68.62 -24.05 71.69
N LYS JA 43 69.90 -23.80 71.39
CA LYS JA 43 70.39 -22.55 70.82
C LYS JA 43 69.61 -22.21 69.56
N TYR JA 44 69.52 -20.90 69.31
CA TYR JA 44 68.43 -20.22 68.61
C TYR JA 44 67.12 -20.44 69.34
N GLY JA 45 67.21 -20.62 70.65
CA GLY JA 45 66.08 -20.59 71.55
C GLY JA 45 65.25 -21.83 71.80
N ASN JA 46 64.90 -22.56 70.74
CA ASN JA 46 63.65 -23.33 70.78
C ASN JA 46 63.75 -24.56 71.67
N LYS JA 47 62.63 -24.96 72.23
CA LYS JA 47 62.67 -26.03 73.21
C LYS JA 47 61.93 -27.25 72.66
N TYR JA 48 62.25 -28.43 73.20
CA TYR JA 48 61.77 -29.69 72.68
C TYR JA 48 61.20 -30.50 73.81
N TYR JA 49 59.93 -30.89 73.69
CA TYR JA 49 59.23 -31.62 74.72
C TYR JA 49 58.77 -32.97 74.16
N GLU JA 50 59.17 -34.04 74.83
CA GLU JA 50 58.82 -35.41 74.46
C GLU JA 50 58.08 -36.08 75.60
N ASP JA 51 56.84 -36.48 75.36
CA ASP JA 51 56.08 -37.22 76.35
C ASP JA 51 55.73 -38.58 75.78
N ASN JA 52 55.60 -39.57 76.68
CA ASN JA 52 55.45 -40.95 76.27
C ASN JA 52 54.00 -41.40 76.19
N LYS JA 53 53.13 -40.89 77.07
CA LYS JA 53 51.77 -41.41 77.17
C LYS JA 53 50.86 -40.98 76.03
N GLN JA 54 51.25 -39.99 75.23
CA GLN JA 54 50.49 -39.78 74.02
C GLN JA 54 50.83 -40.83 72.97
N PHE JA 55 50.06 -40.82 71.89
CA PHE JA 55 50.20 -41.80 70.83
C PHE JA 55 51.29 -41.38 69.87
N PHE JA 56 51.47 -42.18 68.83
CA PHE JA 56 52.61 -42.01 67.96
C PHE JA 56 52.25 -40.98 66.92
N GLY JA 57 52.73 -39.76 67.12
CA GLY JA 57 52.32 -38.61 66.34
C GLY JA 57 52.20 -37.42 67.25
N ARG JA 58 52.23 -37.68 68.56
CA ARG JA 58 52.23 -36.63 69.57
C ARG JA 58 53.29 -36.87 70.62
N HIS JA 59 54.38 -37.56 70.27
CA HIS JA 59 55.49 -37.67 71.20
C HIS JA 59 56.25 -36.36 71.28
N ARG JA 60 56.76 -35.92 70.15
CA ARG JA 60 57.84 -34.96 70.11
C ARG JA 60 57.32 -33.67 69.51
N TRP JA 61 57.19 -32.63 70.33
CA TRP JA 61 56.73 -31.36 69.82
C TRP JA 61 57.71 -30.26 70.17
N VAL JA 62 57.93 -29.37 69.22
CA VAL JA 62 58.81 -28.22 69.41
C VAL JA 62 57.98 -27.09 69.97
N ILE JA 63 58.60 -26.22 70.76
CA ILE JA 63 58.04 -24.95 71.14
C ILE JA 63 59.00 -23.89 70.65
N TYR JA 64 58.57 -23.11 69.66
CA TYR JA 64 59.41 -22.10 69.05
C TYR JA 64 59.58 -20.93 69.98
N THR JA 65 60.69 -20.25 69.85
CA THR JA 65 60.94 -19.04 70.60
C THR JA 65 60.86 -17.83 69.69
N THR JA 66 61.12 -16.69 70.29
CA THR JA 66 60.85 -15.41 69.65
C THR JA 66 62.16 -14.88 69.07
N GLU JA 67 62.12 -14.56 67.78
CA GLU JA 67 63.22 -13.94 67.03
C GLU JA 67 64.50 -14.75 67.09
N MET JA 68 64.47 -15.96 66.54
CA MET JA 68 65.73 -16.69 66.48
C MET JA 68 66.57 -16.20 65.31
N ASN JA 69 65.95 -15.93 64.17
CA ASN JA 69 66.63 -15.19 63.13
C ASN JA 69 66.38 -13.70 63.26
N GLY JA 70 65.24 -13.34 63.84
CA GLY JA 70 64.98 -11.95 64.18
C GLY JA 70 63.76 -11.37 63.52
N LYS JA 71 62.78 -12.20 63.19
CA LYS JA 71 61.64 -11.73 62.40
C LYS JA 71 60.34 -11.81 63.16
N ASN JA 72 60.38 -11.51 64.47
CA ASN JA 72 59.21 -11.47 65.37
C ASN JA 72 58.44 -12.79 65.38
N THR JA 73 59.16 -13.89 65.53
CA THR JA 73 58.52 -15.20 65.41
C THR JA 73 57.97 -15.72 66.74
N PHE JA 74 57.56 -14.82 67.64
CA PHE JA 74 56.58 -15.19 68.66
C PHE JA 74 55.30 -15.66 68.00
N TRP JA 75 54.73 -14.83 67.12
CA TRP JA 75 53.63 -15.25 66.26
C TRP JA 75 54.24 -15.89 65.02
N ASP JA 76 53.38 -16.10 63.99
CA ASP JA 76 53.62 -16.58 62.62
C ASP JA 76 54.77 -17.58 62.46
N VAL JA 77 54.72 -18.64 63.28
CA VAL JA 77 55.81 -19.61 63.35
C VAL JA 77 55.91 -20.38 62.03
N ASP JA 78 57.08 -20.34 61.42
CA ASP JA 78 57.29 -21.13 60.22
C ASP JA 78 57.61 -22.57 60.61
N GLY JA 79 57.67 -23.43 59.59
CA GLY JA 79 58.41 -24.66 59.68
C GLY JA 79 59.86 -24.41 59.37
N SER JA 80 60.64 -25.49 59.45
CA SER JA 80 62.09 -25.50 59.19
C SER JA 80 62.87 -24.57 60.11
N MET JA 81 62.29 -24.13 61.22
CA MET JA 81 63.02 -23.38 62.22
C MET JA 81 63.69 -24.28 63.24
N VAL JA 82 64.08 -25.47 62.82
CA VAL JA 82 64.80 -26.39 63.68
C VAL JA 82 66.17 -26.62 63.06
N PRO JA 83 67.20 -26.86 63.85
CA PRO JA 83 68.46 -27.31 63.31
C PRO JA 83 68.33 -28.76 62.86
N PRO JA 84 69.22 -29.23 61.97
CA PRO JA 84 68.97 -30.51 61.30
C PRO JA 84 69.00 -31.75 62.19
N GLU JA 85 69.81 -31.80 63.25
CA GLU JA 85 69.78 -33.00 64.08
C GLU JA 85 68.45 -33.10 64.83
N TRP JA 86 67.86 -31.96 65.14
CA TRP JA 86 66.51 -31.98 65.65
C TRP JA 86 65.50 -32.20 64.54
N HIS JA 87 65.89 -31.98 63.30
CA HIS JA 87 65.02 -32.37 62.21
C HIS JA 87 65.08 -33.86 61.95
N ARG JA 88 66.08 -34.57 62.50
CA ARG JA 88 66.02 -36.03 62.53
C ARG JA 88 65.20 -36.53 63.71
N TRP JA 89 65.40 -35.93 64.88
CA TRP JA 89 64.71 -36.43 66.06
C TRP JA 89 63.22 -36.13 66.02
N LEU JA 90 62.85 -34.96 65.53
CA LEU JA 90 61.47 -34.56 65.62
C LEU JA 90 60.60 -35.28 64.60
N HIS JA 91 61.17 -35.72 63.49
CA HIS JA 91 60.42 -36.44 62.48
C HIS JA 91 60.37 -37.93 62.70
N CYS JA 92 60.57 -38.38 63.94
CA CYS JA 92 60.37 -39.76 64.37
C CYS JA 92 61.26 -40.74 63.60
N MET JA 93 62.45 -40.30 63.22
CA MET JA 93 63.42 -41.15 62.57
C MET JA 93 64.32 -41.87 63.57
N THR JA 94 64.12 -41.65 64.86
CA THR JA 94 64.96 -42.21 65.90
C THR JA 94 64.15 -42.41 67.17
N ASP JA 95 64.81 -42.95 68.18
CA ASP JA 95 64.21 -43.10 69.50
C ASP JA 95 65.03 -42.44 70.59
N ASP JA 96 66.11 -41.74 70.25
CA ASP JA 96 66.97 -41.07 71.20
C ASP JA 96 67.20 -39.62 70.77
N PRO JA 97 67.30 -38.70 71.73
CA PRO JA 97 67.45 -37.30 71.37
C PRO JA 97 68.83 -37.04 70.78
N PRO JA 98 68.97 -36.01 69.94
CA PRO JA 98 70.23 -35.83 69.22
C PRO JA 98 71.19 -34.96 70.00
N THR JA 99 71.02 -34.88 71.32
CA THR JA 99 72.05 -34.38 72.21
C THR JA 99 72.75 -35.50 72.96
N VAL JA 100 72.32 -36.74 72.76
CA VAL JA 100 73.09 -37.88 73.26
C VAL JA 100 74.38 -38.04 72.46
N LYS JA 101 74.27 -38.05 71.13
CA LYS JA 101 75.42 -37.88 70.25
C LYS JA 101 75.11 -36.73 69.29
N PRO JA 102 75.41 -35.50 69.69
CA PRO JA 102 75.12 -34.33 68.81
C PRO JA 102 75.99 -34.23 67.57
N PRO JA 103 77.35 -34.23 67.66
CA PRO JA 103 78.09 -33.53 66.61
C PRO JA 103 78.34 -34.38 65.38
N THR JA 104 79.22 -33.86 64.52
CA THR JA 104 79.89 -34.61 63.48
C THR JA 104 81.23 -33.94 63.24
N ALA JA 105 82.16 -34.69 62.67
CA ALA JA 105 83.51 -34.20 62.44
C ALA JA 105 83.68 -33.76 60.98
N ARG JA 106 83.15 -32.57 60.68
CA ARG JA 106 83.34 -31.95 59.37
C ARG JA 106 83.53 -30.46 59.54
N LYS JA 107 84.49 -29.90 58.82
CA LYS JA 107 84.78 -28.46 58.89
C LYS JA 107 84.15 -27.73 57.71
N PHE JA 108 82.82 -27.80 57.59
CA PHE JA 108 82.11 -26.86 56.72
C PHE JA 108 80.68 -26.52 57.13
N ILE JA 109 80.15 -27.04 58.24
CA ILE JA 109 78.72 -26.90 58.49
C ILE JA 109 78.42 -25.48 58.95
N TRP JA 110 77.34 -24.92 58.42
CA TRP JA 110 76.86 -23.61 58.83
C TRP JA 110 76.51 -23.57 60.31
N THR JA 111 76.56 -22.37 60.87
CA THR JA 111 76.12 -22.13 62.23
C THR JA 111 74.71 -21.58 62.29
N ASN JA 112 73.98 -21.59 61.18
CA ASN JA 112 72.67 -20.97 61.17
C ASN JA 112 71.55 -21.99 60.97
N HIS JA 113 71.52 -22.70 59.84
CA HIS JA 113 70.32 -23.32 59.30
C HIS JA 113 69.15 -22.34 59.39
N LYS JA 114 69.26 -21.25 58.63
CA LYS JA 114 68.23 -20.24 58.53
C LYS JA 114 66.94 -20.88 58.02
N PHE JA 115 65.80 -20.31 58.42
CA PHE JA 115 64.52 -20.85 58.02
C PHE JA 115 64.25 -20.55 56.54
N ASN JA 116 63.07 -20.92 56.09
CA ASN JA 116 62.71 -20.76 54.69
C ASN JA 116 62.59 -19.27 54.40
N LEU JA 117 63.61 -18.76 53.74
CA LEU JA 117 63.84 -17.33 53.56
C LEU JA 117 63.19 -16.78 52.31
N SER JA 118 62.06 -17.34 51.89
CA SER JA 118 61.45 -16.93 50.64
C SER JA 118 60.64 -15.66 50.80
N GLY JA 119 60.45 -14.96 49.69
CA GLY JA 119 59.64 -13.74 49.65
C GLY JA 119 60.33 -12.56 50.30
N THR JA 120 61.64 -12.46 50.16
CA THR JA 120 62.48 -11.56 50.93
C THR JA 120 63.28 -10.67 49.99
N PRO JA 121 64.18 -9.83 50.50
CA PRO JA 121 65.33 -9.44 49.68
C PRO JA 121 66.48 -10.42 49.70
N GLN JA 122 66.46 -11.45 50.55
CA GLN JA 122 67.59 -12.37 50.69
C GLN JA 122 67.12 -13.78 50.35
N GLN JA 123 67.07 -14.09 49.06
CA GLN JA 123 66.69 -15.43 48.63
C GLN JA 123 67.24 -15.68 47.24
N TYR JA 124 66.94 -16.86 46.73
CA TYR JA 124 67.60 -17.39 45.55
C TYR JA 124 67.19 -16.66 44.28
N VAL JA 125 68.15 -16.52 43.37
CA VAL JA 125 67.91 -16.18 41.97
C VAL JA 125 68.72 -17.12 41.09
N PRO JA 126 68.21 -17.50 39.93
CA PRO JA 126 68.96 -18.44 39.09
C PRO JA 126 69.78 -17.77 38.01
N TYR JA 127 70.85 -18.43 37.59
CA TYR JA 127 71.80 -17.89 36.63
C TYR JA 127 72.69 -19.01 36.15
N SER JA 128 72.91 -19.07 34.85
CA SER JA 128 73.66 -20.17 34.25
C SER JA 128 75.13 -20.04 34.60
N THR JA 129 75.62 -20.93 35.46
CA THR JA 129 77.01 -20.93 35.90
C THR JA 129 77.89 -21.48 34.76
N THR JA 130 78.03 -20.68 33.71
CA THR JA 130 78.74 -21.13 32.53
C THR JA 130 79.38 -19.90 31.90
N ARG JA 131 80.60 -20.07 31.40
CA ARG JA 131 81.35 -18.94 30.86
C ARG JA 131 80.91 -18.55 29.44
N LYS JA 132 81.74 -17.74 28.79
CA LYS JA 132 81.48 -17.20 27.46
C LYS JA 132 81.32 -18.32 26.43
N LYS JA 133 80.47 -18.08 25.43
CA LYS JA 133 80.20 -19.09 24.41
C LYS JA 133 81.36 -19.23 23.43
N ILE JA 134 81.64 -18.18 22.66
CA ILE JA 134 82.56 -18.28 21.52
C ILE JA 134 83.57 -17.14 21.44
N GLN JA 135 83.58 -16.22 22.41
CA GLN JA 135 84.53 -15.10 22.50
C GLN JA 135 84.49 -14.20 21.28
N GLU JA 136 83.45 -13.37 21.20
CA GLU JA 136 83.19 -12.46 20.09
C GLU JA 136 84.39 -11.58 19.77
N TRP JA 137 84.52 -11.26 18.48
CA TRP JA 137 85.72 -10.62 17.95
C TRP JA 137 85.70 -9.13 18.23
N VAL JA 138 86.62 -8.66 19.08
CA VAL JA 138 86.75 -7.24 19.37
C VAL JA 138 87.79 -6.67 18.42
N PRO JA 139 87.44 -5.67 17.60
CA PRO JA 139 88.30 -5.27 16.49
C PRO JA 139 89.52 -4.51 16.99
N PRO JA 140 90.58 -4.43 16.18
CA PRO JA 140 91.68 -3.50 16.49
C PRO JA 140 91.21 -2.06 16.32
N SER JA 141 91.17 -1.32 17.42
CA SER JA 141 90.56 0.00 17.45
C SER JA 141 91.49 1.10 16.99
N THR JA 142 92.55 0.80 16.24
CA THR JA 142 93.37 1.86 15.68
C THR JA 142 92.62 2.50 14.52
N PRO JA 143 92.83 3.81 14.28
CA PRO JA 143 92.19 4.45 13.14
C PRO JA 143 93.04 4.37 11.89
N TYR JA 144 92.37 4.12 10.78
CA TYR JA 144 93.00 4.14 9.46
C TYR JA 144 92.44 5.32 8.68
N LYS JA 145 93.33 6.01 7.96
CA LYS JA 145 92.99 7.08 7.00
C LYS JA 145 92.28 8.25 7.66
N PRO KA 5 -0.37 -13.82 -9.18
CA PRO KA 5 0.93 -13.16 -9.19
C PRO KA 5 2.08 -14.14 -9.14
N LEU KA 6 1.84 -15.35 -9.65
CA LEU KA 6 2.87 -16.39 -9.79
C LEU KA 6 2.94 -16.78 -11.26
N THR KA 7 3.74 -16.05 -12.02
CA THR KA 7 3.96 -16.27 -13.45
C THR KA 7 5.43 -16.60 -13.68
N LEU KA 8 5.83 -16.65 -14.94
CA LEU KA 8 7.24 -16.82 -15.24
C LEU KA 8 7.99 -15.51 -15.05
N GLU KA 9 7.34 -14.40 -15.38
CA GLU KA 9 8.03 -13.12 -15.44
C GLU KA 9 8.25 -12.50 -14.07
N GLY KA 10 7.31 -12.67 -13.13
CA GLY KA 10 7.54 -12.18 -11.78
C GLY KA 10 8.62 -12.97 -11.07
N ILE KA 11 8.65 -14.28 -11.29
CA ILE KA 11 9.71 -15.12 -10.75
C ILE KA 11 11.04 -14.75 -11.39
N LYS KA 12 11.05 -14.46 -12.70
CA LYS KA 12 12.32 -14.07 -13.33
C LYS KA 12 12.79 -12.70 -12.85
N ASP KA 13 11.85 -11.79 -12.54
CA ASP KA 13 12.26 -10.49 -12.02
C ASP KA 13 12.80 -10.59 -10.60
N ARG KA 14 12.20 -11.46 -9.77
CA ARG KA 14 12.73 -11.58 -8.41
C ARG KA 14 14.04 -12.34 -8.39
N VAL KA 15 14.17 -13.33 -9.28
CA VAL KA 15 15.47 -13.97 -9.53
C VAL KA 15 16.48 -12.96 -10.05
N LEU KA 16 16.02 -12.00 -10.85
CA LEU KA 16 16.92 -11.00 -11.41
C LEU KA 16 17.44 -10.06 -10.33
N TYR KA 17 16.58 -9.59 -9.44
CA TYR KA 17 17.13 -8.67 -8.45
C TYR KA 17 17.86 -9.41 -7.33
N VAL KA 18 17.65 -10.72 -7.14
CA VAL KA 18 18.55 -11.37 -6.21
C VAL KA 18 19.87 -11.75 -6.87
N LEU KA 19 19.90 -11.89 -8.20
CA LEU KA 19 21.17 -11.88 -8.92
C LEU KA 19 21.85 -10.54 -8.78
N LYS KA 20 21.08 -9.46 -8.72
CA LYS KA 20 21.64 -8.16 -8.37
C LYS KA 20 22.15 -8.15 -6.93
N LEU KA 21 21.43 -8.84 -6.04
CA LEU KA 21 21.73 -8.80 -4.62
C LEU KA 21 22.95 -9.64 -4.24
N TYR KA 22 23.32 -10.61 -5.06
CA TYR KA 22 24.59 -11.29 -4.82
C TYR KA 22 25.75 -10.36 -5.10
N ASP KA 23 26.82 -10.52 -4.32
CA ASP KA 23 27.90 -9.54 -4.25
C ASP KA 23 28.95 -9.71 -5.33
N LYS KA 24 29.52 -10.90 -5.45
CA LYS KA 24 30.70 -11.08 -6.30
C LYS KA 24 30.40 -11.06 -7.80
N ILE KA 25 29.14 -11.08 -8.19
CA ILE KA 25 28.79 -11.05 -9.61
C ILE KA 25 29.03 -9.63 -10.13
N ASP KA 26 29.69 -9.53 -11.29
CA ASP KA 26 30.28 -8.26 -11.73
C ASP KA 26 30.28 -8.15 -13.26
N PRO KA 27 29.26 -7.51 -13.86
CA PRO KA 27 27.98 -7.10 -13.28
C PRO KA 27 27.02 -8.27 -13.33
N GLU KA 28 25.70 -8.02 -13.25
CA GLU KA 28 24.72 -9.09 -13.44
C GLU KA 28 24.85 -9.68 -14.84
N LYS KA 29 24.63 -8.82 -15.84
CA LYS KA 29 24.76 -9.12 -17.27
C LYS KA 29 23.88 -10.30 -17.64
N LEU KA 30 22.58 -10.09 -17.45
CA LEU KA 30 21.63 -11.17 -17.62
C LEU KA 30 21.51 -11.53 -19.10
N SER KA 31 21.36 -12.82 -19.34
CA SER KA 31 20.97 -13.32 -20.63
C SER KA 31 20.18 -14.60 -20.42
N VAL KA 32 19.40 -14.95 -21.43
CA VAL KA 32 18.77 -16.26 -21.44
C VAL KA 32 19.81 -17.34 -21.69
N ASN KA 33 20.97 -16.98 -22.19
CA ASN KA 33 22.07 -17.88 -22.47
C ASN KA 33 23.35 -17.33 -21.87
N SER KA 34 23.27 -16.87 -20.62
CA SER KA 34 24.39 -16.16 -20.01
C SER KA 34 25.53 -17.11 -19.66
N HIS KA 35 25.21 -18.19 -18.95
CA HIS KA 35 26.16 -19.16 -18.41
C HIS KA 35 27.23 -18.47 -17.55
N PHE KA 36 26.75 -18.00 -16.40
CA PHE KA 36 27.55 -17.20 -15.47
C PHE KA 36 28.74 -17.95 -14.88
N MET KA 37 28.80 -19.27 -15.02
CA MET KA 37 29.95 -20.03 -14.55
C MET KA 37 31.23 -19.64 -15.25
N LYS KA 38 31.31 -19.90 -16.55
CA LYS KA 38 32.58 -19.75 -17.25
C LYS KA 38 32.65 -18.52 -18.11
N ASP KA 39 31.51 -18.06 -18.64
CA ASP KA 39 31.48 -16.85 -19.44
C ASP KA 39 31.55 -15.59 -18.60
N LEU KA 40 31.35 -15.71 -17.28
CA LEU KA 40 31.43 -14.59 -16.36
C LEU KA 40 32.50 -14.79 -15.30
N GLY KA 41 33.21 -15.91 -15.34
CA GLY KA 41 34.26 -16.18 -14.39
C GLY KA 41 33.77 -16.45 -12.99
N LEU KA 42 33.09 -17.58 -12.79
CA LEU KA 42 32.65 -17.98 -11.47
C LEU KA 42 33.09 -19.42 -11.20
N ASP KA 43 32.77 -19.90 -10.01
CA ASP KA 43 33.20 -21.19 -9.52
C ASP KA 43 31.99 -22.10 -9.27
N SER KA 44 32.24 -23.41 -9.29
CA SER KA 44 31.22 -24.37 -8.89
C SER KA 44 30.86 -24.21 -7.43
N LEU KA 45 31.82 -23.72 -6.63
CA LEU KA 45 31.53 -23.22 -5.29
C LEU KA 45 30.50 -22.11 -5.34
N ASP KA 46 30.69 -21.14 -6.22
CA ASP KA 46 29.73 -20.06 -6.33
C ASP KA 46 28.45 -20.49 -7.01
N GLN KA 47 28.55 -21.50 -7.89
CA GLN KA 47 27.37 -22.15 -8.44
C GLN KA 47 26.48 -22.68 -7.34
N VAL KA 48 27.04 -23.46 -6.41
CA VAL KA 48 26.20 -24.04 -5.37
C VAL KA 48 25.77 -22.99 -4.36
N GLU KA 49 26.59 -21.92 -4.17
CA GLU KA 49 26.16 -20.76 -3.39
C GLU KA 49 24.88 -20.16 -3.95
N ILE KA 50 24.87 -19.89 -5.26
CA ILE KA 50 23.72 -19.24 -5.87
C ILE KA 50 22.51 -20.16 -5.88
N ILE KA 51 22.73 -21.46 -6.09
CA ILE KA 51 21.63 -22.42 -6.13
C ILE KA 51 20.93 -22.48 -4.79
N MET KA 52 21.68 -22.72 -3.72
CA MET KA 52 21.00 -22.74 -2.44
C MET KA 52 20.64 -21.34 -1.96
N ALA KA 53 21.19 -20.28 -2.56
CA ALA KA 53 20.73 -18.94 -2.26
C ALA KA 53 19.34 -18.70 -2.83
N MET KA 54 19.06 -19.20 -4.04
CA MET KA 54 17.71 -19.13 -4.58
C MET KA 54 16.74 -19.93 -3.74
N GLU KA 55 17.21 -21.08 -3.26
CA GLU KA 55 16.46 -21.86 -2.29
C GLU KA 55 16.15 -21.04 -1.05
N ASP KA 56 17.14 -20.29 -0.57
CA ASP KA 56 16.92 -19.41 0.57
C ASP KA 56 15.93 -18.30 0.24
N GLU KA 57 15.89 -17.89 -1.03
CA GLU KA 57 15.02 -16.80 -1.42
C GLU KA 57 13.56 -17.20 -1.38
N PHE KA 58 13.17 -18.25 -2.11
CA PHE KA 58 11.73 -18.31 -2.32
C PHE KA 58 11.13 -19.72 -2.30
N GLY KA 59 11.74 -20.68 -1.61
CA GLY KA 59 11.00 -21.93 -1.50
C GLY KA 59 11.73 -23.26 -1.52
N PHE KA 60 11.37 -24.06 -2.52
CA PHE KA 60 11.63 -25.49 -2.60
C PHE KA 60 13.13 -25.81 -2.62
N GLU KA 61 13.45 -27.04 -2.22
CA GLU KA 61 14.76 -27.35 -1.63
C GLU KA 61 15.90 -27.42 -2.63
N ILE KA 62 15.65 -27.84 -3.87
CA ILE KA 62 16.62 -27.96 -4.95
C ILE KA 62 17.78 -28.89 -4.56
N PRO KA 63 17.58 -30.20 -4.54
CA PRO KA 63 18.66 -31.11 -4.14
C PRO KA 63 19.82 -31.21 -5.13
N ASP KA 64 20.73 -32.15 -4.87
CA ASP KA 64 22.11 -32.09 -5.35
C ASP KA 64 22.23 -32.23 -6.86
N ILE KA 65 21.55 -33.20 -7.46
CA ILE KA 65 21.76 -33.46 -8.87
C ILE KA 65 21.12 -32.36 -9.71
N ASP KA 66 19.98 -31.84 -9.26
CA ASP KA 66 19.36 -30.72 -9.96
C ASP KA 66 20.12 -29.44 -9.70
N ALA KA 67 20.82 -29.36 -8.57
CA ALA KA 67 21.73 -28.25 -8.35
C ALA KA 67 22.92 -28.32 -9.28
N GLU KA 68 23.31 -29.52 -9.69
CA GLU KA 68 24.38 -29.64 -10.67
C GLU KA 68 23.89 -29.33 -12.07
N LYS KA 69 22.64 -29.68 -12.39
CA LYS KA 69 22.19 -29.58 -13.77
C LYS KA 69 21.93 -28.16 -14.25
N LEU KA 70 22.09 -27.12 -13.45
CA LEU KA 70 21.59 -25.80 -13.86
C LEU KA 70 22.64 -24.97 -14.60
N MET KA 71 23.70 -24.56 -13.89
CA MET KA 71 24.87 -23.86 -14.44
C MET KA 71 24.56 -22.57 -15.23
N CYS KA 72 23.35 -21.99 -15.10
CA CYS KA 72 22.88 -21.03 -16.09
C CYS KA 72 21.65 -20.29 -15.57
N PRO KA 73 21.49 -18.97 -15.81
CA PRO KA 73 20.41 -18.22 -15.14
C PRO KA 73 19.02 -18.58 -15.60
N GLN KA 74 18.81 -18.58 -16.91
CA GLN KA 74 17.49 -18.87 -17.43
C GLN KA 74 17.11 -20.32 -17.23
N GLU KA 75 18.10 -21.21 -17.17
CA GLU KA 75 17.81 -22.61 -16.90
C GLU KA 75 17.36 -22.81 -15.47
N ILE KA 76 17.87 -21.98 -14.55
CA ILE KA 76 17.33 -21.91 -13.19
C ILE KA 76 15.89 -21.44 -13.21
N VAL KA 77 15.62 -20.36 -13.94
CA VAL KA 77 14.27 -19.78 -13.99
C VAL KA 77 13.28 -20.77 -14.57
N ASP KA 78 13.70 -21.51 -15.59
CA ASP KA 78 12.81 -22.49 -16.21
C ASP KA 78 12.67 -23.74 -15.37
N TYR KA 79 13.71 -24.10 -14.62
CA TYR KA 79 13.60 -25.27 -13.74
C TYR KA 79 12.70 -24.99 -12.54
N ILE KA 80 12.74 -23.76 -12.02
CA ILE KA 80 11.76 -23.33 -11.03
C ILE KA 80 10.36 -23.29 -11.65
N ALA KA 81 10.26 -22.86 -12.91
CA ALA KA 81 8.98 -22.86 -13.62
C ALA KA 81 8.45 -24.29 -13.80
N ASP KA 82 9.35 -25.27 -13.86
CA ASP KA 82 8.95 -26.66 -13.81
C ASP KA 82 8.51 -27.05 -12.40
N LYS KA 83 9.27 -26.65 -11.40
CA LYS KA 83 9.06 -27.22 -10.08
C LYS KA 83 7.98 -26.50 -9.28
N LYS KA 84 7.93 -25.18 -9.33
CA LYS KA 84 6.97 -24.43 -8.54
C LYS KA 84 5.56 -24.53 -9.13
N MET LA 1 -0.83 -2.41 66.43
CA MET LA 1 0.35 -1.85 65.82
C MET LA 1 1.60 -2.23 66.60
N ASN LA 2 1.45 -3.03 67.68
CA ASN LA 2 2.62 -3.41 68.45
C ASN LA 2 3.45 -4.45 67.71
N LEU LA 3 2.78 -5.46 67.16
CA LEU LA 3 3.53 -6.36 66.29
C LEU LA 3 3.94 -5.67 65.00
N MET LA 4 3.24 -4.59 64.60
CA MET LA 4 3.71 -3.80 63.48
C MET LA 4 4.98 -3.02 63.83
N ILE LA 5 5.15 -2.64 65.09
CA ILE LA 5 6.41 -2.07 65.56
C ILE LA 5 7.51 -3.10 65.47
N THR LA 6 7.24 -4.33 65.91
CA THR LA 6 8.24 -5.39 65.84
C THR LA 6 8.62 -5.69 64.40
N LEU LA 7 7.62 -5.77 63.53
CA LEU LA 7 7.83 -6.04 62.12
C LEU LA 7 8.62 -4.90 61.48
N LEU LA 8 8.35 -3.67 61.89
CA LEU LA 8 9.09 -2.52 61.40
C LEU LA 8 10.55 -2.57 61.81
N THR LA 9 10.81 -2.93 63.07
CA THR LA 9 12.19 -3.00 63.55
C THR LA 9 12.97 -4.10 62.86
N ASN LA 10 12.36 -5.29 62.71
CA ASN LA 10 13.03 -6.37 62.02
C ASN LA 10 13.29 -6.03 60.56
N PHE LA 11 12.31 -5.41 59.91
CA PHE LA 11 12.45 -5.05 58.50
C PHE LA 11 13.51 -3.99 58.30
N THR LA 12 13.51 -2.97 59.15
CA THR LA 12 14.50 -1.91 59.02
C THR LA 12 15.91 -2.41 59.32
N LEU LA 13 16.05 -3.27 60.34
CA LEU LA 13 17.39 -3.73 60.66
C LEU LA 13 17.89 -4.70 59.61
N ALA LA 14 16.99 -5.46 58.99
CA ALA LA 14 17.39 -6.29 57.87
C ALA LA 14 17.84 -5.44 56.68
N THR LA 15 17.13 -4.34 56.39
CA THR LA 15 17.54 -3.47 55.31
C THR LA 15 18.87 -2.80 55.61
N LEU LA 16 19.11 -2.48 56.88
CA LEU LA 16 20.40 -1.93 57.27
C LEU LA 16 21.50 -2.95 57.06
N LEU LA 17 21.25 -4.22 57.41
CA LEU LA 17 22.24 -5.27 57.17
C LEU LA 17 22.57 -5.41 55.69
N VAL LA 18 21.55 -5.41 54.84
CA VAL LA 18 21.79 -5.65 53.42
C VAL LA 18 22.47 -4.46 52.76
N THR LA 19 21.94 -3.27 52.97
CA THR LA 19 22.51 -2.11 52.28
C THR LA 19 23.87 -1.71 52.86
N ILE LA 20 24.16 -2.04 54.12
CA ILE LA 20 25.52 -1.83 54.61
C ILE LA 20 26.41 -3.00 54.22
N ALA LA 21 25.84 -4.14 53.83
CA ALA LA 21 26.64 -5.11 53.10
C ALA LA 21 26.92 -4.66 51.67
N PHE LA 22 26.16 -3.71 51.14
CA PHE LA 22 26.36 -3.29 49.75
C PHE LA 22 27.02 -1.93 49.54
N TRP LA 23 26.97 -0.99 50.50
CA TRP LA 23 27.79 0.20 50.31
C TRP LA 23 29.25 -0.09 50.58
N LEU LA 24 29.54 -1.14 51.36
CA LEU LA 24 30.86 -1.30 51.96
C LEU LA 24 31.93 -1.76 50.95
N PRO LA 25 31.79 -2.92 50.21
CA PRO LA 25 32.98 -3.48 49.55
C PRO LA 25 33.49 -2.71 48.33
N GLN LA 26 32.60 -2.02 47.63
CA GLN LA 26 32.97 -1.34 46.41
C GLN LA 26 33.82 -0.09 46.67
N PRO LA 50 12.50 -27.13 28.95
CA PRO LA 50 11.11 -26.70 29.07
C PRO LA 50 10.54 -27.01 30.45
N PHE LA 51 9.48 -27.81 30.48
CA PHE LA 51 8.80 -28.17 31.71
C PHE LA 51 8.26 -29.58 31.58
N SER LA 52 7.74 -30.08 32.69
CA SER LA 52 7.09 -31.38 32.73
C SER LA 52 5.75 -31.26 33.42
N MET LA 53 4.89 -32.25 33.17
CA MET LA 53 3.68 -32.33 33.95
C MET LA 53 3.99 -32.81 35.35
N LYS LA 54 5.03 -33.62 35.52
CA LYS LA 54 5.37 -34.16 36.82
C LYS LA 54 5.86 -33.11 37.80
N PHE LA 55 6.37 -31.98 37.30
CA PHE LA 55 6.63 -30.84 38.19
C PHE LA 55 5.35 -30.22 38.69
N PHE LA 56 4.27 -30.37 37.94
CA PHE LA 56 3.06 -29.61 38.13
C PHE LA 56 2.00 -30.36 38.92
N LEU LA 57 1.97 -31.69 38.82
CA LEU LA 57 0.96 -32.46 39.52
C LEU LA 57 1.14 -32.44 41.02
N VAL LA 58 2.40 -32.42 41.47
CA VAL LA 58 2.66 -32.40 42.91
C VAL LA 58 2.22 -31.09 43.52
N ALA LA 59 2.36 -30.00 42.77
CA ALA LA 59 1.91 -28.70 43.25
C ALA LA 59 0.38 -28.63 43.33
N ILE LA 60 -0.33 -29.19 42.36
CA ILE LA 60 -1.77 -29.14 42.42
C ILE LA 60 -2.29 -30.07 43.50
N THR LA 61 -1.62 -31.19 43.69
CA THR LA 61 -2.02 -32.10 44.76
C THR LA 61 -1.78 -31.48 46.11
N PHE LA 62 -0.67 -30.74 46.26
CA PHE LA 62 -0.46 -29.88 47.41
C PHE LA 62 -1.62 -28.94 47.63
N LEU LA 63 -2.04 -28.26 46.55
CA LEU LA 63 -3.04 -27.22 46.67
C LEU LA 63 -4.37 -27.78 47.16
N LEU LA 64 -4.78 -28.90 46.59
CA LEU LA 64 -6.08 -29.45 46.93
C LEU LA 64 -6.07 -30.08 48.32
N PHE LA 65 -4.99 -30.78 48.68
CA PHE LA 65 -4.90 -31.29 50.03
C PHE LA 65 -4.68 -30.18 51.05
N ASP LA 66 -4.12 -29.04 50.65
CA ASP LA 66 -3.97 -27.92 51.58
C ASP LA 66 -5.32 -27.25 51.83
N LEU LA 67 -6.16 -27.17 50.81
CA LEU LA 67 -7.50 -26.65 51.05
C LEU LA 67 -8.32 -27.59 51.91
N GLU LA 68 -8.12 -28.90 51.76
CA GLU LA 68 -8.81 -29.81 52.66
C GLU LA 68 -8.23 -29.73 54.08
N ILE LA 69 -6.94 -29.38 54.21
CA ILE LA 69 -6.39 -29.05 55.53
C ILE LA 69 -7.11 -27.85 56.11
N ALA LA 70 -7.39 -26.85 55.27
CA ALA LA 70 -8.08 -25.65 55.74
C ALA LA 70 -9.48 -25.99 56.24
N LEU LA 71 -10.16 -26.93 55.58
CA LEU LA 71 -11.44 -27.38 56.12
C LEU LA 71 -11.29 -28.21 57.38
N LEU LA 72 -10.18 -28.93 57.53
CA LEU LA 72 -9.99 -29.69 58.77
C LEU LA 72 -9.74 -28.78 59.97
N LEU LA 73 -8.79 -27.86 59.85
CA LEU LA 73 -8.14 -27.16 60.96
C LEU LA 73 -8.96 -26.38 62.00
N PRO LA 74 -10.22 -25.96 61.78
CA PRO LA 74 -11.02 -25.52 62.92
C PRO LA 74 -11.60 -26.64 63.76
N LEU LA 75 -11.16 -27.88 63.55
CA LEU LA 75 -11.55 -29.01 64.39
C LEU LA 75 -11.26 -28.82 65.88
N PRO LA 76 -10.06 -28.41 66.33
CA PRO LA 76 -9.88 -28.27 67.77
C PRO LA 76 -10.64 -27.11 68.37
N TRP LA 77 -11.17 -26.21 67.56
CA TRP LA 77 -12.12 -25.24 68.07
C TRP LA 77 -13.43 -25.91 68.46
N ALA LA 78 -13.85 -26.89 67.67
CA ALA LA 78 -15.24 -27.30 67.66
C ALA LA 78 -15.55 -28.34 68.72
N SER LA 79 -14.56 -29.05 69.24
CA SER LA 79 -14.75 -30.20 70.12
C SER LA 79 -15.45 -29.89 71.45
N GLN LA 80 -15.89 -28.69 71.77
CA GLN LA 80 -16.68 -28.45 72.97
C GLN LA 80 -18.07 -27.93 72.55
N THR LA 81 -18.94 -28.88 72.27
CA THR LA 81 -20.32 -28.60 71.91
C THR LA 81 -21.23 -29.64 72.57
N THR LA 82 -22.52 -29.51 72.33
CA THR LA 82 -23.48 -30.50 72.78
C THR LA 82 -23.90 -31.46 71.67
N ASN LA 83 -23.08 -31.57 70.62
CA ASN LA 83 -23.32 -32.49 69.52
C ASN LA 83 -21.98 -33.13 69.19
N LEU LA 84 -21.64 -34.21 69.89
CA LEU LA 84 -20.30 -34.79 69.83
C LEU LA 84 -20.20 -35.96 68.89
N ASN LA 85 -21.20 -36.83 68.89
CA ASN LA 85 -21.25 -37.97 67.97
C ASN LA 85 -21.27 -37.50 66.51
N THR LA 86 -22.05 -36.45 66.23
CA THR LA 86 -22.16 -35.94 64.87
C THR LA 86 -20.86 -35.31 64.42
N MET LA 87 -20.20 -34.59 65.33
CA MET LA 87 -18.90 -34.00 65.03
C MET LA 87 -17.87 -35.06 64.73
N LEU LA 88 -17.89 -36.14 65.52
CA LEU LA 88 -17.03 -37.28 65.25
C LEU LA 88 -17.29 -37.83 63.86
N THR LA 89 -18.57 -37.95 63.49
CA THR LA 89 -18.92 -38.59 62.24
C THR LA 89 -18.48 -37.76 61.04
N MET LA 90 -18.76 -36.47 61.07
CA MET LA 90 -18.33 -35.64 59.95
C MET LA 90 -16.85 -35.33 59.95
N ALA LA 91 -16.17 -35.34 61.09
CA ALA LA 91 -14.72 -35.21 61.07
C ALA LA 91 -14.08 -36.43 60.44
N LEU LA 92 -14.57 -37.63 60.81
CA LEU LA 92 -14.12 -38.83 60.15
C LEU LA 92 -14.49 -38.84 58.68
N LEU LA 93 -15.59 -38.19 58.33
CA LEU LA 93 -15.94 -38.09 56.92
C LEU LA 93 -14.97 -37.20 56.16
N LEU LA 94 -14.51 -36.10 56.77
CA LEU LA 94 -13.57 -35.23 56.07
C LEU LA 94 -12.23 -35.90 55.86
N ILE LA 95 -11.69 -36.53 56.92
CA ILE LA 95 -10.42 -37.22 56.73
C ILE LA 95 -10.60 -38.44 55.84
N PHE LA 96 -11.79 -39.04 55.84
CA PHE LA 96 -12.03 -40.20 55.02
C PHE LA 96 -12.09 -39.84 53.55
N LEU LA 97 -12.75 -38.74 53.24
CA LEU LA 97 -12.81 -38.25 51.87
C LEU LA 97 -11.44 -37.85 51.37
N LEU LA 98 -10.66 -37.21 52.25
CA LEU LA 98 -9.27 -36.88 51.92
C LEU LA 98 -8.46 -38.15 51.65
N ALA LA 99 -8.73 -39.21 52.41
CA ALA LA 99 -8.05 -40.48 52.20
C ALA LA 99 -8.47 -41.14 50.90
N VAL LA 100 -9.75 -41.01 50.53
CA VAL LA 100 -10.21 -41.59 49.26
C VAL LA 100 -9.58 -40.87 48.08
N SER LA 101 -9.44 -39.54 48.17
CA SER LA 101 -8.76 -38.78 47.12
C SER LA 101 -7.30 -39.19 47.00
N LEU LA 102 -6.61 -39.26 48.14
CA LEU LA 102 -5.25 -39.76 48.20
C LEU LA 102 -5.11 -41.14 47.55
N ALA LA 103 -5.96 -42.08 47.95
CA ALA LA 103 -5.82 -43.44 47.46
C ALA LA 103 -6.22 -43.53 46.00
N TYR LA 104 -7.08 -42.63 45.52
CA TYR LA 104 -7.42 -42.60 44.12
C TYR LA 104 -6.23 -42.22 43.27
N GLU LA 105 -5.61 -41.08 43.57
CA GLU LA 105 -4.43 -40.71 42.78
C GLU LA 105 -3.23 -41.62 43.08
N TRP LA 106 -3.26 -42.32 44.20
CA TRP LA 106 -2.25 -43.31 44.52
C TRP LA 106 -2.37 -44.52 43.61
N THR LA 107 -3.57 -45.08 43.50
CA THR LA 107 -3.73 -46.28 42.69
C THR LA 107 -3.70 -45.97 41.20
N GLN LA 108 -4.19 -44.80 40.81
CA GLN LA 108 -4.46 -44.54 39.40
C GLN LA 108 -3.34 -43.76 38.77
N LYS LA 109 -2.09 -44.17 39.09
CA LYS LA 109 -0.83 -43.75 38.45
C LYS LA 109 -0.65 -42.23 38.47
N GLY LA 110 -1.18 -41.60 39.51
CA GLY LA 110 -1.07 -40.16 39.66
C GLY LA 110 0.30 -39.70 40.09
N LEU LA 111 0.93 -40.44 41.00
CA LEU LA 111 2.30 -40.16 41.39
C LEU LA 111 3.16 -41.38 41.08
N GLU LA 112 3.59 -41.46 39.82
CA GLU LA 112 4.49 -42.50 39.36
C GLU LA 112 5.57 -41.86 38.50
N TRP LA 113 6.59 -42.65 38.20
CA TRP LA 113 7.77 -42.15 37.50
C TRP LA 113 8.25 -43.14 36.43
N MET MA 1 10.62 0.79 76.12
CA MET MA 1 11.11 -0.46 76.69
C MET MA 1 10.81 -1.60 75.73
N PHE MA 2 9.80 -1.40 74.90
CA PHE MA 2 9.39 -2.45 73.99
C PHE MA 2 10.38 -2.62 72.85
N MET MA 3 10.95 -1.51 72.36
CA MET MA 3 12.01 -1.62 71.37
C MET MA 3 13.27 -2.21 72.00
N ILE MA 4 13.46 -2.02 73.30
CA ILE MA 4 14.54 -2.71 74.01
C ILE MA 4 14.26 -4.20 74.06
N ASN MA 5 12.99 -4.59 74.19
CA ASN MA 5 12.64 -6.02 74.14
C ASN MA 5 12.95 -6.62 72.78
N VAL MA 6 12.60 -5.89 71.72
CA VAL MA 6 12.84 -6.37 70.36
C VAL MA 6 14.33 -6.50 70.09
N LEU MA 7 15.12 -5.51 70.51
CA LEU MA 7 16.54 -5.60 70.29
C LEU MA 7 17.19 -6.65 71.19
N THR MA 8 16.65 -6.90 72.38
CA THR MA 8 17.16 -8.03 73.15
C THR MA 8 16.69 -9.37 72.62
N LEU MA 9 15.79 -9.39 71.65
CA LEU MA 9 15.61 -10.65 70.96
C LEU MA 9 16.49 -10.78 69.72
N ILE MA 10 16.63 -9.73 68.92
CA ILE MA 10 17.26 -9.86 67.60
C ILE MA 10 18.70 -9.35 67.59
N ILE MA 11 19.25 -9.00 68.73
CA ILE MA 11 20.70 -8.90 68.88
C ILE MA 11 21.33 -10.27 69.13
N PRO MA 12 20.84 -11.16 70.03
CA PRO MA 12 21.56 -12.42 70.21
C PRO MA 12 21.39 -13.43 69.09
N ILE MA 13 20.65 -13.15 68.03
CA ILE MA 13 20.53 -14.14 66.97
C ILE MA 13 21.81 -14.24 66.17
N LEU MA 14 22.55 -13.15 66.03
CA LEU MA 14 23.83 -13.21 65.35
C LEU MA 14 24.84 -14.02 66.15
N LEU MA 15 24.86 -13.79 67.47
CA LEU MA 15 25.67 -14.58 68.39
C LEU MA 15 25.33 -16.06 68.28
N ALA MA 16 24.04 -16.35 68.29
CA ALA MA 16 23.55 -17.72 68.25
C ALA MA 16 23.91 -18.39 66.94
N VAL MA 17 23.72 -17.71 65.81
CA VAL MA 17 23.93 -18.32 64.51
C VAL MA 17 25.43 -18.53 64.24
N ALA MA 18 26.25 -17.53 64.54
CA ALA MA 18 27.69 -17.67 64.34
C ALA MA 18 28.27 -18.78 65.22
N PHE MA 19 27.87 -18.83 66.48
CA PHE MA 19 28.41 -19.86 67.34
C PHE MA 19 27.79 -21.21 67.04
N LEU MA 20 26.60 -21.24 66.44
CA LEU MA 20 26.06 -22.50 65.92
C LEU MA 20 26.89 -23.01 64.75
N THR MA 21 27.40 -22.11 63.92
CA THR MA 21 28.23 -22.55 62.79
C THR MA 21 29.56 -23.14 63.27
N LEU MA 22 30.19 -22.51 64.27
CA LEU MA 22 31.40 -23.16 64.77
C LEU MA 22 31.06 -24.45 65.49
N VAL MA 23 29.89 -24.53 66.12
CA VAL MA 23 29.55 -25.74 66.85
C VAL MA 23 29.24 -26.87 65.89
N GLU MA 24 28.62 -26.59 64.74
CA GLU MA 24 28.44 -27.65 63.77
C GLU MA 24 29.78 -28.08 63.18
N ARG MA 25 30.71 -27.14 62.98
CA ARG MA 25 32.01 -27.54 62.46
C ARG MA 25 32.77 -28.38 63.48
N LYS MA 26 32.71 -28.00 64.75
CA LYS MA 26 33.40 -28.75 65.79
C LYS MA 26 32.78 -30.13 66.00
N VAL MA 27 31.45 -30.19 66.04
CA VAL MA 27 30.80 -31.45 66.38
C VAL MA 27 30.97 -32.43 65.23
N LEU MA 28 30.94 -31.96 63.99
CA LEU MA 28 31.34 -32.82 62.88
C LEU MA 28 32.80 -33.21 62.95
N GLY MA 29 33.64 -32.31 63.46
CA GLY MA 29 35.04 -32.65 63.63
C GLY MA 29 35.25 -33.77 64.63
N TYR MA 30 34.37 -33.88 65.62
CA TYR MA 30 34.51 -34.95 66.58
C TYR MA 30 33.65 -36.17 66.26
N MET MA 31 32.65 -36.03 65.39
CA MET MA 31 31.99 -37.23 64.88
C MET MA 31 32.91 -37.93 63.91
N GLN MA 32 33.59 -37.14 63.10
CA GLN MA 32 34.76 -37.49 62.32
C GLN MA 32 35.95 -37.53 63.28
N PHE MA 33 37.15 -37.82 62.80
CA PHE MA 33 38.27 -37.78 63.74
C PHE MA 33 39.10 -36.53 63.60
N ARG MA 34 38.51 -35.36 63.79
CA ARG MA 34 39.26 -34.13 63.69
C ARG MA 34 39.19 -33.40 65.00
N LYS MA 35 39.88 -32.27 65.06
CA LYS MA 35 39.64 -31.25 66.04
C LYS MA 35 39.52 -29.93 65.28
N GLY MA 36 39.42 -28.83 66.02
CA GLY MA 36 39.46 -27.53 65.39
C GLY MA 36 38.16 -27.12 64.75
N PRO MA 37 37.98 -25.83 64.44
CA PRO MA 37 38.90 -24.69 64.45
C PRO MA 37 39.34 -24.17 65.82
N ASN MA 38 40.63 -24.30 66.06
CA ASN MA 38 41.22 -23.86 67.30
C ASN MA 38 42.61 -23.25 67.13
N VAL MA 39 43.07 -23.06 65.89
CA VAL MA 39 44.22 -22.20 65.69
C VAL MA 39 43.77 -20.74 65.62
N VAL MA 40 42.55 -20.50 65.18
CA VAL MA 40 42.02 -19.15 65.27
C VAL MA 40 41.59 -18.93 66.70
N GLY MA 41 42.51 -18.44 67.53
CA GLY MA 41 42.26 -18.18 68.92
C GLY MA 41 41.95 -19.42 69.75
N PRO MA 42 41.55 -19.22 70.99
CA PRO MA 42 41.21 -20.35 71.84
C PRO MA 42 39.84 -20.90 71.47
N TYR MA 43 39.84 -22.05 70.80
CA TYR MA 43 38.69 -22.85 70.42
C TYR MA 43 37.82 -22.18 69.36
N GLY MA 44 38.15 -20.97 68.92
CA GLY MA 44 37.54 -20.42 67.72
C GLY MA 44 36.16 -19.82 67.84
N LEU MA 45 36.02 -18.75 68.61
CA LEU MA 45 34.80 -17.95 68.64
C LEU MA 45 34.95 -16.71 67.78
N LEU MA 46 36.16 -16.16 67.84
CA LEU MA 46 36.66 -15.32 66.78
C LEU MA 46 36.76 -16.02 65.43
N GLN MA 47 36.63 -17.36 65.36
CA GLN MA 47 36.54 -18.02 64.06
C GLN MA 47 35.23 -17.71 63.32
N PRO MA 48 34.03 -17.82 63.92
CA PRO MA 48 32.87 -17.24 63.24
C PRO MA 48 32.90 -15.75 63.13
N ILE MA 49 33.48 -15.02 64.10
CA ILE MA 49 33.61 -13.57 63.91
C ILE MA 49 34.43 -13.26 62.66
N ALA MA 50 35.52 -14.00 62.45
CA ALA MA 50 36.44 -13.75 61.37
C ALA MA 50 35.86 -14.11 60.02
N ASP MA 51 35.18 -15.26 59.91
CA ASP MA 51 34.66 -15.56 58.57
C ASP MA 51 33.43 -14.73 58.25
N ALA MA 52 32.67 -14.31 59.26
CA ALA MA 52 31.54 -13.42 59.01
C ALA MA 52 32.01 -12.09 58.44
N ILE MA 53 33.01 -11.48 59.11
CA ILE MA 53 33.50 -10.21 58.61
C ILE MA 53 34.28 -10.38 57.31
N LYS MA 54 34.83 -11.58 57.06
CA LYS MA 54 35.46 -11.83 55.77
C LYS MA 54 34.44 -11.84 54.65
N LEU MA 55 33.32 -12.51 54.87
CA LEU MA 55 32.32 -12.61 53.81
C LEU MA 55 31.66 -11.26 53.58
N PHE MA 56 31.59 -10.40 54.60
CA PHE MA 56 31.20 -9.02 54.35
C PHE MA 56 32.24 -8.29 53.50
N ILE MA 57 33.53 -8.50 53.81
CA ILE MA 57 34.61 -7.78 53.13
C ILE MA 57 34.68 -8.17 51.66
N LYS MA 58 34.52 -9.45 51.37
CA LYS MA 58 34.83 -9.98 50.05
C LYS MA 58 33.84 -9.44 49.01
N GLU MA 59 34.39 -9.08 47.85
CA GLU MA 59 33.69 -8.25 46.87
C GLU MA 59 32.47 -8.98 46.32
N PRO MA 60 31.33 -8.32 46.17
CA PRO MA 60 30.07 -9.03 45.91
C PRO MA 60 30.01 -9.65 44.53
N LEU MA 61 28.94 -10.42 44.35
CA LEU MA 61 28.63 -10.98 43.05
C LEU MA 61 28.18 -9.85 42.13
N ARG MA 62 28.89 -9.69 41.04
CA ARG MA 62 28.52 -8.64 40.11
C ARG MA 62 27.24 -9.03 39.36
N PRO MA 63 26.34 -8.07 39.15
CA PRO MA 63 25.16 -8.34 38.31
C PRO MA 63 25.48 -8.14 36.83
N ALA MA 64 25.01 -9.02 35.93
CA ALA MA 64 24.41 -10.38 36.00
C ALA MA 64 23.16 -10.65 36.86
N THR MA 65 22.13 -9.83 36.69
CA THR MA 65 20.84 -10.07 37.34
C THR MA 65 19.72 -9.83 36.34
N SER MA 66 18.50 -9.85 36.86
CA SER MA 66 17.30 -9.49 36.13
C SER MA 66 16.39 -8.92 37.21
N SER MA 67 16.00 -7.64 37.05
CA SER MA 67 15.26 -6.88 38.06
C SER MA 67 16.02 -6.83 39.37
N ILE MA 68 17.04 -5.96 39.40
CA ILE MA 68 17.87 -5.64 40.55
C ILE MA 68 17.06 -5.56 41.85
N SER MA 69 15.92 -4.87 41.79
CA SER MA 69 15.03 -4.73 42.94
C SER MA 69 14.47 -6.07 43.40
N MET MA 70 14.08 -6.93 42.46
CA MET MA 70 13.60 -8.27 42.82
C MET MA 70 14.71 -9.10 43.45
N PHE MA 71 15.92 -8.97 42.89
CA PHE MA 71 17.06 -9.71 43.39
C PHE MA 71 17.45 -9.28 44.79
N ILE MA 72 17.30 -8.00 45.11
CA ILE MA 72 17.52 -7.60 46.50
C ILE MA 72 16.30 -7.96 47.33
N LEU MA 73 15.14 -8.07 46.71
CA LEU MA 73 13.89 -8.21 47.43
C LEU MA 73 13.69 -9.62 47.97
N ALA MA 74 14.35 -10.63 47.38
CA ALA MA 74 14.20 -11.98 47.93
C ALA MA 74 14.94 -12.19 49.27
N PRO MA 75 16.26 -11.92 49.40
CA PRO MA 75 16.91 -12.28 50.66
C PRO MA 75 16.56 -11.36 51.81
N ILE MA 76 16.14 -10.12 51.51
CA ILE MA 76 15.62 -9.25 52.56
C ILE MA 76 14.36 -9.86 53.17
N LEU MA 77 13.57 -10.53 52.34
CA LEU MA 77 12.36 -11.15 52.83
C LEU MA 77 12.71 -12.38 53.65
N ALA MA 78 13.69 -13.17 53.20
CA ALA MA 78 14.10 -14.35 53.95
C ALA MA 78 14.60 -14.00 55.35
N LEU MA 79 15.44 -12.96 55.45
CA LEU MA 79 15.97 -12.65 56.78
C LEU MA 79 14.90 -12.00 57.66
N THR MA 80 14.00 -11.20 57.10
CA THR MA 80 13.00 -10.63 57.99
C THR MA 80 11.97 -11.67 58.42
N LEU MA 81 11.81 -12.76 57.69
CA LEU MA 81 11.02 -13.89 58.20
C LEU MA 81 11.73 -14.55 59.36
N ALA MA 82 13.03 -14.79 59.20
CA ALA MA 82 13.79 -15.44 60.25
C ALA MA 82 13.85 -14.59 61.51
N LEU MA 83 13.72 -13.28 61.38
CA LEU MA 83 13.59 -12.47 62.58
C LEU MA 83 12.18 -12.56 63.14
N THR MA 84 11.16 -12.36 62.29
CA THR MA 84 9.79 -12.24 62.74
C THR MA 84 9.12 -13.57 63.03
N MET MA 85 9.88 -14.65 63.15
CA MET MA 85 9.30 -15.85 63.69
C MET MA 85 9.48 -16.05 65.17
N TRP MA 86 10.32 -15.28 65.84
CA TRP MA 86 10.56 -15.53 67.25
C TRP MA 86 9.70 -14.67 68.14
N ILE MA 87 8.62 -14.12 67.61
CA ILE MA 87 7.83 -13.25 68.47
C ILE MA 87 6.95 -14.10 69.37
N PRO MA 88 6.10 -15.04 68.90
CA PRO MA 88 5.31 -15.79 69.91
C PRO MA 88 5.96 -17.08 70.37
N LEU MA 89 7.22 -17.04 70.79
CA LEU MA 89 7.84 -18.23 71.35
C LEU MA 89 8.04 -18.06 72.85
N PRO MA 90 7.19 -18.62 73.68
CA PRO MA 90 7.42 -18.50 75.12
C PRO MA 90 8.48 -19.46 75.63
N MET MA 91 9.67 -18.94 75.74
CA MET MA 91 10.22 -19.36 77.01
C MET MA 91 9.68 -18.38 78.05
N PRO MA 92 9.49 -18.79 79.31
CA PRO MA 92 8.18 -18.67 79.97
C PRO MA 92 7.25 -17.55 79.54
N TYR MA 93 7.78 -16.35 79.36
CA TYR MA 93 6.97 -15.25 78.89
C TYR MA 93 7.32 -14.96 77.45
N PRO MA 94 6.38 -15.09 76.52
CA PRO MA 94 6.67 -14.73 75.13
C PRO MA 94 6.70 -13.24 74.96
N LEU MA 95 7.13 -12.81 73.78
CA LEU MA 95 7.16 -11.39 73.48
C LEU MA 95 5.75 -10.88 73.26
N ILE MA 96 4.93 -11.63 72.54
CA ILE MA 96 3.54 -11.27 72.28
C ILE MA 96 2.67 -12.48 72.56
N ASN MA 97 1.81 -12.37 73.56
CA ASN MA 97 0.73 -13.33 73.73
C ASN MA 97 -0.29 -13.14 72.63
N MET MA 98 -0.72 -14.24 72.03
CA MET MA 98 -1.63 -14.19 70.91
C MET MA 98 -2.82 -15.09 71.18
N ASN MA 99 -3.89 -14.86 70.43
CA ASN MA 99 -4.96 -15.83 70.42
C ASN MA 99 -4.53 -17.11 69.73
N LEU MA 100 -3.69 -16.99 68.69
CA LEU MA 100 -3.23 -18.18 67.99
C LEU MA 100 -1.87 -17.91 67.39
N GLY MA 101 -0.94 -18.83 67.58
CA GLY MA 101 0.41 -18.58 67.13
C GLY MA 101 0.97 -19.63 66.20
N VAL MA 102 0.41 -20.84 66.30
CA VAL MA 102 0.95 -21.94 65.52
C VAL MA 102 0.58 -21.78 64.04
N LEU MA 103 -0.54 -21.14 63.77
CA LEU MA 103 -0.89 -20.84 62.41
C LEU MA 103 0.02 -19.74 61.88
N PHE MA 104 0.50 -18.88 62.77
CA PHE MA 104 1.49 -17.87 62.38
C PHE MA 104 2.81 -18.52 62.03
N MET MA 105 3.20 -19.57 62.77
CA MET MA 105 4.38 -20.38 62.45
C MET MA 105 4.29 -20.94 61.03
N LEU MA 106 3.16 -21.59 60.72
CA LEU MA 106 3.02 -22.25 59.42
C LEU MA 106 2.97 -21.21 58.29
N ALA MA 107 2.35 -20.06 58.55
CA ALA MA 107 2.31 -18.99 57.58
C ALA MA 107 3.70 -18.48 57.22
N MET MA 108 4.56 -18.34 58.23
CA MET MA 108 5.91 -17.90 57.93
C MET MA 108 6.76 -18.97 57.27
N SER MA 109 6.47 -20.25 57.52
CA SER MA 109 7.11 -21.30 56.72
C SER MA 109 6.75 -21.17 55.24
N SER MA 110 5.50 -20.86 54.95
CA SER MA 110 5.12 -20.66 53.56
C SER MA 110 5.77 -19.43 52.94
N LEU MA 111 5.98 -18.40 53.74
CA LEU MA 111 6.72 -17.26 53.18
C LEU MA 111 8.19 -17.62 52.93
N ALA MA 112 8.74 -18.59 53.67
CA ALA MA 112 10.08 -19.08 53.33
C ALA MA 112 10.08 -19.78 51.96
N VAL MA 113 8.99 -20.47 51.64
CA VAL MA 113 8.83 -21.02 50.28
C VAL MA 113 8.89 -19.91 49.24
N TYR MA 114 8.26 -18.77 49.54
CA TYR MA 114 8.37 -17.60 48.65
C TYR MA 114 9.79 -17.12 48.47
N SER MA 115 10.56 -17.14 49.55
CA SER MA 115 11.96 -16.72 49.45
C SER MA 115 12.73 -17.57 48.47
N ILE MA 116 12.58 -18.90 48.58
CA ILE MA 116 13.28 -19.83 47.71
C ILE MA 116 12.89 -19.59 46.26
N LEU MA 117 11.60 -19.41 46.02
CA LEU MA 117 11.12 -19.31 44.65
C LEU MA 117 11.55 -18.00 43.99
N TRP MA 118 11.54 -16.91 44.76
CA TRP MA 118 11.92 -15.63 44.17
C TRP MA 118 13.40 -15.57 43.87
N SER MA 119 14.22 -16.10 44.78
CA SER MA 119 15.65 -16.15 44.48
C SER MA 119 15.91 -17.05 43.29
N GLY MA 120 15.14 -18.13 43.16
CA GLY MA 120 15.33 -19.02 42.02
C GLY MA 120 14.97 -18.41 40.69
N TRP MA 121 13.85 -17.69 40.63
CA TRP MA 121 13.49 -17.05 39.36
C TRP MA 121 14.44 -15.91 39.02
N ALA MA 122 14.71 -15.04 39.98
CA ALA MA 122 15.54 -13.90 39.66
C ALA MA 122 17.02 -14.26 39.56
N SER MA 123 17.39 -15.50 39.86
CA SER MA 123 18.78 -15.90 39.93
C SER MA 123 19.56 -15.78 38.63
N ASN MA 124 19.23 -16.62 37.66
CA ASN MA 124 20.32 -17.04 36.80
C ASN MA 124 19.79 -17.70 35.54
N SER MA 125 20.65 -18.47 34.87
CA SER MA 125 20.28 -19.28 33.74
C SER MA 125 19.43 -20.48 34.18
N LYS MA 126 19.08 -21.30 33.20
CA LYS MA 126 17.91 -22.17 33.32
C LYS MA 126 18.13 -23.36 34.25
N TYR MA 127 19.35 -23.86 34.36
CA TYR MA 127 19.57 -25.10 35.12
C TYR MA 127 19.38 -24.87 36.61
N ALA MA 128 19.85 -23.73 37.11
CA ALA MA 128 19.59 -23.36 38.50
C ALA MA 128 18.10 -23.13 38.73
N LEU MA 129 17.38 -22.69 37.70
CA LEU MA 129 15.94 -22.54 37.83
C LEU MA 129 15.27 -23.89 38.02
N ILE MA 130 15.70 -24.91 37.27
CA ILE MA 130 15.16 -26.25 37.47
C ILE MA 130 15.51 -26.78 38.87
N GLY MA 131 16.73 -26.50 39.32
CA GLY MA 131 17.15 -26.95 40.64
C GLY MA 131 16.34 -26.32 41.76
N ALA MA 132 16.16 -25.00 41.69
CA ALA MA 132 15.36 -24.32 42.70
C ALA MA 132 13.90 -24.70 42.60
N LEU MA 133 13.45 -25.10 41.42
CA LEU MA 133 12.06 -25.51 41.26
C LEU MA 133 11.81 -26.85 41.96
N ARG MA 134 12.74 -27.79 41.80
CA ARG MA 134 12.66 -29.02 42.56
C ARG MA 134 12.76 -28.76 44.05
N ALA MA 135 13.57 -27.77 44.44
CA ALA MA 135 13.70 -27.43 45.85
C ALA MA 135 12.38 -26.91 46.42
N VAL MA 136 11.67 -26.07 45.67
CA VAL MA 136 10.38 -25.56 46.12
C VAL MA 136 9.36 -26.69 46.21
N ALA MA 137 9.41 -27.63 45.26
CA ALA MA 137 8.53 -28.79 45.30
C ALA MA 137 8.76 -29.62 46.56
N GLN MA 138 10.02 -29.94 46.85
CA GLN MA 138 10.30 -30.76 48.02
C GLN MA 138 10.17 -29.99 49.31
N THR MA 139 10.08 -28.67 49.27
CA THR MA 139 9.77 -27.95 50.50
C THR MA 139 8.27 -27.92 50.74
N ILE MA 140 7.49 -27.64 49.69
CA ILE MA 140 6.07 -27.46 49.82
C ILE MA 140 5.36 -28.78 50.03
N SER MA 141 6.00 -29.90 49.71
CA SER MA 141 5.32 -31.17 49.94
C SER MA 141 5.27 -31.55 51.41
N TYR MA 142 5.97 -30.84 52.28
CA TYR MA 142 5.98 -31.19 53.69
C TYR MA 142 5.14 -30.28 54.55
N GLU MA 143 4.70 -29.14 54.05
CA GLU MA 143 3.84 -28.30 54.88
C GLU MA 143 2.43 -28.85 54.96
N VAL MA 144 2.07 -29.77 54.09
CA VAL MA 144 0.91 -30.61 54.36
C VAL MA 144 1.12 -31.36 55.66
N THR MA 145 2.26 -32.06 55.73
CA THR MA 145 2.53 -33.01 56.80
C THR MA 145 2.69 -32.33 58.14
N LEU MA 146 3.52 -31.30 58.19
CA LEU MA 146 3.83 -30.68 59.48
C LEU MA 146 2.62 -29.94 60.04
N ALA MA 147 1.81 -29.34 59.17
CA ALA MA 147 0.58 -28.71 59.65
C ALA MA 147 -0.40 -29.74 60.16
N ILE MA 148 -0.50 -30.87 59.46
CA ILE MA 148 -1.34 -31.98 59.92
C ILE MA 148 -0.91 -32.46 61.30
N ILE MA 149 0.39 -32.66 61.49
CA ILE MA 149 0.87 -33.26 62.72
C ILE MA 149 0.76 -32.29 63.88
N LEU MA 150 1.14 -31.03 63.64
CA LEU MA 150 0.99 -30.00 64.66
C LEU MA 150 -0.46 -29.83 65.08
N LEU MA 151 -1.38 -29.94 64.13
CA LEU MA 151 -2.80 -29.90 64.44
C LEU MA 151 -3.20 -31.06 65.34
N SER MA 152 -2.76 -32.27 65.00
CA SER MA 152 -3.15 -33.41 65.83
C SER MA 152 -2.47 -33.46 67.18
N VAL MA 153 -1.36 -32.77 67.39
CA VAL MA 153 -0.83 -32.73 68.76
C VAL MA 153 -1.44 -31.60 69.56
N LEU MA 154 -1.79 -30.47 68.95
CA LEU MA 154 -2.47 -29.45 69.75
C LEU MA 154 -3.90 -29.82 70.07
N LEU MA 155 -4.50 -30.73 69.30
CA LEU MA 155 -5.84 -31.23 69.61
C LEU MA 155 -5.91 -31.91 70.97
N MET MA 156 -4.79 -32.42 71.47
CA MET MA 156 -4.71 -32.86 72.87
C MET MA 156 -4.96 -31.71 73.83
N ASN MA 157 -4.68 -30.48 73.43
CA ASN MA 157 -4.81 -29.34 74.29
C ASN MA 157 -5.72 -28.26 73.74
N GLY MA 158 -6.21 -28.40 72.52
CA GLY MA 158 -7.41 -27.72 72.10
C GLY MA 158 -7.30 -26.24 71.80
N SER MA 159 -6.39 -25.56 72.47
CA SER MA 159 -6.25 -24.13 72.38
C SER MA 159 -4.95 -23.80 71.67
N PHE MA 160 -4.81 -22.53 71.29
CA PHE MA 160 -3.73 -22.09 70.43
C PHE MA 160 -2.78 -21.12 71.12
N THR MA 161 -2.87 -20.97 72.43
CA THR MA 161 -2.19 -19.86 73.09
C THR MA 161 -0.70 -20.08 73.17
N LEU MA 162 -0.30 -21.35 73.31
CA LEU MA 162 1.02 -21.95 73.51
C LEU MA 162 1.50 -21.75 74.95
N SER MA 163 0.86 -20.84 75.68
CA SER MA 163 1.07 -20.81 77.11
C SER MA 163 0.12 -21.78 77.78
N THR MA 164 -1.02 -22.07 77.16
CA THR MA 164 -1.76 -23.26 77.57
C THR MA 164 -0.99 -24.52 77.24
N LEU MA 165 -0.11 -24.48 76.24
CA LEU MA 165 0.72 -25.65 75.99
C LEU MA 165 1.73 -25.84 77.11
N ILE MA 166 2.41 -24.76 77.52
CA ILE MA 166 3.34 -24.89 78.64
C ILE MA 166 2.62 -25.18 79.96
N ILE MA 167 1.32 -24.88 80.06
CA ILE MA 167 0.56 -25.42 81.18
C ILE MA 167 0.37 -26.92 81.03
N THR MA 168 -0.18 -27.35 79.90
CA THR MA 168 -0.58 -28.74 79.73
C THR MA 168 0.56 -29.73 79.59
N GLN MA 169 1.80 -29.26 79.44
CA GLN MA 169 2.91 -30.19 79.52
C GLN MA 169 3.31 -30.52 80.93
N GLU MA 170 2.59 -30.08 81.96
CA GLU MA 170 3.18 -30.08 83.28
C GLU MA 170 3.29 -31.48 83.86
N GLN MA 171 2.37 -32.37 83.52
CA GLN MA 171 2.35 -33.64 84.22
C GLN MA 171 3.24 -34.66 83.54
N VAL MA 172 2.99 -34.92 82.28
CA VAL MA 172 3.86 -35.78 81.51
C VAL MA 172 4.43 -34.95 80.38
N TRP MA 173 5.51 -35.45 79.81
CA TRP MA 173 5.95 -34.92 78.54
C TRP MA 173 4.96 -35.33 77.47
N LEU MA 174 4.84 -34.51 76.45
CA LEU MA 174 3.85 -34.84 75.44
C LEU MA 174 4.41 -35.80 74.40
N ILE MA 175 5.68 -36.21 74.56
CA ILE MA 175 6.23 -37.27 73.74
C ILE MA 175 5.57 -38.61 74.06
N PHE MA 176 5.09 -38.81 75.28
CA PHE MA 176 4.53 -40.11 75.63
C PHE MA 176 3.16 -40.40 75.02
N PRO MA 177 2.17 -39.51 75.02
CA PRO MA 177 0.92 -39.85 74.34
C PRO MA 177 0.99 -39.66 72.84
N ALA MA 178 2.00 -39.02 72.34
CA ALA MA 178 2.22 -38.97 70.91
C ALA MA 178 3.71 -39.10 70.66
N TRP MA 179 4.18 -40.32 70.61
CA TRP MA 179 5.52 -40.53 70.08
C TRP MA 179 5.62 -40.67 68.56
N PRO MA 180 4.77 -41.40 67.83
CA PRO MA 180 5.04 -41.51 66.39
C PRO MA 180 4.73 -40.22 65.66
N LEU MA 181 3.75 -39.47 66.17
CA LEU MA 181 3.38 -38.20 65.59
C LEU MA 181 4.51 -37.20 65.78
N ALA MA 182 5.14 -37.22 66.95
CA ALA MA 182 6.29 -36.35 67.21
C ALA MA 182 7.50 -36.74 66.38
N MET MA 183 7.71 -38.05 66.16
CA MET MA 183 8.82 -38.53 65.35
C MET MA 183 8.71 -38.02 63.91
N MET MA 184 7.53 -38.20 63.31
CA MET MA 184 7.27 -37.72 61.96
C MET MA 184 7.35 -36.20 61.89
N TRP MA 185 6.95 -35.52 62.96
CA TRP MA 185 7.06 -34.07 63.01
C TRP MA 185 8.52 -33.64 62.97
N PHE MA 186 9.37 -34.37 63.65
CA PHE MA 186 10.79 -34.03 63.67
C PHE MA 186 11.43 -34.26 62.31
N ILE MA 187 11.02 -35.32 61.63
CA ILE MA 187 11.51 -35.55 60.27
C ILE MA 187 11.08 -34.43 59.33
N SER MA 188 9.86 -33.94 59.53
CA SER MA 188 9.41 -32.82 58.71
C SER MA 188 10.13 -31.53 59.05
N THR MA 189 10.63 -31.38 60.27
CA THR MA 189 11.49 -30.22 60.53
C THR MA 189 12.83 -30.35 59.83
N LEU MA 190 13.36 -31.57 59.72
CA LEU MA 190 14.54 -31.76 58.86
C LEU MA 190 14.25 -31.46 57.41
N ALA MA 191 12.99 -31.65 56.99
CA ALA MA 191 12.63 -31.27 55.62
C ALA MA 191 12.57 -29.77 55.45
N GLU MA 192 12.00 -29.08 56.43
CA GLU MA 192 11.80 -27.63 56.31
C GLU MA 192 13.12 -26.88 56.37
N THR MA 193 14.03 -27.33 57.22
CA THR MA 193 15.33 -26.65 57.27
C THR MA 193 16.24 -27.02 56.11
N ASN MA 194 15.86 -28.03 55.31
CA ASN MA 194 16.47 -28.37 54.03
C ASN MA 194 17.94 -28.76 54.19
N ARG MA 195 18.18 -29.72 55.08
CA ARG MA 195 19.53 -30.18 55.33
C ARG MA 195 19.63 -31.63 54.94
N ALA MA 196 20.78 -32.22 55.21
CA ALA MA 196 20.96 -33.64 55.04
C ALA MA 196 20.06 -34.38 56.04
N PRO MA 197 19.46 -35.52 55.67
CA PRO MA 197 19.66 -36.34 54.48
C PRO MA 197 18.90 -35.90 53.23
N PHE MA 198 18.49 -34.65 53.11
CA PHE MA 198 17.68 -34.22 51.99
C PHE MA 198 18.49 -33.27 51.12
N ASP MA 199 18.35 -33.41 49.81
CA ASP MA 199 19.28 -32.74 48.91
C ASP MA 199 18.82 -31.33 48.56
N LEU MA 200 19.79 -30.50 48.20
CA LEU MA 200 19.56 -29.28 47.44
C LEU MA 200 20.59 -29.16 46.31
N THR MA 201 21.26 -30.26 45.98
CA THR MA 201 22.24 -30.26 44.90
C THR MA 201 21.83 -31.22 43.79
N ALA MA 217 23.93 -18.23 44.16
CA ALA MA 217 22.98 -17.56 45.05
C ALA MA 217 23.33 -16.07 45.15
N GLY MA 218 23.32 -15.56 46.38
CA GLY MA 218 23.74 -14.20 46.65
C GLY MA 218 22.65 -13.33 47.25
N PRO MA 219 22.94 -12.66 48.38
CA PRO MA 219 24.13 -12.85 49.22
C PRO MA 219 24.08 -14.10 50.09
N PHE MA 220 25.22 -14.77 50.04
CA PHE MA 220 25.39 -16.07 50.65
C PHE MA 220 25.25 -15.98 52.16
N ALA MA 221 25.66 -14.85 52.75
CA ALA MA 221 25.48 -14.65 54.18
C ALA MA 221 24.02 -14.58 54.55
N LEU MA 222 23.17 -14.03 53.69
CA LEU MA 222 21.76 -13.91 54.03
C LEU MA 222 21.05 -15.24 53.92
N PHE MA 223 21.35 -16.00 52.87
CA PHE MA 223 20.76 -17.34 52.78
C PHE MA 223 21.27 -18.25 53.90
N PHE MA 224 22.56 -18.13 54.21
CA PHE MA 224 23.23 -18.75 55.34
C PHE MA 224 22.51 -18.47 56.66
N MET MA 225 22.24 -17.18 56.89
CA MET MA 225 21.59 -16.72 58.10
C MET MA 225 20.19 -17.27 58.22
N ALA MA 226 19.45 -17.25 57.11
CA ALA MA 226 18.06 -17.71 57.12
C ALA MA 226 17.97 -19.21 57.40
N GLU MA 227 18.89 -19.99 56.81
CA GLU MA 227 19.01 -21.41 57.11
C GLU MA 227 19.16 -21.66 58.60
N TYR MA 228 20.18 -21.06 59.20
CA TYR MA 228 20.49 -21.41 60.57
C TYR MA 228 19.48 -20.86 61.56
N ALA MA 229 18.92 -19.68 61.30
CA ALA MA 229 17.87 -19.18 62.18
C ALA MA 229 16.59 -19.98 62.03
N ASN MA 230 16.34 -20.54 60.85
CA ASN MA 230 15.22 -21.45 60.67
C ASN MA 230 15.40 -22.71 61.51
N ILE MA 231 16.63 -23.20 61.58
CA ILE MA 231 16.89 -24.40 62.40
C ILE MA 231 16.66 -24.11 63.86
N ILE MA 232 17.17 -22.97 64.35
CA ILE MA 232 17.02 -22.65 65.78
C ILE MA 232 15.56 -22.38 66.10
N MET MA 233 14.84 -21.80 65.14
CA MET MA 233 13.40 -21.58 65.24
C MET MA 233 12.66 -22.88 65.46
N MET MA 234 12.90 -23.86 64.58
CA MET MA 234 12.21 -25.14 64.68
C MET MA 234 12.61 -25.91 65.93
N ASN MA 235 13.85 -25.74 66.39
CA ASN MA 235 14.28 -26.46 67.58
C ASN MA 235 13.61 -25.91 68.83
N ILE MA 236 13.56 -24.58 68.95
CA ILE MA 236 12.87 -23.96 70.08
C ILE MA 236 11.39 -24.29 70.07
N PHE MA 237 10.81 -24.34 68.88
CA PHE MA 237 9.39 -24.66 68.77
C PHE MA 237 9.12 -26.11 69.13
N THR MA 238 10.06 -27.00 68.80
CA THR MA 238 9.96 -28.39 69.23
C THR MA 238 10.03 -28.48 70.73
N THR MA 239 10.99 -27.77 71.31
CA THR MA 239 11.29 -27.89 72.71
C THR MA 239 10.15 -27.36 73.57
N THR MA 240 9.44 -26.37 73.07
CA THR MA 240 8.18 -26.02 73.73
C THR MA 240 7.13 -27.10 73.47
N LEU MA 241 7.13 -27.65 72.27
CA LEU MA 241 5.94 -28.33 71.79
C LEU MA 241 5.77 -29.72 72.38
N PHE MA 242 6.86 -30.46 72.59
CA PHE MA 242 6.73 -31.88 72.86
C PHE MA 242 7.33 -32.33 74.17
N LEU MA 243 8.14 -31.50 74.81
CA LEU MA 243 8.82 -31.88 76.04
C LEU MA 243 9.10 -30.61 76.82
N GLY MA 244 9.94 -30.72 77.83
CA GLY MA 244 10.17 -29.61 78.73
C GLY MA 244 9.69 -29.92 80.13
N ALA MA 245 9.46 -28.86 80.89
CA ALA MA 245 9.13 -29.05 82.30
C ALA MA 245 8.27 -27.89 82.76
N PHE MA 246 8.13 -27.78 84.07
CA PHE MA 246 7.22 -26.84 84.70
C PHE MA 246 7.83 -25.46 84.76
N HIS MA 247 7.01 -24.51 85.20
CA HIS MA 247 7.43 -23.14 85.45
C HIS MA 247 6.69 -22.68 86.69
N ASN MA 248 7.38 -22.73 87.82
CA ASN MA 248 6.95 -21.97 88.97
C ASN MA 248 7.08 -20.51 88.59
N PRO MA 249 6.07 -19.69 88.85
CA PRO MA 249 6.22 -18.25 88.66
C PRO MA 249 7.22 -17.65 89.64
N TYR MA 250 7.52 -16.38 89.37
CA TYR MA 250 8.54 -15.55 90.05
C TYR MA 250 9.89 -16.25 90.18
N MET MA 251 10.23 -17.15 89.25
CA MET MA 251 11.59 -17.66 89.09
C MET MA 251 11.76 -18.19 87.67
N PRO MA 252 11.92 -17.32 86.67
CA PRO MA 252 11.95 -17.80 85.29
C PRO MA 252 13.31 -18.29 84.80
N GLU MA 253 14.38 -18.04 85.57
CA GLU MA 253 15.67 -18.61 85.20
C GLU MA 253 15.62 -20.12 85.18
N LEU MA 254 14.79 -20.73 86.02
CA LEU MA 254 14.71 -22.18 86.13
C LEU MA 254 14.19 -22.81 84.85
N TYR MA 255 13.04 -22.32 84.39
CA TYR MA 255 12.48 -22.86 83.14
C TYR MA 255 13.36 -22.50 81.96
N THR MA 256 13.95 -21.30 81.95
CA THR MA 256 14.74 -20.94 80.79
C THR MA 256 16.01 -21.80 80.70
N ILE MA 257 16.58 -22.17 81.85
CA ILE MA 257 17.74 -23.06 81.88
C ILE MA 257 17.36 -24.43 81.33
N ASN MA 258 16.26 -25.01 81.83
CA ASN MA 258 15.90 -26.35 81.37
C ASN MA 258 15.49 -26.34 79.91
N PHE MA 259 14.90 -25.24 79.47
CA PHE MA 259 14.53 -25.06 78.07
C PHE MA 259 15.76 -24.99 77.17
N THR MA 260 16.75 -24.19 77.56
CA THR MA 260 17.96 -24.05 76.77
C THR MA 260 18.72 -25.36 76.68
N ILE MA 261 18.80 -26.08 77.80
CA ILE MA 261 19.55 -27.33 77.80
C ILE MA 261 18.86 -28.38 76.93
N LYS MA 262 17.53 -28.49 77.02
CA LYS MA 262 16.85 -29.45 76.16
C LYS MA 262 16.90 -29.06 74.69
N SER MA 263 16.80 -27.76 74.38
CA SER MA 263 16.88 -27.34 72.99
C SER MA 263 18.27 -27.54 72.41
N LEU MA 264 19.29 -27.39 73.23
CA LEU MA 264 20.66 -27.61 72.76
C LEU MA 264 20.94 -29.07 72.52
N LEU MA 265 20.47 -29.94 73.41
CA LEU MA 265 20.60 -31.38 73.19
C LEU MA 265 19.87 -31.80 71.93
N LEU MA 266 18.72 -31.19 71.66
CA LEU MA 266 17.99 -31.54 70.46
C LEU MA 266 18.67 -31.02 69.20
N SER MA 267 19.29 -29.84 69.24
CA SER MA 267 19.95 -29.33 68.04
C SER MA 267 21.25 -30.08 67.77
N ILE MA 268 21.93 -30.51 68.82
CA ILE MA 268 23.09 -31.37 68.64
C ILE MA 268 22.68 -32.72 68.06
N THR MA 269 21.52 -33.24 68.51
CA THR MA 269 20.99 -34.46 67.91
C THR MA 269 20.62 -34.24 66.46
N PHE MA 270 20.17 -33.04 66.12
CA PHE MA 270 19.79 -32.69 64.76
C PHE MA 270 21.00 -32.74 63.83
N LEU MA 271 22.04 -32.00 64.20
CA LEU MA 271 23.28 -32.02 63.43
C LEU MA 271 23.93 -33.39 63.46
N TRP MA 272 23.72 -34.13 64.54
CA TRP MA 272 24.23 -35.47 64.70
C TRP MA 272 23.56 -36.44 63.74
N ILE MA 273 22.28 -36.23 63.44
CA ILE MA 273 21.59 -37.03 62.44
C ILE MA 273 22.06 -36.63 61.06
N ARG MA 274 22.33 -35.34 60.87
CA ARG MA 274 22.90 -34.87 59.60
C ARG MA 274 24.25 -35.51 59.29
N ALA MA 275 25.03 -35.81 60.32
CA ALA MA 275 26.41 -36.23 60.15
C ALA MA 275 26.59 -37.55 59.40
N SER MA 276 25.59 -38.41 59.37
CA SER MA 276 25.90 -39.79 59.03
C SER MA 276 24.91 -40.45 58.09
N TYR MA 277 24.20 -39.68 57.26
CA TYR MA 277 23.30 -40.33 56.33
C TYR MA 277 23.40 -39.77 54.92
N PRO MA 278 23.47 -40.63 53.92
CA PRO MA 278 23.60 -40.16 52.55
C PRO MA 278 22.28 -39.60 52.05
N ARG MA 279 22.37 -38.75 51.03
CA ARG MA 279 21.20 -38.03 50.57
C ARG MA 279 20.32 -38.91 49.71
N PHE MA 280 19.03 -38.60 49.73
CA PHE MA 280 18.04 -39.49 49.16
C PHE MA 280 17.94 -39.20 47.67
N ARG MA 281 17.53 -40.20 46.92
CA ARG MA 281 17.11 -39.90 45.55
C ARG MA 281 15.78 -39.17 45.60
N TYR MA 282 15.58 -38.28 44.63
CA TYR MA 282 14.48 -37.33 44.69
C TYR MA 282 13.11 -38.02 44.62
N ASP MA 283 12.96 -38.96 43.70
CA ASP MA 283 11.66 -39.63 43.60
C ASP MA 283 11.44 -40.55 44.76
N GLN MA 284 12.52 -41.05 45.37
CA GLN MA 284 12.37 -41.72 46.65
C GLN MA 284 11.86 -40.78 47.71
N LEU MA 285 12.25 -39.51 47.66
CA LEU MA 285 11.80 -38.56 48.67
C LEU MA 285 10.31 -38.26 48.53
N MET MA 286 9.85 -37.94 47.31
CA MET MA 286 8.43 -37.68 47.10
C MET MA 286 7.57 -38.91 47.34
N HIS MA 287 7.96 -40.05 46.73
CA HIS MA 287 7.32 -41.33 46.96
C HIS MA 287 7.20 -41.66 48.44
N LEU MA 288 8.29 -41.46 49.18
CA LEU MA 288 8.34 -41.77 50.58
C LEU MA 288 7.39 -40.91 51.37
N LEU MA 289 7.40 -39.60 51.10
CA LEU MA 289 6.47 -38.68 51.76
C LEU MA 289 5.02 -39.07 51.52
N TRP MA 290 4.59 -39.11 50.25
CA TRP MA 290 3.19 -39.37 49.96
C TRP MA 290 2.77 -40.75 50.45
N LYS MA 291 3.35 -41.80 49.87
CA LYS MA 291 2.89 -43.14 50.16
C LYS MA 291 3.26 -43.64 51.55
N ASN MA 292 4.02 -42.90 52.37
CA ASN MA 292 4.17 -43.48 53.69
C ASN MA 292 3.86 -42.51 54.81
N PHE MA 293 4.28 -41.26 54.70
CA PHE MA 293 3.89 -40.34 55.73
C PHE MA 293 2.47 -39.86 55.57
N LEU MA 294 1.91 -39.90 54.35
CA LEU MA 294 0.58 -39.31 54.32
C LEU MA 294 -0.51 -40.24 54.87
N PRO MA 295 -0.59 -41.55 54.53
CA PRO MA 295 -1.64 -42.35 55.18
C PRO MA 295 -1.42 -42.55 56.66
N LEU MA 296 -0.17 -42.49 57.09
CA LEU MA 296 0.12 -42.67 58.50
C LEU MA 296 -0.32 -41.45 59.31
N THR MA 297 -0.14 -40.26 58.73
CA THR MA 297 -0.64 -39.05 59.36
C THR MA 297 -2.16 -39.05 59.44
N LEU MA 298 -2.83 -39.52 58.40
CA LEU MA 298 -4.29 -39.54 58.43
C LEU MA 298 -4.78 -40.54 59.46
N ALA MA 299 -4.04 -41.62 59.61
CA ALA MA 299 -4.35 -42.59 60.65
C ALA MA 299 -4.23 -41.98 62.04
N LEU MA 300 -3.14 -41.25 62.28
CA LEU MA 300 -2.97 -40.64 63.59
C LEU MA 300 -3.95 -39.50 63.83
N CYS MA 301 -4.35 -38.78 62.78
CA CYS MA 301 -5.34 -37.73 62.96
C CYS MA 301 -6.69 -38.30 63.32
N MET MA 302 -7.13 -39.35 62.62
CA MET MA 302 -8.44 -39.90 62.94
C MET MA 302 -8.44 -40.57 64.31
N TRP MA 303 -7.30 -41.10 64.74
CA TRP MA 303 -7.30 -41.65 66.07
C TRP MA 303 -7.20 -40.57 67.13
N HIS MA 304 -6.44 -39.51 66.89
CA HIS MA 304 -6.42 -38.43 67.86
C HIS MA 304 -7.63 -37.52 67.75
N VAL MA 305 -8.52 -37.75 66.81
CA VAL MA 305 -9.84 -37.17 66.92
C VAL MA 305 -10.73 -38.07 67.75
N SER MA 306 -10.84 -39.34 67.37
CA SER MA 306 -11.81 -40.20 67.99
C SER MA 306 -11.44 -40.62 69.41
N LEU MA 307 -10.20 -40.42 69.83
CA LEU MA 307 -9.80 -40.82 71.17
C LEU MA 307 -10.05 -39.81 72.29
N PRO MA 308 -9.82 -38.49 72.12
CA PRO MA 308 -10.31 -37.56 73.15
C PRO MA 308 -11.80 -37.57 73.34
N ILE MA 309 -12.59 -37.94 72.33
CA ILE MA 309 -14.01 -38.10 72.56
C ILE MA 309 -14.27 -39.42 73.28
N LEU MA 310 -13.30 -40.33 73.30
CA LEU MA 310 -13.43 -41.57 74.05
C LEU MA 310 -13.10 -41.37 75.52
N LEU MA 311 -11.87 -40.97 75.81
CA LEU MA 311 -11.36 -41.12 77.16
C LEU MA 311 -11.72 -39.94 78.05
N SER MA 312 -12.87 -39.30 77.78
CA SER MA 312 -13.47 -38.24 78.59
C SER MA 312 -12.57 -37.03 78.72
N SER MA 313 -11.69 -36.83 77.76
CA SER MA 313 -10.57 -35.91 77.90
C SER MA 313 -10.64 -34.93 76.75
N ILE MA 314 -11.45 -33.90 76.92
CA ILE MA 314 -11.52 -32.81 75.96
C ILE MA 314 -11.08 -31.54 76.66
N PRO MA 315 -10.23 -30.73 76.04
CA PRO MA 315 -9.45 -29.74 76.76
C PRO MA 315 -10.32 -28.55 77.16
N PRO MA 316 -9.90 -27.80 78.16
CA PRO MA 316 -10.67 -26.60 78.55
C PRO MA 316 -10.38 -25.42 77.61
N GLN MA 317 -10.92 -25.50 76.41
CA GLN MA 317 -10.69 -24.47 75.42
C GLN MA 317 -11.52 -23.26 75.80
N THR MA 318 -10.94 -22.37 76.58
CA THR MA 318 -11.67 -21.31 77.22
C THR MA 318 -12.19 -20.30 76.20
N MET NA 1 0.11 6.07 62.21
CA MET NA 1 0.38 6.23 63.64
C MET NA 1 -0.80 6.86 64.38
N MET NA 2 -1.99 6.86 63.79
CA MET NA 2 -3.12 7.57 64.39
C MET NA 2 -4.41 6.82 64.08
N THR NA 3 -5.53 7.55 64.19
CA THR NA 3 -6.87 6.95 64.15
C THR NA 3 -7.21 6.35 62.79
N TYR NA 4 -6.93 7.07 61.69
CA TYR NA 4 -7.47 6.56 60.42
C TYR NA 4 -6.54 5.55 59.77
N ILE NA 5 -5.99 4.63 60.56
CA ILE NA 5 -5.01 3.69 60.04
C ILE NA 5 -5.70 2.62 59.22
N VAL NA 6 -6.98 2.37 59.50
CA VAL NA 6 -7.78 1.45 58.70
C VAL NA 6 -7.95 1.99 57.30
N PHE NA 7 -8.29 3.27 57.21
CA PHE NA 7 -8.47 3.89 55.91
C PHE NA 7 -7.15 3.98 55.14
N ILE NA 8 -6.05 4.23 55.85
CA ILE NA 8 -4.76 4.34 55.17
C ILE NA 8 -4.29 2.98 54.64
N LEU NA 9 -4.49 1.91 55.43
CA LEU NA 9 -4.19 0.58 54.91
C LEU NA 9 -5.09 0.23 53.74
N SER NA 10 -6.31 0.76 53.72
CA SER NA 10 -7.13 0.56 52.55
C SER NA 10 -6.59 1.30 51.33
N ILE NA 11 -5.96 2.46 51.54
CA ILE NA 11 -5.34 3.19 50.43
C ILE NA 11 -4.24 2.34 49.81
N ILE NA 12 -3.38 1.77 50.66
CA ILE NA 12 -2.28 0.95 50.15
C ILE NA 12 -2.83 -0.31 49.48
N PHE NA 13 -3.96 -0.82 49.96
CA PHE NA 13 -4.58 -2.00 49.37
C PHE NA 13 -5.03 -1.76 47.94
N VAL NA 14 -5.76 -0.67 47.73
CA VAL NA 14 -6.28 -0.44 46.40
C VAL NA 14 -5.14 -0.04 45.46
N MET NA 15 -4.09 0.59 46.00
CA MET NA 15 -2.88 0.80 45.21
C MET NA 15 -2.25 -0.50 44.77
N GLY NA 16 -2.29 -1.53 45.61
CA GLY NA 16 -1.75 -2.81 45.19
C GLY NA 16 -2.57 -3.45 44.10
N PHE NA 17 -3.90 -3.32 44.19
CA PHE NA 17 -4.73 -3.84 43.09
C PHE NA 17 -4.49 -3.10 41.79
N VAL NA 18 -4.27 -1.79 41.84
CA VAL NA 18 -3.88 -1.08 40.63
C VAL NA 18 -2.51 -1.56 40.15
N GLY NA 19 -1.62 -1.84 41.10
CA GLY NA 19 -0.25 -2.23 40.80
C GLY NA 19 -0.11 -3.56 40.09
N PHE NA 20 -1.08 -4.46 40.23
CA PHE NA 20 -1.05 -5.58 39.28
C PHE NA 20 -2.22 -5.61 38.33
N SER NA 21 -3.17 -4.69 38.40
CA SER NA 21 -4.14 -4.59 37.33
C SER NA 21 -3.59 -3.81 36.15
N SER NA 22 -2.41 -3.21 36.30
CA SER NA 22 -1.76 -2.61 35.16
C SER NA 22 -1.13 -3.62 34.21
N LYS NA 23 -1.26 -4.93 34.49
CA LYS NA 23 -0.73 -6.05 33.70
C LYS NA 23 0.77 -6.00 33.52
N PRO NA 24 1.57 -6.25 34.54
CA PRO NA 24 3.01 -6.37 34.34
C PRO NA 24 3.36 -7.78 33.87
N SER NA 25 4.63 -8.12 33.94
CA SER NA 25 4.97 -9.53 33.99
C SER NA 25 4.25 -10.19 35.16
N PRO NA 26 3.75 -11.41 34.98
CA PRO NA 26 2.96 -12.05 36.05
C PRO NA 26 3.75 -12.39 37.29
N ILE NA 27 5.09 -12.36 37.29
CA ILE NA 27 5.74 -12.53 38.58
C ILE NA 27 5.74 -11.23 39.38
N TYR NA 28 5.80 -10.08 38.70
CA TYR NA 28 5.44 -8.83 39.35
C TYR NA 28 4.00 -8.82 39.78
N GLY NA 29 3.13 -9.49 39.01
CA GLY NA 29 1.75 -9.64 39.42
C GLY NA 29 1.60 -10.44 40.70
N GLY NA 30 2.38 -11.52 40.83
CA GLY NA 30 2.39 -12.28 42.06
C GLY NA 30 2.90 -11.46 43.22
N LEU NA 31 3.87 -10.58 42.96
CA LEU NA 31 4.32 -9.64 43.98
C LEU NA 31 3.20 -8.70 44.39
N GLY NA 32 2.45 -8.18 43.42
CA GLY NA 32 1.42 -7.22 43.72
C GLY NA 32 0.28 -7.85 44.51
N LEU NA 33 -0.04 -9.09 44.20
CA LEU NA 33 -1.09 -9.75 44.95
C LEU NA 33 -0.62 -10.19 46.33
N ILE NA 34 0.68 -10.45 46.50
CA ILE NA 34 1.19 -10.74 47.84
C ILE NA 34 1.13 -9.49 48.72
N VAL NA 35 1.56 -8.35 48.20
CA VAL NA 35 1.53 -7.10 48.97
C VAL NA 35 0.10 -6.71 49.30
N SER NA 36 -0.80 -6.87 48.32
CA SER NA 36 -2.20 -6.55 48.51
C SER NA 36 -2.85 -7.47 49.53
N GLY NA 37 -2.50 -8.76 49.51
CA GLY NA 37 -3.03 -9.68 50.49
C GLY NA 37 -2.51 -9.42 51.89
N GLY NA 38 -1.26 -8.97 52.00
CA GLY NA 38 -0.73 -8.61 53.30
C GLY NA 38 -1.45 -7.44 53.92
N VAL NA 39 -1.71 -6.41 53.12
CA VAL NA 39 -2.43 -5.28 53.72
C VAL NA 39 -3.91 -5.56 53.87
N GLY NA 40 -4.48 -6.49 53.10
CA GLY NA 40 -5.84 -6.91 53.38
C GLY NA 40 -5.94 -7.67 54.70
N CYS NA 41 -4.94 -8.51 54.97
CA CYS NA 41 -4.79 -9.13 56.28
C CYS NA 41 -4.69 -8.08 57.37
N GLY NA 42 -3.96 -6.99 57.10
CA GLY NA 42 -3.89 -5.90 58.06
C GLY NA 42 -5.25 -5.26 58.34
N ILE NA 43 -6.05 -5.05 57.29
CA ILE NA 43 -7.35 -4.40 57.43
C ILE NA 43 -8.30 -5.27 58.25
N VAL NA 44 -8.39 -6.55 57.89
CA VAL NA 44 -9.35 -7.39 58.60
C VAL NA 44 -8.88 -7.67 60.02
N LEU NA 45 -7.56 -7.69 60.26
CA LEU NA 45 -7.09 -7.82 61.63
C LEU NA 45 -7.32 -6.54 62.42
N ASN NA 46 -7.38 -5.40 61.75
CA ASN NA 46 -7.82 -4.20 62.44
C ASN NA 46 -9.27 -4.28 62.84
N PHE NA 47 -10.09 -5.02 62.08
CA PHE NA 47 -11.38 -5.34 62.68
C PHE NA 47 -11.31 -6.54 63.60
N GLY NA 48 -10.24 -7.32 63.54
CA GLY NA 48 -9.98 -8.32 64.55
C GLY NA 48 -10.96 -9.47 64.60
N GLY NA 49 -10.92 -10.37 63.61
CA GLY NA 49 -9.83 -10.52 62.67
C GLY NA 49 -8.91 -11.57 63.26
N SER NA 50 -9.38 -12.17 64.36
CA SER NA 50 -8.50 -12.96 65.20
C SER NA 50 -8.12 -14.28 64.55
N PHE NA 51 -8.99 -14.84 63.75
CA PHE NA 51 -8.67 -16.09 63.08
C PHE NA 51 -8.66 -16.01 61.57
N LEU NA 52 -9.68 -15.40 60.96
CA LEU NA 52 -9.92 -15.57 59.54
C LEU NA 52 -8.88 -14.83 58.71
N GLY NA 53 -8.47 -13.66 59.19
CA GLY NA 53 -7.43 -12.92 58.50
C GLY NA 53 -6.06 -13.54 58.63
N LEU NA 54 -5.84 -14.35 59.65
CA LEU NA 54 -4.61 -15.12 59.69
C LEU NA 54 -4.78 -16.41 58.92
N MET NA 55 -6.03 -16.78 58.64
CA MET NA 55 -6.31 -17.98 57.88
C MET NA 55 -6.16 -17.77 56.38
N VAL NA 56 -6.57 -16.60 55.87
CA VAL NA 56 -6.38 -16.27 54.45
C VAL NA 56 -4.91 -16.20 54.11
N PHE NA 57 -4.09 -15.82 55.09
CA PHE NA 57 -2.68 -15.59 54.86
C PHE NA 57 -1.96 -16.88 54.54
N LEU NA 58 -2.41 -17.97 55.14
CA LEU NA 58 -1.83 -19.26 54.84
C LEU NA 58 -2.28 -19.77 53.48
N ILE NA 59 -3.52 -19.48 53.08
CA ILE NA 59 -4.03 -20.02 51.83
C ILE NA 59 -3.52 -19.22 50.65
N TYR NA 60 -3.77 -17.91 50.63
CA TYR NA 60 -3.38 -17.19 49.41
C TYR NA 60 -1.90 -16.82 49.46
N LEU NA 61 -1.48 -16.22 50.55
CA LEU NA 61 -0.06 -15.99 50.73
C LEU NA 61 0.64 -17.21 51.30
N GLY NA 62 -0.03 -18.34 51.35
CA GLY NA 62 0.68 -19.54 51.72
C GLY NA 62 0.57 -20.68 50.74
N GLY NA 63 -0.53 -20.76 49.98
CA GLY NA 63 -0.67 -21.88 49.08
C GLY NA 63 -1.21 -21.57 47.70
N MET NA 64 -1.55 -20.33 47.38
CA MET NA 64 -2.05 -20.03 46.05
C MET NA 64 -1.09 -19.22 45.21
N MET NA 65 -0.55 -18.14 45.76
CA MET NA 65 0.42 -17.36 45.00
C MET NA 65 1.71 -18.12 44.84
N VAL NA 66 1.96 -19.09 45.71
CA VAL NA 66 3.06 -20.02 45.50
C VAL NA 66 2.91 -20.71 44.17
N VAL NA 67 1.71 -21.21 43.89
CA VAL NA 67 1.53 -21.95 42.66
C VAL NA 67 1.41 -21.01 41.47
N PHE NA 68 0.93 -19.79 41.67
CA PHE NA 68 0.94 -18.83 40.59
C PHE NA 68 2.37 -18.42 40.23
N GLY NA 69 3.23 -18.23 41.22
CA GLY NA 69 4.63 -17.99 40.93
C GLY NA 69 5.33 -19.19 40.33
N TYR NA 70 4.93 -20.38 40.76
CA TYR NA 70 5.42 -21.63 40.16
C TYR NA 70 5.09 -21.67 38.69
N THR NA 71 3.84 -21.35 38.34
CA THR NA 71 3.41 -21.47 36.96
C THR NA 71 3.97 -20.35 36.10
N THR NA 72 4.22 -19.19 36.71
CA THR NA 72 4.97 -18.15 36.04
C THR NA 72 6.38 -18.62 35.76
N ALA NA 73 6.95 -19.38 36.68
CA ALA NA 73 8.32 -19.84 36.52
C ALA NA 73 8.44 -20.97 35.51
N MET NA 74 7.40 -21.77 35.32
CA MET NA 74 7.56 -22.90 34.42
C MET NA 74 6.95 -22.67 33.04
N ALA NA 75 5.99 -21.77 32.88
CA ALA NA 75 5.28 -21.67 31.61
C ALA NA 75 5.68 -20.45 30.79
N THR NA 76 5.51 -19.25 31.33
CA THR NA 76 5.79 -18.03 30.59
C THR NA 76 7.23 -17.57 30.80
N GLU NA 77 7.75 -16.88 29.80
CA GLU NA 77 9.18 -16.56 29.75
C GLU NA 77 9.49 -15.14 30.23
N GLN NA 78 8.90 -14.13 29.59
CA GLN NA 78 9.13 -12.69 29.84
C GLN NA 78 10.63 -12.37 29.84
N TYR NA 79 11.21 -12.49 28.66
CA TYR NA 79 12.65 -12.29 28.50
C TYR NA 79 12.86 -10.89 27.95
N PRO NA 80 13.34 -9.92 28.75
CA PRO NA 80 13.45 -8.53 28.30
C PRO NA 80 14.53 -8.35 27.24
N SER NA 85 9.11 0.81 32.34
CA SER NA 85 9.25 -0.31 31.41
C SER NA 85 8.53 -0.02 30.09
N ASN NA 86 7.20 -0.08 30.10
CA ASN NA 86 6.38 0.05 28.90
C ASN NA 86 5.50 1.30 29.02
N LYS NA 87 4.88 1.66 27.89
CA LYS NA 87 3.95 2.78 27.88
C LYS NA 87 2.67 2.46 28.64
N VAL NA 88 1.95 1.42 28.19
CA VAL NA 88 0.54 1.28 28.52
C VAL NA 88 0.35 0.86 29.98
N VAL NA 89 1.21 -0.06 30.45
CA VAL NA 89 1.18 -0.57 31.82
C VAL NA 89 1.33 0.57 32.83
N LEU NA 90 2.42 1.32 32.71
CA LEU NA 90 2.66 2.36 33.69
C LEU NA 90 1.77 3.57 33.47
N GLY NA 91 1.26 3.78 32.26
CA GLY NA 91 0.27 4.83 32.05
C GLY NA 91 -1.04 4.53 32.76
N THR NA 92 -1.49 3.28 32.70
CA THR NA 92 -2.66 2.87 33.48
C THR NA 92 -2.40 2.94 34.97
N PHE NA 93 -1.17 2.64 35.39
CA PHE NA 93 -0.82 2.81 36.80
C PHE NA 93 -0.91 4.26 37.23
N ILE NA 94 -0.49 5.18 36.36
CA ILE NA 94 -0.59 6.61 36.63
C ILE NA 94 -2.05 7.04 36.75
N THR NA 95 -2.90 6.59 35.81
CA THR NA 95 -4.30 7.00 35.87
C THR NA 95 -5.04 6.37 37.04
N GLY NA 96 -4.62 5.19 37.48
CA GLY NA 96 -5.21 4.60 38.67
C GLY NA 96 -4.84 5.35 39.93
N LEU NA 97 -3.57 5.78 40.01
CA LEU NA 97 -3.17 6.65 41.11
C LEU NA 97 -3.91 7.97 41.07
N LEU NA 98 -4.19 8.48 39.86
CA LEU NA 98 -4.93 9.73 39.71
C LEU NA 98 -6.36 9.56 40.18
N MET NA 99 -7.00 8.44 39.86
CA MET NA 99 -8.39 8.22 40.26
C MET NA 99 -8.50 8.03 41.77
N GLU NA 100 -7.55 7.33 42.38
CA GLU NA 100 -7.60 7.19 43.83
C GLU NA 100 -7.30 8.51 44.53
N PHE NA 101 -6.36 9.28 43.97
CA PHE NA 101 -6.05 10.61 44.49
C PHE NA 101 -7.28 11.49 44.45
N LEU NA 102 -8.05 11.42 43.36
CA LEU NA 102 -9.24 12.26 43.19
C LEU NA 102 -10.33 11.86 44.19
N MET NA 103 -10.59 10.56 44.30
CA MET NA 103 -11.64 10.09 45.21
C MET NA 103 -11.30 10.36 46.67
N VAL NA 104 -10.05 10.16 47.06
CA VAL NA 104 -9.72 10.36 48.47
C VAL NA 104 -9.55 11.84 48.80
N TYR NA 105 -9.16 12.66 47.82
CA TYR NA 105 -9.18 14.11 47.99
C TYR NA 105 -10.59 14.62 48.24
N TYR NA 106 -11.55 14.12 47.48
CA TYR NA 106 -12.93 14.52 47.68
C TYR NA 106 -13.56 13.92 48.92
N VAL NA 107 -13.05 12.78 49.40
CA VAL NA 107 -13.47 12.31 50.72
C VAL NA 107 -12.92 13.21 51.80
N LEU NA 108 -11.67 13.66 51.64
CA LEU NA 108 -11.02 14.52 52.63
C LEU NA 108 -11.73 15.86 52.77
N LYS NA 109 -11.74 16.66 51.71
CA LYS NA 109 -12.16 18.04 51.88
C LYS NA 109 -13.64 18.27 51.63
N ASP NA 110 -14.45 17.22 51.54
CA ASP NA 110 -15.88 17.40 51.43
C ASP NA 110 -16.65 16.53 52.41
N LYS NA 111 -17.97 16.46 52.22
CA LYS NA 111 -18.83 15.60 53.04
C LYS NA 111 -18.73 14.15 52.62
N GLU NA 112 -19.14 13.86 51.39
CA GLU NA 112 -19.38 12.50 50.96
C GLU NA 112 -19.15 12.39 49.46
N VAL NA 113 -18.73 11.21 49.02
CA VAL NA 113 -18.46 10.94 47.62
C VAL NA 113 -19.35 9.78 47.21
N GLU NA 114 -20.00 9.92 46.05
CA GLU NA 114 -21.17 9.13 45.70
C GLU NA 114 -20.91 8.50 44.34
N ILE NA 115 -20.78 7.18 44.26
CA ILE NA 115 -20.76 6.62 42.92
C ILE NA 115 -22.21 6.49 42.45
N VAL NA 116 -23.00 5.60 43.05
CA VAL NA 116 -24.39 5.88 43.35
C VAL NA 116 -24.66 5.28 44.73
N PHE NA 117 -24.32 6.04 45.76
CA PHE NA 117 -24.41 5.69 47.17
C PHE NA 117 -24.34 6.99 47.95
N LYS NA 118 -24.19 6.89 49.26
CA LYS NA 118 -23.81 8.03 50.08
C LYS NA 118 -22.79 7.51 51.09
N PHE NA 119 -21.52 7.56 50.73
CA PHE NA 119 -20.49 7.11 51.65
C PHE NA 119 -20.19 8.23 52.64
N ASN NA 120 -20.66 8.05 53.88
CA ASN NA 120 -20.55 9.08 54.90
C ASN NA 120 -19.09 9.22 55.31
N GLY NA 121 -18.45 10.27 54.83
CA GLY NA 121 -17.01 10.28 54.83
C GLY NA 121 -16.36 10.77 56.09
N MET NA 122 -15.98 9.82 56.94
CA MET NA 122 -15.00 10.03 58.00
C MET NA 122 -14.46 8.66 58.36
N GLY NA 123 -13.32 8.67 59.05
CA GLY NA 123 -12.69 7.42 59.43
C GLY NA 123 -13.51 6.64 60.43
N ASP NA 124 -13.22 5.35 60.49
CA ASP NA 124 -14.12 4.43 61.18
C ASP NA 124 -13.54 3.97 62.51
N TRP NA 125 -13.77 4.78 63.53
CA TRP NA 125 -14.00 4.18 64.83
C TRP NA 125 -15.46 3.80 64.99
N VAL NA 126 -16.29 4.12 64.00
CA VAL NA 126 -17.68 3.72 63.98
C VAL NA 126 -17.87 2.69 62.88
N ILE NA 127 -18.61 1.62 63.20
CA ILE NA 127 -19.04 1.34 64.54
C ILE NA 127 -18.15 0.27 65.09
N TYR NA 128 -18.38 -0.06 66.36
CA TYR NA 128 -17.59 -1.08 67.02
C TYR NA 128 -18.43 -1.58 68.20
N ASP NA 129 -17.97 -2.67 68.80
CA ASP NA 129 -18.47 -3.18 70.06
C ASP NA 129 -18.45 -2.10 71.13
N THR NA 130 -19.47 -2.13 71.99
CA THR NA 130 -19.53 -1.29 73.17
C THR NA 130 -18.98 -2.02 74.40
N GLY NA 131 -17.82 -2.64 74.26
CA GLY NA 131 -17.15 -3.35 75.33
C GLY NA 131 -17.92 -4.52 75.91
N ASP NA 132 -18.43 -5.40 75.07
CA ASP NA 132 -19.29 -6.47 75.56
C ASP NA 132 -18.49 -7.60 76.17
N SER NA 133 -19.23 -8.52 76.81
CA SER NA 133 -18.66 -9.74 77.37
C SER NA 133 -18.62 -10.79 76.27
N GLY NA 134 -17.57 -10.72 75.46
CA GLY NA 134 -17.39 -11.69 74.41
C GLY NA 134 -16.97 -13.04 74.94
N PHE NA 135 -15.81 -13.09 75.57
CA PHE NA 135 -15.24 -14.20 76.34
C PHE NA 135 -14.82 -15.39 75.46
N PHE NA 136 -15.17 -15.40 74.18
CA PHE NA 136 -14.70 -16.48 73.32
C PHE NA 136 -14.34 -16.07 71.90
N SER NA 137 -14.27 -14.76 71.58
CA SER NA 137 -13.80 -14.25 70.29
C SER NA 137 -14.66 -14.78 69.14
N GLU NA 138 -15.90 -14.27 69.09
CA GLU NA 138 -17.10 -14.82 68.45
C GLU NA 138 -16.90 -15.46 67.08
N GLU NA 139 -15.92 -14.96 66.32
CA GLU NA 139 -15.37 -15.67 65.16
C GLU NA 139 -15.05 -17.11 65.49
N ALA NA 140 -14.36 -17.33 66.61
CA ALA NA 140 -13.87 -18.64 66.94
C ALA NA 140 -15.01 -19.61 67.22
N MET NA 141 -16.01 -19.20 67.99
CA MET NA 141 -17.11 -20.12 68.25
C MET NA 141 -18.03 -20.28 67.05
N GLY NA 142 -18.16 -19.24 66.23
CA GLY NA 142 -18.87 -19.34 64.98
C GLY NA 142 -18.27 -20.42 64.09
N ILE NA 143 -16.97 -20.35 63.84
CA ILE NA 143 -16.31 -21.37 63.05
C ILE NA 143 -16.11 -22.67 63.84
N ALA NA 144 -16.29 -22.63 65.16
CA ALA NA 144 -16.41 -23.85 65.95
C ALA NA 144 -17.79 -24.47 65.87
N ALA NA 145 -18.71 -23.87 65.11
CA ALA NA 145 -19.78 -24.65 64.49
C ALA NA 145 -19.24 -25.36 63.25
N LEU NA 146 -20.14 -25.67 62.31
CA LEU NA 146 -20.01 -26.38 61.04
C LEU NA 146 -19.93 -27.87 61.26
N TYR NA 147 -19.77 -28.34 62.48
CA TYR NA 147 -19.66 -29.76 62.71
C TYR NA 147 -20.81 -30.25 63.56
N SER NA 148 -21.56 -29.33 64.17
CA SER NA 148 -22.86 -29.64 64.76
C SER NA 148 -23.98 -29.25 63.81
N TYR NA 149 -24.02 -27.98 63.42
CA TYR NA 149 -25.05 -27.52 62.50
C TYR NA 149 -24.69 -27.78 61.05
N GLY NA 150 -23.41 -27.72 60.71
CA GLY NA 150 -22.99 -27.88 59.33
C GLY NA 150 -22.96 -29.32 58.85
N THR NA 151 -24.12 -29.92 58.68
CA THR NA 151 -24.16 -31.22 58.01
C THR NA 151 -23.88 -31.05 56.53
N TRP NA 152 -24.73 -30.29 55.84
CA TRP NA 152 -24.74 -30.26 54.38
C TRP NA 152 -23.57 -29.50 53.80
N LEU NA 153 -23.15 -28.43 54.47
CA LEU NA 153 -22.24 -27.46 53.89
C LEU NA 153 -20.84 -28.04 53.69
N VAL NA 154 -20.29 -28.65 54.74
CA VAL NA 154 -18.95 -29.20 54.64
C VAL NA 154 -18.94 -30.44 53.77
N ILE NA 155 -20.07 -31.16 53.70
CA ILE NA 155 -20.13 -32.34 52.86
C ILE NA 155 -20.04 -31.96 51.39
N VAL NA 156 -20.80 -30.94 50.97
CA VAL NA 156 -20.72 -30.59 49.56
C VAL NA 156 -19.40 -29.88 49.26
N THR NA 157 -18.78 -29.25 50.26
CA THR NA 157 -17.49 -28.62 50.01
C THR NA 157 -16.41 -29.65 49.77
N GLY NA 158 -16.29 -30.63 50.68
CA GLY NA 158 -15.29 -31.67 50.50
C GLY NA 158 -15.54 -32.51 49.26
N TRP NA 159 -16.82 -32.75 48.94
CA TRP NA 159 -17.15 -33.48 47.73
C TRP NA 159 -16.72 -32.72 46.49
N SER NA 160 -16.87 -31.40 46.51
CA SER NA 160 -16.41 -30.59 45.39
C SER NA 160 -14.90 -30.64 45.24
N LEU NA 161 -14.17 -30.68 46.36
CA LEU NA 161 -12.72 -30.72 46.23
C LEU NA 161 -12.23 -32.06 45.71
N LEU NA 162 -12.91 -33.14 46.12
CA LEU NA 162 -12.62 -34.47 45.57
C LEU NA 162 -12.85 -34.52 44.06
N ILE NA 163 -13.95 -33.93 43.62
CA ILE NA 163 -14.23 -33.88 42.21
C ILE NA 163 -13.21 -33.02 41.48
N GLY NA 164 -12.72 -31.97 42.14
CA GLY NA 164 -11.62 -31.20 41.59
C GLY NA 164 -10.37 -32.04 41.36
N VAL NA 165 -10.08 -32.95 42.29
CA VAL NA 165 -8.91 -33.82 42.15
C VAL NA 165 -9.04 -34.73 40.93
N VAL NA 166 -10.20 -35.38 40.78
CA VAL NA 166 -10.34 -36.30 39.65
C VAL NA 166 -10.39 -35.53 38.32
N VAL NA 167 -10.90 -34.31 38.35
CA VAL NA 167 -10.91 -33.44 37.17
C VAL NA 167 -9.48 -33.11 36.74
N ILE NA 168 -8.64 -32.73 37.71
CA ILE NA 168 -7.28 -32.32 37.41
C ILE NA 168 -6.49 -33.48 36.83
N MET NA 169 -6.68 -34.69 37.38
CA MET NA 169 -5.91 -35.80 36.82
C MET NA 169 -6.42 -36.20 35.44
N GLU NA 170 -7.72 -36.03 35.18
CA GLU NA 170 -8.22 -36.36 33.84
C GLU NA 170 -7.66 -35.41 32.78
N ILE NA 171 -7.72 -34.10 33.03
CA ILE NA 171 -7.24 -33.15 32.04
C ILE NA 171 -5.73 -33.22 31.90
N THR NA 172 -5.02 -33.48 32.99
CA THR NA 172 -3.61 -33.83 32.88
C THR NA 172 -3.44 -35.36 32.85
N ARG NA 173 -4.16 -35.96 31.91
CA ARG NA 173 -3.99 -37.31 31.38
C ARG NA 173 -4.46 -38.38 32.33
N GLY NA 174 -5.75 -38.34 32.66
CA GLY NA 174 -6.40 -39.47 33.28
C GLY NA 174 -6.39 -40.69 32.40
N ASN NA 175 -6.04 -41.86 32.94
CA ASN NA 175 -5.65 -41.99 34.35
C ASN NA 175 -4.15 -41.86 34.51
N MET OA 1 -21.44 4.81 56.63
CA MET OA 1 -21.53 3.76 55.63
C MET OA 1 -20.33 2.84 55.86
N SER OA 2 -19.56 3.16 56.91
CA SER OA 2 -18.29 2.50 57.25
C SER OA 2 -17.32 2.62 56.09
N LEU OA 3 -16.83 3.85 55.93
CA LEU OA 3 -16.17 4.46 54.78
C LEU OA 3 -15.32 3.57 53.89
N VAL OA 4 -14.61 2.63 54.51
CA VAL OA 4 -13.65 1.74 53.84
C VAL OA 4 -14.31 0.88 52.76
N TYR OA 5 -15.62 0.63 52.88
CA TYR OA 5 -16.35 -0.21 51.93
C TYR OA 5 -16.34 0.40 50.54
N MET OA 6 -16.33 1.75 50.48
CA MET OA 6 -16.18 2.46 49.22
C MET OA 6 -14.87 2.09 48.53
N ASN OA 7 -13.79 2.05 49.29
CA ASN OA 7 -12.51 1.73 48.69
C ASN OA 7 -12.44 0.29 48.24
N ILE OA 8 -13.07 -0.62 49.00
CA ILE OA 8 -12.97 -2.00 48.58
C ILE OA 8 -13.84 -2.27 47.36
N MET OA 9 -14.96 -1.56 47.22
CA MET OA 9 -15.74 -1.67 45.99
C MET OA 9 -15.00 -1.08 44.80
N MET OA 10 -14.31 0.05 45.02
CA MET OA 10 -13.51 0.62 43.94
C MET OA 10 -12.35 -0.29 43.58
N ALA OA 11 -11.81 -1.00 44.57
CA ALA OA 11 -10.80 -2.02 44.32
C ALA OA 11 -11.38 -3.18 43.53
N PHE OA 12 -12.64 -3.50 43.76
CA PHE OA 12 -13.29 -4.53 42.96
C PHE OA 12 -13.38 -4.12 41.49
N THR OA 13 -13.72 -2.86 41.23
CA THR OA 13 -13.72 -2.41 39.84
C THR OA 13 -12.31 -2.37 39.26
N VAL OA 14 -11.32 -2.09 40.09
CA VAL OA 14 -9.92 -2.20 39.65
C VAL OA 14 -9.61 -3.62 39.19
N SER OA 15 -9.95 -4.60 40.02
CA SER OA 15 -9.66 -5.98 39.66
C SER OA 15 -10.51 -6.45 38.50
N LEU OA 16 -11.72 -5.92 38.36
CA LEU OA 16 -12.58 -6.38 37.28
C LEU OA 16 -12.14 -5.83 35.94
N THR OA 17 -11.76 -4.56 35.88
CA THR OA 17 -11.21 -4.05 34.62
C THR OA 17 -9.86 -4.68 34.32
N GLY OA 18 -9.09 -5.02 35.34
CA GLY OA 18 -7.87 -5.77 35.09
C GLY OA 18 -8.13 -7.17 34.57
N LEU OA 19 -9.25 -7.76 34.97
CA LEU OA 19 -9.64 -9.04 34.41
C LEU OA 19 -10.12 -8.90 32.98
N LEU OA 20 -10.81 -7.79 32.67
CA LEU OA 20 -11.39 -7.66 31.33
C LEU OA 20 -10.37 -7.18 30.30
N MET OA 21 -9.80 -6.00 30.47
CA MET OA 21 -8.75 -5.62 29.53
C MET OA 21 -7.47 -6.32 29.94
N TYR OA 22 -6.94 -7.16 29.04
CA TYR OA 22 -5.66 -7.80 29.30
C TYR OA 22 -5.01 -8.17 27.98
N ARG OA 23 -3.71 -7.90 27.92
CA ARG OA 23 -3.02 -7.76 26.65
C ARG OA 23 -2.39 -9.06 26.19
N SER OA 24 -1.48 -9.61 26.98
CA SER OA 24 -0.56 -10.61 26.47
C SER OA 24 -0.79 -11.98 27.10
N HIS OA 25 -0.64 -12.11 28.40
CA HIS OA 25 -0.57 -13.42 29.02
C HIS OA 25 -1.87 -13.76 29.71
N LEU OA 26 -2.29 -15.02 29.59
CA LEU OA 26 -3.47 -15.47 30.29
C LEU OA 26 -3.25 -15.53 31.79
N MET OA 27 -2.00 -15.68 32.22
CA MET OA 27 -1.69 -15.79 33.63
C MET OA 27 -2.00 -14.51 34.39
N SER OA 28 -1.79 -13.35 33.76
CA SER OA 28 -2.16 -12.10 34.39
C SER OA 28 -3.67 -12.02 34.57
N SER OA 29 -4.43 -12.52 33.59
CA SER OA 29 -5.87 -12.53 33.70
C SER OA 29 -6.33 -13.43 34.82
N LEU OA 30 -5.72 -14.59 34.95
CA LEU OA 30 -6.13 -15.53 35.99
C LEU OA 30 -5.75 -15.01 37.37
N LEU OA 31 -4.60 -14.33 37.47
CA LEU OA 31 -4.21 -13.78 38.75
C LEU OA 31 -5.07 -12.59 39.14
N CYS OA 32 -5.58 -11.82 38.17
CA CYS OA 32 -6.52 -10.77 38.54
C CYS OA 32 -7.88 -11.34 38.93
N LEU OA 33 -8.24 -12.51 38.39
CA LEU OA 33 -9.42 -13.22 38.89
C LEU OA 33 -9.22 -13.59 40.36
N GLU OA 34 -8.02 -14.04 40.70
CA GLU OA 34 -7.68 -14.32 42.09
C GLU OA 34 -7.75 -13.07 42.96
N GLY OA 35 -7.34 -11.93 42.40
CA GLY OA 35 -7.44 -10.68 43.15
C GLY OA 35 -8.88 -10.30 43.44
N MET OA 36 -9.75 -10.43 42.44
CA MET OA 36 -11.19 -10.22 42.62
C MET OA 36 -11.75 -11.08 43.73
N MET OA 37 -11.32 -12.33 43.78
CA MET OA 37 -11.68 -13.25 44.85
C MET OA 37 -11.29 -12.71 46.22
N LEU OA 38 -10.06 -12.20 46.32
CA LEU OA 38 -9.59 -11.61 47.58
C LEU OA 38 -10.42 -10.41 47.98
N SER OA 39 -10.86 -9.62 46.99
CA SER OA 39 -11.65 -8.43 47.26
C SER OA 39 -12.99 -8.78 47.87
N LEU OA 40 -13.69 -9.75 47.27
CA LEU OA 40 -14.98 -10.17 47.80
C LEU OA 40 -14.85 -10.77 49.19
N PHE OA 41 -13.83 -11.61 49.38
CA PHE OA 41 -13.49 -12.16 50.68
C PHE OA 41 -13.37 -11.10 51.76
N ILE OA 42 -12.55 -10.07 51.49
CA ILE OA 42 -12.28 -9.05 52.49
C ILE OA 42 -13.52 -8.24 52.83
N LEU OA 43 -14.28 -7.83 51.80
CA LEU OA 43 -15.43 -6.98 52.03
C LEU OA 43 -16.49 -7.72 52.83
N ALA OA 44 -16.75 -8.97 52.47
CA ALA OA 44 -17.71 -9.76 53.21
C ALA OA 44 -17.25 -10.03 54.63
N THR OA 45 -15.94 -10.19 54.85
CA THR OA 45 -15.47 -10.45 56.19
C THR OA 45 -15.64 -9.23 57.08
N LEU OA 46 -15.40 -8.03 56.52
CA LEU OA 46 -15.56 -6.82 57.33
C LEU OA 46 -17.02 -6.64 57.72
N MET OA 47 -17.93 -6.94 56.80
CA MET OA 47 -19.33 -6.76 57.15
C MET OA 47 -19.83 -7.81 58.13
N ILE OA 48 -19.34 -9.04 58.01
CA ILE OA 48 -19.79 -10.06 58.95
C ILE OA 48 -19.20 -9.83 60.32
N LEU OA 49 -17.99 -9.30 60.41
CA LEU OA 49 -17.45 -8.92 61.70
C LEU OA 49 -18.22 -7.78 62.33
N ASN OA 50 -18.41 -6.69 61.60
CA ASN OA 50 -19.06 -5.56 62.24
C ASN OA 50 -20.55 -5.75 62.40
N SER OA 51 -21.15 -6.71 61.72
CA SER OA 51 -22.53 -7.06 62.01
C SER OA 51 -22.66 -7.86 63.28
N HIS OA 52 -21.56 -8.45 63.76
CA HIS OA 52 -21.57 -9.61 64.64
C HIS OA 52 -22.48 -10.70 64.10
N PHE OA 53 -22.45 -10.88 62.78
CA PHE OA 53 -23.28 -11.91 62.16
C PHE OA 53 -22.57 -13.24 62.38
N THR OA 54 -22.71 -13.73 63.60
CA THR OA 54 -21.78 -14.68 64.16
C THR OA 54 -22.14 -16.12 63.87
N LEU OA 55 -23.38 -16.40 63.48
CA LEU OA 55 -23.73 -17.78 63.16
C LEU OA 55 -23.11 -18.19 61.85
N ALA OA 56 -23.44 -17.50 60.77
CA ALA OA 56 -22.92 -17.85 59.45
C ALA OA 56 -21.74 -16.96 59.12
N SER OA 57 -20.67 -17.14 59.88
CA SER OA 57 -19.40 -16.50 59.60
C SER OA 57 -18.49 -17.40 58.78
N MET OA 58 -19.04 -18.34 58.04
CA MET OA 58 -18.29 -19.29 57.25
C MET OA 58 -17.95 -18.74 55.90
N MET OA 59 -18.82 -17.84 55.42
CA MET OA 59 -18.74 -17.19 54.11
C MET OA 59 -17.35 -16.78 53.66
N PRO OA 60 -16.50 -16.13 54.48
CA PRO OA 60 -15.14 -15.84 54.02
C PRO OA 60 -14.33 -17.07 53.64
N ILE OA 61 -14.23 -18.06 54.54
CA ILE OA 61 -13.35 -19.17 54.24
C ILE OA 61 -13.94 -20.11 53.18
N ILE OA 62 -15.26 -20.19 53.08
CA ILE OA 62 -15.79 -21.15 52.12
C ILE OA 62 -15.84 -20.57 50.72
N LEU OA 63 -16.21 -19.28 50.61
CA LEU OA 63 -16.00 -18.54 49.38
C LEU OA 63 -14.55 -18.64 48.91
N LEU OA 64 -13.61 -18.53 49.87
CA LEU OA 64 -12.18 -18.61 49.59
C LEU OA 64 -11.80 -19.97 49.02
N VAL OA 65 -12.18 -21.06 49.68
CA VAL OA 65 -11.70 -22.38 49.30
C VAL OA 65 -12.29 -22.80 47.95
N PHE OA 66 -13.55 -22.43 47.69
CA PHE OA 66 -14.14 -22.75 46.39
C PHE OA 66 -13.47 -21.98 45.26
N ALA OA 67 -13.40 -20.65 45.35
CA ALA OA 67 -12.86 -19.94 44.20
C ALA OA 67 -11.35 -20.12 44.06
N ALA OA 68 -10.67 -20.54 45.12
CA ALA OA 68 -9.29 -21.00 44.98
C ALA OA 68 -9.21 -22.31 44.20
N CYS OA 69 -10.14 -23.26 44.41
CA CYS OA 69 -10.03 -24.47 43.59
C CYS OA 69 -10.44 -24.21 42.13
N GLU OA 70 -11.28 -23.19 41.90
CA GLU OA 70 -11.46 -22.68 40.54
C GLU OA 70 -10.14 -22.22 39.93
N ALA OA 71 -9.37 -21.45 40.69
CA ALA OA 71 -8.06 -21.01 40.20
C ALA OA 71 -7.13 -22.20 39.93
N ALA OA 72 -7.27 -23.28 40.69
CA ALA OA 72 -6.50 -24.49 40.43
C ALA OA 72 -6.86 -25.10 39.08
N LEU OA 73 -8.16 -25.17 38.79
CA LEU OA 73 -8.58 -25.63 37.47
C LEU OA 73 -8.04 -24.72 36.37
N GLY OA 74 -8.03 -23.41 36.61
CA GLY OA 74 -7.51 -22.50 35.61
C GLY OA 74 -6.03 -22.69 35.36
N LEU OA 75 -5.29 -23.01 36.41
CA LEU OA 75 -3.88 -23.32 36.26
C LEU OA 75 -3.67 -24.55 35.39
N SER OA 76 -4.48 -25.59 35.60
CA SER OA 76 -4.32 -26.80 34.78
C SER OA 76 -4.68 -26.53 33.33
N LEU OA 77 -5.69 -25.70 33.09
CA LEU OA 77 -6.07 -25.40 31.72
C LEU OA 77 -5.00 -24.59 31.01
N LEU OA 78 -4.39 -23.65 31.74
CA LEU OA 78 -3.29 -22.88 31.16
C LEU OA 78 -2.08 -23.76 30.91
N VAL OA 79 -1.86 -24.76 31.76
CA VAL OA 79 -0.76 -25.70 31.50
C VAL OA 79 -1.04 -26.53 30.26
N MET OA 80 -2.30 -26.92 30.04
CA MET OA 80 -2.60 -27.74 28.87
C MET OA 80 -2.44 -26.95 27.57
N VAL OA 81 -2.90 -25.69 27.57
CA VAL OA 81 -2.73 -24.84 26.39
C VAL OA 81 -1.26 -24.54 26.15
N SER OA 82 -0.49 -24.28 27.22
CA SER OA 82 0.94 -24.06 27.06
C SER OA 82 1.67 -25.33 26.68
N ASN OA 83 1.08 -26.50 26.93
CA ASN OA 83 1.75 -27.73 26.58
C ASN OA 83 1.59 -28.02 25.11
N THR OA 84 0.38 -27.85 24.58
CA THR OA 84 0.21 -28.14 23.16
C THR OA 84 0.65 -27.01 22.24
N TYR OA 85 0.99 -25.85 22.78
CA TYR OA 85 1.57 -24.78 22.00
C TYR OA 85 2.96 -24.49 22.55
N GLY OA 86 3.57 -23.43 22.03
CA GLY OA 86 4.82 -22.98 22.58
C GLY OA 86 4.57 -22.13 23.81
N THR OA 87 3.75 -21.09 23.65
CA THR OA 87 3.54 -20.11 24.69
C THR OA 87 2.09 -20.18 25.16
N ASP OA 88 1.67 -19.19 25.91
CA ASP OA 88 0.29 -19.06 26.36
C ASP OA 88 -0.21 -17.65 26.10
N TYR OA 89 0.00 -17.16 24.89
CA TYR OA 89 -0.54 -15.85 24.56
C TYR OA 89 -2.06 -15.94 24.40
N VAL OA 90 -2.68 -14.76 24.46
CA VAL OA 90 -4.07 -14.65 24.05
C VAL OA 90 -4.17 -14.83 22.55
N GLN OA 91 -3.16 -14.35 21.82
CA GLN OA 91 -2.95 -14.74 20.44
C GLN OA 91 -2.48 -16.19 20.37
N ASN OA 92 -2.33 -16.68 19.14
CA ASN OA 92 -2.18 -18.11 18.82
C ASN OA 92 -3.38 -18.91 19.30
N LEU OA 93 -4.52 -18.25 19.43
CA LEU OA 93 -5.79 -18.87 19.78
C LEU OA 93 -6.86 -18.48 18.77
N ASN OA 94 -6.48 -17.74 17.73
CA ASN OA 94 -7.43 -17.23 16.74
C ASN OA 94 -7.99 -18.30 15.83
N LEU OA 95 -7.52 -19.53 15.95
CA LEU OA 95 -8.19 -20.65 15.30
C LEU OA 95 -9.53 -20.89 15.99
N LEU OA 96 -10.35 -21.70 15.32
CA LEU OA 96 -11.76 -21.89 15.63
C LEU OA 96 -12.48 -20.54 15.59
N GLN OA 97 -12.58 -20.02 14.37
CA GLN OA 97 -13.13 -18.68 14.17
C GLN OA 97 -14.64 -18.71 14.26
N CYS OA 98 -15.18 -17.72 14.96
CA CYS OA 98 -16.62 -17.59 15.23
C CYS OA 98 -17.42 -17.26 13.97
N MET PA 1 -104.03 -17.27 -25.81
CA MET PA 1 -104.60 -18.54 -26.27
C MET PA 1 -103.62 -19.67 -26.03
N ASN PA 2 -104.16 -20.83 -25.62
CA ASN PA 2 -103.36 -22.03 -25.47
C ASN PA 2 -102.75 -22.45 -26.79
N LEU PA 3 -103.47 -22.26 -27.89
CA LEU PA 3 -102.90 -22.51 -29.20
C LEU PA 3 -101.74 -21.58 -29.48
N PHE PA 4 -101.88 -20.31 -29.12
CA PHE PA 4 -100.89 -19.31 -29.45
C PHE PA 4 -99.58 -19.56 -28.71
N SER PA 5 -99.68 -19.72 -27.38
CA SER PA 5 -98.51 -20.01 -26.57
C SER PA 5 -97.93 -21.36 -26.89
N SER PA 6 -98.79 -22.36 -27.16
CA SER PA 6 -98.33 -23.69 -27.47
C SER PA 6 -97.51 -23.72 -28.75
N LEU PA 7 -97.99 -23.02 -29.78
CA LEU PA 7 -97.28 -23.02 -31.04
C LEU PA 7 -95.99 -22.20 -30.96
N THR PA 8 -95.97 -21.12 -30.19
CA THR PA 8 -94.72 -20.37 -30.06
C THR PA 8 -93.66 -21.16 -29.29
N LEU PA 9 -94.05 -21.83 -28.21
CA LEU PA 9 -93.06 -22.58 -27.45
C LEU PA 9 -92.58 -23.80 -28.22
N VAL PA 10 -93.42 -24.36 -29.10
CA VAL PA 10 -92.84 -25.44 -29.90
C VAL PA 10 -92.02 -24.90 -31.05
N THR PA 11 -92.23 -23.66 -31.50
CA THR PA 11 -91.28 -23.06 -32.44
C THR PA 11 -89.92 -22.86 -31.79
N LEU PA 12 -89.90 -22.59 -30.50
CA LEU PA 12 -88.62 -22.69 -29.80
C LEU PA 12 -88.11 -24.12 -29.81
N ILE PA 13 -88.88 -25.05 -29.25
CA ILE PA 13 -88.33 -26.34 -28.86
C ILE PA 13 -88.04 -27.26 -30.04
N LEU PA 14 -88.55 -26.93 -31.23
CA LEU PA 14 -88.15 -27.70 -32.41
C LEU PA 14 -86.70 -27.46 -32.79
N LEU PA 15 -86.09 -26.39 -32.30
CA LEU PA 15 -84.68 -26.14 -32.56
C LEU PA 15 -83.81 -26.73 -31.49
N THR PA 16 -84.24 -27.80 -30.86
CA THR PA 16 -83.50 -28.33 -29.72
C THR PA 16 -83.24 -29.82 -29.83
N MET PA 17 -84.02 -30.55 -30.61
CA MET PA 17 -83.70 -31.94 -30.90
C MET PA 17 -82.33 -32.17 -31.55
N PRO PA 18 -81.93 -31.52 -32.66
CA PRO PA 18 -80.82 -32.09 -33.46
C PRO PA 18 -79.44 -31.99 -32.81
N ILE PA 19 -79.22 -30.97 -31.98
CA ILE PA 19 -77.96 -30.84 -31.27
C ILE PA 19 -77.81 -32.00 -30.30
N ALA PA 20 -78.86 -32.27 -29.52
CA ALA PA 20 -78.86 -33.42 -28.62
C ALA PA 20 -78.85 -34.73 -29.40
N ALA PA 21 -79.33 -34.70 -30.64
CA ALA PA 21 -79.34 -35.90 -31.46
C ALA PA 21 -77.93 -36.32 -31.82
N ILE PA 22 -77.16 -35.44 -32.46
CA ILE PA 22 -75.80 -35.88 -32.76
C ILE PA 22 -74.86 -35.72 -31.59
N ASN PA 23 -75.33 -35.18 -30.47
CA ASN PA 23 -74.58 -35.40 -29.25
C ASN PA 23 -74.85 -36.78 -28.67
N PHE PA 24 -75.97 -37.40 -29.01
CA PHE PA 24 -76.33 -38.70 -28.45
C PHE PA 24 -76.29 -39.85 -29.44
N ASN PA 25 -76.08 -39.60 -30.73
CA ASN PA 25 -76.26 -40.69 -31.69
C ASN PA 25 -75.02 -41.56 -31.79
N THR PA 26 -73.92 -40.97 -32.31
CA THR PA 26 -72.59 -41.55 -32.55
C THR PA 26 -72.63 -42.61 -33.68
N HIS PA 27 -73.81 -42.89 -34.21
CA HIS PA 27 -73.97 -43.60 -35.47
C HIS PA 27 -74.31 -42.57 -36.53
N LYS PA 28 -73.35 -42.28 -37.41
CA LYS PA 28 -73.36 -41.09 -38.26
C LYS PA 28 -74.51 -41.16 -39.26
N PHE PA 29 -75.54 -40.37 -39.02
CA PHE PA 29 -76.67 -40.35 -39.94
C PHE PA 29 -76.27 -39.69 -41.26
N THR PA 30 -76.53 -40.41 -42.35
CA THR PA 30 -76.32 -39.87 -43.69
C THR PA 30 -77.30 -38.75 -43.98
N ASN PA 31 -78.49 -38.85 -43.41
CA ASN PA 31 -79.56 -37.90 -43.66
C ASN PA 31 -79.47 -36.66 -42.78
N TYR PA 32 -78.31 -36.36 -42.24
CA TYR PA 32 -78.19 -35.25 -41.28
C TYR PA 32 -78.44 -33.86 -41.87
N PRO PA 33 -77.93 -33.50 -43.07
CA PRO PA 33 -78.37 -32.23 -43.64
C PRO PA 33 -79.84 -32.17 -43.94
N LEU PA 34 -80.40 -33.27 -44.47
CA LEU PA 34 -81.82 -33.32 -44.73
C LEU PA 34 -82.63 -33.20 -43.45
N TYR PA 35 -82.08 -33.71 -42.35
CA TYR PA 35 -82.77 -33.66 -41.07
C TYR PA 35 -82.81 -32.24 -40.51
N VAL PA 36 -81.68 -31.53 -40.59
CA VAL PA 36 -81.70 -30.18 -40.06
C VAL PA 36 -82.54 -29.27 -40.96
N LYS PA 37 -82.54 -29.51 -42.26
CA LYS PA 37 -83.37 -28.70 -43.15
C LYS PA 37 -84.85 -28.96 -42.88
N THR PA 38 -85.23 -30.21 -42.63
CA THR PA 38 -86.64 -30.46 -42.45
C THR PA 38 -87.12 -30.02 -41.07
N THR PA 39 -86.24 -29.97 -40.06
CA THR PA 39 -86.73 -29.39 -38.82
C THR PA 39 -86.78 -27.87 -38.88
N ILE PA 40 -85.95 -27.24 -39.71
CA ILE PA 40 -86.11 -25.80 -39.90
C ILE PA 40 -87.39 -25.50 -40.69
N SER PA 41 -87.74 -26.36 -41.64
CA SER PA 41 -89.01 -26.19 -42.36
C SER PA 41 -90.20 -26.38 -41.45
N CYS PA 42 -90.11 -27.34 -40.52
CA CYS PA 42 -91.23 -27.55 -39.61
C CYS PA 42 -91.34 -26.41 -38.59
N ALA PA 43 -90.20 -25.86 -38.17
CA ALA PA 43 -90.24 -24.66 -37.34
C ALA PA 43 -90.84 -23.48 -38.08
N PHE PA 44 -90.58 -23.39 -39.39
CA PHE PA 44 -91.19 -22.35 -40.21
C PHE PA 44 -92.70 -22.47 -40.25
N ILE PA 45 -93.21 -23.67 -40.54
CA ILE PA 45 -94.66 -23.81 -40.70
C ILE PA 45 -95.35 -23.69 -39.35
N THR PA 46 -94.67 -24.01 -38.26
CA THR PA 46 -95.28 -23.69 -36.97
C THR PA 46 -95.20 -22.21 -36.68
N SER PA 47 -94.23 -21.50 -37.24
CA SER PA 47 -94.11 -20.08 -36.95
C SER PA 47 -94.99 -19.23 -37.84
N MET PA 48 -95.49 -19.77 -38.95
CA MET PA 48 -96.36 -18.96 -39.80
C MET PA 48 -97.70 -18.71 -39.14
N ILE PA 49 -98.18 -19.67 -38.35
CA ILE PA 49 -99.54 -19.65 -37.81
C ILE PA 49 -99.77 -18.52 -36.79
N PRO PA 50 -99.00 -18.39 -35.69
CA PRO PA 50 -99.41 -17.42 -34.68
C PRO PA 50 -99.12 -15.98 -35.07
N THR PA 51 -98.20 -15.76 -36.00
CA THR PA 51 -98.04 -14.42 -36.54
C THR PA 51 -99.29 -13.98 -37.29
N MET PA 52 -99.85 -14.88 -38.10
CA MET PA 52 -101.09 -14.54 -38.79
C MET PA 52 -102.24 -14.41 -37.80
N MET PA 53 -102.21 -15.16 -36.69
CA MET PA 53 -103.18 -14.94 -35.63
C MET PA 53 -103.01 -13.56 -34.99
N PHE PA 54 -101.77 -13.12 -34.86
CA PHE PA 54 -101.46 -11.82 -34.28
C PHE PA 54 -101.99 -10.69 -35.14
N ILE PA 55 -101.73 -10.75 -36.44
CA ILE PA 55 -102.23 -9.74 -37.35
C ILE PA 55 -103.75 -9.84 -37.48
N HIS PA 56 -104.29 -11.06 -37.37
CA HIS PA 56 -105.73 -11.29 -37.42
C HIS PA 56 -106.47 -10.59 -36.30
N THR PA 57 -105.97 -10.64 -35.09
CA THR PA 57 -106.67 -9.80 -34.13
C THR PA 57 -105.75 -8.94 -33.29
N GLY PA 58 -104.62 -9.48 -32.86
CA GLY PA 58 -103.92 -8.92 -31.72
C GLY PA 58 -103.58 -10.03 -30.75
N GLN PA 59 -104.19 -10.00 -29.55
CA GLN PA 59 -104.03 -11.01 -28.51
C GLN PA 59 -102.56 -11.15 -28.12
N GLU PA 60 -102.01 -10.08 -27.53
CA GLU PA 60 -100.56 -9.86 -27.64
C GLU PA 60 -99.90 -10.20 -26.32
N MET PA 61 -99.18 -11.32 -26.26
CA MET PA 61 -99.06 -11.96 -24.95
C MET PA 61 -97.64 -12.34 -24.59
N ILE PA 62 -97.39 -12.42 -23.29
CA ILE PA 62 -96.06 -12.76 -22.81
C ILE PA 62 -96.15 -14.06 -22.05
N ILE PA 63 -95.04 -14.79 -22.04
CA ILE PA 63 -94.89 -15.99 -21.23
C ILE PA 63 -93.74 -15.73 -20.27
N SER PA 64 -93.81 -16.37 -19.10
CA SER PA 64 -92.80 -16.13 -18.04
C SER PA 64 -92.83 -17.28 -17.05
N ASN PA 65 -91.74 -18.05 -16.97
CA ASN PA 65 -91.76 -19.20 -16.09
C ASN PA 65 -90.35 -19.61 -15.68
N TRP PA 66 -90.30 -20.52 -14.72
CA TRP PA 66 -89.09 -21.13 -14.16
C TRP PA 66 -88.14 -20.07 -13.62
N HIS PA 67 -88.60 -19.38 -12.59
CA HIS PA 67 -87.79 -18.35 -11.96
C HIS PA 67 -86.71 -18.99 -11.12
N TRP PA 68 -85.49 -18.51 -11.31
CA TRP PA 68 -84.31 -18.99 -10.62
C TRP PA 68 -83.53 -17.77 -10.19
N LEU PA 69 -83.01 -17.83 -8.98
CA LEU PA 69 -82.47 -16.70 -8.23
C LEU PA 69 -83.44 -15.51 -8.25
N THR PA 70 -84.59 -15.74 -7.63
CA THR PA 70 -85.50 -14.66 -7.27
C THR PA 70 -85.10 -14.08 -5.91
N ILE PA 71 -83.94 -13.40 -5.93
CA ILE PA 71 -83.13 -13.26 -4.74
C ILE PA 71 -83.62 -12.18 -3.77
N GLN PA 72 -83.43 -10.93 -4.14
CA GLN PA 72 -83.82 -9.76 -3.38
C GLN PA 72 -85.15 -9.28 -3.93
N THR PA 73 -85.40 -7.99 -3.82
CA THR PA 73 -86.60 -7.36 -4.38
C THR PA 73 -86.85 -7.65 -5.85
N LEU PA 74 -85.85 -8.08 -6.62
CA LEU PA 74 -86.09 -8.47 -7.99
C LEU PA 74 -86.36 -9.96 -8.09
N LYS PA 75 -86.36 -10.44 -9.33
CA LYS PA 75 -86.54 -11.82 -9.72
C LYS PA 75 -86.20 -11.87 -11.19
N LEU PA 76 -85.89 -13.07 -11.66
CA LEU PA 76 -85.73 -13.25 -13.10
C LEU PA 76 -86.09 -14.68 -13.45
N SER PA 77 -87.08 -14.83 -14.32
CA SER PA 77 -87.49 -16.11 -14.87
C SER PA 77 -87.10 -16.13 -16.33
N LEU PA 78 -87.12 -17.30 -16.94
CA LEU PA 78 -86.96 -17.29 -18.38
C LEU PA 78 -88.32 -16.89 -18.93
N SER PA 79 -88.33 -15.83 -19.72
CA SER PA 79 -89.58 -15.17 -20.07
C SER PA 79 -89.38 -14.56 -21.44
N PHE PA 80 -90.37 -14.70 -22.32
CA PHE PA 80 -90.27 -13.93 -23.55
C PHE PA 80 -91.64 -13.53 -24.05
N LYS PA 81 -91.65 -12.53 -24.91
CA LYS PA 81 -92.80 -11.68 -25.08
C LYS PA 81 -93.16 -11.56 -26.56
N MET PA 82 -94.43 -11.80 -26.87
CA MET PA 82 -94.92 -11.78 -28.23
C MET PA 82 -95.66 -10.46 -28.37
N ASP PA 83 -94.89 -9.44 -28.73
CA ASP PA 83 -95.37 -8.24 -29.39
C ASP PA 83 -94.59 -8.16 -30.69
N PHE PA 84 -95.33 -8.12 -31.80
CA PHE PA 84 -95.03 -7.53 -33.10
C PHE PA 84 -93.64 -7.75 -33.69
N PHE PA 85 -92.58 -7.67 -32.88
CA PHE PA 85 -91.22 -7.69 -33.39
C PHE PA 85 -90.66 -9.09 -33.22
N SER PA 86 -90.58 -9.52 -31.97
CA SER PA 86 -90.45 -10.94 -31.70
C SER PA 86 -91.68 -11.72 -32.10
N MET PA 87 -92.82 -11.07 -32.36
CA MET PA 87 -93.89 -11.87 -32.92
C MET PA 87 -93.59 -12.26 -34.36
N MET PA 88 -93.51 -11.30 -35.27
CA MET PA 88 -93.42 -11.68 -36.68
C MET PA 88 -92.11 -11.27 -37.32
N PHE PA 89 -91.01 -11.39 -36.59
CA PHE PA 89 -89.74 -11.40 -37.30
C PHE PA 89 -89.28 -12.80 -37.60
N VAL PA 90 -89.39 -13.66 -36.59
CA VAL PA 90 -88.99 -15.07 -36.57
C VAL PA 90 -89.33 -15.87 -37.83
N PRO PA 91 -90.50 -15.68 -38.50
CA PRO PA 91 -90.67 -16.35 -39.81
C PRO PA 91 -89.68 -15.92 -40.86
N VAL PA 92 -89.29 -14.65 -40.90
CA VAL PA 92 -88.34 -14.18 -41.90
C VAL PA 92 -86.97 -14.80 -41.69
N ALA PA 93 -86.51 -14.80 -40.43
CA ALA PA 93 -85.20 -15.35 -40.14
C ALA PA 93 -85.17 -16.86 -40.34
N LEU PA 94 -86.22 -17.56 -39.94
CA LEU PA 94 -86.28 -19.00 -40.20
C LEU PA 94 -86.34 -19.29 -41.70
N PHE PA 95 -87.03 -18.46 -42.46
CA PHE PA 95 -87.18 -18.69 -43.89
C PHE PA 95 -85.86 -18.50 -44.63
N VAL PA 96 -85.18 -17.40 -44.31
CA VAL PA 96 -83.84 -17.13 -44.83
C VAL PA 96 -82.89 -18.25 -44.47
N THR PA 97 -82.92 -18.69 -43.21
CA THR PA 97 -81.98 -19.71 -42.78
C THR PA 97 -82.31 -21.04 -43.43
N TRP PA 98 -83.57 -21.29 -43.72
CA TRP PA 98 -83.97 -22.51 -44.40
C TRP PA 98 -83.39 -22.57 -45.80
N SER PA 99 -83.44 -21.44 -46.50
CA SER PA 99 -82.82 -21.41 -47.82
C SER PA 99 -81.30 -21.53 -47.74
N ILE PA 100 -80.69 -20.95 -46.70
CA ILE PA 100 -79.25 -21.07 -46.58
C ILE PA 100 -78.85 -22.49 -46.20
N MET PA 101 -79.73 -23.23 -45.52
CA MET PA 101 -79.49 -24.64 -45.27
C MET PA 101 -79.42 -25.42 -46.56
N GLU PA 102 -80.34 -25.13 -47.50
CA GLU PA 102 -80.24 -25.71 -48.83
C GLU PA 102 -78.92 -25.36 -49.50
N PHE PA 103 -78.57 -24.08 -49.46
CA PHE PA 103 -77.42 -23.61 -50.21
C PHE PA 103 -76.12 -24.11 -49.62
N SER PA 104 -76.11 -24.40 -48.34
CA SER PA 104 -74.92 -24.96 -47.72
C SER PA 104 -74.91 -26.47 -47.73
N MET PA 105 -76.07 -27.11 -47.98
CA MET PA 105 -76.03 -28.50 -48.41
C MET PA 105 -75.22 -28.62 -49.66
N TRP PA 106 -75.52 -27.77 -50.64
CA TRP PA 106 -74.76 -27.88 -51.89
C TRP PA 106 -73.33 -27.40 -51.74
N TYR PA 107 -73.15 -26.18 -51.22
CA TYR PA 107 -71.85 -25.51 -51.23
C TYR PA 107 -70.82 -26.25 -50.39
N MET PA 108 -71.27 -26.98 -49.40
CA MET PA 108 -70.30 -27.64 -48.55
C MET PA 108 -70.49 -29.12 -48.81
N HIS PA 109 -70.56 -29.50 -50.08
CA HIS PA 109 -70.65 -30.91 -50.41
C HIS PA 109 -69.35 -31.65 -50.08
N SER PA 110 -68.23 -30.95 -50.10
CA SER PA 110 -66.92 -31.59 -50.10
C SER PA 110 -66.14 -31.39 -48.81
N ASP PA 111 -66.79 -31.55 -47.65
CA ASP PA 111 -66.08 -31.62 -46.38
C ASP PA 111 -66.66 -32.68 -45.48
N PRO PA 112 -65.82 -33.50 -44.85
CA PRO PA 112 -66.32 -34.41 -43.81
C PRO PA 112 -66.63 -33.71 -42.51
N ASN PA 113 -66.22 -32.46 -42.35
CA ASN PA 113 -66.54 -31.72 -41.13
C ASN PA 113 -67.87 -30.99 -41.25
N ILE PA 114 -68.79 -31.51 -42.07
CA ILE PA 114 -70.05 -30.86 -42.40
C ILE PA 114 -71.03 -30.91 -41.23
N ASN PA 115 -70.97 -31.95 -40.42
CA ASN PA 115 -71.98 -32.15 -39.39
C ASN PA 115 -71.79 -31.15 -38.26
N GLN PA 116 -70.54 -30.96 -37.85
CA GLN PA 116 -70.18 -29.91 -36.91
C GLN PA 116 -70.54 -28.53 -37.44
N PHE PA 117 -70.46 -28.35 -38.76
CA PHE PA 117 -70.85 -27.09 -39.36
C PHE PA 117 -72.34 -26.82 -39.20
N PHE PA 118 -73.17 -27.84 -39.43
CA PHE PA 118 -74.59 -27.63 -39.21
C PHE PA 118 -74.94 -27.48 -37.74
N LYS PA 119 -74.18 -28.15 -36.86
CA LYS PA 119 -74.42 -27.97 -35.43
C LYS PA 119 -74.13 -26.54 -35.01
N TYR PA 120 -73.04 -25.96 -35.50
CA TYR PA 120 -72.73 -24.57 -35.17
C TYR PA 120 -73.74 -23.62 -35.76
N LEU PA 121 -74.21 -23.90 -36.97
CA LEU PA 121 -75.14 -22.97 -37.60
C LEU PA 121 -76.50 -23.00 -36.90
N LEU PA 122 -76.96 -24.18 -36.50
CA LEU PA 122 -78.22 -24.25 -35.77
C LEU PA 122 -78.09 -23.64 -34.38
N LEU PA 123 -76.91 -23.80 -33.78
CA LEU PA 123 -76.66 -23.23 -32.47
C LEU PA 123 -76.71 -21.71 -32.51
N PHE PA 124 -76.12 -21.15 -33.55
CA PHE PA 124 -76.22 -19.73 -33.82
C PHE PA 124 -77.66 -19.29 -34.03
N LEU PA 125 -78.47 -20.13 -34.66
CA LEU PA 125 -79.88 -19.76 -34.83
C LEU PA 125 -80.61 -19.73 -33.51
N ILE PA 126 -80.38 -20.73 -32.65
CA ILE PA 126 -81.02 -20.80 -31.32
C ILE PA 126 -80.70 -19.55 -30.53
N THR PA 127 -79.43 -19.15 -30.54
CA THR PA 127 -79.06 -18.00 -29.75
C THR PA 127 -79.63 -16.72 -30.35
N MET PA 128 -79.76 -16.65 -31.67
CA MET PA 128 -80.36 -15.47 -32.27
C MET PA 128 -81.84 -15.39 -31.94
N LEU PA 129 -82.48 -16.54 -31.79
CA LEU PA 129 -83.88 -16.57 -31.45
C LEU PA 129 -84.11 -16.16 -30.00
N ILE PA 130 -83.32 -16.71 -29.08
CA ILE PA 130 -83.44 -16.34 -27.68
C ILE PA 130 -83.00 -14.90 -27.45
N LEU PA 131 -82.13 -14.35 -28.30
CA LEU PA 131 -81.90 -12.91 -28.28
C LEU PA 131 -83.15 -12.15 -28.69
N VAL PA 132 -83.74 -12.49 -29.82
CA VAL PA 132 -84.80 -11.62 -30.31
C VAL PA 132 -86.12 -11.80 -29.58
N THR PA 133 -86.28 -12.84 -28.78
CA THR PA 133 -87.58 -13.02 -28.15
C THR PA 133 -87.71 -12.36 -26.78
N ALA PA 134 -86.64 -12.29 -25.99
CA ALA PA 134 -86.76 -12.11 -24.56
C ALA PA 134 -87.16 -10.68 -24.17
N ASN PA 135 -87.73 -10.58 -22.97
CA ASN PA 135 -87.95 -9.32 -22.27
C ASN PA 135 -87.25 -9.25 -20.94
N ASN PA 136 -87.08 -10.39 -20.27
CA ASN PA 136 -86.19 -10.46 -19.13
C ASN PA 136 -84.78 -10.20 -19.62
N LEU PA 137 -84.19 -9.08 -19.22
CA LEU PA 137 -83.07 -8.52 -19.95
C LEU PA 137 -81.78 -9.33 -19.79
N PHE PA 138 -81.69 -10.12 -18.73
CA PHE PA 138 -80.55 -11.02 -18.56
C PHE PA 138 -80.53 -12.06 -19.67
N GLN PA 139 -81.71 -12.50 -20.10
CA GLN PA 139 -81.80 -13.45 -21.20
C GLN PA 139 -81.39 -12.80 -22.52
N LEU PA 140 -81.67 -11.50 -22.67
CA LEU PA 140 -81.12 -10.76 -23.81
C LEU PA 140 -79.61 -10.75 -23.77
N PHE PA 141 -79.04 -10.61 -22.58
CA PHE PA 141 -77.59 -10.60 -22.50
C PHE PA 141 -77.01 -11.98 -22.79
N ILE PA 142 -77.76 -13.03 -22.43
CA ILE PA 142 -77.39 -14.40 -22.82
C ILE PA 142 -77.31 -14.52 -24.33
N GLY PA 143 -78.38 -14.10 -25.01
CA GLY PA 143 -78.42 -14.17 -26.47
C GLY PA 143 -77.36 -13.31 -27.12
N TRP PA 144 -77.03 -12.18 -26.50
CA TRP PA 144 -76.01 -11.29 -27.01
C TRP PA 144 -74.66 -11.98 -27.07
N GLU PA 145 -74.16 -12.44 -25.93
CA GLU PA 145 -72.82 -13.01 -25.96
C GLU PA 145 -72.79 -14.36 -26.67
N GLY PA 146 -73.91 -15.07 -26.73
CA GLY PA 146 -73.92 -16.29 -27.51
C GLY PA 146 -73.85 -16.06 -29.01
N VAL PA 147 -74.55 -15.04 -29.52
CA VAL PA 147 -74.43 -14.81 -30.97
C VAL PA 147 -73.08 -14.23 -31.30
N GLY PA 148 -72.46 -13.52 -30.35
CA GLY PA 148 -71.09 -13.09 -30.54
C GLY PA 148 -70.13 -14.25 -30.68
N ILE PA 149 -70.26 -15.24 -29.80
CA ILE PA 149 -69.28 -16.31 -29.83
C ILE PA 149 -69.56 -17.31 -30.95
N MET PA 150 -70.82 -17.45 -31.40
CA MET PA 150 -71.03 -18.27 -32.58
C MET PA 150 -70.53 -17.58 -33.83
N SER PA 151 -70.58 -16.24 -33.85
CA SER PA 151 -69.92 -15.51 -34.91
C SER PA 151 -68.43 -15.78 -34.90
N PHE PA 152 -67.84 -15.85 -33.71
CA PHE PA 152 -66.42 -16.15 -33.60
C PHE PA 152 -66.08 -17.51 -34.18
N LEU PA 153 -66.84 -18.54 -33.81
CA LEU PA 153 -66.52 -19.89 -34.30
C LEU PA 153 -66.72 -20.01 -35.79
N LEU PA 154 -67.82 -19.48 -36.30
CA LEU PA 154 -68.07 -19.70 -37.71
C LEU PA 154 -67.30 -18.76 -38.62
N ILE PA 155 -66.80 -17.63 -38.13
CA ILE PA 155 -65.78 -16.93 -38.89
C ILE PA 155 -64.49 -17.72 -38.89
N GLY PA 156 -64.09 -18.19 -37.72
CA GLY PA 156 -62.91 -19.02 -37.66
C GLY PA 156 -63.17 -20.49 -37.93
N TRP PA 157 -64.11 -20.77 -38.85
CA TRP PA 157 -64.31 -22.14 -39.30
C TRP PA 157 -63.06 -22.72 -39.93
N TRP PA 158 -62.59 -22.11 -41.01
CA TRP PA 158 -61.38 -22.61 -41.62
C TRP PA 158 -60.17 -22.29 -40.75
N TYR PA 159 -59.80 -23.23 -39.90
CA TYR PA 159 -58.56 -23.03 -39.19
C TYR PA 159 -57.37 -23.24 -40.14
N GLY PA 160 -56.21 -22.84 -39.68
CA GLY PA 160 -55.20 -22.37 -40.60
C GLY PA 160 -55.56 -20.94 -40.88
N ARG PA 161 -54.92 -20.36 -41.91
CA ARG PA 161 -55.33 -19.07 -42.50
C ARG PA 161 -55.31 -17.96 -41.44
N THR PA 162 -54.09 -17.57 -41.07
CA THR PA 162 -53.86 -16.60 -39.99
C THR PA 162 -54.65 -15.29 -40.14
N ASP PA 163 -55.01 -14.93 -41.36
CA ASP PA 163 -55.91 -13.82 -41.57
C ASP PA 163 -57.31 -14.12 -41.04
N ALA PA 164 -57.75 -15.38 -41.08
CA ALA PA 164 -59.12 -15.69 -40.64
C ALA PA 164 -59.28 -15.57 -39.13
N ASN PA 165 -58.37 -16.15 -38.36
CA ASN PA 165 -58.53 -16.00 -36.92
C ASN PA 165 -58.14 -14.62 -36.43
N THR PA 166 -57.29 -13.89 -37.18
CA THR PA 166 -57.13 -12.46 -36.94
C THR PA 166 -58.46 -11.73 -37.05
N ALA PA 167 -59.20 -12.05 -38.10
CA ALA PA 167 -60.47 -11.42 -38.34
C ALA PA 167 -61.47 -11.77 -37.26
N ALA PA 168 -61.45 -13.02 -36.84
CA ALA PA 168 -62.33 -13.44 -35.77
C ALA PA 168 -62.00 -12.75 -34.45
N LEU PA 169 -60.72 -12.42 -34.25
CA LEU PA 169 -60.34 -11.66 -33.06
C LEU PA 169 -60.91 -10.25 -33.08
N GLN PA 170 -60.88 -9.59 -34.25
CA GLN PA 170 -61.51 -8.27 -34.33
C GLN PA 170 -63.00 -8.35 -34.06
N ALA PA 171 -63.65 -9.40 -34.57
CA ALA PA 171 -65.09 -9.54 -34.41
C ALA PA 171 -65.48 -9.70 -32.95
N ILE PA 172 -64.75 -10.55 -32.22
CA ILE PA 172 -65.12 -10.75 -30.83
C ILE PA 172 -64.73 -9.55 -29.98
N LEU PA 173 -63.75 -8.74 -30.41
CA LEU PA 173 -63.43 -7.55 -29.64
C LEU PA 173 -64.52 -6.49 -29.76
N TYR PA 174 -65.05 -6.29 -30.96
CA TYR PA 174 -66.08 -5.27 -31.05
C TYR PA 174 -67.39 -5.75 -30.47
N ASN PA 175 -67.59 -7.07 -30.41
CA ASN PA 175 -68.65 -7.58 -29.55
C ASN PA 175 -68.43 -7.23 -28.08
N ARG PA 176 -67.19 -7.25 -27.59
CA ARG PA 176 -67.06 -6.90 -26.18
C ARG PA 176 -67.23 -5.41 -25.93
N ILE PA 177 -66.97 -4.56 -26.91
CA ILE PA 177 -67.26 -3.17 -26.64
C ILE PA 177 -68.78 -2.93 -26.68
N GLY PA 178 -69.50 -3.71 -27.48
CA GLY PA 178 -70.94 -3.80 -27.31
C GLY PA 178 -71.33 -4.25 -25.91
N ASP PA 179 -70.54 -5.15 -25.33
CA ASP PA 179 -70.84 -5.65 -23.99
C ASP PA 179 -70.63 -4.60 -22.91
N ILE PA 180 -69.59 -3.75 -23.04
CA ILE PA 180 -69.40 -2.72 -22.01
C ILE PA 180 -70.54 -1.71 -22.05
N GLY PA 181 -71.00 -1.34 -23.25
CA GLY PA 181 -72.17 -0.47 -23.33
C GLY PA 181 -73.43 -1.10 -22.75
N PHE PA 182 -73.65 -2.38 -23.05
CA PHE PA 182 -74.86 -3.06 -22.62
C PHE PA 182 -74.87 -3.25 -21.11
N ILE PA 183 -73.74 -3.58 -20.49
CA ILE PA 183 -73.77 -3.78 -19.05
C ILE PA 183 -73.84 -2.46 -18.32
N LEU PA 184 -73.39 -1.36 -18.93
CA LEU PA 184 -73.65 -0.07 -18.30
C LEU PA 184 -75.14 0.25 -18.32
N ALA PA 185 -75.82 -0.10 -19.42
CA ALA PA 185 -77.26 0.09 -19.47
C ALA PA 185 -77.97 -0.74 -18.40
N MET PA 186 -77.52 -1.98 -18.24
CA MET PA 186 -78.11 -2.84 -17.22
C MET PA 186 -77.85 -2.30 -15.82
N ALA PA 187 -76.69 -1.68 -15.62
CA ALA PA 187 -76.37 -1.08 -14.33
C ALA PA 187 -77.34 0.02 -13.98
N TRP PA 188 -77.62 0.90 -14.94
CA TRP PA 188 -78.47 2.03 -14.59
C TRP PA 188 -79.90 1.58 -14.37
N PHE PA 189 -80.38 0.62 -15.16
CA PHE PA 189 -81.76 0.17 -14.94
C PHE PA 189 -81.93 -0.55 -13.62
N LEU PA 190 -80.91 -1.29 -13.19
CA LEU PA 190 -81.04 -1.95 -11.89
C LEU PA 190 -81.03 -0.94 -10.75
N ILE PA 191 -80.06 -0.05 -10.73
CA ILE PA 191 -79.93 0.83 -9.57
C ILE PA 191 -80.93 1.97 -9.59
N ASN PA 192 -81.70 2.15 -10.65
CA ASN PA 192 -82.72 3.18 -10.56
C ASN PA 192 -84.14 2.73 -10.93
N LEU PA 193 -84.39 1.45 -11.21
CA LEU PA 193 -85.77 1.02 -11.37
C LEU PA 193 -86.06 -0.33 -10.74
N ASN PA 194 -85.17 -0.83 -9.89
CA ASN PA 194 -85.32 -2.04 -9.06
C ASN PA 194 -85.54 -3.31 -9.88
N THR PA 195 -85.28 -3.30 -11.18
CA THR PA 195 -85.25 -4.52 -11.97
C THR PA 195 -84.41 -4.28 -13.20
N TRP PA 196 -84.29 -5.33 -14.01
CA TRP PA 196 -84.01 -5.13 -15.43
C TRP PA 196 -84.99 -5.99 -16.21
N ASP PA 197 -86.16 -5.42 -16.48
CA ASP PA 197 -87.22 -6.01 -17.27
C ASP PA 197 -87.89 -4.92 -18.08
N LEU PA 198 -88.21 -5.23 -19.34
CA LEU PA 198 -88.74 -4.24 -20.29
C LEU PA 198 -90.01 -3.57 -19.80
N GLN PA 199 -90.87 -4.34 -19.14
CA GLN PA 199 -92.22 -3.88 -18.84
C GLN PA 199 -92.21 -2.83 -17.74
N GLN PA 200 -91.39 -3.02 -16.71
CA GLN PA 200 -91.31 -2.06 -15.63
C GLN PA 200 -90.55 -0.81 -16.03
N ILE PA 201 -89.57 -0.98 -16.93
CA ILE PA 201 -88.92 0.14 -17.61
C ILE PA 201 -89.97 1.02 -18.28
N PHE PA 202 -90.88 0.39 -19.00
CA PHE PA 202 -91.88 1.17 -19.71
C PHE PA 202 -92.92 1.73 -18.75
N MET PA 203 -93.18 1.02 -17.67
CA MET PA 203 -94.18 1.47 -16.71
C MET PA 203 -93.74 2.72 -16.00
N LEU PA 204 -92.51 2.79 -15.55
CA LEU PA 204 -92.04 3.93 -14.80
C LEU PA 204 -91.04 4.67 -15.66
N ASN PA 205 -91.51 5.62 -16.46
CA ASN PA 205 -90.63 6.28 -17.41
C ASN PA 205 -89.82 7.35 -16.71
N PRO PA 206 -88.50 7.27 -16.73
CA PRO PA 206 -87.68 8.24 -16.01
C PRO PA 206 -87.55 9.54 -16.78
N ASN PA 207 -86.92 10.51 -16.12
CA ASN PA 207 -86.64 11.81 -16.71
C ASN PA 207 -85.21 11.90 -17.23
N ASP PA 208 -84.23 11.79 -16.34
CA ASP PA 208 -82.84 11.82 -16.76
C ASP PA 208 -82.43 10.42 -17.19
N SER PA 209 -82.04 10.29 -18.45
CA SER PA 209 -81.78 8.97 -19.00
C SER PA 209 -80.58 8.96 -19.92
N ASN PA 210 -79.66 9.91 -19.74
CA ASN PA 210 -78.59 10.09 -20.70
C ASN PA 210 -77.53 9.01 -20.58
N LEU PA 211 -77.25 8.58 -19.35
CA LEU PA 211 -76.26 7.51 -19.17
C LEU PA 211 -76.71 6.18 -19.77
N PRO PA 212 -77.93 5.66 -19.54
CA PRO PA 212 -78.28 4.41 -20.22
C PRO PA 212 -78.45 4.55 -21.72
N LEU PA 213 -78.86 5.72 -22.21
CA LEU PA 213 -78.97 5.90 -23.65
C LEU PA 213 -77.60 5.89 -24.31
N MET PA 214 -76.60 6.51 -23.67
CA MET PA 214 -75.24 6.40 -24.17
C MET PA 214 -74.76 4.95 -24.13
N GLY PA 215 -75.17 4.20 -23.11
CA GLY PA 215 -74.83 2.79 -23.06
C GLY PA 215 -75.43 1.99 -24.20
N LEU PA 216 -76.71 2.23 -24.49
CA LEU PA 216 -77.39 1.54 -25.58
C LEU PA 216 -76.81 1.90 -26.92
N ILE PA 217 -76.47 3.18 -27.11
CA ILE PA 217 -75.84 3.64 -28.34
C ILE PA 217 -74.50 2.94 -28.56
N LEU PA 218 -73.72 2.79 -27.48
CA LEU PA 218 -72.47 2.07 -27.59
C LEU PA 218 -72.72 0.61 -27.92
N ALA PA 219 -73.79 0.03 -27.38
CA ALA PA 219 -74.12 -1.37 -27.67
C ALA PA 219 -74.44 -1.56 -29.14
N ALA PA 220 -75.24 -0.67 -29.71
CA ALA PA 220 -75.62 -0.80 -31.10
C ALA PA 220 -74.44 -0.56 -32.03
N THR PA 221 -73.65 0.47 -31.76
CA THR PA 221 -72.52 0.76 -32.64
C THR PA 221 -71.37 -0.23 -32.46
N GLY PA 222 -71.38 -1.01 -31.39
CA GLY PA 222 -70.45 -2.11 -31.37
C GLY PA 222 -71.01 -3.25 -32.18
N LYS PA 223 -72.30 -3.51 -32.01
CA LYS PA 223 -72.85 -4.77 -32.47
C LYS PA 223 -73.08 -4.79 -33.97
N SER PA 224 -73.35 -3.65 -34.56
CA SER PA 224 -73.90 -3.65 -35.91
C SER PA 224 -73.06 -2.79 -36.86
N ALA PA 225 -71.74 -2.82 -36.68
CA ALA PA 225 -70.77 -2.41 -37.70
C ALA PA 225 -70.88 -0.94 -38.09
N GLN PA 226 -71.06 -0.09 -37.09
CA GLN PA 226 -71.28 1.32 -37.31
C GLN PA 226 -70.00 2.08 -36.97
N PHE PA 227 -69.92 3.33 -37.45
CA PHE PA 227 -68.64 4.00 -37.62
C PHE PA 227 -67.90 4.22 -36.31
N GLY PA 228 -66.58 4.10 -36.39
CA GLY PA 228 -65.72 4.11 -35.23
C GLY PA 228 -65.43 2.67 -34.85
N LEU PA 229 -66.47 1.85 -34.92
CA LEU PA 229 -66.40 0.46 -34.53
C LEU PA 229 -66.92 -0.45 -35.64
N HIS PA 230 -67.01 0.10 -36.84
CA HIS PA 230 -67.35 -0.66 -38.05
C HIS PA 230 -66.36 -1.71 -38.56
N PRO PA 231 -65.04 -1.49 -38.62
CA PRO PA 231 -64.25 -2.20 -39.63
C PRO PA 231 -63.99 -3.66 -39.36
N TRP PA 232 -64.71 -4.28 -38.44
CA TRP PA 232 -64.72 -5.73 -38.31
C TRP PA 232 -65.58 -6.40 -39.35
N LEU PA 233 -66.10 -5.66 -40.30
CA LEU PA 233 -67.03 -6.13 -41.29
C LEU PA 233 -66.39 -6.81 -42.51
N PRO PA 234 -65.35 -6.27 -43.17
CA PRO PA 234 -64.67 -7.11 -44.18
C PRO PA 234 -63.90 -8.24 -43.53
N SER PA 235 -63.34 -7.95 -42.37
CA SER PA 235 -62.94 -8.95 -41.40
C SER PA 235 -63.97 -10.06 -41.25
N ALA PA 236 -65.24 -9.69 -41.08
CA ALA PA 236 -66.27 -10.73 -40.99
C ALA PA 236 -66.49 -11.42 -42.32
N MET PA 237 -66.22 -10.74 -43.42
CA MET PA 237 -66.27 -11.40 -44.72
C MET PA 237 -65.05 -12.26 -45.03
N GLU PA 238 -64.08 -12.38 -44.12
CA GLU PA 238 -63.01 -13.34 -44.35
C GLU PA 238 -63.47 -14.79 -44.40
N GLY PA 239 -64.60 -15.13 -43.79
CA GLY PA 239 -64.98 -16.50 -43.59
C GLY PA 239 -65.57 -17.18 -44.81
N PRO PA 240 -66.22 -18.33 -44.61
CA PRO PA 240 -66.89 -19.00 -45.73
C PRO PA 240 -68.15 -18.27 -46.12
N THR PA 241 -68.74 -18.71 -47.20
CA THR PA 241 -69.83 -17.97 -47.80
C THR PA 241 -71.17 -18.06 -47.08
N PRO PA 242 -71.74 -19.23 -46.74
CA PRO PA 242 -73.07 -19.18 -46.12
C PRO PA 242 -73.05 -18.71 -44.69
N VAL PA 243 -71.96 -18.95 -43.97
CA VAL PA 243 -71.72 -18.30 -42.68
C VAL PA 243 -71.80 -16.80 -42.82
N SER PA 244 -71.11 -16.25 -43.82
CA SER PA 244 -71.14 -14.82 -44.04
C SER PA 244 -72.52 -14.35 -44.42
N ALA PA 245 -73.25 -15.16 -45.18
CA ALA PA 245 -74.58 -14.82 -45.62
C ALA PA 245 -75.54 -14.71 -44.45
N LEU PA 246 -75.53 -15.69 -43.58
CA LEU PA 246 -76.42 -15.63 -42.42
C LEU PA 246 -75.91 -14.61 -41.42
N LEU PA 247 -74.59 -14.39 -41.38
CA LEU PA 247 -74.01 -13.47 -40.42
C LEU PA 247 -74.37 -12.05 -40.74
N HIS PA 248 -74.57 -11.74 -42.01
CA HIS PA 248 -74.88 -10.36 -42.36
C HIS PA 248 -76.07 -10.29 -43.31
N SER PA 249 -77.02 -11.17 -43.13
CA SER PA 249 -78.29 -10.99 -43.83
C SER PA 249 -79.31 -10.41 -42.87
N SER PA 250 -79.71 -11.21 -41.89
CA SER PA 250 -80.56 -10.74 -40.80
C SER PA 250 -79.88 -10.96 -39.46
N THR PA 251 -79.50 -12.19 -39.17
CA THR PA 251 -79.03 -12.57 -37.85
C THR PA 251 -77.69 -11.95 -37.57
N MET PA 252 -77.52 -11.45 -36.33
CA MET PA 252 -76.28 -10.93 -35.74
C MET PA 252 -75.88 -9.57 -36.33
N VAL PA 253 -76.50 -9.15 -37.41
CA VAL PA 253 -76.11 -7.88 -37.97
C VAL PA 253 -77.15 -6.88 -37.51
N VAL PA 254 -78.37 -7.34 -37.28
CA VAL PA 254 -79.44 -6.43 -36.89
C VAL PA 254 -79.60 -6.34 -35.39
N ALA PA 255 -78.84 -7.14 -34.63
CA ALA PA 255 -79.03 -7.17 -33.18
C ALA PA 255 -78.67 -5.86 -32.50
N GLY PA 256 -77.82 -5.05 -33.14
CA GLY PA 256 -77.55 -3.73 -32.59
C GLY PA 256 -78.74 -2.80 -32.70
N ILE PA 257 -79.36 -2.75 -33.87
CA ILE PA 257 -80.51 -1.88 -34.02
C ILE PA 257 -81.79 -2.51 -33.49
N PHE PA 258 -81.78 -3.83 -33.28
CA PHE PA 258 -82.93 -4.50 -32.68
C PHE PA 258 -83.18 -4.00 -31.28
N LEU PA 259 -82.11 -3.74 -30.53
CA LEU PA 259 -82.22 -3.28 -29.16
C LEU PA 259 -82.79 -1.88 -29.09
N LEU PA 260 -82.22 -0.96 -29.87
CA LEU PA 260 -82.72 0.41 -29.90
C LEU PA 260 -84.15 0.48 -30.40
N ILE PA 261 -84.52 -0.44 -31.30
CA ILE PA 261 -85.93 -0.57 -31.65
C ILE PA 261 -86.75 -1.01 -30.45
N ARG PA 262 -86.24 -1.97 -29.68
CA ARG PA 262 -86.99 -2.53 -28.57
C ARG PA 262 -87.21 -1.50 -27.46
N PHE PA 263 -86.34 -0.52 -27.33
CA PHE PA 263 -86.50 0.51 -26.31
C PHE PA 263 -87.09 1.81 -26.85
N TYR PA 264 -88.02 1.71 -27.81
CA TYR PA 264 -88.66 2.91 -28.33
C TYR PA 264 -89.48 3.73 -27.32
N PRO PA 265 -90.13 3.20 -26.27
CA PRO PA 265 -90.75 4.13 -25.32
C PRO PA 265 -89.73 4.91 -24.54
N LEU PA 266 -88.57 4.34 -24.29
CA LEU PA 266 -87.54 5.10 -23.60
C LEU PA 266 -86.92 6.12 -24.53
N THR PA 267 -86.79 5.82 -25.82
CA THR PA 267 -86.24 6.82 -26.72
C THR PA 267 -87.32 7.61 -27.45
N GLU PA 268 -88.53 7.69 -26.88
CA GLU PA 268 -89.50 8.71 -27.28
C GLU PA 268 -88.93 10.10 -27.17
N ASN PA 269 -88.69 10.52 -25.95
CA ASN PA 269 -88.21 11.84 -25.63
C ASN PA 269 -86.69 11.84 -25.64
N ASN PA 270 -86.08 12.84 -25.00
CA ASN PA 270 -84.65 13.10 -25.00
C ASN PA 270 -84.16 13.35 -26.43
N LYS PA 271 -84.52 14.55 -26.92
CA LYS PA 271 -84.12 14.98 -28.26
C LYS PA 271 -82.61 15.00 -28.46
N PHE PA 272 -81.84 15.20 -27.38
CA PHE PA 272 -80.42 14.93 -27.42
C PHE PA 272 -80.14 13.49 -27.84
N GLY PA 273 -80.96 12.56 -27.35
CA GLY PA 273 -80.82 11.17 -27.76
C GLY PA 273 -81.11 10.94 -29.23
N GLN PA 274 -82.23 11.48 -29.73
CA GLN PA 274 -82.57 11.28 -31.15
C GLN PA 274 -81.57 11.97 -32.07
N SER PA 275 -81.00 13.08 -31.62
CA SER PA 275 -79.96 13.73 -32.39
C SER PA 275 -78.71 12.87 -32.48
N ILE PA 276 -78.31 12.25 -31.37
CA ILE PA 276 -77.19 11.30 -31.40
C ILE PA 276 -77.47 10.15 -32.36
N MET PA 277 -78.69 9.61 -32.31
CA MET PA 277 -79.13 8.53 -33.18
C MET PA 277 -78.92 8.85 -34.64
N LEU PA 278 -79.56 9.92 -35.11
CA LEU PA 278 -79.54 10.13 -36.55
C LEU PA 278 -78.22 10.75 -37.03
N CYS PA 279 -77.51 11.50 -36.18
CA CYS PA 279 -76.21 12.01 -36.61
C CYS PA 279 -75.19 10.90 -36.75
N LEU PA 280 -75.17 9.96 -35.78
CA LEU PA 280 -74.26 8.82 -35.87
C LEU PA 280 -74.57 7.97 -37.09
N GLY PA 281 -75.86 7.71 -37.33
CA GLY PA 281 -76.22 6.88 -38.48
C GLY PA 281 -75.88 7.50 -39.82
N ALA PA 282 -76.04 8.83 -39.94
CA ALA PA 282 -75.64 9.51 -41.16
C ALA PA 282 -74.13 9.43 -41.37
N MET PA 283 -73.36 9.51 -40.28
CA MET PA 283 -71.91 9.36 -40.38
C MET PA 283 -71.53 7.97 -40.88
N THR PA 284 -72.15 6.93 -40.31
CA THR PA 284 -71.91 5.56 -40.74
C THR PA 284 -72.22 5.38 -42.21
N THR PA 285 -73.34 5.96 -42.64
CA THR PA 285 -73.83 5.69 -43.97
C THR PA 285 -72.95 6.34 -45.00
N LEU PA 286 -72.53 7.58 -44.75
CA LEU PA 286 -71.66 8.23 -45.71
C LEU PA 286 -70.30 7.57 -45.74
N PHE PA 287 -69.76 7.19 -44.58
CA PHE PA 287 -68.40 6.66 -44.60
C PHE PA 287 -68.35 5.30 -45.26
N THR PA 288 -69.34 4.44 -45.02
CA THR PA 288 -69.28 3.14 -45.67
C THR PA 288 -69.70 3.20 -47.13
N ALA PA 289 -70.53 4.17 -47.52
CA ALA PA 289 -70.82 4.29 -48.94
C ALA PA 289 -69.62 4.89 -49.69
N MET PA 290 -68.93 5.84 -49.07
CA MET PA 290 -67.75 6.41 -49.69
C MET PA 290 -66.61 5.39 -49.75
N CYS PA 291 -66.53 4.53 -48.76
CA CYS PA 291 -65.54 3.48 -48.80
C CYS PA 291 -65.94 2.36 -49.75
N ALA PA 292 -67.24 2.18 -49.99
CA ALA PA 292 -67.71 1.11 -50.85
C ALA PA 292 -67.38 1.35 -52.31
N LEU PA 293 -67.17 2.60 -52.71
CA LEU PA 293 -66.71 2.85 -54.05
C LEU PA 293 -65.26 2.41 -54.18
N THR PA 294 -64.92 1.94 -55.37
CA THR PA 294 -63.61 1.39 -55.72
C THR PA 294 -63.23 0.27 -54.75
N GLN PA 295 -64.00 -0.79 -54.85
CA GLN PA 295 -63.62 -2.03 -54.22
C GLN PA 295 -63.80 -3.11 -55.26
N ASN PA 296 -63.07 -4.21 -55.12
CA ASN PA 296 -63.13 -5.24 -56.13
C ASN PA 296 -63.39 -6.63 -55.60
N ASP PA 297 -63.23 -6.88 -54.31
CA ASP PA 297 -63.67 -8.15 -53.77
C ASP PA 297 -65.17 -8.08 -53.58
N ILE PA 298 -65.86 -9.16 -53.92
CA ILE PA 298 -67.32 -9.10 -53.94
C ILE PA 298 -67.87 -9.01 -52.53
N LYS PA 299 -67.31 -9.80 -51.61
CA LYS PA 299 -67.90 -9.90 -50.28
C LYS PA 299 -67.66 -8.63 -49.47
N LYS PA 300 -66.53 -7.95 -49.70
CA LYS PA 300 -66.32 -6.65 -49.11
C LYS PA 300 -67.33 -5.63 -49.60
N ILE PA 301 -67.72 -5.71 -50.88
CA ILE PA 301 -68.74 -4.82 -51.42
C ILE PA 301 -70.10 -5.10 -50.79
N ILE PA 302 -70.47 -6.37 -50.67
CA ILE PA 302 -71.80 -6.68 -50.14
C ILE PA 302 -71.87 -6.33 -48.66
N ALA PA 303 -70.76 -6.49 -47.95
CA ALA PA 303 -70.74 -6.10 -46.56
C ALA PA 303 -70.82 -4.59 -46.40
N PHE PA 304 -70.14 -3.84 -47.27
CA PHE PA 304 -70.25 -2.39 -47.14
C PHE PA 304 -71.63 -1.89 -47.50
N SER PA 305 -72.29 -2.57 -48.43
CA SER PA 305 -73.67 -2.23 -48.71
C SER PA 305 -74.55 -2.50 -47.51
N THR PA 306 -74.28 -3.59 -46.78
CA THR PA 306 -75.15 -3.87 -45.64
C THR PA 306 -74.88 -2.89 -44.51
N SER PA 307 -73.66 -2.34 -44.43
CA SER PA 307 -73.43 -1.30 -43.43
C SER PA 307 -74.15 -0.01 -43.79
N SER PA 308 -74.24 0.29 -45.09
CA SER PA 308 -74.97 1.46 -45.54
C SER PA 308 -76.46 1.36 -45.20
N GLN PA 309 -77.04 0.18 -45.42
CA GLN PA 309 -78.46 0.02 -45.12
C GLN PA 309 -78.71 0.09 -43.61
N LEU PA 310 -77.78 -0.45 -42.82
CA LEU PA 310 -77.93 -0.31 -41.38
C LEU PA 310 -77.82 1.13 -40.91
N GLY PA 311 -77.01 1.93 -41.61
CA GLY PA 311 -76.94 3.34 -41.25
C GLY PA 311 -78.23 4.08 -41.54
N LEU PA 312 -78.88 3.70 -42.65
CA LEU PA 312 -80.25 4.19 -42.89
C LEU PA 312 -81.20 3.80 -41.75
N MET PA 313 -81.04 2.60 -41.19
CA MET PA 313 -81.95 2.25 -40.10
C MET PA 313 -81.66 3.02 -38.83
N MET PA 314 -80.39 3.38 -38.60
CA MET PA 314 -80.08 4.26 -37.48
C MET PA 314 -80.72 5.63 -37.65
N VAL PA 315 -80.72 6.16 -38.87
CA VAL PA 315 -81.41 7.43 -39.11
C VAL PA 315 -82.92 7.27 -38.90
N THR PA 316 -83.45 6.12 -39.27
CA THR PA 316 -84.87 5.85 -39.08
C THR PA 316 -85.25 5.78 -37.62
N ILE PA 317 -84.32 5.35 -36.76
CA ILE PA 317 -84.58 5.45 -35.32
C ILE PA 317 -84.41 6.88 -34.84
N GLY PA 318 -83.55 7.65 -35.52
CA GLY PA 318 -83.38 9.07 -35.18
C GLY PA 318 -84.65 9.89 -35.35
N ILE PA 319 -85.34 9.70 -36.44
CA ILE PA 319 -86.71 10.19 -36.50
C ILE PA 319 -87.56 9.25 -35.68
N ASN PA 320 -88.64 9.71 -35.06
CA ASN PA 320 -89.43 8.77 -34.26
C ASN PA 320 -90.26 7.83 -35.11
N GLN PA 321 -89.59 6.90 -35.80
CA GLN PA 321 -90.22 5.97 -36.74
C GLN PA 321 -89.60 4.60 -36.60
N PRO PA 322 -89.97 3.84 -35.60
CA PRO PA 322 -89.29 2.55 -35.40
C PRO PA 322 -89.80 1.43 -36.29
N HIS PA 323 -91.07 1.48 -36.64
CA HIS PA 323 -91.69 0.35 -37.31
C HIS PA 323 -91.32 0.30 -38.78
N LEU PA 324 -91.06 1.44 -39.40
CA LEU PA 324 -90.48 1.45 -40.74
C LEU PA 324 -89.08 0.85 -40.73
N ALA PA 325 -88.32 1.08 -39.66
CA ALA PA 325 -87.01 0.45 -39.57
C ALA PA 325 -87.14 -1.07 -39.44
N PHE PA 326 -88.17 -1.55 -38.74
CA PHE PA 326 -88.38 -2.99 -38.70
C PHE PA 326 -88.80 -3.55 -40.07
N LEU PA 327 -89.63 -2.80 -40.78
CA LEU PA 327 -89.96 -3.13 -42.17
C LEU PA 327 -88.71 -3.25 -43.01
N HIS PA 328 -87.77 -2.33 -42.79
CA HIS PA 328 -86.51 -2.32 -43.51
C HIS PA 328 -85.70 -3.54 -43.17
N ILE PA 329 -85.73 -3.98 -41.90
CA ILE PA 329 -85.02 -5.18 -41.48
C ILE PA 329 -85.48 -6.39 -42.28
N CYS PA 330 -86.79 -6.58 -42.35
CA CYS PA 330 -87.31 -7.80 -42.99
C CYS PA 330 -87.04 -7.80 -44.50
N THR PA 331 -87.33 -6.69 -45.17
CA THR PA 331 -87.09 -6.60 -46.61
C THR PA 331 -85.61 -6.75 -46.95
N HIS PA 332 -84.76 -6.00 -46.24
CA HIS PA 332 -83.32 -6.10 -46.34
C HIS PA 332 -82.80 -7.49 -46.08
N ALA PA 333 -83.45 -8.25 -45.21
CA ALA PA 333 -83.00 -9.59 -44.90
C ALA PA 333 -83.15 -10.51 -46.10
N PHE PA 334 -84.38 -10.58 -46.66
CA PHE PA 334 -84.64 -11.30 -47.92
C PHE PA 334 -83.65 -10.93 -49.00
N PHE PA 335 -83.53 -9.63 -49.22
CA PHE PA 335 -82.68 -8.94 -50.16
C PHE PA 335 -81.22 -9.37 -50.15
N LYS PA 336 -80.52 -9.14 -49.05
CA LYS PA 336 -79.09 -9.45 -49.11
C LYS PA 336 -78.75 -10.89 -48.81
N ALA PA 337 -79.65 -11.68 -48.22
CA ALA PA 337 -79.39 -13.11 -48.20
C ALA PA 337 -79.40 -13.66 -49.61
N MET PA 338 -80.35 -13.18 -50.42
CA MET PA 338 -80.40 -13.57 -51.82
C MET PA 338 -79.16 -13.13 -52.56
N LEU PA 339 -78.65 -11.95 -52.21
CA LEU PA 339 -77.47 -11.42 -52.89
C LEU PA 339 -76.22 -12.21 -52.58
N PHE PA 340 -75.97 -12.51 -51.30
CA PHE PA 340 -74.83 -13.35 -50.93
C PHE PA 340 -74.90 -14.72 -51.55
N MET PA 341 -76.10 -15.29 -51.60
CA MET PA 341 -76.23 -16.64 -52.09
C MET PA 341 -75.95 -16.70 -53.58
N CYS PA 342 -76.37 -15.66 -54.32
CA CYS PA 342 -76.00 -15.54 -55.73
C CYS PA 342 -74.50 -15.37 -55.91
N SER PA 343 -73.88 -14.57 -55.05
CA SER PA 343 -72.45 -14.31 -55.18
C SER PA 343 -71.62 -15.55 -54.95
N GLY PA 344 -71.92 -16.29 -53.88
CA GLY PA 344 -71.22 -17.53 -53.61
C GLY PA 344 -71.48 -18.59 -54.67
N SER PA 345 -72.65 -18.54 -55.31
CA SER PA 345 -72.91 -19.40 -56.45
C SER PA 345 -71.94 -19.11 -57.59
N ILE PA 346 -71.74 -17.84 -57.91
CA ILE PA 346 -70.78 -17.46 -58.94
C ILE PA 346 -69.37 -17.90 -58.58
N ILE PA 347 -68.99 -17.70 -57.32
CA ILE PA 347 -67.63 -17.93 -56.87
C ILE PA 347 -67.29 -19.41 -56.88
N HIS PA 348 -68.16 -20.24 -56.30
CA HIS PA 348 -67.90 -21.67 -56.36
C HIS PA 348 -68.21 -22.26 -57.72
N SER PA 349 -68.92 -21.53 -58.58
CA SER PA 349 -68.95 -21.94 -59.97
C SER PA 349 -67.60 -21.76 -60.62
N LEU PA 350 -66.86 -20.73 -60.22
CA LEU PA 350 -65.66 -20.41 -60.96
C LEU PA 350 -64.44 -20.60 -60.07
N ASN PA 351 -64.38 -21.76 -59.41
CA ASN PA 351 -63.19 -22.29 -58.74
C ASN PA 351 -62.70 -21.43 -57.59
N ASP PA 352 -63.64 -20.73 -56.94
CA ASP PA 352 -63.39 -19.98 -55.70
C ASP PA 352 -62.38 -18.86 -55.89
N GLU PA 353 -62.54 -18.12 -56.98
CA GLU PA 353 -61.56 -17.10 -57.35
C GLU PA 353 -62.01 -15.69 -57.07
N GLN PA 354 -63.31 -15.43 -57.08
CA GLN PA 354 -63.98 -14.46 -56.20
C GLN PA 354 -63.74 -13.00 -56.54
N ASP PA 355 -62.77 -12.70 -57.37
CA ASP PA 355 -62.39 -11.32 -57.58
C ASP PA 355 -62.97 -10.81 -58.88
N ILE PA 356 -63.34 -9.54 -58.90
CA ILE PA 356 -64.10 -8.98 -60.01
C ILE PA 356 -63.24 -8.75 -61.23
N ARG PA 357 -62.08 -8.14 -61.04
CA ARG PA 357 -61.01 -8.34 -62.00
C ARG PA 357 -60.76 -9.83 -62.06
N LYS PA 358 -60.64 -10.36 -63.28
CA LYS PA 358 -60.69 -11.79 -63.59
C LYS PA 358 -62.09 -12.35 -63.29
N MET PA 359 -63.15 -11.57 -63.57
CA MET PA 359 -64.51 -12.11 -63.58
C MET PA 359 -65.44 -11.47 -64.61
N GLY PA 360 -64.96 -10.58 -65.46
CA GLY PA 360 -65.74 -9.59 -66.21
C GLY PA 360 -67.08 -9.91 -66.86
N GLY PA 361 -67.11 -10.85 -67.80
CA GLY PA 361 -68.34 -11.09 -68.52
C GLY PA 361 -68.95 -12.45 -68.28
N LEU PA 362 -70.00 -12.51 -67.46
CA LEU PA 362 -70.62 -13.77 -67.11
C LEU PA 362 -72.12 -13.76 -67.30
N PHE PA 363 -72.66 -12.73 -67.96
CA PHE PA 363 -74.02 -12.83 -68.45
C PHE PA 363 -74.08 -13.94 -69.49
N LYS PA 364 -75.18 -14.71 -69.45
CA LYS PA 364 -75.47 -15.92 -70.21
C LYS PA 364 -74.59 -17.11 -69.83
N ALA PA 365 -73.64 -16.95 -68.93
CA ALA PA 365 -73.14 -18.08 -68.16
C ALA PA 365 -74.16 -18.34 -67.07
N MET PA 366 -74.81 -19.51 -67.14
CA MET PA 366 -76.27 -19.62 -67.24
C MET PA 366 -77.05 -18.54 -66.51
N PRO PA 367 -77.95 -17.86 -67.22
CA PRO PA 367 -78.46 -16.58 -66.77
C PRO PA 367 -79.45 -16.63 -65.63
N PHE PA 368 -79.65 -17.79 -65.00
CA PHE PA 368 -80.40 -17.82 -63.76
C PHE PA 368 -79.70 -17.01 -62.68
N THR PA 369 -78.38 -17.14 -62.58
CA THR PA 369 -77.64 -16.35 -61.61
C THR PA 369 -77.54 -14.90 -62.03
N THR PA 370 -77.51 -14.62 -63.33
CA THR PA 370 -77.39 -13.23 -63.75
C THR PA 370 -78.71 -12.51 -63.53
N THR PA 371 -79.81 -13.19 -63.84
CA THR PA 371 -81.13 -12.69 -63.52
C THR PA 371 -81.29 -12.51 -62.03
N ALA PA 372 -80.77 -13.45 -61.25
CA ALA PA 372 -80.83 -13.38 -59.79
C ALA PA 372 -80.15 -12.13 -59.26
N LEU PA 373 -78.95 -11.86 -59.75
CA LEU PA 373 -78.24 -10.70 -59.22
C LEU PA 373 -78.80 -9.39 -59.77
N ILE PA 374 -79.34 -9.37 -60.99
CA ILE PA 374 -79.88 -8.09 -61.44
C ILE PA 374 -81.21 -7.80 -60.76
N ILE PA 375 -81.97 -8.83 -60.40
CA ILE PA 375 -83.12 -8.65 -59.52
C ILE PA 375 -82.70 -8.06 -58.19
N GLY PA 376 -81.69 -8.67 -57.56
CA GLY PA 376 -81.27 -8.22 -56.24
C GLY PA 376 -80.70 -6.81 -56.25
N SER PA 377 -79.84 -6.51 -57.21
CA SER PA 377 -79.17 -5.23 -57.18
C SER PA 377 -79.98 -4.10 -57.82
N LEU PA 378 -81.05 -4.39 -58.56
CA LEU PA 378 -81.97 -3.30 -58.84
C LEU PA 378 -83.07 -3.20 -57.82
N ALA PA 379 -83.31 -4.26 -57.05
CA ALA PA 379 -84.08 -4.09 -55.84
C ALA PA 379 -83.34 -3.24 -54.84
N LEU PA 380 -82.02 -3.22 -54.92
CA LEU PA 380 -81.28 -2.18 -54.23
C LEU PA 380 -81.62 -0.85 -54.86
N THR PA 381 -81.82 0.14 -53.98
CA THR PA 381 -82.42 1.45 -54.19
C THR PA 381 -83.92 1.38 -54.49
N GLY PA 382 -84.49 0.18 -54.65
CA GLY PA 382 -85.92 0.08 -54.87
C GLY PA 382 -86.37 0.57 -56.21
N MET PA 383 -86.17 -0.23 -57.28
CA MET PA 383 -86.89 0.00 -58.53
C MET PA 383 -88.37 0.16 -58.25
N PRO PA 384 -88.93 1.35 -58.45
CA PRO PA 384 -90.27 1.66 -57.94
C PRO PA 384 -91.36 0.99 -58.78
N PHE PA 385 -92.17 0.15 -58.14
CA PHE PA 385 -92.05 -0.13 -56.72
C PHE PA 385 -92.16 -1.60 -56.40
N LEU PA 386 -91.09 -2.08 -55.80
CA LEU PA 386 -90.85 -3.43 -55.36
C LEU PA 386 -90.74 -3.37 -53.84
N THR PA 387 -90.33 -4.48 -53.21
CA THR PA 387 -90.18 -4.54 -51.76
C THR PA 387 -89.17 -3.52 -51.25
N GLY PA 388 -88.07 -3.34 -51.98
CA GLY PA 388 -87.06 -2.40 -51.57
C GLY PA 388 -87.48 -0.95 -51.70
N PHE PA 389 -88.56 -0.67 -52.43
CA PHE PA 389 -89.05 0.69 -52.55
C PHE PA 389 -89.58 1.20 -51.23
N TYR PA 390 -90.40 0.36 -50.57
CA TYR PA 390 -91.24 0.80 -49.46
C TYR PA 390 -90.40 1.31 -48.32
N SER PA 391 -89.52 0.44 -47.83
CA SER PA 391 -88.61 0.74 -46.73
C SER PA 391 -87.80 1.99 -47.00
N LYS PA 392 -86.96 1.94 -48.03
CA LYS PA 392 -85.98 3.00 -48.29
C LYS PA 392 -86.66 4.32 -48.63
N ASP PA 393 -87.66 4.29 -49.49
CA ASP PA 393 -88.14 5.57 -49.95
C ASP PA 393 -89.14 6.20 -49.00
N LEU PA 394 -89.97 5.41 -48.32
CA LEU PA 394 -90.79 6.03 -47.29
C LEU PA 394 -89.95 6.48 -46.12
N ILE PA 395 -88.82 5.82 -45.84
CA ILE PA 395 -87.89 6.30 -44.82
C ILE PA 395 -87.30 7.65 -45.22
N ILE PA 396 -86.85 7.79 -46.47
CA ILE PA 396 -86.16 9.04 -46.79
C ILE PA 396 -87.15 10.19 -46.95
N GLU PA 397 -88.36 9.93 -47.45
CA GLU PA 397 -89.31 11.02 -47.52
C GLU PA 397 -89.89 11.37 -46.15
N SER PA 398 -90.04 10.39 -45.26
CA SER PA 398 -90.50 10.69 -43.91
C SER PA 398 -89.42 11.41 -43.12
N ALA PA 399 -88.16 11.09 -43.38
CA ALA PA 399 -87.06 11.86 -42.85
C ALA PA 399 -87.09 13.27 -43.39
N ASN PA 400 -87.44 13.42 -44.67
CA ASN PA 400 -87.52 14.73 -45.28
C ASN PA 400 -88.67 15.54 -44.70
N THR PA 401 -89.74 14.88 -44.30
CA THR PA 401 -90.83 15.54 -43.58
C THR PA 401 -90.64 15.43 -42.08
N SER PA 402 -89.46 15.80 -41.58
CA SER PA 402 -89.21 15.69 -40.16
C SER PA 402 -88.32 16.83 -39.71
N TYR PA 403 -88.43 17.18 -38.43
CA TYR PA 403 -87.58 18.19 -37.82
C TYR PA 403 -86.20 17.56 -37.67
N THR PA 404 -85.45 17.61 -38.75
CA THR PA 404 -84.27 16.77 -38.95
C THR PA 404 -83.06 17.53 -38.40
N ASN PA 405 -81.84 17.10 -38.72
CA ASN PA 405 -80.66 17.82 -38.31
C ASN PA 405 -79.95 18.45 -39.50
N ALA PA 406 -80.63 18.51 -40.65
CA ALA PA 406 -80.30 19.34 -41.82
C ALA PA 406 -79.02 18.98 -42.55
N TRP PA 407 -78.32 17.98 -42.07
CA TRP PA 407 -77.11 17.56 -42.73
C TRP PA 407 -77.25 16.09 -42.96
N ALA PA 408 -77.98 15.45 -42.05
CA ALA PA 408 -78.34 14.06 -42.22
C ALA PA 408 -79.20 13.86 -43.46
N LEU PA 409 -80.01 14.86 -43.83
CA LEU PA 409 -80.81 14.78 -45.03
C LEU PA 409 -79.92 14.70 -46.26
N LEU PA 410 -78.89 15.55 -46.31
CA LEU PA 410 -77.93 15.51 -47.41
C LEU PA 410 -77.06 14.27 -47.34
N MET PA 411 -76.86 13.71 -46.15
CA MET PA 411 -76.12 12.46 -46.05
C MET PA 411 -76.90 11.30 -46.65
N THR PA 412 -78.20 11.25 -46.38
CA THR PA 412 -79.04 10.24 -47.01
C THR PA 412 -79.09 10.43 -48.51
N LEU PA 413 -79.05 11.68 -48.97
CA LEU PA 413 -78.98 12.00 -50.39
C LEU PA 413 -77.75 11.37 -51.04
N VAL PA 414 -76.57 11.71 -50.50
CA VAL PA 414 -75.32 11.25 -51.08
C VAL PA 414 -75.17 9.74 -50.92
N ALA PA 415 -75.72 9.18 -49.84
CA ALA PA 415 -75.62 7.75 -49.63
C ALA PA 415 -76.50 6.98 -50.60
N THR PA 416 -77.68 7.51 -50.93
CA THR PA 416 -78.52 6.86 -51.91
C THR PA 416 -77.88 6.89 -53.28
N SER PA 417 -77.26 8.02 -53.62
CA SER PA 417 -76.53 8.14 -54.89
C SER PA 417 -75.38 7.14 -54.96
N PHE PA 418 -74.63 7.02 -53.87
CA PHE PA 418 -73.49 6.12 -53.85
C PHE PA 418 -73.94 4.67 -53.94
N THR PA 419 -75.04 4.32 -53.28
CA THR PA 419 -75.43 2.93 -53.31
C THR PA 419 -75.96 2.55 -54.67
N ALA PA 420 -76.55 3.53 -55.38
CA ALA PA 420 -76.88 3.35 -56.78
C ALA PA 420 -75.63 3.10 -57.62
N ILE PA 421 -74.56 3.88 -57.40
CA ILE PA 421 -73.47 3.80 -58.36
C ILE PA 421 -72.62 2.56 -58.14
N TYR PA 422 -72.42 2.11 -56.89
CA TYR PA 422 -71.66 0.87 -56.80
C TYR PA 422 -72.51 -0.34 -57.13
N SER PA 423 -73.83 -0.26 -56.93
CA SER PA 423 -74.69 -1.34 -57.42
C SER PA 423 -74.56 -1.52 -58.92
N THR PA 424 -74.68 -0.42 -59.67
CA THR PA 424 -74.59 -0.52 -61.12
C THR PA 424 -73.17 -0.87 -61.57
N ARG PA 425 -72.16 -0.42 -60.83
CA ARG PA 425 -70.80 -0.78 -61.21
C ARG PA 425 -70.53 -2.25 -60.99
N ILE PA 426 -71.05 -2.82 -59.91
CA ILE PA 426 -70.77 -4.22 -59.68
C ILE PA 426 -71.56 -5.10 -60.65
N ILE PA 427 -72.72 -4.62 -61.10
CA ILE PA 427 -73.43 -5.37 -62.15
C ILE PA 427 -72.65 -5.32 -63.46
N PHE PA 428 -72.15 -4.13 -63.82
CA PHE PA 428 -71.44 -3.97 -65.07
C PHE PA 428 -70.15 -4.78 -65.10
N PHE PA 429 -69.32 -4.61 -64.07
CA PHE PA 429 -68.08 -5.36 -64.00
C PHE PA 429 -68.31 -6.85 -63.81
N ALA PA 430 -69.45 -7.24 -63.26
CA ALA PA 430 -69.61 -8.66 -63.01
C ALA PA 430 -70.15 -9.39 -64.23
N LEU PA 431 -71.09 -8.78 -64.93
CA LEU PA 431 -71.97 -9.55 -65.80
C LEU PA 431 -71.84 -9.20 -67.28
N LEU PA 432 -71.97 -7.93 -67.62
CA LEU PA 432 -72.12 -7.51 -69.01
C LEU PA 432 -70.88 -6.81 -69.54
N GLY PA 433 -69.72 -7.31 -69.16
CA GLY PA 433 -68.46 -6.84 -69.69
C GLY PA 433 -67.99 -7.71 -70.84
N GLN PA 434 -66.69 -7.94 -70.88
CA GLN PA 434 -66.18 -8.96 -71.76
C GLN PA 434 -65.45 -10.02 -70.95
N PRO PA 435 -65.68 -11.29 -71.25
CA PRO PA 435 -65.33 -12.36 -70.30
C PRO PA 435 -63.85 -12.58 -70.14
N ARG PA 436 -63.31 -12.14 -69.01
CA ARG PA 436 -61.93 -12.43 -68.66
C ARG PA 436 -62.04 -13.19 -67.34
N PHE PA 437 -61.49 -14.41 -67.34
CA PHE PA 437 -61.43 -15.33 -66.21
C PHE PA 437 -60.68 -16.50 -66.82
N PRO PA 438 -59.92 -17.27 -66.04
CA PRO PA 438 -59.04 -18.26 -66.67
C PRO PA 438 -59.85 -19.38 -67.28
N THR PA 439 -59.26 -20.00 -68.27
CA THR PA 439 -59.97 -20.95 -69.10
C THR PA 439 -60.14 -22.30 -68.39
N LEU PA 440 -60.53 -23.30 -69.18
CA LEU PA 440 -61.13 -24.55 -68.71
C LEU PA 440 -62.32 -24.22 -67.82
N ILE PA 441 -63.36 -23.72 -68.49
CA ILE PA 441 -64.60 -23.39 -67.81
C ILE PA 441 -65.19 -24.65 -67.23
N ASN PA 442 -65.76 -24.54 -66.05
CA ASN PA 442 -66.43 -25.65 -65.41
C ASN PA 442 -67.70 -25.17 -64.75
N ILE PA 443 -68.40 -24.29 -65.45
CA ILE PA 443 -69.59 -23.63 -64.94
C ILE PA 443 -70.75 -24.62 -64.97
N ASN PA 444 -71.46 -24.74 -63.86
CA ASN PA 444 -72.66 -25.59 -63.79
C ASN PA 444 -73.57 -25.03 -62.73
N GLU PA 445 -74.85 -24.88 -63.07
CA GLU PA 445 -75.88 -24.62 -62.09
C GLU PA 445 -77.10 -25.52 -62.26
N ASN PA 446 -77.02 -26.54 -63.11
CA ASN PA 446 -78.10 -27.51 -63.16
C ASN PA 446 -78.00 -28.36 -61.90
N ASN PA 447 -78.66 -27.90 -60.88
CA ASN PA 447 -78.43 -28.31 -59.52
C ASN PA 447 -79.68 -28.00 -58.73
N PRO PA 448 -80.39 -29.01 -58.22
CA PRO PA 448 -81.73 -28.78 -57.68
C PRO PA 448 -81.75 -27.91 -56.44
N PHE PA 449 -80.73 -28.02 -55.60
CA PHE PA 449 -80.73 -27.29 -54.34
C PHE PA 449 -80.51 -25.81 -54.59
N LEU PA 450 -79.68 -25.45 -55.55
CA LEU PA 450 -79.43 -24.04 -55.77
C LEU PA 450 -80.61 -23.36 -56.44
N ILE PA 451 -81.24 -24.01 -57.42
CA ILE PA 451 -82.39 -23.37 -58.05
C ILE PA 451 -83.55 -23.33 -57.07
N ASN PA 452 -83.65 -24.30 -56.16
CA ASN PA 452 -84.64 -24.22 -55.10
C ASN PA 452 -84.40 -23.04 -54.19
N SER PA 453 -83.16 -22.84 -53.79
CA SER PA 453 -82.86 -21.78 -52.83
C SER PA 453 -83.01 -20.40 -53.46
N ILE PA 454 -82.44 -20.20 -54.65
CA ILE PA 454 -82.52 -18.89 -55.30
C ILE PA 454 -83.94 -18.61 -55.76
N LYS PA 455 -84.65 -19.63 -56.24
CA LYS PA 455 -86.06 -19.52 -56.58
C LYS PA 455 -86.86 -19.04 -55.39
N ARG PA 456 -86.65 -19.68 -54.25
CA ARG PA 456 -87.37 -19.34 -53.04
C ARG PA 456 -87.06 -17.92 -52.58
N LEU PA 457 -85.82 -17.47 -52.75
CA LEU PA 457 -85.52 -16.14 -52.26
C LEU PA 457 -85.87 -15.01 -53.22
N LEU PA 458 -85.90 -15.23 -54.52
CA LEU PA 458 -86.45 -14.15 -55.34
C LEU PA 458 -87.96 -14.09 -55.20
N ILE PA 459 -88.62 -15.25 -55.05
CA ILE PA 459 -90.05 -15.28 -54.79
C ILE PA 459 -90.36 -14.66 -53.43
N GLY PA 460 -89.46 -14.79 -52.47
CA GLY PA 460 -89.60 -14.05 -51.23
C GLY PA 460 -89.43 -12.56 -51.42
N SER PA 461 -88.25 -12.14 -51.90
CA SER PA 461 -87.92 -10.72 -51.96
C SER PA 461 -88.65 -9.96 -53.04
N LEU PA 462 -89.54 -10.58 -53.81
CA LEU PA 462 -90.40 -9.81 -54.70
C LEU PA 462 -91.76 -9.47 -54.11
N PHE PA 463 -92.24 -10.23 -53.12
CA PHE PA 463 -93.58 -10.04 -52.61
C PHE PA 463 -93.65 -9.69 -51.13
N ALA PA 464 -92.64 -10.09 -50.34
CA ALA PA 464 -92.78 -10.07 -48.89
C ALA PA 464 -92.80 -8.67 -48.33
N GLY PA 465 -92.13 -7.72 -48.99
CA GLY PA 465 -92.21 -6.34 -48.56
C GLY PA 465 -93.60 -5.77 -48.67
N PHE PA 466 -94.27 -6.02 -49.80
CA PHE PA 466 -95.66 -5.58 -49.96
C PHE PA 466 -96.60 -6.30 -49.01
N ILE PA 467 -96.40 -7.61 -48.83
CA ILE PA 467 -97.30 -8.37 -47.97
C ILE PA 467 -97.16 -7.95 -46.52
N ILE PA 468 -95.94 -7.73 -46.05
CA ILE PA 468 -95.76 -7.33 -44.66
C ILE PA 468 -96.17 -5.87 -44.45
N SER PA 469 -95.74 -4.97 -45.34
CA SER PA 469 -96.06 -3.55 -45.20
C SER PA 469 -97.54 -3.26 -45.37
N ASN PA 470 -98.28 -4.16 -46.02
CA ASN PA 470 -99.71 -3.96 -46.15
C ASN PA 470 -100.41 -4.16 -44.81
N ASN PA 471 -100.27 -5.34 -44.21
CA ASN PA 471 -101.01 -5.64 -43.00
C ASN PA 471 -100.21 -5.41 -41.72
N ILE PA 472 -99.57 -4.26 -41.58
CA ILE PA 472 -99.09 -3.93 -40.24
C ILE PA 472 -100.27 -3.24 -39.56
N PRO PA 473 -100.48 -3.46 -38.27
CA PRO PA 473 -101.28 -2.53 -37.50
C PRO PA 473 -100.62 -1.17 -37.51
N PRO PA 474 -101.35 -0.12 -37.82
CA PRO PA 474 -100.71 1.19 -38.04
C PRO PA 474 -100.19 1.78 -36.74
N MET PA 475 -98.89 1.66 -36.56
CA MET PA 475 -98.23 2.02 -35.32
C MET PA 475 -97.69 3.43 -35.34
N THR PA 476 -97.98 4.18 -36.39
CA THR PA 476 -97.64 5.59 -36.46
C THR PA 476 -98.60 6.25 -37.43
N ILE PA 477 -98.55 7.58 -37.46
CA ILE PA 477 -99.37 8.37 -38.39
C ILE PA 477 -98.52 8.62 -39.64
N PRO PA 478 -98.91 8.09 -40.79
CA PRO PA 478 -98.15 8.35 -42.02
C PRO PA 478 -98.30 9.79 -42.46
N GLN PA 479 -97.22 10.32 -43.05
CA GLN PA 479 -97.21 11.74 -43.39
C GLN PA 479 -97.91 12.01 -44.71
N MET PA 480 -97.37 11.47 -45.81
CA MET PA 480 -98.01 11.35 -47.12
C MET PA 480 -98.28 12.69 -47.81
N THR PA 481 -98.03 13.82 -47.14
CA THR PA 481 -98.32 15.13 -47.70
C THR PA 481 -96.99 15.82 -47.96
N MET PA 482 -96.41 15.49 -49.03
CA MET PA 482 -95.11 16.11 -49.26
C MET PA 482 -95.26 17.28 -50.21
N PRO PA 483 -94.36 18.26 -50.12
CA PRO PA 483 -94.26 19.25 -51.19
C PRO PA 483 -93.76 18.60 -52.47
N HIS PA 484 -93.92 19.35 -53.55
CA HIS PA 484 -93.33 18.93 -54.81
C HIS PA 484 -91.81 19.06 -54.71
N TYR PA 485 -91.12 18.39 -55.63
CA TYR PA 485 -89.67 18.18 -55.66
C TYR PA 485 -89.09 17.65 -54.34
N LEU PA 486 -89.90 16.98 -53.52
CA LEU PA 486 -89.38 16.28 -52.36
C LEU PA 486 -89.87 14.84 -52.30
N LYS PA 487 -90.85 14.47 -53.10
CA LYS PA 487 -91.22 13.07 -53.30
C LYS PA 487 -90.59 12.50 -54.55
N MET PA 488 -90.33 13.35 -55.52
CA MET PA 488 -89.61 12.99 -56.73
C MET PA 488 -88.15 12.62 -56.44
N THR PA 489 -87.61 13.07 -55.31
CA THR PA 489 -86.17 13.11 -55.10
C THR PA 489 -85.56 11.71 -54.95
N ALA PA 490 -86.34 10.72 -54.51
CA ALA PA 490 -85.84 9.37 -54.36
C ALA PA 490 -85.45 8.78 -55.71
N LEU PA 491 -86.44 8.72 -56.61
CA LEU PA 491 -86.22 8.30 -57.98
C LEU PA 491 -85.22 9.20 -58.70
N THR PA 492 -85.19 10.50 -58.36
CA THR PA 492 -84.23 11.42 -58.95
C THR PA 492 -82.80 11.00 -58.65
N VAL PA 493 -82.53 10.72 -57.37
CA VAL PA 493 -81.16 10.39 -56.96
C VAL PA 493 -80.76 9.01 -57.46
N THR PA 494 -81.68 8.05 -57.46
CA THR PA 494 -81.32 6.73 -57.97
C THR PA 494 -81.10 6.74 -59.48
N ILE PA 495 -81.88 7.53 -60.22
CA ILE PA 495 -81.68 7.63 -61.66
C ILE PA 495 -80.37 8.32 -62.00
N LEU PA 496 -80.03 9.41 -61.28
CA LEU PA 496 -78.75 10.05 -61.56
C LEU PA 496 -77.59 9.17 -61.12
N GLY PA 497 -77.81 8.31 -60.13
CA GLY PA 497 -76.80 7.32 -59.79
C GLY PA 497 -76.57 6.33 -60.92
N PHE PA 498 -77.65 5.83 -61.53
CA PHE PA 498 -77.51 4.92 -62.66
C PHE PA 498 -76.77 5.58 -63.82
N ILE PA 499 -77.15 6.82 -64.14
CA ILE PA 499 -76.53 7.52 -65.26
C ILE PA 499 -75.06 7.82 -64.97
N LEU PA 500 -74.74 8.14 -63.72
CA LEU PA 500 -73.36 8.49 -63.36
C LEU PA 500 -72.47 7.26 -63.42
N ALA PA 501 -72.96 6.11 -62.94
CA ALA PA 501 -72.18 4.89 -63.08
C ALA PA 501 -72.07 4.47 -64.53
N LEU PA 502 -73.10 4.75 -65.34
CA LEU PA 502 -73.04 4.45 -66.76
C LEU PA 502 -71.95 5.26 -67.45
N GLU PA 503 -71.84 6.54 -67.12
CA GLU PA 503 -70.81 7.32 -67.80
C GLU PA 503 -69.42 6.99 -67.28
N ILE PA 504 -69.29 6.57 -66.01
CA ILE PA 504 -67.99 6.08 -65.54
C ILE PA 504 -67.60 4.81 -66.28
N SER PA 505 -68.58 3.94 -66.53
CA SER PA 505 -68.37 2.73 -67.31
C SER PA 505 -67.89 3.05 -68.73
N ASN PA 506 -68.55 3.99 -69.38
CA ASN PA 506 -68.14 4.31 -70.73
C ASN PA 506 -66.88 5.17 -70.78
N THR PA 507 -66.40 5.66 -69.63
CA THR PA 507 -65.02 6.12 -69.58
C THR PA 507 -64.05 4.97 -69.32
N THR PA 508 -64.53 3.89 -68.72
CA THR PA 508 -63.65 2.75 -68.50
C THR PA 508 -63.39 2.01 -69.81
N HIS PA 509 -64.30 2.16 -70.78
CA HIS PA 509 -64.06 1.62 -72.13
C HIS PA 509 -62.87 2.27 -72.82
N TYR PA 510 -62.52 3.50 -72.45
CA TYR PA 510 -61.44 4.24 -73.08
C TYR PA 510 -60.10 3.66 -72.69
N LEU PA 511 -59.04 4.25 -73.22
CA LEU PA 511 -57.69 3.90 -72.80
C LEU PA 511 -56.90 5.18 -72.58
N LYS PA 512 -56.48 5.40 -71.35
CA LYS PA 512 -55.54 6.48 -71.05
C LYS PA 512 -54.49 6.08 -70.02
N PHE PA 513 -54.77 5.12 -69.13
CA PHE PA 513 -53.98 4.81 -67.94
C PHE PA 513 -53.74 6.07 -67.10
N ASN PA 514 -54.80 6.48 -66.45
CA ASN PA 514 -54.76 7.60 -65.52
C ASN PA 514 -54.04 7.21 -64.23
N TYR PA 515 -54.09 8.10 -63.26
CA TYR PA 515 -53.22 8.10 -62.09
C TYR PA 515 -54.02 8.12 -60.80
N PRO PA 516 -53.44 7.69 -59.69
CA PRO PA 516 -54.13 7.82 -58.40
C PRO PA 516 -54.27 9.29 -57.99
N SER PA 517 -55.49 9.70 -57.67
CA SER PA 517 -55.78 11.09 -57.34
C SER PA 517 -56.04 11.30 -55.86
N ASN PA 518 -55.76 10.29 -55.03
CA ASN PA 518 -55.78 10.26 -53.57
C ASN PA 518 -57.19 10.28 -52.98
N THR PA 519 -58.20 10.65 -53.76
CA THR PA 519 -59.56 10.38 -53.35
C THR PA 519 -59.97 8.99 -53.76
N PHE PA 520 -59.45 8.58 -54.93
CA PHE PA 520 -59.36 7.17 -55.29
C PHE PA 520 -58.76 6.36 -54.15
N LYS PA 521 -57.66 6.84 -53.59
CA LYS PA 521 -56.97 6.08 -52.56
C LYS PA 521 -57.74 6.10 -51.25
N PHE PA 522 -58.37 7.23 -50.94
CA PHE PA 522 -59.21 7.30 -49.75
C PHE PA 522 -60.43 6.41 -49.87
N SER PA 523 -60.92 6.16 -51.08
CA SER PA 523 -62.04 5.25 -51.17
C SER PA 523 -61.60 3.81 -51.23
N ASN PA 524 -60.47 3.55 -51.89
CA ASN PA 524 -60.09 2.18 -52.15
C ASN PA 524 -59.39 1.57 -50.96
N LEU PA 525 -58.49 2.30 -50.32
CA LEU PA 525 -57.74 1.70 -49.23
C LEU PA 525 -58.43 1.96 -47.89
N LEU PA 526 -59.74 1.70 -47.88
CA LEU PA 526 -60.55 1.51 -46.68
C LEU PA 526 -60.62 2.77 -45.81
N GLY PA 527 -60.63 3.93 -46.45
CA GLY PA 527 -59.64 4.94 -46.17
C GLY PA 527 -59.15 5.07 -44.76
N TYR PA 528 -57.94 4.55 -44.58
CA TYR PA 528 -56.99 4.84 -43.53
C TYR PA 528 -57.44 4.40 -42.13
N TYR PA 529 -58.70 4.02 -41.95
CA TYR PA 529 -59.11 3.70 -40.60
C TYR PA 529 -58.67 2.30 -40.18
N PRO PA 530 -58.90 1.21 -40.93
CA PRO PA 530 -58.44 -0.09 -40.43
C PRO PA 530 -56.95 -0.19 -40.37
N THR PA 531 -56.25 0.41 -41.33
CA THR PA 531 -54.80 0.40 -41.31
C THR PA 531 -54.25 1.18 -40.13
N ILE PA 532 -54.76 2.39 -39.89
CA ILE PA 532 -54.25 3.20 -38.78
C ILE PA 532 -54.58 2.56 -37.44
N MET PA 533 -55.82 2.14 -37.23
CA MET PA 533 -56.19 1.67 -35.90
C MET PA 533 -55.61 0.29 -35.63
N HIS PA 534 -55.59 -0.58 -36.62
CA HIS PA 534 -55.07 -1.91 -36.40
C HIS PA 534 -53.55 -1.96 -36.43
N ARG PA 535 -52.89 -0.87 -36.79
CA ARG PA 535 -51.45 -0.81 -36.61
C ARG PA 535 -51.02 0.14 -35.52
N LEU PA 536 -51.94 0.84 -34.89
CA LEU PA 536 -51.54 1.72 -33.81
C LEU PA 536 -52.03 1.27 -32.45
N THR PA 537 -53.30 0.89 -32.33
CA THR PA 537 -53.75 0.36 -31.04
C THR PA 537 -53.16 -0.98 -30.59
N PRO PA 538 -52.71 -1.92 -31.46
CA PRO PA 538 -52.03 -3.09 -30.89
C PRO PA 538 -50.63 -2.77 -30.44
N TYR PA 539 -49.95 -1.92 -31.19
CA TYR PA 539 -48.56 -1.62 -30.88
C TYR PA 539 -48.44 -0.80 -29.61
N MET PA 540 -49.43 0.03 -29.29
CA MET PA 540 -49.30 0.87 -28.11
C MET PA 540 -49.49 0.06 -26.84
N ASN PA 541 -50.52 -0.79 -26.80
CA ASN PA 541 -50.79 -1.55 -25.59
C ASN PA 541 -49.73 -2.59 -25.34
N LEU PA 542 -49.07 -3.04 -26.38
CA LEU PA 542 -48.03 -4.02 -26.20
C LEU PA 542 -46.65 -3.42 -26.07
N THR PA 543 -46.48 -2.17 -26.45
CA THR PA 543 -45.33 -1.45 -25.93
C THR PA 543 -45.46 -1.27 -24.43
N MET PA 544 -46.66 -0.89 -23.97
CA MET PA 544 -46.84 -0.67 -22.54
C MET PA 544 -46.91 -1.97 -21.76
N SER PA 545 -47.22 -3.10 -22.40
CA SER PA 545 -47.20 -4.35 -21.68
C SER PA 545 -45.79 -4.82 -21.40
N GLN PA 546 -44.86 -4.53 -22.30
CA GLN PA 546 -43.50 -5.02 -22.15
C GLN PA 546 -42.67 -4.14 -21.25
N LYS PA 547 -42.52 -2.88 -21.65
CA LYS PA 547 -41.64 -1.98 -20.93
C LYS PA 547 -42.22 -1.63 -19.57
N SER PA 548 -43.39 -1.02 -19.56
CA SER PA 548 -43.97 -0.52 -18.31
C SER PA 548 -44.43 -1.66 -17.44
N ALA PA 549 -45.27 -2.54 -17.97
CA ALA PA 549 -45.97 -3.50 -17.12
C ALA PA 549 -45.05 -4.63 -16.67
N SER PA 550 -44.58 -5.44 -17.62
CA SER PA 550 -43.97 -6.71 -17.23
C SER PA 550 -42.54 -6.52 -16.78
N SER PA 551 -41.66 -6.10 -17.67
CA SER PA 551 -40.25 -6.09 -17.31
C SER PA 551 -39.91 -4.94 -16.40
N LEU PA 552 -40.74 -3.90 -16.34
CA LEU PA 552 -40.38 -2.78 -15.52
C LEU PA 552 -41.08 -2.76 -14.18
N LEU PA 553 -42.41 -2.76 -14.15
CA LEU PA 553 -43.07 -2.42 -12.89
C LEU PA 553 -43.10 -3.62 -11.95
N ASP PA 554 -43.78 -4.69 -12.36
CA ASP PA 554 -44.09 -5.78 -11.43
C ASP PA 554 -42.83 -6.51 -11.02
N LEU PA 555 -42.14 -7.11 -11.99
CA LEU PA 555 -40.94 -7.91 -11.78
C LEU PA 555 -39.86 -7.14 -11.06
N ILE PA 556 -39.30 -6.15 -11.74
CA ILE PA 556 -38.04 -5.65 -11.26
C ILE PA 556 -38.25 -4.64 -10.12
N TRP PA 557 -39.30 -3.81 -10.18
CA TRP PA 557 -39.45 -2.91 -9.04
C TRP PA 557 -40.14 -3.55 -7.88
N LEU PA 558 -41.10 -4.45 -8.11
CA LEU PA 558 -41.77 -4.99 -6.96
C LEU PA 558 -40.89 -6.02 -6.26
N GLU PA 559 -40.03 -6.74 -6.99
CA GLU PA 559 -39.00 -7.52 -6.34
C GLU PA 559 -37.91 -6.67 -5.72
N THR PA 560 -37.63 -5.48 -6.23
CA THR PA 560 -36.59 -4.71 -5.56
C THR PA 560 -37.12 -3.82 -4.47
N ILE PA 561 -38.43 -3.78 -4.24
CA ILE PA 561 -38.92 -3.09 -3.08
C ILE PA 561 -39.30 -4.05 -1.96
N LEU PA 562 -40.03 -5.14 -2.24
CA LEU PA 562 -40.39 -5.92 -1.05
C LEU PA 562 -39.36 -7.00 -0.70
N PRO PA 563 -38.90 -7.90 -1.61
CA PRO PA 563 -37.83 -8.82 -1.20
C PRO PA 563 -36.43 -8.24 -1.09
N LYS PA 564 -35.95 -7.55 -2.13
CA LYS PA 564 -34.51 -7.30 -2.24
C LYS PA 564 -34.00 -6.39 -1.15
N THR PA 565 -34.81 -5.42 -0.73
CA THR PA 565 -34.46 -4.60 0.42
C THR PA 565 -34.27 -5.45 1.66
N ILE PA 566 -35.17 -6.39 1.89
CA ILE PA 566 -35.06 -7.28 3.03
C ILE PA 566 -33.85 -8.19 2.90
N SER PA 567 -33.61 -8.73 1.71
CA SER PA 567 -32.53 -9.68 1.52
C SER PA 567 -31.17 -9.02 1.65
N LEU PA 568 -31.03 -7.81 1.10
CA LEU PA 568 -29.78 -7.08 1.28
C LEU PA 568 -29.59 -6.67 2.72
N ALA PA 569 -30.66 -6.26 3.42
CA ALA PA 569 -30.51 -5.86 4.81
C ALA PA 569 -30.09 -7.02 5.68
N GLN PA 570 -30.73 -8.17 5.50
CA GLN PA 570 -30.37 -9.35 6.27
C GLN PA 570 -28.97 -9.86 5.92
N MET PA 571 -28.59 -9.80 4.65
CA MET PA 571 -27.28 -10.32 4.26
C MET PA 571 -26.16 -9.44 4.77
N LYS PA 572 -26.29 -8.12 4.60
CA LYS PA 572 -25.28 -7.21 5.12
C LYS PA 572 -25.21 -7.26 6.64
N MET PA 573 -26.35 -7.41 7.31
CA MET PA 573 -26.28 -7.41 8.76
C MET PA 573 -25.72 -8.71 9.29
N SER PA 574 -25.91 -9.82 8.58
CA SER PA 574 -25.21 -11.03 8.94
C SER PA 574 -23.71 -10.83 8.77
N THR PA 575 -23.30 -10.32 7.63
CA THR PA 575 -21.88 -10.17 7.37
C THR PA 575 -21.23 -9.03 8.15
N THR PA 576 -21.95 -8.29 8.99
CA THR PA 576 -21.27 -7.47 9.99
C THR PA 576 -21.56 -7.84 11.43
N ILE PA 577 -22.48 -8.76 11.71
CA ILE PA 577 -22.57 -9.24 13.08
C ILE PA 577 -21.63 -10.42 13.27
N THR PA 578 -21.79 -11.46 12.45
CA THR PA 578 -21.05 -12.67 12.72
C THR PA 578 -19.73 -12.76 11.96
N SER PA 579 -19.31 -11.68 11.33
CA SER PA 579 -18.00 -11.67 10.69
C SER PA 579 -16.95 -11.11 11.64
N GLN PA 580 -16.84 -11.76 12.80
CA GLN PA 580 -15.91 -11.34 13.84
C GLN PA 580 -14.89 -12.44 14.05
N LYS PA 581 -13.64 -12.13 13.81
CA LYS PA 581 -12.54 -13.05 14.03
C LYS PA 581 -12.40 -13.38 15.52
N GLY PA 582 -11.86 -14.56 15.78
CA GLY PA 582 -11.91 -15.15 17.11
C GLY PA 582 -10.77 -14.86 18.07
N LEU PA 583 -10.72 -13.66 18.64
CA LEU PA 583 -9.79 -13.38 19.74
C LEU PA 583 -10.60 -13.18 21.01
N ILE PA 584 -9.91 -12.97 22.13
CA ILE PA 584 -10.60 -12.92 23.42
C ILE PA 584 -10.71 -11.50 23.93
N LYS PA 585 -9.66 -10.72 23.69
CA LYS PA 585 -9.54 -9.35 24.14
C LYS PA 585 -10.64 -8.47 23.54
N LEU PA 586 -11.10 -8.81 22.34
CA LEU PA 586 -12.27 -8.18 21.75
C LEU PA 586 -13.51 -8.42 22.59
N TYR PA 587 -13.72 -9.67 23.00
CA TYR PA 587 -14.95 -10.04 23.67
C TYR PA 587 -15.00 -9.42 25.06
N PHE PA 588 -13.86 -9.36 25.72
CA PHE PA 588 -13.87 -8.73 27.03
C PHE PA 588 -13.92 -7.22 26.98
N LEU PA 589 -13.32 -6.57 25.97
CA LEU PA 589 -13.56 -5.14 25.83
C LEU PA 589 -15.02 -4.85 25.50
N SER PA 590 -15.66 -5.74 24.76
CA SER PA 590 -17.08 -5.56 24.49
C SER PA 590 -17.90 -5.68 25.76
N PHE PA 591 -17.54 -6.64 26.62
CA PHE PA 591 -18.19 -6.76 27.93
C PHE PA 591 -18.02 -5.51 28.75
N LEU PA 592 -16.81 -4.94 28.75
CA LEU PA 592 -16.54 -3.79 29.60
C LEU PA 592 -17.30 -2.57 29.13
N ILE PA 593 -17.35 -2.36 27.82
CA ILE PA 593 -18.04 -1.18 27.34
C ILE PA 593 -19.54 -1.39 27.51
N THR PA 594 -20.00 -2.64 27.46
CA THR PA 594 -21.41 -2.90 27.71
C THR PA 594 -21.78 -2.61 29.16
N ILE PA 595 -20.91 -3.00 30.09
CA ILE PA 595 -21.15 -2.72 31.50
C ILE PA 595 -21.17 -1.22 31.77
N LEU PA 596 -20.19 -0.49 31.23
CA LEU PA 596 -20.17 0.96 31.46
C LEU PA 596 -21.36 1.65 30.81
N ILE PA 597 -21.71 1.27 29.59
CA ILE PA 597 -22.76 1.94 28.85
C ILE PA 597 -24.14 1.51 29.32
N SER PA 598 -24.21 0.45 30.14
CA SER PA 598 -25.45 0.07 30.79
C SER PA 598 -25.57 0.63 32.19
N THR PA 599 -24.45 0.82 32.88
CA THR PA 599 -24.51 1.43 34.21
C THR PA 599 -24.78 2.91 34.10
N THR PA 600 -23.87 3.65 33.48
CA THR PA 600 -24.00 5.08 33.65
C THR PA 600 -24.71 5.78 32.49
N LEU PA 601 -24.58 5.32 31.26
CA LEU PA 601 -25.12 6.11 30.16
C LEU PA 601 -26.60 5.87 29.98
N LEU PA 602 -26.97 4.67 29.57
CA LEU PA 602 -28.37 4.27 29.54
C LEU PA 602 -28.56 3.42 30.79
N ASN PA 603 -28.88 4.08 31.88
CA ASN PA 603 -28.85 3.45 33.18
C ASN PA 603 -29.94 2.40 33.32
N PHE PA 604 -29.64 1.38 34.10
CA PHE PA 604 -30.57 0.31 34.39
C PHE PA 604 -30.84 0.15 35.87
N HIS PA 605 -30.11 0.86 36.72
CA HIS PA 605 -30.29 0.79 38.16
C HIS PA 605 -30.85 2.07 38.75
N GLU PA 606 -31.42 2.95 37.93
CA GLU PA 606 -31.89 4.23 38.43
C GLU PA 606 -33.36 4.48 38.10
N MET QA 1 -70.18 -33.22 11.98
CA MET QA 1 -69.06 -32.85 11.13
C MET QA 1 -67.91 -33.83 11.31
N LEU QA 2 -67.78 -34.38 12.52
CA LEU QA 2 -66.84 -35.46 12.76
C LEU QA 2 -67.14 -36.68 11.91
N LYS QA 3 -68.40 -36.85 11.49
CA LYS QA 3 -68.77 -37.78 10.43
C LYS QA 3 -68.07 -37.50 9.11
N TYR QA 4 -67.51 -36.32 8.90
CA TYR QA 4 -66.69 -36.07 7.73
C TYR QA 4 -65.23 -36.07 8.07
N ILE QA 5 -64.91 -35.68 9.30
CA ILE QA 5 -63.52 -35.61 9.69
C ILE QA 5 -62.92 -37.00 9.77
N ILE QA 6 -63.59 -37.89 10.48
CA ILE QA 6 -62.98 -39.19 10.80
C ILE QA 6 -62.87 -40.16 9.62
N PRO QA 7 -63.72 -40.19 8.56
CA PRO QA 7 -63.32 -41.03 7.44
C PRO QA 7 -62.23 -40.41 6.59
N THR QA 8 -62.09 -39.09 6.63
CA THR QA 8 -60.96 -38.47 5.95
C THR QA 8 -59.65 -38.82 6.64
N MET QA 9 -59.67 -38.96 7.97
CA MET QA 9 -58.54 -39.58 8.65
C MET QA 9 -58.38 -41.02 8.21
N MET QA 10 -59.45 -41.80 8.27
CA MET QA 10 -59.28 -43.24 8.04
C MET QA 10 -59.09 -43.58 6.58
N LEU QA 11 -59.04 -42.59 5.71
CA LEU QA 11 -58.56 -42.79 4.37
C LEU QA 11 -57.04 -42.78 4.32
N MET QA 12 -56.38 -42.34 5.38
CA MET QA 12 -54.92 -42.32 5.43
C MET QA 12 -54.25 -43.65 5.76
N PRO QA 13 -54.64 -44.42 6.80
CA PRO QA 13 -53.97 -45.72 6.97
C PRO QA 13 -54.37 -46.72 5.92
N LEU QA 14 -55.50 -46.51 5.27
CA LEU QA 14 -55.87 -47.19 4.03
C LEU QA 14 -54.71 -47.19 3.04
N THR QA 15 -54.20 -46.00 2.74
CA THR QA 15 -53.20 -45.84 1.69
C THR QA 15 -51.87 -46.44 2.12
N TRP QA 16 -51.60 -46.49 3.42
CA TRP QA 16 -50.42 -47.20 3.87
C TRP QA 16 -50.57 -48.69 3.68
N LEU QA 17 -51.60 -49.28 4.29
CA LEU QA 17 -51.73 -50.72 4.13
C LEU QA 17 -52.60 -51.12 2.94
N SER QA 18 -52.36 -50.51 1.79
CA SER QA 18 -52.57 -51.16 0.52
C SER QA 18 -51.21 -51.36 -0.14
N LYS QA 19 -51.18 -52.08 -1.27
CA LYS QA 19 -49.91 -52.36 -1.94
C LYS QA 19 -49.88 -51.80 -3.36
N ASN QA 20 -48.86 -52.20 -4.12
CA ASN QA 20 -48.78 -51.91 -5.56
C ASN QA 20 -50.03 -52.40 -6.27
N SER QA 21 -50.52 -51.56 -7.19
CA SER QA 21 -51.77 -51.78 -7.94
C SER QA 21 -52.96 -51.99 -7.01
N MET QA 22 -52.89 -51.43 -5.83
CA MET QA 22 -53.92 -51.62 -4.84
C MET QA 22 -54.23 -50.34 -4.06
N ILE QA 23 -53.29 -49.40 -3.97
CA ILE QA 23 -53.53 -48.12 -3.31
C ILE QA 23 -54.56 -47.31 -4.07
N TRP QA 24 -54.54 -47.44 -5.39
CA TRP QA 24 -55.13 -46.43 -6.25
C TRP QA 24 -56.64 -46.51 -6.23
N ILE QA 25 -57.15 -47.73 -6.35
CA ILE QA 25 -58.57 -47.96 -6.41
C ILE QA 25 -59.22 -47.59 -5.08
N ASN QA 26 -58.53 -47.90 -3.98
CA ASN QA 26 -59.03 -47.63 -2.65
C ASN QA 26 -59.14 -46.14 -2.40
N THR QA 27 -58.05 -45.42 -2.66
CA THR QA 27 -58.03 -43.97 -2.47
C THR QA 27 -59.09 -43.28 -3.31
N THR QA 28 -59.14 -43.58 -4.61
CA THR QA 28 -60.02 -42.85 -5.50
C THR QA 28 -61.48 -43.16 -5.22
N LEU QA 29 -61.81 -44.45 -5.09
CA LEU QA 29 -63.16 -44.89 -4.75
C LEU QA 29 -63.65 -44.27 -3.47
N HIS QA 30 -62.84 -44.36 -2.42
CA HIS QA 30 -63.31 -43.90 -1.13
C HIS QA 30 -63.37 -42.38 -1.06
N SER QA 31 -62.52 -41.69 -1.82
CA SER QA 31 -62.62 -40.25 -1.83
C SER QA 31 -63.89 -39.78 -2.53
N LEU QA 32 -64.30 -40.49 -3.58
CA LEU QA 32 -65.59 -40.19 -4.19
C LEU QA 32 -66.74 -40.48 -3.25
N LEU QA 33 -66.61 -41.53 -2.44
CA LEU QA 33 -67.61 -41.80 -1.42
C LEU QA 33 -67.73 -40.64 -0.42
N ILE QA 34 -66.60 -40.03 -0.07
CA ILE QA 34 -66.66 -38.89 0.84
C ILE QA 34 -67.28 -37.68 0.14
N SER QA 35 -67.12 -37.60 -1.18
CA SER QA 35 -67.80 -36.53 -1.91
C SER QA 35 -69.31 -36.64 -1.82
N LEU QA 36 -69.85 -37.86 -1.97
CA LEU QA 36 -71.28 -38.05 -1.72
C LEU QA 36 -71.63 -37.73 -0.27
N THR QA 37 -70.73 -38.09 0.63
CA THR QA 37 -70.97 -37.92 2.06
C THR QA 37 -71.14 -36.45 2.43
N SER QA 38 -70.40 -35.57 1.78
CA SER QA 38 -70.60 -34.15 2.05
C SER QA 38 -71.58 -33.48 1.11
N LEU QA 39 -71.96 -34.15 0.04
CA LEU QA 39 -73.14 -33.73 -0.67
C LEU QA 39 -74.39 -33.90 0.19
N LEU QA 40 -74.34 -34.81 1.16
CA LEU QA 40 -75.40 -34.90 2.17
C LEU QA 40 -75.54 -33.64 3.03
N LEU QA 41 -74.50 -32.80 3.16
CA LEU QA 41 -74.51 -31.74 4.18
C LEU QA 41 -75.57 -30.68 3.91
N LEU QA 42 -75.84 -30.39 2.65
CA LEU QA 42 -76.48 -29.13 2.31
C LEU QA 42 -77.93 -29.12 2.75
N ASN QA 43 -78.14 -28.63 3.96
CA ASN QA 43 -79.42 -28.57 4.60
C ASN QA 43 -79.77 -27.15 4.94
N GLN QA 44 -78.87 -26.23 4.69
CA GLN QA 44 -78.77 -25.01 5.47
C GLN QA 44 -79.90 -24.05 5.17
N PHE QA 45 -80.45 -23.45 6.22
CA PHE QA 45 -81.77 -22.86 6.12
C PHE QA 45 -81.89 -21.60 6.96
N GLY QA 46 -82.49 -20.58 6.36
CA GLY QA 46 -83.19 -19.52 7.05
C GLY QA 46 -82.49 -18.68 8.08
N ASP QA 47 -82.80 -19.02 9.32
CA ASP QA 47 -82.53 -18.17 10.47
C ASP QA 47 -81.04 -17.91 10.66
N ASN QA 48 -80.24 -18.97 10.65
CA ASN QA 48 -78.85 -18.80 10.98
C ASN QA 48 -78.07 -19.87 10.23
N SER QA 49 -76.87 -20.13 10.71
CA SER QA 49 -76.06 -21.23 10.24
C SER QA 49 -76.59 -22.55 10.79
N LEU QA 50 -75.85 -23.63 10.58
CA LEU QA 50 -76.23 -24.84 11.30
C LEU QA 50 -75.02 -25.33 12.08
N ASN QA 51 -75.24 -25.76 13.33
CA ASN QA 51 -74.14 -26.01 14.25
C ASN QA 51 -73.84 -27.49 14.34
N PHE QA 52 -72.70 -27.89 13.80
CA PHE QA 52 -72.17 -29.23 13.99
C PHE QA 52 -71.11 -29.22 15.09
N SER QA 53 -71.52 -28.76 16.28
CA SER QA 53 -71.25 -29.34 17.60
C SER QA 53 -71.46 -28.20 18.57
N LEU QA 54 -70.95 -28.37 19.78
CA LEU QA 54 -70.46 -27.20 20.49
C LEU QA 54 -69.20 -26.56 19.86
N THR QA 55 -68.68 -27.06 18.77
CA THR QA 55 -67.43 -26.59 18.22
C THR QA 55 -67.49 -26.24 16.74
N PHE QA 56 -68.22 -26.98 15.92
CA PHE QA 56 -68.16 -26.71 14.49
C PHE QA 56 -69.48 -26.11 14.04
N PHE QA 57 -69.44 -25.35 12.96
CA PHE QA 57 -70.69 -24.95 12.32
C PHE QA 57 -70.42 -24.64 10.87
N SER QA 58 -71.50 -24.50 10.12
CA SER QA 58 -71.42 -24.19 8.71
C SER QA 58 -72.33 -23.00 8.41
N ASP QA 59 -71.70 -21.89 7.99
CA ASP QA 59 -72.38 -20.85 7.22
C ASP QA 59 -72.62 -21.36 5.80
N SER QA 60 -73.52 -20.71 5.10
CA SER QA 60 -73.80 -21.11 3.74
C SER QA 60 -72.76 -20.55 2.78
N LEU QA 61 -71.84 -19.74 3.29
CA LEU QA 61 -70.60 -19.48 2.58
C LEU QA 61 -69.70 -20.70 2.59
N SER QA 62 -69.76 -21.50 3.64
CA SER QA 62 -68.82 -22.60 3.85
C SER QA 62 -69.24 -23.89 3.18
N THR QA 63 -70.54 -24.07 3.01
CA THR QA 63 -71.03 -25.28 2.37
C THR QA 63 -70.58 -25.48 0.92
N PRO QA 64 -70.65 -24.50 0.00
CA PRO QA 64 -70.21 -24.81 -1.36
C PRO QA 64 -68.71 -24.96 -1.46
N LEU QA 65 -67.94 -24.21 -0.66
CA LEU QA 65 -66.50 -24.36 -0.68
C LEU QA 65 -66.08 -25.72 -0.15
N LEU QA 66 -66.79 -26.19 0.88
CA LEU QA 66 -66.47 -27.46 1.48
C LEU QA 66 -66.79 -28.60 0.52
N ILE QA 67 -67.93 -28.50 -0.17
CA ILE QA 67 -68.30 -29.50 -1.17
C ILE QA 67 -67.35 -29.44 -2.36
N LEU QA 68 -66.87 -28.24 -2.72
CA LEU QA 68 -65.87 -28.09 -3.77
C LEU QA 68 -64.57 -28.78 -3.42
N THR QA 69 -64.16 -28.68 -2.16
CA THR QA 69 -62.95 -29.38 -1.71
C THR QA 69 -63.09 -30.88 -1.83
N MET QA 70 -64.21 -31.41 -1.33
CA MET QA 70 -64.36 -32.87 -1.40
C MET QA 70 -64.68 -33.34 -2.80
N TRP QA 71 -65.07 -32.44 -3.69
CA TRP QA 71 -65.14 -32.78 -5.10
C TRP QA 71 -63.77 -32.80 -5.73
N LEU QA 72 -62.91 -31.88 -5.30
CA LEU QA 72 -61.69 -31.63 -6.03
C LEU QA 72 -60.59 -32.61 -5.67
N LEU QA 73 -60.71 -33.29 -4.53
CA LEU QA 73 -59.68 -34.29 -4.20
C LEU QA 73 -59.56 -35.48 -5.15
N PRO QA 74 -60.62 -36.24 -5.52
CA PRO QA 74 -60.38 -37.42 -6.36
C PRO QA 74 -59.96 -37.07 -7.76
N LEU QA 75 -60.51 -35.98 -8.30
CA LEU QA 75 -60.05 -35.38 -9.55
C LEU QA 75 -58.56 -35.16 -9.55
N MET QA 76 -58.07 -34.50 -8.49
CA MET QA 76 -56.65 -34.25 -8.31
C MET QA 76 -55.85 -35.52 -8.22
N LEU QA 77 -56.39 -36.49 -7.49
CA LEU QA 77 -55.62 -37.70 -7.22
C LEU QA 77 -55.52 -38.57 -8.45
N MET QA 78 -56.51 -38.52 -9.33
CA MET QA 78 -56.31 -39.14 -10.61
C MET QA 78 -55.35 -38.34 -11.47
N ALA QA 79 -55.43 -37.01 -11.38
CA ALA QA 79 -54.69 -36.13 -12.28
C ALA QA 79 -53.19 -36.22 -12.08
N SER QA 80 -52.76 -36.58 -10.89
CA SER QA 80 -51.35 -36.53 -10.55
C SER QA 80 -50.69 -37.88 -10.71
N GLN QA 81 -51.06 -38.64 -11.72
CA GLN QA 81 -50.23 -39.76 -12.14
C GLN QA 81 -49.80 -39.53 -13.58
N HIS QA 82 -48.94 -40.43 -14.05
CA HIS QA 82 -48.14 -40.42 -15.29
C HIS QA 82 -46.98 -39.43 -15.22
N HIS QA 83 -46.94 -38.58 -14.20
CA HIS QA 83 -45.70 -37.85 -13.94
C HIS QA 83 -45.06 -38.30 -12.64
N LEU QA 84 -45.64 -39.29 -11.96
CA LEU QA 84 -44.94 -39.89 -10.84
C LEU QA 84 -45.19 -41.39 -10.69
N SER QA 85 -45.83 -42.05 -11.64
CA SER QA 85 -46.04 -43.49 -11.51
C SER QA 85 -44.75 -44.27 -11.66
N LYS QA 86 -43.74 -43.69 -12.30
CA LYS QA 86 -42.43 -44.31 -12.45
C LYS QA 86 -41.49 -43.99 -11.29
N GLU QA 87 -41.93 -43.21 -10.31
CA GLU QA 87 -41.14 -43.05 -9.10
C GLU QA 87 -41.47 -44.18 -8.12
N ASN QA 88 -40.90 -44.13 -6.93
CA ASN QA 88 -40.93 -45.30 -6.06
C ASN QA 88 -42.27 -45.43 -5.35
N LEU QA 89 -42.54 -46.64 -4.88
CA LEU QA 89 -43.82 -46.95 -4.23
C LEU QA 89 -43.97 -46.19 -2.92
N ALA QA 90 -42.91 -46.13 -2.12
CA ALA QA 90 -42.99 -45.46 -0.83
C ALA QA 90 -43.18 -43.96 -0.99
N ARG QA 91 -42.50 -43.38 -1.97
CA ARG QA 91 -42.63 -41.95 -2.22
C ARG QA 91 -44.01 -41.62 -2.77
N LYS QA 92 -44.57 -42.53 -3.57
CA LYS QA 92 -45.91 -42.34 -4.09
C LYS QA 92 -46.96 -42.42 -2.98
N LYS QA 93 -46.79 -43.37 -2.06
CA LYS QA 93 -47.70 -43.44 -0.92
C LYS QA 93 -47.61 -42.20 -0.05
N LEU QA 94 -46.39 -41.68 0.13
CA LEU QA 94 -46.19 -40.48 0.90
C LEU QA 94 -46.90 -39.30 0.25
N PHE QA 95 -46.90 -39.27 -1.09
CA PHE QA 95 -47.57 -38.21 -1.83
C PHE QA 95 -49.08 -38.23 -1.59
N ILE QA 96 -49.69 -39.42 -1.69
CA ILE QA 96 -51.13 -39.51 -1.52
C ILE QA 96 -51.53 -39.14 -0.11
N SER QA 97 -50.79 -39.64 0.89
CA SER QA 97 -51.12 -39.31 2.26
C SER QA 97 -50.90 -37.84 2.57
N MET QA 98 -49.96 -37.19 1.86
CA MET QA 98 -49.77 -35.76 2.01
C MET QA 98 -51.00 -34.99 1.56
N LEU QA 99 -51.54 -35.37 0.40
CA LEU QA 99 -52.78 -34.72 -0.04
C LEU QA 99 -53.96 -35.00 0.88
N ILE QA 100 -54.01 -36.17 1.49
CA ILE QA 100 -55.17 -36.44 2.34
C ILE QA 100 -55.10 -35.63 3.61
N LEU QA 101 -53.90 -35.52 4.21
CA LEU QA 101 -53.71 -34.63 5.35
C LEU QA 101 -54.01 -33.19 5.00
N LEU QA 102 -53.71 -32.81 3.75
CA LEU QA 102 -54.05 -31.48 3.28
C LEU QA 102 -55.55 -31.26 3.27
N GLN QA 103 -56.30 -32.21 2.71
CA GLN QA 103 -57.75 -32.06 2.67
C GLN QA 103 -58.32 -32.02 4.07
N LEU QA 104 -57.72 -32.78 4.98
CA LEU QA 104 -58.18 -32.82 6.36
C LEU QA 104 -58.05 -31.46 7.02
N PHE QA 105 -56.92 -30.78 6.79
CA PHE QA 105 -56.81 -29.46 7.36
C PHE QA 105 -57.66 -28.43 6.64
N LEU QA 106 -57.98 -28.65 5.37
CA LEU QA 106 -58.89 -27.73 4.70
C LEU QA 106 -60.31 -27.84 5.25
N ILE QA 107 -60.76 -29.04 5.56
CA ILE QA 107 -62.09 -29.20 6.15
C ILE QA 107 -62.11 -28.60 7.54
N MET QA 108 -61.05 -28.87 8.31
CA MET QA 108 -60.82 -28.19 9.59
C MET QA 108 -60.91 -26.67 9.44
N THR QA 109 -60.36 -26.14 8.36
CA THR QA 109 -60.31 -24.69 8.23
C THR QA 109 -61.67 -24.12 7.86
N PHE QA 110 -62.35 -24.73 6.90
CA PHE QA 110 -63.62 -24.19 6.46
C PHE QA 110 -64.72 -24.33 7.49
N THR QA 111 -64.67 -25.36 8.33
CA THR QA 111 -65.74 -25.52 9.31
C THR QA 111 -65.34 -24.96 10.67
N ALA QA 112 -64.55 -23.90 10.67
CA ALA QA 112 -64.11 -23.34 11.93
C ALA QA 112 -65.24 -22.57 12.59
N THR QA 113 -65.12 -22.40 13.91
CA THR QA 113 -65.92 -21.45 14.66
C THR QA 113 -65.06 -20.35 15.25
N GLU QA 114 -64.01 -20.73 15.95
CA GLU QA 114 -63.16 -19.76 16.59
C GLU QA 114 -62.09 -19.32 15.61
N LEU QA 115 -61.82 -18.02 15.60
CA LEU QA 115 -60.90 -17.49 14.60
C LEU QA 115 -59.46 -17.85 14.92
N ILE QA 116 -59.16 -18.19 16.18
CA ILE QA 116 -57.83 -18.66 16.53
C ILE QA 116 -57.62 -20.08 16.00
N PHE QA 117 -58.64 -20.91 16.16
CA PHE QA 117 -58.65 -22.24 15.56
C PHE QA 117 -58.59 -22.15 14.04
N PHE QA 118 -59.27 -21.16 13.47
CA PHE QA 118 -59.18 -20.86 12.06
C PHE QA 118 -57.76 -20.54 11.65
N TYR QA 119 -57.04 -19.82 12.50
CA TYR QA 119 -55.67 -19.44 12.17
C TYR QA 119 -54.71 -20.63 12.21
N ILE QA 120 -54.87 -21.48 13.22
CA ILE QA 120 -54.08 -22.71 13.29
C ILE QA 120 -54.33 -23.57 12.07
N MET QA 121 -55.59 -23.71 11.69
CA MET QA 121 -55.88 -24.53 10.53
C MET QA 121 -55.53 -23.83 9.22
N PHE QA 122 -55.39 -22.50 9.24
CA PHE QA 122 -54.87 -21.78 8.10
C PHE QA 122 -53.43 -22.17 7.81
N GLU QA 123 -52.58 -22.15 8.82
CA GLU QA 123 -51.20 -22.47 8.47
C GLU QA 123 -50.95 -23.98 8.40
N ALA QA 124 -51.83 -24.78 8.98
CA ALA QA 124 -51.79 -26.21 8.72
C ALA QA 124 -52.26 -26.54 7.32
N THR QA 125 -53.10 -25.69 6.75
CA THR QA 125 -53.34 -25.75 5.32
C THR QA 125 -52.06 -25.43 4.56
N LEU QA 126 -51.26 -24.48 5.08
CA LEU QA 126 -50.03 -24.08 4.37
C LEU QA 126 -49.03 -25.24 4.24
N VAL QA 127 -48.65 -25.88 5.34
CA VAL QA 127 -47.44 -26.72 5.30
C VAL QA 127 -47.44 -27.94 4.36
N PRO QA 128 -48.57 -28.56 3.90
CA PRO QA 128 -48.40 -29.60 2.87
C PRO QA 128 -48.17 -29.06 1.49
N THR QA 129 -48.65 -27.84 1.23
CA THR QA 129 -48.46 -27.20 -0.07
C THR QA 129 -46.98 -27.02 -0.36
N LEU QA 130 -46.26 -26.52 0.65
CA LEU QA 130 -44.81 -26.39 0.62
C LEU QA 130 -44.12 -27.68 0.25
N ILE QA 131 -44.42 -28.76 0.99
CA ILE QA 131 -43.69 -30.00 0.83
C ILE QA 131 -43.96 -30.62 -0.53
N ILE QA 132 -45.21 -30.54 -1.01
CA ILE QA 132 -45.52 -31.06 -2.34
C ILE QA 132 -44.78 -30.28 -3.41
N ILE QA 133 -44.88 -28.95 -3.39
CA ILE QA 133 -44.30 -28.20 -4.49
C ILE QA 133 -42.78 -28.22 -4.42
N THR QA 134 -42.19 -28.41 -3.25
CA THR QA 134 -40.75 -28.48 -3.25
C THR QA 134 -40.27 -29.87 -3.60
N ARG QA 135 -40.99 -30.92 -3.22
CA ARG QA 135 -40.45 -32.23 -3.49
C ARG QA 135 -40.70 -32.65 -4.93
N TRP QA 136 -41.75 -32.16 -5.56
CA TRP QA 136 -41.96 -32.46 -6.97
C TRP QA 136 -42.07 -31.20 -7.81
N GLY QA 137 -41.31 -30.16 -7.45
CA GLY QA 137 -41.41 -28.90 -8.15
C GLY QA 137 -40.85 -28.89 -9.54
N ASN QA 138 -40.06 -29.90 -9.91
CA ASN QA 138 -39.87 -30.34 -11.29
C ASN QA 138 -39.16 -29.34 -12.18
N GLN QA 139 -38.57 -28.29 -11.62
CA GLN QA 139 -37.78 -27.34 -12.40
C GLN QA 139 -36.77 -26.73 -11.42
N THR QA 140 -35.83 -25.98 -11.97
CA THR QA 140 -34.62 -25.64 -11.25
C THR QA 140 -34.81 -24.58 -10.17
N GLU QA 141 -35.98 -23.95 -10.04
CA GLU QA 141 -36.14 -22.88 -9.08
C GLU QA 141 -37.25 -23.17 -8.07
N ARG QA 142 -37.60 -24.45 -7.90
CA ARG QA 142 -38.60 -24.86 -6.92
C ARG QA 142 -38.17 -24.47 -5.51
N LEU QA 143 -36.86 -24.46 -5.27
CA LEU QA 143 -36.22 -23.80 -4.15
C LEU QA 143 -36.78 -22.40 -3.89
N ASN QA 144 -36.57 -21.49 -4.85
CA ASN QA 144 -36.97 -20.10 -4.68
C ASN QA 144 -38.48 -19.98 -4.60
N ALA QA 145 -39.20 -20.86 -5.29
CA ALA QA 145 -40.65 -20.84 -5.25
C ALA QA 145 -41.18 -21.12 -3.85
N GLY QA 146 -40.68 -22.19 -3.24
CA GLY QA 146 -41.10 -22.51 -1.88
C GLY QA 146 -40.66 -21.47 -0.88
N LEU QA 147 -39.49 -20.87 -1.11
CA LEU QA 147 -38.97 -19.91 -0.15
C LEU QA 147 -39.81 -18.63 -0.15
N TYR QA 148 -40.03 -18.05 -1.35
CA TYR QA 148 -40.94 -16.92 -1.51
C TYR QA 148 -42.31 -17.21 -0.96
N PHE QA 149 -42.81 -18.41 -1.24
CA PHE QA 149 -44.13 -18.87 -0.82
C PHE QA 149 -44.29 -18.75 0.68
N LEU QA 150 -43.43 -19.44 1.40
CA LEU QA 150 -43.67 -19.57 2.82
C LEU QA 150 -43.37 -18.26 3.53
N PHE QA 151 -42.41 -17.47 3.03
CA PHE QA 151 -42.17 -16.25 3.77
C PHE QA 151 -43.21 -15.18 3.51
N TYR QA 152 -43.77 -15.08 2.31
CA TYR QA 152 -44.89 -14.16 2.12
C TYR QA 152 -46.09 -14.57 2.94
N THR QA 153 -46.42 -15.86 2.94
CA THR QA 153 -47.65 -16.27 3.60
C THR QA 153 -47.53 -16.16 5.12
N LEU QA 154 -46.39 -16.55 5.69
CA LEU QA 154 -46.27 -16.42 7.14
C LEU QA 154 -46.10 -14.98 7.57
N ALA QA 155 -45.12 -14.26 7.00
CA ALA QA 155 -44.85 -12.91 7.43
C ALA QA 155 -45.98 -11.93 7.11
N GLY QA 156 -46.90 -12.30 6.23
CA GLY QA 156 -48.13 -11.54 6.20
C GLY QA 156 -49.09 -12.03 7.26
N SER QA 157 -49.20 -13.35 7.42
CA SER QA 157 -50.17 -13.95 8.31
C SER QA 157 -49.71 -14.01 9.75
N LEU QA 158 -48.56 -13.48 10.05
CA LEU QA 158 -48.07 -13.50 11.41
C LEU QA 158 -48.76 -12.50 12.34
N PRO QA 159 -48.90 -11.19 12.03
CA PRO QA 159 -49.49 -10.29 13.02
C PRO QA 159 -50.99 -10.42 13.15
N LEU QA 160 -51.63 -11.07 12.17
CA LEU QA 160 -53.04 -11.45 12.25
C LEU QA 160 -53.35 -12.17 13.54
N LEU QA 161 -52.44 -13.05 13.95
CA LEU QA 161 -52.51 -13.70 15.24
C LEU QA 161 -52.56 -12.70 16.38
N VAL QA 162 -51.69 -11.68 16.35
CA VAL QA 162 -51.62 -10.71 17.44
C VAL QA 162 -52.92 -9.91 17.52
N ALA QA 163 -53.46 -9.52 16.38
CA ALA QA 163 -54.71 -8.77 16.36
C ALA QA 163 -55.86 -9.60 16.90
N LEU QA 164 -55.89 -10.88 16.56
CA LEU QA 164 -56.99 -11.69 17.04
C LEU QA 164 -56.89 -11.99 18.52
N ILE QA 165 -55.67 -12.12 19.07
CA ILE QA 165 -55.54 -12.33 20.50
C ILE QA 165 -55.96 -11.08 21.24
N TYR QA 166 -55.65 -9.91 20.67
CA TYR QA 166 -56.05 -8.66 21.30
C TYR QA 166 -57.58 -8.52 21.33
N ILE QA 167 -58.24 -8.91 20.24
CA ILE QA 167 -59.70 -8.88 20.22
C ILE QA 167 -60.29 -9.90 21.17
N GLN QA 168 -59.66 -11.07 21.28
CA GLN QA 168 -60.03 -12.10 22.24
C GLN QA 168 -60.07 -11.57 23.66
N ASN QA 169 -59.03 -10.88 24.08
CA ASN QA 169 -59.06 -10.34 25.44
C ASN QA 169 -59.41 -8.86 25.48
N THR QA 170 -60.24 -8.40 24.54
CA THR QA 170 -61.06 -7.23 24.81
C THR QA 170 -62.55 -7.41 24.60
N MET QA 171 -63.01 -8.52 24.00
CA MET QA 171 -64.44 -8.69 23.76
C MET QA 171 -64.93 -10.11 24.02
N GLY QA 172 -64.36 -10.80 24.99
CA GLY QA 172 -64.83 -12.13 25.30
C GLY QA 172 -64.42 -13.17 24.26
N SER QA 173 -65.21 -14.24 24.16
CA SER QA 173 -64.86 -15.36 23.33
C SER QA 173 -65.12 -15.07 21.85
N LEU QA 174 -64.87 -16.08 21.02
CA LEU QA 174 -64.78 -15.90 19.58
C LEU QA 174 -65.60 -16.92 18.81
N ASN QA 175 -66.79 -17.23 19.26
CA ASN QA 175 -67.78 -17.77 18.33
C ASN QA 175 -68.05 -16.73 17.27
N PHE QA 176 -68.42 -17.19 16.08
CA PHE QA 176 -68.90 -16.26 15.07
C PHE QA 176 -70.19 -15.58 15.49
N LEU QA 177 -70.97 -16.25 16.34
CA LEU QA 177 -72.17 -15.63 16.86
C LEU QA 177 -71.84 -14.61 17.95
N ILE QA 178 -70.90 -14.98 18.84
CA ILE QA 178 -70.50 -14.09 19.91
C ILE QA 178 -69.47 -13.09 19.40
N LEU QA 179 -68.84 -13.35 18.26
CA LEU QA 179 -68.32 -12.22 17.51
C LEU QA 179 -69.45 -11.35 17.02
N GLN QA 180 -70.52 -11.98 16.55
CA GLN QA 180 -71.76 -11.27 16.33
C GLN QA 180 -72.47 -11.18 17.68
N TYR QA 181 -73.63 -10.57 17.74
CA TYR QA 181 -74.47 -10.31 18.91
C TYR QA 181 -73.82 -9.43 19.98
N TRP QA 182 -72.51 -9.20 19.90
CA TRP QA 182 -71.74 -8.45 20.88
C TRP QA 182 -70.80 -7.44 20.27
N VAL QA 183 -70.64 -7.43 18.95
CA VAL QA 183 -69.72 -6.48 18.35
C VAL QA 183 -70.31 -5.07 18.47
N GLN QA 184 -69.52 -4.18 18.98
CA GLN QA 184 -69.77 -2.78 19.13
C GLN QA 184 -68.84 -1.99 18.22
N PRO QA 185 -69.27 -0.87 17.67
CA PRO QA 185 -68.44 -0.15 16.70
C PRO QA 185 -67.21 0.47 17.35
N MET QA 186 -66.16 0.61 16.55
CA MET QA 186 -64.85 1.06 17.04
C MET QA 186 -64.37 2.24 16.21
N PRO QA 187 -64.17 3.41 16.83
CA PRO QA 187 -63.91 4.63 16.06
C PRO QA 187 -62.51 4.76 15.51
N ASN QA 188 -62.19 5.96 15.04
CA ASN QA 188 -61.01 6.23 14.23
C ASN QA 188 -59.84 6.74 15.08
N SER QA 189 -59.47 6.01 16.13
CA SER QA 189 -58.13 6.20 16.65
C SER QA 189 -57.17 5.36 15.81
N TRP QA 190 -55.89 5.74 15.83
CA TRP QA 190 -54.95 5.10 14.92
C TRP QA 190 -54.66 3.66 15.29
N SER QA 191 -54.89 3.27 16.53
CA SER QA 191 -54.78 1.86 16.89
C SER QA 191 -55.82 1.04 16.16
N ASN QA 192 -57.03 1.57 15.99
CA ASN QA 192 -58.04 0.88 15.22
C ASN QA 192 -57.62 0.74 13.78
N THR QA 193 -56.97 1.77 13.25
CA THR QA 193 -56.50 1.71 11.86
C THR QA 193 -55.45 0.63 11.70
N PHE QA 194 -54.53 0.52 12.65
CA PHE QA 194 -53.55 -0.55 12.53
C PHE QA 194 -54.13 -1.94 12.76
N MET QA 195 -55.15 -2.08 13.60
CA MET QA 195 -55.73 -3.39 13.83
C MET QA 195 -56.45 -3.91 12.59
N TRP QA 196 -57.28 -3.02 12.00
CA TRP QA 196 -57.92 -3.31 10.72
C TRP QA 196 -56.87 -3.59 9.65
N LEU QA 197 -55.79 -2.81 9.65
CA LEU QA 197 -54.75 -2.98 8.65
C LEU QA 197 -54.07 -4.33 8.79
N ALA QA 198 -53.90 -4.80 10.02
CA ALA QA 198 -53.24 -6.09 10.25
C ALA QA 198 -54.08 -7.23 9.71
N CYS QA 199 -55.35 -7.27 10.10
CA CYS QA 199 -56.21 -8.37 9.68
C CYS QA 199 -56.43 -8.38 8.16
N MET QA 200 -56.82 -7.23 7.62
CA MET QA 200 -57.10 -7.13 6.21
C MET QA 200 -55.85 -7.30 5.38
N MET QA 201 -54.68 -6.89 5.90
CA MET QA 201 -53.47 -7.01 5.11
C MET QA 201 -53.01 -8.46 5.02
N ALA QA 202 -53.19 -9.24 6.11
CA ALA QA 202 -52.85 -10.66 6.02
C ALA QA 202 -53.72 -11.38 5.00
N PHE QA 203 -55.01 -11.10 4.99
CA PHE QA 203 -55.80 -11.78 3.97
C PHE QA 203 -55.58 -11.20 2.56
N MET QA 204 -55.27 -9.89 2.44
CA MET QA 204 -54.85 -9.28 1.18
C MET QA 204 -53.68 -10.02 0.57
N VAL QA 205 -52.68 -10.35 1.40
CA VAL QA 205 -51.56 -11.17 0.97
C VAL QA 205 -52.06 -12.51 0.47
N LYS QA 206 -53.04 -13.08 1.14
CA LYS QA 206 -53.44 -14.41 0.70
C LYS QA 206 -54.42 -14.38 -0.49
N MET QA 207 -54.84 -13.21 -1.00
CA MET QA 207 -55.82 -13.28 -2.10
C MET QA 207 -55.24 -13.60 -3.47
N PRO QA 208 -54.21 -12.91 -3.98
CA PRO QA 208 -53.37 -11.76 -3.64
C PRO QA 208 -54.07 -10.46 -3.99
N LEU QA 209 -53.65 -9.38 -3.37
CA LEU QA 209 -53.90 -8.06 -3.91
C LEU QA 209 -52.78 -7.76 -4.88
N TYR QA 210 -52.79 -6.60 -5.51
CA TYR QA 210 -51.92 -6.38 -6.65
C TYR QA 210 -50.46 -6.18 -6.26
N GLY QA 211 -50.19 -5.47 -5.18
CA GLY QA 211 -48.80 -5.25 -4.83
C GLY QA 211 -48.09 -6.45 -4.25
N LEU QA 212 -48.78 -7.56 -4.05
CA LEU QA 212 -48.25 -8.78 -3.48
C LEU QA 212 -48.71 -10.00 -4.25
N HIS QA 213 -48.66 -9.92 -5.57
CA HIS QA 213 -48.98 -11.06 -6.40
C HIS QA 213 -47.75 -11.75 -6.96
N LEU QA 214 -46.55 -11.16 -6.83
CA LEU QA 214 -45.39 -11.95 -7.24
C LEU QA 214 -45.01 -13.03 -6.25
N TRP QA 215 -45.74 -13.15 -5.16
CA TRP QA 215 -45.91 -14.43 -4.51
C TRP QA 215 -46.27 -15.52 -5.51
N LEU QA 216 -47.22 -15.23 -6.40
CA LEU QA 216 -47.90 -16.30 -7.13
C LEU QA 216 -47.07 -16.98 -8.21
N PRO QA 217 -46.55 -16.29 -9.25
CA PRO QA 217 -46.24 -16.99 -10.51
C PRO QA 217 -45.13 -18.01 -10.41
N LYS QA 218 -44.16 -17.83 -9.53
CA LYS QA 218 -43.19 -18.88 -9.30
C LYS QA 218 -43.85 -20.08 -8.66
N ALA QA 219 -44.74 -19.83 -7.71
CA ALA QA 219 -45.41 -20.90 -6.99
C ALA QA 219 -46.48 -21.61 -7.80
N HIS QA 220 -46.73 -21.23 -9.04
CA HIS QA 220 -47.51 -22.09 -9.92
C HIS QA 220 -46.75 -22.58 -11.13
N VAL QA 221 -45.78 -21.83 -11.64
CA VAL QA 221 -45.03 -22.39 -12.76
C VAL QA 221 -44.06 -23.46 -12.32
N GLU QA 222 -43.74 -23.54 -11.03
CA GLU QA 222 -42.82 -24.59 -10.63
C GLU QA 222 -43.45 -25.50 -9.60
N ALA QA 223 -44.67 -25.89 -9.85
CA ALA QA 223 -45.41 -26.79 -9.00
C ALA QA 223 -45.80 -28.01 -9.80
N PRO QA 224 -46.04 -29.14 -9.16
CA PRO QA 224 -46.76 -30.21 -9.83
C PRO QA 224 -48.24 -29.86 -9.88
N ILE QA 225 -48.97 -30.67 -10.64
CA ILE QA 225 -50.34 -30.35 -10.98
C ILE QA 225 -51.26 -30.43 -9.77
N ALA QA 226 -50.97 -31.34 -8.84
CA ALA QA 226 -51.80 -31.50 -7.67
C ALA QA 226 -51.72 -30.27 -6.77
N GLY QA 227 -50.49 -29.87 -6.43
CA GLY QA 227 -50.30 -28.71 -5.60
C GLY QA 227 -50.75 -27.42 -6.27
N SER QA 228 -50.69 -27.37 -7.61
CA SER QA 228 -51.16 -26.20 -8.32
C SER QA 228 -52.67 -26.06 -8.23
N MET QA 229 -53.40 -27.16 -8.45
CA MET QA 229 -54.86 -27.12 -8.34
C MET QA 229 -55.29 -26.79 -6.93
N VAL QA 230 -54.67 -27.47 -5.94
CA VAL QA 230 -54.84 -27.17 -4.53
C VAL QA 230 -54.64 -25.70 -4.26
N LEU QA 231 -53.49 -25.17 -4.69
CA LEU QA 231 -53.06 -23.84 -4.31
C LEU QA 231 -54.01 -22.81 -4.84
N ALA QA 232 -54.25 -22.83 -6.16
CA ALA QA 232 -55.15 -21.92 -6.84
C ALA QA 232 -56.54 -21.95 -6.23
N ALA QA 233 -57.25 -23.07 -6.42
CA ALA QA 233 -58.66 -23.09 -6.06
C ALA QA 233 -58.85 -22.98 -4.55
N ILE QA 234 -58.31 -23.95 -3.81
CA ILE QA 234 -58.69 -24.02 -2.41
C ILE QA 234 -58.01 -22.92 -1.61
N LEU QA 235 -56.73 -22.61 -1.88
CA LEU QA 235 -56.09 -21.67 -0.98
C LEU QA 235 -56.50 -20.23 -1.27
N LEU QA 236 -56.68 -19.83 -2.54
CA LEU QA 236 -57.07 -18.45 -2.74
C LEU QA 236 -58.51 -18.21 -2.29
N LYS QA 237 -59.38 -19.19 -2.50
CA LYS QA 237 -60.72 -18.94 -2.04
C LYS QA 237 -60.84 -19.14 -0.53
N LEU QA 238 -59.85 -19.80 0.07
CA LEU QA 238 -59.78 -19.87 1.52
C LEU QA 238 -59.44 -18.51 2.12
N GLY QA 239 -58.51 -17.79 1.49
CA GLY QA 239 -58.21 -16.45 1.97
C GLY QA 239 -59.40 -15.51 1.85
N GLY QA 240 -60.12 -15.62 0.73
CA GLY QA 240 -61.33 -14.81 0.56
C GLY QA 240 -62.40 -15.13 1.59
N TYR QA 241 -62.56 -16.42 1.91
CA TYR QA 241 -63.50 -16.84 2.95
C TYR QA 241 -63.15 -16.26 4.30
N GLY QA 242 -61.87 -16.18 4.60
CA GLY QA 242 -61.45 -15.60 5.87
C GLY QA 242 -61.80 -14.12 5.98
N MET QA 243 -61.57 -13.37 4.90
CA MET QA 243 -61.92 -11.95 4.97
C MET QA 243 -63.42 -11.75 4.99
N MET QA 244 -64.15 -12.60 4.26
CA MET QA 244 -65.61 -12.56 4.29
C MET QA 244 -66.17 -12.80 5.67
N ARG QA 245 -65.52 -13.62 6.47
CA ARG QA 245 -66.01 -13.76 7.83
C ARG QA 245 -65.62 -12.59 8.69
N ILE QA 246 -64.32 -12.27 8.75
CA ILE QA 246 -63.88 -11.35 9.79
C ILE QA 246 -64.10 -9.90 9.41
N THR QA 247 -64.70 -9.65 8.26
CA THR QA 247 -65.18 -8.31 7.99
C THR QA 247 -66.47 -7.98 8.73
N LEU QA 248 -67.02 -8.90 9.51
CA LEU QA 248 -68.19 -8.58 10.32
C LEU QA 248 -67.84 -7.57 11.39
N LEU QA 249 -66.73 -7.78 12.09
CA LEU QA 249 -66.23 -6.72 12.92
C LEU QA 249 -65.60 -5.63 12.06
N LEU QA 250 -65.49 -4.45 12.66
CA LEU QA 250 -64.78 -3.29 12.11
C LEU QA 250 -65.39 -2.80 10.80
N ASN QA 251 -66.70 -2.73 10.77
CA ASN QA 251 -67.36 -1.87 9.81
C ASN QA 251 -67.32 -0.34 9.98
N PRO QA 252 -67.16 0.30 11.15
CA PRO QA 252 -67.29 1.76 11.16
C PRO QA 252 -66.03 2.50 10.75
N ILE QA 253 -64.97 1.82 10.33
CA ILE QA 253 -63.76 2.52 9.90
C ILE QA 253 -63.27 1.97 8.57
N THR QA 254 -63.91 0.90 8.08
CA THR QA 254 -63.53 0.35 6.80
C THR QA 254 -63.85 1.31 5.66
N ASP QA 255 -64.80 2.23 5.85
CA ASP QA 255 -65.09 3.22 4.82
C ASP QA 255 -63.97 4.22 4.70
N PHE QA 256 -63.54 4.76 5.83
CA PHE QA 256 -62.49 5.75 5.85
C PHE QA 256 -61.15 5.14 5.47
N MET QA 257 -60.93 3.88 5.80
CA MET QA 257 -59.63 3.28 5.59
C MET QA 257 -59.61 2.27 4.45
N ALA QA 258 -60.62 2.26 3.59
CA ALA QA 258 -60.62 1.32 2.49
C ALA QA 258 -60.29 1.93 1.15
N TYR QA 259 -60.04 3.23 1.08
CA TYR QA 259 -59.81 3.86 -0.22
C TYR QA 259 -58.53 3.43 -0.93
N PRO QA 260 -57.35 3.28 -0.30
CA PRO QA 260 -56.18 2.90 -1.10
C PRO QA 260 -56.26 1.50 -1.66
N PHE QA 261 -56.93 0.58 -0.97
CA PHE QA 261 -56.86 -0.81 -1.38
C PHE QA 261 -57.74 -1.07 -2.60
N ILE QA 262 -58.90 -0.42 -2.66
CA ILE QA 262 -59.75 -0.47 -3.83
C ILE QA 262 -59.03 0.06 -5.06
N MET QA 263 -58.31 1.16 -4.90
CA MET QA 263 -57.68 1.75 -6.07
C MET QA 263 -56.50 0.94 -6.53
N LEU QA 264 -55.76 0.39 -5.56
CA LEU QA 264 -54.72 -0.58 -5.86
C LEU QA 264 -55.29 -1.78 -6.60
N SER QA 265 -56.44 -2.28 -6.16
CA SER QA 265 -57.03 -3.45 -6.79
C SER QA 265 -57.51 -3.15 -8.18
N LEU QA 266 -58.06 -1.96 -8.42
CA LEU QA 266 -58.60 -1.66 -9.74
C LEU QA 266 -57.49 -1.46 -10.76
N TRP QA 267 -56.54 -0.57 -10.44
CA TRP QA 267 -55.47 -0.35 -11.41
C TRP QA 267 -54.59 -1.59 -11.56
N GLY QA 268 -54.49 -2.41 -10.51
CA GLY QA 268 -53.78 -3.65 -10.67
C GLY QA 268 -54.54 -4.72 -11.41
N MET QA 269 -55.86 -4.69 -11.37
CA MET QA 269 -56.64 -5.60 -12.19
C MET QA 269 -56.42 -5.31 -13.66
N ILE QA 270 -56.40 -4.02 -14.02
CA ILE QA 270 -56.14 -3.66 -15.41
C ILE QA 270 -54.72 -4.04 -15.81
N MET QA 271 -53.75 -3.75 -14.94
CA MET QA 271 -52.36 -4.08 -15.23
C MET QA 271 -52.11 -5.59 -15.32
N THR QA 272 -52.81 -6.39 -14.52
CA THR QA 272 -52.58 -7.82 -14.54
C THR QA 272 -53.20 -8.45 -15.77
N SER QA 273 -54.40 -8.01 -16.14
CA SER QA 273 -54.97 -8.47 -17.40
C SER QA 273 -54.11 -8.03 -18.58
N SER QA 274 -53.44 -6.89 -18.48
CA SER QA 274 -52.51 -6.52 -19.54
C SER QA 274 -51.25 -7.38 -19.53
N ILE QA 275 -50.74 -7.73 -18.36
CA ILE QA 275 -49.46 -8.44 -18.32
C ILE QA 275 -49.64 -9.89 -18.72
N CYS QA 276 -50.85 -10.44 -18.65
CA CYS QA 276 -51.06 -11.78 -19.18
C CYS QA 276 -51.49 -11.76 -20.62
N LEU QA 277 -51.10 -10.76 -21.38
CA LEU QA 277 -51.42 -10.73 -22.79
C LEU QA 277 -50.21 -11.07 -23.64
N ARG QA 278 -49.03 -11.04 -23.05
CA ARG QA 278 -47.81 -11.05 -23.80
C ARG QA 278 -46.79 -12.05 -23.29
N GLN QA 279 -47.02 -12.66 -22.13
CA GLN QA 279 -46.08 -13.61 -21.59
C GLN QA 279 -46.05 -14.90 -22.37
N THR QA 280 -44.89 -15.55 -22.33
CA THR QA 280 -44.75 -16.96 -22.61
C THR QA 280 -45.03 -17.71 -21.33
N ASP QA 281 -44.68 -19.01 -21.30
CA ASP QA 281 -44.95 -19.92 -20.18
C ASP QA 281 -46.44 -19.94 -19.85
N LEU QA 282 -47.17 -20.56 -20.79
CA LEU QA 282 -48.62 -20.74 -20.81
C LEU QA 282 -49.25 -21.09 -19.47
N LYS QA 283 -48.51 -21.86 -18.67
CA LYS QA 283 -48.90 -22.17 -17.31
C LYS QA 283 -49.10 -20.91 -16.48
N SER QA 284 -48.31 -19.87 -16.72
CA SER QA 284 -48.39 -18.65 -15.93
C SER QA 284 -49.55 -17.74 -16.32
N LEU QA 285 -50.11 -17.90 -17.53
CA LEU QA 285 -51.24 -17.08 -17.91
C LEU QA 285 -52.44 -17.36 -17.02
N ILE QA 286 -52.63 -18.62 -16.63
CA ILE QA 286 -53.72 -18.96 -15.74
C ILE QA 286 -53.47 -18.33 -14.37
N ALA QA 287 -52.20 -18.23 -13.96
CA ALA QA 287 -51.89 -17.61 -12.69
C ALA QA 287 -52.22 -16.12 -12.70
N TYR QA 288 -51.84 -15.43 -13.76
CA TYR QA 288 -52.19 -14.01 -13.82
C TYR QA 288 -53.68 -13.80 -14.04
N SER QA 289 -54.33 -14.74 -14.71
CA SER QA 289 -55.78 -14.73 -14.81
C SER QA 289 -56.42 -14.82 -13.44
N SER QA 290 -55.82 -15.64 -12.59
CA SER QA 290 -56.31 -15.83 -11.23
C SER QA 290 -56.14 -14.57 -10.42
N VAL QA 291 -55.04 -13.84 -10.64
CA VAL QA 291 -54.89 -12.58 -9.94
C VAL QA 291 -55.93 -11.57 -10.41
N SER QA 292 -56.31 -11.60 -11.70
CA SER QA 292 -57.34 -10.69 -12.20
C SER QA 292 -58.69 -10.95 -11.55
N HIS QA 293 -59.10 -12.21 -11.51
CA HIS QA 293 -60.36 -12.54 -10.84
C HIS QA 293 -60.31 -12.28 -9.34
N MET QA 294 -59.17 -12.48 -8.69
CA MET QA 294 -59.13 -12.19 -7.26
C MET QA 294 -59.12 -10.71 -6.97
N ALA QA 295 -58.61 -9.90 -7.89
CA ALA QA 295 -58.72 -8.45 -7.72
C ALA QA 295 -60.17 -8.03 -7.78
N LEU QA 296 -60.94 -8.66 -8.67
CA LEU QA 296 -62.37 -8.38 -8.69
C LEU QA 296 -63.07 -8.86 -7.42
N VAL QA 297 -62.60 -9.97 -6.87
CA VAL QA 297 -63.08 -10.44 -5.57
C VAL QA 297 -62.85 -9.41 -4.49
N ILE QA 298 -61.65 -8.82 -4.45
CA ILE QA 298 -61.31 -7.89 -3.39
C ILE QA 298 -62.11 -6.60 -3.49
N VAL QA 299 -62.37 -6.15 -4.71
CA VAL QA 299 -63.32 -5.05 -4.89
C VAL QA 299 -64.66 -5.41 -4.30
N ALA QA 300 -65.11 -6.62 -4.58
CA ALA QA 300 -66.39 -7.05 -4.03
C ALA QA 300 -66.38 -7.23 -2.52
N ILE QA 301 -65.24 -7.45 -1.90
CA ILE QA 301 -65.29 -7.63 -0.45
C ILE QA 301 -65.25 -6.30 0.26
N LEU QA 302 -64.41 -5.38 -0.21
CA LEU QA 302 -64.30 -4.10 0.48
C LEU QA 302 -65.50 -3.20 0.25
N ILE QA 303 -66.18 -3.31 -0.89
CA ILE QA 303 -67.51 -2.71 -0.85
C ILE QA 303 -68.39 -3.69 -0.10
N GLN QA 304 -69.35 -3.18 0.66
CA GLN QA 304 -70.00 -4.07 1.61
C GLN QA 304 -71.46 -4.26 1.30
N THR QA 305 -71.74 -4.59 0.07
CA THR QA 305 -73.14 -4.73 -0.19
C THR QA 305 -73.54 -6.19 -0.18
N PRO QA 306 -74.75 -6.55 0.23
CA PRO QA 306 -75.22 -7.92 0.00
C PRO QA 306 -75.19 -8.37 -1.44
N TRP QA 307 -75.49 -7.45 -2.37
CA TRP QA 307 -75.21 -7.68 -3.79
C TRP QA 307 -73.77 -8.06 -4.01
N SER QA 308 -72.88 -7.34 -3.35
CA SER QA 308 -71.47 -7.58 -3.53
C SER QA 308 -71.04 -8.92 -2.96
N TYR QA 309 -71.64 -9.35 -1.85
CA TYR QA 309 -71.19 -10.62 -1.30
C TYR QA 309 -71.75 -11.80 -2.08
N MET QA 310 -72.95 -11.65 -2.65
CA MET QA 310 -73.46 -12.69 -3.54
C MET QA 310 -72.57 -12.86 -4.77
N GLY QA 311 -72.21 -11.73 -5.40
CA GLY QA 311 -71.30 -11.78 -6.52
C GLY QA 311 -69.94 -12.32 -6.15
N ALA QA 312 -69.48 -12.02 -4.93
CA ALA QA 312 -68.15 -12.45 -4.50
C ALA QA 312 -68.08 -13.96 -4.35
N THR QA 313 -69.09 -14.56 -3.71
CA THR QA 313 -68.99 -16.00 -3.53
C THR QA 313 -69.20 -16.77 -4.83
N ALA QA 314 -70.03 -16.24 -5.75
CA ALA QA 314 -70.18 -16.92 -7.02
C ALA QA 314 -68.91 -16.84 -7.84
N LEU QA 315 -68.26 -15.67 -7.84
CA LEU QA 315 -67.00 -15.49 -8.53
C LEU QA 315 -65.90 -16.37 -7.94
N MET QA 316 -65.93 -16.57 -6.63
CA MET QA 316 -65.01 -17.51 -5.99
C MET QA 316 -65.15 -18.91 -6.56
N ILE QA 317 -66.36 -19.45 -6.54
CA ILE QA 317 -66.51 -20.87 -6.88
C ILE QA 317 -66.28 -21.10 -8.37
N ALA QA 318 -66.79 -20.19 -9.20
CA ALA QA 318 -66.61 -20.35 -10.64
C ALA QA 318 -65.16 -20.20 -11.04
N HIS QA 319 -64.45 -19.25 -10.44
CA HIS QA 319 -63.05 -19.12 -10.81
C HIS QA 319 -62.21 -20.28 -10.30
N GLY QA 320 -62.59 -20.84 -9.15
CA GLY QA 320 -61.90 -22.03 -8.67
C GLY QA 320 -62.01 -23.18 -9.65
N LEU QA 321 -63.22 -23.43 -10.16
CA LEU QA 321 -63.37 -24.51 -11.13
C LEU QA 321 -62.66 -24.21 -12.44
N THR QA 322 -62.76 -22.97 -12.93
CA THR QA 322 -62.11 -22.60 -14.19
C THR QA 322 -60.60 -22.75 -14.11
N SER QA 323 -59.99 -22.25 -13.04
CA SER QA 323 -58.55 -22.28 -12.94
C SER QA 323 -58.04 -23.69 -12.69
N SER QA 324 -58.78 -24.50 -11.92
CA SER QA 324 -58.33 -25.86 -11.68
C SER QA 324 -58.40 -26.69 -12.95
N MET QA 325 -59.49 -26.55 -13.71
CA MET QA 325 -59.60 -27.22 -14.99
C MET QA 325 -58.47 -26.81 -15.91
N LEU QA 326 -58.23 -25.50 -16.02
CA LEU QA 326 -57.32 -25.01 -17.04
C LEU QA 326 -55.88 -25.35 -16.71
N PHE QA 327 -55.55 -25.44 -15.43
CA PHE QA 327 -54.27 -26.01 -15.02
C PHE QA 327 -54.16 -27.46 -15.44
N CYS QA 328 -55.24 -28.23 -15.31
CA CYS QA 328 -55.16 -29.62 -15.73
C CYS QA 328 -54.96 -29.76 -17.24
N LEU QA 329 -55.57 -28.86 -18.04
CA LEU QA 329 -55.34 -28.91 -19.48
C LEU QA 329 -53.92 -28.52 -19.84
N ALA QA 330 -53.38 -27.50 -19.16
CA ALA QA 330 -52.00 -27.12 -19.45
C ALA QA 330 -51.03 -28.22 -19.04
N ASN QA 331 -51.36 -29.00 -18.02
CA ASN QA 331 -50.53 -30.14 -17.70
C ASN QA 331 -50.64 -31.22 -18.77
N SER QA 332 -51.82 -31.38 -19.37
CA SER QA 332 -51.94 -32.31 -20.49
C SER QA 332 -51.03 -31.92 -21.64
N ASN QA 333 -51.00 -30.63 -21.97
CA ASN QA 333 -50.14 -30.19 -23.06
C ASN QA 333 -48.66 -30.32 -22.71
N TYR QA 334 -48.30 -30.11 -21.44
CA TYR QA 334 -46.90 -30.29 -21.07
C TYR QA 334 -46.52 -31.77 -21.01
N GLU QA 335 -47.48 -32.64 -20.76
CA GLU QA 335 -47.18 -34.06 -20.90
C GLU QA 335 -46.94 -34.40 -22.36
N ARG QA 336 -47.62 -33.69 -23.26
CA ARG QA 336 -47.35 -33.89 -24.68
C ARG QA 336 -45.94 -33.44 -25.06
N VAL QA 337 -45.62 -32.15 -24.95
CA VAL QA 337 -44.28 -31.73 -25.31
C VAL QA 337 -43.58 -31.13 -24.10
N HIS QA 338 -42.27 -31.33 -24.05
CA HIS QA 338 -41.50 -30.99 -22.86
C HIS QA 338 -41.02 -29.53 -22.93
N SER QA 339 -41.98 -28.63 -23.05
CA SER QA 339 -41.66 -27.25 -23.37
C SER QA 339 -42.04 -26.26 -22.28
N ARG QA 340 -43.33 -26.21 -21.92
CA ARG QA 340 -44.03 -25.26 -21.06
C ARG QA 340 -44.16 -23.89 -21.73
N THR QA 341 -43.48 -23.69 -22.85
CA THR QA 341 -43.56 -22.42 -23.54
C THR QA 341 -44.84 -22.34 -24.35
N MET QA 342 -45.14 -21.15 -24.84
CA MET QA 342 -46.43 -20.96 -25.46
C MET QA 342 -46.41 -21.21 -26.96
N ILE QA 343 -45.45 -20.59 -27.65
CA ILE QA 343 -45.48 -20.54 -29.10
C ILE QA 343 -44.98 -21.82 -29.74
N LEU QA 344 -44.55 -22.79 -28.93
CA LEU QA 344 -43.98 -24.00 -29.52
C LEU QA 344 -45.08 -24.95 -29.98
N ALA QA 345 -45.82 -25.53 -29.04
CA ALA QA 345 -46.80 -26.56 -29.36
C ALA QA 345 -48.00 -25.92 -30.03
N ARG QA 346 -48.15 -26.15 -31.32
CA ARG QA 346 -49.16 -25.48 -32.10
C ARG QA 346 -49.90 -26.50 -32.94
N GLY QA 347 -51.00 -26.07 -33.55
CA GLY QA 347 -51.79 -26.98 -34.36
C GLY QA 347 -52.98 -27.53 -33.61
N LEU QA 348 -53.09 -28.84 -33.51
CA LEU QA 348 -53.95 -29.55 -32.56
C LEU QA 348 -55.44 -29.31 -32.73
N GLN QA 349 -55.88 -28.63 -33.78
CA GLN QA 349 -57.27 -28.81 -34.15
C GLN QA 349 -57.41 -30.09 -34.94
N THR QA 350 -56.43 -30.37 -35.78
CA THR QA 350 -56.32 -31.62 -36.51
C THR QA 350 -56.16 -32.75 -35.52
N LEU QA 351 -55.03 -32.77 -34.84
CA LEU QA 351 -54.72 -33.85 -33.94
C LEU QA 351 -55.37 -33.62 -32.59
N LEU QA 352 -55.81 -34.71 -31.98
CA LEU QA 352 -56.62 -34.73 -30.76
C LEU QA 352 -57.85 -33.86 -30.96
N PRO QA 353 -58.80 -34.25 -31.81
CA PRO QA 353 -59.84 -33.31 -32.25
C PRO QA 353 -60.94 -33.08 -31.24
N LEU QA 354 -60.77 -33.54 -30.01
CA LEU QA 354 -61.74 -33.33 -28.96
C LEU QA 354 -61.09 -32.86 -27.68
N MET QA 355 -59.76 -32.85 -27.61
CA MET QA 355 -59.08 -32.04 -26.62
C MET QA 355 -59.44 -30.57 -26.80
N ALA QA 356 -59.59 -30.15 -28.06
CA ALA QA 356 -59.91 -28.76 -28.37
C ALA QA 356 -61.29 -28.38 -27.89
N ALA QA 357 -62.20 -29.35 -27.78
CA ALA QA 357 -63.52 -29.05 -27.27
C ALA QA 357 -63.45 -28.63 -25.81
N TRP QA 358 -62.58 -29.27 -25.05
CA TRP QA 358 -62.45 -28.89 -23.66
C TRP QA 358 -61.72 -27.56 -23.52
N TRP QA 359 -60.72 -27.31 -24.38
CA TRP QA 359 -60.09 -26.00 -24.39
C TRP QA 359 -61.08 -24.90 -24.72
N LEU QA 360 -61.95 -25.15 -25.68
CA LEU QA 360 -62.97 -24.18 -26.07
C LEU QA 360 -63.93 -23.93 -24.94
N LEU QA 361 -64.33 -24.99 -24.25
CA LEU QA 361 -65.34 -24.84 -23.20
C LEU QA 361 -64.78 -24.10 -22.00
N ALA QA 362 -63.57 -24.43 -21.57
CA ALA QA 362 -62.97 -23.69 -20.46
C ALA QA 362 -62.67 -22.25 -20.84
N SER QA 363 -62.21 -22.02 -22.08
CA SER QA 363 -61.92 -20.67 -22.52
C SER QA 363 -63.17 -19.82 -22.58
N LEU QA 364 -64.31 -20.41 -22.90
CA LEU QA 364 -65.51 -19.60 -22.90
C LEU QA 364 -66.07 -19.40 -21.50
N THR QA 365 -65.79 -20.30 -20.57
CA THR QA 365 -66.14 -20.00 -19.18
C THR QA 365 -65.28 -18.89 -18.62
N ASN QA 366 -64.00 -18.87 -18.99
CA ASN QA 366 -63.10 -17.82 -18.53
C ASN QA 366 -63.38 -16.51 -19.24
N LEU QA 367 -63.99 -16.58 -20.42
CA LEU QA 367 -64.59 -15.41 -21.05
C LEU QA 367 -65.77 -14.87 -20.24
N ALA QA 368 -66.38 -15.73 -19.40
CA ALA QA 368 -67.74 -15.61 -18.88
C ALA QA 368 -68.76 -15.59 -20.02
N LEU QA 369 -68.85 -16.74 -20.67
CA LEU QA 369 -70.05 -17.06 -21.45
C LEU QA 369 -71.26 -17.05 -20.52
N PRO QA 370 -72.40 -16.53 -20.97
CA PRO QA 370 -73.41 -15.98 -20.04
C PRO QA 370 -74.20 -16.97 -19.20
N PRO QA 371 -74.59 -18.18 -19.65
CA PRO QA 371 -75.29 -19.06 -18.70
C PRO QA 371 -74.41 -19.59 -17.60
N SER QA 372 -73.10 -19.51 -17.74
CA SER QA 372 -72.19 -20.01 -16.73
C SER QA 372 -72.23 -19.17 -15.46
N ILE QA 373 -71.51 -19.65 -14.45
CA ILE QA 373 -71.55 -19.02 -13.15
C ILE QA 373 -70.64 -17.78 -13.11
N ASN QA 374 -69.56 -17.79 -13.89
CA ASN QA 374 -68.57 -16.73 -13.77
C ASN QA 374 -69.11 -15.39 -14.23
N LEU QA 375 -70.03 -15.42 -15.19
CA LEU QA 375 -70.72 -14.20 -15.56
C LEU QA 375 -71.69 -13.75 -14.49
N ILE QA 376 -72.31 -14.69 -13.78
CA ILE QA 376 -73.19 -14.32 -12.67
C ILE QA 376 -72.40 -13.54 -11.62
N GLY QA 377 -71.25 -14.08 -11.25
CA GLY QA 377 -70.34 -13.42 -10.33
C GLY QA 377 -69.90 -12.04 -10.77
N GLU QA 378 -69.28 -11.97 -11.96
CA GLU QA 378 -68.77 -10.70 -12.46
C GLU QA 378 -69.87 -9.67 -12.65
N LEU QA 379 -71.06 -10.11 -13.07
CA LEU QA 379 -72.14 -9.18 -13.33
C LEU QA 379 -72.66 -8.57 -12.05
N PHE QA 380 -72.87 -9.39 -11.02
CA PHE QA 380 -73.38 -8.79 -9.77
C PHE QA 380 -72.33 -7.95 -9.08
N VAL QA 381 -71.05 -8.27 -9.26
CA VAL QA 381 -70.04 -7.41 -8.67
C VAL QA 381 -69.99 -6.07 -9.39
N VAL QA 382 -70.19 -6.07 -10.71
CA VAL QA 382 -70.22 -4.82 -11.45
C VAL QA 382 -71.45 -4.00 -11.08
N MET QA 383 -72.58 -4.65 -10.85
CA MET QA 383 -73.78 -3.94 -10.39
C MET QA 383 -73.54 -3.28 -9.03
N SER QA 384 -72.92 -4.02 -8.11
CA SER QA 384 -72.71 -3.48 -6.78
C SER QA 384 -71.68 -2.35 -6.79
N THR QA 385 -70.63 -2.48 -7.59
CA THR QA 385 -69.68 -1.39 -7.63
C THR QA 385 -70.18 -0.21 -8.44
N PHE QA 386 -71.16 -0.40 -9.32
CA PHE QA 386 -71.69 0.79 -9.97
C PHE QA 386 -72.62 1.53 -9.03
N SER QA 387 -73.29 0.81 -8.15
CA SER QA 387 -73.98 1.53 -7.08
C SER QA 387 -72.99 2.12 -6.09
N TRP QA 388 -71.78 1.58 -6.01
CA TRP QA 388 -70.76 2.23 -5.20
C TRP QA 388 -70.35 3.55 -5.83
N SER QA 389 -70.03 3.56 -7.12
CA SER QA 389 -69.70 4.83 -7.78
C SER QA 389 -70.10 4.78 -9.24
N ASN QA 390 -70.40 5.96 -9.80
CA ASN QA 390 -70.87 6.06 -11.18
C ASN QA 390 -69.74 6.06 -12.18
N ILE QA 391 -68.54 5.67 -11.78
CA ILE QA 391 -67.36 5.87 -12.61
C ILE QA 391 -66.57 4.60 -12.83
N THR QA 392 -66.67 3.59 -11.97
CA THR QA 392 -65.77 2.45 -11.98
C THR QA 392 -65.99 1.50 -13.14
N ILE QA 393 -67.05 1.72 -13.92
CA ILE QA 393 -67.41 0.76 -14.95
C ILE QA 393 -66.48 0.85 -16.15
N ILE QA 394 -65.72 1.94 -16.27
CA ILE QA 394 -64.62 2.01 -17.23
C ILE QA 394 -63.65 0.87 -16.96
N LEU QA 395 -63.28 0.70 -15.70
CA LEU QA 395 -62.30 -0.30 -15.34
C LEU QA 395 -62.84 -1.70 -15.50
N MET QA 396 -64.09 -1.92 -15.12
CA MET QA 396 -64.68 -3.25 -15.21
C MET QA 396 -64.85 -3.68 -16.65
N GLY QA 397 -65.35 -2.79 -17.49
CA GLY QA 397 -65.51 -3.15 -18.89
C GLY QA 397 -64.19 -3.31 -19.60
N LEU QA 398 -63.19 -2.51 -19.24
CA LEU QA 398 -61.90 -2.67 -19.88
C LEU QA 398 -61.23 -3.95 -19.41
N ASN QA 399 -61.54 -4.36 -18.18
CA ASN QA 399 -61.16 -5.70 -17.73
C ASN QA 399 -61.83 -6.77 -18.57
N MET QA 400 -63.11 -6.57 -18.88
CA MET QA 400 -63.83 -7.54 -19.70
C MET QA 400 -63.22 -7.67 -21.10
N VAL QA 401 -62.83 -6.54 -21.69
CA VAL QA 401 -62.23 -6.56 -23.02
C VAL QA 401 -60.88 -7.24 -23.02
N ILE QA 402 -59.98 -6.83 -22.12
CA ILE QA 402 -58.66 -7.42 -22.13
C ILE QA 402 -58.72 -8.88 -21.67
N THR QA 403 -59.71 -9.23 -20.85
CA THR QA 403 -59.87 -10.62 -20.44
C THR QA 403 -60.29 -11.48 -21.60
N ALA QA 404 -61.23 -10.96 -22.41
CA ALA QA 404 -61.63 -11.60 -23.64
C ALA QA 404 -60.45 -11.84 -24.55
N LEU QA 405 -59.58 -10.84 -24.68
CA LEU QA 405 -58.55 -10.97 -25.68
C LEU QA 405 -57.40 -11.89 -25.22
N TYR QA 406 -57.01 -11.86 -23.95
CA TYR QA 406 -55.95 -12.82 -23.59
C TYR QA 406 -56.51 -14.24 -23.54
N SER QA 407 -57.74 -14.43 -23.08
CA SER QA 407 -58.30 -15.77 -23.03
C SER QA 407 -58.45 -16.36 -24.42
N LEU QA 408 -58.88 -15.52 -25.36
CA LEU QA 408 -58.93 -15.98 -26.73
C LEU QA 408 -57.55 -16.18 -27.31
N TYR QA 409 -56.55 -15.44 -26.81
CA TYR QA 409 -55.21 -15.63 -27.30
C TYR QA 409 -54.64 -16.96 -26.84
N MET QA 410 -54.97 -17.35 -25.61
CA MET QA 410 -54.62 -18.67 -25.12
C MET QA 410 -55.26 -19.75 -25.96
N LEU QA 411 -56.52 -19.53 -26.36
CA LEU QA 411 -57.17 -20.53 -27.21
C LEU QA 411 -56.53 -20.63 -28.57
N ILE QA 412 -56.41 -19.51 -29.29
CA ILE QA 412 -56.05 -19.63 -30.70
C ILE QA 412 -54.56 -19.46 -30.91
N THR QA 413 -53.79 -19.42 -29.84
CA THR QA 413 -52.35 -19.37 -30.04
C THR QA 413 -51.81 -20.78 -30.18
N THR QA 414 -52.00 -21.59 -29.15
CA THR QA 414 -51.40 -22.90 -29.08
C THR QA 414 -52.19 -23.95 -29.81
N GLN QA 415 -53.42 -23.64 -30.22
CA GLN QA 415 -54.26 -24.70 -30.71
C GLN QA 415 -55.01 -24.24 -31.95
N ARG QA 416 -54.26 -23.62 -32.86
CA ARG QA 416 -54.83 -23.02 -34.05
C ARG QA 416 -53.78 -22.63 -35.09
N GLY QA 417 -53.92 -23.16 -36.30
CA GLY QA 417 -53.27 -22.61 -37.45
C GLY QA 417 -52.27 -23.49 -38.18
N LYS QA 418 -51.34 -24.10 -37.45
CA LYS QA 418 -50.35 -25.01 -38.05
C LYS QA 418 -49.57 -25.75 -37.00
N HIS QA 419 -49.56 -27.08 -37.07
CA HIS QA 419 -48.64 -27.88 -36.28
C HIS QA 419 -47.22 -27.65 -36.77
N THR QA 420 -46.26 -27.65 -35.83
CA THR QA 420 -44.90 -27.33 -36.23
C THR QA 420 -44.20 -28.47 -36.98
N HIS QA 421 -44.84 -29.63 -37.08
CA HIS QA 421 -44.43 -30.81 -37.88
C HIS QA 421 -42.96 -31.19 -37.72
N HIS QA 422 -42.43 -31.01 -36.52
CA HIS QA 422 -41.28 -31.76 -36.07
C HIS QA 422 -41.55 -32.24 -34.66
N ILE QA 423 -42.82 -32.45 -34.34
CA ILE QA 423 -43.23 -32.92 -33.03
C ILE QA 423 -43.15 -34.44 -32.97
N ASN QA 424 -43.95 -35.10 -33.81
CA ASN QA 424 -44.09 -36.54 -34.07
C ASN QA 424 -43.94 -37.46 -32.86
N ASN QA 425 -44.49 -37.04 -31.71
CA ASN QA 425 -44.55 -37.94 -30.58
C ASN QA 425 -45.82 -37.84 -29.76
N ILE QA 426 -46.74 -36.96 -30.10
CA ILE QA 426 -47.89 -36.76 -29.22
C ILE QA 426 -48.85 -37.92 -29.38
N LEU QA 427 -49.30 -38.40 -28.33
CA LEU QA 427 -50.23 -39.50 -28.39
C LEU QA 427 -51.66 -38.99 -28.52
N PRO QA 428 -52.52 -39.77 -29.16
CA PRO QA 428 -53.95 -39.48 -29.07
C PRO QA 428 -54.42 -39.58 -27.63
N SER QA 429 -55.52 -38.89 -27.36
CA SER QA 429 -55.90 -38.56 -25.98
C SER QA 429 -56.23 -39.80 -25.18
N PHE QA 430 -55.70 -39.85 -23.96
CA PHE QA 430 -56.04 -40.95 -23.10
C PHE QA 430 -57.47 -40.81 -22.60
N THR QA 431 -57.96 -41.88 -21.99
CA THR QA 431 -59.25 -41.80 -21.32
C THR QA 431 -59.17 -40.96 -20.07
N ARG QA 432 -57.99 -40.85 -19.46
CA ARG QA 432 -57.88 -40.24 -18.15
C ARG QA 432 -58.10 -38.74 -18.22
N GLU QA 433 -57.45 -38.06 -19.16
CA GLU QA 433 -57.62 -36.63 -19.27
C GLU QA 433 -59.03 -36.27 -19.70
N ASN QA 434 -59.63 -37.12 -20.53
CA ASN QA 434 -61.02 -36.95 -20.90
C ASN QA 434 -61.92 -37.09 -19.68
N ALA QA 435 -61.56 -37.99 -18.76
CA ALA QA 435 -62.33 -38.13 -17.54
C ALA QA 435 -62.18 -36.92 -16.64
N LEU QA 436 -61.00 -36.34 -16.62
CA LEU QA 436 -60.75 -35.17 -15.77
C LEU QA 436 -61.50 -33.96 -16.27
N MET QA 437 -61.50 -33.78 -17.59
CA MET QA 437 -62.31 -32.72 -18.17
C MET QA 437 -63.80 -32.96 -17.90
N SER QA 438 -64.22 -34.23 -17.94
CA SER QA 438 -65.61 -34.54 -17.69
C SER QA 438 -66.00 -34.26 -16.24
N LEU QA 439 -65.08 -34.46 -15.32
CA LEU QA 439 -65.38 -34.17 -13.93
C LEU QA 439 -65.34 -32.69 -13.64
N HIS QA 440 -64.59 -31.90 -14.39
CA HIS QA 440 -64.72 -30.45 -14.22
C HIS QA 440 -66.03 -29.95 -14.78
N MET QA 441 -66.33 -30.24 -16.04
CA MET QA 441 -67.37 -29.47 -16.73
C MET QA 441 -68.72 -30.13 -16.78
N LEU QA 442 -68.94 -31.15 -16.01
CA LEU QA 442 -70.33 -31.42 -15.73
C LEU QA 442 -70.87 -30.55 -14.58
N PRO QA 443 -70.20 -30.41 -13.41
CA PRO QA 443 -70.82 -29.59 -12.36
C PRO QA 443 -70.87 -28.12 -12.66
N LEU QA 444 -70.01 -27.60 -13.52
CA LEU QA 444 -70.11 -26.18 -13.82
C LEU QA 444 -71.37 -25.87 -14.61
N LEU QA 445 -71.70 -26.70 -15.59
CA LEU QA 445 -72.94 -26.49 -16.32
C LEU QA 445 -74.15 -26.88 -15.46
N LEU QA 446 -73.99 -27.88 -14.60
CA LEU QA 446 -75.12 -28.24 -13.76
C LEU QA 446 -75.42 -27.18 -12.71
N LEU QA 447 -74.42 -26.44 -12.27
CA LEU QA 447 -74.74 -25.27 -11.45
C LEU QA 447 -75.19 -24.11 -12.31
N SER QA 448 -74.81 -24.09 -13.58
CA SER QA 448 -75.31 -23.06 -14.48
C SER QA 448 -76.81 -23.15 -14.64
N LEU QA 449 -77.36 -24.36 -14.52
CA LEU QA 449 -78.81 -24.49 -14.51
C LEU QA 449 -79.42 -23.95 -13.23
N ASN QA 450 -78.99 -24.47 -12.07
CA ASN QA 450 -79.64 -24.16 -10.79
C ASN QA 450 -78.63 -23.58 -9.80
N PRO QA 451 -78.43 -22.26 -9.80
CA PRO QA 451 -77.36 -21.67 -8.99
C PRO QA 451 -77.78 -21.08 -7.65
N LYS QA 452 -79.02 -21.27 -7.21
CA LYS QA 452 -79.48 -20.73 -5.93
C LYS QA 452 -78.76 -21.34 -4.73
N ILE QA 453 -78.06 -22.45 -4.94
CA ILE QA 453 -77.27 -23.08 -3.90
C ILE QA 453 -76.10 -22.19 -3.52
N ILE QA 454 -75.32 -21.77 -4.51
CA ILE QA 454 -73.98 -21.29 -4.25
C ILE QA 454 -73.91 -19.83 -3.85
N LEU QA 455 -75.03 -19.12 -3.87
CA LEU QA 455 -74.98 -17.76 -3.40
C LEU QA 455 -74.82 -17.74 -1.88
N GLY QA 456 -74.37 -16.61 -1.38
CA GLY QA 456 -73.78 -16.57 -0.07
C GLY QA 456 -74.75 -16.53 1.09
N PRO QA 457 -74.28 -16.03 2.23
CA PRO QA 457 -75.17 -15.83 3.37
C PRO QA 457 -76.26 -14.83 3.07
N LEU QA 458 -75.96 -13.83 2.26
CA LEU QA 458 -76.92 -12.77 1.97
C LEU QA 458 -77.75 -13.11 0.74
N TYR QA 459 -78.31 -14.30 0.75
CA TYR QA 459 -79.20 -14.74 -0.29
C TYR QA 459 -80.57 -14.19 0.02
N MET RA 1 -10.53 -41.23 30.20
CA MET RA 1 -11.90 -41.44 30.62
C MET RA 1 -12.13 -42.85 31.19
N ASN RA 2 -12.76 -42.91 32.34
CA ASN RA 2 -13.33 -44.18 32.72
C ASN RA 2 -14.85 -44.05 32.72
N PRO RA 3 -15.55 -45.12 32.37
CA PRO RA 3 -17.01 -45.09 32.46
C PRO RA 3 -17.51 -44.87 33.87
N ILE RA 4 -16.79 -45.39 34.86
CA ILE RA 4 -17.12 -45.07 36.25
C ILE RA 4 -16.94 -43.58 36.50
N ILE RA 5 -15.88 -42.99 35.93
CA ILE RA 5 -15.63 -41.57 36.14
C ILE RA 5 -16.67 -40.73 35.43
N LEU RA 6 -17.17 -41.20 34.29
CA LEU RA 6 -18.25 -40.47 33.61
C LEU RA 6 -19.55 -40.54 34.40
N ILE RA 7 -19.84 -41.69 35.02
CA ILE RA 7 -21.00 -41.75 35.89
C ILE RA 7 -20.83 -40.83 37.09
N ILE RA 8 -19.59 -40.69 37.58
CA ILE RA 8 -19.29 -39.75 38.66
C ILE RA 8 -19.51 -38.32 38.22
N ILE RA 9 -19.05 -37.96 37.03
CA ILE RA 9 -19.16 -36.58 36.58
C ILE RA 9 -20.62 -36.22 36.30
N LEU RA 10 -21.38 -37.17 35.78
CA LEU RA 10 -22.82 -36.95 35.63
C LEU RA 10 -23.50 -36.81 36.98
N MET RA 11 -23.06 -37.59 37.99
CA MET RA 11 -23.59 -37.45 39.34
C MET RA 11 -23.30 -36.06 39.88
N THR RA 12 -22.15 -35.51 39.59
CA THR RA 12 -21.83 -34.20 40.12
C THR RA 12 -22.51 -33.08 39.36
N VAL RA 13 -22.74 -33.22 38.07
CA VAL RA 13 -23.55 -32.23 37.35
C VAL RA 13 -24.96 -32.22 37.90
N MET RA 14 -25.54 -33.41 38.10
CA MET RA 14 -26.88 -33.51 38.64
C MET RA 14 -26.95 -33.01 40.07
N LEU RA 15 -25.92 -33.28 40.87
CA LEU RA 15 -25.85 -32.74 42.21
C LEU RA 15 -25.78 -31.23 42.19
N GLY RA 16 -24.98 -30.65 41.30
CA GLY RA 16 -24.86 -29.21 41.25
C GLY RA 16 -26.15 -28.54 40.82
N THR RA 17 -26.82 -29.10 39.81
CA THR RA 17 -28.04 -28.47 39.34
C THR RA 17 -29.18 -28.66 40.33
N ILE RA 18 -29.23 -29.82 40.99
CA ILE RA 18 -30.24 -30.02 42.02
C ILE RA 18 -29.99 -29.12 43.22
N ILE RA 19 -28.73 -28.83 43.54
CA ILE RA 19 -28.41 -27.85 44.57
C ILE RA 19 -28.93 -26.48 44.18
N VAL RA 20 -28.78 -26.11 42.90
CA VAL RA 20 -29.28 -24.82 42.46
C VAL RA 20 -30.80 -24.77 42.54
N MET RA 21 -31.46 -25.88 42.23
CA MET RA 21 -32.92 -25.91 42.32
C MET RA 21 -33.40 -25.83 43.76
N ILE RA 22 -32.72 -26.54 44.66
CA ILE RA 22 -33.34 -26.92 45.91
C ILE RA 22 -32.99 -25.99 47.07
N SER RA 23 -31.91 -25.26 46.99
CA SER RA 23 -31.45 -24.59 48.19
C SER RA 23 -32.13 -23.24 48.34
N THR RA 24 -32.01 -22.68 49.54
CA THR RA 24 -32.54 -21.38 49.87
C THR RA 24 -31.49 -20.41 50.34
N HIS RA 25 -30.23 -20.80 50.34
CA HIS RA 25 -29.13 -19.97 50.82
C HIS RA 25 -28.31 -19.51 49.64
N TRP RA 26 -27.77 -18.31 49.73
CA TRP RA 26 -27.12 -17.71 48.57
C TRP RA 26 -25.78 -18.37 48.28
N LEU RA 27 -25.04 -18.67 49.36
CA LEU RA 27 -23.78 -19.41 49.25
C LEU RA 27 -23.97 -20.74 48.54
N LEU RA 28 -25.09 -21.41 48.80
CA LEU RA 28 -25.34 -22.68 48.16
C LEU RA 28 -25.60 -22.53 46.66
N ILE RA 29 -26.23 -21.45 46.25
CA ILE RA 29 -26.47 -21.26 44.83
C ILE RA 29 -25.18 -20.98 44.11
N TRP RA 30 -24.30 -20.22 44.74
CA TRP RA 30 -23.03 -19.94 44.10
C TRP RA 30 -22.15 -21.18 44.03
N ILE RA 31 -22.21 -22.00 45.08
CA ILE RA 31 -21.57 -23.31 45.06
C ILE RA 31 -22.12 -24.17 43.93
N GLY RA 32 -23.43 -24.08 43.70
CA GLY RA 32 -24.03 -24.87 42.63
C GLY RA 32 -23.53 -24.47 41.26
N PHE RA 33 -23.39 -23.17 41.00
CA PHE RA 33 -22.87 -22.75 39.71
C PHE RA 33 -21.40 -23.11 39.53
N GLU RA 34 -20.61 -22.97 40.59
CA GLU RA 34 -19.20 -23.34 40.47
C GLU RA 34 -19.01 -24.84 40.26
N MET RA 35 -19.70 -25.67 41.03
CA MET RA 35 -19.58 -27.11 40.86
C MET RA 35 -20.11 -27.55 39.51
N ASN RA 36 -21.10 -26.83 38.98
CA ASN RA 36 -21.56 -27.10 37.63
C ASN RA 36 -20.45 -26.86 36.62
N MET RA 37 -19.72 -25.76 36.77
CA MET RA 37 -18.58 -25.50 35.90
C MET RA 37 -17.51 -26.58 36.01
N LEU RA 38 -17.07 -26.88 37.25
CA LEU RA 38 -15.98 -27.83 37.48
C LEU RA 38 -16.31 -29.22 36.96
N ALA RA 39 -17.56 -29.63 37.09
CA ALA RA 39 -17.93 -30.93 36.56
C ALA RA 39 -18.03 -30.90 35.04
N ILE RA 40 -18.54 -29.81 34.47
CA ILE RA 40 -18.76 -29.83 33.02
C ILE RA 40 -17.49 -29.59 32.24
N ILE RA 41 -16.40 -29.20 32.88
CA ILE RA 41 -15.15 -29.00 32.15
C ILE RA 41 -14.57 -30.29 31.58
N PRO RA 42 -14.46 -31.42 32.29
CA PRO RA 42 -13.92 -32.61 31.61
C PRO RA 42 -14.92 -33.42 30.83
N ILE RA 43 -16.18 -33.03 30.74
CA ILE RA 43 -17.00 -33.60 29.70
C ILE RA 43 -16.57 -33.06 28.35
N MET RA 44 -16.30 -31.76 28.28
CA MET RA 44 -15.51 -31.23 27.19
C MET RA 44 -14.06 -31.69 27.37
N MET RA 45 -13.27 -31.55 26.30
CA MET RA 45 -11.97 -32.23 26.18
C MET RA 45 -12.16 -33.72 26.41
N LYS RA 46 -13.24 -34.27 25.87
CA LYS RA 46 -13.44 -35.70 25.95
C LYS RA 46 -12.47 -36.40 25.02
N LYS RA 47 -12.21 -35.82 23.87
CA LYS RA 47 -11.06 -36.17 23.06
C LYS RA 47 -9.90 -35.29 23.51
N HIS RA 48 -8.79 -35.27 22.77
CA HIS RA 48 -7.66 -34.47 23.23
C HIS RA 48 -7.16 -33.53 22.15
N ASN RA 49 -7.97 -33.28 21.14
CA ASN RA 49 -7.64 -32.32 20.11
C ASN RA 49 -7.59 -30.90 20.69
N PRO RA 50 -6.73 -30.03 20.14
CA PRO RA 50 -6.59 -28.69 20.70
C PRO RA 50 -7.81 -27.80 20.53
N ARG RA 51 -8.74 -28.15 19.63
CA ARG RA 51 -9.99 -27.41 19.50
C ARG RA 51 -10.76 -27.44 20.81
N ALA RA 52 -10.90 -28.62 21.40
CA ALA RA 52 -11.61 -28.74 22.67
C ALA RA 52 -10.89 -28.03 23.79
N THR RA 53 -9.56 -27.96 23.72
CA THR RA 53 -8.80 -27.31 24.76
C THR RA 53 -9.00 -25.80 24.73
N GLU RA 54 -8.97 -25.20 23.54
CA GLU RA 54 -9.23 -23.75 23.48
C GLU RA 54 -10.69 -23.44 23.80
N ALA RA 55 -11.61 -24.31 23.41
CA ALA RA 55 -13.01 -24.12 23.75
C ALA RA 55 -13.21 -24.12 25.25
N SER RA 56 -12.61 -25.11 25.94
CA SER RA 56 -12.75 -25.20 27.38
C SER RA 56 -12.07 -24.04 28.08
N THR RA 57 -11.00 -23.49 27.49
CA THR RA 57 -10.36 -22.32 28.08
C THR RA 57 -11.30 -21.12 28.08
N LYS RA 58 -11.90 -20.86 26.91
CA LYS RA 58 -12.82 -19.73 26.78
C LYS RA 58 -14.02 -19.89 27.72
N TYR RA 59 -14.52 -21.13 27.82
CA TYR RA 59 -15.67 -21.40 28.65
C TYR RA 59 -15.36 -21.20 30.11
N PHE RA 60 -14.20 -21.69 30.54
CA PHE RA 60 -13.82 -21.53 31.94
C PHE RA 60 -13.67 -20.06 32.30
N LEU RA 61 -13.06 -19.27 31.42
CA LEU RA 61 -12.84 -17.87 31.78
C LEU RA 61 -14.13 -17.10 31.92
N THR RA 62 -15.02 -17.19 30.92
CA THR RA 62 -16.25 -16.40 31.03
C THR RA 62 -17.18 -16.95 32.10
N GLN RA 63 -17.23 -18.28 32.26
CA GLN RA 63 -18.07 -18.86 33.28
C GLN RA 63 -17.62 -18.50 34.67
N SER RA 64 -16.31 -18.55 34.92
CA SER RA 64 -15.82 -18.23 36.26
C SER RA 64 -15.98 -16.76 36.58
N THR RA 65 -15.83 -15.88 35.58
CA THR RA 65 -16.04 -14.49 35.93
C THR RA 65 -17.51 -14.15 36.11
N ALA RA 66 -18.40 -14.88 35.46
CA ALA RA 66 -19.82 -14.74 35.77
C ALA RA 66 -20.12 -15.20 37.19
N SER RA 67 -19.46 -16.28 37.62
CA SER RA 67 -19.62 -16.76 38.98
C SER RA 67 -19.18 -15.73 40.00
N MET RA 68 -18.04 -15.08 39.76
CA MET RA 68 -17.56 -14.14 40.75
C MET RA 68 -18.37 -12.85 40.74
N LEU RA 69 -18.87 -12.43 39.59
CA LEU RA 69 -19.71 -11.23 39.59
C LEU RA 69 -21.05 -11.51 40.26
N LEU RA 70 -21.52 -12.77 40.19
CA LEU RA 70 -22.67 -13.17 40.97
C LEU RA 70 -22.40 -13.04 42.46
N MET RA 71 -21.21 -13.46 42.88
CA MET RA 71 -20.89 -13.32 44.30
C MET RA 71 -20.79 -11.86 44.72
N MET RA 72 -20.33 -11.00 43.81
CA MET RA 72 -20.38 -9.57 44.07
C MET RA 72 -21.81 -9.09 44.30
N ALA RA 73 -22.76 -9.60 43.52
CA ALA RA 73 -24.15 -9.20 43.72
C ALA RA 73 -24.69 -9.65 45.08
N ILE RA 74 -24.29 -10.84 45.53
CA ILE RA 74 -24.76 -11.31 46.84
C ILE RA 74 -24.16 -10.48 47.96
N ILE RA 75 -22.88 -10.13 47.85
CA ILE RA 75 -22.29 -9.34 48.93
C ILE RA 75 -22.78 -7.90 48.89
N ILE RA 76 -23.26 -7.41 47.75
CA ILE RA 76 -24.01 -6.15 47.77
C ILE RA 76 -25.32 -6.32 48.51
N ASN RA 77 -25.99 -7.45 48.32
CA ASN RA 77 -27.27 -7.67 49.00
C ASN RA 77 -27.09 -7.70 50.50
N LEU RA 78 -25.96 -8.17 50.97
CA LEU RA 78 -25.70 -8.06 52.39
C LEU RA 78 -25.06 -6.72 52.79
N MET RA 79 -24.53 -5.94 51.83
CA MET RA 79 -24.18 -4.55 52.15
C MET RA 79 -25.42 -3.76 52.51
N PHE RA 80 -26.50 -4.02 51.81
CA PHE RA 80 -27.82 -3.55 52.21
C PHE RA 80 -28.42 -4.60 53.15
N SER RA 81 -29.75 -4.62 53.27
CA SER RA 81 -30.48 -5.52 54.15
C SER RA 81 -30.01 -6.97 54.09
N GLY RA 82 -29.39 -7.42 55.17
CA GLY RA 82 -28.57 -8.61 55.08
C GLY RA 82 -29.24 -9.83 55.65
N GLN RA 83 -29.71 -10.70 54.77
CA GLN RA 83 -30.14 -12.03 55.16
C GLN RA 83 -30.01 -12.92 53.95
N TRP RA 84 -29.84 -14.20 54.21
CA TRP RA 84 -29.55 -15.15 53.14
C TRP RA 84 -30.80 -15.93 52.75
N THR RA 85 -31.85 -15.21 52.38
CA THR RA 85 -33.08 -15.84 51.90
C THR RA 85 -33.27 -15.45 50.45
N VAL RA 86 -33.52 -16.43 49.59
CA VAL RA 86 -33.66 -16.16 48.18
C VAL RA 86 -35.04 -15.56 47.96
N MET RA 87 -35.08 -14.24 47.85
CA MET RA 87 -36.34 -13.50 47.85
C MET RA 87 -36.17 -12.28 46.97
N LYS RA 88 -37.07 -11.33 47.11
CA LYS RA 88 -36.88 -9.98 46.60
C LYS RA 88 -35.54 -9.43 47.05
N LEU RA 89 -34.79 -8.84 46.12
CA LEU RA 89 -33.56 -8.20 46.53
C LEU RA 89 -33.82 -6.81 47.10
N PHE RA 90 -32.75 -6.13 47.51
CA PHE RA 90 -32.89 -4.86 48.22
C PHE RA 90 -31.95 -3.81 47.65
N ASN RA 91 -31.73 -3.85 46.35
CA ASN RA 91 -30.95 -2.87 45.63
C ASN RA 91 -31.24 -3.05 44.15
N PRO RA 92 -31.63 -2.01 43.44
CA PRO RA 92 -31.63 -2.08 41.98
C PRO RA 92 -30.25 -2.33 41.40
N MET RA 93 -29.18 -1.79 42.02
CA MET RA 93 -27.83 -2.04 41.53
C MET RA 93 -27.44 -3.50 41.70
N ALA RA 94 -27.82 -4.10 42.83
CA ALA RA 94 -27.52 -5.51 43.04
C ALA RA 94 -28.27 -6.38 42.05
N SER RA 95 -29.54 -6.07 41.80
CA SER RA 95 -30.32 -6.83 40.83
C SER RA 95 -29.74 -6.68 39.44
N MET RA 96 -29.21 -5.50 39.12
CA MET RA 96 -28.58 -5.28 37.83
C MET RA 96 -27.34 -6.15 37.66
N LEU RA 97 -26.46 -6.13 38.66
CA LEU RA 97 -25.28 -7.00 38.61
C LEU RA 97 -25.65 -8.47 38.59
N MET RA 98 -26.73 -8.83 39.27
CA MET RA 98 -27.06 -10.24 39.36
C MET RA 98 -27.65 -10.77 38.07
N THR RA 99 -28.54 -10.01 37.43
CA THR RA 99 -29.07 -10.47 36.16
C THR RA 99 -28.03 -10.39 35.07
N MET RA 100 -27.06 -9.47 35.18
CA MET RA 100 -25.99 -9.52 34.20
C MET RA 100 -25.08 -10.71 34.42
N ALA RA 101 -24.93 -11.16 35.68
CA ALA RA 101 -24.21 -12.41 35.92
C ALA RA 101 -24.94 -13.59 35.30
N LEU RA 102 -26.26 -13.65 35.46
CA LEU RA 102 -26.97 -14.79 34.89
C LEU RA 102 -27.06 -14.70 33.37
N ALA RA 103 -27.02 -13.49 32.82
CA ALA RA 103 -27.04 -13.36 31.38
C ALA RA 103 -25.71 -13.81 30.79
N MET RA 104 -24.61 -13.51 31.47
CA MET RA 104 -23.35 -14.13 31.07
C MET RA 104 -23.39 -15.63 31.24
N LYS RA 105 -24.11 -16.11 32.26
CA LYS RA 105 -24.11 -17.52 32.57
C LYS RA 105 -24.81 -18.34 31.50
N LEU RA 106 -26.03 -17.97 31.14
CA LEU RA 106 -26.82 -18.80 30.24
C LEU RA 106 -26.70 -18.40 28.78
N GLY RA 107 -25.89 -17.41 28.45
CA GLY RA 107 -25.77 -17.02 27.06
C GLY RA 107 -26.84 -16.02 26.65
N MET RA 108 -26.43 -14.84 26.24
CA MET RA 108 -27.36 -13.75 26.00
C MET RA 108 -26.63 -12.74 25.12
N ALA RA 109 -27.38 -11.80 24.56
CA ALA RA 109 -26.90 -10.95 23.47
C ALA RA 109 -25.59 -10.18 23.68
N PRO RA 110 -25.31 -9.52 24.81
CA PRO RA 110 -24.00 -8.90 24.92
C PRO RA 110 -22.91 -9.91 25.19
N PHE RA 111 -23.30 -11.13 25.57
CA PHE RA 111 -22.47 -12.08 26.28
C PHE RA 111 -22.32 -13.39 25.54
N HIS RA 112 -22.81 -13.47 24.31
CA HIS RA 112 -22.95 -14.72 23.59
C HIS RA 112 -21.73 -15.09 22.77
N PHE RA 113 -20.63 -14.38 22.95
CA PHE RA 113 -19.49 -14.59 22.08
C PHE RA 113 -18.77 -15.88 22.35
N TRP RA 114 -19.03 -16.50 23.49
CA TRP RA 114 -18.43 -17.78 23.77
C TRP RA 114 -19.31 -18.94 23.39
N VAL RA 115 -20.56 -18.71 22.99
CA VAL RA 115 -21.45 -19.84 22.73
C VAL RA 115 -21.11 -20.55 21.41
N PRO RA 116 -20.97 -19.89 20.26
CA PRO RA 116 -20.56 -20.66 19.07
C PRO RA 116 -19.14 -21.15 19.15
N GLU RA 117 -18.24 -20.36 19.75
CA GLU RA 117 -16.88 -20.84 19.90
C GLU RA 117 -16.79 -21.98 20.89
N VAL RA 118 -17.67 -22.05 21.89
CA VAL RA 118 -17.56 -23.19 22.78
C VAL RA 118 -18.22 -24.40 22.15
N THR RA 119 -19.15 -24.19 21.22
CA THR RA 119 -19.79 -25.36 20.66
C THR RA 119 -19.12 -25.90 19.42
N GLN RA 120 -18.28 -25.11 18.73
CA GLN RA 120 -17.81 -25.57 17.43
C GLN RA 120 -16.76 -26.65 17.56
N GLY RA 121 -15.87 -26.54 18.55
CA GLY RA 121 -14.76 -27.47 18.61
C GLY RA 121 -14.89 -28.56 19.64
N ILE RA 122 -16.12 -28.89 19.99
CA ILE RA 122 -16.40 -29.92 20.98
C ILE RA 122 -17.23 -31.00 20.29
N PRO RA 123 -17.25 -32.23 20.81
CA PRO RA 123 -18.12 -33.23 20.20
C PRO RA 123 -19.58 -33.00 20.51
N LEU RA 124 -20.44 -33.91 20.03
CA LEU RA 124 -21.88 -33.66 20.10
C LEU RA 124 -22.42 -33.86 21.51
N SER RA 125 -21.89 -34.86 22.24
CA SER RA 125 -22.40 -35.17 23.57
C SER RA 125 -22.15 -34.04 24.54
N SER RA 126 -20.98 -33.43 24.42
CA SER RA 126 -20.64 -32.27 25.24
C SER RA 126 -21.55 -31.09 24.93
N GLY RA 127 -21.85 -30.87 23.65
CA GLY RA 127 -22.73 -29.78 23.29
C GLY RA 127 -24.14 -29.98 23.81
N LEU RA 128 -24.62 -31.22 23.74
CA LEU RA 128 -25.94 -31.55 24.25
C LEU RA 128 -26.02 -31.31 25.75
N ILE RA 129 -25.04 -31.82 26.50
CA ILE RA 129 -25.14 -31.70 27.95
C ILE RA 129 -24.95 -30.27 28.40
N LEU RA 130 -24.13 -29.49 27.69
CA LEU RA 130 -23.97 -28.12 28.14
C LEU RA 130 -25.20 -27.31 27.81
N LEU RA 131 -25.85 -27.58 26.68
CA LEU RA 131 -27.10 -26.89 26.41
C LEU RA 131 -28.17 -27.22 27.42
N THR RA 132 -28.34 -28.50 27.77
CA THR RA 132 -29.39 -28.86 28.72
C THR RA 132 -29.14 -28.26 30.10
N TRP RA 133 -28.02 -28.58 30.74
CA TRP RA 133 -27.94 -28.10 32.10
C TRP RA 133 -27.46 -26.66 32.20
N GLN RA 134 -26.69 -26.18 31.24
CA GLN RA 134 -26.31 -24.78 31.22
C GLN RA 134 -27.37 -23.87 30.63
N LYS RA 135 -28.54 -24.38 30.25
CA LYS RA 135 -29.68 -23.49 30.18
C LYS RA 135 -30.68 -23.77 31.28
N LEU RA 136 -30.54 -24.89 31.99
CA LEU RA 136 -31.53 -25.19 33.00
C LEU RA 136 -31.17 -24.64 34.37
N ALA RA 137 -29.89 -24.50 34.66
CA ALA RA 137 -29.48 -24.03 35.98
C ALA RA 137 -29.87 -22.59 36.32
N PRO RA 138 -29.79 -21.58 35.43
CA PRO RA 138 -30.12 -20.24 35.91
C PRO RA 138 -31.60 -19.90 35.92
N MET RA 139 -32.39 -20.64 35.14
CA MET RA 139 -33.83 -20.36 35.03
C MET RA 139 -34.54 -20.50 36.36
N SER RA 140 -34.10 -21.44 37.20
CA SER RA 140 -34.64 -21.55 38.55
C SER RA 140 -34.34 -20.30 39.34
N VAL RA 141 -33.14 -19.75 39.18
CA VAL RA 141 -32.76 -18.57 39.94
C VAL RA 141 -33.58 -17.37 39.49
N LEU RA 142 -33.71 -17.17 38.19
CA LEU RA 142 -34.47 -16.01 37.69
C LEU RA 142 -35.96 -16.12 38.01
N TYR RA 143 -36.50 -17.33 37.90
CA TYR RA 143 -37.86 -17.61 38.35
C TYR RA 143 -38.06 -17.29 39.82
N GLN RA 144 -37.02 -17.47 40.64
CA GLN RA 144 -37.13 -17.04 42.02
C GLN RA 144 -37.11 -15.53 42.14
N ILE RA 145 -36.06 -14.89 41.63
CA ILE RA 145 -35.79 -13.51 42.04
C ILE RA 145 -36.38 -12.50 41.07
N LEU RA 146 -37.37 -12.92 40.29
CA LEU RA 146 -38.11 -11.96 39.45
C LEU RA 146 -38.71 -10.73 40.16
N PRO RA 147 -39.26 -10.78 41.41
CA PRO RA 147 -40.00 -9.59 41.87
C PRO RA 147 -39.15 -8.39 42.29
N SER RA 148 -37.87 -8.33 41.95
CA SER RA 148 -37.10 -7.13 42.23
C SER RA 148 -36.15 -6.80 41.09
N ILE RA 149 -36.62 -6.87 39.86
CA ILE RA 149 -35.76 -6.63 38.71
C ILE RA 149 -36.28 -5.42 37.94
N ASN RA 150 -35.37 -4.49 37.63
CA ASN RA 150 -35.68 -3.46 36.64
C ASN RA 150 -35.95 -4.14 35.32
N LEU RA 151 -37.12 -3.86 34.75
CA LEU RA 151 -37.64 -4.66 33.65
C LEU RA 151 -36.85 -4.45 32.37
N ASP RA 152 -36.30 -3.26 32.18
CA ASP RA 152 -35.68 -2.90 30.92
C ASP RA 152 -34.46 -3.75 30.64
N LEU RA 153 -33.77 -4.18 31.70
CA LEU RA 153 -32.73 -5.19 31.62
C LEU RA 153 -33.19 -6.44 30.90
N ILE RA 154 -34.20 -7.09 31.48
CA ILE RA 154 -34.68 -8.37 30.97
C ILE RA 154 -35.23 -8.23 29.57
N LEU RA 155 -35.98 -7.16 29.34
CA LEU RA 155 -36.62 -7.01 28.04
C LEU RA 155 -35.60 -6.65 26.98
N THR RA 156 -34.59 -5.85 27.34
CA THR RA 156 -33.52 -5.49 26.41
C THR RA 156 -32.72 -6.71 26.01
N LEU RA 157 -32.34 -7.52 27.00
CA LEU RA 157 -31.55 -8.68 26.69
C LEU RA 157 -32.35 -9.72 25.92
N SER RA 158 -33.65 -9.80 26.18
CA SER RA 158 -34.51 -10.72 25.44
C SER RA 158 -34.61 -10.33 23.98
N ILE RA 159 -34.97 -9.06 23.71
CA ILE RA 159 -35.10 -8.56 22.35
C ILE RA 159 -33.80 -8.71 21.60
N LEU RA 160 -32.71 -8.26 22.21
CA LEU RA 160 -31.46 -8.24 21.48
C LEU RA 160 -30.92 -9.65 21.27
N SER RA 161 -31.18 -10.57 22.20
CA SER RA 161 -30.76 -11.95 21.96
C SER RA 161 -31.59 -12.60 20.87
N ILE RA 162 -32.87 -12.26 20.79
CA ILE RA 162 -33.69 -12.80 19.72
C ILE RA 162 -33.20 -12.28 18.36
N THR RA 163 -32.89 -11.00 18.25
CA THR RA 163 -32.44 -10.53 16.94
C THR RA 163 -30.98 -10.86 16.65
N ILE RA 164 -30.13 -11.09 17.65
CA ILE RA 164 -28.77 -11.50 17.35
C ILE RA 164 -28.75 -12.95 16.91
N GLY RA 165 -29.43 -13.82 17.67
CA GLY RA 165 -29.57 -15.19 17.23
C GLY RA 165 -30.37 -15.34 15.96
N GLY RA 166 -31.13 -14.34 15.60
CA GLY RA 166 -31.59 -14.26 14.24
C GLY RA 166 -30.49 -13.96 13.27
N TRP RA 167 -29.96 -12.73 13.31
CA TRP RA 167 -29.18 -12.22 12.18
C TRP RA 167 -27.84 -12.93 12.07
N GLY RA 168 -27.14 -13.05 13.20
CA GLY RA 168 -26.17 -14.11 13.31
C GLY RA 168 -26.93 -15.41 13.23
N GLY RA 169 -26.66 -16.21 12.22
CA GLY RA 169 -27.38 -17.44 12.04
C GLY RA 169 -27.64 -17.69 10.57
N LEU RA 170 -27.52 -16.65 9.77
CA LEU RA 170 -27.71 -16.80 8.34
C LEU RA 170 -26.44 -17.18 7.63
N ASN RA 171 -25.37 -17.45 8.37
CA ASN RA 171 -24.06 -17.44 7.76
C ASN RA 171 -23.27 -18.72 8.00
N GLN RA 172 -23.75 -19.62 8.85
CA GLN RA 172 -22.94 -20.75 9.26
C GLN RA 172 -23.51 -22.05 8.72
N THR RA 173 -22.63 -22.91 8.21
CA THR RA 173 -22.99 -24.30 7.97
C THR RA 173 -22.37 -25.23 8.99
N GLN RA 174 -21.54 -24.72 9.89
CA GLN RA 174 -21.13 -25.49 11.05
C GLN RA 174 -22.34 -25.71 11.92
N LEU RA 175 -22.84 -26.95 11.98
CA LEU RA 175 -24.13 -27.24 12.58
C LEU RA 175 -24.17 -26.95 14.06
N ARG RA 176 -23.02 -26.99 14.72
CA ARG RA 176 -22.95 -26.57 16.11
C ARG RA 176 -23.20 -25.07 16.22
N LYS RA 177 -22.71 -24.27 15.27
CA LYS RA 177 -22.99 -22.84 15.33
C LYS RA 177 -24.44 -22.54 15.03
N ILE RA 178 -25.06 -23.31 14.13
CA ILE RA 178 -26.48 -23.13 13.86
C ILE RA 178 -27.30 -23.45 15.10
N MET RA 179 -26.97 -24.56 15.75
CA MET RA 179 -27.72 -24.93 16.96
C MET RA 179 -27.43 -23.97 18.10
N ALA RA 180 -26.24 -23.37 18.12
CA ALA RA 180 -25.94 -22.42 19.18
C ALA RA 180 -26.71 -21.11 18.99
N TYR RA 181 -26.77 -20.61 17.76
CA TYR RA 181 -27.57 -19.42 17.53
C TYR RA 181 -29.06 -19.69 17.73
N SER RA 182 -29.49 -20.92 17.47
CA SER RA 182 -30.86 -21.32 17.82
C SER RA 182 -31.08 -21.24 19.32
N SER RA 183 -30.07 -21.67 20.09
CA SER RA 183 -30.17 -21.60 21.55
C SER RA 183 -30.28 -20.16 22.01
N ILE RA 184 -29.54 -19.25 21.36
CA ILE RA 184 -29.59 -17.85 21.74
C ILE RA 184 -30.97 -17.26 21.47
N ALA RA 185 -31.55 -17.59 20.32
CA ALA RA 185 -32.85 -17.03 19.97
C ALA RA 185 -33.94 -17.55 20.91
N HIS RA 186 -33.92 -18.85 21.22
CA HIS RA 186 -34.93 -19.33 22.14
C HIS RA 186 -34.68 -18.85 23.57
N MET RA 187 -33.44 -18.61 23.97
CA MET RA 187 -33.23 -18.07 25.31
C MET RA 187 -33.65 -16.63 25.41
N GLY RA 188 -33.61 -15.88 24.30
CA GLY RA 188 -34.22 -14.57 24.31
C GLY RA 188 -35.71 -14.63 24.55
N TRP RA 189 -36.38 -15.55 23.84
CA TRP RA 189 -37.81 -15.79 24.08
C TRP RA 189 -38.09 -16.18 25.53
N MET RA 190 -37.26 -17.03 26.09
CA MET RA 190 -37.54 -17.56 27.42
C MET RA 190 -37.13 -16.61 28.52
N THR RA 191 -36.28 -15.64 28.23
CA THR RA 191 -36.03 -14.60 29.22
C THR RA 191 -37.13 -13.58 29.20
N ALA RA 192 -37.80 -13.41 28.06
CA ALA RA 192 -38.69 -12.27 27.84
C ALA RA 192 -39.86 -12.20 28.83
N VAL RA 193 -40.51 -13.33 29.11
CA VAL RA 193 -41.82 -13.24 29.73
C VAL RA 193 -41.65 -13.61 31.20
N LEU RA 194 -40.47 -13.31 31.72
CA LEU RA 194 -40.17 -13.63 33.10
C LEU RA 194 -40.99 -12.77 34.06
N LEU RA 195 -41.27 -11.53 33.69
CA LEU RA 195 -41.93 -10.60 34.59
C LEU RA 195 -43.43 -10.55 34.37
N TYR RA 196 -43.96 -11.45 33.56
CA TYR RA 196 -45.38 -11.45 33.23
C TYR RA 196 -46.08 -12.70 33.72
N ASN RA 197 -45.62 -13.86 33.31
CA ASN RA 197 -46.09 -15.12 33.86
C ASN RA 197 -44.99 -16.15 33.65
N PRO RA 198 -44.36 -16.63 34.70
CA PRO RA 198 -43.20 -17.51 34.53
C PRO RA 198 -43.55 -18.94 34.19
N THR RA 199 -44.85 -19.27 34.23
CA THR RA 199 -45.34 -20.56 33.73
C THR RA 199 -45.00 -20.74 32.26
N MET RA 200 -45.14 -19.67 31.48
CA MET RA 200 -44.79 -19.73 30.07
C MET RA 200 -43.31 -19.96 29.87
N THR RA 201 -42.48 -19.33 30.70
CA THR RA 201 -41.04 -19.51 30.58
C THR RA 201 -40.66 -20.94 30.88
N LEU RA 202 -41.27 -21.54 31.89
CA LEU RA 202 -40.85 -22.88 32.23
C LEU RA 202 -41.38 -23.91 31.24
N LEU RA 203 -42.58 -23.68 30.69
CA LEU RA 203 -43.09 -24.55 29.62
C LEU RA 203 -42.22 -24.45 28.37
N ASN RA 204 -41.82 -23.22 28.04
CA ASN RA 204 -40.91 -23.02 26.92
C ASN RA 204 -39.59 -23.70 27.17
N LEU RA 205 -39.15 -23.73 28.43
CA LEU RA 205 -37.91 -24.40 28.76
C LEU RA 205 -38.01 -25.90 28.51
N ILE RA 206 -39.14 -26.49 28.89
CA ILE RA 206 -39.36 -27.92 28.66
C ILE RA 206 -39.35 -28.23 27.17
N ILE RA 207 -40.12 -27.45 26.40
CA ILE RA 207 -40.27 -27.70 24.97
C ILE RA 207 -38.95 -27.53 24.25
N TYR RA 208 -38.21 -26.48 24.60
CA TYR RA 208 -36.93 -26.24 23.95
C TYR RA 208 -35.93 -27.34 24.25
N ILE RA 209 -35.91 -27.81 25.51
CA ILE RA 209 -34.96 -28.86 25.88
C ILE RA 209 -35.27 -30.14 25.12
N ILE RA 210 -36.55 -30.48 25.00
CA ILE RA 210 -36.90 -31.71 24.31
C ILE RA 210 -36.59 -31.60 22.82
N MET RA 211 -36.82 -30.42 22.24
CA MET RA 211 -36.52 -30.21 20.82
C MET RA 211 -35.04 -30.33 20.52
N THR RA 212 -34.19 -29.66 21.32
CA THR RA 212 -32.77 -29.72 21.07
C THR RA 212 -32.21 -31.11 21.34
N SER RA 213 -32.81 -31.84 22.29
CA SER RA 213 -32.40 -33.23 22.50
C SER RA 213 -32.73 -34.09 21.29
N THR RA 214 -33.88 -33.85 20.65
CA THR RA 214 -34.20 -34.57 19.43
C THR RA 214 -33.21 -34.25 18.32
N MET RA 215 -32.86 -32.97 18.18
CA MET RA 215 -32.00 -32.55 17.09
C MET RA 215 -30.59 -33.09 17.26
N PHE RA 216 -30.02 -32.94 18.44
CA PHE RA 216 -28.69 -33.47 18.69
C PHE RA 216 -28.66 -34.99 18.67
N THR RA 217 -29.76 -35.66 19.03
CA THR RA 217 -29.77 -37.10 18.92
C THR RA 217 -29.74 -37.53 17.46
N LEU RA 218 -30.45 -36.79 16.60
CA LEU RA 218 -30.38 -37.07 15.17
C LEU RA 218 -29.00 -36.80 14.61
N PHE RA 219 -28.28 -35.82 15.14
CA PHE RA 219 -26.93 -35.66 14.64
C PHE RA 219 -26.02 -36.74 15.18
N MET RA 220 -26.28 -37.25 16.38
CA MET RA 220 -25.43 -38.32 16.90
C MET RA 220 -25.73 -39.66 16.26
N ALA RA 221 -26.88 -39.80 15.59
CA ALA RA 221 -27.16 -41.03 14.89
C ALA RA 221 -26.23 -41.23 13.70
N ASN RA 222 -25.72 -40.15 13.15
CA ASN RA 222 -24.81 -40.20 12.01
C ASN RA 222 -24.01 -38.90 12.02
N SER RA 223 -22.72 -39.02 12.33
CA SER RA 223 -21.89 -37.88 12.72
C SER RA 223 -21.70 -36.93 11.54
N THR RA 224 -22.27 -35.74 11.64
CA THR RA 224 -22.19 -34.74 10.59
C THR RA 224 -21.71 -33.44 11.18
N THR RA 225 -21.04 -32.67 10.36
CA THR RA 225 -20.65 -31.31 10.71
C THR RA 225 -21.16 -30.29 9.72
N THR RA 226 -21.41 -30.70 8.48
CA THR RA 226 -21.87 -29.82 7.43
C THR RA 226 -23.19 -30.33 6.89
N THR RA 227 -23.80 -29.51 6.03
CA THR RA 227 -25.06 -29.90 5.41
C THR RA 227 -24.84 -30.95 4.34
N LEU RA 228 -23.67 -30.95 3.72
CA LEU RA 228 -23.39 -31.93 2.69
C LEU RA 228 -23.32 -33.33 3.26
N SER RA 229 -22.82 -33.43 4.50
CA SER RA 229 -22.88 -34.69 5.22
C SER RA 229 -24.32 -35.12 5.48
N LEU RA 230 -25.22 -34.15 5.69
CA LEU RA 230 -26.62 -34.50 5.81
C LEU RA 230 -27.20 -34.98 4.48
N SER RA 231 -26.68 -34.50 3.35
CA SER RA 231 -27.15 -35.03 2.08
C SER RA 231 -26.71 -36.48 1.87
N HIS RA 232 -25.52 -36.81 2.35
CA HIS RA 232 -25.14 -38.22 2.35
C HIS RA 232 -26.02 -39.04 3.28
N THR RA 233 -26.50 -38.43 4.38
CA THR RA 233 -27.44 -39.16 5.22
C THR RA 233 -28.79 -39.30 4.54
N TRP RA 234 -29.14 -38.40 3.64
CA TRP RA 234 -30.30 -38.65 2.79
C TRP RA 234 -30.13 -39.93 2.00
N ASN RA 235 -29.02 -40.03 1.27
CA ASN RA 235 -28.86 -41.18 0.37
C ASN RA 235 -28.81 -42.49 1.13
N LYS RA 236 -28.12 -42.51 2.27
CA LYS RA 236 -27.96 -43.78 2.95
C LYS RA 236 -29.23 -44.23 3.68
N ALA RA 237 -30.09 -43.32 4.12
CA ALA RA 237 -31.26 -43.74 4.89
C ALA RA 237 -32.40 -42.74 4.73
N PRO RA 238 -33.62 -43.20 4.58
CA PRO RA 238 -34.73 -42.28 4.33
C PRO RA 238 -35.49 -41.77 5.54
N ILE RA 239 -35.52 -42.50 6.65
CA ILE RA 239 -36.39 -42.08 7.74
C ILE RA 239 -35.73 -40.95 8.54
N MET RA 240 -34.40 -40.92 8.55
CA MET RA 240 -33.66 -39.80 9.11
C MET RA 240 -34.02 -38.49 8.41
N THR RA 241 -34.34 -38.57 7.12
CA THR RA 241 -34.70 -37.38 6.37
C THR RA 241 -36.01 -36.79 6.86
N ILE RA 242 -37.04 -37.64 7.01
CA ILE RA 242 -38.32 -37.11 7.43
C ILE RA 242 -38.27 -36.68 8.89
N LEU RA 243 -37.38 -37.27 9.68
CA LEU RA 243 -37.22 -36.76 11.04
C LEU RA 243 -36.55 -35.40 11.06
N VAL RA 244 -35.54 -35.20 10.23
CA VAL RA 244 -34.90 -33.89 10.14
C VAL RA 244 -35.90 -32.85 9.64
N LEU RA 245 -36.78 -33.24 8.71
CA LEU RA 245 -37.86 -32.38 8.27
C LEU RA 245 -38.79 -31.98 9.41
N ILE RA 246 -39.29 -32.96 10.17
CA ILE RA 246 -40.28 -32.65 11.21
C ILE RA 246 -39.65 -31.87 12.35
N THR RA 247 -38.46 -32.25 12.78
CA THR RA 247 -37.86 -31.54 13.90
C THR RA 247 -37.33 -30.17 13.52
N LEU RA 248 -36.89 -29.98 12.28
CA LEU RA 248 -36.54 -28.64 11.87
C LEU RA 248 -37.76 -27.75 11.76
N LEU RA 249 -38.88 -28.29 11.29
CA LEU RA 249 -40.08 -27.48 11.22
C LEU RA 249 -40.66 -27.21 12.60
N SER RA 250 -40.43 -28.09 13.56
CA SER RA 250 -40.89 -27.80 14.91
C SER RA 250 -39.93 -26.91 15.66
N MET RA 251 -38.67 -26.83 15.23
CA MET RA 251 -37.87 -25.70 15.66
C MET RA 251 -38.39 -24.43 15.01
N GLY RA 252 -38.92 -24.53 13.79
CA GLY RA 252 -39.45 -23.37 13.10
C GLY RA 252 -40.75 -22.86 13.66
N GLY RA 253 -41.52 -23.71 14.33
CA GLY RA 253 -42.74 -23.26 14.94
C GLY RA 253 -43.86 -23.00 13.95
N LEU RA 254 -44.37 -24.05 13.35
CA LEU RA 254 -45.55 -23.82 12.54
C LEU RA 254 -46.79 -24.40 13.22
N PRO RA 255 -47.93 -23.70 13.13
CA PRO RA 255 -49.13 -24.03 13.94
C PRO RA 255 -49.69 -25.44 13.79
N PRO RA 256 -49.42 -26.22 12.73
CA PRO RA 256 -49.75 -27.64 12.84
C PRO RA 256 -48.83 -28.42 13.76
N LEU RA 257 -47.76 -27.82 14.25
CA LEU RA 257 -46.70 -28.59 14.85
C LEU RA 257 -46.48 -28.10 16.27
N SER RA 258 -45.74 -28.85 17.07
CA SER RA 258 -45.72 -28.55 18.49
C SER RA 258 -44.79 -27.43 18.86
N GLY RA 259 -43.86 -27.07 17.99
CA GLY RA 259 -43.00 -25.96 18.35
C GLY RA 259 -43.67 -24.61 18.26
N PHE RA 260 -44.86 -24.54 17.70
CA PHE RA 260 -45.58 -23.29 17.64
C PHE RA 260 -46.15 -22.91 18.98
N MET RA 261 -46.57 -23.91 19.75
CA MET RA 261 -47.23 -23.73 21.05
C MET RA 261 -46.50 -22.83 22.06
N PRO RA 262 -45.16 -22.81 22.17
CA PRO RA 262 -44.57 -21.82 23.08
C PRO RA 262 -44.64 -20.40 22.59
N LYS RA 263 -44.66 -20.17 21.28
CA LYS RA 263 -44.79 -18.80 20.79
C LYS RA 263 -46.16 -18.25 21.13
N TRP RA 264 -47.17 -19.07 20.95
CA TRP RA 264 -48.56 -18.65 20.98
C TRP RA 264 -48.99 -18.27 22.38
N MET RA 265 -48.53 -19.03 23.38
CA MET RA 265 -48.92 -18.73 24.75
C MET RA 265 -48.21 -17.48 25.26
N ILE RA 266 -46.97 -17.28 24.82
CA ILE RA 266 -46.24 -16.07 25.15
C ILE RA 266 -46.95 -14.86 24.58
N ILE RA 267 -47.38 -14.93 23.32
CA ILE RA 267 -48.07 -13.80 22.71
C ILE RA 267 -49.41 -13.56 23.40
N GLN RA 268 -50.05 -14.62 23.90
CA GLN RA 268 -51.30 -14.44 24.63
C GLN RA 268 -51.08 -13.69 25.94
N GLU RA 269 -50.28 -14.25 26.83
CA GLU RA 269 -50.18 -13.61 28.12
C GLU RA 269 -49.20 -12.45 28.14
N MET RA 270 -48.63 -12.11 27.00
CA MET RA 270 -48.00 -10.82 26.81
C MET RA 270 -49.02 -9.76 26.39
N THR RA 271 -49.86 -10.09 25.41
CA THR RA 271 -50.82 -9.11 24.90
C THR RA 271 -52.06 -8.98 25.74
N LYS RA 272 -52.19 -9.73 26.84
CA LYS RA 272 -53.23 -9.26 27.75
C LYS RA 272 -52.83 -8.00 28.49
N ASN RA 273 -51.55 -7.64 28.46
CA ASN RA 273 -51.09 -6.35 28.96
C ASN RA 273 -51.11 -5.35 27.81
N ASP RA 274 -50.48 -4.20 27.99
CA ASP RA 274 -50.43 -3.18 26.95
C ASP RA 274 -49.25 -3.37 26.01
N SER RA 275 -48.70 -4.57 25.93
CA SER RA 275 -47.55 -4.85 25.09
C SER RA 275 -48.04 -5.56 23.84
N ILE RA 276 -48.02 -4.86 22.71
CA ILE RA 276 -48.50 -5.40 21.44
C ILE RA 276 -47.40 -5.25 20.39
N ILE RA 277 -46.77 -4.08 20.37
CA ILE RA 277 -45.70 -3.81 19.42
C ILE RA 277 -44.49 -4.68 19.69
N LEU RA 278 -44.22 -4.97 20.94
CA LEU RA 278 -43.14 -5.86 21.32
C LEU RA 278 -43.44 -7.30 20.93
N PRO RA 279 -44.66 -7.84 21.14
CA PRO RA 279 -44.98 -9.13 20.49
C PRO RA 279 -44.82 -9.18 19.00
N THR RA 280 -45.26 -8.17 18.25
CA THR RA 280 -45.14 -8.33 16.81
C THR RA 280 -43.69 -8.21 16.35
N LEU RA 281 -42.85 -7.48 17.10
CA LEU RA 281 -41.43 -7.46 16.80
C LEU RA 281 -40.80 -8.82 17.09
N MET RA 282 -41.13 -9.41 18.24
CA MET RA 282 -40.59 -10.72 18.61
C MET RA 282 -41.01 -11.79 17.62
N ALA RA 283 -42.24 -11.74 17.16
CA ALA RA 283 -42.67 -12.79 16.28
C ALA RA 283 -42.21 -12.59 14.84
N ILE RA 284 -41.93 -11.35 14.42
CA ILE RA 284 -41.23 -11.15 13.15
C ILE RA 284 -39.81 -11.71 13.22
N THR RA 285 -39.12 -11.53 14.34
CA THR RA 285 -37.78 -12.10 14.39
C THR RA 285 -37.83 -13.62 14.57
N ALA RA 286 -38.91 -14.13 15.15
CA ALA RA 286 -39.19 -15.56 15.10
C ALA RA 286 -39.48 -16.03 13.68
N LEU RA 287 -39.97 -15.15 12.82
CA LEU RA 287 -40.01 -15.50 11.41
C LEU RA 287 -38.62 -15.49 10.82
N LEU RA 288 -37.73 -14.68 11.37
CA LEU RA 288 -36.39 -14.59 10.80
C LEU RA 288 -35.58 -15.86 11.07
N ASN RA 289 -35.65 -16.40 12.28
CA ASN RA 289 -34.76 -17.55 12.54
C ASN RA 289 -35.29 -18.87 12.03
N LEU RA 290 -36.28 -18.84 11.16
CA LEU RA 290 -36.73 -20.02 10.47
C LEU RA 290 -36.01 -20.21 9.16
N TYR RA 291 -35.36 -19.17 8.65
CA TYR RA 291 -34.82 -19.23 7.30
C TYR RA 291 -33.62 -20.15 7.20
N PHE RA 292 -32.77 -20.16 8.23
CA PHE RA 292 -31.64 -21.08 8.14
C PHE RA 292 -32.07 -22.51 8.42
N TYR RA 293 -33.12 -22.69 9.22
CA TYR RA 293 -33.78 -23.99 9.29
C TYR RA 293 -34.28 -24.43 7.92
N MET RA 294 -34.80 -23.49 7.15
CA MET RA 294 -35.42 -23.85 5.89
C MET RA 294 -34.37 -24.19 4.85
N ARG RA 295 -33.26 -23.45 4.84
CA ARG RA 295 -32.19 -23.80 3.91
C ARG RA 295 -31.52 -25.09 4.35
N LEU RA 296 -31.55 -25.38 5.64
CA LEU RA 296 -31.01 -26.65 6.11
C LEU RA 296 -31.88 -27.81 5.66
N THR RA 297 -33.20 -27.62 5.68
CA THR RA 297 -34.10 -28.66 5.20
C THR RA 297 -33.95 -28.87 3.71
N TYR RA 298 -33.79 -27.77 2.96
CA TYR RA 298 -33.51 -27.85 1.53
C TYR RA 298 -32.21 -28.57 1.26
N SER RA 299 -31.25 -28.45 2.15
CA SER RA 299 -30.03 -29.24 2.00
C SER RA 299 -30.28 -30.71 2.26
N THR RA 300 -31.07 -31.04 3.28
CA THR RA 300 -31.15 -32.45 3.66
C THR RA 300 -32.06 -33.26 2.76
N ALA RA 301 -33.36 -32.96 2.79
CA ALA RA 301 -34.32 -33.99 2.44
C ALA RA 301 -35.22 -33.66 1.26
N LEU RA 302 -35.11 -32.48 0.69
CA LEU RA 302 -36.08 -32.04 -0.30
C LEU RA 302 -35.47 -31.92 -1.69
N THR RA 303 -34.44 -31.10 -1.85
CA THR RA 303 -33.53 -31.35 -2.94
C THR RA 303 -32.57 -32.45 -2.52
N MET RA 304 -31.73 -32.92 -3.44
CA MET RA 304 -30.75 -33.94 -3.08
C MET RA 304 -29.41 -33.59 -3.69
N PHE RA 305 -28.38 -33.54 -2.87
CA PHE RA 305 -27.07 -33.22 -3.42
C PHE RA 305 -26.45 -34.48 -3.99
N PRO RA 306 -25.46 -34.37 -4.87
CA PRO RA 306 -24.83 -35.58 -5.40
C PRO RA 306 -24.05 -36.33 -4.33
N SER RA 307 -24.16 -37.65 -4.40
CA SER RA 307 -23.58 -38.52 -3.40
C SER RA 307 -22.27 -39.09 -3.90
N THR RA 308 -21.65 -39.88 -3.04
CA THR RA 308 -20.39 -40.50 -3.33
C THR RA 308 -20.57 -41.99 -3.15
N ASN RA 309 -19.95 -42.80 -4.00
CA ASN RA 309 -19.84 -44.19 -3.62
C ASN RA 309 -18.89 -44.33 -2.46
N ASN RA 310 -18.89 -45.54 -1.89
CA ASN RA 310 -18.68 -46.01 -0.53
C ASN RA 310 -19.94 -45.81 0.31
N MET RA 311 -20.93 -45.05 -0.16
CA MET RA 311 -22.27 -45.26 0.31
C MET RA 311 -22.79 -46.60 -0.16
N LYS RA 312 -22.37 -47.01 -1.35
CA LYS RA 312 -22.62 -48.38 -1.80
C LYS RA 312 -22.02 -49.38 -0.83
N MET RA 313 -20.87 -49.04 -0.24
CA MET RA 313 -20.34 -49.91 0.80
C MET RA 313 -21.20 -49.86 2.05
N LYS RA 314 -21.63 -48.67 2.44
CA LYS RA 314 -22.32 -48.55 3.72
C LYS RA 314 -23.74 -49.07 3.67
N TRP RA 315 -24.24 -49.41 2.48
CA TRP RA 315 -25.50 -50.11 2.38
C TRP RA 315 -25.44 -51.50 3.02
N GLN RA 316 -24.30 -52.18 2.95
CA GLN RA 316 -24.24 -53.55 3.43
C GLN RA 316 -24.24 -53.67 4.94
N PHE RA 317 -24.07 -52.57 5.67
CA PHE RA 317 -24.14 -52.62 7.11
C PHE RA 317 -25.40 -51.90 7.55
N PRO RA 318 -26.38 -52.59 8.12
CA PRO RA 318 -27.49 -51.88 8.75
C PRO RA 318 -27.01 -51.14 9.99
N THR RA 319 -27.79 -50.11 10.34
CA THR RA 319 -27.36 -49.14 11.35
C THR RA 319 -27.28 -49.77 12.72
N THR RA 320 -26.37 -49.24 13.52
CA THR RA 320 -26.05 -49.88 14.79
C THR RA 320 -25.59 -48.92 15.89
N LYS RA 321 -25.70 -47.61 15.71
CA LYS RA 321 -25.65 -46.69 16.85
C LYS RA 321 -26.78 -47.02 17.79
N ARG RA 322 -26.55 -46.84 19.08
CA ARG RA 322 -27.70 -46.77 19.96
C ARG RA 322 -28.10 -45.30 20.02
N MET RA 323 -29.40 -45.07 19.94
CA MET RA 323 -29.94 -43.79 20.32
C MET RA 323 -30.23 -43.91 21.80
N THR RA 324 -30.04 -42.82 22.53
CA THR RA 324 -30.32 -42.87 23.95
C THR RA 324 -31.81 -43.03 24.18
N LEU RA 325 -32.59 -42.05 23.73
CA LEU RA 325 -34.02 -42.25 23.51
C LEU RA 325 -34.44 -41.21 22.46
N LEU RA 326 -34.44 -41.62 21.21
CA LEU RA 326 -34.85 -40.73 20.12
C LEU RA 326 -36.36 -40.67 19.80
N PRO RA 327 -37.09 -41.80 19.57
CA PRO RA 327 -38.44 -41.68 18.98
C PRO RA 327 -39.45 -41.12 19.96
N THR RA 328 -39.27 -41.52 21.22
CA THR RA 328 -40.11 -41.04 22.30
C THR RA 328 -40.00 -39.53 22.43
N MET RA 329 -38.78 -39.01 22.45
CA MET RA 329 -38.58 -37.56 22.49
C MET RA 329 -39.13 -36.89 21.25
N THR RA 330 -39.05 -37.55 20.09
CA THR RA 330 -39.52 -36.94 18.84
C THR RA 330 -41.02 -36.70 18.86
N VAL RA 331 -41.81 -37.76 19.04
CA VAL RA 331 -43.25 -37.54 19.04
C VAL RA 331 -43.78 -37.07 20.37
N LEU RA 332 -42.93 -36.91 21.39
CA LEU RA 332 -43.31 -36.03 22.48
C LEU RA 332 -43.13 -34.59 22.07
N SER RA 333 -42.18 -34.33 21.18
CA SER RA 333 -41.81 -32.98 20.83
C SER RA 333 -42.59 -32.41 19.67
N THR RA 334 -43.28 -33.22 18.88
CA THR RA 334 -43.84 -32.72 17.64
C THR RA 334 -45.34 -32.87 17.47
N MET RA 335 -45.97 -33.85 18.09
CA MET RA 335 -47.41 -34.03 17.95
C MET RA 335 -48.17 -33.51 19.16
N LEU RA 336 -47.61 -32.54 19.87
CA LEU RA 336 -48.08 -32.19 21.19
C LEU RA 336 -49.13 -31.08 21.15
N LEU RA 337 -49.66 -30.75 19.97
CA LEU RA 337 -50.54 -29.58 19.86
C LEU RA 337 -51.88 -29.73 20.56
N PRO RA 338 -52.62 -30.84 20.47
CA PRO RA 338 -53.89 -30.89 21.22
C PRO RA 338 -53.73 -31.08 22.72
N LEU RA 339 -52.56 -30.85 23.28
CA LEU RA 339 -52.36 -30.84 24.72
C LEU RA 339 -51.84 -29.50 25.21
N THR RA 340 -52.26 -28.40 24.61
CA THR RA 340 -51.98 -27.09 25.20
C THR RA 340 -52.51 -26.91 26.61
N PRO RA 341 -53.69 -27.46 27.06
CA PRO RA 341 -54.03 -27.21 28.46
C PRO RA 341 -53.31 -28.14 29.42
N ILE RA 342 -52.20 -28.73 28.97
CA ILE RA 342 -51.15 -29.26 29.83
C ILE RA 342 -50.15 -28.10 30.04
N LEU RA 343 -50.55 -26.89 29.68
CA LEU RA 343 -49.94 -25.71 30.26
C LEU RA 343 -49.98 -25.76 31.77
N SER RA 344 -51.18 -25.81 32.33
CA SER RA 344 -51.38 -25.61 33.76
C SER RA 344 -51.03 -26.84 34.58
N ILE RA 345 -50.39 -27.83 33.97
CA ILE RA 345 -49.76 -28.91 34.70
C ILE RA 345 -48.55 -28.44 35.49
N LEU RA 346 -48.08 -27.23 35.21
CA LEU RA 346 -46.75 -26.80 35.59
C LEU RA 346 -46.73 -25.97 36.86
N GLU RA 347 -47.66 -25.06 37.03
CA GLU RA 347 -47.64 -24.27 38.25
C GLU RA 347 -48.26 -25.10 39.37
N ALA SA 1 -30.07 8.59 27.61
CA ALA SA 1 -30.66 8.51 28.94
C ALA SA 1 -32.04 9.15 29.01
N LYS SA 2 -32.73 8.76 30.09
CA LYS SA 2 -34.11 9.16 30.28
C LYS SA 2 -34.22 10.66 30.43
N THR SA 3 -33.20 11.30 30.99
CA THR SA 3 -33.21 12.74 31.19
C THR SA 3 -33.30 13.50 29.88
N LEU SA 4 -32.49 13.14 28.89
CA LEU SA 4 -32.50 13.93 27.67
C LEU SA 4 -33.59 13.51 26.69
N LEU SA 5 -34.01 12.23 26.69
CA LEU SA 5 -35.20 11.95 25.88
C LEU SA 5 -36.45 12.54 26.50
N HIS SA 6 -36.48 12.63 27.83
CA HIS SA 6 -37.57 13.31 28.52
C HIS SA 6 -37.54 14.80 28.21
N GLN SA 7 -36.34 15.38 28.11
CA GLN SA 7 -36.21 16.77 27.68
C GLN SA 7 -36.70 16.97 26.27
N TYR SA 8 -36.50 15.98 25.40
CA TYR SA 8 -36.99 16.13 24.04
C TYR SA 8 -38.51 16.08 23.99
N TRP SA 9 -39.11 15.12 24.67
CA TRP SA 9 -40.56 15.00 24.55
C TRP SA 9 -41.32 15.98 25.41
N ASP SA 10 -40.67 16.61 26.39
CA ASP SA 10 -41.38 17.55 27.25
C ASP SA 10 -41.70 18.86 26.53
N ILE SA 11 -41.00 19.13 25.44
CA ILE SA 11 -41.30 20.32 24.65
C ILE SA 11 -42.67 20.16 24.00
N PRO SA 12 -43.60 21.10 24.19
CA PRO SA 12 -44.82 21.08 23.38
C PRO SA 12 -44.49 21.28 21.92
N GLU SA 13 -45.10 20.46 21.07
CA GLU SA 13 -44.63 20.29 19.70
C GLU SA 13 -45.75 20.55 18.68
N GLY SA 14 -46.37 21.74 18.67
CA GLY SA 14 -45.88 22.98 19.24
C GLY SA 14 -44.62 23.54 18.65
N THR SA 15 -44.26 24.74 19.10
CA THR SA 15 -43.03 25.38 18.69
C THR SA 15 -42.48 26.15 19.86
N GLU SA 16 -41.35 25.70 20.37
CA GLU SA 16 -40.59 26.33 21.45
C GLU SA 16 -39.15 26.36 21.01
N CYS SA 17 -38.97 26.72 19.74
CA CYS SA 17 -38.05 26.01 18.87
C CYS SA 17 -36.59 26.34 19.15
N HIS SA 18 -35.72 25.62 18.42
CA HIS SA 18 -34.27 25.42 18.45
C HIS SA 18 -33.76 24.73 19.71
N ARG SA 19 -34.60 24.66 20.76
CA ARG SA 19 -34.33 23.72 21.82
C ARG SA 19 -34.58 22.31 21.35
N LYS SA 20 -35.56 22.15 20.47
CA LYS SA 20 -35.83 20.85 19.87
C LYS SA 20 -34.64 20.34 19.09
N THR SA 21 -34.05 21.20 18.26
CA THR SA 21 -32.91 20.76 17.49
C THR SA 21 -31.68 20.56 18.36
N TYR SA 22 -31.53 21.34 19.44
CA TYR SA 22 -30.39 21.08 20.32
C TYR SA 22 -30.52 19.75 21.03
N ALA SA 23 -31.74 19.40 21.46
CA ALA SA 23 -31.97 18.10 22.10
C ALA SA 23 -31.77 16.97 21.10
N ALA SA 24 -32.17 17.18 19.86
CA ALA SA 24 -32.02 16.13 18.86
C ALA SA 24 -30.56 15.91 18.49
N THR SA 25 -29.77 16.98 18.45
CA THR SA 25 -28.35 16.81 18.25
C THR SA 25 -27.68 16.13 19.43
N SER SA 26 -28.17 16.37 20.64
CA SER SA 26 -27.61 15.66 21.80
C SER SA 26 -27.92 14.16 21.73
N ILE SA 27 -29.14 13.82 21.29
CA ILE SA 27 -29.51 12.43 21.03
C ILE SA 27 -28.55 11.81 20.02
N GLY SA 28 -28.29 12.55 18.94
CA GLY SA 28 -27.42 12.04 17.90
C GLY SA 28 -25.99 11.83 18.37
N GLY SA 29 -25.48 12.75 19.18
CA GLY SA 29 -24.15 12.60 19.72
C GLY SA 29 -24.02 11.39 20.62
N ALA SA 30 -25.05 11.17 21.45
CA ALA SA 30 -25.04 10.02 22.34
C ALA SA 30 -25.08 8.70 21.55
N SER SA 31 -25.98 8.62 20.58
CA SER SA 31 -26.15 7.36 19.84
C SER SA 31 -24.95 7.05 18.98
N GLY SA 32 -24.35 8.09 18.39
CA GLY SA 32 -23.13 7.90 17.63
C GLY SA 32 -21.98 7.41 18.50
N LEU SA 33 -21.88 7.94 19.72
CA LEU SA 33 -20.81 7.49 20.60
C LEU SA 33 -21.02 6.05 21.06
N VAL SA 34 -22.27 5.64 21.29
CA VAL SA 34 -22.58 4.26 21.65
C VAL SA 34 -22.11 3.29 20.58
N VAL SA 35 -22.63 3.48 19.36
CA VAL SA 35 -22.38 2.51 18.30
C VAL SA 35 -20.91 2.54 17.88
N SER SA 36 -20.30 3.72 17.93
CA SER SA 36 -18.88 3.80 17.66
C SER SA 36 -18.06 3.15 18.75
N ALA SA 37 -18.57 3.12 19.98
CA ALA SA 37 -17.82 2.47 21.05
C ALA SA 37 -17.78 0.97 20.84
N TYR SA 38 -18.91 0.39 20.45
CA TYR SA 38 -18.91 -1.03 20.06
C TYR SA 38 -18.00 -1.30 18.87
N SER SA 39 -17.98 -0.37 17.90
CA SER SA 39 -17.18 -0.60 16.71
C SER SA 39 -15.69 -0.52 17.00
N VAL SA 40 -15.27 0.45 17.81
CA VAL SA 40 -13.86 0.56 18.16
C VAL SA 40 -13.46 -0.51 19.17
N ALA SA 41 -14.42 -1.11 19.86
CA ALA SA 41 -14.09 -2.30 20.63
C ALA SA 41 -13.89 -3.50 19.72
N LEU SA 42 -14.61 -3.56 18.59
CA LEU SA 42 -14.66 -4.79 17.81
C LEU SA 42 -13.97 -4.67 16.45
N LYS SA 43 -13.07 -3.70 16.28
CA LYS SA 43 -12.34 -3.63 15.01
C LYS SA 43 -10.83 -3.59 15.22
N THR SA 44 -10.36 -2.95 16.33
CA THR SA 44 -8.96 -2.62 16.59
C THR SA 44 -8.38 -1.81 15.43
N PRO SA 45 -8.58 -0.49 15.44
CA PRO SA 45 -8.25 0.33 14.25
C PRO SA 45 -6.81 0.29 13.78
N THR SA 46 -5.83 0.60 14.66
CA THR SA 46 -4.37 0.56 14.46
C THR SA 46 -3.93 1.15 13.12
N SER SA 47 -3.95 2.47 12.97
CA SER SA 47 -3.66 3.42 14.06
C SER SA 47 -4.83 3.98 14.83
N PHE SA 48 -4.51 4.54 16.00
CA PHE SA 48 -5.53 5.07 16.89
C PHE SA 48 -6.19 6.32 16.33
N LEU SA 49 -5.47 7.04 15.46
CA LEU SA 49 -6.06 8.14 14.71
C LEU SA 49 -7.23 7.66 13.87
N GLU SA 50 -7.13 6.45 13.30
CA GLU SA 50 -8.27 5.89 12.61
C GLU SA 50 -9.42 5.58 13.56
N GLY SA 51 -9.12 5.19 14.80
CA GLY SA 51 -10.18 4.93 15.75
C GLY SA 51 -10.96 6.19 16.10
N VAL SA 52 -10.23 7.28 16.34
CA VAL SA 52 -10.87 8.56 16.57
C VAL SA 52 -11.61 9.01 15.33
N ALA SA 53 -11.08 8.70 14.14
CA ALA SA 53 -11.73 9.09 12.89
C ALA SA 53 -13.06 8.35 12.69
N ARG SA 54 -13.09 7.06 13.00
CA ARG SA 54 -14.31 6.29 12.84
C ARG SA 54 -15.37 6.71 13.85
N THR SA 55 -14.96 6.93 15.11
CA THR SA 55 -15.92 7.41 16.09
C THR SA 55 -16.43 8.80 15.76
N GLY SA 56 -15.56 9.64 15.21
CA GLY SA 56 -15.99 10.96 14.80
C GLY SA 56 -16.97 10.91 13.65
N ARG SA 57 -16.76 9.97 12.72
CA ARG SA 57 -17.70 9.82 11.62
C ARG SA 57 -19.05 9.34 12.09
N TYR SA 58 -19.07 8.39 13.02
CA TYR SA 58 -20.34 7.87 13.52
C TYR SA 58 -21.09 8.92 14.33
N THR SA 59 -20.41 9.59 15.26
CA THR SA 59 -21.06 10.64 16.06
C THR SA 59 -21.53 11.78 15.19
N PHE SA 60 -20.72 12.18 14.21
CA PHE SA 60 -21.05 13.29 13.34
C PHE SA 60 -22.26 12.98 12.48
N THR SA 61 -22.35 11.75 11.97
CA THR SA 61 -23.48 11.40 11.14
C THR SA 61 -24.77 11.26 11.93
N ALA SA 62 -24.70 10.66 13.12
CA ALA SA 62 -25.92 10.51 13.91
C ALA SA 62 -26.41 11.85 14.42
N ALA SA 63 -25.48 12.75 14.76
CA ALA SA 63 -25.86 14.10 15.12
C ALA SA 63 -26.44 14.86 13.93
N ALA SA 64 -25.93 14.60 12.73
CA ALA SA 64 -26.47 15.26 11.55
C ALA SA 64 -27.92 14.84 11.28
N ILE SA 65 -28.19 13.54 11.40
CA ILE SA 65 -29.55 13.07 11.18
C ILE SA 65 -30.48 13.60 12.26
N GLY SA 66 -30.00 13.70 13.50
CA GLY SA 66 -30.79 14.31 14.55
C GLY SA 66 -31.11 15.77 14.29
N ALA SA 67 -30.14 16.52 13.79
CA ALA SA 67 -30.36 17.93 13.48
C ALA SA 67 -31.37 18.10 12.37
N ILE SA 68 -31.25 17.31 11.30
CA ILE SA 68 -32.12 17.49 10.15
C ILE SA 68 -33.54 17.06 10.47
N PHE SA 69 -33.66 16.01 11.29
CA PHE SA 69 -34.96 15.58 11.79
C PHE SA 69 -35.63 16.69 12.60
N GLY SA 70 -34.87 17.28 13.53
CA GLY SA 70 -35.45 18.34 14.35
C GLY SA 70 -35.79 19.60 13.58
N LEU SA 71 -34.96 19.93 12.57
CA LEU SA 71 -35.19 21.12 11.76
C LEU SA 71 -36.49 21.01 10.99
N THR SA 72 -36.67 19.90 10.26
CA THR SA 72 -37.91 19.80 9.49
C THR SA 72 -39.12 19.49 10.35
N SER SA 73 -38.92 18.91 11.54
CA SER SA 73 -39.98 18.87 12.56
C SER SA 73 -40.47 20.25 12.91
N CYS SA 74 -39.54 21.13 13.32
CA CYS SA 74 -39.89 22.48 13.75
C CYS SA 74 -40.54 23.26 12.62
N ILE SA 75 -39.97 23.17 11.42
CA ILE SA 75 -40.48 23.96 10.29
C ILE SA 75 -41.86 23.48 9.87
N SER SA 76 -42.06 22.16 9.77
CA SER SA 76 -43.37 21.65 9.38
C SER SA 76 -44.42 21.94 10.43
N ALA SA 77 -44.03 21.95 11.71
CA ALA SA 77 -44.98 22.26 12.77
C ALA SA 77 -45.39 23.72 12.72
N GLN SA 78 -44.46 24.60 12.40
CA GLN SA 78 -44.80 26.02 12.30
C GLN SA 78 -45.64 26.31 11.07
N VAL SA 79 -45.32 25.66 9.96
CA VAL SA 79 -45.98 25.96 8.70
C VAL SA 79 -47.38 25.38 8.64
N ARG SA 80 -47.51 24.08 8.94
CA ARG SA 80 -48.81 23.44 8.81
C ARG SA 80 -49.79 23.89 9.87
N GLU SA 81 -49.27 24.33 11.03
CA GLU SA 81 -50.06 24.78 12.19
C GLU SA 81 -51.04 23.72 12.69
N LYS SA 82 -50.68 22.45 12.51
CA LYS SA 82 -51.50 21.33 12.95
C LYS SA 82 -50.58 20.33 13.61
N PRO SA 83 -50.28 20.51 14.88
CA PRO SA 83 -49.19 19.76 15.53
C PRO SA 83 -49.50 18.33 15.88
N ASP SA 84 -50.58 17.74 15.37
CA ASP SA 84 -51.03 16.45 15.86
C ASP SA 84 -50.77 15.31 14.90
N ASP SA 85 -50.50 15.60 13.63
CA ASP SA 85 -50.28 14.54 12.66
C ASP SA 85 -48.96 13.83 12.90
N PRO SA 86 -48.81 12.64 12.34
CA PRO SA 86 -47.48 12.07 12.13
C PRO SA 86 -46.89 12.40 10.77
N LEU SA 87 -47.64 13.09 9.90
CA LEU SA 87 -47.20 13.34 8.54
C LEU SA 87 -45.99 14.26 8.52
N ASN SA 88 -45.99 15.24 9.40
CA ASN SA 88 -44.84 16.12 9.52
C ASN SA 88 -43.60 15.36 9.98
N TYR SA 89 -43.75 14.40 10.87
CA TYR SA 89 -42.55 13.61 11.17
C TYR SA 89 -42.27 12.55 10.11
N LEU SA 90 -43.24 12.22 9.27
CA LEU SA 90 -42.97 11.36 8.13
C LEU SA 90 -42.02 12.06 7.18
N ILE SA 91 -42.28 13.36 6.95
CA ILE SA 91 -41.32 14.23 6.26
C ILE SA 91 -40.00 14.23 7.01
N GLY SA 92 -40.06 14.20 8.34
CA GLY SA 92 -38.85 14.19 9.15
C GLY SA 92 -37.97 12.98 8.91
N GLY SA 93 -38.56 11.80 8.98
CA GLY SA 93 -37.81 10.58 8.78
C GLY SA 93 -37.29 10.43 7.37
N CYS SA 94 -38.06 10.91 6.37
CA CYS SA 94 -37.55 10.82 5.01
C CYS SA 94 -36.39 11.78 4.78
N ALA SA 95 -36.44 12.97 5.38
CA ALA SA 95 -35.32 13.89 5.23
C ALA SA 95 -34.07 13.37 5.93
N GLY SA 96 -34.25 12.74 7.10
CA GLY SA 96 -33.13 12.16 7.81
C GLY SA 96 -32.50 11.01 7.04
N GLY SA 97 -33.33 10.18 6.42
CA GLY SA 97 -32.80 9.10 5.60
C GLY SA 97 -32.08 9.60 4.37
N LEU SA 98 -32.60 10.67 3.76
CA LEU SA 98 -31.93 11.27 2.60
C LEU SA 98 -30.55 11.78 2.95
N THR SA 99 -30.41 12.45 4.08
CA THR SA 99 -29.07 12.95 4.40
C THR SA 99 -28.15 11.89 4.97
N LEU SA 100 -28.71 10.80 5.51
CA LEU SA 100 -27.91 9.61 5.77
C LEU SA 100 -27.29 9.10 4.47
N GLY SA 101 -28.12 8.96 3.43
CA GLY SA 101 -27.60 8.58 2.12
C GLY SA 101 -26.67 9.62 1.52
N ALA SA 102 -26.82 10.88 1.92
CA ALA SA 102 -25.90 11.91 1.48
C ALA SA 102 -24.52 11.73 2.11
N ARG SA 103 -24.46 11.53 3.42
CA ARG SA 103 -23.14 11.44 4.05
C ARG SA 103 -22.48 10.08 3.91
N THR SA 104 -23.19 9.07 3.43
CA THR SA 104 -22.50 7.87 2.99
C THR SA 104 -22.26 7.82 1.49
N ARG SA 105 -22.81 8.80 0.74
CA ARG SA 105 -22.51 9.05 -0.67
C ARG SA 105 -22.90 7.90 -1.58
N SER SA 106 -24.10 7.36 -1.36
CA SER SA 106 -24.79 6.51 -2.31
C SER SA 106 -26.28 6.77 -2.14
N TYR SA 107 -27.03 6.52 -3.20
CA TYR SA 107 -28.40 7.01 -3.24
C TYR SA 107 -29.45 5.96 -2.95
N GLY SA 108 -29.16 4.69 -3.21
CA GLY SA 108 -30.13 3.64 -2.88
C GLY SA 108 -30.32 3.47 -1.39
N ILE SA 109 -29.21 3.58 -0.64
CA ILE SA 109 -29.28 3.56 0.83
C ILE SA 109 -30.07 4.74 1.33
N GLY SA 110 -29.92 5.90 0.69
CA GLY SA 110 -30.74 7.05 1.03
C GLY SA 110 -32.20 6.84 0.75
N ALA SA 111 -32.52 6.11 -0.32
CA ALA SA 111 -33.93 5.86 -0.63
C ALA SA 111 -34.58 4.94 0.39
N ALA SA 112 -33.95 3.79 0.66
CA ALA SA 112 -34.50 2.86 1.63
C ALA SA 112 -34.48 3.45 3.03
N ALA SA 113 -33.50 4.31 3.32
CA ALA SA 113 -33.45 4.96 4.61
C ALA SA 113 -34.56 5.98 4.75
N CYS SA 114 -34.88 6.72 3.66
CA CYS SA 114 -36.04 7.60 3.66
C CYS SA 114 -37.31 6.85 4.01
N ALA SA 115 -37.52 5.71 3.34
CA ALA SA 115 -38.73 4.93 3.58
C ALA SA 115 -38.81 4.43 5.02
N TYR SA 116 -37.76 3.77 5.50
CA TYR SA 116 -37.87 3.14 6.82
C TYR SA 116 -37.80 4.16 7.94
N MET SA 117 -36.94 5.18 7.84
CA MET SA 117 -36.90 6.19 8.89
C MET SA 117 -38.18 7.03 8.91
N GLY SA 118 -38.79 7.27 7.76
CA GLY SA 118 -40.08 7.94 7.76
C GLY SA 118 -41.17 7.14 8.43
N LEU SA 119 -41.22 5.83 8.13
CA LEU SA 119 -42.24 4.99 8.75
C LEU SA 119 -42.03 4.89 10.26
N THR SA 120 -40.76 4.75 10.70
CA THR SA 120 -40.52 4.68 12.12
C THR SA 120 -40.81 6.00 12.83
N ALA SA 121 -40.55 7.13 12.19
CA ALA SA 121 -40.77 8.41 12.86
C ALA SA 121 -42.25 8.74 12.97
N ALA SA 122 -43.02 8.43 11.91
CA ALA SA 122 -44.46 8.56 11.98
C ALA SA 122 -45.03 7.68 13.08
N LEU SA 123 -44.51 6.45 13.20
CA LEU SA 123 -44.99 5.57 14.26
C LEU SA 123 -44.57 6.05 15.64
N VAL SA 124 -43.41 6.67 15.76
CA VAL SA 124 -42.97 7.17 17.07
C VAL SA 124 -43.87 8.29 17.55
N LYS SA 125 -44.09 9.30 16.72
CA LYS SA 125 -44.94 10.41 17.14
C LYS SA 125 -46.38 9.98 17.30
N MET SA 126 -46.81 9.05 16.47
CA MET SA 126 -48.17 8.57 16.53
C MET SA 126 -48.40 7.75 17.78
N GLY SA 127 -47.40 6.96 18.18
CA GLY SA 127 -47.52 6.18 19.39
C GLY SA 127 -47.40 7.02 20.63
N GLN SA 128 -46.66 8.13 20.56
CA GLN SA 128 -46.73 9.09 21.65
C GLN SA 128 -48.08 9.77 21.68
N LEU SA 129 -48.69 9.94 20.50
CA LEU SA 129 -49.92 10.70 20.41
C LEU SA 129 -51.08 9.90 20.95
N GLU SA 130 -51.06 8.59 20.77
CA GLU SA 130 -52.06 7.77 21.42
C GLU SA 130 -51.60 7.38 22.83
N GLY SA 131 -50.40 6.86 22.96
CA GLY SA 131 -49.90 6.46 24.26
C GLY SA 131 -49.76 4.97 24.36
N TRP SA 132 -48.54 4.51 24.08
CA TRP SA 132 -48.15 3.11 24.16
C TRP SA 132 -46.90 3.09 25.03
N LYS SA 133 -46.96 2.40 26.16
CA LYS SA 133 -45.94 2.62 27.18
C LYS SA 133 -44.60 2.03 26.78
N VAL SA 134 -43.57 2.55 27.44
CA VAL SA 134 -42.21 2.07 27.24
C VAL SA 134 -42.10 0.71 27.93
N PHE SA 135 -42.04 -0.35 27.12
CA PHE SA 135 -41.57 -1.69 27.47
C PHE SA 135 -42.49 -2.53 28.33
N ALA SA 136 -43.56 -1.98 28.90
CA ALA SA 136 -44.25 -2.74 29.93
C ALA SA 136 -45.61 -2.12 30.21
N GLU SA 137 -46.44 -2.90 30.91
CA GLU SA 137 -47.34 -2.29 31.89
C GLU SA 137 -46.58 -2.08 33.20
N PRO SA 138 -45.98 -3.13 33.83
CA PRO SA 138 -45.90 -4.60 33.78
C PRO SA 138 -46.93 -5.32 34.65
N LYS SA 139 -48.03 -4.64 34.96
CA LYS SA 139 -49.11 -5.23 35.74
C LYS SA 139 -49.93 -6.17 34.86
N VAL SA 140 -51.10 -6.56 35.33
CA VAL SA 140 -52.01 -7.32 34.49
C VAL SA 140 -53.28 -6.53 34.26
N GLY TA 5 -62.14 -47.03 -59.91
CA GLY TA 5 -60.82 -46.43 -60.05
C GLY TA 5 -60.87 -44.93 -59.98
N LYS TA 6 -61.46 -44.42 -58.91
CA LYS TA 6 -61.65 -42.99 -58.71
C LYS TA 6 -61.17 -42.50 -57.34
N ARG TA 7 -61.35 -43.29 -56.29
CA ARG TA 7 -61.36 -42.76 -54.94
C ARG TA 7 -59.97 -42.69 -54.33
N LEU TA 8 -59.85 -41.85 -53.32
CA LEU TA 8 -58.60 -41.52 -52.66
C LEU TA 8 -58.65 -41.93 -51.21
N PHE TA 9 -57.59 -41.57 -50.48
CA PHE TA 9 -57.38 -42.02 -49.12
C PHE TA 9 -57.11 -40.85 -48.21
N ILE TA 10 -58.05 -40.53 -47.34
CA ILE TA 10 -57.84 -39.44 -46.42
C ILE TA 10 -56.94 -39.91 -45.28
N ILE TA 11 -56.34 -38.96 -44.57
CA ILE TA 11 -55.46 -39.25 -43.44
C ILE TA 11 -56.09 -38.62 -42.20
N LYS TA 12 -56.75 -39.43 -41.40
CA LYS TA 12 -57.39 -38.97 -40.18
C LYS TA 12 -56.46 -39.11 -39.00
N PRO TA 13 -56.68 -38.35 -37.92
CA PRO TA 13 -55.91 -38.57 -36.69
C PRO TA 13 -56.16 -39.93 -36.07
N SER TA 14 -57.42 -40.20 -35.72
CA SER TA 14 -57.93 -41.44 -35.16
C SER TA 14 -59.42 -41.30 -34.99
N GLY TA 15 -60.09 -42.42 -34.81
CA GLY TA 15 -61.49 -42.41 -34.43
C GLY TA 15 -61.70 -43.26 -33.22
N PHE TA 16 -60.73 -44.13 -32.97
CA PHE TA 16 -60.92 -45.24 -32.04
C PHE TA 16 -61.06 -44.75 -30.61
N TYR TA 17 -60.00 -44.11 -30.09
CA TYR TA 17 -59.94 -43.74 -28.69
C TYR TA 17 -60.98 -42.70 -28.34
N ASP TA 18 -61.21 -41.77 -29.27
CA ASP TA 18 -62.17 -40.71 -29.07
C ASP TA 18 -63.59 -41.25 -28.98
N LYS TA 19 -63.99 -42.04 -29.98
CA LYS TA 19 -65.35 -42.56 -29.97
C LYS TA 19 -65.53 -43.60 -28.89
N ARG TA 20 -64.45 -44.27 -28.48
CA ARG TA 20 -64.55 -45.16 -27.34
C ARG TA 20 -64.84 -44.40 -26.06
N PHE TA 21 -64.17 -43.25 -25.87
CA PHE TA 21 -64.44 -42.47 -24.66
C PHE TA 21 -65.86 -41.95 -24.63
N LEU TA 22 -66.32 -41.39 -25.75
CA LEU TA 22 -67.67 -40.82 -25.73
C LEU TA 22 -68.73 -41.89 -25.62
N LYS TA 23 -68.48 -43.05 -26.22
CA LYS TA 23 -69.41 -44.16 -26.07
C LYS TA 23 -69.46 -44.60 -24.62
N LEU TA 24 -68.31 -44.63 -23.94
CA LEU TA 24 -68.29 -44.96 -22.52
C LEU TA 24 -69.01 -43.92 -21.69
N LEU TA 25 -68.89 -42.66 -22.06
CA LEU TA 25 -69.48 -41.61 -21.23
C LEU TA 25 -70.98 -41.63 -21.32
N ARG TA 26 -71.53 -41.78 -22.53
CA ARG TA 26 -72.98 -41.86 -22.64
C ARG TA 26 -73.51 -43.14 -22.00
N PHE TA 27 -72.75 -44.25 -22.07
CA PHE TA 27 -73.21 -45.48 -21.45
C PHE TA 27 -73.21 -45.39 -19.92
N TYR TA 28 -72.18 -44.77 -19.34
CA TYR TA 28 -72.04 -44.71 -17.90
C TYR TA 28 -72.77 -43.57 -17.23
N ILE TA 29 -73.22 -42.56 -17.98
CA ILE TA 29 -74.24 -41.69 -17.42
C ILE TA 29 -75.61 -42.30 -17.61
N LEU TA 30 -75.84 -42.88 -18.78
CA LEU TA 30 -77.15 -43.34 -19.18
C LEU TA 30 -77.59 -44.55 -18.37
N LEU TA 31 -76.65 -45.31 -17.80
CA LEU TA 31 -77.01 -46.50 -17.05
C LEU TA 31 -77.69 -46.17 -15.72
N THR TA 32 -77.47 -44.99 -15.18
CA THR TA 32 -78.31 -44.50 -14.09
C THR TA 32 -78.95 -43.15 -14.41
N GLY TA 33 -78.92 -42.75 -15.68
CA GLY TA 33 -79.76 -41.63 -16.09
C GLY TA 33 -81.15 -42.15 -16.42
N ILE TA 34 -81.21 -43.34 -16.99
CA ILE TA 34 -82.48 -43.95 -17.36
C ILE TA 34 -83.31 -44.43 -16.16
N PRO TA 35 -82.80 -45.28 -15.23
CA PRO TA 35 -83.70 -45.77 -14.18
C PRO TA 35 -84.12 -44.73 -13.18
N VAL TA 36 -83.34 -43.67 -13.00
CA VAL TA 36 -83.75 -42.61 -12.09
C VAL TA 36 -84.88 -41.79 -12.68
N VAL TA 37 -84.81 -41.48 -13.97
CA VAL TA 37 -85.88 -40.70 -14.59
C VAL TA 37 -87.14 -41.54 -14.71
N ILE TA 38 -86.98 -42.85 -14.96
CA ILE TA 38 -88.11 -43.77 -14.89
C ILE TA 38 -88.69 -43.81 -13.48
N GLY TA 39 -87.83 -43.80 -12.46
CA GLY TA 39 -88.29 -43.86 -11.09
C GLY TA 39 -89.08 -42.63 -10.68
N ILE TA 40 -88.55 -41.44 -10.98
CA ILE TA 40 -89.25 -40.21 -10.63
C ILE TA 40 -90.50 -40.01 -11.47
N THR TA 41 -90.52 -40.56 -12.70
CA THR TA 41 -91.74 -40.49 -13.49
C THR TA 41 -92.82 -41.36 -12.86
N LEU TA 42 -92.44 -42.54 -12.38
CA LEU TA 42 -93.37 -43.36 -11.60
C LEU TA 42 -93.80 -42.67 -10.32
N ILE TA 43 -92.92 -41.87 -9.72
CA ILE TA 43 -93.24 -41.16 -8.49
C ILE TA 43 -94.31 -40.11 -8.75
N ASN TA 44 -94.10 -39.22 -9.69
CA ASN TA 44 -95.14 -38.24 -9.92
C ASN TA 44 -96.23 -38.72 -10.87
N VAL TA 45 -96.29 -40.01 -11.19
CA VAL TA 45 -97.48 -40.57 -11.82
C VAL TA 45 -98.21 -41.55 -10.91
N PHE TA 46 -97.64 -41.91 -9.78
CA PHE TA 46 -98.40 -42.72 -8.84
C PHE TA 46 -98.52 -42.10 -7.45
N ILE TA 47 -97.41 -41.74 -6.80
CA ILE TA 47 -97.43 -41.61 -5.35
C ILE TA 47 -98.09 -40.31 -4.87
N GLY TA 48 -98.28 -39.34 -5.73
CA GLY TA 48 -98.91 -38.11 -5.29
C GLY TA 48 -97.89 -37.06 -4.94
N GLU TA 49 -98.22 -35.80 -5.21
CA GLU TA 49 -97.33 -34.77 -4.70
C GLU TA 49 -97.67 -34.50 -3.24
N ALA TA 50 -98.75 -33.75 -3.00
CA ALA TA 50 -99.22 -33.31 -1.70
C ALA TA 50 -100.46 -32.47 -1.92
N GLU TA 51 -101.09 -32.06 -0.82
CA GLU TA 51 -102.30 -31.25 -0.87
C GLU TA 51 -102.17 -30.11 0.14
N LEU TA 52 -102.89 -29.02 -0.14
CA LEU TA 52 -102.54 -27.70 0.35
C LEU TA 52 -103.32 -27.27 1.58
N ALA TA 53 -103.69 -28.21 2.46
CA ALA TA 53 -104.57 -27.90 3.56
C ALA TA 53 -103.80 -27.21 4.68
N GLU TA 54 -104.41 -27.10 5.84
CA GLU TA 54 -103.82 -26.35 6.94
C GLU TA 54 -103.60 -27.25 8.14
N ILE TA 55 -103.23 -26.61 9.25
CA ILE TA 55 -102.82 -27.32 10.46
C ILE TA 55 -104.05 -27.88 11.15
N PRO TA 56 -104.10 -29.18 11.38
CA PRO TA 56 -105.23 -29.76 12.11
C PRO TA 56 -105.16 -29.39 13.57
N GLU TA 57 -106.32 -29.34 14.19
CA GLU TA 57 -106.48 -28.75 15.51
C GLU TA 57 -105.91 -29.69 16.55
N GLY TA 58 -104.78 -29.31 17.14
CA GLY TA 58 -104.11 -30.13 18.12
C GLY TA 58 -103.45 -31.37 17.54
N TYR TA 59 -102.63 -31.19 16.52
CA TYR TA 59 -101.88 -32.32 15.94
C TYR TA 59 -100.61 -31.75 15.32
N VAL TA 60 -99.52 -31.83 16.06
CA VAL TA 60 -98.27 -31.29 15.55
C VAL TA 60 -97.69 -32.28 14.55
N PRO TA 61 -97.15 -31.82 13.44
CA PRO TA 61 -96.64 -32.76 12.44
C PRO TA 61 -95.27 -33.26 12.82
N GLU TA 62 -94.65 -33.98 11.90
CA GLU TA 62 -93.23 -34.29 11.97
C GLU TA 62 -92.44 -33.06 11.51
N HIS TA 63 -91.14 -33.19 11.36
CA HIS TA 63 -90.48 -32.15 10.57
C HIS TA 63 -90.55 -32.46 9.09
N TRP TA 64 -90.99 -33.66 8.73
CA TRP TA 64 -91.60 -33.86 7.43
C TRP TA 64 -93.08 -33.62 7.62
N GLU TA 65 -93.90 -34.03 6.65
CA GLU TA 65 -95.28 -33.55 6.47
C GLU TA 65 -95.28 -32.02 6.43
N TYR TA 66 -94.45 -31.51 5.52
CA TYR TA 66 -94.29 -30.07 5.32
C TYR TA 66 -94.07 -29.64 3.89
N PHE TA 67 -93.86 -30.56 2.95
CA PHE TA 67 -93.30 -30.21 1.65
C PHE TA 67 -94.16 -30.78 0.54
N LYS TA 68 -94.18 -30.09 -0.60
CA LYS TA 68 -95.00 -30.53 -1.71
C LYS TA 68 -94.51 -31.86 -2.26
N HIS TA 69 -93.29 -31.90 -2.66
CA HIS TA 69 -92.81 -33.01 -3.44
C HIS TA 69 -92.52 -34.20 -2.52
N PRO TA 70 -92.87 -35.43 -2.93
CA PRO TA 70 -92.74 -36.55 -2.00
C PRO TA 70 -91.32 -37.00 -1.80
N ILE TA 71 -90.46 -36.86 -2.82
CA ILE TA 71 -89.08 -37.26 -2.63
C ILE TA 71 -88.37 -36.26 -1.71
N SER TA 72 -88.71 -34.98 -1.81
CA SER TA 72 -88.14 -34.00 -0.90
C SER TA 72 -88.61 -34.25 0.53
N ARG TA 73 -89.88 -34.63 0.67
CA ARG TA 73 -90.41 -35.02 1.96
C ARG TA 73 -89.68 -36.22 2.53
N TRP TA 74 -89.38 -37.19 1.68
CA TRP TA 74 -88.64 -38.36 2.14
C TRP TA 74 -87.21 -38.01 2.51
N ILE TA 75 -86.60 -37.04 1.80
CA ILE TA 75 -85.27 -36.54 2.15
C ILE TA 75 -85.25 -36.00 3.56
N ALA TA 76 -86.23 -35.13 3.85
CA ALA TA 76 -86.31 -34.57 5.19
C ALA TA 76 -86.63 -35.62 6.24
N ARG TA 77 -87.37 -36.66 5.87
CA ARG TA 77 -87.70 -37.70 6.83
C ARG TA 77 -86.49 -38.51 7.22
N THR TA 78 -85.65 -38.87 6.25
CA THR TA 78 -84.63 -39.87 6.55
C THR TA 78 -83.21 -39.33 6.65
N PHE TA 79 -82.92 -38.11 6.19
CA PHE TA 79 -81.54 -37.70 6.04
C PHE TA 79 -81.17 -36.38 6.68
N PHE TA 80 -82.09 -35.68 7.30
CA PHE TA 80 -81.80 -34.35 7.81
C PHE TA 80 -82.05 -34.28 9.31
N ASP TA 81 -82.05 -33.06 9.81
CA ASP TA 81 -82.33 -32.79 11.21
C ASP TA 81 -83.40 -31.71 11.28
N ALA TA 82 -84.20 -31.75 12.34
CA ALA TA 82 -85.31 -30.82 12.47
C ALA TA 82 -84.79 -29.43 12.80
N PRO TA 83 -85.50 -28.38 12.35
CA PRO TA 83 -85.15 -27.03 12.77
C PRO TA 83 -85.35 -26.79 14.25
N GLU TA 84 -86.19 -27.57 14.90
CA GLU TA 84 -86.37 -27.43 16.35
C GLU TA 84 -85.14 -27.93 17.09
N LYS TA 85 -84.67 -29.10 16.71
CA LYS TA 85 -83.45 -29.68 17.25
C LYS TA 85 -82.26 -28.76 17.00
N ASN TA 86 -82.20 -28.18 15.79
CA ASN TA 86 -81.12 -27.27 15.46
C ASN TA 86 -81.22 -25.97 16.24
N TYR TA 87 -82.44 -25.47 16.42
CA TYR TA 87 -82.63 -24.21 17.12
C TYR TA 87 -82.24 -24.34 18.58
N GLU TA 88 -82.60 -25.47 19.19
CA GLU TA 88 -82.22 -25.68 20.59
C GLU TA 88 -80.73 -25.92 20.73
N ARG TA 89 -80.11 -26.59 19.75
CA ARG TA 89 -78.67 -26.80 19.83
C ARG TA 89 -77.92 -25.46 19.73
N THR TA 90 -78.38 -24.57 18.85
CA THR TA 90 -77.80 -23.24 18.74
C THR TA 90 -77.93 -22.47 20.04
N MET TA 91 -79.11 -22.55 20.67
CA MET TA 91 -79.28 -21.78 21.88
C MET TA 91 -78.43 -22.34 23.01
N ALA TA 92 -78.22 -23.66 23.00
CA ALA TA 92 -77.35 -24.30 23.97
C ALA TA 92 -75.91 -23.82 23.83
N ILE TA 93 -75.38 -23.82 22.60
CA ILE TA 93 -73.98 -23.43 22.41
C ILE TA 93 -73.80 -21.94 22.67
N LEU TA 94 -74.84 -21.13 22.43
CA LEU TA 94 -74.74 -19.72 22.77
C LEU TA 94 -74.64 -19.51 24.26
N GLN TA 95 -75.48 -20.20 25.03
CA GLN TA 95 -75.42 -20.08 26.49
C GLN TA 95 -74.07 -20.55 27.03
N ILE TA 96 -73.54 -21.64 26.47
CA ILE TA 96 -72.27 -22.22 26.92
C ILE TA 96 -71.12 -21.25 26.71
N GLU TA 97 -70.92 -20.81 25.47
CA GLU TA 97 -69.76 -19.96 25.26
C GLU TA 97 -69.98 -18.54 25.76
N SER TA 98 -71.24 -18.15 26.00
CA SER TA 98 -71.50 -16.90 26.71
C SER TA 98 -70.95 -16.95 28.13
N GLU TA 99 -71.24 -18.03 28.85
CA GLU TA 99 -70.71 -18.12 30.21
C GLU TA 99 -69.19 -18.25 30.23
N LYS TA 100 -68.63 -18.91 29.20
CA LYS TA 100 -67.18 -18.90 29.02
C LYS TA 100 -66.62 -17.48 28.96
N ALA TA 101 -67.21 -16.63 28.12
CA ALA TA 101 -66.68 -15.29 27.92
C ALA TA 101 -66.84 -14.43 29.16
N GLU TA 102 -67.97 -14.58 29.84
CA GLU TA 102 -68.19 -13.80 31.06
C GLU TA 102 -67.21 -14.20 32.15
N LEU TA 103 -66.93 -15.50 32.28
CA LEU TA 103 -65.91 -15.94 33.24
C LEU TA 103 -64.54 -15.44 32.87
N ARG TA 104 -64.25 -15.31 31.58
CA ARG TA 104 -62.92 -14.88 31.16
C ARG TA 104 -62.68 -13.41 31.49
N LEU TA 105 -63.65 -12.55 31.19
CA LEU TA 105 -63.47 -11.13 31.50
C LEU TA 105 -63.46 -10.90 33.00
N LYS TA 106 -64.29 -11.66 33.73
CA LYS TA 106 -64.30 -11.58 35.18
C LYS TA 106 -62.95 -11.99 35.76
N GLU TA 107 -62.31 -12.99 35.16
CA GLU TA 107 -61.02 -13.45 35.65
C GLU TA 107 -59.94 -12.41 35.47
N LEU TA 108 -59.90 -11.77 34.30
CA LEU TA 108 -58.81 -10.81 34.12
C LEU TA 108 -59.00 -9.58 34.98
N GLU TA 109 -60.26 -9.18 35.25
CA GLU TA 109 -60.46 -8.11 36.24
C GLU TA 109 -60.01 -8.53 37.64
N VAL TA 110 -60.29 -9.79 38.01
CA VAL TA 110 -59.82 -10.30 39.29
C VAL TA 110 -58.31 -10.28 39.37
N ARG TA 111 -57.65 -10.68 38.29
CA ARG TA 111 -56.20 -10.80 38.30
C ARG TA 111 -55.54 -9.43 38.41
N ARG TA 112 -56.06 -8.43 37.70
CA ARG TA 112 -55.44 -7.11 37.80
C ARG TA 112 -55.67 -6.48 39.16
N LEU TA 113 -56.86 -6.66 39.75
CA LEU TA 113 -57.05 -6.05 41.07
C LEU TA 113 -56.31 -6.81 42.16
N MET TA 114 -56.11 -8.10 41.99
CA MET TA 114 -55.35 -8.85 42.98
C MET TA 114 -53.88 -8.48 42.91
N ARG TA 115 -53.37 -8.22 41.72
CA ARG TA 115 -51.99 -7.75 41.63
C ARG TA 115 -51.85 -6.35 42.19
N ALA TA 116 -52.91 -5.54 42.08
CA ALA TA 116 -52.89 -4.21 42.67
C ALA TA 116 -52.79 -4.27 44.19
N LYS TA 117 -53.77 -4.89 44.85
CA LYS TA 117 -53.72 -4.86 46.31
C LYS TA 117 -52.82 -5.95 46.87
N GLY TA 118 -53.15 -7.20 46.60
CA GLY TA 118 -52.44 -8.32 47.18
C GLY TA 118 -53.21 -9.15 48.18
N ASP TA 119 -54.52 -8.90 48.35
CA ASP TA 119 -55.33 -9.68 49.30
C ASP TA 119 -55.49 -11.12 48.90
N GLY TA 120 -55.38 -11.43 47.62
CA GLY TA 120 -55.73 -12.75 47.14
C GLY TA 120 -54.66 -13.77 47.46
N PRO TA 121 -54.89 -15.00 47.03
CA PRO TA 121 -53.93 -16.06 47.29
C PRO TA 121 -52.85 -16.21 46.26
N TRP TA 122 -52.95 -15.52 45.13
CA TRP TA 122 -52.10 -15.87 43.99
C TRP TA 122 -50.73 -15.23 44.07
N PHE TA 123 -50.67 -13.91 44.02
CA PHE TA 123 -49.39 -13.21 43.90
C PHE TA 123 -48.86 -12.97 45.30
N GLN TA 124 -48.39 -14.06 45.90
CA GLN TA 124 -47.93 -14.07 47.28
C GLN TA 124 -46.56 -14.73 47.27
N TYR TA 125 -45.56 -13.95 47.06
CA TYR TA 125 -44.26 -14.57 47.08
C TYR TA 125 -43.81 -14.76 48.52
N PRO TA 126 -43.21 -15.91 48.85
CA PRO TA 126 -43.03 -16.27 50.25
C PRO TA 126 -41.98 -15.40 50.93
N THR TA 127 -42.33 -14.88 52.07
CA THR TA 127 -41.46 -13.98 52.80
C THR TA 127 -40.60 -14.79 53.77
N ILE TA 128 -40.00 -14.11 54.73
CA ILE TA 128 -39.26 -14.77 55.79
C ILE TA 128 -40.22 -15.61 56.61
N ASP TA 129 -39.81 -16.82 56.94
CA ASP TA 129 -40.65 -17.75 57.69
C ASP TA 129 -40.26 -17.65 59.16
N LYS TA 130 -41.20 -17.21 60.00
CA LYS TA 130 -40.85 -16.90 61.38
C LYS TA 130 -40.77 -18.13 62.26
N ALA TA 131 -41.00 -19.32 61.72
CA ALA TA 131 -41.02 -20.52 62.54
C ALA TA 131 -39.64 -20.98 62.95
N LEU TA 132 -38.57 -20.33 62.51
CA LEU TA 132 -37.23 -20.69 62.97
C LEU TA 132 -36.64 -19.65 63.92
N ILE TA 133 -37.26 -18.49 64.07
CA ILE TA 133 -36.79 -17.51 65.05
C ILE TA 133 -37.11 -18.04 66.44
N ASP TA 134 -36.07 -18.27 67.24
CA ASP TA 134 -36.25 -18.75 68.61
C ASP TA 134 -36.04 -17.58 69.56
N HIS TA 135 -37.13 -17.14 70.17
CA HIS TA 135 -37.05 -16.26 71.32
C HIS TA 135 -36.42 -17.01 72.48
N SER TA 136 -35.39 -16.43 73.07
CA SER TA 136 -34.66 -17.07 74.15
C SER TA 136 -33.92 -16.00 74.92
N PRO TA 137 -33.60 -16.24 76.16
CA PRO TA 137 -32.69 -15.32 76.85
C PRO TA 137 -31.28 -15.51 76.34
N LYS TA 138 -30.79 -14.55 75.57
CA LYS TA 138 -29.46 -14.62 75.00
C LYS TA 138 -28.43 -14.22 76.04
N ALA TA 139 -27.21 -13.95 75.59
CA ALA TA 139 -26.13 -13.57 76.48
C ALA TA 139 -26.05 -12.07 76.70
N THR TA 140 -25.99 -11.32 75.63
CA THR TA 140 -25.85 -9.87 75.72
C THR TA 140 -27.18 -9.27 76.16
N PRO TA 141 -27.20 -8.37 77.16
CA PRO TA 141 -28.47 -7.85 77.66
C PRO TA 141 -29.27 -7.04 76.64
N ASP TA 142 -28.68 -5.98 76.12
CA ASP TA 142 -29.36 -5.11 75.19
C ASP TA 142 -29.19 -5.70 73.80
N ASN TA 143 -30.20 -6.42 73.35
CA ASN TA 143 -30.12 -7.18 72.12
C ASN TA 143 -30.30 -6.28 70.92
N ASP UA 2 -65.60 -28.75 -57.56
CA ASP UA 2 -64.64 -27.96 -58.33
C ASP UA 2 -63.32 -28.69 -58.47
N ALA UA 3 -63.32 -29.82 -59.18
CA ALA UA 3 -62.09 -30.56 -59.44
C ALA UA 3 -62.24 -31.39 -60.70
N PRO UA 4 -61.96 -30.81 -61.86
CA PRO UA 4 -61.66 -31.64 -63.02
C PRO UA 4 -60.23 -32.13 -62.95
N PRO UA 5 -59.99 -33.41 -63.22
CA PRO UA 5 -58.65 -33.95 -62.99
C PRO UA 5 -57.68 -33.56 -64.09
N LEU UA 6 -56.55 -33.00 -63.70
CA LEU UA 6 -55.48 -32.75 -64.63
C LEU UA 6 -54.70 -34.04 -64.87
N THR UA 7 -54.13 -34.17 -66.05
CA THR UA 7 -53.30 -35.33 -66.34
C THR UA 7 -52.14 -34.88 -67.21
N LEU UA 8 -51.13 -35.76 -67.29
CA LEU UA 8 -49.84 -35.37 -67.85
C LEU UA 8 -49.93 -35.09 -69.35
N GLU UA 9 -50.65 -35.92 -70.09
CA GLU UA 9 -50.89 -35.64 -71.49
C GLU UA 9 -51.70 -34.35 -71.66
N GLY UA 10 -52.65 -34.13 -70.75
CA GLY UA 10 -53.50 -32.95 -70.86
C GLY UA 10 -52.77 -31.67 -70.55
N ILE UA 11 -51.93 -31.70 -69.52
CA ILE UA 11 -51.17 -30.49 -69.20
C ILE UA 11 -50.12 -30.22 -70.27
N LYS UA 12 -49.57 -31.29 -70.88
CA LYS UA 12 -48.64 -31.12 -71.98
C LYS UA 12 -49.32 -30.45 -73.16
N ASP UA 13 -50.54 -30.87 -73.46
CA ASP UA 13 -51.27 -30.30 -74.59
C ASP UA 13 -51.66 -28.85 -74.33
N ARG UA 14 -52.05 -28.51 -73.09
CA ARG UA 14 -52.49 -27.14 -72.85
C ARG UA 14 -51.32 -26.17 -72.86
N VAL UA 15 -50.18 -26.58 -72.30
CA VAL UA 15 -49.01 -25.73 -72.32
C VAL UA 15 -48.49 -25.57 -73.75
N LEU UA 16 -48.51 -26.64 -74.54
CA LEU UA 16 -48.02 -26.48 -75.89
C LEU UA 16 -49.01 -25.73 -76.77
N TYR UA 17 -50.28 -25.77 -76.41
CA TYR UA 17 -51.27 -24.97 -77.10
C TYR UA 17 -51.01 -23.49 -76.90
N VAL UA 18 -50.74 -23.07 -75.67
CA VAL UA 18 -50.50 -21.65 -75.49
C VAL UA 18 -49.11 -21.22 -75.93
N LEU UA 19 -48.14 -22.13 -76.04
CA LEU UA 19 -46.89 -21.72 -76.67
C LEU UA 19 -47.06 -21.58 -78.17
N LYS UA 20 -47.85 -22.47 -78.78
CA LYS UA 20 -48.04 -22.43 -80.21
C LYS UA 20 -48.85 -21.21 -80.61
N LEU UA 21 -49.72 -20.75 -79.73
CA LEU UA 21 -50.49 -19.55 -80.01
C LEU UA 21 -49.64 -18.30 -79.94
N TYR UA 22 -48.52 -18.36 -79.24
CA TYR UA 22 -47.64 -17.22 -79.12
C TYR UA 22 -47.02 -16.88 -80.48
N ASP UA 23 -46.70 -15.61 -80.67
CA ASP UA 23 -46.54 -15.08 -82.02
C ASP UA 23 -45.20 -15.48 -82.65
N LYS UA 24 -44.11 -15.03 -82.05
CA LYS UA 24 -42.81 -15.00 -82.73
C LYS UA 24 -42.05 -16.31 -82.64
N ILE UA 25 -42.74 -17.41 -82.40
CA ILE UA 25 -42.17 -18.74 -82.56
C ILE UA 25 -42.84 -19.39 -83.76
N ASP UA 26 -42.35 -20.56 -84.13
CA ASP UA 26 -42.99 -21.28 -85.21
C ASP UA 26 -43.68 -22.54 -84.70
N PRO UA 27 -44.73 -23.00 -85.39
CA PRO UA 27 -45.25 -24.34 -85.11
C PRO UA 27 -44.39 -25.48 -85.66
N GLU UA 28 -43.32 -25.17 -86.38
CA GLU UA 28 -42.43 -26.19 -86.89
C GLU UA 28 -41.42 -26.62 -85.83
N LYS UA 29 -40.59 -25.68 -85.41
CA LYS UA 29 -39.51 -25.97 -84.46
C LYS UA 29 -39.98 -25.68 -83.03
N LEU UA 30 -41.08 -26.32 -82.68
CA LEU UA 30 -41.72 -26.16 -81.38
C LEU UA 30 -41.72 -27.53 -80.71
N SER UA 31 -40.65 -27.82 -79.98
CA SER UA 31 -40.51 -29.14 -79.39
C SER UA 31 -40.78 -29.12 -77.91
N VAL UA 32 -41.12 -30.30 -77.39
CA VAL UA 32 -41.30 -30.49 -75.96
C VAL UA 32 -39.97 -30.34 -75.25
N ASN UA 33 -38.95 -31.05 -75.72
CA ASN UA 33 -37.59 -30.85 -75.26
C ASN UA 33 -36.96 -29.79 -76.14
N SER UA 34 -37.34 -28.54 -75.91
CA SER UA 34 -36.72 -27.41 -76.57
C SER UA 34 -35.97 -26.57 -75.56
N HIS UA 35 -35.56 -25.39 -75.98
CA HIS UA 35 -34.95 -24.42 -75.10
C HIS UA 35 -35.47 -23.03 -75.40
N PHE UA 36 -35.57 -22.22 -74.36
CA PHE UA 36 -35.94 -20.83 -74.51
C PHE UA 36 -34.71 -19.97 -74.63
N MET UA 37 -33.54 -20.61 -74.62
CA MET UA 37 -32.24 -20.00 -74.62
C MET UA 37 -31.38 -20.45 -75.79
N LYS UA 38 -31.40 -21.74 -76.11
CA LYS UA 38 -30.57 -22.29 -77.18
C LYS UA 38 -31.23 -22.16 -78.55
N ASP UA 39 -32.35 -22.84 -78.76
CA ASP UA 39 -32.83 -23.05 -80.12
C ASP UA 39 -34.01 -22.19 -80.51
N LEU UA 40 -34.92 -21.86 -79.58
CA LEU UA 40 -35.90 -20.84 -79.93
C LEU UA 40 -35.26 -19.46 -79.92
N GLY UA 41 -34.18 -19.28 -79.16
CA GLY UA 41 -33.36 -18.10 -79.25
C GLY UA 41 -33.97 -16.83 -78.73
N LEU UA 42 -35.20 -16.87 -78.22
CA LEU UA 42 -35.86 -15.67 -77.73
C LEU UA 42 -35.25 -15.26 -76.39
N ASP UA 43 -35.56 -14.03 -75.99
CA ASP UA 43 -34.86 -13.41 -74.87
C ASP UA 43 -35.53 -13.72 -73.55
N SER UA 44 -34.84 -13.32 -72.48
CA SER UA 44 -35.32 -13.51 -71.12
C SER UA 44 -36.62 -12.77 -70.87
N LEU UA 45 -36.78 -11.63 -71.54
CA LEU UA 45 -37.95 -10.78 -71.34
C LEU UA 45 -39.22 -11.51 -71.77
N ASP UA 46 -39.23 -12.00 -73.00
CA ASP UA 46 -40.40 -12.71 -73.47
C ASP UA 46 -40.50 -14.10 -72.86
N GLN UA 47 -39.39 -14.62 -72.33
CA GLN UA 47 -39.44 -15.82 -71.50
C GLN UA 47 -40.29 -15.59 -70.26
N VAL UA 48 -40.15 -14.42 -69.63
CA VAL UA 48 -40.99 -14.15 -68.48
C VAL UA 48 -42.39 -13.73 -68.88
N GLU UA 49 -42.56 -13.25 -70.11
CA GLU UA 49 -43.91 -13.15 -70.66
C GLU UA 49 -44.58 -14.52 -70.78
N ILE UA 50 -43.81 -15.54 -71.16
CA ILE UA 50 -44.33 -16.91 -71.20
C ILE UA 50 -44.71 -17.37 -69.79
N ILE UA 51 -43.83 -17.11 -68.82
CA ILE UA 51 -44.13 -17.47 -67.42
C ILE UA 51 -45.40 -16.77 -66.95
N MET UA 52 -45.60 -15.54 -67.41
CA MET UA 52 -46.82 -14.81 -67.10
C MET UA 52 -48.03 -15.46 -67.75
N ALA UA 53 -47.86 -16.00 -68.95
CA ALA UA 53 -48.95 -16.70 -69.61
C ALA UA 53 -49.37 -17.94 -68.83
N MET UA 54 -48.40 -18.71 -68.32
CA MET UA 54 -48.76 -19.90 -67.56
C MET UA 54 -49.43 -19.56 -66.25
N GLU UA 55 -48.90 -18.56 -65.52
CA GLU UA 55 -49.53 -18.12 -64.28
C GLU UA 55 -50.94 -17.62 -64.52
N ASP UA 56 -51.15 -16.89 -65.62
CA ASP UA 56 -52.47 -16.33 -65.84
C ASP UA 56 -53.43 -17.33 -66.45
N GLU UA 57 -52.95 -18.42 -67.03
CA GLU UA 57 -53.89 -19.45 -67.45
C GLU UA 57 -54.31 -20.32 -66.27
N PHE UA 58 -53.34 -20.85 -65.53
CA PHE UA 58 -53.70 -21.92 -64.62
C PHE UA 58 -54.23 -21.38 -63.29
N GLY UA 59 -53.87 -20.15 -62.93
CA GLY UA 59 -54.47 -19.47 -61.81
C GLY UA 59 -53.63 -19.30 -60.57
N PHE UA 60 -52.31 -19.46 -60.67
CA PHE UA 60 -51.46 -19.39 -59.49
C PHE UA 60 -50.12 -18.80 -59.89
N GLU UA 61 -49.52 -18.07 -58.96
CA GLU UA 61 -48.16 -17.57 -59.18
C GLU UA 61 -47.16 -18.71 -59.17
N ILE UA 62 -46.04 -18.50 -59.85
CA ILE UA 62 -44.85 -19.29 -59.53
C ILE UA 62 -43.84 -18.26 -59.03
N PRO UA 63 -43.00 -18.59 -58.06
CA PRO UA 63 -42.10 -17.58 -57.52
C PRO UA 63 -40.88 -17.36 -58.41
N ASP UA 64 -40.21 -16.25 -58.15
CA ASP UA 64 -39.07 -15.79 -58.93
C ASP UA 64 -37.78 -16.53 -58.62
N ILE UA 65 -37.80 -17.41 -57.62
CA ILE UA 65 -36.70 -18.35 -57.47
C ILE UA 65 -36.73 -19.38 -58.58
N ASP UA 66 -37.88 -19.57 -59.22
CA ASP UA 66 -38.04 -20.54 -60.29
C ASP UA 66 -38.02 -19.91 -61.67
N ALA UA 67 -38.59 -18.70 -61.81
CA ALA UA 67 -38.65 -18.02 -63.10
C ALA UA 67 -37.29 -17.65 -63.65
N GLU UA 68 -36.25 -17.64 -62.82
CA GLU UA 68 -34.89 -17.63 -63.33
C GLU UA 68 -34.60 -18.87 -64.15
N LYS UA 69 -35.17 -20.00 -63.78
CA LYS UA 69 -34.53 -21.24 -64.10
C LYS UA 69 -35.53 -22.30 -64.52
N LEU UA 70 -36.49 -21.93 -65.38
CA LEU UA 70 -37.26 -22.94 -66.09
C LEU UA 70 -36.67 -23.21 -67.46
N MET UA 71 -36.73 -22.23 -68.35
CA MET UA 71 -36.02 -22.15 -69.63
C MET UA 71 -36.28 -23.30 -70.59
N CYS UA 72 -37.32 -24.12 -70.39
CA CYS UA 72 -37.69 -25.18 -71.32
C CYS UA 72 -39.10 -25.65 -70.97
N PRO UA 73 -39.89 -26.11 -71.95
CA PRO UA 73 -41.30 -26.44 -71.66
C PRO UA 73 -41.47 -27.66 -70.78
N GLN UA 74 -40.53 -28.59 -70.83
CA GLN UA 74 -40.68 -29.80 -70.01
C GLN UA 74 -40.60 -29.47 -68.54
N GLU UA 75 -39.69 -28.58 -68.16
CA GLU UA 75 -39.62 -28.22 -66.75
C GLU UA 75 -40.80 -27.35 -66.32
N ILE UA 76 -41.44 -26.65 -67.27
CA ILE UA 76 -42.70 -25.98 -66.95
C ILE UA 76 -43.75 -27.00 -66.56
N VAL UA 77 -43.90 -28.04 -67.39
CA VAL UA 77 -44.87 -29.09 -67.11
C VAL UA 77 -44.56 -29.81 -65.80
N ASP UA 78 -43.27 -30.02 -65.53
CA ASP UA 78 -42.85 -30.63 -64.26
C ASP UA 78 -43.20 -29.74 -63.09
N TYR UA 79 -43.11 -28.43 -63.26
CA TYR UA 79 -43.32 -27.58 -62.10
C TYR UA 79 -44.80 -27.38 -61.80
N ILE UA 80 -45.66 -27.38 -62.82
CA ILE UA 80 -47.07 -27.41 -62.45
C ILE UA 80 -47.46 -28.81 -61.98
N ALA UA 81 -46.70 -29.84 -62.36
CA ALA UA 81 -46.92 -31.16 -61.76
C ALA UA 81 -46.54 -31.18 -60.28
N ASP UA 82 -45.60 -30.33 -59.88
CA ASP UA 82 -45.30 -30.20 -58.46
C ASP UA 82 -46.38 -29.43 -57.72
N LYS UA 83 -46.80 -28.30 -58.27
CA LYS UA 83 -47.81 -27.48 -57.61
C LYS UA 83 -49.16 -28.19 -57.53
N LYS UA 84 -49.47 -29.05 -58.49
CA LYS UA 84 -50.79 -29.68 -58.52
C LYS UA 84 -50.81 -31.11 -58.02
N ASP UA 85 -49.66 -31.79 -57.97
CA ASP UA 85 -49.52 -33.18 -57.52
C ASP UA 85 -50.39 -34.11 -58.37
N VAL UA 86 -49.96 -34.24 -59.63
CA VAL UA 86 -50.85 -34.68 -60.70
C VAL UA 86 -50.84 -36.21 -60.72
N TYR UA 87 -51.72 -36.80 -59.93
CA TYR UA 87 -52.32 -38.12 -60.17
C TYR UA 87 -53.73 -38.12 -59.63
N GLU UA 88 -54.57 -39.00 -60.19
CA GLU UA 88 -55.99 -39.01 -59.86
C GLU UA 88 -56.26 -39.73 -58.54
N PRO VA 1 -37.11 11.28 65.21
CA PRO VA 1 -38.46 11.76 65.57
C PRO VA 1 -38.66 11.92 67.08
N GLY VA 2 -38.50 10.85 67.85
CA GLY VA 2 -38.64 10.93 69.29
C GLY VA 2 -37.28 11.05 69.99
N ILE VA 3 -37.26 11.84 71.07
CA ILE VA 3 -36.05 12.03 71.86
C ILE VA 3 -36.04 11.03 73.00
N VAL VA 4 -34.82 10.66 73.44
CA VAL VA 4 -34.65 9.67 74.49
C VAL VA 4 -34.97 10.31 75.83
N GLU VA 5 -35.16 9.48 76.86
CA GLU VA 5 -35.44 9.97 78.20
C GLU VA 5 -34.31 9.49 79.09
N LEU VA 6 -33.22 10.26 79.10
CA LEU VA 6 -32.07 9.92 79.90
C LEU VA 6 -32.37 10.17 81.38
N PRO VA 7 -31.78 9.39 82.28
CA PRO VA 7 -31.89 9.70 83.69
C PRO VA 7 -30.98 10.87 84.06
N SER VA 8 -31.22 11.43 85.25
CA SER VA 8 -30.51 12.63 85.65
C SER VA 8 -29.14 12.30 86.22
N LEU VA 9 -28.38 13.35 86.49
CA LEU VA 9 -27.14 13.24 87.26
C LEU VA 9 -27.40 12.99 88.74
N GLU VA 10 -28.63 13.19 89.20
CA GLU VA 10 -28.96 12.94 90.60
C GLU VA 10 -29.08 11.44 90.89
N ASP VA 11 -29.55 10.66 89.92
CA ASP VA 11 -29.54 9.22 90.06
C ASP VA 11 -28.19 8.64 89.71
N LEU VA 12 -27.41 9.33 88.89
CA LEU VA 12 -26.06 8.88 88.58
C LEU VA 12 -25.08 9.33 89.63
N LYS VA 13 -25.39 9.07 90.90
CA LYS VA 13 -24.40 9.18 91.97
C LYS VA 13 -24.72 8.09 92.98
N VAL VA 14 -24.05 6.98 92.84
CA VAL VA 14 -24.00 5.94 93.84
C VAL VA 14 -22.59 6.03 94.39
N GLN VA 15 -22.39 5.56 95.62
CA GLN VA 15 -21.02 5.43 96.08
C GLN VA 15 -20.38 4.31 95.27
N GLU VA 16 -19.66 4.71 94.23
CA GLU VA 16 -19.15 3.74 93.28
C GLU VA 16 -18.00 2.98 93.92
N VAL VA 17 -17.99 1.67 93.71
CA VAL VA 17 -17.07 0.80 94.46
C VAL VA 17 -15.75 0.83 93.70
N LYS VA 18 -15.00 1.91 93.92
CA LYS VA 18 -13.73 2.10 93.22
C LYS VA 18 -12.70 1.21 93.89
N VAL VA 19 -12.79 -0.07 93.57
CA VAL VA 19 -11.92 -1.12 94.09
C VAL VA 19 -11.17 -1.68 92.89
N SER VA 20 -10.12 -2.44 93.17
CA SER VA 20 -9.37 -2.96 92.04
C SER VA 20 -9.91 -4.32 91.63
N SER VA 21 -9.31 -4.88 90.58
CA SER VA 21 -9.95 -5.97 89.87
C SER VA 21 -9.62 -7.34 90.43
N SER VA 22 -8.35 -7.59 90.73
CA SER VA 22 -7.98 -8.94 91.16
C SER VA 22 -8.50 -9.24 92.55
N VAL VA 23 -8.59 -8.23 93.41
CA VAL VA 23 -9.22 -8.43 94.71
C VAL VA 23 -10.70 -8.73 94.54
N LEU VA 24 -11.33 -8.12 93.55
CA LEU VA 24 -12.74 -8.34 93.29
C LEU VA 24 -12.97 -9.72 92.71
N LYS VA 25 -12.03 -10.16 91.88
CA LYS VA 25 -12.10 -11.49 91.29
C LYS VA 25 -11.87 -12.55 92.35
N ALA VA 26 -10.90 -12.34 93.22
CA ALA VA 26 -10.61 -13.31 94.26
C ALA VA 26 -11.67 -13.35 95.33
N ALA VA 27 -12.43 -12.28 95.50
CA ALA VA 27 -13.48 -12.25 96.50
C ALA VA 27 -14.85 -12.52 95.90
N ALA VA 28 -14.92 -13.42 94.92
CA ALA VA 28 -16.15 -13.55 94.16
C ALA VA 28 -17.12 -14.56 94.76
N HIS VA 29 -16.63 -15.67 95.29
CA HIS VA 29 -17.50 -16.80 95.57
C HIS VA 29 -18.36 -16.59 96.81
N HIS VA 30 -17.78 -16.10 97.89
CA HIS VA 30 -18.58 -15.84 99.07
C HIS VA 30 -19.47 -14.63 98.87
N TYR VA 31 -19.04 -13.71 98.00
CA TYR VA 31 -19.94 -12.68 97.50
C TYR VA 31 -21.08 -13.28 96.70
N GLY VA 32 -20.85 -14.42 96.06
CA GLY VA 32 -21.95 -15.19 95.53
C GLY VA 32 -22.77 -15.87 96.59
N ALA VA 33 -22.19 -16.11 97.77
CA ALA VA 33 -22.91 -16.80 98.84
C ALA VA 33 -23.78 -15.85 99.66
N GLN VA 34 -23.14 -14.91 100.38
CA GLN VA 34 -23.89 -14.07 101.29
C GLN VA 34 -24.72 -13.03 100.56
N CYS VA 35 -24.07 -12.12 99.85
CA CYS VA 35 -24.77 -11.19 98.97
C CYS VA 35 -25.10 -11.91 97.66
N ASP VA 36 -25.46 -11.13 96.65
CA ASP VA 36 -25.97 -11.58 95.35
C ASP VA 36 -27.28 -12.35 95.45
N LYS VA 37 -27.98 -12.27 96.57
CA LYS VA 37 -29.37 -12.67 96.59
C LYS VA 37 -30.29 -11.56 96.09
N PRO VA 38 -30.18 -10.27 96.51
CA PRO VA 38 -31.14 -9.31 95.97
C PRO VA 38 -30.73 -8.66 94.65
N ASN VA 39 -29.77 -9.22 93.92
CA ASN VA 39 -29.45 -8.67 92.62
C ASN VA 39 -29.95 -9.52 91.46
N LYS VA 40 -30.52 -10.68 91.73
CA LYS VA 40 -31.27 -11.34 90.68
C LYS VA 40 -32.58 -10.62 90.41
N GLU VA 41 -33.03 -9.79 91.37
CA GLU VA 41 -33.92 -8.70 91.05
C GLU VA 41 -33.39 -7.89 89.87
N PHE VA 42 -32.11 -7.47 89.95
CA PHE VA 42 -31.53 -6.69 88.88
C PHE VA 42 -31.41 -7.49 87.61
N MET VA 43 -31.09 -8.78 87.73
CA MET VA 43 -30.91 -9.59 86.54
C MET VA 43 -32.23 -9.80 85.82
N LEU VA 44 -33.28 -10.11 86.57
CA LEU VA 44 -34.57 -10.31 85.94
C LEU VA 44 -35.14 -8.99 85.43
N CYS VA 45 -34.81 -7.86 86.06
CA CYS VA 45 -35.18 -6.59 85.48
C CYS VA 45 -34.48 -6.38 84.14
N ARG VA 46 -33.20 -6.74 84.08
CA ARG VA 46 -32.43 -6.52 82.88
C ARG VA 46 -32.84 -7.48 81.77
N TRP VA 47 -33.47 -8.60 82.10
CA TRP VA 47 -33.92 -9.48 81.03
C TRP VA 47 -35.42 -9.50 80.80
N GLU VA 48 -36.20 -8.81 81.62
CA GLU VA 48 -37.60 -8.59 81.30
C GLU VA 48 -37.82 -7.27 80.61
N GLU VA 49 -36.95 -6.30 80.87
CA GLU VA 49 -36.82 -5.12 80.04
C GLU VA 49 -35.40 -5.09 79.52
N LYS VA 50 -35.25 -4.92 78.23
CA LYS VA 50 -33.93 -4.71 77.66
C LYS VA 50 -33.50 -3.23 77.71
N ASP VA 51 -33.73 -2.55 78.83
CA ASP VA 51 -33.70 -1.09 78.88
C ASP VA 51 -33.12 -0.63 80.20
N PRO VA 52 -31.80 -0.56 80.31
CA PRO VA 52 -31.21 0.29 81.34
C PRO VA 52 -31.50 1.73 80.97
N ARG VA 53 -31.41 2.60 81.97
CA ARG VA 53 -32.11 3.87 82.27
C ARG VA 53 -33.41 3.56 82.99
N ARG VA 54 -33.70 2.29 83.26
CA ARG VA 54 -34.88 1.96 84.05
C ARG VA 54 -34.58 1.12 85.27
N CYS VA 55 -33.69 0.13 85.17
CA CYS VA 55 -33.42 -0.81 86.25
C CYS VA 55 -32.39 -0.30 87.24
N LEU VA 56 -32.12 1.01 87.25
CA LEU VA 56 -30.95 1.53 87.93
C LEU VA 56 -31.10 1.66 89.44
N GLU VA 57 -32.33 1.62 89.95
CA GLU VA 57 -32.47 1.52 91.41
C GLU VA 57 -31.92 0.20 91.92
N GLU VA 58 -32.12 -0.87 91.15
CA GLU VA 58 -31.54 -2.14 91.54
C GLU VA 58 -30.04 -2.18 91.29
N GLY VA 59 -29.54 -1.38 90.34
CA GLY VA 59 -28.11 -1.22 90.20
C GLY VA 59 -27.49 -0.52 91.41
N LYS VA 60 -28.17 0.53 91.89
CA LYS VA 60 -27.75 1.17 93.13
C LYS VA 60 -27.84 0.21 94.31
N LEU VA 61 -28.82 -0.70 94.27
CA LEU VA 61 -28.96 -1.69 95.32
C LEU VA 61 -27.83 -2.72 95.33
N VAL VA 62 -27.44 -3.22 94.16
CA VAL VA 62 -26.32 -4.18 94.15
C VAL VA 62 -25.01 -3.46 94.47
N ASN VA 63 -24.92 -2.18 94.10
CA ASN VA 63 -23.73 -1.39 94.42
C ASN VA 63 -23.56 -1.25 95.91
N GLN VA 64 -24.65 -0.89 96.62
CA GLN VA 64 -24.56 -0.80 98.07
C GLN VA 64 -24.39 -2.17 98.72
N CYS VA 65 -24.94 -3.24 98.11
CA CYS VA 65 -24.78 -4.57 98.72
C CYS VA 65 -23.33 -5.03 98.66
N ALA VA 66 -22.67 -4.83 97.52
CA ALA VA 66 -21.28 -5.26 97.41
C ALA VA 66 -20.36 -4.40 98.27
N LEU VA 67 -20.66 -3.10 98.39
CA LEU VA 67 -19.88 -2.28 99.31
C LEU VA 67 -20.11 -2.68 100.75
N GLU VA 68 -21.35 -3.07 101.11
CA GLU VA 68 -21.63 -3.57 102.45
C GLU VA 68 -20.90 -4.88 102.71
N PHE VA 69 -20.82 -5.73 101.69
CA PHE VA 69 -20.13 -7.00 101.84
C PHE VA 69 -18.64 -6.80 102.06
N PHE VA 70 -18.02 -5.91 101.29
CA PHE VA 70 -16.59 -5.70 101.51
C PHE VA 70 -16.32 -4.88 102.76
N ARG VA 71 -17.28 -4.07 103.21
CA ARG VA 71 -17.19 -3.49 104.54
C ARG VA 71 -17.17 -4.58 105.61
N GLN VA 72 -18.05 -5.57 105.49
CA GLN VA 72 -18.12 -6.62 106.50
C GLN VA 72 -16.89 -7.50 106.47
N ILE VA 73 -16.34 -7.75 105.29
CA ILE VA 73 -15.11 -8.52 105.23
C ILE VA 73 -13.91 -7.67 105.63
N LYS VA 74 -14.06 -6.34 105.58
CA LYS VA 74 -12.98 -5.44 105.96
C LYS VA 74 -12.86 -5.33 107.46
N ARG VA 75 -13.98 -5.35 108.16
CA ARG VA 75 -13.96 -5.09 109.60
C ARG VA 75 -13.51 -6.29 110.40
N HIS VA 76 -13.36 -7.45 109.79
CA HIS VA 76 -13.05 -8.66 110.52
C HIS VA 76 -11.89 -9.43 109.89
N CYS VA 77 -11.69 -10.66 110.39
CA CYS VA 77 -10.85 -11.64 109.74
C CYS VA 77 -11.41 -11.96 108.35
N ALA VA 78 -10.54 -12.11 107.36
CA ALA VA 78 -9.10 -12.04 107.51
C ALA VA 78 -8.57 -10.71 107.07
N GLU VA 79 -7.60 -10.23 107.79
CA GLU VA 79 -6.69 -9.29 107.15
C GLU VA 79 -5.74 -10.03 106.19
N PRO VA 80 -5.27 -11.29 106.46
CA PRO VA 80 -4.62 -12.05 105.38
C PRO VA 80 -5.47 -12.46 104.17
N PHE VA 81 -6.71 -11.99 104.10
CA PHE VA 81 -7.35 -11.79 102.82
C PHE VA 81 -6.50 -10.95 101.89
N THR VA 82 -5.85 -9.91 102.44
CA THR VA 82 -4.95 -9.08 101.66
C THR VA 82 -3.80 -9.88 101.11
N GLU VA 83 -3.23 -10.74 101.95
CA GLU VA 83 -2.16 -11.63 101.52
C GLU VA 83 -2.65 -12.63 100.48
N TYR VA 84 -3.89 -13.08 100.60
CA TYR VA 84 -4.42 -14.06 99.67
C TYR VA 84 -4.60 -13.47 98.27
N TRP VA 85 -5.24 -12.30 98.19
CA TRP VA 85 -5.41 -11.75 96.86
C TRP VA 85 -4.10 -11.23 96.30
N THR VA 86 -3.18 -10.73 97.13
CA THR VA 86 -1.92 -10.31 96.53
C THR VA 86 -1.03 -11.49 96.20
N CYS VA 87 -1.30 -12.65 96.79
CA CYS VA 87 -0.68 -13.88 96.32
C CYS VA 87 -1.23 -14.27 94.96
N ILE VA 88 -2.50 -13.95 94.69
CA ILE VA 88 -3.07 -14.35 93.41
C ILE VA 88 -2.99 -13.24 92.35
N ASP VA 89 -2.49 -12.05 92.71
CA ASP VA 89 -2.56 -10.92 91.80
C ASP VA 89 -1.58 -11.09 90.64
N TYR VA 90 -0.28 -11.18 90.93
CA TYR VA 90 0.74 -11.09 89.88
C TYR VA 90 0.89 -12.37 89.07
N SER VA 91 -0.06 -13.28 89.15
CA SER VA 91 0.01 -14.56 88.45
C SER VA 91 -0.67 -14.52 87.08
N GLY VA 92 -0.34 -13.52 86.26
CA GLY VA 92 -0.87 -13.44 84.90
C GLY VA 92 -2.37 -13.21 84.91
N LEU VA 93 -3.10 -13.96 84.09
CA LEU VA 93 -4.52 -14.08 84.32
C LEU VA 93 -4.73 -14.94 85.56
N GLN VA 94 -5.65 -14.52 86.41
CA GLN VA 94 -5.69 -15.04 87.78
C GLN VA 94 -6.31 -16.42 87.80
N LEU VA 95 -5.46 -17.43 87.62
CA LEU VA 95 -5.87 -18.80 87.88
C LEU VA 95 -6.13 -18.96 89.37
N PHE VA 96 -7.28 -19.54 89.71
CA PHE VA 96 -7.60 -19.70 91.13
C PHE VA 96 -6.92 -20.92 91.76
N ARG VA 97 -6.40 -21.84 90.95
CA ARG VA 97 -5.67 -23.00 91.44
C ARG VA 97 -4.25 -22.67 91.86
N ARG VA 98 -3.83 -21.42 91.73
CA ARG VA 98 -2.46 -21.03 92.03
C ARG VA 98 -2.16 -21.02 93.51
N CYS VA 99 -2.79 -20.10 94.24
CA CYS VA 99 -2.47 -19.88 95.64
C CYS VA 99 -3.52 -20.63 96.44
N ARG VA 100 -3.44 -21.95 96.38
CA ARG VA 100 -4.52 -22.80 96.86
C ARG VA 100 -4.48 -22.97 98.38
N LYS VA 101 -3.28 -23.01 98.95
CA LYS VA 101 -3.16 -23.17 100.39
C LYS VA 101 -3.68 -21.94 101.12
N GLU VA 102 -3.41 -20.75 100.59
CA GLU VA 102 -3.96 -19.57 101.23
C GLU VA 102 -5.44 -19.40 100.95
N GLN VA 103 -5.94 -20.02 99.88
CA GLN VA 103 -7.39 -20.11 99.68
C GLN VA 103 -8.02 -20.91 100.79
N ALA VA 104 -7.38 -22.03 101.15
CA ALA VA 104 -7.82 -22.81 102.29
C ALA VA 104 -7.71 -22.01 103.58
N GLN VA 105 -6.66 -21.19 103.71
CA GLN VA 105 -6.49 -20.38 104.92
C GLN VA 105 -7.60 -19.34 105.06
N PHE VA 106 -7.94 -18.66 103.96
CA PHE VA 106 -8.99 -17.66 104.00
C PHE VA 106 -10.34 -18.29 104.28
N ASP VA 107 -10.57 -19.46 103.70
CA ASP VA 107 -11.81 -20.19 103.98
C ASP VA 107 -11.87 -20.61 105.44
N LYS VA 108 -10.74 -21.05 106.02
CA LYS VA 108 -10.77 -21.52 107.40
C LYS VA 108 -10.97 -20.38 108.38
N CYS VA 109 -10.32 -19.23 108.12
CA CYS VA 109 -10.62 -18.01 108.87
C CYS VA 109 -12.09 -17.65 108.84
N VAL VA 110 -12.64 -17.48 107.63
CA VAL VA 110 -14.00 -16.98 107.55
C VAL VA 110 -15.00 -18.05 107.98
N LEU VA 111 -14.63 -19.32 107.94
CA LEU VA 111 -15.55 -20.36 108.34
C LEU VA 111 -15.60 -20.47 109.85
N ASP VA 112 -14.44 -20.60 110.50
CA ASP VA 112 -14.44 -20.76 111.94
C ASP VA 112 -14.77 -19.46 112.66
N LYS VA 113 -14.72 -18.33 111.97
CA LYS VA 113 -14.91 -17.06 112.63
C LYS VA 113 -16.11 -16.28 112.17
N LEU VA 114 -16.68 -16.61 111.01
CA LEU VA 114 -17.81 -15.82 110.55
C LEU VA 114 -18.94 -16.69 110.01
N GLY VA 115 -18.61 -17.85 109.42
CA GLY VA 115 -19.58 -18.69 108.75
C GLY VA 115 -19.25 -18.81 107.26
N TRP VA 116 -20.28 -18.69 106.42
CA TRP VA 116 -20.14 -18.47 104.97
C TRP VA 116 -19.38 -19.61 104.29
N VAL VA 117 -20.05 -20.77 104.20
CA VAL VA 117 -19.48 -21.87 103.45
C VAL VA 117 -19.27 -21.44 102.00
N ARG VA 118 -18.12 -21.80 101.44
CA ARG VA 118 -17.87 -21.54 100.04
C ARG VA 118 -18.84 -22.36 99.20
N PRO VA 119 -19.43 -21.77 98.15
CA PRO VA 119 -20.29 -22.55 97.26
C PRO VA 119 -19.49 -23.61 96.53
N ASP VA 120 -19.88 -24.86 96.73
CA ASP VA 120 -19.29 -25.96 95.97
C ASP VA 120 -19.67 -25.80 94.51
N LEU VA 121 -18.79 -26.28 93.64
CA LEU VA 121 -19.18 -26.40 92.24
C LEU VA 121 -20.21 -27.51 92.13
N GLY VA 122 -21.29 -27.28 91.37
CA GLY VA 122 -21.48 -26.11 90.53
C GLY VA 122 -22.55 -25.11 90.95
N GLU VA 123 -22.59 -24.72 92.22
CA GLU VA 123 -23.73 -23.99 92.74
C GLU VA 123 -23.76 -22.50 92.38
N LEU VA 124 -22.87 -22.00 91.54
CA LEU VA 124 -23.11 -20.70 90.91
C LEU VA 124 -23.63 -20.87 89.48
N SER VA 125 -24.66 -21.70 89.41
CA SER VA 125 -25.33 -22.14 88.20
C SER VA 125 -26.71 -22.60 88.64
N LYS VA 126 -27.32 -23.54 87.90
CA LYS VA 126 -28.52 -24.24 88.33
C LYS VA 126 -29.69 -23.28 88.47
N VAL VA 127 -30.29 -22.89 87.34
CA VAL VA 127 -31.26 -21.81 87.13
C VAL VA 127 -32.24 -21.62 88.28
N THR VA 128 -32.36 -20.39 88.75
CA THR VA 128 -32.77 -20.07 90.10
C THR VA 128 -34.04 -19.23 90.06
N LYS VA 129 -34.99 -19.54 90.93
CA LYS VA 129 -36.21 -18.75 90.94
C LYS VA 129 -35.96 -17.38 91.55
N VAL VA 130 -36.80 -16.44 91.19
CA VAL VA 130 -36.76 -15.11 91.79
C VAL VA 130 -38.16 -14.49 91.71
N LYS VA 131 -38.65 -14.05 92.85
CA LYS VA 131 -39.81 -13.18 92.88
C LYS VA 131 -39.36 -11.74 93.01
N THR VA 132 -40.18 -10.85 92.48
CA THR VA 132 -39.91 -9.42 92.55
C THR VA 132 -41.11 -8.73 93.18
N ASP VA 133 -41.06 -7.40 93.21
CA ASP VA 133 -42.20 -6.60 93.62
C ASP VA 133 -42.93 -6.02 92.42
N ARG VA 134 -42.22 -5.50 91.43
CA ARG VA 134 -42.88 -4.91 90.29
C ARG VA 134 -43.34 -6.00 89.33
N PRO VA 135 -44.51 -5.84 88.70
CA PRO VA 135 -45.00 -6.89 87.81
C PRO VA 135 -44.22 -6.91 86.51
N LEU VA 136 -44.26 -8.05 85.84
CA LEU VA 136 -43.49 -8.19 84.61
C LEU VA 136 -44.08 -7.31 83.51
N PRO VA 137 -43.25 -6.67 82.71
CA PRO VA 137 -43.76 -5.82 81.65
C PRO VA 137 -44.30 -6.63 80.49
N GLU VA 138 -44.97 -5.93 79.59
CA GLU VA 138 -45.45 -6.50 78.35
C GLU VA 138 -44.99 -5.63 77.20
N ASN VA 139 -44.86 -6.27 76.03
CA ASN VA 139 -44.36 -5.87 74.71
C ASN VA 139 -43.28 -4.79 74.73
N PRO VA 140 -42.11 -5.06 75.32
CA PRO VA 140 -41.06 -4.02 75.34
C PRO VA 140 -40.51 -3.74 73.96
N TYR VA 141 -40.71 -4.65 73.02
CA TYR VA 141 -40.55 -4.31 71.63
C TYR VA 141 -41.73 -3.41 71.28
N HIS VA 142 -41.55 -2.10 71.41
CA HIS VA 142 -42.65 -1.15 71.21
C HIS VA 142 -42.95 -1.05 69.73
N SER VA 143 -43.99 -1.77 69.30
CA SER VA 143 -44.27 -1.95 67.89
C SER VA 143 -45.74 -1.68 67.62
N ARG VA 144 -46.10 -1.75 66.34
CA ARG VA 144 -47.48 -1.59 65.92
C ARG VA 144 -48.22 -2.91 66.05
N ALA VA 145 -49.42 -2.96 65.48
CA ALA VA 145 -50.18 -4.19 65.39
C ALA VA 145 -49.77 -4.96 64.14
N ARG VA 146 -49.92 -6.27 64.19
CA ARG VA 146 -49.57 -7.12 63.07
C ARG VA 146 -50.62 -6.89 61.99
N PRO VA 147 -50.29 -6.20 60.91
CA PRO VA 147 -51.30 -5.35 60.22
C PRO VA 147 -52.45 -6.09 59.57
N GLU VA 148 -52.15 -7.11 58.77
CA GLU VA 148 -53.24 -7.78 58.11
C GLU VA 148 -53.08 -9.28 58.23
N PRO VA 149 -54.19 -10.01 58.37
CA PRO VA 149 -54.16 -11.44 58.05
C PRO VA 149 -54.59 -11.67 56.61
N ASN VA 150 -53.99 -12.66 55.99
CA ASN VA 150 -54.52 -13.17 54.74
C ASN VA 150 -55.77 -13.98 55.06
N PRO VA 151 -56.88 -13.75 54.36
CA PRO VA 151 -58.01 -14.68 54.48
C PRO VA 151 -57.63 -16.08 54.04
N GLU VA 152 -57.71 -17.02 54.98
CA GLU VA 152 -57.31 -18.39 54.70
C GLU VA 152 -58.31 -19.07 53.79
N VAL VA 153 -57.83 -19.61 52.69
CA VAL VA 153 -58.70 -20.19 51.67
C VAL VA 153 -59.04 -21.62 52.07
N GLU VA 154 -60.32 -21.88 52.27
CA GLU VA 154 -60.82 -23.22 52.55
C GLU VA 154 -62.11 -23.42 51.76
N GLY VA 155 -62.83 -24.48 52.08
CA GLY VA 155 -64.05 -24.80 51.37
C GLY VA 155 -63.83 -25.90 50.36
N ASP VA 156 -64.75 -26.87 50.33
CA ASP VA 156 -64.61 -28.01 49.43
C ASP VA 156 -64.82 -27.60 47.98
N LEU VA 157 -63.90 -28.03 47.14
CA LEU VA 157 -63.72 -27.43 45.84
C LEU VA 157 -64.71 -27.99 44.82
N LYS VA 158 -65.28 -27.08 44.04
CA LYS VA 158 -66.08 -27.44 42.89
C LYS VA 158 -65.19 -28.00 41.81
N PRO VA 159 -65.75 -28.70 40.82
CA PRO VA 159 -64.97 -28.98 39.61
C PRO VA 159 -64.80 -27.76 38.74
N ALA VA 160 -64.20 -27.95 37.57
CA ALA VA 160 -63.89 -26.83 36.70
C ALA VA 160 -65.16 -26.23 36.12
N ARG VA 161 -65.18 -24.92 35.97
CA ARG VA 161 -66.32 -24.22 35.41
C ARG VA 161 -66.17 -24.19 33.90
N HIS VA 162 -66.95 -25.03 33.22
CA HIS VA 162 -66.98 -25.15 31.77
C HIS VA 162 -65.62 -25.50 31.16
N GLY VA 163 -64.81 -26.24 31.90
CA GLY VA 163 -63.56 -26.73 31.33
C GLY VA 163 -62.43 -25.73 31.48
N SER VA 164 -61.49 -25.80 30.54
CA SER VA 164 -60.26 -25.03 30.59
C SER VA 164 -60.47 -23.54 30.45
N ARG VA 165 -61.57 -23.14 29.81
CA ARG VA 165 -61.93 -21.75 29.50
C ARG VA 165 -60.87 -21.00 28.73
N LEU VA 166 -60.02 -21.71 28.02
CA LEU VA 166 -59.04 -21.13 27.13
C LEU VA 166 -59.75 -20.91 25.79
N PHE VA 167 -59.00 -20.72 24.70
CA PHE VA 167 -59.58 -20.55 23.37
C PHE VA 167 -60.50 -21.70 23.03
N PHE VA 168 -59.94 -22.90 22.97
CA PHE VA 168 -60.72 -24.10 22.78
C PHE VA 168 -60.03 -25.18 23.58
N TRP VA 169 -60.26 -26.44 23.20
CA TRP VA 169 -60.16 -27.62 24.06
C TRP VA 169 -61.14 -27.47 25.22
N THR VA 170 -62.38 -27.25 24.84
CA THR VA 170 -63.47 -27.30 25.80
C THR VA 170 -63.66 -28.74 26.27
N MET VA 171 -63.99 -28.88 27.55
CA MET VA 171 -63.99 -30.13 28.31
C MET VA 171 -62.64 -30.86 28.23
N SER WA 3 -103.49 -23.47 -7.51
CA SER WA 3 -104.34 -22.29 -7.55
C SER WA 3 -103.76 -21.20 -6.66
N TRP WA 4 -104.45 -20.06 -6.57
CA TRP WA 4 -103.98 -18.96 -5.75
C TRP WA 4 -105.17 -18.25 -5.15
N ASP WA 5 -104.89 -17.17 -4.43
CA ASP WA 5 -105.92 -16.29 -3.92
C ASP WA 5 -106.08 -15.14 -4.90
N LYS WA 6 -107.23 -15.08 -5.55
CA LYS WA 6 -107.51 -14.00 -6.49
C LYS WA 6 -107.73 -12.68 -5.78
N ASP WA 7 -107.92 -12.70 -4.46
CA ASP WA 7 -107.92 -11.48 -3.67
C ASP WA 7 -106.57 -10.80 -3.74
N VAL WA 8 -105.49 -11.56 -3.53
CA VAL WA 8 -104.16 -10.97 -3.46
C VAL WA 8 -103.51 -10.88 -4.84
N TYR WA 9 -104.01 -11.64 -5.81
CA TYR WA 9 -103.63 -11.51 -7.21
C TYR WA 9 -104.89 -11.11 -7.95
N PRO WA 10 -105.23 -9.83 -7.99
CA PRO WA 10 -106.47 -9.43 -8.63
C PRO WA 10 -106.35 -9.54 -10.14
N GLU WA 11 -107.50 -9.70 -10.77
CA GLU WA 11 -107.56 -9.65 -12.21
C GLU WA 11 -108.57 -8.60 -12.61
N PRO WA 12 -108.30 -7.87 -13.69
CA PRO WA 12 -109.34 -7.03 -14.27
C PRO WA 12 -110.46 -7.91 -14.84
N PRO WA 13 -111.68 -7.39 -14.89
CA PRO WA 13 -112.77 -8.21 -15.44
C PRO WA 13 -112.60 -8.44 -16.93
N ARG WA 14 -112.99 -9.63 -17.37
CA ARG WA 14 -112.70 -10.08 -18.72
C ARG WA 14 -113.53 -9.33 -19.75
N ARG WA 15 -112.96 -9.17 -20.95
CA ARG WA 15 -113.58 -8.45 -22.06
C ARG WA 15 -113.21 -9.16 -23.35
N THR WA 16 -114.21 -9.69 -24.08
CA THR WA 16 -113.93 -10.41 -25.33
C THR WA 16 -115.02 -10.16 -26.37
N PRO WA 17 -114.68 -9.75 -27.58
CA PRO WA 17 -115.69 -9.63 -28.63
C PRO WA 17 -115.75 -10.87 -29.51
N ALA WA 18 -116.66 -10.89 -30.49
CA ALA WA 18 -116.79 -12.01 -31.42
C ALA WA 18 -116.61 -11.49 -32.85
N PRO WA 19 -115.63 -11.99 -33.60
CA PRO WA 19 -115.41 -11.49 -34.97
C PRO WA 19 -116.51 -11.95 -35.91
N SER WA 20 -116.98 -11.02 -36.73
CA SER WA 20 -118.13 -11.24 -37.61
C SER WA 20 -117.74 -10.93 -39.05
N PRO WA 21 -117.14 -11.88 -39.76
CA PRO WA 21 -117.03 -11.74 -41.22
C PRO WA 21 -118.40 -11.93 -41.87
N GLN WA 22 -118.83 -11.03 -42.77
CA GLN WA 22 -118.20 -9.93 -43.57
C GLN WA 22 -116.95 -10.30 -44.36
N THR WA 23 -116.76 -11.60 -44.63
CA THR WA 23 -115.85 -12.05 -45.67
C THR WA 23 -116.50 -13.21 -46.42
N SER WA 24 -115.95 -13.51 -47.59
CA SER WA 24 -116.07 -14.85 -48.15
C SER WA 24 -114.70 -15.29 -48.66
N LEU WA 25 -113.79 -15.66 -47.75
CA LEU WA 25 -112.83 -16.69 -48.13
C LEU WA 25 -113.36 -18.05 -47.65
N PRO WA 26 -113.74 -18.22 -46.36
CA PRO WA 26 -113.53 -17.58 -45.05
C PRO WA 26 -112.66 -18.40 -44.08
N ASN WA 27 -112.08 -17.71 -43.08
CA ASN WA 27 -111.61 -18.21 -41.79
C ASN WA 27 -110.80 -19.49 -41.77
N PRO WA 28 -109.52 -19.45 -42.15
CA PRO WA 28 -108.70 -20.67 -42.08
C PRO WA 28 -108.31 -21.04 -40.66
N ILE WA 29 -108.03 -20.04 -39.82
CA ILE WA 29 -107.53 -20.29 -38.48
C ILE WA 29 -108.60 -20.89 -37.58
N THR WA 30 -109.87 -20.67 -37.88
CA THR WA 30 -110.95 -21.33 -37.13
C THR WA 30 -110.97 -22.83 -37.42
N TYR WA 31 -110.83 -23.19 -38.69
CA TYR WA 31 -110.66 -24.58 -39.09
C TYR WA 31 -109.47 -25.20 -38.39
N LEU WA 32 -108.36 -24.46 -38.33
CA LEU WA 32 -107.16 -24.99 -37.71
C LEU WA 32 -107.32 -25.11 -36.20
N THR WA 33 -108.03 -24.18 -35.56
CA THR WA 33 -108.12 -24.27 -34.11
C THR WA 33 -109.11 -25.33 -33.68
N LYS WA 34 -110.13 -25.61 -34.49
CA LYS WA 34 -111.01 -26.72 -34.18
C LYS WA 34 -110.30 -28.05 -34.35
N ALA WA 35 -109.55 -28.20 -35.45
CA ALA WA 35 -108.77 -29.43 -35.62
C ALA WA 35 -107.68 -29.54 -34.58
N PHE WA 36 -107.14 -28.40 -34.11
CA PHE WA 36 -106.16 -28.41 -33.04
C PHE WA 36 -106.75 -28.92 -31.75
N ASP WA 37 -107.95 -28.45 -31.40
CA ASP WA 37 -108.57 -28.89 -30.16
C ASP WA 37 -108.89 -30.37 -30.21
N LEU WA 38 -109.45 -30.82 -31.34
CA LEU WA 38 -109.80 -32.23 -31.44
C LEU WA 38 -108.58 -33.13 -31.51
N LEU WA 39 -107.45 -32.64 -32.04
CA LEU WA 39 -106.30 -33.50 -32.25
C LEU WA 39 -105.14 -33.25 -31.30
N VAL WA 40 -105.28 -32.32 -30.36
CA VAL WA 40 -104.25 -32.13 -29.35
C VAL WA 40 -104.89 -32.17 -27.97
N ASP WA 41 -106.01 -31.46 -27.81
CA ASP WA 41 -106.53 -31.24 -26.47
C ASP WA 41 -107.26 -32.46 -25.93
N ARG WA 42 -107.64 -33.40 -26.79
CA ARG WA 42 -108.35 -34.58 -26.29
C ARG WA 42 -107.45 -35.56 -25.55
N PRO WA 43 -106.31 -36.05 -26.09
CA PRO WA 43 -105.59 -37.10 -25.37
C PRO WA 43 -104.93 -36.62 -24.09
N VAL WA 44 -104.46 -35.37 -24.04
CA VAL WA 44 -103.88 -34.87 -22.81
C VAL WA 44 -104.94 -34.72 -21.73
N THR WA 45 -106.17 -34.41 -22.14
CA THR WA 45 -107.29 -34.39 -21.19
C THR WA 45 -107.53 -35.76 -20.60
N LEU WA 46 -107.49 -36.80 -21.45
CA LEU WA 46 -107.68 -38.16 -20.93
C LEU WA 46 -106.52 -38.58 -20.03
N VAL WA 47 -105.30 -38.20 -20.39
CA VAL WA 47 -104.14 -38.58 -19.60
C VAL WA 47 -104.15 -37.86 -18.26
N ARG WA 48 -104.61 -36.61 -18.23
CA ARG WA 48 -104.69 -35.90 -16.97
C ARG WA 48 -105.76 -36.47 -16.07
N GLU WA 49 -106.85 -36.96 -16.67
CA GLU WA 49 -107.84 -37.72 -15.91
C GLU WA 49 -107.21 -38.94 -15.24
N PHE WA 50 -106.42 -39.69 -16.03
CA PHE WA 50 -105.75 -40.88 -15.52
C PHE WA 50 -104.79 -40.57 -14.38
N ILE WA 51 -103.98 -39.54 -14.55
CA ILE WA 51 -103.02 -39.21 -13.51
C ILE WA 51 -103.72 -38.63 -12.29
N GLU WA 52 -104.85 -37.94 -12.48
CA GLU WA 52 -105.60 -37.42 -11.34
C GLU WA 52 -106.20 -38.53 -10.51
N ARG WA 53 -106.71 -39.58 -11.15
CA ARG WA 53 -107.20 -40.71 -10.35
C ARG WA 53 -106.05 -41.42 -9.66
N GLN WA 54 -104.93 -41.61 -10.37
CA GLN WA 54 -103.81 -42.32 -9.77
C GLN WA 54 -103.16 -41.57 -8.62
N HIS WA 55 -103.32 -40.24 -8.56
CA HIS WA 55 -102.81 -39.52 -7.40
C HIS WA 55 -103.84 -39.27 -6.32
N ALA WA 56 -105.11 -39.17 -6.67
CA ALA WA 56 -106.13 -38.99 -5.66
C ALA WA 56 -106.61 -40.30 -5.07
N LYS WA 57 -106.01 -41.43 -5.45
CA LYS WA 57 -106.35 -42.67 -4.78
C LYS WA 57 -105.93 -42.66 -3.31
N ASN WA 58 -104.81 -42.03 -2.97
CA ASN WA 58 -104.43 -41.79 -1.57
C ASN WA 58 -103.99 -40.34 -1.40
N LYS WA 59 -104.13 -39.82 -0.19
CA LYS WA 59 -104.02 -38.38 0.04
C LYS WA 59 -102.81 -38.04 0.89
N TYR WA 60 -102.07 -37.04 0.46
CA TYR WA 60 -101.04 -36.40 1.28
C TYR WA 60 -101.55 -35.04 1.70
N TYR WA 61 -100.76 -34.38 2.55
CA TYR WA 61 -100.92 -32.97 2.83
C TYR WA 61 -99.55 -32.39 3.12
N TYR WA 62 -99.35 -31.15 2.71
CA TYR WA 62 -98.23 -30.38 3.23
C TYR WA 62 -98.81 -29.16 3.90
N TYR WA 63 -98.36 -28.89 5.12
CA TYR WA 63 -98.91 -27.82 5.92
C TYR WA 63 -98.11 -26.56 5.64
N HIS WA 64 -98.80 -25.44 5.59
CA HIS WA 64 -98.08 -24.17 5.61
C HIS WA 64 -97.50 -24.00 6.99
N ARG WA 65 -96.18 -23.86 7.06
CA ARG WA 65 -95.51 -23.66 8.33
C ARG WA 65 -95.87 -22.31 8.89
N GLU WA 66 -96.12 -22.25 10.19
CA GLU WA 66 -96.40 -21.01 10.89
C GLU WA 66 -95.56 -20.95 12.16
N PHE WA 67 -95.10 -19.76 12.51
CA PHE WA 67 -94.34 -19.56 13.74
C PHE WA 67 -95.10 -18.65 14.69
N ARG WA 68 -94.58 -18.57 15.91
CA ARG WA 68 -95.17 -17.73 16.94
C ARG WA 68 -94.60 -16.31 16.84
N ARG WA 69 -94.75 -15.51 17.90
CA ARG WA 69 -94.19 -14.17 17.97
C ARG WA 69 -93.42 -14.02 19.29
N VAL WA 70 -92.13 -14.31 19.25
CA VAL WA 70 -91.24 -14.01 20.38
C VAL WA 70 -91.04 -12.49 20.32
N PRO WA 71 -90.83 -11.78 21.47
CA PRO WA 71 -91.21 -10.36 21.55
C PRO WA 71 -90.57 -9.34 20.62
N ASP WA 72 -89.28 -9.06 20.74
CA ASP WA 72 -88.70 -7.87 20.14
C ASP WA 72 -87.21 -7.86 20.48
N ILE WA 73 -86.47 -6.95 19.85
CA ILE WA 73 -85.17 -6.56 20.37
C ILE WA 73 -85.32 -5.55 21.51
N THR WA 74 -86.37 -4.72 21.48
CA THR WA 74 -86.52 -3.66 22.48
C THR WA 74 -86.87 -4.20 23.85
N GLU WA 75 -87.26 -5.46 23.95
CA GLU WA 75 -87.46 -6.09 25.23
C GLU WA 75 -86.36 -7.09 25.53
N CYS WA 76 -85.13 -6.76 25.13
CA CYS WA 76 -83.97 -7.58 25.43
C CYS WA 76 -82.90 -6.75 26.13
N HIS WA 77 -82.15 -7.42 27.00
CA HIS WA 77 -81.21 -6.80 27.92
C HIS WA 77 -79.86 -6.49 27.27
N GLU WA 78 -78.84 -6.25 28.09
CA GLU WA 78 -77.54 -5.73 27.64
C GLU WA 78 -76.78 -6.59 26.64
N LYS WA 79 -76.29 -7.75 27.08
CA LYS WA 79 -75.49 -8.61 26.21
C LYS WA 79 -76.12 -9.98 26.01
N ASP WA 80 -76.32 -10.74 27.09
CA ASP WA 80 -77.51 -11.54 27.37
C ASP WA 80 -78.17 -12.21 26.17
N VAL WA 81 -77.43 -13.12 25.53
CA VAL WA 81 -77.69 -13.58 24.17
C VAL WA 81 -79.09 -14.20 24.03
N LEU WA 82 -79.52 -14.95 25.05
CA LEU WA 82 -80.70 -15.81 24.97
C LEU WA 82 -82.01 -15.06 24.76
N CYS WA 83 -82.02 -13.73 24.85
CA CYS WA 83 -83.15 -12.95 24.36
C CYS WA 83 -82.90 -12.49 22.93
N MET WA 84 -81.67 -12.07 22.66
CA MET WA 84 -81.32 -11.51 21.36
C MET WA 84 -81.41 -12.53 20.26
N PHE WA 85 -81.23 -13.80 20.60
CA PHE WA 85 -81.23 -14.82 19.58
C PHE WA 85 -82.61 -14.99 18.98
N GLU WA 86 -83.60 -15.19 19.85
CA GLU WA 86 -84.99 -15.24 19.41
C GLU WA 86 -85.40 -13.93 18.77
N ALA WA 87 -84.89 -12.81 19.30
CA ALA WA 87 -85.21 -11.49 18.74
C ALA WA 87 -84.76 -11.38 17.29
N GLU WA 88 -83.52 -11.79 17.02
CA GLU WA 88 -83.02 -11.62 15.68
C GLU WA 88 -83.61 -12.62 14.71
N MET WA 89 -83.94 -13.84 15.15
CA MET WA 89 -84.52 -14.74 14.19
C MET WA 89 -85.94 -14.33 13.86
N GLN WA 90 -86.65 -13.76 14.84
CA GLN WA 90 -87.95 -13.18 14.58
C GLN WA 90 -87.84 -12.03 13.59
N TRP WA 91 -86.81 -11.19 13.78
CA TRP WA 91 -86.64 -10.05 12.89
C TRP WA 91 -86.24 -10.48 11.48
N LYS WA 92 -85.37 -11.48 11.37
CA LYS WA 92 -84.89 -11.85 10.05
C LYS WA 92 -85.96 -12.58 9.26
N ARG WA 93 -86.83 -13.33 9.94
CA ARG WA 93 -87.95 -13.92 9.21
C ARG WA 93 -88.93 -12.85 8.75
N ASP WA 94 -89.12 -11.79 9.55
CA ASP WA 94 -89.86 -10.66 9.01
C ASP WA 94 -89.15 -10.03 7.82
N TYR WA 95 -87.83 -10.04 7.81
CA TYR WA 95 -87.11 -9.43 6.70
C TYR WA 95 -87.32 -10.19 5.40
N LYS WA 96 -87.29 -11.52 5.47
CA LYS WA 96 -87.49 -12.29 4.25
C LYS WA 96 -88.93 -12.19 3.76
N VAL WA 97 -89.90 -12.22 4.67
CA VAL WA 97 -91.27 -12.11 4.22
C VAL WA 97 -91.56 -10.71 3.69
N ASP WA 98 -90.81 -9.71 4.15
CA ASP WA 98 -91.03 -8.35 3.67
C ASP WA 98 -90.48 -8.18 2.27
N GLN WA 99 -89.31 -8.78 1.98
CA GLN WA 99 -88.80 -8.79 0.61
C GLN WA 99 -89.77 -9.48 -0.34
N GLU WA 100 -90.38 -10.59 0.09
CA GLU WA 100 -91.28 -11.27 -0.83
C GLU WA 100 -92.58 -10.52 -1.04
N ILE WA 101 -93.00 -9.72 -0.06
CA ILE WA 101 -94.11 -8.79 -0.29
C ILE WA 101 -93.77 -7.81 -1.41
N VAL WA 102 -92.53 -7.31 -1.39
CA VAL WA 102 -92.09 -6.39 -2.46
C VAL WA 102 -92.12 -7.10 -3.82
N ASN WA 103 -91.72 -8.37 -3.84
CA ASN WA 103 -91.80 -9.16 -5.07
C ASN WA 103 -93.24 -9.27 -5.57
N ILE WA 104 -94.19 -9.46 -4.66
CA ILE WA 104 -95.58 -9.62 -5.07
C ILE WA 104 -96.15 -8.32 -5.63
N ILE WA 105 -95.78 -7.18 -5.02
CA ILE WA 105 -96.19 -5.89 -5.57
C ILE WA 105 -95.63 -5.69 -6.97
N GLN WA 106 -94.39 -6.13 -7.18
CA GLN WA 106 -93.79 -5.95 -8.49
C GLN WA 106 -94.41 -6.85 -9.55
N GLU WA 107 -94.84 -8.06 -9.18
CA GLU WA 107 -95.49 -8.92 -10.15
C GLU WA 107 -96.87 -8.39 -10.52
N ARG WA 108 -97.59 -7.78 -9.55
CA ARG WA 108 -98.80 -7.05 -9.89
C ARG WA 108 -98.53 -5.92 -10.88
N LEU WA 109 -97.40 -5.24 -10.69
CA LEU WA 109 -97.09 -4.11 -11.58
C LEU WA 109 -96.80 -4.57 -12.99
N LYS WA 110 -96.10 -5.70 -13.13
CA LYS WA 110 -95.85 -6.25 -14.46
C LYS WA 110 -97.13 -6.71 -15.14
N ALA WA 111 -98.01 -7.37 -14.38
CA ALA WA 111 -99.28 -7.80 -14.96
C ALA WA 111 -100.13 -6.61 -15.37
N CYS WA 112 -100.03 -5.49 -14.65
CA CYS WA 112 -100.77 -4.30 -15.04
C CYS WA 112 -100.17 -3.68 -16.29
N GLN WA 113 -98.85 -3.72 -16.44
CA GLN WA 113 -98.23 -3.23 -17.68
C GLN WA 113 -98.68 -4.03 -18.88
N GLN WA 114 -98.74 -5.35 -18.74
CA GLN WA 114 -99.07 -6.13 -19.93
C GLN WA 114 -100.55 -6.07 -20.26
N ARG WA 115 -101.42 -6.20 -19.25
CA ARG WA 115 -102.85 -6.28 -19.54
C ARG WA 115 -103.47 -4.95 -19.92
N GLU WA 116 -102.99 -3.84 -19.35
CA GLU WA 116 -103.58 -2.56 -19.73
C GLU WA 116 -103.11 -2.07 -21.08
N GLY WA 117 -102.04 -2.64 -21.62
CA GLY WA 117 -101.72 -2.31 -22.99
C GLY WA 117 -101.09 -0.93 -23.15
N GLU WA 118 -101.11 -0.46 -24.40
CA GLU WA 118 -100.30 0.67 -24.82
C GLU WA 118 -100.80 2.01 -24.31
N SER WA 119 -102.00 2.06 -23.76
CA SER WA 119 -102.36 3.15 -22.87
C SER WA 119 -101.76 2.80 -21.52
N HIS WA 120 -100.57 3.32 -21.26
CA HIS WA 120 -99.87 2.98 -20.02
C HIS WA 120 -100.56 3.59 -18.82
N ARG WA 121 -100.85 4.88 -18.87
CA ARG WA 121 -101.21 5.61 -17.68
C ARG WA 121 -102.69 5.54 -17.39
N GLN WA 122 -103.36 4.53 -17.90
CA GLN WA 122 -104.77 4.36 -17.65
C GLN WA 122 -104.95 3.17 -16.75
N ASN WA 123 -105.35 3.45 -15.52
CA ASN WA 123 -105.90 2.48 -14.57
C ASN WA 123 -104.87 1.45 -14.13
N CYS WA 124 -103.58 1.80 -14.21
CA CYS WA 124 -102.55 1.21 -13.39
C CYS WA 124 -102.12 2.14 -12.26
N ALA WA 125 -102.57 3.38 -12.28
CA ALA WA 125 -102.01 4.44 -11.44
C ALA WA 125 -102.31 4.24 -9.97
N LYS WA 126 -103.37 3.49 -9.63
CA LYS WA 126 -103.56 3.13 -8.24
C LYS WA 126 -102.56 2.08 -7.82
N GLU WA 127 -102.21 1.17 -8.73
CA GLU WA 127 -101.19 0.17 -8.40
C GLU WA 127 -99.81 0.78 -8.38
N LEU WA 128 -99.56 1.74 -9.28
CA LEU WA 128 -98.35 2.53 -9.25
C LEU WA 128 -98.26 3.34 -7.97
N GLN WA 129 -99.42 3.85 -7.52
CA GLN WA 129 -99.49 4.64 -6.30
C GLN WA 129 -99.10 3.82 -5.09
N GLN WA 130 -99.67 2.61 -4.99
CA GLN WA 130 -99.35 1.78 -3.84
C GLN WA 130 -97.94 1.23 -3.94
N PHE WA 131 -97.40 1.09 -5.15
CA PHE WA 131 -96.01 0.67 -5.30
C PHE WA 131 -95.06 1.72 -4.77
N THR WA 132 -95.28 2.99 -5.15
CA THR WA 132 -94.41 4.04 -4.63
C THR WA 132 -94.58 4.24 -3.13
N GLN WA 133 -95.79 4.00 -2.61
CA GLN WA 133 -96.03 4.04 -1.16
C GLN WA 133 -95.22 2.97 -0.42
N VAL WA 134 -95.39 1.71 -0.82
CA VAL WA 134 -94.71 0.61 -0.13
C VAL WA 134 -93.20 0.70 -0.33
N VAL WA 135 -92.76 1.24 -1.45
CA VAL WA 135 -91.33 1.25 -1.68
C VAL WA 135 -90.70 2.47 -1.03
N LYS WA 136 -91.49 3.52 -0.74
CA LYS WA 136 -91.02 4.57 0.14
C LYS WA 136 -90.79 4.03 1.52
N ALA WA 137 -91.69 3.15 1.97
CA ALA WA 137 -91.50 2.51 3.27
C ALA WA 137 -90.25 1.64 3.30
N TYR WA 138 -90.03 0.84 2.26
CA TYR WA 138 -88.89 -0.07 2.23
C TYR WA 138 -87.58 0.69 2.14
N GLN WA 139 -87.55 1.71 1.29
CA GLN WA 139 -86.41 2.60 1.19
C GLN WA 139 -86.11 3.29 2.50
N ASP WA 140 -87.15 3.71 3.22
CA ASP WA 140 -86.89 4.36 4.50
C ASP WA 140 -86.42 3.40 5.56
N ARG WA 141 -86.75 2.11 5.43
CA ARG WA 141 -86.57 1.23 6.58
C ARG WA 141 -85.40 0.28 6.46
N TYR WA 142 -85.21 -0.39 5.32
CA TYR WA 142 -84.22 -1.46 5.25
C TYR WA 142 -83.07 -1.18 4.31
N HIS WA 143 -82.93 0.04 3.81
CA HIS WA 143 -82.08 0.24 2.65
C HIS WA 143 -80.60 0.30 3.00
N ASP WA 144 -80.19 1.37 3.68
CA ASP WA 144 -78.76 1.67 3.75
C ASP WA 144 -78.12 1.10 5.02
N LEU WA 145 -78.33 -0.17 5.28
CA LEU WA 145 -77.62 -0.84 6.36
C LEU WA 145 -76.43 -1.66 5.89
N GLY WA 146 -76.35 -2.00 4.62
CA GLY WA 146 -75.18 -2.71 4.15
C GLY WA 146 -75.27 -4.20 4.37
N ALA WA 147 -74.12 -4.85 4.54
CA ALA WA 147 -74.03 -6.29 4.46
C ALA WA 147 -74.32 -6.97 5.79
N HIS WA 148 -73.62 -6.61 6.85
CA HIS WA 148 -73.83 -7.27 8.12
C HIS WA 148 -74.96 -6.59 8.90
N TYR WA 149 -76.15 -6.65 8.33
CA TYR WA 149 -77.33 -6.22 9.06
C TYR WA 149 -77.69 -7.29 10.06
N SER WA 150 -77.83 -6.90 11.32
CA SER WA 150 -78.17 -7.96 12.25
C SER WA 150 -79.54 -7.73 12.87
N ALA WA 151 -79.65 -6.80 13.80
CA ALA WA 151 -80.91 -6.15 14.15
C ALA WA 151 -80.58 -4.79 14.69
N ARG WA 152 -79.34 -4.63 15.11
CA ARG WA 152 -78.96 -3.53 15.97
C ARG WA 152 -78.75 -2.28 15.12
N LYS WA 153 -78.22 -2.48 13.92
CA LYS WA 153 -78.13 -1.38 12.96
C LYS WA 153 -79.51 -0.96 12.48
N CYS WA 154 -80.45 -1.91 12.40
CA CYS WA 154 -81.82 -1.59 12.03
C CYS WA 154 -82.46 -0.66 13.05
N LEU WA 155 -82.32 -1.00 14.33
CA LEU WA 155 -82.86 -0.14 15.37
C LEU WA 155 -82.08 1.15 15.49
N ALA WA 156 -80.79 1.14 15.16
CA ALA WA 156 -80.05 2.39 15.17
C ALA WA 156 -80.56 3.34 14.09
N LYS WA 157 -80.85 2.80 12.90
CA LYS WA 157 -81.45 3.59 11.84
C LYS WA 157 -82.80 4.12 12.26
N GLN WA 158 -83.58 3.30 12.96
CA GLN WA 158 -84.89 3.71 13.46
C GLN WA 158 -84.79 4.90 14.40
N LYS WA 159 -83.95 4.77 15.42
CA LYS WA 159 -83.81 5.82 16.42
C LYS WA 159 -83.28 7.10 15.81
N GLN WA 160 -82.25 6.98 14.98
CA GLN WA 160 -81.63 8.16 14.39
C GLN WA 160 -82.56 8.86 13.42
N ARG WA 161 -83.35 8.08 12.67
CA ARG WA 161 -84.32 8.67 11.75
C ARG WA 161 -85.40 9.43 12.48
N MET WA 162 -86.03 8.81 13.48
CA MET WA 162 -87.12 9.55 14.12
C MET WA 162 -86.60 10.67 15.00
N LEU WA 163 -85.35 10.62 15.47
CA LEU WA 163 -84.83 11.78 16.18
C LEU WA 163 -84.55 12.93 15.22
N ALA WA 164 -84.08 12.62 14.02
CA ALA WA 164 -83.90 13.67 13.01
C ALA WA 164 -85.23 14.30 12.63
N GLU WA 165 -86.26 13.47 12.46
CA GLU WA 165 -87.57 14.02 12.15
C GLU WA 165 -88.16 14.80 13.32
N ARG WA 166 -87.86 14.41 14.56
CA ARG WA 166 -88.34 15.14 15.71
C ARG WA 166 -87.70 16.51 15.79
N LYS WA 167 -86.40 16.58 15.53
CA LYS WA 167 -85.73 17.87 15.48
C LYS WA 167 -86.24 18.72 14.32
N ALA WA 168 -86.57 18.07 13.20
CA ALA WA 168 -87.09 18.82 12.06
C ALA WA 168 -88.46 19.42 12.34
N THR WA 169 -89.36 18.66 12.97
CA THR WA 169 -90.67 19.22 13.26
C THR WA 169 -90.63 20.19 14.44
N LYS WA 170 -89.68 20.02 15.36
CA LYS WA 170 -89.49 21.01 16.42
C LYS WA 170 -89.00 22.33 15.85
N GLU WA 171 -88.13 22.27 14.85
CA GLU WA 171 -87.68 23.50 14.21
C GLU WA 171 -88.74 24.10 13.30
N ALA WA 172 -89.56 23.26 12.66
CA ALA WA 172 -90.58 23.78 11.78
C ALA WA 172 -91.71 24.46 12.56
N ALA WA 173 -91.99 23.98 13.78
CA ALA WA 173 -93.02 24.62 14.59
C ALA WA 173 -92.53 25.95 15.16
N LEU XA 1 -25.59 -56.37 21.18
CA LEU XA 1 -24.23 -56.57 21.64
C LEU XA 1 -24.06 -56.12 23.09
N GLN XA 2 -23.37 -56.95 23.88
CA GLN XA 2 -23.31 -56.75 25.32
C GLN XA 2 -22.02 -56.01 25.64
N TYR XA 3 -22.09 -54.69 25.54
CA TYR XA 3 -20.90 -53.83 25.64
C TYR XA 3 -21.28 -52.51 26.26
N GLY XA 4 -20.46 -51.50 26.01
CA GLY XA 4 -20.61 -50.21 26.63
C GLY XA 4 -19.78 -50.22 27.90
N PRO XA 5 -20.26 -49.54 28.93
CA PRO XA 5 -19.59 -49.65 30.22
C PRO XA 5 -19.79 -51.00 30.88
N LEU XA 6 -20.94 -51.62 30.68
CA LEU XA 6 -21.40 -52.68 31.56
C LEU XA 6 -20.60 -53.95 31.39
N ALA XA 7 -20.14 -54.24 30.17
CA ALA XA 7 -19.22 -55.35 29.96
C ALA XA 7 -17.88 -55.05 30.63
N TYR XA 8 -17.45 -53.80 30.58
CA TYR XA 8 -16.20 -53.41 31.22
C TYR XA 8 -16.30 -53.36 32.74
N ILE XA 9 -17.50 -53.44 33.30
CA ILE XA 9 -17.66 -53.50 34.75
C ILE XA 9 -17.90 -54.91 35.25
N LEU XA 10 -18.64 -55.73 34.49
CA LEU XA 10 -18.74 -57.15 34.81
C LEU XA 10 -17.40 -57.82 34.62
N GLY XA 11 -16.90 -57.84 33.38
CA GLY XA 11 -15.55 -58.28 33.15
C GLY XA 11 -14.57 -57.22 33.65
N GLU XA 12 -13.48 -57.68 34.25
CA GLU XA 12 -12.57 -56.79 34.95
C GLU XA 12 -11.83 -55.88 33.97
N LYS XA 13 -11.08 -56.48 33.04
CA LYS XA 13 -10.31 -55.72 32.05
C LYS XA 13 -10.43 -56.43 30.71
N THR XA 14 -9.53 -56.13 29.79
CA THR XA 14 -9.43 -56.85 28.53
C THR XA 14 -8.02 -57.19 28.13
N THR XA 15 -7.02 -56.87 28.93
CA THR XA 15 -5.63 -57.18 28.62
C THR XA 15 -5.32 -58.65 28.88
N LYS XA 16 -6.28 -59.40 29.42
CA LYS XA 16 -6.09 -60.80 29.80
C LYS XA 16 -5.90 -61.75 28.63
N LYS XA 17 -6.25 -61.35 27.42
CA LYS XA 17 -6.03 -62.20 26.24
C LYS XA 17 -4.74 -61.84 25.52
N MET XA 18 -3.64 -61.76 26.27
CA MET XA 18 -2.34 -61.31 25.80
C MET XA 18 -1.31 -62.14 26.57
N THR XA 19 -0.13 -62.41 25.99
CA THR XA 19 0.43 -62.01 24.70
C THR XA 19 1.35 -63.12 24.21
N GLU XA 20 2.28 -62.77 23.32
CA GLU XA 20 3.31 -63.55 22.64
C GLU XA 20 2.73 -64.37 21.51
N ASN XA 21 1.43 -64.47 21.39
CA ASN XA 21 0.81 -64.96 20.17
C ASN XA 21 -0.27 -64.02 19.69
N SER XA 22 -1.00 -63.38 20.59
CA SER XA 22 -1.94 -62.34 20.20
C SER XA 22 -1.12 -61.14 19.73
N LYS XA 23 -1.00 -61.02 18.42
CA LYS XA 23 -0.15 -60.01 17.80
C LYS XA 23 -0.60 -59.81 16.36
N LEU XA 24 -0.10 -58.75 15.74
CA LEU XA 24 -0.36 -58.44 14.35
C LEU XA 24 0.89 -58.67 13.54
N ILE XA 25 0.91 -59.73 12.78
CA ILE XA 25 1.99 -59.91 11.82
C ILE XA 25 1.41 -59.58 10.46
N THR XA 26 2.21 -58.94 9.62
CA THR XA 26 1.69 -58.42 8.36
C THR XA 26 2.72 -58.58 7.27
N VAL XA 27 2.38 -59.36 6.26
CA VAL XA 27 3.25 -59.59 5.12
C VAL XA 27 2.94 -58.52 4.09
N ASP XA 28 3.90 -57.64 3.84
CA ASP XA 28 3.82 -56.67 2.76
C ASP XA 28 4.74 -57.14 1.64
N GLY XA 29 4.19 -57.20 0.42
CA GLY XA 29 4.98 -57.64 -0.71
C GLY XA 29 4.47 -57.05 -1.99
N ASN XA 30 5.27 -57.22 -3.03
CA ASN XA 30 4.88 -56.80 -4.36
C ASN XA 30 3.87 -57.80 -4.92
N ILE XA 31 3.16 -57.40 -5.99
CA ILE XA 31 2.06 -58.21 -6.50
C ILE XA 31 2.61 -59.49 -7.10
N CYS XA 32 1.90 -60.60 -6.85
CA CYS XA 32 2.27 -61.96 -7.22
C CYS XA 32 3.59 -62.40 -6.58
N SER XA 33 4.07 -61.71 -5.54
CA SER XA 33 5.24 -62.16 -4.79
C SER XA 33 4.91 -62.46 -3.33
N GLY XA 34 4.47 -61.45 -2.58
CA GLY XA 34 4.20 -61.64 -1.17
C GLY XA 34 2.72 -61.85 -0.94
N LYS XA 35 2.33 -63.11 -0.79
CA LYS XA 35 0.94 -63.48 -0.95
C LYS XA 35 0.56 -64.43 0.17
N SER XA 36 -0.59 -65.06 0.01
CA SER XA 36 -1.14 -65.98 0.99
C SER XA 36 -0.34 -67.26 1.14
N LYS XA 37 0.67 -67.51 0.31
CA LYS XA 37 1.53 -68.67 0.51
C LYS XA 37 2.27 -68.59 1.84
N LEU XA 38 3.15 -67.60 1.98
CA LEU XA 38 3.91 -67.43 3.21
C LEU XA 38 3.01 -67.02 4.36
N ALA XA 39 1.92 -66.33 4.06
CA ALA XA 39 0.97 -65.92 5.09
C ALA XA 39 0.27 -67.13 5.72
N LYS XA 40 -0.25 -68.03 4.88
CA LYS XA 40 -0.86 -69.24 5.40
C LYS XA 40 0.16 -70.15 6.06
N GLU XA 41 1.41 -70.16 5.57
CA GLU XA 41 2.45 -70.94 6.24
C GLU XA 41 2.70 -70.46 7.67
N VAL XA 42 2.90 -69.15 7.85
CA VAL XA 42 3.16 -68.68 9.21
C VAL XA 42 1.91 -68.69 10.08
N ALA XA 43 0.71 -68.57 9.48
CA ALA XA 43 -0.50 -68.64 10.28
C ALA XA 43 -0.78 -70.06 10.76
N GLU XA 44 -0.47 -71.06 9.93
CA GLU XA 44 -0.67 -72.44 10.35
C GLU XA 44 0.44 -72.92 11.28
N LYS XA 45 1.66 -72.43 11.09
CA LYS XA 45 2.73 -72.84 11.99
C LYS XA 45 2.61 -72.17 13.34
N LEU XA 46 2.34 -70.86 13.36
CA LEU XA 46 2.51 -70.14 14.60
C LEU XA 46 1.30 -70.24 15.52
N GLY XA 47 0.18 -70.75 15.04
CA GLY XA 47 -1.01 -70.90 15.86
C GLY XA 47 -1.79 -69.61 15.98
N LEU XA 48 -2.32 -69.14 14.86
CA LEU XA 48 -2.75 -67.76 14.71
C LEU XA 48 -3.60 -67.63 13.45
N LYS XA 49 -4.74 -66.97 13.52
CA LYS XA 49 -5.70 -67.04 12.42
C LYS XA 49 -5.30 -66.15 11.26
N HIS XA 50 -5.94 -66.40 10.13
CA HIS XA 50 -5.52 -65.88 8.84
C HIS XA 50 -6.65 -65.09 8.22
N PHE XA 51 -6.28 -64.09 7.43
CA PHE XA 51 -7.22 -63.33 6.63
C PHE XA 51 -6.87 -63.47 5.16
N PRO XA 52 -7.83 -63.83 4.32
CA PRO XA 52 -7.58 -63.85 2.87
C PRO XA 52 -7.40 -62.46 2.28
N GLU XA 53 -7.13 -62.39 0.97
CA GLU XA 53 -6.80 -61.14 0.32
C GLU XA 53 -8.01 -60.21 0.29
N ALA XA 54 -7.76 -58.92 0.48
CA ALA XA 54 -8.82 -57.93 0.45
C ALA XA 54 -9.21 -57.68 -1.01
N GLY XA 55 -10.29 -58.30 -1.45
CA GLY XA 55 -10.72 -58.21 -2.82
C GLY XA 55 -11.53 -56.96 -3.10
N ILE XA 56 -12.38 -57.03 -4.12
CA ILE XA 56 -13.27 -55.92 -4.41
C ILE XA 56 -14.48 -55.96 -3.49
N HIS XA 57 -15.14 -57.10 -3.44
CA HIS XA 57 -16.44 -57.29 -2.79
C HIS XA 57 -16.30 -57.86 -1.40
N TYR XA 58 -15.27 -57.42 -0.66
CA TYR XA 58 -15.08 -57.87 0.71
C TYR XA 58 -16.24 -57.47 1.59
N ALA XA 59 -16.73 -56.25 1.40
CA ALA XA 59 -17.88 -55.77 2.15
C ALA XA 59 -19.11 -56.62 1.86
N ASP XA 60 -19.25 -57.10 0.63
CA ASP XA 60 -20.32 -58.05 0.36
C ASP XA 60 -20.04 -59.39 0.98
N SER XA 61 -18.76 -59.73 1.17
CA SER XA 61 -18.43 -61.03 1.75
C SER XA 61 -18.72 -61.11 3.23
N THR XA 62 -18.54 -60.02 3.97
CA THR XA 62 -18.58 -60.13 5.42
C THR XA 62 -19.98 -60.05 6.01
N THR XA 63 -21.04 -60.00 5.21
CA THR XA 63 -22.37 -59.88 5.79
C THR XA 63 -23.38 -60.81 5.13
N GLY XA 64 -23.95 -61.70 5.94
CA GLY XA 64 -24.98 -62.60 5.52
C GLY XA 64 -24.54 -63.55 4.44
N ASP XA 65 -24.99 -63.33 3.21
CA ASP XA 65 -24.54 -64.13 2.09
C ASP XA 65 -23.18 -63.65 1.64
N GLY XA 66 -22.18 -64.53 1.74
CA GLY XA 66 -20.85 -64.21 1.30
C GLY XA 66 -20.59 -64.35 -0.17
N LYS XA 67 -21.62 -64.60 -0.96
CA LYS XA 67 -21.48 -64.49 -2.39
C LYS XA 67 -21.20 -63.03 -2.76
N PRO XA 68 -20.44 -62.79 -3.82
CA PRO XA 68 -20.28 -61.42 -4.30
C PRO XA 68 -21.58 -60.90 -4.86
N LEU XA 69 -22.02 -59.78 -4.29
CA LEU XA 69 -23.15 -59.07 -4.84
C LEU XA 69 -22.73 -58.46 -6.17
N PRO XA 70 -23.65 -58.38 -7.15
CA PRO XA 70 -23.26 -58.02 -8.52
C PRO XA 70 -22.69 -56.61 -8.62
N VAL XA 71 -21.75 -56.44 -9.55
CA VAL XA 71 -20.81 -55.34 -9.46
C VAL XA 71 -21.37 -53.99 -9.88
N ARG XA 72 -22.68 -53.92 -10.19
CA ARG XA 72 -23.34 -52.63 -10.21
C ARG XA 72 -23.30 -51.99 -8.84
N PHE XA 73 -23.38 -52.78 -7.77
CA PHE XA 73 -23.39 -52.22 -6.43
C PHE XA 73 -21.98 -52.04 -5.90
N SER XA 74 -21.21 -53.12 -5.80
CA SER XA 74 -19.89 -53.07 -5.19
C SER XA 74 -18.88 -52.33 -6.04
N GLY XA 75 -19.21 -52.01 -7.27
CA GLY XA 75 -18.32 -51.32 -8.17
C GLY XA 75 -18.35 -49.82 -7.99
N ASN XA 76 -18.01 -49.10 -9.06
CA ASN XA 76 -17.73 -49.68 -10.36
C ASN XA 76 -16.24 -49.74 -10.59
N CYS XA 77 -15.64 -50.78 -10.01
CA CYS XA 77 -14.21 -50.86 -9.87
C CYS XA 77 -13.57 -51.42 -11.12
N SER XA 78 -13.90 -52.69 -11.43
CA SER XA 78 -13.45 -53.43 -12.62
C SER XA 78 -11.92 -53.48 -12.69
N LEU XA 79 -11.36 -54.25 -11.75
CA LEU XA 79 -9.92 -54.39 -11.59
C LEU XA 79 -9.26 -54.90 -12.86
N GLU XA 80 -9.95 -55.79 -13.57
CA GLU XA 80 -9.42 -56.22 -14.85
C GLU XA 80 -9.46 -55.11 -15.88
N LYS XA 81 -10.46 -54.23 -15.83
CA LYS XA 81 -10.39 -53.06 -16.70
C LYS XA 81 -9.33 -52.08 -16.27
N PHE XA 82 -8.94 -52.11 -15.00
CA PHE XA 82 -7.81 -51.28 -14.59
C PHE XA 82 -6.50 -51.82 -15.13
N TYR XA 83 -6.30 -53.14 -15.07
CA TYR XA 83 -5.12 -53.72 -15.69
C TYR XA 83 -5.16 -53.62 -17.20
N ASP XA 84 -6.35 -53.51 -17.79
CA ASP XA 84 -6.44 -53.27 -19.23
C ASP XA 84 -6.03 -51.84 -19.57
N ASP XA 85 -6.78 -50.86 -19.06
CA ASP XA 85 -6.69 -49.50 -19.56
C ASP XA 85 -6.80 -48.50 -18.42
N PRO XA 86 -5.69 -48.10 -17.83
CA PRO XA 86 -5.73 -47.10 -16.77
C PRO XA 86 -5.70 -45.67 -17.27
N LYS XA 87 -6.44 -45.37 -18.33
CA LYS XA 87 -6.37 -44.05 -18.96
C LYS XA 87 -7.74 -43.52 -19.34
N SER XA 88 -8.81 -44.18 -18.92
CA SER XA 88 -10.15 -43.83 -19.38
C SER XA 88 -10.63 -42.56 -18.69
N ASN XA 89 -11.34 -41.72 -19.43
CA ASN XA 89 -11.88 -40.51 -18.87
C ASN XA 89 -13.20 -40.74 -18.13
N ASP XA 90 -13.73 -41.95 -18.16
CA ASP XA 90 -14.84 -42.29 -17.31
C ASP XA 90 -14.41 -42.36 -15.86
N GLY XA 91 -13.14 -42.65 -15.59
CA GLY XA 91 -12.59 -42.60 -14.26
C GLY XA 91 -12.63 -43.97 -13.64
N ASN XA 92 -11.53 -44.69 -13.68
CA ASN XA 92 -11.54 -46.03 -13.14
C ASN XA 92 -10.28 -46.34 -12.36
N SER XA 93 -9.31 -45.44 -12.32
CA SER XA 93 -8.26 -45.58 -11.33
C SER XA 93 -8.83 -45.28 -9.95
N TYR XA 94 -9.33 -44.07 -9.76
CA TYR XA 94 -9.48 -43.61 -8.40
C TYR XA 94 -10.73 -44.15 -7.73
N ARG XA 95 -11.78 -44.41 -8.51
CA ARG XA 95 -12.97 -45.05 -7.95
C ARG XA 95 -12.61 -46.41 -7.36
N LEU XA 96 -11.82 -47.18 -8.10
CA LEU XA 96 -11.26 -48.43 -7.60
C LEU XA 96 -10.36 -48.19 -6.40
N GLN XA 97 -9.62 -47.08 -6.38
CA GLN XA 97 -8.70 -46.87 -5.28
C GLN XA 97 -9.44 -46.59 -3.98
N ALA XA 98 -10.49 -45.77 -4.05
CA ALA XA 98 -11.32 -45.52 -2.88
C ALA XA 98 -11.99 -46.80 -2.41
N TRP XA 99 -12.42 -47.63 -3.36
CA TRP XA 99 -13.11 -48.86 -2.99
C TRP XA 99 -12.17 -49.83 -2.30
N LEU XA 100 -10.95 -49.98 -2.80
CA LEU XA 100 -10.02 -50.86 -2.15
C LEU XA 100 -9.54 -50.29 -0.83
N TYR XA 101 -9.50 -48.97 -0.71
CA TYR XA 101 -9.14 -48.38 0.57
C TYR XA 101 -10.16 -48.72 1.63
N ALA XA 102 -11.44 -48.60 1.27
CA ALA XA 102 -12.50 -48.95 2.21
C ALA XA 102 -12.47 -50.44 2.52
N SER XA 103 -12.11 -51.27 1.55
CA SER XA 103 -12.03 -52.71 1.80
C SER XA 103 -10.92 -53.02 2.77
N ARG XA 104 -9.74 -52.43 2.57
CA ARG XA 104 -8.62 -52.66 3.47
C ARG XA 104 -8.93 -52.13 4.87
N LEU XA 105 -9.65 -51.02 4.95
CA LEU XA 105 -9.97 -50.47 6.26
C LEU XA 105 -10.95 -51.37 7.00
N LEU XA 106 -11.93 -51.91 6.29
CA LEU XA 106 -12.90 -52.80 6.93
C LEU XA 106 -12.24 -54.09 7.40
N GLN XA 107 -11.41 -54.70 6.56
CA GLN XA 107 -10.80 -55.96 6.98
C GLN XA 107 -9.75 -55.75 8.05
N TYR XA 108 -9.11 -54.57 8.08
CA TYR XA 108 -8.24 -54.26 9.20
C TYR XA 108 -9.03 -54.11 10.49
N ALA XA 109 -10.21 -53.49 10.42
CA ALA XA 109 -11.01 -53.37 11.63
C ALA XA 109 -11.50 -54.73 12.10
N ASP XA 110 -11.87 -55.60 11.15
CA ASP XA 110 -12.28 -56.95 11.51
C ASP XA 110 -11.15 -57.72 12.17
N ALA XA 111 -9.94 -57.53 11.67
CA ALA XA 111 -8.77 -58.17 12.26
C ALA XA 111 -8.48 -57.65 13.65
N LEU XA 112 -8.56 -56.34 13.83
CA LEU XA 112 -8.23 -55.77 15.13
C LEU XA 112 -9.32 -56.07 16.14
N GLU XA 113 -10.55 -56.23 15.68
CA GLU XA 113 -11.60 -56.68 16.57
C GLU XA 113 -11.39 -58.12 16.98
N HIS XA 114 -10.92 -58.96 16.06
CA HIS XA 114 -10.64 -60.34 16.43
C HIS XA 114 -9.40 -60.46 17.30
N LEU XA 115 -8.50 -59.50 17.24
CA LEU XA 115 -7.38 -59.49 18.19
C LEU XA 115 -7.84 -59.07 19.57
N LEU XA 116 -8.53 -57.94 19.69
CA LEU XA 116 -8.91 -57.44 21.00
C LEU XA 116 -10.04 -58.22 21.62
N SER XA 117 -10.75 -59.02 20.81
CA SER XA 117 -11.78 -59.92 21.31
C SER XA 117 -11.18 -61.32 21.25
N THR XA 118 -10.75 -61.82 22.41
CA THR XA 118 -10.40 -63.20 22.72
C THR XA 118 -9.06 -63.60 22.08
N GLY XA 119 -8.48 -62.75 21.27
CA GLY XA 119 -7.32 -63.16 20.54
C GLY XA 119 -7.71 -64.01 19.35
N GLN XA 120 -6.73 -64.66 18.74
CA GLN XA 120 -5.39 -64.80 19.27
C GLN XA 120 -4.38 -64.20 18.33
N GLY XA 121 -4.66 -63.01 17.82
CA GLY XA 121 -3.74 -62.37 16.91
C GLY XA 121 -3.91 -62.85 15.48
N VAL XA 122 -3.60 -62.02 14.49
CA VAL XA 122 -3.79 -62.38 13.10
C VAL XA 122 -2.64 -61.90 12.22
N VAL XA 123 -2.62 -62.45 11.03
CA VAL XA 123 -1.77 -62.01 9.94
C VAL XA 123 -2.62 -61.18 9.01
N LEU XA 124 -2.02 -60.17 8.40
CA LEU XA 124 -2.65 -59.45 7.32
C LEU XA 124 -1.69 -59.37 6.15
N GLU XA 125 -2.24 -59.17 4.98
CA GLU XA 125 -1.43 -59.05 3.78
C GLU XA 125 -1.85 -57.80 3.04
N ARG XA 126 -0.85 -56.97 2.70
CA ARG XA 126 -1.02 -55.71 1.98
C ARG XA 126 -1.96 -54.77 2.73
N SER XA 127 -1.47 -54.26 3.86
CA SER XA 127 -2.29 -53.42 4.71
C SER XA 127 -2.41 -52.01 4.13
N ILE XA 128 -3.01 -51.12 4.91
CA ILE XA 128 -3.39 -49.78 4.47
C ILE XA 128 -2.17 -48.91 4.16
N TYR XA 129 -1.06 -49.17 4.83
CA TYR XA 129 0.16 -48.40 4.59
C TYR XA 129 0.75 -48.75 3.23
N SER XA 130 0.79 -50.03 2.92
CA SER XA 130 1.12 -50.46 1.57
C SER XA 130 0.11 -49.94 0.54
N ASP XA 131 -1.12 -49.67 0.96
CA ASP XA 131 -2.10 -49.14 0.03
C ASP XA 131 -1.79 -47.69 -0.36
N PHE XA 132 -1.35 -46.85 0.60
CA PHE XA 132 -1.04 -45.49 0.14
C PHE XA 132 0.22 -45.48 -0.69
N VAL XA 133 1.18 -46.36 -0.37
CA VAL XA 133 2.40 -46.41 -1.18
C VAL XA 133 2.08 -46.87 -2.61
N PHE XA 134 1.19 -47.86 -2.72
CA PHE XA 134 0.64 -48.35 -3.98
C PHE XA 134 0.03 -47.23 -4.81
N LEU XA 135 -0.76 -46.38 -4.17
CA LEU XA 135 -1.39 -45.30 -4.93
C LEU XA 135 -0.38 -44.22 -5.33
N GLU XA 136 0.59 -43.93 -4.46
CA GLU XA 136 1.55 -42.88 -4.81
C GLU XA 136 2.43 -43.30 -5.97
N ALA XA 137 2.72 -44.59 -6.10
CA ALA XA 137 3.40 -45.04 -7.32
C ALA XA 137 2.48 -45.02 -8.53
N MET XA 138 1.19 -45.31 -8.32
CA MET XA 138 0.24 -45.18 -9.42
C MET XA 138 0.17 -43.75 -9.94
N TYR XA 139 0.33 -42.78 -9.04
CA TYR XA 139 0.43 -41.39 -9.45
C TYR XA 139 1.78 -41.08 -10.09
N ARG XA 140 2.85 -41.75 -9.65
CA ARG XA 140 4.15 -41.63 -10.32
C ARG XA 140 4.06 -42.04 -11.78
N GLN XA 141 3.20 -43.00 -12.10
CA GLN XA 141 2.88 -43.24 -13.51
C GLN XA 141 2.16 -42.05 -14.14
N GLY XA 142 1.36 -41.32 -13.38
CA GLY XA 142 0.63 -40.23 -13.99
C GLY XA 142 -0.62 -40.67 -14.71
N PHE XA 143 -1.53 -41.30 -13.98
CA PHE XA 143 -2.84 -41.62 -14.52
C PHE XA 143 -3.91 -40.75 -13.90
N ILE XA 144 -3.56 -39.96 -12.89
CA ILE XA 144 -4.51 -39.33 -11.98
C ILE XA 144 -4.16 -37.86 -11.89
N ARG XA 145 -5.19 -37.02 -11.91
CA ARG XA 145 -5.02 -35.61 -11.60
C ARG XA 145 -4.55 -35.45 -10.15
N LYS XA 146 -3.73 -34.41 -9.90
CA LYS XA 146 -3.08 -34.29 -8.61
C LYS XA 146 -4.07 -33.84 -7.52
N GLN XA 147 -5.14 -33.14 -7.90
CA GLN XA 147 -6.19 -32.78 -6.94
C GLN XA 147 -6.83 -34.01 -6.32
N CYS XA 148 -6.95 -35.07 -7.11
CA CYS XA 148 -7.49 -36.31 -6.61
C CYS XA 148 -6.53 -36.96 -5.62
N VAL XA 149 -5.23 -36.76 -5.82
CA VAL XA 149 -4.24 -37.22 -4.86
C VAL XA 149 -4.33 -36.42 -3.58
N ASP XA 150 -4.64 -35.12 -3.70
CA ASP XA 150 -4.86 -34.29 -2.52
C ASP XA 150 -6.04 -34.82 -1.71
N HIS XA 151 -7.09 -35.26 -2.41
CA HIS XA 151 -8.21 -35.92 -1.73
C HIS XA 151 -7.75 -37.16 -1.00
N TYR XA 152 -6.89 -37.95 -1.63
CA TYR XA 152 -6.43 -39.17 -0.96
C TYR XA 152 -5.60 -38.84 0.27
N ASN XA 153 -4.81 -37.78 0.18
CA ASN XA 153 -4.02 -37.31 1.31
C ASN XA 153 -4.94 -36.92 2.46
N GLN XA 154 -6.07 -36.31 2.13
CA GLN XA 154 -7.04 -35.89 3.12
C GLN XA 154 -7.68 -37.08 3.83
N VAL XA 155 -8.13 -38.07 3.05
CA VAL XA 155 -8.78 -39.25 3.64
C VAL XA 155 -7.79 -40.02 4.50
N LYS XA 156 -6.55 -40.10 4.04
CA LYS XA 156 -5.51 -40.80 4.78
C LYS XA 156 -5.19 -40.10 6.08
N LYS XA 157 -5.19 -38.77 6.08
CA LYS XA 157 -4.96 -38.03 7.31
C LYS XA 157 -6.07 -38.25 8.31
N VAL XA 158 -7.31 -38.35 7.84
CA VAL XA 158 -8.40 -38.44 8.80
C VAL XA 158 -8.50 -39.85 9.41
N THR XA 159 -8.44 -40.90 8.58
CA THR XA 159 -8.89 -42.19 9.07
C THR XA 159 -7.84 -42.95 9.89
N VAL XA 160 -6.59 -42.95 9.44
CA VAL XA 160 -5.58 -43.86 9.99
C VAL XA 160 -5.15 -43.42 11.38
N CYS XA 161 -5.29 -42.13 11.68
CA CYS XA 161 -4.69 -41.55 12.86
C CYS XA 161 -5.48 -41.79 14.13
N GLU XA 162 -6.32 -42.81 14.18
CA GLU XA 162 -6.98 -43.21 15.40
C GLU XA 162 -6.67 -44.64 15.81
N TYR XA 163 -5.84 -45.35 15.05
CA TYR XA 163 -5.63 -46.78 15.24
C TYR XA 163 -4.26 -47.06 15.81
N LEU XA 164 -4.05 -48.29 16.11
CA LEU XA 164 -2.72 -48.71 16.44
C LEU XA 164 -2.10 -49.37 15.23
N PRO XA 165 -0.89 -49.01 14.84
CA PRO XA 165 -0.24 -49.70 13.75
C PRO XA 165 0.14 -51.10 14.16
N PRO XA 166 0.25 -52.03 13.20
CA PRO XA 166 0.51 -53.43 13.54
C PRO XA 166 1.89 -53.66 14.14
N HIS XA 167 2.08 -54.88 14.64
CA HIS XA 167 3.33 -55.17 15.33
C HIS XA 167 4.48 -55.36 14.37
N VAL XA 168 4.46 -56.42 13.55
CA VAL XA 168 5.63 -56.68 12.74
C VAL XA 168 5.24 -56.74 11.27
N VAL XA 169 6.18 -56.31 10.44
CA VAL XA 169 5.95 -56.19 9.01
C VAL XA 169 7.05 -56.94 8.29
N ILE XA 170 6.65 -57.91 7.49
CA ILE XA 170 7.56 -58.73 6.70
C ILE XA 170 7.55 -58.20 5.29
N TYR XA 171 8.60 -57.49 4.92
CA TYR XA 171 8.74 -57.02 3.56
C TYR XA 171 9.32 -58.11 2.69
N VAL XA 172 8.72 -58.33 1.53
CA VAL XA 172 9.26 -59.27 0.56
C VAL XA 172 9.77 -58.47 -0.62
N ASP XA 173 11.06 -58.59 -0.91
CA ASP XA 173 11.65 -57.97 -2.08
C ASP XA 173 11.83 -59.04 -3.14
N VAL XA 174 11.19 -58.85 -4.28
CA VAL XA 174 11.45 -59.65 -5.46
C VAL XA 174 11.79 -58.65 -6.56
N PRO XA 175 12.81 -58.91 -7.37
CA PRO XA 175 13.09 -58.00 -8.50
C PRO XA 175 12.01 -58.01 -9.57
N VAL XA 176 12.17 -57.13 -10.56
CA VAL XA 176 11.11 -56.85 -11.51
C VAL XA 176 10.86 -58.04 -12.43
N SER XA 177 11.94 -58.58 -13.02
CA SER XA 177 11.82 -59.57 -14.08
C SER XA 177 11.25 -60.89 -13.58
N GLU XA 178 11.47 -61.21 -12.30
CA GLU XA 178 10.87 -62.41 -11.74
C GLU XA 178 9.36 -62.26 -11.59
N VAL XA 179 8.90 -61.08 -11.19
CA VAL XA 179 7.47 -60.82 -11.12
C VAL XA 179 6.86 -60.83 -12.51
N GLN XA 180 7.63 -60.31 -13.48
CA GLN XA 180 7.24 -60.37 -14.88
C GLN XA 180 7.05 -61.82 -15.33
N SER XA 181 8.01 -62.68 -14.97
CA SER XA 181 7.92 -64.09 -15.30
C SER XA 181 6.74 -64.76 -14.63
N ARG XA 182 6.44 -64.37 -13.39
CA ARG XA 182 5.36 -65.02 -12.65
C ARG XA 182 3.99 -64.63 -13.22
N ILE XA 183 3.84 -63.36 -13.61
CA ILE XA 183 2.57 -62.94 -14.18
C ILE XA 183 2.43 -63.50 -15.59
N GLN XA 184 3.55 -63.90 -16.22
CA GLN XA 184 3.47 -64.70 -17.43
C GLN XA 184 3.15 -66.15 -17.14
N LYS XA 185 3.53 -66.66 -15.97
CA LYS XA 185 3.19 -68.04 -15.59
C LYS XA 185 1.71 -68.19 -15.30
N LYS XA 186 1.05 -67.13 -14.84
CA LYS XA 186 -0.35 -67.30 -14.47
C LYS XA 186 -1.28 -67.36 -15.68
N GLY XA 187 -1.00 -66.59 -16.72
CA GLY XA 187 -1.68 -66.73 -18.00
C GLY XA 187 -2.98 -65.97 -18.18
N ASN XA 188 -3.38 -65.15 -17.22
CA ASN XA 188 -4.62 -64.39 -17.34
C ASN XA 188 -4.35 -63.17 -18.22
N PRO XA 189 -5.08 -63.00 -19.34
CA PRO XA 189 -4.70 -61.96 -20.32
C PRO XA 189 -4.85 -60.54 -19.81
N HIS XA 190 -5.89 -60.28 -19.02
CA HIS XA 190 -6.04 -58.99 -18.37
C HIS XA 190 -4.88 -58.73 -17.43
N GLU XA 191 -4.43 -59.77 -16.74
CA GLU XA 191 -3.23 -59.66 -15.95
C GLU XA 191 -1.99 -59.58 -16.83
N MET XA 192 -2.03 -60.21 -18.01
CA MET XA 192 -0.90 -60.13 -18.94
C MET XA 192 -0.72 -58.77 -19.57
N LYS XA 193 -1.72 -57.90 -19.49
CA LYS XA 193 -1.53 -56.58 -20.07
C LYS XA 193 -0.80 -55.60 -19.16
N ILE XA 194 -0.17 -56.06 -18.09
CA ILE XA 194 0.53 -55.14 -17.19
C ILE XA 194 1.79 -54.64 -17.89
N THR XA 195 2.22 -53.44 -17.51
CA THR XA 195 3.49 -52.92 -18.00
C THR XA 195 4.49 -52.83 -16.87
N SER XA 196 5.77 -52.88 -17.23
CA SER XA 196 6.81 -53.12 -16.25
C SER XA 196 7.25 -51.86 -15.51
N ALA XA 197 7.16 -50.69 -16.14
CA ALA XA 197 7.62 -49.47 -15.49
C ALA XA 197 6.68 -49.07 -14.37
N TYR XA 198 5.40 -49.41 -14.49
CA TYR XA 198 4.46 -49.31 -13.38
C TYR XA 198 4.92 -50.14 -12.19
N LEU XA 199 5.36 -51.35 -12.45
CA LEU XA 199 5.84 -52.24 -11.40
C LEU XA 199 7.13 -51.72 -10.80
N GLN XA 200 7.98 -51.12 -11.64
CA GLN XA 200 9.24 -50.53 -11.19
C GLN XA 200 8.99 -49.36 -10.27
N ASP XA 201 8.03 -48.49 -10.62
CA ASP XA 201 7.73 -47.36 -9.77
C ASP XA 201 7.10 -47.80 -8.47
N ILE XA 202 6.37 -48.91 -8.49
CA ILE XA 202 5.89 -49.52 -7.25
C ILE XA 202 7.07 -49.92 -6.36
N GLU XA 203 8.06 -50.59 -6.93
CA GLU XA 203 9.23 -50.97 -6.14
C GLU XA 203 10.01 -49.75 -5.64
N ASN XA 204 10.05 -48.69 -6.44
CA ASN XA 204 10.76 -47.47 -6.08
C ASN XA 204 10.15 -46.81 -4.85
N VAL XA 205 8.84 -46.53 -4.90
CA VAL XA 205 8.21 -45.88 -3.76
C VAL XA 205 8.15 -46.82 -2.58
N TYR XA 206 8.07 -48.11 -2.85
CA TYR XA 206 7.87 -49.13 -1.84
C TYR XA 206 9.15 -49.43 -1.09
N LYS XA 207 10.29 -49.05 -1.66
CA LYS XA 207 11.52 -49.04 -0.89
C LYS XA 207 11.79 -47.68 -0.28
N GLY XA 208 11.60 -46.60 -1.05
CA GLY XA 208 12.13 -45.32 -0.67
C GLY XA 208 11.31 -44.55 0.34
N THR XA 209 10.01 -44.83 0.43
CA THR XA 209 9.12 -44.06 1.31
C THR XA 209 8.60 -44.89 2.46
N PHE XA 210 8.32 -46.17 2.21
CA PHE XA 210 7.71 -47.03 3.20
C PHE XA 210 8.66 -47.31 4.36
N LEU XA 211 9.88 -47.71 4.03
CA LEU XA 211 10.92 -48.07 5.00
C LEU XA 211 11.38 -46.91 5.89
N PRO XA 212 11.60 -45.68 5.40
CA PRO XA 212 11.95 -44.62 6.37
C PRO XA 212 10.82 -44.24 7.28
N GLU XA 213 9.58 -44.40 6.83
CA GLU XA 213 8.44 -43.91 7.57
C GLU XA 213 7.79 -44.96 8.46
N MET XA 214 8.17 -46.23 8.32
CA MET XA 214 7.73 -47.17 9.35
C MET XA 214 8.54 -46.94 10.62
N SER XA 215 9.83 -47.32 10.58
CA SER XA 215 10.86 -46.89 11.52
C SER XA 215 10.48 -47.16 12.98
N GLU XA 216 10.41 -48.46 13.29
CA GLU XA 216 10.24 -49.05 14.62
C GLU XA 216 8.83 -48.86 15.19
N LYS XA 217 8.00 -48.06 14.53
CA LYS XA 217 6.58 -48.33 14.47
C LYS XA 217 6.44 -49.29 13.31
N CYS XA 218 5.84 -50.46 13.57
CA CYS XA 218 5.82 -51.60 12.65
C CYS XA 218 7.27 -52.03 12.30
N GLU XA 219 7.92 -52.63 13.30
CA GLU XA 219 9.26 -53.18 13.12
C GLU XA 219 9.28 -54.21 12.00
N VAL XA 220 10.28 -54.11 11.13
CA VAL XA 220 10.26 -54.83 9.88
C VAL XA 220 11.33 -55.90 9.86
N LEU XA 221 11.10 -56.90 9.01
CA LEU XA 221 12.09 -57.87 8.59
C LEU XA 221 12.05 -57.91 7.08
N GLN XA 222 13.17 -57.62 6.44
CA GLN XA 222 13.25 -57.57 4.99
C GLN XA 222 13.81 -58.88 4.44
N TYR XA 223 13.07 -59.49 3.52
CA TYR XA 223 13.44 -60.79 2.98
C TYR XA 223 13.63 -60.72 1.47
N SER XA 224 14.38 -61.71 0.95
CA SER XA 224 14.77 -61.72 -0.45
C SER XA 224 13.78 -62.53 -1.28
N ALA XA 225 14.12 -62.72 -2.57
CA ALA XA 225 13.14 -63.18 -3.55
C ALA XA 225 12.84 -64.66 -3.37
N TRP XA 226 13.85 -65.51 -3.52
CA TRP XA 226 13.69 -66.93 -3.24
C TRP XA 226 13.62 -67.22 -1.75
N GLU XA 227 13.81 -66.20 -0.90
CA GLU XA 227 13.53 -66.31 0.53
C GLU XA 227 12.03 -66.35 0.74
N ALA XA 228 11.47 -67.51 0.45
CA ALA XA 228 10.05 -67.79 0.57
C ALA XA 228 9.95 -69.30 0.60
N GLU XA 229 9.35 -69.83 1.67
CA GLU XA 229 9.29 -71.28 1.94
C GLU XA 229 10.70 -71.90 2.00
N ASP XA 230 11.49 -71.58 3.05
CA ASP XA 230 11.48 -70.55 4.13
C ASP XA 230 10.25 -70.23 4.97
N ALA XA 231 9.82 -71.20 5.76
CA ALA XA 231 8.85 -70.97 6.81
C ALA XA 231 9.48 -70.99 8.19
N GLU XA 232 10.43 -71.90 8.41
CA GLU XA 232 11.05 -72.06 9.72
C GLU XA 232 11.85 -70.84 10.10
N LYS XA 233 12.48 -70.18 9.13
CA LYS XA 233 13.32 -69.04 9.44
C LYS XA 233 12.49 -67.84 9.88
N VAL XA 234 11.37 -67.59 9.21
CA VAL XA 234 10.56 -66.44 9.61
C VAL XA 234 9.78 -66.73 10.89
N VAL XA 235 9.35 -67.99 11.11
CA VAL XA 235 8.75 -68.34 12.40
C VAL XA 235 9.76 -68.14 13.53
N GLU XA 236 11.00 -68.54 13.28
CA GLU XA 236 12.07 -68.42 14.26
C GLU XA 236 12.40 -66.96 14.56
N ASP XA 237 12.42 -66.13 13.52
CA ASP XA 237 12.68 -64.71 13.69
C ASP XA 237 11.58 -64.02 14.48
N ILE XA 238 10.34 -64.44 14.29
CA ILE XA 238 9.29 -63.90 15.14
C ILE XA 238 9.43 -64.43 16.56
N GLN XA 239 9.95 -65.65 16.72
CA GLN XA 239 10.13 -66.21 18.06
C GLN XA 239 11.15 -65.46 18.89
N TYR XA 240 12.21 -64.92 18.29
CA TYR XA 240 13.12 -64.06 19.05
C TYR XA 240 13.12 -62.60 18.58
N LEU XA 241 11.94 -62.01 18.37
CA LEU XA 241 11.87 -60.71 17.74
C LEU XA 241 12.31 -59.57 18.67
N LYS XA 242 12.04 -59.68 19.97
CA LYS XA 242 12.35 -58.67 20.99
C LYS XA 242 11.65 -57.34 20.67
N TYR XA 243 10.34 -57.28 20.91
CA TYR XA 243 9.54 -56.09 20.64
C TYR XA 243 10.09 -54.86 21.34
N ASP XA 244 10.55 -53.90 20.55
CA ASP XA 244 11.33 -52.77 21.05
C ASP XA 244 10.51 -51.50 21.17
N LYS XA 245 9.94 -51.02 20.08
CA LYS XA 245 9.26 -49.72 20.09
C LYS XA 245 7.78 -49.91 19.76
N GLY XA 246 7.11 -48.78 19.54
CA GLY XA 246 5.72 -48.81 19.15
C GLY XA 246 4.81 -48.30 20.24
N PRO XA 247 3.60 -47.87 19.86
CA PRO XA 247 2.64 -47.39 20.84
C PRO XA 247 1.89 -48.49 21.54
N TRP XA 248 2.07 -49.73 21.14
CA TRP XA 248 1.40 -50.85 21.77
C TRP XA 248 1.85 -51.07 23.20
N LEU XA 249 3.02 -50.58 23.57
CA LEU XA 249 3.47 -50.69 24.95
C LEU XA 249 2.82 -49.65 25.85
N ASP XA 250 2.00 -48.76 25.30
CA ASP XA 250 1.33 -47.69 26.05
C ASP XA 250 -0.16 -47.75 25.74
N GLN XA 251 -0.93 -48.48 26.54
CA GLN XA 251 -2.36 -48.48 26.29
C GLN XA 251 -3.19 -47.90 27.44
N ASP XA 252 -3.00 -48.23 28.72
CA ASP XA 252 -2.51 -49.46 29.30
C ASP XA 252 -3.68 -50.41 29.15
N ASP XA 253 -4.86 -49.91 29.50
CA ASP XA 253 -6.10 -50.65 29.35
C ASP XA 253 -7.16 -49.76 28.71
N ARG XA 254 -7.01 -48.45 28.93
CA ARG XA 254 -8.08 -47.51 28.62
C ARG XA 254 -8.23 -47.30 27.12
N LYS XA 255 -7.11 -47.13 26.42
CA LYS XA 255 -7.16 -47.08 24.96
C LYS XA 255 -7.69 -48.36 24.40
N LEU XA 256 -7.40 -49.50 25.05
CA LEU XA 256 -7.94 -50.76 24.58
C LEU XA 256 -9.45 -50.81 24.76
N HIS XA 257 -9.96 -50.20 25.83
CA HIS XA 257 -11.40 -50.09 25.95
C HIS XA 257 -11.99 -49.19 24.87
N ASN XA 258 -11.30 -48.09 24.55
CA ASN XA 258 -11.77 -47.23 23.48
C ASN XA 258 -11.72 -47.93 22.13
N LEU XA 259 -10.73 -48.77 21.91
CA LEU XA 259 -10.65 -49.45 20.62
C LEU XA 259 -11.67 -50.55 20.50
N ARG XA 260 -11.98 -51.25 21.60
CA ARG XA 260 -13.07 -52.21 21.52
C ARG XA 260 -14.38 -51.51 21.27
N MET XA 261 -14.62 -50.39 21.92
CA MET XA 261 -15.90 -49.73 21.70
C MET XA 261 -15.91 -48.87 20.45
N LEU XA 262 -14.78 -48.74 19.75
CA LEU XA 262 -14.71 -48.02 18.49
C LEU XA 262 -14.75 -48.92 17.28
N VAL XA 263 -14.05 -50.05 17.34
CA VAL XA 263 -13.96 -50.91 16.18
C VAL XA 263 -15.26 -51.65 15.94
N GLN XA 264 -15.97 -52.03 17.01
CA GLN XA 264 -17.36 -52.40 16.86
C GLN XA 264 -18.18 -51.18 16.45
N ASP XA 265 -19.31 -51.44 15.80
CA ASP XA 265 -20.03 -50.46 14.99
C ASP XA 265 -19.11 -49.86 13.93
N LYS XA 266 -18.83 -50.70 12.94
CA LYS XA 266 -17.96 -50.37 11.81
C LYS XA 266 -18.44 -49.17 11.01
N LEU XA 267 -19.73 -48.83 11.11
CA LEU XA 267 -20.22 -47.63 10.47
C LEU XA 267 -19.64 -46.38 11.14
N GLU XA 268 -19.36 -46.46 12.44
CA GLU XA 268 -18.65 -45.37 13.11
C GLU XA 268 -17.23 -45.22 12.59
N VAL XA 269 -16.60 -46.34 12.20
CA VAL XA 269 -15.32 -46.26 11.49
C VAL XA 269 -15.50 -45.55 10.17
N LEU XA 270 -16.51 -45.93 9.41
CA LEU XA 270 -16.62 -45.44 8.05
C LEU XA 270 -17.34 -44.10 7.95
N ASN XA 271 -17.65 -43.45 9.07
CA ASN XA 271 -18.16 -42.09 9.02
C ASN XA 271 -17.15 -41.06 8.63
N TYR XA 272 -15.95 -41.41 8.18
CA TYR XA 272 -15.04 -40.47 7.55
C TYR XA 272 -14.70 -40.86 6.13
N THR XA 273 -15.34 -41.88 5.60
CA THR XA 273 -14.93 -42.40 4.29
C THR XA 273 -15.44 -41.51 3.17
N SER XA 274 -16.69 -41.12 3.23
CA SER XA 274 -17.22 -40.12 2.30
C SER XA 274 -17.13 -38.76 2.98
N ILE XA 275 -16.17 -37.96 2.57
CA ILE XA 275 -15.85 -36.76 3.33
C ILE XA 275 -16.83 -35.61 3.08
N PRO XA 276 -17.09 -35.14 1.84
CA PRO XA 276 -16.59 -35.30 0.47
C PRO XA 276 -15.84 -34.07 -0.01
N VAL XA 277 -15.23 -34.21 -1.19
CA VAL XA 277 -14.62 -33.08 -1.88
C VAL XA 277 -15.23 -32.83 -3.25
N PHE XA 278 -15.78 -33.87 -3.88
CA PHE XA 278 -16.61 -33.94 -5.10
C PHE XA 278 -15.86 -33.84 -6.42
N LEU XA 279 -14.54 -33.98 -6.45
CA LEU XA 279 -13.86 -35.00 -7.25
C LEU XA 279 -14.66 -35.51 -8.43
N PRO XA 280 -14.81 -34.75 -9.52
CA PRO XA 280 -15.76 -35.13 -10.58
C PRO XA 280 -15.49 -36.47 -11.25
N GLU XA 281 -14.33 -37.09 -11.00
CA GLU XA 281 -14.06 -38.44 -11.43
C GLU XA 281 -14.77 -39.48 -10.58
N VAL XA 282 -15.19 -39.12 -9.38
CA VAL XA 282 -15.60 -40.09 -8.36
C VAL XA 282 -17.11 -40.14 -8.19
N THR XA 283 -17.73 -38.98 -7.95
CA THR XA 283 -19.04 -38.95 -7.33
C THR XA 283 -20.14 -39.37 -8.29
N ILE XA 284 -21.34 -39.49 -7.74
CA ILE XA 284 -22.49 -40.05 -8.42
C ILE XA 284 -23.68 -39.14 -8.16
N GLY XA 285 -24.40 -38.78 -9.21
CA GLY XA 285 -25.57 -37.96 -9.07
C GLY XA 285 -26.72 -38.67 -8.37
N ALA XA 286 -27.84 -37.97 -8.34
CA ALA XA 286 -28.97 -38.45 -7.56
C ALA XA 286 -29.68 -39.61 -8.25
N HIS XA 287 -29.78 -39.55 -9.58
CA HIS XA 287 -30.68 -40.45 -10.28
C HIS XA 287 -30.15 -41.88 -10.33
N GLN XA 288 -28.87 -42.03 -10.71
CA GLN XA 288 -28.26 -43.37 -10.75
C GLN XA 288 -28.21 -43.99 -9.37
N SER XA 289 -27.83 -43.20 -8.38
CA SER XA 289 -27.77 -43.68 -7.01
C SER XA 289 -29.14 -44.08 -6.50
N ASP XA 290 -30.18 -43.37 -6.91
CA ASP XA 290 -31.52 -43.71 -6.42
C ASP XA 290 -32.02 -45.00 -7.04
N ARG XA 291 -31.82 -45.19 -8.33
CA ARG XA 291 -32.25 -46.46 -8.91
C ARG XA 291 -31.39 -47.61 -8.42
N VAL XA 292 -30.11 -47.36 -8.12
CA VAL XA 292 -29.28 -48.44 -7.61
C VAL XA 292 -29.66 -48.77 -6.17
N PHE XA 293 -30.08 -47.77 -5.39
CA PHE XA 293 -30.53 -48.07 -4.04
C PHE XA 293 -31.85 -48.81 -4.03
N GLN XA 294 -32.74 -48.49 -4.96
CA GLN XA 294 -34.00 -49.22 -4.99
C GLN XA 294 -33.80 -50.65 -5.49
N GLU XA 295 -32.88 -50.85 -6.42
CA GLU XA 295 -32.57 -52.22 -6.81
C GLU XA 295 -31.82 -52.95 -5.71
N PHE XA 296 -31.10 -52.23 -4.87
CA PHE XA 296 -30.48 -52.88 -3.73
C PHE XA 296 -31.50 -53.27 -2.69
N THR XA 297 -32.59 -52.52 -2.58
CA THR XA 297 -33.69 -53.00 -1.77
C THR XA 297 -34.34 -54.23 -2.39
N GLU XA 298 -34.31 -54.33 -3.72
CA GLU XA 298 -34.99 -55.47 -4.34
C GLU XA 298 -34.27 -56.81 -4.18
N LEU XA 299 -33.10 -56.88 -3.55
CA LEU XA 299 -32.48 -58.16 -3.29
C LEU XA 299 -33.25 -58.93 -2.22
N PRO XA 300 -33.26 -60.27 -2.28
CA PRO XA 300 -34.04 -61.05 -1.31
C PRO XA 300 -33.35 -61.30 0.02
N GLY XA 301 -32.15 -60.79 0.24
CA GLY XA 301 -31.49 -61.09 1.50
C GLY XA 301 -30.68 -59.95 2.08
N ARG XA 302 -30.98 -58.72 1.67
CA ARG XA 302 -30.24 -57.56 2.12
C ARG XA 302 -31.12 -56.49 2.75
N LYS XA 303 -32.43 -56.67 2.74
CA LYS XA 303 -33.36 -55.57 2.90
C LYS XA 303 -33.94 -55.53 4.32
N TYR XA 304 -33.85 -54.36 4.94
CA TYR XA 304 -34.37 -54.03 6.27
C TYR XA 304 -33.92 -55.00 7.37
N ARG XA 305 -32.65 -54.85 7.79
CA ARG XA 305 -32.10 -55.50 8.98
C ARG XA 305 -32.06 -57.01 8.89
N ALA XA 306 -30.97 -57.50 8.31
CA ALA XA 306 -30.64 -58.92 8.20
C ALA XA 306 -30.88 -59.77 9.46
N GLY XA 307 -30.91 -59.16 10.65
CA GLY XA 307 -31.42 -59.87 11.81
C GLY XA 307 -32.88 -60.26 11.68
N TYR XA 308 -33.77 -59.28 11.50
CA TYR XA 308 -35.21 -59.53 11.42
C TYR XA 308 -35.69 -59.81 10.01
N ASN XA 309 -34.82 -60.28 9.14
CA ASN XA 309 -35.12 -60.28 7.72
C ASN XA 309 -36.08 -61.41 7.41
N GLU XA 310 -37.28 -61.07 6.95
CA GLU XA 310 -38.20 -62.08 6.45
C GLU XA 310 -37.80 -62.45 5.03
N ASP XA 311 -38.50 -63.45 4.48
CA ASP XA 311 -38.25 -64.10 3.19
C ASP XA 311 -36.91 -64.85 3.14
N VAL XA 312 -36.26 -64.95 4.28
CA VAL XA 312 -35.39 -66.07 4.62
C VAL XA 312 -35.95 -66.87 5.79
N GLY XA 313 -36.77 -66.24 6.63
CA GLY XA 313 -37.46 -66.84 7.75
C GLY XA 313 -38.31 -65.78 8.42
N ASP XA 314 -38.23 -65.65 9.75
CA ASP XA 314 -37.43 -66.49 10.62
C ASP XA 314 -38.37 -67.09 11.65
N LYS XA 315 -39.65 -66.77 11.46
CA LYS XA 315 -40.77 -67.19 12.29
C LYS XA 315 -40.64 -66.74 13.76
N TRP XA 316 -39.91 -65.67 14.01
CA TRP XA 316 -39.97 -64.99 15.30
C TRP XA 316 -40.16 -63.50 15.03
N ILE XA 317 -41.40 -63.13 14.81
CA ILE XA 317 -41.81 -61.75 14.66
C ILE XA 317 -43.01 -61.58 15.58
N TRP XA 318 -43.16 -62.55 16.49
CA TRP XA 318 -44.24 -62.62 17.47
C TRP XA 318 -45.61 -62.63 16.79
N LEU XA 319 -45.76 -63.53 15.82
CA LEU XA 319 -46.95 -63.69 14.95
C LEU XA 319 -47.36 -62.40 14.25
N PRO YA 1 -37.10 -24.07 37.94
CA PRO YA 1 -38.08 -23.93 39.02
C PRO YA 1 -37.46 -24.08 40.40
N PHE YA 2 -38.14 -23.57 41.43
CA PHE YA 2 -37.74 -23.81 42.80
C PHE YA 2 -38.55 -24.97 43.36
N PHE YA 3 -37.88 -25.94 43.97
CA PHE YA 3 -38.54 -27.09 44.55
C PHE YA 3 -38.48 -27.01 46.08
N ASP YA 4 -39.10 -27.98 46.75
CA ASP YA 4 -39.38 -27.83 48.18
C ASP YA 4 -39.07 -29.09 48.98
N VAL YA 5 -38.10 -29.88 48.53
CA VAL YA 5 -37.75 -31.11 49.24
C VAL YA 5 -37.14 -30.80 50.59
N GLN YA 6 -36.50 -29.62 50.68
CA GLN YA 6 -36.15 -28.97 51.93
C GLN YA 6 -37.29 -28.96 52.94
N LYS YA 7 -38.50 -28.64 52.48
CA LYS YA 7 -39.65 -28.74 53.38
C LYS YA 7 -40.19 -30.14 53.47
N LYS YA 8 -40.08 -30.92 52.39
CA LYS YA 8 -40.85 -32.15 52.27
C LYS YA 8 -40.28 -33.27 53.11
N LEU YA 9 -38.96 -33.47 53.07
CA LEU YA 9 -38.41 -34.59 53.81
C LEU YA 9 -38.41 -34.36 55.30
N GLY YA 10 -38.47 -33.11 55.74
CA GLY YA 10 -38.38 -32.84 57.15
C GLY YA 10 -36.97 -32.75 57.68
N VAL YA 11 -35.96 -32.75 56.81
CA VAL YA 11 -34.60 -32.43 57.21
C VAL YA 11 -34.38 -30.98 56.84
N ASP YA 12 -34.53 -30.09 57.81
CA ASP YA 12 -34.40 -28.65 57.57
C ASP YA 12 -32.92 -28.28 57.72
N LEU YA 13 -32.16 -28.76 56.74
CA LEU YA 13 -30.71 -28.80 56.84
C LEU YA 13 -30.05 -27.52 56.37
N ASP YA 14 -30.82 -26.56 55.87
CA ASP YA 14 -30.22 -25.39 55.26
C ASP YA 14 -30.81 -24.09 55.77
N HIS YA 15 -31.74 -24.14 56.71
CA HIS YA 15 -32.44 -22.95 57.20
C HIS YA 15 -31.72 -22.28 58.36
N TRP YA 16 -30.64 -22.86 58.85
CA TRP YA 16 -29.96 -22.31 60.00
C TRP YA 16 -28.85 -21.34 59.62
N MET YA 17 -28.29 -21.48 58.43
CA MET YA 17 -27.30 -20.53 57.91
C MET YA 17 -27.91 -19.24 57.40
N THR YA 18 -29.18 -18.97 57.66
CA THR YA 18 -29.98 -18.18 56.75
C THR YA 18 -30.17 -16.73 57.19
N ILE YA 19 -30.56 -16.51 58.44
CA ILE YA 19 -30.88 -15.18 58.89
C ILE YA 19 -29.97 -14.96 60.08
N GLN YA 20 -30.12 -13.84 60.78
CA GLN YA 20 -29.68 -13.77 62.15
C GLN YA 20 -30.78 -14.39 63.02
N SER YA 21 -30.53 -14.47 64.32
CA SER YA 21 -31.50 -14.82 65.37
C SER YA 21 -32.02 -16.27 65.31
N ALA YA 22 -31.65 -17.04 64.29
CA ALA YA 22 -31.57 -18.48 64.47
C ALA YA 22 -30.43 -18.75 65.44
N GLU YA 23 -30.58 -19.81 66.24
CA GLU YA 23 -29.80 -19.91 67.46
C GLU YA 23 -28.32 -20.17 67.21
N GLN YA 24 -27.52 -19.21 67.60
CA GLN YA 24 -26.07 -19.29 67.53
C GLN YA 24 -25.56 -20.34 68.50
N PRO YA 25 -24.37 -20.92 68.25
CA PRO YA 25 -23.95 -22.09 69.03
C PRO YA 25 -23.71 -21.81 70.50
N HIS YA 26 -23.34 -20.59 70.84
CA HIS YA 26 -23.53 -20.08 72.19
C HIS YA 26 -24.56 -18.98 72.09
N ARG YA 27 -25.46 -18.93 73.06
CA ARG YA 27 -26.71 -18.19 72.87
C ARG YA 27 -26.42 -16.69 72.98
N ILE YA 28 -25.87 -16.15 71.89
CA ILE YA 28 -25.54 -14.74 71.81
C ILE YA 28 -26.41 -14.13 70.72
N PRO YA 29 -26.66 -12.83 70.77
CA PRO YA 29 -27.40 -12.20 69.68
C PRO YA 29 -26.47 -11.66 68.63
N ALA YA 30 -27.06 -11.07 67.60
CA ALA YA 30 -26.31 -10.23 66.69
C ALA YA 30 -26.35 -8.81 67.22
N ARG YA 31 -25.98 -7.84 66.39
CA ARG YA 31 -26.05 -6.46 66.83
C ARG YA 31 -27.43 -5.85 66.62
N CYS YA 32 -28.22 -6.37 65.67
CA CYS YA 32 -29.55 -5.81 65.41
C CYS YA 32 -30.64 -6.87 65.55
N HIS YA 33 -30.66 -7.58 66.68
CA HIS YA 33 -31.53 -8.73 66.87
C HIS YA 33 -33.02 -8.35 66.89
N ALA YA 34 -33.39 -7.44 67.79
CA ALA YA 34 -34.80 -7.18 68.05
C ALA YA 34 -35.50 -6.51 66.87
N PHE YA 35 -34.75 -5.69 66.13
CA PHE YA 35 -35.26 -5.10 64.91
C PHE YA 35 -35.65 -6.18 63.92
N GLU YA 36 -34.83 -7.23 63.82
CA GLU YA 36 -35.20 -8.37 62.98
C GLU YA 36 -36.42 -9.09 63.49
N LYS YA 37 -36.52 -9.31 64.80
CA LYS YA 37 -37.66 -10.10 65.26
C LYS YA 37 -38.97 -9.36 65.00
N GLU YA 38 -38.97 -8.05 65.20
CA GLU YA 38 -40.19 -7.31 64.89
C GLU YA 38 -40.43 -7.18 63.39
N TRP YA 39 -39.37 -7.17 62.59
CA TRP YA 39 -39.58 -7.05 61.15
C TRP YA 39 -40.09 -8.34 60.54
N ILE YA 40 -39.54 -9.47 60.98
CA ILE YA 40 -40.02 -10.77 60.53
C ILE YA 40 -41.45 -10.99 61.00
N GLU YA 41 -41.77 -10.60 62.23
CA GLU YA 41 -43.16 -10.71 62.66
C GLU YA 41 -44.07 -9.71 61.98
N CYS YA 42 -43.52 -8.61 61.46
CA CYS YA 42 -44.34 -7.71 60.65
C CYS YA 42 -44.69 -8.33 59.32
N ALA YA 43 -43.74 -8.99 58.67
CA ALA YA 43 -43.94 -9.45 57.30
C ALA YA 43 -44.00 -10.97 57.21
N HIS YA 44 -44.73 -11.61 58.12
CA HIS YA 44 -44.74 -13.07 58.14
C HIS YA 44 -45.88 -13.68 57.34
N GLY YA 45 -47.12 -13.41 57.73
CA GLY YA 45 -48.26 -14.00 57.04
C GLY YA 45 -48.75 -13.12 55.93
N ILE YA 46 -47.82 -12.72 55.06
CA ILE YA 46 -48.00 -11.59 54.15
C ILE YA 46 -47.49 -12.00 52.77
N GLY YA 47 -48.20 -11.61 51.73
CA GLY YA 47 -47.81 -12.01 50.39
C GLY YA 47 -46.71 -11.21 49.71
N SER YA 48 -45.82 -10.58 50.48
CA SER YA 48 -44.64 -9.83 50.01
C SER YA 48 -44.96 -8.68 49.08
N ILE YA 49 -46.18 -8.16 49.13
CA ILE YA 49 -46.55 -6.97 48.37
C ILE YA 49 -47.08 -5.88 49.28
N ARG YA 50 -48.01 -6.23 50.16
CA ARG YA 50 -48.26 -5.39 51.30
C ARG YA 50 -47.13 -5.47 52.34
N ALA YA 51 -46.18 -6.39 52.18
CA ALA YA 51 -44.91 -6.26 52.89
C ALA YA 51 -44.08 -5.14 52.31
N GLU YA 52 -44.19 -4.90 51.02
CA GLU YA 52 -43.47 -3.78 50.43
C GLU YA 52 -44.11 -2.46 50.83
N LYS YA 53 -45.43 -2.42 50.93
CA LYS YA 53 -46.09 -1.14 51.18
C LYS YA 53 -46.64 -0.99 52.60
N GLU YA 54 -46.38 -1.91 53.50
CA GLU YA 54 -46.95 -1.72 54.84
C GLU YA 54 -45.92 -1.79 55.96
N CYS YA 55 -44.91 -2.64 55.84
CA CYS YA 55 -43.87 -2.74 56.86
C CYS YA 55 -42.73 -1.79 56.60
N LYS YA 56 -42.99 -0.64 55.99
CA LYS YA 56 -41.90 0.21 55.50
C LYS YA 56 -41.17 0.88 56.65
N ILE YA 57 -41.91 1.32 57.67
CA ILE YA 57 -41.32 2.07 58.79
C ILE YA 57 -40.36 1.20 59.57
N GLU YA 58 -40.78 -0.02 59.89
CA GLU YA 58 -39.93 -0.91 60.66
C GLU YA 58 -38.79 -1.46 59.83
N PHE YA 59 -39.00 -1.55 58.52
CA PHE YA 59 -37.90 -1.93 57.64
C PHE YA 59 -36.84 -0.84 57.57
N GLU YA 60 -37.27 0.43 57.54
CA GLU YA 60 -36.30 1.51 57.52
C GLU YA 60 -35.57 1.62 58.84
N ASP YA 61 -36.27 1.34 59.93
CA ASP YA 61 -35.63 1.28 61.24
C ASP YA 61 -34.59 0.16 61.28
N PHE YA 62 -34.91 -1.00 60.70
CA PHE YA 62 -33.97 -2.10 60.65
C PHE YA 62 -32.76 -1.77 59.78
N ARG YA 63 -32.98 -1.14 58.64
CA ARG YA 63 -31.88 -0.79 57.76
C ARG YA 63 -30.95 0.22 58.39
N GLU YA 64 -31.51 1.21 59.06
CA GLU YA 64 -30.69 2.20 59.73
C GLU YA 64 -30.08 1.69 61.03
N CYS YA 65 -30.57 0.57 61.58
CA CYS YA 65 -29.76 -0.13 62.57
C CYS YA 65 -28.57 -0.79 61.90
N LEU YA 66 -28.79 -1.37 60.73
CA LEU YA 66 -27.78 -2.24 60.14
C LEU YA 66 -26.59 -1.45 59.62
N LEU YA 67 -26.85 -0.36 58.89
CA LEU YA 67 -25.73 0.39 58.34
C LEU YA 67 -25.41 1.67 59.10
N ARG YA 68 -26.41 2.25 59.76
CA ARG YA 68 -26.32 3.52 60.48
C ARG YA 68 -25.81 4.60 59.55
N GLN YA 69 -26.60 4.87 58.52
CA GLN YA 69 -26.18 5.90 57.58
C GLN YA 69 -26.44 7.29 58.15
N LYS YA 70 -27.71 7.61 58.39
CA LYS YA 70 -28.07 8.99 58.71
C LYS YA 70 -27.70 9.35 60.13
N THR YA 71 -27.50 8.37 61.00
CA THR YA 71 -26.98 8.66 62.32
C THR YA 71 -25.54 9.16 62.22
N MET YA 72 -24.75 8.53 61.34
CA MET YA 72 -23.43 9.04 61.04
C MET YA 72 -23.52 10.40 60.37
N LYS YA 73 -24.58 10.65 59.61
CA LYS YA 73 -24.72 11.96 58.98
C LYS YA 73 -24.92 13.06 60.01
N ARG YA 74 -25.73 12.78 61.02
CA ARG YA 74 -25.97 13.73 62.11
C ARG YA 74 -24.70 13.96 62.91
N LEU YA 75 -23.96 12.88 63.21
CA LEU YA 75 -22.71 13.01 63.96
C LEU YA 75 -21.66 13.76 63.15
N ASN YA 76 -21.64 13.57 61.84
CA ASN YA 76 -20.67 14.22 60.99
C ASN YA 76 -20.97 15.71 60.86
N ALA YA 77 -22.25 16.06 60.78
CA ALA YA 77 -22.64 17.46 60.77
C ALA YA 77 -22.24 18.14 62.07
N ILE YA 78 -22.39 17.43 63.19
CA ILE YA 78 -21.94 17.96 64.48
C ILE YA 78 -20.44 18.17 64.49
N LYS YA 79 -19.68 17.25 63.90
CA LYS YA 79 -18.22 17.38 63.84
C LYS YA 79 -17.77 18.57 63.01
N ARG YA 80 -18.37 18.76 61.84
CA ARG YA 80 -18.00 19.89 60.99
C ARG YA 80 -18.41 21.21 61.64
N GLN YA 81 -19.55 21.22 62.33
CA GLN YA 81 -20.00 22.41 63.04
C GLN YA 81 -19.06 22.77 64.18
N ARG YA 82 -18.64 21.75 64.94
CA ARG YA 82 -17.71 21.92 66.04
C ARG YA 82 -16.36 22.42 65.55
N ASP YA 83 -15.91 21.94 64.39
CA ASP YA 83 -14.68 22.44 63.80
C ASP YA 83 -14.79 23.91 63.41
N LYS YA 84 -15.91 24.31 62.77
CA LYS YA 84 -15.94 25.70 62.32
C LYS YA 84 -16.17 26.67 63.49
N LEU YA 85 -16.85 26.24 64.55
CA LEU YA 85 -16.98 27.17 65.65
C LEU YA 85 -15.78 27.17 66.59
N ILE YA 86 -14.98 26.10 66.64
CA ILE YA 86 -13.70 26.25 67.34
C ILE YA 86 -12.74 27.03 66.46
N LYS YA 87 -12.94 26.99 65.14
CA LYS YA 87 -12.19 27.84 64.23
C LYS YA 87 -12.53 29.31 64.46
N GLU YA 88 -13.80 29.56 64.79
CA GLU YA 88 -14.20 30.89 65.24
C GLU YA 88 -13.52 31.25 66.55
N GLY YA 89 -13.69 30.42 67.56
CA GLY YA 89 -13.08 30.65 68.87
C GLY YA 89 -14.05 30.83 70.00
N LYS YA 90 -15.36 30.86 69.75
CA LYS YA 90 -16.33 30.95 70.83
C LYS YA 90 -16.36 29.65 71.61
N TYR YA 91 -16.25 29.76 72.94
CA TYR YA 91 -16.17 28.66 73.91
C TYR YA 91 -15.14 27.60 73.47
N THR YA 92 -13.88 28.03 73.64
CA THR YA 92 -12.74 27.13 73.72
C THR YA 92 -13.16 25.95 74.58
N PRO YA 93 -13.26 24.77 73.99
CA PRO YA 93 -14.34 23.84 74.31
C PRO YA 93 -14.14 23.14 75.64
N PRO YA 94 -15.10 23.25 76.54
CA PRO YA 94 -15.23 22.30 77.65
C PRO YA 94 -16.03 21.02 77.38
N PRO YA 95 -16.31 20.58 76.13
CA PRO YA 95 -16.69 19.17 75.96
C PRO YA 95 -15.58 18.13 76.04
N HIS YA 96 -14.37 18.38 76.53
CA HIS YA 96 -13.40 17.29 76.67
C HIS YA 96 -12.77 17.28 78.05
N HIS YA 97 -13.21 16.31 78.88
CA HIS YA 97 -12.60 15.85 80.14
C HIS YA 97 -12.73 16.87 81.28
N SER YA 98 -13.18 18.08 80.99
CA SER YA 98 -13.10 19.14 81.97
C SER YA 98 -13.97 20.29 81.53
N GLY YA 99 -14.11 21.26 82.42
CA GLY YA 99 -14.83 22.48 82.13
C GLY YA 99 -13.87 23.49 81.53
N ASN ZA 10 0.72 -62.39 55.25
CA ASN ZA 10 0.26 -62.00 53.92
C ASN ZA 10 0.98 -60.75 53.39
N VAL ZA 11 0.25 -59.65 53.18
CA VAL ZA 11 0.85 -58.44 52.63
C VAL ZA 11 1.47 -57.56 53.70
N TRP ZA 12 1.44 -58.01 54.96
CA TRP ZA 12 2.19 -57.39 56.05
C TRP ZA 12 3.68 -57.40 55.79
N ALA ZA 13 4.16 -58.33 54.97
CA ALA ZA 13 5.55 -58.33 54.58
C ALA ZA 13 5.90 -57.26 53.55
N LYS ZA 14 4.95 -56.86 52.70
CA LYS ZA 14 5.29 -56.00 51.57
C LYS ZA 14 5.10 -54.51 51.87
N GLU ZA 15 3.89 -54.11 52.25
CA GLU ZA 15 3.54 -52.70 52.45
C GLU ZA 15 3.07 -52.49 53.87
N PRO ZA 16 3.99 -52.52 54.84
CA PRO ZA 16 3.55 -52.75 56.24
C PRO ZA 16 2.91 -51.55 56.89
N VAL ZA 17 3.41 -50.36 56.59
CA VAL ZA 17 2.94 -49.16 57.27
C VAL ZA 17 1.52 -48.83 56.81
N LEU ZA 18 1.15 -49.26 55.61
CA LEU ZA 18 -0.22 -49.08 55.16
C LEU ZA 18 -1.18 -49.95 55.94
N VAL ZA 19 -0.83 -51.22 56.17
CA VAL ZA 19 -1.72 -52.11 56.91
C VAL ZA 19 -1.83 -51.66 58.35
N ALA ZA 20 -0.73 -51.13 58.91
CA ALA ZA 20 -0.81 -50.56 60.25
C ALA ZA 20 -1.71 -49.34 60.28
N SER ZA 21 -1.66 -48.51 59.23
CA SER ZA 21 -2.50 -47.32 59.17
C SER ZA 21 -3.97 -47.69 59.05
N PHE ZA 22 -4.29 -48.71 58.24
CA PHE ZA 22 -5.67 -49.20 58.17
C PHE ZA 22 -6.14 -49.76 59.49
N ALA ZA 23 -5.26 -50.43 60.22
CA ALA ZA 23 -5.66 -51.05 61.48
C ALA ZA 23 -6.00 -50.01 62.52
N ILE ZA 24 -5.13 -49.01 62.69
CA ILE ZA 24 -5.41 -47.96 63.65
C ILE ZA 24 -6.57 -47.10 63.17
N ALA ZA 25 -6.76 -47.00 61.85
CA ALA ZA 25 -7.90 -46.29 61.28
C ALA ZA 25 -9.20 -46.98 61.64
N GLY ZA 26 -9.27 -48.29 61.45
CA GLY ZA 26 -10.49 -49.02 61.71
C GLY ZA 26 -10.83 -49.09 63.18
N LEU ZA 27 -9.82 -49.21 64.04
CA LEU ZA 27 -10.14 -49.19 65.47
C LEU ZA 27 -10.58 -47.80 65.90
N ALA ZA 28 -10.04 -46.76 65.28
CA ALA ZA 28 -10.52 -45.41 65.57
C ALA ZA 28 -11.94 -45.23 65.08
N VAL ZA 29 -12.33 -45.92 64.01
CA VAL ZA 29 -13.71 -45.87 63.56
C VAL ZA 29 -14.62 -46.58 64.56
N ILE ZA 30 -14.24 -47.79 64.96
CA ILE ZA 30 -15.15 -48.66 65.70
C ILE ZA 30 -15.30 -48.18 67.14
N LEU ZA 31 -14.18 -47.98 67.82
CA LEU ZA 31 -14.02 -47.95 69.27
C LEU ZA 31 -14.98 -47.07 70.08
N PRO ZA 32 -15.53 -45.96 69.56
CA PRO ZA 32 -16.64 -45.32 70.31
C PRO ZA 32 -17.93 -46.12 70.37
N THR ZA 33 -18.09 -47.20 69.61
CA THR ZA 33 -19.27 -48.04 69.79
C THR ZA 33 -19.19 -48.82 71.09
N LEU ZA 34 -18.08 -49.49 71.35
CA LEU ZA 34 -17.90 -50.14 72.64
C LEU ZA 34 -17.11 -49.17 73.50
N SER ZA 35 -17.84 -48.36 74.24
CA SER ZA 35 -17.25 -47.26 74.99
C SER ZA 35 -18.11 -46.90 76.19
N PRO ZA 36 -17.64 -47.11 77.39
CA PRO ZA 36 -18.43 -46.75 78.57
C PRO ZA 36 -18.20 -45.33 79.05
N TYR ZA 37 -17.63 -44.45 78.23
CA TYR ZA 37 -17.31 -43.11 78.67
C TYR ZA 37 -17.87 -41.98 77.81
N THR ZA 38 -18.57 -42.29 76.72
CA THR ZA 38 -19.00 -41.23 75.81
C THR ZA 38 -20.14 -40.40 76.41
N LYS ZA 39 -21.03 -41.05 77.14
CA LYS ZA 39 -22.05 -40.32 77.88
C LYS ZA 39 -21.43 -39.44 78.95
N TYR ZA 40 -20.33 -39.90 79.56
CA TYR ZA 40 -19.60 -39.05 80.49
C TYR ZA 40 -19.04 -37.83 79.79
N SER ZA 41 -18.50 -38.00 78.59
CA SER ZA 41 -17.96 -36.88 77.82
C SER ZA 41 -19.05 -35.88 77.49
N LEU ZA 42 -20.23 -36.36 77.12
CA LEU ZA 42 -21.27 -35.42 76.73
C LEU ZA 42 -21.86 -34.71 77.95
N MET ZA 43 -21.93 -35.38 79.10
CA MET ZA 43 -22.38 -34.70 80.31
C MET ZA 43 -21.39 -33.64 80.77
N ILE ZA 44 -20.09 -33.95 80.71
CA ILE ZA 44 -19.04 -32.98 80.99
C ILE ZA 44 -19.17 -31.78 80.07
N ASN ZA 45 -19.40 -32.04 78.80
CA ASN ZA 45 -19.34 -30.97 77.83
C ASN ZA 45 -20.58 -30.10 77.89
N ARG ZA 46 -21.72 -30.69 78.25
CA ARG ZA 46 -22.94 -29.91 78.39
C ARG ZA 46 -22.94 -29.09 79.66
N ALA ZA 47 -22.41 -29.66 80.75
CA ALA ZA 47 -22.59 -29.05 82.06
C ALA ZA 47 -21.60 -27.92 82.34
N THR ZA 48 -21.06 -27.27 81.32
CA THR ZA 48 -20.15 -26.13 81.49
C THR ZA 48 -20.75 -24.90 80.86
N PRO ZA 49 -21.13 -23.88 81.65
CA PRO ZA 49 -21.92 -22.77 81.11
C PRO ZA 49 -21.09 -21.60 80.62
N TYR ZA 50 -21.46 -21.10 79.45
CA TYR ZA 50 -20.80 -19.93 78.89
C TYR ZA 50 -21.51 -18.65 79.25
N ASN ZA 51 -22.82 -18.62 79.05
CA ASN ZA 51 -23.59 -17.40 79.19
C ASN ZA 51 -24.01 -17.27 80.65
N TYR ZA 52 -24.84 -16.31 80.93
CA TYR ZA 52 -25.31 -16.25 82.30
C TYR ZA 52 -26.40 -17.29 82.51
N PRO ZA 53 -26.38 -18.01 83.62
CA PRO ZA 53 -27.55 -18.84 83.94
C PRO ZA 53 -28.71 -17.96 84.33
N VAL ZA 54 -29.58 -17.71 83.36
CA VAL ZA 54 -30.60 -16.67 83.48
C VAL ZA 54 -31.71 -17.17 84.40
N PRO ZA 55 -32.19 -16.35 85.31
CA PRO ZA 55 -33.29 -16.80 86.16
C PRO ZA 55 -34.62 -16.78 85.45
N LEU ZA 56 -35.70 -16.93 86.21
CA LEU ZA 56 -37.03 -16.87 85.64
C LEU ZA 56 -37.99 -16.27 86.65
N ARG ZA 57 -39.07 -15.70 86.13
CA ARG ZA 57 -40.14 -15.14 86.96
C ARG ZA 57 -40.73 -16.25 87.82
N ASP ZA 58 -40.97 -15.91 89.08
CA ASP ZA 58 -40.97 -16.85 90.21
C ASP ZA 58 -41.80 -18.12 90.09
N ASP ZA 59 -43.11 -18.02 90.03
CA ASP ZA 59 -43.92 -19.13 90.51
C ASP ZA 59 -45.22 -19.27 89.74
N GLY ZA 60 -45.41 -20.48 89.23
CA GLY ZA 60 -46.71 -21.11 89.17
C GLY ZA 60 -46.68 -22.15 90.27
N ASN ZA 61 -45.82 -21.88 91.27
CA ASN ZA 61 -45.55 -22.73 92.43
C ASN ZA 61 -45.14 -24.15 92.01
N MET ZA 62 -44.02 -24.21 91.30
CA MET ZA 62 -43.37 -25.36 90.70
C MET ZA 62 -42.36 -25.96 91.67
N PRO ZA 63 -42.37 -27.30 91.83
CA PRO ZA 63 -41.45 -27.94 92.78
C PRO ZA 63 -40.07 -28.18 92.19
N ASP ZA 64 -39.57 -27.16 91.50
CA ASP ZA 64 -38.30 -27.20 90.79
C ASP ZA 64 -37.67 -25.85 91.05
N VAL ZA 65 -36.67 -25.51 90.24
CA VAL ZA 65 -36.00 -24.20 90.11
C VAL ZA 65 -35.66 -23.64 91.50
N PRO ZA 66 -34.66 -24.22 92.18
CA PRO ZA 66 -34.49 -23.96 93.61
C PRO ZA 66 -34.04 -22.54 93.91
N SER ZA 67 -34.46 -22.07 95.09
CA SER ZA 67 -34.36 -20.65 95.43
C SER ZA 67 -32.99 -20.29 95.98
N HIS ZA 68 -32.61 -20.91 97.04
CA HIS ZA 68 -31.24 -20.66 97.46
C HIS ZA 68 -30.33 -21.58 96.68
N PRO ZA 69 -29.21 -21.08 96.12
CA PRO ZA 69 -28.27 -21.95 95.39
C PRO ZA 69 -27.61 -23.07 96.19
N GLN ZA 70 -27.90 -23.19 97.48
CA GLN ZA 70 -27.49 -24.35 98.24
C GLN ZA 70 -28.42 -25.54 98.03
N ASP ZA 71 -29.68 -25.28 97.68
CA ASP ZA 71 -30.72 -26.31 97.60
C ASP ZA 71 -30.44 -27.33 96.51
N PRO ZA 72 -30.38 -28.62 96.83
CA PRO ZA 72 -30.09 -29.63 95.81
C PRO ZA 72 -31.27 -30.12 95.00
N GLN ZA 73 -32.39 -29.39 94.99
CA GLN ZA 73 -33.51 -29.77 94.13
C GLN ZA 73 -33.24 -29.52 92.66
N GLY ZA 74 -32.28 -28.66 92.34
CA GLY ZA 74 -31.91 -28.40 90.96
C GLY ZA 74 -30.93 -29.42 90.43
N PRO ZA 75 -30.67 -29.33 89.13
CA PRO ZA 75 -29.74 -30.27 88.50
C PRO ZA 75 -28.29 -29.86 88.71
N SER ZA 76 -27.59 -30.61 89.55
CA SER ZA 76 -26.21 -30.30 89.88
C SER ZA 76 -25.29 -31.40 89.39
N LEU ZA 77 -24.02 -31.28 89.76
CA LEU ZA 77 -22.98 -32.22 89.39
C LEU ZA 77 -22.37 -32.80 90.66
N GLU ZA 78 -22.18 -34.12 90.66
CA GLU ZA 78 -21.51 -34.80 91.75
C GLU ZA 78 -20.47 -35.80 91.28
N TRP ZA 79 -20.53 -36.27 90.05
CA TRP ZA 79 -19.52 -37.16 89.48
C TRP ZA 79 -18.30 -36.39 89.03
N LEU ZA 80 -18.36 -35.06 89.02
CA LEU ZA 80 -17.20 -34.25 88.74
C LEU ZA 80 -16.17 -34.37 89.85
N LYS ZA 81 -16.60 -34.13 91.09
CA LYS ZA 81 -15.71 -34.11 92.24
C LYS ZA 81 -15.07 -35.47 92.48
N ARG ZA 82 -15.81 -36.54 92.21
CA ARG ZA 82 -15.35 -37.91 92.42
C ARG ZA 82 -14.84 -38.53 91.13
N LEU ZA 83 -14.13 -37.74 90.33
CA LEU ZA 83 -13.48 -38.15 89.08
C LEU ZA 83 -14.50 -38.55 88.02
N SER AB 11 -61.24 -37.75 -69.18
CA SER AB 11 -59.85 -37.32 -69.25
C SER AB 11 -59.52 -36.80 -70.65
N LYS AB 12 -60.49 -36.94 -71.53
CA LYS AB 12 -60.36 -36.45 -72.90
C LYS AB 12 -60.77 -34.98 -72.98
N MET AB 13 -60.17 -34.27 -73.93
CA MET AB 13 -60.51 -32.86 -74.11
C MET AB 13 -60.68 -32.45 -75.57
N GLU AB 14 -60.06 -33.17 -76.50
CA GLU AB 14 -60.16 -33.06 -77.95
C GLU AB 14 -59.55 -31.80 -78.54
N LEU AB 15 -59.07 -30.87 -77.69
CA LEU AB 15 -58.24 -29.72 -78.05
C LEU AB 15 -58.79 -28.83 -79.16
N PRO AB 16 -59.78 -27.98 -78.88
CA PRO AB 16 -60.16 -26.92 -79.82
C PRO AB 16 -58.98 -26.03 -80.14
N ASP AB 17 -58.55 -26.07 -81.39
CA ASP AB 17 -57.15 -25.87 -81.68
C ASP AB 17 -56.85 -24.46 -82.19
N TYR AB 18 -55.58 -24.26 -82.49
CA TYR AB 18 -54.99 -23.01 -82.92
C TYR AB 18 -55.36 -22.74 -84.37
N LYS AB 19 -54.77 -21.67 -84.94
CA LYS AB 19 -54.94 -21.11 -86.28
C LYS AB 19 -56.41 -21.06 -86.72
N GLN AB 20 -57.26 -20.82 -85.74
CA GLN AB 20 -58.70 -20.87 -85.82
C GLN AB 20 -59.20 -19.56 -85.26
N TRP AB 21 -58.42 -19.01 -84.32
CA TRP AB 21 -58.79 -17.78 -83.66
C TRP AB 21 -58.74 -16.61 -84.62
N LYS AB 22 -57.55 -16.38 -85.20
CA LYS AB 22 -57.37 -15.58 -86.41
C LYS AB 22 -57.88 -14.16 -86.19
N ILE AB 23 -57.17 -13.47 -85.30
CA ILE AB 23 -57.78 -12.74 -84.20
C ILE AB 23 -58.96 -11.85 -84.56
N GLU AB 24 -58.76 -10.77 -85.33
CA GLU AB 24 -59.79 -9.98 -86.01
C GLU AB 24 -60.87 -9.38 -85.09
N GLY AB 25 -60.78 -9.65 -83.78
CA GLY AB 25 -61.80 -9.22 -82.85
C GLY AB 25 -61.61 -7.76 -82.60
N THR AB 26 -62.66 -7.00 -82.81
CA THR AB 26 -62.52 -5.60 -83.22
C THR AB 26 -61.76 -4.68 -82.26
N PRO AB 27 -61.87 -4.79 -80.92
CA PRO AB 27 -60.95 -3.98 -80.11
C PRO AB 27 -59.50 -4.43 -80.20
N LEU AB 28 -59.24 -5.73 -80.29
CA LEU AB 28 -57.84 -6.15 -80.40
C LEU AB 28 -57.26 -5.80 -81.76
N GLU AB 29 -58.04 -5.93 -82.82
CA GLU AB 29 -57.55 -5.56 -84.13
C GLU AB 29 -57.33 -4.05 -84.25
N THR AB 30 -58.26 -3.25 -83.74
CA THR AB 30 -58.06 -1.80 -83.77
C THR AB 30 -56.99 -1.33 -82.80
N VAL AB 31 -56.72 -2.07 -81.73
CA VAL AB 31 -55.62 -1.61 -80.89
C VAL AB 31 -54.31 -2.05 -81.48
N GLN AB 32 -54.30 -3.09 -82.29
CA GLN AB 32 -53.11 -3.37 -83.08
C GLN AB 32 -52.97 -2.38 -84.22
N GLU AB 33 -54.07 -1.77 -84.67
CA GLU AB 33 -54.00 -0.63 -85.58
C GLU AB 33 -53.36 0.59 -84.92
N LYS AB 34 -53.82 0.94 -83.72
CA LYS AB 34 -53.30 2.12 -83.04
C LYS AB 34 -51.85 1.92 -82.63
N LEU AB 35 -51.52 0.73 -82.18
CA LEU AB 35 -50.12 0.44 -81.88
C LEU AB 35 -49.31 0.25 -83.15
N ALA AB 36 -49.96 0.00 -84.27
CA ALA AB 36 -49.25 -0.01 -85.54
C ALA AB 36 -48.86 1.39 -85.96
N ALA AB 37 -49.78 2.34 -85.81
CA ALA AB 37 -49.45 3.75 -86.07
C ALA AB 37 -48.45 4.27 -85.04
N ARG AB 38 -48.46 3.71 -83.84
CA ARG AB 38 -47.42 3.99 -82.87
C ARG AB 38 -46.09 3.42 -83.32
N GLY AB 39 -46.10 2.27 -83.98
CA GLY AB 39 -44.87 1.75 -84.54
C GLY AB 39 -44.19 0.76 -83.64
N LEU AB 40 -44.97 -0.13 -83.05
CA LEU AB 40 -44.45 -1.20 -82.21
C LEU AB 40 -44.70 -2.58 -82.81
N ARG AB 41 -45.97 -2.88 -83.09
CA ARG AB 41 -46.41 -3.98 -83.96
C ARG AB 41 -45.92 -5.33 -83.45
N ASP AB 42 -45.90 -5.49 -82.14
CA ASP AB 42 -45.38 -6.70 -81.51
C ASP AB 42 -46.21 -7.11 -80.29
N PRO AB 43 -47.46 -7.53 -80.50
CA PRO AB 43 -48.30 -7.85 -79.34
C PRO AB 43 -48.08 -9.26 -78.82
N TRP AB 44 -48.97 -9.66 -77.89
CA TRP AB 44 -49.01 -11.06 -77.46
C TRP AB 44 -49.77 -11.91 -78.46
N GLY AB 45 -50.85 -11.39 -79.03
CA GLY AB 45 -51.37 -12.02 -80.22
C GLY AB 45 -52.76 -12.61 -80.13
N ARG AB 46 -52.89 -13.79 -80.71
CA ARG AB 46 -54.18 -14.37 -81.05
C ARG AB 46 -54.78 -15.13 -79.87
N ASN AB 47 -54.46 -14.71 -78.66
CA ASN AB 47 -54.90 -15.43 -77.48
C ASN AB 47 -56.39 -15.28 -77.28
N GLU AB 48 -56.86 -14.05 -77.19
CA GLU AB 48 -58.13 -13.75 -76.56
C GLU AB 48 -59.30 -13.75 -77.55
N ALA AB 49 -59.15 -14.40 -78.69
CA ALA AB 49 -60.31 -14.50 -79.58
C ALA AB 49 -61.34 -15.43 -79.04
N TRP AB 50 -60.95 -16.37 -78.17
CA TRP AB 50 -61.96 -17.11 -77.43
C TRP AB 50 -62.65 -16.25 -76.42
N ARG AB 51 -62.12 -15.08 -76.12
CA ARG AB 51 -62.84 -14.10 -75.35
C ARG AB 51 -63.57 -13.10 -76.24
N TYR AB 52 -63.30 -13.09 -77.54
CA TYR AB 52 -63.89 -12.10 -78.43
C TYR AB 52 -64.73 -12.67 -79.57
N MET AB 53 -65.05 -13.96 -79.55
CA MET AB 53 -66.04 -14.55 -80.44
C MET AB 53 -66.52 -15.86 -79.83
N GLY AB 54 -67.36 -16.57 -80.57
CA GLY AB 54 -68.01 -17.77 -80.06
C GLY AB 54 -69.45 -17.47 -79.73
N GLY AB 55 -69.88 -17.79 -78.52
CA GLY AB 55 -71.12 -17.27 -78.00
C GLY AB 55 -70.97 -15.91 -77.35
N PHE AB 56 -69.77 -15.35 -77.44
CA PHE AB 56 -69.37 -14.03 -76.96
C PHE AB 56 -69.62 -13.06 -78.10
N ALA AB 57 -68.83 -11.98 -78.16
CA ALA AB 57 -68.81 -11.07 -79.31
C ALA AB 57 -70.10 -10.28 -79.48
N ASN AB 58 -70.17 -9.16 -78.74
CA ASN AB 58 -71.31 -8.29 -78.48
C ASN AB 58 -72.26 -9.02 -77.55
N ASN AB 59 -71.70 -9.44 -76.43
CA ASN AB 59 -72.46 -9.48 -75.18
C ASN AB 59 -73.16 -8.14 -75.00
N VAL AB 60 -74.44 -8.20 -74.66
CA VAL AB 60 -75.35 -7.07 -74.89
C VAL AB 60 -75.00 -5.90 -73.96
N SER AB 61 -75.41 -4.69 -74.38
CA SER AB 61 -75.14 -3.50 -73.59
C SER AB 61 -76.03 -3.46 -72.35
N PHE AB 62 -75.70 -2.51 -71.45
CA PHE AB 62 -76.16 -2.62 -70.06
C PHE AB 62 -77.65 -2.36 -69.90
N VAL AB 63 -78.19 -1.39 -70.63
CA VAL AB 63 -79.63 -1.18 -70.54
C VAL AB 63 -80.43 -2.28 -71.21
N GLY AB 64 -79.78 -3.13 -72.01
CA GLY AB 64 -80.47 -4.27 -72.57
C GLY AB 64 -80.85 -5.30 -71.52
N ALA AB 65 -79.98 -5.51 -70.54
CA ALA AB 65 -80.31 -6.44 -69.46
C ALA AB 65 -81.43 -5.91 -68.59
N LEU AB 66 -81.55 -4.59 -68.48
CA LEU AB 66 -82.65 -4.02 -67.72
C LEU AB 66 -83.95 -4.02 -68.52
N LEU AB 67 -83.88 -3.74 -69.81
CA LEU AB 67 -85.05 -3.79 -70.67
C LEU AB 67 -85.36 -5.20 -71.17
N LYS AB 68 -84.68 -6.21 -70.62
CA LYS AB 68 -84.90 -7.59 -71.02
C LYS AB 68 -86.28 -8.10 -70.58
N GLY AB 69 -86.96 -7.38 -69.69
CA GLY AB 69 -88.09 -7.93 -68.97
C GLY AB 69 -89.34 -8.13 -69.79
N PHE AB 70 -89.66 -7.19 -70.69
CA PHE AB 70 -90.99 -7.18 -71.27
C PHE AB 70 -91.13 -8.03 -72.51
N LYS AB 71 -90.26 -9.02 -72.70
CA LYS AB 71 -90.42 -9.94 -73.81
C LYS AB 71 -91.61 -10.85 -73.59
N TRP AB 72 -91.58 -11.60 -72.50
CA TRP AB 72 -92.80 -12.25 -72.04
C TRP AB 72 -93.65 -11.29 -71.23
N GLY AB 73 -93.14 -10.10 -70.93
CA GLY AB 73 -93.76 -9.22 -69.98
C GLY AB 73 -94.96 -8.47 -70.47
N PHE AB 74 -94.81 -7.72 -71.58
CA PHE AB 74 -95.91 -6.91 -72.10
C PHE AB 74 -97.09 -7.75 -72.55
N ALA AB 75 -96.83 -8.97 -73.01
CA ALA AB 75 -97.91 -9.88 -73.36
C ALA AB 75 -98.77 -10.17 -72.13
N ALA AB 76 -98.13 -10.52 -71.03
CA ALA AB 76 -98.86 -10.76 -69.80
C ALA AB 76 -99.51 -9.49 -69.27
N PHE AB 77 -98.88 -8.34 -69.49
CA PHE AB 77 -99.47 -7.12 -68.97
C PHE AB 77 -100.71 -6.73 -69.76
N VAL AB 78 -100.69 -6.89 -71.08
CA VAL AB 78 -101.85 -6.57 -71.88
C VAL AB 78 -102.98 -7.55 -71.62
N VAL AB 79 -102.63 -8.81 -71.34
CA VAL AB 79 -103.66 -9.78 -70.99
C VAL AB 79 -104.30 -9.43 -69.65
N ALA AB 80 -103.51 -8.98 -68.68
CA ALA AB 80 -104.12 -8.57 -67.41
C ALA AB 80 -104.83 -7.23 -67.50
N VAL AB 81 -104.45 -6.36 -68.45
CA VAL AB 81 -105.24 -5.17 -68.74
C VAL AB 81 -106.60 -5.56 -69.27
N GLY AB 82 -106.63 -6.54 -70.17
CA GLY AB 82 -107.89 -7.10 -70.62
C GLY AB 82 -108.68 -7.82 -69.55
N ALA AB 83 -108.02 -8.26 -68.49
CA ALA AB 83 -108.73 -8.82 -67.36
C ALA AB 83 -109.44 -7.72 -66.58
N MET BB 2 -49.70 -16.57 38.08
CA MET BB 2 -50.37 -17.11 39.24
C MET BB 2 -49.38 -18.02 39.95
N THR BB 3 -49.31 -17.95 41.27
CA THR BB 3 -48.24 -18.60 42.02
C THR BB 3 -48.87 -19.43 43.13
N GLY BB 4 -48.18 -20.52 43.50
CA GLY BB 4 -48.43 -21.22 44.75
C GLY BB 4 -48.40 -20.22 45.89
N ARG BB 5 -49.50 -19.91 46.61
CA ARG BB 5 -50.77 -20.64 46.86
C ARG BB 5 -50.40 -22.00 47.43
N GLN BB 6 -49.91 -21.88 48.66
CA GLN BB 6 -49.56 -23.01 49.52
C GLN BB 6 -48.44 -23.85 48.90
N ALA BB 7 -47.32 -23.18 48.67
CA ALA BB 7 -46.01 -23.83 48.63
C ALA BB 7 -45.38 -23.76 50.02
N ARG BB 8 -46.14 -24.23 51.01
CA ARG BB 8 -45.80 -24.07 52.43
C ARG BB 8 -45.64 -25.36 53.25
N ALA BB 9 -46.60 -26.31 53.31
CA ALA BB 9 -47.49 -26.94 52.30
C ALA BB 9 -46.67 -27.33 51.09
N PRO BB 10 -45.93 -28.44 51.20
CA PRO BB 10 -44.87 -28.75 50.24
C PRO BB 10 -45.36 -29.16 48.86
N LEU BB 11 -44.42 -29.65 48.03
CA LEU BB 11 -44.58 -29.74 46.57
C LEU BB 11 -45.82 -30.52 46.14
N GLN BB 12 -45.96 -31.76 46.63
CA GLN BB 12 -47.23 -32.50 46.75
C GLN BB 12 -47.93 -32.62 45.40
N PHE BB 13 -47.35 -33.47 44.54
CA PHE BB 13 -47.79 -33.75 43.17
C PHE BB 13 -49.30 -33.85 42.98
N LEU BB 14 -49.98 -34.51 43.88
CA LEU BB 14 -51.44 -34.42 43.88
C LEU BB 14 -51.88 -34.34 45.33
N PRO BB 15 -52.55 -33.26 45.72
CA PRO BB 15 -52.86 -33.05 47.14
C PRO BB 15 -53.93 -34.03 47.60
N ASP BB 16 -54.10 -34.11 48.91
CA ASP BB 16 -55.16 -34.98 49.40
C ASP BB 16 -56.51 -34.28 49.38
N GLU BB 17 -56.54 -33.01 49.01
CA GLU BB 17 -57.76 -32.35 48.61
C GLU BB 17 -58.13 -32.62 47.17
N ALA BB 18 -57.31 -33.37 46.44
CA ALA BB 18 -57.63 -33.72 45.06
C ALA BB 18 -58.44 -34.98 44.95
N ARG BB 19 -58.90 -35.52 46.07
CA ARG BB 19 -59.81 -36.66 46.04
C ARG BB 19 -61.23 -36.22 46.36
N SER BB 20 -61.64 -35.11 45.75
CA SER BB 20 -63.03 -34.72 45.68
C SER BB 20 -63.49 -34.44 44.27
N LEU BB 21 -62.59 -34.12 43.36
CA LEU BB 21 -62.93 -33.83 41.99
C LEU BB 21 -63.33 -35.10 41.25
N PRO BB 22 -64.06 -34.98 40.14
CA PRO BB 22 -64.31 -36.14 39.30
C PRO BB 22 -63.06 -36.57 38.57
N PRO BB 23 -62.75 -37.86 38.57
CA PRO BB 23 -61.58 -38.35 37.88
C PRO BB 23 -61.79 -38.35 36.39
N PRO BB 24 -60.73 -38.41 35.59
CA PRO BB 24 -60.91 -38.69 34.17
C PRO BB 24 -61.35 -40.13 33.97
N LYS BB 25 -62.42 -40.31 33.20
CA LYS BB 25 -63.02 -41.62 33.04
C LYS BB 25 -62.16 -42.50 32.15
N LEU BB 26 -62.51 -43.78 32.12
CA LEU BB 26 -61.98 -44.70 31.12
C LEU BB 26 -62.40 -44.24 29.74
N THR BB 27 -61.54 -44.52 28.75
CA THR BB 27 -61.59 -44.10 27.35
C THR BB 27 -62.06 -42.65 27.12
N ASP BB 28 -61.59 -41.73 27.97
CA ASP BB 28 -61.71 -40.32 27.65
C ASP BB 28 -60.83 -39.98 26.46
N PRO BB 29 -61.26 -39.06 25.59
CA PRO BB 29 -60.59 -38.93 24.28
C PRO BB 29 -59.16 -38.40 24.35
N ARG BB 30 -58.79 -37.66 25.39
CA ARG BB 30 -57.44 -37.13 25.47
C ARG BB 30 -56.43 -38.23 25.69
N LEU BB 31 -56.70 -39.14 26.62
CA LEU BB 31 -55.77 -40.25 26.77
C LEU BB 31 -55.90 -41.25 25.64
N ALA BB 32 -57.02 -41.26 24.91
CA ALA BB 32 -57.06 -42.02 23.66
C ALA BB 32 -56.08 -41.45 22.66
N TYR BB 33 -55.99 -40.12 22.59
CA TYR BB 33 -54.98 -39.48 21.75
C TYR BB 33 -53.59 -39.81 22.24
N ILE BB 34 -53.39 -39.86 23.56
CA ILE BB 34 -52.07 -40.18 24.10
C ILE BB 34 -51.68 -41.59 23.72
N GLY BB 35 -52.63 -42.52 23.74
CA GLY BB 35 -52.36 -43.87 23.30
C GLY BB 35 -52.07 -43.98 21.82
N PHE BB 36 -52.73 -43.14 21.02
CA PHE BB 36 -52.38 -43.08 19.60
C PHE BB 36 -50.97 -42.58 19.41
N LEU BB 37 -50.57 -41.58 20.20
CA LEU BB 37 -49.21 -41.08 20.15
C LEU BB 37 -48.22 -42.15 20.57
N GLY BB 38 -48.60 -42.99 21.52
CA GLY BB 38 -47.72 -44.04 21.96
C GLY BB 38 -47.58 -45.15 20.94
N TYR BB 39 -48.68 -45.49 20.28
CA TYR BB 39 -48.63 -46.42 19.16
C TYR BB 39 -47.73 -45.90 18.05
N CYS BB 40 -47.85 -44.61 17.75
CA CYS BB 40 -46.98 -44.02 16.73
C CYS BB 40 -45.54 -43.97 17.20
N SER BB 41 -45.32 -43.82 18.50
CA SER BB 41 -43.96 -43.80 19.01
C SER BB 41 -43.32 -45.17 18.89
N GLY BB 42 -44.07 -46.21 19.18
CA GLY BB 42 -43.56 -47.55 18.95
C GLY BB 42 -43.36 -47.85 17.48
N LEU BB 43 -44.17 -47.24 16.63
CA LEU BB 43 -44.06 -47.50 15.21
C LEU BB 43 -42.82 -46.83 14.62
N ILE BB 44 -42.56 -45.58 15.00
CA ILE BB 44 -41.31 -44.97 14.59
C ILE BB 44 -40.13 -45.65 15.28
N ASP BB 45 -40.35 -46.22 16.47
CA ASP BB 45 -39.32 -46.99 17.16
C ASP BB 45 -38.93 -48.22 16.36
N ASN BB 46 -39.90 -48.83 15.68
CA ASN BB 46 -39.55 -49.81 14.68
C ASN BB 46 -38.84 -49.16 13.50
N ALA BB 47 -39.25 -47.96 13.14
CA ALA BB 47 -38.81 -47.42 11.86
C ALA BB 47 -37.40 -46.85 11.87
N ILE BB 48 -36.84 -46.50 13.02
CA ILE BB 48 -35.52 -45.85 13.02
C ILE BB 48 -34.45 -46.84 12.58
N ARG BB 49 -34.32 -47.92 13.32
CA ARG BB 49 -33.58 -49.05 12.84
C ARG BB 49 -34.35 -49.71 11.72
N ARG BB 50 -33.71 -50.67 11.08
CA ARG BB 50 -34.30 -51.28 9.92
C ARG BB 50 -35.21 -52.46 10.27
N ARG BB 51 -35.67 -52.55 11.50
CA ARG BB 51 -36.65 -53.59 11.81
C ARG BB 51 -37.98 -53.21 11.17
N PRO BB 52 -38.72 -54.18 10.66
CA PRO BB 52 -39.89 -53.85 9.83
C PRO BB 52 -41.05 -53.33 10.64
N VAL BB 53 -41.82 -52.46 9.99
CA VAL BB 53 -42.95 -51.81 10.62
C VAL BB 53 -44.07 -52.82 10.82
N LEU BB 54 -44.94 -52.52 11.78
CA LEU BB 54 -46.17 -53.23 12.16
C LEU BB 54 -45.93 -54.61 12.75
N SER BB 55 -44.70 -55.10 12.78
CA SER BB 55 -44.45 -56.48 13.15
C SER BB 55 -43.10 -56.57 13.81
N ALA BB 56 -42.88 -57.71 14.47
CA ALA BB 56 -41.66 -58.05 15.20
C ALA BB 56 -41.34 -57.06 16.31
N GLY BB 57 -42.32 -56.31 16.78
CA GLY BB 57 -42.09 -55.41 17.89
C GLY BB 57 -43.29 -55.28 18.78
N LEU BB 58 -44.16 -56.31 18.78
CA LEU BB 58 -45.49 -56.17 19.34
C LEU BB 58 -45.48 -55.97 20.84
N HIS BB 59 -44.51 -56.56 21.54
CA HIS BB 59 -44.32 -56.23 22.94
C HIS BB 59 -43.89 -54.78 23.12
N ARG BB 60 -43.11 -54.23 22.20
CA ARG BB 60 -42.72 -52.83 22.34
C ARG BB 60 -43.89 -51.90 22.08
N GLN BB 61 -44.77 -52.27 21.16
CA GLN BB 61 -45.96 -51.47 20.91
C GLN BB 61 -46.86 -51.48 22.12
N PHE BB 62 -47.07 -52.66 22.70
CA PHE BB 62 -47.91 -52.75 23.89
C PHE BB 62 -47.27 -52.01 25.07
N LEU BB 63 -45.94 -52.03 25.15
CA LEU BB 63 -45.22 -51.31 26.19
C LEU BB 63 -45.42 -49.82 26.08
N TYR BB 64 -45.19 -49.25 24.89
CA TYR BB 64 -45.29 -47.81 24.73
C TYR BB 64 -46.72 -47.33 24.90
N ILE BB 65 -47.69 -48.14 24.45
CA ILE BB 65 -49.10 -47.83 24.70
C ILE BB 65 -49.38 -47.73 26.18
N THR BB 66 -48.93 -48.73 26.94
CA THR BB 66 -49.18 -48.78 28.37
C THR BB 66 -48.57 -47.59 29.09
N SER BB 67 -47.31 -47.31 28.80
CA SER BB 67 -46.57 -46.31 29.55
C SER BB 67 -47.10 -44.92 29.27
N PHE BB 68 -47.40 -44.59 28.01
CA PHE BB 68 -47.90 -43.25 27.74
C PHE BB 68 -49.30 -43.06 28.25
N VAL BB 69 -50.16 -44.09 28.18
CA VAL BB 69 -51.52 -43.94 28.71
C VAL BB 69 -51.49 -43.74 30.22
N PHE BB 70 -50.57 -44.43 30.90
CA PHE BB 70 -50.43 -44.25 32.35
C PHE BB 70 -50.01 -42.83 32.72
N VAL BB 71 -48.95 -42.34 32.08
CA VAL BB 71 -48.41 -41.03 32.42
C VAL BB 71 -49.43 -39.94 32.12
N GLY BB 72 -50.13 -40.09 31.00
CA GLY BB 72 -51.20 -39.17 30.67
C GLY BB 72 -52.35 -39.23 31.65
N TYR BB 73 -52.58 -40.40 32.25
CA TYR BB 73 -53.67 -40.50 33.21
C TYR BB 73 -53.37 -39.69 34.46
N TYR BB 74 -52.16 -39.83 34.99
CA TYR BB 74 -51.80 -39.03 36.16
C TYR BB 74 -51.82 -37.53 35.85
N LEU BB 75 -51.36 -37.16 34.66
CA LEU BB 75 -51.35 -35.73 34.37
C LEU BB 75 -52.75 -35.20 34.11
N LEU BB 76 -53.67 -36.02 33.64
CA LEU BB 76 -55.04 -35.57 33.50
C LEU BB 76 -55.69 -35.29 34.84
N LYS BB 77 -55.39 -36.15 35.82
CA LYS BB 77 -55.92 -35.89 37.17
C LYS BB 77 -55.36 -34.59 37.73
N ARG BB 78 -54.05 -34.36 37.55
CA ARG BB 78 -53.43 -33.12 38.03
C ARG BB 78 -53.99 -31.89 37.34
N GLN BB 79 -54.26 -32.01 36.04
CA GLN BB 79 -54.77 -30.90 35.26
C GLN BB 79 -56.14 -30.46 35.72
N ASP BB 80 -57.02 -31.45 35.96
CA ASP BB 80 -58.35 -31.14 36.45
C ASP BB 80 -58.30 -30.47 37.81
N TYR BB 81 -57.39 -30.94 38.69
CA TYR BB 81 -57.25 -30.27 39.99
C TYR BB 81 -56.80 -28.82 39.84
N MET BB 82 -55.91 -28.55 38.89
CA MET BB 82 -55.39 -27.20 38.80
C MET BB 82 -56.46 -26.22 38.33
N TYR BB 83 -57.30 -26.66 37.40
CA TYR BB 83 -58.38 -25.77 36.99
C TYR BB 83 -59.43 -25.60 38.09
N ALA BB 84 -59.63 -26.63 38.91
CA ALA BB 84 -60.59 -26.50 40.00
C ALA BB 84 -60.10 -25.50 41.03
N VAL BB 85 -58.81 -25.51 41.33
CA VAL BB 85 -58.33 -24.60 42.37
C VAL BB 85 -58.29 -23.18 41.83
N ARG BB 86 -58.11 -23.02 40.51
CA ARG BB 86 -58.12 -21.68 39.95
C ARG BB 86 -59.53 -21.09 39.96
N ASP BB 87 -60.55 -21.92 39.65
CA ASP BB 87 -61.92 -21.44 39.71
C ASP BB 87 -62.37 -21.09 41.12
N HIS BB 88 -62.00 -21.92 42.10
CA HIS BB 88 -62.44 -21.64 43.45
C HIS BB 88 -61.75 -20.43 44.03
N ASP BB 89 -60.48 -20.19 43.68
CA ASP BB 89 -59.84 -18.96 44.17
C ASP BB 89 -60.43 -17.72 43.51
N MET BB 90 -60.84 -17.82 42.24
CA MET BB 90 -61.48 -16.69 41.59
C MET BB 90 -62.79 -16.34 42.27
N PHE BB 91 -63.63 -17.34 42.52
CA PHE BB 91 -64.91 -17.05 43.15
C PHE BB 91 -64.75 -16.61 44.60
N SER BB 92 -63.69 -17.06 45.26
CA SER BB 92 -63.46 -16.58 46.62
C SER BB 92 -63.05 -15.12 46.61
N TYR BB 93 -62.26 -14.69 45.63
CA TYR BB 93 -61.94 -13.27 45.59
C TYR BB 93 -63.10 -12.44 45.09
N ILE BB 94 -64.04 -13.04 44.35
CA ILE BB 94 -65.29 -12.35 44.04
C ILE BB 94 -66.09 -12.08 45.30
N LYS BB 95 -66.33 -13.13 46.09
CA LYS BB 95 -67.17 -12.99 47.27
C LYS BB 95 -66.47 -12.21 48.39
N SER BB 96 -65.14 -12.15 48.37
CA SER BB 96 -64.43 -11.52 49.47
C SER BB 96 -64.59 -10.01 49.48
N HIS BB 97 -64.77 -9.38 48.31
CA HIS BB 97 -64.89 -7.93 48.24
C HIS BB 97 -66.00 -7.56 47.27
N PRO BB 98 -67.20 -7.27 47.77
CA PRO BB 98 -68.26 -6.75 46.90
C PRO BB 98 -68.07 -5.30 46.50
N GLU BB 99 -67.06 -4.64 47.01
CA GLU BB 99 -66.97 -3.18 46.91
C GLU BB 99 -66.45 -2.71 45.57
N ASP BB 100 -65.82 -3.58 44.80
CA ASP BB 100 -65.07 -3.14 43.64
C ASP BB 100 -65.53 -3.76 42.32
N PHE BB 101 -66.47 -4.70 42.36
CA PHE BB 101 -67.05 -5.30 41.16
C PHE BB 101 -68.53 -5.02 41.16
N PRO BB 102 -68.95 -3.80 40.82
CA PRO BB 102 -70.34 -3.42 40.99
C PRO BB 102 -71.24 -4.01 39.93
N GLU BB 103 -72.51 -4.16 40.30
CA GLU BB 103 -73.49 -4.81 39.43
C GLU BB 103 -73.87 -3.88 38.30
N LYS BB 104 -73.58 -4.29 37.08
CA LYS BB 104 -73.98 -3.52 35.91
C LYS BB 104 -75.48 -3.70 35.70
N ASP BB 105 -76.25 -2.64 36.00
CA ASP BB 105 -77.69 -2.71 35.80
C ASP BB 105 -78.02 -2.71 34.31
N LYS BB 106 -78.89 -3.66 33.92
CA LYS BB 106 -79.08 -4.01 32.53
C LYS BB 106 -79.82 -2.93 31.76
N LYS BB 107 -79.08 -2.04 31.13
CA LYS BB 107 -79.68 -1.04 30.25
C LYS BB 107 -80.15 -1.77 29.01
N THR BB 108 -81.43 -2.12 29.00
CA THR BB 108 -82.03 -2.78 27.85
C THR BB 108 -82.13 -1.82 26.67
N TYR BB 109 -82.39 -2.38 25.51
CA TYR BB 109 -82.11 -1.64 24.28
C TYR BB 109 -83.21 -0.66 23.90
N ARG BB 110 -84.22 -0.47 24.74
CA ARG BB 110 -85.17 0.60 24.46
C ARG BB 110 -84.56 1.97 24.70
N GLU BB 111 -83.49 2.05 25.47
CA GLU BB 111 -82.91 3.31 25.85
C GLU BB 111 -81.44 3.47 25.47
N VAL BB 112 -80.78 2.41 25.01
CA VAL BB 112 -79.35 2.48 24.73
C VAL BB 112 -79.15 3.07 23.34
N PHE BB 113 -78.32 4.10 23.25
CA PHE BB 113 -78.14 4.86 22.02
C PHE BB 113 -76.79 4.54 21.41
N GLU BB 114 -76.81 3.99 20.20
CA GLU BB 114 -75.60 3.79 19.42
C GLU BB 114 -75.87 4.23 18.00
N GLU BB 115 -74.91 4.91 17.41
CA GLU BB 115 -75.15 5.51 16.11
C GLU BB 115 -74.98 4.50 14.99
N PHE BB 116 -75.13 4.99 13.77
CA PHE BB 116 -75.46 4.16 12.62
C PHE BB 116 -74.32 4.00 11.63
N HIS BB 117 -73.84 5.11 11.05
CA HIS BB 117 -72.73 5.18 10.10
C HIS BB 117 -72.87 4.21 8.93
N PRO BB 118 -73.73 4.53 7.97
CA PRO BB 118 -74.11 3.54 6.96
C PRO BB 118 -73.00 3.23 5.99
N VAL BB 119 -72.95 1.98 5.57
CA VAL BB 119 -72.15 1.55 4.44
C VAL BB 119 -73.05 1.58 3.22
N ARG BB 120 -72.75 2.50 2.34
CA ARG BB 120 -73.57 2.69 1.16
C ARG BB 120 -73.15 1.60 0.20
N SER CB 1 -41.12 13.64 -58.37
CA SER CB 1 -42.47 13.13 -58.63
C SER CB 1 -43.04 12.48 -57.38
N PHE CB 2 -42.20 12.30 -56.37
CA PHE CB 2 -42.64 11.65 -55.16
C PHE CB 2 -41.81 12.09 -53.97
N PRO CB 3 -42.43 12.38 -52.81
CA PRO CB 3 -41.68 12.91 -51.66
C PRO CB 3 -40.80 11.92 -50.90
N LYS CB 4 -40.49 10.79 -51.53
CA LYS CB 4 -39.40 9.88 -51.18
C LYS CB 4 -39.63 9.11 -49.89
N TYR CB 5 -40.90 8.96 -49.50
CA TYR CB 5 -41.38 7.90 -48.60
C TYR CB 5 -40.70 7.96 -47.23
N GLU CB 6 -41.08 8.98 -46.48
CA GLU CB 6 -40.64 9.06 -45.10
C GLU CB 6 -41.13 7.83 -44.33
N PRO CB 7 -40.27 7.21 -43.54
CA PRO CB 7 -40.66 5.97 -42.87
C PRO CB 7 -41.35 6.26 -41.55
N SER CB 8 -41.60 5.23 -40.76
CA SER CB 8 -42.17 5.41 -39.43
C SER CB 8 -41.73 4.26 -38.55
N ARG CB 9 -42.27 4.21 -37.34
CA ARG CB 9 -42.15 3.02 -36.52
C ARG CB 9 -43.17 1.96 -36.92
N LEU CB 10 -44.09 2.29 -37.82
CA LEU CB 10 -45.09 1.33 -38.27
C LEU CB 10 -44.89 0.96 -39.73
N ALA CB 11 -44.76 1.96 -40.60
CA ALA CB 11 -44.53 1.71 -42.01
C ALA CB 11 -43.11 1.19 -42.19
N SER CB 12 -43.02 -0.08 -42.57
CA SER CB 12 -41.73 -0.67 -42.88
C SER CB 12 -41.15 -0.01 -44.12
N LEU CB 13 -39.83 0.02 -44.17
CA LEU CB 13 -39.15 0.48 -45.37
C LEU CB 13 -39.02 -0.71 -46.32
N PRO CB 14 -39.61 -0.66 -47.51
CA PRO CB 14 -39.63 -1.84 -48.37
C PRO CB 14 -38.26 -2.16 -48.95
N THR CB 15 -38.24 -3.27 -49.68
CA THR CB 15 -36.99 -3.80 -50.22
C THR CB 15 -36.41 -2.93 -51.33
N THR CB 16 -37.23 -2.13 -51.98
CA THR CB 16 -36.77 -1.52 -53.21
C THR CB 16 -36.00 -0.24 -52.95
N LEU CB 17 -36.66 0.74 -52.35
CA LEU CB 17 -36.08 2.08 -52.25
C LEU CB 17 -35.36 2.20 -50.91
N ASP CB 18 -34.15 1.65 -50.85
CA ASP CB 18 -33.52 1.57 -49.55
C ASP CB 18 -32.84 2.87 -49.11
N PRO CB 19 -31.99 3.54 -49.93
CA PRO CB 19 -31.24 3.31 -51.17
C PRO CB 19 -29.85 2.80 -50.88
N ALA CB 20 -29.71 2.07 -49.77
CA ALA CB 20 -28.43 1.49 -49.40
C ALA CB 20 -28.12 0.23 -50.18
N GLU CB 21 -29.12 -0.39 -50.83
CA GLU CB 21 -28.90 -1.65 -51.53
C GLU CB 21 -28.10 -1.47 -52.80
N TYR CB 22 -27.96 -0.24 -53.28
CA TYR CB 22 -27.28 0.00 -54.55
C TYR CB 22 -25.85 0.45 -54.36
N ASP CB 23 -25.46 0.77 -53.13
CA ASP CB 23 -24.06 0.99 -52.80
C ASP CB 23 -23.46 -0.31 -52.29
N ILE CB 24 -23.31 -1.26 -53.21
CA ILE CB 24 -22.72 -2.54 -52.87
C ILE CB 24 -21.23 -2.34 -52.80
N SER CB 25 -20.68 -2.31 -51.60
CA SER CB 25 -19.24 -2.43 -51.47
C SER CB 25 -18.90 -3.90 -51.36
N SER CB 26 -17.61 -4.20 -51.27
CA SER CB 26 -17.20 -5.58 -51.06
C SER CB 26 -17.57 -6.08 -49.66
N GLU CB 27 -17.79 -5.17 -48.72
CA GLU CB 27 -18.17 -5.58 -47.37
C GLU CB 27 -19.58 -6.15 -47.35
N THR CB 28 -20.48 -5.60 -48.15
CA THR CB 28 -21.81 -6.18 -48.21
C THR CB 28 -21.81 -7.53 -48.90
N ARG CB 29 -20.95 -7.72 -49.91
CA ARG CB 29 -20.82 -9.04 -50.50
C ARG CB 29 -20.26 -10.03 -49.51
N LYS CB 30 -19.29 -9.59 -48.72
CA LYS CB 30 -18.69 -10.43 -47.71
C LYS CB 30 -19.72 -10.81 -46.64
N ALA CB 31 -20.54 -9.85 -46.24
CA ALA CB 31 -21.53 -10.10 -45.21
C ALA CB 31 -22.64 -11.00 -45.71
N GLN CB 32 -23.06 -10.83 -46.95
CA GLN CB 32 -24.10 -11.70 -47.48
C GLN CB 32 -23.60 -13.11 -47.69
N ALA CB 33 -22.31 -13.27 -48.06
CA ALA CB 33 -21.75 -14.60 -48.17
C ALA CB 33 -21.71 -15.31 -46.82
N GLU CB 34 -21.25 -14.61 -45.78
CA GLU CB 34 -21.16 -15.24 -44.48
C GLU CB 34 -22.54 -15.49 -43.88
N ARG CB 35 -23.51 -14.63 -44.20
CA ARG CB 35 -24.84 -14.82 -43.67
C ARG CB 35 -25.51 -16.04 -44.32
N LEU CB 36 -25.29 -16.21 -45.63
CA LEU CB 36 -25.76 -17.43 -46.29
C LEU CB 36 -25.07 -18.65 -45.72
N ALA CB 37 -23.79 -18.53 -45.35
CA ALA CB 37 -23.08 -19.67 -44.79
C ALA CB 37 -23.66 -20.08 -43.43
N ILE CB 38 -24.00 -19.10 -42.61
CA ILE CB 38 -24.61 -19.38 -41.32
C ILE CB 38 -25.96 -20.05 -41.50
N ARG CB 39 -26.77 -19.54 -42.44
CA ARG CB 39 -28.07 -20.17 -42.67
C ARG CB 39 -27.93 -21.56 -43.25
N SER CB 40 -26.89 -21.79 -44.05
CA SER CB 40 -26.63 -23.11 -44.60
C SER CB 40 -26.30 -24.11 -43.52
N ARG CB 41 -25.40 -23.75 -42.60
CA ARG CB 41 -25.00 -24.70 -41.59
C ARG CB 41 -26.12 -25.00 -40.62
N LEU CB 42 -26.93 -23.98 -40.30
CA LEU CB 42 -28.02 -24.25 -39.37
C LEU CB 42 -29.11 -25.11 -40.00
N LYS CB 43 -29.41 -24.90 -41.28
CA LYS CB 43 -30.35 -25.82 -41.91
C LYS CB 43 -29.76 -27.20 -42.08
N ARG CB 44 -28.45 -27.34 -42.16
CA ARG CB 44 -27.86 -28.66 -42.24
C ARG CB 44 -28.02 -29.43 -40.94
N GLU CB 45 -27.64 -28.80 -39.81
CA GLU CB 45 -27.81 -29.45 -38.51
C GLU CB 45 -29.27 -29.77 -38.24
N TYR CB 46 -30.15 -28.82 -38.58
CA TYR CB 46 -31.57 -29.03 -38.35
C TYR CB 46 -32.14 -30.13 -39.22
N GLN CB 47 -31.76 -30.18 -40.48
CA GLN CB 47 -32.33 -31.19 -41.35
C GLN CB 47 -31.81 -32.57 -41.02
N LEU CB 48 -30.56 -32.69 -40.58
CA LEU CB 48 -30.10 -34.02 -40.20
C LEU CB 48 -30.75 -34.48 -38.91
N GLN CB 49 -31.04 -33.57 -37.99
CA GLN CB 49 -31.71 -34.00 -36.78
C GLN CB 49 -33.22 -33.83 -36.88
N TYR CB 50 -33.72 -33.65 -38.10
CA TYR CB 50 -35.13 -33.57 -38.42
C TYR CB 50 -35.64 -34.78 -39.17
N ASN CB 51 -34.77 -35.45 -39.92
CA ASN CB 51 -35.15 -36.57 -40.76
C ASN CB 51 -34.68 -37.90 -40.23
N ASP CB 52 -34.22 -37.96 -38.99
CA ASP CB 52 -33.85 -39.24 -38.40
C ASP CB 52 -35.09 -40.08 -38.19
N PRO CB 53 -35.15 -41.31 -38.72
CA PRO CB 53 -36.36 -42.11 -38.54
C PRO CB 53 -36.51 -42.67 -37.14
N SER CB 54 -35.44 -42.66 -36.35
CA SER CB 54 -35.51 -43.09 -34.96
C SER CB 54 -35.86 -41.95 -34.01
N ARG CB 55 -35.79 -40.71 -34.47
CA ARG CB 55 -35.93 -39.55 -33.59
C ARG CB 55 -37.39 -39.40 -33.19
N ARG CB 56 -37.70 -39.78 -31.95
CA ARG CB 56 -39.06 -39.80 -31.49
C ARG CB 56 -39.54 -38.44 -30.99
N GLY CB 57 -38.75 -37.79 -30.15
CA GLY CB 57 -39.16 -36.55 -29.53
C GLY CB 57 -39.06 -35.36 -30.46
N VAL CB 58 -39.07 -34.18 -29.87
CA VAL CB 58 -38.98 -32.96 -30.64
C VAL CB 58 -37.51 -32.56 -30.77
N VAL CB 59 -37.23 -31.65 -31.71
CA VAL CB 59 -35.83 -31.37 -32.07
C VAL CB 59 -35.15 -30.42 -31.09
N GLU CB 60 -35.93 -29.76 -30.22
CA GLU CB 60 -35.44 -29.09 -29.01
C GLU CB 60 -34.46 -27.94 -29.35
N ASP CB 61 -35.03 -26.90 -29.95
CA ASP CB 61 -34.29 -25.73 -30.40
C ASP CB 61 -33.67 -24.96 -29.23
N PRO CB 62 -32.36 -24.72 -29.23
CA PRO CB 62 -31.79 -23.82 -28.22
C PRO CB 62 -32.12 -22.37 -28.45
N ALA CB 63 -32.62 -22.00 -29.63
CA ALA CB 63 -32.94 -20.60 -29.88
C ALA CB 63 -34.15 -20.17 -29.06
N LEU CB 64 -35.20 -20.99 -29.08
CA LEU CB 64 -36.41 -20.69 -28.32
C LEU CB 64 -36.13 -20.72 -26.83
N ILE CB 65 -35.37 -21.70 -26.37
CA ILE CB 65 -34.97 -21.81 -24.97
C ILE CB 65 -34.16 -20.60 -24.55
N ARG CB 66 -33.26 -20.15 -25.42
CA ARG CB 66 -32.39 -19.04 -25.08
C ARG CB 66 -33.18 -17.75 -25.01
N TRP CB 67 -34.15 -17.59 -25.91
CA TRP CB 67 -35.03 -16.42 -25.87
C TRP CB 67 -35.87 -16.40 -24.61
N THR CB 68 -36.43 -17.54 -24.22
CA THR CB 68 -37.30 -17.55 -23.05
C THR CB 68 -36.52 -17.26 -21.78
N CYS CB 69 -35.37 -17.91 -21.63
CA CYS CB 69 -34.54 -17.68 -20.44
C CYS CB 69 -34.00 -16.26 -20.40
N ALA CB 70 -33.79 -15.65 -21.56
CA ALA CB 70 -33.45 -14.24 -21.57
C ALA CB 70 -34.64 -13.38 -21.20
N ARG CB 71 -35.84 -13.79 -21.57
CA ARG CB 71 -36.98 -12.91 -21.42
C ARG CB 71 -37.48 -12.85 -19.99
N SER CB 72 -37.56 -13.99 -19.31
CA SER CB 72 -38.12 -13.96 -17.96
C SER CB 72 -37.05 -14.00 -16.89
N ALA CB 73 -36.26 -15.06 -16.85
CA ALA CB 73 -35.40 -15.28 -15.69
C ALA CB 73 -34.15 -14.42 -15.71
N ASN CB 74 -33.75 -13.91 -16.86
CA ASN CB 74 -32.57 -13.05 -16.96
C ASN CB 74 -32.98 -11.59 -17.09
N VAL CB 75 -33.95 -11.19 -16.26
CA VAL CB 75 -34.22 -9.78 -16.06
C VAL CB 75 -33.64 -9.30 -14.76
N TYR CB 76 -33.95 -9.97 -13.67
CA TYR CB 76 -33.74 -9.41 -12.35
C TYR CB 76 -32.25 -9.42 -11.98
N PRO CB 77 -31.50 -10.45 -12.33
CA PRO CB 77 -30.17 -10.16 -12.87
C PRO CB 77 -30.32 -10.07 -14.37
N ASN CB 78 -29.86 -9.03 -15.03
CA ASN CB 78 -29.11 -7.95 -14.43
C ASN CB 78 -29.83 -6.60 -14.45
N PHE CB 79 -29.45 -5.76 -13.51
CA PHE CB 79 -30.15 -4.51 -13.25
C PHE CB 79 -29.27 -3.62 -12.38
N ARG CB 80 -29.41 -2.32 -12.56
CA ARG CB 80 -28.98 -1.33 -11.59
C ARG CB 80 -30.05 -0.25 -11.55
N PRO CB 81 -30.33 0.32 -10.41
CA PRO CB 81 -31.35 1.37 -10.39
C PRO CB 81 -30.83 2.67 -10.97
N ASN CB 82 -31.22 2.95 -12.20
CA ASN CB 82 -30.75 4.17 -12.82
C ASN CB 82 -31.78 5.27 -12.61
N THR CB 83 -31.42 6.47 -13.08
CA THR CB 83 -32.37 7.56 -13.09
C THR CB 83 -33.53 7.27 -14.03
N LYS CB 84 -33.23 6.65 -15.17
CA LYS CB 84 -34.28 6.35 -16.13
C LYS CB 84 -35.20 5.25 -15.62
N THR CB 85 -34.62 4.21 -15.02
CA THR CB 85 -35.40 3.11 -14.47
C THR CB 85 -36.26 3.55 -13.31
N SER CB 86 -35.67 4.26 -12.34
CA SER CB 86 -36.42 4.71 -11.17
C SER CB 86 -37.48 5.74 -11.55
N LEU CB 87 -37.14 6.61 -12.49
CA LEU CB 87 -38.07 7.64 -12.94
C LEU CB 87 -39.27 7.02 -13.62
N LEU CB 88 -39.02 6.12 -14.57
CA LEU CB 88 -40.12 5.49 -15.27
C LEU CB 88 -40.88 4.52 -14.37
N GLY CB 89 -40.21 3.97 -13.36
CA GLY CB 89 -40.89 3.10 -12.42
C GLY CB 89 -41.90 3.83 -11.58
N ALA CB 90 -41.46 4.92 -10.94
CA ALA CB 90 -42.39 5.70 -10.15
C ALA CB 90 -43.39 6.45 -11.01
N LEU CB 91 -43.13 6.61 -12.30
CA LEU CB 91 -44.12 7.28 -13.13
C LEU CB 91 -45.21 6.31 -13.53
N PHE CB 92 -44.85 5.24 -14.25
CA PHE CB 92 -45.86 4.30 -14.74
C PHE CB 92 -46.35 3.32 -13.69
N GLY CB 93 -45.87 3.40 -12.46
CA GLY CB 93 -46.44 2.52 -11.45
C GLY CB 93 -47.29 3.24 -10.42
N ILE CB 94 -46.95 4.48 -10.11
CA ILE CB 94 -47.61 5.20 -9.04
C ILE CB 94 -48.54 6.29 -9.58
N GLY CB 95 -48.19 6.89 -10.70
CA GLY CB 95 -48.98 7.92 -11.36
C GLY CB 95 -50.44 7.62 -11.59
N PRO CB 96 -50.75 6.56 -12.36
CA PRO CB 96 -52.16 6.24 -12.61
C PRO CB 96 -52.90 5.85 -11.35
N LEU CB 97 -52.23 5.15 -10.44
CA LEU CB 97 -52.84 4.73 -9.18
C LEU CB 97 -53.27 5.94 -8.36
N ILE CB 98 -52.37 6.91 -8.20
CA ILE CB 98 -52.68 8.06 -7.35
C ILE CB 98 -53.68 8.98 -8.05
N PHE CB 99 -53.69 8.97 -9.38
CA PHE CB 99 -54.65 9.77 -10.13
C PHE CB 99 -56.05 9.23 -9.97
N TRP CB 100 -56.20 7.93 -10.19
CA TRP CB 100 -57.48 7.28 -10.01
C TRP CB 100 -57.95 7.37 -8.57
N TYR CB 101 -57.01 7.37 -7.62
CA TYR CB 101 -57.34 7.54 -6.21
C TYR CB 101 -57.99 8.88 -5.94
N TYR CB 102 -57.39 9.96 -6.44
CA TYR CB 102 -58.00 11.27 -6.22
C TYR CB 102 -59.32 11.41 -6.93
N VAL CB 103 -59.47 10.81 -8.12
CA VAL CB 103 -60.76 11.04 -8.77
C VAL CB 103 -61.86 10.22 -8.09
N PHE CB 104 -61.54 9.08 -7.49
CA PHE CB 104 -62.62 8.40 -6.79
C PHE CB 104 -62.93 9.07 -5.46
N LYS CB 105 -61.95 9.71 -4.81
CA LYS CB 105 -62.28 10.56 -3.67
C LYS CB 105 -63.23 11.67 -4.06
N THR CB 106 -62.98 12.31 -5.20
CA THR CB 106 -63.82 13.42 -5.63
C THR CB 106 -65.24 12.99 -5.93
N ASP CB 107 -65.42 11.89 -6.71
CA ASP CB 107 -66.76 11.39 -6.99
C ASP CB 107 -67.49 10.94 -5.72
N ARG CB 108 -66.78 10.27 -4.81
CA ARG CB 108 -67.43 9.82 -3.60
C ARG CB 108 -67.78 10.98 -2.68
N ASP CB 109 -66.95 12.02 -2.59
CA ASP CB 109 -67.32 13.12 -1.72
C ASP CB 109 -68.48 13.92 -2.29
N ARG CB 110 -68.56 14.02 -3.62
CA ARG CB 110 -69.75 14.58 -4.26
C ARG CB 110 -70.99 13.82 -3.87
N LYS CB 111 -70.98 12.49 -4.03
CA LYS CB 111 -72.21 11.74 -3.84
C LYS CB 111 -72.60 11.66 -2.37
N GLU CB 112 -71.62 11.61 -1.47
CA GLU CB 112 -71.91 11.62 -0.04
C GLU CB 112 -72.52 12.94 0.39
N LYS CB 113 -71.92 14.07 0.00
CA LYS CB 113 -72.47 15.37 0.35
C LYS CB 113 -73.84 15.58 -0.28
N LEU CB 114 -74.04 15.06 -1.49
CA LEU CB 114 -75.27 15.33 -2.22
C LEU CB 114 -76.43 14.56 -1.62
N ILE CB 115 -76.21 13.29 -1.25
CA ILE CB 115 -77.30 12.57 -0.57
C ILE CB 115 -77.36 12.92 0.91
N GLN CB 116 -76.35 13.62 1.42
CA GLN CB 116 -76.48 14.19 2.75
C GLN CB 116 -77.42 15.39 2.72
N GLU CB 117 -77.45 16.10 1.60
CA GLU CB 117 -78.51 17.08 1.39
C GLU CB 117 -79.86 16.40 1.28
N GLY CB 118 -79.89 15.19 0.76
CA GLY CB 118 -81.13 14.46 0.57
C GLY CB 118 -81.78 14.67 -0.77
N LYS CB 119 -81.28 15.56 -1.61
CA LYS CB 119 -81.90 15.81 -2.91
C LYS CB 119 -81.30 14.95 -4.03
N LEU CB 120 -81.21 13.65 -3.79
CA LEU CB 120 -80.83 12.74 -4.84
C LEU CB 120 -82.05 11.92 -5.24
N ASP CB 121 -81.95 11.25 -6.38
CA ASP CB 121 -83.05 10.56 -7.03
C ASP CB 121 -83.23 9.15 -6.49
N ARG CB 122 -82.94 8.92 -5.22
CA ARG CB 122 -83.01 7.60 -4.62
C ARG CB 122 -84.39 7.30 -4.08
N THR CB 123 -85.41 7.83 -4.76
CA THR CB 123 -86.81 7.54 -4.44
C THR CB 123 -87.07 6.04 -4.42
N PHE CB 124 -86.44 5.28 -5.31
CA PHE CB 124 -86.41 3.83 -5.17
C PHE CB 124 -85.06 3.35 -5.70
N ASN CB 125 -84.17 3.04 -4.78
CA ASN CB 125 -82.76 2.80 -5.04
C ASN CB 125 -82.31 1.60 -4.23
N ILE CB 126 -83.15 0.58 -4.23
CA ILE CB 126 -83.05 -0.49 -3.25
C ILE CB 126 -81.85 -1.36 -3.53
N SER CB 127 -81.66 -1.71 -4.80
CA SER CB 127 -80.56 -2.57 -5.22
C SER CB 127 -79.25 -1.79 -5.14
N TYR CB 128 -78.73 -1.66 -3.92
CA TYR CB 128 -77.57 -0.81 -3.72
C TYR CB 128 -76.32 -1.62 -3.87
N VAL DB 5 76.59 -64.27 59.50
CA VAL DB 5 75.35 -63.99 60.20
C VAL DB 5 74.43 -63.15 59.32
N LYS DB 6 73.13 -63.42 59.40
CA LYS DB 6 72.16 -62.84 58.49
C LYS DB 6 70.99 -62.27 59.27
N GLN DB 7 70.54 -61.09 58.87
CA GLN DB 7 69.58 -60.29 59.63
C GLN DB 7 68.47 -59.78 58.74
N ASP DB 8 67.83 -60.69 58.02
CA ASP DB 8 66.61 -60.39 57.27
C ASP DB 8 65.46 -60.12 58.22
N MET DB 9 64.26 -59.95 57.66
CA MET DB 9 63.05 -59.92 58.48
C MET DB 9 62.15 -61.09 58.11
N PRO DB 10 62.29 -62.24 58.75
CA PRO DB 10 61.23 -63.24 58.72
C PRO DB 10 60.28 -63.01 59.88
N PRO DB 11 59.15 -63.71 59.93
CA PRO DB 11 58.41 -63.76 61.18
C PRO DB 11 59.20 -64.49 62.25
N VAL DB 12 58.96 -64.11 63.51
CA VAL DB 12 59.69 -64.69 64.62
C VAL DB 12 59.02 -66.00 65.01
N GLY DB 13 59.42 -67.10 64.36
CA GLY DB 13 58.81 -68.38 64.61
C GLY DB 13 57.40 -68.55 64.10
N GLY DB 14 56.89 -67.59 63.33
CA GLY DB 14 55.51 -67.61 62.88
C GLY DB 14 54.65 -66.58 63.58
N TYR DB 15 53.47 -66.34 63.02
CA TYR DB 15 52.58 -65.30 63.49
C TYR DB 15 51.21 -65.87 63.83
N GLY DB 16 50.55 -65.21 64.79
CA GLY DB 16 49.22 -65.59 65.19
C GLY DB 16 48.19 -65.21 64.15
N PRO DB 17 46.98 -65.75 64.27
CA PRO DB 17 45.97 -65.54 63.24
C PRO DB 17 45.27 -64.20 63.39
N ILE DB 18 44.56 -63.83 62.33
CA ILE DB 18 43.66 -62.69 62.34
C ILE DB 18 42.36 -63.16 61.72
N ASP DB 19 41.26 -63.01 62.47
CA ASP DB 19 39.98 -63.47 61.99
C ASP DB 19 39.44 -62.54 60.91
N TYR DB 20 38.44 -63.03 60.19
CA TYR DB 20 37.83 -62.27 59.11
C TYR DB 20 36.33 -62.59 59.04
N LYS DB 21 35.68 -62.64 60.19
CA LYS DB 21 34.27 -62.98 60.26
C LYS DB 21 33.46 -61.71 60.49
N ARG DB 22 32.22 -61.70 60.00
CA ARG DB 22 31.38 -60.51 60.05
C ARG DB 22 30.61 -60.50 61.37
N ASN DB 23 31.14 -59.73 62.32
CA ASN DB 23 30.59 -59.56 63.67
C ASN DB 23 29.41 -58.60 63.60
N LEU DB 24 28.20 -59.16 63.52
CA LEU DB 24 26.97 -58.37 63.61
C LEU DB 24 26.00 -59.07 64.58
N PRO DB 25 25.66 -58.43 65.70
CA PRO DB 25 25.04 -59.17 66.80
C PRO DB 25 23.55 -59.39 66.65
N ARG DB 26 22.93 -58.79 65.62
CA ARG DB 26 21.49 -58.65 65.38
C ARG DB 26 20.68 -58.38 66.64
N ARG DB 27 21.18 -57.47 67.48
CA ARG DB 27 20.44 -56.98 68.63
C ARG DB 27 19.60 -55.80 68.18
N GLY DB 28 18.28 -55.96 68.15
CA GLY DB 28 17.59 -57.13 68.68
C GLY DB 28 16.28 -56.87 69.37
N LEU DB 29 16.24 -57.24 70.65
CA LEU DB 29 15.21 -56.95 71.65
C LEU DB 29 13.87 -57.63 71.39
N SER DB 30 13.77 -58.50 70.38
CA SER DB 30 12.58 -59.30 70.06
C SER DB 30 11.37 -58.39 69.80
N GLY DB 31 11.45 -57.67 68.68
CA GLY DB 31 10.66 -56.50 68.36
C GLY DB 31 9.17 -56.48 68.63
N TYR DB 32 8.55 -57.66 68.74
CA TYR DB 32 7.21 -57.75 69.31
C TYR DB 32 7.19 -57.18 70.72
N SER DB 33 8.24 -57.46 71.49
CA SER DB 33 8.39 -56.85 72.81
C SER DB 33 8.63 -55.34 72.69
N MET DB 34 9.23 -54.89 71.58
CA MET DB 34 9.39 -53.45 71.44
C MET DB 34 8.06 -52.78 71.17
N PHE DB 35 7.17 -53.47 70.43
CA PHE DB 35 5.80 -53.00 70.31
C PHE DB 35 5.10 -52.97 71.66
N ALA DB 36 5.38 -53.96 72.50
CA ALA DB 36 4.84 -53.95 73.86
C ALA DB 36 5.34 -52.75 74.65
N VAL DB 37 6.62 -52.40 74.48
CA VAL DB 37 7.19 -51.23 75.16
C VAL DB 37 6.54 -49.95 74.66
N GLY DB 38 6.39 -49.83 73.34
CA GLY DB 38 5.86 -48.60 72.76
C GLY DB 38 4.40 -48.37 73.08
N ILE DB 39 3.59 -49.42 72.96
CA ILE DB 39 2.18 -49.32 73.33
C ILE DB 39 2.02 -49.11 74.84
N GLY DB 40 2.92 -49.68 75.65
CA GLY DB 40 2.86 -49.43 77.09
C GLY DB 40 3.13 -47.99 77.44
N ALA DB 41 4.14 -47.37 76.82
CA ALA DB 41 4.42 -45.97 77.08
C ALA DB 41 3.32 -45.07 76.53
N LEU DB 42 2.77 -45.45 75.38
CA LEU DB 42 1.67 -44.71 74.77
C LEU DB 42 0.44 -44.71 75.68
N LEU DB 43 0.11 -45.86 76.22
CA LEU DB 43 -1.09 -45.96 77.06
C LEU DB 43 -0.88 -45.31 78.42
N PHE DB 44 0.36 -45.37 78.95
CA PHE DB 44 0.72 -44.61 80.14
C PHE DB 44 0.44 -43.14 79.93
N GLY DB 45 0.88 -42.61 78.79
CA GLY DB 45 0.63 -41.22 78.47
C GLY DB 45 -0.85 -40.90 78.38
N TYR DB 46 -1.63 -41.82 77.81
CA TYR DB 46 -3.06 -41.59 77.69
C TYR DB 46 -3.76 -41.53 79.03
N TRP DB 47 -3.41 -42.44 79.94
CA TRP DB 47 -4.08 -42.44 81.24
C TRP DB 47 -3.73 -41.20 82.05
N SER DB 48 -2.44 -40.81 82.07
CA SER DB 48 -2.07 -39.64 82.85
C SER DB 48 -2.61 -38.35 82.25
N MET DB 49 -2.60 -38.27 80.91
CA MET DB 49 -3.15 -37.13 80.21
C MET DB 49 -4.64 -37.00 80.47
N MET DB 50 -5.34 -38.13 80.51
CA MET DB 50 -6.77 -38.16 80.78
C MET DB 50 -7.09 -37.58 82.14
N ARG DB 51 -6.37 -38.04 83.16
CA ARG DB 51 -6.58 -37.54 84.52
C ARG DB 51 -6.33 -36.04 84.60
N TRP DB 52 -5.25 -35.57 83.99
CA TRP DB 52 -4.90 -34.16 84.13
C TRP DB 52 -5.86 -33.26 83.37
N ASN DB 53 -6.34 -33.70 82.21
CA ASN DB 53 -7.30 -32.89 81.49
C ASN DB 53 -8.62 -32.77 82.23
N ARG DB 54 -9.07 -33.85 82.89
CA ARG DB 54 -10.36 -33.73 83.55
C ARG DB 54 -10.26 -32.87 84.81
N GLU DB 55 -9.11 -32.87 85.50
CA GLU DB 55 -9.01 -31.92 86.61
C GLU DB 55 -8.86 -30.48 86.13
N ARG DB 56 -8.25 -30.26 84.97
CA ARG DB 56 -8.22 -28.89 84.48
C ARG DB 56 -9.58 -28.43 84.01
N ARG DB 57 -10.42 -29.36 83.56
CA ARG DB 57 -11.82 -29.02 83.29
C ARG DB 57 -12.55 -28.60 84.54
N ARG DB 58 -12.27 -29.26 85.68
CA ARG DB 58 -12.85 -28.85 86.95
C ARG DB 58 -12.50 -27.40 87.29
N LEU DB 59 -11.21 -27.08 87.17
CA LEU DB 59 -10.82 -25.74 87.57
C LEU DB 59 -11.27 -24.68 86.55
N GLN DB 60 -11.43 -25.08 85.29
CA GLN DB 60 -12.02 -24.14 84.33
C GLN DB 60 -13.50 -23.91 84.61
N ILE DB 61 -14.18 -24.91 85.15
CA ILE DB 61 -15.55 -24.71 85.62
C ILE DB 61 -15.58 -23.71 86.76
N GLU DB 62 -14.55 -23.72 87.61
CA GLU DB 62 -14.47 -22.65 88.61
C GLU DB 62 -14.30 -21.27 87.98
N ASP DB 63 -13.55 -21.18 86.89
CA ASP DB 63 -13.41 -19.87 86.24
C ASP DB 63 -14.72 -19.42 85.58
N PHE DB 64 -15.49 -20.36 85.04
CA PHE DB 64 -16.83 -20.05 84.58
C PHE DB 64 -17.68 -19.47 85.70
N GLU DB 65 -17.61 -20.09 86.88
CA GLU DB 65 -18.33 -19.58 88.04
C GLU DB 65 -17.86 -18.19 88.44
N ALA DB 66 -16.58 -17.90 88.23
CA ALA DB 66 -16.05 -16.57 88.49
C ALA DB 66 -16.71 -15.53 87.61
N ARG DB 67 -16.78 -15.80 86.30
CA ARG DB 67 -17.41 -14.79 85.43
C ARG DB 67 -18.92 -14.73 85.66
N ILE DB 68 -19.53 -15.84 86.08
CA ILE DB 68 -20.96 -15.83 86.34
C ILE DB 68 -21.27 -14.96 87.55
N ALA DB 69 -20.59 -15.22 88.65
CA ALA DB 69 -20.93 -14.55 89.89
C ALA DB 69 -20.48 -13.10 89.88
N LEU DB 70 -19.39 -12.80 89.20
CA LEU DB 70 -18.86 -11.45 89.27
C LEU DB 70 -19.71 -10.45 88.49
N MET DB 71 -20.41 -10.93 87.46
CA MET DB 71 -20.84 -10.07 86.36
C MET DB 71 -21.79 -8.91 86.68
N PRO DB 72 -22.85 -9.04 87.52
CA PRO DB 72 -23.84 -7.96 87.55
C PRO DB 72 -23.36 -6.64 88.17
N LEU DB 73 -22.36 -6.67 89.03
CA LEU DB 73 -21.76 -5.43 89.52
C LEU DB 73 -21.11 -4.67 88.38
N LEU DB 74 -20.32 -5.38 87.57
CA LEU DB 74 -19.71 -4.82 86.38
C LEU DB 74 -20.76 -4.29 85.43
N GLN DB 75 -21.88 -5.01 85.36
CA GLN DB 75 -22.98 -4.63 84.49
C GLN DB 75 -23.59 -3.30 84.93
N ALA DB 76 -23.74 -3.13 86.24
CA ALA DB 76 -24.33 -1.90 86.76
C ALA DB 76 -23.42 -0.71 86.53
N GLU DB 77 -22.12 -0.90 86.77
CA GLU DB 77 -21.16 0.19 86.51
C GLU DB 77 -21.10 0.54 85.03
N LYS DB 78 -21.22 -0.48 84.16
CA LYS DB 78 -21.20 -0.24 82.73
C LYS DB 78 -22.41 0.57 82.28
N ASP DB 79 -23.57 0.24 82.83
CA ASP DB 79 -24.78 0.96 82.46
C ASP DB 79 -24.74 2.40 82.91
N ARG DB 80 -24.26 2.62 84.14
CA ARG DB 80 -24.15 3.98 84.62
C ARG DB 80 -23.12 4.76 83.82
N ARG DB 81 -22.07 4.10 83.32
CA ARG DB 81 -21.06 4.84 82.58
C ARG DB 81 -21.56 5.23 81.19
N VAL DB 82 -22.32 4.33 80.54
CA VAL DB 82 -22.81 4.71 79.21
C VAL DB 82 -23.92 5.75 79.33
N LEU DB 83 -24.73 5.69 80.38
CA LEU DB 83 -25.73 6.73 80.55
C LEU DB 83 -25.09 8.04 80.96
N GLN DB 84 -23.95 7.97 81.64
CA GLN DB 84 -23.21 9.15 82.02
C GLN DB 84 -22.68 9.88 80.80
N MET DB 85 -22.09 9.14 79.86
CA MET DB 85 -21.65 9.76 78.61
C MET DB 85 -22.82 10.24 77.78
N LEU DB 86 -23.96 9.53 77.80
CA LEU DB 86 -25.15 10.01 77.10
C LEU DB 86 -25.60 11.37 77.61
N ARG DB 87 -25.68 11.49 78.93
CA ARG DB 87 -26.19 12.73 79.53
C ARG DB 87 -25.24 13.87 79.27
N GLU DB 88 -23.95 13.66 79.53
CA GLU DB 88 -22.99 14.74 79.33
C GLU DB 88 -22.83 15.09 77.87
N ASN DB 89 -22.93 14.11 76.98
CA ASN DB 89 -22.66 14.37 75.58
C ASN DB 89 -23.84 15.08 74.93
N LEU DB 90 -25.06 14.76 75.34
CA LEU DB 90 -26.19 15.52 74.83
C LEU DB 90 -26.25 16.91 75.45
N GLU DB 91 -25.73 17.07 76.66
CA GLU DB 91 -25.57 18.41 77.22
C GLU DB 91 -24.58 19.24 76.39
N GLU DB 92 -23.47 18.61 75.98
CA GLU DB 92 -22.49 19.24 75.10
C GLU DB 92 -23.11 19.64 73.77
N GLU DB 93 -23.89 18.74 73.18
CA GLU DB 93 -24.54 19.02 71.91
C GLU DB 93 -25.53 20.15 72.02
N ALA DB 94 -26.33 20.15 73.09
CA ALA DB 94 -27.29 21.22 73.35
C ALA DB 94 -26.61 22.55 73.56
N THR DB 95 -25.39 22.54 74.08
CA THR DB 95 -24.63 23.77 74.16
C THR DB 95 -24.06 24.17 72.80
N ILE DB 96 -23.81 23.20 71.90
CA ILE DB 96 -22.99 23.50 70.73
C ILE DB 96 -23.77 23.77 69.45
N MET DB 97 -25.02 23.31 69.31
CA MET DB 97 -25.69 23.35 68.02
C MET DB 97 -26.88 24.30 67.99
N LYS DB 98 -26.85 25.40 68.72
CA LYS DB 98 -28.01 26.27 68.73
C LYS DB 98 -27.98 27.31 67.62
N ASP DB 99 -27.19 27.08 66.57
CA ASP DB 99 -27.07 27.97 65.43
C ASP DB 99 -27.85 27.45 64.23
N VAL DB 100 -27.69 26.17 63.92
CA VAL DB 100 -28.33 25.51 62.78
C VAL DB 100 -29.84 25.52 62.97
N PRO DB 101 -30.63 25.71 61.92
CA PRO DB 101 -32.08 25.57 62.06
C PRO DB 101 -32.48 24.10 62.21
N GLY DB 102 -33.70 23.91 62.71
CA GLY DB 102 -34.16 22.57 62.99
C GLY DB 102 -33.48 22.05 64.23
N TRP DB 103 -32.94 20.83 64.13
CA TRP DB 103 -32.06 20.21 65.12
C TRP DB 103 -32.75 20.10 66.48
N LYS DB 104 -33.68 19.15 66.56
CA LYS DB 104 -34.05 18.62 67.86
C LYS DB 104 -32.79 18.12 68.55
N VAL DB 105 -32.71 18.35 69.87
CA VAL DB 105 -31.43 18.22 70.56
C VAL DB 105 -31.04 16.77 70.74
N GLY DB 106 -32.01 15.87 70.88
CA GLY DB 106 -31.71 14.51 71.28
C GLY DB 106 -32.57 13.43 70.65
N GLU DB 107 -33.04 13.67 69.42
CA GLU DB 107 -33.78 12.65 68.71
C GLU DB 107 -32.91 11.46 68.38
N SER DB 108 -33.45 10.27 68.62
CA SER DB 108 -32.98 9.14 67.86
C SER DB 108 -33.33 9.35 66.39
N VAL DB 109 -32.49 8.82 65.51
CA VAL DB 109 -32.85 8.79 64.11
C VAL DB 109 -33.92 7.73 63.89
N PHE DB 110 -33.99 6.74 64.78
CA PHE DB 110 -34.88 5.61 64.66
C PHE DB 110 -36.29 6.02 65.04
N HIS DB 111 -37.24 5.09 64.89
CA HIS DB 111 -38.64 5.39 65.14
C HIS DB 111 -39.17 4.75 66.41
N THR DB 112 -38.75 3.53 66.71
CA THR DB 112 -39.38 2.83 67.81
C THR DB 112 -38.93 3.38 69.16
N THR DB 113 -39.84 3.29 70.13
CA THR DB 113 -39.58 3.80 71.47
C THR DB 113 -38.87 2.70 72.26
N ARG DB 114 -37.60 2.52 71.90
CA ARG DB 114 -36.77 1.50 72.52
C ARG DB 114 -35.37 2.03 72.68
N TRP DB 115 -34.72 1.64 73.76
CA TRP DB 115 -33.31 1.92 73.95
C TRP DB 115 -32.50 1.08 72.98
N VAL DB 116 -32.02 1.70 71.93
CA VAL DB 116 -31.06 1.02 71.07
C VAL DB 116 -29.71 1.04 71.78
N THR DB 117 -28.88 0.05 71.49
CA THR DB 117 -27.53 0.12 71.99
C THR DB 117 -26.76 1.15 71.17
N PRO DB 118 -26.13 2.13 71.82
CA PRO DB 118 -25.43 3.18 71.06
C PRO DB 118 -24.16 2.65 70.39
N MET DB 119 -23.63 3.46 69.47
CA MET DB 119 -22.85 2.98 68.35
C MET DB 119 -21.37 3.31 68.42
N MET DB 120 -20.86 3.66 69.60
CA MET DB 120 -19.46 4.01 69.86
C MET DB 120 -19.00 5.23 69.09
N GLY DB 121 -19.92 6.03 68.56
CA GLY DB 121 -19.62 7.34 68.06
C GLY DB 121 -20.62 8.29 68.67
N GLU DB 122 -21.64 7.68 69.26
CA GLU DB 122 -22.51 8.37 70.19
C GLU DB 122 -21.92 8.37 71.59
N LEU DB 123 -21.20 7.32 71.95
CA LEU DB 123 -20.55 7.28 73.26
C LEU DB 123 -19.24 8.05 73.23
N TYR DB 124 -18.30 7.55 72.45
CA TYR DB 124 -16.98 8.16 72.33
C TYR DB 124 -16.92 9.07 71.12
N GLY DB 125 -17.91 9.94 70.99
CA GLY DB 125 -17.88 10.97 69.96
C GLY DB 125 -17.25 12.21 70.55
N LEU DB 126 -16.50 12.93 69.71
CA LEU DB 126 -15.87 14.24 70.01
C LEU DB 126 -15.05 14.24 71.29
N ARG DB 127 -14.43 13.11 71.61
CA ARG DB 127 -13.59 13.00 72.80
C ARG DB 127 -12.13 13.31 72.48
N THR DB 128 -11.84 13.66 71.23
CA THR DB 128 -10.52 14.02 70.71
C THR DB 128 -9.52 12.86 70.89
N GLY DB 129 -9.80 11.81 70.12
CA GLY DB 129 -8.77 10.89 69.68
C GLY DB 129 -8.20 9.91 70.68
N GLU DB 130 -7.63 10.41 71.78
CA GLU DB 130 -6.78 9.58 72.62
C GLU DB 130 -7.58 8.48 73.32
N GLU DB 131 -8.65 8.88 74.01
CA GLU DB 131 -9.48 7.91 74.69
C GLU DB 131 -10.22 7.01 73.70
N ILE DB 132 -10.61 7.53 72.54
CA ILE DB 132 -11.38 6.68 71.64
C ILE DB 132 -10.48 5.67 70.96
N LEU DB 133 -9.21 6.02 70.74
CA LEU DB 133 -8.29 5.08 70.13
C LEU DB 133 -7.87 4.04 71.16
N SER DB 134 -7.71 4.46 72.41
CA SER DB 134 -7.37 3.52 73.45
C SER DB 134 -8.58 2.72 73.95
N SER DB 135 -9.78 3.07 73.51
CA SER DB 135 -11.00 2.40 73.94
C SER DB 135 -11.53 1.45 72.90
N THR DB 136 -11.73 1.93 71.67
CA THR DB 136 -12.18 1.05 70.60
C THR DB 136 -11.08 0.08 70.21
N TYR DB 137 -9.96 0.61 69.77
CA TYR DB 137 -8.88 -0.18 69.19
C TYR DB 137 -7.94 -0.74 70.23
N GLY DB 138 -8.35 -0.76 71.49
CA GLY DB 138 -7.47 -1.14 72.57
C GLY DB 138 -7.13 -2.60 72.50
N PHE DB 139 -8.13 -3.45 72.71
CA PHE DB 139 -7.92 -4.89 72.75
C PHE DB 139 -7.51 -5.45 71.40
N ILE DB 140 -7.85 -4.76 70.30
CA ILE DB 140 -7.65 -5.27 68.95
C ILE DB 140 -6.18 -5.44 68.66
N TRP DB 141 -5.35 -4.53 69.16
CA TRP DB 141 -3.92 -4.74 69.06
C TRP DB 141 -3.22 -4.58 70.39
N TYR DB 142 -3.91 -4.73 71.50
CA TYR DB 142 -3.20 -4.86 72.75
C TYR DB 142 -2.73 -6.29 72.84
N THR DB 143 -1.49 -6.53 72.42
CA THR DB 143 -0.79 -7.81 72.52
C THR DB 143 -1.54 -8.94 71.78
N SER EB 1 -31.09 -18.00 -65.40
CA SER EB 1 -29.88 -18.75 -65.75
C SER EB 1 -30.22 -20.13 -66.29
N GLY EB 2 -31.04 -20.84 -65.53
CA GLY EB 2 -31.33 -22.22 -65.84
C GLY EB 2 -30.88 -23.10 -64.69
N TYR EB 3 -31.35 -24.34 -64.66
CA TYR EB 3 -30.91 -25.24 -63.61
C TYR EB 3 -29.47 -25.67 -63.82
N THR EB 4 -28.81 -26.02 -62.71
CA THR EB 4 -27.59 -26.80 -62.78
C THR EB 4 -27.95 -28.22 -63.21
N PRO EB 5 -27.00 -28.99 -63.76
CA PRO EB 5 -27.31 -30.40 -64.02
C PRO EB 5 -27.57 -31.20 -62.77
N ASP EB 6 -26.94 -30.83 -61.66
CA ASP EB 6 -27.14 -31.56 -60.41
C ASP EB 6 -28.55 -31.37 -59.90
N GLU EB 7 -29.07 -30.14 -60.00
CA GLU EB 7 -30.45 -29.87 -59.61
C GLU EB 7 -31.44 -30.64 -60.46
N LYS EB 8 -31.15 -30.76 -61.77
CA LYS EB 8 -32.04 -31.50 -62.65
C LYS EB 8 -32.08 -32.97 -62.29
N LEU EB 9 -30.90 -33.55 -62.01
CA LEU EB 9 -30.88 -34.97 -61.68
C LEU EB 9 -31.54 -35.25 -60.33
N ARG EB 10 -31.24 -34.40 -59.34
CA ARG EB 10 -31.84 -34.51 -58.01
C ARG EB 10 -33.35 -34.37 -58.10
N LEU EB 11 -33.80 -33.46 -58.95
CA LEU EB 11 -35.22 -33.22 -59.11
C LEU EB 11 -35.89 -34.36 -59.86
N GLN EB 12 -35.17 -35.07 -60.71
CA GLN EB 12 -35.85 -36.18 -61.37
C GLN EB 12 -35.91 -37.42 -60.49
N GLN EB 13 -34.93 -37.60 -59.60
CA GLN EB 13 -35.12 -38.61 -58.57
C GLN EB 13 -36.32 -38.28 -57.70
N LEU EB 14 -36.52 -36.99 -57.43
CA LEU EB 14 -37.71 -36.61 -56.67
C LEU EB 14 -38.97 -36.74 -57.50
N ARG EB 15 -38.87 -36.61 -58.82
CA ARG EB 15 -39.99 -36.96 -59.69
C ARG EB 15 -40.42 -38.39 -59.46
N GLU EB 16 -39.49 -39.32 -59.56
CA GLU EB 16 -39.85 -40.72 -59.47
C GLU EB 16 -40.36 -41.09 -58.09
N LEU EB 17 -39.77 -40.53 -57.04
CA LEU EB 17 -40.22 -40.84 -55.69
C LEU EB 17 -41.58 -40.24 -55.39
N ARG EB 18 -41.83 -39.01 -55.84
CA ARG EB 18 -43.12 -38.40 -55.55
C ARG EB 18 -44.22 -39.10 -56.32
N ARG EB 19 -43.92 -39.56 -57.52
CA ARG EB 19 -44.97 -40.21 -58.31
C ARG EB 19 -45.26 -41.61 -57.80
N ARG EB 20 -44.23 -42.34 -57.34
CA ARG EB 20 -44.49 -43.64 -56.73
C ARG EB 20 -45.31 -43.49 -55.45
N TRP EB 21 -44.99 -42.47 -54.65
CA TRP EB 21 -45.76 -42.23 -53.44
C TRP EB 21 -47.20 -41.89 -53.74
N LEU EB 22 -47.41 -40.98 -54.66
CA LEU EB 22 -48.76 -40.49 -54.87
C LEU EB 22 -49.62 -41.53 -55.57
N LYS EB 23 -49.01 -42.37 -56.41
CA LYS EB 23 -49.77 -43.48 -56.98
C LYS EB 23 -50.06 -44.54 -55.92
N ASP EB 24 -49.20 -44.66 -54.91
CA ASP EB 24 -49.55 -45.54 -53.80
C ASP EB 24 -50.69 -44.96 -52.98
N GLN EB 25 -50.78 -43.63 -52.91
CA GLN EB 25 -51.81 -43.01 -52.08
C GLN EB 25 -53.21 -43.22 -52.64
N GLU EB 26 -53.38 -43.25 -53.95
CA GLU EB 26 -54.70 -43.54 -54.47
C GLU EB 26 -54.97 -45.02 -54.27
N LEU EB 27 -55.62 -45.36 -53.17
CA LEU EB 27 -55.88 -46.76 -52.90
C LEU EB 27 -56.99 -47.22 -53.82
N SER EB 28 -56.82 -48.42 -54.32
CA SER EB 28 -57.86 -49.14 -55.04
C SER EB 28 -57.60 -50.63 -54.93
N PRO EB 29 -57.95 -51.28 -53.83
CA PRO EB 29 -57.89 -52.74 -53.81
C PRO EB 29 -59.20 -53.32 -54.28
N ARG EB 30 -60.03 -52.47 -54.89
CA ARG EB 30 -61.44 -52.57 -55.25
C ARG EB 30 -62.36 -52.59 -54.05
N GLU EB 31 -61.84 -52.60 -52.83
CA GLU EB 31 -62.69 -52.45 -51.65
C GLU EB 31 -61.97 -51.59 -50.62
N PRO EB 32 -62.41 -50.35 -50.46
CA PRO EB 32 -61.75 -49.46 -49.50
C PRO EB 32 -61.93 -49.88 -48.05
N VAL EB 33 -63.17 -50.01 -47.63
CA VAL EB 33 -63.47 -50.28 -46.25
C VAL EB 33 -64.11 -51.66 -46.19
N LEU EB 34 -64.47 -52.09 -44.99
CA LEU EB 34 -65.19 -53.31 -44.82
C LEU EB 34 -66.00 -53.17 -43.55
N PRO EB 35 -67.27 -53.56 -43.55
CA PRO EB 35 -68.10 -53.39 -42.35
C PRO EB 35 -67.82 -54.48 -41.33
N PRO EB 36 -67.49 -54.09 -40.10
CA PRO EB 36 -67.30 -55.10 -39.05
C PRO EB 36 -68.59 -55.74 -38.56
N ARG EB 37 -69.75 -55.18 -38.87
CA ARG EB 37 -71.01 -55.80 -38.48
C ARG EB 37 -71.88 -56.15 -39.68
N SER EB 67 -93.57 -39.85 -42.81
CA SER EB 67 -94.63 -39.53 -41.89
C SER EB 67 -94.11 -39.39 -40.47
N ILE EB 68 -93.08 -40.18 -40.17
CA ILE EB 68 -92.68 -40.36 -38.78
C ILE EB 68 -92.01 -39.11 -38.24
N PHE EB 69 -91.32 -38.34 -39.09
CA PHE EB 69 -90.66 -37.11 -38.65
C PHE EB 69 -91.67 -36.07 -38.20
N ALA EB 70 -92.55 -35.67 -39.10
CA ALA EB 70 -93.53 -34.65 -38.79
C ALA EB 70 -94.48 -35.14 -37.70
N PHE EB 71 -94.78 -36.44 -37.71
CA PHE EB 71 -95.59 -37.04 -36.66
C PHE EB 71 -94.99 -36.81 -35.28
N THR EB 72 -93.76 -37.34 -35.06
CA THR EB 72 -93.17 -37.26 -33.73
C THR EB 72 -92.83 -35.82 -33.36
N HIS EB 73 -92.42 -34.99 -34.31
CA HIS EB 73 -91.96 -33.67 -33.90
C HIS EB 73 -93.07 -32.64 -33.74
N VAL EB 74 -94.08 -32.62 -34.60
CA VAL EB 74 -95.14 -31.66 -34.37
C VAL EB 74 -96.32 -32.31 -33.64
N LEU EB 75 -96.12 -33.50 -33.06
CA LEU EB 75 -97.05 -33.94 -32.03
C LEU EB 75 -96.42 -34.07 -30.65
N ILE EB 76 -95.36 -34.84 -30.49
CA ILE EB 76 -94.93 -35.26 -29.16
C ILE EB 76 -94.36 -34.10 -28.34
N PRO EB 77 -93.46 -33.22 -28.86
CA PRO EB 77 -93.18 -32.01 -28.08
C PRO EB 77 -94.36 -31.07 -28.01
N VAL EB 78 -95.25 -31.09 -29.01
CA VAL EB 78 -96.43 -30.25 -28.91
C VAL EB 78 -97.38 -30.79 -27.84
N TRP EB 79 -97.51 -32.12 -27.76
CA TRP EB 79 -98.30 -32.71 -26.67
C TRP EB 79 -97.69 -32.40 -25.32
N ILE EB 80 -96.36 -32.50 -25.21
CA ILE EB 80 -95.74 -32.30 -23.90
C ILE EB 80 -95.81 -30.83 -23.48
N ILE EB 81 -95.59 -29.91 -24.41
CA ILE EB 81 -95.71 -28.50 -24.09
C ILE EB 81 -97.17 -28.11 -23.83
N HIS EB 82 -98.12 -28.72 -24.53
CA HIS EB 82 -99.51 -28.40 -24.27
C HIS EB 82 -99.98 -28.97 -22.94
N TYR EB 83 -99.38 -30.08 -22.52
CA TYR EB 83 -99.60 -30.52 -21.15
C TYR EB 83 -98.91 -29.61 -20.16
N TYR EB 84 -97.79 -29.04 -20.55
CA TYR EB 84 -97.04 -28.17 -19.67
C TYR EB 84 -97.74 -26.83 -19.51
N LEU EB 85 -98.48 -26.41 -20.52
CA LEU EB 85 -99.03 -25.08 -20.59
C LEU EB 85 -100.49 -25.04 -20.20
N LYS EB 86 -101.06 -26.13 -19.72
CA LYS EB 86 -102.27 -25.93 -18.95
C LYS EB 86 -101.88 -25.85 -17.48
N TYR EB 87 -101.32 -26.93 -16.96
CA TYR EB 87 -101.47 -27.21 -15.55
C TYR EB 87 -100.48 -26.44 -14.70
N HIS EB 88 -99.18 -26.65 -14.94
CA HIS EB 88 -98.17 -25.98 -14.14
C HIS EB 88 -98.14 -24.49 -14.43
N VAL EB 89 -98.41 -24.12 -15.68
CA VAL EB 89 -98.30 -22.72 -16.05
C VAL EB 89 -99.52 -21.94 -15.57
N THR EB 90 -100.64 -22.62 -15.27
CA THR EB 90 -101.72 -21.90 -14.65
C THR EB 90 -101.69 -22.01 -13.13
N THR EB 91 -100.95 -22.98 -12.56
CA THR EB 91 -100.82 -22.96 -11.11
C THR EB 91 -99.81 -21.94 -10.64
N LYS EB 92 -98.79 -21.66 -11.43
CA LYS EB 92 -98.05 -20.44 -11.14
C LYS EB 92 -98.94 -19.28 -11.55
N PRO EB 93 -99.31 -18.41 -10.65
CA PRO EB 93 -100.44 -17.51 -10.89
C PRO EB 93 -100.20 -16.36 -11.86
N TYR EB 94 -99.18 -15.54 -11.61
CA TYR EB 94 -98.85 -14.46 -12.53
C TYR EB 94 -97.85 -15.02 -13.50
N THR EB 95 -98.34 -15.36 -14.67
CA THR EB 95 -97.66 -16.19 -15.64
C THR EB 95 -98.16 -15.60 -16.94
N ILE EB 96 -98.27 -16.43 -17.99
CA ILE EB 96 -98.62 -16.02 -19.34
C ILE EB 96 -99.87 -15.16 -19.31
N VAL EB 97 -99.74 -13.97 -19.86
CA VAL EB 97 -100.83 -12.99 -19.78
C VAL EB 97 -100.92 -12.30 -21.12
N GLU EB 98 -102.14 -11.94 -21.46
CA GLU EB 98 -102.48 -11.46 -22.79
C GLU EB 98 -102.81 -9.98 -22.73
N LYS EB 99 -102.06 -9.19 -23.50
CA LYS EB 99 -102.46 -7.84 -23.83
C LYS EB 99 -103.82 -7.89 -24.49
N LYS EB 100 -104.69 -7.04 -23.96
CA LYS EB 100 -106.11 -7.23 -23.91
C LYS EB 100 -106.71 -7.16 -25.31
N PRO EB 101 -107.62 -8.07 -25.65
CA PRO EB 101 -108.26 -8.03 -26.98
C PRO EB 101 -109.10 -6.78 -27.12
N ARG EB 102 -108.79 -6.00 -28.14
CA ARG EB 102 -109.37 -4.68 -28.31
C ARG EB 102 -110.82 -4.81 -28.71
N ILE EB 103 -111.69 -4.02 -28.10
CA ILE EB 103 -113.08 -3.96 -28.48
C ILE EB 103 -113.35 -2.67 -29.24
N PHE EB 104 -114.20 -2.77 -30.22
CA PHE EB 104 -114.62 -1.81 -31.22
C PHE EB 104 -116.06 -1.43 -30.98
N PRO EB 105 -116.45 -0.16 -31.23
CA PRO EB 105 -117.71 0.34 -30.67
C PRO EB 105 -118.97 -0.25 -31.27
N GLY EB 106 -118.89 -1.01 -32.34
CA GLY EB 106 -120.06 -1.64 -32.89
C GLY EB 106 -120.22 -3.09 -32.54
N ASP EB 107 -119.33 -3.64 -31.70
CA ASP EB 107 -119.36 -5.05 -31.36
C ASP EB 107 -120.24 -5.30 -30.14
N THR EB 108 -120.18 -6.53 -29.66
CA THR EB 108 -120.81 -6.95 -28.42
C THR EB 108 -119.89 -7.95 -27.75
N ILE EB 109 -120.11 -8.19 -26.47
CA ILE EB 109 -119.19 -9.01 -25.71
C ILE EB 109 -119.47 -10.49 -25.99
N LEU EB 110 -118.42 -11.24 -26.33
CA LEU EB 110 -118.52 -12.67 -26.54
C LEU EB 110 -118.87 -13.40 -25.26
N GLU EB 111 -118.47 -12.84 -24.12
CA GLU EB 111 -118.47 -13.57 -22.85
C GLU EB 111 -119.87 -13.71 -22.27
N THR EB 112 -120.47 -12.58 -21.91
CA THR EB 112 -121.82 -12.55 -21.37
C THR EB 112 -122.82 -12.03 -22.38
N GLY EB 113 -122.50 -10.93 -23.05
CA GLY EB 113 -123.28 -10.42 -24.14
C GLY EB 113 -123.98 -9.12 -23.85
N GLU EB 114 -123.32 -8.02 -24.25
CA GLU EB 114 -123.91 -6.69 -24.25
C GLU EB 114 -123.10 -5.82 -25.20
N VAL EB 115 -123.80 -4.95 -25.91
CA VAL EB 115 -123.20 -4.21 -27.01
C VAL EB 115 -122.45 -2.99 -26.51
N ILE EB 116 -121.74 -2.35 -27.41
CA ILE EB 116 -121.05 -1.11 -27.14
C ILE EB 116 -121.79 -0.04 -27.94
N PRO EB 117 -121.96 1.17 -27.43
CA PRO EB 117 -122.61 2.24 -28.20
C PRO EB 117 -121.85 2.57 -29.46
N PRO EB 118 -122.55 2.70 -30.59
CA PRO EB 118 -121.88 3.09 -31.83
C PRO EB 118 -121.40 4.52 -31.77
N MET EB 119 -120.45 4.83 -32.65
CA MET EB 119 -119.90 6.16 -32.72
C MET EB 119 -120.94 7.12 -33.32
N LYS EB 120 -120.68 8.41 -33.17
CA LYS EB 120 -121.65 9.43 -33.47
C LYS EB 120 -121.48 9.91 -34.91
N GLU EB 121 -122.04 11.08 -35.24
CA GLU EB 121 -122.17 11.54 -36.61
C GLU EB 121 -120.82 11.88 -37.24
N PHE EB 122 -120.66 11.48 -38.49
CA PHE EB 122 -119.52 11.58 -39.39
C PHE EB 122 -119.14 12.90 -40.09
N PRO EB 123 -120.10 13.83 -40.37
CA PRO EB 123 -120.18 14.43 -41.72
C PRO EB 123 -119.03 15.26 -42.27
N ASP EB 124 -119.26 15.72 -43.52
CA ASP EB 124 -118.36 16.56 -44.33
C ASP EB 124 -117.08 15.83 -44.71
N GLN EB 125 -117.22 14.56 -45.09
CA GLN EB 125 -116.10 13.76 -45.54
C GLN EB 125 -115.68 14.16 -46.94
N GLY FB 1 -87.44 23.62 -48.30
CA GLY FB 1 -87.07 24.45 -49.43
C GLY FB 1 -86.46 25.78 -49.06
N ALA FB 2 -86.65 26.77 -49.92
CA ALA FB 2 -86.01 28.05 -49.73
C ALA FB 2 -86.71 28.93 -48.72
N HIS FB 3 -87.89 28.55 -48.22
CA HIS FB 3 -88.48 29.29 -47.12
C HIS FB 3 -87.59 29.22 -45.89
N LEU FB 4 -87.00 28.04 -45.68
CA LEU FB 4 -86.02 27.86 -44.62
C LEU FB 4 -84.73 28.61 -44.93
N ALA FB 5 -84.40 28.75 -46.22
CA ALA FB 5 -83.23 29.54 -46.60
C ALA FB 5 -83.43 31.00 -46.29
N ARG FB 6 -84.66 31.51 -46.48
CA ARG FB 6 -84.98 32.87 -46.09
C ARG FB 6 -84.90 33.03 -44.59
N ARG FB 7 -85.40 32.02 -43.86
CA ARG FB 7 -85.36 32.05 -42.41
C ARG FB 7 -83.93 32.02 -41.87
N TYR FB 8 -82.99 31.46 -42.63
CA TYR FB 8 -81.62 31.48 -42.13
C TYR FB 8 -80.81 32.68 -42.61
N LEU FB 9 -81.03 33.14 -43.83
CA LEU FB 9 -80.24 34.27 -44.32
C LEU FB 9 -80.80 35.59 -43.83
N GLY FB 10 -82.08 35.85 -44.10
CA GLY FB 10 -82.64 37.19 -43.99
C GLY FB 10 -82.94 37.63 -42.57
N ASP FB 11 -83.86 38.57 -42.47
CA ASP FB 11 -84.33 38.99 -41.15
C ASP FB 11 -85.13 37.87 -40.50
N ALA FB 12 -84.73 37.50 -39.30
CA ALA FB 12 -85.34 36.36 -38.63
C ALA FB 12 -86.58 36.74 -37.84
N SER FB 13 -86.98 38.01 -37.84
CA SER FB 13 -88.15 38.41 -37.09
C SER FB 13 -89.42 37.90 -37.77
N VAL FB 14 -89.63 38.29 -39.02
CA VAL FB 14 -90.88 38.00 -39.69
C VAL FB 14 -91.02 36.52 -40.02
N GLU FB 15 -89.92 35.78 -40.08
CA GLU FB 15 -89.99 34.33 -40.18
C GLU FB 15 -90.15 33.78 -38.78
N PRO FB 16 -91.13 32.94 -38.52
CA PRO FB 16 -91.44 32.57 -37.14
C PRO FB 16 -90.45 31.54 -36.62
N GLU FB 17 -90.59 31.24 -35.37
CA GLU FB 17 -89.86 30.06 -34.94
C GLU FB 17 -90.80 28.88 -34.80
N PRO FB 18 -90.45 27.72 -35.36
CA PRO FB 18 -91.14 26.49 -34.99
C PRO FB 18 -90.82 26.14 -33.56
N LEU FB 19 -91.67 25.28 -32.99
CA LEU FB 19 -91.78 24.81 -31.60
C LEU FB 19 -92.16 25.91 -30.62
N ARG FB 20 -92.26 27.15 -31.09
CA ARG FB 20 -92.86 28.27 -30.38
C ARG FB 20 -93.72 29.05 -31.35
N MET FB 21 -94.45 28.33 -32.18
CA MET FB 21 -95.44 28.94 -33.08
C MET FB 21 -96.55 29.69 -32.35
N PRO FB 22 -97.19 29.18 -31.26
CA PRO FB 22 -98.19 30.04 -30.59
C PRO FB 22 -97.58 31.23 -29.89
N THR FB 23 -97.72 32.39 -30.54
CA THR FB 23 -97.18 33.65 -30.09
C THR FB 23 -98.25 34.70 -29.86
N PHE FB 24 -99.06 34.96 -30.86
CA PHE FB 24 -100.09 35.96 -30.72
C PHE FB 24 -101.32 35.41 -30.01
N PRO FB 25 -102.07 36.25 -29.32
CA PRO FB 25 -103.35 35.83 -28.77
C PRO FB 25 -104.34 35.51 -29.88
N PRO FB 26 -105.33 34.65 -29.63
CA PRO FB 26 -106.16 34.13 -30.71
C PRO FB 26 -107.16 35.16 -31.22
N ASP FB 27 -107.98 34.70 -32.17
CA ASP FB 27 -109.12 35.32 -32.87
C ASP FB 27 -108.96 36.83 -33.06
N TYR FB 28 -107.77 37.19 -33.54
CA TYR FB 28 -107.39 38.57 -33.79
C TYR FB 28 -107.96 39.07 -35.11
N GLY FB 29 -108.39 38.17 -35.98
CA GLY FB 29 -109.05 38.53 -37.21
C GLY FB 29 -110.15 37.53 -37.54
N PHE FB 30 -110.40 36.62 -36.60
CA PHE FB 30 -111.45 35.62 -36.71
C PHE FB 30 -112.86 36.07 -36.32
N PRO FB 31 -113.01 36.94 -35.30
CA PRO FB 31 -113.82 36.60 -34.11
C PRO FB 31 -115.03 35.71 -34.29
N GLU FB 32 -115.14 34.73 -33.37
CA GLU FB 32 -116.13 33.66 -33.38
C GLU FB 32 -116.05 32.83 -34.67
N ARG FB 33 -114.92 32.17 -34.84
CA ARG FB 33 -114.79 31.10 -35.83
C ARG FB 33 -114.02 29.98 -35.15
N LYS FB 34 -114.76 29.07 -34.52
CA LYS FB 34 -114.20 27.86 -33.93
C LYS FB 34 -115.34 26.87 -33.76
N GLU FB 35 -115.09 25.62 -34.17
CA GLU FB 35 -115.89 24.52 -33.68
C GLU FB 35 -115.05 23.52 -32.88
N ARG FB 36 -114.02 22.92 -33.50
CA ARG FB 36 -113.25 21.80 -32.98
C ARG FB 36 -114.13 20.72 -32.35
N GLU FB 37 -114.97 20.15 -33.21
CA GLU FB 37 -116.06 19.25 -32.84
C GLU FB 37 -115.54 18.02 -32.11
N MET FB 38 -114.76 17.19 -32.81
CA MET FB 38 -114.03 16.05 -32.25
C MET FB 38 -115.01 15.06 -31.62
N VAL FB 39 -115.73 14.38 -32.49
CA VAL FB 39 -116.87 13.57 -32.07
C VAL FB 39 -116.37 12.13 -32.01
N ALA FB 40 -115.06 11.97 -31.82
CA ALA FB 40 -114.40 10.68 -31.89
C ALA FB 40 -114.50 9.88 -30.61
N THR FB 41 -115.25 10.35 -29.62
CA THR FB 41 -115.72 9.60 -28.45
C THR FB 41 -114.55 9.02 -27.64
N GLN FB 42 -113.84 9.94 -26.99
CA GLN FB 42 -112.51 9.70 -26.42
C GLN FB 42 -112.43 8.51 -25.47
N GLN FB 43 -113.52 8.22 -24.76
CA GLN FB 43 -113.54 7.01 -23.94
C GLN FB 43 -113.48 5.76 -24.81
N GLU FB 44 -114.20 5.76 -25.93
CA GLU FB 44 -114.12 4.63 -26.86
C GLU FB 44 -112.76 4.57 -27.53
N MET FB 45 -112.20 5.75 -27.82
CA MET FB 45 -110.85 5.87 -28.39
C MET FB 45 -109.81 5.27 -27.48
N ASN FB 46 -110.01 5.36 -26.18
CA ASN FB 46 -109.12 4.67 -25.27
C ASN FB 46 -109.51 3.21 -25.09
N ASP FB 47 -110.77 2.87 -25.29
CA ASP FB 47 -111.22 1.49 -25.13
C ASP FB 47 -110.57 0.58 -26.14
N ALA FB 48 -110.64 0.91 -27.42
CA ALA FB 48 -109.70 0.30 -28.34
C ALA FB 48 -108.33 0.87 -28.04
N GLN FB 49 -107.33 0.02 -27.87
CA GLN FB 49 -106.06 0.50 -27.32
C GLN FB 49 -105.29 1.24 -28.40
N LEU FB 50 -105.62 2.51 -28.56
CA LEU FB 50 -104.94 3.32 -29.55
C LEU FB 50 -103.63 3.84 -28.99
N VAL FB 51 -102.89 4.52 -29.85
CA VAL FB 51 -101.51 4.83 -29.61
C VAL FB 51 -101.41 6.32 -29.26
N LEU FB 52 -100.45 6.64 -28.42
CA LEU FB 52 -100.06 8.03 -28.24
C LEU FB 52 -99.53 8.56 -29.56
N GLN FB 53 -99.82 9.83 -29.84
CA GLN FB 53 -99.76 10.44 -31.17
C GLN FB 53 -100.60 9.73 -32.20
N GLN FB 54 -101.60 8.96 -31.77
CA GLN FB 54 -102.73 8.62 -32.62
C GLN FB 54 -104.03 8.93 -31.95
N ARG FB 55 -104.02 9.32 -30.67
CA ARG FB 55 -105.20 9.84 -29.97
C ARG FB 55 -105.45 11.29 -30.40
N ASP FB 56 -105.70 11.48 -31.70
CA ASP FB 56 -105.62 12.79 -32.31
C ASP FB 56 -106.82 12.96 -33.22
N TYR FB 57 -106.77 13.99 -34.06
CA TYR FB 57 -107.89 14.26 -34.94
C TYR FB 57 -108.01 13.18 -36.01
N CYS FB 58 -109.17 13.18 -36.66
CA CYS FB 58 -109.54 12.20 -37.69
C CYS FB 58 -109.50 10.77 -37.16
N ALA FB 59 -109.85 10.61 -35.88
CA ALA FB 59 -109.60 9.35 -35.23
C ALA FB 59 -110.60 8.29 -35.63
N HIS FB 60 -111.84 8.69 -35.86
CA HIS FB 60 -112.91 7.74 -36.12
C HIS FB 60 -112.75 7.04 -37.46
N TYR FB 61 -112.06 7.67 -38.41
CA TYR FB 61 -111.67 6.97 -39.62
C TYR FB 61 -110.72 5.84 -39.29
N LEU FB 62 -109.81 6.07 -38.35
CA LEU FB 62 -108.92 5.00 -37.91
C LEU FB 62 -109.66 3.92 -37.15
N ILE FB 63 -110.70 4.29 -36.39
CA ILE FB 63 -111.47 3.30 -35.65
C ILE FB 63 -112.18 2.36 -36.61
N ARG FB 64 -112.82 2.93 -37.62
CA ARG FB 64 -113.47 2.09 -38.62
C ARG FB 64 -112.44 1.38 -39.48
N PHE FB 65 -111.25 1.94 -39.64
CA PHE FB 65 -110.20 1.28 -40.39
C PHE FB 65 -109.78 -0.01 -39.70
N LEU FB 66 -109.45 0.08 -38.41
CA LEU FB 66 -109.10 -1.12 -37.66
C LEU FB 66 -110.27 -2.07 -37.54
N LYS FB 67 -111.49 -1.53 -37.45
CA LYS FB 67 -112.67 -2.35 -37.33
C LYS FB 67 -112.88 -3.19 -38.57
N CYS FB 68 -112.79 -2.58 -39.74
CA CYS FB 68 -113.00 -3.33 -40.96
C CYS FB 68 -111.80 -4.21 -41.28
N LYS FB 69 -110.60 -3.82 -40.81
CA LYS FB 69 -109.44 -4.67 -41.03
C LYS FB 69 -109.56 -5.97 -40.25
N ARG FB 70 -109.93 -5.87 -38.98
CA ARG FB 70 -110.14 -7.04 -38.14
C ARG FB 70 -111.29 -7.87 -38.69
N ASP FB 71 -112.42 -7.23 -38.96
CA ASP FB 71 -113.62 -7.95 -39.36
C ASP FB 71 -113.51 -8.53 -40.76
N SER FB 72 -112.66 -7.97 -41.62
CA SER FB 72 -112.41 -8.54 -42.93
C SER FB 72 -110.93 -8.85 -42.98
N PHE FB 73 -110.56 -9.94 -42.34
CA PHE FB 73 -109.16 -10.34 -42.34
C PHE FB 73 -108.71 -11.19 -43.54
N PRO FB 74 -109.40 -12.25 -43.96
CA PRO FB 74 -108.93 -12.96 -45.15
C PRO FB 74 -109.11 -12.17 -46.43
N ASN FB 75 -110.05 -11.24 -46.47
CA ASN FB 75 -110.10 -10.25 -47.54
C ASN FB 75 -108.95 -9.28 -47.29
N PHE FB 76 -107.77 -9.69 -47.77
CA PHE FB 76 -106.51 -9.06 -47.42
C PHE FB 76 -106.36 -7.67 -48.03
N LEU FB 77 -107.08 -7.40 -49.11
CA LEU FB 77 -106.96 -6.13 -49.82
C LEU FB 77 -108.23 -5.29 -49.69
N ALA FB 78 -109.05 -5.55 -48.68
CA ALA FB 78 -110.40 -5.00 -48.65
C ALA FB 78 -110.42 -3.52 -48.27
N CYS FB 79 -109.91 -3.19 -47.09
CA CYS FB 79 -110.09 -1.85 -46.55
C CYS FB 79 -109.13 -0.90 -47.22
N LYS FB 80 -109.60 -0.23 -48.27
CA LYS FB 80 -108.75 0.72 -48.97
C LYS FB 80 -109.42 2.06 -49.13
N HIS FB 81 -110.75 2.07 -49.25
CA HIS FB 81 -111.45 3.35 -49.35
C HIS FB 81 -111.43 4.08 -48.02
N GLU FB 82 -111.59 3.36 -46.92
CA GLU FB 82 -111.41 3.99 -45.61
C GLU FB 82 -109.98 4.42 -45.39
N GLN FB 83 -109.01 3.66 -45.90
CA GLN FB 83 -107.62 4.05 -45.77
C GLN FB 83 -107.37 5.35 -46.52
N HIS FB 84 -107.90 5.44 -47.74
CA HIS FB 84 -107.77 6.65 -48.56
C HIS FB 84 -108.48 7.83 -47.92
N ASP FB 85 -109.61 7.60 -47.28
CA ASP FB 85 -110.34 8.73 -46.70
C ASP FB 85 -109.72 9.20 -45.39
N TRP FB 86 -109.16 8.29 -44.61
CA TRP FB 86 -108.36 8.69 -43.46
C TRP FB 86 -107.13 9.47 -43.89
N ASP FB 87 -106.54 9.07 -45.02
CA ASP FB 87 -105.44 9.84 -45.58
C ASP FB 87 -105.89 11.22 -45.97
N TYR FB 88 -107.09 11.34 -46.54
CA TYR FB 88 -107.59 12.64 -46.95
C TYR FB 88 -107.87 13.53 -45.75
N CYS FB 89 -108.35 12.93 -44.66
CA CYS FB 89 -108.64 13.71 -43.47
C CYS FB 89 -107.36 14.21 -42.84
N GLU FB 90 -106.34 13.36 -42.80
CA GLU FB 90 -105.05 13.83 -42.31
C GLU FB 90 -104.38 14.80 -43.27
N HIS FB 91 -104.70 14.72 -44.56
CA HIS FB 91 -104.26 15.73 -45.49
C HIS FB 91 -104.88 17.08 -45.17
N LEU FB 92 -106.17 17.08 -44.82
CA LEU FB 92 -106.79 18.34 -44.43
C LEU FB 92 -106.25 18.85 -43.12
N ASP FB 93 -105.88 17.94 -42.21
CA ASP FB 93 -105.25 18.35 -40.97
C ASP FB 93 -103.89 19.00 -41.23
N TYR FB 94 -103.12 18.43 -42.15
CA TYR FB 94 -101.81 18.99 -42.49
C TYR FB 94 -101.96 20.35 -43.18
N VAL FB 95 -102.96 20.47 -44.05
CA VAL FB 95 -103.26 21.74 -44.70
C VAL FB 95 -103.63 22.78 -43.68
N LYS FB 96 -104.43 22.40 -42.70
CA LYS FB 96 -104.88 23.31 -41.67
C LYS FB 96 -103.72 23.75 -40.78
N ARG FB 97 -102.76 22.86 -40.56
CA ARG FB 97 -101.57 23.23 -39.80
C ARG FB 97 -100.70 24.22 -40.58
N MET FB 98 -100.59 24.03 -41.89
CA MET FB 98 -99.82 24.98 -42.70
C MET FB 98 -100.50 26.33 -42.74
N LYS FB 99 -101.83 26.33 -42.74
CA LYS FB 99 -102.58 27.57 -42.68
C LYS FB 99 -102.37 28.28 -41.35
N GLU FB 100 -102.27 27.51 -40.27
CA GLU FB 100 -101.96 28.07 -38.96
C GLU FB 100 -100.58 28.71 -38.95
N PHE FB 101 -99.62 28.04 -39.59
CA PHE FB 101 -98.26 28.56 -39.74
C PHE FB 101 -98.26 29.93 -40.39
N GLU FB 102 -98.75 29.99 -41.63
CA GLU FB 102 -98.64 31.26 -42.35
C GLU FB 102 -99.60 32.31 -41.82
N ARG FB 103 -100.65 31.90 -41.10
CA ARG FB 103 -101.46 32.84 -40.33
C ARG FB 103 -100.56 33.61 -39.38
N GLU FB 104 -99.88 32.89 -38.49
CA GLU FB 104 -99.09 33.56 -37.47
C GLU FB 104 -97.88 34.27 -38.07
N ARG FB 105 -97.36 33.74 -39.17
CA ARG FB 105 -96.25 34.37 -39.86
C ARG FB 105 -96.64 35.71 -40.44
N ARG FB 106 -97.71 35.75 -41.23
CA ARG FB 106 -98.09 36.98 -41.89
C ARG FB 106 -98.64 37.99 -40.91
N LEU FB 107 -99.24 37.52 -39.81
CA LEU FB 107 -99.59 38.43 -38.72
C LEU FB 107 -98.35 39.12 -38.18
N LEU FB 108 -97.32 38.34 -37.84
CA LEU FB 108 -96.11 38.92 -37.24
C LEU FB 108 -95.43 39.86 -38.21
N GLN FB 109 -95.30 39.43 -39.46
CA GLN FB 109 -94.66 40.21 -40.51
C GLN FB 109 -95.40 41.51 -40.75
N ARG FB 110 -96.66 41.42 -41.17
CA ARG FB 110 -97.33 42.61 -41.66
C ARG FB 110 -97.66 43.55 -40.51
N LYS FB 111 -98.06 43.00 -39.35
CA LYS FB 111 -98.37 43.84 -38.21
C LYS FB 111 -97.13 44.55 -37.67
N LYS FB 112 -96.05 43.80 -37.40
CA LYS FB 112 -94.88 44.41 -36.78
C LYS FB 112 -94.16 45.34 -37.73
N ARG FB 113 -94.04 44.94 -39.00
CA ARG FB 113 -93.36 45.81 -39.96
C ARG FB 113 -94.21 47.00 -40.35
N ARG FB 114 -95.54 46.85 -40.38
CA ARG FB 114 -96.41 48.00 -40.62
C ARG FB 114 -96.31 49.01 -39.49
N GLU FB 115 -96.37 48.54 -38.24
CA GLU FB 115 -96.31 49.47 -37.11
C GLU FB 115 -94.94 50.12 -36.98
N GLN FB 116 -93.87 49.36 -37.20
CA GLN FB 116 -92.53 49.88 -37.00
C GLN FB 116 -91.88 50.37 -38.29
N ARG FB 117 -92.64 50.45 -39.38
CA ARG FB 117 -92.23 51.21 -40.54
C ARG FB 117 -93.25 52.27 -40.91
N GLU FB 118 -94.29 52.46 -40.09
CA GLU FB 118 -95.07 53.68 -40.09
C GLU FB 118 -95.15 54.28 -38.69
N ALA FB 119 -94.22 53.91 -37.82
CA ALA FB 119 -94.12 54.51 -36.50
C ALA FB 119 -92.67 54.59 -36.03
N PHE GB 2 -32.36 -12.57 -50.04
CA PHE GB 2 -32.81 -13.57 -49.08
C PHE GB 2 -33.33 -14.78 -49.84
N LEU GB 3 -32.44 -15.68 -50.25
CA LEU GB 3 -32.78 -16.68 -51.24
C LEU GB 3 -31.83 -17.85 -51.11
N PRO GB 4 -32.25 -19.08 -51.44
CA PRO GB 4 -31.44 -20.27 -51.13
C PRO GB 4 -30.23 -20.49 -52.01
N SER GB 5 -30.29 -20.04 -53.26
CA SER GB 5 -29.26 -20.40 -54.22
C SER GB 5 -27.97 -19.64 -53.96
N ALA GB 6 -28.00 -18.32 -54.09
CA ALA GB 6 -26.80 -17.51 -53.90
C ALA GB 6 -27.03 -16.41 -52.88
N ALA GB 7 -26.10 -15.47 -52.81
CA ALA GB 7 -26.09 -14.47 -51.73
C ALA GB 7 -26.90 -13.22 -52.07
N TYR GB 8 -27.49 -13.15 -53.25
CA TYR GB 8 -28.09 -11.94 -53.77
C TYR GB 8 -28.88 -12.36 -54.99
N LEU GB 9 -29.66 -11.43 -55.56
CA LEU GB 9 -30.40 -11.90 -56.71
C LEU GB 9 -29.51 -11.87 -57.93
N THR GB 10 -29.37 -10.68 -58.52
CA THR GB 10 -28.37 -10.15 -59.44
C THR GB 10 -28.97 -8.83 -59.90
N HIS GB 11 -28.30 -8.11 -60.78
CA HIS GB 11 -28.98 -7.02 -61.45
C HIS GB 11 -30.13 -7.51 -62.31
N GLN GB 12 -29.89 -8.60 -63.05
CA GLN GB 12 -30.78 -9.08 -64.09
C GLN GB 12 -32.14 -9.48 -63.54
N GLN GB 13 -32.12 -10.37 -62.56
CA GLN GB 13 -33.34 -10.84 -61.96
C GLN GB 13 -34.03 -9.76 -61.13
N LYS GB 14 -33.28 -8.78 -60.65
CA LYS GB 14 -33.89 -7.66 -59.92
C LYS GB 14 -34.76 -6.84 -60.86
N VAL GB 15 -34.21 -6.49 -62.02
CA VAL GB 15 -34.98 -5.83 -63.08
C VAL GB 15 -36.15 -6.69 -63.51
N LEU GB 16 -35.93 -7.99 -63.56
CA LEU GB 16 -36.94 -8.92 -64.02
C LEU GB 16 -38.12 -8.96 -63.06
N GLN GB 17 -37.85 -9.03 -61.75
CA GLN GB 17 -38.91 -9.02 -60.75
C GLN GB 17 -39.66 -7.71 -60.79
N LEU GB 18 -38.95 -6.61 -61.06
CA LEU GB 18 -39.65 -5.34 -61.26
C LEU GB 18 -40.59 -5.41 -62.45
N TYR GB 19 -40.17 -6.05 -63.53
CA TYR GB 19 -41.01 -6.11 -64.72
C TYR GB 19 -42.23 -6.97 -64.48
N LYS GB 20 -42.05 -8.06 -63.74
CA LYS GB 20 -43.18 -8.91 -63.37
C LYS GB 20 -44.16 -8.17 -62.49
N ARG GB 21 -43.65 -7.43 -61.51
CA ARG GB 21 -44.52 -6.68 -60.59
C ARG GB 21 -45.27 -5.57 -61.31
N ALA GB 22 -44.60 -4.85 -62.20
CA ALA GB 22 -45.26 -3.74 -62.87
C ALA GB 22 -46.30 -4.24 -63.85
N LEU GB 23 -46.02 -5.35 -64.52
CA LEU GB 23 -46.99 -5.95 -65.42
C LEU GB 23 -48.19 -6.48 -64.65
N ARG GB 24 -47.94 -7.05 -63.47
CA ARG GB 24 -49.02 -7.56 -62.63
C ARG GB 24 -49.88 -6.43 -62.08
N HIS GB 25 -49.24 -5.37 -61.60
CA HIS GB 25 -49.97 -4.19 -61.16
C HIS GB 25 -50.73 -3.55 -62.30
N LEU GB 26 -50.23 -3.66 -63.52
CA LEU GB 26 -50.93 -3.07 -64.63
C LEU GB 26 -52.16 -3.90 -64.98
N GLU GB 27 -52.10 -5.21 -64.76
CA GLU GB 27 -53.33 -6.01 -64.73
C GLU GB 27 -54.28 -5.47 -63.68
N SER GB 28 -53.80 -5.28 -62.46
CA SER GB 28 -54.68 -4.91 -61.35
C SER GB 28 -55.26 -3.51 -61.49
N ARG GB 29 -54.60 -2.66 -62.26
CA ARG GB 29 -55.11 -1.34 -62.56
C ARG GB 29 -56.09 -1.41 -63.72
N CYS GB 30 -55.81 -2.27 -64.69
CA CYS GB 30 -56.42 -2.15 -65.99
C CYS GB 30 -57.32 -3.34 -66.25
N VAL GB 31 -58.62 -3.09 -66.26
CA VAL GB 31 -59.61 -4.06 -66.74
C VAL GB 31 -59.73 -3.96 -68.25
N HIS GB 32 -60.59 -4.82 -68.82
CA HIS GB 32 -61.09 -4.89 -70.19
C HIS GB 32 -60.11 -5.53 -71.14
N ARG GB 33 -58.87 -5.78 -70.72
CA ARG GB 33 -57.90 -6.70 -71.31
C ARG GB 33 -57.30 -6.22 -72.64
N ASP GB 34 -57.98 -5.33 -73.34
CA ASP GB 34 -57.44 -4.84 -74.60
C ASP GB 34 -56.51 -3.66 -74.38
N LYS GB 35 -56.99 -2.65 -73.65
CA LYS GB 35 -56.14 -1.57 -73.19
C LYS GB 35 -55.04 -2.09 -72.29
N TYR GB 36 -55.30 -3.19 -71.58
CA TYR GB 36 -54.25 -3.92 -70.90
C TYR GB 36 -53.17 -4.37 -71.86
N ARG GB 37 -53.59 -4.97 -72.99
CA ARG GB 37 -52.61 -5.48 -73.93
C ARG GB 37 -51.81 -4.35 -74.57
N TYR GB 38 -52.50 -3.24 -74.87
CA TYR GB 38 -51.86 -2.03 -75.38
C TYR GB 38 -50.79 -1.52 -74.43
N PHE GB 39 -51.18 -1.29 -73.18
CA PHE GB 39 -50.26 -0.72 -72.21
C PHE GB 39 -49.13 -1.67 -71.86
N ALA GB 40 -49.38 -2.97 -71.98
CA ALA GB 40 -48.30 -3.93 -71.76
C ALA GB 40 -47.25 -3.81 -72.86
N CYS GB 41 -47.69 -3.66 -74.11
CA CYS GB 41 -46.68 -3.47 -75.16
C CYS GB 41 -45.98 -2.13 -75.05
N LEU GB 42 -46.70 -1.11 -74.58
CA LEU GB 42 -46.08 0.19 -74.31
C LEU GB 42 -44.99 0.09 -73.25
N LEU GB 43 -45.28 -0.67 -72.20
CA LEU GB 43 -44.32 -0.83 -71.10
C LEU GB 43 -43.10 -1.61 -71.57
N ARG GB 44 -43.32 -2.61 -72.41
CA ARG GB 44 -42.23 -3.39 -72.97
C ARG GB 44 -41.35 -2.52 -73.85
N ALA GB 45 -41.96 -1.58 -74.58
CA ALA GB 45 -41.19 -0.64 -75.39
C ALA GB 45 -40.36 0.30 -74.51
N ARG GB 46 -40.94 0.74 -73.39
CA ARG GB 46 -40.20 1.60 -72.47
C ARG GB 46 -38.99 0.89 -71.88
N PHE GB 47 -39.09 -0.42 -71.67
CA PHE GB 47 -37.86 -1.13 -71.31
C PHE GB 47 -36.97 -1.39 -72.52
N ASP GB 48 -37.52 -1.39 -73.72
CA ASP GB 48 -36.70 -1.59 -74.90
C ASP GB 48 -35.88 -0.38 -75.28
N GLU GB 49 -36.19 0.79 -74.72
CA GLU GB 49 -35.49 2.01 -75.14
C GLU GB 49 -33.99 1.96 -74.82
N HIS GB 50 -33.64 1.54 -73.62
CA HIS GB 50 -32.23 1.47 -73.22
C HIS GB 50 -31.94 0.12 -72.60
N LYS GB 51 -32.29 -0.94 -73.33
CA LYS GB 51 -31.89 -2.27 -72.90
C LYS GB 51 -30.40 -2.48 -73.09
N ASN GB 52 -29.82 -1.86 -74.11
CA ASN GB 52 -28.48 -2.23 -74.57
C ASN GB 52 -27.44 -1.22 -74.11
N GLU GB 53 -27.53 -0.77 -72.88
CA GLU GB 53 -26.47 0.07 -72.34
C GLU GB 53 -25.26 -0.80 -72.03
N LYS GB 54 -24.13 -0.47 -72.64
CA LYS GB 54 -22.88 -1.04 -72.17
C LYS GB 54 -22.50 -0.49 -70.81
N ASP GB 55 -23.00 0.71 -70.48
CA ASP GB 55 -22.90 1.24 -69.13
C ASP GB 55 -23.62 0.34 -68.14
N MET GB 56 -23.24 0.47 -66.90
CA MET GB 56 -23.89 -0.28 -65.84
C MET GB 56 -24.40 0.64 -64.75
N VAL GB 57 -23.66 1.69 -64.45
CA VAL GB 57 -24.03 2.57 -63.36
C VAL GB 57 -25.22 3.44 -63.74
N LYS GB 58 -25.28 3.88 -64.98
CA LYS GB 58 -26.46 4.60 -65.44
C LYS GB 58 -27.67 3.66 -65.51
N ALA GB 59 -27.42 2.39 -65.79
CA ALA GB 59 -28.49 1.40 -65.82
C ALA GB 59 -29.09 1.19 -64.44
N THR GB 60 -28.24 1.06 -63.41
CA THR GB 60 -28.80 0.84 -62.09
C THR GB 60 -29.39 2.11 -61.52
N GLN GB 61 -28.93 3.28 -61.96
CA GLN GB 61 -29.59 4.50 -61.55
C GLN GB 61 -30.96 4.62 -62.20
N LEU GB 62 -31.08 4.22 -63.46
CA LEU GB 62 -32.39 4.15 -64.09
C LEU GB 62 -33.27 3.11 -63.44
N LEU GB 63 -32.67 2.05 -62.89
CA LEU GB 63 -33.45 1.09 -62.11
C LEU GB 63 -34.05 1.74 -60.88
N ARG GB 64 -33.27 2.55 -60.17
CA ARG GB 64 -33.79 3.19 -58.98
C ARG GB 64 -34.89 4.21 -59.31
N GLU GB 65 -34.69 4.99 -60.37
CA GLU GB 65 -35.73 5.94 -60.75
C GLU GB 65 -36.97 5.23 -61.30
N ALA GB 66 -36.78 4.04 -61.87
CA ALA GB 66 -37.90 3.22 -62.25
C ALA GB 66 -38.68 2.75 -61.04
N GLU GB 67 -37.97 2.36 -59.97
CA GLU GB 67 -38.67 1.93 -58.75
C GLU GB 67 -39.43 3.06 -58.12
N LYS GB 68 -38.92 4.28 -58.22
CA LYS GB 68 -39.67 5.43 -57.74
C LYS GB 68 -40.97 5.62 -58.52
N GLU GB 69 -40.89 5.62 -59.87
CA GLU GB 69 -42.13 5.79 -60.61
C GLU GB 69 -43.04 4.57 -60.55
N PHE GB 70 -42.50 3.42 -60.18
CA PHE GB 70 -43.37 2.27 -59.95
C PHE GB 70 -44.11 2.38 -58.63
N TRP GB 71 -43.37 2.64 -57.56
CA TRP GB 71 -43.97 2.65 -56.24
C TRP GB 71 -44.91 3.83 -56.08
N HIS GB 72 -44.68 4.90 -56.82
CA HIS GB 72 -45.69 5.94 -56.90
C HIS GB 72 -46.94 5.44 -57.63
N GLY GB 73 -46.80 4.48 -58.52
CA GLY GB 73 -47.92 4.13 -59.36
C GLY GB 73 -48.45 2.73 -59.18
N GLN GB 74 -48.30 2.16 -57.99
CA GLN GB 74 -48.78 0.81 -57.76
C GLN GB 74 -50.28 0.84 -57.53
N HIS GB 75 -50.83 -0.29 -57.19
CA HIS GB 75 -52.25 -0.32 -56.97
C HIS GB 75 -52.54 -0.53 -55.49
N PRO GB 76 -53.68 -0.06 -55.01
CA PRO GB 76 -54.07 -0.41 -53.64
C PRO GB 76 -54.30 -1.89 -53.42
N GLN GB 77 -55.01 -2.58 -54.31
CA GLN GB 77 -55.06 -4.04 -54.28
C GLN GB 77 -54.36 -4.54 -55.50
N PRO GB 78 -53.06 -4.82 -55.42
CA PRO GB 78 -52.40 -5.59 -56.47
C PRO GB 78 -53.07 -6.93 -56.60
N TYR GB 79 -53.19 -7.41 -57.84
CA TYR GB 79 -54.03 -8.57 -58.04
C TYR GB 79 -53.27 -9.83 -57.68
N ILE GB 80 -53.43 -10.25 -56.46
CA ILE GB 80 -52.84 -11.48 -55.94
C ILE GB 80 -53.77 -12.64 -56.27
N PHE GB 81 -53.19 -13.72 -56.68
CA PHE GB 81 -53.96 -14.89 -57.06
C PHE GB 81 -54.48 -15.61 -55.84
N PRO GB 82 -55.64 -16.24 -55.92
CA PRO GB 82 -56.20 -17.00 -54.80
C PRO GB 82 -55.56 -18.37 -54.60
N GLU GB 83 -54.24 -18.43 -54.71
CA GLU GB 83 -53.43 -19.54 -54.24
C GLU GB 83 -52.20 -19.05 -53.52
N SER GB 84 -51.87 -17.80 -53.64
CA SER GB 84 -50.63 -17.27 -53.12
C SER GB 84 -50.81 -16.83 -51.68
N PRO GB 85 -49.74 -16.84 -50.90
CA PRO GB 85 -49.75 -16.11 -49.64
C PRO GB 85 -49.92 -14.63 -49.89
N GLY GB 86 -50.68 -14.01 -49.01
CA GLY GB 86 -51.27 -12.71 -49.21
C GLY GB 86 -52.66 -12.86 -49.79
N GLY GB 87 -52.85 -13.84 -50.65
CA GLY GB 87 -54.08 -14.01 -51.39
C GLY GB 87 -55.22 -14.56 -50.56
N THR GB 88 -56.27 -14.95 -51.27
CA THR GB 88 -57.51 -15.40 -50.64
C THR GB 88 -57.37 -16.78 -50.03
N SER GB 89 -56.51 -17.64 -50.58
CA SER GB 89 -56.39 -18.99 -50.04
C SER GB 89 -55.45 -19.06 -48.85
N TYR GB 90 -54.14 -18.88 -49.10
CA TYR GB 90 -53.04 -19.00 -48.13
C TYR GB 90 -53.17 -20.23 -47.24
N GLU GB 91 -53.01 -21.41 -47.83
CA GLU GB 91 -53.28 -22.71 -47.21
C GLU GB 91 -54.72 -22.74 -46.67
N ARG GB 92 -55.62 -22.64 -47.61
CA ARG GB 92 -57.04 -22.53 -47.32
C ARG GB 92 -57.58 -23.84 -46.76
N TYR GB 93 -57.24 -24.94 -47.41
CA TYR GB 93 -57.68 -26.26 -47.01
C TYR GB 93 -56.63 -26.96 -46.16
N GLU GB 94 -56.00 -26.17 -45.29
CA GLU GB 94 -55.07 -26.66 -44.28
C GLU GB 94 -55.77 -27.41 -43.15
N CYS GB 95 -57.10 -27.44 -43.15
CA CYS GB 95 -57.88 -28.22 -42.21
C CYS GB 95 -57.55 -29.70 -42.28
N TYR GB 96 -57.11 -30.18 -43.45
CA TYR GB 96 -56.91 -31.59 -43.65
C TYR GB 96 -55.47 -31.92 -44.01
N LYS GB 97 -54.55 -30.96 -43.86
CA LYS GB 97 -53.15 -31.18 -44.20
C LYS GB 97 -52.42 -31.89 -43.07
N VAL GB 98 -52.85 -33.12 -42.84
CA VAL GB 98 -52.35 -33.91 -41.71
C VAL GB 98 -51.01 -34.51 -42.08
N PRO GB 99 -49.98 -34.33 -41.25
CA PRO GB 99 -48.71 -34.98 -41.53
C PRO GB 99 -48.83 -36.47 -41.28
N GLU GB 100 -47.92 -37.19 -41.91
CA GLU GB 100 -48.03 -38.64 -41.98
C GLU GB 100 -47.14 -39.34 -40.99
N TRP GB 101 -46.62 -38.62 -40.00
CA TRP GB 101 -46.13 -39.33 -38.84
C TRP GB 101 -47.28 -39.86 -38.02
N CYS GB 102 -48.49 -39.38 -38.25
CA CYS GB 102 -49.68 -40.02 -37.72
C CYS GB 102 -50.04 -41.22 -38.56
N LEU GB 103 -51.25 -41.75 -38.36
CA LEU GB 103 -51.87 -42.84 -39.11
C LEU GB 103 -51.22 -44.19 -38.81
N ASP GB 104 -50.09 -44.18 -38.13
CA ASP GB 104 -49.51 -45.37 -37.57
C ASP GB 104 -49.89 -45.54 -36.11
N ASP GB 105 -50.33 -44.46 -35.48
CA ASP GB 105 -50.82 -44.57 -34.12
C ASP GB 105 -52.32 -44.80 -34.12
N TRP GB 106 -52.77 -45.75 -34.92
CA TRP GB 106 -54.16 -46.18 -34.96
C TRP GB 106 -54.29 -47.56 -34.34
N HIS GB 107 -55.47 -47.80 -33.82
CA HIS GB 107 -55.79 -49.10 -33.27
C HIS GB 107 -55.86 -50.14 -34.37
N PRO GB 108 -55.38 -51.35 -34.11
CA PRO GB 108 -55.29 -52.37 -35.18
C PRO GB 108 -56.63 -52.85 -35.73
N SER GB 109 -57.77 -52.44 -35.16
CA SER GB 109 -59.03 -52.64 -35.87
C SER GB 109 -59.04 -51.86 -37.17
N GLU GB 110 -58.66 -50.58 -37.12
CA GLU GB 110 -58.60 -49.83 -38.36
C GLU GB 110 -57.36 -50.14 -39.17
N LYS GB 111 -56.33 -50.74 -38.56
CA LYS GB 111 -55.27 -51.29 -39.39
C LYS GB 111 -55.72 -52.58 -40.06
N ALA GB 112 -56.77 -53.21 -39.56
CA ALA GB 112 -57.43 -54.25 -40.32
C ALA GB 112 -58.42 -53.71 -41.33
N MET GB 113 -58.92 -52.49 -41.13
CA MET GB 113 -59.85 -51.93 -42.10
C MET GB 113 -59.17 -51.59 -43.42
N TYR GB 114 -57.90 -51.19 -43.39
CA TYR GB 114 -57.16 -50.78 -44.58
C TYR GB 114 -55.86 -51.55 -44.70
N PRO GB 115 -55.90 -52.82 -45.04
CA PRO GB 115 -54.70 -53.66 -44.86
C PRO GB 115 -53.54 -53.42 -45.83
N ASP GB 116 -53.83 -53.36 -47.14
CA ASP GB 116 -52.79 -53.31 -48.16
C ASP GB 116 -52.00 -52.02 -48.09
N TYR GB 117 -52.70 -50.94 -47.77
CA TYR GB 117 -52.08 -49.64 -47.62
C TYR GB 117 -51.06 -49.66 -46.51
N PHE GB 118 -51.38 -50.30 -45.40
CA PHE GB 118 -50.43 -50.32 -44.31
C PHE GB 118 -49.29 -51.29 -44.55
N ALA GB 119 -49.52 -52.34 -45.33
CA ALA GB 119 -48.42 -53.22 -45.73
C ALA GB 119 -47.40 -52.48 -46.59
N LYS GB 120 -47.89 -51.79 -47.62
CA LYS GB 120 -46.98 -51.05 -48.48
C LYS GB 120 -46.37 -49.85 -47.77
N ARG GB 121 -47.09 -49.26 -46.81
CA ARG GB 121 -46.50 -48.20 -46.02
C ARG GB 121 -45.38 -48.73 -45.13
N GLU GB 122 -45.53 -49.96 -44.63
CA GLU GB 122 -44.48 -50.53 -43.81
C GLU GB 122 -43.23 -50.83 -44.64
N GLN GB 123 -43.41 -51.28 -45.88
CA GLN GB 123 -42.21 -51.47 -46.68
C GLN GB 123 -41.62 -50.15 -47.13
N TRP GB 124 -42.43 -49.08 -47.17
CA TRP GB 124 -41.84 -47.75 -47.33
C TRP GB 124 -40.94 -47.39 -46.17
N LYS GB 125 -41.37 -47.66 -44.95
CA LYS GB 125 -40.53 -47.27 -43.82
C LYS GB 125 -39.28 -48.15 -43.74
N LYS GB 126 -39.38 -49.39 -44.18
CA LYS GB 126 -38.18 -50.21 -44.27
C LYS GB 126 -37.26 -49.77 -45.40
N LEU GB 127 -37.82 -49.22 -46.47
CA LEU GB 127 -37.02 -48.61 -47.53
C LEU GB 127 -36.26 -47.41 -46.98
N ARG GB 128 -36.92 -46.63 -46.14
CA ARG GB 128 -36.30 -45.47 -45.52
C ARG GB 128 -35.15 -45.87 -44.62
N ARG GB 129 -35.41 -46.74 -43.66
CA ARG GB 129 -34.40 -47.11 -42.67
C ARG GB 129 -33.29 -47.97 -43.28
N GLU GB 130 -33.61 -48.70 -44.34
CA GLU GB 130 -32.63 -49.58 -44.98
C GLU GB 130 -31.50 -48.80 -45.61
N SER GB 131 -31.77 -47.60 -46.10
CA SER GB 131 -30.75 -46.76 -46.71
C SER GB 131 -30.59 -45.46 -45.96
N TRP GB 132 -30.88 -45.48 -44.66
CA TRP GB 132 -30.76 -44.22 -43.94
C TRP GB 132 -29.34 -43.94 -43.52
N GLU GB 133 -28.65 -44.93 -42.95
CA GLU GB 133 -27.41 -44.61 -42.26
C GLU GB 133 -26.29 -44.33 -43.25
N ARG GB 134 -25.92 -45.38 -43.99
CA ARG GB 134 -24.65 -45.40 -44.72
C ARG GB 134 -24.64 -44.37 -45.83
N GLU GB 135 -25.54 -44.52 -46.80
CA GLU GB 135 -25.50 -43.70 -47.99
C GLU GB 135 -25.80 -42.24 -47.67
N VAL GB 136 -26.84 -42.00 -46.90
CA VAL GB 136 -27.28 -40.62 -46.67
C VAL GB 136 -26.29 -39.87 -45.79
N LYS GB 137 -25.90 -40.45 -44.67
CA LYS GB 137 -25.01 -39.69 -43.81
C LYS GB 137 -23.58 -39.65 -44.33
N GLN GB 138 -23.16 -40.66 -45.10
CA GLN GB 138 -21.86 -40.60 -45.75
C GLN GB 138 -21.83 -39.56 -46.86
N LEU GB 139 -22.90 -39.48 -47.65
CA LEU GB 139 -23.01 -38.42 -48.65
C LEU GB 139 -23.15 -37.04 -48.03
N GLN GB 140 -23.65 -36.94 -46.81
CA GLN GB 140 -23.69 -35.60 -46.23
C GLN GB 140 -22.36 -35.19 -45.62
N GLU GB 141 -21.69 -36.07 -44.88
CA GLU GB 141 -20.38 -35.72 -44.33
C GLU GB 141 -19.25 -35.94 -45.30
N GLU GB 142 -19.54 -36.24 -46.56
CA GLU GB 142 -18.49 -36.58 -47.51
C GLU GB 142 -18.06 -35.40 -48.36
N THR GB 143 -18.99 -34.82 -49.10
CA THR GB 143 -18.64 -33.86 -50.15
C THR GB 143 -18.20 -32.46 -49.69
N PRO GB 144 -18.90 -31.72 -48.76
CA PRO GB 144 -18.68 -30.27 -48.73
C PRO GB 144 -17.38 -29.82 -48.09
N VAL GB 145 -17.27 -28.50 -47.96
CA VAL GB 145 -16.10 -27.79 -47.46
C VAL GB 145 -16.19 -27.86 -45.93
N GLY GB 146 -15.17 -27.37 -45.21
CA GLY GB 146 -15.23 -27.29 -43.76
C GLY GB 146 -16.44 -26.54 -43.21
N GLY GB 147 -16.97 -25.58 -43.97
CA GLY GB 147 -18.32 -25.11 -43.79
C GLY GB 147 -19.14 -25.46 -45.02
N PRO GB 148 -20.44 -25.71 -44.85
CA PRO GB 148 -21.27 -26.12 -46.00
C PRO GB 148 -21.43 -25.04 -47.06
N ARG GB 149 -21.83 -23.84 -46.63
CA ARG GB 149 -21.85 -22.61 -47.43
C ARG GB 149 -22.75 -22.70 -48.65
N THR GB 150 -23.74 -23.58 -48.63
CA THR GB 150 -24.79 -23.60 -49.65
C THR GB 150 -26.03 -24.28 -49.07
N GLU GB 151 -27.17 -24.00 -49.69
CA GLU GB 151 -28.41 -24.64 -49.29
C GLU GB 151 -28.96 -25.60 -50.34
N ALA GB 152 -28.17 -25.97 -51.33
CA ALA GB 152 -28.57 -27.10 -52.14
C ALA GB 152 -27.98 -28.36 -51.52
N LEU GB 153 -28.22 -29.52 -52.15
CA LEU GB 153 -27.65 -30.77 -51.69
C LEU GB 153 -27.54 -31.70 -52.88
N PRO GB 154 -26.52 -32.55 -52.94
CA PRO GB 154 -26.28 -33.35 -54.14
C PRO GB 154 -27.25 -34.52 -54.24
N PRO GB 155 -27.47 -35.06 -55.43
CA PRO GB 155 -28.32 -36.23 -55.58
C PRO GB 155 -27.56 -37.52 -55.29
N ALA GB 156 -28.27 -38.65 -55.35
CA ALA GB 156 -27.65 -39.95 -55.14
C ALA GB 156 -27.32 -40.59 -56.47
N ARG GB 157 -26.39 -39.98 -57.17
CA ARG GB 157 -25.88 -40.46 -58.44
C ARG GB 157 -24.90 -41.60 -58.29
N LYS GB 158 -24.64 -42.07 -57.06
CA LYS GB 158 -23.60 -43.05 -56.78
C LYS GB 158 -23.87 -44.38 -57.48
N GLN GB 159 -24.86 -45.14 -57.03
CA GLN GB 159 -25.34 -46.23 -57.87
C GLN GB 159 -26.86 -46.29 -58.01
N GLY GB 160 -27.51 -46.48 -56.86
CA GLY GB 160 -28.83 -47.05 -56.74
C GLY GB 160 -29.87 -46.14 -56.14
N ASP GB 161 -29.92 -46.21 -54.81
CA ASP GB 161 -31.02 -45.78 -53.96
C ASP GB 161 -31.15 -44.27 -53.85
N LEU GB 162 -31.89 -43.86 -52.85
CA LEU GB 162 -32.62 -42.61 -52.85
C LEU GB 162 -31.69 -41.43 -52.57
N PRO GB 163 -32.02 -40.25 -53.11
CA PRO GB 163 -31.30 -39.05 -52.76
C PRO GB 163 -31.49 -38.74 -51.27
N PRO GB 164 -30.50 -38.12 -50.66
CA PRO GB 164 -30.57 -37.95 -49.20
C PRO GB 164 -31.58 -36.91 -48.81
N LEU GB 165 -32.15 -37.12 -47.61
CA LEU GB 165 -32.98 -36.16 -46.90
C LEU GB 165 -34.23 -35.81 -47.71
N TRP GB 166 -35.06 -36.82 -47.91
CA TRP GB 166 -36.13 -36.74 -48.88
C TRP GB 166 -37.48 -37.02 -48.26
N TRP GB 167 -37.52 -37.39 -46.98
CA TRP GB 167 -38.74 -37.95 -46.43
C TRP GB 167 -39.81 -36.90 -46.25
N HIS GB 168 -39.47 -35.79 -45.63
CA HIS GB 168 -40.44 -34.71 -45.51
C HIS GB 168 -40.56 -33.87 -46.76
N ILE GB 169 -39.84 -34.19 -47.82
CA ILE GB 169 -40.11 -33.60 -49.11
C ILE GB 169 -41.13 -34.42 -49.87
N VAL GB 170 -40.95 -35.75 -49.86
CA VAL GB 170 -41.86 -36.61 -50.56
C VAL GB 170 -43.20 -36.67 -49.85
N THR GB 171 -43.18 -37.01 -48.56
CA THR GB 171 -44.40 -37.27 -47.82
C THR GB 171 -44.97 -35.95 -47.32
N ARG GB 172 -45.73 -35.30 -48.18
CA ARG GB 172 -46.34 -34.04 -47.81
C ARG GB 172 -47.86 -34.14 -48.03
N PRO GB 173 -48.66 -33.17 -47.62
CA PRO GB 173 -50.06 -33.17 -48.03
C PRO GB 173 -50.22 -32.87 -49.51
N ARG GB 174 -51.35 -33.30 -50.07
CA ARG GB 174 -51.59 -33.26 -51.50
C ARG GB 174 -52.22 -31.96 -51.97
N GLU GB 175 -52.36 -30.97 -51.10
CA GLU GB 175 -52.74 -29.59 -51.42
C GLU GB 175 -54.15 -29.44 -51.97
N ARG GB 176 -54.95 -30.49 -52.03
CA ARG GB 176 -56.38 -30.40 -52.08
C ARG GB 176 -56.96 -31.69 -51.53
N PRO GB 177 -57.04 -31.86 -50.21
CA PRO GB 177 -57.81 -33.02 -49.80
C PRO GB 177 -59.18 -32.59 -49.32
N ALA HB 5 -71.22 -38.55 -66.48
CA ALA HB 5 -72.54 -38.75 -67.03
C ALA HB 5 -73.28 -37.41 -67.19
N HIS HB 6 -72.98 -36.46 -66.31
CA HIS HB 6 -73.64 -35.15 -66.34
C HIS HB 6 -73.02 -34.23 -67.39
N ILE HB 7 -73.26 -32.92 -67.23
CA ILE HB 7 -72.75 -31.92 -68.15
C ILE HB 7 -71.21 -31.95 -68.18
N GLU HB 8 -70.65 -31.53 -69.29
CA GLU HB 8 -69.21 -31.57 -69.43
C GLU HB 8 -68.61 -30.19 -69.22
N PRO HB 9 -67.32 -30.12 -68.95
CA PRO HB 9 -66.59 -28.87 -69.18
C PRO HB 9 -65.98 -28.85 -70.57
N ARG HB 10 -65.90 -27.66 -71.14
CA ARG HB 10 -65.18 -27.45 -72.39
C ARG HB 10 -64.05 -26.45 -72.17
N TYR HB 11 -63.25 -26.24 -73.21
CA TYR HB 11 -62.05 -25.41 -73.11
C TYR HB 11 -62.09 -24.30 -74.14
N ARG HB 12 -62.05 -23.06 -73.66
CA ARG HB 12 -61.99 -21.83 -74.48
C ARG HB 12 -63.11 -21.74 -75.50
N GLN HB 13 -64.27 -22.30 -75.20
CA GLN HB 13 -65.44 -22.05 -76.01
C GLN HB 13 -66.63 -21.76 -75.11
N PHE HB 14 -67.68 -21.28 -75.74
CA PHE HB 14 -68.86 -20.81 -75.02
C PHE HB 14 -69.56 -22.01 -74.38
N PRO HB 15 -69.91 -21.94 -73.10
CA PRO HB 15 -70.43 -23.12 -72.40
C PRO HB 15 -71.84 -23.44 -72.86
N GLN HB 16 -72.15 -24.72 -72.86
CA GLN HB 16 -73.49 -25.11 -73.26
C GLN HB 16 -74.48 -24.86 -72.15
N LEU HB 17 -75.70 -24.54 -72.55
CA LEU HB 17 -76.79 -24.25 -71.64
C LEU HB 17 -77.92 -25.23 -71.88
N THR HB 18 -78.32 -25.92 -70.82
CA THR HB 18 -79.50 -26.77 -70.91
C THR HB 18 -80.77 -25.92 -70.83
N ARG HB 19 -81.89 -26.54 -71.19
CA ARG HB 19 -83.10 -25.78 -71.49
C ARG HB 19 -83.80 -25.26 -70.24
N SER HB 20 -83.64 -25.95 -69.10
CA SER HB 20 -84.48 -25.64 -67.95
C SER HB 20 -84.02 -24.36 -67.26
N GLN HB 21 -82.71 -24.24 -67.05
CA GLN HB 21 -82.16 -23.06 -66.38
C GLN HB 21 -82.41 -21.80 -67.20
N VAL HB 22 -82.34 -21.91 -68.52
CA VAL HB 22 -82.54 -20.70 -69.32
C VAL HB 22 -84.02 -20.33 -69.35
N ILE HB 23 -84.91 -21.33 -69.36
CA ILE HB 23 -86.32 -20.96 -69.45
C ILE HB 23 -86.85 -20.43 -68.11
N GLN HB 24 -86.37 -20.93 -66.97
CA GLN HB 24 -86.78 -20.30 -65.72
C GLN HB 24 -86.07 -18.99 -65.44
N ALA HB 25 -84.88 -18.77 -66.01
CA ALA HB 25 -84.24 -17.46 -65.88
C ALA HB 25 -85.07 -16.38 -66.56
N GLU HB 26 -85.46 -16.64 -67.81
CA GLU HB 26 -86.31 -15.70 -68.51
C GLU HB 26 -87.67 -15.57 -67.83
N PHE HB 27 -88.17 -16.66 -67.25
CA PHE HB 27 -89.44 -16.61 -66.54
C PHE HB 27 -89.38 -15.69 -65.34
N PHE HB 28 -88.31 -15.74 -64.57
CA PHE HB 28 -88.26 -14.94 -63.36
C PHE HB 28 -88.04 -13.46 -63.68
N SER HB 29 -87.23 -13.17 -64.71
CA SER HB 29 -87.09 -11.79 -65.16
C SER HB 29 -88.42 -11.23 -65.66
N ALA HB 30 -89.14 -12.03 -66.45
CA ALA HB 30 -90.42 -11.59 -66.99
C ALA HB 30 -91.47 -11.43 -65.89
N THR HB 31 -91.45 -12.29 -64.88
CA THR HB 31 -92.46 -12.16 -63.84
C THR HB 31 -92.19 -11.01 -62.89
N MET HB 32 -90.92 -10.68 -62.66
CA MET HB 32 -90.63 -9.41 -61.98
C MET HB 32 -91.14 -8.25 -62.78
N TRP HB 33 -90.92 -8.27 -64.10
CA TRP HB 33 -91.24 -7.11 -64.89
C TRP HB 33 -92.75 -6.96 -65.05
N PHE HB 34 -93.45 -8.09 -65.15
CA PHE HB 34 -94.92 -8.10 -65.13
C PHE HB 34 -95.46 -7.59 -63.81
N TRP HB 35 -94.84 -8.00 -62.70
CA TRP HB 35 -95.29 -7.55 -61.40
C TRP HB 35 -95.16 -6.06 -61.25
N ILE HB 36 -94.02 -5.51 -61.64
CA ILE HB 36 -93.80 -4.10 -61.39
C ILE HB 36 -94.65 -3.27 -62.35
N LEU HB 37 -94.95 -3.80 -63.54
CA LEU HB 37 -95.88 -3.12 -64.42
C LEU HB 37 -97.29 -3.11 -63.84
N TRP HB 38 -97.79 -4.28 -63.44
CA TRP HB 38 -99.17 -4.38 -62.97
C TRP HB 38 -99.37 -3.62 -61.67
N ARG HB 39 -98.35 -3.57 -60.84
CA ARG HB 39 -98.50 -2.91 -59.56
C ARG HB 39 -98.31 -1.41 -59.72
N PHE HB 40 -97.52 -0.98 -60.71
CA PHE HB 40 -97.39 0.44 -61.03
C PHE HB 40 -98.67 1.03 -61.61
N TRP HB 41 -99.59 0.21 -62.09
CA TRP HB 41 -100.74 0.72 -62.81
C TRP HB 41 -102.07 0.38 -62.16
N HIS HB 42 -102.12 -0.63 -61.30
CA HIS HB 42 -103.40 -1.10 -60.77
C HIS HB 42 -104.03 -0.06 -59.85
N ASP HB 43 -103.38 0.24 -58.75
CA ASP HB 43 -103.85 1.33 -57.89
C ASP HB 43 -102.84 2.47 -57.83
N SER HB 44 -101.64 2.21 -57.32
CA SER HB 44 -100.65 3.25 -57.05
C SER HB 44 -99.75 3.34 -58.27
N ASP HB 45 -99.26 4.55 -58.65
CA ASP HB 45 -99.12 5.88 -57.99
C ASP HB 45 -98.55 5.93 -56.58
N ALA HB 46 -97.52 5.12 -56.35
CA ALA HB 46 -96.63 5.34 -55.24
C ALA HB 46 -95.60 6.41 -55.56
N VAL HB 47 -95.41 6.70 -56.84
CA VAL HB 47 -94.60 7.84 -57.23
C VAL HB 47 -95.28 9.13 -56.81
N LEU HB 48 -96.58 9.22 -57.01
CA LEU HB 48 -97.30 10.41 -56.61
C LEU HB 48 -97.65 10.36 -55.13
N GLY HB 49 -98.38 11.38 -54.70
CA GLY HB 49 -98.76 11.49 -53.31
C GLY HB 49 -100.25 11.51 -53.12
N HIS HB 50 -100.99 11.26 -54.20
CA HIS HB 50 -102.43 10.97 -54.20
C HIS HB 50 -103.34 12.12 -53.75
N PHE HB 51 -102.76 13.22 -53.27
CA PHE HB 51 -103.50 14.30 -52.67
C PHE HB 51 -102.64 15.50 -53.03
N PRO HB 52 -103.23 16.55 -53.60
CA PRO HB 52 -102.43 17.63 -54.16
C PRO HB 52 -101.80 18.49 -53.07
N TYR HB 53 -100.50 18.67 -53.16
CA TYR HB 53 -99.83 19.59 -52.28
C TYR HB 53 -100.20 21.01 -52.67
N PRO HB 54 -100.68 21.80 -51.75
CA PRO HB 54 -101.20 23.11 -52.12
C PRO HB 54 -100.11 24.13 -52.41
N ASP HB 55 -100.52 25.37 -52.53
CA ASP HB 55 -99.59 26.49 -52.45
C ASP HB 55 -99.20 26.71 -50.99
N PRO HB 56 -98.28 27.64 -50.73
CA PRO HB 56 -98.30 28.33 -49.44
C PRO HB 56 -99.69 28.83 -49.12
N SER HB 57 -100.03 28.77 -47.82
CA SER HB 57 -101.26 28.18 -47.29
C SER HB 57 -102.47 28.27 -48.21
N GLN HB 58 -102.86 29.49 -48.57
CA GLN HB 58 -103.65 29.71 -49.77
C GLN HB 58 -103.19 30.96 -50.52
N TRP HB 59 -102.19 31.67 -49.99
CA TRP HB 59 -101.82 33.04 -50.37
C TRP HB 59 -102.99 34.02 -50.26
N THR HB 60 -104.01 33.72 -49.46
CA THR HB 60 -105.24 34.52 -49.43
C THR HB 60 -105.26 35.31 -48.14
N ASP HB 61 -104.62 36.48 -48.17
CA ASP HB 61 -104.81 37.46 -47.13
C ASP HB 61 -106.24 37.97 -47.19
N GLU HB 62 -106.76 38.40 -46.03
CA GLU HB 62 -108.13 38.77 -45.62
C GLU HB 62 -108.98 37.51 -45.44
N GLU HB 63 -108.50 36.39 -45.96
CA GLU HB 63 -108.85 35.07 -45.49
C GLU HB 63 -107.72 34.67 -44.54
N LEU HB 64 -107.97 33.62 -43.74
CA LEU HB 64 -107.06 32.98 -42.77
C LEU HB 64 -106.88 33.82 -41.51
N GLY HB 65 -107.34 35.06 -41.54
CA GLY HB 65 -107.44 35.91 -40.37
C GLY HB 65 -106.28 36.86 -40.23
N ILE HB 66 -106.47 38.07 -40.74
CA ILE HB 66 -105.57 39.20 -40.53
C ILE HB 66 -106.41 40.46 -40.41
N PRO HB 67 -105.85 41.50 -39.83
CA PRO HB 67 -106.43 42.83 -40.01
C PRO HB 67 -105.72 43.55 -41.15
N PRO HB 68 -106.42 44.44 -41.85
CA PRO HB 68 -105.76 45.19 -42.93
C PRO HB 68 -104.80 46.23 -42.38
N ASP HB 69 -103.51 45.94 -42.47
CA ASP HB 69 -102.52 46.74 -41.78
C ASP HB 69 -101.93 47.80 -42.70
N SER IB 2 -29.08 -31.75 -23.10
CA SER IB 2 -29.40 -30.70 -22.14
C SER IB 2 -28.95 -29.34 -22.62
N HIS IB 3 -28.51 -28.50 -21.69
CA HIS IB 3 -28.27 -27.11 -22.01
C HIS IB 3 -27.08 -26.65 -21.20
N ILE IB 4 -26.15 -25.96 -21.86
CA ILE IB 4 -24.90 -25.56 -21.22
C ILE IB 4 -25.15 -24.36 -20.30
N THR IB 5 -24.35 -24.25 -19.25
CA THR IB 5 -24.43 -23.10 -18.37
C THR IB 5 -24.04 -21.82 -19.11
N LYS IB 6 -23.03 -21.90 -19.98
CA LYS IB 6 -22.57 -20.73 -20.71
C LYS IB 6 -23.34 -20.46 -21.99
N ASP IB 7 -24.53 -21.03 -22.15
CA ASP IB 7 -25.44 -20.60 -23.18
C ASP IB 7 -26.56 -19.73 -22.61
N MET IB 8 -26.48 -19.38 -21.34
CA MET IB 8 -27.22 -18.24 -20.83
C MET IB 8 -26.36 -16.99 -21.05
N LEU IB 9 -26.78 -15.87 -20.47
CA LEU IB 9 -26.30 -14.61 -21.01
C LEU IB 9 -26.23 -13.42 -20.05
N PRO IB 10 -25.19 -13.35 -19.21
CA PRO IB 10 -25.08 -12.26 -18.24
C PRO IB 10 -24.29 -11.09 -18.81
N GLY IB 11 -24.77 -9.90 -18.53
CA GLY IB 11 -23.96 -8.73 -18.75
C GLY IB 11 -23.94 -8.27 -20.18
N PRO IB 12 -23.79 -6.99 -20.37
CA PRO IB 12 -23.72 -6.47 -21.74
C PRO IB 12 -22.37 -6.69 -22.39
N TYR IB 13 -22.20 -5.97 -23.48
CA TYR IB 13 -21.06 -5.87 -24.39
C TYR IB 13 -19.62 -5.82 -23.86
N PRO IB 14 -19.23 -5.09 -22.80
CA PRO IB 14 -17.78 -4.93 -22.57
C PRO IB 14 -17.18 -6.17 -21.92
N LYS IB 15 -15.93 -6.48 -22.28
CA LYS IB 15 -15.07 -5.74 -23.20
C LYS IB 15 -15.14 -6.28 -24.61
N THR IB 16 -14.96 -5.39 -25.58
CA THR IB 16 -15.30 -5.72 -26.97
C THR IB 16 -14.55 -6.86 -27.67
N PRO IB 17 -13.28 -7.25 -27.34
CA PRO IB 17 -12.76 -8.41 -28.08
C PRO IB 17 -13.45 -9.73 -27.77
N GLU IB 18 -13.32 -10.16 -26.53
CA GLU IB 18 -13.73 -11.50 -26.17
C GLU IB 18 -15.21 -11.58 -25.95
N GLU IB 19 -15.83 -10.51 -25.47
CA GLU IB 19 -17.26 -10.60 -25.23
C GLU IB 19 -18.06 -10.51 -26.51
N ARG IB 20 -17.66 -9.66 -27.46
CA ARG IB 20 -18.37 -9.67 -28.72
C ARG IB 20 -18.07 -10.94 -29.51
N ALA IB 21 -16.86 -11.48 -29.38
CA ALA IB 21 -16.60 -12.79 -29.99
C ALA IB 21 -17.47 -13.87 -29.35
N ALA IB 22 -17.69 -13.77 -28.03
CA ALA IB 22 -18.48 -14.77 -27.34
C ALA IB 22 -19.94 -14.67 -27.72
N ALA IB 23 -20.46 -13.45 -27.86
CA ALA IB 23 -21.85 -13.32 -28.23
C ALA IB 23 -22.08 -13.64 -29.69
N ALA IB 24 -21.08 -13.41 -30.55
CA ALA IB 24 -21.18 -13.86 -31.93
C ALA IB 24 -21.18 -15.38 -32.01
N LYS IB 25 -20.33 -16.03 -31.21
CA LYS IB 25 -20.39 -17.49 -31.14
C LYS IB 25 -21.64 -17.99 -30.46
N LYS IB 26 -22.28 -17.16 -29.66
CA LYS IB 26 -23.38 -17.66 -28.86
C LYS IB 26 -24.72 -17.50 -29.57
N TYR IB 27 -25.00 -16.31 -30.06
CA TYR IB 27 -26.31 -16.07 -30.64
C TYR IB 27 -26.39 -16.40 -32.11
N ASN IB 28 -25.29 -16.87 -32.69
CA ASN IB 28 -25.19 -17.24 -34.11
C ASN IB 28 -25.51 -16.03 -35.00
N MET IB 29 -24.66 -15.00 -34.90
CA MET IB 29 -24.80 -13.84 -35.73
C MET IB 29 -23.46 -13.47 -36.36
N ARG IB 30 -23.56 -12.60 -37.36
CA ARG IB 30 -22.40 -11.88 -37.86
C ARG IB 30 -21.78 -11.08 -36.72
N VAL IB 31 -20.46 -10.94 -36.76
CA VAL IB 31 -19.73 -10.40 -35.61
C VAL IB 31 -20.05 -8.93 -35.39
N GLU IB 32 -19.85 -8.11 -36.41
CA GLU IB 32 -20.11 -6.68 -36.26
C GLU IB 32 -21.56 -6.31 -36.54
N ASP IB 33 -22.48 -7.26 -36.47
CA ASP IB 33 -23.90 -6.97 -36.47
C ASP IB 33 -24.56 -7.33 -35.16
N TYR IB 34 -23.80 -7.84 -34.20
CA TYR IB 34 -24.30 -8.02 -32.86
C TYR IB 34 -24.48 -6.68 -32.19
N GLU IB 35 -25.71 -6.32 -31.88
CA GLU IB 35 -26.01 -5.05 -31.22
C GLU IB 35 -26.72 -5.29 -29.90
N PRO IB 36 -26.07 -5.06 -28.76
CA PRO IB 36 -26.80 -4.89 -27.52
C PRO IB 36 -27.47 -3.52 -27.49
N TYR IB 37 -28.26 -3.29 -26.47
CA TYR IB 37 -29.34 -2.33 -26.63
C TYR IB 37 -29.14 -0.82 -26.58
N PRO IB 38 -28.20 -0.24 -25.81
CA PRO IB 38 -27.12 -0.60 -24.89
C PRO IB 38 -27.60 -0.73 -23.48
N ASP IB 39 -26.66 -0.52 -22.55
CA ASP IB 39 -26.91 -0.72 -21.13
C ASP IB 39 -27.37 0.59 -20.50
N ASP IB 40 -28.66 0.85 -20.60
CA ASP IB 40 -29.33 1.79 -19.72
C ASP IB 40 -29.92 1.11 -18.50
N GLY IB 41 -29.60 -0.16 -18.28
CA GLY IB 41 -30.04 -0.84 -17.08
C GLY IB 41 -31.49 -1.19 -17.05
N MET IB 42 -32.14 -1.29 -18.21
CA MET IB 42 -33.55 -1.65 -18.31
C MET IB 42 -33.81 -3.13 -18.23
N GLY IB 43 -32.89 -3.90 -17.69
CA GLY IB 43 -32.95 -5.33 -17.90
C GLY IB 43 -32.27 -5.63 -19.20
N TYR IB 44 -32.97 -6.34 -20.09
CA TYR IB 44 -32.63 -6.54 -21.49
C TYR IB 44 -31.34 -7.33 -21.75
N GLY IB 45 -30.57 -7.63 -20.70
CA GLY IB 45 -29.39 -8.47 -20.76
C GLY IB 45 -28.36 -8.14 -21.80
N ASP IB 46 -28.26 -9.03 -22.78
CA ASP IB 46 -27.37 -8.84 -23.91
C ASP IB 46 -28.00 -9.35 -25.18
N TYR IB 47 -29.31 -9.40 -25.24
CA TYR IB 47 -30.01 -9.97 -26.35
C TYR IB 47 -30.00 -8.97 -27.50
N PRO IB 48 -30.00 -9.42 -28.75
CA PRO IB 48 -29.75 -8.51 -29.86
C PRO IB 48 -30.88 -7.53 -30.13
N LYS IB 49 -30.53 -6.49 -30.88
CA LYS IB 49 -31.48 -5.69 -31.62
C LYS IB 49 -31.57 -6.23 -33.03
N LEU IB 50 -32.79 -6.33 -33.53
CA LEU IB 50 -32.99 -6.80 -34.89
C LEU IB 50 -33.59 -5.63 -35.67
N PRO IB 51 -33.78 -5.71 -36.99
CA PRO IB 51 -34.45 -4.60 -37.68
C PRO IB 51 -35.95 -4.45 -37.48
N ASP IB 52 -36.52 -5.15 -36.49
CA ASP IB 52 -37.67 -4.68 -35.72
C ASP IB 52 -39.03 -4.66 -36.39
N ARG IB 53 -39.14 -4.92 -37.70
CA ARG IB 53 -40.49 -4.98 -38.26
C ARG IB 53 -40.78 -6.37 -38.80
N SER IB 54 -40.03 -6.80 -39.80
CA SER IB 54 -39.57 -8.15 -39.97
C SER IB 54 -40.63 -9.25 -40.12
N GLN IB 55 -41.92 -8.94 -40.16
CA GLN IB 55 -42.89 -10.02 -40.26
C GLN IB 55 -43.96 -9.87 -41.32
N GLN IB 56 -44.22 -8.67 -41.80
CA GLN IB 56 -44.73 -8.55 -43.16
C GLN IB 56 -43.59 -8.36 -44.14
N GLU IB 57 -42.37 -8.41 -43.66
CA GLU IB 57 -41.20 -8.70 -44.46
C GLU IB 57 -41.13 -10.22 -44.67
N ARG IB 58 -39.97 -10.70 -45.13
CA ARG IB 58 -39.66 -12.13 -45.25
C ARG IB 58 -40.64 -12.83 -46.19
N ASP IB 59 -40.50 -12.47 -47.48
CA ASP IB 59 -41.50 -12.80 -48.49
C ASP IB 59 -41.73 -14.31 -48.61
N PRO IB 60 -42.99 -14.73 -48.72
CA PRO IB 60 -43.35 -16.07 -48.28
C PRO IB 60 -43.10 -17.21 -49.27
N TRP IB 61 -42.20 -17.03 -50.22
CA TRP IB 61 -41.89 -18.12 -51.14
C TRP IB 61 -40.53 -18.76 -50.89
N TYR IB 62 -39.86 -18.43 -49.79
CA TYR IB 62 -38.54 -19.00 -49.53
C TYR IB 62 -38.61 -20.47 -49.16
N ASP IB 63 -39.71 -20.87 -48.52
CA ASP IB 63 -39.92 -22.20 -47.97
C ASP IB 63 -38.81 -22.57 -47.00
N TRP IB 64 -38.87 -21.87 -45.88
CA TRP IB 64 -38.12 -22.13 -44.66
C TRP IB 64 -38.69 -23.31 -43.90
N ASP IB 65 -38.36 -23.39 -42.62
CA ASP IB 65 -39.00 -24.43 -41.80
C ASP IB 65 -40.37 -24.03 -41.26
N HIS IB 66 -40.44 -23.08 -40.32
CA HIS IB 66 -41.70 -22.88 -39.62
C HIS IB 66 -42.66 -22.03 -40.44
N PRO IB 67 -43.76 -22.61 -40.91
CA PRO IB 67 -44.49 -22.00 -42.02
C PRO IB 67 -45.23 -20.74 -41.66
N ASP IB 68 -45.75 -20.60 -40.44
CA ASP IB 68 -46.53 -19.41 -40.10
C ASP IB 68 -45.74 -18.43 -39.26
N LEU IB 69 -44.43 -18.58 -39.21
CA LEU IB 69 -43.63 -17.68 -38.40
C LEU IB 69 -42.39 -17.16 -39.09
N ARG IB 70 -42.05 -17.70 -40.26
CA ARG IB 70 -40.90 -17.33 -41.07
C ARG IB 70 -39.58 -17.60 -40.36
N LEU IB 71 -39.60 -18.48 -39.36
CA LEU IB 71 -38.43 -18.94 -38.64
C LEU IB 71 -37.49 -19.71 -39.55
N ASN IB 72 -36.30 -19.92 -39.04
CA ASN IB 72 -35.45 -20.84 -39.77
C ASN IB 72 -34.65 -21.68 -38.80
N TRP IB 73 -35.22 -21.90 -37.61
CA TRP IB 73 -34.75 -22.72 -36.49
C TRP IB 73 -33.56 -22.12 -35.76
N GLY IB 74 -32.93 -21.09 -36.32
CA GLY IB 74 -31.68 -20.68 -35.73
C GLY IB 74 -31.42 -19.20 -35.74
N GLU IB 75 -32.38 -18.41 -36.14
CA GLU IB 75 -32.17 -16.98 -36.03
C GLU IB 75 -32.28 -16.56 -34.56
N PRO IB 76 -31.56 -15.52 -34.15
CA PRO IB 76 -31.54 -15.17 -32.72
C PRO IB 76 -32.84 -14.63 -32.17
N MET IB 77 -33.89 -14.47 -33.00
CA MET IB 77 -35.25 -14.25 -32.55
C MET IB 77 -35.51 -13.00 -31.75
N HIS IB 78 -35.67 -11.87 -32.46
CA HIS IB 78 -36.02 -10.54 -31.97
C HIS IB 78 -36.89 -10.51 -30.74
N TRP IB 79 -36.45 -9.69 -29.77
CA TRP IB 79 -36.90 -9.69 -28.39
C TRP IB 79 -38.41 -9.60 -28.21
N ASP IB 80 -39.08 -8.87 -29.10
CA ASP IB 80 -40.49 -8.59 -28.96
C ASP IB 80 -41.32 -9.44 -29.90
N LEU IB 81 -40.98 -10.72 -30.00
CA LEU IB 81 -41.57 -11.56 -31.03
C LEU IB 81 -43.04 -11.83 -30.80
N ASP IB 82 -43.49 -11.86 -29.53
CA ASP IB 82 -44.90 -12.09 -29.24
C ASP IB 82 -45.80 -10.97 -29.70
N MET IB 83 -45.24 -9.82 -29.97
CA MET IB 83 -45.95 -8.73 -30.58
C MET IB 83 -45.85 -8.77 -32.09
N TYR IB 84 -45.10 -9.71 -32.65
CA TYR IB 84 -44.86 -9.75 -34.08
C TYR IB 84 -45.26 -11.03 -34.78
N ILE IB 85 -45.86 -12.01 -34.11
CA ILE IB 85 -46.49 -13.07 -34.87
C ILE IB 85 -47.59 -12.47 -35.70
N ARG IB 86 -47.56 -12.72 -37.01
CA ARG IB 86 -48.67 -12.33 -37.86
C ARG IB 86 -49.95 -12.98 -37.34
N ASN IB 87 -51.02 -12.17 -37.27
CA ASN IB 87 -52.19 -12.09 -36.36
C ASN IB 87 -52.04 -11.15 -35.15
N ARG IB 88 -50.89 -10.54 -34.91
CA ARG IB 88 -50.79 -9.61 -33.80
C ARG IB 88 -50.55 -8.17 -34.26
N VAL IB 89 -49.44 -7.90 -34.95
CA VAL IB 89 -49.13 -6.58 -35.46
C VAL IB 89 -48.53 -6.77 -36.84
N ASP IB 90 -49.10 -6.13 -37.83
CA ASP IB 90 -48.65 -6.27 -39.20
C ASP IB 90 -48.05 -4.94 -39.64
N THR IB 91 -46.72 -4.90 -39.78
CA THR IB 91 -46.03 -3.69 -40.19
C THR IB 91 -45.68 -3.78 -41.66
N SER IB 92 -46.67 -3.67 -42.49
CA SER IB 92 -46.40 -3.65 -43.91
C SER IB 92 -45.89 -2.28 -44.33
N PRO IB 93 -45.03 -2.23 -45.33
CA PRO IB 93 -44.79 -0.96 -46.02
C PRO IB 93 -46.06 -0.48 -46.71
N THR IB 94 -46.58 0.62 -46.20
CA THR IB 94 -47.90 1.10 -46.58
C THR IB 94 -47.90 1.59 -48.02
N PRO IB 95 -49.06 1.56 -48.67
CA PRO IB 95 -49.15 2.12 -50.02
C PRO IB 95 -49.03 3.63 -50.10
N VAL IB 96 -49.13 4.35 -48.98
CA VAL IB 96 -49.08 5.81 -49.09
C VAL IB 96 -47.96 6.46 -48.30
N ASN IB 97 -48.06 6.44 -46.97
CA ASN IB 97 -47.14 7.08 -46.02
C ASN IB 97 -47.51 6.61 -44.63
N TRP IB 98 -47.14 7.36 -43.62
CA TRP IB 98 -47.93 7.35 -42.40
C TRP IB 98 -48.47 8.73 -42.06
N ASN IB 99 -47.66 9.76 -42.34
CA ASN IB 99 -48.06 11.13 -42.01
C ASN IB 99 -49.23 11.57 -42.87
N LEU IB 100 -49.21 11.19 -44.14
CA LEU IB 100 -50.27 11.57 -45.06
C LEU IB 100 -51.58 10.91 -44.64
N MET IB 101 -51.47 9.67 -44.15
CA MET IB 101 -52.61 8.93 -43.63
C MET IB 101 -53.25 9.67 -42.46
N CYS IB 102 -52.44 9.98 -41.44
CA CYS IB 102 -53.01 10.55 -40.22
C CYS IB 102 -53.52 11.96 -40.46
N LYS IB 103 -52.86 12.74 -41.31
CA LYS IB 103 -53.34 14.09 -41.55
C LYS IB 103 -54.66 14.08 -42.30
N HIS IB 104 -54.80 13.19 -43.30
CA HIS IB 104 -56.06 13.18 -44.03
C HIS IB 104 -57.21 12.59 -43.23
N LEU IB 105 -56.93 11.58 -42.41
CA LEU IB 105 -58.00 11.01 -41.59
C LEU IB 105 -58.51 11.98 -40.54
N PHE IB 106 -57.58 12.64 -39.83
CA PHE IB 106 -57.98 13.62 -38.82
C PHE IB 106 -58.69 14.79 -39.46
N GLY IB 107 -58.26 15.19 -40.67
CA GLY IB 107 -58.93 16.26 -41.37
C GLY IB 107 -60.35 15.93 -41.76
N PHE IB 108 -60.57 14.73 -42.30
CA PHE IB 108 -61.92 14.34 -42.71
C PHE IB 108 -62.87 14.24 -41.54
N VAL IB 109 -62.44 13.58 -40.46
CA VAL IB 109 -63.36 13.39 -39.34
C VAL IB 109 -63.61 14.71 -38.60
N ALA IB 110 -62.60 15.58 -38.54
CA ALA IB 110 -62.79 16.91 -37.96
C ALA IB 110 -63.78 17.74 -38.76
N PHE IB 111 -63.67 17.69 -40.10
CA PHE IB 111 -64.58 18.48 -40.93
C PHE IB 111 -66.00 17.97 -40.83
N MET IB 112 -66.17 16.65 -40.77
CA MET IB 112 -67.52 16.11 -40.70
C MET IB 112 -68.16 16.35 -39.33
N LEU IB 113 -67.38 16.31 -38.25
CA LEU IB 113 -67.98 16.63 -36.96
C LEU IB 113 -68.31 18.11 -36.86
N PHE IB 114 -67.52 18.96 -37.51
CA PHE IB 114 -67.88 20.37 -37.51
C PHE IB 114 -69.15 20.62 -38.34
N MET IB 115 -69.32 19.87 -39.43
CA MET IB 115 -70.56 19.99 -40.17
C MET IB 115 -71.74 19.43 -39.39
N PHE IB 116 -71.49 18.45 -38.53
CA PHE IB 116 -72.56 17.99 -37.65
C PHE IB 116 -72.95 19.07 -36.66
N TRP IB 117 -71.99 19.85 -36.18
CA TRP IB 117 -72.33 20.96 -35.27
C TRP IB 117 -73.12 22.03 -36.00
N VAL IB 118 -72.74 22.30 -37.26
CA VAL IB 118 -73.49 23.24 -38.10
C VAL IB 118 -74.90 22.73 -38.36
N GLY IB 119 -75.06 21.42 -38.48
CA GLY IB 119 -76.39 20.86 -38.54
C GLY IB 119 -77.15 21.04 -37.25
N GLU IB 120 -76.47 20.82 -36.12
CA GLU IB 120 -77.10 20.84 -34.81
C GLU IB 120 -77.59 22.23 -34.43
N THR IB 121 -76.93 23.29 -34.90
CA THR IB 121 -77.45 24.61 -34.62
C THR IB 121 -78.52 25.06 -35.60
N TYR IB 122 -78.60 24.43 -36.76
CA TYR IB 122 -79.48 24.86 -37.84
C TYR IB 122 -80.32 23.68 -38.28
N PRO IB 123 -81.51 23.49 -37.73
CA PRO IB 123 -82.34 22.37 -38.15
C PRO IB 123 -83.03 22.68 -39.47
N THR IB 124 -83.66 21.64 -40.02
CA THR IB 124 -84.72 21.80 -41.00
C THR IB 124 -86.07 21.51 -40.37
N TYR IB 125 -87.10 22.06 -40.99
CA TYR IB 125 -88.48 21.79 -40.61
C TYR IB 125 -89.36 22.14 -41.79
N GLN IB 126 -90.35 21.31 -42.04
CA GLN IB 126 -91.26 21.80 -43.06
C GLN IB 126 -92.35 22.64 -42.42
N PRO IB 127 -92.68 23.80 -43.00
CA PRO IB 127 -93.16 24.92 -42.18
C PRO IB 127 -94.59 24.72 -41.68
N VAL IB 128 -94.69 24.25 -40.45
CA VAL IB 128 -95.91 23.65 -39.91
C VAL IB 128 -95.89 23.87 -38.41
N GLY IB 129 -96.99 24.35 -37.84
CA GLY IB 129 -97.09 24.50 -36.41
C GLY IB 129 -97.30 23.16 -35.73
N PRO IB 130 -97.35 23.19 -34.40
CA PRO IB 130 -97.54 21.94 -33.65
C PRO IB 130 -98.95 21.41 -33.77
N LYS IB 131 -99.11 20.13 -33.44
CA LYS IB 131 -100.38 19.46 -33.57
C LYS IB 131 -101.37 19.93 -32.51
N GLN IB 132 -102.64 19.65 -32.78
CA GLN IB 132 -103.76 20.11 -31.96
C GLN IB 132 -104.29 18.93 -31.16
N TYR IB 133 -103.65 18.69 -30.02
CA TYR IB 133 -104.04 17.56 -29.19
C TYR IB 133 -105.41 17.79 -28.56
N PRO IB 134 -106.25 16.77 -28.51
CA PRO IB 134 -107.69 17.02 -28.31
C PRO IB 134 -108.07 17.46 -26.91
N TYR IB 135 -107.59 16.81 -25.85
CA TYR IB 135 -108.03 17.16 -24.50
C TYR IB 135 -106.85 17.75 -23.75
N ASN IB 136 -106.66 19.06 -23.91
CA ASN IB 136 -105.73 19.87 -23.12
C ASN IB 136 -104.29 19.36 -23.22
N ASN IB 137 -103.77 19.42 -24.45
CA ASN IB 137 -102.45 18.88 -24.82
C ASN IB 137 -102.38 17.39 -24.49
N LEU IB 138 -103.49 16.69 -24.70
CA LEU IB 138 -103.69 15.27 -24.43
C LEU IB 138 -103.31 14.93 -23.00
N TYR IB 139 -104.06 15.53 -22.10
CA TYR IB 139 -103.86 15.36 -20.68
C TYR IB 139 -104.65 14.14 -20.22
N LEU IB 140 -104.42 13.74 -18.96
CA LEU IB 140 -104.98 12.60 -18.24
C LEU IB 140 -104.45 11.26 -18.73
N GLU IB 141 -103.71 11.25 -19.83
CA GLU IB 141 -103.14 10.04 -20.39
C GLU IB 141 -101.63 10.13 -20.49
N ARG IB 142 -101.08 11.26 -20.10
CA ARG IB 142 -99.68 11.37 -19.71
C ARG IB 142 -99.60 10.90 -18.26
N GLY IB 143 -98.49 11.20 -17.60
CA GLY IB 143 -98.00 10.52 -16.39
C GLY IB 143 -98.94 10.16 -15.24
N GLY IB 144 -100.16 10.72 -15.22
CA GLY IB 144 -101.09 10.41 -14.16
C GLY IB 144 -102.14 11.48 -13.97
N ASP IB 145 -102.21 12.01 -12.75
CA ASP IB 145 -102.96 13.18 -12.32
C ASP IB 145 -104.47 12.99 -12.50
N PRO IB 146 -105.11 12.15 -11.68
CA PRO IB 146 -106.51 11.78 -11.95
C PRO IB 146 -107.50 12.89 -11.66
N ASN IB 147 -107.40 13.54 -10.50
CA ASN IB 147 -108.32 14.62 -10.17
C ASN IB 147 -107.59 15.81 -9.58
N LYS IB 148 -106.28 15.91 -9.81
CA LYS IB 148 -105.51 16.94 -9.15
C LYS IB 148 -105.83 18.30 -9.74
N GLU IB 149 -105.52 18.51 -11.01
CA GLU IB 149 -105.69 19.81 -11.64
C GLU IB 149 -106.06 19.69 -13.10
N PRO IB 150 -107.14 20.32 -13.53
CA PRO IB 150 -107.31 20.59 -14.97
C PRO IB 150 -106.28 21.62 -15.42
N GLU IB 151 -105.80 21.44 -16.65
CA GLU IB 151 -104.75 22.28 -17.21
C GLU IB 151 -105.28 22.90 -18.50
N PRO IB 152 -106.06 23.97 -18.41
CA PRO IB 152 -106.87 24.41 -19.56
C PRO IB 152 -106.05 25.06 -20.65
N VAL IB 153 -106.06 24.45 -21.84
CA VAL IB 153 -105.52 25.03 -23.07
C VAL IB 153 -106.26 24.40 -24.25
N VAL IB 154 -106.67 25.25 -25.20
CA VAL IB 154 -107.63 24.82 -26.22
C VAL IB 154 -107.03 24.95 -27.62
N HIS IB 155 -107.81 24.58 -28.63
CA HIS IB 155 -107.46 24.76 -30.03
C HIS IB 155 -108.66 25.33 -30.77
N TYR IB 156 -108.36 26.17 -31.76
CA TYR IB 156 -109.41 26.83 -32.52
C TYR IB 156 -109.33 26.38 -33.97
N GLU IB 157 -110.48 26.28 -34.61
CA GLU IB 157 -110.50 26.06 -36.05
C GLU IB 157 -109.98 27.31 -36.74
N ILE IB 158 -109.04 27.09 -37.65
CA ILE IB 158 -108.30 28.17 -38.27
C ILE IB 158 -108.32 28.00 -39.77
N PRO JB 22 -11.03 -34.58 -20.16
CA PRO JB 22 -10.41 -35.24 -19.01
C PRO JB 22 -11.29 -35.25 -17.75
N THR JB 23 -12.57 -34.96 -17.91
CA THR JB 23 -13.49 -34.92 -16.79
C THR JB 23 -14.92 -35.10 -17.30
N LEU JB 24 -15.80 -35.55 -16.41
CA LEU JB 24 -17.20 -35.77 -16.78
C LEU JB 24 -18.21 -35.12 -15.85
N ARG JB 25 -17.93 -35.10 -14.54
CA ARG JB 25 -18.73 -34.60 -13.42
C ARG JB 25 -19.98 -35.42 -13.14
N TRP JB 26 -20.27 -36.45 -13.94
CA TRP JB 26 -21.47 -37.24 -13.77
C TRP JB 26 -21.17 -38.69 -14.03
N GLN JB 27 -22.11 -39.51 -13.68
CA GLN JB 27 -21.95 -40.93 -13.92
C GLN JB 27 -23.26 -41.62 -14.27
N GLU JB 28 -24.38 -40.90 -14.37
CA GLU JB 28 -25.69 -41.54 -14.36
C GLU JB 28 -26.13 -42.01 -15.75
N ASP JB 29 -27.36 -42.51 -15.83
CA ASP JB 29 -27.95 -42.89 -17.09
C ASP JB 29 -28.15 -41.67 -17.98
N PRO JB 30 -28.05 -41.85 -19.30
CA PRO JB 30 -28.56 -40.83 -20.21
C PRO JB 30 -30.08 -40.79 -20.14
N GLU JB 31 -30.62 -39.59 -19.97
CA GLU JB 31 -32.00 -39.36 -19.60
C GLU JB 31 -32.71 -38.65 -20.74
N PRO JB 32 -34.03 -38.82 -20.87
CA PRO JB 32 -34.96 -39.67 -20.12
C PRO JB 32 -34.99 -41.04 -20.70
N GLU JB 33 -36.06 -41.78 -20.43
CA GLU JB 33 -36.42 -42.96 -21.21
C GLU JB 33 -37.91 -42.80 -21.55
N ASP JB 34 -38.20 -42.25 -22.73
CA ASP JB 34 -39.55 -41.85 -23.09
C ASP JB 34 -40.40 -43.08 -23.41
N GLU JB 35 -41.15 -43.54 -22.43
CA GLU JB 35 -42.05 -44.67 -22.64
C GLU JB 35 -43.36 -44.17 -23.25
N ASN JB 36 -43.61 -44.55 -24.49
CA ASN JB 36 -44.97 -44.51 -25.00
C ASN JB 36 -45.79 -45.49 -24.19
N LEU JB 37 -46.86 -45.00 -23.58
CA LEU JB 37 -47.70 -45.92 -22.82
C LEU JB 37 -48.50 -46.80 -23.75
N TYR JB 38 -48.69 -46.38 -24.98
CA TYR JB 38 -49.18 -47.24 -26.04
C TYR JB 38 -47.99 -48.00 -26.61
N GLU JB 39 -48.21 -48.68 -27.75
CA GLU JB 39 -47.25 -49.51 -28.46
C GLU JB 39 -46.70 -50.67 -27.62
N LYS JB 40 -47.35 -50.97 -26.49
CA LYS JB 40 -47.45 -52.31 -25.93
C LYS JB 40 -48.88 -52.68 -25.60
N ASN JB 41 -49.78 -51.73 -25.48
CA ASN JB 41 -51.20 -51.95 -25.37
C ASN JB 41 -51.91 -50.93 -26.26
N PRO JB 42 -52.51 -51.36 -27.36
CA PRO JB 42 -53.33 -50.45 -28.15
C PRO JB 42 -54.74 -50.28 -27.61
N ASP JB 43 -55.12 -51.01 -26.58
CA ASP JB 43 -56.43 -50.85 -25.97
C ASP JB 43 -56.40 -50.03 -24.71
N SER JB 44 -55.25 -49.46 -24.38
CA SER JB 44 -55.00 -49.01 -23.02
C SER JB 44 -55.79 -47.76 -22.67
N HIS JB 45 -56.33 -47.77 -21.47
CA HIS JB 45 -56.88 -46.61 -20.78
C HIS JB 45 -55.74 -45.87 -20.10
N GLY JB 46 -56.06 -45.08 -19.08
CA GLY JB 46 -55.17 -44.11 -18.48
C GLY JB 46 -53.76 -44.51 -18.08
N TYR JB 47 -53.58 -45.26 -17.01
CA TYR JB 47 -52.21 -45.32 -16.49
C TYR JB 47 -51.48 -46.57 -17.01
N ASP JB 48 -50.37 -46.92 -16.35
CA ASP JB 48 -49.31 -47.76 -16.92
C ASP JB 48 -49.76 -49.18 -17.18
N LYS JB 49 -48.85 -49.93 -17.77
CA LYS JB 49 -49.09 -51.07 -18.64
C LYS JB 49 -49.59 -52.30 -17.92
N ASP JB 50 -49.93 -52.25 -16.65
CA ASP JB 50 -50.67 -53.33 -16.04
C ASP JB 50 -52.04 -53.41 -16.70
N PRO JB 51 -52.40 -54.51 -17.30
CA PRO JB 51 -53.54 -54.51 -18.23
C PRO JB 51 -54.91 -54.42 -17.58
N ALA JB 52 -55.16 -55.18 -16.52
CA ALA JB 52 -56.52 -55.28 -16.02
C ALA JB 52 -56.88 -54.16 -15.06
N VAL JB 53 -55.93 -53.77 -14.21
CA VAL JB 53 -56.25 -52.83 -13.16
C VAL JB 53 -56.42 -51.42 -13.70
N ASP JB 54 -55.92 -51.14 -14.91
CA ASP JB 54 -56.25 -49.89 -15.55
C ASP JB 54 -57.70 -49.88 -15.99
N VAL JB 55 -58.20 -51.02 -16.47
CA VAL JB 55 -59.61 -51.14 -16.81
C VAL JB 55 -60.45 -51.00 -15.56
N TRP JB 56 -59.94 -51.48 -14.43
CA TRP JB 56 -60.63 -51.20 -13.18
C TRP JB 56 -60.63 -49.74 -12.82
N ASN JB 57 -59.55 -49.03 -13.15
CA ASN JB 57 -59.52 -47.59 -12.87
C ASN JB 57 -60.59 -46.87 -13.65
N MET JB 58 -60.72 -47.21 -14.93
CA MET JB 58 -61.77 -46.64 -15.76
C MET JB 58 -63.14 -46.95 -15.19
N ARG JB 59 -63.34 -48.21 -14.82
CA ARG JB 59 -64.67 -48.63 -14.36
C ARG JB 59 -65.02 -47.99 -13.01
N VAL JB 60 -64.05 -47.78 -12.13
CA VAL JB 60 -64.39 -47.15 -10.86
C VAL JB 60 -64.60 -45.65 -11.03
N VAL JB 61 -63.79 -44.97 -11.85
CA VAL JB 61 -63.92 -43.52 -11.92
C VAL JB 61 -65.13 -43.13 -12.74
N PHE JB 62 -65.69 -44.05 -13.52
CA PHE JB 62 -66.99 -43.72 -14.03
C PHE JB 62 -68.11 -44.19 -13.11
N PHE JB 63 -68.17 -45.49 -12.82
CA PHE JB 63 -69.34 -46.09 -12.20
C PHE JB 63 -69.53 -45.61 -10.78
N PHE JB 64 -68.46 -45.23 -10.10
CA PHE JB 64 -68.56 -44.54 -8.83
C PHE JB 64 -68.21 -43.07 -8.94
N GLY JB 65 -68.19 -42.53 -10.16
CA GLY JB 65 -67.84 -41.13 -10.34
C GLY JB 65 -68.89 -40.37 -11.11
N PHE JB 66 -69.62 -41.07 -11.97
CA PHE JB 66 -70.77 -40.53 -12.66
C PHE JB 66 -72.03 -41.31 -12.37
N SER JB 67 -71.95 -42.63 -12.50
CA SER JB 67 -73.11 -43.49 -12.39
C SER JB 67 -73.67 -43.57 -10.99
N ILE JB 68 -72.93 -43.14 -9.98
CA ILE JB 68 -73.48 -43.04 -8.64
C ILE JB 68 -73.38 -41.63 -8.08
N VAL JB 69 -72.53 -40.76 -8.63
CA VAL JB 69 -72.31 -39.44 -8.07
C VAL JB 69 -73.10 -38.40 -8.83
N LEU JB 70 -72.97 -38.40 -10.15
CA LEU JB 70 -73.36 -37.23 -10.92
C LEU JB 70 -74.87 -37.16 -11.05
N VAL JB 71 -75.51 -38.25 -11.44
CA VAL JB 71 -76.96 -38.20 -11.62
C VAL JB 71 -77.69 -38.19 -10.26
N LEU JB 72 -77.12 -38.82 -9.24
CA LEU JB 72 -77.73 -38.78 -7.92
C LEU JB 72 -77.58 -37.40 -7.30
N GLY JB 73 -76.42 -36.79 -7.48
CA GLY JB 73 -76.26 -35.40 -7.07
C GLY JB 73 -77.16 -34.47 -7.84
N SER JB 74 -77.42 -34.78 -9.11
CA SER JB 74 -78.35 -33.98 -9.91
C SER JB 74 -79.75 -34.04 -9.36
N THR JB 75 -80.21 -35.22 -8.95
CA THR JB 75 -81.50 -35.30 -8.29
C THR JB 75 -81.48 -34.61 -6.95
N PHE JB 76 -80.42 -34.84 -6.18
CA PHE JB 76 -80.39 -34.46 -4.79
C PHE JB 76 -80.31 -32.95 -4.62
N VAL JB 77 -79.70 -32.27 -5.57
CA VAL JB 77 -79.66 -30.81 -5.52
C VAL JB 77 -80.64 -30.18 -6.46
N ALA JB 78 -81.27 -30.96 -7.36
CA ALA JB 78 -82.34 -30.40 -8.17
C ALA JB 78 -83.50 -30.01 -7.29
N TYR JB 79 -83.78 -30.82 -6.28
CA TYR JB 79 -84.71 -30.44 -5.25
C TYR JB 79 -84.35 -31.14 -3.94
N LEU JB 80 -84.72 -30.49 -2.87
CA LEU JB 80 -84.52 -30.75 -1.47
C LEU JB 80 -85.50 -29.73 -0.90
N PRO JB 81 -85.68 -29.56 0.42
CA PRO JB 81 -86.60 -28.50 0.88
C PRO JB 81 -86.21 -27.07 0.54
N ASP JB 82 -87.00 -26.11 1.02
CA ASP JB 82 -86.79 -24.72 0.65
C ASP JB 82 -85.54 -24.18 1.31
N TYR JB 83 -84.44 -24.29 0.57
CA TYR JB 83 -83.13 -23.82 0.96
C TYR JB 83 -83.19 -22.33 1.25
N ARG JB 84 -82.92 -21.98 2.50
CA ARG JB 84 -83.03 -20.62 3.04
C ARG JB 84 -84.46 -20.09 2.88
N MET JB 85 -85.45 -20.96 3.13
CA MET JB 85 -86.84 -20.59 3.39
C MET JB 85 -87.47 -19.81 2.25
N GLN JB 86 -87.47 -20.40 1.06
CA GLN JB 86 -87.89 -19.59 -0.08
C GLN JB 86 -89.41 -19.62 -0.25
N GLU JB 87 -89.96 -20.79 -0.53
CA GLU JB 87 -91.38 -20.86 -0.83
C GLU JB 87 -92.24 -20.71 0.41
N TRP JB 88 -91.65 -21.02 1.58
CA TRP JB 88 -92.24 -20.60 2.84
C TRP JB 88 -92.49 -19.11 2.83
N ALA JB 89 -91.50 -18.35 2.37
CA ALA JB 89 -91.64 -16.90 2.35
C ALA JB 89 -92.65 -16.45 1.31
N ARG JB 90 -92.71 -17.16 0.17
CA ARG JB 90 -93.73 -16.87 -0.85
C ARG JB 90 -95.14 -16.96 -0.27
N ARG JB 91 -95.46 -18.11 0.31
CA ARG JB 91 -96.83 -18.31 0.77
C ARG JB 91 -97.13 -17.50 2.02
N GLU JB 92 -96.11 -17.25 2.85
CA GLU JB 92 -96.33 -16.44 4.04
C GLU JB 92 -96.62 -15.00 3.66
N ALA JB 93 -95.91 -14.48 2.65
CA ALA JB 93 -96.19 -13.13 2.18
C ALA JB 93 -97.54 -13.05 1.49
N GLU JB 94 -97.93 -14.13 0.78
CA GLU JB 94 -99.26 -14.20 0.20
C GLU JB 94 -100.34 -14.00 1.26
N ARG JB 95 -100.27 -14.79 2.33
CA ARG JB 95 -101.29 -14.75 3.35
C ARG JB 95 -101.28 -13.43 4.10
N LEU JB 96 -100.09 -12.87 4.32
CA LEU JB 96 -100.02 -11.61 5.06
C LEU JB 96 -100.55 -10.44 4.25
N VAL JB 97 -100.27 -10.42 2.94
CA VAL JB 97 -100.77 -9.29 2.15
C VAL JB 97 -102.27 -9.43 1.92
N LYS JB 98 -102.78 -10.67 1.82
CA LYS JB 98 -104.22 -10.84 1.75
C LYS JB 98 -104.90 -10.39 3.04
N TYR JB 99 -104.27 -10.63 4.18
CA TYR JB 99 -104.81 -10.14 5.44
C TYR JB 99 -104.78 -8.63 5.51
N ARG JB 100 -103.69 -8.02 5.08
CA ARG JB 100 -103.60 -6.57 5.15
C ARG JB 100 -104.35 -5.86 4.04
N GLU JB 101 -104.86 -6.58 3.05
CA GLU JB 101 -105.92 -6.00 2.23
C GLU JB 101 -107.28 -6.19 2.87
N ALA JB 102 -107.54 -7.36 3.45
CA ALA JB 102 -108.85 -7.69 3.99
C ALA JB 102 -109.12 -7.05 5.34
N HIS JB 103 -108.19 -6.28 5.89
CA HIS JB 103 -108.52 -5.51 7.09
C HIS JB 103 -108.06 -4.07 6.96
N GLY JB 104 -107.96 -3.57 5.73
CA GLY JB 104 -107.91 -2.14 5.47
C GLY JB 104 -106.61 -1.42 5.77
N LEU JB 105 -105.84 -1.94 6.72
CA LEU JB 105 -104.64 -1.28 7.19
C LEU JB 105 -103.56 -1.32 6.11
N PRO JB 106 -102.66 -0.33 6.06
CA PRO JB 106 -101.75 -0.22 4.92
C PRO JB 106 -100.70 -1.32 4.91
N LEU JB 107 -100.46 -1.88 3.73
CA LEU JB 107 -99.53 -2.99 3.63
C LEU JB 107 -98.11 -2.48 3.77
N MET JB 108 -97.31 -3.25 4.51
CA MET JB 108 -95.95 -2.91 4.88
C MET JB 108 -95.90 -1.55 5.60
N GLU JB 109 -96.43 -1.60 6.82
CA GLU JB 109 -96.21 -0.58 7.82
C GLU JB 109 -94.73 -0.23 7.92
N SER JB 110 -94.41 1.04 7.78
CA SER JB 110 -93.07 1.53 8.06
C SER JB 110 -92.83 1.53 9.58
N ASN JB 111 -91.61 1.87 9.98
CA ASN JB 111 -91.18 1.91 11.39
C ASN JB 111 -91.38 0.55 12.06
N CYS JB 112 -90.51 -0.41 11.66
CA CYS JB 112 -90.71 -1.82 11.99
C CYS JB 112 -90.75 -2.11 13.48
N PHE JB 113 -90.13 -1.27 14.28
CA PHE JB 113 -90.31 -1.42 15.72
C PHE JB 113 -91.30 -0.38 16.22
N ASP JB 114 -91.99 -0.74 17.29
CA ASP JB 114 -93.10 0.04 17.80
C ASP JB 114 -92.59 1.34 18.40
N PRO JB 115 -93.06 2.50 17.95
CA PRO JB 115 -92.59 3.76 18.55
C PRO JB 115 -93.05 3.98 19.98
N SER JB 116 -93.99 3.18 20.48
CA SER JB 116 -94.27 3.23 21.91
C SER JB 116 -93.11 2.63 22.70
N LYS JB 117 -92.50 1.58 22.18
CA LYS JB 117 -91.33 0.98 22.79
C LYS JB 117 -90.05 1.54 22.18
N ILE JB 118 -89.92 2.86 22.26
CA ILE JB 118 -88.69 3.52 21.86
C ILE JB 118 -88.51 4.73 22.78
N GLN JB 119 -87.25 5.13 22.98
CA GLN JB 119 -86.92 6.20 23.90
C GLN JB 119 -85.81 7.01 23.24
N LEU JB 120 -86.13 8.17 22.73
CA LEU JB 120 -85.08 9.02 22.20
C LEU JB 120 -84.33 9.72 23.33
N PRO JB 121 -83.01 9.70 23.32
CA PRO JB 121 -82.25 10.55 24.25
C PRO JB 121 -82.46 12.02 23.94
N GLU JB 122 -82.32 12.86 24.95
CA GLU JB 122 -82.78 14.23 24.83
C GLU JB 122 -81.62 15.20 24.74
N ASP JB 123 -81.97 16.47 24.50
CA ASP JB 123 -81.01 17.56 24.36
C ASP JB 123 -80.94 18.34 25.66
N LYS KB 1 -28.09 -70.75 8.73
CA LYS KB 1 -28.55 -70.63 7.35
C LYS KB 1 -28.54 -69.18 6.89
N PHE KB 2 -27.90 -68.99 5.73
CA PHE KB 2 -27.91 -67.78 4.90
C PHE KB 2 -27.09 -66.64 5.51
N TYR KB 3 -26.59 -66.80 6.73
CA TYR KB 3 -25.90 -65.72 7.42
C TYR KB 3 -24.54 -66.20 7.88
N ILE KB 4 -23.51 -65.73 7.20
CA ILE KB 4 -22.16 -66.24 7.41
C ILE KB 4 -21.56 -65.61 8.65
N GLN KB 5 -21.05 -66.48 9.53
CA GLN KB 5 -20.06 -66.34 10.59
C GLN KB 5 -20.56 -65.60 11.82
N GLU KB 6 -21.69 -64.89 11.70
CA GLU KB 6 -22.42 -64.18 12.74
C GLU KB 6 -23.74 -63.65 12.20
N PRO KB 7 -24.83 -63.87 12.91
CA PRO KB 7 -25.80 -62.82 13.10
C PRO KB 7 -25.49 -62.12 14.41
N PRO KB 8 -25.67 -60.79 14.49
CA PRO KB 8 -25.44 -60.13 15.78
C PRO KB 8 -26.49 -60.52 16.81
N HIS KB 9 -27.72 -60.70 16.38
CA HIS KB 9 -28.76 -61.37 17.14
C HIS KB 9 -29.71 -61.98 16.13
N GLY KB 10 -30.90 -62.34 16.58
CA GLY KB 10 -31.90 -62.83 15.65
C GLY KB 10 -32.75 -63.93 16.25
N SER KB 11 -32.16 -64.74 17.08
CA SER KB 11 -32.97 -65.57 17.94
C SER KB 11 -33.52 -64.69 19.05
N PRO KB 12 -34.82 -64.74 19.33
CA PRO KB 12 -35.41 -63.80 20.29
C PRO KB 12 -34.99 -64.13 21.71
N ASN KB 13 -34.38 -63.15 22.38
CA ASN KB 13 -34.07 -63.34 23.79
C ASN KB 13 -35.34 -63.40 24.61
N TRP KB 14 -35.31 -64.18 25.67
CA TRP KB 14 -36.54 -64.51 26.37
C TRP KB 14 -36.65 -63.87 27.74
N LEU KB 15 -35.58 -63.28 28.27
CA LEU KB 15 -35.79 -62.54 29.51
C LEU KB 15 -36.51 -61.23 29.23
N LYS KB 16 -36.12 -60.56 28.16
CA LYS KB 16 -36.49 -59.17 27.98
C LYS KB 16 -37.96 -59.04 27.58
N VAL KB 17 -38.42 -59.89 26.66
CA VAL KB 17 -39.79 -59.79 26.18
C VAL KB 17 -40.79 -60.19 27.27
N GLY KB 18 -40.47 -61.24 28.03
CA GLY KB 18 -41.34 -61.65 29.11
C GLY KB 18 -41.33 -60.64 30.25
N LEU KB 19 -40.17 -60.03 30.50
CA LEU KB 19 -40.08 -59.01 31.54
C LEU KB 19 -40.90 -57.79 31.17
N THR KB 20 -40.79 -57.33 29.93
CA THR KB 20 -41.54 -56.15 29.51
C THR KB 20 -43.03 -56.41 29.47
N LEU KB 21 -43.45 -57.59 29.03
CA LEU KB 21 -44.89 -57.83 29.01
C LEU KB 21 -45.45 -58.05 30.41
N GLY KB 22 -44.67 -58.68 31.30
CA GLY KB 22 -45.11 -58.80 32.69
C GLY KB 22 -45.23 -57.45 33.37
N THR KB 23 -44.26 -56.56 33.17
CA THR KB 23 -44.34 -55.25 33.80
C THR KB 23 -45.40 -54.38 33.13
N SER KB 24 -45.71 -54.62 31.86
CA SER KB 24 -46.77 -53.86 31.23
C SER KB 24 -48.14 -54.29 31.75
N ALA KB 25 -48.33 -55.60 31.93
CA ALA KB 25 -49.57 -56.06 32.56
C ALA KB 25 -49.67 -55.57 34.00
N PHE KB 26 -48.52 -55.51 34.69
CA PHE KB 26 -48.49 -54.99 36.05
C PHE KB 26 -48.91 -53.53 36.10
N LEU KB 27 -48.42 -52.72 35.17
CA LEU KB 27 -48.73 -51.30 35.20
C LEU KB 27 -50.17 -51.04 34.78
N TRP KB 28 -50.69 -51.81 33.81
CA TRP KB 28 -52.11 -51.76 33.49
C TRP KB 28 -52.98 -52.06 34.71
N ILE KB 29 -52.68 -53.15 35.41
CA ILE KB 29 -53.50 -53.53 36.55
C ILE KB 29 -53.39 -52.51 37.67
N TYR KB 30 -52.20 -51.92 37.84
CA TYR KB 30 -52.04 -50.92 38.88
C TYR KB 30 -52.81 -49.65 38.59
N LEU KB 31 -52.83 -49.21 37.33
CA LEU KB 31 -53.59 -48.00 37.07
C LEU KB 31 -55.09 -48.29 37.08
N ILE KB 32 -55.49 -49.50 36.72
CA ILE KB 32 -56.90 -49.87 36.82
C ILE KB 32 -57.37 -49.86 38.26
N LYS KB 33 -56.55 -50.39 39.17
CA LYS KB 33 -56.91 -50.43 40.58
C LYS KB 33 -56.95 -49.03 41.17
N GLN KB 34 -55.96 -48.20 40.82
CA GLN KB 34 -55.96 -46.81 41.24
C GLN KB 34 -57.18 -46.06 40.72
N HIS KB 35 -57.55 -46.32 39.46
CA HIS KB 35 -58.70 -45.67 38.86
C HIS KB 35 -60.01 -46.09 39.52
N ASN KB 36 -60.14 -47.38 39.82
CA ASN KB 36 -61.37 -47.85 40.46
C ASN KB 36 -61.51 -47.30 41.86
N GLU KB 37 -60.38 -47.21 42.59
CA GLU KB 37 -60.41 -46.55 43.89
C GLU KB 37 -60.75 -45.08 43.77
N ASP KB 38 -60.31 -44.43 42.69
CA ASP KB 38 -60.61 -43.01 42.51
C ASP KB 38 -62.08 -42.78 42.20
N VAL KB 39 -62.68 -43.65 41.38
CA VAL KB 39 -64.11 -43.56 41.09
C VAL KB 39 -64.91 -43.77 42.35
N LEU KB 40 -64.52 -44.76 43.15
CA LEU KB 40 -65.23 -45.07 44.38
C LEU KB 40 -65.09 -43.93 45.38
N GLU KB 41 -63.92 -43.32 45.45
CA GLU KB 41 -63.71 -42.21 46.38
C GLU KB 41 -64.51 -40.98 45.97
N TYR KB 42 -64.56 -40.69 44.66
CA TYR KB 42 -65.35 -39.56 44.17
C TYR KB 42 -66.83 -39.76 44.47
N LYS KB 43 -67.36 -40.93 44.13
CA LYS KB 43 -68.78 -41.18 44.35
C LYS KB 43 -69.09 -41.29 45.84
N ARG KB 44 -68.12 -41.70 46.65
CA ARG KB 44 -68.36 -41.84 48.08
C ARG KB 44 -68.36 -40.48 48.76
N ARG KB 45 -67.51 -39.56 48.30
CA ARG KB 45 -67.52 -38.23 48.90
C ARG KB 45 -68.69 -37.41 48.39
N ASN KB 46 -69.09 -37.63 47.14
CA ASN KB 46 -70.18 -36.86 46.57
C ASN KB 46 -71.24 -37.77 45.94
N VAL LB 6 -67.53 -62.86 2.72
CA VAL LB 6 -66.58 -62.32 1.75
C VAL LB 6 -65.85 -61.15 2.44
N VAL LB 7 -66.02 -61.06 3.76
CA VAL LB 7 -65.36 -60.00 4.51
C VAL LB 7 -63.87 -60.26 4.64
N ARG LB 8 -63.49 -61.50 4.99
CA ARG LB 8 -62.08 -61.87 5.14
C ARG LB 8 -61.33 -61.94 3.81
N ASP LB 9 -62.04 -61.85 2.69
CA ASP LB 9 -61.40 -61.68 1.40
C ASP LB 9 -60.59 -60.38 1.36
N HIS LB 10 -61.24 -59.27 1.69
CA HIS LB 10 -60.54 -58.00 1.81
C HIS LB 10 -61.28 -57.15 2.82
N TRP LB 11 -60.55 -56.64 3.80
CA TRP LB 11 -61.08 -55.72 4.78
C TRP LB 11 -60.58 -54.30 4.55
N ILE LB 12 -59.74 -54.11 3.55
CA ILE LB 12 -59.21 -52.79 3.25
C ILE LB 12 -60.32 -51.88 2.76
N HIS LB 13 -61.14 -52.39 1.85
CA HIS LB 13 -62.13 -51.59 1.13
C HIS LB 13 -63.34 -51.21 1.95
N VAL LB 14 -63.54 -51.83 3.11
CA VAL LB 14 -64.77 -51.62 3.87
C VAL LB 14 -64.60 -50.53 4.92
N LEU LB 15 -63.46 -49.86 4.95
CA LEU LB 15 -63.10 -49.09 6.13
C LEU LB 15 -63.87 -47.78 6.23
N VAL LB 16 -63.91 -46.99 5.16
CA VAL LB 16 -64.48 -45.66 5.23
C VAL LB 16 -66.00 -45.60 5.48
N PRO LB 17 -66.87 -46.55 5.08
CA PRO LB 17 -68.24 -46.44 5.57
C PRO LB 17 -68.35 -46.78 7.04
N VAL LB 18 -67.50 -47.69 7.54
CA VAL LB 18 -67.46 -47.98 8.97
C VAL LB 18 -67.07 -46.75 9.75
N GLY LB 19 -66.06 -46.02 9.26
CA GLY LB 19 -65.67 -44.77 9.89
C GLY LB 19 -66.76 -43.73 9.82
N PHE LB 20 -67.47 -43.67 8.70
CA PHE LB 20 -68.56 -42.71 8.54
C PHE LB 20 -69.69 -42.98 9.53
N VAL LB 21 -70.08 -44.24 9.67
CA VAL LB 21 -71.11 -44.61 10.64
C VAL LB 21 -70.63 -44.34 12.06
N PHE LB 22 -69.33 -44.52 12.31
CA PHE LB 22 -68.77 -44.26 13.63
C PHE LB 22 -68.86 -42.79 13.99
N GLY LB 23 -68.40 -41.92 13.10
CA GLY LB 23 -68.46 -40.49 13.37
C GLY LB 23 -69.88 -39.98 13.47
N TYR LB 24 -70.78 -40.57 12.70
CA TYR LB 24 -72.19 -40.20 12.78
C TYR LB 24 -72.77 -40.57 14.14
N TYR LB 25 -72.47 -41.77 14.63
CA TYR LB 25 -72.90 -42.21 15.95
C TYR LB 25 -72.34 -41.32 17.05
N LEU LB 26 -71.08 -40.93 16.91
CA LEU LB 26 -70.46 -40.12 17.94
C LEU LB 26 -71.05 -38.72 17.95
N ASP LB 27 -71.43 -38.19 16.78
CA ASP LB 27 -72.12 -36.90 16.79
C ASP LB 27 -73.53 -37.02 17.35
N ARG LB 28 -74.19 -38.17 17.18
CA ARG LB 28 -75.45 -38.41 17.89
C ARG LB 28 -75.25 -38.37 19.39
N LYS LB 29 -74.21 -39.04 19.88
CA LYS LB 29 -73.98 -39.07 21.32
C LYS LB 29 -73.57 -37.69 21.86
N ASN LB 30 -72.81 -36.92 21.08
CA ASN LB 30 -72.37 -35.61 21.55
C ASN LB 30 -73.53 -34.62 21.61
N ASP LB 31 -74.41 -34.64 20.61
CA ASP LB 31 -75.56 -33.74 20.69
C ASP LB 31 -76.56 -34.19 21.74
N GLU LB 32 -76.57 -35.49 22.09
CA GLU LB 32 -77.43 -35.91 23.17
C GLU LB 32 -76.82 -35.67 24.55
N LYS LB 33 -75.51 -35.52 24.64
CA LYS LB 33 -74.91 -34.90 25.82
C LYS LB 33 -75.19 -33.41 25.85
N LEU LB 34 -75.43 -32.81 24.68
CA LEU LB 34 -75.71 -31.38 24.60
C LEU LB 34 -77.20 -31.10 24.71
N ALA LB 35 -77.91 -31.91 25.48
CA ALA LB 35 -79.36 -31.82 25.60
C ALA LB 35 -79.79 -30.86 26.69
N ALA LB 36 -79.29 -29.64 26.63
CA ALA LB 36 -79.87 -28.55 27.40
C ALA LB 36 -80.90 -27.85 26.54
N PHE LB 37 -81.83 -27.15 27.20
CA PHE LB 37 -82.99 -26.50 26.57
C PHE LB 37 -83.79 -27.48 25.74
N ARG LB 38 -84.29 -28.54 26.38
CA ARG LB 38 -85.03 -29.54 25.63
C ARG LB 38 -86.37 -29.01 25.13
N ASN LB 39 -87.02 -28.15 25.90
CA ASN LB 39 -88.23 -27.49 25.42
C ASN LB 39 -88.32 -26.04 25.84
N LYS LB 40 -87.26 -25.46 26.36
CA LYS LB 40 -87.37 -24.20 27.06
C LYS LB 40 -87.33 -22.99 26.15
N SER LB 41 -87.39 -23.15 24.83
CA SER LB 41 -87.44 -21.98 23.97
C SER LB 41 -88.81 -21.34 24.01
N LEU LB 42 -88.85 -20.04 23.72
CA LEU LB 42 -90.13 -19.35 23.63
C LEU LB 42 -90.84 -19.63 22.32
N LEU LB 43 -90.15 -20.24 21.37
CA LEU LB 43 -90.70 -20.37 20.04
C LEU LB 43 -91.05 -21.80 19.68
N TYR LB 44 -90.42 -22.77 20.32
CA TYR LB 44 -90.68 -24.19 20.10
C TYR LB 44 -90.96 -24.78 21.46
N LYS LB 45 -92.20 -24.73 21.92
CA LYS LB 45 -92.51 -25.28 23.23
C LYS LB 45 -93.94 -25.81 23.20
N ARG LB 46 -94.06 -27.13 23.16
CA ARG LB 46 -95.31 -27.83 23.32
C ARG LB 46 -95.17 -28.78 24.49
N GLU LB 47 -96.26 -29.46 24.82
CA GLU LB 47 -96.21 -30.47 25.86
C GLU LB 47 -95.63 -31.76 25.30
N LEU LB 48 -95.03 -32.55 26.18
CA LEU LB 48 -94.59 -33.87 25.78
C LEU LB 48 -95.81 -34.74 25.52
N LYS LB 49 -95.83 -35.40 24.36
CA LYS LB 49 -97.03 -36.05 23.89
C LYS LB 49 -96.64 -37.13 22.90
N PRO LB 50 -97.45 -38.20 22.76
CA PRO LB 50 -98.55 -38.57 23.63
C PRO LB 50 -98.05 -39.44 24.77
N ASN LB 51 -96.89 -40.06 24.57
CA ASN LB 51 -96.42 -41.15 25.42
C ASN LB 51 -95.14 -40.83 26.16
N GLU LB 52 -94.05 -40.53 25.43
CA GLU LB 52 -92.70 -40.56 26.00
C GLU LB 52 -91.94 -39.29 25.69
N GLU LB 53 -92.20 -38.22 26.45
CA GLU LB 53 -91.20 -37.27 26.96
C GLU LB 53 -90.08 -36.84 26.03
N VAL LB 54 -90.29 -36.79 24.73
CA VAL LB 54 -89.19 -36.46 23.82
C VAL LB 54 -89.71 -35.54 22.72
N THR LB 55 -88.83 -34.64 22.27
CA THR LB 55 -89.09 -33.81 21.12
C THR LB 55 -87.96 -33.83 20.11
N TRP LB 56 -86.74 -34.22 20.49
CA TRP LB 56 -85.67 -34.53 19.56
C TRP LB 56 -84.67 -35.42 20.27
N LYS LB 57 -84.16 -36.40 19.55
CA LYS LB 57 -83.24 -37.37 20.14
C LYS LB 57 -82.23 -37.84 19.10
N MET MB 1 39.79 -34.23 74.18
CA MET MB 1 38.45 -34.78 74.13
C MET MB 1 37.41 -33.69 73.93
N TRP MB 2 36.13 -34.04 74.10
CA TRP MB 2 34.98 -33.14 73.98
C TRP MB 2 34.88 -32.16 75.13
N PHE MB 3 35.85 -32.13 76.04
CA PHE MB 3 36.06 -30.98 76.89
C PHE MB 3 36.34 -29.72 76.08
N GLU MB 4 36.81 -29.85 74.85
CA GLU MB 4 37.10 -28.71 73.99
C GLU MB 4 35.94 -28.31 73.07
N VAL MB 5 34.80 -28.99 73.12
CA VAL MB 5 33.67 -28.55 72.29
C VAL MB 5 32.66 -27.86 73.19
N LEU MB 6 32.66 -28.23 74.45
CA LEU MB 6 31.83 -27.60 75.47
C LEU MB 6 32.04 -26.10 75.68
N PRO MB 7 33.20 -25.50 75.38
CA PRO MB 7 33.19 -24.03 75.30
C PRO MB 7 32.31 -23.48 74.20
N GLY MB 8 32.28 -24.11 73.02
CA GLY MB 8 31.45 -23.60 71.95
C GLY MB 8 29.97 -23.67 72.28
N ILE MB 9 29.51 -24.86 72.69
CA ILE MB 9 28.11 -25.05 73.05
C ILE MB 9 27.79 -24.28 74.32
N ALA MB 10 28.79 -24.09 75.20
CA ALA MB 10 28.58 -23.32 76.41
C ALA MB 10 28.27 -21.86 76.11
N VAL MB 11 29.09 -21.23 75.25
CA VAL MB 11 28.86 -19.83 74.91
C VAL MB 11 27.59 -19.67 74.10
N MET MB 12 27.31 -20.61 73.19
CA MET MB 12 26.10 -20.46 72.38
C MET MB 12 24.83 -20.71 73.20
N GLY MB 13 24.88 -21.62 74.17
CA GLY MB 13 23.75 -21.81 75.04
C GLY MB 13 23.53 -20.63 75.99
N VAL MB 14 24.60 -19.99 76.42
CA VAL MB 14 24.44 -18.74 77.18
C VAL MB 14 23.82 -17.68 76.29
N CYS MB 15 24.17 -17.67 75.01
CA CYS MB 15 23.53 -16.74 74.08
C CYS MB 15 22.06 -17.07 73.86
N LEU MB 16 21.66 -18.34 74.05
CA LEU MB 16 20.24 -18.65 74.02
C LEU MB 16 19.57 -18.56 75.38
N PHE MB 17 20.35 -18.56 76.46
CA PHE MB 17 19.76 -18.42 77.77
C PHE MB 17 19.24 -17.02 78.00
N ILE MB 18 19.90 -16.02 77.44
CA ILE MB 18 19.66 -14.63 77.81
C ILE MB 18 18.30 -14.01 77.43
N PRO MB 19 17.68 -14.25 76.25
CA PRO MB 19 16.61 -13.31 75.85
C PRO MB 19 15.33 -13.46 76.64
N GLY MB 20 14.94 -14.68 76.98
CA GLY MB 20 13.75 -14.87 77.78
C GLY MB 20 13.92 -14.38 79.20
N MET MB 21 15.12 -14.55 79.76
CA MET MB 21 15.36 -14.13 81.13
C MET MB 21 15.37 -12.62 81.24
N ALA MB 22 16.08 -11.95 80.31
CA ALA MB 22 16.09 -10.50 80.34
C ALA MB 22 14.74 -9.93 79.96
N THR MB 23 13.99 -10.61 79.09
CA THR MB 23 12.63 -10.17 78.76
C THR MB 23 11.71 -10.27 79.97
N ALA MB 24 11.81 -11.35 80.74
CA ALA MB 24 11.00 -11.50 81.95
C ALA MB 24 11.38 -10.45 82.99
N ARG MB 25 12.65 -10.06 83.03
CA ARG MB 25 13.03 -8.96 83.90
C ARG MB 25 12.43 -7.64 83.43
N ILE MB 26 12.33 -7.45 82.12
CA ILE MB 26 11.70 -6.22 81.63
C ILE MB 26 10.19 -6.25 81.81
N HIS MB 27 9.59 -7.44 81.75
CA HIS MB 27 8.17 -7.58 82.10
C HIS MB 27 7.93 -7.17 83.53
N ARG MB 28 8.73 -7.70 84.45
CA ARG MB 28 8.56 -7.37 85.86
C ARG MB 28 8.93 -5.92 86.17
N PHE MB 29 9.79 -5.31 85.36
CA PHE MB 29 10.11 -3.91 85.59
C PHE MB 29 9.07 -2.98 84.98
N SER MB 30 8.37 -3.42 83.96
CA SER MB 30 7.43 -2.53 83.30
C SER MB 30 6.11 -2.41 84.05
N ASN MB 31 5.93 -3.16 85.13
CA ASN MB 31 4.75 -3.01 85.97
C ASN MB 31 5.06 -3.08 87.45
N GLY MB 32 6.33 -2.99 87.84
CA GLY MB 32 6.70 -2.85 89.23
C GLY MB 32 6.46 -4.07 90.09
N GLY MB 33 7.15 -5.17 89.77
CA GLY MB 33 6.94 -6.42 90.46
C GLY MB 33 5.77 -7.22 89.95
N ARG MB 34 4.88 -6.62 89.19
CA ARG MB 34 3.78 -7.36 88.63
C ARG MB 34 4.25 -8.14 87.42
N GLU MB 35 3.40 -9.05 86.99
CA GLU MB 35 3.48 -9.60 85.65
C GLU MB 35 2.56 -8.79 84.75
N LYS MB 36 3.00 -8.56 83.51
CA LYS MB 36 2.13 -7.98 82.50
C LYS MB 36 0.90 -8.86 82.29
N ARG MB 37 -0.28 -8.24 82.29
CA ARG MB 37 -1.53 -8.97 82.21
C ARG MB 37 -1.77 -9.47 80.80
N VAL MB 38 -2.00 -10.77 80.68
CA VAL MB 38 -2.37 -11.35 79.38
C VAL MB 38 -3.81 -10.98 79.04
N ALA MB 39 -4.13 -11.09 77.76
CA ALA MB 39 -5.38 -10.55 77.24
C ALA MB 39 -5.81 -11.36 76.03
N HIS MB 40 -6.79 -12.23 76.22
CA HIS MB 40 -7.28 -13.07 75.14
C HIS MB 40 -8.77 -12.98 74.91
N TYR MB 41 -9.54 -12.47 75.85
CA TYR MB 41 -10.99 -12.43 75.77
C TYR MB 41 -11.44 -11.00 75.94
N SER MB 42 -12.69 -10.74 75.57
CA SER MB 42 -13.24 -9.42 75.82
C SER MB 42 -13.45 -9.19 77.31
N TYR MB 43 -13.72 -10.26 78.05
CA TYR MB 43 -13.96 -10.19 79.48
C TYR MB 43 -12.73 -9.69 80.22
N GLN MB 44 -11.57 -10.27 79.92
CA GLN MB 44 -10.35 -9.88 80.59
C GLN MB 44 -9.96 -8.46 80.24
N TRP MB 45 -10.19 -8.07 78.99
CA TRP MB 45 -9.83 -6.72 78.59
C TRP MB 45 -10.73 -5.68 79.22
N TYR MB 46 -12.03 -5.97 79.35
CA TYR MB 46 -12.89 -5.00 80.00
C TYR MB 46 -12.59 -4.91 81.48
N LEU MB 47 -12.28 -6.04 82.12
CA LEU MB 47 -11.87 -6.00 83.52
C LEU MB 47 -10.58 -5.22 83.70
N MET MB 48 -9.67 -5.36 82.75
CA MET MB 48 -8.45 -4.56 82.76
C MET MB 48 -8.75 -3.09 82.53
N GLU MB 49 -9.76 -2.78 81.73
CA GLU MB 49 -10.07 -1.39 81.46
C GLU MB 49 -10.70 -0.73 82.69
N ARG MB 50 -11.60 -1.42 83.37
CA ARG MB 50 -12.18 -0.82 84.57
C ARG MB 50 -11.13 -0.76 85.67
N ASP MB 51 -10.18 -1.68 85.66
CA ASP MB 51 -9.12 -1.62 86.65
C ASP MB 51 -8.20 -0.43 86.41
N ARG MB 52 -7.83 -0.17 85.15
CA ARG MB 52 -7.01 1.00 84.90
C ARG MB 52 -7.82 2.29 84.99
N ARG MB 53 -9.13 2.20 84.92
CA ARG MB 53 -9.94 3.40 85.14
C ARG MB 53 -10.04 3.75 86.61
N VAL MB 54 -10.27 2.76 87.47
CA VAL MB 54 -10.47 3.07 88.88
C VAL MB 54 -9.18 3.42 89.60
N SER MB 55 -8.02 3.15 88.99
CA SER MB 55 -6.77 3.30 89.70
C SER MB 55 -6.39 4.74 89.97
N GLY MB 56 -6.90 5.69 89.20
CA GLY MB 56 -6.58 7.08 89.36
C GLY MB 56 -5.31 7.52 88.66
N VAL MB 57 -4.37 6.60 88.46
CA VAL MB 57 -3.08 6.89 87.86
C VAL MB 57 -3.17 6.42 86.41
N ASN MB 58 -4.36 5.96 86.02
CA ASN MB 58 -4.67 5.43 84.68
C ASN MB 58 -3.75 4.27 84.33
N ARG MB 59 -3.44 3.45 85.33
CA ARG MB 59 -2.48 2.38 85.16
C ARG MB 59 -2.98 1.14 85.86
N TYR MB 60 -2.95 0.02 85.16
CA TYR MB 60 -3.65 -1.18 85.59
C TYR MB 60 -2.86 -2.02 86.58
N TYR MB 61 -1.76 -1.52 87.14
CA TYR MB 61 -0.95 -2.34 88.02
C TYR MB 61 -0.91 -1.88 89.46
N VAL MB 62 -1.42 -0.69 89.78
CA VAL MB 62 -1.29 -0.17 91.14
C VAL MB 62 -2.13 -0.98 92.11
N SER MB 63 -3.28 -1.48 91.64
CA SER MB 63 -4.02 -2.62 92.16
C SER MB 63 -4.70 -2.40 93.51
N LYS MB 64 -4.65 -1.18 94.04
CA LYS MB 64 -5.75 -0.46 94.72
C LYS MB 64 -6.68 -1.38 95.54
N GLY MB 65 -6.08 -2.11 96.47
CA GLY MB 65 -6.79 -3.12 97.22
C GLY MB 65 -7.20 -2.64 98.60
N LEU MB 66 -8.52 -2.66 98.85
CA LEU MB 66 -9.13 -2.60 100.18
C LEU MB 66 -9.00 -1.23 100.86
N GLU MB 67 -8.25 -0.30 100.27
CA GLU MB 67 -8.03 1.01 100.86
C GLU MB 67 -8.74 2.11 100.09
N ASN MB 68 -9.86 1.77 99.47
CA ASN MB 68 -10.81 2.77 99.00
C ASN MB 68 -12.23 2.27 99.19
N ILE MB 69 -12.47 1.49 100.24
CA ILE MB 69 -13.77 0.82 100.39
C ILE MB 69 -14.82 1.80 100.88
N ASP MB 70 -14.63 2.35 102.06
CA ASP MB 70 -15.61 3.27 102.62
C ASP MB 70 -15.33 4.70 102.20
CHA HEM NB . -39.33 81.36 -16.42
CHB HEM NB . -37.30 77.52 -14.38
CHC HEM NB . -34.22 77.22 -18.11
CHD HEM NB . -36.05 81.29 -19.90
C1A HEM NB . -39.02 80.33 -15.58
C2A HEM NB . -39.75 80.07 -14.41
C3A HEM NB . -39.19 78.99 -13.82
C4A HEM NB . -38.12 78.58 -14.62
CMA HEM NB . -39.62 78.34 -12.55
CAA HEM NB . -40.93 80.87 -13.91
CBA HEM NB . -40.54 81.92 -12.87
CGA HEM NB . -40.60 83.32 -13.41
O1A HEM NB . -40.04 83.61 -14.43
O2A HEM NB . -41.28 84.29 -12.76
C1B HEM NB . -36.32 77.15 -15.28
C2B HEM NB . -35.53 76.02 -15.05
C3B HEM NB . -34.65 75.91 -16.07
C4B HEM NB . -34.95 77.03 -16.95
CMB HEM NB . -35.60 75.07 -13.90
CAB HEM NB . -33.63 74.89 -16.29
CBB HEM NB . -34.00 73.67 -16.67
C1C HEM NB . -34.46 78.30 -18.88
C2C HEM NB . -33.75 78.60 -20.04
C3C HEM NB . -34.28 79.77 -20.54
C4C HEM NB . -35.32 80.17 -19.68
CMC HEM NB . -32.63 77.75 -20.57
CAC HEM NB . -33.86 80.47 -21.75
CBC HEM NB . -32.68 81.07 -21.83
C1D HEM NB . -37.13 81.64 -19.09
C2D HEM NB . -37.96 82.80 -19.34
C3D HEM NB . -38.88 82.82 -18.37
C4D HEM NB . -38.60 81.67 -17.53
CMD HEM NB . -37.84 83.78 -20.48
CAD HEM NB . -39.97 83.85 -18.20
CBD HEM NB . -39.41 84.94 -17.31
CGD HEM NB . -40.45 85.99 -17.00
O1D HEM NB . -40.95 86.64 -17.88
O2D HEM NB . -40.83 86.19 -15.72
NA HEM NB . -38.03 79.40 -15.69
NB HEM NB . -35.94 77.73 -16.42
NC HEM NB . -35.42 79.25 -18.67
ND HEM NB . -37.55 81.02 -18.01
FE HEM NB . -36.75 79.38 -17.20
CHA HEM OB . -19.76 76.19 -33.24
CHB HEM OB . -22.26 76.11 -29.16
CHC HEM OB . -26.29 77.00 -31.66
CHD HEM OB . -23.80 76.70 -35.76
C1A HEM OB . -20.12 76.13 -31.92
C2A HEM OB . -19.21 75.98 -30.86
C3A HEM OB . -19.91 75.94 -29.71
C4A HEM OB . -21.25 76.09 -30.05
CMA HEM OB . -19.39 75.76 -28.31
CAA HEM OB . -17.72 75.85 -30.93
CBA HEM OB . -17.04 77.21 -30.68
CGA HEM OB . -17.62 78.28 -31.55
O1A HEM OB . -17.46 78.26 -32.74
O2A HEM OB . -18.32 79.29 -31.01
C1B HEM OB . -23.55 76.37 -29.59
C2B HEM OB . -24.57 76.51 -28.63
C3B HEM OB . -25.69 76.76 -29.30
C4B HEM OB . -25.34 76.77 -30.71
CMB HEM OB . -24.41 76.40 -27.14
CAB HEM OB . -27.03 76.97 -28.73
CBB HEM OB . -27.80 75.92 -28.51
C1C HEM OB . -25.96 76.96 -32.98
C2C HEM OB . -26.85 77.19 -34.02
C3C HEM OB . -26.14 77.12 -35.16
C4C HEM OB . -24.79 76.84 -34.82
CMC HEM OB . -28.31 77.49 -33.91
CAC HEM OB . -26.72 77.28 -36.50
CBC HEM OB . -27.30 76.24 -37.10
C1D HEM OB . -22.48 76.56 -35.40
C2D HEM OB . -21.40 76.51 -36.37
C3D HEM OB . -20.27 76.37 -35.67
C4D HEM OB . -20.66 76.33 -34.26
CMD HEM OB . -21.55 76.62 -37.86
CAD HEM OB . -18.88 76.28 -36.21
CBD HEM OB . -18.27 77.67 -36.15
CGD HEM OB . -16.78 77.55 -35.97
O1D HEM OB . -16.04 78.07 -36.77
O2D HEM OB . -16.26 76.89 -34.94
NA HEM OB . -21.38 76.20 -31.40
NB HEM OB . -24.04 76.53 -30.81
NC HEM OB . -24.71 76.77 -33.47
ND HEM OB . -21.98 76.45 -34.19
FE HEM OB . -23.01 76.44 -32.50
FE HEC PB . -58.82 105.01 -6.99
CHA HEC PB . -59.12 103.53 -10.02
CHB HEC PB . -55.50 105.41 -7.52
CHC HEC PB . -58.46 106.31 -3.84
CHD HEC PB . -62.02 104.25 -6.29
NA HEC PB . -57.58 104.56 -8.47
C1A HEC PB . -57.88 103.95 -9.65
C2A HEC PB . -56.69 103.79 -10.42
C3A HEC PB . -55.69 104.32 -9.73
C4A HEC PB . -56.23 104.80 -8.49
CMA HEC PB . -54.19 104.42 -10.10
CAA HEC PB . -56.71 103.12 -11.80
CBA HEC PB . -57.05 104.10 -12.92
CGA HEC PB . -56.38 103.65 -14.18
O1A HEC PB . -56.70 102.49 -14.55
O2A HEC PB . -55.59 104.48 -14.72
NB HEC PB . -57.31 105.72 -5.92
C1B HEC PB . -56.00 105.80 -6.31
C2B HEC PB . -55.23 106.35 -5.25
C3B HEC PB . -56.06 106.59 -4.25
C4B HEC PB . -57.36 106.20 -4.64
CMB HEC PB . -53.71 106.57 -5.38
CAB HEC PB . -55.72 107.18 -2.85
CBB HEC PB . -55.57 108.58 -2.90
NC HEC PB . -60.00 105.24 -5.41
C1C HEC PB . -59.67 105.79 -4.20
C2C HEC PB . -60.80 105.75 -3.30
C3C HEC PB . -61.79 105.18 -3.98
C4C HEC PB . -61.32 104.85 -5.29
CMC HEC PB . -60.75 106.30 -1.88
CAC HEC PB . -63.24 104.89 -3.45
CBC HEC PB . -64.07 105.97 -3.44
ND HEC PB . -60.28 104.09 -7.99
C1D HEC PB . -61.54 103.87 -7.52
C2D HEC PB . -62.29 103.16 -8.51
C3D HEC PB . -61.50 102.95 -9.55
C4D HEC PB . -60.22 103.54 -9.23
CMD HEC PB . -63.76 102.79 -8.25
CAD HEC PB . -61.78 102.25 -10.89
CBD HEC PB . -61.89 103.09 -12.14
CGD HEC PB . -60.66 102.99 -12.98
O1D HEC PB . -60.61 103.86 -13.90
O2D HEC PB . -59.81 102.11 -12.72
P 3PE QB . -23.50 92.22 -2.73
N 3PE QB . -23.51 90.43 1.57
O11 3PE QB . -22.74 92.61 -4.06
O12 3PE QB . -24.49 91.17 -3.07
O13 3PE QB . -22.41 91.59 -1.74
O14 3PE QB . -23.97 93.47 -2.08
C11 3PE QB . -22.50 91.68 -0.29
C12 3PE QB . -23.65 90.81 0.15
C1 3PE QB . -22.84 91.73 -5.21
C2 3PE QB . -22.39 92.43 -6.46
C3 3PE QB . -21.05 93.09 -6.29
O31 3PE QB . -20.58 93.46 -7.61
O21 3PE QB . -22.17 91.40 -7.46
FE1 FES RB . -37.61 60.46 20.38
FE2 FES RB . -35.52 59.06 18.60
S1 FES RB . -36.34 58.69 20.59
S2 FES RB . -36.78 60.84 18.39
CHA HEM SB . -42.49 59.95 -6.35
CHB HEM SB . -41.33 62.62 -10.18
CHC HEM SB . -37.46 59.79 -10.81
CHD HEM SB . -38.50 57.36 -6.80
C1A HEM SB . -42.48 60.88 -7.36
C2A HEM SB . -43.47 61.83 -7.50
C3A HEM SB . -43.17 62.60 -8.56
C4A HEM SB . -41.98 62.10 -9.10
CMA HEM SB . -43.97 63.75 -9.07
CAA HEM SB . -44.66 61.97 -6.60
CBA HEM SB . -45.76 61.07 -7.14
CGA HEM SB . -46.21 60.18 -6.01
O1A HEM SB . -45.47 59.99 -5.08
O2A HEM SB . -47.45 59.64 -6.01
C1B HEM SB . -40.16 62.03 -10.64
C2B HEM SB . -39.48 62.53 -11.78
C3B HEM SB . -38.41 61.74 -11.96
C4B HEM SB . -38.44 60.76 -10.90
CMB HEM SB . -39.84 63.71 -12.64
CAB HEM SB . -37.39 61.83 -13.01
CBB HEM SB . -36.44 62.74 -12.92
C1C HEM SB . -37.42 58.91 -9.77
C2C HEM SB . -36.42 57.97 -9.59
C3C HEM SB . -36.71 57.28 -8.45
C4C HEM SB . -37.92 57.80 -7.95
CMC HEM SB . -35.23 57.77 -10.49
CAC HEM SB . -35.91 56.20 -7.87
CBC HEM SB . -36.00 54.98 -8.39
C1D HEM SB . -39.69 57.89 -6.36
C2D HEM SB . -40.35 57.39 -5.16
C3D HEM SB . -41.46 58.12 -5.03
C4D HEM SB . -41.47 59.06 -6.13
CMD HEM SB . -39.88 56.31 -4.25
CAD HEM SB . -42.48 57.95 -3.94
CBD HEM SB . -43.59 57.11 -4.56
CGD HEM SB . -44.83 57.29 -3.76
O1D HEM SB . -44.76 57.51 -2.58
O2D HEM SB . -46.03 57.21 -4.35
NA HEM SB . -41.57 61.06 -8.35
NB HEM SB . -39.51 60.98 -10.14
NC HEM SB . -38.34 58.81 -8.78
ND HEM SB . -40.41 58.86 -6.89
FE HEM SB . -39.99 59.90 -8.54
CHA HEM TB . -21.21 47.05 -14.67
CHB HEM TB . -24.93 50.04 -14.78
CHC HEM TB . -24.28 50.94 -10.08
CHD HEM TB . -20.36 48.15 -10.11
C1A HEM TB . -22.31 47.76 -15.03
C2A HEM TB . -22.87 47.66 -16.29
C3A HEM TB . -23.91 48.49 -16.35
C4A HEM TB . -24.00 49.11 -15.12
CMA HEM TB . -24.82 48.73 -17.51
CAA HEM TB . -22.40 46.76 -17.39
CBA HEM TB . -23.12 45.43 -17.20
CGA HEM TB . -22.38 44.32 -17.90
O1A HEM TB . -21.39 44.57 -18.55
O2A HEM TB . -22.84 43.06 -17.81
C1B HEM TB . -25.01 50.46 -13.47
C2B HEM TB . -26.09 51.28 -13.11
C3B HEM TB . -25.95 51.55 -11.81
C4B HEM TB . -24.73 50.88 -11.38
CMB HEM TB . -27.19 51.76 -14.01
CAB HEM TB . -26.84 52.37 -11.01
CBB HEM TB . -26.68 53.68 -11.03
C1C HEM TB . -23.18 50.25 -9.69
C2C HEM TB . -22.70 50.19 -8.40
C3C HEM TB . -21.58 49.40 -8.43
C4C HEM TB . -21.39 48.97 -9.75
CMC HEM TB . -23.28 50.84 -7.20
CAC HEM TB . -20.76 49.08 -7.26
CBC HEM TB . -19.83 49.95 -6.88
C1D HEM TB . -20.29 47.59 -11.37
C2D HEM TB . -19.29 46.60 -11.75
C3D HEM TB . -19.53 46.27 -13.01
C4D HEM TB . -20.66 47.10 -13.41
CMD HEM TB . -18.22 46.02 -10.86
CAD HEM TB . -18.75 45.29 -13.83
CBD HEM TB . -19.51 44.00 -14.09
CGD HEM TB . -18.58 42.89 -14.48
O1D HEM TB . -18.47 41.95 -13.74
O2D HEM TB . -17.88 42.94 -15.63
NA HEM TB . -23.00 48.68 -14.32
NB HEM TB . -24.22 50.25 -12.43
NC HEM TB . -22.39 49.51 -10.50
ND HEM TB . -21.05 47.86 -12.40
FE HEM TB . -22.56 49.13 -12.44
FE HEC UB . -67.44 55.94 12.50
CHA HEC UB . -64.21 56.09 13.64
CHB HEC UB . -66.46 53.96 9.98
CHC HEC UB . -70.68 55.84 11.33
CHD HEC UB . -68.28 58.47 14.52
NA HEC UB . -65.69 55.17 11.94
C1A HEC UB . -64.46 55.34 12.52
C2A HEC UB . -63.46 54.61 11.76
C3A HEC UB . -64.10 54.02 10.74
C4A HEC UB . -65.49 54.37 10.85
CMA HEC UB . -63.55 53.13 9.62
CAA HEC UB . -61.97 54.62 12.15
CBA HEC UB . -61.32 53.30 12.59
CGA HEC UB . -59.81 53.32 12.53
O1A HEC UB . -59.24 54.35 13.01
O2A HEC UB . -59.28 52.33 11.99
NB HEC UB . -68.38 55.09 10.98
C1B HEC UB . -67.79 54.31 10.03
C2B HEC UB . -68.80 53.89 9.11
C3B HEC UB . -69.96 54.42 9.50
C4B HEC UB . -69.72 55.17 10.67
CMB HEC UB . -68.50 52.99 7.90
CAB HEC UB . -71.34 54.28 8.82
CBB HEC UB . -71.95 53.08 9.22
NC HEC UB . -69.12 56.92 12.87
C1C HEC UB . -70.36 56.76 12.29
C2C HEC UB . -71.32 57.69 12.83
C3C HEC UB . -70.62 58.41 13.69
C4C HEC UB . -69.28 57.95 13.75
CMC HEC UB . -72.80 57.77 12.42
CAC HEC UB . -71.16 59.57 14.60
CBC HEC UB . -71.63 59.03 15.76
ND HEC UB . -66.43 57.05 13.82
C1D HEC UB . -66.97 58.09 14.53
C2D HEC UB . -65.97 58.65 15.37
C3D HEC UB . -64.86 58.00 15.15
C4D HEC UB . -65.12 56.96 14.16
CMD HEC UB . -66.24 59.84 16.32
CAD HEC UB . -63.49 58.25 15.77
CBD HEC UB . -63.20 57.65 17.13
CGD HEC UB . -62.54 56.32 17.03
O1D HEC UB . -61.94 56.12 15.93
O2D HEC UB . -62.61 55.52 18.00
P 3PE VB . -57.02 48.41 -23.60
N 3PE VB . -56.55 50.72 -26.94
O11 3PE VB . -55.85 47.53 -22.93
O12 3PE VB . -58.20 47.52 -23.68
O13 3PE VB . -56.52 48.65 -25.09
O14 3PE VB . -57.14 49.70 -22.90
C11 3PE VB . -57.33 48.47 -26.28
C12 3PE VB . -56.70 49.30 -27.37
C1 3PE VB . -54.67 48.13 -22.38
C2 3PE VB . -53.80 47.02 -21.86
C3 3PE VB . -53.36 46.12 -22.97
O31 3PE VB . -51.92 46.02 -23.02
O32 3PE VB . -51.99 44.01 -22.03
C31 3PE VB . -51.37 44.91 -22.54
C32 3PE VB . -49.88 44.92 -22.70
C33 3PE VB . -49.19 43.79 -21.94
C34 3PE VB . -47.69 43.94 -21.92
O21 3PE VB . -52.67 47.58 -21.11
O22 3PE VB . -52.58 45.77 -19.78
C21 3PE VB . -52.22 46.89 -20.05
C22 3PE VB . -51.24 47.69 -19.24
C23 3PE VB . -49.81 47.60 -19.74
C24 3PE VB . -49.11 46.33 -19.30
FE1 FES WB . -58.42 87.79 -33.86
FE2 FES WB . -55.99 86.92 -35.58
S1 FES WB . -57.50 88.50 -35.71
S2 FES WB . -56.85 86.28 -33.66
FE1 SF4 XB . 102.35 -66.37 27.78
FE2 SF4 XB . 103.43 -68.18 26.11
FE3 SF4 XB . 101.40 -66.61 25.29
FE4 SF4 XB . 103.88 -65.58 25.70
S1 SF4 XB . 103.28 -67.10 24.09
S2 SF4 XB . 101.89 -64.65 26.35
S3 SF4 XB . 104.60 -66.78 27.53
S4 SF4 XB . 101.29 -68.20 26.92
N1 FMN YB . 113.92 -76.72 23.83
C2 FMN YB . 115.17 -76.63 24.33
O2 FMN YB . 116.15 -76.99 23.67
N3 FMN YB . 115.37 -76.09 25.56
C4 FMN YB . 114.41 -75.60 26.41
O4 FMN YB . 114.71 -75.12 27.49
C4A FMN YB . 113.08 -75.70 25.88
N5 FMN YB . 112.08 -75.26 26.60
C5A FMN YB . 110.81 -75.35 26.07
C6 FMN YB . 109.73 -74.99 26.87
C7 FMN YB . 108.42 -75.16 26.42
C7M FMN YB . 107.28 -74.89 27.36
C8 FMN YB . 108.19 -75.61 25.11
C8M FMN YB . 106.80 -75.72 24.56
C9 FMN YB . 109.27 -75.96 24.31
C9A FMN YB . 110.57 -75.85 24.79
N10 FMN YB . 111.66 -76.34 24.06
C10 FMN YB . 112.94 -76.28 24.58
C1' FMN YB . 111.43 -76.92 22.73
C2' FMN YB . 111.23 -78.42 22.78
O2' FMN YB . 112.40 -79.09 23.25
C3' FMN YB . 110.84 -78.97 21.40
O3' FMN YB . 110.64 -80.37 21.55
C4' FMN YB . 111.89 -78.74 20.31
O4' FMN YB . 111.61 -77.52 19.62
C5' FMN YB . 111.94 -79.86 19.30
O5' FMN YB . 112.13 -81.10 19.99
P FMN YB . 111.71 -82.49 19.36
O1P FMN YB . 110.45 -82.92 19.98
O2P FMN YB . 111.60 -82.24 17.87
O3P FMN YB . 112.85 -83.42 19.66
FE1 FES ZB . 119.06 -72.93 40.23
FE2 FES ZB . 118.04 -74.28 37.71
S1 FES ZB . 119.95 -73.41 38.29
S2 FES ZB . 117.12 -73.70 39.60
FE1 SF4 AC . 86.07 -49.19 29.28
FE2 SF4 AC . 85.72 -48.52 31.85
FE3 SF4 AC . 88.19 -49.24 30.93
FE4 SF4 AC . 87.10 -46.90 30.20
S1 SF4 AC . 87.71 -47.48 32.33
S2 SF4 AC . 88.15 -48.38 28.81
S3 SF4 AC . 84.88 -47.39 30.06
S4 SF4 AC . 86.35 -50.59 31.08
FE1 SF4 BC . 96.09 -51.23 22.74
FE2 SF4 BC . 97.45 -50.20 24.85
FE3 SF4 BC . 98.00 -49.32 22.41
FE4 SF4 BC . 95.62 -48.71 23.53
S1 SF4 BC . 97.68 -48.00 24.25
S2 SF4 BC . 95.96 -49.39 21.37
S3 SF4 BC . 95.20 -50.61 24.76
S4 SF4 BC . 98.33 -51.47 23.15
FE1 FES CC . 92.64 -60.63 18.40
FE2 FES CC . 92.06 -62.81 16.44
S1 FES CC . 93.18 -62.72 18.31
S2 FES CC . 91.09 -60.92 16.91
FE1 SF4 DC . 51.30 -35.33 38.47
FE2 SF4 DC . 52.53 -36.70 40.40
FE3 SF4 DC . 50.54 -34.90 40.99
FE4 SF4 DC . 49.96 -37.19 39.89
S1 SF4 DC . 50.89 -36.94 41.97
S2 SF4 DC . 49.13 -35.16 39.20
S3 SF4 DC . 51.71 -37.57 38.44
S4 SF4 DC . 52.62 -34.44 40.12
FE1 SF4 EC . 64.18 -38.58 39.09
FE2 SF4 EC . 64.42 -36.01 39.86
FE3 SF4 EC . 66.51 -37.60 40.06
FE4 SF4 EC . 65.62 -36.85 37.60
S1 SF4 EC . 66.54 -35.47 39.18
S2 SF4 EC . 66.27 -38.95 38.24
S3 SF4 EC . 63.38 -36.76 37.97
S4 SF4 EC . 64.56 -37.86 41.22
FE1 SF4 FC . 76.49 -38.60 40.68
FE2 SF4 FC . 75.33 -37.44 38.49
FE3 SF4 FC . 77.52 -36.36 39.53
FE4 SF4 FC . 77.70 -38.80 38.35
S1 SF4 FC . 77.20 -36.83 37.31
S2 SF4 FC . 78.70 -38.16 40.30
S3 SF4 FC . 75.64 -39.68 38.85
S4 SF4 FC . 75.48 -36.54 40.58
ZN ZN GC . 90.37 -42.14 45.75
PA NDP HC . 46.11 5.10 34.34
O1A NDP HC . 45.81 5.90 35.54
O2A NDP HC . 45.53 3.72 34.53
O5B NDP HC . 47.66 4.92 34.01
C5B NDP HC . 48.63 5.51 34.90
C4B NDP HC . 49.40 4.39 35.54
O4B NDP HC . 50.45 4.96 36.36
C3B NDP HC . 48.58 3.52 36.49
O3B NDP HC . 49.26 2.29 36.74
C2B NDP HC . 48.61 4.42 37.71
O2B NDP HC . 48.16 3.80 38.93
C1B NDP HC . 50.09 4.81 37.73
N9A NDP HC . 50.33 6.08 38.39
C8A NDP HC . 49.71 7.28 38.14
N7A NDP HC . 50.06 8.24 38.96
C5A NDP HC . 50.95 7.63 39.81
C6A NDP HC . 51.66 8.10 40.94
N6A NDP HC . 51.61 9.36 41.39
N1A NDP HC . 52.46 7.23 41.59
C2A NDP HC . 52.53 5.97 41.15
N3A NDP HC . 51.92 5.41 40.11
C4A NDP HC . 51.14 6.30 39.49
O3 NDP HC . 45.46 5.73 33.04
PN NDP HC . 45.46 5.14 31.56
O1N NDP HC . 45.94 3.75 31.60
O2N NDP HC . 44.06 5.20 31.01
O5D NDP HC . 46.35 6.06 30.63
C5D NDP HC . 47.78 5.93 30.47
C4D NDP HC . 48.33 7.21 29.92
O4D NDP HC . 47.84 7.42 28.58
C3D NDP HC . 47.97 8.47 30.72
O3D NDP HC . 49.12 9.25 31.04
C2D NDP HC . 46.99 9.21 29.80
O2D NDP HC . 47.10 10.63 29.93
C1D NDP HC . 47.47 8.78 28.43
N1N NDP HC . 46.45 8.86 27.40
C2N NDP HC . 45.18 8.40 27.64
C3N NDP HC . 44.19 8.45 26.73
C7N NDP HC . 42.86 7.96 27.12
O7N NDP HC . 42.69 7.50 28.26
N7N NDP HC . 41.88 8.05 26.24
C4N NDP HC . 44.45 9.01 25.36
C5N NDP HC . 45.85 9.48 25.21
C6N NDP HC . 46.74 9.39 26.17
P2B NDP HC . 48.96 2.86 40.00
O1X NDP HC . 47.96 2.23 40.89
O2X NDP HC . 49.76 1.85 39.18
O3X NDP HC . 49.94 3.73 40.80
O7 ZMP IC . 33.24 -28.13 -10.06
P1 ZMP IC . 33.91 -26.98 -9.18
O6 ZMP IC . 34.18 -25.79 -10.01
O5 ZMP IC . 35.29 -27.64 -8.74
C21 ZMP IC . 35.64 -27.48 -7.36
C18 ZMP IC . 36.88 -28.30 -7.02
C19 ZMP IC . 38.02 -27.85 -7.92
C20 ZMP IC . 37.21 -28.02 -5.55
C17 ZMP IC . 36.57 -29.79 -7.24
O4 ZMP IC . 35.22 -30.07 -6.86
C16 ZMP IC . 37.48 -30.70 -6.42
O3 ZMP IC . 38.68 -30.80 -6.66
N2 ZMP IC . 36.87 -31.35 -5.43
C15 ZMP IC . 37.60 -32.26 -4.54
C14 ZMP IC . 37.50 -31.75 -3.10
C13 ZMP IC . 38.52 -30.64 -2.92
O2 ZMP IC . 39.28 -30.37 -3.84
N1 ZMP IC . 38.54 -30.00 -1.72
C12 ZMP IC . 37.63 -30.33 -0.61
C11 ZMP IC . 37.98 -29.52 0.64
S1 ZMP IC . 37.41 -30.37 2.16
C10 ZMP IC . 37.67 -29.16 3.39
O1 ZMP IC . 38.61 -28.36 3.39
C9 ZMP IC . 36.65 -29.15 4.50
C8 ZMP IC . 37.31 -28.57 5.76
C7 ZMP IC . 36.36 -27.55 6.41
C6 ZMP IC . 37.10 -26.81 7.53
C5 ZMP IC . 36.28 -25.61 7.99
C4 ZMP IC . 37.22 -24.45 8.31
C3 ZMP IC . 36.39 -23.23 8.74
C2 ZMP IC . 35.61 -23.58 10.01
C1 ZMP IC . 34.30 -22.78 10.10
C22 ZMP IC . 34.59 -21.33 10.45
C23 ZMP IC . 34.40 -20.98 11.92
P 3PE JC . -4.82 -12.31 68.08
N 3PE JC . -4.21 -10.30 70.71
O11 3PE JC . -4.15 -10.87 67.99
O12 3PE JC . -5.44 -12.56 66.76
O13 3PE JC . -5.98 -12.07 69.14
O14 3PE JC . -3.83 -13.28 68.61
C11 3PE JC . -6.37 -10.78 69.65
C12 3PE JC . -5.63 -10.63 70.94
C1 3PE JC . -4.22 -10.15 66.74
C2 3PE JC . -2.83 -9.98 66.20
C3 3PE JC . -2.33 -11.24 65.56
O31 3PE JC . -1.54 -10.84 64.42
O32 3PE JC . -1.46 -12.95 63.71
C31 3PE JC . -1.17 -11.80 63.57
C32 3PE JC . -0.38 -11.25 62.43
O21 3PE JC . -2.93 -9.02 65.11
O22 3PE JC . -2.33 -7.35 66.47
C21 3PE JC . -2.64 -7.74 65.38
C22 3PE JC . -2.77 -6.88 64.16
C23 3PE JC . -2.66 -5.40 64.45
C24 3PE JC . -2.87 -4.53 63.23
C25 3PE JC . -1.61 -3.92 62.64
C26 3PE JC . -0.74 -4.88 61.85
C27 3PE JC . -1.16 -5.08 60.41
C28 3PE JC . -0.22 -6.00 59.65
C29 3PE JC . -0.13 -5.69 58.16
C1 CDL KC . -66.00 -32.39 -32.44
O1 CDL KC . -65.16 -32.82 -31.36
CA2 CDL KC . -67.35 -33.06 -32.30
OA2 CDL KC . -67.17 -34.46 -32.05
PA1 CDL KC . -68.41 -35.36 -31.59
OA3 CDL KC . -67.88 -36.53 -30.87
OA4 CDL KC . -69.27 -35.58 -32.78
OA5 CDL KC . -69.26 -34.48 -30.56
CA3 CDL KC . -68.81 -34.33 -29.21
CA4 CDL KC . -69.97 -34.02 -28.32
OA6 CDL KC . -69.43 -33.87 -26.98
CA5 CDL KC . -69.00 -32.66 -26.60
OA7 CDL KC . -69.10 -31.68 -27.28
C11 CDL KC . -68.43 -32.70 -25.22
C12 CDL KC . -69.46 -32.47 -24.13
C13 CDL KC . -69.89 -31.03 -24.03
C14 CDL KC . -70.98 -30.77 -23.01
C15 CDL KC . -72.36 -31.20 -23.45
C16 CDL KC . -73.46 -30.67 -22.55
C17 CDL KC . -74.88 -30.92 -23.04
C18 CDL KC . -75.95 -30.31 -22.16
CA6 CDL KC . -70.92 -35.19 -28.27
OA8 CDL KC . -71.81 -35.01 -27.13
CA7 CDL KC . -71.75 -35.93 -26.17
OA9 CDL KC . -71.01 -36.86 -26.17
C31 CDL KC . -72.73 -35.62 -25.08
C32 CDL KC . -72.58 -36.56 -23.88
C33 CDL KC . -73.59 -36.26 -22.79
C34 CDL KC . -73.36 -34.95 -22.04
C35 CDL KC . -74.53 -34.58 -21.13
C36 CDL KC . -74.25 -33.43 -20.18
C37 CDL KC . -75.51 -32.86 -19.52
C38 CDL KC . -76.38 -33.87 -18.81
CB2 CDL KC . -66.09 -30.89 -32.44
OB2 CDL KC . -66.56 -30.43 -31.16
PB2 CDL KC . -67.96 -29.69 -31.03
OB3 CDL KC . -68.19 -28.98 -32.31
OB4 CDL KC . -68.98 -30.67 -30.58
OB5 CDL KC . -67.81 -28.57 -29.91
CB3 CDL KC . -68.84 -27.57 -29.77
CB4 CDL KC . -68.79 -26.92 -28.41
OB6 CDL KC . -69.86 -27.33 -27.47
CB5 CDL KC . -71.17 -27.05 -27.67
OB7 CDL KC . -71.63 -26.61 -28.69
C51 CDL KC . -71.97 -27.30 -26.43
C52 CDL KC . -73.20 -26.40 -26.40
C53 CDL KC . -74.13 -26.65 -25.23
C54 CDL KC . -73.69 -25.98 -23.94
C55 CDL KC . -74.85 -25.55 -23.06
C56 CDL KC . -75.84 -26.65 -22.73
CB6 CDL KC . -68.68 -25.42 -28.51
OB8 CDL KC . -69.23 -24.74 -27.36
CB7 CDL KC . -70.24 -23.93 -27.64
OB9 CDL KC . -70.70 -23.80 -28.74
C71 CDL KC . -70.73 -23.22 -26.40
C72 CDL KC . -71.74 -22.11 -26.67
C73 CDL KC . -73.15 -22.62 -26.94
C74 CDL KC . -74.17 -21.55 -27.28
C75 CDL KC . -74.44 -20.61 -26.14
C76 CDL KC . -75.67 -19.77 -26.36
P 3PE LC . -55.64 -6.12 -39.19
N 3PE LC . -54.91 -8.57 -41.35
O11 3PE LC . -55.97 -6.12 -37.62
O12 3PE LC . -54.19 -6.34 -39.35
O13 3PE LC . -56.39 -7.41 -39.74
O14 3PE LC . -56.27 -4.95 -39.85
C11 3PE LC . -57.05 -7.42 -41.02
C12 3PE LC . -56.28 -8.38 -41.88
C1 3PE LC . -54.96 -6.54 -36.67
C2 3PE LC . -55.60 -6.76 -35.32
C3 3PE LC . -54.65 -7.40 -34.36
O31 3PE LC . -54.48 -6.61 -33.16
O32 3PE LC . -55.75 -8.04 -32.02
C31 3PE LC . -55.10 -7.04 -32.06
C32 3PE LC . -54.90 -6.10 -30.90
C33 3PE LC . -54.58 -6.85 -29.61
C34 3PE LC . -54.63 -5.96 -28.37
C35 3PE LC . -56.00 -5.40 -28.05
C36 3PE LC . -56.05 -4.42 -26.90
C37 3PE LC . -57.11 -3.36 -27.11
C38 3PE LC . -57.39 -2.45 -25.93
C39 3PE LC . -58.70 -1.69 -26.08
C3A 3PE LC . -59.08 -0.87 -24.86
C3B 3PE LC . -60.47 -0.26 -24.94
O21 3PE LC . -55.94 -5.45 -34.77
O22 3PE LC . -57.85 -6.25 -33.94
C21 3PE LC . -57.07 -5.35 -34.07
C22 3PE LC . -57.19 -4.02 -33.40
C23 3PE LC . -58.20 -4.06 -32.26
C24 3PE LC . -59.47 -3.32 -32.62
C25 3PE LC . -59.40 -1.84 -32.36
C26 3PE LC . -59.36 -1.47 -30.89
C27 3PE LC . -59.37 0.02 -30.63
C28 3PE LC . -60.59 0.72 -31.17
C29 3PE LC . -61.40 1.39 -30.07
C2A 3PE LC . -60.58 2.36 -29.25
C2B 3PE LC . -61.23 2.78 -27.94
C2C 3PE LC . -62.59 3.43 -28.09
P 3PE MC . -30.15 -15.81 -2.92
N 3PE MC . -27.76 -20.24 -2.50
O11 3PE MC . -31.71 -15.70 -2.62
O12 3PE MC . -30.02 -16.06 -4.38
O13 3PE MC . -29.67 -17.12 -2.18
O14 3PE MC . -29.47 -14.63 -2.34
C11 3PE MC . -29.25 -18.32 -2.89
C12 3PE MC . -28.66 -19.24 -1.87
C1 3PE MC . -32.19 -15.96 -1.29
C2 3PE MC . -33.20 -14.92 -0.92
C3 3PE MC . -34.52 -15.14 -1.62
O31 3PE MC . -35.44 -14.20 -1.05
O32 3PE MC . -36.88 -15.83 -0.54
C31 3PE MC . -36.54 -14.69 -0.48
C32 3PE MC . -37.28 -13.61 0.26
C33 3PE MC . -37.75 -14.08 1.63
C34 3PE MC . -38.48 -13.00 2.38
C35 3PE MC . -39.83 -12.64 1.78
C36 3PE MC . -40.24 -11.21 2.06
C37 3PE MC . -40.30 -10.84 3.53
C38 3PE MC . -41.70 -10.73 4.07
C39 3PE MC . -42.57 -9.69 3.38
C3A 3PE MC . -43.98 -9.66 3.93
C3B 3PE MC . -44.86 -8.55 3.37
C3C 3PE MC . -46.22 -8.52 4.01
C3D 3PE MC . -47.05 -7.32 3.63
O21 3PE MC . -33.51 -15.01 0.50
O22 3PE MC . -31.82 -13.67 1.08
C21 3PE MC . -32.81 -14.28 1.37
C22 3PE MC . -33.43 -14.31 2.73
C23 3PE MC . -33.07 -13.12 3.58
C24 3PE MC . -33.80 -13.15 4.90
C25 3PE MC . -35.30 -13.04 4.78
C26 3PE MC . -36.05 -13.61 5.96
C27 3PE MC . -37.52 -13.27 6.02
C28 3PE MC . -37.84 -11.81 6.27
C29 3PE MC . -37.44 -11.29 7.64
C2A 3PE MC . -37.50 -9.76 7.79
C2B 3PE MC . -36.90 -9.26 9.08
C2C 3PE MC . -36.65 -7.77 9.11
O12 PC1 NC . -53.36 -1.98 20.80
P PC1 NC . -52.83 -0.67 21.19
O14 PC1 NC . -51.98 -0.56 22.40
O13 PC1 NC . -54.08 0.32 21.35
C11 PC1 NC . -54.36 1.02 22.58
C12 PC1 NC . -55.01 -0.02 23.43
N PC1 NC . -55.25 0.35 24.87
C13 PC1 NC . -56.02 -0.70 25.59
C14 PC1 NC . -53.93 0.54 25.55
C15 PC1 NC . -56.01 1.64 24.91
O11 PC1 NC . -51.99 -0.11 19.95
C1 PC1 NC . -50.73 -0.73 19.64
C2 PC1 NC . -50.77 -1.31 18.25
O21 PC1 NC . -50.07 -0.44 17.29
C21 PC1 NC . -48.78 -0.71 17.06
O22 PC1 NC . -48.11 -1.43 17.74
C22 PC1 NC . -48.30 -0.03 15.82
C23 PC1 NC . -47.61 -0.96 14.84
C3 PC1 NC . -52.18 -1.54 17.76
O31 PC1 NC . -52.20 -2.66 16.84
C31 PC1 NC . -53.08 -3.64 17.09
O32 PC1 NC . -53.82 -3.65 18.03
C32 PC1 NC . -53.01 -4.71 16.05
C33 PC1 NC . -51.85 -5.69 16.22
C34 PC1 NC . -50.54 -5.18 15.63
C35 PC1 NC . -50.61 -4.89 14.14
C36 PC1 NC . -49.38 -4.23 13.57
C37 PC1 NC . -49.43 -4.01 12.06
O7 ZMP OC . -32.81 -11.44 -68.52
P1 ZMP OC . -32.80 -10.92 -70.03
O6 ZMP OC . -32.23 -11.99 -70.88
O5 ZMP OC . -31.76 -9.68 -69.94
C21 ZMP OC . -32.09 -8.48 -69.24
C18 ZMP OC . -31.03 -7.42 -69.49
C19 ZMP OC . -29.83 -7.71 -68.59
C20 ZMP OC . -30.66 -7.52 -70.96
C17 ZMP OC . -31.65 -6.05 -69.16
O4 ZMP OC . -32.61 -5.75 -70.15
C16 ZMP OC . -30.68 -4.86 -69.04
O3 ZMP OC . -29.71 -4.68 -69.78
N2 ZMP OC . -31.02 -3.98 -68.09
C15 ZMP OC . -30.24 -2.77 -67.82
C14 ZMP OC . -31.11 -1.79 -67.04
C13 ZMP OC . -32.43 -1.66 -67.78
O2 ZMP OC . -32.70 -2.42 -68.71
N1 ZMP OC . -33.27 -0.70 -67.39
C12 ZMP OC . -33.05 0.25 -66.31
C11 ZMP OC . -34.41 0.93 -66.08
S1 ZMP OC . -35.67 0.23 -67.21
C10 ZMP OC . -36.67 1.62 -67.78
O1 ZMP OC . -36.86 1.89 -68.97
C9 ZMP OC . -37.36 2.42 -66.69
C8 ZMP OC . -38.83 2.61 -67.08
C7 ZMP OC . -39.66 2.95 -65.85
C6 ZMP OC . -40.47 1.73 -65.38
C5 ZMP OC . -41.94 1.99 -65.69
C4 ZMP OC . -42.84 1.24 -64.71
C3 ZMP OC . -43.79 2.25 -64.05
C2 ZMP OC . -45.02 1.52 -63.53
#